data_8DUJ
#
_entry.id   8DUJ
#
_cell.length_a   1.00
_cell.length_b   1.00
_cell.length_c   1.00
_cell.angle_alpha   90.00
_cell.angle_beta   90.00
_cell.angle_gamma   90.00
#
_symmetry.space_group_name_H-M   'P 1'
#
loop_
_entity.id
_entity.type
_entity.pdbx_description
1 polymer Imperacalcin
2 polymer 'Ryanodine receptor 1'
3 polymer 'Peptidyl-prolyl cis-trans isomerase FKBP1B'
4 polymer Calmodulin-1
5 non-polymer CAFFEINE
6 non-polymer 'CALCIUM ION'
7 non-polymer "ADENOSINE-5'-TRIPHOSPHATE"
8 non-polymer 'ZINC ION'
#
loop_
_entity_poly.entity_id
_entity_poly.type
_entity_poly.pdbx_seq_one_letter_code
_entity_poly.pdbx_strand_id
1 'polypeptide(L)' GDCLPHLKRCKADNDCCGKKCKRRGTNAEKRCR M
2 'polypeptide(L)'
;MGDGGEGEDEVQFLRTDDEVVLQCSATVLKEQLKLCLAAEGFGNRLCFLEPTSNAQNVPPDLAICCFTLEQSLSVRALQE
MLANTVEAGVESSQGGGHRTLLYGHAILLRHAHSRMYLSCLTTSRSMTDKLAFDVGLQEDATGEACWWTMHPASKQRSEG
EKVRVGDDLILVSVSSERYLHLSTASGELQVDASFMQTLWNMNPICSCCEEGYVTGGHVLRLFHGHMDECLTISAADSDD
QRRLVYYEGGAVCTHARSLWRLEPLRISWSGSHLRWGQPLRIRHVTTGRYLALTEDQGLVVVDACKAHTKATSFCFRVSK
EKLDTAPKRDVEGMGPPEIKYGESLCFVQHVASGLWLTYAAPDPKALRLGVLKKKAILHQEGHMDDALFLTRCQQEESQA
ARMIHSTAGLYNQFIKGLDSFSGKPRGSGPPAGPALPIEAVILSLQDLIGYFEPPSEELQHEEKQSKLRSLRNRQSLFQE
EGMLSLVLNCIDRLNVYTTAAHFAEYAGEEAAESWKEIVNLLYELLASLIRGNRANCALFSTNLDWVVSKLDRLEASSGI
LEVLYCVLIESPEVLNIIQENHIKSIISLLDKHGRNHKVLDVLCSLCVCNGVAVRSNQDLITENLLPGRELLLQTNLINY
VTSIRPNIFVGRAEGSTQYGKWYFEVMVDEVVPFLTAQATHLRVGWALTEGYSPYPGGGEGWGGNGVGDDLYSYGFDGLH
LWTGHVARPVTSPGQHLLAPEDVVSCCLDLSVPSISFRINGCPVQGVFEAFNLDGLFFPVVSFSAGVKVRFLLGGRHGEF
KFLPPPGYAPCHEAVLPRERLRLEPIKEYRREGPRGPHLVGPSRCLSHTDFVPCPVDTVQIVLPPHLERIREKLAENIHE
LWALTRIEQGWTYGPVRDDNKRLHPCLVNFHSLPEPERNYNLQMSGETLKTLLALGCHVGMADEKAEDNLKKTKLPKTYM
MSNGYKPAPLDLSHVRLTPAQTTLVDRLAENGHNVWARDRVAQGWSYSAVQDIPARRNPRLVPYRLLDEATKRSNRDSLC
QAVRTLLGYGYNIEPPDQEPSQVENQSRWDRVRIFRAEKSYTVQSGRWYFEFEAVTTGEMRVGWARPELRPDVELGADEL
AYVFNGHRGQRWHLGSEPFGRPWQSGDVVGCMIDLTENTIIFTLNGEVLMSDSGSETAFREIEIGDGFLPVCSLGPGQVG
HLNLGQDVSSLRFFAICGLQEGFEPFAINMQRPVTTWFSKSLPQFEPVPPEHPHYEVARMDGTVDTPPCLRLAHRTWGSQ
NSLVEMLFLRLSLPVQFHQHFRCTAGATPLAPPGLQPPAEDEARAAEPDPDYENLRRSAGGWGEAEGGKEGTAKEGTPGG
TPQPGVEAQPVRAENEKDATTEKNKKRGFLFKAKKAAMMTQPPATPALPRLPHDVVPADNRDDPEIILNTTTYYYSVRVF
AGQEPSCVWVGWVTPDYHQHDMNFDLSKVRAVTVTMGDEQGNVHSSLKCSNCYMVWGGDFVSPGQQGRISHTDLVIGCLV
DLATGLMTFTANGKESNTFFQVEPNTKLFPAVFVLPTHQNVIQFELGKQKNIMPLSAAMFLSERKNPAPQCPPRLEVQML
MPVSWSRMPNHFLQVETRRAGERLGWAVQCQDPLTMMALHIPEENRCMDILELSERLDLQRFHSHTLRLYRAVCALGNNR
VAHALCSHVDQAQLLHALEDAHLPGPLRAGYYDLLISIHLESACRSRRSMLSEYIVPLTPETRAITLFPPGRKGGNARRH
GLPGVGVTTSLRPPHHFSPPCFVAALPAAGVAEAPARLSPAIPLEALRDKALRMLGEAVRDGGQHARDPVGGSVEFQFVP
VLKLVSTLLVMGIFGDEDVKQILKMIEPEVFTEEEEEEEEEEEEEEEEEEDEEEKEEDEEEEEKEDAEKEEEEAPEGEKE
DLEEGLLQMKLPESVKLQMCNLLEYFCDQELQHRVESLAAFAERYVDKLQANQRSRYALLMRAFTMSAAETARRTREFRS
PPQEQINMLLHFKDEADEEDCPLPEDIRQDLQDFHQDLLAHCGIQLEGEEEEPEEETSLSSRLRSLLETVRLVKKKEEKP
EEELPAEEKKPQSLQELVSHMVVRWAQEDYVQSPELVRAMFSLLHRQYDGLGELLRALPRAYTISPSSVEDTMSLLECLG
QIRSLLIVQMGPQEENLMIQSIGNIMNNKVFYQHPNLMRALGMHETVMEVMVNVLGGGETKEIRFPKMVTSCCRFLCYFC
RISRQNQRSMFDHLSYLLENSGIGLGMQGSTPLDVAAASVIDNNELALALQEQDLEKVVSYLAGCGLQSCPMLLAKGYPD
IGWNPCGGERYLDFLRFAVFVNGESVEENANVVVRLLIRKPECFGPALRGEGGSGLLAAIEEAIRISEDPARDGPGVRRD
RRREHFGEEPPEENRVHLGHAIMSFYAALIDLLGRCAPEMHLIQAGKGEALRIRAILRSLVPLDDLVGIISLPLQIPTLG
KDGALVQPKMSASFVPDHKASMVLFLDRVYGIENQDFLLHVLDVGFLPDMRAAASLDTATFSTTEMALALNRYLCLAVLP
LITKCAPLFAGTEHRAIMVDSMLHTVYRLSRGRSLTKAQRDVIEDCLMALCRYIRPSMLQHLLRRLVFDVPILNEFAKMP
LKLLTNHYERCWKYYCLPTGWANFGVTSEEELHLTRKLFWGIFDSLAHKKYDQELYRMAMPCLCAIAGALPPDYVDASYS
SKAEKKATVDAEGNFDPRPVETLNVIIPEKLDSFINKFAEYTHEKWAFDKIQNNWSYGENVDEELKTHPMLRPYKTFSEK
DKEIYRWPIKESLKAMIAWEWTIEKAREGEEERTEKKKTRKISQTAQTYDPREGYNPQPPDLSGVTLSRELQAMAEQLAE
NYHNTWGRKKKQELEAKGGGTHPLLVPYDTLTAKEKARDREKAQELLKFLQMNGYAVTRGLKDMELDTSSIEKRFAFGFL
QQLLRWMDISQEFIAHLEAVVSSGRVEKSPHEQEIKFFAKILLPLINQYFTNHCLYFLSTPAKVLGSGGHASNKEKEMIT
SLFCKLAALVRHRVSLFGTDAPAVVNCLHILARSLDARTVMKSGPEIVKAGLRSFFESASEDIEKMVENLRLGKVSQART
QVKGVGQNLTYTTVALLPVLTTLFQHIAQHQFGDDVILDDVQVSCYRTLCSIYSLGTTKNTYVEKLRPALGECLARLAAA
MPVAFLEPQLNEYNACSVYTTKSPRERAILGLPNSVEEMCPDIPVLDRLMADIGGLAESGARYTEMPHVIEITLPMLCSY
LPRWWERGPEAPPPALPAGAPPPCTAVTSDHLNSLLGNILRIIVNNLGIDEATWMKRLAVFAQPIVSRARPELLHSHFIP
TIGRLRKRAGKVVAEEEQLRLEAKAEAEEGELLVRDEFSVLCRDLYALYPLLIRYVDNNRAHWLTEPNANAEELFRMVGE
IFIYWSKSHNFKREEQNFVVQNEINNMSFLTADSKSKMAKAGDAQSGGSDQERTKKKRRGDRYSVQTSLIVATLKKMLPI
GLNMCAPTDQDLIMLAKTRYALKDTDEEVREFLQNNLHLQGKVEGSPSLRWQMALYRGLPGREEDADDPEKIVRRVQEVS
AVLYHLEQTEHPYKSKKAVWHKLLSKQRRRAVVACFRMTPLYNLPTHRACNMFLESYKAAWILTEDHSFEDRMIDDLSKA
GEQEEEEEEVEEKKPDPLHQLVLHFSRTALTEKSKLDEDYLYMAYADIMAKSCHLEEGGENGEAEEEEVEVSFEEKEMEK
QRLLYQQSRLHTRGAAEMVLQMISACKGETGAMVSSTLKLGISILNGGNAEVQQKMLDYLKDKKEVGFFQSIQALMQTCS
VLDLNAFERQNKAEGLGMVNEDGTVINRQNGEKVMADDEFTQDLFRFLQLLCEGHNNDFQNYLRTQTGNTTTINIIICTV
DYLLRLQESISDFYWYYSGKDVIEEQGKRNFSKAMSVAKQVFNSLTEYIQGPCTGNQQSLAHSRLWDAVVGFLHVFAHMM
MKLAQDSSQIELLKELLDLQKDMVVMLLSLLEGNVVNGMIARQMVDMLVESSSNVEMILKFFDMFLKLKDIVGSEAFQDY
VTDPRGLISKKDFQKAMDSQKQFTGPEIQFLLSCSEADENEMINFEEFANRFQEPARDIGFNVAVLLTNLSEHVPHDPRL
RNFLELAESILEYFRPYLGRIEIMGASRRIERIYFEISETNRAQWEMPQVKESKRQFIFDVVNEGGEAEKMELFVSFCED
TIFEMQIAAQISEPEGEPEADEDEGMGEAAAEGAEEGAAGAEGAAGTVAAGATARLAAAAARALRGLSYRSLRRRVRRLR
RLTAREAATALAALLWAVVARAGAAGAGAAAGALRLLWGSLFGGGLVEGAKKVTVTELLAGMPDPTSDEVHGEQPAGPGG
DADGAGEGEGEGDAAEGDGDEEVAGHEAGPGGAEGVVAVADGGPFRPEGAGGLGDMGDTTPAEPPTPEGSPILKRKLGVD
GEEEELVPEPEPEPEPEPEKADEENGEKEEVPEAPPEPPKKAPPSPPAKKEEAGGAGMEFWGELEVQRVKFLNYLSRNFY
TLRFLALFLAFAINFILLFYKVSDSPPGEDDMEGSAAGDLAGAGSGGGSGWGSGAGEEAEGDEDENMVYYFLEESTGYME
PALWCLSLLHTLVAFLCIIGYNCLKVPLVIFKREKELARKLEFDGLYITEQPGDDDVKGQWDRLVLNTPSFPSNYWDKFV
KRKVLDKHGDIFGRERIAELLGMDLASLEITAHNERKPDPPPGLLTWLMSIDVKYQIWKFGVIFTDNSFLYLGWYMVMSL
LGHYNNFFFAAHLLDIAMGVKTLRTILSSVTHNGKQLVMTVGLLAVVVYLYTVVAFNFFRKFYNKSEDEDEPDMKCDDMM
TCYLFHMYVGVRAGGGIGDEIEDPAGDEYELYRVVFDITFFFFVIVILLAIIQGLIIDAFGELRDQQEQVKEDMETKCFI
CGIGSDYFDTTPHGFETHTLEEHNLANYMFFLMYLINKDETEHTGQESYVWKMYQERCWDFFPAGDCFRKQYEDQLS
;
G,A,D,J
3 'polypeptide(L)'
;GVEIETISPGDGRTFPKKGQTCVVHYTGMLQNGKKFDSSRDRNKPFKFRIGKQEVIKGFEEGAAQMSLGQRAKLTCTPDV
AYGATGHPGVIPPNATLIFDVELLNLE
;
H,B,E,K
4 'polypeptide(L)'
;MADQLTEEQIAEFKEAFSLFDKDGDGTITTKALGTVMRSLGQNPTEAELQDMINEVDADGNGTIDFPAFLTMMARKMKDT
DSEEEIREAFRVFDKDGNGYISAAALRHVMTNLGEKLTDEEVDEMIREADIDGDGQVNYEAFVQMMTAK
;
I,C,F,L
#
loop_
_chem_comp.id
_chem_comp.type
_chem_comp.name
_chem_comp.formula
ATP non-polymer ADENOSINE-5'-TRIPHOSPHATE 'C10 H16 N5 O13 P3'
CA non-polymer 'CALCIUM ION' 'Ca 2'
CFF non-polymer CAFFEINE 'C8 H10 N4 O2'
ZN non-polymer 'ZINC ION' 'Zn 2'
#
# COMPACT_ATOMS: atom_id res chain seq x y z
N GLY A 1 15.94 4.15 -34.26
N GLY A 1 18.45 6.88 -32.28
CA GLY A 1 16.14 5.56 -34.01
CA GLY A 1 18.31 5.50 -32.73
C GLY A 1 17.31 6.13 -34.79
C GLY A 1 18.23 5.38 -34.24
N ASP A 2 18.53 5.80 -34.37
N ASP A 2 17.08 5.76 -34.80
CA ASP A 2 19.71 6.29 -35.07
CA ASP A 2 16.90 5.70 -36.25
C ASP A 2 19.78 5.76 -36.49
C ASP A 2 17.86 6.65 -36.96
N CYS A 3 19.47 4.48 -36.68
N CYS A 3 18.04 7.86 -36.42
CA CYS A 3 19.44 3.91 -38.03
CA CYS A 3 18.95 8.82 -37.02
C CYS A 3 18.28 4.49 -38.81
C CYS A 3 20.38 8.33 -36.92
N LEU A 4 18.47 4.63 -40.11
N LEU A 4 21.17 8.62 -37.96
CA LEU A 4 17.48 5.23 -40.99
CA LEU A 4 22.55 8.18 -38.03
C LEU A 4 17.12 4.26 -42.11
C LEU A 4 23.47 9.37 -38.22
N PRO A 5 15.93 4.40 -42.71
N PRO A 5 24.75 9.27 -37.82
CA PRO A 5 15.58 3.56 -43.88
CA PRO A 5 25.69 10.37 -38.05
C PRO A 5 16.60 3.67 -45.00
C PRO A 5 25.82 10.76 -39.51
N HIS A 6 16.55 2.73 -45.95
N HIS A 6 26.47 11.90 -39.77
CA HIS A 6 17.55 2.62 -47.00
CA HIS A 6 26.55 12.47 -41.11
C HIS A 6 17.77 3.95 -47.72
C HIS A 6 27.16 11.48 -42.11
N LEU A 7 16.73 4.46 -48.38
N LEU A 7 28.40 11.08 -41.89
CA LEU A 7 16.83 5.70 -49.15
CA LEU A 7 29.10 10.16 -42.80
C LEU A 7 16.28 6.90 -48.39
C LEU A 7 29.12 8.73 -42.28
N LYS A 8 16.30 6.85 -47.06
N LYS A 8 28.13 8.35 -41.48
CA LYS A 8 15.88 7.99 -46.27
CA LYS A 8 28.00 6.98 -41.02
C LYS A 8 16.93 9.09 -46.34
C LYS A 8 27.44 6.10 -42.14
N ARG A 9 16.46 10.34 -46.31
N ARG A 9 27.91 4.85 -42.19
CA ARG A 9 17.35 11.49 -46.33
CA ARG A 9 27.46 3.91 -43.20
C ARG A 9 18.14 11.58 -45.04
C ARG A 9 26.00 3.53 -42.98
N CYS A 10 19.41 11.20 -45.07
N CYS A 10 25.11 4.03 -43.84
CA CYS A 10 20.24 11.15 -43.87
CA CYS A 10 23.68 3.77 -43.72
C CYS A 10 20.90 12.51 -43.64
C CYS A 10 23.32 2.51 -44.52
N LYS A 11 21.81 12.57 -42.68
N LYS A 11 22.02 2.26 -44.68
CA LYS A 11 22.40 13.82 -42.24
CA LYS A 11 21.54 1.10 -45.40
C LYS A 11 23.92 13.86 -42.35
C LYS A 11 20.55 1.44 -46.51
N ALA A 12 24.59 12.75 -42.07
N ALA A 12 19.75 2.49 -46.36
CA ALA A 12 26.05 12.69 -42.16
CA ALA A 12 18.75 2.83 -47.36
C ALA A 12 26.46 11.24 -42.31
C ALA A 12 18.42 4.32 -47.23
N ASP A 13 27.78 11.02 -42.42
N ASP A 13 17.58 4.78 -48.16
CA ASP A 13 28.30 9.66 -42.52
CA ASP A 13 17.15 6.18 -48.14
C ASP A 13 27.91 8.86 -41.30
C ASP A 13 16.36 6.46 -46.87
N ASN A 14 27.75 7.55 -41.50
N ASN A 14 16.47 7.69 -46.39
CA ASN A 14 27.17 6.64 -40.50
CA ASN A 14 15.91 8.12 -45.09
C ASN A 14 25.76 7.16 -40.20
C ASN A 14 16.52 7.21 -44.01
N ASP A 15 25.28 7.06 -38.96
N ASP A 15 15.77 6.86 -42.97
CA ASP A 15 23.93 7.52 -38.59
CA ASP A 15 16.28 6.06 -41.85
C ASP A 15 22.86 6.83 -39.44
C ASP A 15 17.55 6.68 -41.27
N CYS A 16 23.17 5.64 -39.95
N CYS A 16 17.61 8.01 -41.29
CA CYS A 16 22.26 4.88 -40.80
CA CYS A 16 18.83 8.73 -40.97
C CYS A 16 22.67 3.42 -40.76
C CYS A 16 18.50 10.22 -40.90
N CYS A 17 21.74 2.56 -41.17
N CYS A 17 19.42 10.97 -40.29
CA CYS A 17 22.05 1.13 -41.22
CA CYS A 17 19.24 12.42 -40.20
C CYS A 17 22.99 0.81 -42.38
C CYS A 17 19.54 13.09 -41.54
N GLY A 18 22.86 1.54 -43.50
N GLY A 18 20.52 12.57 -42.27
CA GLY A 18 23.75 1.32 -44.63
CA GLY A 18 20.89 13.18 -43.54
C GLY A 18 25.10 1.99 -44.45
C GLY A 18 19.81 13.04 -44.60
N LYS A 19 25.20 2.87 -43.45
N LYS A 19 19.01 11.98 -44.50
CA LYS A 19 26.45 3.46 -42.97
CA LYS A 19 17.83 11.71 -45.33
C LYS A 19 27.21 4.28 -44.01
C LYS A 19 18.18 11.50 -46.80
N LYS A 20 26.66 4.43 -45.21
N LYS A 20 19.47 11.60 -47.15
CA LYS A 20 27.30 5.22 -46.25
CA LYS A 20 19.93 11.35 -48.50
C LYS A 20 26.30 6.27 -46.76
C LYS A 20 21.11 10.38 -48.47
N CYS A 21 26.54 7.53 -46.40
N CYS A 21 20.82 9.10 -48.71
CA CYS A 21 25.71 8.64 -46.87
CA CYS A 21 21.85 8.06 -48.73
C CYS A 21 26.41 9.35 -48.02
C CYS A 21 22.29 7.77 -50.16
N LYS A 22 26.41 8.70 -49.18
N LYS A 22 22.89 8.79 -50.78
CA LYS A 22 26.99 9.28 -50.38
CA LYS A 22 23.36 8.65 -52.15
C LYS A 22 25.92 10.03 -51.18
C LYS A 22 24.70 7.93 -52.19
N ARG A 23 26.37 11.04 -51.92
N ARG A 23 24.97 7.28 -53.32
CA ARG A 23 25.50 11.87 -52.74
CA ARG A 23 26.17 6.47 -53.50
C ARG A 23 25.87 11.68 -54.20
C ARG A 23 27.17 7.21 -54.38
N ARG A 24 24.85 11.52 -55.05
N ARG A 24 28.42 7.23 -53.94
CA ARG A 24 25.08 11.18 -56.45
CA ARG A 24 29.51 7.87 -54.69
C ARG A 24 25.32 12.40 -57.34
C ARG A 24 30.06 6.87 -55.70
N GLY A 25 26.26 13.26 -56.95
N GLY A 25 29.60 7.00 -56.94
CA GLY A 25 26.63 14.38 -57.80
CA GLY A 25 30.10 6.13 -58.00
C GLY A 25 26.63 15.74 -57.13
C GLY A 25 29.77 4.67 -57.75
N THR A 26 26.31 16.78 -57.91
N THR A 26 30.80 3.82 -57.81
CA THR A 26 26.38 18.17 -57.44
CA THR A 26 30.62 2.38 -57.70
C THR A 26 25.00 18.62 -56.95
C THR A 26 31.01 1.83 -56.33
N ASN A 27 24.57 18.05 -55.83
N ASN A 27 30.80 2.58 -55.25
CA ASN A 27 23.28 18.40 -55.25
CA ASN A 27 30.97 2.02 -53.92
C ASN A 27 23.31 17.99 -53.78
C ASN A 27 29.96 0.90 -53.66
N ALA A 28 22.39 18.58 -53.01
N ALA A 28 30.28 0.09 -52.65
CA ALA A 28 22.20 18.29 -51.60
CA ALA A 28 29.32 -0.81 -52.03
C ALA A 28 21.37 17.02 -51.41
C ALA A 28 28.84 -0.29 -50.68
N GLU A 29 20.83 16.83 -50.21
N GLU A 29 29.23 0.93 -50.32
CA GLU A 29 20.00 15.68 -49.85
CA GLU A 29 28.87 1.54 -49.05
C GLU A 29 20.81 14.38 -49.92
C GLU A 29 28.00 2.77 -49.29
N LYS A 30 21.83 14.32 -49.08
N LYS A 30 26.89 2.86 -48.56
CA LYS A 30 22.61 13.09 -48.91
CA LYS A 30 25.99 3.99 -48.64
C LYS A 30 21.69 11.98 -48.40
C LYS A 30 25.99 4.74 -47.32
N ARG A 31 21.77 10.81 -49.02
N ARG A 31 26.13 6.06 -47.39
CA ARG A 31 20.94 9.68 -48.66
CA ARG A 31 26.17 6.90 -46.20
C ARG A 31 21.81 8.44 -48.46
C ARG A 31 25.28 8.12 -46.40
N CYS A 32 21.33 7.55 -47.59
N CYS A 32 25.00 8.81 -45.29
CA CYS A 32 22.01 6.29 -47.35
CA CYS A 32 24.11 9.97 -45.28
C CYS A 32 21.87 5.38 -48.57
C CYS A 32 24.86 11.22 -45.74
N ARG A 33 22.92 4.64 -48.86
N ARG A 33 25.33 11.16 -46.99
CA ARG A 33 22.93 3.77 -50.04
CA ARG A 33 26.19 12.20 -47.57
C ARG A 33 23.70 2.48 -49.79
C ARG A 33 25.65 13.61 -47.36
N VAL B 11 -17.28 30.75 6.91
CA VAL B 11 -16.67 29.99 8.00
C VAL B 11 -16.89 30.70 9.32
N GLN B 12 -15.80 31.14 9.95
CA GLN B 12 -15.89 31.83 11.23
C GLN B 12 -16.40 33.26 11.09
N PHE B 13 -16.52 33.78 9.86
CA PHE B 13 -17.00 35.13 9.62
C PHE B 13 -18.40 35.08 9.03
N LEU B 14 -19.27 35.96 9.53
CA LEU B 14 -20.65 35.99 9.05
C LEU B 14 -20.71 36.39 7.58
N ARG B 15 -21.65 35.79 6.85
CA ARG B 15 -21.82 36.05 5.44
C ARG B 15 -23.29 36.31 5.15
N THR B 16 -23.55 36.96 4.02
CA THR B 16 -24.92 37.28 3.62
C THR B 16 -25.67 36.02 3.21
N ASP B 17 -27.00 36.15 3.17
CA ASP B 17 -27.89 35.04 2.79
C ASP B 17 -27.69 33.82 3.68
N ASP B 18 -27.51 34.05 4.97
CA ASP B 18 -27.33 32.99 5.95
C ASP B 18 -28.26 33.22 7.14
N GLU B 19 -28.85 32.14 7.63
CA GLU B 19 -29.74 32.25 8.78
C GLU B 19 -28.94 32.56 10.04
N VAL B 20 -29.37 33.57 10.78
CA VAL B 20 -28.66 34.02 11.97
C VAL B 20 -29.66 34.26 13.09
N VAL B 21 -29.15 34.21 14.33
CA VAL B 21 -29.94 34.46 15.53
C VAL B 21 -29.13 35.36 16.45
N LEU B 22 -29.78 36.38 17.01
CA LEU B 22 -29.12 37.32 17.91
C LEU B 22 -29.42 36.90 19.35
N GLN B 23 -28.41 36.39 20.04
CA GLN B 23 -28.54 35.95 21.42
C GLN B 23 -27.83 36.93 22.34
N CYS B 24 -28.54 37.41 23.36
CA CYS B 24 -28.00 38.36 24.31
C CYS B 24 -28.19 37.82 25.73
N SER B 25 -27.13 37.84 26.52
CA SER B 25 -27.19 37.37 27.90
C SER B 25 -27.43 38.55 28.83
N ALA B 26 -28.54 38.52 29.55
CA ALA B 26 -28.92 39.58 30.49
C ALA B 26 -28.97 39.00 31.89
N THR B 27 -28.35 39.71 32.83
CA THR B 27 -28.34 39.25 34.22
C THR B 27 -29.70 39.45 34.85
N VAL B 28 -30.24 38.39 35.45
CA VAL B 28 -31.54 38.41 36.11
C VAL B 28 -31.45 37.51 37.33
N LEU B 29 -31.59 38.10 38.53
CA LEU B 29 -31.50 37.36 39.79
C LEU B 29 -30.20 36.58 39.90
N LYS B 30 -29.09 37.29 39.64
CA LYS B 30 -27.75 36.70 39.67
C LYS B 30 -27.63 35.52 38.71
N GLU B 31 -28.23 35.65 37.53
CA GLU B 31 -28.20 34.60 36.52
C GLU B 31 -28.25 35.28 35.15
N GLN B 32 -27.16 35.16 34.39
CA GLN B 32 -27.06 35.76 33.06
C GLN B 32 -27.71 34.82 32.04
N LEU B 33 -29.04 34.73 32.13
CA LEU B 33 -29.80 33.89 31.21
C LEU B 33 -29.73 34.45 29.79
N LYS B 34 -29.54 33.56 28.82
CA LYS B 34 -29.48 33.98 27.43
C LYS B 34 -30.87 34.33 26.91
N LEU B 35 -31.00 35.51 26.32
CA LEU B 35 -32.26 35.99 25.76
C LEU B 35 -32.06 36.31 24.28
N CYS B 36 -32.92 35.73 23.44
CA CYS B 36 -32.87 35.95 22.00
C CYS B 36 -34.17 36.60 21.55
N LEU B 37 -34.05 37.68 20.78
CA LEU B 37 -35.22 38.40 20.33
C LEU B 37 -36.03 37.56 19.33
N ALA B 38 -37.34 37.70 19.39
CA ALA B 38 -38.24 36.99 18.50
C ALA B 38 -39.54 37.77 18.38
N ALA B 39 -40.20 37.61 17.23
CA ALA B 39 -41.46 38.30 16.96
C ALA B 39 -42.49 37.30 16.46
N GLU B 40 -43.75 37.55 16.82
CA GLU B 40 -44.83 36.68 16.37
C GLU B 40 -45.10 36.79 14.87
N GLY B 41 -44.55 37.80 14.20
CA GLY B 41 -44.75 37.95 12.78
C GLY B 41 -46.17 38.36 12.43
N PHE B 42 -46.93 37.44 11.84
CA PHE B 42 -48.32 37.73 11.50
C PHE B 42 -49.16 37.92 12.76
N GLY B 43 -48.83 37.21 13.84
CA GLY B 43 -49.59 37.35 15.07
C GLY B 43 -49.47 38.73 15.70
N ASN B 44 -48.25 39.27 15.74
CA ASN B 44 -48.02 40.56 16.36
C ASN B 44 -46.78 41.20 15.73
N ARG B 45 -46.88 42.49 15.43
CA ARG B 45 -45.74 43.22 14.87
C ARG B 45 -44.61 43.35 15.89
N LEU B 46 -44.96 43.62 17.15
CA LEU B 46 -43.94 43.82 18.18
C LEU B 46 -43.19 42.53 18.46
N CYS B 47 -41.93 42.68 18.87
CA CYS B 47 -41.06 41.56 19.17
C CYS B 47 -40.98 41.32 20.67
N PHE B 48 -40.45 40.15 21.04
CA PHE B 48 -40.28 39.76 22.42
C PHE B 48 -38.97 39.00 22.56
N LEU B 49 -38.66 38.60 23.79
CA LEU B 49 -37.43 37.90 24.10
C LEU B 49 -37.74 36.46 24.50
N GLU B 50 -37.07 35.50 23.87
CA GLU B 50 -37.25 34.10 24.18
C GLU B 50 -36.07 33.62 25.02
N PRO B 51 -36.27 33.23 26.28
CA PRO B 51 -35.14 32.80 27.12
C PRO B 51 -34.68 31.41 26.73
N THR B 52 -33.39 31.29 26.42
CA THR B 52 -32.79 30.01 26.05
C THR B 52 -32.10 29.32 27.22
N SER B 53 -32.13 29.91 28.41
CA SER B 53 -31.50 29.27 29.57
C SER B 53 -32.21 27.98 29.94
N ASN B 54 -33.54 27.97 29.89
CA ASN B 54 -34.34 26.79 30.19
C ASN B 54 -34.73 26.01 28.94
N ALA B 55 -33.87 26.04 27.91
CA ALA B 55 -34.19 25.34 26.67
C ALA B 55 -34.31 23.84 26.88
N GLN B 56 -33.41 23.26 27.69
CA GLN B 56 -33.48 21.84 27.96
C GLN B 56 -34.75 21.47 28.73
N ASN B 57 -35.11 22.26 29.73
CA ASN B 57 -36.33 21.99 30.49
C ASN B 57 -37.57 22.31 29.67
N VAL B 58 -37.58 23.47 29.02
CA VAL B 58 -38.71 23.90 28.19
C VAL B 58 -38.17 24.17 26.78
N PRO B 59 -38.47 23.33 25.80
CA PRO B 59 -37.97 23.56 24.44
C PRO B 59 -38.47 24.87 23.88
N PRO B 60 -37.63 25.60 23.15
CA PRO B 60 -38.05 26.88 22.57
C PRO B 60 -38.61 26.71 21.16
N ASP B 61 -39.16 27.80 20.64
CA ASP B 61 -39.69 27.84 19.28
C ASP B 61 -38.65 28.50 18.38
N LEU B 62 -38.05 27.69 17.50
CA LEU B 62 -36.98 28.17 16.64
C LEU B 62 -37.51 29.00 15.47
N ALA B 63 -38.76 28.75 15.05
CA ALA B 63 -39.29 29.44 13.87
C ALA B 63 -39.37 30.95 14.09
N ILE B 64 -39.91 31.38 15.22
CA ILE B 64 -39.97 32.81 15.52
C ILE B 64 -38.58 33.37 15.78
N CYS B 65 -37.72 32.58 16.43
CA CYS B 65 -36.38 33.04 16.77
C CYS B 65 -35.50 33.18 15.53
N CYS B 66 -35.70 32.33 14.53
CA CYS B 66 -34.86 32.35 13.34
C CYS B 66 -35.05 33.64 12.56
N PHE B 67 -33.93 34.18 12.06
CA PHE B 67 -33.94 35.41 11.26
C PHE B 67 -33.06 35.20 10.04
N THR B 68 -33.44 35.83 8.93
CA THR B 68 -32.72 35.72 7.67
C THR B 68 -31.89 36.98 7.44
N LEU B 69 -30.64 36.79 7.02
CA LEU B 69 -29.71 37.89 6.80
C LEU B 69 -29.68 38.25 5.33
N GLU B 70 -30.03 39.50 5.02
CA GLU B 70 -30.09 39.98 3.64
C GLU B 70 -28.75 40.59 3.24
N GLN B 71 -28.73 41.33 2.13
CA GLN B 71 -27.48 41.89 1.64
C GLN B 71 -26.94 42.94 2.61
N SER B 72 -25.62 43.12 2.58
CA SER B 72 -24.93 44.03 3.47
C SER B 72 -24.35 45.19 2.67
N LEU B 73 -24.54 46.41 3.17
CA LEU B 73 -24.04 47.61 2.53
C LEU B 73 -23.40 48.52 3.59
N SER B 74 -22.49 49.37 3.14
CA SER B 74 -21.83 50.32 4.02
C SER B 74 -22.75 51.50 4.29
N VAL B 75 -22.30 52.39 5.19
CA VAL B 75 -23.07 53.59 5.51
C VAL B 75 -23.20 54.48 4.28
N ARG B 76 -22.09 54.70 3.57
CA ARG B 76 -22.14 55.46 2.33
C ARG B 76 -22.96 54.73 1.28
N ALA B 77 -22.83 53.41 1.20
CA ALA B 77 -23.64 52.63 0.28
C ALA B 77 -25.12 52.73 0.62
N LEU B 78 -25.45 52.68 1.92
CA LEU B 78 -26.84 52.84 2.34
C LEU B 78 -27.38 54.21 1.96
N GLN B 79 -26.57 55.25 2.17
CA GLN B 79 -27.00 56.60 1.81
C GLN B 79 -27.23 56.72 0.31
N GLU B 80 -26.33 56.14 -0.50
CA GLU B 80 -26.50 56.20 -1.95
C GLU B 80 -27.74 55.43 -2.39
N MET B 81 -27.99 54.26 -1.79
CA MET B 81 -29.17 53.48 -2.15
C MET B 81 -30.45 54.22 -1.76
N LEU B 82 -30.47 54.85 -0.59
CA LEU B 82 -31.66 55.58 -0.15
C LEU B 82 -31.89 56.82 -0.99
N ALA B 83 -30.81 57.48 -1.43
CA ALA B 83 -30.97 58.67 -2.27
C ALA B 83 -31.64 58.33 -3.60
N ASN B 84 -31.25 57.21 -4.20
CA ASN B 84 -31.84 56.80 -5.47
C ASN B 84 -33.21 56.17 -5.25
N GLY B 97 -21.42 36.38 -4.28
CA GLY B 97 -22.81 36.37 -3.85
C GLY B 97 -22.97 36.28 -2.34
N HIS B 98 -21.87 36.01 -1.65
CA HIS B 98 -21.84 35.89 -0.19
C HIS B 98 -20.78 36.86 0.34
N ARG B 99 -21.19 38.10 0.60
CA ARG B 99 -20.28 39.11 1.10
C ARG B 99 -20.09 38.94 2.61
N THR B 100 -18.83 38.93 3.04
CA THR B 100 -18.54 38.78 4.46
C THR B 100 -18.91 40.06 5.20
N LEU B 101 -19.64 39.90 6.31
CA LEU B 101 -20.05 41.04 7.12
C LEU B 101 -18.84 41.72 7.73
N LEU B 102 -18.84 43.06 7.68
CA LEU B 102 -17.74 43.86 8.21
C LEU B 102 -18.27 44.87 9.21
N TYR B 103 -17.43 45.21 10.18
CA TYR B 103 -17.81 46.21 11.18
C TYR B 103 -17.95 47.58 10.54
N GLY B 104 -18.91 48.35 11.02
CA GLY B 104 -19.20 49.65 10.46
C GLY B 104 -20.16 49.66 9.29
N HIS B 105 -20.61 48.49 8.84
CA HIS B 105 -21.53 48.38 7.73
C HIS B 105 -22.98 48.40 8.24
N ALA B 106 -23.91 48.42 7.29
CA ALA B 106 -25.34 48.38 7.57
C ALA B 106 -25.90 47.03 7.19
N ILE B 107 -26.73 46.46 8.06
CA ILE B 107 -27.24 45.10 7.90
C ILE B 107 -28.76 45.17 7.80
N LEU B 108 -29.36 44.18 7.14
CA LEU B 108 -30.79 44.07 7.00
C LEU B 108 -31.23 42.66 7.38
N LEU B 109 -32.22 42.56 8.26
CA LEU B 109 -32.74 41.29 8.74
C LEU B 109 -34.20 41.16 8.37
N ARG B 110 -34.58 39.99 7.87
CA ARG B 110 -35.97 39.69 7.52
C ARG B 110 -36.39 38.39 8.19
N HIS B 111 -37.59 38.39 8.77
CA HIS B 111 -38.12 37.18 9.38
C HIS B 111 -38.43 36.15 8.30
N ALA B 112 -37.99 34.92 8.52
CA ALA B 112 -38.19 33.87 7.51
C ALA B 112 -39.66 33.49 7.40
N HIS B 113 -40.33 33.28 8.53
CA HIS B 113 -41.71 32.81 8.50
C HIS B 113 -42.65 33.90 8.00
N SER B 114 -42.53 35.12 8.56
CA SER B 114 -43.46 36.18 8.24
C SER B 114 -43.08 36.97 6.99
N ARG B 115 -41.87 36.76 6.45
CA ARG B 115 -41.40 37.49 5.27
C ARG B 115 -41.50 39.00 5.48
N MET B 116 -41.13 39.45 6.68
CA MET B 116 -41.19 40.86 7.04
C MET B 116 -39.82 41.31 7.52
N TYR B 117 -39.52 42.59 7.28
CA TYR B 117 -38.21 43.15 7.60
C TYR B 117 -38.25 43.82 8.97
N LEU B 118 -37.24 43.51 9.79
CA LEU B 118 -37.12 44.14 11.10
C LEU B 118 -36.84 45.63 10.93
N SER B 119 -37.53 46.44 11.73
CA SER B 119 -37.41 47.89 11.64
C SER B 119 -37.78 48.51 12.97
N CYS B 120 -37.43 49.79 13.13
CA CYS B 120 -37.73 50.54 14.34
C CYS B 120 -39.08 51.22 14.16
N LEU B 121 -40.07 50.79 14.94
CA LEU B 121 -41.41 51.37 14.84
C LEU B 121 -41.41 52.81 15.36
N THR B 122 -42.24 53.65 14.74
CA THR B 122 -42.33 55.05 15.15
C THR B 122 -43.02 55.22 16.50
N THR B 123 -43.73 54.21 16.98
CA THR B 123 -44.40 54.29 18.26
C THR B 123 -43.40 54.14 19.40
N SER B 124 -43.73 54.75 20.54
CA SER B 124 -42.89 54.73 21.72
C SER B 124 -43.61 53.97 22.83
N ARG B 125 -42.92 53.00 23.43
CA ARG B 125 -43.46 52.18 24.51
C ARG B 125 -44.76 51.50 24.10
N LYS B 130 -40.30 55.38 29.08
CA LYS B 130 -39.32 56.44 28.87
C LYS B 130 -39.37 56.96 27.44
N LEU B 131 -38.25 57.51 26.97
CA LEU B 131 -38.14 58.05 25.63
C LEU B 131 -37.75 56.99 24.60
N ALA B 132 -37.37 55.80 25.05
CA ALA B 132 -36.93 54.75 24.13
C ALA B 132 -38.03 54.36 23.16
N PHE B 133 -37.67 54.16 21.90
CA PHE B 133 -38.62 53.79 20.87
C PHE B 133 -38.94 52.30 20.94
N ASP B 134 -39.79 51.85 20.02
CA ASP B 134 -40.21 50.46 19.97
C ASP B 134 -39.75 49.83 18.66
N VAL B 135 -39.40 48.55 18.73
CA VAL B 135 -38.92 47.79 17.59
C VAL B 135 -39.97 46.75 17.21
N GLY B 136 -40.35 46.72 15.94
CA GLY B 136 -41.35 45.77 15.47
C GLY B 136 -41.15 45.46 14.01
N LEU B 137 -41.68 44.30 13.61
CA LEU B 137 -41.56 43.86 12.23
C LEU B 137 -42.33 44.79 11.29
N GLN B 138 -41.73 45.08 10.14
CA GLN B 138 -42.32 45.95 9.13
C GLN B 138 -42.62 45.16 7.88
N GLU B 139 -43.83 45.33 7.35
CA GLU B 139 -44.22 44.61 6.14
C GLU B 139 -43.37 45.05 4.95
N ASP B 140 -43.13 46.34 4.81
CA ASP B 140 -42.37 46.89 3.71
C ASP B 140 -40.92 47.11 4.10
N ALA B 141 -40.06 47.25 3.09
CA ALA B 141 -38.64 47.48 3.29
C ALA B 141 -38.22 48.91 2.95
N THR B 142 -39.19 49.82 2.82
CA THR B 142 -38.88 51.20 2.50
C THR B 142 -38.42 51.95 3.74
N GLY B 143 -37.55 52.93 3.53
CA GLY B 143 -37.03 53.76 4.60
C GLY B 143 -35.79 53.18 5.24
N GLU B 144 -35.15 54.00 6.07
CA GLU B 144 -33.93 53.60 6.77
C GLU B 144 -34.21 52.83 8.06
N ALA B 145 -35.48 52.73 8.47
CA ALA B 145 -35.80 51.98 9.69
C ALA B 145 -35.48 50.50 9.54
N CYS B 146 -35.74 49.93 8.36
CA CYS B 146 -35.44 48.51 8.15
C CYS B 146 -33.94 48.24 8.23
N TRP B 147 -33.13 49.14 7.67
CA TRP B 147 -31.68 48.98 7.71
C TRP B 147 -31.15 49.28 9.10
N TRP B 148 -30.25 48.41 9.58
CA TRP B 148 -29.60 48.58 10.87
C TRP B 148 -28.10 48.43 10.70
N THR B 149 -27.34 49.33 11.31
CA THR B 149 -25.89 49.30 11.21
C THR B 149 -25.30 48.38 12.27
N MET B 150 -24.08 47.91 12.01
CA MET B 150 -23.35 47.03 12.91
C MET B 150 -22.03 47.66 13.28
N HIS B 151 -21.70 47.67 14.57
CA HIS B 151 -20.46 48.25 15.06
C HIS B 151 -19.79 47.30 16.03
N PRO B 152 -18.46 47.33 16.13
CA PRO B 152 -17.77 46.45 17.07
C PRO B 152 -18.05 46.84 18.51
N ALA B 153 -18.28 45.84 19.35
CA ALA B 153 -18.55 46.03 20.77
C ALA B 153 -17.34 45.70 21.65
N SER B 154 -16.19 45.43 21.04
CA SER B 154 -14.98 45.07 21.78
C SER B 154 -13.87 46.07 21.49
N LYS B 155 -13.05 46.35 22.50
CA LYS B 155 -11.94 47.28 22.33
C LYS B 155 -10.92 46.73 21.34
N GLN B 156 -10.65 45.42 21.39
CA GLN B 156 -9.69 44.82 20.47
C GLN B 156 -10.16 44.93 19.03
N ARG B 157 -11.44 44.70 18.78
CA ARG B 157 -11.98 44.82 17.44
C ARG B 157 -11.99 46.29 16.99
N SER B 158 -11.75 46.50 15.70
CA SER B 158 -11.70 47.83 15.11
C SER B 158 -12.68 47.93 13.96
N GLU B 159 -13.01 49.17 13.60
CA GLU B 159 -13.94 49.41 12.51
C GLU B 159 -13.35 48.94 11.18
N GLY B 160 -14.20 48.36 10.34
CA GLY B 160 -13.77 47.84 9.06
C GLY B 160 -13.32 46.39 9.08
N GLU B 161 -13.21 45.78 10.26
CA GLU B 161 -12.80 44.39 10.34
C GLU B 161 -13.98 43.46 10.10
N LYS B 162 -13.67 42.22 9.73
CA LYS B 162 -14.70 41.23 9.48
C LYS B 162 -15.41 40.85 10.78
N VAL B 163 -16.73 40.68 10.70
CA VAL B 163 -17.51 40.30 11.87
C VAL B 163 -17.22 38.85 12.21
N ARG B 164 -16.89 38.59 13.47
CA ARG B 164 -16.53 37.27 13.94
C ARG B 164 -17.71 36.61 14.64
N VAL B 165 -17.91 35.32 14.37
CA VAL B 165 -18.99 34.56 14.99
C VAL B 165 -18.68 34.35 16.47
N GLY B 166 -19.66 34.64 17.32
CA GLY B 166 -19.48 34.50 18.75
C GLY B 166 -18.88 35.70 19.45
N ASP B 167 -18.72 36.83 18.76
CA ASP B 167 -18.17 38.04 19.34
C ASP B 167 -19.28 39.05 19.59
N ASP B 168 -19.05 39.92 20.56
CA ASP B 168 -20.04 40.94 20.89
C ASP B 168 -20.22 41.92 19.73
N LEU B 169 -21.47 42.30 19.50
CA LEU B 169 -21.82 43.16 18.38
C LEU B 169 -22.73 44.28 18.85
N ILE B 170 -22.55 45.46 18.25
CA ILE B 170 -23.36 46.64 18.54
C ILE B 170 -24.23 46.93 17.32
N LEU B 171 -25.53 47.04 17.54
CA LEU B 171 -26.49 47.33 16.49
C LEU B 171 -27.06 48.73 16.70
N VAL B 172 -26.95 49.58 15.69
CA VAL B 172 -27.42 50.95 15.74
C VAL B 172 -28.33 51.19 14.54
N SER B 173 -29.52 51.73 14.80
CA SER B 173 -30.47 52.01 13.74
C SER B 173 -29.99 53.20 12.90
N VAL B 174 -30.62 53.36 11.74
CA VAL B 174 -30.30 54.46 10.83
C VAL B 174 -31.35 55.56 10.91
N SER B 175 -32.63 55.19 10.90
CA SER B 175 -33.69 56.20 10.95
C SER B 175 -33.82 56.79 12.35
N SER B 176 -33.50 56.03 13.39
CA SER B 176 -33.60 56.51 14.75
C SER B 176 -32.25 56.66 15.45
N GLU B 177 -31.20 56.02 14.93
CA GLU B 177 -29.86 56.09 15.53
C GLU B 177 -29.88 55.65 16.99
N ARG B 178 -30.66 54.61 17.28
CA ARG B 178 -30.83 54.11 18.63
C ARG B 178 -30.30 52.69 18.75
N TYR B 179 -29.68 52.39 19.89
CA TYR B 179 -29.18 51.05 20.13
C TYR B 179 -30.32 50.07 20.35
N LEU B 180 -30.04 48.79 20.12
CA LEU B 180 -30.97 47.72 20.42
C LEU B 180 -30.65 47.21 21.83
N HIS B 181 -31.55 47.46 22.77
CA HIS B 181 -31.32 47.14 24.18
C HIS B 181 -32.55 46.47 24.77
N LEU B 182 -32.31 45.50 25.66
CA LEU B 182 -33.38 44.79 26.34
C LEU B 182 -33.70 45.50 27.65
N SER B 183 -34.94 45.98 27.78
CA SER B 183 -35.37 46.70 28.96
C SER B 183 -36.13 45.77 29.91
N THR B 184 -36.12 46.13 31.19
CA THR B 184 -36.80 45.34 32.21
C THR B 184 -37.46 46.26 33.25
N LEU B 189 -38.30 41.93 30.32
CA LEU B 189 -37.63 41.10 29.33
C LEU B 189 -38.15 41.40 27.92
N GLN B 190 -38.08 42.67 27.53
CA GLN B 190 -38.53 43.12 26.22
C GLN B 190 -37.45 43.98 25.58
N VAL B 191 -37.40 43.94 24.25
CA VAL B 191 -36.43 44.71 23.48
C VAL B 191 -37.03 46.07 23.13
N ASP B 192 -36.18 47.10 23.20
CA ASP B 192 -36.62 48.45 22.88
C ASP B 192 -35.46 49.20 22.25
N ALA B 193 -35.80 50.26 21.50
CA ALA B 193 -34.81 51.07 20.81
C ALA B 193 -34.32 52.18 21.76
N SER B 194 -33.65 51.74 22.83
CA SER B 194 -33.07 52.66 23.79
C SER B 194 -31.65 53.03 23.37
N PHE B 195 -31.33 54.31 23.49
CA PHE B 195 -30.04 54.81 23.03
C PHE B 195 -28.88 54.35 23.91
N MET B 196 -29.15 53.80 25.09
CA MET B 196 -28.09 53.30 25.95
C MET B 196 -27.44 52.07 25.33
N GLN B 197 -26.13 51.94 25.54
CA GLN B 197 -25.39 50.83 24.97
C GLN B 197 -25.77 49.51 25.65
N THR B 198 -25.83 48.44 24.85
CA THR B 198 -26.15 47.12 25.37
C THR B 198 -25.39 46.09 24.56
N LEU B 199 -24.82 45.11 25.25
CA LEU B 199 -24.05 44.06 24.58
C LEU B 199 -24.99 43.10 23.84
N TRP B 200 -24.55 42.66 22.67
CA TRP B 200 -25.32 41.72 21.86
C TRP B 200 -24.37 40.78 21.14
N ASN B 201 -24.76 39.52 21.04
CA ASN B 201 -23.97 38.51 20.36
C ASN B 201 -24.77 37.93 19.20
N MET B 202 -24.09 37.71 18.08
CA MET B 202 -24.72 37.23 16.85
C MET B 202 -24.13 35.88 16.48
N ASN B 203 -25.01 34.90 16.26
CA ASN B 203 -24.61 33.56 15.90
C ASN B 203 -25.43 33.06 14.73
N PRO B 204 -24.83 32.26 13.83
CA PRO B 204 -25.59 31.74 12.68
C PRO B 204 -26.33 30.47 13.01
N ILE B 205 -27.66 30.49 12.90
CA ILE B 205 -28.46 29.30 13.13
C ILE B 205 -28.23 28.28 12.01
N CYS B 206 -28.23 28.73 10.76
CA CYS B 206 -28.01 27.86 9.62
C CYS B 206 -27.31 28.64 8.52
N SER B 207 -26.64 27.91 7.63
CA SER B 207 -25.91 28.49 6.52
C SER B 207 -26.26 27.75 5.24
N CYS B 208 -25.57 28.11 4.16
CA CYS B 208 -25.81 27.47 2.88
C CYS B 208 -25.39 26.01 2.91
N CYS B 209 -26.16 25.16 2.23
CA CYS B 209 -25.88 23.73 2.18
C CYS B 209 -26.40 23.18 0.86
N GLU B 210 -25.88 22.01 0.50
CA GLU B 210 -26.29 21.36 -0.74
C GLU B 210 -27.76 20.92 -0.65
N GLU B 211 -28.43 20.92 -1.80
CA GLU B 211 -29.82 20.52 -1.86
C GLU B 211 -29.96 19.03 -1.55
N GLY B 212 -31.09 18.68 -0.95
CA GLY B 212 -31.34 17.30 -0.56
C GLY B 212 -30.74 16.90 0.76
N TYR B 213 -30.18 17.83 1.53
CA TYR B 213 -29.57 17.54 2.81
C TYR B 213 -30.53 17.95 3.92
N VAL B 214 -30.84 17.02 4.82
CA VAL B 214 -31.75 17.28 5.92
C VAL B 214 -31.03 18.06 7.01
N THR B 215 -31.62 19.19 7.41
CA THR B 215 -31.05 20.05 8.43
C THR B 215 -32.09 20.32 9.51
N GLY B 216 -31.59 20.63 10.70
CA GLY B 216 -32.48 20.91 11.82
C GLY B 216 -33.26 22.18 11.62
N GLY B 217 -34.46 22.23 12.21
CA GLY B 217 -35.34 23.37 12.09
C GLY B 217 -36.18 23.42 10.83
N HIS B 218 -36.07 22.41 9.97
CA HIS B 218 -36.82 22.39 8.72
C HIS B 218 -38.15 21.67 8.91
N VAL B 219 -39.19 22.19 8.28
CA VAL B 219 -40.51 21.57 8.29
C VAL B 219 -40.58 20.59 7.12
N LEU B 220 -40.90 19.34 7.42
CA LEU B 220 -40.86 18.28 6.42
C LEU B 220 -41.81 17.17 6.80
N ARG B 221 -42.12 16.32 5.82
CA ARG B 221 -43.02 15.19 6.00
C ARG B 221 -42.25 13.89 5.81
N LEU B 222 -42.51 12.93 6.69
CA LEU B 222 -41.89 11.60 6.62
C LEU B 222 -42.90 10.63 6.05
N PHE B 223 -42.62 10.11 4.86
CA PHE B 223 -43.51 9.17 4.19
C PHE B 223 -43.08 7.75 4.50
N HIS B 224 -44.04 6.94 4.96
CA HIS B 224 -43.79 5.55 5.34
C HIS B 224 -44.24 4.64 4.20
N GLY B 225 -43.31 3.84 3.67
CA GLY B 225 -43.63 2.93 2.59
C GLY B 225 -43.90 3.62 1.27
N GLU B 229 -49.01 6.80 3.04
CA GLU B 229 -48.83 6.59 4.47
C GLU B 229 -47.72 7.49 5.01
N CYS B 230 -48.03 8.23 6.07
CA CYS B 230 -47.07 9.15 6.68
C CYS B 230 -47.47 9.36 8.14
N LEU B 231 -46.65 10.11 8.87
CA LEU B 231 -46.93 10.43 10.26
C LEU B 231 -48.07 11.44 10.31
N THR B 232 -49.23 11.01 10.77
CA THR B 232 -50.43 11.84 10.81
C THR B 232 -50.99 11.89 12.23
N ILE B 233 -51.74 12.96 12.49
CA ILE B 233 -52.38 13.17 13.79
C ILE B 233 -53.86 13.41 13.55
N SER B 234 -54.67 13.08 14.54
CA SER B 234 -56.12 13.22 14.42
C SER B 234 -56.50 14.68 14.21
N ALA B 235 -57.55 14.89 13.42
CA ALA B 235 -57.98 16.24 13.07
C ALA B 235 -58.61 16.92 14.28
N ALA B 236 -59.08 18.16 14.07
CA ALA B 236 -59.65 18.95 15.14
C ALA B 236 -60.99 18.36 15.59
N ASP B 237 -61.37 18.70 16.82
CA ASP B 237 -62.61 18.26 17.45
C ASP B 237 -62.68 16.75 17.63
N SER B 238 -61.53 16.06 17.53
CA SER B 238 -61.50 14.63 17.74
C SER B 238 -61.57 14.30 19.23
N ASP B 239 -62.04 13.08 19.52
CA ASP B 239 -62.14 12.64 20.90
C ASP B 239 -60.76 12.45 21.54
N ASP B 240 -59.77 12.06 20.74
CA ASP B 240 -58.42 11.85 21.24
C ASP B 240 -57.67 13.15 21.51
N GLN B 241 -58.24 14.29 21.10
CA GLN B 241 -57.62 15.60 21.30
C GLN B 241 -56.24 15.69 20.64
N ARG B 242 -56.06 14.99 19.53
CA ARG B 242 -54.83 14.98 18.75
C ARG B 242 -53.62 14.52 19.56
N ARG B 243 -53.84 13.79 20.64
CA ARG B 243 -52.72 13.29 21.44
C ARG B 243 -52.01 12.15 20.73
N LEU B 244 -52.76 11.20 20.17
CA LEU B 244 -52.18 10.02 19.56
C LEU B 244 -51.66 10.33 18.15
N VAL B 245 -50.81 9.44 17.65
CA VAL B 245 -50.24 9.54 16.32
C VAL B 245 -50.70 8.34 15.51
N TYR B 246 -51.10 8.58 14.26
CA TYR B 246 -51.62 7.54 13.39
C TYR B 246 -50.91 7.59 12.04
N TYR B 247 -50.85 6.44 11.38
CA TYR B 247 -50.24 6.31 10.06
C TYR B 247 -51.34 6.36 9.01
N GLU B 248 -51.43 7.47 8.28
CA GLU B 248 -52.45 7.66 7.26
C GLU B 248 -51.82 8.25 6.01
N GLY B 249 -52.49 8.04 4.88
CA GLY B 249 -52.02 8.55 3.61
C GLY B 249 -53.18 8.99 2.75
N GLY B 250 -52.84 9.76 1.71
CA GLY B 250 -53.83 10.25 0.78
C GLY B 250 -54.22 11.70 1.03
N ALA B 251 -55.47 11.92 1.44
CA ALA B 251 -55.94 13.28 1.71
C ALA B 251 -55.20 13.88 2.90
N VAL B 252 -54.89 13.05 3.91
CA VAL B 252 -54.19 13.56 5.09
C VAL B 252 -52.78 14.00 4.74
N CYS B 253 -52.13 13.32 3.79
CA CYS B 253 -50.78 13.71 3.40
C CYS B 253 -50.75 15.12 2.81
N THR B 254 -51.73 15.45 1.97
CA THR B 254 -51.82 16.81 1.43
C THR B 254 -52.19 17.80 2.52
N HIS B 255 -52.89 17.33 3.56
CA HIS B 255 -53.27 18.20 4.67
C HIS B 255 -52.03 18.63 5.45
N ALA B 256 -52.12 19.82 6.06
CA ALA B 256 -50.99 20.38 6.79
C ALA B 256 -50.69 19.65 8.09
N ARG B 257 -51.58 18.74 8.53
CA ARG B 257 -51.35 18.04 9.78
C ARG B 257 -50.18 17.06 9.68
N SER B 258 -49.93 16.53 8.49
CA SER B 258 -48.86 15.53 8.31
C SER B 258 -47.47 16.13 8.44
N LEU B 259 -47.34 17.45 8.38
CA LEU B 259 -46.01 18.07 8.47
C LEU B 259 -45.46 17.98 9.90
N TRP B 260 -44.15 17.81 10.00
CA TRP B 260 -43.46 17.74 11.27
C TRP B 260 -42.20 18.60 11.23
N ARG B 261 -41.79 19.08 12.40
CA ARG B 261 -40.61 19.90 12.54
C ARG B 261 -39.71 19.31 13.61
N LEU B 262 -38.41 19.23 13.33
CA LEU B 262 -37.42 18.68 14.25
C LEU B 262 -36.44 19.77 14.66
N GLU B 263 -35.97 19.68 15.89
CA GLU B 263 -35.00 20.63 16.41
C GLU B 263 -33.95 19.93 17.26
N PRO B 264 -32.70 19.87 16.80
CA PRO B 264 -31.65 19.25 17.61
C PRO B 264 -31.40 20.02 18.90
N LEU B 265 -30.99 19.29 19.93
CA LEU B 265 -30.74 19.87 21.25
C LEU B 265 -29.32 20.43 21.32
N ARG B 266 -29.08 21.47 20.51
CA ARG B 266 -27.79 22.14 20.45
C ARG B 266 -27.99 23.62 20.69
N ILE B 267 -27.23 24.16 21.65
CA ILE B 267 -27.32 25.60 21.94
C ILE B 267 -26.80 26.42 20.76
N SER B 268 -25.67 25.99 20.19
CA SER B 268 -25.06 26.68 19.06
C SER B 268 -25.13 25.79 17.82
N TRP B 269 -25.36 26.42 16.67
CA TRP B 269 -25.49 25.73 15.39
C TRP B 269 -26.59 24.67 15.46
N SER B 270 -27.77 25.08 15.91
CA SER B 270 -28.88 24.16 16.05
C SER B 270 -29.32 23.61 14.70
N GLY B 271 -29.28 24.43 13.66
CA GLY B 271 -29.69 24.00 12.33
C GLY B 271 -28.67 23.18 11.59
N SER B 272 -27.49 22.96 12.17
CA SER B 272 -26.46 22.17 11.52
C SER B 272 -26.89 20.72 11.38
N HIS B 273 -26.48 20.10 10.28
CA HIS B 273 -26.71 18.68 10.10
C HIS B 273 -25.90 17.87 11.10
N LEU B 274 -26.51 16.83 11.64
CA LEU B 274 -25.89 16.02 12.69
C LEU B 274 -25.90 14.55 12.28
N ARG B 275 -24.98 13.79 12.87
CA ARG B 275 -24.89 12.38 12.59
C ARG B 275 -26.06 11.62 13.21
N TRP B 276 -26.26 10.38 12.78
CA TRP B 276 -27.35 9.57 13.28
C TRP B 276 -27.18 9.28 14.76
N GLY B 277 -28.30 9.20 15.48
CA GLY B 277 -28.30 8.97 16.90
C GLY B 277 -28.25 10.22 17.75
N GLN B 278 -28.12 11.40 17.15
CA GLN B 278 -28.11 12.63 17.90
C GLN B 278 -29.52 12.93 18.41
N PRO B 279 -29.69 13.16 19.71
CA PRO B 279 -31.04 13.43 20.23
C PRO B 279 -31.63 14.70 19.64
N LEU B 280 -32.94 14.67 19.40
CA LEU B 280 -33.65 15.80 18.82
C LEU B 280 -35.10 15.75 19.26
N ARG B 281 -35.77 16.90 19.15
CA ARG B 281 -37.17 17.03 19.52
C ARG B 281 -38.02 17.26 18.28
N ILE B 282 -39.07 16.47 18.13
CA ILE B 282 -39.98 16.54 16.99
C ILE B 282 -41.28 17.15 17.46
N ARG B 283 -41.78 18.14 16.73
CA ARG B 283 -42.99 18.86 17.09
C ARG B 283 -43.95 18.91 15.91
N HIS B 284 -45.23 19.06 16.23
CA HIS B 284 -46.27 19.24 15.22
C HIS B 284 -46.47 20.73 14.96
N VAL B 285 -46.47 21.12 13.69
CA VAL B 285 -46.52 22.53 13.34
C VAL B 285 -47.88 23.14 13.71
N THR B 286 -48.97 22.43 13.44
CA THR B 286 -50.29 23.02 13.65
C THR B 286 -50.63 23.12 15.13
N THR B 287 -50.25 22.13 15.93
CA THR B 287 -50.60 22.12 17.35
C THR B 287 -49.50 22.72 18.23
N GLY B 288 -48.25 22.62 17.81
CA GLY B 288 -47.14 23.12 18.60
C GLY B 288 -46.67 22.19 19.69
N ARG B 289 -47.27 21.01 19.83
CA ARG B 289 -46.88 20.06 20.85
C ARG B 289 -45.65 19.27 20.41
N TYR B 290 -44.81 18.91 21.37
CA TYR B 290 -43.56 18.21 21.13
C TYR B 290 -43.77 16.71 21.35
N LEU B 291 -43.36 15.90 20.37
CA LEU B 291 -43.52 14.45 20.48
C LEU B 291 -42.65 13.92 21.61
N ALA B 292 -43.22 13.03 22.43
CA ALA B 292 -42.51 12.46 23.56
C ALA B 292 -43.07 11.08 23.84
N LEU B 293 -42.32 10.30 24.61
CA LEU B 293 -42.70 8.95 24.98
C LEU B 293 -43.04 8.90 26.46
N THR B 294 -44.23 8.41 26.78
CA THR B 294 -44.69 8.27 28.16
C THR B 294 -45.14 6.84 28.39
N GLU B 295 -44.86 6.32 29.58
CA GLU B 295 -45.23 4.94 29.91
C GLU B 295 -46.74 4.76 29.92
N ASP B 296 -47.46 5.71 30.53
CA ASP B 296 -48.91 5.57 30.65
C ASP B 296 -49.61 5.82 29.32
N GLN B 297 -49.18 6.84 28.58
CA GLN B 297 -49.84 7.23 27.33
C GLN B 297 -49.22 6.60 26.10
N GLY B 298 -48.19 5.78 26.25
CA GLY B 298 -47.54 5.20 25.09
C GLY B 298 -46.85 6.26 24.24
N LEU B 299 -46.87 6.05 22.93
CA LEU B 299 -46.30 6.99 21.97
C LEU B 299 -47.40 7.99 21.60
N VAL B 300 -47.34 9.19 22.18
CA VAL B 300 -48.34 10.21 21.94
C VAL B 300 -47.69 11.57 22.13
N VAL B 301 -48.17 12.56 21.37
CA VAL B 301 -47.59 13.90 21.46
C VAL B 301 -47.94 14.52 22.81
N VAL B 302 -47.04 15.38 23.30
CA VAL B 302 -47.19 16.01 24.62
C VAL B 302 -46.98 17.51 24.46
N ASP B 303 -47.66 18.28 25.30
CA ASP B 303 -47.51 19.73 25.28
C ASP B 303 -46.09 20.12 25.68
N ALA B 304 -45.70 21.34 25.30
CA ALA B 304 -44.34 21.79 25.56
C ALA B 304 -44.03 21.84 27.05
N CYS B 305 -44.96 22.36 27.85
CA CYS B 305 -44.72 22.45 29.29
C CYS B 305 -44.71 21.07 29.94
N LYS B 306 -45.63 20.18 29.51
CA LYS B 306 -45.74 18.88 30.14
C LYS B 306 -44.63 17.93 29.73
N ALA B 307 -44.12 18.05 28.49
CA ALA B 307 -43.09 17.14 28.01
C ALA B 307 -41.79 17.32 28.77
N HIS B 308 -41.18 16.21 29.16
CA HIS B 308 -39.91 16.24 29.86
C HIS B 308 -38.75 16.31 28.86
N THR B 309 -37.57 16.65 29.39
CA THR B 309 -36.39 16.77 28.54
C THR B 309 -36.00 15.41 27.95
N LYS B 310 -36.04 14.35 28.77
CA LYS B 310 -35.65 13.03 28.29
C LYS B 310 -36.74 12.43 27.38
N ALA B 311 -38.00 12.60 27.77
CA ALA B 311 -39.09 12.01 27.00
C ALA B 311 -39.19 12.61 25.60
N THR B 312 -39.02 13.93 25.50
CA THR B 312 -39.16 14.60 24.20
C THR B 312 -37.98 14.32 23.28
N SER B 313 -36.84 13.86 23.82
CA SER B 313 -35.68 13.58 22.99
C SER B 313 -35.93 12.36 22.11
N PHE B 314 -35.55 12.49 20.84
CA PHE B 314 -35.70 11.41 19.87
C PHE B 314 -34.48 11.38 18.96
N CYS B 315 -34.21 10.20 18.41
CA CYS B 315 -33.06 10.01 17.52
C CYS B 315 -33.50 9.19 16.31
N PHE B 316 -32.76 9.36 15.22
CA PHE B 316 -33.02 8.65 13.98
C PHE B 316 -31.87 7.70 13.68
N ARG B 317 -32.19 6.43 13.46
CA ARG B 317 -31.20 5.40 13.16
C ARG B 317 -31.60 4.69 11.88
N VAL B 318 -30.63 4.56 10.96
CA VAL B 318 -30.90 3.89 9.69
C VAL B 318 -31.11 2.40 9.91
N SER B 319 -30.29 1.78 10.76
CA SER B 319 -30.37 0.35 11.01
C SER B 319 -31.41 0.07 12.10
N LYS B 320 -32.30 -0.88 11.82
CA LYS B 320 -33.31 -1.25 12.80
C LYS B 320 -32.69 -1.88 14.04
N GLU B 321 -31.68 -2.72 13.86
CA GLU B 321 -31.01 -3.37 14.97
C GLU B 321 -30.07 -2.40 15.69
N MET B 334 -24.54 24.13 7.53
CA MET B 334 -23.30 23.59 6.98
C MET B 334 -23.05 22.18 7.50
N GLY B 335 -22.00 21.55 6.98
CA GLY B 335 -21.64 20.20 7.36
C GLY B 335 -22.37 19.16 6.53
N PRO B 336 -21.97 17.90 6.68
CA PRO B 336 -22.59 16.82 5.90
C PRO B 336 -23.76 16.22 6.66
N PRO B 337 -24.85 15.89 5.96
CA PRO B 337 -26.00 15.27 6.63
C PRO B 337 -25.91 13.76 6.66
N GLU B 338 -26.30 13.19 7.81
CA GLU B 338 -26.29 11.75 7.97
C GLU B 338 -27.27 11.07 7.01
N ILE B 339 -28.46 11.65 6.87
CA ILE B 339 -29.52 11.11 6.01
C ILE B 339 -29.87 12.15 4.96
N LYS B 340 -29.87 11.74 3.70
CA LYS B 340 -30.24 12.60 2.60
C LYS B 340 -31.77 12.55 2.38
N TYR B 341 -32.26 13.54 1.64
CA TYR B 341 -33.70 13.63 1.38
C TYR B 341 -34.12 12.56 0.38
N GLY B 342 -35.16 11.81 0.74
CA GLY B 342 -35.72 10.82 -0.16
C GLY B 342 -34.92 9.54 -0.27
N GLU B 343 -33.65 9.65 -0.67
CA GLU B 343 -32.83 8.47 -0.88
C GLU B 343 -32.60 7.71 0.43
N SER B 344 -32.32 8.43 1.50
CA SER B 344 -32.01 7.79 2.79
C SER B 344 -33.28 7.40 3.51
N LEU B 345 -33.26 6.24 4.15
CA LEU B 345 -34.36 5.73 4.95
C LEU B 345 -33.86 5.41 6.35
N CYS B 346 -34.61 5.87 7.36
CA CYS B 346 -34.21 5.66 8.75
C CYS B 346 -35.45 5.51 9.60
N PHE B 347 -35.27 4.90 10.77
CA PHE B 347 -36.34 4.65 11.73
C PHE B 347 -36.10 5.48 12.97
N VAL B 348 -37.12 6.22 13.40
CA VAL B 348 -37.01 7.06 14.59
C VAL B 348 -37.04 6.18 15.83
N GLN B 349 -36.08 6.40 16.74
CA GLN B 349 -35.99 5.65 17.97
C GLN B 349 -35.77 6.60 19.14
N HIS B 350 -36.24 6.19 20.31
CA HIS B 350 -36.08 6.98 21.53
C HIS B 350 -34.74 6.62 22.18
N VAL B 351 -33.92 7.65 22.43
CA VAL B 351 -32.59 7.41 22.99
C VAL B 351 -32.69 6.89 24.41
N ALA B 352 -33.50 7.55 25.24
CA ALA B 352 -33.60 7.15 26.64
C ALA B 352 -34.30 5.81 26.79
N SER B 353 -35.41 5.61 26.09
CA SER B 353 -36.16 4.36 26.22
C SER B 353 -35.46 3.22 25.50
N GLY B 354 -34.81 3.50 24.37
CA GLY B 354 -34.17 2.47 23.58
C GLY B 354 -35.08 1.71 22.64
N LEU B 355 -36.36 2.02 22.63
CA LEU B 355 -37.30 1.33 21.75
C LEU B 355 -37.26 1.92 20.35
N TRP B 356 -37.80 1.17 19.39
CA TRP B 356 -37.87 1.58 18.00
C TRP B 356 -39.32 1.78 17.59
N LEU B 357 -39.63 2.96 17.08
CA LEU B 357 -41.00 3.27 16.69
C LEU B 357 -41.43 2.42 15.50
N THR B 358 -42.66 1.93 15.55
CA THR B 358 -43.21 1.12 14.47
C THR B 358 -44.74 1.20 14.54
N TYR B 359 -45.37 0.84 13.42
CA TYR B 359 -46.83 0.85 13.36
C TYR B 359 -47.41 -0.23 14.26
N ALA B 360 -48.50 0.11 14.95
CA ALA B 360 -49.15 -0.85 15.83
C ALA B 360 -49.71 -2.04 15.05
N ALA B 361 -50.33 -1.77 13.90
CA ALA B 361 -50.91 -2.82 13.08
C ALA B 361 -50.88 -2.44 11.61
N LEU B 372 -57.13 3.95 5.14
CA LEU B 372 -56.19 3.19 5.95
C LEU B 372 -55.59 4.06 7.04
N LYS B 373 -55.73 3.62 8.29
CA LYS B 373 -55.20 4.35 9.45
C LYS B 373 -54.66 3.34 10.45
N LYS B 374 -53.36 3.43 10.74
CA LYS B 374 -52.71 2.54 11.68
C LYS B 374 -52.10 3.38 12.81
N LYS B 375 -52.34 2.95 14.05
CA LYS B 375 -51.82 3.67 15.20
C LYS B 375 -50.30 3.55 15.28
N ALA B 376 -49.67 4.58 15.83
CA ALA B 376 -48.22 4.62 16.00
C ALA B 376 -47.88 4.40 17.47
N ILE B 377 -46.98 3.45 17.73
CA ILE B 377 -46.56 3.10 19.07
C ILE B 377 -45.07 2.77 19.03
N LEU B 378 -44.52 2.47 20.21
CA LEU B 378 -43.11 2.10 20.35
C LEU B 378 -43.03 0.63 20.73
N HIS B 379 -42.19 -0.12 20.01
CA HIS B 379 -42.01 -1.54 20.25
C HIS B 379 -40.53 -1.86 20.42
N GLN B 380 -40.25 -2.87 21.23
CA GLN B 380 -38.86 -3.27 21.46
C GLN B 380 -38.22 -3.81 20.20
N GLU B 381 -38.95 -4.60 19.41
CA GLU B 381 -38.43 -5.18 18.18
C GLU B 381 -38.85 -4.40 16.94
N GLY B 382 -40.06 -3.84 16.93
CA GLY B 382 -40.49 -3.09 15.77
C GLY B 382 -40.80 -3.99 14.58
N HIS B 383 -40.75 -3.39 13.40
CA HIS B 383 -41.01 -4.10 12.14
C HIS B 383 -39.86 -3.85 11.17
N MET B 384 -39.64 -4.82 10.29
CA MET B 384 -38.58 -4.71 9.30
C MET B 384 -38.86 -3.62 8.27
N ASP B 385 -40.12 -3.22 8.11
CA ASP B 385 -40.49 -2.18 7.17
C ASP B 385 -40.72 -0.83 7.84
N ASP B 386 -40.30 -0.68 9.11
CA ASP B 386 -40.50 0.57 9.83
C ASP B 386 -39.65 1.71 9.29
N ALA B 387 -38.63 1.41 8.48
CA ALA B 387 -37.79 2.47 7.91
C ALA B 387 -38.59 3.31 6.94
N LEU B 388 -38.41 4.63 7.02
CA LEU B 388 -39.12 5.56 6.17
C LEU B 388 -38.16 6.64 5.68
N PHE B 389 -38.48 7.21 4.52
CA PHE B 389 -37.69 8.27 3.93
C PHE B 389 -38.32 9.63 4.24
N LEU B 390 -37.51 10.67 4.07
CA LEU B 390 -37.90 12.04 4.43
C LEU B 390 -38.07 12.88 3.16
N THR B 391 -39.15 13.66 3.12
CA THR B 391 -39.45 14.53 2.00
C THR B 391 -39.57 15.96 2.50
N ARG B 392 -38.87 16.88 1.82
CA ARG B 392 -38.89 18.28 2.22
C ARG B 392 -40.20 18.95 1.84
N CYS B 393 -40.72 19.77 2.73
CA CYS B 393 -41.95 20.50 2.49
C CYS B 393 -41.64 21.91 1.99
N GLN B 394 -42.64 22.53 1.36
CA GLN B 394 -42.47 23.87 0.82
C GLN B 394 -42.46 24.91 1.94
N GLN B 395 -41.80 26.04 1.66
CA GLN B 395 -41.76 27.12 2.63
C GLN B 395 -43.14 27.72 2.86
N GLU B 396 -43.96 27.80 1.80
CA GLU B 396 -45.30 28.33 1.94
C GLU B 396 -46.14 27.46 2.87
N GLU B 397 -46.00 26.14 2.77
CA GLU B 397 -46.73 25.23 3.66
C GLU B 397 -46.32 25.45 5.11
N SER B 398 -45.03 25.60 5.36
CA SER B 398 -44.57 25.84 6.73
C SER B 398 -45.08 27.17 7.27
N GLN B 399 -45.07 28.22 6.43
CA GLN B 399 -45.59 29.51 6.85
C GLN B 399 -47.08 29.42 7.16
N ALA B 400 -47.84 28.71 6.32
CA ALA B 400 -49.27 28.53 6.57
C ALA B 400 -49.50 27.76 7.86
N ALA B 401 -48.71 26.72 8.11
CA ALA B 401 -48.86 25.95 9.34
C ALA B 401 -48.57 26.79 10.58
N ARG B 402 -47.50 27.59 10.53
CA ARG B 402 -47.21 28.46 11.66
C ARG B 402 -48.30 29.49 11.86
N MET B 403 -48.82 30.06 10.77
CA MET B 403 -49.88 31.06 10.86
C MET B 403 -51.15 30.45 11.46
N ILE B 404 -51.54 29.26 11.01
CA ILE B 404 -52.76 28.65 11.54
C ILE B 404 -52.57 28.25 12.99
N HIS B 405 -51.37 27.80 13.37
CA HIS B 405 -51.12 27.48 14.78
C HIS B 405 -51.24 28.72 15.65
N SER B 406 -50.60 29.81 15.25
CA SER B 406 -50.65 31.04 16.04
C SER B 406 -52.09 31.58 16.13
N THR B 407 -52.81 31.57 15.01
CA THR B 407 -54.18 32.07 15.02
C THR B 407 -55.08 31.18 15.85
N ALA B 408 -54.89 29.86 15.79
CA ALA B 408 -55.70 28.95 16.59
C ALA B 408 -55.47 29.20 18.08
N GLY B 409 -54.21 29.37 18.48
CA GLY B 409 -53.95 29.69 19.88
C GLY B 409 -54.55 31.01 20.30
N LEU B 410 -54.40 32.04 19.47
CA LEU B 410 -54.92 33.35 19.80
C LEU B 410 -56.44 33.33 19.92
N TYR B 411 -57.12 32.67 18.97
CA TYR B 411 -58.58 32.63 19.02
C TYR B 411 -59.09 31.72 20.14
N ASN B 412 -58.32 30.68 20.50
CA ASN B 412 -58.68 29.87 21.66
C ASN B 412 -58.62 30.71 22.93
N GLN B 413 -57.57 31.52 23.08
CA GLN B 413 -57.51 32.43 24.22
C GLN B 413 -58.67 33.42 24.19
N PHE B 414 -58.99 33.93 23.00
CA PHE B 414 -60.09 34.89 22.87
C PHE B 414 -61.43 34.29 23.27
N ILE B 415 -61.72 33.07 22.81
CA ILE B 415 -62.99 32.44 23.14
C ILE B 415 -63.03 32.04 24.61
N LYS B 416 -61.89 31.65 25.19
CA LYS B 416 -61.87 31.39 26.63
C LYS B 416 -62.17 32.66 27.41
N GLY B 417 -61.57 33.78 27.02
CA GLY B 417 -61.88 35.04 27.67
C GLY B 417 -63.33 35.43 27.53
N LEU B 418 -63.92 35.19 26.35
CA LEU B 418 -65.33 35.44 26.16
C LEU B 418 -66.19 34.57 27.06
N ASP B 419 -65.87 33.28 27.14
CA ASP B 419 -66.64 32.37 27.99
C ASP B 419 -66.42 32.65 29.47
N SER B 420 -65.40 33.42 29.83
CA SER B 420 -65.22 33.81 31.22
C SER B 420 -66.42 34.61 31.72
N PHE B 421 -66.80 35.67 30.99
CA PHE B 421 -67.98 36.46 31.34
C PHE B 421 -69.19 36.01 30.52
N SER B 422 -69.51 34.72 30.63
CA SER B 422 -70.64 34.14 29.90
C SER B 422 -71.95 34.56 30.58
N GLY B 423 -72.32 35.81 30.36
CA GLY B 423 -73.53 36.37 30.93
C GLY B 423 -73.37 36.96 32.32
N LYS B 424 -72.21 36.83 32.93
CA LYS B 424 -71.99 37.37 34.27
C LYS B 424 -71.77 38.88 34.18
N PRO B 425 -72.57 39.69 34.88
CA PRO B 425 -72.36 41.14 34.85
C PRO B 425 -71.00 41.52 35.42
N ARG B 426 -70.40 42.55 34.84
CA ARG B 426 -69.10 43.03 35.28
C ARG B 426 -69.03 44.56 35.26
N LEU B 436 -58.88 41.09 27.44
CA LEU B 436 -59.30 40.97 26.05
C LEU B 436 -58.37 41.76 25.12
N PRO B 437 -57.48 41.07 24.42
CA PRO B 437 -56.56 41.76 23.51
C PRO B 437 -57.25 42.24 22.25
N ILE B 438 -57.96 43.37 22.34
CA ILE B 438 -58.70 43.89 21.20
C ILE B 438 -57.74 44.27 20.07
N GLU B 439 -56.63 44.93 20.41
CA GLU B 439 -55.66 45.31 19.39
C GLU B 439 -55.07 44.08 18.71
N ALA B 440 -54.73 43.05 19.49
CA ALA B 440 -54.13 41.85 18.93
C ALA B 440 -55.10 41.13 17.99
N VAL B 441 -56.36 40.98 18.41
CA VAL B 441 -57.32 40.28 17.58
C VAL B 441 -57.63 41.09 16.32
N ILE B 442 -57.69 42.42 16.44
CA ILE B 442 -57.94 43.26 15.27
C ILE B 442 -56.79 43.14 14.28
N LEU B 443 -55.55 43.18 14.78
CA LEU B 443 -54.39 43.06 13.90
C LEU B 443 -54.35 41.69 13.23
N SER B 444 -54.67 40.63 13.99
CA SER B 444 -54.70 39.29 13.41
C SER B 444 -55.78 39.18 12.34
N LEU B 445 -56.95 39.77 12.59
CA LEU B 445 -58.02 39.76 11.59
C LEU B 445 -57.58 40.48 10.32
N GLN B 446 -56.96 41.66 10.47
CA GLN B 446 -56.51 42.40 9.30
C GLN B 446 -55.43 41.64 8.52
N ASP B 447 -54.49 41.01 9.24
CA ASP B 447 -53.43 40.25 8.59
C ASP B 447 -54.00 39.05 7.85
N LEU B 448 -54.97 38.35 8.45
CA LEU B 448 -55.57 37.20 7.78
C LEU B 448 -56.40 37.64 6.57
N ILE B 449 -57.05 38.79 6.66
CA ILE B 449 -57.79 39.32 5.51
C ILE B 449 -56.82 39.64 4.37
N GLY B 450 -55.69 40.29 4.70
CA GLY B 450 -54.70 40.58 3.68
C GLY B 450 -54.06 39.35 3.08
N TYR B 451 -53.90 38.29 3.89
CA TYR B 451 -53.29 37.06 3.40
C TYR B 451 -54.13 36.41 2.30
N PHE B 452 -55.45 36.41 2.47
CA PHE B 452 -56.37 35.81 1.51
C PHE B 452 -56.96 36.83 0.53
N GLU B 453 -56.20 37.87 0.20
CA GLU B 453 -56.69 38.87 -0.74
C GLU B 453 -56.71 38.27 -2.14
N PRO B 454 -57.84 38.30 -2.83
CA PRO B 454 -57.88 37.77 -4.19
C PRO B 454 -56.98 38.57 -5.10
N PRO B 455 -56.31 37.91 -6.06
CA PRO B 455 -55.41 38.59 -7.01
C PRO B 455 -56.17 39.36 -8.08
N GLN B 465 -51.05 33.48 -14.31
CA GLN B 465 -51.94 33.70 -13.17
C GLN B 465 -52.21 32.40 -12.43
N SER B 466 -51.17 31.84 -11.82
CA SER B 466 -51.27 30.60 -11.07
C SER B 466 -51.56 30.82 -9.59
N LYS B 467 -51.76 32.07 -9.17
CA LYS B 467 -52.04 32.36 -7.76
C LYS B 467 -53.39 31.81 -7.31
N LEU B 468 -54.29 31.51 -8.24
CA LEU B 468 -55.59 30.93 -7.87
C LEU B 468 -55.40 29.57 -7.20
N ARG B 469 -54.52 28.74 -7.75
CA ARG B 469 -54.26 27.43 -7.15
C ARG B 469 -53.65 27.57 -5.76
N SER B 470 -52.71 28.50 -5.59
CA SER B 470 -52.09 28.70 -4.28
C SER B 470 -53.11 29.19 -3.26
N LEU B 471 -53.98 30.11 -3.64
CA LEU B 471 -55.00 30.61 -2.71
C LEU B 471 -55.97 29.50 -2.33
N ARG B 472 -56.40 28.70 -3.30
CA ARG B 472 -57.31 27.59 -2.99
C ARG B 472 -56.64 26.58 -2.08
N ASN B 473 -55.37 26.27 -2.33
CA ASN B 473 -54.65 25.34 -1.45
C ASN B 473 -54.53 25.89 -0.04
N ARG B 474 -54.20 27.18 0.10
CA ARG B 474 -54.08 27.78 1.41
C ARG B 474 -55.42 27.76 2.15
N GLN B 475 -56.51 28.05 1.44
CA GLN B 475 -57.83 27.96 2.05
C GLN B 475 -58.15 26.54 2.48
N SER B 476 -57.73 25.56 1.68
CA SER B 476 -57.95 24.16 2.04
C SER B 476 -57.21 23.80 3.32
N LEU B 477 -55.94 24.23 3.43
CA LEU B 477 -55.19 23.97 4.66
C LEU B 477 -55.81 24.68 5.86
N PHE B 478 -56.25 25.92 5.66
CA PHE B 478 -56.87 26.66 6.77
C PHE B 478 -58.14 25.97 7.26
N GLN B 479 -58.96 25.49 6.33
CA GLN B 479 -60.16 24.76 6.72
C GLN B 479 -59.80 23.40 7.32
N GLU B 480 -58.65 22.84 6.92
CA GLU B 480 -58.24 21.53 7.42
C GLU B 480 -57.94 21.56 8.92
N GLU B 481 -57.28 22.62 9.39
CA GLU B 481 -56.90 22.70 10.79
C GLU B 481 -58.07 23.01 11.71
N GLY B 482 -59.26 23.27 11.16
CA GLY B 482 -60.40 23.66 11.96
C GLY B 482 -60.53 25.14 12.19
N MET B 483 -59.79 25.97 11.44
CA MET B 483 -59.86 27.42 11.64
C MET B 483 -61.23 27.97 11.25
N LEU B 484 -61.91 27.34 10.29
CA LEU B 484 -63.23 27.82 9.89
C LEU B 484 -64.26 27.55 11.00
N SER B 485 -64.22 26.36 11.59
CA SER B 485 -65.09 26.08 12.73
C SER B 485 -64.77 26.98 13.92
N LEU B 486 -63.48 27.27 14.11
CA LEU B 486 -63.08 28.18 15.17
C LEU B 486 -63.61 29.59 14.92
N VAL B 487 -63.59 30.03 13.66
CA VAL B 487 -64.17 31.32 13.30
C VAL B 487 -65.68 31.32 13.56
N LEU B 488 -66.35 30.21 13.24
CA LEU B 488 -67.77 30.10 13.50
C LEU B 488 -68.06 30.21 14.99
N ASN B 489 -67.26 29.54 15.81
CA ASN B 489 -67.41 29.66 17.26
C ASN B 489 -67.17 31.09 17.72
N CYS B 490 -66.16 31.75 17.14
CA CYS B 490 -65.85 33.13 17.53
C CYS B 490 -67.01 34.07 17.22
N ILE B 491 -67.60 33.94 16.02
CA ILE B 491 -68.70 34.84 15.67
C ILE B 491 -69.94 34.51 16.49
N ASP B 492 -70.15 33.21 16.77
CA ASP B 492 -71.28 32.84 17.62
C ASP B 492 -71.15 33.42 19.02
N ARG B 493 -69.94 33.38 19.59
CA ARG B 493 -69.75 33.88 20.96
C ARG B 493 -69.73 35.40 21.02
N LEU B 494 -69.18 36.06 20.01
CA LEU B 494 -69.13 37.52 19.99
C LEU B 494 -70.52 38.15 19.95
N ASN B 495 -71.45 37.51 19.25
CA ASN B 495 -72.66 38.16 18.77
C ASN B 495 -73.81 38.04 19.76
N VAL B 496 -73.63 37.32 20.87
CA VAL B 496 -74.72 37.08 21.81
C VAL B 496 -75.28 38.39 22.35
N TYR B 497 -74.43 39.41 22.46
CA TYR B 497 -74.92 40.74 22.85
C TYR B 497 -75.59 41.41 21.65
N THR B 498 -76.75 42.02 21.89
CA THR B 498 -77.48 42.66 20.79
C THR B 498 -76.80 43.96 20.39
N THR B 499 -75.94 44.50 21.23
CA THR B 499 -75.24 45.75 20.93
C THR B 499 -73.98 45.89 21.78
N GLU B 509 -66.48 47.99 28.61
CA GLU B 509 -66.64 49.25 27.88
C GLU B 509 -65.76 49.27 26.63
N GLU B 510 -64.50 48.85 26.81
CA GLU B 510 -63.58 48.80 25.67
C GLU B 510 -64.04 47.80 24.62
N ALA B 511 -64.52 46.64 25.06
CA ALA B 511 -65.00 45.63 24.11
C ALA B 511 -66.23 46.12 23.36
N ALA B 512 -67.14 46.83 24.04
CA ALA B 512 -68.34 47.33 23.39
C ALA B 512 -68.00 48.40 22.35
N GLU B 513 -66.88 49.10 22.52
CA GLU B 513 -66.49 50.13 21.57
C GLU B 513 -65.87 49.57 20.30
N SER B 514 -65.51 48.28 20.32
CA SER B 514 -64.81 47.66 19.16
C SER B 514 -65.59 46.43 18.68
N TRP B 515 -66.80 46.24 19.19
CA TRP B 515 -67.64 45.09 18.74
C TRP B 515 -67.90 45.23 17.25
N LYS B 516 -68.22 46.45 16.80
CA LYS B 516 -68.56 46.64 15.37
C LYS B 516 -67.37 46.24 14.51
N GLU B 517 -66.17 46.71 14.87
CA GLU B 517 -64.99 46.41 14.03
C GLU B 517 -64.72 44.90 14.07
N ILE B 518 -64.79 44.30 15.26
CA ILE B 518 -64.43 42.85 15.37
C ILE B 518 -65.41 42.03 14.54
N VAL B 519 -66.71 42.32 14.66
CA VAL B 519 -67.71 41.46 13.96
C VAL B 519 -67.48 41.61 12.45
N ASN B 520 -67.34 42.85 11.96
CA ASN B 520 -67.21 43.04 10.50
C ASN B 520 -65.94 42.33 10.03
N LEU B 521 -64.85 42.50 10.77
CA LEU B 521 -63.57 41.91 10.32
C LEU B 521 -63.77 40.41 10.25
N LEU B 522 -64.45 39.85 11.25
CA LEU B 522 -64.64 38.38 11.28
C LEU B 522 -65.45 37.97 10.05
N TYR B 523 -66.52 38.70 9.74
CA TYR B 523 -67.39 38.26 8.62
C TYR B 523 -66.56 38.29 7.33
N GLU B 524 -65.77 39.33 7.16
CA GLU B 524 -64.94 39.45 5.94
C GLU B 524 -63.95 38.28 5.91
N LEU B 525 -63.29 38.03 7.03
CA LEU B 525 -62.36 36.87 7.08
C LEU B 525 -63.18 35.64 6.70
N LEU B 526 -64.46 35.64 7.07
CA LEU B 526 -65.28 34.50 6.65
C LEU B 526 -65.59 34.57 5.17
N ALA B 527 -65.89 35.76 4.65
CA ALA B 527 -66.17 35.92 3.23
C ALA B 527 -64.93 35.67 2.39
N SER B 528 -63.76 36.06 2.89
CA SER B 528 -62.52 35.80 2.16
C SER B 528 -62.20 34.31 2.12
N LEU B 529 -62.45 33.60 3.23
CA LEU B 529 -62.09 32.19 3.29
C LEU B 529 -63.03 31.32 2.46
N ILE B 530 -64.31 31.72 2.33
CA ILE B 530 -65.29 30.93 1.62
C ILE B 530 -65.13 31.04 0.11
N ARG B 531 -64.46 32.08 -0.37
CA ARG B 531 -64.34 32.37 -1.79
C ARG B 531 -63.23 31.54 -2.42
N GLY B 532 -63.52 30.93 -3.57
CA GLY B 532 -62.53 30.19 -4.33
C GLY B 532 -62.32 28.74 -3.91
N ASN B 533 -63.09 28.25 -2.95
CA ASN B 533 -62.95 26.87 -2.48
C ASN B 533 -64.33 26.21 -2.53
N ARG B 534 -64.46 25.18 -3.37
CA ARG B 534 -65.75 24.48 -3.48
C ARG B 534 -65.99 23.59 -2.28
N ALA B 535 -64.94 22.97 -1.73
CA ALA B 535 -65.10 22.13 -0.55
C ALA B 535 -65.54 22.95 0.66
N ASN B 536 -64.97 24.15 0.81
CA ASN B 536 -65.39 25.02 1.90
C ASN B 536 -66.85 25.42 1.77
N CYS B 537 -67.29 25.68 0.54
CA CYS B 537 -68.70 25.99 0.31
C CYS B 537 -69.58 24.79 0.62
N ALA B 538 -69.12 23.58 0.27
CA ALA B 538 -69.90 22.39 0.55
C ALA B 538 -70.05 22.16 2.04
N LEU B 539 -68.97 22.34 2.81
CA LEU B 539 -69.07 22.12 4.25
C LEU B 539 -69.83 23.25 4.94
N PHE B 540 -69.73 24.47 4.40
CA PHE B 540 -70.45 25.60 4.97
C PHE B 540 -71.95 25.56 4.65
N SER B 541 -72.37 24.70 3.72
CA SER B 541 -73.78 24.65 3.35
C SER B 541 -74.65 24.12 4.48
N THR B 542 -74.08 23.37 5.43
CA THR B 542 -74.88 22.81 6.52
C THR B 542 -75.36 23.88 7.49
N ASN B 543 -74.74 25.06 7.49
CA ASN B 543 -75.09 26.13 8.42
C ASN B 543 -75.96 27.21 7.75
N LEU B 544 -76.81 26.82 6.80
CA LEU B 544 -77.68 27.79 6.13
C LEU B 544 -78.64 28.44 7.12
N ASP B 545 -79.22 27.64 8.03
CA ASP B 545 -80.15 28.19 9.01
C ASP B 545 -79.45 29.18 9.93
N TRP B 546 -78.22 28.86 10.35
CA TRP B 546 -77.47 29.78 11.20
C TRP B 546 -77.18 31.09 10.48
N VAL B 547 -76.82 31.00 9.19
CA VAL B 547 -76.56 32.21 8.41
C VAL B 547 -77.83 33.04 8.29
N VAL B 548 -78.96 32.39 7.99
CA VAL B 548 -80.21 33.12 7.81
C VAL B 548 -80.65 33.79 9.10
N SER B 549 -80.53 33.08 10.23
CA SER B 549 -80.95 33.63 11.51
C SER B 549 -80.11 34.85 11.89
N LYS B 550 -78.79 34.76 11.71
CA LYS B 550 -77.92 35.89 11.99
C LYS B 550 -78.01 36.97 10.94
N LEU B 551 -78.73 36.72 9.85
CA LEU B 551 -78.71 37.63 8.71
C LEU B 551 -79.60 38.85 8.98
N ASP B 552 -80.65 38.66 9.78
CA ASP B 552 -81.60 39.74 10.08
C ASP B 552 -80.98 40.84 10.94
N ARG B 553 -79.78 40.62 11.48
CA ARG B 553 -79.15 41.59 12.36
C ARG B 553 -78.69 42.82 11.60
N LEU B 554 -78.86 44.00 12.22
CA LEU B 554 -78.45 45.24 11.59
C LEU B 554 -76.94 45.32 11.39
N GLU B 555 -76.17 44.90 12.40
CA GLU B 555 -74.74 45.12 12.40
C GLU B 555 -74.05 44.24 11.36
N ALA B 556 -73.20 44.85 10.54
CA ALA B 556 -72.36 44.15 9.58
C ALA B 556 -73.18 43.27 8.63
N SER B 557 -74.36 43.77 8.24
CA SER B 557 -75.23 42.99 7.36
C SER B 557 -74.58 42.72 6.02
N SER B 558 -73.70 43.61 5.57
CA SER B 558 -72.97 43.38 4.32
C SER B 558 -72.12 42.12 4.40
N GLY B 559 -71.57 41.81 5.58
CA GLY B 559 -70.78 40.59 5.71
C GLY B 559 -71.59 39.33 5.47
N ILE B 560 -72.77 39.25 6.10
CA ILE B 560 -73.61 38.08 5.90
C ILE B 560 -74.13 38.03 4.47
N LEU B 561 -74.44 39.20 3.89
CA LEU B 561 -74.91 39.23 2.50
C LEU B 561 -73.84 38.69 1.56
N GLU B 562 -72.59 39.14 1.75
CA GLU B 562 -71.49 38.67 0.91
C GLU B 562 -71.24 37.18 1.13
N VAL B 563 -71.30 36.72 2.37
CA VAL B 563 -71.09 35.30 2.65
C VAL B 563 -72.15 34.45 1.97
N LEU B 564 -73.42 34.88 2.05
CA LEU B 564 -74.50 34.15 1.41
C LEU B 564 -74.35 34.15 -0.10
N TYR B 565 -73.98 35.30 -0.68
CA TYR B 565 -73.74 35.34 -2.12
C TYR B 565 -72.62 34.39 -2.52
N CYS B 566 -71.54 34.35 -1.72
CA CYS B 566 -70.42 33.49 -2.04
C CYS B 566 -70.79 32.01 -1.97
N VAL B 567 -71.54 31.61 -0.94
CA VAL B 567 -71.89 30.19 -0.83
C VAL B 567 -72.87 29.82 -1.94
N LEU B 568 -73.79 30.71 -2.30
CA LEU B 568 -74.69 30.40 -3.41
C LEU B 568 -73.95 30.29 -4.74
N ILE B 569 -72.96 31.16 -4.97
CA ILE B 569 -72.25 31.17 -6.25
C ILE B 569 -71.13 30.14 -6.32
N GLU B 570 -70.73 29.56 -5.20
CA GLU B 570 -69.63 28.59 -5.17
C GLU B 570 -70.09 27.15 -5.21
N SER B 571 -71.05 26.76 -4.37
CA SER B 571 -71.53 25.39 -4.31
C SER B 571 -72.94 25.31 -4.89
N PRO B 572 -73.12 24.71 -6.07
CA PRO B 572 -74.48 24.57 -6.62
C PRO B 572 -75.41 23.74 -5.76
N GLU B 573 -74.88 22.87 -4.90
CA GLU B 573 -75.72 21.99 -4.08
C GLU B 573 -76.59 22.77 -3.11
N VAL B 574 -76.23 24.01 -2.78
CA VAL B 574 -77.04 24.82 -1.88
C VAL B 574 -78.37 25.21 -2.51
N LEU B 575 -78.47 25.16 -3.84
CA LEU B 575 -79.67 25.61 -4.53
C LEU B 575 -80.92 24.83 -4.15
N ASN B 576 -80.77 23.64 -3.56
CA ASN B 576 -81.89 22.82 -3.14
C ASN B 576 -82.15 22.90 -1.65
N ILE B 577 -81.56 23.88 -0.96
CA ILE B 577 -81.66 23.97 0.50
C ILE B 577 -82.61 25.10 0.89
N ILE B 578 -82.70 26.14 0.05
CA ILE B 578 -83.52 27.31 0.38
C ILE B 578 -84.98 26.90 0.44
N GLN B 579 -85.67 27.36 1.47
CA GLN B 579 -87.09 27.11 1.66
C GLN B 579 -87.85 28.45 1.66
N GLU B 580 -89.14 28.38 1.99
CA GLU B 580 -89.96 29.60 1.98
C GLU B 580 -89.50 30.60 3.03
N ASN B 581 -89.12 30.11 4.22
CA ASN B 581 -88.75 31.02 5.30
C ASN B 581 -87.44 31.75 4.98
N HIS B 582 -86.50 31.08 4.31
CA HIS B 582 -85.25 31.75 3.92
C HIS B 582 -85.53 32.85 2.91
N ILE B 583 -86.39 32.59 1.93
CA ILE B 583 -86.75 33.62 0.95
C ILE B 583 -87.46 34.77 1.64
N LYS B 584 -88.32 34.47 2.60
CA LYS B 584 -89.00 35.52 3.35
C LYS B 584 -88.00 36.36 4.14
N SER B 585 -86.98 35.73 4.73
CA SER B 585 -85.95 36.48 5.43
C SER B 585 -85.14 37.36 4.48
N ILE B 586 -84.85 36.85 3.29
CA ILE B 586 -84.14 37.65 2.30
C ILE B 586 -84.96 38.87 1.91
N ILE B 587 -86.26 38.67 1.67
CA ILE B 587 -87.13 39.79 1.34
C ILE B 587 -87.23 40.77 2.50
N SER B 588 -87.23 40.24 3.72
CA SER B 588 -87.27 41.10 4.91
C SER B 588 -86.03 41.98 4.99
N LEU B 589 -84.85 41.42 4.73
CA LEU B 589 -83.65 42.25 4.68
C LEU B 589 -83.73 43.28 3.57
N LEU B 590 -84.20 42.86 2.39
CA LEU B 590 -84.26 43.80 1.27
C LEU B 590 -85.20 44.95 1.58
N ASP B 591 -86.26 44.69 2.34
CA ASP B 591 -87.20 45.75 2.70
C ASP B 591 -86.66 46.61 3.85
N LYS B 592 -85.93 46.00 4.78
CA LYS B 592 -85.59 46.69 6.02
C LYS B 592 -84.27 47.48 5.90
N HIS B 593 -83.24 46.86 5.33
CA HIS B 593 -81.95 47.52 5.24
C HIS B 593 -81.93 48.60 4.17
N GLY B 594 -82.69 48.43 3.10
CA GLY B 594 -82.78 49.41 2.03
C GLY B 594 -82.47 48.79 0.68
N ARG B 595 -82.46 49.66 -0.33
CA ARG B 595 -82.14 49.23 -1.68
C ARG B 595 -80.65 48.91 -1.78
N ASN B 596 -80.32 47.69 -2.18
CA ASN B 596 -78.95 47.24 -2.30
C ASN B 596 -78.77 46.52 -3.63
N HIS B 597 -77.63 46.77 -4.28
CA HIS B 597 -77.31 46.14 -5.55
C HIS B 597 -76.69 44.76 -5.38
N LYS B 598 -76.26 44.39 -4.18
CA LYS B 598 -75.68 43.08 -3.94
C LYS B 598 -76.71 42.02 -3.57
N VAL B 599 -77.76 42.39 -2.83
CA VAL B 599 -78.81 41.43 -2.50
C VAL B 599 -79.61 41.06 -3.75
N LEU B 600 -79.71 41.99 -4.71
CA LEU B 600 -80.35 41.66 -5.97
C LEU B 600 -79.52 40.67 -6.78
N ASP B 601 -78.19 40.76 -6.68
CA ASP B 601 -77.33 39.74 -7.26
C ASP B 601 -77.56 38.40 -6.56
N VAL B 602 -77.80 38.43 -5.25
CA VAL B 602 -78.14 37.20 -4.52
C VAL B 602 -79.43 36.60 -5.08
N LEU B 603 -80.44 37.43 -5.31
CA LEU B 603 -81.69 36.95 -5.89
C LEU B 603 -81.46 36.37 -7.27
N CYS B 604 -80.61 37.01 -8.07
CA CYS B 604 -80.29 36.51 -9.41
C CYS B 604 -79.63 35.14 -9.33
N SER B 605 -78.66 34.99 -8.42
CA SER B 605 -77.96 33.72 -8.28
C SER B 605 -78.82 32.63 -7.65
N LEU B 606 -79.89 33.01 -6.94
CA LEU B 606 -80.76 32.02 -6.31
C LEU B 606 -81.45 31.12 -7.33
N CYS B 607 -81.59 31.58 -8.57
CA CYS B 607 -82.33 30.82 -9.58
C CYS B 607 -81.41 29.91 -10.41
N VAL B 608 -80.40 30.49 -11.03
CA VAL B 608 -79.51 29.74 -11.93
C VAL B 608 -78.56 28.89 -11.10
N CYS B 609 -78.48 27.61 -11.41
CA CYS B 609 -77.61 26.68 -10.70
C CYS B 609 -77.02 25.70 -11.72
N ASN B 610 -75.75 25.90 -12.06
CA ASN B 610 -75.04 25.05 -13.02
C ASN B 610 -75.78 25.00 -14.35
N GLY B 611 -76.34 26.12 -14.78
CA GLY B 611 -77.11 26.16 -16.00
C GLY B 611 -78.48 25.53 -15.90
N VAL B 612 -78.93 25.20 -14.70
CA VAL B 612 -80.25 24.60 -14.47
C VAL B 612 -80.99 25.48 -13.48
N ALA B 613 -82.23 25.84 -13.83
CA ALA B 613 -83.05 26.70 -12.99
C ALA B 613 -84.06 25.86 -12.22
N VAL B 614 -84.09 26.05 -10.90
CA VAL B 614 -85.03 25.35 -10.05
C VAL B 614 -86.38 26.05 -10.12
N ARG B 615 -87.45 25.28 -9.92
CA ARG B 615 -88.80 25.82 -10.05
C ARG B 615 -89.37 26.30 -8.72
N SER B 616 -89.08 25.61 -7.61
CA SER B 616 -89.64 25.98 -6.33
C SER B 616 -89.14 27.35 -5.88
N ASN B 617 -87.81 27.56 -5.95
CA ASN B 617 -87.25 28.84 -5.54
C ASN B 617 -87.71 29.96 -6.47
N GLN B 618 -87.79 29.70 -7.77
CA GLN B 618 -88.26 30.71 -8.71
C GLN B 618 -89.71 31.10 -8.42
N ASP B 619 -90.57 30.11 -8.14
CA ASP B 619 -91.95 30.40 -7.81
C ASP B 619 -92.05 31.18 -6.50
N LEU B 620 -91.25 30.81 -5.50
CA LEU B 620 -91.26 31.54 -4.23
C LEU B 620 -90.83 32.99 -4.44
N ILE B 621 -89.80 33.21 -5.26
CA ILE B 621 -89.33 34.56 -5.53
C ILE B 621 -90.39 35.37 -6.25
N THR B 622 -91.03 34.77 -7.26
CA THR B 622 -92.02 35.50 -8.04
C THR B 622 -93.35 35.68 -7.30
N GLU B 623 -93.57 34.92 -6.22
CA GLU B 623 -94.80 35.06 -5.45
C GLU B 623 -94.61 35.82 -4.14
N ASN B 624 -93.37 36.05 -3.70
CA ASN B 624 -93.12 36.71 -2.43
C ASN B 624 -92.89 38.21 -2.56
N LEU B 625 -92.47 38.69 -3.72
CA LEU B 625 -92.15 40.09 -3.91
C LEU B 625 -92.89 40.74 -5.08
N LEU B 626 -93.13 40.00 -6.16
CA LEU B 626 -93.79 40.58 -7.33
C LEU B 626 -95.20 41.06 -7.05
N PRO B 627 -96.10 40.27 -6.46
CA PRO B 627 -97.48 40.76 -6.28
C PRO B 627 -97.59 41.93 -5.31
N GLY B 628 -96.58 42.14 -4.47
CA GLY B 628 -96.63 43.27 -3.57
C GLY B 628 -96.60 44.61 -4.30
N ARG B 629 -95.74 44.71 -5.31
CA ARG B 629 -95.59 45.93 -6.11
C ARG B 629 -95.27 47.14 -5.22
N GLU B 630 -94.47 46.91 -4.18
CA GLU B 630 -94.16 47.97 -3.23
C GLU B 630 -92.67 48.03 -2.91
N LEU B 631 -91.93 47.00 -3.31
CA LEU B 631 -90.52 46.94 -2.92
C LEU B 631 -89.63 47.42 -4.05
N LEU B 632 -89.92 47.01 -5.28
CA LEU B 632 -89.19 47.47 -6.45
C LEU B 632 -90.00 48.56 -7.15
N LEU B 633 -89.51 49.00 -8.31
CA LEU B 633 -90.15 50.06 -9.07
C LEU B 633 -90.85 49.49 -10.29
N GLN B 634 -91.91 50.17 -10.73
CA GLN B 634 -92.70 49.77 -11.88
C GLN B 634 -92.70 50.88 -12.92
N THR B 635 -92.59 50.49 -14.19
CA THR B 635 -92.56 51.43 -15.30
C THR B 635 -93.72 51.12 -16.25
N ASN B 636 -94.44 52.17 -16.66
CA ASN B 636 -95.52 52.04 -17.63
C ASN B 636 -95.60 53.33 -18.43
N LEU B 637 -96.23 53.23 -19.59
CA LEU B 637 -96.33 54.36 -20.52
C LEU B 637 -97.44 55.30 -20.04
N ILE B 638 -97.07 56.53 -19.73
CA ILE B 638 -98.03 57.55 -19.31
C ILE B 638 -98.12 58.61 -20.40
N ASN B 639 -99.19 59.39 -20.35
CA ASN B 639 -99.47 60.41 -21.36
C ASN B 639 -98.96 61.76 -20.85
N TYR B 640 -98.24 62.47 -21.71
CA TYR B 640 -97.77 63.80 -21.36
C TYR B 640 -98.94 64.77 -21.22
N VAL B 641 -98.85 65.66 -20.24
CA VAL B 641 -99.90 66.61 -19.93
C VAL B 641 -99.30 68.00 -19.88
N THR B 642 -100.12 68.99 -20.26
CA THR B 642 -99.73 70.39 -20.18
C THR B 642 -100.97 71.23 -19.85
N SER B 643 -100.75 72.46 -19.40
CA SER B 643 -101.83 73.33 -18.96
C SER B 643 -101.67 74.72 -19.58
N ILE B 644 -102.82 75.39 -19.77
CA ILE B 644 -102.85 76.74 -20.34
C ILE B 644 -103.71 77.62 -19.44
N ARG B 645 -103.47 78.94 -19.53
CA ARG B 645 -104.17 79.88 -18.66
C ARG B 645 -104.18 81.26 -19.29
N PRO B 646 -105.31 81.95 -19.28
CA PRO B 646 -105.34 83.33 -19.78
C PRO B 646 -104.63 84.29 -18.83
N ASN B 647 -104.27 85.45 -19.37
CA ASN B 647 -103.50 86.44 -18.60
C ASN B 647 -104.29 87.06 -17.46
N ILE B 648 -105.61 86.85 -17.41
CA ILE B 648 -106.42 87.48 -16.37
C ILE B 648 -106.09 86.86 -15.00
N PHE B 649 -106.09 87.71 -13.98
CA PHE B 649 -105.80 87.29 -12.61
C PHE B 649 -106.95 87.72 -11.71
N VAL B 650 -107.39 86.82 -10.84
CA VAL B 650 -108.44 87.10 -9.87
C VAL B 650 -107.96 86.69 -8.50
N GLY B 651 -108.00 87.63 -7.55
CA GLY B 651 -107.53 87.35 -6.20
C GLY B 651 -108.41 88.05 -5.17
N ARG B 652 -108.25 87.61 -3.92
CA ARG B 652 -109.00 88.14 -2.79
C ARG B 652 -108.03 88.69 -1.76
N ALA B 653 -108.31 89.88 -1.24
CA ALA B 653 -107.49 90.52 -0.23
C ALA B 653 -108.33 91.56 0.49
N GLU B 654 -107.71 92.22 1.48
CA GLU B 654 -108.42 93.27 2.21
C GLU B 654 -108.79 94.42 1.29
N GLY B 655 -107.86 94.85 0.44
CA GLY B 655 -108.15 95.87 -0.55
C GLY B 655 -108.56 95.27 -1.87
N SER B 656 -109.60 94.45 -1.86
CA SER B 656 -110.03 93.75 -3.06
C SER B 656 -110.65 94.73 -4.06
N THR B 657 -110.23 94.64 -5.31
CA THR B 657 -110.77 95.46 -6.39
C THR B 657 -111.65 94.66 -7.33
N GLN B 658 -112.18 93.52 -6.88
CA GLN B 658 -113.02 92.67 -7.71
C GLN B 658 -114.35 92.45 -7.00
N TYR B 659 -115.32 91.96 -7.77
CA TYR B 659 -116.64 91.68 -7.22
C TYR B 659 -116.63 90.57 -6.18
N GLY B 660 -115.57 89.75 -6.15
CA GLY B 660 -115.51 88.63 -5.25
C GLY B 660 -116.20 87.37 -5.73
N LYS B 661 -116.73 87.38 -6.95
CA LYS B 661 -117.41 86.19 -7.49
C LYS B 661 -117.36 86.28 -9.01
N TRP B 662 -116.65 85.34 -9.63
CA TRP B 662 -116.45 85.35 -11.08
C TRP B 662 -116.85 84.01 -11.67
N TYR B 663 -117.28 84.05 -12.94
CA TYR B 663 -117.77 82.89 -13.66
C TYR B 663 -117.12 82.83 -15.04
N PHE B 664 -116.79 81.61 -15.47
CA PHE B 664 -116.31 81.38 -16.82
C PHE B 664 -117.00 80.14 -17.38
N GLU B 665 -117.02 80.05 -18.71
CA GLU B 665 -117.61 78.91 -19.41
C GLU B 665 -116.55 78.21 -20.25
N VAL B 666 -116.64 76.90 -20.33
CA VAL B 666 -115.69 76.08 -21.08
C VAL B 666 -116.48 75.26 -22.11
N MET B 667 -116.12 75.40 -23.37
CA MET B 667 -116.74 74.66 -24.46
C MET B 667 -115.74 73.64 -25.00
N VAL B 668 -116.19 72.40 -25.15
CA VAL B 668 -115.34 71.28 -25.55
C VAL B 668 -115.72 70.84 -26.96
N ASP B 669 -114.72 70.78 -27.83
CA ASP B 669 -114.92 70.34 -29.21
C ASP B 669 -114.77 68.82 -29.29
N GLU B 670 -114.66 68.29 -30.50
CA GLU B 670 -114.52 66.85 -30.69
C GLU B 670 -113.24 66.36 -30.02
N VAL B 671 -113.35 65.27 -29.27
CA VAL B 671 -112.25 64.71 -28.52
C VAL B 671 -112.22 63.20 -28.71
N VAL B 672 -111.02 62.66 -28.94
CA VAL B 672 -110.84 61.21 -29.06
C VAL B 672 -110.85 60.63 -27.64
N PRO B 673 -111.76 59.69 -27.34
CA PRO B 673 -111.80 59.15 -25.98
C PRO B 673 -110.52 58.44 -25.56
N PHE B 674 -109.85 57.76 -26.48
CA PHE B 674 -108.61 57.03 -26.18
C PHE B 674 -107.66 57.20 -27.35
N LEU B 675 -106.81 58.22 -27.29
CA LEU B 675 -105.78 58.40 -28.30
C LEU B 675 -104.64 57.40 -28.10
N THR B 676 -104.27 57.15 -26.84
CA THR B 676 -103.21 56.21 -26.48
C THR B 676 -103.78 55.19 -25.50
N ALA B 677 -102.88 54.39 -24.91
CA ALA B 677 -103.30 53.39 -23.94
C ALA B 677 -103.97 54.03 -22.72
N GLN B 678 -103.40 55.12 -22.23
CA GLN B 678 -103.97 55.81 -21.09
C GLN B 678 -105.13 56.71 -21.52
N ALA B 679 -106.10 56.87 -20.62
CA ALA B 679 -107.27 57.68 -20.90
C ALA B 679 -106.90 59.16 -21.00
N THR B 680 -107.70 59.90 -21.76
CA THR B 680 -107.48 61.34 -21.90
C THR B 680 -107.75 62.04 -20.56
N HIS B 681 -106.87 62.97 -20.22
CA HIS B 681 -106.93 63.69 -18.94
C HIS B 681 -107.48 65.09 -19.19
N LEU B 682 -108.72 65.32 -18.80
CA LEU B 682 -109.40 66.60 -19.00
C LEU B 682 -110.01 67.07 -17.69
N ARG B 683 -109.50 68.17 -17.15
CA ARG B 683 -110.00 68.72 -15.89
C ARG B 683 -109.96 70.24 -15.97
N VAL B 684 -110.99 70.87 -15.40
CA VAL B 684 -111.15 72.32 -15.44
C VAL B 684 -111.41 72.83 -14.04
N GLY B 685 -110.76 73.94 -13.68
CA GLY B 685 -110.94 74.52 -12.37
C GLY B 685 -110.02 75.71 -12.19
N TRP B 686 -109.91 76.13 -10.92
CA TRP B 686 -109.07 77.24 -10.52
C TRP B 686 -107.74 76.74 -9.97
N ALA B 687 -106.78 77.66 -9.89
CA ALA B 687 -105.45 77.31 -9.40
C ALA B 687 -104.81 78.53 -8.76
N LEU B 688 -103.84 78.28 -7.88
CA LEU B 688 -103.12 79.35 -7.21
C LEU B 688 -102.03 79.91 -8.11
N THR B 689 -101.72 81.19 -7.92
CA THR B 689 -100.73 81.84 -8.76
C THR B 689 -99.30 81.43 -8.40
N GLU B 690 -99.06 81.06 -7.15
CA GLU B 690 -97.72 80.71 -6.69
C GLU B 690 -97.58 79.26 -6.25
N GLY B 691 -98.68 78.55 -6.03
CA GLY B 691 -98.59 77.18 -5.56
C GLY B 691 -98.65 76.14 -6.68
N TYR B 692 -99.62 76.27 -7.57
CA TYR B 692 -99.79 75.32 -8.66
C TYR B 692 -98.77 75.63 -9.75
N SER B 693 -97.72 74.82 -9.83
CA SER B 693 -96.67 74.97 -10.83
C SER B 693 -96.50 73.63 -11.52
N PRO B 694 -97.35 73.32 -12.50
CA PRO B 694 -97.25 72.02 -13.18
C PRO B 694 -95.93 71.87 -13.92
N TYR B 695 -95.38 70.66 -13.87
CA TYR B 695 -94.13 70.35 -14.52
C TYR B 695 -94.33 69.23 -15.52
N PRO B 696 -93.90 69.39 -16.77
CA PRO B 696 -94.06 68.31 -17.77
C PRO B 696 -93.20 67.11 -17.40
N GLY B 697 -93.86 66.00 -17.11
CA GLY B 697 -93.16 64.79 -16.74
C GLY B 697 -93.39 64.36 -15.29
N GLY B 698 -92.35 64.48 -14.47
CA GLY B 698 -92.46 64.04 -13.09
C GLY B 698 -93.37 64.95 -12.27
N GLY B 699 -93.88 64.37 -11.18
CA GLY B 699 -94.77 65.11 -10.30
C GLY B 699 -95.42 64.17 -9.31
N GLU B 700 -96.39 64.73 -8.58
CA GLU B 700 -97.12 63.96 -7.59
C GLU B 700 -97.96 62.87 -8.25
N GLY B 701 -98.15 61.78 -7.52
CA GLY B 701 -98.93 60.66 -8.02
C GLY B 701 -98.16 59.83 -9.03
N TRP B 702 -98.90 58.95 -9.70
CA TRP B 702 -98.30 58.10 -10.72
C TRP B 702 -97.78 58.92 -11.89
N GLY B 703 -98.55 59.90 -12.33
CA GLY B 703 -98.14 60.73 -13.45
C GLY B 703 -99.33 61.51 -13.98
N GLY B 704 -99.07 62.25 -15.05
CA GLY B 704 -100.09 63.07 -15.67
C GLY B 704 -100.64 64.14 -14.74
N ASN B 705 -99.75 64.88 -14.09
CA ASN B 705 -100.15 65.89 -13.13
C ASN B 705 -101.07 66.93 -13.77
N GLY B 706 -102.19 67.20 -13.10
CA GLY B 706 -103.13 68.19 -13.58
C GLY B 706 -103.55 69.15 -12.49
N VAL B 707 -104.71 69.78 -12.65
CA VAL B 707 -105.21 70.70 -11.63
C VAL B 707 -105.68 69.97 -10.39
N GLY B 708 -105.96 68.66 -10.49
CA GLY B 708 -106.40 67.91 -9.34
C GLY B 708 -105.29 67.11 -8.68
N ASP B 709 -104.09 67.18 -9.26
CA ASP B 709 -102.97 66.41 -8.72
C ASP B 709 -102.48 66.98 -7.39
N ASP B 710 -102.63 68.28 -7.17
CA ASP B 710 -102.18 68.94 -5.96
C ASP B 710 -103.31 69.78 -5.37
N LEU B 711 -103.29 69.94 -4.04
CA LEU B 711 -104.28 70.76 -3.37
C LEU B 711 -104.15 72.25 -3.66
N TYR B 712 -103.04 72.67 -4.28
CA TYR B 712 -102.93 74.06 -4.71
C TYR B 712 -103.95 74.44 -5.77
N SER B 713 -104.55 73.45 -6.43
CA SER B 713 -105.55 73.70 -7.46
C SER B 713 -106.68 72.68 -7.31
N TYR B 714 -107.83 73.02 -7.88
CA TYR B 714 -109.00 72.16 -7.84
C TYR B 714 -109.58 72.03 -9.24
N GLY B 715 -110.24 70.91 -9.50
CA GLY B 715 -110.79 70.62 -10.81
C GLY B 715 -111.98 69.71 -10.75
N PHE B 716 -112.52 69.39 -11.93
CA PHE B 716 -113.71 68.57 -12.03
C PHE B 716 -113.70 67.92 -13.42
N ASP B 717 -113.52 66.60 -13.47
CA ASP B 717 -113.34 65.87 -14.71
C ASP B 717 -114.64 65.37 -15.32
N GLY B 718 -115.77 65.59 -14.66
CA GLY B 718 -117.04 65.11 -15.17
C GLY B 718 -117.72 64.13 -14.23
N LEU B 719 -116.94 63.28 -13.58
CA LEU B 719 -117.47 62.29 -12.65
C LEU B 719 -116.90 62.39 -11.24
N HIS B 720 -115.64 62.80 -11.09
CA HIS B 720 -114.98 62.88 -9.79
C HIS B 720 -114.40 64.26 -9.58
N LEU B 721 -114.56 64.79 -8.38
CA LEU B 721 -113.95 66.06 -7.99
C LEU B 721 -112.57 65.75 -7.41
N TRP B 722 -111.52 66.17 -8.12
CA TRP B 722 -110.15 65.85 -7.71
C TRP B 722 -109.54 67.02 -6.95
N THR B 723 -108.81 66.70 -5.89
CA THR B 723 -108.00 67.69 -5.18
C THR B 723 -106.84 66.95 -4.51
N GLY B 724 -105.62 67.33 -4.87
CA GLY B 724 -104.45 66.67 -4.34
C GLY B 724 -104.32 65.22 -4.74
N HIS B 725 -104.65 64.88 -5.99
CA HIS B 725 -104.51 63.53 -6.52
C HIS B 725 -105.35 62.52 -5.73
N VAL B 726 -106.52 62.95 -5.25
CA VAL B 726 -107.45 62.09 -4.54
C VAL B 726 -108.74 62.04 -5.33
N ALA B 727 -109.21 60.82 -5.64
CA ALA B 727 -110.41 60.64 -6.44
C ALA B 727 -111.63 60.54 -5.54
N ARG B 728 -112.57 61.46 -5.71
CA ARG B 728 -113.83 61.46 -4.97
C ARG B 728 -114.96 61.67 -5.96
N PRO B 729 -115.77 60.65 -6.23
CA PRO B 729 -116.86 60.81 -7.20
C PRO B 729 -117.90 61.81 -6.70
N VAL B 730 -118.48 62.53 -7.65
CA VAL B 730 -119.52 63.52 -7.39
C VAL B 730 -120.73 63.19 -8.24
N THR B 731 -121.90 63.13 -7.60
CA THR B 731 -123.13 62.80 -8.31
C THR B 731 -123.49 63.92 -9.28
N SER B 732 -123.92 63.53 -10.48
CA SER B 732 -124.32 64.47 -11.51
C SER B 732 -125.64 64.02 -12.13
N PRO B 733 -126.44 64.97 -12.61
CA PRO B 733 -127.70 64.58 -13.27
C PRO B 733 -127.50 63.75 -14.53
N GLY B 734 -126.37 63.90 -15.21
CA GLY B 734 -126.12 63.16 -16.43
C GLY B 734 -125.19 61.98 -16.26
N GLN B 735 -124.26 62.09 -15.31
CA GLN B 735 -123.26 61.05 -15.05
C GLN B 735 -122.48 60.71 -16.32
N HIS B 736 -122.09 61.73 -17.06
CA HIS B 736 -121.37 61.58 -18.32
C HIS B 736 -120.03 62.29 -18.23
N LEU B 737 -119.01 61.71 -18.86
CA LEU B 737 -117.68 62.29 -18.87
C LEU B 737 -117.64 63.47 -19.85
N LEU B 738 -116.50 64.15 -19.90
CA LEU B 738 -116.32 65.28 -20.79
C LEU B 738 -116.42 64.83 -22.25
N ALA B 739 -117.45 65.28 -22.94
CA ALA B 739 -117.75 64.87 -24.29
C ALA B 739 -117.95 66.10 -25.17
N PRO B 740 -117.77 65.97 -26.49
CA PRO B 740 -118.00 67.10 -27.38
C PRO B 740 -119.45 67.56 -27.35
N GLU B 741 -119.67 68.77 -27.90
CA GLU B 741 -120.99 69.40 -27.92
C GLU B 741 -121.53 69.59 -26.50
N ASP B 742 -120.63 69.89 -25.57
CA ASP B 742 -120.99 70.15 -24.18
C ASP B 742 -120.28 71.40 -23.70
N VAL B 743 -120.94 72.12 -22.77
CA VAL B 743 -120.42 73.35 -22.21
C VAL B 743 -120.26 73.15 -20.70
N VAL B 744 -119.10 73.48 -20.18
CA VAL B 744 -118.78 73.35 -18.76
C VAL B 744 -118.77 74.74 -18.15
N SER B 745 -119.58 74.94 -17.11
CA SER B 745 -119.70 76.22 -16.43
C SER B 745 -119.26 76.06 -14.98
N CYS B 746 -118.38 76.95 -14.52
CA CYS B 746 -117.88 76.91 -13.16
C CYS B 746 -117.97 78.30 -12.53
N CYS B 747 -118.12 78.32 -11.21
CA CYS B 747 -118.22 79.55 -10.45
C CYS B 747 -117.36 79.46 -9.19
N LEU B 748 -116.79 80.60 -8.79
CA LEU B 748 -116.01 80.70 -7.58
C LEU B 748 -116.34 82.01 -6.88
N ASP B 749 -116.32 81.99 -5.54
CA ASP B 749 -116.57 83.17 -4.73
C ASP B 749 -115.31 83.50 -3.95
N LEU B 750 -114.79 84.71 -4.12
CA LEU B 750 -113.58 85.12 -3.41
C LEU B 750 -113.88 85.48 -1.96
N SER B 751 -115.03 86.11 -1.70
CA SER B 751 -115.34 86.55 -0.33
C SER B 751 -115.54 85.35 0.60
N VAL B 752 -116.35 84.39 0.18
CA VAL B 752 -116.61 83.18 0.96
C VAL B 752 -116.12 82.00 0.15
N PRO B 753 -115.32 81.10 0.73
CA PRO B 753 -114.79 79.97 -0.06
C PRO B 753 -115.89 79.03 -0.53
N SER B 754 -116.14 79.03 -1.84
CA SER B 754 -117.17 78.16 -2.42
C SER B 754 -116.92 78.08 -3.92
N ILE B 755 -116.62 76.89 -4.41
CA ILE B 755 -116.40 76.64 -5.83
C ILE B 755 -117.49 75.72 -6.33
N SER B 756 -118.28 76.19 -7.30
CA SER B 756 -119.39 75.43 -7.87
C SER B 756 -119.22 75.35 -9.37
N PHE B 757 -119.45 74.17 -9.93
CA PHE B 757 -119.35 73.95 -11.36
C PHE B 757 -120.56 73.17 -11.85
N ARG B 758 -120.96 73.44 -13.09
CA ARG B 758 -122.09 72.78 -13.73
C ARG B 758 -121.71 72.34 -15.13
N ILE B 759 -122.18 71.17 -15.53
CA ILE B 759 -121.91 70.61 -16.85
C ILE B 759 -123.18 70.67 -17.67
N ASN B 760 -123.12 71.38 -18.81
CA ASN B 760 -124.25 71.55 -19.72
C ASN B 760 -125.45 72.17 -19.00
N GLY B 761 -125.19 73.03 -18.02
CA GLY B 761 -126.24 73.68 -17.27
C GLY B 761 -126.78 72.89 -16.10
N CYS B 762 -126.44 71.61 -15.99
CA CYS B 762 -126.94 70.79 -14.90
C CYS B 762 -126.13 71.05 -13.64
N PRO B 763 -126.74 71.44 -12.53
CA PRO B 763 -125.97 71.69 -11.30
C PRO B 763 -125.36 70.40 -10.76
N VAL B 764 -124.23 70.56 -10.08
CA VAL B 764 -123.49 69.46 -9.48
C VAL B 764 -123.57 69.59 -7.97
N GLN B 765 -123.93 68.49 -7.30
CA GLN B 765 -124.05 68.51 -5.85
C GLN B 765 -122.72 68.81 -5.18
N GLY B 766 -121.63 68.22 -5.68
CA GLY B 766 -120.31 68.46 -5.12
C GLY B 766 -119.87 69.90 -5.27
N VAL B 767 -119.55 70.53 -4.13
CA VAL B 767 -119.12 71.92 -4.10
C VAL B 767 -117.87 72.01 -3.22
N PHE B 768 -116.81 72.60 -3.76
CA PHE B 768 -115.60 72.81 -2.98
C PHE B 768 -115.81 73.94 -1.98
N GLU B 769 -115.22 73.80 -0.79
CA GLU B 769 -115.42 74.78 0.26
C GLU B 769 -114.24 74.72 1.23
N ALA B 770 -114.15 75.77 2.05
CA ALA B 770 -113.14 75.88 3.10
C ALA B 770 -111.72 75.83 2.52
N PHE B 771 -111.42 76.81 1.69
CA PHE B 771 -110.07 76.99 1.16
C PHE B 771 -109.61 78.42 1.42
N ASN B 772 -108.35 78.55 1.82
CA ASN B 772 -107.79 79.84 2.17
C ASN B 772 -107.59 80.70 0.93
N LEU B 773 -107.69 82.01 1.12
CA LEU B 773 -107.77 82.96 0.01
C LEU B 773 -106.41 83.52 -0.42
N ASP B 774 -105.31 83.05 0.14
CA ASP B 774 -104.00 83.54 -0.26
C ASP B 774 -103.72 83.17 -1.71
N GLY B 775 -103.01 84.05 -2.41
CA GLY B 775 -102.76 83.87 -3.82
C GLY B 775 -103.92 84.36 -4.66
N LEU B 776 -103.81 84.09 -5.96
CA LEU B 776 -104.81 84.51 -6.94
C LEU B 776 -105.33 83.30 -7.69
N PHE B 777 -106.65 83.21 -7.83
CA PHE B 777 -107.28 82.11 -8.54
C PHE B 777 -107.54 82.50 -9.99
N PHE B 778 -107.12 81.64 -10.90
CA PHE B 778 -107.28 81.89 -12.33
C PHE B 778 -107.87 80.66 -13.01
N PRO B 779 -108.63 80.85 -14.09
CA PRO B 779 -109.09 79.69 -14.86
C PRO B 779 -107.92 78.95 -15.49
N VAL B 780 -108.03 77.62 -15.54
CA VAL B 780 -106.97 76.78 -16.09
C VAL B 780 -107.59 75.46 -16.51
N VAL B 781 -107.12 74.93 -17.63
CA VAL B 781 -107.55 73.64 -18.14
C VAL B 781 -106.31 72.77 -18.34
N SER B 782 -106.37 71.53 -17.88
CA SER B 782 -105.30 70.58 -18.08
C SER B 782 -105.63 69.70 -19.28
N PHE B 783 -105.60 70.31 -20.46
CA PHE B 783 -105.94 69.59 -21.68
C PHE B 783 -104.96 68.48 -21.99
N SER B 784 -105.49 67.39 -22.54
CA SER B 784 -104.71 66.20 -22.86
C SER B 784 -104.03 66.38 -24.21
N ALA B 785 -103.43 65.30 -24.72
CA ALA B 785 -102.68 65.39 -25.97
C ALA B 785 -103.59 65.51 -27.19
N GLY B 786 -104.71 64.77 -27.20
CA GLY B 786 -105.60 64.73 -28.34
C GLY B 786 -106.86 65.53 -28.23
N VAL B 787 -107.03 66.35 -27.20
CA VAL B 787 -108.27 67.07 -26.98
C VAL B 787 -108.16 68.47 -27.59
N LYS B 788 -109.32 69.05 -27.90
CA LYS B 788 -109.43 70.43 -28.33
C LYS B 788 -110.54 71.09 -27.53
N VAL B 789 -110.24 72.22 -26.90
CA VAL B 789 -111.18 72.90 -26.03
C VAL B 789 -111.27 74.37 -26.42
N ARG B 790 -112.39 74.99 -26.06
CA ARG B 790 -112.64 76.39 -26.34
C ARG B 790 -112.90 77.13 -25.04
N PHE B 791 -112.31 78.31 -24.90
CA PHE B 791 -112.43 79.12 -23.70
C PHE B 791 -113.44 80.24 -23.90
N LEU B 792 -114.29 80.44 -22.90
CA LEU B 792 -115.27 81.53 -22.88
C LEU B 792 -115.10 82.27 -21.56
N LEU B 793 -114.17 83.23 -21.54
CA LEU B 793 -113.91 83.97 -20.30
C LEU B 793 -115.06 84.91 -19.97
N GLY B 794 -115.58 85.61 -20.96
CA GLY B 794 -116.65 86.57 -20.73
C GLY B 794 -117.44 86.80 -22.01
N GLY B 795 -118.50 87.60 -21.87
CA GLY B 795 -119.36 87.88 -23.00
C GLY B 795 -118.65 88.61 -24.12
N ARG B 796 -117.73 89.51 -23.76
CA ARG B 796 -116.96 90.22 -24.78
C ARG B 796 -116.09 89.27 -25.60
N HIS B 797 -115.45 88.31 -24.93
CA HIS B 797 -114.60 87.36 -25.65
C HIS B 797 -115.44 86.40 -26.48
N GLY B 798 -116.55 85.91 -25.93
CA GLY B 798 -117.40 84.97 -26.65
C GLY B 798 -118.76 84.87 -26.01
N GLU B 799 -119.74 84.43 -26.80
CA GLU B 799 -121.10 84.28 -26.30
C GLU B 799 -121.18 83.16 -25.27
N PHE B 800 -121.90 83.41 -24.19
CA PHE B 800 -122.08 82.41 -23.13
C PHE B 800 -123.19 81.45 -23.50
N LYS B 801 -122.92 80.16 -23.34
CA LYS B 801 -123.95 79.15 -23.61
C LYS B 801 -125.10 79.26 -22.61
N PHE B 802 -124.80 79.53 -21.35
CA PHE B 802 -125.80 79.68 -20.30
C PHE B 802 -125.62 81.02 -19.60
N LEU B 803 -126.73 81.56 -19.11
CA LEU B 803 -126.70 82.84 -18.42
C LEU B 803 -125.93 82.71 -17.11
N PRO B 804 -125.10 83.68 -16.76
CA PRO B 804 -124.37 83.60 -15.50
C PRO B 804 -125.32 83.60 -14.32
N PRO B 805 -124.98 82.89 -13.25
CA PRO B 805 -125.83 82.90 -12.07
C PRO B 805 -125.83 84.27 -11.43
N PRO B 806 -126.90 84.63 -10.71
CA PRO B 806 -126.92 85.94 -10.04
C PRO B 806 -125.79 86.07 -9.04
N GLY B 807 -125.22 87.28 -8.98
CA GLY B 807 -124.08 87.54 -8.12
C GLY B 807 -122.74 87.16 -8.71
N TYR B 808 -122.71 86.59 -9.91
CA TYR B 808 -121.47 86.20 -10.56
C TYR B 808 -121.32 86.98 -11.86
N ALA B 809 -120.13 87.56 -12.06
CA ALA B 809 -119.87 88.37 -13.24
C ALA B 809 -118.93 87.63 -14.20
N PRO B 810 -119.03 87.90 -15.50
CA PRO B 810 -118.11 87.26 -16.45
C PRO B 810 -116.67 87.68 -16.19
N CYS B 811 -115.75 86.75 -16.46
CA CYS B 811 -114.33 86.98 -16.18
C CYS B 811 -113.69 88.00 -17.10
N HIS B 812 -114.37 88.42 -18.17
CA HIS B 812 -113.79 89.42 -19.06
C HIS B 812 -113.65 90.78 -18.39
N GLU B 813 -114.37 91.03 -17.30
CA GLU B 813 -114.23 92.28 -16.55
C GLU B 813 -112.99 92.31 -15.68
N ALA B 814 -112.29 91.18 -15.51
CA ALA B 814 -111.10 91.11 -14.70
C ALA B 814 -109.82 91.15 -15.52
N VAL B 815 -109.91 91.53 -16.79
CA VAL B 815 -108.73 91.59 -17.65
C VAL B 815 -107.79 92.68 -17.16
N LEU B 816 -106.52 92.35 -17.03
CA LEU B 816 -105.53 93.33 -16.59
C LEU B 816 -105.39 94.43 -17.62
N PRO B 817 -105.30 95.70 -17.20
CA PRO B 817 -105.20 96.80 -18.17
C PRO B 817 -103.86 96.85 -18.88
N ARG B 818 -102.81 96.23 -18.34
CA ARG B 818 -101.49 96.33 -18.94
C ARG B 818 -101.44 95.63 -20.29
N GLU B 819 -102.01 94.43 -20.38
CA GLU B 819 -101.94 93.64 -21.60
C GLU B 819 -103.28 92.95 -21.83
N ARG B 820 -103.53 92.60 -23.09
CA ARG B 820 -104.77 91.90 -23.44
C ARG B 820 -104.76 90.48 -22.89
N LEU B 821 -105.95 89.91 -22.78
CA LEU B 821 -106.12 88.56 -22.24
C LEU B 821 -105.80 87.54 -23.31
N ARG B 822 -104.71 86.80 -23.14
CA ARG B 822 -104.30 85.76 -24.06
C ARG B 822 -103.90 84.52 -23.27
N LEU B 823 -104.13 83.35 -23.87
CA LEU B 823 -103.79 82.09 -23.23
C LEU B 823 -102.27 81.91 -23.22
N GLU B 824 -101.73 81.58 -22.04
CA GLU B 824 -100.29 81.38 -21.88
C GLU B 824 -100.05 80.20 -20.95
N PRO B 825 -98.96 79.47 -21.15
CA PRO B 825 -98.63 78.37 -20.24
C PRO B 825 -98.24 78.87 -18.87
N ILE B 826 -98.40 77.99 -17.87
CA ILE B 826 -98.14 78.33 -16.48
C ILE B 826 -96.75 77.85 -16.11
N LYS B 827 -95.89 78.80 -15.72
CA LYS B 827 -94.53 78.50 -15.25
C LYS B 827 -93.75 77.68 -16.29
N GLU B 828 -93.93 78.02 -17.56
CA GLU B 828 -93.25 77.31 -18.64
C GLU B 828 -91.81 77.79 -18.75
N TYR B 829 -90.87 76.85 -18.73
CA TYR B 829 -89.46 77.16 -18.87
C TYR B 829 -88.96 76.99 -20.31
N ARG B 830 -89.85 76.66 -21.25
CA ARG B 830 -89.46 76.48 -22.64
C ARG B 830 -90.53 77.10 -23.53
N ARG B 831 -90.09 77.76 -24.59
CA ARG B 831 -91.00 78.35 -25.58
C ARG B 831 -90.44 78.10 -26.97
N GLU B 832 -91.34 78.09 -27.95
CA GLU B 832 -90.95 77.83 -29.33
C GLU B 832 -90.06 78.95 -29.85
N GLY B 833 -89.02 78.57 -30.59
CA GLY B 833 -88.07 79.51 -31.13
C GLY B 833 -87.85 79.32 -32.62
N PRO B 834 -88.17 80.36 -33.41
CA PRO B 834 -87.98 80.34 -34.87
C PRO B 834 -86.51 80.25 -35.27
N PRO B 837 -87.05 76.57 -29.06
CA PRO B 837 -85.68 76.74 -28.59
C PRO B 837 -85.48 78.02 -27.77
N HIS B 838 -86.55 78.79 -27.58
CA HIS B 838 -86.48 80.02 -26.79
C HIS B 838 -86.63 79.64 -25.32
N LEU B 839 -85.49 79.50 -24.65
CA LEU B 839 -85.48 79.17 -23.23
C LEU B 839 -86.04 80.33 -22.42
N VAL B 840 -86.89 80.00 -21.45
CA VAL B 840 -87.58 80.99 -20.62
C VAL B 840 -87.27 80.69 -19.16
N GLY B 841 -86.92 81.74 -18.41
CA GLY B 841 -86.67 81.60 -16.99
C GLY B 841 -87.94 81.73 -16.19
N PRO B 842 -87.81 82.04 -14.90
CA PRO B 842 -88.99 82.23 -14.06
C PRO B 842 -89.83 83.42 -14.52
N SER B 843 -91.13 83.30 -14.33
CA SER B 843 -92.08 84.32 -14.73
C SER B 843 -92.48 85.17 -13.53
N ARG B 844 -92.33 86.48 -13.64
CA ARG B 844 -92.70 87.38 -12.56
C ARG B 844 -94.21 87.40 -12.38
N CYS B 845 -94.64 87.36 -11.12
CA CYS B 845 -96.07 87.36 -10.79
C CYS B 845 -96.31 88.33 -9.65
N LEU B 846 -97.54 88.85 -9.59
CA LEU B 846 -97.94 89.79 -8.55
C LEU B 846 -98.83 89.07 -7.55
N SER B 847 -98.47 89.16 -6.27
CA SER B 847 -99.23 88.50 -5.21
C SER B 847 -100.49 89.30 -4.89
N HIS B 848 -101.29 88.78 -3.96
CA HIS B 848 -102.50 89.48 -3.56
C HIS B 848 -102.20 90.81 -2.87
N THR B 849 -101.03 90.93 -2.24
CA THR B 849 -100.64 92.19 -1.63
C THR B 849 -100.50 93.29 -2.68
N ASP B 850 -99.88 92.96 -3.82
CA ASP B 850 -99.76 93.93 -4.90
C ASP B 850 -101.10 94.24 -5.55
N PHE B 851 -102.07 93.32 -5.47
CA PHE B 851 -103.39 93.56 -6.03
C PHE B 851 -104.13 94.68 -5.30
N VAL B 852 -103.78 94.94 -4.04
CA VAL B 852 -104.40 96.01 -3.27
C VAL B 852 -103.89 97.35 -3.79
N PRO B 853 -104.77 98.27 -4.19
CA PRO B 853 -104.36 99.59 -4.71
C PRO B 853 -103.88 100.52 -3.60
N ILE B 861 -99.88 115.22 6.76
CA ILE B 861 -99.42 115.49 8.12
C ILE B 861 -100.05 116.77 8.64
N VAL B 862 -99.34 117.45 9.54
CA VAL B 862 -99.83 118.68 10.14
C VAL B 862 -99.61 119.83 9.18
N LEU B 863 -100.59 120.74 9.12
CA LEU B 863 -100.53 121.91 8.24
C LEU B 863 -100.49 123.17 9.10
N PRO B 864 -99.33 123.82 9.26
CA PRO B 864 -99.27 125.04 10.04
C PRO B 864 -100.01 126.17 9.35
N PRO B 865 -100.50 127.16 10.10
CA PRO B 865 -101.22 128.27 9.46
C PRO B 865 -100.41 129.01 8.41
N HIS B 866 -99.10 129.15 8.63
CA HIS B 866 -98.25 129.78 7.63
C HIS B 866 -98.26 128.99 6.33
N LEU B 867 -98.20 127.66 6.43
CA LEU B 867 -98.39 126.81 5.26
C LEU B 867 -99.85 126.70 4.85
N GLU B 868 -100.78 126.96 5.78
CA GLU B 868 -102.20 126.90 5.43
C GLU B 868 -102.58 128.04 4.48
N ARG B 869 -101.97 129.21 4.65
CA ARG B 869 -102.21 130.31 3.71
C ARG B 869 -101.73 129.94 2.31
N ILE B 870 -100.55 129.32 2.22
CA ILE B 870 -100.05 128.88 0.92
C ILE B 870 -100.94 127.79 0.35
N ARG B 871 -101.47 126.92 1.22
CA ARG B 871 -102.40 125.88 0.76
C ARG B 871 -103.67 126.50 0.19
N GLU B 872 -104.20 127.54 0.83
CA GLU B 872 -105.37 128.22 0.30
C GLU B 872 -105.08 128.89 -1.03
N LYS B 873 -103.90 129.53 -1.14
CA LYS B 873 -103.51 130.13 -2.41
C LYS B 873 -103.40 129.08 -3.50
N LEU B 874 -102.81 127.93 -3.19
CA LEU B 874 -102.72 126.84 -4.15
C LEU B 874 -104.10 126.28 -4.49
N ALA B 875 -105.02 126.27 -3.53
CA ALA B 875 -106.39 125.86 -3.82
C ALA B 875 -107.04 126.79 -4.83
N GLU B 876 -106.87 128.09 -4.64
CA GLU B 876 -107.42 129.05 -5.59
C GLU B 876 -106.78 128.88 -6.96
N ASN B 877 -105.46 128.68 -7.00
CA ASN B 877 -104.77 128.48 -8.28
C ASN B 877 -105.24 127.21 -8.97
N ILE B 878 -105.44 126.13 -8.21
CA ILE B 878 -105.87 124.87 -8.80
C ILE B 878 -107.30 124.98 -9.31
N HIS B 879 -108.16 125.69 -8.57
CA HIS B 879 -109.52 125.93 -9.05
C HIS B 879 -109.51 126.73 -10.35
N GLU B 880 -108.66 127.76 -10.43
CA GLU B 880 -108.55 128.53 -11.66
C GLU B 880 -108.05 127.68 -12.81
N LEU B 881 -107.04 126.83 -12.55
CA LEU B 881 -106.51 125.97 -13.60
C LEU B 881 -107.55 124.96 -14.08
N TRP B 882 -108.32 124.39 -13.15
CA TRP B 882 -109.36 123.45 -13.52
C TRP B 882 -110.46 124.14 -14.34
N ALA B 883 -110.83 125.37 -13.95
CA ALA B 883 -111.81 126.12 -14.71
C ALA B 883 -111.31 126.42 -16.12
N LEU B 884 -110.04 126.79 -16.25
CA LEU B 884 -109.46 127.05 -17.57
C LEU B 884 -109.42 125.79 -18.41
N THR B 885 -109.05 124.65 -17.81
CA THR B 885 -108.97 123.41 -18.56
C THR B 885 -110.35 122.93 -19.00
N ARG B 886 -111.37 123.09 -18.14
CA ARG B 886 -112.72 122.66 -18.48
C ARG B 886 -113.37 123.55 -19.53
N ILE B 887 -112.79 124.71 -19.84
CA ILE B 887 -113.36 125.60 -20.83
C ILE B 887 -113.10 125.06 -22.23
N HIS B 904 -121.10 126.79 -17.41
CA HIS B 904 -120.92 126.35 -16.03
C HIS B 904 -120.37 127.47 -15.15
N PRO B 905 -120.96 127.64 -13.97
CA PRO B 905 -120.46 128.69 -13.05
C PRO B 905 -119.05 128.46 -12.56
N CYS B 906 -118.54 127.23 -12.64
CA CYS B 906 -117.19 126.95 -12.15
C CYS B 906 -116.14 127.66 -12.98
N LEU B 907 -116.43 127.98 -14.24
CA LEU B 907 -115.49 128.66 -15.12
C LEU B 907 -115.44 130.15 -14.76
N VAL B 908 -114.81 130.42 -13.63
CA VAL B 908 -114.67 131.77 -13.09
C VAL B 908 -113.23 131.95 -12.60
N ASN B 909 -112.96 133.11 -12.03
CA ASN B 909 -111.63 133.41 -11.52
C ASN B 909 -111.36 132.61 -10.24
N PHE B 910 -110.13 132.73 -9.74
CA PHE B 910 -109.75 132.03 -8.52
C PHE B 910 -110.56 132.52 -7.32
N HIS B 911 -110.73 133.84 -7.21
CA HIS B 911 -111.53 134.41 -6.14
C HIS B 911 -113.01 134.50 -6.47
N SER B 912 -113.40 134.27 -7.73
CA SER B 912 -114.78 134.30 -8.15
C SER B 912 -115.38 132.91 -8.30
N LEU B 913 -114.68 131.87 -7.86
CA LEU B 913 -115.17 130.51 -8.00
C LEU B 913 -116.40 130.29 -7.13
N PRO B 914 -117.29 129.38 -7.53
CA PRO B 914 -118.46 129.09 -6.69
C PRO B 914 -118.06 128.50 -5.35
N GLU B 915 -118.91 128.73 -4.35
CA GLU B 915 -118.60 128.28 -2.99
C GLU B 915 -118.39 126.78 -2.90
N PRO B 916 -119.24 125.91 -3.47
CA PRO B 916 -118.90 124.48 -3.46
C PRO B 916 -117.60 124.17 -4.18
N GLU B 917 -117.35 124.84 -5.31
CA GLU B 917 -116.09 124.64 -6.02
C GLU B 917 -114.90 125.11 -5.19
N ARG B 918 -115.05 126.25 -4.51
CA ARG B 918 -113.98 126.74 -3.65
C ARG B 918 -113.71 125.78 -2.51
N ASN B 919 -114.77 125.22 -1.91
CA ASN B 919 -114.59 124.25 -0.83
C ASN B 919 -113.89 122.99 -1.33
N TYR B 920 -114.29 122.50 -2.51
CA TYR B 920 -113.65 121.32 -3.07
C TYR B 920 -112.17 121.58 -3.36
N ASN B 921 -111.87 122.75 -3.93
CA ASN B 921 -110.47 123.10 -4.18
C ASN B 921 -109.67 123.21 -2.89
N LEU B 922 -110.27 123.78 -1.85
CA LEU B 922 -109.59 123.89 -0.56
C LEU B 922 -109.31 122.51 0.02
N GLN B 923 -110.29 121.61 -0.05
CA GLN B 923 -110.08 120.25 0.45
C GLN B 923 -108.99 119.53 -0.34
N MET B 924 -109.00 119.67 -1.67
CA MET B 924 -107.97 119.04 -2.49
C MET B 924 -106.58 119.58 -2.15
N SER B 925 -106.47 120.90 -1.98
CA SER B 925 -105.18 121.50 -1.66
C SER B 925 -104.71 121.07 -0.27
N GLY B 926 -105.65 120.96 0.69
CA GLY B 926 -105.28 120.47 2.00
C GLY B 926 -104.78 119.05 1.97
N GLU B 927 -105.45 118.19 1.20
CA GLU B 927 -104.99 116.81 1.06
C GLU B 927 -103.62 116.76 0.40
N THR B 928 -103.39 117.57 -0.63
CA THR B 928 -102.09 117.60 -1.30
C THR B 928 -101.00 118.09 -0.36
N LEU B 929 -101.29 119.12 0.44
CA LEU B 929 -100.32 119.63 1.40
C LEU B 929 -100.01 118.60 2.47
N LYS B 930 -101.02 117.88 2.95
CA LYS B 930 -100.80 116.83 3.93
C LYS B 930 -99.93 115.72 3.34
N THR B 931 -100.19 115.33 2.09
CA THR B 931 -99.39 114.30 1.45
C THR B 931 -97.95 114.76 1.27
N LEU B 932 -97.75 116.02 0.88
CA LEU B 932 -96.40 116.55 0.72
C LEU B 932 -95.66 116.60 2.05
N LEU B 933 -96.36 117.01 3.12
CA LEU B 933 -95.73 117.05 4.44
C LEU B 933 -95.38 115.65 4.93
N ALA B 934 -96.23 114.66 4.65
CA ALA B 934 -95.94 113.29 5.03
C ALA B 934 -94.73 112.73 4.28
N LEU B 935 -94.37 113.31 3.15
CA LEU B 935 -93.21 112.87 2.39
C LEU B 935 -91.89 113.32 3.01
N GLY B 936 -91.92 114.19 4.00
CA GLY B 936 -90.71 114.67 4.63
C GLY B 936 -89.83 115.52 3.74
N CYS B 937 -90.43 116.43 2.98
CA CYS B 937 -89.67 117.30 2.09
C CYS B 937 -89.12 118.49 2.86
N HIS B 938 -88.42 119.38 2.15
CA HIS B 938 -87.85 120.56 2.78
C HIS B 938 -88.94 121.58 3.10
N VAL B 939 -88.58 122.54 3.95
CA VAL B 939 -89.52 123.58 4.37
C VAL B 939 -89.69 124.58 3.24
N GLY B 940 -90.91 124.69 2.73
CA GLY B 940 -91.22 125.59 1.64
C GLY B 940 -91.83 126.92 2.05
N MET B 941 -91.76 127.29 3.33
CA MET B 941 -92.35 128.54 3.82
C MET B 941 -91.40 129.70 3.53
N ALA B 942 -91.28 130.02 2.24
CA ALA B 942 -90.45 131.12 1.78
C ALA B 942 -91.18 131.89 0.70
N ASP B 943 -90.94 133.20 0.64
CA ASP B 943 -91.53 134.08 -0.36
C ASP B 943 -93.05 133.97 -0.37
N GLU B 944 -93.65 134.10 0.82
CA GLU B 944 -95.11 133.99 0.93
C GLU B 944 -95.80 135.12 0.17
N LYS B 945 -95.26 136.33 0.24
CA LYS B 945 -95.85 137.48 -0.45
C LYS B 945 -95.73 137.40 -1.96
N ALA B 946 -94.86 136.52 -2.48
CA ALA B 946 -94.66 136.38 -3.92
C ALA B 946 -95.59 135.37 -4.55
N GLU B 947 -96.74 135.10 -3.95
CA GLU B 947 -97.69 134.15 -4.53
C GLU B 947 -98.22 134.61 -5.87
N ASP B 948 -98.53 135.92 -5.99
CA ASP B 948 -99.05 136.49 -7.22
C ASP B 948 -97.95 137.09 -8.10
N ASN B 949 -96.72 136.60 -7.98
CA ASN B 949 -95.63 137.13 -8.79
C ASN B 949 -95.85 136.86 -10.27
N LEU B 950 -96.33 135.66 -10.61
CA LEU B 950 -96.56 135.30 -12.00
C LEU B 950 -97.70 136.12 -12.59
N LYS B 951 -97.59 136.44 -13.87
CA LYS B 951 -98.60 137.23 -14.58
C LYS B 951 -99.57 136.29 -15.27
N LYS B 952 -100.85 136.46 -14.98
CA LYS B 952 -101.87 135.59 -15.57
C LYS B 952 -102.06 135.94 -17.05
N THR B 953 -102.25 134.91 -17.87
CA THR B 953 -102.46 135.05 -19.30
C THR B 953 -103.93 135.09 -19.68
N LYS B 954 -104.85 135.02 -18.71
CA LYS B 954 -106.27 135.02 -19.01
C LYS B 954 -106.77 136.37 -19.52
N LEU B 955 -105.96 137.42 -19.40
CA LEU B 955 -106.37 138.73 -19.93
C LEU B 955 -106.68 138.69 -21.42
N PRO B 956 -105.90 138.01 -22.26
CA PRO B 956 -106.24 137.96 -23.69
C PRO B 956 -107.56 137.24 -23.93
N LYS B 957 -108.25 137.66 -24.99
CA LYS B 957 -109.55 137.08 -25.31
C LYS B 957 -109.42 135.60 -25.69
N THR B 958 -108.34 135.25 -26.39
CA THR B 958 -108.17 133.86 -26.81
C THR B 958 -108.04 132.93 -25.62
N TYR B 959 -107.26 133.33 -24.61
CA TYR B 959 -107.11 132.51 -23.41
C TYR B 959 -108.37 132.53 -22.55
N MET B 960 -109.15 133.61 -22.62
CA MET B 960 -110.37 133.70 -21.84
C MET B 960 -111.41 132.70 -22.32
N MET B 961 -112.22 132.22 -21.38
CA MET B 961 -113.26 131.25 -21.70
C MET B 961 -114.38 131.92 -22.49
N SER B 962 -115.25 131.08 -23.07
CA SER B 962 -116.37 131.59 -23.86
C SER B 962 -117.36 132.35 -23.01
N ASN B 963 -117.49 132.00 -21.72
CA ASN B 963 -118.41 132.71 -20.85
C ASN B 963 -117.97 134.12 -20.53
N GLY B 964 -116.70 134.45 -20.77
CA GLY B 964 -116.18 135.78 -20.56
C GLY B 964 -115.38 135.95 -19.28
N TYR B 965 -115.55 135.04 -18.31
CA TYR B 965 -114.80 135.13 -17.07
C TYR B 965 -113.34 134.74 -17.30
N LYS B 966 -112.44 135.43 -16.60
CA LYS B 966 -111.02 135.15 -16.71
C LYS B 966 -110.56 134.33 -15.52
N PRO B 967 -110.20 133.06 -15.71
CA PRO B 967 -109.74 132.26 -14.56
C PRO B 967 -108.47 132.79 -13.93
N ALA B 968 -107.61 133.47 -14.69
CA ALA B 968 -106.33 134.00 -14.24
C ALA B 968 -105.45 132.89 -13.68
N PRO B 969 -104.96 131.97 -14.53
CA PRO B 969 -104.12 130.88 -14.03
C PRO B 969 -102.65 131.26 -13.94
N LEU B 970 -101.82 130.34 -13.46
CA LEU B 970 -100.39 130.60 -13.36
C LEU B 970 -99.74 130.64 -14.74
N ASP B 971 -98.73 131.48 -14.88
CA ASP B 971 -98.00 131.58 -16.13
C ASP B 971 -97.16 130.34 -16.36
N LEU B 972 -97.21 129.82 -17.59
CA LEU B 972 -96.47 128.61 -17.91
C LEU B 972 -94.95 128.85 -17.81
N SER B 973 -94.48 129.98 -18.33
CA SER B 973 -93.05 130.27 -18.26
C SER B 973 -92.59 130.51 -16.83
N HIS B 974 -93.37 131.27 -16.05
CA HIS B 974 -93.00 131.56 -14.67
C HIS B 974 -92.98 130.29 -13.82
N VAL B 975 -93.97 129.43 -13.99
CA VAL B 975 -94.06 128.20 -13.21
C VAL B 975 -93.04 127.20 -13.71
N ARG B 976 -92.24 126.66 -12.79
CA ARG B 976 -91.21 125.69 -13.12
C ARG B 976 -91.25 124.54 -12.12
N LEU B 977 -90.77 123.38 -12.55
CA LEU B 977 -90.74 122.19 -11.72
C LEU B 977 -89.29 121.74 -11.55
N THR B 978 -88.89 121.49 -10.31
CA THR B 978 -87.53 121.05 -10.03
C THR B 978 -87.31 119.65 -10.58
N PRO B 979 -86.17 119.39 -11.23
CA PRO B 979 -85.90 118.04 -11.73
C PRO B 979 -85.87 116.98 -10.64
N ALA B 980 -85.40 117.33 -9.44
CA ALA B 980 -85.36 116.39 -8.34
C ALA B 980 -86.73 116.15 -7.71
N GLN B 981 -87.71 117.00 -8.01
CA GLN B 981 -89.06 116.86 -7.47
C GLN B 981 -89.94 115.95 -8.31
N THR B 982 -89.42 115.42 -9.43
CA THR B 982 -90.22 114.52 -10.27
C THR B 982 -90.59 113.26 -9.50
N THR B 983 -89.64 112.70 -8.75
CA THR B 983 -89.94 111.52 -7.94
C THR B 983 -90.98 111.84 -6.87
N LEU B 984 -90.85 113.00 -6.23
CA LEU B 984 -91.83 113.41 -5.23
C LEU B 984 -93.21 113.60 -5.85
N VAL B 985 -93.26 114.20 -7.05
CA VAL B 985 -94.54 114.39 -7.73
C VAL B 985 -95.16 113.04 -8.08
N ASP B 986 -94.35 112.10 -8.57
CA ASP B 986 -94.87 110.78 -8.88
C ASP B 986 -95.38 110.06 -7.64
N ARG B 987 -94.65 110.19 -6.53
CA ARG B 987 -95.09 109.58 -5.28
C ARG B 987 -96.40 110.19 -4.80
N LEU B 988 -96.53 111.52 -4.91
CA LEU B 988 -97.78 112.17 -4.50
C LEU B 988 -98.94 111.72 -5.38
N ALA B 989 -98.71 111.61 -6.69
CA ALA B 989 -99.76 111.14 -7.59
C ALA B 989 -100.16 109.70 -7.26
N GLU B 990 -99.18 108.85 -6.96
CA GLU B 990 -99.48 107.47 -6.60
C GLU B 990 -100.28 107.41 -5.29
N ASN B 991 -99.91 108.24 -4.31
CA ASN B 991 -100.66 108.27 -3.06
C ASN B 991 -102.07 108.76 -3.27
N GLY B 992 -102.25 109.78 -4.12
CA GLY B 992 -103.60 110.25 -4.42
C GLY B 992 -104.44 109.19 -5.11
N HIS B 993 -103.85 108.48 -6.07
CA HIS B 993 -104.57 107.40 -6.73
C HIS B 993 -104.93 106.30 -5.74
N ASN B 994 -104.01 105.96 -4.83
CA ASN B 994 -104.27 104.91 -3.86
C ASN B 994 -105.40 105.31 -2.90
N VAL B 995 -105.39 106.55 -2.41
CA VAL B 995 -106.44 106.97 -1.49
C VAL B 995 -107.78 107.08 -2.21
N TRP B 996 -107.77 107.51 -3.47
CA TRP B 996 -109.01 107.53 -4.25
C TRP B 996 -109.56 106.13 -4.45
N ALA B 997 -108.69 105.17 -4.75
CA ALA B 997 -109.13 103.78 -4.91
C ALA B 997 -109.66 103.22 -3.60
N ARG B 998 -109.00 103.56 -2.48
CA ARG B 998 -109.49 103.10 -1.18
C ARG B 998 -110.86 103.69 -0.86
N ASP B 999 -111.06 104.98 -1.16
CA ASP B 999 -112.36 105.59 -0.94
C ASP B 999 -113.43 104.95 -1.80
N ARG B 1000 -113.09 104.66 -3.07
CA ARG B 1000 -114.04 103.98 -3.95
C ARG B 1000 -114.38 102.59 -3.43
N VAL B 1001 -113.39 101.86 -2.94
CA VAL B 1001 -113.63 100.53 -2.39
C VAL B 1001 -114.50 100.61 -1.15
N ALA B 1002 -114.32 101.65 -0.35
CA ALA B 1002 -115.18 101.85 0.81
C ALA B 1002 -116.64 102.01 0.42
N GLN B 1003 -116.89 102.62 -0.74
CA GLN B 1003 -118.25 102.73 -1.26
C GLN B 1003 -118.69 101.49 -2.02
N GLY B 1004 -117.79 100.52 -2.22
CA GLY B 1004 -118.12 99.30 -2.93
C GLY B 1004 -117.66 99.24 -4.37
N TRP B 1005 -116.97 100.27 -4.86
CA TRP B 1005 -116.51 100.28 -6.24
C TRP B 1005 -115.33 99.32 -6.43
N SER B 1006 -115.31 98.64 -7.57
CA SER B 1006 -114.29 97.65 -7.87
C SER B 1006 -113.89 97.75 -9.34
N TYR B 1007 -112.74 97.16 -9.65
CA TYR B 1007 -112.25 97.19 -11.02
C TYR B 1007 -113.14 96.35 -11.94
N SER B 1008 -113.43 96.89 -13.12
CA SER B 1008 -114.20 96.19 -14.13
C SER B 1008 -113.76 96.68 -15.50
N ALA B 1009 -114.04 95.87 -16.52
CA ALA B 1009 -113.71 96.28 -17.89
C ALA B 1009 -114.54 97.48 -18.33
N VAL B 1010 -115.76 97.61 -17.81
CA VAL B 1010 -116.63 98.72 -18.14
C VAL B 1010 -116.85 99.56 -16.88
N GLN B 1011 -117.55 100.68 -17.05
CA GLN B 1011 -117.85 101.61 -15.96
C GLN B 1011 -119.29 101.36 -15.51
N ASP B 1012 -119.45 100.45 -14.54
CA ASP B 1012 -120.77 100.12 -14.00
C ASP B 1012 -120.97 100.91 -12.70
N ILE B 1013 -121.27 102.21 -12.87
CA ILE B 1013 -121.50 103.06 -11.71
C ILE B 1013 -122.69 102.59 -10.87
N PRO B 1014 -123.86 102.27 -11.43
CA PRO B 1014 -124.94 101.75 -10.58
C PRO B 1014 -124.59 100.44 -9.89
N ALA B 1015 -123.72 99.63 -10.47
CA ALA B 1015 -123.31 98.37 -9.89
C ALA B 1015 -122.09 98.49 -8.99
N ARG B 1016 -121.67 99.72 -8.67
CA ARG B 1016 -120.52 99.98 -7.80
C ARG B 1016 -119.26 99.35 -8.39
N ARG B 1017 -118.86 99.84 -9.56
CA ARG B 1017 -117.69 99.36 -10.27
C ARG B 1017 -116.89 100.57 -10.76
N ASN B 1018 -115.61 100.61 -10.41
CA ASN B 1018 -114.72 101.69 -10.82
C ASN B 1018 -113.74 101.19 -11.87
N PRO B 1019 -113.84 101.64 -13.12
CA PRO B 1019 -112.89 101.16 -14.14
C PRO B 1019 -111.44 101.54 -13.87
N ARG B 1020 -111.20 102.57 -13.05
CA ARG B 1020 -109.86 103.05 -12.76
C ARG B 1020 -109.37 102.63 -11.38
N LEU B 1021 -110.04 101.66 -10.74
CA LEU B 1021 -109.67 101.20 -9.41
C LEU B 1021 -108.50 100.23 -9.50
N VAL B 1022 -107.34 100.78 -9.85
CA VAL B 1022 -106.11 100.00 -9.98
C VAL B 1022 -104.97 100.74 -9.31
N PRO B 1023 -103.94 100.06 -8.81
CA PRO B 1023 -102.80 100.76 -8.23
C PRO B 1023 -102.00 101.49 -9.30
N TYR B 1024 -101.14 102.41 -8.83
CA TYR B 1024 -100.36 103.22 -9.75
C TYR B 1024 -99.43 102.37 -10.60
N ARG B 1025 -98.83 101.34 -10.00
CA ARG B 1025 -97.96 100.44 -10.76
C ARG B 1025 -98.73 99.73 -11.86
N LEU B 1026 -99.95 99.29 -11.57
CA LEU B 1026 -100.79 98.60 -12.54
C LEU B 1026 -101.73 99.54 -13.28
N LEU B 1027 -101.63 100.85 -13.04
CA LEU B 1027 -102.52 101.80 -13.70
C LEU B 1027 -102.20 101.89 -15.18
N ASP B 1028 -103.18 102.34 -15.95
CA ASP B 1028 -103.02 102.52 -17.39
C ASP B 1028 -102.06 103.67 -17.67
N GLU B 1029 -101.52 103.66 -18.90
CA GLU B 1029 -100.57 104.70 -19.29
C GLU B 1029 -101.20 106.08 -19.28
N ALA B 1030 -102.44 106.18 -19.79
CA ALA B 1030 -103.10 107.49 -19.84
C ALA B 1030 -103.39 108.03 -18.44
N THR B 1031 -103.88 107.17 -17.54
CA THR B 1031 -104.18 107.62 -16.19
C THR B 1031 -102.90 108.02 -15.45
N LYS B 1032 -101.84 107.23 -15.59
CA LYS B 1032 -100.57 107.57 -14.95
C LYS B 1032 -100.01 108.88 -15.50
N ARG B 1033 -100.10 109.07 -16.82
CA ARG B 1033 -99.63 110.32 -17.41
C ARG B 1033 -100.43 111.51 -16.91
N SER B 1034 -101.76 111.36 -16.80
CA SER B 1034 -102.59 112.45 -16.30
C SER B 1034 -102.26 112.77 -14.85
N ASN B 1035 -102.06 111.74 -14.02
CA ASN B 1035 -101.69 111.97 -12.63
C ASN B 1035 -100.34 112.66 -12.51
N ARG B 1036 -99.36 112.23 -13.33
CA ARG B 1036 -98.05 112.87 -13.32
C ARG B 1036 -98.14 114.32 -13.77
N ASP B 1037 -98.96 114.60 -14.79
CA ASP B 1037 -99.12 115.97 -15.26
C ASP B 1037 -99.77 116.84 -14.19
N SER B 1038 -100.78 116.31 -13.50
CA SER B 1038 -101.41 117.06 -12.42
C SER B 1038 -100.44 117.35 -11.29
N LEU B 1039 -99.64 116.35 -10.91
CA LEU B 1039 -98.64 116.55 -9.86
C LEU B 1039 -97.60 117.58 -10.27
N CYS B 1040 -97.15 117.52 -11.54
CA CYS B 1040 -96.18 118.50 -12.03
C CYS B 1040 -96.77 119.90 -12.04
N GLN B 1041 -98.04 120.03 -12.43
CA GLN B 1041 -98.69 121.33 -12.41
C GLN B 1041 -98.81 121.87 -10.99
N ALA B 1042 -99.15 121.00 -10.04
CA ALA B 1042 -99.22 121.44 -8.64
C ALA B 1042 -97.86 121.87 -8.13
N VAL B 1043 -96.81 121.12 -8.48
CA VAL B 1043 -95.46 121.48 -8.06
C VAL B 1043 -95.03 122.81 -8.66
N ARG B 1044 -95.36 123.02 -9.94
CA ARG B 1044 -95.01 124.28 -10.59
C ARG B 1044 -95.77 125.44 -9.97
N THR B 1045 -97.05 125.24 -9.63
CA THR B 1045 -97.81 126.28 -8.96
C THR B 1045 -97.22 126.61 -7.60
N LEU B 1046 -96.81 125.59 -6.84
CA LEU B 1046 -96.18 125.82 -5.55
C LEU B 1046 -94.86 126.58 -5.71
N LEU B 1047 -94.07 126.22 -6.73
CA LEU B 1047 -92.81 126.92 -6.98
C LEU B 1047 -93.06 128.38 -7.35
N GLY B 1048 -94.09 128.64 -8.17
CA GLY B 1048 -94.43 130.00 -8.54
C GLY B 1048 -94.89 130.85 -7.37
N TYR B 1049 -95.37 130.23 -6.30
CA TYR B 1049 -95.76 130.95 -5.09
C TYR B 1049 -94.61 131.11 -4.11
N GLY B 1050 -93.39 130.70 -4.49
CA GLY B 1050 -92.24 130.80 -3.62
C GLY B 1050 -91.96 129.58 -2.78
N TYR B 1051 -92.80 128.55 -2.84
CA TYR B 1051 -92.61 127.33 -2.05
C TYR B 1051 -91.77 126.35 -2.86
N ASN B 1052 -90.55 126.10 -2.40
CA ASN B 1052 -89.64 125.15 -3.03
C ASN B 1052 -89.15 124.16 -1.99
N ILE B 1053 -89.23 122.87 -2.32
CA ILE B 1053 -88.81 121.81 -1.42
C ILE B 1053 -87.91 120.84 -2.18
N GLU B 1054 -87.06 120.15 -1.42
CA GLU B 1054 -86.14 119.17 -1.99
C GLU B 1054 -86.61 117.77 -1.64
N PRO B 1055 -87.09 116.97 -2.60
CA PRO B 1055 -87.57 115.61 -2.35
C PRO B 1055 -87.49 114.73 -3.58
N ASP B 1070 -89.02 83.12 -8.51
CA ASP B 1070 -88.15 83.07 -7.35
C ASP B 1070 -86.67 83.06 -7.77
N ARG B 1071 -85.97 81.99 -7.41
CA ARG B 1071 -84.57 81.87 -7.75
C ARG B 1071 -84.41 81.59 -9.25
N VAL B 1072 -83.21 81.90 -9.76
CA VAL B 1072 -82.92 81.68 -11.17
C VAL B 1072 -82.85 80.19 -11.46
N ARG B 1073 -83.48 79.78 -12.55
CA ARG B 1073 -83.49 78.37 -12.94
C ARG B 1073 -82.17 78.06 -13.65
N ILE B 1074 -81.36 77.20 -13.03
CA ILE B 1074 -80.07 76.83 -13.60
C ILE B 1074 -80.30 75.78 -14.69
N PHE B 1075 -79.77 76.05 -15.88
CA PHE B 1075 -79.91 75.17 -17.03
C PHE B 1075 -78.55 74.58 -17.38
N ARG B 1076 -78.48 73.27 -17.52
CA ARG B 1076 -77.22 72.61 -17.82
C ARG B 1076 -77.49 71.33 -18.59
N ALA B 1077 -76.45 70.81 -19.22
CA ALA B 1077 -76.53 69.56 -19.95
C ALA B 1077 -76.37 68.37 -19.00
N GLU B 1078 -76.61 67.18 -19.53
CA GLU B 1078 -76.52 65.96 -18.74
C GLU B 1078 -75.06 65.67 -18.37
N LYS B 1079 -74.89 64.91 -17.29
CA LYS B 1079 -73.55 64.55 -16.84
C LYS B 1079 -72.82 63.63 -17.81
N SER B 1080 -73.56 62.95 -18.70
CA SER B 1080 -72.92 62.11 -19.70
C SER B 1080 -72.23 62.92 -20.79
N TYR B 1081 -72.45 64.23 -20.83
CA TYR B 1081 -71.93 65.10 -21.88
C TYR B 1081 -70.71 65.89 -21.45
N THR B 1082 -70.14 65.58 -20.28
CA THR B 1082 -68.98 66.32 -19.81
C THR B 1082 -67.77 66.07 -20.70
N VAL B 1083 -66.93 67.09 -20.84
CA VAL B 1083 -65.72 67.01 -21.64
C VAL B 1083 -64.52 67.23 -20.73
N GLN B 1084 -63.46 66.47 -20.95
CA GLN B 1084 -62.23 66.58 -20.18
C GLN B 1084 -61.06 67.07 -21.00
N SER B 1085 -61.24 67.25 -22.31
CA SER B 1085 -60.16 67.71 -23.19
C SER B 1085 -60.78 68.28 -24.45
N GLY B 1086 -59.96 68.99 -25.22
CA GLY B 1086 -60.39 69.56 -26.47
C GLY B 1086 -60.89 70.99 -26.34
N ARG B 1087 -61.23 71.56 -27.49
CA ARG B 1087 -61.71 72.94 -27.58
C ARG B 1087 -63.17 72.93 -28.01
N TRP B 1088 -64.03 73.57 -27.22
CA TRP B 1088 -65.45 73.62 -27.51
C TRP B 1088 -65.97 75.04 -27.30
N TYR B 1089 -66.88 75.46 -28.17
CA TYR B 1089 -67.46 76.79 -28.14
C TYR B 1089 -68.97 76.70 -28.31
N PHE B 1090 -69.69 77.51 -27.54
CA PHE B 1090 -71.15 77.58 -27.64
C PHE B 1090 -71.57 79.03 -27.52
N GLU B 1091 -72.72 79.35 -28.14
CA GLU B 1091 -73.22 80.71 -28.20
C GLU B 1091 -74.61 80.79 -27.56
N PHE B 1092 -74.84 81.86 -26.80
CA PHE B 1092 -76.11 82.11 -26.15
C PHE B 1092 -76.69 83.42 -26.67
N GLU B 1093 -77.95 83.39 -27.09
CA GLU B 1093 -78.63 84.55 -27.61
C GLU B 1093 -79.55 85.13 -26.53
N ALA B 1094 -79.41 86.43 -26.27
CA ALA B 1094 -80.19 87.11 -25.25
C ALA B 1094 -81.35 87.84 -25.92
N VAL B 1095 -82.52 87.21 -25.93
CA VAL B 1095 -83.70 87.85 -26.50
C VAL B 1095 -84.09 89.08 -25.68
N THR B 1096 -84.10 88.95 -24.36
CA THR B 1096 -84.45 90.03 -23.45
C THR B 1096 -83.26 90.34 -22.55
N THR B 1097 -82.94 91.63 -22.42
CA THR B 1097 -81.79 92.03 -21.62
C THR B 1097 -82.03 91.73 -20.14
N GLY B 1098 -80.94 91.46 -19.44
CA GLY B 1098 -81.01 91.14 -18.03
C GLY B 1098 -79.71 90.54 -17.55
N GLU B 1099 -79.78 89.96 -16.35
CA GLU B 1099 -78.62 89.35 -15.70
C GLU B 1099 -78.49 87.90 -16.15
N MET B 1100 -77.59 87.65 -17.10
CA MET B 1100 -77.34 86.32 -17.64
C MET B 1100 -75.99 85.79 -17.13
N ARG B 1101 -76.01 84.57 -16.58
CA ARG B 1101 -74.80 83.87 -16.15
C ARG B 1101 -74.46 82.84 -17.22
N VAL B 1102 -73.47 83.15 -18.04
CA VAL B 1102 -73.09 82.33 -19.18
C VAL B 1102 -71.68 81.80 -18.98
N GLY B 1103 -71.52 80.50 -19.13
CA GLY B 1103 -70.22 79.86 -18.94
C GLY B 1103 -70.41 78.37 -18.75
N TRP B 1104 -69.36 77.72 -18.24
CA TRP B 1104 -69.49 76.33 -17.82
C TRP B 1104 -69.09 76.17 -16.36
N ALA B 1105 -69.65 75.12 -15.74
CA ALA B 1105 -69.42 74.80 -14.35
C ALA B 1105 -69.06 73.32 -14.22
N ARG B 1106 -68.55 72.96 -13.05
CA ARG B 1106 -68.14 71.60 -12.80
C ARG B 1106 -69.36 70.68 -12.70
N PRO B 1107 -69.18 69.37 -12.92
CA PRO B 1107 -70.32 68.45 -12.81
C PRO B 1107 -70.97 68.46 -11.43
N GLU B 1108 -70.19 68.69 -10.38
CA GLU B 1108 -70.74 68.78 -9.02
C GLU B 1108 -71.35 70.18 -8.83
N LEU B 1109 -72.49 70.38 -9.46
CA LEU B 1109 -73.20 71.66 -9.44
C LEU B 1109 -74.32 71.59 -8.41
N ARG B 1110 -74.29 72.49 -7.45
CA ARG B 1110 -75.33 72.56 -6.43
C ARG B 1110 -76.37 73.59 -6.84
N PRO B 1111 -77.62 73.20 -7.09
CA PRO B 1111 -78.63 74.18 -7.50
C PRO B 1111 -79.01 75.16 -6.41
N ASP B 1112 -78.79 74.83 -5.13
CA ASP B 1112 -79.16 75.72 -4.05
C ASP B 1112 -78.34 77.01 -4.08
N VAL B 1113 -77.05 76.91 -4.34
CA VAL B 1113 -76.19 78.08 -4.34
C VAL B 1113 -76.35 78.84 -5.65
N GLU B 1114 -75.95 80.11 -5.63
CA GLU B 1114 -76.01 80.95 -6.82
C GLU B 1114 -74.97 80.50 -7.85
N LEU B 1115 -75.21 80.87 -9.10
CA LEU B 1115 -74.31 80.48 -10.18
C LEU B 1115 -73.05 81.33 -10.11
N GLY B 1116 -71.89 80.67 -9.93
CA GLY B 1116 -70.62 81.36 -9.81
C GLY B 1116 -70.27 81.79 -8.41
N ALA B 1117 -71.16 81.61 -7.44
CA ALA B 1117 -70.85 81.99 -6.06
C ALA B 1117 -69.73 81.13 -5.49
N ASP B 1118 -69.75 79.83 -5.77
CA ASP B 1118 -68.75 78.91 -5.27
C ASP B 1118 -67.60 78.76 -6.27
N GLU B 1119 -66.63 77.92 -5.92
CA GLU B 1119 -65.46 77.67 -6.76
C GLU B 1119 -65.68 76.54 -7.75
N LEU B 1120 -66.94 76.20 -8.06
CA LEU B 1120 -67.25 75.12 -8.98
C LEU B 1120 -67.98 75.61 -10.22
N ALA B 1121 -67.90 76.90 -10.52
CA ALA B 1121 -68.55 77.47 -11.68
C ALA B 1121 -67.67 78.56 -12.28
N TYR B 1122 -67.86 78.80 -13.58
CA TYR B 1122 -67.12 79.84 -14.31
C TYR B 1122 -68.12 80.51 -15.26
N VAL B 1123 -68.75 81.58 -14.79
CA VAL B 1123 -69.74 82.31 -15.57
C VAL B 1123 -69.43 83.80 -15.53
N PHE B 1124 -70.01 84.53 -16.48
CA PHE B 1124 -69.83 85.96 -16.59
C PHE B 1124 -71.20 86.63 -16.62
N ASN B 1125 -71.41 87.62 -15.75
CA ASN B 1125 -72.70 88.26 -15.64
C ASN B 1125 -72.98 89.13 -16.87
N GLY B 1126 -74.15 88.95 -17.46
CA GLY B 1126 -74.50 89.64 -18.69
C GLY B 1126 -75.07 91.03 -18.53
N HIS B 1127 -75.28 91.51 -17.29
CA HIS B 1127 -75.83 92.83 -17.07
C HIS B 1127 -74.92 93.76 -16.27
N ARG B 1128 -74.13 93.23 -15.34
CA ARG B 1128 -73.23 94.04 -14.54
C ARG B 1128 -71.80 94.07 -15.08
N GLY B 1129 -71.51 93.30 -16.13
CA GLY B 1129 -70.18 93.27 -16.70
C GLY B 1129 -69.13 92.76 -15.74
N GLN B 1130 -69.43 91.67 -15.03
CA GLN B 1130 -68.52 91.09 -14.06
C GLN B 1130 -68.42 89.59 -14.27
N ARG B 1131 -67.30 89.02 -13.85
CA ARG B 1131 -67.04 87.59 -13.94
C ARG B 1131 -67.24 86.95 -12.57
N TRP B 1132 -67.97 85.85 -12.53
CA TRP B 1132 -68.35 85.20 -11.28
C TRP B 1132 -67.58 83.89 -11.14
N HIS B 1133 -66.62 83.87 -10.21
CA HIS B 1133 -65.92 82.65 -9.84
C HIS B 1133 -65.37 82.84 -8.44
N LEU B 1134 -65.99 82.19 -7.46
CA LEU B 1134 -65.62 82.34 -6.04
C LEU B 1134 -65.60 83.81 -5.63
N GLY B 1135 -66.59 84.55 -6.12
CA GLY B 1135 -66.72 85.98 -5.89
C GLY B 1135 -67.09 86.68 -7.17
N SER B 1136 -67.06 88.02 -7.12
CA SER B 1136 -67.41 88.85 -8.26
C SER B 1136 -66.20 89.71 -8.63
N GLU B 1137 -65.84 89.68 -9.92
CA GLU B 1137 -64.74 90.48 -10.43
C GLU B 1137 -65.20 91.12 -11.74
N PRO B 1138 -65.12 92.44 -11.87
CA PRO B 1138 -65.55 93.09 -13.11
C PRO B 1138 -64.75 92.63 -14.31
N PHE B 1139 -65.43 92.47 -15.44
CA PHE B 1139 -64.79 92.02 -16.67
C PHE B 1139 -65.70 92.25 -17.86
N GLY B 1140 -65.18 92.86 -18.93
CA GLY B 1140 -65.98 93.08 -20.11
C GLY B 1140 -66.97 94.22 -19.93
N ARG B 1141 -67.94 94.26 -20.85
CA ARG B 1141 -68.98 95.27 -20.85
C ARG B 1141 -70.34 94.62 -21.00
N PRO B 1142 -71.37 95.21 -20.39
CA PRO B 1142 -72.73 94.68 -20.55
C PRO B 1142 -73.22 94.84 -21.98
N TRP B 1143 -74.08 93.91 -22.39
CA TRP B 1143 -74.68 93.94 -23.72
C TRP B 1143 -76.12 94.46 -23.61
N GLN B 1144 -76.84 94.41 -24.74
CA GLN B 1144 -78.22 94.85 -24.80
C GLN B 1144 -79.08 93.73 -25.40
N SER B 1145 -80.36 94.02 -25.57
CA SER B 1145 -81.28 93.04 -26.14
C SER B 1145 -80.93 92.78 -27.60
N GLY B 1146 -81.04 91.51 -28.01
CA GLY B 1146 -80.72 91.12 -29.36
C GLY B 1146 -79.26 90.84 -29.63
N ASP B 1147 -78.39 90.98 -28.64
CA ASP B 1147 -76.97 90.74 -28.78
C ASP B 1147 -76.64 89.36 -28.22
N VAL B 1148 -76.02 88.52 -29.03
CA VAL B 1148 -75.68 87.16 -28.63
C VAL B 1148 -74.34 87.17 -27.91
N VAL B 1149 -74.11 86.15 -27.09
CA VAL B 1149 -72.87 85.98 -26.36
C VAL B 1149 -72.38 84.55 -26.55
N GLY B 1150 -71.08 84.36 -26.36
CA GLY B 1150 -70.47 83.06 -26.55
C GLY B 1150 -69.23 82.89 -25.72
N CYS B 1151 -68.89 81.63 -25.45
CA CYS B 1151 -67.73 81.28 -24.65
C CYS B 1151 -66.93 80.20 -25.37
N MET B 1152 -65.67 80.51 -25.67
CA MET B 1152 -64.76 79.58 -26.34
C MET B 1152 -63.63 79.26 -25.37
N ILE B 1153 -63.35 77.98 -25.17
CA ILE B 1153 -62.48 77.52 -24.09
C ILE B 1153 -61.44 76.59 -24.68
N ASP B 1154 -60.17 76.79 -24.31
CA ASP B 1154 -59.08 75.90 -24.73
C ASP B 1154 -58.55 75.21 -23.49
N LEU B 1155 -58.75 73.90 -23.39
CA LEU B 1155 -58.33 73.12 -22.25
C LEU B 1155 -56.83 72.83 -22.23
N THR B 1156 -56.15 72.90 -23.38
CA THR B 1156 -54.72 72.65 -23.40
C THR B 1156 -53.97 73.72 -22.64
N GLU B 1157 -54.40 74.97 -22.76
CA GLU B 1157 -53.78 76.09 -22.06
C GLU B 1157 -54.54 76.48 -20.79
N ASN B 1158 -55.72 75.90 -20.56
CA ASN B 1158 -56.54 76.19 -19.38
C ASN B 1158 -56.83 77.69 -19.26
N THR B 1159 -57.28 78.28 -20.36
CA THR B 1159 -57.61 79.69 -20.43
C THR B 1159 -59.08 79.87 -20.76
N ILE B 1160 -59.69 80.89 -20.18
CA ILE B 1160 -61.13 81.14 -20.33
C ILE B 1160 -61.33 82.46 -21.07
N ILE B 1161 -61.94 82.38 -22.25
CA ILE B 1161 -62.17 83.53 -23.12
C ILE B 1161 -63.66 83.63 -23.41
N PHE B 1162 -64.20 84.83 -23.28
CA PHE B 1162 -65.59 85.11 -23.61
C PHE B 1162 -65.68 85.93 -24.89
N THR B 1163 -66.77 85.71 -25.63
CA THR B 1163 -67.01 86.40 -26.90
C THR B 1163 -68.38 87.09 -26.84
N LEU B 1164 -68.39 88.39 -27.11
CA LEU B 1164 -69.62 89.17 -27.14
C LEU B 1164 -69.74 89.83 -28.51
N ASN B 1165 -70.83 89.51 -29.22
CA ASN B 1165 -71.11 90.07 -30.54
C ASN B 1165 -69.94 89.83 -31.50
N GLY B 1166 -69.34 88.66 -31.39
CA GLY B 1166 -68.20 88.33 -32.25
C GLY B 1166 -66.92 89.02 -31.90
N GLU B 1167 -66.85 89.67 -30.74
CA GLU B 1167 -65.65 90.41 -30.32
C GLU B 1167 -65.18 89.88 -28.97
N VAL B 1168 -63.87 89.77 -28.82
CA VAL B 1168 -63.27 89.28 -27.58
C VAL B 1168 -63.27 90.41 -26.56
N LEU B 1169 -63.81 90.13 -25.38
CA LEU B 1169 -63.88 91.13 -24.31
C LEU B 1169 -62.56 91.16 -23.56
N MET B 1170 -61.93 92.33 -23.49
CA MET B 1170 -60.68 92.49 -22.76
C MET B 1170 -60.96 92.69 -21.28
N SER B 1171 -60.03 92.22 -20.45
CA SER B 1171 -60.15 92.34 -19.00
C SER B 1171 -59.71 93.74 -18.57
N ASP B 1172 -59.58 93.93 -17.25
CA ASP B 1172 -59.13 95.22 -16.74
C ASP B 1172 -57.70 95.53 -17.15
N SER B 1173 -56.84 94.51 -17.16
CA SER B 1173 -55.45 94.67 -17.55
C SER B 1173 -55.23 94.48 -19.04
N GLY B 1174 -56.29 94.29 -19.82
CA GLY B 1174 -56.17 94.07 -21.25
C GLY B 1174 -56.06 92.62 -21.67
N SER B 1175 -56.00 91.69 -20.72
CA SER B 1175 -55.92 90.28 -21.05
C SER B 1175 -57.21 89.83 -21.73
N GLU B 1176 -57.06 89.07 -22.82
CA GLU B 1176 -58.21 88.56 -23.54
C GLU B 1176 -58.94 87.45 -22.79
N THR B 1177 -58.36 86.93 -21.72
CA THR B 1177 -58.93 85.80 -20.99
C THR B 1177 -59.49 86.27 -19.65
N ALA B 1178 -60.72 85.84 -19.34
CA ALA B 1178 -61.32 86.17 -18.05
C ALA B 1178 -60.70 85.36 -16.92
N PHE B 1179 -60.51 84.06 -17.13
CA PHE B 1179 -59.90 83.17 -16.15
C PHE B 1179 -58.78 82.38 -16.82
N ARG B 1180 -57.76 82.02 -16.04
CA ARG B 1180 -56.62 81.27 -16.55
C ARG B 1180 -56.12 80.31 -15.47
N GLU B 1181 -55.40 79.28 -15.92
CA GLU B 1181 -54.79 78.29 -15.03
C GLU B 1181 -55.85 77.60 -14.18
N ILE B 1182 -56.73 76.87 -14.86
CA ILE B 1182 -57.83 76.15 -14.22
C ILE B 1182 -57.58 74.65 -14.39
N GLU B 1183 -57.65 73.92 -13.27
CA GLU B 1183 -57.50 72.47 -13.31
C GLU B 1183 -58.69 71.84 -14.03
N ILE B 1184 -58.42 70.77 -14.77
CA ILE B 1184 -59.49 70.12 -15.54
C ILE B 1184 -60.50 69.47 -14.60
N GLY B 1185 -60.02 68.91 -13.49
CA GLY B 1185 -60.92 68.28 -12.53
C GLY B 1185 -61.71 67.15 -13.14
N ASP B 1186 -62.98 67.04 -12.73
CA ASP B 1186 -63.86 66.03 -13.30
C ASP B 1186 -64.23 66.38 -14.74
N GLY B 1187 -64.42 67.65 -15.03
CA GLY B 1187 -64.78 68.08 -16.37
C GLY B 1187 -65.51 69.41 -16.32
N PHE B 1188 -65.93 69.85 -17.51
CA PHE B 1188 -66.67 71.08 -17.66
C PHE B 1188 -67.85 70.86 -18.60
N LEU B 1189 -69.02 71.37 -18.21
CA LEU B 1189 -70.23 71.27 -19.01
C LEU B 1189 -70.93 72.62 -19.07
N PRO B 1190 -71.54 72.95 -20.21
CA PRO B 1190 -72.20 74.25 -20.35
C PRO B 1190 -73.34 74.42 -19.35
N VAL B 1191 -73.47 75.64 -18.85
CA VAL B 1191 -74.53 76.00 -17.90
C VAL B 1191 -75.01 77.40 -18.22
N CYS B 1192 -76.32 77.60 -18.17
CA CYS B 1192 -76.93 78.89 -18.44
C CYS B 1192 -77.93 79.22 -17.34
N SER B 1193 -78.16 80.52 -17.14
CA SER B 1193 -79.09 81.00 -16.14
C SER B 1193 -79.99 82.06 -16.75
N LEU B 1194 -81.20 82.19 -16.21
CA LEU B 1194 -82.17 83.17 -16.68
C LEU B 1194 -82.86 83.82 -15.49
N GLY B 1195 -83.02 85.14 -15.55
CA GLY B 1195 -83.64 85.87 -14.48
C GLY B 1195 -85.15 85.84 -14.56
N PRO B 1196 -85.79 86.53 -13.62
CA PRO B 1196 -87.26 86.57 -13.59
C PRO B 1196 -87.80 87.31 -14.79
N GLY B 1197 -88.55 86.60 -15.63
CA GLY B 1197 -89.09 87.17 -16.85
C GLY B 1197 -88.13 87.23 -18.01
N GLN B 1198 -86.90 86.75 -17.83
CA GLN B 1198 -85.89 86.81 -18.89
C GLN B 1198 -86.13 85.71 -19.91
N VAL B 1199 -85.92 86.05 -21.19
CA VAL B 1199 -86.06 85.12 -22.29
C VAL B 1199 -84.74 85.09 -23.07
N GLY B 1200 -84.23 83.89 -23.33
CA GLY B 1200 -82.99 83.75 -24.06
C GLY B 1200 -83.01 82.51 -24.92
N HIS B 1201 -82.18 82.54 -25.97
CA HIS B 1201 -82.05 81.44 -26.90
C HIS B 1201 -80.67 80.82 -26.76
N LEU B 1202 -80.62 79.51 -26.58
CA LEU B 1202 -79.36 78.79 -26.37
C LEU B 1202 -79.07 77.96 -27.62
N ASN B 1203 -77.86 78.10 -28.16
CA ASN B 1203 -77.40 77.36 -29.32
C ASN B 1203 -76.14 76.61 -28.94
N LEU B 1204 -76.21 75.28 -28.95
CA LEU B 1204 -75.07 74.43 -28.61
C LEU B 1204 -74.23 74.05 -29.81
N GLY B 1205 -74.56 74.55 -31.00
CA GLY B 1205 -73.80 74.23 -32.19
C GLY B 1205 -74.30 73.01 -32.94
N GLN B 1206 -75.58 72.66 -32.81
CA GLN B 1206 -76.11 71.50 -33.51
C GLN B 1206 -76.03 71.68 -35.02
N ASP B 1207 -76.35 72.89 -35.51
CA ASP B 1207 -76.28 73.20 -36.92
C ASP B 1207 -75.21 74.25 -37.16
N VAL B 1208 -74.37 74.02 -38.17
CA VAL B 1208 -73.31 74.98 -38.49
C VAL B 1208 -73.92 76.31 -38.92
N SER B 1209 -74.97 76.25 -39.75
CA SER B 1209 -75.62 77.49 -40.20
C SER B 1209 -76.31 78.21 -39.05
N SER B 1210 -76.71 77.48 -38.00
CA SER B 1210 -77.35 78.11 -36.85
C SER B 1210 -76.39 79.07 -36.16
N LEU B 1211 -75.13 78.67 -36.00
CA LEU B 1211 -74.13 79.52 -35.38
C LEU B 1211 -73.71 80.60 -36.39
N ARG B 1212 -74.20 81.84 -36.16
CA ARG B 1212 -73.94 82.93 -37.08
C ARG B 1212 -72.61 83.61 -36.81
N PHE B 1213 -72.34 83.95 -35.54
CA PHE B 1213 -71.12 84.66 -35.18
C PHE B 1213 -69.93 83.73 -34.97
N PHE B 1214 -70.13 82.40 -35.04
CA PHE B 1214 -69.01 81.48 -34.92
C PHE B 1214 -68.06 81.61 -36.10
N ALA B 1215 -68.58 81.89 -37.30
CA ALA B 1215 -67.72 82.11 -38.45
C ALA B 1215 -66.86 83.35 -38.28
N ILE B 1216 -67.43 84.41 -37.71
CA ILE B 1216 -66.69 85.65 -37.53
C ILE B 1216 -65.53 85.46 -36.55
N CYS B 1217 -65.81 84.80 -35.42
CA CYS B 1217 -64.81 84.59 -34.39
C CYS B 1217 -64.83 83.12 -33.95
N GLY B 1218 -63.66 82.50 -33.97
CA GLY B 1218 -63.51 81.12 -33.55
C GLY B 1218 -63.49 80.09 -34.67
N LEU B 1219 -63.92 80.48 -35.88
CA LEU B 1219 -63.91 79.54 -36.99
C LEU B 1219 -62.49 79.17 -37.40
N GLN B 1220 -61.61 80.17 -37.50
CA GLN B 1220 -60.23 79.94 -37.91
C GLN B 1220 -59.29 79.72 -36.73
N GLU B 1221 -59.79 79.81 -35.50
CA GLU B 1221 -58.94 79.62 -34.32
C GLU B 1221 -58.82 78.16 -33.92
N GLY B 1222 -59.46 77.24 -34.65
CA GLY B 1222 -59.43 75.83 -34.32
C GLY B 1222 -60.54 75.39 -33.38
N PHE B 1223 -61.34 76.31 -32.87
CA PHE B 1223 -62.43 75.94 -31.98
C PHE B 1223 -63.56 75.29 -32.76
N GLU B 1224 -64.29 74.41 -32.09
CA GLU B 1224 -65.41 73.70 -32.70
C GLU B 1224 -66.63 73.78 -31.79
N PRO B 1225 -67.82 73.79 -32.36
CA PRO B 1225 -69.02 73.78 -31.53
C PRO B 1225 -69.18 72.47 -30.77
N PHE B 1226 -69.99 72.53 -29.71
CA PHE B 1226 -70.19 71.36 -28.86
C PHE B 1226 -70.80 70.20 -29.65
N ALA B 1227 -71.79 70.49 -30.48
CA ALA B 1227 -72.47 69.45 -31.27
C ALA B 1227 -71.92 69.40 -32.69
N ILE B 1228 -70.65 68.99 -32.80
CA ILE B 1228 -70.02 68.90 -34.12
C ILE B 1228 -70.60 67.73 -34.93
N ASN B 1229 -70.94 66.62 -34.26
CA ASN B 1229 -71.40 65.43 -34.97
C ASN B 1229 -72.53 64.72 -34.25
N MET B 1230 -73.33 65.43 -33.46
CA MET B 1230 -74.38 64.79 -32.66
C MET B 1230 -75.64 64.68 -33.50
N GLN B 1231 -76.06 63.45 -33.79
CA GLN B 1231 -77.28 63.25 -34.56
C GLN B 1231 -78.51 63.74 -33.81
N ARG B 1232 -78.57 63.45 -32.50
CA ARG B 1232 -79.68 63.80 -31.65
C ARG B 1232 -79.40 65.10 -30.91
N PRO B 1233 -80.43 65.88 -30.61
CA PRO B 1233 -80.23 67.10 -29.82
C PRO B 1233 -79.69 66.80 -28.43
N VAL B 1234 -78.89 67.73 -27.91
CA VAL B 1234 -78.29 67.53 -26.60
C VAL B 1234 -79.35 67.68 -25.51
N THR B 1235 -79.45 66.66 -24.66
CA THR B 1235 -80.38 66.72 -23.54
C THR B 1235 -79.91 67.73 -22.52
N THR B 1236 -80.87 68.40 -21.87
CA THR B 1236 -80.58 69.44 -20.90
C THR B 1236 -81.31 69.15 -19.58
N TRP B 1237 -80.70 69.58 -18.49
CA TRP B 1237 -81.27 69.46 -17.15
C TRP B 1237 -81.59 70.84 -16.62
N PHE B 1238 -82.83 71.01 -16.16
CA PHE B 1238 -83.30 72.30 -15.65
C PHE B 1238 -83.60 72.18 -14.15
N SER B 1239 -83.29 73.26 -13.42
CA SER B 1239 -83.54 73.27 -11.99
C SER B 1239 -85.04 73.33 -11.71
N LYS B 1240 -85.50 72.44 -10.83
CA LYS B 1240 -86.92 72.36 -10.48
C LYS B 1240 -87.19 73.24 -9.28
N SER B 1241 -88.04 74.25 -9.45
CA SER B 1241 -88.40 75.14 -8.34
C SER B 1241 -89.20 74.42 -7.27
N LEU B 1242 -89.87 73.34 -7.62
CA LEU B 1242 -90.63 72.57 -6.64
C LEU B 1242 -89.68 71.79 -5.74
N PRO B 1243 -89.72 71.99 -4.43
CA PRO B 1243 -88.80 71.27 -3.55
C PRO B 1243 -89.10 69.77 -3.52
N GLN B 1244 -88.03 68.99 -3.34
CA GLN B 1244 -88.12 67.54 -3.26
C GLN B 1244 -87.33 67.05 -2.06
N PHE B 1245 -87.91 66.11 -1.32
CA PHE B 1245 -87.24 65.58 -0.13
C PHE B 1245 -86.07 64.69 -0.53
N GLU B 1246 -84.93 64.90 0.12
CA GLU B 1246 -83.70 64.16 -0.17
C GLU B 1246 -83.10 63.62 1.12
N PRO B 1247 -82.36 62.52 1.04
CA PRO B 1247 -81.73 61.96 2.24
C PRO B 1247 -80.66 62.88 2.81
N VAL B 1248 -80.42 62.75 4.10
CA VAL B 1248 -79.46 63.63 4.79
C VAL B 1248 -78.06 63.32 4.27
N PRO B 1249 -77.29 64.32 3.86
CA PRO B 1249 -75.89 64.09 3.52
C PRO B 1249 -75.12 63.60 4.72
N PRO B 1250 -74.18 62.67 4.53
CA PRO B 1250 -73.41 62.16 5.67
C PRO B 1250 -72.42 63.17 6.24
N GLU B 1251 -72.12 64.25 5.49
CA GLU B 1251 -71.14 65.24 5.90
C GLU B 1251 -71.70 66.65 5.70
N HIS B 1252 -72.91 66.87 6.19
CA HIS B 1252 -73.51 68.19 6.09
C HIS B 1252 -72.70 69.20 6.89
N PRO B 1253 -72.48 70.41 6.36
CA PRO B 1253 -71.63 71.37 7.06
C PRO B 1253 -72.14 71.77 8.45
N HIS B 1254 -73.45 71.83 8.65
CA HIS B 1254 -74.00 72.29 9.93
C HIS B 1254 -75.13 71.40 10.42
N TYR B 1255 -75.25 70.18 9.91
CA TYR B 1255 -76.27 69.25 10.35
C TYR B 1255 -75.68 67.86 10.53
N GLU B 1256 -76.16 67.15 11.53
CA GLU B 1256 -75.69 65.80 11.82
C GLU B 1256 -76.79 65.03 12.55
N VAL B 1257 -76.98 63.77 12.17
CA VAL B 1257 -77.99 62.92 12.77
C VAL B 1257 -77.33 61.63 13.23
N ALA B 1258 -77.55 61.28 14.49
CA ALA B 1258 -77.00 60.06 15.09
C ALA B 1258 -78.14 59.16 15.51
N ARG B 1259 -78.06 57.88 15.11
CA ARG B 1259 -79.08 56.88 15.43
C ARG B 1259 -78.57 56.07 16.61
N MET B 1260 -78.91 56.50 17.81
CA MET B 1260 -78.49 55.80 19.03
C MET B 1260 -79.26 54.50 19.17
N ASP B 1261 -78.54 53.42 19.47
CA ASP B 1261 -79.18 52.12 19.64
C ASP B 1261 -80.04 52.10 20.91
N GLY B 1262 -81.22 51.49 20.80
CA GLY B 1262 -82.12 51.38 21.92
C GLY B 1262 -81.56 50.59 23.09
N THR B 1263 -81.69 51.12 24.30
CA THR B 1263 -81.21 50.46 25.50
C THR B 1263 -82.36 49.69 26.15
N VAL B 1264 -82.12 49.15 27.34
CA VAL B 1264 -83.16 48.41 28.06
C VAL B 1264 -84.29 49.36 28.46
N ASP B 1265 -83.95 50.53 28.99
CA ASP B 1265 -84.93 51.53 29.40
C ASP B 1265 -85.06 52.67 28.40
N THR B 1266 -84.39 52.58 27.25
CA THR B 1266 -84.43 53.63 26.25
C THR B 1266 -84.83 53.02 24.91
N PRO B 1267 -85.90 53.51 24.27
CA PRO B 1267 -86.30 52.97 22.97
C PRO B 1267 -85.31 53.38 21.89
N PRO B 1268 -85.31 52.71 20.74
CA PRO B 1268 -84.43 53.12 19.63
C PRO B 1268 -84.74 54.55 19.21
N CYS B 1269 -83.74 55.41 19.36
CA CYS B 1269 -83.91 56.85 19.19
C CYS B 1269 -82.96 57.37 18.13
N LEU B 1270 -83.43 58.36 17.36
CA LEU B 1270 -82.61 59.09 16.40
C LEU B 1270 -82.58 60.56 16.81
N ARG B 1271 -81.37 61.11 16.93
CA ARG B 1271 -81.18 62.46 17.43
C ARG B 1271 -80.65 63.36 16.33
N LEU B 1272 -81.25 64.54 16.20
CA LEU B 1272 -80.81 65.57 15.26
C LEU B 1272 -80.24 66.73 16.06
N ALA B 1273 -78.97 67.08 15.78
CA ALA B 1273 -78.28 68.14 16.48
C ALA B 1273 -77.60 69.06 15.49
N HIS B 1274 -77.44 70.32 15.89
CA HIS B 1274 -76.77 71.32 15.06
C HIS B 1274 -75.26 71.17 15.23
N ARG B 1275 -74.56 70.92 14.12
CA ARG B 1275 -73.11 70.76 14.18
C ARG B 1275 -72.44 72.05 14.64
N THR B 1276 -72.89 73.19 14.12
CA THR B 1276 -72.34 74.50 14.48
C THR B 1276 -73.46 75.36 15.05
N TRP B 1277 -73.21 75.93 16.22
CA TRP B 1277 -74.17 76.81 16.88
C TRP B 1277 -73.43 78.04 17.39
N GLY B 1278 -73.78 79.21 16.86
CA GLY B 1278 -73.13 80.44 17.25
C GLY B 1278 -71.73 80.65 16.70
N SER B 1279 -71.31 79.83 15.74
CA SER B 1279 -69.98 79.92 15.16
C SER B 1279 -70.11 80.07 13.65
N GLN B 1280 -69.36 81.01 13.08
CA GLN B 1280 -69.34 81.26 11.64
C GLN B 1280 -70.72 81.62 11.10
N ASN B 1281 -71.54 82.27 11.92
CA ASN B 1281 -72.89 82.71 11.55
C ASN B 1281 -73.73 81.53 11.05
N SER B 1282 -73.93 80.57 11.95
CA SER B 1282 -74.73 79.40 11.61
C SER B 1282 -76.18 79.78 11.35
N LEU B 1283 -76.76 79.20 10.31
CA LEU B 1283 -78.14 79.50 9.94
C LEU B 1283 -79.10 78.97 11.01
N VAL B 1284 -80.11 79.78 11.32
CA VAL B 1284 -81.13 79.43 12.30
C VAL B 1284 -82.52 79.38 11.67
N GLU B 1285 -82.59 79.31 10.35
CA GLU B 1285 -83.87 79.24 9.67
C GLU B 1285 -84.55 77.91 9.92
N MET B 1286 -85.88 77.92 9.91
CA MET B 1286 -86.65 76.70 10.13
C MET B 1286 -86.40 75.69 9.03
N LEU B 1287 -86.26 74.43 9.42
CA LEU B 1287 -85.96 73.35 8.49
C LEU B 1287 -87.15 72.40 8.41
N PHE B 1288 -87.40 71.90 7.21
CA PHE B 1288 -88.46 70.93 6.96
C PHE B 1288 -87.82 69.54 6.89
N LEU B 1289 -88.28 68.63 7.75
CA LEU B 1289 -87.68 67.30 7.84
C LEU B 1289 -88.79 66.26 7.81
N ARG B 1290 -88.58 65.21 7.02
CA ARG B 1290 -89.56 64.14 6.87
C ARG B 1290 -88.86 62.79 6.99
N LEU B 1291 -89.57 61.82 7.56
CA LEU B 1291 -89.03 60.48 7.68
C LEU B 1291 -89.10 59.74 6.34
N SER B 1292 -88.36 58.64 6.26
CA SER B 1292 -88.26 57.89 5.01
C SER B 1292 -89.45 56.96 4.82
N LEU B 1293 -89.71 56.09 5.80
CA LEU B 1293 -90.74 55.07 5.66
C LEU B 1293 -92.09 55.61 6.13
N PRO B 1294 -93.11 55.64 5.26
CA PRO B 1294 -94.43 56.10 5.71
C PRO B 1294 -95.27 54.97 6.29
N VAL B 1295 -96.51 55.28 6.66
CA VAL B 1295 -97.47 54.28 7.14
C VAL B 1295 -98.63 54.24 6.17
N GLN B 1296 -98.99 53.05 5.72
CA GLN B 1296 -100.04 52.85 4.73
C GLN B 1296 -101.36 52.55 5.44
N PHE B 1297 -102.36 53.39 5.20
CA PHE B 1297 -103.68 53.18 5.78
C PHE B 1297 -104.38 52.01 5.08
N HIS B 1298 -105.15 51.25 5.85
CA HIS B 1298 -105.89 50.12 5.31
C HIS B 1298 -106.98 50.62 4.36
N GLN B 1299 -107.13 49.92 3.23
CA GLN B 1299 -108.16 50.29 2.27
C GLN B 1299 -109.55 50.14 2.86
N HIS B 1300 -109.79 49.06 3.58
CA HIS B 1300 -111.09 48.84 4.22
C HIS B 1300 -111.27 49.79 5.40
N PHE B 1301 -112.52 50.18 5.64
CA PHE B 1301 -112.88 51.07 6.74
C PHE B 1301 -114.07 50.45 7.48
N ARG B 1302 -113.78 49.69 8.52
CA ARG B 1302 -114.82 49.03 9.30
C ARG B 1302 -115.47 50.02 10.28
N ILE B 1427 -104.73 41.65 22.43
CA ILE B 1427 -104.49 43.08 22.25
C ILE B 1427 -103.44 43.30 21.17
N LEU B 1428 -102.86 42.21 20.66
CA LEU B 1428 -101.85 42.31 19.62
C LEU B 1428 -102.42 42.67 18.26
N ASN B 1429 -103.74 42.59 18.07
CA ASN B 1429 -104.38 42.89 16.81
C ASN B 1429 -104.77 44.37 16.69
N THR B 1430 -104.21 45.24 17.52
CA THR B 1430 -104.54 46.65 17.47
C THR B 1430 -104.04 47.27 16.17
N THR B 1431 -104.82 48.20 15.62
CA THR B 1431 -104.48 48.89 14.40
C THR B 1431 -103.90 50.28 14.65
N THR B 1432 -103.61 50.62 15.91
CA THR B 1432 -103.07 51.93 16.26
C THR B 1432 -101.55 51.83 16.39
N TYR B 1433 -100.86 52.88 15.92
CA TYR B 1433 -99.41 52.95 15.98
C TYR B 1433 -99.01 54.32 16.50
N TYR B 1434 -98.06 54.35 17.43
CA TYR B 1434 -97.69 55.56 18.14
C TYR B 1434 -96.19 55.79 18.08
N TYR B 1435 -95.80 57.04 17.84
CA TYR B 1435 -94.41 57.46 17.87
C TYR B 1435 -94.30 58.77 18.63
N SER B 1436 -93.14 58.98 19.25
CA SER B 1436 -92.93 60.13 20.12
C SER B 1436 -91.63 60.83 19.77
N VAL B 1437 -91.57 62.12 20.06
CA VAL B 1437 -90.38 62.94 19.89
C VAL B 1437 -90.08 63.64 21.21
N ARG B 1438 -88.82 63.58 21.64
CA ARG B 1438 -88.40 64.23 22.88
C ARG B 1438 -87.73 65.55 22.51
N VAL B 1439 -88.44 66.66 22.76
CA VAL B 1439 -87.91 67.98 22.49
C VAL B 1439 -86.95 68.35 23.62
N PHE B 1440 -85.67 68.50 23.29
CA PHE B 1440 -84.67 68.80 24.29
C PHE B 1440 -84.78 70.25 24.76
N ALA B 1441 -84.12 70.53 25.87
CA ALA B 1441 -84.14 71.87 26.44
C ALA B 1441 -83.46 72.87 25.52
N GLY B 1442 -83.90 74.12 25.60
CA GLY B 1442 -83.38 75.17 24.75
C GLY B 1442 -84.13 75.38 23.45
N GLN B 1443 -85.13 74.54 23.16
CA GLN B 1443 -85.94 74.67 21.95
C GLN B 1443 -87.33 75.16 22.33
N GLU B 1444 -87.73 76.29 21.77
CA GLU B 1444 -89.04 76.87 22.11
C GLU B 1444 -90.15 76.03 21.49
N PRO B 1445 -91.17 75.65 22.25
CA PRO B 1445 -92.30 74.92 21.66
C PRO B 1445 -92.98 75.70 20.52
N SER B 1446 -92.95 77.03 20.56
CA SER B 1446 -93.60 77.82 19.53
C SER B 1446 -93.00 77.59 18.15
N CYS B 1447 -91.78 77.07 18.07
CA CYS B 1447 -91.14 76.76 16.80
C CYS B 1447 -91.06 75.24 16.58
N VAL B 1448 -91.99 74.49 17.15
CA VAL B 1448 -92.01 73.04 17.06
C VAL B 1448 -93.33 72.62 16.41
N TRP B 1449 -93.23 71.80 15.36
CA TRP B 1449 -94.39 71.28 14.65
C TRP B 1449 -94.16 69.80 14.38
N VAL B 1450 -94.89 68.94 15.08
CA VAL B 1450 -94.73 67.50 14.96
C VAL B 1450 -96.09 66.87 14.63
N GLY B 1451 -96.09 65.95 13.67
CA GLY B 1451 -97.31 65.26 13.28
C GLY B 1451 -97.12 64.38 12.06
N TRP B 1452 -98.03 64.50 11.10
CA TRP B 1452 -97.99 63.69 9.88
C TRP B 1452 -98.12 64.59 8.66
N VAL B 1453 -97.40 64.23 7.59
CA VAL B 1453 -97.31 65.06 6.39
C VAL B 1453 -97.72 64.22 5.18
N THR B 1454 -98.60 64.77 4.35
CA THR B 1454 -98.94 64.14 3.09
C THR B 1454 -97.74 64.19 2.14
N PRO B 1455 -97.46 63.10 1.41
CA PRO B 1455 -96.28 63.09 0.51
C PRO B 1455 -96.34 64.12 -0.61
N ASP B 1456 -97.41 64.90 -0.68
CA ASP B 1456 -97.55 65.97 -1.66
C ASP B 1456 -97.15 67.33 -1.10
N TYR B 1457 -96.18 67.35 -0.18
CA TYR B 1457 -95.76 68.58 0.49
C TYR B 1457 -94.61 69.20 -0.30
N HIS B 1458 -94.80 70.44 -0.75
CA HIS B 1458 -93.79 71.17 -1.50
C HIS B 1458 -93.69 72.61 -1.01
N GLN B 1459 -93.68 72.81 0.30
CA GLN B 1459 -93.60 74.13 0.91
C GLN B 1459 -92.27 74.28 1.64
N HIS B 1460 -91.54 75.34 1.32
CA HIS B 1460 -90.25 75.65 1.94
C HIS B 1460 -90.20 77.11 2.36
N ASP B 1461 -91.28 77.56 3.01
CA ASP B 1461 -91.37 78.95 3.46
C ASP B 1461 -90.84 79.07 4.88
N MET B 1462 -90.02 80.10 5.12
CA MET B 1462 -89.48 80.32 6.45
C MET B 1462 -90.59 80.63 7.46
N ASN B 1463 -91.56 81.45 7.06
CA ASN B 1463 -92.68 81.81 7.94
C ASN B 1463 -93.69 80.66 7.94
N PHE B 1464 -93.41 79.67 8.79
CA PHE B 1464 -94.26 78.49 8.93
C PHE B 1464 -95.22 78.71 10.09
N ASP B 1465 -96.51 78.52 9.83
CA ASP B 1465 -97.54 78.66 10.85
C ASP B 1465 -98.68 77.71 10.56
N LEU B 1466 -99.45 77.38 11.60
CA LEU B 1466 -100.59 76.50 11.42
C LEU B 1466 -101.67 77.16 10.56
N SER B 1467 -101.85 78.47 10.70
CA SER B 1467 -102.83 79.18 9.88
C SER B 1467 -102.44 79.16 8.40
N LYS B 1468 -101.14 79.21 8.10
CA LYS B 1468 -100.66 79.16 6.72
C LYS B 1468 -100.46 77.73 6.24
N VAL B 1469 -101.54 76.94 6.30
CA VAL B 1469 -101.52 75.54 5.88
C VAL B 1469 -102.56 75.37 4.79
N ARG B 1470 -102.15 74.79 3.66
CA ARG B 1470 -103.05 74.56 2.54
C ARG B 1470 -103.99 73.41 2.87
N ALA B 1471 -105.29 73.65 2.73
CA ALA B 1471 -106.29 72.64 3.02
C ALA B 1471 -107.59 72.98 2.30
N VAL B 1472 -108.35 71.93 1.96
CA VAL B 1472 -109.64 72.09 1.32
C VAL B 1472 -110.61 71.08 1.94
N THR B 1473 -111.90 71.39 1.82
CA THR B 1473 -112.97 70.53 2.31
C THR B 1473 -113.93 70.23 1.17
N VAL B 1474 -114.21 68.95 0.95
CA VAL B 1474 -115.10 68.50 -0.11
C VAL B 1474 -116.48 68.27 0.47
N THR B 1475 -117.49 68.87 -0.16
CA THR B 1475 -118.88 68.73 0.25
C THR B 1475 -119.71 68.28 -0.94
N MET B 1476 -120.44 67.19 -0.78
CA MET B 1476 -121.26 66.65 -1.85
C MET B 1476 -122.74 66.72 -1.50
N HIS B 1484 -124.53 65.45 0.88
CA HIS B 1484 -124.38 64.01 0.82
C HIS B 1484 -123.22 63.54 1.69
N SER B 1485 -122.09 64.23 1.59
CA SER B 1485 -120.91 63.89 2.36
C SER B 1485 -120.08 65.14 2.61
N SER B 1486 -119.24 65.08 3.63
CA SER B 1486 -118.38 66.21 3.99
C SER B 1486 -117.10 65.66 4.59
N LEU B 1487 -115.98 65.86 3.88
CA LEU B 1487 -114.68 65.41 4.34
C LEU B 1487 -113.65 66.51 4.13
N LYS B 1488 -112.61 66.49 4.95
CA LYS B 1488 -111.55 67.49 4.90
C LYS B 1488 -110.23 66.80 4.59
N CYS B 1489 -109.54 67.31 3.56
CA CYS B 1489 -108.24 66.80 3.16
C CYS B 1489 -107.21 67.92 3.22
N SER B 1490 -106.06 67.64 3.84
CA SER B 1490 -105.02 68.63 4.03
C SER B 1490 -103.66 68.04 3.69
N ASN B 1491 -102.73 68.92 3.31
CA ASN B 1491 -101.37 68.50 3.00
C ASN B 1491 -100.57 68.11 4.23
N CYS B 1492 -101.05 68.45 5.43
CA CYS B 1492 -100.28 68.19 6.64
C CYS B 1492 -101.21 68.29 7.84
N TYR B 1493 -100.81 67.62 8.92
CA TYR B 1493 -101.60 67.59 10.16
C TYR B 1493 -100.66 67.74 11.36
N MET B 1494 -100.41 68.98 11.76
CA MET B 1494 -99.69 69.26 13.00
C MET B 1494 -100.62 69.98 13.97
N VAL B 1495 -100.13 70.12 15.20
CA VAL B 1495 -100.71 71.02 16.20
C VAL B 1495 -99.58 71.90 16.71
N TRP B 1496 -99.82 73.22 16.72
CA TRP B 1496 -98.76 74.16 17.06
C TRP B 1496 -98.27 73.94 18.49
N GLY B 1497 -96.95 73.85 18.66
CA GLY B 1497 -96.39 73.64 19.98
C GLY B 1497 -96.60 74.80 20.92
N GLY B 1498 -96.58 76.03 20.39
CA GLY B 1498 -96.78 77.19 21.25
C GLY B 1498 -98.15 77.20 21.91
N ASP B 1499 -99.20 76.88 21.15
CA ASP B 1499 -100.52 76.77 21.73
C ASP B 1499 -100.67 75.50 22.55
N PHE B 1500 -99.95 74.44 22.18
CA PHE B 1500 -100.01 73.19 22.93
C PHE B 1500 -99.44 73.37 24.34
N VAL B 1501 -98.32 74.10 24.46
CA VAL B 1501 -97.69 74.32 25.75
C VAL B 1501 -96.90 75.62 25.73
N HIS B 1511 -87.78 74.97 31.28
CA HIS B 1511 -86.70 74.13 30.75
C HIS B 1511 -87.14 72.66 30.66
N THR B 1512 -88.44 72.43 30.81
CA THR B 1512 -88.97 71.07 30.74
C THR B 1512 -88.95 70.57 29.31
N ASP B 1513 -88.89 69.25 29.16
CA ASP B 1513 -88.86 68.60 27.86
C ASP B 1513 -90.29 68.24 27.44
N LEU B 1514 -90.71 68.73 26.28
CA LEU B 1514 -92.05 68.47 25.76
C LEU B 1514 -92.01 67.21 24.91
N VAL B 1515 -92.56 66.11 25.45
CA VAL B 1515 -92.57 64.83 24.76
C VAL B 1515 -93.84 64.79 23.93
N ILE B 1516 -93.74 65.27 22.69
CA ILE B 1516 -94.87 65.30 21.78
C ILE B 1516 -95.07 63.91 21.19
N GLY B 1517 -96.30 63.41 21.25
CA GLY B 1517 -96.62 62.10 20.71
C GLY B 1517 -97.81 62.19 19.77
N CYS B 1518 -97.85 61.24 18.84
CA CYS B 1518 -98.93 61.15 17.85
C CYS B 1518 -99.43 59.71 17.77
N LEU B 1519 -100.74 59.55 17.88
CA LEU B 1519 -101.38 58.24 17.79
C LEU B 1519 -102.24 58.21 16.53
N VAL B 1520 -102.01 57.21 15.67
CA VAL B 1520 -102.74 57.04 14.43
C VAL B 1520 -103.22 55.61 14.34
N ASP B 1521 -104.52 55.43 14.11
CA ASP B 1521 -105.13 54.12 13.91
C ASP B 1521 -105.58 54.02 12.46
N LEU B 1522 -105.02 53.06 11.73
CA LEU B 1522 -105.34 52.91 10.31
C LEU B 1522 -106.80 52.51 10.11
N ALA B 1523 -107.30 51.58 10.93
CA ALA B 1523 -108.68 51.15 10.78
C ALA B 1523 -109.66 52.25 11.20
N THR B 1524 -109.39 52.91 12.32
CA THR B 1524 -110.30 53.97 12.78
C THR B 1524 -110.28 55.17 11.84
N GLY B 1525 -109.11 55.54 11.33
CA GLY B 1525 -108.98 56.68 10.46
C GLY B 1525 -108.85 58.02 11.16
N LEU B 1526 -108.78 58.04 12.49
CA LEU B 1526 -108.66 59.26 13.26
C LEU B 1526 -107.28 59.33 13.91
N MET B 1527 -106.73 60.54 13.98
CA MET B 1527 -105.40 60.76 14.53
C MET B 1527 -105.52 61.55 15.83
N THR B 1528 -104.80 61.10 16.86
CA THR B 1528 -104.80 61.76 18.16
C THR B 1528 -103.37 62.03 18.59
N PHE B 1529 -103.20 63.09 19.39
CA PHE B 1529 -101.88 63.49 19.88
C PHE B 1529 -101.92 63.56 21.40
N THR B 1530 -100.94 62.94 22.04
CA THR B 1530 -100.81 62.94 23.49
C THR B 1530 -99.41 63.40 23.87
N ALA B 1531 -99.33 64.35 24.80
CA ALA B 1531 -98.06 64.88 25.27
C ALA B 1531 -97.94 64.67 26.77
N ASN B 1532 -96.85 64.04 27.19
CA ASN B 1532 -96.59 63.78 28.61
C ASN B 1532 -97.74 63.04 29.28
N GLY B 1533 -98.33 62.10 28.55
CA GLY B 1533 -99.44 61.32 29.07
C GLY B 1533 -100.77 62.02 29.12
N LYS B 1534 -100.88 63.21 28.51
CA LYS B 1534 -102.11 63.98 28.50
C LYS B 1534 -102.67 64.03 27.08
N GLU B 1535 -103.93 63.63 26.94
CA GLU B 1535 -104.57 63.60 25.63
C GLU B 1535 -104.94 65.02 25.18
N SER B 1536 -105.24 65.14 23.89
CA SER B 1536 -105.61 66.42 23.30
C SER B 1536 -106.88 66.25 22.47
N ASN B 1537 -107.64 67.34 22.36
CA ASN B 1537 -108.90 67.32 21.63
C ASN B 1537 -108.71 67.52 20.13
N THR B 1538 -107.49 67.77 19.67
CA THR B 1538 -107.25 67.97 18.25
C THR B 1538 -107.31 66.63 17.51
N PHE B 1539 -108.27 66.50 16.60
CA PHE B 1539 -108.48 65.27 15.86
C PHE B 1539 -108.59 65.58 14.37
N PHE B 1540 -108.00 64.71 13.55
CA PHE B 1540 -108.05 64.84 12.10
C PHE B 1540 -108.45 63.51 11.49
N GLN B 1541 -109.27 63.56 10.45
CA GLN B 1541 -109.76 62.37 9.76
C GLN B 1541 -109.20 62.38 8.33
N VAL B 1542 -108.21 61.53 8.09
CA VAL B 1542 -107.59 61.41 6.78
C VAL B 1542 -108.43 60.49 5.91
N GLU B 1543 -108.14 60.47 4.60
CA GLU B 1543 -108.86 59.60 3.69
C GLU B 1543 -108.53 58.14 3.98
N PRO B 1544 -109.44 57.21 3.66
CA PRO B 1544 -109.18 55.79 3.95
C PRO B 1544 -107.94 55.25 3.27
N ASN B 1545 -107.63 55.70 2.05
CA ASN B 1545 -106.45 55.25 1.31
C ASN B 1545 -105.46 56.41 1.27
N THR B 1546 -104.48 56.38 2.16
CA THR B 1546 -103.51 57.45 2.30
C THR B 1546 -102.14 56.88 2.62
N LYS B 1547 -101.11 57.71 2.43
CA LYS B 1547 -99.72 57.34 2.63
C LYS B 1547 -98.98 58.42 3.41
N LEU B 1548 -99.57 58.85 4.54
CA LEU B 1548 -98.96 59.88 5.36
C LEU B 1548 -97.58 59.46 5.86
N PHE B 1549 -96.67 60.44 5.91
CA PHE B 1549 -95.32 60.31 6.44
C PHE B 1549 -95.24 60.98 7.81
N PRO B 1550 -94.36 60.51 8.69
CA PRO B 1550 -94.11 61.24 9.93
C PRO B 1550 -93.57 62.63 9.64
N ALA B 1551 -94.05 63.60 10.41
CA ALA B 1551 -93.74 65.01 10.17
C ALA B 1551 -93.19 65.64 11.44
N VAL B 1552 -92.04 66.29 11.33
CA VAL B 1552 -91.52 67.17 12.37
C VAL B 1552 -90.67 68.25 11.72
N PHE B 1553 -91.08 69.51 11.89
CA PHE B 1553 -90.38 70.68 11.37
C PHE B 1553 -90.14 71.63 12.53
N VAL B 1554 -88.87 71.88 12.84
CA VAL B 1554 -88.51 72.73 13.97
C VAL B 1554 -87.54 73.80 13.49
N LEU B 1555 -87.49 74.91 14.23
CA LEU B 1555 -86.50 75.95 13.98
C LEU B 1555 -85.36 75.79 14.98
N PRO B 1556 -84.13 75.61 14.53
CA PRO B 1556 -83.03 75.33 15.48
C PRO B 1556 -82.66 76.53 16.33
N THR B 1557 -83.06 76.49 17.60
CA THR B 1557 -82.68 77.51 18.58
C THR B 1557 -81.76 76.94 19.66
N HIS B 1558 -81.24 75.73 19.44
CA HIS B 1558 -80.40 75.06 20.43
C HIS B 1558 -79.48 74.10 19.69
N GLN B 1559 -78.44 73.64 20.40
CA GLN B 1559 -77.51 72.68 19.80
C GLN B 1559 -78.22 71.40 19.40
N ASN B 1560 -79.11 70.90 20.26
CA ASN B 1560 -79.94 69.73 19.96
C ASN B 1560 -81.38 70.21 19.83
N VAL B 1561 -81.89 70.22 18.59
CA VAL B 1561 -83.22 70.75 18.34
C VAL B 1561 -84.29 69.75 18.76
N ILE B 1562 -84.29 68.56 18.14
CA ILE B 1562 -85.29 67.54 18.43
C ILE B 1562 -84.70 66.18 18.13
N GLN B 1563 -85.17 65.17 18.86
CA GLN B 1563 -84.69 63.81 18.72
C GLN B 1563 -85.88 62.86 18.64
N PHE B 1564 -85.76 61.84 17.81
CA PHE B 1564 -86.83 60.86 17.63
C PHE B 1564 -86.85 59.87 18.79
N GLU B 1565 -88.01 59.24 18.97
CA GLU B 1565 -88.16 58.19 19.98
C GLU B 1565 -89.20 57.20 19.47
N LEU B 1566 -88.73 56.13 18.83
CA LEU B 1566 -89.60 55.10 18.29
C LEU B 1566 -89.73 53.99 19.32
N GLY B 1567 -90.74 54.10 20.17
CA GLY B 1567 -90.97 53.12 21.22
C GLY B 1567 -92.43 52.73 21.31
N LYS B 1568 -92.67 51.47 21.61
CA LYS B 1568 -94.03 50.97 21.75
C LYS B 1568 -94.67 51.52 23.02
N GLN B 1569 -95.96 51.81 22.94
CA GLN B 1569 -96.70 52.33 24.09
C GLN B 1569 -97.09 51.17 25.01
N LYS B 1570 -97.96 51.46 25.99
CA LYS B 1570 -98.40 50.42 26.91
C LYS B 1570 -99.18 49.32 26.19
N ASN B 1571 -100.06 49.71 25.27
CA ASN B 1571 -100.85 48.75 24.52
C ASN B 1571 -100.93 49.08 23.03
N ILE B 1572 -100.14 50.02 22.53
CA ILE B 1572 -100.16 50.43 21.13
C ILE B 1572 -98.92 49.89 20.45
N MET B 1573 -99.10 49.25 19.30
CA MET B 1573 -97.99 48.66 18.57
C MET B 1573 -97.03 49.75 18.08
N PRO B 1574 -95.74 49.45 18.02
CA PRO B 1574 -94.76 50.44 17.55
C PRO B 1574 -94.95 50.76 16.07
N LEU B 1575 -94.51 51.96 15.69
CA LEU B 1575 -94.65 52.42 14.31
C LEU B 1575 -93.86 51.54 13.35
N SER B 1576 -92.81 50.88 13.82
CA SER B 1576 -92.03 49.99 12.97
C SER B 1576 -92.87 48.82 12.48
N ALA B 1577 -93.85 48.38 13.27
CA ALA B 1577 -94.73 47.30 12.84
C ALA B 1577 -95.55 47.71 11.61
N ALA B 1578 -96.08 48.94 11.61
CA ALA B 1578 -96.83 49.42 10.47
C ALA B 1578 -95.95 49.77 9.29
N MET B 1579 -94.75 50.30 9.55
CA MET B 1579 -93.86 50.70 8.46
C MET B 1579 -93.41 49.49 7.64
N PHE B 1580 -93.11 48.37 8.30
CA PHE B 1580 -92.54 47.20 7.65
C PHE B 1580 -93.56 46.08 7.65
N LEU B 1581 -93.81 45.51 6.47
CA LEU B 1581 -94.74 44.38 6.35
C LEU B 1581 -94.22 43.15 7.09
N SER B 1582 -92.91 42.88 6.98
CA SER B 1582 -92.35 41.70 7.63
C SER B 1582 -92.45 41.78 9.14
N GLU B 1583 -92.18 42.96 9.71
CA GLU B 1583 -92.21 43.16 11.14
C GLU B 1583 -93.58 43.59 11.65
N ARG B 1584 -94.66 43.26 10.91
CA ARG B 1584 -96.00 43.65 11.34
C ARG B 1584 -96.38 43.00 12.67
N LYS B 1585 -96.06 41.72 12.84
CA LYS B 1585 -96.38 41.01 14.06
C LYS B 1585 -95.34 41.20 15.15
N ASN B 1586 -94.18 41.76 14.83
CA ASN B 1586 -93.13 41.97 15.82
C ASN B 1586 -93.44 43.19 16.66
N PRO B 1587 -93.57 43.06 17.98
CA PRO B 1587 -93.84 44.24 18.83
C PRO B 1587 -92.61 44.97 19.32
N ALA B 1588 -91.40 44.50 18.99
CA ALA B 1588 -90.18 45.14 19.44
C ALA B 1588 -89.78 46.24 18.46
N PRO B 1589 -89.70 47.50 18.89
CA PRO B 1589 -89.30 48.57 17.97
C PRO B 1589 -87.87 48.37 17.49
N GLN B 1590 -87.63 48.75 16.23
CA GLN B 1590 -86.31 48.66 15.62
C GLN B 1590 -86.03 49.94 14.85
N CYS B 1591 -84.74 50.17 14.57
CA CYS B 1591 -84.29 51.34 13.82
C CYS B 1591 -83.39 50.88 12.68
N PRO B 1592 -83.96 50.29 11.63
CA PRO B 1592 -83.16 49.78 10.52
C PRO B 1592 -82.55 50.92 9.72
N PRO B 1593 -81.48 50.64 8.95
CA PRO B 1593 -80.81 51.73 8.21
C PRO B 1593 -81.71 52.44 7.20
N ARG B 1594 -82.76 51.79 6.69
CA ARG B 1594 -83.62 52.46 5.73
C ARG B 1594 -84.40 53.59 6.36
N LEU B 1595 -84.63 53.53 7.68
CA LEU B 1595 -85.37 54.58 8.39
C LEU B 1595 -84.43 55.74 8.66
N GLU B 1596 -84.19 56.53 7.62
CA GLU B 1596 -83.31 57.69 7.70
C GLU B 1596 -84.09 58.97 7.52
N VAL B 1597 -83.61 60.04 8.16
CA VAL B 1597 -84.27 61.33 8.07
C VAL B 1597 -83.98 61.97 6.72
N GLN B 1598 -84.93 62.79 6.24
CA GLN B 1598 -84.82 63.46 4.96
C GLN B 1598 -85.26 64.90 5.14
N MET B 1599 -84.45 65.84 4.63
CA MET B 1599 -84.83 67.24 4.62
C MET B 1599 -85.31 67.67 3.25
N LEU B 1600 -86.04 68.78 3.23
CA LEU B 1600 -86.66 69.32 2.01
C LEU B 1600 -85.67 70.26 1.34
N MET B 1601 -84.97 69.76 0.32
CA MET B 1601 -84.08 70.62 -0.46
C MET B 1601 -84.91 71.61 -1.26
N PRO B 1602 -84.57 72.90 -1.24
CA PRO B 1602 -85.39 73.89 -1.97
C PRO B 1602 -85.46 73.64 -3.46
N VAL B 1603 -84.39 73.15 -4.08
CA VAL B 1603 -84.35 72.93 -5.52
C VAL B 1603 -83.59 71.64 -5.78
N SER B 1604 -84.12 70.82 -6.71
CA SER B 1604 -83.50 69.57 -7.11
C SER B 1604 -83.43 69.50 -8.63
N TRP B 1605 -82.37 68.88 -9.13
CA TRP B 1605 -82.17 68.78 -10.56
C TRP B 1605 -83.21 67.87 -11.20
N SER B 1606 -83.75 68.30 -12.34
CA SER B 1606 -84.71 67.52 -13.10
C SER B 1606 -84.37 67.61 -14.58
N ARG B 1607 -84.48 66.48 -15.28
CA ARG B 1607 -84.15 66.44 -16.70
C ARG B 1607 -85.26 67.09 -17.52
N MET B 1608 -84.87 67.99 -18.41
CA MET B 1608 -85.84 68.64 -19.29
C MET B 1608 -86.13 67.74 -20.48
N PRO B 1609 -87.40 67.45 -20.77
CA PRO B 1609 -87.73 66.58 -21.90
C PRO B 1609 -87.25 67.17 -23.22
N ASN B 1610 -86.78 66.29 -24.11
CA ASN B 1610 -86.30 66.74 -25.41
C ASN B 1610 -87.45 67.24 -26.28
N HIS B 1611 -88.57 66.53 -26.28
CA HIS B 1611 -89.74 66.88 -27.10
C HIS B 1611 -90.88 67.30 -26.20
N PHE B 1612 -91.46 68.46 -26.50
CA PHE B 1612 -92.59 69.00 -25.74
C PHE B 1612 -93.87 68.90 -26.56
N LEU B 1613 -95.00 69.03 -25.87
CA LEU B 1613 -96.29 68.98 -26.53
C LEU B 1613 -96.50 70.23 -27.37
N GLN B 1614 -96.95 70.06 -28.60
CA GLN B 1614 -97.19 71.16 -29.52
C GLN B 1614 -98.59 71.71 -29.29
N VAL B 1615 -98.68 72.90 -28.69
CA VAL B 1615 -99.94 73.54 -28.37
C VAL B 1615 -100.05 74.84 -29.15
N GLU B 1616 -101.17 75.03 -29.84
CA GLU B 1616 -101.43 76.24 -30.62
C GLU B 1616 -102.77 76.82 -30.21
N THR B 1617 -102.79 78.12 -29.94
CA THR B 1617 -103.99 78.81 -29.51
C THR B 1617 -104.28 79.98 -30.43
N ARG B 1618 -105.57 80.28 -30.62
CA ARG B 1618 -106.00 81.37 -31.47
C ARG B 1618 -107.41 81.77 -31.07
N ARG B 1619 -107.81 82.96 -31.52
CA ARG B 1619 -109.16 83.47 -31.24
C ARG B 1619 -110.13 82.88 -32.26
N ALA B 1620 -111.04 82.03 -31.79
CA ALA B 1620 -112.01 81.41 -32.69
C ALA B 1620 -112.92 82.44 -33.33
N GLY B 1621 -113.41 83.40 -32.54
CA GLY B 1621 -114.29 84.41 -33.06
C GLY B 1621 -114.77 85.32 -31.95
N GLU B 1622 -115.62 86.29 -32.34
CA GLU B 1622 -116.16 87.22 -31.37
C GLU B 1622 -117.16 86.56 -30.43
N ARG B 1623 -117.87 85.52 -30.91
CA ARG B 1623 -118.87 84.84 -30.10
C ARG B 1623 -118.43 83.46 -29.63
N LEU B 1624 -117.40 82.86 -30.24
CA LEU B 1624 -116.91 81.56 -29.85
C LEU B 1624 -115.81 81.61 -28.79
N GLY B 1625 -115.32 82.80 -28.47
CA GLY B 1625 -114.28 82.93 -27.46
C GLY B 1625 -112.94 82.40 -27.92
N TRP B 1626 -112.03 82.28 -26.96
CA TRP B 1626 -110.71 81.73 -27.24
C TRP B 1626 -110.81 80.23 -27.46
N ALA B 1627 -109.97 79.72 -28.36
CA ALA B 1627 -109.94 78.31 -28.71
C ALA B 1627 -108.50 77.81 -28.75
N VAL B 1628 -108.30 76.60 -28.25
CA VAL B 1628 -107.00 75.93 -28.30
C VAL B 1628 -107.21 74.53 -28.87
N GLN B 1629 -106.17 74.01 -29.53
CA GLN B 1629 -106.25 72.71 -30.15
C GLN B 1629 -104.85 72.13 -30.30
N CYS B 1630 -104.66 70.92 -29.77
CA CYS B 1630 -103.40 70.20 -29.89
C CYS B 1630 -103.69 68.78 -30.36
N GLN B 1631 -102.98 68.35 -31.40
CA GLN B 1631 -103.12 67.00 -31.95
C GLN B 1631 -101.71 66.42 -32.09
N ASP B 1632 -101.20 65.82 -31.02
CA ASP B 1632 -99.89 65.20 -31.03
C ASP B 1632 -99.81 64.11 -29.96
N PRO B 1633 -99.71 62.85 -30.34
CA PRO B 1633 -99.62 61.78 -29.35
C PRO B 1633 -98.20 61.67 -28.79
N LEU B 1634 -98.04 62.11 -27.54
CA LEU B 1634 -96.77 62.07 -26.85
C LEU B 1634 -96.92 61.22 -25.59
N THR B 1635 -96.03 60.24 -25.43
CA THR B 1635 -96.08 59.34 -24.29
C THR B 1635 -94.73 59.32 -23.60
N MET B 1636 -94.75 59.01 -22.30
CA MET B 1636 -93.55 59.10 -21.48
C MET B 1636 -93.52 57.94 -20.51
N MET B 1637 -92.30 57.49 -20.22
CA MET B 1637 -92.05 56.45 -19.24
C MET B 1637 -91.86 57.05 -17.87
N ALA B 1638 -92.53 56.48 -16.87
CA ALA B 1638 -92.53 57.02 -15.52
C ALA B 1638 -91.94 56.00 -14.55
N LEU B 1639 -91.01 56.46 -13.72
CA LEU B 1639 -90.43 55.65 -12.64
C LEU B 1639 -90.97 56.19 -11.32
N HIS B 1640 -91.72 55.36 -10.60
CA HIS B 1640 -92.36 55.77 -9.35
C HIS B 1640 -91.83 54.90 -8.22
N ILE B 1641 -91.40 55.54 -7.14
CA ILE B 1641 -90.91 54.84 -5.95
C ILE B 1641 -92.09 54.57 -5.03
N PRO B 1642 -92.38 53.31 -4.71
CA PRO B 1642 -93.51 53.04 -3.79
C PRO B 1642 -93.34 53.65 -2.41
N GLU B 1643 -92.11 53.82 -1.93
CA GLU B 1643 -91.90 54.36 -0.60
C GLU B 1643 -92.42 55.78 -0.50
N GLU B 1644 -92.01 56.66 -1.40
CA GLU B 1644 -92.45 58.05 -1.43
C GLU B 1644 -93.07 58.35 -2.78
N ASN B 1645 -94.30 58.86 -2.75
CA ASN B 1645 -95.04 59.13 -3.99
C ASN B 1645 -94.33 60.17 -4.83
N ARG B 1646 -93.78 59.73 -5.97
CA ARG B 1646 -93.05 60.63 -6.86
C ARG B 1646 -93.01 60.01 -8.25
N CYS B 1647 -92.75 60.85 -9.24
CA CYS B 1647 -92.62 60.42 -10.63
C CYS B 1647 -91.27 60.87 -11.17
N MET B 1648 -90.54 59.94 -11.77
CA MET B 1648 -89.23 60.22 -12.33
C MET B 1648 -89.15 59.66 -13.75
N ASP B 1649 -88.48 60.41 -14.62
CA ASP B 1649 -88.32 59.97 -16.00
C ASP B 1649 -87.38 58.78 -16.08
N ILE B 1650 -87.65 57.89 -17.04
CA ILE B 1650 -86.75 56.77 -17.28
C ILE B 1650 -85.39 57.24 -17.78
N LEU B 1651 -85.33 58.44 -18.37
CA LEU B 1651 -84.08 59.02 -18.85
C LEU B 1651 -83.37 59.85 -17.78
N GLU B 1652 -83.98 60.03 -16.61
CA GLU B 1652 -83.37 60.76 -15.52
C GLU B 1652 -82.28 59.97 -14.82
N LEU B 1653 -82.10 58.70 -15.15
CA LEU B 1653 -81.10 57.85 -14.50
C LEU B 1653 -79.70 58.05 -15.05
N SER B 1654 -79.52 58.95 -16.02
CA SER B 1654 -78.18 59.24 -16.53
C SER B 1654 -77.30 59.84 -15.44
N GLU B 1655 -77.88 60.55 -14.49
CA GLU B 1655 -77.15 61.10 -13.36
C GLU B 1655 -77.38 60.33 -12.06
N ARG B 1656 -78.51 59.63 -11.92
CA ARG B 1656 -78.80 58.84 -10.73
C ARG B 1656 -78.20 57.44 -10.93
N LEU B 1657 -76.92 57.33 -10.60
CA LEU B 1657 -76.20 56.08 -10.83
C LEU B 1657 -76.75 54.95 -9.95
N ASP B 1658 -77.07 55.25 -8.69
CA ASP B 1658 -77.56 54.22 -7.79
C ASP B 1658 -78.91 53.68 -8.25
N LEU B 1659 -79.84 54.56 -8.60
CA LEU B 1659 -81.14 54.12 -9.08
C LEU B 1659 -81.04 53.39 -10.41
N GLN B 1660 -80.17 53.85 -11.31
CA GLN B 1660 -79.97 53.15 -12.57
C GLN B 1660 -79.43 51.75 -12.35
N ARG B 1661 -78.45 51.60 -11.44
CA ARG B 1661 -77.93 50.28 -11.13
C ARG B 1661 -79.00 49.39 -10.51
N PHE B 1662 -79.82 49.95 -9.61
CA PHE B 1662 -80.88 49.18 -9.00
C PHE B 1662 -81.89 48.71 -10.04
N HIS B 1663 -82.26 49.58 -10.98
CA HIS B 1663 -83.20 49.18 -12.03
C HIS B 1663 -82.59 48.13 -12.96
N SER B 1664 -81.31 48.27 -13.28
CA SER B 1664 -80.65 47.27 -14.12
C SER B 1664 -80.62 45.92 -13.41
N HIS B 1665 -80.32 45.91 -12.12
CA HIS B 1665 -80.32 44.65 -11.38
C HIS B 1665 -81.73 44.08 -11.22
N THR B 1666 -82.74 44.94 -11.12
CA THR B 1666 -84.11 44.47 -11.10
C THR B 1666 -84.47 43.79 -12.42
N LEU B 1667 -84.07 44.38 -13.54
CA LEU B 1667 -84.29 43.75 -14.83
C LEU B 1667 -83.53 42.42 -14.93
N ARG B 1668 -82.30 42.39 -14.40
CA ARG B 1668 -81.53 41.15 -14.38
C ARG B 1668 -82.24 40.07 -13.57
N LEU B 1669 -82.81 40.44 -12.42
CA LEU B 1669 -83.57 39.49 -11.62
C LEU B 1669 -84.80 38.99 -12.37
N TYR B 1670 -85.51 39.90 -13.05
CA TYR B 1670 -86.68 39.51 -13.82
C TYR B 1670 -86.30 38.51 -14.90
N ARG B 1671 -85.17 38.73 -15.57
CA ARG B 1671 -84.70 37.78 -16.57
C ARG B 1671 -84.32 36.44 -15.93
N ALA B 1672 -83.63 36.50 -14.79
CA ALA B 1672 -83.14 35.27 -14.15
C ALA B 1672 -84.29 34.39 -13.69
N VAL B 1673 -85.32 34.97 -13.08
CA VAL B 1673 -86.46 34.18 -12.64
C VAL B 1673 -87.20 33.59 -13.82
N CYS B 1674 -87.38 34.38 -14.88
CA CYS B 1674 -88.04 33.90 -16.09
C CYS B 1674 -87.00 33.45 -17.12
N ALA B 1675 -86.27 32.41 -16.76
CA ALA B 1675 -85.22 31.87 -17.62
C ALA B 1675 -85.23 30.35 -17.54
N LEU B 1676 -84.66 29.72 -18.57
CA LEU B 1676 -84.57 28.27 -18.67
C LEU B 1676 -85.95 27.63 -18.54
N GLY B 1677 -86.93 28.20 -19.25
CA GLY B 1677 -88.29 27.71 -19.23
C GLY B 1677 -89.17 28.47 -18.25
N ASN B 1678 -90.04 27.78 -17.54
CA ASN B 1678 -90.93 28.37 -16.53
C ASN B 1678 -91.79 29.46 -17.18
N ASN B 1679 -92.69 29.03 -18.07
CA ASN B 1679 -93.46 29.97 -18.86
C ASN B 1679 -94.48 30.73 -18.00
N ARG B 1680 -94.84 30.17 -16.85
CA ARG B 1680 -95.83 30.83 -15.98
C ARG B 1680 -95.28 32.14 -15.41
N VAL B 1681 -94.01 32.14 -14.98
CA VAL B 1681 -93.40 33.39 -14.53
C VAL B 1681 -93.21 34.35 -15.71
N ALA B 1682 -92.98 33.84 -16.92
CA ALA B 1682 -92.94 34.75 -18.06
C ALA B 1682 -94.30 35.42 -18.26
N HIS B 1683 -95.38 34.65 -18.14
CA HIS B 1683 -96.72 35.23 -18.25
C HIS B 1683 -96.97 36.25 -17.14
N ALA B 1684 -96.54 35.94 -15.92
CA ALA B 1684 -96.71 36.87 -14.81
C ALA B 1684 -95.93 38.16 -15.05
N LEU B 1685 -94.70 38.02 -15.57
CA LEU B 1685 -93.88 39.20 -15.88
C LEU B 1685 -94.51 40.03 -16.99
N CYS B 1686 -95.23 39.39 -17.92
CA CYS B 1686 -95.88 40.13 -19.00
C CYS B 1686 -96.89 41.15 -18.50
N SER B 1687 -97.39 40.98 -17.28
CA SER B 1687 -98.33 41.96 -16.72
C SER B 1687 -97.63 43.26 -16.36
N HIS B 1688 -96.63 43.18 -15.48
CA HIS B 1688 -95.91 44.38 -15.06
C HIS B 1688 -95.16 45.02 -16.22
N VAL B 1689 -94.51 44.20 -17.05
CA VAL B 1689 -93.76 44.69 -18.21
C VAL B 1689 -94.69 44.57 -19.41
N ASP B 1690 -95.37 45.67 -19.72
CA ASP B 1690 -96.33 45.68 -20.81
C ASP B 1690 -95.63 45.55 -22.16
N GLN B 1691 -96.35 44.98 -23.13
CA GLN B 1691 -95.81 44.84 -24.48
C GLN B 1691 -95.54 46.19 -25.12
N ALA B 1692 -96.49 47.13 -24.99
CA ALA B 1692 -96.27 48.47 -25.51
C ALA B 1692 -95.17 49.18 -24.74
N GLN B 1693 -95.06 48.91 -23.43
CA GLN B 1693 -93.90 49.36 -22.66
C GLN B 1693 -92.60 48.85 -23.25
N LEU B 1694 -92.53 47.56 -23.55
CA LEU B 1694 -91.30 47.01 -24.14
C LEU B 1694 -91.01 47.65 -25.48
N LEU B 1695 -92.05 47.86 -26.30
CA LEU B 1695 -91.85 48.48 -27.60
C LEU B 1695 -91.35 49.92 -27.48
N HIS B 1696 -91.90 50.68 -26.53
CA HIS B 1696 -91.45 52.06 -26.34
C HIS B 1696 -90.03 52.12 -25.81
N ALA B 1697 -89.66 51.21 -24.90
CA ALA B 1697 -88.28 51.13 -24.46
C ALA B 1697 -87.35 50.76 -25.61
N LEU B 1698 -87.82 49.89 -26.50
CA LEU B 1698 -87.06 49.56 -27.70
C LEU B 1698 -86.86 50.77 -28.59
N GLU B 1699 -87.91 51.58 -28.77
CA GLU B 1699 -87.85 52.73 -29.66
C GLU B 1699 -87.11 53.91 -29.06
N ASP B 1700 -86.82 53.91 -27.76
CA ASP B 1700 -86.14 55.03 -27.13
C ASP B 1700 -84.71 55.14 -27.64
N ALA B 1701 -84.30 56.37 -27.96
CA ALA B 1701 -82.97 56.64 -28.47
C ALA B 1701 -82.08 57.38 -27.46
N HIS B 1702 -82.63 57.74 -26.30
CA HIS B 1702 -81.85 58.40 -25.25
C HIS B 1702 -81.73 57.54 -23.99
N LEU B 1703 -82.19 56.30 -24.04
CA LEU B 1703 -82.13 55.42 -22.88
C LEU B 1703 -80.67 55.09 -22.54
N PRO B 1704 -80.34 54.96 -21.26
CA PRO B 1704 -78.98 54.54 -20.88
C PRO B 1704 -78.64 53.17 -21.45
N GLY B 1705 -77.36 52.98 -21.74
CA GLY B 1705 -76.87 51.77 -22.35
C GLY B 1705 -77.19 50.52 -21.57
N PRO B 1706 -76.79 50.46 -20.30
CA PRO B 1706 -77.16 49.30 -19.47
C PRO B 1706 -78.67 49.08 -19.39
N LEU B 1707 -79.45 50.16 -19.28
CA LEU B 1707 -80.91 50.01 -19.22
C LEU B 1707 -81.46 49.46 -20.52
N ARG B 1708 -80.97 49.97 -21.66
CA ARG B 1708 -81.44 49.47 -22.95
C ARG B 1708 -81.08 48.00 -23.15
N ALA B 1709 -79.85 47.63 -22.79
CA ALA B 1709 -79.44 46.23 -22.90
C ALA B 1709 -80.29 45.34 -22.00
N GLY B 1710 -80.55 45.78 -20.77
CA GLY B 1710 -81.39 45.01 -19.88
C GLY B 1710 -82.80 44.85 -20.40
N TYR B 1711 -83.37 45.92 -20.97
CA TYR B 1711 -84.71 45.82 -21.54
C TYR B 1711 -84.76 44.88 -22.73
N TYR B 1712 -83.75 44.96 -23.61
CA TYR B 1712 -83.70 44.04 -24.75
C TYR B 1712 -83.60 42.59 -24.30
N ASP B 1713 -82.71 42.33 -23.33
CA ASP B 1713 -82.56 40.97 -22.83
C ASP B 1713 -83.80 40.48 -22.11
N LEU B 1714 -84.48 41.36 -21.37
CA LEU B 1714 -85.74 40.98 -20.74
C LEU B 1714 -86.79 40.62 -21.79
N LEU B 1715 -86.88 41.41 -22.86
CA LEU B 1715 -87.83 41.11 -23.92
C LEU B 1715 -87.54 39.75 -24.56
N ILE B 1716 -86.28 39.50 -24.91
CA ILE B 1716 -85.95 38.24 -25.56
C ILE B 1716 -86.10 37.07 -24.60
N SER B 1717 -85.92 37.31 -23.29
CA SER B 1717 -86.04 36.22 -22.32
C SER B 1717 -87.49 35.86 -22.03
N ILE B 1718 -88.38 36.86 -21.98
CA ILE B 1718 -89.77 36.61 -21.60
C ILE B 1718 -90.69 36.45 -22.81
N HIS B 1719 -90.21 36.68 -24.03
CA HIS B 1719 -91.06 36.55 -25.19
C HIS B 1719 -90.56 35.56 -26.24
N LEU B 1720 -89.26 35.29 -26.29
CA LEU B 1720 -88.72 34.42 -27.33
C LEU B 1720 -87.66 33.45 -26.88
N GLU B 1721 -87.34 33.38 -25.58
CA GLU B 1721 -86.22 32.55 -25.14
C GLU B 1721 -86.52 31.07 -25.31
N SER B 1722 -87.68 30.62 -24.82
CA SER B 1722 -87.99 29.20 -24.85
C SER B 1722 -88.14 28.68 -26.28
N ALA B 1723 -88.86 29.43 -27.12
CA ALA B 1723 -89.04 29.00 -28.50
C ALA B 1723 -87.72 29.01 -29.26
N CYS B 1724 -86.87 30.02 -29.02
CA CYS B 1724 -85.55 30.05 -29.66
C CYS B 1724 -84.71 28.86 -29.22
N ARG B 1725 -84.75 28.52 -27.93
CA ARG B 1725 -84.01 27.35 -27.45
C ARG B 1725 -84.52 26.07 -28.10
N SER B 1726 -85.84 25.93 -28.21
CA SER B 1726 -86.42 24.75 -28.85
C SER B 1726 -86.00 24.67 -30.32
N ARG B 1727 -86.02 25.79 -31.03
CA ARG B 1727 -85.61 25.79 -32.43
C ARG B 1727 -84.13 25.45 -32.58
N ARG B 1728 -83.29 25.99 -31.69
CA ARG B 1728 -81.86 25.68 -31.73
C ARG B 1728 -81.61 24.21 -31.44
N SER B 1729 -82.41 23.61 -30.56
CA SER B 1729 -82.31 22.18 -30.31
C SER B 1729 -82.64 21.39 -31.58
N MET B 1730 -83.66 21.82 -32.31
CA MET B 1730 -84.06 21.19 -33.56
C MET B 1730 -83.24 21.66 -34.75
N LEU B 1731 -82.35 22.63 -34.56
CA LEU B 1731 -81.60 23.21 -35.68
C LEU B 1731 -80.62 22.22 -36.29
N SER B 1732 -80.00 21.37 -35.47
CA SER B 1732 -79.02 20.43 -35.98
C SER B 1732 -79.65 19.41 -36.93
N GLU B 1733 -80.87 18.97 -36.60
CA GLU B 1733 -81.55 17.97 -37.44
C GLU B 1733 -81.90 18.55 -38.80
N TYR B 1734 -81.83 17.71 -39.82
CA TYR B 1734 -82.10 18.14 -41.19
C TYR B 1734 -83.23 17.31 -41.81
N ILE B 1735 -84.32 17.12 -41.07
CA ILE B 1735 -85.45 16.35 -41.56
C ILE B 1735 -86.07 17.08 -42.75
N VAL B 1736 -86.23 16.37 -43.86
CA VAL B 1736 -86.80 16.95 -45.07
C VAL B 1736 -87.78 15.98 -45.70
N PRO B 1737 -89.01 16.42 -46.02
CA PRO B 1737 -89.97 15.53 -46.69
C PRO B 1737 -89.86 15.62 -48.20
N LEU B 1738 -90.73 14.88 -48.91
CA LEU B 1738 -90.77 14.89 -50.37
C LEU B 1738 -92.09 15.47 -50.83
N THR B 1739 -92.02 16.42 -51.76
CA THR B 1739 -93.20 17.07 -52.31
C THR B 1739 -92.82 17.70 -53.64
N PRO B 1740 -93.79 17.99 -54.50
CA PRO B 1740 -93.47 18.68 -55.76
C PRO B 1740 -92.78 20.03 -55.54
N GLU B 1741 -93.14 20.75 -54.47
CA GLU B 1741 -92.43 21.99 -54.15
C GLU B 1741 -90.98 21.71 -53.80
N THR B 1742 -90.72 20.64 -53.04
CA THR B 1742 -89.37 20.27 -52.67
C THR B 1742 -88.57 19.71 -53.83
N ARG B 1743 -89.21 19.37 -54.94
CA ARG B 1743 -88.52 18.81 -56.09
C ARG B 1743 -87.92 19.87 -56.99
N ALA B 1744 -88.09 21.15 -56.67
CA ALA B 1744 -87.57 22.25 -57.47
C ALA B 1744 -86.49 23.03 -56.70
N ILE B 1745 -85.60 22.32 -56.02
CA ILE B 1745 -84.52 22.93 -55.26
C ILE B 1745 -83.21 22.57 -55.93
N THR B 1746 -82.40 23.58 -56.23
CA THR B 1746 -81.12 23.40 -56.90
C THR B 1746 -80.03 24.13 -56.14
N LEU B 1747 -78.79 23.67 -56.34
CA LEU B 1747 -77.66 24.29 -55.67
C LEU B 1747 -77.39 25.71 -56.14
N PHE B 1748 -77.87 26.07 -57.32
CA PHE B 1748 -77.67 27.40 -57.88
C PHE B 1748 -78.99 27.97 -58.36
N PRO B 1749 -79.17 29.29 -58.31
CA PRO B 1749 -80.39 29.95 -58.79
C PRO B 1749 -80.62 29.77 -60.28
N ARG B 1759 -72.50 32.08 -60.66
CA ARG B 1759 -72.87 33.12 -59.72
C ARG B 1759 -73.49 32.53 -58.46
N HIS B 1760 -72.79 32.68 -57.34
CA HIS B 1760 -73.28 32.16 -56.07
C HIS B 1760 -74.52 32.92 -55.62
N GLY B 1761 -75.51 32.18 -55.11
CA GLY B 1761 -76.74 32.78 -54.65
C GLY B 1761 -76.59 33.42 -53.29
N LEU B 1762 -77.59 34.23 -52.94
CA LEU B 1762 -77.60 34.90 -51.65
C LEU B 1762 -77.84 33.86 -50.54
N PRO B 1763 -77.06 33.88 -49.46
CA PRO B 1763 -77.26 32.91 -48.38
C PRO B 1763 -78.52 33.22 -47.58
N GLY B 1764 -79.31 32.19 -47.33
CA GLY B 1764 -80.51 32.31 -46.51
C GLY B 1764 -81.79 32.63 -47.27
N VAL B 1765 -81.68 33.09 -48.52
CA VAL B 1765 -82.86 33.42 -49.31
C VAL B 1765 -83.43 32.15 -49.93
N GLY B 1766 -84.65 32.24 -50.46
CA GLY B 1766 -85.30 31.08 -51.05
C GLY B 1766 -86.10 30.30 -50.03
N VAL B 1767 -86.77 29.28 -50.54
CA VAL B 1767 -87.61 28.41 -49.71
C VAL B 1767 -86.76 27.27 -49.15
N THR B 1768 -87.02 26.92 -47.90
CA THR B 1768 -86.32 25.83 -47.22
C THR B 1768 -87.37 24.86 -46.70
N THR B 1769 -87.47 23.70 -47.33
CA THR B 1769 -88.46 22.69 -46.96
C THR B 1769 -88.02 21.83 -45.79
N SER B 1770 -86.95 22.20 -45.09
CA SER B 1770 -86.55 21.46 -43.89
C SER B 1770 -87.66 21.50 -42.86
N LEU B 1771 -88.00 20.35 -42.30
CA LEU B 1771 -89.16 20.23 -41.44
C LEU B 1771 -88.77 20.60 -40.02
N ARG B 1772 -89.33 21.72 -39.52
CA ARG B 1772 -89.04 22.21 -38.18
C ARG B 1772 -90.34 22.50 -37.45
N PRO B 1773 -90.36 22.36 -36.14
CA PRO B 1773 -91.58 22.64 -35.38
C PRO B 1773 -91.93 24.12 -35.45
N PRO B 1774 -93.21 24.47 -35.46
CA PRO B 1774 -93.60 25.88 -35.46
C PRO B 1774 -93.72 26.44 -34.06
N HIS B 1775 -93.36 27.72 -33.92
CA HIS B 1775 -93.44 28.39 -32.64
C HIS B 1775 -94.90 28.58 -32.23
N HIS B 1776 -95.23 28.21 -31.00
CA HIS B 1776 -96.58 28.32 -30.47
C HIS B 1776 -96.60 29.38 -29.37
N PHE B 1777 -97.53 30.32 -29.48
CA PHE B 1777 -97.68 31.39 -28.51
C PHE B 1777 -99.13 31.49 -28.07
N SER B 1778 -99.34 31.83 -26.80
CA SER B 1778 -100.67 32.00 -26.26
C SER B 1778 -100.91 33.46 -25.87
N PRO B 1779 -102.10 33.99 -26.11
CA PRO B 1779 -102.38 35.39 -25.77
C PRO B 1779 -102.25 35.63 -24.29
N PRO B 1780 -101.54 36.68 -23.87
CA PRO B 1780 -101.41 36.97 -22.44
C PRO B 1780 -102.68 37.56 -21.86
N CYS B 1781 -103.43 36.76 -21.11
CA CYS B 1781 -104.67 37.18 -20.49
C CYS B 1781 -104.58 36.95 -18.98
N PHE B 1782 -105.00 37.95 -18.21
CA PHE B 1782 -104.96 37.88 -16.76
C PHE B 1782 -106.34 37.92 -16.12
N VAL B 1783 -107.41 38.05 -16.91
CA VAL B 1783 -108.76 37.93 -16.39
C VAL B 1783 -109.31 36.52 -16.50
N ALA B 1784 -108.53 35.59 -17.04
CA ALA B 1784 -108.97 34.21 -17.16
C ALA B 1784 -109.08 33.56 -15.79
N ALA B 1785 -110.07 32.68 -15.65
CA ALA B 1785 -110.28 31.99 -14.39
C ALA B 1785 -109.11 31.06 -14.09
N LEU B 1786 -108.73 31.00 -12.82
CA LEU B 1786 -107.63 30.16 -12.40
C LEU B 1786 -108.01 28.69 -12.53
N PRO B 1787 -107.23 27.87 -13.26
CA PRO B 1787 -107.51 26.44 -13.45
C PRO B 1787 -107.48 25.66 -12.13
N PRO B 1795 -101.49 21.23 -17.61
CA PRO B 1795 -100.28 21.18 -18.45
C PRO B 1795 -99.49 22.49 -18.43
N ALA B 1796 -98.27 22.45 -18.94
CA ALA B 1796 -97.43 23.65 -18.98
C ALA B 1796 -97.99 24.65 -19.97
N ARG B 1797 -97.91 25.93 -19.61
CA ARG B 1797 -98.40 27.00 -20.48
C ARG B 1797 -97.38 27.33 -21.56
N LEU B 1798 -97.80 28.17 -22.50
CA LEU B 1798 -96.95 28.58 -23.61
C LEU B 1798 -96.45 30.00 -23.39
N SER B 1799 -95.53 30.42 -24.26
CA SER B 1799 -94.98 31.76 -24.18
C SER B 1799 -96.05 32.80 -24.52
N PRO B 1800 -95.98 33.98 -23.91
CA PRO B 1800 -96.98 35.02 -24.20
C PRO B 1800 -96.96 35.42 -25.67
N ALA B 1801 -98.14 35.68 -26.21
CA ALA B 1801 -98.25 36.03 -27.63
C ALA B 1801 -97.78 37.46 -27.87
N ILE B 1802 -97.12 37.65 -29.00
CA ILE B 1802 -96.63 38.97 -29.42
C ILE B 1802 -96.94 39.09 -30.91
N PRO B 1803 -97.19 40.31 -31.43
CA PRO B 1803 -97.63 40.41 -32.84
C PRO B 1803 -96.70 39.75 -33.84
N LEU B 1804 -95.40 39.77 -33.61
CA LEU B 1804 -94.37 39.13 -34.43
C LEU B 1804 -94.19 39.80 -35.79
N GLU B 1805 -94.99 40.82 -36.11
CA GLU B 1805 -94.86 41.56 -37.37
C GLU B 1805 -94.39 42.99 -37.16
N ALA B 1806 -95.02 43.71 -36.22
CA ALA B 1806 -94.56 45.07 -35.91
C ALA B 1806 -93.17 45.04 -35.29
N LEU B 1807 -92.88 44.04 -34.46
CA LEU B 1807 -91.56 43.95 -33.84
C LEU B 1807 -90.49 43.71 -34.88
N ARG B 1808 -90.79 42.91 -35.91
CA ARG B 1808 -89.82 42.68 -36.98
C ARG B 1808 -89.50 43.97 -37.72
N ASP B 1809 -90.53 44.76 -38.05
CA ASP B 1809 -90.31 46.04 -38.71
C ASP B 1809 -89.51 46.99 -37.83
N LYS B 1810 -89.84 47.02 -36.54
CA LYS B 1810 -89.11 47.88 -35.61
C LYS B 1810 -87.65 47.48 -35.52
N ALA B 1811 -87.38 46.17 -35.46
CA ALA B 1811 -86.00 45.70 -35.38
C ALA B 1811 -85.23 46.03 -36.66
N LEU B 1812 -85.85 45.85 -37.82
CA LEU B 1812 -85.19 46.19 -39.07
C LEU B 1812 -84.91 47.68 -39.16
N ARG B 1813 -85.88 48.51 -38.78
CA ARG B 1813 -85.69 49.95 -38.82
C ARG B 1813 -84.58 50.39 -37.86
N MET B 1814 -84.52 49.79 -36.66
CA MET B 1814 -83.50 50.18 -35.71
C MET B 1814 -82.12 49.70 -36.15
N LEU B 1815 -82.05 48.53 -36.79
CA LEU B 1815 -80.78 48.08 -37.33
C LEU B 1815 -80.29 49.00 -38.43
N GLY B 1816 -81.21 49.44 -39.31
CA GLY B 1816 -80.84 50.41 -40.33
C GLY B 1816 -80.38 51.72 -39.73
N GLU B 1817 -81.08 52.21 -38.71
CA GLU B 1817 -80.67 53.45 -38.05
C GLU B 1817 -79.30 53.30 -37.39
N ALA B 1818 -79.05 52.15 -36.75
CA ALA B 1818 -77.76 51.92 -36.11
C ALA B 1818 -76.63 51.86 -37.13
N VAL B 1819 -76.85 51.19 -38.26
CA VAL B 1819 -75.79 51.11 -39.26
C VAL B 1819 -75.57 52.47 -39.91
N ARG B 1820 -76.63 53.26 -40.09
CA ARG B 1820 -76.47 54.62 -40.61
C ARG B 1820 -75.69 55.49 -39.63
N ASP B 1821 -75.98 55.36 -38.34
CA ASP B 1821 -75.25 56.12 -37.32
C ASP B 1821 -73.78 55.71 -37.29
N GLY B 1822 -73.51 54.42 -37.39
CA GLY B 1822 -72.13 53.97 -37.45
C GLY B 1822 -71.39 54.48 -38.67
N GLY B 1823 -72.07 54.50 -39.81
CA GLY B 1823 -71.46 55.08 -41.01
C GLY B 1823 -71.21 56.56 -40.86
N GLN B 1824 -72.11 57.28 -40.20
CA GLN B 1824 -71.94 58.70 -39.97
C GLN B 1824 -70.87 59.01 -38.94
N HIS B 1825 -70.43 58.01 -38.15
CA HIS B 1825 -69.40 58.18 -37.14
C HIS B 1825 -69.77 59.26 -36.13
N ALA B 1826 -71.01 59.19 -35.64
CA ALA B 1826 -71.47 60.13 -34.64
C ALA B 1826 -70.74 59.92 -33.31
N ARG B 1827 -70.41 61.01 -32.64
CA ARG B 1827 -69.68 60.95 -31.38
C ARG B 1827 -70.58 60.72 -30.17
N ASP B 1828 -71.90 60.66 -30.36
CA ASP B 1828 -72.85 60.42 -29.28
C ASP B 1828 -73.77 59.28 -29.68
N PRO B 1829 -73.30 58.04 -29.59
CA PRO B 1829 -74.16 56.90 -29.91
C PRO B 1829 -75.23 56.70 -28.85
N VAL B 1830 -76.29 55.99 -29.25
CA VAL B 1830 -77.38 55.70 -28.32
C VAL B 1830 -76.86 54.80 -27.22
N GLY B 1831 -77.14 55.17 -25.97
CA GLY B 1831 -76.65 54.42 -24.82
C GLY B 1831 -75.31 54.86 -24.29
N GLY B 1832 -74.65 55.82 -24.94
CA GLY B 1832 -73.38 56.33 -24.48
C GLY B 1832 -72.16 55.60 -24.99
N SER B 1833 -72.33 54.51 -25.72
CA SER B 1833 -71.20 53.77 -26.25
C SER B 1833 -71.65 52.98 -27.48
N VAL B 1834 -70.66 52.61 -28.31
CA VAL B 1834 -70.96 51.83 -29.51
C VAL B 1834 -71.39 50.41 -29.12
N GLU B 1835 -70.77 49.84 -28.09
CA GLU B 1835 -71.13 48.50 -27.66
C GLU B 1835 -72.58 48.45 -27.18
N PHE B 1836 -72.98 49.43 -26.37
CA PHE B 1836 -74.36 49.48 -25.91
C PHE B 1836 -75.33 49.87 -27.01
N GLN B 1837 -74.83 50.44 -28.10
CA GLN B 1837 -75.68 50.82 -29.23
C GLN B 1837 -75.87 49.69 -30.23
N PHE B 1838 -74.93 48.75 -30.30
CA PHE B 1838 -74.96 47.68 -31.29
C PHE B 1838 -75.27 46.30 -30.72
N VAL B 1839 -74.80 46.00 -29.51
CA VAL B 1839 -74.98 44.66 -28.96
C VAL B 1839 -76.45 44.29 -28.77
N PRO B 1840 -77.29 45.10 -28.12
CA PRO B 1840 -78.68 44.65 -27.92
C PRO B 1840 -79.48 44.53 -29.19
N VAL B 1841 -79.36 45.50 -30.10
CA VAL B 1841 -80.11 45.44 -31.36
C VAL B 1841 -79.64 44.25 -32.19
N LEU B 1842 -78.33 43.99 -32.21
CA LEU B 1842 -77.82 42.83 -32.93
C LEU B 1842 -78.35 41.54 -32.33
N LYS B 1843 -78.38 41.44 -30.99
CA LYS B 1843 -78.93 40.25 -30.35
C LYS B 1843 -80.39 40.05 -30.71
N LEU B 1844 -81.18 41.13 -30.66
CA LEU B 1844 -82.60 41.02 -30.96
C LEU B 1844 -82.83 40.59 -32.40
N VAL B 1845 -82.14 41.23 -33.35
CA VAL B 1845 -82.33 40.90 -34.76
C VAL B 1845 -81.82 39.49 -35.04
N SER B 1846 -80.73 39.08 -34.39
CA SER B 1846 -80.21 37.73 -34.59
C SER B 1846 -81.19 36.69 -34.08
N THR B 1847 -81.79 36.92 -32.92
CA THR B 1847 -82.80 35.99 -32.41
C THR B 1847 -84.00 35.94 -33.35
N LEU B 1848 -84.50 37.10 -33.77
CA LEU B 1848 -85.69 37.14 -34.61
C LEU B 1848 -85.45 36.43 -35.93
N LEU B 1849 -84.29 36.63 -36.54
CA LEU B 1849 -83.96 35.99 -37.82
C LEU B 1849 -83.49 34.55 -37.63
N VAL B 1850 -83.15 34.14 -36.41
CA VAL B 1850 -82.99 32.72 -36.12
C VAL B 1850 -84.33 32.02 -36.11
N MET B 1851 -85.36 32.70 -35.55
CA MET B 1851 -86.69 32.10 -35.52
C MET B 1851 -87.26 31.85 -36.92
N GLY B 1852 -86.70 32.48 -37.94
CA GLY B 1852 -87.25 32.37 -39.28
C GLY B 1852 -88.41 33.29 -39.56
N ILE B 1853 -88.67 34.25 -38.67
CA ILE B 1853 -89.81 35.14 -38.83
C ILE B 1853 -89.62 36.06 -40.03
N PHE B 1854 -88.38 36.51 -40.26
CA PHE B 1854 -88.12 37.44 -41.35
C PHE B 1854 -88.40 36.78 -42.70
N GLY B 1855 -89.05 37.52 -43.58
CA GLY B 1855 -89.36 37.02 -44.90
C GLY B 1855 -88.16 37.11 -45.83
N ASP B 1856 -88.40 36.70 -47.08
CA ASP B 1856 -87.34 36.76 -48.09
C ASP B 1856 -86.91 38.19 -48.34
N GLU B 1857 -87.86 39.13 -48.39
CA GLU B 1857 -87.50 40.53 -48.57
C GLU B 1857 -86.71 41.06 -47.37
N ASP B 1858 -87.11 40.67 -46.16
CA ASP B 1858 -86.37 41.10 -44.97
C ASP B 1858 -84.96 40.53 -44.97
N VAL B 1859 -84.83 39.26 -45.37
CA VAL B 1859 -83.51 38.66 -45.44
C VAL B 1859 -82.65 39.39 -46.47
N LYS B 1860 -83.23 39.71 -47.64
CA LYS B 1860 -82.48 40.44 -48.66
C LYS B 1860 -82.05 41.82 -48.16
N GLN B 1861 -82.95 42.51 -47.45
CA GLN B 1861 -82.60 43.81 -46.88
C GLN B 1861 -81.48 43.70 -45.87
N ILE B 1862 -81.53 42.68 -45.01
CA ILE B 1862 -80.46 42.48 -44.03
C ILE B 1862 -79.14 42.21 -44.73
N LEU B 1863 -79.16 41.37 -45.77
CA LEU B 1863 -77.94 41.05 -46.51
C LEU B 1863 -77.37 42.30 -47.20
N LYS B 1864 -78.25 43.14 -47.74
CA LYS B 1864 -77.79 44.39 -48.35
C LYS B 1864 -77.19 45.31 -47.30
N MET B 1865 -77.77 45.35 -46.10
CA MET B 1865 -77.30 46.30 -45.09
C MET B 1865 -75.99 45.83 -44.45
N ILE B 1866 -75.77 44.52 -44.32
CA ILE B 1866 -74.52 44.05 -43.72
C ILE B 1866 -73.36 44.22 -44.70
N GLU B 1867 -73.61 43.95 -45.98
CA GLU B 1867 -72.58 44.09 -47.02
C GLU B 1867 -73.29 44.38 -48.34
N PRO B 1868 -73.36 45.65 -48.74
CA PRO B 1868 -74.08 45.99 -49.98
C PRO B 1868 -73.37 45.50 -51.24
N GLU B 1869 -72.06 45.71 -51.32
CA GLU B 1869 -71.32 45.31 -52.52
C GLU B 1869 -71.32 43.80 -52.70
N VAL B 1870 -71.10 43.06 -51.62
CA VAL B 1870 -71.02 41.60 -51.72
C VAL B 1870 -72.39 41.01 -52.02
N PHE B 1871 -73.44 41.50 -51.35
CA PHE B 1871 -74.79 40.96 -51.47
C PHE B 1871 -75.68 41.82 -52.33
N THR B 1872 -75.13 42.42 -53.38
CA THR B 1872 -75.94 43.24 -54.28
C THR B 1872 -76.83 42.35 -55.14
N GLU B 1873 -78.12 42.66 -55.18
CA GLU B 1873 -79.07 41.89 -55.96
C GLU B 1873 -78.94 42.19 -57.45
N GLU B 1923 -73.12 53.29 -49.77
CA GLU B 1923 -73.09 53.27 -48.32
C GLU B 1923 -71.90 52.45 -47.81
N GLU B 1924 -71.79 52.34 -46.49
CA GLU B 1924 -70.70 51.60 -45.85
C GLU B 1924 -71.28 50.40 -45.11
N GLY B 1925 -70.70 49.23 -45.33
CA GLY B 1925 -71.19 48.03 -44.67
C GLY B 1925 -70.78 47.97 -43.21
N LEU B 1926 -71.45 47.07 -42.49
CA LEU B 1926 -71.16 46.89 -41.07
C LEU B 1926 -69.81 46.23 -40.85
N LEU B 1927 -69.39 45.35 -41.76
CA LEU B 1927 -68.12 44.66 -41.59
C LEU B 1927 -66.93 45.62 -41.67
N GLN B 1928 -67.00 46.60 -42.56
CA GLN B 1928 -65.90 47.55 -42.71
C GLN B 1928 -65.71 48.39 -41.44
N MET B 1929 -66.79 48.71 -40.74
CA MET B 1929 -66.70 49.47 -39.50
C MET B 1929 -65.99 48.64 -38.42
N LYS B 1930 -65.25 49.34 -37.56
CA LYS B 1930 -64.60 48.71 -36.42
C LYS B 1930 -65.48 48.85 -35.18
N LEU B 1931 -65.82 47.72 -34.57
CA LEU B 1931 -66.70 47.67 -33.42
C LEU B 1931 -66.06 46.83 -32.33
N PRO B 1932 -66.47 47.01 -31.06
CA PRO B 1932 -65.83 46.27 -29.96
C PRO B 1932 -66.03 44.76 -30.02
N GLU B 1933 -65.46 44.06 -29.04
CA GLU B 1933 -65.39 42.60 -29.09
C GLU B 1933 -66.77 41.96 -29.03
N SER B 1934 -67.66 42.50 -28.19
CA SER B 1934 -68.98 41.89 -28.05
C SER B 1934 -69.78 41.99 -29.35
N VAL B 1935 -69.72 43.13 -30.02
CA VAL B 1935 -70.39 43.27 -31.32
C VAL B 1935 -69.78 42.33 -32.33
N LYS B 1936 -68.46 42.12 -32.25
CA LYS B 1936 -67.80 41.17 -33.13
C LYS B 1936 -68.33 39.76 -32.89
N LEU B 1937 -68.53 39.38 -31.62
CA LEU B 1937 -69.07 38.06 -31.32
C LEU B 1937 -70.49 37.92 -31.84
N GLN B 1938 -71.30 38.97 -31.69
CA GLN B 1938 -72.67 38.91 -32.21
C GLN B 1938 -72.70 38.77 -33.72
N MET B 1939 -71.83 39.53 -34.42
CA MET B 1939 -71.76 39.40 -35.87
C MET B 1939 -71.25 38.02 -36.29
N CYS B 1940 -70.32 37.45 -35.51
CA CYS B 1940 -69.85 36.10 -35.79
C CYS B 1940 -70.98 35.09 -35.63
N ASN B 1941 -71.81 35.25 -34.60
CA ASN B 1941 -72.97 34.38 -34.43
C ASN B 1941 -73.95 34.52 -35.59
N LEU B 1942 -74.17 35.75 -36.04
CA LEU B 1942 -75.04 35.98 -37.20
C LEU B 1942 -74.50 35.29 -38.44
N LEU B 1943 -73.21 35.42 -38.70
CA LEU B 1943 -72.61 34.75 -39.84
C LEU B 1943 -72.65 33.23 -39.69
N GLU B 1944 -72.52 32.73 -38.46
CA GLU B 1944 -72.64 31.30 -38.22
C GLU B 1944 -74.04 30.81 -38.57
N TYR B 1945 -75.06 31.57 -38.19
CA TYR B 1945 -76.41 31.19 -38.59
C TYR B 1945 -76.57 31.23 -40.10
N PHE B 1946 -75.96 32.23 -40.74
CA PHE B 1946 -76.10 32.33 -42.20
C PHE B 1946 -75.46 31.13 -42.88
N CYS B 1947 -74.28 30.75 -42.41
CA CYS B 1947 -73.68 29.51 -42.98
C CYS B 1947 -74.67 28.37 -42.73
N ASP B 1948 -75.09 28.20 -41.47
CA ASP B 1948 -75.97 27.07 -41.16
C ASP B 1948 -77.13 27.02 -42.14
N GLN B 1949 -77.73 28.17 -42.44
CA GLN B 1949 -78.82 28.22 -43.41
C GLN B 1949 -78.35 27.82 -44.81
N GLU B 1950 -77.15 28.26 -45.20
CA GLU B 1950 -76.62 27.85 -46.49
C GLU B 1950 -76.40 26.34 -46.55
N LEU B 1951 -75.87 25.75 -45.47
CA LEU B 1951 -75.69 24.31 -45.42
C LEU B 1951 -77.03 23.59 -45.47
N GLN B 1952 -78.04 24.13 -44.80
CA GLN B 1952 -79.38 23.55 -44.83
C GLN B 1952 -79.97 23.59 -46.23
N HIS B 1953 -79.77 24.70 -46.94
CA HIS B 1953 -80.22 24.80 -48.32
C HIS B 1953 -79.50 23.79 -49.21
N ARG B 1954 -78.19 23.62 -48.99
CA ARG B 1954 -77.44 22.62 -49.75
C ARG B 1954 -77.95 21.21 -49.46
N VAL B 1955 -78.27 20.92 -48.21
CA VAL B 1955 -78.81 19.60 -47.85
C VAL B 1955 -80.17 19.39 -48.50
N GLU B 1956 -81.01 20.43 -48.51
CA GLU B 1956 -82.31 20.31 -49.16
C GLU B 1956 -82.17 20.08 -50.66
N SER B 1957 -81.23 20.77 -51.30
CA SER B 1957 -80.99 20.56 -52.73
C SER B 1957 -80.49 19.15 -52.98
N LEU B 1958 -79.61 18.65 -52.12
CA LEU B 1958 -79.12 17.27 -52.25
C LEU B 1958 -80.27 16.28 -52.10
N ALA B 1959 -81.18 16.52 -51.16
CA ALA B 1959 -82.33 15.64 -50.99
C ALA B 1959 -83.26 15.69 -52.19
N ALA B 1960 -83.42 16.88 -52.79
CA ALA B 1960 -84.24 16.99 -54.00
C ALA B 1960 -83.62 16.23 -55.16
N PHE B 1961 -82.30 16.35 -55.33
CA PHE B 1961 -81.60 15.58 -56.34
C PHE B 1961 -81.75 14.09 -56.04
N ALA B 1962 -81.74 13.74 -54.75
CA ALA B 1962 -81.98 12.35 -54.36
C ALA B 1962 -83.33 11.87 -54.84
N GLU B 1963 -84.38 12.64 -54.57
CA GLU B 1963 -85.73 12.24 -54.95
C GLU B 1963 -85.87 12.13 -56.46
N ARG B 1964 -85.24 13.05 -57.20
CA ARG B 1964 -85.30 12.98 -58.65
C ARG B 1964 -84.56 11.76 -59.19
N TYR B 1965 -83.42 11.42 -58.58
CA TYR B 1965 -82.59 10.32 -59.07
C TYR B 1965 -83.16 8.95 -58.73
N VAL B 1966 -83.89 8.83 -57.62
CA VAL B 1966 -84.34 7.50 -57.19
C VAL B 1966 -85.35 6.92 -58.18
N ASP B 1967 -86.21 7.77 -58.75
CA ASP B 1967 -87.18 7.28 -59.72
C ASP B 1967 -86.51 6.74 -60.97
N LYS B 1968 -85.51 7.47 -61.49
CA LYS B 1968 -84.77 7.00 -62.65
C LYS B 1968 -84.02 5.71 -62.33
N LEU B 1969 -83.43 5.63 -61.13
CA LEU B 1969 -82.70 4.44 -60.74
C LEU B 1969 -83.62 3.23 -60.66
N GLN B 1970 -84.80 3.41 -60.07
CA GLN B 1970 -85.76 2.31 -59.98
C GLN B 1970 -86.25 1.88 -61.35
N ALA B 1971 -86.54 2.85 -62.23
CA ALA B 1971 -86.98 2.51 -63.58
C ALA B 1971 -85.89 1.75 -64.34
N ASN B 1972 -84.64 2.19 -64.22
CA ASN B 1972 -83.54 1.50 -64.89
C ASN B 1972 -83.36 0.09 -64.36
N GLN B 1973 -83.45 -0.09 -63.03
CA GLN B 1973 -83.32 -1.43 -62.47
C GLN B 1973 -84.46 -2.33 -62.93
N ARG B 1974 -85.69 -1.80 -62.98
CA ARG B 1974 -86.82 -2.59 -63.44
C ARG B 1974 -86.64 -3.00 -64.90
N SER B 1975 -86.18 -2.07 -65.74
CA SER B 1975 -85.94 -2.40 -67.14
C SER B 1975 -84.85 -3.45 -67.29
N ARG B 1976 -83.77 -3.31 -66.53
CA ARG B 1976 -82.68 -4.29 -66.59
C ARG B 1976 -83.16 -5.67 -66.12
N TYR B 1977 -83.95 -5.71 -65.05
CA TYR B 1977 -84.47 -6.99 -64.56
C TYR B 1977 -85.40 -7.63 -65.58
N ALA B 1978 -86.26 -6.83 -66.22
CA ALA B 1978 -87.14 -7.37 -67.25
C ALA B 1978 -86.34 -7.91 -68.43
N LEU B 1979 -85.30 -7.18 -68.86
CA LEU B 1979 -84.47 -7.65 -69.96
C LEU B 1979 -83.74 -8.94 -69.60
N LEU B 1980 -83.23 -9.02 -68.37
CA LEU B 1980 -82.54 -10.23 -67.94
C LEU B 1980 -83.49 -11.42 -67.87
N MET B 1981 -84.71 -11.19 -67.37
CA MET B 1981 -85.70 -12.27 -67.31
C MET B 1981 -86.09 -12.73 -68.71
N ARG B 1982 -86.25 -11.79 -69.65
CA ARG B 1982 -86.59 -12.16 -71.02
C ARG B 1982 -85.49 -12.99 -71.66
N ALA B 1983 -84.23 -12.58 -71.47
CA ALA B 1983 -83.11 -13.33 -72.04
C ALA B 1983 -82.89 -14.64 -71.30
N PHE B 1984 -82.55 -15.68 -72.07
CA PHE B 1984 -82.29 -16.99 -71.49
C PHE B 1984 -81.04 -17.67 -72.04
N THR B 1985 -80.43 -17.14 -73.10
CA THR B 1985 -79.25 -17.78 -73.67
C THR B 1985 -78.07 -17.75 -72.69
N MET B 1986 -77.87 -16.63 -72.01
CA MET B 1986 -76.75 -16.51 -71.09
C MET B 1986 -76.97 -17.37 -69.85
N SER B 1987 -75.90 -18.02 -69.39
CA SER B 1987 -75.93 -18.84 -68.18
C SER B 1987 -75.08 -18.26 -67.07
N ALA B 1988 -73.79 -18.00 -67.33
CA ALA B 1988 -72.95 -17.37 -66.33
C ALA B 1988 -73.28 -15.89 -66.19
N ALA B 1989 -73.55 -15.22 -67.31
CA ALA B 1989 -73.95 -13.81 -67.25
C ALA B 1989 -75.29 -13.65 -66.54
N GLU B 1990 -76.20 -14.61 -66.73
CA GLU B 1990 -77.46 -14.56 -66.01
C GLU B 1990 -77.25 -14.67 -64.50
N THR B 1991 -76.36 -15.57 -64.08
CA THR B 1991 -76.04 -15.67 -62.66
C THR B 1991 -75.39 -14.40 -62.13
N ALA B 1992 -74.49 -13.80 -62.92
CA ALA B 1992 -73.85 -12.56 -62.50
C ALA B 1992 -74.88 -11.44 -62.33
N ARG B 1993 -75.83 -11.34 -63.28
CA ARG B 1993 -76.88 -10.34 -63.16
C ARG B 1993 -77.78 -10.61 -61.96
N ARG B 1994 -78.12 -11.89 -61.72
CA ARG B 1994 -78.95 -12.23 -60.57
C ARG B 1994 -78.23 -11.95 -59.25
N THR B 1995 -76.90 -12.00 -59.25
CA THR B 1995 -76.16 -11.71 -58.03
C THR B 1995 -76.41 -10.29 -57.54
N ARG B 1996 -76.43 -9.32 -58.47
CA ARG B 1996 -76.61 -7.93 -58.08
C ARG B 1996 -78.06 -7.63 -57.70
N GLU B 1997 -79.02 -8.17 -58.46
CA GLU B 1997 -80.43 -7.84 -58.29
C GLU B 1997 -81.14 -8.94 -57.53
N PHE B 1998 -81.83 -8.56 -56.45
CA PHE B 1998 -82.62 -9.47 -55.62
C PHE B 1998 -81.77 -10.55 -54.95
N ARG B 1999 -80.47 -10.29 -54.79
CA ARG B 1999 -79.60 -11.22 -54.08
C ARG B 1999 -78.64 -10.53 -53.13
N SER B 2000 -78.64 -9.20 -53.07
CA SER B 2000 -77.78 -8.43 -52.18
C SER B 2000 -78.62 -7.44 -51.40
N PRO B 2001 -78.16 -7.01 -50.22
CA PRO B 2001 -78.92 -6.04 -49.45
C PRO B 2001 -79.08 -4.75 -50.22
N PRO B 2002 -80.19 -4.04 -50.03
CA PRO B 2002 -80.44 -2.84 -50.84
C PRO B 2002 -79.35 -1.79 -50.74
N GLN B 2003 -78.74 -1.62 -49.57
CA GLN B 2003 -77.60 -0.72 -49.46
C GLN B 2003 -76.44 -1.21 -50.32
N GLU B 2004 -76.15 -2.51 -50.26
CA GLU B 2004 -75.08 -3.07 -51.08
C GLU B 2004 -75.41 -2.96 -52.56
N GLN B 2005 -76.68 -3.18 -52.93
CA GLN B 2005 -77.08 -3.00 -54.32
C GLN B 2005 -76.83 -1.56 -54.78
N ILE B 2006 -77.33 -0.59 -54.03
CA ILE B 2006 -77.17 0.82 -54.40
C ILE B 2006 -75.69 1.16 -54.51
N ASN B 2007 -74.87 0.67 -53.57
CA ASN B 2007 -73.42 0.87 -53.69
C ASN B 2007 -72.87 0.21 -54.94
N MET B 2008 -73.47 -0.90 -55.37
CA MET B 2008 -73.03 -1.56 -56.60
C MET B 2008 -73.30 -0.70 -57.82
N LEU B 2009 -74.50 -0.14 -57.93
CA LEU B 2009 -74.73 0.78 -59.04
C LEU B 2009 -74.03 2.12 -58.82
N LEU B 2010 -73.90 2.56 -57.58
CA LEU B 2010 -73.18 3.80 -57.26
C LEU B 2010 -71.68 3.49 -57.16
N HIS B 2011 -71.10 3.14 -58.31
CA HIS B 2011 -69.69 2.80 -58.37
C HIS B 2011 -68.99 3.38 -59.59
N PHE B 2012 -69.63 4.28 -60.33
CA PHE B 2012 -69.04 4.89 -61.52
C PHE B 2012 -68.21 6.12 -61.14
N LYS B 2013 -67.23 5.90 -60.27
CA LYS B 2013 -66.33 6.94 -59.79
C LYS B 2013 -64.93 6.70 -60.32
N ASP B 2014 -64.30 7.74 -60.85
CA ASP B 2014 -62.96 7.67 -61.41
C ASP B 2014 -62.84 6.59 -62.49
N ASP B 2020 -67.49 -3.12 -63.23
CA ASP B 2020 -68.19 -2.23 -64.14
C ASP B 2020 -69.63 -2.02 -63.69
N CYS B 2021 -70.03 -0.77 -63.53
CA CYS B 2021 -71.39 -0.45 -63.09
C CYS B 2021 -72.35 -0.61 -64.26
N PRO B 2022 -73.37 -1.46 -64.15
CA PRO B 2022 -74.33 -1.64 -65.26
C PRO B 2022 -75.41 -0.56 -65.26
N LEU B 2023 -75.00 0.66 -65.55
CA LEU B 2023 -75.89 1.81 -65.57
C LEU B 2023 -75.72 2.59 -66.87
N PRO B 2024 -76.78 3.23 -67.34
CA PRO B 2024 -76.66 4.05 -68.56
C PRO B 2024 -75.80 5.27 -68.34
N GLU B 2025 -75.22 5.76 -69.43
CA GLU B 2025 -74.32 6.91 -69.35
C GLU B 2025 -75.04 8.20 -69.00
N ASP B 2026 -76.35 8.30 -69.30
CA ASP B 2026 -77.07 9.55 -69.05
C ASP B 2026 -77.17 9.86 -67.56
N ILE B 2027 -77.59 8.87 -66.77
CA ILE B 2027 -77.72 9.10 -65.33
C ILE B 2027 -76.36 9.32 -64.69
N ARG B 2028 -75.33 8.60 -65.16
CA ARG B 2028 -73.99 8.80 -64.65
C ARG B 2028 -73.49 10.21 -64.94
N GLN B 2029 -73.73 10.71 -66.15
CA GLN B 2029 -73.34 12.07 -66.49
C GLN B 2029 -74.11 13.09 -65.66
N ASP B 2030 -75.40 12.84 -65.43
CA ASP B 2030 -76.19 13.75 -64.61
C ASP B 2030 -75.67 13.80 -63.18
N LEU B 2031 -75.33 12.63 -62.61
CA LEU B 2031 -74.81 12.61 -61.25
C LEU B 2031 -73.43 13.26 -61.17
N GLN B 2032 -72.60 13.07 -62.20
CA GLN B 2032 -71.31 13.74 -62.24
C GLN B 2032 -71.48 15.25 -62.31
N ASP B 2033 -72.44 15.72 -63.11
CA ASP B 2033 -72.70 17.16 -63.18
C ASP B 2033 -73.19 17.69 -61.84
N PHE B 2034 -74.05 16.93 -61.16
CA PHE B 2034 -74.50 17.35 -59.83
C PHE B 2034 -73.35 17.41 -58.84
N HIS B 2035 -72.44 16.44 -58.90
CA HIS B 2035 -71.27 16.45 -58.01
C HIS B 2035 -70.38 17.65 -58.31
N GLN B 2036 -70.20 17.98 -59.60
CA GLN B 2036 -69.41 19.15 -59.95
C GLN B 2036 -70.08 20.43 -59.44
N ASP B 2037 -71.41 20.51 -59.55
CA ASP B 2037 -72.13 21.66 -59.04
C ASP B 2037 -71.99 21.77 -57.53
N LEU B 2038 -72.05 20.64 -56.83
CA LEU B 2038 -71.86 20.65 -55.38
C LEU B 2038 -70.45 21.12 -55.01
N LEU B 2039 -69.44 20.66 -55.76
CA LEU B 2039 -68.07 21.12 -55.51
C LEU B 2039 -67.95 22.62 -55.76
N ALA B 2040 -68.60 23.12 -56.82
CA ALA B 2040 -68.58 24.56 -57.08
C ALA B 2040 -69.28 25.33 -55.97
N HIS B 2041 -70.33 24.74 -55.38
CA HIS B 2041 -70.99 25.36 -54.25
C HIS B 2041 -70.04 25.50 -53.07
N CYS B 2042 -69.22 24.49 -52.81
CA CYS B 2042 -68.22 24.53 -51.76
C CYS B 2042 -67.01 25.33 -52.23
N GLY B 2043 -65.97 25.35 -51.40
CA GLY B 2043 -64.75 26.07 -51.68
C GLY B 2043 -63.67 25.29 -52.40
N ILE B 2044 -63.98 24.08 -52.89
CA ILE B 2044 -62.98 23.27 -53.57
C ILE B 2044 -62.54 23.95 -54.86
N GLN B 2045 -63.49 24.40 -55.67
CA GLN B 2045 -63.23 25.07 -56.94
C GLN B 2045 -62.33 24.22 -57.84
N LEU B 2046 -62.84 23.04 -58.17
CA LEU B 2046 -62.10 22.10 -59.02
C LEU B 2046 -62.08 22.57 -60.47
N PRO B 2091 -63.86 38.99 -53.25
CA PRO B 2091 -64.84 38.88 -52.17
C PRO B 2091 -66.26 38.67 -52.68
N GLN B 2092 -66.39 38.21 -53.93
CA GLN B 2092 -67.71 37.96 -54.50
C GLN B 2092 -68.46 36.88 -53.74
N SER B 2093 -67.76 35.80 -53.38
CA SER B 2093 -68.39 34.70 -52.65
C SER B 2093 -68.49 35.04 -51.17
N LEU B 2094 -69.49 34.43 -50.52
CA LEU B 2094 -69.67 34.63 -49.08
C LEU B 2094 -68.48 34.08 -48.29
N GLN B 2095 -67.96 32.92 -48.71
CA GLN B 2095 -66.83 32.32 -48.00
C GLN B 2095 -65.61 33.21 -48.05
N GLU B 2096 -65.31 33.78 -49.23
CA GLU B 2096 -64.15 34.67 -49.35
C GLU B 2096 -64.33 35.92 -48.49
N LEU B 2097 -65.53 36.49 -48.49
CA LEU B 2097 -65.77 37.68 -47.67
C LEU B 2097 -65.60 37.37 -46.19
N VAL B 2098 -66.14 36.24 -45.75
CA VAL B 2098 -66.02 35.86 -44.34
C VAL B 2098 -64.57 35.62 -43.96
N SER B 2099 -63.81 34.94 -44.83
CA SER B 2099 -62.41 34.68 -44.54
C SER B 2099 -61.60 35.97 -44.47
N HIS B 2100 -61.82 36.88 -45.42
CA HIS B 2100 -61.10 38.16 -45.40
C HIS B 2100 -61.47 38.97 -44.16
N MET B 2101 -62.76 38.99 -43.80
CA MET B 2101 -63.22 39.72 -42.64
C MET B 2101 -62.59 39.16 -41.35
N VAL B 2102 -62.55 37.83 -41.22
CA VAL B 2102 -61.96 37.21 -40.04
C VAL B 2102 -60.47 37.50 -39.97
N VAL B 2103 -59.78 37.41 -41.11
CA VAL B 2103 -58.34 37.68 -41.13
C VAL B 2103 -58.08 39.14 -40.75
N ARG B 2104 -58.89 40.07 -41.27
CA ARG B 2104 -58.71 41.47 -40.91
C ARG B 2104 -58.93 41.70 -39.43
N TRP B 2105 -60.00 41.11 -38.86
CA TRP B 2105 -60.26 41.29 -37.44
C TRP B 2105 -59.14 40.72 -36.60
N ALA B 2106 -58.60 39.57 -36.98
CA ALA B 2106 -57.48 38.99 -36.25
C ALA B 2106 -56.24 39.87 -36.33
N GLN B 2107 -55.97 40.44 -37.52
CA GLN B 2107 -54.75 41.22 -37.71
C GLN B 2107 -54.83 42.63 -37.14
N GLU B 2108 -56.03 43.18 -36.93
CA GLU B 2108 -56.13 44.54 -36.42
C GLU B 2108 -55.56 44.67 -35.01
N ASP B 2109 -55.92 43.75 -34.12
CA ASP B 2109 -55.50 43.85 -32.73
C ASP B 2109 -55.56 42.47 -32.08
N TYR B 2110 -54.91 42.36 -30.93
CA TYR B 2110 -54.90 41.13 -30.16
C TYR B 2110 -56.19 41.07 -29.33
N VAL B 2111 -57.03 40.09 -29.63
CA VAL B 2111 -58.31 39.93 -28.93
C VAL B 2111 -58.08 39.22 -27.61
N GLN B 2112 -58.62 39.77 -26.54
CA GLN B 2112 -58.49 39.19 -25.21
C GLN B 2112 -59.69 38.35 -24.81
N SER B 2113 -60.67 38.16 -25.70
CA SER B 2113 -61.85 37.38 -25.39
C SER B 2113 -61.74 36.00 -26.02
N PRO B 2114 -61.62 34.93 -25.22
CA PRO B 2114 -61.54 33.59 -25.82
C PRO B 2114 -62.79 33.21 -26.62
N GLU B 2115 -63.97 33.65 -26.17
CA GLU B 2115 -65.19 33.30 -26.88
C GLU B 2115 -65.20 33.90 -28.29
N LEU B 2116 -64.76 35.16 -28.42
CA LEU B 2116 -64.78 35.80 -29.73
C LEU B 2116 -63.84 35.10 -30.71
N VAL B 2117 -62.60 34.85 -30.29
CA VAL B 2117 -61.65 34.19 -31.19
C VAL B 2117 -62.11 32.78 -31.50
N ARG B 2118 -62.71 32.09 -30.53
CA ARG B 2118 -63.26 30.76 -30.80
C ARG B 2118 -64.36 30.83 -31.86
N ALA B 2119 -65.24 31.83 -31.76
CA ALA B 2119 -66.31 31.96 -32.75
C ALA B 2119 -65.75 32.25 -34.13
N MET B 2120 -64.81 33.19 -34.24
CA MET B 2120 -64.24 33.50 -35.55
C MET B 2120 -63.50 32.30 -36.13
N PHE B 2121 -62.81 31.53 -35.28
CA PHE B 2121 -62.02 30.41 -35.75
C PHE B 2121 -62.91 29.26 -36.21
N SER B 2122 -64.00 29.00 -35.47
CA SER B 2122 -64.99 28.03 -35.92
C SER B 2122 -65.64 28.46 -37.23
N LEU B 2123 -65.94 29.76 -37.35
CA LEU B 2123 -66.50 30.27 -38.61
C LEU B 2123 -65.54 30.05 -39.77
N LEU B 2124 -64.25 30.34 -39.54
CA LEU B 2124 -63.26 30.15 -40.61
C LEU B 2124 -63.14 28.69 -41.00
N HIS B 2125 -63.01 27.79 -40.03
CA HIS B 2125 -62.81 26.38 -40.44
C HIS B 2125 -64.03 25.97 -41.27
N ARG B 2126 -65.22 26.30 -40.77
CA ARG B 2126 -66.45 25.95 -41.51
C ARG B 2126 -66.41 26.64 -42.86
N GLN B 2127 -65.95 27.89 -42.91
CA GLN B 2127 -65.98 28.66 -44.18
C GLN B 2127 -65.10 27.97 -45.22
N TYR B 2128 -63.97 27.39 -44.81
CA TYR B 2128 -63.03 26.80 -45.80
C TYR B 2128 -63.37 25.32 -46.04
N ASP B 2129 -63.44 24.53 -44.98
CA ASP B 2129 -63.67 23.06 -45.16
C ASP B 2129 -65.16 22.82 -45.37
N GLY B 2130 -65.70 23.28 -46.49
CA GLY B 2130 -67.14 23.14 -46.73
C GLY B 2130 -67.55 21.68 -46.69
N LEU B 2131 -66.75 20.81 -47.32
CA LEU B 2131 -67.12 19.38 -47.39
C LEU B 2131 -67.15 18.79 -45.98
N GLY B 2132 -66.07 18.96 -45.19
CA GLY B 2132 -66.10 18.30 -43.89
C GLY B 2132 -67.38 18.55 -43.13
N GLU B 2133 -67.87 19.80 -43.15
CA GLU B 2133 -69.12 20.11 -42.50
C GLU B 2133 -70.29 19.35 -43.14
N LEU B 2134 -70.29 19.26 -44.47
CA LEU B 2134 -71.33 18.49 -45.16
C LEU B 2134 -71.27 17.02 -44.76
N LEU B 2135 -70.06 16.46 -44.71
CA LEU B 2135 -69.91 15.06 -44.33
C LEU B 2135 -70.39 14.83 -42.90
N ARG B 2136 -70.08 15.75 -41.99
CA ARG B 2136 -70.57 15.63 -40.61
C ARG B 2136 -72.07 15.87 -40.51
N ALA B 2137 -72.67 16.54 -41.48
CA ALA B 2137 -74.11 16.84 -41.44
C ALA B 2137 -74.96 15.75 -42.11
N LEU B 2138 -74.36 14.96 -43.00
CA LEU B 2138 -75.13 13.90 -43.65
C LEU B 2138 -75.75 12.88 -42.69
N PRO B 2139 -75.08 12.39 -41.64
CA PRO B 2139 -75.74 11.42 -40.75
C PRO B 2139 -77.00 11.94 -40.09
N ARG B 2140 -77.15 13.25 -39.93
CA ARG B 2140 -78.32 13.84 -39.28
C ARG B 2140 -79.43 14.19 -40.28
N ALA B 2141 -79.26 13.85 -41.56
CA ALA B 2141 -80.25 14.14 -42.59
C ALA B 2141 -81.01 12.86 -42.92
N TYR B 2142 -82.33 12.96 -43.02
CA TYR B 2142 -83.18 11.81 -43.29
C TYR B 2142 -84.25 12.25 -44.27
N THR B 2143 -84.90 11.29 -44.91
CA THR B 2143 -86.06 11.55 -45.76
C THR B 2143 -87.30 10.94 -45.13
N ILE B 2144 -88.32 11.76 -44.92
CA ILE B 2144 -89.55 11.36 -44.25
C ILE B 2144 -90.68 11.30 -45.27
N SER B 2145 -91.47 10.23 -45.22
CA SER B 2145 -92.55 10.06 -46.17
C SER B 2145 -93.59 11.16 -45.99
N PRO B 2146 -94.21 11.63 -47.08
CA PRO B 2146 -95.19 12.73 -46.96
C PRO B 2146 -96.43 12.36 -46.18
N SER B 2147 -96.78 11.07 -46.09
CA SER B 2147 -98.05 10.69 -45.47
C SER B 2147 -98.04 10.93 -43.96
N SER B 2148 -96.87 10.82 -43.33
CA SER B 2148 -96.75 10.95 -41.87
C SER B 2148 -96.26 12.32 -41.45
N VAL B 2149 -96.69 13.37 -42.15
CA VAL B 2149 -96.26 14.73 -41.82
C VAL B 2149 -96.77 15.13 -40.44
N GLU B 2150 -98.04 14.85 -40.15
CA GLU B 2150 -98.61 15.21 -38.85
C GLU B 2150 -97.97 14.43 -37.73
N ASP B 2151 -97.72 13.13 -37.94
CA ASP B 2151 -97.06 12.32 -36.92
C ASP B 2151 -95.64 12.80 -36.69
N THR B 2152 -94.94 13.18 -37.75
CA THR B 2152 -93.59 13.74 -37.61
C THR B 2152 -93.65 15.06 -36.83
N MET B 2153 -94.66 15.88 -37.09
CA MET B 2153 -94.82 17.13 -36.34
C MET B 2153 -95.03 16.84 -34.86
N SER B 2154 -95.89 15.87 -34.53
CA SER B 2154 -96.11 15.53 -33.14
C SER B 2154 -94.84 15.01 -32.48
N LEU B 2155 -94.09 14.16 -33.18
CA LEU B 2155 -92.85 13.62 -32.63
C LEU B 2155 -91.83 14.74 -32.40
N LEU B 2156 -91.71 15.67 -33.35
CA LEU B 2156 -90.76 16.77 -33.20
C LEU B 2156 -91.16 17.68 -32.03
N GLU B 2157 -92.46 17.97 -31.89
CA GLU B 2157 -92.91 18.79 -30.77
C GLU B 2157 -92.65 18.09 -29.44
N CYS B 2158 -92.89 16.78 -29.38
CA CYS B 2158 -92.62 16.04 -28.15
C CYS B 2158 -91.14 16.03 -27.82
N LEU B 2159 -90.28 15.87 -28.83
CA LEU B 2159 -88.84 15.88 -28.59
C LEU B 2159 -88.39 17.26 -28.12
N GLY B 2160 -88.92 18.32 -28.74
CA GLY B 2160 -88.59 19.66 -28.27
C GLY B 2160 -89.01 19.87 -26.83
N GLN B 2161 -90.20 19.38 -26.46
CA GLN B 2161 -90.66 19.51 -25.09
C GLN B 2161 -89.76 18.76 -24.12
N ILE B 2162 -89.35 17.53 -24.47
CA ILE B 2162 -88.53 16.75 -23.56
C ILE B 2162 -87.12 17.35 -23.45
N ARG B 2163 -86.59 17.89 -24.54
CA ARG B 2163 -85.30 18.57 -24.45
C ARG B 2163 -85.39 19.84 -23.62
N SER B 2164 -86.49 20.58 -23.73
CA SER B 2164 -86.68 21.75 -22.88
C SER B 2164 -86.77 21.36 -21.42
N LEU B 2165 -87.47 20.26 -21.12
CA LEU B 2165 -87.56 19.77 -19.74
C LEU B 2165 -86.24 19.18 -19.24
N LEU B 2166 -85.34 18.79 -20.15
CA LEU B 2166 -84.07 18.20 -19.74
C LEU B 2166 -83.23 19.19 -18.94
N ILE B 2167 -83.21 20.45 -19.34
CA ILE B 2167 -82.38 21.47 -18.70
C ILE B 2167 -83.12 22.05 -17.50
N VAL B 2168 -84.25 21.44 -17.13
CA VAL B 2168 -85.05 21.87 -16.00
C VAL B 2168 -84.86 20.89 -14.86
N GLN B 2169 -84.70 21.43 -13.64
CA GLN B 2169 -84.51 20.58 -12.47
C GLN B 2169 -85.69 19.63 -12.29
N MET B 2170 -85.38 18.37 -11.98
CA MET B 2170 -86.40 17.34 -11.89
C MET B 2170 -87.36 17.63 -10.74
N GLY B 2171 -88.64 17.35 -10.98
CA GLY B 2171 -89.67 17.54 -9.99
C GLY B 2171 -90.89 16.68 -10.29
N PRO B 2172 -91.91 16.78 -9.43
CA PRO B 2172 -93.14 15.99 -9.68
C PRO B 2172 -93.84 16.38 -10.97
N GLN B 2173 -94.04 17.67 -11.20
CA GLN B 2173 -94.65 18.13 -12.45
C GLN B 2173 -93.77 17.78 -13.64
N GLU B 2174 -92.46 17.96 -13.49
CA GLU B 2174 -91.54 17.61 -14.58
C GLU B 2174 -91.58 16.12 -14.87
N GLU B 2175 -91.63 15.29 -13.82
CA GLU B 2175 -91.71 13.84 -14.02
C GLU B 2175 -93.02 13.45 -14.72
N ASN B 2176 -94.13 14.08 -14.30
CA ASN B 2176 -95.41 13.79 -14.95
C ASN B 2176 -95.39 14.21 -16.42
N LEU B 2177 -94.81 15.37 -16.72
CA LEU B 2177 -94.72 15.81 -18.11
C LEU B 2177 -93.82 14.89 -18.92
N MET B 2178 -92.73 14.40 -18.33
CA MET B 2178 -91.86 13.46 -19.03
C MET B 2178 -92.58 12.15 -19.31
N ILE B 2179 -93.36 11.67 -18.35
CA ILE B 2179 -94.14 10.45 -18.55
C ILE B 2179 -95.16 10.64 -19.66
N GLN B 2180 -95.83 11.80 -19.67
CA GLN B 2180 -96.79 12.09 -20.73
C GLN B 2180 -96.11 12.15 -22.09
N SER B 2181 -94.93 12.77 -22.15
CA SER B 2181 -94.19 12.83 -23.40
C SER B 2181 -93.78 11.44 -23.88
N ILE B 2182 -93.35 10.58 -22.95
CA ILE B 2182 -92.99 9.20 -23.31
C ILE B 2182 -94.21 8.46 -23.86
N GLY B 2183 -95.36 8.63 -23.21
CA GLY B 2183 -96.58 8.01 -23.71
C GLY B 2183 -96.96 8.52 -25.09
N ASN B 2184 -96.83 9.83 -25.32
CA ASN B 2184 -97.13 10.38 -26.64
C ASN B 2184 -96.18 9.84 -27.70
N ILE B 2185 -94.90 9.69 -27.35
CA ILE B 2185 -93.94 9.09 -28.27
C ILE B 2185 -94.33 7.65 -28.57
N MET B 2186 -94.78 6.91 -27.56
CA MET B 2186 -95.26 5.55 -27.78
C MET B 2186 -96.44 5.54 -28.74
N ASN B 2187 -97.38 6.47 -28.57
CA ASN B 2187 -98.56 6.53 -29.43
C ASN B 2187 -98.23 6.95 -30.86
N ASN B 2188 -97.04 7.48 -31.11
CA ASN B 2188 -96.68 7.93 -32.45
C ASN B 2188 -96.32 6.74 -33.34
N LYS B 2189 -96.82 6.76 -34.57
CA LYS B 2189 -96.57 5.66 -35.51
C LYS B 2189 -95.15 5.69 -36.06
N VAL B 2190 -94.54 6.87 -36.17
CA VAL B 2190 -93.19 6.96 -36.71
C VAL B 2190 -92.19 6.25 -35.82
N PHE B 2191 -92.46 6.16 -34.51
CA PHE B 2191 -91.49 5.59 -33.57
C PHE B 2191 -91.11 4.16 -33.96
N TYR B 2192 -91.99 3.46 -34.66
CA TYR B 2192 -91.73 2.10 -35.11
C TYR B 2192 -91.57 1.96 -36.62
N GLN B 2193 -92.06 2.97 -37.35
CA GLN B 2193 -91.93 2.95 -38.83
C GLN B 2193 -90.48 3.20 -39.19
N HIS B 2194 -90.02 4.46 -39.09
CA HIS B 2194 -88.63 4.80 -39.44
C HIS B 2194 -87.76 4.70 -38.17
N PRO B 2195 -87.06 3.58 -37.93
CA PRO B 2195 -86.21 3.43 -36.76
C PRO B 2195 -84.94 4.27 -36.87
N ASN B 2196 -84.34 4.30 -38.06
CA ASN B 2196 -83.06 5.03 -38.24
C ASN B 2196 -83.26 6.48 -37.81
N LEU B 2197 -84.39 7.08 -38.16
CA LEU B 2197 -84.60 8.52 -37.84
C LEU B 2197 -84.44 8.68 -36.33
N MET B 2198 -85.11 7.84 -35.54
CA MET B 2198 -85.05 8.03 -34.07
C MET B 2198 -83.60 7.94 -33.63
N ARG B 2199 -82.85 6.98 -34.17
CA ARG B 2199 -81.45 6.80 -33.71
C ARG B 2199 -80.68 8.07 -34.07
N ALA B 2200 -80.82 8.53 -35.31
CA ALA B 2200 -80.15 9.79 -35.71
C ALA B 2200 -80.79 10.91 -34.89
N LEU B 2201 -82.10 10.81 -34.68
CA LEU B 2201 -82.73 11.82 -33.82
C LEU B 2201 -82.11 11.84 -32.44
N GLY B 2202 -81.60 10.70 -31.97
CA GLY B 2202 -80.82 10.65 -30.75
C GLY B 2202 -81.57 10.98 -29.48
N MET B 2203 -82.80 10.48 -29.32
CA MET B 2203 -83.50 10.65 -28.05
C MET B 2203 -82.86 9.84 -26.93
N HIS B 2204 -82.13 8.78 -27.27
CA HIS B 2204 -81.50 7.95 -26.24
C HIS B 2204 -80.47 8.74 -25.43
N GLU B 2205 -79.73 9.63 -26.11
CA GLU B 2205 -78.79 10.48 -25.40
C GLU B 2205 -79.51 11.39 -24.41
N THR B 2206 -80.64 11.98 -24.82
CA THR B 2206 -81.42 12.82 -23.93
C THR B 2206 -81.98 12.03 -22.76
N VAL B 2207 -82.48 10.82 -23.03
CA VAL B 2207 -83.02 9.98 -21.96
C VAL B 2207 -81.94 9.61 -20.96
N MET B 2208 -80.75 9.27 -21.45
CA MET B 2208 -79.66 8.90 -20.54
C MET B 2208 -79.15 10.11 -19.78
N GLU B 2209 -79.17 11.29 -20.40
CA GLU B 2209 -78.84 12.52 -19.68
C GLU B 2209 -79.85 12.78 -18.57
N VAL B 2210 -81.13 12.56 -18.84
CA VAL B 2210 -82.16 12.70 -17.81
C VAL B 2210 -81.92 11.69 -16.70
N MET B 2211 -81.55 10.46 -17.06
CA MET B 2211 -81.24 9.43 -16.07
C MET B 2211 -80.08 9.85 -15.18
N VAL B 2212 -79.02 10.39 -15.78
CA VAL B 2212 -77.87 10.86 -15.01
C VAL B 2212 -78.29 12.00 -14.08
N ASN B 2213 -79.11 12.93 -14.59
CA ASN B 2213 -79.54 14.06 -13.78
C ASN B 2213 -80.36 13.61 -12.58
N VAL B 2214 -81.31 12.69 -12.79
CA VAL B 2214 -82.20 12.30 -11.69
C VAL B 2214 -81.48 11.38 -10.71
N LEU B 2215 -80.73 10.39 -11.21
CA LEU B 2215 -80.10 9.42 -10.33
C LEU B 2215 -78.82 9.96 -9.70
N GLY B 2216 -78.10 10.82 -10.42
CA GLY B 2216 -76.86 11.38 -9.93
C GLY B 2216 -75.69 10.43 -9.96
N GLU B 2222 -81.09 7.31 -3.98
CA GLU B 2222 -82.41 6.71 -4.13
C GLU B 2222 -83.14 7.31 -5.32
N ILE B 2223 -84.17 6.62 -5.78
CA ILE B 2223 -84.98 7.06 -6.92
C ILE B 2223 -86.09 7.96 -6.39
N ARG B 2224 -85.95 9.28 -6.61
CA ARG B 2224 -86.96 10.21 -6.15
C ARG B 2224 -88.28 10.00 -6.88
N PHE B 2225 -88.22 9.74 -8.19
CA PHE B 2225 -89.41 9.54 -9.01
C PHE B 2225 -89.26 8.22 -9.76
N PRO B 2226 -89.55 7.09 -9.11
CA PRO B 2226 -89.37 5.79 -9.76
C PRO B 2226 -90.25 5.60 -10.98
N LYS B 2227 -91.40 6.28 -11.07
CA LYS B 2227 -92.28 6.12 -12.22
C LYS B 2227 -91.60 6.60 -13.50
N MET B 2228 -90.94 7.75 -13.44
CA MET B 2228 -90.23 8.26 -14.61
C MET B 2228 -89.07 7.34 -14.99
N VAL B 2229 -88.38 6.80 -14.00
CA VAL B 2229 -87.28 5.86 -14.27
C VAL B 2229 -87.80 4.62 -14.97
N THR B 2230 -88.93 4.08 -14.50
CA THR B 2230 -89.51 2.91 -15.14
C THR B 2230 -89.96 3.22 -16.57
N SER B 2231 -90.56 4.39 -16.77
CA SER B 2231 -90.99 4.78 -18.11
C SER B 2231 -89.80 4.90 -19.06
N CYS B 2232 -88.71 5.53 -18.59
CA CYS B 2232 -87.54 5.69 -19.44
C CYS B 2232 -86.86 4.34 -19.71
N CYS B 2233 -86.87 3.44 -18.72
CA CYS B 2233 -86.33 2.11 -18.93
C CYS B 2233 -87.14 1.33 -19.96
N ARG B 2234 -88.47 1.46 -19.90
CA ARG B 2234 -89.31 0.83 -20.92
C ARG B 2234 -89.04 1.41 -22.30
N PHE B 2235 -88.87 2.74 -22.37
CA PHE B 2235 -88.55 3.38 -23.64
C PHE B 2235 -87.23 2.87 -24.20
N LEU B 2236 -86.20 2.74 -23.35
CA LEU B 2236 -84.92 2.23 -23.80
C LEU B 2236 -85.03 0.78 -24.25
N CYS B 2237 -85.76 -0.05 -23.50
CA CYS B 2237 -85.96 -1.44 -23.88
C CYS B 2237 -86.59 -1.55 -25.25
N TYR B 2238 -87.65 -0.77 -25.49
CA TYR B 2238 -88.37 -0.88 -26.75
C TYR B 2238 -87.60 -0.25 -27.89
N PHE B 2239 -86.79 0.78 -27.61
CA PHE B 2239 -85.92 1.34 -28.63
C PHE B 2239 -84.86 0.32 -29.05
N CYS B 2240 -84.32 -0.44 -28.09
CA CYS B 2240 -83.42 -1.53 -28.45
C CYS B 2240 -84.15 -2.59 -29.27
N ARG B 2241 -85.39 -2.91 -28.88
CA ARG B 2241 -86.17 -3.91 -29.61
C ARG B 2241 -86.58 -3.42 -31.00
N ILE B 2242 -86.49 -2.11 -31.26
CA ILE B 2242 -86.93 -1.59 -32.55
C ILE B 2242 -86.08 -2.15 -33.69
N SER B 2243 -84.77 -2.09 -33.54
CA SER B 2243 -83.89 -2.51 -34.64
C SER B 2243 -82.54 -2.92 -34.07
N ARG B 2244 -81.76 -3.63 -34.90
CA ARG B 2244 -80.44 -4.08 -34.48
C ARG B 2244 -79.46 -2.92 -34.36
N GLN B 2245 -79.58 -1.91 -35.24
CA GLN B 2245 -78.70 -0.76 -35.15
C GLN B 2245 -78.90 0.00 -33.84
N ASN B 2246 -80.16 0.19 -33.44
CA ASN B 2246 -80.43 0.83 -32.15
C ASN B 2246 -79.93 -0.03 -31.00
N GLN B 2247 -80.05 -1.35 -31.14
CA GLN B 2247 -79.51 -2.26 -30.11
C GLN B 2247 -78.02 -2.09 -29.96
N ARG B 2248 -77.29 -2.00 -31.08
CA ARG B 2248 -75.85 -1.77 -31.02
C ARG B 2248 -75.55 -0.40 -30.42
N SER B 2249 -76.35 0.62 -30.77
CA SER B 2249 -76.13 1.95 -30.22
C SER B 2249 -76.27 1.95 -28.70
N MET B 2250 -77.26 1.23 -28.18
CA MET B 2250 -77.36 1.10 -26.73
C MET B 2250 -76.32 0.16 -26.16
N PHE B 2251 -75.90 -0.86 -26.92
CA PHE B 2251 -74.93 -1.82 -26.40
C PHE B 2251 -73.57 -1.17 -26.18
N ASP B 2252 -73.24 -0.15 -26.96
CA ASP B 2252 -71.94 0.51 -26.81
C ASP B 2252 -71.78 1.18 -25.45
N HIS B 2253 -72.88 1.48 -24.78
CA HIS B 2253 -72.87 2.10 -23.45
C HIS B 2253 -73.34 1.12 -22.38
N LEU B 2254 -72.96 -0.16 -22.53
CA LEU B 2254 -73.38 -1.18 -21.57
C LEU B 2254 -72.72 -0.99 -20.21
N SER B 2255 -71.51 -0.42 -20.18
CA SER B 2255 -70.77 -0.29 -18.93
C SER B 2255 -71.56 0.55 -17.92
N TYR B 2256 -72.10 1.69 -18.38
CA TYR B 2256 -72.93 2.51 -17.50
C TYR B 2256 -74.19 1.77 -17.07
N LEU B 2257 -74.78 1.00 -17.99
CA LEU B 2257 -76.02 0.28 -17.67
C LEU B 2257 -75.79 -0.73 -16.56
N LEU B 2258 -74.70 -1.49 -16.61
CA LEU B 2258 -74.42 -2.45 -15.54
C LEU B 2258 -73.89 -1.78 -14.29
N GLU B 2259 -73.17 -0.65 -14.41
CA GLU B 2259 -72.67 0.04 -13.23
C GLU B 2259 -73.78 0.72 -12.46
N ASN B 2260 -74.87 1.10 -13.13
CA ASN B 2260 -75.99 1.72 -12.43
C ASN B 2260 -76.61 0.77 -11.41
N SER B 2261 -76.79 -0.50 -11.79
CA SER B 2261 -77.38 -1.49 -10.90
C SER B 2261 -76.38 -1.99 -9.88
N MET B 2267 -85.55 -3.63 -7.78
CA MET B 2267 -86.70 -2.81 -7.45
C MET B 2267 -87.90 -3.18 -8.31
N GLN B 2268 -89.09 -2.71 -7.92
CA GLN B 2268 -90.30 -3.00 -8.67
C GLN B 2268 -90.32 -2.21 -9.98
N GLY B 2269 -91.11 -2.71 -10.92
CA GLY B 2269 -91.23 -2.06 -12.21
C GLY B 2269 -90.04 -2.34 -13.12
N SER B 2270 -89.87 -1.47 -14.10
CA SER B 2270 -88.80 -1.62 -15.06
C SER B 2270 -87.44 -1.39 -14.41
N THR B 2271 -86.42 -2.06 -14.95
CA THR B 2271 -85.07 -2.00 -14.43
C THR B 2271 -84.09 -1.78 -15.58
N PRO B 2272 -83.01 -1.03 -15.35
CA PRO B 2272 -81.96 -0.93 -16.39
C PRO B 2272 -81.33 -2.27 -16.72
N LEU B 2273 -81.42 -3.24 -15.82
CA LEU B 2273 -80.98 -4.60 -16.15
C LEU B 2273 -81.82 -5.17 -17.29
N ASP B 2274 -83.13 -4.90 -17.28
CA ASP B 2274 -83.97 -5.27 -18.41
C ASP B 2274 -83.55 -4.55 -19.67
N VAL B 2275 -83.09 -3.30 -19.54
CA VAL B 2275 -82.60 -2.56 -20.70
C VAL B 2275 -81.37 -3.26 -21.28
N ALA B 2276 -80.44 -3.67 -20.41
CA ALA B 2276 -79.26 -4.39 -20.89
C ALA B 2276 -79.64 -5.71 -21.54
N ALA B 2277 -80.59 -6.43 -20.93
CA ALA B 2277 -81.01 -7.71 -21.50
C ALA B 2277 -81.64 -7.52 -22.87
N ALA B 2278 -82.49 -6.49 -23.03
CA ALA B 2278 -83.09 -6.21 -24.33
C ALA B 2278 -82.04 -5.79 -25.35
N SER B 2279 -81.03 -5.03 -24.92
CA SER B 2279 -79.98 -4.60 -25.82
C SER B 2279 -79.03 -5.74 -26.18
N VAL B 2280 -79.01 -6.82 -25.41
CA VAL B 2280 -78.11 -7.94 -25.66
C VAL B 2280 -78.82 -9.16 -26.24
N ILE B 2281 -80.15 -9.19 -26.23
CA ILE B 2281 -80.88 -10.36 -26.69
C ILE B 2281 -80.94 -10.38 -28.21
N ASP B 2282 -80.91 -11.58 -28.78
CA ASP B 2282 -81.13 -11.81 -30.21
C ASP B 2282 -80.12 -11.06 -31.07
N ASN B 2283 -78.85 -11.04 -30.62
CA ASN B 2283 -77.78 -10.44 -31.42
C ASN B 2283 -76.47 -11.06 -30.99
N ASN B 2284 -75.90 -11.92 -31.84
CA ASN B 2284 -74.67 -12.61 -31.49
C ASN B 2284 -73.46 -11.68 -31.54
N GLU B 2285 -73.48 -10.68 -32.42
CA GLU B 2285 -72.34 -9.78 -32.55
C GLU B 2285 -72.09 -9.00 -31.26
N LEU B 2286 -73.17 -8.46 -30.67
CA LEU B 2286 -73.01 -7.71 -29.44
C LEU B 2286 -72.64 -8.60 -28.26
N ALA B 2287 -73.15 -9.84 -28.24
CA ALA B 2287 -72.75 -10.78 -27.20
C ALA B 2287 -71.27 -11.11 -27.30
N LEU B 2288 -70.77 -11.30 -28.52
CA LEU B 2288 -69.34 -11.54 -28.70
C LEU B 2288 -68.51 -10.31 -28.33
N ALA B 2289 -68.98 -9.12 -28.69
CA ALA B 2289 -68.25 -7.89 -28.39
C ALA B 2289 -68.30 -7.51 -26.92
N LEU B 2290 -69.13 -8.18 -26.12
CA LEU B 2290 -69.22 -7.88 -24.70
C LEU B 2290 -67.91 -8.19 -23.99
N GLN B 2291 -67.46 -7.28 -23.14
CA GLN B 2291 -66.15 -7.38 -22.53
C GLN B 2291 -66.17 -8.28 -21.29
N GLU B 2292 -64.99 -8.78 -20.92
CA GLU B 2292 -64.87 -9.67 -19.77
C GLU B 2292 -64.99 -8.91 -18.45
N GLN B 2293 -64.57 -7.64 -18.42
CA GLN B 2293 -64.70 -6.84 -17.20
C GLN B 2293 -66.16 -6.67 -16.83
N ASP B 2294 -67.05 -6.62 -17.82
CA ASP B 2294 -68.48 -6.55 -17.53
C ASP B 2294 -68.93 -7.78 -16.75
N LEU B 2295 -68.53 -8.98 -17.21
CA LEU B 2295 -68.90 -10.20 -16.51
C LEU B 2295 -68.23 -10.30 -15.15
N GLU B 2296 -67.02 -9.75 -15.03
CA GLU B 2296 -66.37 -9.72 -13.72
C GLU B 2296 -67.17 -8.89 -12.74
N LYS B 2297 -67.61 -7.70 -13.15
CA LYS B 2297 -68.52 -6.90 -12.33
C LYS B 2297 -69.81 -7.67 -12.07
N VAL B 2298 -70.27 -8.44 -13.06
CA VAL B 2298 -71.47 -9.24 -12.92
C VAL B 2298 -71.37 -10.14 -11.71
N VAL B 2299 -70.38 -11.03 -11.72
CA VAL B 2299 -70.25 -12.02 -10.66
C VAL B 2299 -69.86 -11.34 -9.36
N SER B 2300 -69.16 -10.20 -9.43
CA SER B 2300 -68.79 -9.50 -8.21
C SER B 2300 -70.02 -9.00 -7.46
N TYR B 2301 -71.00 -8.45 -8.17
CA TYR B 2301 -72.20 -8.03 -7.45
C TYR B 2301 -73.01 -9.26 -7.03
N LEU B 2302 -73.06 -10.28 -7.90
CA LEU B 2302 -73.87 -11.46 -7.61
C LEU B 2302 -73.42 -12.14 -6.33
N ALA B 2303 -72.10 -12.22 -6.11
CA ALA B 2303 -71.61 -12.71 -4.83
C ALA B 2303 -72.00 -11.79 -3.69
N GLY B 2304 -71.94 -10.47 -3.92
CA GLY B 2304 -72.32 -9.53 -2.88
C GLY B 2304 -73.78 -9.58 -2.52
N CYS B 2305 -74.65 -9.75 -3.52
CA CYS B 2305 -76.09 -9.81 -3.26
C CYS B 2305 -76.52 -11.14 -2.65
N GLY B 2306 -75.64 -12.13 -2.63
CA GLY B 2306 -75.96 -13.42 -2.04
C GLY B 2306 -75.77 -13.53 -0.56
N LEU B 2307 -75.42 -12.42 0.12
CA LEU B 2307 -75.17 -12.43 1.55
C LEU B 2307 -76.23 -11.69 2.37
N GLN B 2308 -77.10 -10.91 1.73
CA GLN B 2308 -78.12 -10.14 2.42
C GLN B 2308 -79.46 -10.30 1.72
N SER B 2309 -80.53 -10.19 2.51
CA SER B 2309 -81.87 -10.32 1.97
C SER B 2309 -82.30 -9.05 1.25
N CYS B 2310 -83.44 -9.13 0.56
CA CYS B 2310 -83.95 -7.98 -0.17
C CYS B 2310 -84.44 -6.91 0.80
N PRO B 2311 -83.97 -5.66 0.68
CA PRO B 2311 -84.43 -4.62 1.61
C PRO B 2311 -85.93 -4.42 1.61
N MET B 2312 -86.58 -4.54 0.46
CA MET B 2312 -88.04 -4.43 0.41
C MET B 2312 -88.71 -5.53 1.21
N LEU B 2313 -88.21 -6.77 1.08
CA LEU B 2313 -88.78 -7.88 1.85
C LEU B 2313 -88.55 -7.68 3.34
N LEU B 2314 -87.37 -7.20 3.73
CA LEU B 2314 -87.10 -6.95 5.14
C LEU B 2314 -88.00 -5.86 5.69
N ALA B 2315 -88.23 -4.80 4.92
CA ALA B 2315 -89.12 -3.73 5.37
C ALA B 2315 -90.57 -4.18 5.42
N LYS B 2316 -90.96 -5.10 4.53
CA LYS B 2316 -92.34 -5.59 4.51
C LYS B 2316 -92.65 -6.52 5.67
N GLY B 2317 -91.65 -6.94 6.44
CA GLY B 2317 -91.87 -7.84 7.56
C GLY B 2317 -91.70 -9.31 7.25
N TYR B 2318 -91.16 -9.65 6.08
CA TYR B 2318 -90.95 -11.04 5.73
C TYR B 2318 -89.84 -11.64 6.59
N PRO B 2319 -89.84 -12.96 6.80
CA PRO B 2319 -88.76 -13.59 7.56
C PRO B 2319 -87.41 -13.37 6.91
N ASP B 2320 -86.38 -13.22 7.74
CA ASP B 2320 -85.04 -12.93 7.25
C ASP B 2320 -84.51 -14.09 6.42
N ILE B 2321 -83.81 -13.75 5.33
CA ILE B 2321 -83.22 -14.73 4.43
C ILE B 2321 -81.74 -14.39 4.27
N GLY B 2322 -80.96 -15.40 3.90
CA GLY B 2322 -79.54 -15.23 3.71
C GLY B 2322 -79.12 -14.58 2.41
N TRP B 2323 -80.06 -14.36 1.50
CA TRP B 2323 -79.75 -13.73 0.22
C TRP B 2323 -81.02 -13.13 -0.36
N ASN B 2324 -80.84 -12.23 -1.33
CA ASN B 2324 -81.96 -11.54 -1.95
C ASN B 2324 -82.26 -12.11 -3.32
N PRO B 2325 -83.38 -12.79 -3.51
CA PRO B 2325 -83.74 -13.25 -4.87
C PRO B 2325 -84.36 -12.18 -5.73
N CYS B 2326 -84.78 -11.05 -5.14
CA CYS B 2326 -85.55 -10.04 -5.87
C CYS B 2326 -84.78 -9.49 -7.06
N GLY B 2327 -83.55 -9.03 -6.84
CA GLY B 2327 -82.72 -8.54 -7.93
C GLY B 2327 -81.84 -9.61 -8.52
N GLY B 2328 -81.53 -10.62 -7.69
CA GLY B 2328 -80.70 -11.71 -8.15
C GLY B 2328 -81.34 -12.48 -9.30
N GLU B 2329 -82.63 -12.77 -9.20
CA GLU B 2329 -83.32 -13.49 -10.26
C GLU B 2329 -83.29 -12.71 -11.56
N ARG B 2330 -83.59 -11.41 -11.50
CA ARG B 2330 -83.59 -10.59 -12.71
C ARG B 2330 -82.21 -10.58 -13.34
N TYR B 2331 -81.16 -10.51 -12.52
CA TYR B 2331 -79.86 -10.19 -13.10
C TYR B 2331 -79.24 -11.49 -13.62
N LEU B 2332 -79.49 -12.59 -12.91
CA LEU B 2332 -79.19 -13.91 -13.43
C LEU B 2332 -79.96 -14.21 -14.70
N ASP B 2333 -81.18 -13.67 -14.83
CA ASP B 2333 -81.91 -13.80 -16.09
C ASP B 2333 -81.21 -13.02 -17.19
N PHE B 2334 -80.64 -11.85 -16.85
CA PHE B 2334 -79.83 -11.11 -17.81
C PHE B 2334 -78.61 -11.92 -18.24
N LEU B 2335 -77.96 -12.58 -17.29
CA LEU B 2335 -76.85 -13.48 -17.61
C LEU B 2335 -77.29 -14.57 -18.57
N ARG B 2336 -78.45 -15.19 -18.28
CA ARG B 2336 -78.95 -16.27 -19.12
C ARG B 2336 -79.24 -15.76 -20.53
N PHE B 2337 -79.80 -14.56 -20.64
CA PHE B 2337 -80.02 -13.97 -21.96
C PHE B 2337 -78.71 -13.71 -22.68
N ALA B 2338 -77.71 -13.21 -21.97
CA ALA B 2338 -76.43 -12.88 -22.60
C ALA B 2338 -75.70 -14.13 -23.08
N VAL B 2339 -75.78 -15.22 -22.31
CA VAL B 2339 -75.03 -16.43 -22.64
C VAL B 2339 -75.55 -17.05 -23.94
N PHE B 2340 -76.87 -17.18 -24.06
CA PHE B 2340 -77.49 -17.89 -25.18
C PHE B 2340 -78.04 -16.89 -26.18
N VAL B 2341 -77.62 -17.04 -27.44
CA VAL B 2341 -78.08 -16.18 -28.53
C VAL B 2341 -78.55 -17.06 -29.68
N ASN B 2342 -79.79 -16.85 -30.13
CA ASN B 2342 -80.33 -17.46 -31.34
C ASN B 2342 -80.23 -18.98 -31.32
N GLY B 2343 -80.48 -19.57 -30.16
CA GLY B 2343 -80.48 -21.01 -30.05
C GLY B 2343 -79.11 -21.66 -30.02
N GLU B 2344 -78.04 -20.88 -29.91
CA GLU B 2344 -76.68 -21.40 -29.85
C GLU B 2344 -75.94 -20.75 -28.70
N SER B 2345 -75.03 -21.51 -28.10
CA SER B 2345 -74.23 -21.04 -26.97
C SER B 2345 -72.84 -20.69 -27.45
N VAL B 2346 -72.42 -19.44 -27.21
CA VAL B 2346 -71.06 -19.03 -27.54
C VAL B 2346 -70.10 -19.62 -26.53
N GLU B 2347 -69.05 -20.29 -27.02
CA GLU B 2347 -68.16 -21.04 -26.14
C GLU B 2347 -67.35 -20.12 -25.23
N GLU B 2348 -66.78 -19.04 -25.79
CA GLU B 2348 -65.89 -18.19 -25.00
C GLU B 2348 -66.64 -17.49 -23.87
N ASN B 2349 -67.77 -16.85 -24.20
CA ASN B 2349 -68.53 -16.15 -23.17
C ASN B 2349 -69.05 -17.10 -22.11
N ALA B 2350 -69.55 -18.27 -22.52
CA ALA B 2350 -70.06 -19.24 -21.56
C ALA B 2350 -68.95 -19.73 -20.63
N ASN B 2351 -67.78 -20.01 -21.19
CA ASN B 2351 -66.65 -20.44 -20.37
C ASN B 2351 -66.26 -19.35 -19.38
N VAL B 2352 -66.24 -18.09 -19.83
CA VAL B 2352 -65.84 -16.99 -18.95
C VAL B 2352 -66.84 -16.83 -17.81
N VAL B 2353 -68.13 -16.83 -18.13
CA VAL B 2353 -69.11 -16.65 -17.05
C VAL B 2353 -69.07 -17.83 -16.10
N VAL B 2354 -68.89 -19.04 -16.63
CA VAL B 2354 -68.78 -20.22 -15.76
C VAL B 2354 -67.60 -20.07 -14.82
N ARG B 2355 -66.44 -19.67 -15.35
CA ARG B 2355 -65.24 -19.57 -14.53
C ARG B 2355 -65.41 -18.53 -13.43
N LEU B 2356 -65.86 -17.32 -13.78
CA LEU B 2356 -66.06 -16.30 -12.76
C LEU B 2356 -67.15 -16.70 -11.77
N LEU B 2357 -68.16 -17.45 -12.21
CA LEU B 2357 -69.22 -17.86 -11.31
C LEU B 2357 -68.73 -18.87 -10.29
N ILE B 2358 -67.96 -19.86 -10.71
CA ILE B 2358 -67.57 -20.91 -9.76
C ILE B 2358 -66.38 -20.46 -8.93
N ARG B 2359 -65.56 -19.53 -9.45
CA ARG B 2359 -64.44 -19.01 -8.66
C ARG B 2359 -64.90 -18.36 -7.36
N LYS B 2360 -66.13 -17.87 -7.31
CA LYS B 2360 -66.70 -17.31 -6.08
C LYS B 2360 -67.86 -18.19 -5.62
N PRO B 2361 -67.66 -19.02 -4.60
CA PRO B 2361 -68.76 -19.89 -4.15
C PRO B 2361 -69.93 -19.15 -3.53
N GLU B 2362 -69.73 -17.89 -3.13
CA GLU B 2362 -70.82 -17.14 -2.50
C GLU B 2362 -71.98 -16.88 -3.45
N CYS B 2363 -71.74 -16.90 -4.76
CA CYS B 2363 -72.83 -16.67 -5.71
C CYS B 2363 -73.87 -17.78 -5.64
N PHE B 2364 -73.42 -19.02 -5.48
CA PHE B 2364 -74.35 -20.14 -5.38
C PHE B 2364 -75.13 -20.09 -4.07
N GLY B 2365 -76.25 -20.79 -4.06
CA GLY B 2365 -77.09 -20.88 -2.88
C GLY B 2365 -76.37 -21.47 -1.70
N PRO B 2366 -76.53 -20.86 -0.52
CA PRO B 2366 -75.86 -21.38 0.69
C PRO B 2366 -76.27 -22.81 1.03
N ALA B 2367 -77.51 -23.19 0.73
CA ALA B 2367 -77.93 -24.56 0.99
C ALA B 2367 -77.14 -25.55 0.14
N LEU B 2368 -76.94 -25.23 -1.13
CA LEU B 2368 -76.12 -26.09 -1.99
C LEU B 2368 -74.67 -26.07 -1.57
N ARG B 2369 -74.15 -24.91 -1.19
CA ARG B 2369 -72.76 -24.74 -0.77
C ARG B 2369 -71.78 -25.24 -1.83
N GLY B 2373 -72.48 -28.33 2.42
CA GLY B 2373 -73.67 -28.25 3.24
C GLY B 2373 -74.76 -29.22 2.82
N SER B 2374 -75.97 -28.71 2.62
CA SER B 2374 -77.09 -29.53 2.21
C SER B 2374 -77.07 -29.71 0.70
N GLY B 2375 -78.14 -30.29 0.15
CA GLY B 2375 -78.27 -30.50 -1.27
C GLY B 2375 -79.42 -29.71 -1.88
N LEU B 2376 -79.59 -29.89 -3.18
CA LEU B 2376 -80.68 -29.22 -3.88
C LEU B 2376 -82.04 -29.72 -3.39
N LEU B 2377 -82.15 -31.01 -3.07
CA LEU B 2377 -83.39 -31.56 -2.56
C LEU B 2377 -83.77 -30.91 -1.23
N ALA B 2378 -82.79 -30.73 -0.33
CA ALA B 2378 -83.06 -30.07 0.94
C ALA B 2378 -83.52 -28.63 0.72
N ALA B 2379 -82.86 -27.92 -0.21
CA ALA B 2379 -83.23 -26.53 -0.48
C ALA B 2379 -84.65 -26.43 -1.03
N ILE B 2380 -85.01 -27.30 -1.98
CA ILE B 2380 -86.35 -27.22 -2.56
C ILE B 2380 -87.41 -27.65 -1.55
N GLU B 2381 -87.08 -28.63 -0.69
CA GLU B 2381 -88.02 -29.02 0.36
C GLU B 2381 -88.23 -27.88 1.35
N GLU B 2382 -87.16 -27.18 1.73
CA GLU B 2382 -87.29 -26.04 2.62
C GLU B 2382 -88.11 -24.93 1.98
N ALA B 2383 -87.88 -24.68 0.69
CA ALA B 2383 -88.66 -23.67 -0.02
C ALA B 2383 -90.15 -24.04 -0.06
N ILE B 2384 -90.45 -25.32 -0.31
CA ILE B 2384 -91.84 -25.77 -0.33
C ILE B 2384 -92.47 -25.61 1.05
N ARG B 2385 -91.74 -25.98 2.11
CA ARG B 2385 -92.26 -25.84 3.46
C ARG B 2385 -92.52 -24.38 3.80
N ILE B 2386 -91.60 -23.49 3.41
CA ILE B 2386 -91.79 -22.07 3.68
C ILE B 2386 -93.00 -21.53 2.93
N SER B 2387 -93.15 -21.92 1.65
CA SER B 2387 -94.29 -21.46 0.86
C SER B 2387 -95.61 -21.95 1.46
N GLU B 2388 -95.64 -23.21 1.90
CA GLU B 2388 -96.85 -23.75 2.51
C GLU B 2388 -97.20 -23.03 3.80
N ASP B 2389 -96.19 -22.73 4.62
CA ASP B 2389 -96.43 -22.01 5.86
C ASP B 2389 -96.84 -20.57 5.57
N PRO B 2390 -97.76 -19.99 6.36
CA PRO B 2390 -98.21 -18.61 6.15
C PRO B 2390 -97.17 -17.58 6.61
N ASN B 2414 -97.39 -10.87 2.01
CA ASN B 2414 -98.24 -11.95 1.53
C ASN B 2414 -98.47 -11.85 0.04
N ARG B 2415 -98.17 -10.68 -0.53
CA ARG B 2415 -98.34 -10.48 -1.97
C ARG B 2415 -97.40 -11.38 -2.76
N VAL B 2416 -96.14 -11.49 -2.33
CA VAL B 2416 -95.16 -12.33 -3.00
C VAL B 2416 -94.44 -13.14 -1.93
N HIS B 2417 -94.71 -14.44 -1.89
CA HIS B 2417 -94.08 -15.31 -0.89
C HIS B 2417 -92.60 -15.50 -1.21
N LEU B 2418 -91.80 -15.58 -0.16
CA LEU B 2418 -90.35 -15.69 -0.30
C LEU B 2418 -89.90 -17.08 -0.75
N GLY B 2419 -90.62 -18.13 -0.37
CA GLY B 2419 -90.25 -19.47 -0.81
C GLY B 2419 -90.34 -19.64 -2.31
N HIS B 2420 -91.41 -19.07 -2.92
CA HIS B 2420 -91.53 -19.12 -4.38
C HIS B 2420 -90.38 -18.37 -5.04
N ALA B 2421 -89.99 -17.23 -4.48
CA ALA B 2421 -88.85 -16.49 -5.04
C ALA B 2421 -87.57 -17.29 -4.95
N ILE B 2422 -87.34 -17.95 -3.81
CA ILE B 2422 -86.12 -18.76 -3.65
C ILE B 2422 -86.10 -19.91 -4.66
N MET B 2423 -87.23 -20.60 -4.80
CA MET B 2423 -87.29 -21.71 -5.74
C MET B 2423 -87.13 -21.23 -7.19
N SER B 2424 -87.70 -20.06 -7.51
CA SER B 2424 -87.50 -19.51 -8.85
C SER B 2424 -86.05 -19.14 -9.10
N PHE B 2425 -85.37 -18.58 -8.09
CA PHE B 2425 -83.96 -18.26 -8.25
C PHE B 2425 -83.14 -19.52 -8.46
N TYR B 2426 -83.41 -20.56 -7.69
CA TYR B 2426 -82.67 -21.82 -7.86
C TYR B 2426 -82.91 -22.41 -9.24
N ALA B 2427 -84.17 -22.40 -9.69
CA ALA B 2427 -84.49 -22.93 -11.01
C ALA B 2427 -83.80 -22.15 -12.11
N ALA B 2428 -83.79 -20.82 -11.99
CA ALA B 2428 -83.14 -20.00 -13.01
C ALA B 2428 -81.63 -20.18 -12.99
N LEU B 2429 -81.04 -20.39 -11.81
CA LEU B 2429 -79.62 -20.68 -11.73
C LEU B 2429 -79.28 -21.98 -12.43
N ILE B 2430 -80.08 -23.02 -12.19
CA ILE B 2430 -79.80 -24.30 -12.86
C ILE B 2430 -80.07 -24.17 -14.36
N ASP B 2431 -81.06 -23.36 -14.75
CA ASP B 2431 -81.30 -23.12 -16.16
C ASP B 2431 -80.10 -22.43 -16.82
N LEU B 2432 -79.52 -21.44 -16.15
CA LEU B 2432 -78.32 -20.79 -16.68
C LEU B 2432 -77.16 -21.78 -16.78
N LEU B 2433 -77.02 -22.64 -15.76
CA LEU B 2433 -75.98 -23.67 -15.81
C LEU B 2433 -76.18 -24.59 -17.01
N GLY B 2434 -77.41 -25.01 -17.26
CA GLY B 2434 -77.67 -25.89 -18.38
C GLY B 2434 -77.47 -25.23 -19.73
N ARG B 2435 -77.94 -23.98 -19.86
CA ARG B 2435 -77.91 -23.33 -21.17
C ARG B 2435 -76.49 -22.95 -21.57
N CYS B 2436 -75.60 -22.77 -20.60
CA CYS B 2436 -74.21 -22.46 -20.88
C CYS B 2436 -73.35 -23.70 -21.10
N ALA B 2437 -73.95 -24.89 -21.06
CA ALA B 2437 -73.20 -26.11 -21.28
C ALA B 2437 -72.70 -26.18 -22.73
N PRO B 2438 -71.60 -26.88 -22.98
CA PRO B 2438 -71.09 -26.99 -24.35
C PRO B 2438 -72.07 -27.71 -25.26
N GLU B 2439 -72.02 -27.35 -26.54
CA GLU B 2439 -72.92 -27.94 -27.52
C GLU B 2439 -72.58 -29.41 -27.77
N MET B 2440 -73.51 -30.10 -28.41
CA MET B 2440 -73.31 -31.52 -28.70
C MET B 2440 -72.13 -31.74 -29.62
N HIS B 2441 -72.01 -30.90 -30.66
CA HIS B 2441 -70.87 -31.03 -31.58
C HIS B 2441 -69.55 -30.73 -30.88
N LEU B 2442 -69.55 -29.76 -29.95
CA LEU B 2442 -68.34 -29.45 -29.21
C LEU B 2442 -67.91 -30.62 -28.33
N ILE B 2443 -68.86 -31.26 -27.65
CA ILE B 2443 -68.53 -32.40 -26.80
C ILE B 2443 -68.16 -33.61 -27.65
N GLN B 2444 -68.66 -33.67 -28.89
CA GLN B 2444 -68.28 -34.76 -29.78
C GLN B 2444 -66.89 -34.58 -30.36
N ALA B 2445 -66.48 -33.33 -30.60
CA ALA B 2445 -65.16 -33.07 -31.15
C ALA B 2445 -64.04 -33.42 -30.17
N GLY B 2446 -64.34 -33.48 -28.87
CA GLY B 2446 -63.32 -33.82 -27.90
C GLY B 2446 -62.47 -32.67 -27.43
N LYS B 2447 -62.95 -31.43 -27.54
CA LYS B 2447 -62.19 -30.28 -27.09
C LYS B 2447 -62.02 -30.32 -25.58
N GLY B 2448 -60.83 -29.93 -25.12
CA GLY B 2448 -60.55 -29.98 -23.69
C GLY B 2448 -61.44 -29.06 -22.87
N GLU B 2449 -61.71 -27.86 -23.38
CA GLU B 2449 -62.58 -26.94 -22.67
C GLU B 2449 -63.98 -27.50 -22.52
N ALA B 2450 -64.50 -28.14 -23.58
CA ALA B 2450 -65.85 -28.69 -23.52
C ALA B 2450 -65.96 -29.79 -22.48
N LEU B 2451 -65.01 -30.72 -22.45
CA LEU B 2451 -65.07 -31.80 -21.47
C LEU B 2451 -64.83 -31.27 -20.06
N ARG B 2452 -63.96 -30.26 -19.91
CA ARG B 2452 -63.75 -29.67 -18.60
C ARG B 2452 -65.03 -29.03 -18.07
N ILE B 2453 -65.72 -28.27 -18.92
CA ILE B 2453 -66.98 -27.64 -18.50
C ILE B 2453 -68.03 -28.70 -18.20
N ARG B 2454 -68.09 -29.75 -19.02
CA ARG B 2454 -69.06 -30.82 -18.78
C ARG B 2454 -68.81 -31.50 -17.44
N ALA B 2455 -67.53 -31.78 -17.12
CA ALA B 2455 -67.21 -32.39 -15.83
C ALA B 2455 -67.54 -31.45 -14.68
N ILE B 2456 -67.25 -30.15 -14.85
CA ILE B 2456 -67.54 -29.18 -13.79
C ILE B 2456 -69.02 -29.15 -13.49
N LEU B 2457 -69.85 -29.08 -14.54
CA LEU B 2457 -71.30 -29.02 -14.34
C LEU B 2457 -71.86 -30.35 -13.84
N ARG B 2458 -71.25 -31.47 -14.24
CA ARG B 2458 -71.67 -32.76 -13.73
C ARG B 2458 -71.39 -32.88 -12.23
N SER B 2459 -70.23 -32.41 -11.79
CA SER B 2459 -69.90 -32.47 -10.36
C SER B 2459 -70.67 -31.44 -9.56
N LEU B 2460 -71.07 -30.33 -10.19
CA LEU B 2460 -71.75 -29.27 -9.46
C LEU B 2460 -73.12 -29.72 -8.96
N VAL B 2461 -73.86 -30.44 -9.78
CA VAL B 2461 -75.22 -30.87 -9.46
C VAL B 2461 -75.26 -32.40 -9.50
N PRO B 2462 -75.63 -33.06 -8.41
CA PRO B 2462 -75.72 -34.53 -8.44
C PRO B 2462 -76.98 -35.00 -9.16
N LEU B 2463 -76.91 -36.25 -9.63
CA LEU B 2463 -78.05 -36.85 -10.33
C LEU B 2463 -79.25 -37.02 -9.39
N ASP B 2464 -79.01 -37.48 -8.16
CA ASP B 2464 -80.10 -37.80 -7.25
C ASP B 2464 -80.94 -36.57 -6.94
N ASP B 2465 -80.29 -35.43 -6.70
CA ASP B 2465 -81.02 -34.20 -6.43
C ASP B 2465 -81.89 -33.80 -7.60
N LEU B 2466 -81.37 -33.89 -8.82
CA LEU B 2466 -82.15 -33.54 -10.00
C LEU B 2466 -83.35 -34.46 -10.16
N VAL B 2467 -83.15 -35.77 -10.00
CA VAL B 2467 -84.26 -36.72 -10.13
C VAL B 2467 -85.29 -36.49 -9.05
N GLY B 2468 -84.86 -36.12 -7.84
CA GLY B 2468 -85.82 -35.79 -6.81
C GLY B 2468 -86.61 -34.52 -7.11
N ILE B 2469 -85.94 -33.51 -7.65
CA ILE B 2469 -86.63 -32.25 -7.95
C ILE B 2469 -87.66 -32.44 -9.06
N ILE B 2470 -87.29 -33.14 -10.13
CA ILE B 2470 -88.24 -33.34 -11.22
C ILE B 2470 -89.42 -34.20 -10.76
N SER B 2471 -89.20 -35.13 -9.85
CA SER B 2471 -90.25 -35.98 -9.33
C SER B 2471 -91.10 -35.32 -8.25
N LEU B 2472 -90.77 -34.09 -7.86
CA LEU B 2472 -91.56 -33.41 -6.84
C LEU B 2472 -92.94 -33.05 -7.39
N PRO B 2473 -94.01 -33.41 -6.70
CA PRO B 2473 -95.36 -33.10 -7.18
C PRO B 2473 -95.71 -31.64 -6.94
N LEU B 2474 -96.93 -31.28 -7.33
CA LEU B 2474 -97.43 -29.92 -7.15
C LEU B 2474 -98.93 -29.96 -6.92
N GLN B 2475 -99.45 -28.87 -6.36
CA GLN B 2475 -100.87 -28.76 -6.06
C GLN B 2475 -101.62 -28.34 -7.32
N ILE B 2476 -101.71 -29.28 -8.25
CA ILE B 2476 -102.42 -29.02 -9.52
C ILE B 2476 -103.92 -28.99 -9.26
N PRO B 2477 -104.63 -27.93 -9.65
CA PRO B 2477 -106.07 -27.82 -9.44
C PRO B 2477 -106.87 -28.73 -10.38
N VAL B 2486 -111.19 -24.59 -7.36
CA VAL B 2486 -110.22 -23.91 -6.52
C VAL B 2486 -108.84 -23.98 -7.16
N GLN B 2487 -108.49 -22.94 -7.93
CA GLN B 2487 -107.19 -22.90 -8.60
C GLN B 2487 -106.20 -22.15 -7.73
N PRO B 2488 -105.13 -22.80 -7.24
CA PRO B 2488 -104.15 -22.08 -6.44
C PRO B 2488 -103.39 -21.05 -7.28
N LYS B 2489 -102.95 -19.99 -6.60
CA LYS B 2489 -102.22 -18.93 -7.27
C LYS B 2489 -100.87 -19.44 -7.76
N MET B 2490 -100.54 -19.12 -9.00
CA MET B 2490 -99.25 -19.56 -9.56
C MET B 2490 -98.07 -18.95 -8.84
N SER B 2491 -98.15 -17.65 -8.52
CA SER B 2491 -97.05 -16.98 -7.82
C SER B 2491 -96.94 -17.42 -6.37
N ALA B 2492 -97.95 -18.10 -5.83
CA ALA B 2492 -97.95 -18.54 -4.44
C ALA B 2492 -97.66 -20.03 -4.29
N SER B 2493 -97.38 -20.73 -5.39
CA SER B 2493 -97.14 -22.17 -5.34
C SER B 2493 -96.11 -22.53 -6.41
N PHE B 2494 -95.97 -23.83 -6.65
CA PHE B 2494 -95.01 -24.31 -7.63
C PHE B 2494 -95.41 -23.86 -9.03
N VAL B 2495 -94.42 -23.44 -9.81
CA VAL B 2495 -94.59 -23.06 -11.21
C VAL B 2495 -93.83 -24.09 -12.05
N PRO B 2496 -94.44 -24.63 -13.12
CA PRO B 2496 -93.73 -25.64 -13.92
C PRO B 2496 -92.46 -25.13 -14.58
N ASP B 2497 -92.21 -23.81 -14.59
CA ASP B 2497 -90.97 -23.30 -15.17
C ASP B 2497 -89.73 -23.86 -14.47
N HIS B 2498 -89.85 -24.15 -13.17
CA HIS B 2498 -88.72 -24.75 -12.45
C HIS B 2498 -88.39 -26.14 -13.00
N LYS B 2499 -89.40 -26.98 -13.19
CA LYS B 2499 -89.15 -28.28 -13.79
C LYS B 2499 -88.70 -28.15 -15.24
N ALA B 2500 -89.14 -27.09 -15.93
CA ALA B 2500 -88.68 -26.85 -17.30
C ALA B 2500 -87.18 -26.58 -17.31
N SER B 2501 -86.72 -25.75 -16.37
CA SER B 2501 -85.29 -25.55 -16.20
C SER B 2501 -84.59 -26.86 -15.85
N MET B 2502 -85.22 -27.67 -15.01
CA MET B 2502 -84.61 -28.95 -14.64
C MET B 2502 -84.38 -29.81 -15.88
N VAL B 2503 -85.43 -29.97 -16.68
CA VAL B 2503 -85.37 -30.82 -17.87
C VAL B 2503 -84.38 -30.27 -18.88
N LEU B 2504 -84.40 -28.95 -19.08
CA LEU B 2504 -83.46 -28.34 -20.02
C LEU B 2504 -82.02 -28.57 -19.57
N PHE B 2505 -81.74 -28.38 -18.28
CA PHE B 2505 -80.40 -28.63 -17.75
C PHE B 2505 -79.98 -30.08 -17.99
N LEU B 2506 -80.85 -31.03 -17.62
CA LEU B 2506 -80.50 -32.44 -17.76
C LEU B 2506 -80.27 -32.81 -19.22
N ASP B 2507 -81.15 -32.34 -20.12
CA ASP B 2507 -81.00 -32.67 -21.53
C ASP B 2507 -79.73 -32.06 -22.11
N ARG B 2508 -79.41 -30.82 -21.73
CA ARG B 2508 -78.28 -30.14 -22.34
C ARG B 2508 -76.94 -30.66 -21.83
N VAL B 2509 -76.81 -30.91 -20.52
CA VAL B 2509 -75.50 -31.20 -19.96
C VAL B 2509 -75.34 -32.66 -19.53
N TYR B 2510 -76.41 -33.36 -19.18
CA TYR B 2510 -76.30 -34.75 -18.72
C TYR B 2510 -76.35 -35.73 -19.87
N GLY B 2511 -77.45 -35.74 -20.62
CA GLY B 2511 -77.62 -36.66 -21.72
C GLY B 2511 -78.02 -38.05 -21.26
N ILE B 2512 -78.93 -38.68 -21.98
CA ILE B 2512 -79.41 -40.02 -21.65
C ILE B 2512 -78.68 -41.00 -22.57
N GLU B 2513 -77.55 -41.50 -22.10
CA GLU B 2513 -76.78 -42.46 -22.88
C GLU B 2513 -77.38 -43.86 -22.83
N ASN B 2514 -77.97 -44.24 -21.70
CA ASN B 2514 -78.55 -45.56 -21.51
C ASN B 2514 -80.06 -45.46 -21.37
N GLN B 2515 -80.77 -46.43 -21.97
CA GLN B 2515 -82.23 -46.43 -21.90
C GLN B 2515 -82.75 -46.76 -20.51
N ASP B 2516 -81.95 -47.44 -19.68
CA ASP B 2516 -82.38 -47.74 -18.32
C ASP B 2516 -82.60 -46.46 -17.52
N PHE B 2517 -81.70 -45.49 -17.66
CA PHE B 2517 -81.87 -44.21 -16.98
C PHE B 2517 -83.12 -43.49 -17.47
N LEU B 2518 -83.38 -43.54 -18.79
CA LEU B 2518 -84.57 -42.92 -19.34
C LEU B 2518 -85.84 -43.56 -18.77
N LEU B 2519 -85.87 -44.89 -18.71
CA LEU B 2519 -87.02 -45.58 -18.14
C LEU B 2519 -87.19 -45.23 -16.68
N HIS B 2520 -86.08 -45.16 -15.93
CA HIS B 2520 -86.16 -44.82 -14.51
C HIS B 2520 -86.75 -43.43 -14.31
N VAL B 2521 -86.23 -42.44 -15.03
CA VAL B 2521 -86.70 -41.06 -14.83
C VAL B 2521 -88.14 -40.92 -15.33
N LEU B 2522 -88.50 -41.61 -16.42
CA LEU B 2522 -89.87 -41.58 -16.89
C LEU B 2522 -90.82 -42.20 -15.87
N ASP B 2523 -90.35 -43.21 -15.14
CA ASP B 2523 -91.20 -43.84 -14.14
C ASP B 2523 -91.35 -42.97 -12.90
N VAL B 2524 -90.27 -42.35 -12.43
CA VAL B 2524 -90.31 -41.68 -11.14
C VAL B 2524 -90.75 -40.23 -11.27
N GLY B 2525 -90.19 -39.48 -12.21
CA GLY B 2525 -90.40 -38.05 -12.24
C GLY B 2525 -91.29 -37.53 -13.36
N PHE B 2526 -91.18 -38.14 -14.54
CA PHE B 2526 -91.94 -37.67 -15.69
C PHE B 2526 -93.44 -37.84 -15.50
N LEU B 2527 -93.87 -38.98 -14.94
CA LEU B 2527 -95.28 -39.36 -14.97
C LEU B 2527 -96.22 -38.31 -14.38
N PRO B 2528 -95.97 -37.76 -13.18
CA PRO B 2528 -96.97 -36.86 -12.59
C PRO B 2528 -97.29 -35.63 -13.42
N ASP B 2529 -96.33 -35.11 -14.17
CA ASP B 2529 -96.58 -33.91 -14.97
C ASP B 2529 -97.71 -34.13 -15.97
N MET B 2530 -97.53 -35.07 -16.91
CA MET B 2530 -98.63 -35.27 -17.87
C MET B 2530 -99.82 -35.98 -17.23
N ARG B 2531 -99.64 -36.66 -16.09
CA ARG B 2531 -100.80 -37.20 -15.39
C ARG B 2531 -101.73 -36.07 -14.95
N ALA B 2532 -101.18 -35.05 -14.28
CA ALA B 2532 -101.97 -33.90 -13.89
C ALA B 2532 -102.45 -33.10 -15.09
N ALA B 2533 -101.64 -33.04 -16.16
CA ALA B 2533 -102.06 -32.34 -17.36
C ALA B 2533 -103.29 -32.99 -17.98
N ALA B 2534 -103.32 -34.31 -18.04
CA ALA B 2534 -104.47 -35.02 -18.60
C ALA B 2534 -105.66 -34.93 -17.64
N SER B 2535 -105.42 -35.01 -16.33
CA SER B 2535 -106.50 -34.91 -15.37
C SER B 2535 -107.19 -33.55 -15.42
N LEU B 2536 -106.41 -32.48 -15.53
CA LEU B 2536 -106.99 -31.14 -15.62
C LEU B 2536 -107.77 -30.96 -16.91
N ASP B 2537 -107.24 -31.47 -18.03
CA ASP B 2537 -107.88 -31.37 -19.34
C ASP B 2537 -108.19 -29.92 -19.71
N THR B 2544 -108.47 -22.24 -16.82
CA THR B 2544 -107.46 -23.09 -16.22
C THR B 2544 -106.06 -22.66 -16.63
N GLU B 2545 -105.52 -21.65 -15.95
CA GLU B 2545 -104.18 -21.16 -16.27
C GLU B 2545 -103.11 -22.19 -15.89
N MET B 2546 -103.31 -22.93 -14.80
CA MET B 2546 -102.33 -23.94 -14.40
C MET B 2546 -102.20 -25.04 -15.44
N ALA B 2547 -103.33 -25.48 -16.00
CA ALA B 2547 -103.28 -26.52 -17.03
C ALA B 2547 -102.54 -26.04 -18.28
N LEU B 2548 -102.81 -24.80 -18.70
CA LEU B 2548 -102.10 -24.25 -19.86
C LEU B 2548 -100.61 -24.11 -19.59
N ALA B 2549 -100.24 -23.66 -18.38
CA ALA B 2549 -98.84 -23.56 -18.03
C ALA B 2549 -98.16 -24.92 -18.03
N LEU B 2550 -98.84 -25.94 -17.49
CA LEU B 2550 -98.26 -27.29 -17.50
C LEU B 2550 -98.11 -27.82 -18.91
N ASN B 2551 -99.09 -27.56 -19.78
CA ASN B 2551 -99.00 -28.01 -21.16
C ASN B 2551 -97.84 -27.33 -21.88
N ARG B 2552 -97.70 -26.02 -21.68
CA ARG B 2552 -96.58 -25.30 -22.30
C ARG B 2552 -95.25 -25.81 -21.78
N TYR B 2553 -95.16 -26.05 -20.47
CA TYR B 2553 -93.96 -26.66 -19.90
C TYR B 2553 -93.64 -27.99 -20.55
N LEU B 2554 -94.63 -28.87 -20.67
CA LEU B 2554 -94.37 -30.19 -21.22
C LEU B 2554 -93.87 -30.08 -22.66
N CYS B 2555 -94.57 -29.28 -23.47
CA CYS B 2555 -94.21 -29.13 -24.87
C CYS B 2555 -92.84 -28.47 -25.04
N LEU B 2556 -92.43 -27.61 -24.10
CA LEU B 2556 -91.17 -26.90 -24.24
C LEU B 2556 -89.99 -27.66 -23.65
N ALA B 2557 -90.20 -28.53 -22.67
CA ALA B 2557 -89.11 -29.20 -21.97
C ALA B 2557 -89.09 -30.70 -22.21
N VAL B 2558 -90.18 -31.41 -21.90
CA VAL B 2558 -90.11 -32.86 -21.91
C VAL B 2558 -90.47 -33.45 -23.27
N LEU B 2559 -91.27 -32.74 -24.07
CA LEU B 2559 -91.60 -33.23 -25.40
C LEU B 2559 -90.39 -33.32 -26.32
N PRO B 2560 -89.54 -32.29 -26.45
CA PRO B 2560 -88.36 -32.45 -27.31
C PRO B 2560 -87.42 -33.55 -26.84
N LEU B 2561 -87.29 -33.75 -25.53
CA LEU B 2561 -86.42 -34.80 -25.03
C LEU B 2561 -86.95 -36.18 -25.42
N ILE B 2562 -88.26 -36.39 -25.28
CA ILE B 2562 -88.84 -37.67 -25.69
C ILE B 2562 -88.73 -37.86 -27.19
N THR B 2563 -88.92 -36.78 -27.95
CA THR B 2563 -88.79 -36.86 -29.41
C THR B 2563 -87.38 -37.25 -29.81
N LYS B 2564 -86.37 -36.66 -29.17
CA LYS B 2564 -84.99 -36.96 -29.53
C LYS B 2564 -84.57 -38.35 -29.06
N CYS B 2565 -85.02 -38.77 -27.89
CA CYS B 2565 -84.65 -40.06 -27.32
C CYS B 2565 -85.59 -41.18 -27.73
N ALA B 2566 -86.55 -40.90 -28.60
CA ALA B 2566 -87.49 -41.93 -29.06
C ALA B 2566 -86.80 -43.14 -29.71
N PRO B 2567 -85.79 -43.00 -30.57
CA PRO B 2567 -85.17 -44.21 -31.15
C PRO B 2567 -84.58 -45.16 -30.11
N LEU B 2568 -84.19 -44.66 -28.95
CA LEU B 2568 -83.65 -45.52 -27.90
C LEU B 2568 -84.67 -46.46 -27.31
N PHE B 2569 -85.96 -46.24 -27.57
CA PHE B 2569 -87.02 -47.07 -27.00
C PHE B 2569 -87.05 -48.49 -27.58
N ALA B 2570 -86.31 -48.75 -28.66
CA ALA B 2570 -86.31 -50.08 -29.26
C ALA B 2570 -85.72 -51.11 -28.31
N GLY B 2571 -86.39 -52.26 -28.21
CA GLY B 2571 -85.95 -53.33 -27.34
C GLY B 2571 -86.29 -53.17 -25.88
N THR B 2572 -87.04 -52.12 -25.51
CA THR B 2572 -87.38 -51.86 -24.11
C THR B 2572 -88.69 -52.58 -23.77
N GLU B 2573 -88.60 -53.91 -23.68
CA GLU B 2573 -89.74 -54.74 -23.33
C GLU B 2573 -89.88 -54.95 -21.83
N HIS B 2574 -88.91 -54.50 -21.03
CA HIS B 2574 -88.99 -54.67 -19.59
C HIS B 2574 -89.96 -53.69 -18.95
N ARG B 2575 -90.20 -52.55 -19.59
CA ARG B 2575 -91.08 -51.51 -19.08
C ARG B 2575 -92.16 -51.17 -20.09
N ALA B 2576 -92.80 -52.20 -20.63
CA ALA B 2576 -93.87 -51.99 -21.61
C ALA B 2576 -95.06 -51.27 -20.99
N ILE B 2577 -95.36 -51.52 -19.72
CA ILE B 2577 -96.49 -50.86 -19.08
C ILE B 2577 -96.27 -49.36 -18.99
N MET B 2578 -95.05 -48.94 -18.63
CA MET B 2578 -94.78 -47.51 -18.48
C MET B 2578 -94.90 -46.78 -19.82
N VAL B 2579 -94.29 -47.33 -20.88
CA VAL B 2579 -94.37 -46.69 -22.19
C VAL B 2579 -95.80 -46.74 -22.72
N ASP B 2580 -96.55 -47.80 -22.42
CA ASP B 2580 -97.94 -47.86 -22.84
C ASP B 2580 -98.77 -46.78 -22.16
N SER B 2581 -98.57 -46.58 -20.86
CA SER B 2581 -99.27 -45.53 -20.15
C SER B 2581 -98.87 -44.15 -20.68
N MET B 2582 -97.58 -43.98 -21.00
CA MET B 2582 -97.13 -42.71 -21.58
C MET B 2582 -97.80 -42.44 -22.91
N LEU B 2583 -97.89 -43.46 -23.77
CA LEU B 2583 -98.54 -43.31 -25.06
C LEU B 2583 -100.02 -42.98 -24.89
N HIS B 2584 -100.70 -43.65 -23.96
CA HIS B 2584 -102.10 -43.35 -23.71
C HIS B 2584 -102.28 -41.92 -23.21
N THR B 2585 -101.41 -41.48 -22.31
CA THR B 2585 -101.51 -40.12 -21.76
C THR B 2585 -101.28 -39.07 -22.85
N VAL B 2586 -100.26 -39.27 -23.70
CA VAL B 2586 -100.01 -38.28 -24.74
C VAL B 2586 -101.11 -38.30 -25.79
N TYR B 2587 -101.69 -39.48 -26.07
CA TYR B 2587 -102.82 -39.53 -27.00
C TYR B 2587 -104.02 -38.79 -26.43
N ARG B 2588 -104.28 -38.93 -25.13
CA ARG B 2588 -105.37 -38.20 -24.49
C ARG B 2588 -105.10 -36.70 -24.52
N LEU B 2589 -103.85 -36.30 -24.26
CA LEU B 2589 -103.50 -34.88 -24.28
C LEU B 2589 -103.60 -34.30 -25.68
N SER B 2590 -103.36 -35.11 -26.72
CA SER B 2590 -103.45 -34.62 -28.08
C SER B 2590 -104.86 -34.15 -28.42
N ARG B 2591 -105.87 -34.89 -27.98
CA ARG B 2591 -107.27 -34.55 -28.23
C ARG B 2591 -107.74 -33.56 -27.16
N GLY B 2592 -107.26 -32.33 -27.29
CA GLY B 2592 -107.61 -31.28 -26.35
C GLY B 2592 -108.00 -29.98 -27.03
N ARG B 2593 -109.23 -29.52 -26.78
CA ARG B 2593 -109.70 -28.28 -27.39
C ARG B 2593 -108.89 -27.08 -26.89
N SER B 2594 -108.59 -27.03 -25.60
CA SER B 2594 -107.85 -25.93 -25.00
C SER B 2594 -106.36 -26.22 -25.14
N LEU B 2595 -105.80 -25.82 -26.27
CA LEU B 2595 -104.37 -26.04 -26.55
C LEU B 2595 -103.93 -25.03 -27.60
N THR B 2596 -102.74 -25.22 -28.14
CA THR B 2596 -102.18 -24.34 -29.15
C THR B 2596 -101.87 -25.16 -30.41
N LYS B 2597 -102.03 -24.52 -31.56
CA LYS B 2597 -101.78 -25.20 -32.84
C LYS B 2597 -100.34 -25.67 -32.94
N ALA B 2598 -99.39 -24.79 -32.58
CA ALA B 2598 -97.99 -25.21 -32.55
C ALA B 2598 -97.75 -26.29 -31.50
N GLN B 2599 -98.37 -26.14 -30.32
CA GLN B 2599 -98.26 -27.17 -29.30
C GLN B 2599 -98.85 -28.48 -29.76
N ARG B 2600 -100.00 -28.42 -30.45
CA ARG B 2600 -100.61 -29.64 -30.99
C ARG B 2600 -99.71 -30.29 -32.03
N ASP B 2601 -99.08 -29.48 -32.89
CA ASP B 2601 -98.17 -30.02 -33.89
C ASP B 2601 -96.96 -30.69 -33.24
N VAL B 2602 -96.42 -30.08 -32.19
CA VAL B 2602 -95.26 -30.69 -31.52
C VAL B 2602 -95.68 -31.95 -30.77
N ILE B 2603 -96.87 -31.95 -30.17
CA ILE B 2603 -97.42 -33.18 -29.59
C ILE B 2603 -97.51 -34.27 -30.64
N GLU B 2604 -98.03 -33.94 -31.83
CA GLU B 2604 -98.14 -34.93 -32.89
C GLU B 2604 -96.77 -35.46 -33.31
N ASP B 2605 -95.80 -34.55 -33.47
CA ASP B 2605 -94.46 -34.98 -33.88
C ASP B 2605 -93.82 -35.89 -32.84
N CYS B 2606 -94.00 -35.56 -31.55
CA CYS B 2606 -93.48 -36.41 -30.50
C CYS B 2606 -94.15 -37.77 -30.51
N LEU B 2607 -95.46 -37.80 -30.76
CA LEU B 2607 -96.16 -39.08 -30.86
C LEU B 2607 -95.64 -39.91 -32.03
N MET B 2608 -95.39 -39.27 -33.17
CA MET B 2608 -94.84 -40.00 -34.31
C MET B 2608 -93.47 -40.56 -33.99
N ALA B 2609 -92.62 -39.76 -33.33
CA ALA B 2609 -91.29 -40.25 -32.96
C ALA B 2609 -91.38 -41.41 -31.99
N LEU B 2610 -92.27 -41.32 -30.99
CA LEU B 2610 -92.36 -42.38 -29.99
C LEU B 2610 -92.92 -43.67 -30.58
N CYS B 2611 -93.93 -43.55 -31.45
CA CYS B 2611 -94.55 -44.75 -32.03
C CYS B 2611 -93.54 -45.55 -32.85
N ARG B 2612 -92.74 -44.87 -33.66
CA ARG B 2612 -91.73 -45.54 -34.45
C ARG B 2612 -90.46 -45.78 -33.64
N TYR B 2613 -89.62 -46.67 -34.14
CA TYR B 2613 -88.35 -47.01 -33.51
C TYR B 2613 -88.53 -47.42 -32.05
N ILE B 2614 -89.57 -48.22 -31.79
CA ILE B 2614 -89.91 -48.66 -30.45
C ILE B 2614 -90.02 -50.18 -30.43
N ARG B 2615 -89.94 -50.74 -29.23
CA ARG B 2615 -90.02 -52.19 -29.07
C ARG B 2615 -91.41 -52.68 -29.46
N PRO B 2616 -91.53 -53.74 -30.25
CA PRO B 2616 -92.85 -54.26 -30.62
C PRO B 2616 -93.64 -54.86 -29.46
N SER B 2617 -93.05 -54.96 -28.27
CA SER B 2617 -93.79 -55.46 -27.12
C SER B 2617 -94.93 -54.53 -26.72
N MET B 2618 -94.86 -53.26 -27.10
CA MET B 2618 -95.92 -52.29 -26.82
C MET B 2618 -96.93 -52.19 -27.95
N LEU B 2619 -96.81 -53.03 -28.99
CA LEU B 2619 -97.76 -52.97 -30.10
C LEU B 2619 -99.16 -53.35 -29.66
N GLN B 2620 -99.30 -54.16 -28.60
CA GLN B 2620 -100.62 -54.51 -28.09
C GLN B 2620 -101.35 -53.27 -27.58
N HIS B 2621 -100.65 -52.41 -26.84
CA HIS B 2621 -101.27 -51.18 -26.39
C HIS B 2621 -101.40 -50.17 -27.53
N LEU B 2622 -100.54 -50.26 -28.55
CA LEU B 2622 -100.77 -49.48 -29.77
C LEU B 2622 -102.07 -49.90 -30.42
N LEU B 2623 -102.34 -51.20 -30.49
CA LEU B 2623 -103.62 -51.68 -30.99
C LEU B 2623 -104.77 -51.21 -30.11
N ARG B 2624 -104.57 -51.19 -28.79
CA ARG B 2624 -105.60 -50.69 -27.89
C ARG B 2624 -105.89 -49.21 -28.15
N ARG B 2625 -104.86 -48.42 -28.37
CA ARG B 2625 -105.04 -47.01 -28.68
C ARG B 2625 -105.76 -46.82 -30.01
N LEU B 2626 -105.40 -47.63 -31.02
CA LEU B 2626 -106.11 -47.58 -32.29
C LEU B 2626 -107.57 -47.96 -32.12
N VAL B 2627 -107.85 -48.93 -31.25
CA VAL B 2627 -109.22 -49.31 -30.93
C VAL B 2627 -109.96 -48.13 -30.30
N PHE B 2628 -109.29 -47.44 -29.36
CA PHE B 2628 -109.90 -46.30 -28.70
C PHE B 2628 -110.21 -45.19 -29.69
N ASP B 2629 -109.32 -44.98 -30.66
CA ASP B 2629 -109.55 -43.97 -31.69
C ASP B 2629 -110.49 -44.45 -32.79
N VAL B 2630 -110.86 -45.73 -32.81
CA VAL B 2630 -111.73 -46.24 -33.87
C VAL B 2630 -113.10 -45.60 -33.85
N PRO B 2631 -113.81 -45.49 -32.72
CA PRO B 2631 -115.12 -44.81 -32.75
C PRO B 2631 -115.05 -43.36 -33.21
N ILE B 2632 -113.94 -42.67 -32.93
CA ILE B 2632 -113.79 -41.30 -33.39
C ILE B 2632 -113.78 -41.24 -34.91
N LEU B 2633 -113.04 -42.15 -35.54
CA LEU B 2633 -112.93 -42.24 -37.00
C LEU B 2633 -112.51 -40.92 -37.61
N ASN B 2634 -113.40 -40.31 -38.39
CA ASN B 2634 -113.13 -39.02 -39.02
C ASN B 2634 -113.41 -37.92 -37.99
N GLU B 2635 -112.44 -37.71 -37.10
CA GLU B 2635 -112.52 -36.71 -36.04
C GLU B 2635 -111.88 -35.39 -36.44
N PHE B 2636 -111.81 -35.09 -37.73
CA PHE B 2636 -111.22 -33.86 -38.26
C PHE B 2636 -109.76 -33.70 -37.86
N ALA B 2637 -109.07 -34.81 -37.59
CA ALA B 2637 -107.66 -34.79 -37.22
C ALA B 2637 -106.91 -35.75 -38.12
N LYS B 2638 -105.85 -35.26 -38.78
CA LYS B 2638 -105.03 -36.08 -39.65
C LYS B 2638 -103.94 -36.84 -38.90
N MET B 2639 -103.74 -36.56 -37.62
CA MET B 2639 -102.71 -37.26 -36.85
C MET B 2639 -102.98 -38.76 -36.74
N PRO B 2640 -104.18 -39.23 -36.38
CA PRO B 2640 -104.40 -40.69 -36.33
C PRO B 2640 -104.21 -41.36 -37.67
N LEU B 2641 -104.60 -40.70 -38.77
CA LEU B 2641 -104.42 -41.30 -40.09
C LEU B 2641 -102.94 -41.49 -40.42
N LYS B 2642 -102.14 -40.46 -40.15
CA LYS B 2642 -100.70 -40.57 -40.37
C LYS B 2642 -100.08 -41.62 -39.45
N LEU B 2643 -100.58 -41.71 -38.21
CA LEU B 2643 -100.09 -42.72 -37.28
C LEU B 2643 -100.34 -44.12 -37.81
N LEU B 2644 -101.57 -44.37 -38.28
CA LEU B 2644 -101.88 -45.68 -38.87
C LEU B 2644 -101.03 -45.94 -40.10
N THR B 2645 -100.84 -44.92 -40.94
CA THR B 2645 -100.05 -45.10 -42.16
C THR B 2645 -98.62 -45.50 -41.85
N ASN B 2646 -97.96 -44.75 -40.97
CA ASN B 2646 -96.55 -45.05 -40.68
C ASN B 2646 -96.40 -46.31 -39.85
N HIS B 2647 -97.37 -46.64 -39.00
CA HIS B 2647 -97.32 -47.89 -38.27
C HIS B 2647 -97.44 -49.07 -39.23
N TYR B 2648 -98.34 -48.98 -40.22
CA TYR B 2648 -98.45 -50.03 -41.22
C TYR B 2648 -97.18 -50.13 -42.06
N GLU B 2649 -96.59 -48.98 -42.41
CA GLU B 2649 -95.36 -49.00 -43.20
C GLU B 2649 -94.22 -49.65 -42.42
N ARG B 2650 -94.10 -49.34 -41.14
CA ARG B 2650 -92.98 -49.85 -40.34
C ARG B 2650 -93.06 -51.35 -40.16
N CYS B 2651 -94.24 -51.88 -39.85
CA CYS B 2651 -94.38 -53.31 -39.58
C CYS B 2651 -95.36 -53.98 -40.53
N TRP B 2652 -95.22 -53.68 -41.83
CA TRP B 2652 -96.10 -54.31 -42.82
C TRP B 2652 -95.94 -55.83 -42.83
N LYS B 2653 -94.71 -56.31 -42.75
CA LYS B 2653 -94.46 -57.75 -42.71
C LYS B 2653 -94.98 -58.40 -41.43
N TYR B 2654 -95.10 -57.62 -40.35
CA TYR B 2654 -95.61 -58.16 -39.10
C TYR B 2654 -97.04 -58.66 -39.24
N TYR B 2655 -97.88 -57.91 -39.96
CA TYR B 2655 -99.27 -58.31 -40.18
C TYR B 2655 -99.46 -59.09 -41.47
N CYS B 2656 -98.56 -58.92 -42.46
CA CYS B 2656 -98.71 -59.64 -43.72
C CYS B 2656 -98.39 -61.12 -43.55
N LEU B 2657 -97.32 -61.44 -42.83
CA LEU B 2657 -96.89 -62.81 -42.63
C LEU B 2657 -96.60 -63.06 -41.16
N PRO B 2658 -96.69 -64.32 -40.71
CA PRO B 2658 -96.36 -64.62 -39.31
C PRO B 2658 -94.93 -64.31 -38.94
N THR B 2659 -94.00 -64.38 -39.90
CA THR B 2659 -92.59 -64.10 -39.60
C THR B 2659 -92.41 -62.65 -39.15
N GLY B 2660 -92.75 -61.71 -40.01
CA GLY B 2660 -92.61 -60.30 -39.66
C GLY B 2660 -91.15 -59.93 -39.42
N TRP B 2661 -90.89 -59.35 -38.25
CA TRP B 2661 -89.53 -58.96 -37.89
C TRP B 2661 -88.67 -60.19 -37.63
N ALA B 2662 -87.36 -59.96 -37.53
CA ALA B 2662 -86.43 -61.05 -37.28
C ALA B 2662 -86.69 -61.70 -35.93
N ASN B 2663 -86.95 -60.90 -34.90
CA ASN B 2663 -87.21 -61.41 -33.56
C ASN B 2663 -88.62 -61.12 -33.07
N PHE B 2664 -89.49 -60.55 -33.91
CA PHE B 2664 -90.85 -60.21 -33.51
C PHE B 2664 -91.81 -60.61 -34.63
N GLY B 2665 -93.05 -60.87 -34.23
CA GLY B 2665 -94.08 -61.27 -35.20
C GLY B 2665 -95.26 -61.89 -34.48
N VAL B 2666 -95.88 -62.86 -35.17
CA VAL B 2666 -97.02 -63.62 -34.64
C VAL B 2666 -98.16 -62.67 -34.31
N THR B 2667 -98.70 -61.99 -35.32
CA THR B 2667 -99.83 -61.10 -35.11
C THR B 2667 -101.07 -61.89 -34.70
N SER B 2668 -101.79 -61.35 -33.73
CA SER B 2668 -102.98 -62.03 -33.22
C SER B 2668 -104.13 -61.94 -34.21
N GLU B 2669 -105.04 -62.91 -34.12
CA GLU B 2669 -106.22 -62.91 -34.98
C GLU B 2669 -107.12 -61.71 -34.68
N GLU B 2670 -107.23 -61.35 -33.39
CA GLU B 2670 -108.03 -60.18 -33.03
C GLU B 2670 -107.45 -58.91 -33.64
N GLU B 2671 -106.13 -58.80 -33.67
CA GLU B 2671 -105.49 -57.64 -34.32
C GLU B 2671 -105.81 -57.61 -35.80
N LEU B 2672 -105.80 -58.76 -36.46
CA LEU B 2672 -106.15 -58.82 -37.89
C LEU B 2672 -107.60 -58.41 -38.10
N HIS B 2673 -108.50 -58.86 -37.23
CA HIS B 2673 -109.91 -58.48 -37.35
C HIS B 2673 -110.08 -56.98 -37.15
N LEU B 2674 -109.36 -56.40 -36.18
CA LEU B 2674 -109.44 -54.96 -35.97
C LEU B 2674 -108.89 -54.19 -37.16
N THR B 2675 -107.80 -54.67 -37.75
CA THR B 2675 -107.26 -54.01 -38.95
C THR B 2675 -108.26 -54.08 -40.10
N ARG B 2676 -108.92 -55.23 -40.27
CA ARG B 2676 -109.93 -55.34 -41.31
C ARG B 2676 -111.10 -54.40 -41.06
N LYS B 2677 -111.53 -54.28 -39.79
CA LYS B 2677 -112.60 -53.36 -39.45
C LYS B 2677 -112.20 -51.91 -39.74
N LEU B 2678 -110.96 -51.55 -39.43
CA LEU B 2678 -110.47 -50.21 -39.76
C LEU B 2678 -110.44 -50.01 -41.28
N PHE B 2679 -110.06 -51.04 -42.02
CA PHE B 2679 -110.07 -50.96 -43.48
C PHE B 2679 -111.48 -50.67 -43.98
N TRP B 2680 -112.47 -51.39 -43.45
CA TRP B 2680 -113.85 -51.13 -43.86
C TRP B 2680 -114.28 -49.71 -43.50
N GLY B 2681 -114.00 -49.30 -42.26
CA GLY B 2681 -114.44 -48.00 -41.79
C GLY B 2681 -113.79 -46.85 -42.52
N ILE B 2682 -112.57 -47.06 -43.04
CA ILE B 2682 -111.89 -46.01 -43.79
C ILE B 2682 -112.75 -45.54 -44.96
N PHE B 2683 -113.04 -46.45 -45.90
CA PHE B 2683 -113.86 -46.06 -47.03
C PHE B 2683 -115.33 -45.85 -46.65
N ASP B 2684 -115.79 -46.46 -45.54
CA ASP B 2684 -117.15 -46.16 -45.09
C ASP B 2684 -117.29 -44.68 -44.73
N SER B 2685 -116.34 -44.14 -43.97
CA SER B 2685 -116.34 -42.72 -43.62
C SER B 2685 -116.01 -41.85 -44.83
N LEU B 2686 -115.16 -42.35 -45.74
CA LEU B 2686 -114.85 -41.58 -46.95
C LEU B 2686 -116.10 -41.38 -47.80
N ALA B 2687 -116.91 -42.42 -47.96
CA ALA B 2687 -118.13 -42.31 -48.74
C ALA B 2687 -119.25 -41.61 -47.98
N HIS B 2688 -119.28 -41.75 -46.65
CA HIS B 2688 -120.35 -41.13 -45.86
C HIS B 2688 -120.26 -39.60 -45.92
N LYS B 2689 -119.06 -39.05 -45.86
CA LYS B 2689 -118.86 -37.61 -45.87
C LYS B 2689 -118.50 -37.11 -47.27
N LYS B 2690 -118.58 -35.80 -47.44
CA LYS B 2690 -118.23 -35.19 -48.71
C LYS B 2690 -116.74 -35.34 -49.00
N TYR B 2691 -116.42 -35.49 -50.28
CA TYR B 2691 -115.03 -35.67 -50.68
C TYR B 2691 -114.23 -34.38 -50.45
N ASP B 2692 -113.08 -34.51 -49.81
CA ASP B 2692 -112.16 -33.40 -49.59
C ASP B 2692 -110.80 -33.77 -50.15
N GLN B 2693 -110.17 -32.82 -50.85
CA GLN B 2693 -108.88 -33.10 -51.48
C GLN B 2693 -107.82 -33.44 -50.44
N GLU B 2694 -107.69 -32.61 -49.40
CA GLU B 2694 -106.69 -32.86 -48.37
C GLU B 2694 -106.99 -34.14 -47.60
N LEU B 2695 -108.25 -34.36 -47.25
CA LEU B 2695 -108.61 -35.56 -46.50
C LEU B 2695 -108.38 -36.83 -47.34
N TYR B 2696 -108.76 -36.79 -48.61
CA TYR B 2696 -108.54 -37.95 -49.48
C TYR B 2696 -107.04 -38.20 -49.69
N ARG B 2697 -106.26 -37.13 -49.87
CA ARG B 2697 -104.82 -37.29 -50.04
C ARG B 2697 -104.18 -37.87 -48.80
N MET B 2698 -104.64 -37.47 -47.62
CA MET B 2698 -104.09 -38.00 -46.37
C MET B 2698 -104.50 -39.45 -46.15
N ALA B 2699 -105.74 -39.79 -46.47
CA ALA B 2699 -106.26 -41.13 -46.20
C ALA B 2699 -105.91 -42.16 -47.27
N MET B 2700 -105.47 -41.72 -48.45
CA MET B 2700 -105.12 -42.68 -49.51
C MET B 2700 -103.97 -43.61 -49.12
N PRO B 2701 -102.82 -43.12 -48.61
CA PRO B 2701 -101.77 -44.07 -48.21
C PRO B 2701 -102.20 -45.02 -47.10
N CYS B 2702 -103.03 -44.55 -46.16
CA CYS B 2702 -103.50 -45.44 -45.10
C CYS B 2702 -104.37 -46.56 -45.66
N LEU B 2703 -105.27 -46.23 -46.58
CA LEU B 2703 -106.10 -47.25 -47.22
C LEU B 2703 -105.25 -48.20 -48.05
N CYS B 2704 -104.24 -47.67 -48.75
CA CYS B 2704 -103.36 -48.53 -49.54
C CYS B 2704 -102.59 -49.51 -48.66
N ALA B 2705 -102.08 -49.03 -47.52
CA ALA B 2705 -101.35 -49.91 -46.61
C ALA B 2705 -102.28 -50.87 -45.89
N ILE B 2706 -103.56 -50.52 -45.73
CA ILE B 2706 -104.51 -51.40 -45.05
C ILE B 2706 -104.70 -52.68 -45.85
N ALA B 2707 -104.83 -52.56 -47.17
CA ALA B 2707 -105.03 -53.73 -48.03
C ALA B 2707 -103.74 -54.50 -48.20
N PRO B 2748 -142.11 -61.97 -14.49
CA PRO B 2748 -143.08 -63.01 -14.10
C PRO B 2748 -142.74 -63.66 -12.77
N GLU B 2749 -143.70 -64.37 -12.18
CA GLU B 2749 -143.46 -65.05 -10.92
C GLU B 2749 -142.38 -66.12 -11.06
N LYS B 2750 -142.45 -66.92 -12.13
CA LYS B 2750 -141.39 -67.89 -12.40
C LYS B 2750 -140.07 -67.18 -12.67
N LEU B 2751 -140.11 -66.07 -13.41
CA LEU B 2751 -138.90 -65.29 -13.64
C LEU B 2751 -138.36 -64.72 -12.34
N ASP B 2752 -139.25 -64.27 -11.44
CA ASP B 2752 -138.81 -63.77 -10.15
C ASP B 2752 -138.15 -64.87 -9.32
N SER B 2753 -138.72 -66.07 -9.33
CA SER B 2753 -138.13 -67.19 -8.60
C SER B 2753 -136.77 -67.56 -9.18
N PHE B 2754 -136.64 -67.56 -10.51
CA PHE B 2754 -135.36 -67.85 -11.13
C PHE B 2754 -134.33 -66.78 -10.77
N ILE B 2755 -134.76 -65.51 -10.74
CA ILE B 2755 -133.85 -64.43 -10.37
C ILE B 2755 -133.41 -64.58 -8.92
N ASN B 2756 -134.32 -64.97 -8.03
CA ASN B 2756 -133.95 -65.19 -6.64
C ASN B 2756 -132.97 -66.34 -6.50
N LYS B 2757 -133.18 -67.42 -7.25
CA LYS B 2757 -132.25 -68.55 -7.22
C LYS B 2757 -130.88 -68.13 -7.74
N PHE B 2758 -130.85 -67.35 -8.82
CA PHE B 2758 -129.59 -66.87 -9.35
C PHE B 2758 -128.88 -65.95 -8.35
N ALA B 2759 -129.64 -65.11 -7.65
CA ALA B 2759 -129.05 -64.25 -6.64
C ALA B 2759 -128.48 -65.07 -5.48
N GLU B 2760 -129.18 -66.12 -5.07
CA GLU B 2760 -128.66 -67.00 -4.03
C GLU B 2760 -127.37 -67.68 -4.49
N TYR B 2761 -127.34 -68.15 -5.73
CA TYR B 2761 -126.12 -68.77 -6.26
C TYR B 2761 -124.97 -67.77 -6.31
N THR B 2762 -125.25 -66.54 -6.72
CA THR B 2762 -124.21 -65.51 -6.76
C THR B 2762 -123.70 -65.19 -5.37
N HIS B 2763 -124.60 -65.13 -4.39
CA HIS B 2763 -124.18 -64.90 -3.01
C HIS B 2763 -123.32 -66.04 -2.50
N GLU B 2764 -123.68 -67.28 -2.83
CA GLU B 2764 -122.85 -68.42 -2.45
C GLU B 2764 -121.47 -68.36 -3.10
N LYS B 2765 -121.43 -67.97 -4.38
CA LYS B 2765 -120.14 -67.82 -5.06
C LYS B 2765 -119.30 -66.73 -4.43
N TRP B 2766 -119.92 -65.61 -4.06
CA TRP B 2766 -119.19 -64.53 -3.40
C TRP B 2766 -118.66 -64.98 -2.04
N ALA B 2767 -119.47 -65.74 -1.29
CA ALA B 2767 -119.00 -66.26 -0.01
C ALA B 2767 -117.83 -67.21 -0.20
N PHE B 2768 -117.90 -68.07 -1.22
CA PHE B 2768 -116.79 -68.99 -1.50
C PHE B 2768 -115.53 -68.21 -1.87
N ASP B 2769 -115.67 -67.16 -2.69
CA ASP B 2769 -114.52 -66.35 -3.06
C ASP B 2769 -113.93 -65.65 -1.84
N LYS B 2770 -114.78 -65.15 -0.95
CA LYS B 2770 -114.29 -64.52 0.28
C LYS B 2770 -113.57 -65.53 1.16
N ILE B 2771 -114.08 -66.76 1.23
CA ILE B 2771 -113.40 -67.81 1.97
C ILE B 2771 -112.04 -68.10 1.36
N GLN B 2772 -111.96 -68.13 0.03
CA GLN B 2772 -110.68 -68.28 -0.64
C GLN B 2772 -109.75 -67.11 -0.35
N ASN B 2773 -110.32 -65.93 -0.06
CA ASN B 2773 -109.55 -64.76 0.31
C ASN B 2773 -109.42 -64.60 1.82
N ASN B 2774 -109.78 -65.64 2.58
CA ASN B 2774 -109.71 -65.68 4.04
C ASN B 2774 -110.66 -64.70 4.73
N TRP B 2775 -111.63 -64.15 4.00
CA TRP B 2775 -112.61 -63.27 4.61
C TRP B 2775 -113.67 -64.08 5.36
N SER B 2776 -114.12 -63.55 6.48
CA SER B 2776 -115.11 -64.22 7.33
C SER B 2776 -116.17 -63.21 7.75
N TYR B 2777 -117.20 -63.72 8.42
CA TYR B 2777 -118.28 -62.87 8.91
C TYR B 2777 -117.78 -62.04 10.08
N GLY B 2778 -118.24 -60.79 10.14
CA GLY B 2778 -117.85 -59.88 11.20
C GLY B 2778 -118.83 -58.74 11.35
N GLU B 2779 -118.73 -58.06 12.49
CA GLU B 2779 -119.60 -56.93 12.75
C GLU B 2779 -119.35 -55.78 11.78
N ASN B 2780 -118.09 -55.51 11.46
CA ASN B 2780 -117.72 -54.44 10.54
C ASN B 2780 -116.71 -54.96 9.54
N VAL B 2781 -116.69 -54.34 8.37
CA VAL B 2781 -115.79 -54.74 7.28
C VAL B 2781 -114.52 -53.93 7.37
N ASP B 2782 -113.40 -54.61 7.56
CA ASP B 2782 -112.08 -53.98 7.63
C ASP B 2782 -111.05 -54.87 6.96
N GLU B 2783 -110.13 -54.25 6.22
CA GLU B 2783 -109.09 -55.02 5.54
C GLU B 2783 -108.17 -55.69 6.55
N GLU B 2784 -107.77 -54.97 7.60
CA GLU B 2784 -106.87 -55.55 8.60
C GLU B 2784 -107.57 -56.64 9.40
N LEU B 2785 -108.85 -56.43 9.74
CA LEU B 2785 -109.58 -57.42 10.53
C LEU B 2785 -109.89 -58.67 9.71
N LYS B 2786 -109.91 -58.55 8.38
CA LYS B 2786 -110.21 -59.66 7.47
C LYS B 2786 -111.59 -60.24 7.69
N THR B 2787 -112.50 -59.48 8.29
CA THR B 2787 -113.87 -59.90 8.54
C THR B 2787 -114.81 -58.91 7.88
N HIS B 2788 -115.81 -59.42 7.16
CA HIS B 2788 -116.77 -58.58 6.45
C HIS B 2788 -118.18 -59.06 6.76
N PRO B 2789 -119.11 -58.14 7.07
CA PRO B 2789 -120.50 -58.57 7.29
C PRO B 2789 -121.14 -59.20 6.07
N MET B 2790 -120.72 -58.82 4.87
CA MET B 2790 -121.30 -59.37 3.64
C MET B 2790 -120.98 -60.85 3.46
N LEU B 2791 -119.96 -61.36 4.16
CA LEU B 2791 -119.59 -62.77 4.05
C LEU B 2791 -120.51 -63.62 4.94
N ARG B 2792 -121.77 -63.64 4.56
CA ARG B 2792 -122.81 -64.37 5.28
C ARG B 2792 -123.72 -65.04 4.26
N PRO B 2793 -124.45 -66.08 4.69
CA PRO B 2793 -125.38 -66.73 3.76
C PRO B 2793 -126.49 -65.79 3.33
N TYR B 2794 -127.00 -66.02 2.12
CA TYR B 2794 -128.05 -65.17 1.57
C TYR B 2794 -129.31 -65.22 2.44
N LYS B 2795 -129.70 -66.41 2.89
CA LYS B 2795 -130.84 -66.53 3.79
C LYS B 2795 -130.55 -65.84 5.13
N THR B 2796 -129.33 -66.02 5.66
CA THR B 2796 -128.96 -65.37 6.91
C THR B 2796 -128.93 -63.86 6.76
N PHE B 2797 -128.48 -63.36 5.60
CA PHE B 2797 -128.40 -61.93 5.37
C PHE B 2797 -129.80 -61.33 5.25
N SER B 2798 -129.86 -60.00 5.34
CA SER B 2798 -131.13 -59.30 5.27
C SER B 2798 -131.76 -59.46 3.89
N GLU B 2799 -133.09 -59.38 3.85
CA GLU B 2799 -133.80 -59.51 2.59
C GLU B 2799 -133.46 -58.39 1.62
N LYS B 2800 -133.03 -57.24 2.14
CA LYS B 2800 -132.59 -56.16 1.27
C LYS B 2800 -131.37 -56.55 0.45
N ASP B 2801 -130.43 -57.27 1.07
CA ASP B 2801 -129.25 -57.74 0.34
C ASP B 2801 -129.64 -58.73 -0.75
N LYS B 2802 -130.58 -59.63 -0.44
CA LYS B 2802 -131.05 -60.58 -1.46
C LYS B 2802 -131.75 -59.86 -2.61
N GLU B 2803 -132.56 -58.85 -2.29
CA GLU B 2803 -133.21 -58.07 -3.34
C GLU B 2803 -132.19 -57.33 -4.21
N ILE B 2804 -131.15 -56.77 -3.57
CA ILE B 2804 -130.10 -56.08 -4.33
C ILE B 2804 -129.36 -57.06 -5.23
N TYR B 2805 -129.09 -58.26 -4.73
CA TYR B 2805 -128.42 -59.27 -5.55
C TYR B 2805 -129.29 -59.69 -6.73
N ARG B 2806 -130.59 -59.87 -6.49
CA ARG B 2806 -131.51 -60.23 -7.58
C ARG B 2806 -131.73 -59.07 -8.54
N TRP B 2807 -131.45 -57.84 -8.12
CA TRP B 2807 -131.60 -56.71 -9.02
C TRP B 2807 -130.78 -56.84 -10.30
N PRO B 2808 -129.53 -57.31 -10.28
CA PRO B 2808 -128.85 -57.58 -11.55
C PRO B 2808 -129.58 -58.60 -12.41
N ILE B 2809 -130.15 -59.64 -11.80
CA ILE B 2809 -130.92 -60.62 -12.56
C ILE B 2809 -132.19 -59.99 -13.11
N LYS B 2810 -132.83 -59.11 -12.34
CA LYS B 2810 -134.00 -58.39 -12.83
C LYS B 2810 -133.65 -57.50 -14.02
N GLU B 2811 -132.50 -56.83 -13.94
CA GLU B 2811 -132.05 -56.00 -15.06
C GLU B 2811 -131.76 -56.85 -16.29
N SER B 2812 -131.14 -58.02 -16.10
CA SER B 2812 -130.90 -58.92 -17.23
C SER B 2812 -132.20 -59.39 -17.85
N LEU B 2813 -133.19 -59.71 -17.02
CA LEU B 2813 -134.50 -60.12 -17.54
C LEU B 2813 -135.17 -58.98 -18.29
N LYS B 2814 -135.06 -57.75 -17.77
CA LYS B 2814 -135.63 -56.60 -18.46
C LYS B 2814 -134.95 -56.37 -19.80
N ALA B 2815 -133.62 -56.52 -19.85
CA ALA B 2815 -132.90 -56.38 -21.12
C ALA B 2815 -133.32 -57.46 -22.10
N MET B 2816 -133.51 -58.69 -21.62
CA MET B 2816 -133.99 -59.76 -22.50
C MET B 2816 -135.38 -59.45 -23.02
N ILE B 2817 -136.25 -58.91 -22.17
CA ILE B 2817 -137.60 -58.53 -22.60
C ILE B 2817 -137.53 -57.42 -23.65
N ALA B 2818 -136.58 -56.49 -23.48
CA ALA B 2818 -136.39 -55.45 -24.48
C ALA B 2818 -135.95 -56.04 -25.81
N TRP B 2819 -135.23 -57.16 -25.77
CA TRP B 2819 -134.88 -57.88 -26.99
C TRP B 2819 -135.95 -58.86 -27.44
N GLU B 2820 -137.09 -58.90 -26.74
CA GLU B 2820 -138.24 -59.73 -27.03
C GLU B 2820 -137.97 -61.23 -26.82
N TRP B 2821 -136.82 -61.57 -26.25
CA TRP B 2821 -136.53 -62.98 -25.96
C TRP B 2821 -137.40 -63.45 -24.79
N THR B 2822 -137.92 -64.67 -24.92
CA THR B 2822 -138.78 -65.27 -23.90
C THR B 2822 -138.06 -66.46 -23.28
N ILE B 2823 -137.97 -66.46 -21.95
CA ILE B 2823 -137.32 -67.53 -21.20
C ILE B 2823 -138.37 -68.18 -20.31
N GLU B 2824 -138.57 -69.49 -20.49
CA GLU B 2824 -139.52 -70.24 -19.71
C GLU B 2824 -138.85 -71.52 -19.19
N LYS B 2825 -139.07 -71.83 -17.93
CA LYS B 2825 -138.49 -73.02 -17.33
C LYS B 2825 -139.06 -74.28 -17.97
N ALA B 2826 -138.20 -75.26 -18.22
CA ALA B 2826 -138.63 -76.50 -18.83
C ALA B 2826 -139.50 -77.30 -17.87
N ARG B 2827 -140.64 -77.77 -18.35
CA ARG B 2827 -141.54 -78.55 -17.53
C ARG B 2827 -140.98 -79.95 -17.31
N GLU B 2828 -141.30 -80.52 -16.15
CA GLU B 2828 -140.83 -81.86 -15.78
C GLU B 2828 -141.78 -82.92 -16.33
N GLY B 2829 -141.86 -82.96 -17.65
CA GLY B 2829 -142.71 -83.93 -18.33
C GLY B 2829 -142.08 -84.38 -19.63
N GLU B 2830 -142.37 -85.62 -20.00
CA GLU B 2830 -141.84 -86.24 -21.21
C GLU B 2830 -140.31 -86.17 -21.25
N GLU B 2831 -139.69 -86.41 -20.10
CA GLU B 2831 -138.24 -86.37 -19.96
C GLU B 2831 -137.73 -87.75 -19.57
N GLU B 2832 -136.71 -88.22 -20.28
CA GLU B 2832 -136.13 -89.52 -20.00
C GLU B 2832 -135.41 -89.50 -18.66
N ARG B 2833 -135.48 -90.63 -17.95
CA ARG B 2833 -134.83 -90.75 -16.66
C ARG B 2833 -133.31 -90.71 -16.82
N THR B 2834 -132.65 -90.01 -15.90
CA THR B 2834 -131.19 -89.87 -15.91
C THR B 2834 -130.64 -90.16 -14.53
N GLU B 2835 -129.46 -90.78 -14.50
CA GLU B 2835 -128.82 -91.11 -13.24
C GLU B 2835 -128.23 -89.85 -12.61
N LYS B 2836 -128.48 -89.67 -11.31
CA LYS B 2836 -127.98 -88.52 -10.56
C LYS B 2836 -127.29 -89.00 -9.30
N LYS B 2837 -126.16 -88.36 -8.98
CA LYS B 2837 -125.42 -88.72 -7.79
C LYS B 2837 -126.16 -88.24 -6.53
N LYS B 2838 -125.89 -88.93 -5.43
CA LYS B 2838 -126.53 -88.59 -4.16
C LYS B 2838 -126.05 -87.24 -3.67
N THR B 2839 -126.98 -86.40 -3.22
CA THR B 2839 -126.67 -85.07 -2.72
C THR B 2839 -127.42 -84.84 -1.41
N ARG B 2840 -126.79 -84.11 -0.50
CA ARG B 2840 -127.42 -83.80 0.78
C ARG B 2840 -128.61 -82.86 0.57
N LYS B 2841 -129.69 -83.12 1.30
CA LYS B 2841 -130.91 -82.33 1.23
C LYS B 2841 -131.24 -81.80 2.60
N ILE B 2842 -131.52 -80.50 2.67
CA ILE B 2842 -131.88 -79.86 3.93
C ILE B 2842 -133.33 -80.14 4.26
N SER B 2843 -133.61 -80.34 5.54
CA SER B 2843 -134.98 -80.62 5.98
C SER B 2843 -135.83 -79.37 5.85
N GLN B 2844 -137.15 -79.58 5.71
CA GLN B 2844 -138.11 -78.48 5.55
C GLN B 2844 -138.52 -77.93 6.91
N THR B 2845 -137.52 -77.40 7.63
CA THR B 2845 -137.74 -76.81 8.94
C THR B 2845 -136.91 -75.53 9.04
N ALA B 2846 -137.49 -74.51 9.67
CA ALA B 2846 -136.79 -73.25 9.85
C ALA B 2846 -135.64 -73.42 10.85
N GLN B 2847 -134.45 -72.97 10.45
CA GLN B 2847 -133.25 -73.07 11.28
C GLN B 2847 -132.69 -71.68 11.50
N THR B 2848 -132.48 -71.33 12.77
CA THR B 2848 -131.90 -70.05 13.12
C THR B 2848 -130.39 -70.08 12.89
N TYR B 2849 -129.84 -68.90 12.59
CA TYR B 2849 -128.40 -68.79 12.35
C TYR B 2849 -127.63 -69.08 13.63
N ASP B 2850 -126.63 -69.94 13.53
CA ASP B 2850 -125.82 -70.32 14.68
C ASP B 2850 -124.44 -69.71 14.56
N PRO B 2851 -124.06 -68.76 15.42
CA PRO B 2851 -122.70 -68.21 15.35
C PRO B 2851 -121.61 -69.25 15.59
N ARG B 2852 -121.88 -70.27 16.40
CA ARG B 2852 -120.86 -71.27 16.70
C ARG B 2852 -120.49 -72.06 15.46
N GLU B 2853 -121.46 -72.44 14.64
CA GLU B 2853 -121.23 -73.25 13.45
C GLU B 2853 -121.21 -72.34 12.22
N GLY B 2854 -120.07 -72.29 11.54
CA GLY B 2854 -119.95 -71.48 10.36
C GLY B 2854 -120.77 -72.01 9.19
N TYR B 2855 -121.12 -71.10 8.29
CA TYR B 2855 -121.90 -71.44 7.11
C TYR B 2855 -120.95 -71.56 5.91
N ASN B 2856 -120.99 -72.72 5.25
CA ASN B 2856 -120.13 -72.98 4.10
C ASN B 2856 -120.96 -72.93 2.82
N PRO B 2857 -120.82 -71.90 1.99
CA PRO B 2857 -121.59 -71.85 0.74
C PRO B 2857 -121.18 -72.95 -0.22
N GLN B 2858 -122.14 -73.38 -1.04
CA GLN B 2858 -121.92 -74.41 -2.05
C GLN B 2858 -122.50 -73.91 -3.38
N PRO B 2859 -121.86 -72.92 -3.99
CA PRO B 2859 -122.35 -72.40 -5.27
C PRO B 2859 -122.30 -73.46 -6.35
N PRO B 2860 -123.29 -73.49 -7.25
CA PRO B 2860 -123.27 -74.47 -8.34
C PRO B 2860 -122.19 -74.16 -9.35
N ASP B 2861 -121.73 -75.20 -10.03
CA ASP B 2861 -120.72 -75.08 -11.08
C ASP B 2861 -121.38 -75.38 -12.42
N LEU B 2862 -121.29 -74.42 -13.36
CA LEU B 2862 -121.90 -74.55 -14.66
C LEU B 2862 -120.87 -74.63 -15.79
N SER B 2863 -119.62 -74.96 -15.45
CA SER B 2863 -118.60 -75.10 -16.48
C SER B 2863 -118.92 -76.24 -17.44
N GLY B 2864 -119.41 -77.36 -16.92
CA GLY B 2864 -119.77 -78.47 -17.78
C GLY B 2864 -120.89 -78.14 -18.75
N VAL B 2865 -121.90 -77.40 -18.28
CA VAL B 2865 -123.00 -77.01 -19.15
C VAL B 2865 -122.51 -75.97 -20.15
N THR B 2866 -122.82 -76.19 -21.42
CA THR B 2866 -122.38 -75.33 -22.50
C THR B 2866 -123.58 -74.59 -23.10
N LEU B 2867 -123.48 -73.26 -23.18
CA LEU B 2867 -124.54 -72.47 -23.77
C LEU B 2867 -124.57 -72.66 -25.28
N SER B 2868 -125.77 -72.54 -25.85
CA SER B 2868 -125.94 -72.70 -27.28
C SER B 2868 -125.40 -71.50 -28.04
N ARG B 2869 -125.28 -71.66 -29.36
CA ARG B 2869 -124.81 -70.56 -30.21
C ARG B 2869 -125.77 -69.38 -30.15
N GLU B 2870 -127.08 -69.65 -30.21
CA GLU B 2870 -128.07 -68.59 -30.01
C GLU B 2870 -127.95 -68.02 -28.60
N LEU B 2871 -127.71 -68.88 -27.61
CA LEU B 2871 -127.46 -68.40 -26.25
C LEU B 2871 -126.19 -67.57 -26.18
N GLN B 2872 -125.16 -67.94 -26.96
CA GLN B 2872 -123.95 -67.13 -27.00
C GLN B 2872 -124.22 -65.76 -27.60
N ALA B 2873 -125.03 -65.69 -28.66
CA ALA B 2873 -125.37 -64.41 -29.25
C ALA B 2873 -126.19 -63.56 -28.27
N MET B 2874 -127.12 -64.19 -27.55
CA MET B 2874 -127.89 -63.47 -26.54
C MET B 2874 -126.98 -62.95 -25.44
N ALA B 2875 -125.99 -63.75 -25.02
CA ALA B 2875 -125.04 -63.30 -24.02
C ALA B 2875 -124.22 -62.13 -24.53
N GLU B 2876 -123.82 -62.16 -25.81
CA GLU B 2876 -123.09 -61.04 -26.39
C GLU B 2876 -123.95 -59.77 -26.40
N GLN B 2877 -125.23 -59.91 -26.74
CA GLN B 2877 -126.13 -58.75 -26.72
C GLN B 2877 -126.29 -58.21 -25.30
N LEU B 2878 -126.43 -59.10 -24.32
CA LEU B 2878 -126.54 -58.68 -22.93
C LEU B 2878 -125.27 -57.99 -22.46
N ALA B 2879 -124.11 -58.49 -22.88
CA ALA B 2879 -122.85 -57.84 -22.54
C ALA B 2879 -122.76 -56.45 -23.17
N GLU B 2880 -123.23 -56.30 -24.41
CA GLU B 2880 -123.27 -54.99 -25.03
C GLU B 2880 -124.19 -54.03 -24.28
N ASN B 2881 -125.34 -54.52 -23.85
CA ASN B 2881 -126.26 -53.69 -23.07
C ASN B 2881 -125.65 -53.29 -21.73
N TYR B 2882 -124.96 -54.22 -21.07
CA TYR B 2882 -124.30 -53.91 -19.81
C TYR B 2882 -123.18 -52.89 -20.02
N HIS B 2883 -122.44 -53.01 -21.12
CA HIS B 2883 -121.41 -52.03 -21.44
C HIS B 2883 -122.01 -50.66 -21.70
N ASN B 2884 -123.16 -50.61 -22.38
CA ASN B 2884 -123.84 -49.33 -22.59
C ASN B 2884 -124.28 -48.73 -21.27
N THR B 2885 -124.81 -49.55 -20.35
CA THR B 2885 -125.21 -49.05 -19.04
C THR B 2885 -124.01 -48.53 -18.26
N TRP B 2886 -122.89 -49.25 -18.33
CA TRP B 2886 -121.68 -48.80 -17.65
C TRP B 2886 -121.17 -47.49 -18.24
N GLY B 2887 -121.26 -47.35 -19.57
CA GLY B 2887 -120.87 -46.09 -20.19
C GLY B 2887 -121.77 -44.94 -19.78
N ARG B 2888 -123.08 -45.20 -19.66
CA ARG B 2888 -123.99 -44.17 -19.17
C ARG B 2888 -123.65 -43.78 -17.73
N LYS B 2889 -123.34 -44.76 -16.89
CA LYS B 2889 -122.95 -44.47 -15.51
C LYS B 2889 -121.66 -43.65 -15.47
N LYS B 2890 -120.70 -44.00 -16.33
CA LYS B 2890 -119.45 -43.24 -16.39
C LYS B 2890 -119.69 -41.82 -16.87
N LYS B 2891 -120.60 -41.64 -17.84
CA LYS B 2891 -120.93 -40.30 -18.31
C LYS B 2891 -121.59 -39.49 -17.20
N GLN B 2892 -122.46 -40.12 -16.41
CA GLN B 2892 -123.08 -39.43 -15.28
C GLN B 2892 -122.03 -39.03 -14.24
N GLU B 2893 -121.08 -39.93 -13.97
CA GLU B 2893 -120.01 -39.62 -13.03
C GLU B 2893 -119.14 -38.47 -13.54
N LEU B 2894 -118.84 -38.45 -14.83
CA LEU B 2894 -118.06 -37.36 -15.40
C LEU B 2894 -118.82 -36.05 -15.34
N GLU B 2895 -120.13 -36.07 -15.60
CA GLU B 2895 -120.94 -34.87 -15.48
C GLU B 2895 -120.96 -34.36 -14.05
N ALA B 2896 -121.03 -35.28 -13.08
CA ALA B 2896 -120.93 -34.88 -11.69
C ALA B 2896 -119.57 -34.25 -11.39
N LYS B 2897 -118.50 -34.83 -11.93
CA LYS B 2897 -117.17 -34.26 -11.77
C LYS B 2897 -116.93 -33.06 -12.68
N GLY B 2898 -117.77 -32.86 -13.70
CA GLY B 2898 -117.65 -31.74 -14.60
C GLY B 2898 -117.03 -32.05 -15.95
N GLY B 2899 -116.35 -33.19 -16.08
CA GLY B 2899 -115.75 -33.54 -17.36
C GLY B 2899 -114.82 -34.72 -17.19
N GLY B 2900 -114.16 -35.07 -18.29
CA GLY B 2900 -113.21 -36.16 -18.33
C GLY B 2900 -113.80 -37.39 -18.99
N THR B 2901 -112.89 -38.21 -19.53
CA THR B 2901 -113.26 -39.45 -20.20
C THR B 2901 -112.22 -40.52 -19.88
N HIS B 2902 -112.63 -41.77 -20.00
CA HIS B 2902 -111.77 -42.90 -19.72
C HIS B 2902 -111.85 -43.91 -20.85
N PRO B 2903 -110.78 -44.69 -21.07
CA PRO B 2903 -110.82 -45.72 -22.12
C PRO B 2903 -111.86 -46.80 -21.88
N LEU B 2904 -112.30 -46.99 -20.65
CA LEU B 2904 -113.30 -48.02 -20.36
C LEU B 2904 -114.63 -47.72 -21.02
N LEU B 2905 -114.95 -46.43 -21.22
CA LEU B 2905 -116.20 -46.02 -21.86
C LEU B 2905 -116.04 -46.09 -23.38
N VAL B 2906 -115.98 -47.33 -23.88
CA VAL B 2906 -115.81 -47.59 -25.30
C VAL B 2906 -116.82 -48.64 -25.72
N PRO B 2907 -117.13 -48.71 -27.02
CA PRO B 2907 -118.08 -49.73 -27.49
C PRO B 2907 -117.58 -51.14 -27.22
N TYR B 2908 -118.52 -52.03 -26.90
CA TYR B 2908 -118.15 -53.40 -26.56
C TYR B 2908 -117.53 -54.12 -27.76
N ASP B 2909 -118.08 -53.92 -28.95
CA ASP B 2909 -117.53 -54.57 -30.14
C ASP B 2909 -116.12 -54.09 -30.44
N THR B 2910 -115.89 -52.78 -30.33
CA THR B 2910 -114.56 -52.25 -30.62
C THR B 2910 -113.56 -52.66 -29.55
N LEU B 2911 -113.96 -52.58 -28.28
CA LEU B 2911 -113.03 -52.80 -27.18
C LEU B 2911 -112.45 -54.22 -27.20
N THR B 2912 -111.30 -54.36 -26.56
CA THR B 2912 -110.60 -55.65 -26.57
C THR B 2912 -111.38 -56.69 -25.78
N ALA B 2913 -110.99 -57.96 -25.97
CA ALA B 2913 -111.69 -59.06 -25.29
C ALA B 2913 -111.55 -58.95 -23.78
N LYS B 2914 -110.35 -58.59 -23.30
CA LYS B 2914 -110.15 -58.47 -21.86
C LYS B 2914 -111.00 -57.35 -21.27
N GLU B 2915 -111.08 -56.22 -21.97
CA GLU B 2915 -111.90 -55.10 -21.49
C GLU B 2915 -113.37 -55.47 -21.45
N LYS B 2916 -113.85 -56.19 -22.48
CA LYS B 2916 -115.23 -56.63 -22.54
C LYS B 2916 -115.47 -57.95 -21.83
N ALA B 2917 -114.44 -58.52 -21.20
CA ALA B 2917 -114.58 -59.82 -20.55
C ALA B 2917 -115.52 -59.78 -19.35
N ARG B 2918 -115.62 -58.65 -18.66
CA ARG B 2918 -116.47 -58.57 -17.47
C ARG B 2918 -117.95 -58.72 -17.84
N ASP B 2919 -118.41 -57.92 -18.82
CA ASP B 2919 -119.81 -57.99 -19.22
C ASP B 2919 -120.13 -59.33 -19.87
N ARG B 2920 -119.21 -59.84 -20.70
CA ARG B 2920 -119.43 -61.14 -21.33
C ARG B 2920 -119.50 -62.24 -20.30
N GLU B 2921 -118.64 -62.20 -19.28
CA GLU B 2921 -118.66 -63.19 -18.21
C GLU B 2921 -119.96 -63.10 -17.40
N LYS B 2922 -120.42 -61.88 -17.12
CA LYS B 2922 -121.67 -61.73 -16.39
C LYS B 2922 -122.85 -62.28 -17.19
N ALA B 2923 -122.89 -61.99 -18.48
CA ALA B 2923 -123.97 -62.51 -19.32
C ALA B 2923 -123.90 -64.03 -19.44
N GLN B 2924 -122.69 -64.58 -19.55
CA GLN B 2924 -122.54 -66.03 -19.62
C GLN B 2924 -122.98 -66.69 -18.32
N GLU B 2925 -122.65 -66.06 -17.17
CA GLU B 2925 -123.11 -66.58 -15.89
C GLU B 2925 -124.63 -66.55 -15.78
N LEU B 2926 -125.24 -65.46 -16.25
CA LEU B 2926 -126.70 -65.38 -16.23
C LEU B 2926 -127.32 -66.45 -17.12
N LEU B 2927 -126.76 -66.66 -18.32
CA LEU B 2927 -127.27 -67.69 -19.21
C LEU B 2927 -127.10 -69.09 -18.62
N LYS B 2928 -125.96 -69.34 -17.97
CA LYS B 2928 -125.74 -70.63 -17.33
C LYS B 2928 -126.71 -70.85 -16.18
N PHE B 2929 -126.98 -69.80 -15.39
CA PHE B 2929 -127.96 -69.92 -14.31
C PHE B 2929 -129.35 -70.21 -14.87
N LEU B 2930 -129.72 -69.55 -15.97
CA LEU B 2930 -131.00 -69.82 -16.61
C LEU B 2930 -131.07 -71.26 -17.12
N GLN B 2931 -129.99 -71.74 -17.72
CA GLN B 2931 -129.97 -73.11 -18.23
C GLN B 2931 -130.06 -74.13 -17.10
N MET B 2932 -129.37 -73.87 -15.99
CA MET B 2932 -129.43 -74.79 -14.85
C MET B 2932 -130.84 -74.87 -14.28
N ASN B 2933 -131.54 -73.73 -14.22
CA ASN B 2933 -132.92 -73.72 -13.78
C ASN B 2933 -133.88 -74.31 -14.81
N GLY B 2934 -133.40 -74.60 -16.02
CA GLY B 2934 -134.22 -75.13 -17.08
C GLY B 2934 -134.84 -74.09 -18.00
N TYR B 2935 -134.64 -72.82 -17.73
CA TYR B 2935 -135.19 -71.77 -18.58
C TYR B 2935 -134.41 -71.69 -19.89
N ALA B 2936 -135.14 -71.68 -21.01
CA ALA B 2936 -134.55 -71.56 -22.34
C ALA B 2936 -135.02 -70.25 -22.96
N VAL B 2937 -134.06 -69.44 -23.40
CA VAL B 2937 -134.34 -68.13 -23.98
C VAL B 2937 -134.09 -68.22 -25.47
N THR B 2938 -135.10 -67.88 -26.27
CA THR B 2938 -135.02 -67.89 -27.72
C THR B 2938 -135.22 -66.47 -28.24
N ARG B 2939 -134.32 -66.03 -29.10
CA ARG B 2939 -134.39 -64.69 -29.68
C ARG B 2939 -134.70 -64.74 -31.16
N ILE B 2951 -109.46 -65.39 -40.36
CA ILE B 2951 -110.51 -64.87 -41.22
C ILE B 2951 -109.90 -64.07 -42.38
N GLU B 2952 -108.66 -64.42 -42.74
CA GLU B 2952 -107.99 -63.74 -43.84
C GLU B 2952 -108.72 -63.96 -45.16
N LYS B 2953 -109.16 -65.21 -45.42
CA LYS B 2953 -109.89 -65.49 -46.64
C LYS B 2953 -111.23 -64.75 -46.68
N ARG B 2954 -111.93 -64.72 -45.55
CA ARG B 2954 -113.20 -63.99 -45.49
C ARG B 2954 -112.98 -62.50 -45.70
N PHE B 2955 -111.92 -61.95 -45.11
CA PHE B 2955 -111.61 -60.53 -45.30
C PHE B 2955 -111.28 -60.24 -46.77
N ALA B 2956 -110.52 -61.12 -47.41
CA ALA B 2956 -110.19 -60.93 -48.82
C ALA B 2956 -111.44 -61.01 -49.69
N PHE B 2957 -112.33 -61.95 -49.40
CA PHE B 2957 -113.57 -62.06 -50.16
C PHE B 2957 -114.43 -60.81 -49.98
N GLY B 2958 -114.52 -60.31 -48.74
CA GLY B 2958 -115.28 -59.09 -48.51
C GLY B 2958 -114.67 -57.89 -49.22
N PHE B 2959 -113.35 -57.79 -49.23
CA PHE B 2959 -112.68 -56.71 -49.95
C PHE B 2959 -112.94 -56.80 -51.45
N LEU B 2960 -112.91 -58.01 -52.00
CA LEU B 2960 -113.21 -58.19 -53.42
C LEU B 2960 -114.64 -57.80 -53.74
N GLN B 2961 -115.59 -58.19 -52.87
CA GLN B 2961 -116.98 -57.81 -53.08
C GLN B 2961 -117.17 -56.30 -53.00
N GLN B 2962 -116.50 -55.65 -52.04
CA GLN B 2962 -116.59 -54.21 -51.92
C GLN B 2962 -115.99 -53.52 -53.13
N LEU B 2963 -114.88 -54.05 -53.65
CA LEU B 2963 -114.27 -53.48 -54.85
C LEU B 2963 -115.19 -53.62 -56.05
N LEU B 2964 -115.83 -54.78 -56.19
CA LEU B 2964 -116.79 -54.96 -57.29
C LEU B 2964 -117.97 -54.01 -57.17
N ARG B 2965 -118.49 -53.84 -55.95
CA ARG B 2965 -119.60 -52.90 -55.75
C ARG B 2965 -119.17 -51.47 -56.06
N TRP B 2966 -117.95 -51.09 -55.66
CA TRP B 2966 -117.46 -49.75 -55.95
C TRP B 2966 -117.28 -49.55 -57.45
N MET B 2967 -116.79 -50.57 -58.15
CA MET B 2967 -116.65 -50.47 -59.60
C MET B 2967 -118.01 -50.33 -60.28
N ASP B 2968 -119.00 -51.09 -59.82
CA ASP B 2968 -120.35 -50.95 -60.37
C ASP B 2968 -120.92 -49.57 -60.11
N ILE B 2969 -120.71 -49.03 -58.91
CA ILE B 2969 -121.20 -47.70 -58.58
C ILE B 2969 -120.52 -46.65 -59.45
N SER B 2970 -119.21 -46.79 -59.66
CA SER B 2970 -118.48 -45.85 -60.50
C SER B 2970 -118.97 -45.92 -61.94
N GLN B 2971 -119.24 -47.13 -62.45
CA GLN B 2971 -119.77 -47.26 -63.81
C GLN B 2971 -121.15 -46.62 -63.92
N GLU B 2972 -122.00 -46.82 -62.92
CA GLU B 2972 -123.32 -46.19 -62.94
C GLU B 2972 -123.21 -44.67 -62.90
N PHE B 2973 -122.29 -44.14 -62.07
CA PHE B 2973 -122.11 -42.70 -62.00
C PHE B 2973 -121.58 -42.14 -63.32
N ILE B 2974 -120.67 -42.86 -63.96
CA ILE B 2974 -120.14 -42.41 -65.25
C ILE B 2974 -121.25 -42.42 -66.30
N ALA B 2975 -122.09 -43.45 -66.30
CA ALA B 2975 -123.20 -43.51 -67.24
C ALA B 2975 -124.18 -42.37 -67.00
N HIS B 2976 -124.47 -42.07 -65.73
CA HIS B 2976 -125.37 -40.96 -65.42
C HIS B 2976 -124.78 -39.63 -65.86
N LEU B 2977 -123.48 -39.44 -65.64
CA LEU B 2977 -122.82 -38.20 -66.05
C LEU B 2977 -122.82 -38.04 -67.56
N GLU B 2978 -122.59 -39.14 -68.29
CA GLU B 2978 -122.57 -39.09 -69.74
C GLU B 2978 -123.94 -38.81 -70.34
N ALA B 2979 -125.01 -38.99 -69.58
CA ALA B 2979 -126.36 -38.73 -70.08
C ALA B 2979 -126.67 -37.25 -70.07
N HIS B 2991 -123.35 -37.72 -55.36
CA HIS B 2991 -122.75 -38.78 -56.16
C HIS B 2991 -121.35 -38.38 -56.62
N GLU B 2992 -121.08 -37.07 -56.62
CA GLU B 2992 -119.77 -36.58 -57.03
C GLU B 2992 -118.68 -37.06 -56.08
N GLN B 2993 -118.96 -37.03 -54.76
CA GLN B 2993 -117.98 -37.48 -53.79
C GLN B 2993 -117.65 -38.97 -53.96
N GLU B 2994 -118.69 -39.79 -54.16
CA GLU B 2994 -118.46 -41.22 -54.36
C GLU B 2994 -117.70 -41.47 -55.65
N ILE B 2995 -118.02 -40.72 -56.72
CA ILE B 2995 -117.31 -40.88 -57.98
C ILE B 2995 -115.84 -40.52 -57.81
N LYS B 2996 -115.55 -39.42 -57.12
CA LYS B 2996 -114.16 -39.03 -56.90
C LYS B 2996 -113.43 -40.06 -56.05
N PHE B 2997 -114.10 -40.59 -55.02
CA PHE B 2997 -113.47 -41.61 -54.19
C PHE B 2997 -113.16 -42.86 -54.99
N PHE B 2998 -114.09 -43.30 -55.83
CA PHE B 2998 -113.84 -44.47 -56.67
C PHE B 2998 -112.75 -44.20 -57.70
N ALA B 2999 -112.64 -42.97 -58.19
CA ALA B 2999 -111.65 -42.66 -59.21
C ALA B 2999 -110.24 -42.52 -58.63
N LYS B 3000 -110.12 -42.05 -57.39
CA LYS B 3000 -108.80 -41.77 -56.82
C LYS B 3000 -108.42 -42.76 -55.72
N ILE B 3001 -109.23 -42.88 -54.68
CA ILE B 3001 -108.86 -43.75 -53.55
C ILE B 3001 -108.94 -45.22 -53.95
N LEU B 3002 -110.01 -45.60 -54.66
CA LEU B 3002 -110.21 -47.01 -54.99
C LEU B 3002 -109.13 -47.54 -55.91
N LEU B 3003 -108.76 -46.76 -56.94
CA LEU B 3003 -107.71 -47.20 -57.86
C LEU B 3003 -106.36 -47.36 -57.18
N PRO B 3004 -105.87 -46.36 -56.42
CA PRO B 3004 -104.60 -46.57 -55.71
C PRO B 3004 -104.64 -47.70 -54.71
N LEU B 3005 -105.78 -47.88 -54.02
CA LEU B 3005 -105.90 -48.98 -53.07
C LEU B 3005 -105.83 -50.33 -53.79
N ILE B 3006 -106.50 -50.46 -54.93
CA ILE B 3006 -106.46 -51.70 -55.70
C ILE B 3006 -105.05 -51.96 -56.20
N ASN B 3007 -104.37 -50.91 -56.69
CA ASN B 3007 -103.00 -51.09 -57.18
C ASN B 3007 -102.07 -51.54 -56.05
N GLN B 3008 -102.18 -50.91 -54.88
CA GLN B 3008 -101.34 -51.30 -53.75
C GLN B 3008 -101.65 -52.72 -53.29
N TYR B 3009 -102.92 -53.09 -53.26
CA TYR B 3009 -103.28 -54.44 -52.87
C TYR B 3009 -102.72 -55.46 -53.85
N PHE B 3010 -102.81 -55.18 -55.15
CA PHE B 3010 -102.25 -56.09 -56.14
C PHE B 3010 -100.74 -56.21 -55.98
N THR B 3011 -100.06 -55.08 -55.79
CA THR B 3011 -98.61 -55.11 -55.62
C THR B 3011 -98.21 -55.89 -54.38
N ASN B 3012 -98.99 -55.76 -53.30
CA ASN B 3012 -98.65 -56.43 -52.05
C ASN B 3012 -98.94 -57.92 -52.11
N HIS B 3013 -100.07 -58.31 -52.71
CA HIS B 3013 -100.54 -59.69 -52.66
C HIS B 3013 -100.70 -60.31 -54.05
N CYS B 3014 -99.77 -59.99 -54.95
CA CYS B 3014 -99.67 -60.75 -56.19
C CYS B 3014 -99.48 -62.24 -55.91
N LEU B 3015 -98.75 -62.58 -54.84
CA LEU B 3015 -98.59 -63.97 -54.45
C LEU B 3015 -99.93 -64.58 -54.06
N TYR B 3016 -100.75 -63.85 -53.31
CA TYR B 3016 -102.07 -64.34 -52.94
C TYR B 3016 -102.97 -64.48 -54.16
N PHE B 3017 -102.87 -63.54 -55.11
CA PHE B 3017 -103.68 -63.61 -56.31
C PHE B 3017 -103.35 -64.85 -57.15
N LEU B 3018 -102.07 -65.19 -57.25
CA LEU B 3018 -101.64 -66.37 -57.99
C LEU B 3018 -101.55 -67.62 -57.13
N SER B 3019 -101.92 -67.53 -55.85
CA SER B 3019 -101.88 -68.68 -54.96
C SER B 3019 -102.92 -69.73 -55.36
N ASN B 3033 -109.91 -68.23 -57.64
CA ASN B 3033 -111.29 -68.62 -57.92
C ASN B 3033 -112.21 -67.41 -57.92
N LYS B 3034 -112.89 -67.19 -56.79
CA LYS B 3034 -113.78 -66.05 -56.67
C LYS B 3034 -113.02 -64.73 -56.78
N GLU B 3035 -111.86 -64.64 -56.13
CA GLU B 3035 -111.04 -63.43 -56.21
C GLU B 3035 -110.56 -63.20 -57.64
N LYS B 3036 -110.14 -64.26 -58.32
CA LYS B 3036 -109.70 -64.13 -59.71
C LYS B 3036 -110.84 -63.68 -60.61
N GLU B 3037 -112.04 -64.23 -60.40
CA GLU B 3037 -113.19 -63.81 -61.19
C GLU B 3037 -113.53 -62.35 -60.93
N MET B 3038 -113.48 -61.92 -59.67
CA MET B 3038 -113.75 -60.53 -59.35
C MET B 3038 -112.72 -59.61 -59.99
N ILE B 3039 -111.45 -60.00 -59.96
CA ILE B 3039 -110.39 -59.20 -60.58
C ILE B 3039 -110.61 -59.10 -62.08
N THR B 3040 -110.96 -60.22 -62.72
CA THR B 3040 -111.22 -60.22 -64.15
C THR B 3040 -112.41 -59.32 -64.50
N SER B 3041 -113.48 -59.38 -63.69
CA SER B 3041 -114.64 -58.53 -63.93
C SER B 3041 -114.27 -57.05 -63.77
N LEU B 3042 -113.48 -56.73 -62.75
CA LEU B 3042 -113.05 -55.34 -62.56
C LEU B 3042 -112.19 -54.86 -63.71
N PHE B 3043 -111.28 -55.72 -64.20
CA PHE B 3043 -110.45 -55.35 -65.34
C PHE B 3043 -111.29 -55.14 -66.59
N CYS B 3044 -112.28 -56.01 -66.82
CA CYS B 3044 -113.16 -55.85 -67.97
C CYS B 3044 -113.95 -54.55 -67.87
N LYS B 3045 -114.46 -54.23 -66.68
CA LYS B 3045 -115.21 -52.99 -66.51
C LYS B 3045 -114.31 -51.78 -66.74
N LEU B 3046 -113.07 -51.83 -66.25
CA LEU B 3046 -112.14 -50.72 -66.46
C LEU B 3046 -111.81 -50.56 -67.94
N ALA B 3047 -111.61 -51.67 -68.65
CA ALA B 3047 -111.33 -51.61 -70.09
C ALA B 3047 -112.52 -51.04 -70.84
N ALA B 3048 -113.74 -51.45 -70.48
CA ALA B 3048 -114.93 -50.91 -71.13
C ALA B 3048 -115.07 -49.41 -70.87
N LEU B 3049 -114.79 -48.97 -69.64
CA LEU B 3049 -114.86 -47.55 -69.33
C LEU B 3049 -113.81 -46.76 -70.10
N VAL B 3050 -112.60 -47.31 -70.22
CA VAL B 3050 -111.54 -46.61 -70.94
C VAL B 3050 -111.87 -46.54 -72.43
N ARG B 3051 -112.45 -47.60 -72.98
CA ARG B 3051 -112.80 -47.60 -74.40
C ARG B 3051 -113.83 -46.52 -74.72
N HIS B 3052 -114.84 -46.37 -73.86
CA HIS B 3052 -115.88 -45.37 -74.07
C HIS B 3052 -115.87 -44.34 -72.95
N VAL B 3064 -108.13 -43.08 -65.61
CA VAL B 3064 -106.92 -42.32 -65.94
C VAL B 3064 -105.79 -43.26 -66.31
N VAL B 3065 -104.60 -42.69 -66.50
CA VAL B 3065 -103.42 -43.50 -66.83
C VAL B 3065 -103.07 -44.42 -65.68
N ASN B 3066 -103.10 -43.91 -64.45
CA ASN B 3066 -102.80 -44.74 -63.28
C ASN B 3066 -103.83 -45.85 -63.12
N CYS B 3067 -105.12 -45.53 -63.32
CA CYS B 3067 -106.15 -46.55 -63.21
C CYS B 3067 -105.97 -47.64 -64.28
N LEU B 3068 -105.64 -47.23 -65.51
CA LEU B 3068 -105.41 -48.20 -66.58
C LEU B 3068 -104.20 -49.08 -66.26
N HIS B 3069 -103.13 -48.49 -65.74
CA HIS B 3069 -101.96 -49.27 -65.37
C HIS B 3069 -102.28 -50.26 -64.26
N ILE B 3070 -103.07 -49.82 -63.27
CA ILE B 3070 -103.46 -50.72 -62.18
C ILE B 3070 -104.31 -51.87 -62.71
N LEU B 3071 -105.26 -51.56 -63.60
CA LEU B 3071 -106.11 -52.60 -64.16
C LEU B 3071 -105.29 -53.60 -64.99
N ALA B 3072 -104.33 -53.10 -65.76
CA ALA B 3072 -103.49 -53.98 -66.56
C ALA B 3072 -102.64 -54.89 -65.68
N ARG B 3073 -102.09 -54.35 -64.60
CA ARG B 3073 -101.26 -55.12 -63.68
C ARG B 3073 -102.12 -56.04 -62.82
N LYS B 3089 -115.05 -68.38 -68.34
CA LYS B 3089 -114.05 -67.79 -69.23
C LYS B 3089 -114.70 -67.18 -70.46
N ALA B 3090 -116.02 -67.31 -70.56
CA ALA B 3090 -116.74 -66.75 -71.70
C ALA B 3090 -116.65 -65.23 -71.71
N GLY B 3091 -116.78 -64.59 -70.54
CA GLY B 3091 -116.68 -63.15 -70.48
C GLY B 3091 -115.30 -62.64 -70.86
N LEU B 3092 -114.25 -63.31 -70.39
CA LEU B 3092 -112.90 -62.92 -70.75
C LEU B 3092 -112.66 -63.07 -72.24
N ARG B 3093 -113.15 -64.16 -72.84
CA ARG B 3093 -113.00 -64.36 -74.27
C ARG B 3093 -113.76 -63.29 -75.05
N SER B 3094 -114.97 -62.94 -74.60
CA SER B 3094 -115.73 -61.89 -75.27
C SER B 3094 -115.03 -60.55 -75.18
N PHE B 3095 -114.47 -60.23 -74.01
CA PHE B 3095 -113.74 -58.99 -73.85
C PHE B 3095 -112.50 -58.95 -74.74
N PHE B 3096 -111.77 -60.07 -74.82
CA PHE B 3096 -110.60 -60.13 -75.69
C PHE B 3096 -111.00 -59.97 -77.15
N GLU B 3097 -112.10 -60.59 -77.57
CA GLU B 3097 -112.56 -60.45 -78.95
C GLU B 3097 -112.96 -59.01 -79.24
N SER B 3098 -113.65 -58.36 -78.30
CA SER B 3098 -114.03 -56.97 -78.49
C SER B 3098 -112.80 -56.06 -78.59
N ALA B 3099 -111.80 -56.30 -77.73
CA ALA B 3099 -110.57 -55.51 -77.80
C ALA B 3099 -109.84 -55.72 -79.12
N SER B 3100 -109.78 -56.96 -79.59
CA SER B 3100 -109.14 -57.23 -80.88
C SER B 3100 -109.89 -56.56 -82.02
N GLU B 3101 -111.21 -56.59 -81.98
CA GLU B 3101 -112.00 -55.93 -83.01
C GLU B 3101 -111.78 -54.41 -82.99
N ASP B 3102 -111.73 -53.83 -81.80
CA ASP B 3102 -111.47 -52.39 -81.70
C ASP B 3102 -110.08 -52.04 -82.22
N ILE B 3103 -109.09 -52.86 -81.90
CA ILE B 3103 -107.73 -52.62 -82.37
C ILE B 3103 -107.68 -52.72 -83.89
N GLU B 3104 -108.36 -53.73 -84.47
CA GLU B 3104 -108.38 -53.87 -85.92
C GLU B 3104 -109.07 -52.68 -86.58
N LYS B 3105 -110.18 -52.21 -85.99
CA LYS B 3105 -110.87 -51.06 -86.54
C LYS B 3105 -109.99 -49.81 -86.48
N MET B 3106 -109.28 -49.62 -85.36
CA MET B 3106 -108.38 -48.46 -85.25
C MET B 3106 -107.25 -48.55 -86.27
N VAL B 3107 -106.69 -49.75 -86.47
CA VAL B 3107 -105.63 -49.92 -87.45
C VAL B 3107 -106.14 -49.63 -88.85
N GLU B 3108 -107.34 -50.11 -89.18
CA GLU B 3108 -107.91 -49.85 -90.50
C GLU B 3108 -108.17 -48.36 -90.70
N ASN B 3109 -108.68 -47.68 -89.67
CA ASN B 3109 -108.90 -46.24 -89.77
C ASN B 3109 -107.59 -45.49 -89.96
N LEU B 3110 -106.55 -45.88 -89.23
CA LEU B 3110 -105.24 -45.23 -89.37
C LEU B 3110 -104.66 -45.48 -90.76
N ARG B 3111 -104.79 -46.70 -91.27
CA ARG B 3111 -104.26 -47.04 -92.58
C ARG B 3111 -105.13 -46.46 -93.69
N GLN B 3127 -110.13 -36.49 -79.96
CA GLN B 3127 -109.02 -37.43 -80.08
C GLN B 3127 -109.49 -38.86 -79.86
N ASN B 3128 -110.52 -39.27 -80.60
CA ASN B 3128 -111.02 -40.63 -80.48
C ASN B 3128 -109.99 -41.65 -80.94
N LEU B 3129 -109.29 -41.36 -82.03
CA LEU B 3129 -108.26 -42.27 -82.51
C LEU B 3129 -107.13 -42.42 -81.51
N THR B 3130 -106.70 -41.32 -80.89
CA THR B 3130 -105.65 -41.39 -79.88
C THR B 3130 -106.09 -42.21 -78.68
N TYR B 3131 -107.34 -42.02 -78.23
CA TYR B 3131 -107.85 -42.80 -77.11
C TYR B 3131 -107.92 -44.28 -77.47
N THR B 3132 -108.36 -44.60 -78.68
CA THR B 3132 -108.42 -46.00 -79.11
C THR B 3132 -107.03 -46.62 -79.15
N THR B 3133 -106.04 -45.87 -79.66
CA THR B 3133 -104.67 -46.37 -79.70
C THR B 3133 -104.12 -46.59 -78.30
N VAL B 3134 -104.41 -45.66 -77.38
CA VAL B 3134 -103.95 -45.81 -76.00
C VAL B 3134 -104.58 -47.04 -75.36
N ALA B 3135 -105.89 -47.24 -75.58
CA ALA B 3135 -106.56 -48.42 -75.04
C ALA B 3135 -105.99 -49.71 -75.62
N LEU B 3136 -105.71 -49.71 -76.92
CA LEU B 3136 -105.11 -50.89 -77.54
C LEU B 3136 -103.72 -51.18 -76.98
N LEU B 3137 -102.92 -50.14 -76.76
CA LEU B 3137 -101.60 -50.32 -76.16
C LEU B 3137 -101.70 -50.93 -74.76
N PRO B 3138 -102.55 -50.43 -73.87
CA PRO B 3138 -102.70 -51.12 -72.57
C PRO B 3138 -103.20 -52.54 -72.71
N VAL B 3139 -104.08 -52.81 -73.69
CA VAL B 3139 -104.53 -54.18 -73.93
C VAL B 3139 -103.38 -55.06 -74.37
N LEU B 3140 -102.52 -54.54 -75.26
CA LEU B 3140 -101.36 -55.30 -75.69
C LEU B 3140 -100.41 -55.57 -74.53
N THR B 3141 -100.20 -54.57 -73.67
CA THR B 3141 -99.34 -54.77 -72.51
C THR B 3141 -99.92 -55.82 -71.56
N THR B 3142 -101.23 -55.79 -71.33
CA THR B 3142 -101.86 -56.79 -70.48
C THR B 3142 -101.75 -58.18 -71.09
N LEU B 3143 -101.94 -58.30 -72.40
CA LEU B 3143 -101.80 -59.59 -73.06
C LEU B 3143 -100.37 -60.10 -72.96
N PHE B 3144 -99.39 -59.23 -73.13
CA PHE B 3144 -97.99 -59.64 -73.00
C PHE B 3144 -97.69 -60.09 -71.58
N GLN B 3145 -98.20 -59.37 -70.58
CA GLN B 3145 -98.00 -59.76 -69.19
C GLN B 3145 -98.63 -61.11 -68.90
N HIS B 3146 -99.85 -61.34 -69.41
CA HIS B 3146 -100.52 -62.62 -69.21
C HIS B 3146 -99.74 -63.75 -69.88
N ILE B 3147 -99.22 -63.51 -71.09
CA ILE B 3147 -98.44 -64.53 -71.78
C ILE B 3147 -97.16 -64.84 -71.00
N ALA B 3148 -96.49 -63.81 -70.48
CA ALA B 3148 -95.28 -64.03 -69.69
C ALA B 3148 -95.58 -64.80 -68.42
N GLN B 3149 -96.70 -64.46 -67.75
CA GLN B 3149 -97.06 -65.17 -66.52
C GLN B 3149 -97.38 -66.63 -66.81
N HIS B 3150 -98.08 -66.91 -67.91
CA HIS B 3150 -98.44 -68.26 -68.26
C HIS B 3150 -97.23 -69.02 -68.82
N ASP B 3160 -112.49 -68.38 -81.07
CA ASP B 3160 -112.98 -67.17 -80.41
C ASP B 3160 -111.84 -66.22 -80.07
N VAL B 3161 -111.21 -66.43 -78.91
CA VAL B 3161 -110.10 -65.59 -78.50
C VAL B 3161 -108.91 -65.77 -79.44
N GLN B 3162 -108.61 -67.02 -79.80
CA GLN B 3162 -107.49 -67.28 -80.72
C GLN B 3162 -107.76 -66.68 -82.09
N VAL B 3163 -108.99 -66.81 -82.60
CA VAL B 3163 -109.33 -66.24 -83.90
C VAL B 3163 -109.21 -64.72 -83.87
N SER B 3164 -109.70 -64.09 -82.79
CA SER B 3164 -109.58 -62.65 -82.67
C SER B 3164 -108.14 -62.20 -82.60
N CYS B 3165 -107.30 -62.93 -81.85
CA CYS B 3165 -105.88 -62.60 -81.77
C CYS B 3165 -105.20 -62.74 -83.12
N TYR B 3166 -105.53 -63.80 -83.87
CA TYR B 3166 -104.95 -63.98 -85.20
C TYR B 3166 -105.38 -62.86 -86.13
N ARG B 3167 -106.66 -62.47 -86.07
CA ARG B 3167 -107.13 -61.38 -86.91
C ARG B 3167 -106.44 -60.07 -86.56
N THR B 3168 -106.26 -59.80 -85.27
CA THR B 3168 -105.56 -58.59 -84.86
C THR B 3168 -104.10 -58.60 -85.32
N LEU B 3169 -103.44 -59.76 -85.22
CA LEU B 3169 -102.06 -59.86 -85.69
C LEU B 3169 -101.97 -59.64 -87.19
N CYS B 3170 -102.91 -60.22 -87.95
CA CYS B 3170 -102.92 -60.02 -89.39
C CYS B 3170 -103.16 -58.56 -89.75
N SER B 3171 -104.07 -57.89 -89.04
CA SER B 3171 -104.33 -56.48 -89.29
C SER B 3171 -103.09 -55.63 -88.97
N ILE B 3172 -102.39 -55.95 -87.88
CA ILE B 3172 -101.20 -55.22 -87.51
C ILE B 3172 -100.12 -55.42 -88.57
N TYR B 3173 -99.94 -56.65 -89.04
CA TYR B 3173 -98.93 -56.94 -90.05
C TYR B 3173 -99.25 -56.23 -91.36
N SER B 3174 -100.53 -56.21 -91.75
CA SER B 3174 -100.92 -55.53 -92.99
C SER B 3174 -100.66 -54.03 -92.89
N LEU B 3175 -100.96 -53.43 -91.75
CA LEU B 3175 -100.74 -52.00 -91.55
C LEU B 3175 -99.28 -51.69 -91.33
N ARG B 3187 -94.62 -44.35 -85.92
CA ARG B 3187 -93.75 -45.25 -86.68
C ARG B 3187 -93.14 -46.30 -85.77
N PRO B 3188 -91.99 -45.98 -85.16
CA PRO B 3188 -91.35 -46.94 -84.24
C PRO B 3188 -92.23 -47.33 -83.06
N ALA B 3189 -93.04 -46.40 -82.55
CA ALA B 3189 -93.92 -46.71 -81.44
C ALA B 3189 -94.97 -47.75 -81.84
N LEU B 3190 -95.54 -47.60 -83.04
CA LEU B 3190 -96.51 -48.57 -83.52
C LEU B 3190 -95.88 -49.95 -83.70
N GLY B 3191 -94.65 -49.99 -84.24
CA GLY B 3191 -93.97 -51.27 -84.38
C GLY B 3191 -93.67 -51.91 -83.04
N GLU B 3192 -93.25 -51.12 -82.06
CA GLU B 3192 -93.00 -51.65 -80.72
C GLU B 3192 -94.28 -52.18 -80.09
N CYS B 3193 -95.39 -51.46 -80.25
CA CYS B 3193 -96.66 -51.92 -79.72
C CYS B 3193 -97.10 -53.22 -80.39
N LEU B 3194 -96.92 -53.31 -81.71
CA LEU B 3194 -97.27 -54.55 -82.42
C LEU B 3194 -96.41 -55.71 -81.96
N ALA B 3195 -95.11 -55.47 -81.76
CA ALA B 3195 -94.22 -56.53 -81.28
C ALA B 3195 -94.61 -56.98 -79.88
N ARG B 3196 -94.97 -56.03 -79.01
CA ARG B 3196 -95.40 -56.38 -77.66
C ARG B 3196 -96.70 -57.19 -77.70
N LEU B 3197 -97.64 -56.79 -78.56
CA LEU B 3197 -98.90 -57.52 -78.68
C LEU B 3197 -98.68 -58.93 -79.19
N ALA B 3198 -97.81 -59.09 -80.20
CA ALA B 3198 -97.54 -60.42 -80.75
C ALA B 3198 -96.86 -61.31 -79.72
N ALA B 3199 -95.91 -60.76 -78.96
CA ALA B 3199 -95.17 -61.50 -77.94
C ALA B 3199 -94.51 -62.75 -78.51
N ARG B 3248 -87.36 -66.09 -96.08
CA ARG B 3248 -88.25 -64.95 -96.24
C ARG B 3248 -87.69 -63.72 -95.54
N LEU B 3249 -87.92 -63.65 -94.22
CA LEU B 3249 -87.41 -62.53 -93.44
C LEU B 3249 -85.89 -62.48 -93.45
N MET B 3250 -85.25 -63.65 -93.32
CA MET B 3250 -83.78 -63.68 -93.34
C MET B 3250 -83.24 -63.23 -94.69
N ALA B 3251 -83.87 -63.66 -95.78
CA ALA B 3251 -83.42 -63.23 -97.10
C ALA B 3251 -83.58 -61.73 -97.29
N ASP B 3252 -84.70 -61.17 -96.83
CA ASP B 3252 -84.91 -59.73 -96.93
C ASP B 3252 -83.88 -58.97 -96.09
N ILE B 3253 -83.59 -59.47 -94.89
CA ILE B 3253 -82.60 -58.81 -94.03
C ILE B 3253 -81.22 -58.86 -94.69
N GLY B 3254 -80.85 -60.00 -95.26
CA GLY B 3254 -79.57 -60.09 -95.95
C GLY B 3254 -79.48 -59.18 -97.16
N GLY B 3255 -80.56 -59.09 -97.93
CA GLY B 3255 -80.57 -58.21 -99.09
C GLY B 3255 -80.48 -56.74 -98.70
N LEU B 3256 -81.20 -56.35 -97.65
CA LEU B 3256 -81.16 -54.96 -97.19
C LEU B 3256 -79.77 -54.59 -96.69
N ALA B 3257 -79.13 -55.49 -95.95
CA ALA B 3257 -77.79 -55.22 -95.41
C ALA B 3257 -76.73 -55.36 -96.51
N PRO B 3267 -83.65 -47.08 -91.98
CA PRO B 3267 -84.51 -47.12 -93.17
C PRO B 3267 -85.98 -47.33 -92.81
N HIS B 3268 -86.85 -47.36 -93.83
CA HIS B 3268 -88.28 -47.57 -93.60
C HIS B 3268 -88.60 -48.99 -93.18
N VAL B 3269 -87.66 -49.93 -93.32
CA VAL B 3269 -87.91 -51.31 -92.92
C VAL B 3269 -88.07 -51.41 -91.40
N ILE B 3270 -87.31 -50.60 -90.66
CA ILE B 3270 -87.36 -50.66 -89.20
C ILE B 3270 -88.73 -50.29 -88.67
N GLU B 3271 -89.48 -49.48 -89.42
CA GLU B 3271 -90.79 -49.04 -88.95
C GLU B 3271 -91.78 -50.20 -88.83
N ILE B 3272 -91.82 -51.07 -89.83
CA ILE B 3272 -92.83 -52.12 -89.87
C ILE B 3272 -92.20 -53.50 -90.04
N THR B 3273 -91.36 -53.66 -91.05
CA THR B 3273 -90.84 -54.98 -91.39
C THR B 3273 -89.95 -55.53 -90.30
N LEU B 3274 -88.98 -54.73 -89.83
CA LEU B 3274 -88.11 -55.17 -88.75
C LEU B 3274 -88.89 -55.43 -87.46
N PRO B 3275 -89.83 -54.59 -87.05
CA PRO B 3275 -90.62 -54.93 -85.85
C PRO B 3275 -91.38 -56.24 -85.99
N MET B 3276 -91.90 -56.54 -87.19
CA MET B 3276 -92.57 -57.82 -87.40
C MET B 3276 -91.60 -58.99 -87.25
N LEU B 3277 -90.38 -58.85 -87.78
CA LEU B 3277 -89.39 -59.89 -87.62
C LEU B 3277 -89.01 -60.09 -86.15
N CYS B 3278 -88.88 -58.97 -85.41
CA CYS B 3278 -88.56 -59.07 -83.99
C CYS B 3278 -89.70 -59.75 -83.23
N SER B 3279 -90.94 -59.42 -83.56
CA SER B 3279 -92.08 -60.07 -82.92
C SER B 3279 -92.11 -61.56 -83.22
N TYR B 3280 -91.84 -61.94 -84.48
CA TYR B 3280 -91.80 -63.35 -84.83
C TYR B 3280 -90.69 -64.07 -84.08
N LEU B 3281 -89.52 -63.45 -83.98
CA LEU B 3281 -88.42 -64.05 -83.21
C LEU B 3281 -88.76 -64.25 -81.75
N PRO B 3282 -89.37 -63.29 -81.04
CA PRO B 3282 -89.72 -63.53 -79.63
C PRO B 3282 -90.67 -64.70 -79.44
N ARG B 3283 -91.59 -64.93 -80.38
CA ARG B 3283 -92.49 -66.08 -80.27
C ARG B 3283 -91.72 -67.39 -80.36
N TRP B 3284 -90.74 -67.47 -81.26
CA TRP B 3284 -89.91 -68.65 -81.45
C TRP B 3284 -90.74 -69.89 -81.74
N SER B 3309 -83.35 -73.44 -84.02
CA SER B 3309 -82.03 -74.04 -84.04
C SER B 3309 -81.12 -73.36 -85.06
N ASP B 3310 -80.85 -74.05 -86.17
CA ASP B 3310 -80.01 -73.48 -87.22
C ASP B 3310 -80.67 -72.25 -87.84
N HIS B 3311 -81.99 -72.31 -88.07
CA HIS B 3311 -82.70 -71.16 -88.64
C HIS B 3311 -82.66 -69.97 -87.68
N LEU B 3312 -82.84 -70.22 -86.38
CA LEU B 3312 -82.77 -69.13 -85.41
C LEU B 3312 -81.38 -68.51 -85.37
N ASN B 3313 -80.33 -69.34 -85.42
CA ASN B 3313 -78.97 -68.82 -85.43
C ASN B 3313 -78.71 -68.00 -86.68
N SER B 3314 -79.19 -68.47 -87.84
CA SER B 3314 -79.01 -67.72 -89.08
C SER B 3314 -79.74 -66.39 -89.02
N LEU B 3315 -80.97 -66.38 -88.47
CA LEU B 3315 -81.71 -65.14 -88.34
C LEU B 3315 -81.01 -64.17 -87.39
N LEU B 3316 -80.47 -64.67 -86.28
CA LEU B 3316 -79.74 -63.81 -85.35
C LEU B 3316 -78.49 -63.24 -86.00
N GLY B 3317 -77.77 -64.05 -86.77
CA GLY B 3317 -76.60 -63.55 -87.47
C GLY B 3317 -76.95 -62.50 -88.51
N ASN B 3318 -78.04 -62.71 -89.25
CA ASN B 3318 -78.48 -61.71 -90.22
C ASN B 3318 -78.88 -60.42 -89.53
N ILE B 3319 -79.58 -60.51 -88.40
CA ILE B 3319 -79.97 -59.31 -87.66
C ILE B 3319 -78.74 -58.56 -87.16
N LEU B 3320 -77.75 -59.30 -86.64
CA LEU B 3320 -76.53 -58.67 -86.17
C LEU B 3320 -75.78 -57.99 -87.32
N ARG B 3321 -75.72 -58.64 -88.49
CA ARG B 3321 -75.07 -58.04 -89.64
C ARG B 3321 -75.79 -56.78 -90.09
N ILE B 3322 -77.13 -56.81 -90.09
CA ILE B 3322 -77.91 -55.64 -90.48
C ILE B 3322 -77.67 -54.50 -89.49
N ILE B 3323 -77.63 -54.81 -88.20
CA ILE B 3323 -77.39 -53.78 -87.18
C ILE B 3323 -76.01 -53.19 -87.35
N VAL B 3324 -75.00 -54.02 -87.63
CA VAL B 3324 -73.64 -53.54 -87.83
C VAL B 3324 -73.58 -52.64 -89.07
N ASN B 3325 -74.24 -53.05 -90.15
CA ASN B 3325 -74.25 -52.23 -91.36
C ASN B 3325 -74.94 -50.90 -91.12
N ASN B 3326 -76.05 -50.90 -90.39
CA ASN B 3326 -76.79 -49.68 -90.09
C ASN B 3326 -76.05 -48.83 -89.06
N ARG B 3337 -82.89 -46.38 -81.37
CA ARG B 3337 -83.83 -46.52 -82.48
C ARG B 3337 -84.70 -47.76 -82.32
N LEU B 3338 -85.25 -48.24 -83.42
CA LEU B 3338 -86.10 -49.43 -83.37
C LEU B 3338 -85.29 -50.66 -82.96
N ALA B 3339 -84.06 -50.79 -83.48
CA ALA B 3339 -83.22 -51.93 -83.13
C ALA B 3339 -82.85 -51.91 -81.65
N VAL B 3340 -82.55 -50.73 -81.11
CA VAL B 3340 -82.19 -50.63 -79.70
C VAL B 3340 -83.40 -50.91 -78.82
N PHE B 3341 -84.59 -50.46 -79.25
CA PHE B 3341 -85.80 -50.67 -78.46
C PHE B 3341 -86.13 -52.15 -78.32
N ALA B 3342 -86.01 -52.91 -79.41
CA ALA B 3342 -86.33 -54.33 -79.43
C ALA B 3342 -85.03 -55.11 -79.62
N GLN B 3343 -84.49 -55.65 -78.53
CA GLN B 3343 -83.25 -56.41 -78.55
C GLN B 3343 -83.47 -57.73 -77.81
N PRO B 3344 -84.19 -58.67 -78.42
CA PRO B 3344 -84.42 -59.97 -77.77
C PRO B 3344 -83.11 -60.73 -77.58
N ILE B 3345 -83.05 -61.49 -76.49
CA ILE B 3345 -81.86 -62.26 -76.16
C ILE B 3345 -81.91 -63.58 -76.93
N VAL B 3346 -80.83 -63.87 -77.65
CA VAL B 3346 -80.71 -65.10 -78.43
C VAL B 3346 -79.35 -65.72 -78.16
N SER B 3347 -79.26 -67.03 -78.39
CA SER B 3347 -78.04 -67.78 -78.19
C SER B 3347 -77.56 -68.33 -79.54
N ARG B 3348 -76.29 -68.10 -79.85
CA ARG B 3348 -75.73 -68.58 -81.10
C ARG B 3348 -75.51 -70.09 -81.05
N ALA B 3349 -76.02 -70.79 -82.06
CA ALA B 3349 -75.87 -72.25 -82.10
C ALA B 3349 -74.42 -72.66 -82.34
N ARG B 3350 -73.72 -71.95 -83.22
CA ARG B 3350 -72.34 -72.27 -83.56
C ARG B 3350 -71.46 -71.07 -83.27
N PRO B 3351 -70.41 -71.22 -82.45
CA PRO B 3351 -69.51 -70.08 -82.21
C PRO B 3351 -68.77 -69.63 -83.46
N GLU B 3352 -68.64 -70.48 -84.48
CA GLU B 3352 -67.96 -70.08 -85.70
C GLU B 3352 -68.68 -68.93 -86.40
N LEU B 3353 -70.01 -68.99 -86.44
CA LEU B 3353 -70.78 -67.89 -87.05
C LEU B 3353 -70.59 -66.59 -86.28
N LEU B 3354 -70.58 -66.67 -84.94
CA LEU B 3354 -70.35 -65.47 -84.14
C LEU B 3354 -68.95 -64.90 -84.39
N HIS B 3355 -67.94 -65.77 -84.44
CA HIS B 3355 -66.58 -65.31 -84.69
C HIS B 3355 -66.39 -64.79 -86.12
N SER B 3356 -67.23 -65.22 -87.05
CA SER B 3356 -67.13 -64.75 -88.43
C SER B 3356 -67.94 -63.49 -88.70
N HIS B 3357 -68.99 -63.23 -87.92
CA HIS B 3357 -69.85 -62.08 -88.16
C HIS B 3357 -69.68 -60.99 -87.10
N PHE B 3358 -69.86 -61.32 -85.83
CA PHE B 3358 -69.80 -60.30 -84.78
C PHE B 3358 -68.39 -59.79 -84.59
N ILE B 3359 -67.38 -60.67 -84.68
CA ILE B 3359 -66.00 -60.25 -84.49
C ILE B 3359 -65.57 -59.21 -85.52
N PRO B 3360 -65.85 -59.38 -86.82
CA PRO B 3360 -65.54 -58.29 -87.77
C PRO B 3360 -66.26 -57.00 -87.45
N THR B 3361 -67.52 -57.09 -87.00
CA THR B 3361 -68.25 -55.89 -86.60
C THR B 3361 -67.60 -55.23 -85.38
N ILE B 3362 -67.15 -56.04 -84.42
CA ILE B 3362 -66.48 -55.50 -83.25
C ILE B 3362 -65.18 -54.81 -83.66
N GLY B 3363 -64.43 -55.42 -84.57
CA GLY B 3363 -63.20 -54.81 -85.05
C GLY B 3363 -63.45 -53.50 -85.78
N ARG B 3364 -64.48 -53.46 -86.62
CA ARG B 3364 -64.83 -52.23 -87.31
C ARG B 3364 -65.24 -51.13 -86.32
N LEU B 3365 -66.03 -51.50 -85.31
CA LEU B 3365 -66.43 -50.53 -84.29
C LEU B 3365 -65.22 -50.01 -83.52
N ARG B 3366 -64.28 -50.91 -83.18
CA ARG B 3366 -63.07 -50.49 -82.49
C ARG B 3366 -62.24 -49.56 -83.35
N LYS B 3367 -62.12 -49.86 -84.64
CA LYS B 3367 -61.38 -48.97 -85.53
C LYS B 3367 -62.04 -47.61 -85.63
N ARG B 3368 -63.37 -47.57 -85.74
CA ARG B 3368 -64.08 -46.30 -85.79
C ARG B 3368 -63.88 -45.50 -84.50
N ALA B 3369 -63.95 -46.18 -83.35
CA ALA B 3369 -63.74 -45.52 -82.07
C ALA B 3369 -62.33 -44.97 -81.97
N GLY B 3370 -61.34 -45.73 -82.43
CA GLY B 3370 -59.97 -45.24 -82.41
C GLY B 3370 -59.77 -44.04 -83.31
N LYS B 3371 -60.38 -44.07 -84.49
CA LYS B 3371 -60.31 -42.92 -85.40
C LYS B 3371 -60.96 -41.69 -84.78
N VAL B 3372 -62.11 -41.88 -84.12
CA VAL B 3372 -62.78 -40.76 -83.47
C VAL B 3372 -61.94 -40.20 -82.33
N VAL B 3373 -61.31 -41.09 -81.56
CA VAL B 3373 -60.45 -40.64 -80.46
C VAL B 3373 -59.25 -39.87 -81.00
N ALA B 3374 -58.64 -40.36 -82.09
CA ALA B 3374 -57.52 -39.64 -82.69
C ALA B 3374 -57.95 -38.28 -83.21
N GLU B 3375 -59.12 -38.20 -83.84
CA GLU B 3375 -59.62 -36.91 -84.32
C GLU B 3375 -59.87 -35.95 -83.16
N GLU B 3376 -60.44 -36.44 -82.07
CA GLU B 3376 -60.67 -35.60 -80.90
C GLU B 3376 -59.36 -35.12 -80.30
N GLU B 3377 -58.36 -36.01 -80.22
CA GLU B 3377 -57.07 -35.61 -79.68
C GLU B 3377 -56.39 -34.57 -80.57
N GLN B 3378 -56.51 -34.72 -81.88
CA GLN B 3378 -55.92 -33.75 -82.80
C GLN B 3378 -56.58 -32.38 -82.63
N LEU B 3379 -57.90 -32.35 -82.47
CA LEU B 3379 -58.61 -31.09 -82.27
C LEU B 3379 -58.67 -30.71 -80.80
N ARG B 3395 -65.08 -30.30 -79.76
CA ARG B 3395 -66.13 -29.47 -80.33
C ARG B 3395 -67.51 -30.07 -80.08
N ASP B 3396 -68.55 -29.28 -80.37
CA ASP B 3396 -69.91 -29.77 -80.19
C ASP B 3396 -70.21 -30.94 -81.12
N GLU B 3397 -69.76 -30.85 -82.38
CA GLU B 3397 -69.97 -31.95 -83.31
C GLU B 3397 -69.25 -33.21 -82.87
N PHE B 3398 -68.01 -33.06 -82.37
CA PHE B 3398 -67.27 -34.22 -81.87
C PHE B 3398 -67.97 -34.84 -80.66
N SER B 3399 -68.47 -34.01 -79.75
CA SER B 3399 -69.19 -34.54 -78.60
C SER B 3399 -70.47 -35.27 -79.02
N VAL B 3400 -71.19 -34.71 -80.01
CA VAL B 3400 -72.40 -35.36 -80.48
C VAL B 3400 -72.07 -36.70 -81.13
N LEU B 3401 -71.00 -36.75 -81.93
CA LEU B 3401 -70.59 -38.00 -82.56
C LEU B 3401 -70.18 -39.03 -81.51
N CYS B 3402 -69.46 -38.60 -80.48
CA CYS B 3402 -69.06 -39.52 -79.41
C CYS B 3402 -70.28 -40.05 -78.67
N ARG B 3403 -71.26 -39.18 -78.39
CA ARG B 3403 -72.48 -39.63 -77.73
C ARG B 3403 -73.25 -40.62 -78.58
N ASP B 3404 -73.33 -40.35 -79.90
CA ASP B 3404 -74.02 -41.28 -80.79
C ASP B 3404 -73.31 -42.62 -80.86
N LEU B 3405 -71.97 -42.61 -80.89
CA LEU B 3405 -71.22 -43.86 -80.90
C LEU B 3405 -71.42 -44.63 -79.60
N TYR B 3406 -71.43 -43.93 -78.47
CA TYR B 3406 -71.64 -44.59 -77.18
C TYR B 3406 -73.04 -45.20 -77.10
N ALA B 3407 -74.04 -44.48 -77.59
CA ALA B 3407 -75.41 -45.00 -77.56
C ALA B 3407 -75.55 -46.26 -78.41
N LEU B 3408 -74.93 -46.27 -79.59
CA LEU B 3408 -75.00 -47.45 -80.44
C LEU B 3408 -74.21 -48.62 -79.87
N TYR B 3409 -73.13 -48.32 -79.14
CA TYR B 3409 -72.27 -49.34 -78.55
C TYR B 3409 -73.03 -50.19 -77.53
N PRO B 3410 -74.10 -49.66 -76.93
CA PRO B 3410 -74.80 -50.45 -75.90
C PRO B 3410 -75.36 -51.77 -76.41
N LEU B 3411 -75.97 -51.78 -77.59
CA LEU B 3411 -76.48 -53.03 -78.16
C LEU B 3411 -75.33 -53.97 -78.52
N LEU B 3412 -74.27 -53.42 -79.11
CA LEU B 3412 -73.11 -54.24 -79.46
C LEU B 3412 -72.45 -54.82 -78.22
N ILE B 3413 -72.34 -54.03 -77.15
CA ILE B 3413 -71.75 -54.52 -75.91
C ILE B 3413 -72.61 -55.63 -75.32
N ARG B 3414 -73.92 -55.46 -75.33
CA ARG B 3414 -74.81 -56.51 -74.81
C ARG B 3414 -74.70 -57.79 -75.63
N TYR B 3415 -74.64 -57.67 -76.96
CA TYR B 3415 -74.48 -58.85 -77.81
C TYR B 3415 -73.14 -59.54 -77.54
N VAL B 3416 -72.07 -58.75 -77.38
CA VAL B 3416 -70.76 -59.32 -77.10
C VAL B 3416 -70.76 -60.05 -75.77
N ASP B 3417 -71.39 -59.46 -74.75
CA ASP B 3417 -71.47 -60.11 -73.44
C ASP B 3417 -72.27 -61.40 -73.52
N ASN B 3418 -73.39 -61.39 -74.26
CA ASN B 3418 -74.19 -62.59 -74.41
C ASN B 3418 -73.41 -63.69 -75.13
N ASN B 3419 -72.65 -63.32 -76.17
CA ASN B 3419 -71.83 -64.31 -76.86
C ASN B 3419 -70.72 -64.85 -75.97
N ARG B 3420 -70.09 -63.98 -75.19
CA ARG B 3420 -68.98 -64.41 -74.34
C ARG B 3420 -69.47 -65.25 -73.16
N ALA B 3421 -70.73 -65.09 -72.76
CA ALA B 3421 -71.27 -65.93 -71.69
C ALA B 3421 -71.24 -67.39 -72.08
N HIS B 3422 -71.65 -67.72 -73.30
CA HIS B 3422 -71.55 -69.09 -73.79
C HIS B 3422 -70.13 -69.46 -74.20
N TRP B 3423 -69.34 -68.47 -74.65
CA TRP B 3423 -67.99 -68.74 -75.12
C TRP B 3423 -66.96 -68.77 -74.00
N LEU B 3424 -67.36 -68.54 -72.76
CA LEU B 3424 -66.43 -68.55 -71.64
C LEU B 3424 -65.88 -69.93 -71.33
N THR B 3425 -66.46 -70.99 -71.91
CA THR B 3425 -65.97 -72.34 -71.66
C THR B 3425 -64.56 -72.53 -72.18
N GLU B 3426 -64.27 -72.00 -73.38
CA GLU B 3426 -62.95 -72.14 -73.98
C GLU B 3426 -62.57 -70.84 -74.68
N PRO B 3427 -61.39 -70.30 -74.41
CA PRO B 3427 -60.97 -69.07 -75.10
C PRO B 3427 -60.68 -69.33 -76.57
N ASN B 3428 -60.81 -68.27 -77.37
CA ASN B 3428 -60.58 -68.33 -78.80
C ASN B 3428 -59.75 -67.14 -79.24
N ALA B 3429 -59.07 -67.29 -80.38
CA ALA B 3429 -58.27 -66.19 -80.92
C ALA B 3429 -59.15 -65.00 -81.28
N ASN B 3430 -60.31 -65.26 -81.90
CA ASN B 3430 -61.25 -64.17 -82.17
C ASN B 3430 -61.76 -63.54 -80.88
N ALA B 3431 -62.03 -64.36 -79.87
CA ALA B 3431 -62.44 -63.84 -78.57
C ALA B 3431 -61.34 -63.00 -77.95
N GLU B 3432 -60.09 -63.44 -78.06
CA GLU B 3432 -58.97 -62.65 -77.55
C GLU B 3432 -58.85 -61.32 -78.26
N GLU B 3433 -59.01 -61.31 -79.59
CA GLU B 3433 -58.95 -60.06 -80.35
C GLU B 3433 -60.09 -59.14 -79.95
N LEU B 3434 -61.29 -59.68 -79.76
CA LEU B 3434 -62.42 -58.86 -79.33
C LEU B 3434 -62.18 -58.28 -77.95
N PHE B 3435 -61.62 -59.07 -77.04
CA PHE B 3435 -61.32 -58.57 -75.70
C PHE B 3435 -60.26 -57.47 -75.76
N ARG B 3436 -59.24 -57.64 -76.60
CA ARG B 3436 -58.22 -56.60 -76.74
C ARG B 3436 -58.83 -55.32 -77.30
N MET B 3437 -59.70 -55.44 -78.30
CA MET B 3437 -60.37 -54.26 -78.86
C MET B 3437 -61.23 -53.57 -77.82
N VAL B 3438 -61.96 -54.35 -77.01
CA VAL B 3438 -62.80 -53.78 -75.97
C VAL B 3438 -61.95 -53.06 -74.93
N GLY B 3439 -60.82 -53.66 -74.55
CA GLY B 3439 -59.93 -53.01 -73.61
C GLY B 3439 -59.35 -51.72 -74.15
N GLU B 3440 -58.96 -51.72 -75.43
CA GLU B 3440 -58.47 -50.49 -76.05
C GLU B 3440 -59.54 -49.41 -76.09
N ILE B 3441 -60.77 -49.79 -76.41
CA ILE B 3441 -61.88 -48.83 -76.44
C ILE B 3441 -62.12 -48.27 -75.05
N PHE B 3442 -62.09 -49.13 -74.03
CA PHE B 3442 -62.29 -48.66 -72.66
C PHE B 3442 -61.17 -47.72 -72.23
N ILE B 3443 -59.93 -48.03 -72.60
CA ILE B 3443 -58.80 -47.16 -72.26
C ILE B 3443 -58.96 -45.80 -72.95
N TYR B 3444 -59.36 -45.81 -74.22
CA TYR B 3444 -59.57 -44.55 -74.94
C TYR B 3444 -60.69 -43.74 -74.31
N TRP B 3445 -61.77 -44.40 -73.91
CA TRP B 3445 -62.88 -43.69 -73.26
C TRP B 3445 -62.45 -43.10 -71.92
N SER B 3446 -61.66 -43.85 -71.15
CA SER B 3446 -61.18 -43.35 -69.87
C SER B 3446 -60.24 -42.16 -70.06
N LYS B 3447 -59.38 -42.22 -71.08
CA LYS B 3447 -58.45 -41.13 -71.33
C LYS B 3447 -59.11 -39.90 -71.93
N SER B 3448 -60.33 -40.01 -72.42
CA SER B 3448 -61.05 -38.89 -73.04
C SER B 3448 -62.22 -38.52 -72.13
N HIS B 3449 -62.10 -37.38 -71.45
CA HIS B 3449 -63.18 -36.91 -70.58
C HIS B 3449 -64.41 -36.52 -71.38
N ASN B 3450 -64.22 -35.99 -72.59
CA ASN B 3450 -65.35 -35.60 -73.43
C ASN B 3450 -66.20 -36.81 -73.79
N PHE B 3451 -65.57 -37.93 -74.12
CA PHE B 3451 -66.32 -39.15 -74.44
C PHE B 3451 -67.12 -39.64 -73.24
N LYS B 3452 -66.52 -39.60 -72.05
CA LYS B 3452 -67.23 -40.01 -70.84
C LYS B 3452 -68.42 -39.09 -70.57
N ARG B 3453 -68.23 -37.78 -70.74
CA ARG B 3453 -69.32 -36.84 -70.54
C ARG B 3453 -70.45 -37.07 -71.54
N GLU B 3454 -70.10 -37.34 -72.81
CA GLU B 3454 -71.11 -37.62 -73.82
C GLU B 3454 -71.87 -38.90 -73.49
N GLU B 3455 -71.15 -39.94 -73.02
CA GLU B 3455 -71.82 -41.18 -72.65
C GLU B 3455 -72.75 -40.97 -71.47
N GLN B 3456 -72.31 -40.19 -70.48
CA GLN B 3456 -73.17 -39.89 -69.33
C GLN B 3456 -74.41 -39.12 -69.75
N ASN B 3457 -74.25 -38.15 -70.65
CA ASN B 3457 -75.39 -37.39 -71.14
C ASN B 3457 -76.36 -38.29 -71.91
N PHE B 3458 -75.84 -39.19 -72.74
CA PHE B 3458 -76.70 -40.12 -73.47
C PHE B 3458 -77.44 -41.04 -72.52
N VAL B 3459 -76.76 -41.52 -71.47
CA VAL B 3459 -77.42 -42.39 -70.50
C VAL B 3459 -78.51 -41.64 -69.76
N VAL B 3460 -78.25 -40.38 -69.40
CA VAL B 3460 -79.26 -39.57 -68.71
C VAL B 3460 -80.46 -39.34 -69.62
N GLN B 3461 -80.21 -39.04 -70.90
CA GLN B 3461 -81.31 -38.83 -71.84
C GLN B 3461 -82.13 -40.10 -72.02
N ASN B 3462 -81.46 -41.26 -72.11
CA ASN B 3462 -82.15 -42.52 -72.26
C ASN B 3462 -82.76 -43.04 -70.96
N GLU B 3463 -82.43 -42.42 -69.82
CA GLU B 3463 -82.94 -42.81 -68.52
C GLU B 3463 -82.65 -44.28 -68.22
N ILE B 3510 -70.57 -45.84 -70.67
CA ILE B 3510 -69.16 -46.02 -70.41
C ILE B 3510 -68.95 -47.03 -69.28
N VAL B 3511 -69.64 -46.80 -68.16
CA VAL B 3511 -69.53 -47.73 -67.03
C VAL B 3511 -70.09 -49.10 -67.40
N ALA B 3512 -71.25 -49.12 -68.08
CA ALA B 3512 -71.83 -50.39 -68.49
C ALA B 3512 -70.94 -51.10 -69.50
N THR B 3513 -70.37 -50.34 -70.44
CA THR B 3513 -69.46 -50.95 -71.42
C THR B 3513 -68.22 -51.52 -70.75
N LEU B 3514 -67.67 -50.80 -69.77
CA LEU B 3514 -66.50 -51.30 -69.05
C LEU B 3514 -66.85 -52.56 -68.26
N LYS B 3515 -68.02 -52.57 -67.62
CA LYS B 3515 -68.44 -53.75 -66.87
C LYS B 3515 -68.62 -54.96 -67.80
N LYS B 3516 -69.21 -54.73 -68.97
CA LYS B 3516 -69.38 -55.82 -69.93
C LYS B 3516 -68.04 -56.32 -70.45
N MET B 3517 -67.10 -55.41 -70.72
CA MET B 3517 -65.79 -55.81 -71.22
C MET B 3517 -64.92 -56.45 -70.15
N LEU B 3518 -65.21 -56.21 -68.87
CA LEU B 3518 -64.44 -56.84 -67.80
C LEU B 3518 -64.48 -58.35 -67.87
N PRO B 3519 -65.62 -59.00 -68.09
CA PRO B 3519 -65.61 -60.46 -68.26
C PRO B 3519 -64.79 -60.90 -69.45
N ILE B 3520 -64.78 -60.13 -70.54
CA ILE B 3520 -63.97 -60.48 -71.71
C ILE B 3520 -62.49 -60.43 -71.35
N GLY B 3521 -62.07 -59.39 -70.64
CA GLY B 3521 -60.68 -59.31 -70.21
C GLY B 3521 -60.30 -60.42 -69.24
N LEU B 3522 -61.22 -60.78 -68.34
CA LEU B 3522 -60.96 -61.87 -67.41
C LEU B 3522 -60.81 -63.19 -68.14
N ASN B 3523 -61.67 -63.44 -69.15
CA ASN B 3523 -61.55 -64.66 -69.93
C ASN B 3523 -60.26 -64.71 -70.72
N MET B 3524 -59.83 -63.57 -71.28
CA MET B 3524 -58.62 -63.49 -72.08
C MET B 3524 -57.42 -63.39 -71.14
N CYS B 3525 -57.03 -64.53 -70.58
CA CYS B 3525 -55.90 -64.59 -69.66
C CYS B 3525 -54.80 -65.50 -70.20
N ASP B 3529 -46.28 -67.40 -64.87
CA ASP B 3529 -45.34 -66.48 -64.25
C ASP B 3529 -45.89 -65.05 -64.27
N GLN B 3530 -46.08 -64.52 -65.48
CA GLN B 3530 -46.62 -63.18 -65.71
C GLN B 3530 -45.74 -62.09 -65.10
N ASP B 3531 -44.46 -62.38 -64.88
CA ASP B 3531 -43.55 -61.35 -64.39
C ASP B 3531 -43.37 -60.24 -65.41
N LEU B 3532 -43.25 -60.60 -66.69
CA LEU B 3532 -43.12 -59.60 -67.74
C LEU B 3532 -44.38 -58.74 -67.85
N ILE B 3533 -45.56 -59.35 -67.66
CA ILE B 3533 -46.81 -58.58 -67.68
C ILE B 3533 -46.83 -57.57 -66.54
N MET B 3534 -46.41 -58.00 -65.35
CA MET B 3534 -46.37 -57.07 -64.21
C MET B 3534 -45.37 -55.94 -64.46
N LEU B 3535 -44.21 -56.27 -65.02
CA LEU B 3535 -43.22 -55.25 -65.33
C LEU B 3535 -43.74 -54.25 -66.35
N ALA B 3536 -44.43 -54.74 -67.38
CA ALA B 3536 -45.01 -53.85 -68.38
C ALA B 3536 -46.09 -52.97 -67.77
N LYS B 3537 -46.92 -53.55 -66.90
CA LYS B 3537 -47.97 -52.75 -66.24
C LYS B 3537 -47.35 -51.67 -65.36
N THR B 3538 -46.27 -51.99 -64.65
CA THR B 3538 -45.57 -50.98 -63.86
C THR B 3538 -44.99 -49.90 -64.78
N ARG B 3539 -44.43 -50.30 -65.92
CA ARG B 3539 -43.91 -49.33 -66.87
C ARG B 3539 -45.04 -48.49 -67.46
N TYR B 3540 -46.20 -49.11 -67.71
CA TYR B 3540 -47.33 -48.38 -68.25
C TYR B 3540 -47.80 -47.29 -67.30
N ALA B 3541 -47.81 -47.59 -65.99
CA ALA B 3541 -48.14 -46.58 -65.00
C ALA B 3541 -47.12 -45.45 -64.95
N LEU B 3542 -45.91 -45.68 -65.48
CA LEU B 3542 -44.87 -44.67 -65.52
C LEU B 3542 -44.75 -44.02 -66.90
N LYS B 3543 -45.78 -44.16 -67.74
CA LYS B 3543 -45.81 -43.59 -69.08
C LYS B 3543 -44.64 -44.09 -69.93
N ASP B 3544 -44.64 -45.41 -70.17
CA ASP B 3544 -43.63 -46.05 -70.98
C ASP B 3544 -44.29 -46.86 -72.08
N THR B 3545 -43.59 -46.99 -73.20
CA THR B 3545 -44.10 -47.70 -74.36
C THR B 3545 -43.72 -49.18 -74.27
N ASP B 3546 -43.91 -49.91 -75.36
CA ASP B 3546 -43.60 -51.34 -75.40
C ASP B 3546 -42.10 -51.62 -75.34
N GLU B 3547 -41.26 -50.59 -75.51
CA GLU B 3547 -39.81 -50.80 -75.41
C GLU B 3547 -39.42 -51.25 -74.00
N GLU B 3548 -40.04 -50.64 -72.98
CA GLU B 3548 -39.77 -51.06 -71.61
C GLU B 3548 -40.21 -52.50 -71.37
N VAL B 3549 -41.36 -52.89 -71.94
CA VAL B 3549 -41.83 -54.26 -71.80
C VAL B 3549 -40.86 -55.23 -72.47
N ARG B 3550 -40.37 -54.88 -73.65
CA ARG B 3550 -39.41 -55.74 -74.34
C ARG B 3550 -38.10 -55.85 -73.55
N GLU B 3551 -37.64 -54.74 -72.99
CA GLU B 3551 -36.42 -54.77 -72.18
C GLU B 3551 -36.60 -55.64 -70.95
N PHE B 3552 -37.77 -55.53 -70.29
CA PHE B 3552 -38.03 -56.35 -69.11
C PHE B 3552 -38.10 -57.83 -69.49
N LEU B 3553 -38.72 -58.15 -70.62
CA LEU B 3553 -38.80 -59.54 -71.07
C LEU B 3553 -37.40 -60.08 -71.38
N GLN B 3554 -36.56 -59.26 -72.02
CA GLN B 3554 -35.20 -59.71 -72.32
C GLN B 3554 -34.40 -59.93 -71.05
N ASN B 3555 -34.56 -59.04 -70.06
CA ASN B 3555 -33.84 -59.18 -68.79
C ASN B 3555 -34.42 -60.29 -67.94
N ASP B 3588 -44.26 -69.10 -78.50
CA ASP B 3588 -43.23 -68.14 -78.91
C ASP B 3588 -43.28 -66.88 -78.03
N PRO B 3589 -42.32 -66.77 -77.12
CA PRO B 3589 -42.27 -65.57 -76.26
C PRO B 3589 -42.13 -64.28 -77.03
N GLU B 3590 -41.39 -64.28 -78.15
CA GLU B 3590 -41.23 -63.07 -78.94
C GLU B 3590 -42.56 -62.58 -79.48
N LYS B 3591 -43.39 -63.50 -79.99
CA LYS B 3591 -44.71 -63.11 -80.46
C LYS B 3591 -45.67 -62.84 -79.31
N ILE B 3592 -45.49 -63.53 -78.17
CA ILE B 3592 -46.36 -63.32 -77.01
C ILE B 3592 -46.02 -62.05 -76.24
N VAL B 3593 -44.91 -61.40 -76.58
CA VAL B 3593 -44.54 -60.15 -75.89
C VAL B 3593 -45.59 -59.08 -76.13
N ARG B 3594 -46.07 -58.96 -77.37
CA ARG B 3594 -47.11 -57.97 -77.67
C ARG B 3594 -48.40 -58.27 -76.92
N ARG B 3595 -48.78 -59.55 -76.84
CA ARG B 3595 -49.98 -59.91 -76.10
C ARG B 3595 -49.82 -59.60 -74.61
N VAL B 3596 -48.64 -59.87 -74.05
CA VAL B 3596 -48.39 -59.57 -72.65
C VAL B 3596 -48.45 -58.07 -72.41
N GLN B 3597 -47.88 -57.28 -73.33
CA GLN B 3597 -47.95 -55.82 -73.18
C GLN B 3597 -49.39 -55.33 -73.26
N GLU B 3598 -50.19 -55.89 -74.17
CA GLU B 3598 -51.59 -55.49 -74.27
C GLU B 3598 -52.36 -55.85 -73.01
N VAL B 3599 -52.09 -57.04 -72.45
CA VAL B 3599 -52.76 -57.45 -71.22
C VAL B 3599 -52.36 -56.53 -70.07
N SER B 3600 -51.09 -56.16 -70.00
CA SER B 3600 -50.63 -55.24 -68.96
C SER B 3600 -51.28 -53.88 -69.11
N ALA B 3601 -51.40 -53.39 -70.34
CA ALA B 3601 -52.06 -52.10 -70.57
C ALA B 3601 -53.53 -52.17 -70.16
N VAL B 3602 -54.21 -53.27 -70.48
CA VAL B 3602 -55.61 -53.43 -70.08
C VAL B 3602 -55.74 -53.46 -68.57
N LEU B 3603 -54.84 -54.18 -67.89
CA LEU B 3603 -54.87 -54.23 -66.43
C LEU B 3603 -54.62 -52.86 -65.83
N TYR B 3604 -53.68 -52.10 -66.38
CA TYR B 3604 -53.41 -50.75 -65.88
C TYR B 3604 -54.61 -49.84 -66.09
N HIS B 3605 -55.27 -49.95 -67.25
CA HIS B 3605 -56.47 -49.15 -67.49
C HIS B 3605 -57.58 -49.52 -66.51
N LEU B 3606 -57.76 -50.81 -66.24
CA LEU B 3606 -58.76 -51.24 -65.28
C LEU B 3606 -58.45 -50.73 -63.88
N GLU B 3607 -57.18 -50.78 -63.49
CA GLU B 3607 -56.79 -50.27 -62.17
C GLU B 3607 -57.02 -48.76 -62.07
N GLN B 3608 -56.70 -48.03 -63.14
CA GLN B 3608 -56.94 -46.59 -63.15
C GLN B 3608 -58.44 -46.28 -63.05
N THR B 3609 -59.26 -47.05 -63.77
CA THR B 3609 -60.71 -46.86 -63.69
C THR B 3609 -61.23 -47.15 -62.29
N GLU B 3610 -60.71 -48.21 -61.66
CA GLU B 3610 -61.14 -48.55 -60.31
C GLU B 3610 -60.73 -47.46 -59.32
N HIS B 3611 -59.53 -46.91 -59.46
CA HIS B 3611 -59.05 -45.87 -58.57
C HIS B 3611 -59.74 -44.53 -58.87
N SER B 3625 -72.58 -21.76 -39.94
CA SER B 3625 -73.60 -21.98 -38.94
C SER B 3625 -74.99 -21.77 -39.52
N LYS B 3626 -76.02 -21.84 -38.67
CA LYS B 3626 -77.39 -21.65 -39.13
C LYS B 3626 -77.62 -20.21 -39.56
N GLN B 3627 -76.90 -19.25 -38.99
CA GLN B 3627 -77.06 -17.85 -39.39
C GLN B 3627 -76.63 -17.63 -40.83
N ARG B 3628 -75.58 -18.33 -41.27
CA ARG B 3628 -75.16 -18.21 -42.67
C ARG B 3628 -76.24 -18.72 -43.61
N ARG B 3629 -76.87 -19.85 -43.28
CA ARG B 3629 -77.97 -20.36 -44.11
C ARG B 3629 -79.16 -19.42 -44.10
N ARG B 3630 -79.45 -18.84 -42.92
CA ARG B 3630 -80.55 -17.88 -42.84
C ARG B 3630 -80.29 -16.66 -43.72
N ALA B 3631 -79.05 -16.16 -43.71
CA ALA B 3631 -78.69 -15.03 -44.56
C ALA B 3631 -78.78 -15.42 -46.03
N VAL B 3632 -78.35 -16.64 -46.37
CA VAL B 3632 -78.40 -17.09 -47.77
C VAL B 3632 -79.83 -17.14 -48.26
N VAL B 3633 -80.74 -17.70 -47.46
CA VAL B 3633 -82.14 -17.78 -47.89
C VAL B 3633 -82.79 -16.40 -47.87
N ALA B 3634 -82.42 -15.54 -46.93
CA ALA B 3634 -82.97 -14.18 -46.90
C ALA B 3634 -82.47 -13.32 -48.05
N CYS B 3635 -81.33 -13.66 -48.64
CA CYS B 3635 -80.82 -12.93 -49.79
C CYS B 3635 -81.75 -13.06 -51.00
N PHE B 3636 -82.42 -14.21 -51.13
CA PHE B 3636 -83.43 -14.36 -52.19
C PHE B 3636 -84.85 -14.14 -51.69
N ARG B 3637 -85.07 -14.17 -50.38
CA ARG B 3637 -86.41 -13.96 -49.83
C ARG B 3637 -86.89 -12.53 -50.02
N MET B 3638 -86.02 -11.54 -49.84
CA MET B 3638 -86.41 -10.14 -49.89
C MET B 3638 -86.64 -9.66 -51.32
N THR B 3639 -87.22 -8.39 -51.43
CA THR B 3639 -87.63 -7.71 -52.66
C THR B 3639 -86.59 -6.69 -53.12
N PRO B 3640 -86.45 -6.48 -54.42
CA PRO B 3640 -85.48 -5.49 -54.92
C PRO B 3640 -85.82 -4.07 -54.49
N LEU B 3641 -85.00 -3.11 -54.90
CA LEU B 3641 -85.13 -1.75 -54.38
C LEU B 3641 -86.29 -1.00 -55.00
N TYR B 3642 -86.66 -1.31 -56.24
CA TYR B 3642 -87.70 -0.54 -56.90
C TYR B 3642 -89.08 -0.80 -56.31
N ASN B 3643 -89.26 -1.91 -55.60
CA ASN B 3643 -90.52 -2.18 -54.92
C ASN B 3643 -90.62 -1.53 -53.55
N LEU B 3644 -89.49 -1.26 -52.90
CA LEU B 3644 -89.50 -0.66 -51.57
C LEU B 3644 -89.80 0.84 -51.67
N PRO B 3645 -90.30 1.44 -50.59
CA PRO B 3645 -90.78 2.83 -50.67
C PRO B 3645 -89.69 3.81 -51.09
N THR B 3646 -90.13 4.93 -51.69
CA THR B 3646 -89.21 5.89 -52.27
C THR B 3646 -88.31 6.52 -51.21
N HIS B 3647 -88.88 6.86 -50.06
CA HIS B 3647 -88.09 7.55 -49.03
C HIS B 3647 -86.94 6.68 -48.53
N ARG B 3648 -87.21 5.40 -48.25
CA ARG B 3648 -86.16 4.53 -47.75
C ARG B 3648 -85.07 4.31 -48.79
N ALA B 3649 -85.45 4.13 -50.05
CA ALA B 3649 -84.46 3.96 -51.11
C ALA B 3649 -83.62 5.22 -51.27
N CYS B 3650 -84.26 6.39 -51.18
CA CYS B 3650 -83.52 7.65 -51.20
C CYS B 3650 -82.53 7.71 -50.05
N ASN B 3651 -82.93 7.19 -48.89
CA ASN B 3651 -82.03 7.21 -47.73
C ASN B 3651 -80.81 6.32 -47.93
N MET B 3652 -81.01 5.10 -48.46
CA MET B 3652 -79.83 4.28 -48.75
C MET B 3652 -78.96 4.92 -49.82
N PHE B 3653 -79.58 5.55 -50.82
CA PHE B 3653 -78.78 6.19 -51.86
C PHE B 3653 -77.95 7.32 -51.26
N LEU B 3654 -78.54 8.11 -50.36
CA LEU B 3654 -77.82 9.18 -49.70
C LEU B 3654 -76.67 8.64 -48.86
N GLU B 3655 -76.91 7.55 -48.12
CA GLU B 3655 -75.85 6.95 -47.33
C GLU B 3655 -74.71 6.46 -48.21
N SER B 3656 -75.04 5.81 -49.33
CA SER B 3656 -74.01 5.33 -50.24
C SER B 3656 -73.23 6.50 -50.85
N TYR B 3657 -73.93 7.58 -51.21
CA TYR B 3657 -73.27 8.74 -51.77
C TYR B 3657 -72.32 9.38 -50.76
N LYS B 3658 -72.75 9.46 -49.50
CA LYS B 3658 -71.89 10.07 -48.48
C LYS B 3658 -70.72 9.17 -48.12
N ALA B 3659 -70.87 7.85 -48.25
CA ALA B 3659 -69.80 6.93 -47.92
C ALA B 3659 -68.97 6.50 -49.12
N ALA B 3660 -69.28 7.00 -50.31
CA ALA B 3660 -68.61 6.53 -51.52
C ALA B 3660 -67.95 7.63 -52.33
N TRP B 3661 -68.55 8.81 -52.43
CA TRP B 3661 -68.05 9.86 -53.30
C TRP B 3661 -67.46 11.04 -52.53
N ILE B 3662 -68.23 11.67 -51.64
CA ILE B 3662 -67.72 12.83 -50.93
C ILE B 3662 -66.75 12.45 -49.82
N LEU B 3663 -66.77 11.19 -49.38
CA LEU B 3663 -65.83 10.76 -48.34
C LEU B 3663 -64.42 10.68 -48.87
N THR B 3664 -64.24 10.18 -50.10
CA THR B 3664 -62.91 10.02 -50.67
C THR B 3664 -62.39 11.28 -51.35
N GLU B 3665 -63.18 12.35 -51.38
CA GLU B 3665 -62.73 13.59 -51.99
C GLU B 3665 -61.56 14.18 -51.19
N ASP B 3666 -60.55 14.65 -51.92
CA ASP B 3666 -59.33 15.19 -51.32
C ASP B 3666 -59.30 16.70 -51.51
N HIS B 3667 -59.05 17.42 -50.42
CA HIS B 3667 -58.95 18.87 -50.44
C HIS B 3667 -57.63 19.31 -49.81
N SER B 3668 -56.98 20.28 -50.45
CA SER B 3668 -55.70 20.80 -49.99
C SER B 3668 -55.84 22.21 -49.41
N PHE B 3669 -56.97 22.47 -48.76
CA PHE B 3669 -57.25 23.78 -48.18
C PHE B 3669 -56.46 24.05 -46.91
N GLU B 3670 -55.81 23.03 -46.33
CA GLU B 3670 -55.02 23.23 -45.11
C GLU B 3670 -53.87 24.19 -45.36
N ASP B 3671 -53.13 23.97 -46.45
CA ASP B 3671 -52.01 24.86 -46.78
C ASP B 3671 -52.50 26.27 -47.07
N ARG B 3672 -53.64 26.39 -47.75
CA ARG B 3672 -54.19 27.71 -48.04
C ARG B 3672 -54.57 28.44 -46.75
N MET B 3673 -55.20 27.75 -45.80
CA MET B 3673 -55.54 28.40 -44.55
C MET B 3673 -54.29 28.78 -43.76
N ILE B 3674 -53.27 27.92 -43.77
CA ILE B 3674 -52.04 28.23 -43.05
C ILE B 3674 -51.38 29.46 -43.66
N ASP B 3675 -51.36 29.55 -44.99
CA ASP B 3675 -50.80 30.72 -45.66
C ASP B 3675 -51.60 31.97 -45.28
N ASP B 3676 -52.93 31.89 -45.32
CA ASP B 3676 -53.76 33.05 -45.02
C ASP B 3676 -53.56 33.52 -43.58
N LEU B 3677 -53.48 32.58 -42.63
CA LEU B 3677 -53.35 32.95 -41.23
C LEU B 3677 -51.95 33.44 -40.89
N SER B 3678 -50.94 33.08 -41.68
CA SER B 3678 -49.56 33.49 -41.42
C SER B 3678 -49.14 34.71 -42.23
N LYS B 3679 -50.09 35.36 -42.91
CA LYS B 3679 -49.76 36.55 -43.68
C LYS B 3679 -49.25 37.67 -42.79
N ALA B 3680 -49.90 37.89 -41.65
CA ALA B 3680 -49.52 38.92 -40.69
C ALA B 3680 -49.45 40.30 -41.34
N GLY B 3681 -50.41 40.57 -42.23
CA GLY B 3681 -50.47 41.84 -42.92
C GLY B 3681 -50.95 42.99 -42.05
N LYS B 3693 -44.80 42.85 -31.26
CA LYS B 3693 -45.94 43.68 -31.65
C LYS B 3693 -47.23 42.88 -31.62
N LYS B 3694 -48.11 43.16 -32.58
CA LYS B 3694 -49.38 42.45 -32.64
C LYS B 3694 -49.15 41.01 -33.09
N PRO B 3695 -49.61 40.03 -32.34
CA PRO B 3695 -49.41 38.63 -32.74
C PRO B 3695 -50.18 38.29 -34.00
N ASP B 3696 -49.62 37.34 -34.76
CA ASP B 3696 -50.27 36.87 -35.98
C ASP B 3696 -51.53 36.08 -35.63
N PRO B 3697 -52.47 35.97 -36.58
CA PRO B 3697 -53.66 35.14 -36.33
C PRO B 3697 -53.32 33.70 -35.96
N LEU B 3698 -52.28 33.14 -36.57
CA LEU B 3698 -51.81 31.81 -36.17
C LEU B 3698 -51.24 31.85 -34.75
N HIS B 3699 -50.53 32.91 -34.40
CA HIS B 3699 -50.04 33.08 -33.04
C HIS B 3699 -51.21 33.19 -32.07
N GLN B 3700 -52.29 33.87 -32.47
CA GLN B 3700 -53.48 33.95 -31.64
C GLN B 3700 -54.12 32.57 -31.48
N LEU B 3701 -54.14 31.77 -32.55
CA LEU B 3701 -54.55 30.37 -32.45
C LEU B 3701 -53.76 29.62 -31.39
N VAL B 3702 -52.43 29.69 -31.45
CA VAL B 3702 -51.61 28.96 -30.50
C VAL B 3702 -51.84 29.47 -29.08
N LEU B 3703 -51.93 30.79 -28.91
CA LEU B 3703 -52.12 31.36 -27.58
C LEU B 3703 -53.47 30.94 -26.99
N HIS B 3704 -54.53 30.97 -27.81
CA HIS B 3704 -55.84 30.56 -27.33
C HIS B 3704 -55.86 29.08 -26.97
N PHE B 3705 -55.22 28.24 -27.79
CA PHE B 3705 -55.18 26.82 -27.48
C PHE B 3705 -54.42 26.55 -26.20
N SER B 3706 -53.29 27.23 -25.99
CA SER B 3706 -52.53 27.06 -24.76
C SER B 3706 -53.32 27.55 -23.55
N ARG B 3707 -54.02 28.67 -23.69
CA ARG B 3707 -54.84 29.17 -22.59
C ARG B 3707 -55.96 28.19 -22.24
N THR B 3708 -56.60 27.62 -23.26
CA THR B 3708 -57.63 26.61 -23.01
C THR B 3708 -57.05 25.39 -22.32
N ALA B 3709 -55.88 24.94 -22.76
CA ALA B 3709 -55.24 23.78 -22.14
C ALA B 3709 -54.83 24.06 -20.70
N LEU B 3710 -54.45 25.30 -20.40
CA LEU B 3710 -53.96 25.63 -19.06
C LEU B 3710 -55.05 25.57 -18.01
N THR B 3711 -56.32 25.56 -18.41
CA THR B 3711 -57.41 25.49 -17.45
C THR B 3711 -57.39 24.15 -16.71
N GLU B 3712 -57.58 24.22 -15.40
CA GLU B 3712 -57.54 23.02 -14.57
C GLU B 3712 -58.87 22.29 -14.65
N LYS B 3713 -58.84 21.03 -15.06
CA LYS B 3713 -60.04 20.22 -15.17
C LYS B 3713 -59.65 18.75 -15.10
N SER B 3714 -60.62 17.92 -14.75
CA SER B 3714 -60.39 16.48 -14.69
C SER B 3714 -60.05 15.91 -16.06
N LYS B 3715 -60.79 16.34 -17.09
CA LYS B 3715 -60.56 15.88 -18.45
C LYS B 3715 -61.00 16.95 -19.43
N LEU B 3716 -60.30 17.03 -20.55
CA LEU B 3716 -60.62 18.03 -21.57
C LEU B 3716 -61.90 17.66 -22.30
N ASP B 3717 -62.72 18.66 -22.59
CA ASP B 3717 -63.96 18.44 -23.32
C ASP B 3717 -63.67 18.11 -24.78
N GLU B 3718 -64.64 17.47 -25.43
CA GLU B 3718 -64.49 17.08 -26.82
C GLU B 3718 -64.61 18.28 -27.75
N ASP B 3719 -63.48 18.88 -28.11
CA ASP B 3719 -63.45 20.05 -28.98
C ASP B 3719 -63.16 19.59 -30.41
N TYR B 3720 -64.19 19.62 -31.26
CA TYR B 3720 -64.00 19.26 -32.66
C TYR B 3720 -63.18 20.30 -33.40
N LEU B 3721 -63.25 21.56 -32.96
CA LEU B 3721 -62.44 22.60 -33.57
C LEU B 3721 -60.96 22.32 -33.42
N TYR B 3722 -60.53 21.86 -32.24
CA TYR B 3722 -59.13 21.49 -32.08
C TYR B 3722 -58.79 20.29 -32.97
N MET B 3723 -59.71 19.33 -33.08
CA MET B 3723 -59.47 18.20 -33.98
C MET B 3723 -59.14 18.69 -35.37
N ALA B 3724 -60.01 19.54 -35.92
CA ALA B 3724 -59.84 20.01 -37.29
C ALA B 3724 -58.57 20.84 -37.43
N TYR B 3725 -58.31 21.74 -36.48
CA TYR B 3725 -57.17 22.64 -36.62
C TYR B 3725 -55.85 21.90 -36.47
N ALA B 3726 -55.79 20.93 -35.54
CA ALA B 3726 -54.57 20.13 -35.41
C ALA B 3726 -54.33 19.29 -36.64
N ASP B 3727 -55.39 18.67 -37.19
CA ASP B 3727 -55.23 17.89 -38.42
C ASP B 3727 -54.76 18.78 -39.56
N ILE B 3728 -55.30 20.00 -39.65
CA ILE B 3728 -54.94 20.93 -40.71
C ILE B 3728 -53.49 21.36 -40.57
N MET B 3729 -53.06 21.67 -39.35
CA MET B 3729 -51.66 22.03 -39.12
C MET B 3729 -50.73 20.88 -39.49
N ALA B 3730 -51.07 19.66 -39.08
CA ALA B 3730 -50.23 18.51 -39.40
C ALA B 3730 -50.15 18.29 -40.91
N LYS B 3731 -51.28 18.39 -41.61
CA LYS B 3731 -51.27 18.19 -43.06
C LYS B 3731 -50.47 19.29 -43.75
N SER B 3732 -50.60 20.54 -43.31
CA SER B 3732 -49.88 21.63 -43.95
C SER B 3732 -48.37 21.51 -43.71
N CYS B 3733 -47.97 21.14 -42.49
CA CYS B 3733 -46.55 21.04 -42.19
C CYS B 3733 -45.92 19.82 -42.87
N HIS B 3734 -46.66 18.72 -42.95
CA HIS B 3734 -46.12 17.52 -43.59
C HIS B 3734 -45.86 17.74 -45.07
N LEU B 3735 -46.79 18.39 -45.76
CA LEU B 3735 -46.64 18.62 -47.19
C LEU B 3735 -47.49 19.83 -47.58
N GLU B 3736 -47.19 20.37 -48.77
CA GLU B 3736 -47.91 21.52 -49.28
C GLU B 3736 -49.36 21.16 -49.62
N GLU B 3750 -32.73 9.12 -59.68
CA GLU B 3750 -33.21 9.25 -58.30
C GLU B 3750 -33.49 10.70 -57.96
N VAL B 3751 -33.00 11.14 -56.81
CA VAL B 3751 -33.19 12.51 -56.33
C VAL B 3751 -31.82 13.14 -56.15
N SER B 3752 -31.62 14.31 -56.76
CA SER B 3752 -30.36 15.02 -56.64
C SER B 3752 -30.19 15.60 -55.23
N PHE B 3753 -28.94 15.87 -54.88
CA PHE B 3753 -28.65 16.43 -53.56
C PHE B 3753 -29.26 17.82 -53.40
N GLU B 3754 -29.22 18.63 -54.46
CA GLU B 3754 -29.80 19.97 -54.39
C GLU B 3754 -31.31 19.90 -54.17
N GLU B 3755 -31.98 18.99 -54.87
CA GLU B 3755 -33.43 18.85 -54.70
C GLU B 3755 -33.77 18.38 -53.28
N LYS B 3756 -33.00 17.44 -52.75
CA LYS B 3756 -33.23 16.98 -51.38
C LYS B 3756 -32.99 18.10 -50.38
N GLU B 3757 -31.95 18.90 -50.58
CA GLU B 3757 -31.68 20.01 -49.69
C GLU B 3757 -32.79 21.05 -49.75
N MET B 3758 -33.30 21.34 -50.95
CA MET B 3758 -34.42 22.28 -51.07
C MET B 3758 -35.67 21.74 -50.40
N GLU B 3759 -35.94 20.45 -50.54
CA GLU B 3759 -37.09 19.86 -49.86
C GLU B 3759 -36.93 19.94 -48.34
N LYS B 3760 -35.72 19.68 -47.84
CA LYS B 3760 -35.46 19.78 -46.41
C LYS B 3760 -35.65 21.22 -45.93
N GLN B 3761 -35.18 22.20 -46.70
CA GLN B 3761 -35.34 23.60 -46.33
C GLN B 3761 -36.81 23.99 -46.33
N ARG B 3762 -37.58 23.52 -47.31
CA ARG B 3762 -39.01 23.79 -47.34
C ARG B 3762 -39.71 23.19 -46.14
N LEU B 3763 -39.35 21.95 -45.78
CA LEU B 3763 -39.92 21.32 -44.60
C LEU B 3763 -39.55 22.08 -43.33
N LEU B 3764 -38.31 22.57 -43.26
CA LEU B 3764 -37.88 23.37 -42.10
C LEU B 3764 -38.68 24.66 -42.00
N TYR B 3765 -38.91 25.33 -43.13
CA TYR B 3765 -39.72 26.55 -43.11
C TYR B 3765 -41.15 26.25 -42.71
N GLN B 3766 -41.73 25.16 -43.22
CA GLN B 3766 -43.08 24.78 -42.83
C GLN B 3766 -43.17 24.49 -41.34
N GLN B 3767 -42.18 23.79 -40.80
CA GLN B 3767 -42.16 23.53 -39.37
C GLN B 3767 -42.01 24.81 -38.56
N SER B 3768 -41.14 25.73 -39.01
CA SER B 3768 -40.95 26.98 -38.31
C SER B 3768 -42.17 27.90 -38.40
N ARG B 3769 -43.02 27.71 -39.40
CA ARG B 3769 -44.24 28.50 -39.49
C ARG B 3769 -45.11 28.34 -38.25
N LEU B 3770 -45.04 27.17 -37.60
CA LEU B 3770 -45.74 26.94 -36.34
C LEU B 3770 -44.81 26.88 -35.14
N HIS B 3771 -43.51 26.66 -35.36
CA HIS B 3771 -42.58 26.47 -34.26
C HIS B 3771 -42.34 27.76 -33.50
N THR B 3772 -42.07 28.86 -34.21
CA THR B 3772 -41.84 30.13 -33.55
C THR B 3772 -43.09 30.67 -32.88
N ARG B 3773 -44.27 30.23 -33.29
CA ARG B 3773 -45.51 30.65 -32.67
C ARG B 3773 -45.81 29.91 -31.37
N GLY B 3774 -45.08 28.85 -31.07
CA GLY B 3774 -45.25 28.11 -29.84
C GLY B 3774 -46.17 26.90 -29.91
N ALA B 3775 -46.36 26.32 -31.09
CA ALA B 3775 -47.23 25.16 -31.21
C ALA B 3775 -46.73 23.97 -30.39
N ALA B 3776 -45.41 23.84 -30.26
CA ALA B 3776 -44.85 22.78 -29.43
C ALA B 3776 -45.26 22.94 -27.98
N GLU B 3777 -45.29 24.18 -27.50
CA GLU B 3777 -45.73 24.43 -26.13
C GLU B 3777 -47.18 24.01 -25.92
N MET B 3778 -48.05 24.33 -26.89
CA MET B 3778 -49.45 23.93 -26.79
C MET B 3778 -49.60 22.42 -26.82
N VAL B 3779 -48.84 21.75 -27.69
CA VAL B 3779 -48.88 20.29 -27.77
C VAL B 3779 -48.46 19.68 -26.43
N LEU B 3780 -47.37 20.19 -25.86
CA LEU B 3780 -46.90 19.68 -24.56
C LEU B 3780 -47.93 19.95 -23.47
N GLN B 3781 -48.55 21.13 -23.48
CA GLN B 3781 -49.53 21.47 -22.45
C GLN B 3781 -50.72 20.54 -22.49
N MET B 3782 -51.25 20.24 -23.69
CA MET B 3782 -52.41 19.37 -23.75
C MET B 3782 -52.04 17.91 -23.51
N ILE B 3783 -50.82 17.51 -23.89
CA ILE B 3783 -50.35 16.17 -23.54
C ILE B 3783 -50.30 16.00 -22.03
N SER B 3784 -49.77 17.01 -21.33
CA SER B 3784 -49.76 16.98 -19.88
C SER B 3784 -51.18 17.00 -19.30
N ALA B 3785 -52.06 17.80 -19.90
CA ALA B 3785 -53.42 17.95 -19.38
C ALA B 3785 -54.30 16.75 -19.67
N CYS B 3786 -53.85 15.80 -20.50
CA CYS B 3786 -54.67 14.64 -20.81
C CYS B 3786 -54.86 13.72 -19.59
N LYS B 3787 -54.01 13.85 -18.57
CA LYS B 3787 -54.11 13.10 -17.32
C LYS B 3787 -54.12 11.59 -17.56
N GLY B 3788 -53.30 11.13 -18.49
CA GLY B 3788 -53.17 9.70 -18.75
C GLY B 3788 -54.44 9.06 -19.25
N GLU B 3789 -55.15 9.72 -20.17
CA GLU B 3789 -56.40 9.22 -20.72
C GLU B 3789 -56.26 9.06 -22.22
N THR B 3790 -56.55 7.87 -22.73
CA THR B 3790 -56.52 7.63 -24.16
C THR B 3790 -57.75 8.24 -24.82
N GLY B 3791 -57.55 8.74 -26.05
CA GLY B 3791 -58.63 9.35 -26.78
C GLY B 3791 -58.14 9.97 -28.07
N ALA B 3792 -59.08 10.59 -28.78
CA ALA B 3792 -58.74 11.22 -30.06
C ALA B 3792 -58.01 12.53 -29.87
N MET B 3793 -58.21 13.20 -28.72
CA MET B 3793 -57.51 14.45 -28.46
C MET B 3793 -56.00 14.25 -28.43
N VAL B 3794 -55.53 13.29 -27.64
CA VAL B 3794 -54.09 13.06 -27.56
C VAL B 3794 -53.58 12.41 -28.84
N SER B 3795 -54.45 11.70 -29.57
CA SER B 3795 -54.05 11.15 -30.86
C SER B 3795 -53.74 12.28 -31.86
N SER B 3796 -54.64 13.27 -31.93
CA SER B 3796 -54.40 14.42 -32.80
C SER B 3796 -53.20 15.23 -32.32
N THR B 3797 -53.03 15.34 -31.01
CA THR B 3797 -51.87 16.05 -30.47
C THR B 3797 -50.57 15.36 -30.87
N LEU B 3798 -50.54 14.03 -30.79
CA LEU B 3798 -49.35 13.29 -31.18
C LEU B 3798 -49.12 13.37 -32.69
N LYS B 3799 -50.20 13.39 -33.48
CA LYS B 3799 -50.04 13.59 -34.92
C LYS B 3799 -49.42 14.95 -35.22
N LEU B 3800 -49.90 16.00 -34.54
CA LEU B 3800 -49.30 17.32 -34.71
C LEU B 3800 -47.85 17.33 -34.27
N GLY B 3801 -47.54 16.62 -33.18
CA GLY B 3801 -46.16 16.56 -32.72
C GLY B 3801 -45.24 15.88 -33.69
N ILE B 3802 -45.66 14.74 -34.24
CA ILE B 3802 -44.82 14.02 -35.20
C ILE B 3802 -44.68 14.82 -36.49
N SER B 3803 -45.73 15.55 -36.90
CA SER B 3803 -45.58 16.43 -38.05
C SER B 3803 -44.58 17.55 -37.77
N ILE B 3804 -44.66 18.14 -36.57
CA ILE B 3804 -43.76 19.25 -36.23
C ILE B 3804 -42.33 18.75 -36.06
N LEU B 3805 -42.16 17.59 -35.41
CA LEU B 3805 -40.84 17.06 -35.10
C LEU B 3805 -40.23 16.27 -36.25
N ASN B 3806 -40.89 16.21 -37.41
CA ASN B 3806 -40.33 15.50 -38.55
C ASN B 3806 -39.02 16.12 -39.00
N GLY B 3807 -38.06 15.27 -39.34
CA GLY B 3807 -36.77 15.73 -39.80
C GLY B 3807 -35.78 16.07 -38.70
N GLY B 3808 -36.13 15.82 -37.43
CA GLY B 3808 -35.22 16.07 -36.33
C GLY B 3808 -34.88 17.54 -36.15
N ASN B 3809 -35.90 18.40 -36.16
CA ASN B 3809 -35.71 19.84 -35.96
C ASN B 3809 -35.04 20.12 -34.62
N ALA B 3810 -33.79 20.60 -34.66
CA ALA B 3810 -33.05 20.83 -33.42
C ALA B 3810 -33.65 21.98 -32.60
N GLU B 3811 -34.09 23.04 -33.28
CA GLU B 3811 -34.63 24.20 -32.56
C GLU B 3811 -35.92 23.85 -31.84
N VAL B 3812 -36.78 23.04 -32.47
CA VAL B 3812 -38.02 22.62 -31.82
C VAL B 3812 -37.72 21.81 -30.57
N GLN B 3813 -36.77 20.89 -30.66
CA GLN B 3813 -36.37 20.09 -29.50
C GLN B 3813 -35.79 20.98 -28.41
N GLN B 3814 -34.98 21.96 -28.77
CA GLN B 3814 -34.39 22.86 -27.78
C GLN B 3814 -35.47 23.67 -27.06
N LYS B 3815 -36.42 24.23 -27.81
CA LYS B 3815 -37.48 25.00 -27.16
C LYS B 3815 -38.36 24.11 -26.30
N MET B 3816 -38.64 22.89 -26.74
CA MET B 3816 -39.44 21.98 -25.93
C MET B 3816 -38.71 21.60 -24.65
N LEU B 3817 -37.40 21.36 -24.73
CA LEU B 3817 -36.61 21.09 -23.52
C LEU B 3817 -36.63 22.29 -22.58
N ASP B 3818 -36.48 23.49 -23.13
CA ASP B 3818 -36.51 24.69 -22.29
C ASP B 3818 -37.86 24.85 -21.61
N TYR B 3819 -38.95 24.62 -22.34
CA TYR B 3819 -40.28 24.73 -21.75
C TYR B 3819 -40.50 23.68 -20.67
N LEU B 3820 -40.04 22.45 -20.91
CA LEU B 3820 -40.20 21.39 -19.92
C LEU B 3820 -39.39 21.70 -18.66
N LYS B 3821 -38.18 22.24 -18.84
CA LYS B 3821 -37.36 22.60 -17.68
C LYS B 3821 -37.99 23.75 -16.90
N ASP B 3822 -38.52 24.75 -17.60
CA ASP B 3822 -39.13 25.89 -16.93
C ASP B 3822 -40.40 25.48 -16.19
N LYS B 3823 -41.23 24.65 -16.81
CA LYS B 3823 -42.47 24.22 -16.15
C LYS B 3823 -42.18 23.38 -14.92
N LYS B 3824 -41.23 22.46 -15.02
CA LYS B 3824 -40.87 21.56 -13.92
C LYS B 3824 -42.10 20.81 -13.41
N GLU B 3825 -42.92 20.33 -14.33
CA GLU B 3825 -44.16 19.64 -14.02
C GLU B 3825 -44.00 18.15 -14.30
N VAL B 3826 -44.35 17.32 -13.32
CA VAL B 3826 -44.27 15.86 -13.48
C VAL B 3826 -45.50 15.28 -14.14
N GLY B 3827 -46.50 16.10 -14.46
CA GLY B 3827 -47.72 15.57 -15.07
C GLY B 3827 -47.49 15.00 -16.46
N PHE B 3828 -46.61 15.62 -17.24
CA PHE B 3828 -46.38 15.17 -18.60
C PHE B 3828 -45.81 13.75 -18.63
N PHE B 3829 -44.81 13.48 -17.79
CA PHE B 3829 -44.19 12.16 -17.77
C PHE B 3829 -45.17 11.08 -17.32
N GLN B 3830 -45.95 11.37 -16.27
CA GLN B 3830 -46.94 10.39 -15.82
C GLN B 3830 -48.01 10.17 -16.88
N SER B 3831 -48.43 11.24 -17.56
CA SER B 3831 -49.42 11.09 -18.63
C SER B 3831 -48.87 10.21 -19.75
N ILE B 3832 -47.62 10.43 -20.15
CA ILE B 3832 -47.02 9.62 -21.22
C ILE B 3832 -46.91 8.16 -20.78
N GLN B 3833 -46.47 7.93 -19.54
CA GLN B 3833 -46.35 6.56 -19.05
C GLN B 3833 -47.69 5.86 -19.03
N ALA B 3834 -48.73 6.51 -18.48
CA ALA B 3834 -50.05 5.91 -18.45
C ALA B 3834 -50.59 5.65 -19.85
N LEU B 3835 -50.39 6.62 -20.75
CA LEU B 3835 -50.81 6.45 -22.14
C LEU B 3835 -50.17 5.23 -22.78
N MET B 3836 -48.87 5.04 -22.57
CA MET B 3836 -48.22 3.87 -23.15
C MET B 3836 -48.66 2.60 -22.44
N GLN B 3837 -49.09 2.71 -21.18
CA GLN B 3837 -49.64 1.55 -20.48
C GLN B 3837 -50.96 1.11 -21.09
N THR B 3838 -51.84 2.06 -21.42
CA THR B 3838 -53.14 1.68 -21.98
C THR B 3838 -53.05 1.21 -23.44
N CYS B 3839 -51.87 1.27 -24.06
CA CYS B 3839 -51.73 0.75 -25.41
C CYS B 3839 -52.08 -0.74 -25.44
N SER B 3840 -52.89 -1.12 -26.42
CA SER B 3840 -53.42 -2.48 -26.48
C SER B 3840 -52.42 -3.42 -27.15
N VAL B 3841 -52.36 -4.65 -26.64
CA VAL B 3841 -51.54 -5.69 -27.21
C VAL B 3841 -52.46 -6.77 -27.80
N LEU B 3842 -51.85 -7.75 -28.47
CA LEU B 3842 -52.63 -8.81 -29.07
C LEU B 3842 -53.29 -9.67 -28.00
N ASP B 3843 -54.60 -9.88 -28.13
CA ASP B 3843 -55.35 -10.72 -27.21
C ASP B 3843 -55.86 -11.93 -27.99
N LEU B 3844 -55.48 -13.13 -27.54
CA LEU B 3844 -55.87 -14.34 -28.25
C LEU B 3844 -57.36 -14.61 -28.10
N ASN B 3845 -57.92 -14.32 -26.91
CA ASN B 3845 -59.37 -14.46 -26.73
C ASN B 3845 -60.13 -13.50 -27.64
N ALA B 3846 -59.68 -12.24 -27.70
CA ALA B 3846 -60.32 -11.27 -28.60
C ALA B 3846 -60.14 -11.68 -30.05
N PHE B 3847 -58.97 -12.22 -30.39
CA PHE B 3847 -58.75 -12.70 -31.76
C PHE B 3847 -59.71 -13.82 -32.11
N GLU B 3848 -59.90 -14.78 -31.20
CA GLU B 3848 -60.84 -15.87 -31.45
C GLU B 3848 -62.27 -15.35 -31.55
N ARG B 3849 -62.64 -14.39 -30.72
CA ARG B 3849 -63.97 -13.79 -30.81
C ARG B 3849 -64.17 -13.11 -32.15
N GLN B 3850 -63.15 -12.41 -32.64
CA GLN B 3850 -63.28 -11.75 -33.94
C GLN B 3850 -63.32 -12.75 -35.09
N ASN B 3851 -62.57 -13.85 -34.97
CA ASN B 3851 -62.69 -14.91 -35.98
C ASN B 3851 -64.09 -15.51 -35.99
N LYS B 3852 -64.67 -15.71 -34.81
CA LYS B 3852 -66.05 -16.20 -34.74
C LYS B 3852 -67.02 -15.19 -35.35
N ALA B 3853 -66.81 -13.90 -35.10
CA ALA B 3853 -67.66 -12.88 -35.69
C ALA B 3853 -67.53 -12.86 -37.21
N GLU B 3854 -66.31 -13.03 -37.72
CA GLU B 3854 -66.11 -13.11 -39.17
C GLU B 3854 -66.76 -14.36 -39.74
N GLY B 3855 -66.80 -15.45 -38.96
CA GLY B 3855 -67.50 -16.65 -39.40
C GLY B 3855 -68.98 -16.41 -39.57
N LEU B 3856 -69.55 -15.47 -38.82
CA LEU B 3856 -70.94 -15.08 -39.04
C LEU B 3856 -71.11 -14.46 -40.42
N GLY B 3857 -72.30 -14.63 -40.98
CA GLY B 3857 -72.55 -14.11 -42.32
C GLY B 3857 -72.36 -12.62 -42.38
N MET B 3858 -71.66 -12.16 -43.42
CA MET B 3858 -71.44 -10.73 -43.61
C MET B 3858 -72.75 -10.00 -43.80
N VAL B 3859 -73.67 -10.59 -44.55
CA VAL B 3859 -75.00 -10.02 -44.76
C VAL B 3859 -75.89 -10.45 -43.61
N ASN B 3860 -76.52 -9.49 -42.94
CA ASN B 3860 -77.35 -9.78 -41.79
C ASN B 3860 -78.71 -10.32 -42.24
N GLU B 3861 -79.57 -10.60 -41.27
CA GLU B 3861 -80.90 -11.12 -41.55
C GLU B 3861 -81.78 -9.97 -42.03
N ASP B 3862 -82.19 -10.03 -43.31
CA ASP B 3862 -83.00 -8.99 -43.94
C ASP B 3862 -82.33 -7.63 -43.83
N GLY B 3863 -81.01 -7.61 -44.01
CA GLY B 3863 -80.25 -6.38 -43.92
C GLY B 3863 -78.78 -6.65 -44.11
N THR B 3864 -77.99 -5.58 -43.99
CA THR B 3864 -76.54 -5.65 -44.14
C THR B 3864 -75.87 -5.30 -42.82
N VAL B 3865 -74.79 -6.00 -42.51
CA VAL B 3865 -74.02 -5.77 -41.30
C VAL B 3865 -72.58 -5.47 -41.71
N ILE B 3866 -72.05 -4.36 -41.22
CA ILE B 3866 -70.69 -3.91 -41.53
C ILE B 3866 -69.90 -3.81 -40.24
N ASN B 3867 -68.76 -4.48 -40.18
CA ASN B 3867 -67.87 -4.44 -39.03
C ASN B 3867 -66.74 -3.44 -39.19
N ARG B 3868 -66.74 -2.67 -40.29
CA ARG B 3868 -65.68 -1.68 -40.49
C ARG B 3868 -65.74 -0.59 -39.43
N GLN B 3869 -66.94 -0.13 -39.08
CA GLN B 3869 -67.07 0.89 -38.04
C GLN B 3869 -66.56 0.37 -36.70
N ASN B 3870 -66.89 -0.87 -36.36
CA ASN B 3870 -66.37 -1.48 -35.13
C ASN B 3870 -64.85 -1.61 -35.20
N GLY B 3871 -64.33 -2.01 -36.35
CA GLY B 3871 -62.89 -2.18 -36.50
C GLY B 3871 -62.40 -3.45 -35.83
N GLU B 3872 -61.06 -3.55 -35.76
CA GLU B 3872 -60.43 -4.69 -35.14
C GLU B 3872 -60.50 -4.55 -33.62
N LYS B 3873 -61.22 -5.47 -32.97
CA LYS B 3873 -61.33 -5.46 -31.52
C LYS B 3873 -59.99 -5.74 -30.83
N VAL B 3874 -59.02 -6.30 -31.55
CA VAL B 3874 -57.69 -6.56 -31.02
C VAL B 3874 -56.71 -5.61 -31.68
N MET B 3875 -55.83 -5.00 -30.87
CA MET B 3875 -54.89 -4.00 -31.34
C MET B 3875 -55.60 -2.85 -32.06
N ALA B 3876 -56.71 -2.39 -31.47
CA ALA B 3876 -57.46 -1.30 -32.06
C ALA B 3876 -56.68 0.01 -32.05
N ASP B 3877 -55.77 0.17 -31.10
CA ASP B 3877 -54.95 1.38 -30.99
C ASP B 3877 -53.58 1.21 -31.65
N ASP B 3878 -53.50 0.40 -32.71
CA ASP B 3878 -52.23 0.19 -33.38
C ASP B 3878 -51.69 1.49 -33.98
N GLU B 3879 -52.56 2.24 -34.69
CA GLU B 3879 -52.13 3.54 -35.21
C GLU B 3879 -51.81 4.49 -34.07
N PHE B 3880 -52.58 4.42 -32.98
CA PHE B 3880 -52.34 5.28 -31.83
C PHE B 3880 -50.99 4.98 -31.21
N THR B 3881 -50.69 3.70 -30.99
CA THR B 3881 -49.39 3.31 -30.43
C THR B 3881 -48.25 3.70 -31.37
N GLN B 3882 -48.44 3.52 -32.67
CA GLN B 3882 -47.41 3.90 -33.63
C GLN B 3882 -47.15 5.40 -33.59
N ASP B 3883 -48.21 6.21 -33.51
CA ASP B 3883 -48.04 7.65 -33.44
C ASP B 3883 -47.33 8.06 -32.16
N LEU B 3884 -47.71 7.46 -31.03
CA LEU B 3884 -47.05 7.81 -29.77
C LEU B 3884 -45.57 7.45 -29.79
N PHE B 3885 -45.24 6.26 -30.29
CA PHE B 3885 -43.84 5.87 -30.35
C PHE B 3885 -43.06 6.69 -31.36
N ARG B 3886 -43.71 7.11 -32.46
CA ARG B 3886 -43.05 8.00 -33.40
C ARG B 3886 -42.74 9.35 -32.75
N PHE B 3887 -43.70 9.89 -31.99
CA PHE B 3887 -43.47 11.15 -31.29
C PHE B 3887 -42.33 11.01 -30.29
N LEU B 3888 -42.27 9.88 -29.58
CA LEU B 3888 -41.19 9.67 -28.64
C LEU B 3888 -39.85 9.49 -29.35
N GLN B 3889 -39.86 8.85 -30.53
CA GLN B 3889 -38.62 8.59 -31.26
C GLN B 3889 -38.00 9.86 -31.81
N LEU B 3890 -38.80 10.68 -32.50
CA LEU B 3890 -38.27 11.96 -32.94
C LEU B 3890 -38.35 13.06 -31.87
N LEU B 3891 -38.78 12.71 -30.66
CA LEU B 3891 -38.57 13.61 -29.53
C LEU B 3891 -37.09 13.76 -29.20
N CYS B 3892 -36.33 12.68 -29.33
CA CYS B 3892 -34.89 12.68 -29.07
C CYS B 3892 -34.07 12.57 -30.36
N GLU B 3893 -34.68 12.78 -31.52
CA GLU B 3893 -33.97 12.66 -32.78
C GLU B 3893 -32.89 13.75 -32.89
N GLY B 3894 -31.79 13.38 -33.53
CA GLY B 3894 -30.65 14.27 -33.67
C GLY B 3894 -29.51 14.01 -32.72
N HIS B 3895 -29.52 12.87 -32.01
CA HIS B 3895 -28.48 12.51 -31.05
C HIS B 3895 -28.32 13.59 -29.98
N ASN B 3896 -29.45 14.13 -29.52
CA ASN B 3896 -29.45 15.14 -28.47
C ASN B 3896 -29.28 14.44 -27.13
N ASN B 3897 -28.04 14.45 -26.62
CA ASN B 3897 -27.76 13.76 -25.37
C ASN B 3897 -28.45 14.43 -24.18
N ASP B 3898 -28.70 15.74 -24.26
CA ASP B 3898 -29.33 16.45 -23.16
C ASP B 3898 -30.74 15.91 -22.91
N PHE B 3899 -31.56 15.83 -23.95
CA PHE B 3899 -32.90 15.30 -23.78
C PHE B 3899 -32.89 13.81 -23.44
N GLN B 3900 -31.91 13.07 -23.97
CA GLN B 3900 -31.80 11.65 -23.63
C GLN B 3900 -31.57 11.47 -22.13
N ASN B 3901 -30.62 12.22 -21.56
CA ASN B 3901 -30.38 12.14 -20.12
C ASN B 3901 -31.54 12.69 -19.31
N TYR B 3902 -32.22 13.73 -19.80
CA TYR B 3902 -33.37 14.27 -19.08
C TYR B 3902 -34.50 13.25 -19.03
N LEU B 3903 -34.75 12.56 -20.14
CA LEU B 3903 -35.80 11.55 -20.18
C LEU B 3903 -35.41 10.33 -19.34
N ARG B 3904 -34.13 9.96 -19.35
CA ARG B 3904 -33.68 8.86 -18.50
C ARG B 3904 -33.87 9.19 -17.03
N THR B 3905 -33.56 10.41 -16.62
CA THR B 3905 -33.72 10.85 -15.24
C THR B 3905 -33.93 12.35 -15.22
N GLN B 3906 -35.09 12.78 -14.74
CA GLN B 3906 -35.41 14.22 -14.64
C GLN B 3906 -34.95 14.71 -13.28
N THR B 3907 -33.74 15.28 -13.23
CA THR B 3907 -33.21 15.80 -11.97
C THR B 3907 -34.04 16.98 -11.48
N GLY B 3908 -34.46 17.86 -12.39
CA GLY B 3908 -35.24 19.03 -11.97
C GLY B 3908 -36.59 18.67 -11.38
N ASN B 3909 -37.25 17.67 -11.95
CA ASN B 3909 -38.57 17.28 -11.47
C ASN B 3909 -38.48 16.67 -10.07
N THR B 3910 -39.45 17.03 -9.23
CA THR B 3910 -39.47 16.50 -7.87
C THR B 3910 -39.69 14.99 -7.87
N THR B 3911 -40.61 14.51 -8.70
CA THR B 3911 -40.86 13.08 -8.86
C THR B 3911 -40.22 12.61 -10.16
N THR B 3912 -39.37 11.60 -10.06
CA THR B 3912 -38.60 11.09 -11.18
C THR B 3912 -39.13 9.72 -11.59
N ILE B 3913 -39.68 9.64 -12.80
CA ILE B 3913 -40.06 8.36 -13.39
C ILE B 3913 -39.28 8.21 -14.69
N ASN B 3914 -38.84 6.99 -14.98
CA ASN B 3914 -37.96 6.72 -16.10
C ASN B 3914 -38.75 5.90 -17.13
N ILE B 3915 -38.78 6.37 -18.37
CA ILE B 3915 -39.58 5.72 -19.41
C ILE B 3915 -38.80 4.61 -20.11
N ILE B 3916 -37.49 4.52 -19.92
CA ILE B 3916 -36.71 3.48 -20.58
C ILE B 3916 -37.13 2.09 -20.09
N ILE B 3917 -37.17 1.89 -18.77
CA ILE B 3917 -37.57 0.59 -18.26
C ILE B 3917 -39.03 0.31 -18.54
N CYS B 3918 -39.88 1.35 -18.52
CA CYS B 3918 -41.30 1.12 -18.84
C CYS B 3918 -41.47 0.69 -20.29
N THR B 3919 -40.69 1.28 -21.20
CA THR B 3919 -40.70 0.83 -22.59
C THR B 3919 -40.14 -0.57 -22.72
N VAL B 3920 -39.18 -0.93 -21.86
CA VAL B 3920 -38.69 -2.30 -21.83
C VAL B 3920 -39.81 -3.26 -21.43
N ASP B 3921 -40.61 -2.88 -20.42
CA ASP B 3921 -41.75 -3.71 -20.03
C ASP B 3921 -42.79 -3.79 -21.15
N TYR B 3922 -42.98 -2.69 -21.89
CA TYR B 3922 -43.88 -2.73 -23.04
C TYR B 3922 -43.37 -3.69 -24.11
N LEU B 3923 -42.06 -3.67 -24.35
CA LEU B 3923 -41.46 -4.64 -25.27
C LEU B 3923 -41.65 -6.06 -24.77
N LEU B 3924 -41.52 -6.27 -23.47
CA LEU B 3924 -41.77 -7.60 -22.90
C LEU B 3924 -43.20 -8.04 -23.14
N ARG B 3925 -44.16 -7.15 -22.93
CA ARG B 3925 -45.56 -7.48 -23.16
C ARG B 3925 -45.81 -7.82 -24.62
N LEU B 3926 -45.23 -7.04 -25.53
CA LEU B 3926 -45.39 -7.31 -26.95
C LEU B 3926 -44.76 -8.64 -27.33
N GLN B 3927 -43.58 -8.94 -26.79
CA GLN B 3927 -42.95 -10.23 -27.06
C GLN B 3927 -43.79 -11.38 -26.53
N GLU B 3928 -44.34 -11.23 -25.32
CA GLU B 3928 -45.19 -12.29 -24.77
C GLU B 3928 -46.43 -12.50 -25.63
N SER B 3929 -47.06 -11.40 -26.08
CA SER B 3929 -48.25 -11.52 -26.90
C SER B 3929 -47.94 -12.17 -28.25
N ILE B 3930 -46.82 -11.78 -28.87
CA ILE B 3930 -46.47 -12.36 -30.16
C ILE B 3930 -46.07 -13.82 -30.00
N SER B 3931 -45.43 -14.18 -28.88
CA SER B 3931 -45.11 -15.58 -28.63
C SER B 3931 -46.36 -16.42 -28.42
N ASP B 3932 -47.34 -15.87 -27.70
CA ASP B 3932 -48.61 -16.57 -27.53
C ASP B 3932 -49.32 -16.75 -28.88
N PHE B 3933 -49.28 -15.71 -29.72
CA PHE B 3933 -49.89 -15.81 -31.05
C PHE B 3933 -49.18 -16.88 -31.88
N TYR B 3934 -47.85 -16.92 -31.82
CA TYR B 3934 -47.10 -17.94 -32.56
C TYR B 3934 -47.44 -19.33 -32.05
N TRP B 3935 -47.55 -19.49 -30.72
CA TRP B 3935 -47.91 -20.80 -30.17
C TRP B 3935 -49.30 -21.22 -30.62
N TYR B 3936 -50.23 -20.27 -30.65
CA TYR B 3936 -51.58 -20.58 -31.11
C TYR B 3936 -51.61 -20.99 -32.57
N TYR B 3937 -50.85 -20.29 -33.43
CA TYR B 3937 -50.87 -20.59 -34.86
C TYR B 3937 -49.95 -21.73 -35.26
N SER B 3938 -49.07 -22.19 -34.37
CA SER B 3938 -48.15 -23.28 -34.73
C SER B 3938 -48.90 -24.58 -34.96
N GLY B 3939 -49.93 -24.86 -34.14
CA GLY B 3939 -50.65 -26.11 -34.30
C GLY B 3939 -51.34 -26.24 -35.63
N LYS B 3940 -51.98 -25.17 -36.10
CA LYS B 3940 -52.65 -25.22 -37.40
C LYS B 3940 -51.66 -25.17 -38.55
N ASP B 3941 -50.55 -24.45 -38.38
CA ASP B 3941 -49.51 -24.27 -39.39
C ASP B 3941 -50.00 -23.57 -40.64
N VAL B 3942 -51.20 -22.98 -40.60
CA VAL B 3942 -51.76 -22.23 -41.73
C VAL B 3942 -52.16 -20.85 -41.22
N ILE B 3943 -51.78 -19.82 -41.97
CA ILE B 3943 -52.07 -18.43 -41.61
C ILE B 3943 -53.23 -17.94 -42.44
N GLU B 3944 -54.25 -17.41 -41.76
CA GLU B 3944 -55.42 -16.86 -42.42
C GLU B 3944 -55.19 -15.38 -42.76
N GLU B 3945 -56.11 -14.83 -43.56
CA GLU B 3945 -55.99 -13.42 -43.96
C GLU B 3945 -56.09 -12.49 -42.76
N GLN B 3946 -57.05 -12.75 -41.87
CA GLN B 3946 -57.17 -11.94 -40.65
C GLN B 3946 -55.94 -12.10 -39.78
N GLY B 3947 -55.44 -13.34 -39.64
CA GLY B 3947 -54.21 -13.55 -38.90
C GLY B 3947 -53.02 -12.86 -39.54
N LYS B 3948 -52.97 -12.86 -40.87
CA LYS B 3948 -51.90 -12.17 -41.58
C LYS B 3948 -51.96 -10.67 -41.33
N ARG B 3949 -53.15 -10.08 -41.36
CA ARG B 3949 -53.28 -8.65 -41.07
C ARG B 3949 -52.90 -8.33 -39.64
N ASN B 3950 -53.31 -9.17 -38.69
CA ASN B 3950 -52.94 -8.97 -37.30
C ASN B 3950 -51.43 -9.04 -37.13
N PHE B 3951 -50.79 -10.03 -37.77
CA PHE B 3951 -49.34 -10.14 -37.71
C PHE B 3951 -48.66 -8.93 -38.32
N SER B 3952 -49.19 -8.43 -39.45
CA SER B 3952 -48.61 -7.25 -40.08
C SER B 3952 -48.71 -6.03 -39.17
N LYS B 3953 -49.85 -5.83 -38.53
CA LYS B 3953 -50.01 -4.69 -37.63
C LYS B 3953 -49.06 -4.80 -36.44
N ALA B 3954 -48.99 -5.99 -35.82
CA ALA B 3954 -48.08 -6.16 -34.69
C ALA B 3954 -46.63 -5.99 -35.11
N MET B 3955 -46.29 -6.43 -36.33
CA MET B 3955 -44.93 -6.32 -36.81
C MET B 3955 -44.55 -4.89 -37.11
N SER B 3956 -45.50 -4.10 -37.63
CA SER B 3956 -45.26 -2.67 -37.82
C SER B 3956 -45.07 -1.97 -36.48
N VAL B 3957 -45.88 -2.33 -35.48
CA VAL B 3957 -45.71 -1.77 -34.14
C VAL B 3957 -44.34 -2.13 -33.58
N ALA B 3958 -43.92 -3.37 -33.76
CA ALA B 3958 -42.62 -3.80 -33.28
C ALA B 3958 -41.49 -3.06 -33.99
N LYS B 3959 -41.62 -2.86 -35.30
CA LYS B 3959 -40.61 -2.10 -36.03
C LYS B 3959 -40.53 -0.66 -35.53
N GLN B 3960 -41.70 -0.05 -35.27
CA GLN B 3960 -41.71 1.33 -34.77
C GLN B 3960 -41.05 1.41 -33.39
N VAL B 3961 -41.37 0.49 -32.49
CA VAL B 3961 -40.78 0.54 -31.16
C VAL B 3961 -39.29 0.22 -31.21
N PHE B 3962 -38.86 -0.67 -32.11
CA PHE B 3962 -37.44 -0.95 -32.26
C PHE B 3962 -36.69 0.28 -32.78
N ASN B 3963 -37.28 0.99 -33.74
CA ASN B 3963 -36.67 2.23 -34.22
C ASN B 3963 -36.61 3.28 -33.11
N SER B 3964 -37.65 3.35 -32.29
CA SER B 3964 -37.63 4.28 -31.15
C SER B 3964 -36.52 3.93 -30.18
N LEU B 3965 -36.35 2.64 -29.87
CA LEU B 3965 -35.27 2.22 -28.98
C LEU B 3965 -33.91 2.54 -29.60
N THR B 3966 -33.76 2.32 -30.92
CA THR B 3966 -32.51 2.66 -31.58
C THR B 3966 -32.20 4.14 -31.45
N GLU B 3967 -33.19 5.00 -31.73
CA GLU B 3967 -32.98 6.43 -31.58
C GLU B 3967 -32.71 6.82 -30.14
N TYR B 3968 -33.26 6.08 -29.19
CA TYR B 3968 -32.88 6.25 -27.80
C TYR B 3968 -31.41 5.94 -27.59
N ILE B 3969 -30.90 4.91 -28.26
CA ILE B 3969 -29.55 4.44 -28.01
C ILE B 3969 -28.51 5.17 -28.87
N GLN B 3970 -28.87 5.60 -30.08
CA GLN B 3970 -27.93 6.27 -30.96
C GLN B 3970 -27.34 7.50 -30.28
N GLY B 3971 -26.01 7.65 -30.40
CA GLY B 3971 -25.29 8.70 -29.73
C GLY B 3971 -24.51 8.16 -28.54
N PRO B 3972 -23.50 8.91 -28.10
CA PRO B 3972 -22.67 8.47 -26.97
C PRO B 3972 -23.34 8.70 -25.62
N CYS B 3973 -24.48 8.04 -25.41
CA CYS B 3973 -25.24 8.13 -24.16
C CYS B 3973 -24.91 6.89 -23.32
N THR B 3974 -23.95 7.04 -22.41
CA THR B 3974 -23.56 5.91 -21.56
C THR B 3974 -24.68 5.54 -20.59
N GLY B 3975 -25.41 6.54 -20.10
CA GLY B 3975 -26.47 6.27 -19.13
C GLY B 3975 -27.58 5.41 -19.71
N ASN B 3976 -28.00 5.70 -20.94
CA ASN B 3976 -29.05 4.89 -21.57
C ASN B 3976 -28.58 3.47 -21.81
N GLN B 3977 -27.33 3.30 -22.25
CA GLN B 3977 -26.80 1.96 -22.47
C GLN B 3977 -26.73 1.17 -21.16
N GLN B 3978 -26.27 1.82 -20.09
CA GLN B 3978 -26.22 1.15 -18.79
C GLN B 3978 -27.60 0.78 -18.29
N SER B 3979 -28.57 1.68 -18.47
CA SER B 3979 -29.95 1.39 -18.06
C SER B 3979 -30.51 0.21 -18.86
N LEU B 3980 -30.22 0.16 -20.16
CA LEU B 3980 -30.71 -0.95 -20.98
C LEU B 3980 -30.06 -2.25 -20.54
N ALA B 3981 -28.77 -2.22 -20.22
CA ALA B 3981 -28.06 -3.42 -19.78
C ALA B 3981 -28.61 -3.92 -18.45
N HIS B 3982 -28.89 -3.01 -17.52
CA HIS B 3982 -29.39 -3.40 -16.20
C HIS B 3982 -30.89 -3.67 -16.18
N SER B 3983 -31.61 -3.39 -17.27
CA SER B 3983 -33.04 -3.62 -17.33
C SER B 3983 -33.31 -5.05 -17.78
N ARG B 3984 -34.58 -5.38 -18.00
CA ARG B 3984 -34.98 -6.71 -18.42
C ARG B 3984 -35.09 -6.82 -19.95
N LEU B 3985 -34.35 -5.99 -20.68
CA LEU B 3985 -34.38 -6.08 -22.14
C LEU B 3985 -33.89 -7.45 -22.62
N TRP B 3986 -32.92 -8.03 -21.91
CA TRP B 3986 -32.25 -9.23 -22.40
C TRP B 3986 -33.21 -10.41 -22.51
N ASP B 3987 -34.11 -10.57 -21.53
CA ASP B 3987 -35.11 -11.63 -21.62
C ASP B 3987 -36.03 -11.41 -22.82
N ALA B 3988 -36.40 -10.16 -23.07
CA ALA B 3988 -37.22 -9.84 -24.24
C ALA B 3988 -36.49 -10.18 -25.53
N VAL B 3989 -35.18 -9.91 -25.58
CA VAL B 3989 -34.41 -10.20 -26.78
C VAL B 3989 -34.29 -11.70 -27.00
N VAL B 3990 -34.09 -12.46 -25.92
CA VAL B 3990 -34.08 -13.93 -26.02
C VAL B 3990 -35.41 -14.43 -26.57
N GLY B 3991 -36.51 -13.97 -25.98
CA GLY B 3991 -37.82 -14.41 -26.46
C GLY B 3991 -38.08 -14.01 -27.90
N PHE B 3992 -37.69 -12.79 -28.27
CA PHE B 3992 -37.86 -12.31 -29.63
C PHE B 3992 -37.06 -13.15 -30.62
N LEU B 3993 -35.82 -13.48 -30.26
CA LEU B 3993 -35.02 -14.35 -31.12
C LEU B 3993 -35.67 -15.70 -31.29
N HIS B 3994 -36.20 -16.27 -30.21
CA HIS B 3994 -36.84 -17.59 -30.30
C HIS B 3994 -38.06 -17.54 -31.22
N VAL B 3995 -38.97 -16.59 -30.97
CA VAL B 3995 -40.20 -16.55 -31.76
C VAL B 3995 -39.88 -16.20 -33.21
N PHE B 3996 -38.89 -15.33 -33.43
CA PHE B 3996 -38.53 -14.94 -34.78
C PHE B 3996 -37.92 -16.09 -35.56
N ALA B 3997 -37.08 -16.90 -34.89
CA ALA B 3997 -36.52 -18.08 -35.55
C ALA B 3997 -37.62 -19.07 -35.90
N HIS B 3998 -38.57 -19.30 -34.98
CA HIS B 3998 -39.65 -20.23 -35.27
C HIS B 3998 -40.55 -19.71 -36.40
N MET B 3999 -40.85 -18.41 -36.39
CA MET B 3999 -41.61 -17.81 -37.48
C MET B 3999 -40.88 -17.93 -38.80
N MET B 4000 -39.57 -17.69 -38.80
CA MET B 4000 -38.78 -17.81 -40.02
C MET B 4000 -38.79 -19.23 -40.56
N MET B 4001 -38.69 -20.22 -39.66
CA MET B 4001 -38.78 -21.61 -40.09
C MET B 4001 -40.15 -21.90 -40.70
N LYS B 4002 -41.22 -21.44 -40.04
CA LYS B 4002 -42.56 -21.75 -40.51
C LYS B 4002 -42.85 -21.11 -41.86
N LEU B 4003 -42.43 -19.85 -42.05
CA LEU B 4003 -42.64 -19.20 -43.34
C LEU B 4003 -41.72 -19.77 -44.42
N ALA B 4004 -40.55 -20.27 -44.03
CA ALA B 4004 -39.70 -20.96 -45.00
C ALA B 4004 -40.35 -22.26 -45.46
N GLN B 4005 -41.04 -22.97 -44.57
CA GLN B 4005 -41.78 -24.15 -44.98
C GLN B 4005 -42.89 -23.80 -45.97
N ASP B 4006 -43.57 -22.69 -45.73
CA ASP B 4006 -44.64 -22.25 -46.62
C ASP B 4006 -44.06 -21.45 -47.79
N SER B 4007 -44.95 -21.01 -48.69
CA SER B 4007 -44.54 -20.26 -49.87
C SER B 4007 -45.37 -19.02 -50.15
N SER B 4008 -46.60 -18.92 -49.65
CA SER B 4008 -47.49 -17.82 -49.98
C SER B 4008 -47.37 -16.63 -49.04
N GLN B 4009 -46.44 -16.68 -48.09
CA GLN B 4009 -46.25 -15.63 -47.10
C GLN B 4009 -44.94 -14.87 -47.32
N ILE B 4010 -44.63 -14.58 -48.59
CA ILE B 4010 -43.37 -13.89 -48.89
C ILE B 4010 -43.39 -12.47 -48.35
N GLU B 4011 -44.57 -11.85 -48.28
CA GLU B 4011 -44.66 -10.51 -47.70
C GLU B 4011 -44.36 -10.53 -46.21
N LEU B 4012 -44.91 -11.51 -45.49
CA LEU B 4012 -44.61 -11.66 -44.07
C LEU B 4012 -43.15 -11.99 -43.85
N LEU B 4013 -42.57 -12.81 -44.74
CA LEU B 4013 -41.15 -13.12 -44.64
C LEU B 4013 -40.29 -11.87 -44.83
N LYS B 4014 -40.65 -11.03 -45.81
CA LYS B 4014 -39.91 -9.78 -46.01
C LYS B 4014 -40.04 -8.86 -44.81
N GLU B 4015 -41.24 -8.77 -44.24
CA GLU B 4015 -41.45 -7.94 -43.05
C GLU B 4015 -40.63 -8.47 -41.87
N LEU B 4016 -40.61 -9.78 -41.68
CA LEU B 4016 -39.78 -10.38 -40.64
C LEU B 4016 -38.29 -10.08 -40.63
N LEU B 4017 -37.67 -10.12 -41.80
CA LEU B 4017 -36.25 -9.85 -41.87
C LEU B 4017 -35.86 -8.32 -41.88
N ASP B 4018 -36.84 -7.53 -42.31
CA ASP B 4018 -36.72 -6.07 -42.23
C ASP B 4018 -36.71 -5.80 -40.73
N LEU B 4019 -37.66 -6.39 -39.98
CA LEU B 4019 -37.70 -6.14 -38.54
C LEU B 4019 -36.50 -6.78 -37.86
N GLN B 4020 -36.05 -7.94 -38.34
CA GLN B 4020 -34.82 -8.53 -37.82
C GLN B 4020 -33.63 -7.62 -38.11
N LYS B 4021 -33.57 -7.04 -39.30
CA LYS B 4021 -32.50 -6.10 -39.62
C LYS B 4021 -32.52 -4.90 -38.68
N ASP B 4022 -33.71 -4.38 -38.39
CA ASP B 4022 -33.82 -3.27 -37.44
C ASP B 4022 -33.37 -3.69 -36.05
N MET B 4023 -33.70 -4.92 -35.65
CA MET B 4023 -33.31 -5.39 -34.32
C MET B 4023 -31.79 -5.54 -34.21
N VAL B 4024 -31.15 -6.08 -35.25
CA VAL B 4024 -29.68 -6.12 -35.25
C VAL B 4024 -29.10 -4.71 -35.28
N VAL B 4025 -29.74 -3.78 -35.97
CA VAL B 4025 -29.27 -2.40 -35.98
C VAL B 4025 -29.29 -1.83 -34.56
N MET B 4026 -30.38 -2.08 -33.83
CA MET B 4026 -30.46 -1.65 -32.44
C MET B 4026 -29.38 -2.32 -31.59
N LEU B 4027 -29.12 -3.60 -31.84
CA LEU B 4027 -28.09 -4.31 -31.09
C LEU B 4027 -26.71 -3.70 -31.34
N LEU B 4028 -26.40 -3.37 -32.59
CA LEU B 4028 -25.14 -2.70 -32.89
C LEU B 4028 -25.06 -1.33 -32.25
N SER B 4029 -26.18 -0.60 -32.25
CA SER B 4029 -26.20 0.70 -31.59
C SER B 4029 -25.92 0.55 -30.10
N LEU B 4030 -26.48 -0.48 -29.46
CA LEU B 4030 -26.17 -0.75 -28.07
C LEU B 4030 -24.69 -1.10 -27.89
N LEU B 4031 -24.14 -1.86 -28.84
CA LEU B 4031 -22.72 -2.23 -28.79
C LEU B 4031 -21.79 -1.07 -29.10
N GLU B 4032 -22.31 0.05 -29.58
CA GLU B 4032 -21.46 1.20 -29.88
C GLU B 4032 -20.84 1.77 -28.61
N GLY B 4033 -19.55 2.09 -28.68
CA GLY B 4033 -18.84 2.60 -27.53
C GLY B 4033 -18.42 1.55 -26.52
N ASN B 4034 -18.64 0.27 -26.80
CA ASN B 4034 -18.28 -0.78 -25.86
C ASN B 4034 -16.78 -0.99 -25.85
N VAL B 4035 -16.19 -1.01 -24.65
CA VAL B 4035 -14.75 -1.14 -24.48
C VAL B 4035 -14.33 -2.58 -24.73
N VAL B 4036 -13.01 -2.81 -24.83
CA VAL B 4036 -12.49 -4.14 -25.14
C VAL B 4036 -12.89 -5.14 -24.06
N ASN B 4037 -12.96 -4.71 -22.80
CA ASN B 4037 -13.39 -5.54 -21.69
C ASN B 4037 -14.49 -4.78 -20.95
N GLY B 4038 -15.74 -4.98 -21.38
CA GLY B 4038 -16.87 -4.34 -20.75
C GLY B 4038 -17.96 -5.34 -20.45
N MET B 4039 -18.84 -4.93 -19.53
CA MET B 4039 -19.95 -5.80 -19.11
C MET B 4039 -20.96 -6.03 -20.22
N ILE B 4040 -21.08 -5.10 -21.16
CA ILE B 4040 -22.08 -5.23 -22.22
C ILE B 4040 -21.82 -6.48 -23.06
N ALA B 4041 -20.56 -6.69 -23.45
CA ALA B 4041 -20.22 -7.89 -24.21
C ALA B 4041 -20.39 -9.15 -23.38
N ARG B 4042 -20.18 -9.05 -22.06
CA ARG B 4042 -20.42 -10.19 -21.18
C ARG B 4042 -21.90 -10.59 -21.19
N GLN B 4043 -22.80 -9.60 -21.11
CA GLN B 4043 -24.22 -9.92 -21.20
C GLN B 4043 -24.59 -10.42 -22.59
N MET B 4044 -23.91 -9.91 -23.63
CA MET B 4044 -24.09 -10.45 -24.97
C MET B 4044 -23.78 -11.94 -25.01
N VAL B 4045 -22.61 -12.34 -24.53
CA VAL B 4045 -22.25 -13.75 -24.63
C VAL B 4045 -23.11 -14.60 -23.70
N ASP B 4046 -23.52 -14.05 -22.55
CA ASP B 4046 -24.41 -14.79 -21.66
C ASP B 4046 -25.76 -15.06 -22.31
N MET B 4047 -26.33 -14.06 -22.98
CA MET B 4047 -27.60 -14.30 -23.66
C MET B 4047 -27.40 -15.18 -24.89
N LEU B 4048 -26.25 -15.08 -25.55
CA LEU B 4048 -25.97 -15.93 -26.71
C LEU B 4048 -25.93 -17.40 -26.31
N VAL B 4049 -25.28 -17.70 -25.19
CA VAL B 4049 -25.22 -19.10 -24.75
C VAL B 4049 -26.53 -19.52 -24.10
N GLU B 4050 -27.29 -18.57 -23.54
CA GLU B 4050 -28.57 -18.91 -22.93
C GLU B 4050 -29.59 -19.36 -23.98
N SER B 4051 -29.59 -18.71 -25.14
CA SER B 4051 -30.55 -19.00 -26.21
C SER B 4051 -29.84 -19.52 -27.45
N SER B 4052 -28.86 -20.41 -27.27
CA SER B 4052 -28.09 -20.93 -28.38
C SER B 4052 -28.95 -21.69 -29.39
N SER B 4053 -30.07 -22.25 -28.96
CA SER B 4053 -30.88 -23.10 -29.84
C SER B 4053 -31.39 -22.33 -31.05
N ASN B 4054 -32.21 -21.30 -30.80
CA ASN B 4054 -32.87 -20.59 -31.91
C ASN B 4054 -31.87 -19.86 -32.78
N VAL B 4055 -30.88 -19.18 -32.17
CA VAL B 4055 -29.92 -18.42 -32.95
C VAL B 4055 -29.03 -19.36 -33.75
N GLU B 4056 -28.63 -20.49 -33.17
CA GLU B 4056 -27.86 -21.48 -33.92
C GLU B 4056 -28.68 -22.04 -35.08
N MET B 4057 -29.97 -22.29 -34.85
CA MET B 4057 -30.84 -22.81 -35.90
C MET B 4057 -30.95 -21.81 -37.06
N ILE B 4058 -31.14 -20.52 -36.74
CA ILE B 4058 -31.29 -19.53 -37.80
C ILE B 4058 -29.97 -19.31 -38.52
N LEU B 4059 -28.85 -19.34 -37.80
CA LEU B 4059 -27.55 -19.21 -38.47
C LEU B 4059 -27.28 -20.41 -39.37
N LYS B 4060 -27.69 -21.60 -38.93
CA LYS B 4060 -27.59 -22.77 -39.81
C LYS B 4060 -28.44 -22.61 -41.05
N PHE B 4061 -29.67 -22.08 -40.90
CA PHE B 4061 -30.53 -21.83 -42.05
C PHE B 4061 -29.84 -20.90 -43.03
N PHE B 4062 -29.28 -19.80 -42.52
CA PHE B 4062 -28.55 -18.87 -43.38
C PHE B 4062 -27.38 -19.55 -44.06
N ASP B 4063 -26.65 -20.38 -43.32
CA ASP B 4063 -25.47 -21.05 -43.87
C ASP B 4063 -25.85 -22.00 -45.00
N MET B 4064 -26.87 -22.84 -44.79
CA MET B 4064 -27.27 -23.75 -45.86
C MET B 4064 -27.85 -22.99 -47.05
N PHE B 4065 -28.60 -21.92 -46.80
CA PHE B 4065 -29.13 -21.15 -47.92
C PHE B 4065 -28.01 -20.54 -48.76
N LEU B 4066 -27.02 -19.94 -48.11
CA LEU B 4066 -25.90 -19.36 -48.85
C LEU B 4066 -25.08 -20.44 -49.55
N LYS B 4067 -24.88 -21.58 -48.90
CA LYS B 4067 -24.14 -22.67 -49.52
C LYS B 4067 -24.85 -23.19 -50.76
N LEU B 4068 -26.19 -23.32 -50.69
CA LEU B 4068 -26.94 -23.75 -51.86
C LEU B 4068 -26.90 -22.70 -52.96
N LYS B 4069 -26.96 -21.41 -52.59
CA LYS B 4069 -26.86 -20.36 -53.60
C LYS B 4069 -25.50 -20.37 -54.28
N ASP B 4070 -24.44 -20.73 -53.54
CA ASP B 4070 -23.13 -20.86 -54.16
C ASP B 4070 -23.00 -22.13 -54.99
N ILE B 4071 -23.65 -23.21 -54.55
CA ILE B 4071 -23.54 -24.50 -55.25
C ILE B 4071 -24.27 -24.43 -56.59
N VAL B 4072 -25.44 -23.79 -56.62
CA VAL B 4072 -26.22 -23.73 -57.86
C VAL B 4072 -25.43 -23.02 -58.96
N GLY B 4073 -24.52 -22.13 -58.59
CA GLY B 4073 -23.63 -21.50 -59.54
C GLY B 4073 -22.40 -22.30 -59.89
N SER B 4074 -22.19 -23.44 -59.23
CA SER B 4074 -21.03 -24.28 -59.49
C SER B 4074 -21.37 -25.39 -60.48
N GLU B 4075 -20.33 -26.05 -60.98
CA GLU B 4075 -20.51 -27.12 -61.96
C GLU B 4075 -21.04 -28.40 -61.33
N ALA B 4076 -20.93 -28.54 -60.00
CA ALA B 4076 -21.41 -29.76 -59.35
C ALA B 4076 -22.92 -29.92 -59.51
N PHE B 4077 -23.67 -28.84 -59.33
CA PHE B 4077 -25.12 -28.90 -59.50
C PHE B 4077 -25.52 -28.94 -60.97
N GLN B 4078 -24.78 -28.26 -61.84
CA GLN B 4078 -25.12 -28.23 -63.26
C GLN B 4078 -24.82 -29.56 -63.95
N ASP B 4079 -24.03 -30.43 -63.34
CA ASP B 4079 -23.69 -31.72 -63.92
C ASP B 4079 -24.71 -32.81 -63.60
N TYR B 4080 -25.75 -32.50 -62.82
CA TYR B 4080 -26.75 -33.47 -62.44
C TYR B 4080 -28.14 -33.17 -62.97
N VAL B 4081 -28.36 -32.00 -63.55
CA VAL B 4081 -29.66 -31.63 -64.11
C VAL B 4081 -29.83 -32.34 -65.44
N THR B 4082 -30.99 -32.99 -65.64
CA THR B 4082 -31.27 -33.71 -66.86
C THR B 4082 -32.36 -33.08 -67.71
N ASP B 4083 -33.21 -32.25 -67.14
CA ASP B 4083 -34.29 -31.62 -67.89
C ASP B 4083 -33.81 -30.30 -68.46
N PRO B 4084 -33.87 -30.10 -69.79
CA PRO B 4084 -33.43 -28.82 -70.36
C PRO B 4084 -34.28 -27.63 -69.92
N ARG B 4085 -35.48 -27.86 -69.40
CA ARG B 4085 -36.38 -26.78 -69.00
C ARG B 4085 -36.00 -26.15 -67.67
N GLY B 4086 -34.81 -26.42 -67.16
CA GLY B 4086 -34.39 -25.83 -65.90
C GLY B 4086 -35.02 -26.44 -64.68
N LEU B 4087 -35.34 -27.74 -64.71
CA LEU B 4087 -35.94 -28.43 -63.58
C LEU B 4087 -35.14 -29.69 -63.28
N ILE B 4088 -35.19 -30.11 -62.02
CA ILE B 4088 -34.50 -31.32 -61.59
C ILE B 4088 -35.35 -32.00 -60.51
N SER B 4089 -35.35 -33.32 -60.53
CA SER B 4089 -36.18 -34.09 -59.60
C SER B 4089 -35.69 -33.92 -58.16
N LYS B 4090 -36.61 -34.11 -57.22
CA LYS B 4090 -36.28 -33.99 -55.81
C LYS B 4090 -35.25 -35.04 -55.39
N LYS B 4091 -35.40 -36.27 -55.87
CA LYS B 4091 -34.43 -37.31 -55.57
C LYS B 4091 -33.06 -36.96 -56.15
N ASP B 4092 -33.04 -36.44 -57.39
CA ASP B 4092 -31.79 -36.02 -57.99
C ASP B 4092 -31.16 -34.87 -57.22
N PHE B 4093 -31.98 -33.94 -56.75
CA PHE B 4093 -31.46 -32.84 -55.93
C PHE B 4093 -30.86 -33.35 -54.64
N GLN B 4094 -31.52 -34.31 -53.98
CA GLN B 4094 -30.99 -34.89 -52.76
C GLN B 4094 -29.68 -35.62 -53.03
N LYS B 4095 -29.60 -36.35 -54.15
CA LYS B 4095 -28.36 -37.02 -54.51
C LYS B 4095 -27.24 -36.02 -54.76
N ALA B 4096 -27.56 -34.92 -55.43
CA ALA B 4096 -26.57 -33.88 -55.67
C ALA B 4096 -26.08 -33.27 -54.36
N MET B 4097 -27.00 -33.00 -53.44
CA MET B 4097 -26.61 -32.45 -52.14
C MET B 4097 -25.74 -33.42 -51.36
N ASP B 4098 -26.07 -34.71 -51.40
CA ASP B 4098 -25.26 -35.72 -50.73
C ASP B 4098 -23.87 -35.81 -51.34
N SER B 4099 -23.78 -35.75 -52.68
CA SER B 4099 -22.48 -35.78 -53.34
C SER B 4099 -21.66 -34.55 -52.97
N GLN B 4100 -22.29 -33.38 -52.91
CA GLN B 4100 -21.57 -32.16 -52.52
C GLN B 4100 -21.11 -32.20 -51.07
N LYS B 4101 -21.77 -33.00 -50.22
CA LYS B 4101 -21.42 -33.13 -48.81
C LYS B 4101 -21.41 -31.77 -48.10
N GLN B 4102 -22.40 -30.94 -48.41
CA GLN B 4102 -22.54 -29.61 -47.82
C GLN B 4102 -23.65 -29.54 -46.79
N PHE B 4103 -24.79 -30.17 -47.06
CA PHE B 4103 -25.93 -30.14 -46.16
C PHE B 4103 -26.18 -31.52 -45.57
N THR B 4104 -26.58 -31.55 -44.31
CA THR B 4104 -26.91 -32.80 -43.65
C THR B 4104 -28.27 -33.31 -44.11
N GLY B 4105 -28.61 -34.52 -43.69
CA GLY B 4105 -29.87 -35.13 -44.04
C GLY B 4105 -31.09 -34.30 -43.66
N PRO B 4106 -31.18 -33.92 -42.38
CA PRO B 4106 -32.25 -32.99 -41.99
C PRO B 4106 -32.19 -31.67 -42.75
N GLU B 4107 -30.98 -31.16 -43.02
CA GLU B 4107 -30.86 -29.94 -43.80
C GLU B 4107 -31.37 -30.12 -45.22
N ILE B 4108 -31.04 -31.27 -45.84
CA ILE B 4108 -31.53 -31.55 -47.19
C ILE B 4108 -33.04 -31.66 -47.20
N GLN B 4109 -33.61 -32.34 -46.20
CA GLN B 4109 -35.06 -32.45 -46.11
C GLN B 4109 -35.72 -31.08 -45.94
N PHE B 4110 -35.11 -30.23 -45.11
CA PHE B 4110 -35.66 -28.89 -44.91
C PHE B 4110 -35.60 -28.07 -46.19
N LEU B 4111 -34.49 -28.14 -46.93
CA LEU B 4111 -34.39 -27.42 -48.19
C LEU B 4111 -35.42 -27.94 -49.20
N LEU B 4112 -35.63 -29.26 -49.24
CA LEU B 4112 -36.63 -29.82 -50.13
C LEU B 4112 -38.03 -29.34 -49.75
N SER B 4113 -38.32 -29.28 -48.45
CA SER B 4113 -39.62 -28.79 -48.00
C SER B 4113 -39.81 -27.33 -48.36
N CYS B 4114 -38.75 -26.52 -48.24
CA CYS B 4114 -38.85 -25.10 -48.55
C CYS B 4114 -39.20 -24.87 -50.02
N SER B 4115 -38.58 -25.64 -50.92
CA SER B 4115 -38.83 -25.50 -52.34
C SER B 4115 -40.26 -25.89 -52.68
N GLU B 4116 -40.85 -25.15 -53.61
CA GLU B 4116 -42.22 -25.41 -54.04
C GLU B 4116 -42.28 -26.58 -55.01
N GLU B 4121 -43.79 -31.20 -58.93
CA GLU B 4121 -42.69 -32.13 -59.14
C GLU B 4121 -41.38 -31.39 -59.36
N MET B 4122 -41.43 -30.34 -60.17
CA MET B 4122 -40.25 -29.53 -60.44
C MET B 4122 -39.80 -28.82 -59.18
N ILE B 4123 -38.48 -28.79 -58.96
CA ILE B 4123 -37.96 -28.17 -57.75
C ILE B 4123 -37.75 -26.67 -57.95
N ASN B 4124 -37.59 -26.22 -59.19
CA ASN B 4124 -37.34 -24.82 -59.52
C ASN B 4124 -36.18 -24.27 -58.70
N PHE B 4125 -35.00 -24.88 -58.89
CA PHE B 4125 -33.86 -24.57 -58.06
C PHE B 4125 -33.41 -23.12 -58.20
N GLU B 4126 -33.39 -22.60 -59.42
CA GLU B 4126 -32.91 -21.24 -59.64
C GLU B 4126 -33.84 -20.21 -59.02
N GLU B 4127 -35.14 -20.34 -59.30
CA GLU B 4127 -36.11 -19.38 -58.75
C GLU B 4127 -36.17 -19.45 -57.24
N PHE B 4128 -36.16 -20.67 -56.69
CA PHE B 4128 -36.19 -20.83 -55.23
C PHE B 4128 -34.92 -20.27 -54.60
N ALA B 4129 -33.78 -20.39 -55.29
CA ALA B 4129 -32.53 -19.88 -54.75
C ALA B 4129 -32.50 -18.36 -54.76
N ASN B 4130 -32.96 -17.75 -55.86
CA ASN B 4130 -32.85 -16.30 -55.99
C ASN B 4130 -34.04 -15.54 -55.42
N ARG B 4131 -35.11 -16.24 -55.00
CA ARG B 4131 -36.25 -15.54 -54.42
C ARG B 4131 -35.91 -14.95 -53.06
N PHE B 4132 -35.24 -15.71 -52.21
CA PHE B 4132 -34.91 -15.27 -50.86
C PHE B 4132 -33.52 -14.69 -50.73
N GLN B 4133 -32.71 -14.72 -51.80
CA GLN B 4133 -31.34 -14.21 -51.71
C GLN B 4133 -31.34 -12.70 -51.56
N GLU B 4134 -32.11 -11.99 -52.39
CA GLU B 4134 -32.14 -10.53 -52.32
C GLU B 4134 -32.67 -10.00 -51.00
N PRO B 4135 -33.81 -10.47 -50.47
CA PRO B 4135 -34.26 -9.95 -49.16
C PRO B 4135 -33.27 -10.24 -48.04
N ALA B 4136 -32.57 -11.38 -48.09
CA ALA B 4136 -31.70 -11.80 -47.00
C ALA B 4136 -30.35 -11.11 -46.99
N ARG B 4137 -30.07 -10.24 -47.97
CA ARG B 4137 -28.80 -9.55 -48.00
C ARG B 4137 -28.63 -8.61 -46.82
N ASP B 4138 -29.70 -7.87 -46.48
CA ASP B 4138 -29.61 -6.89 -45.40
C ASP B 4138 -29.42 -7.57 -44.04
N ILE B 4139 -30.23 -8.60 -43.76
CA ILE B 4139 -30.17 -9.27 -42.47
C ILE B 4139 -28.86 -10.05 -42.33
N GLY B 4140 -28.43 -10.70 -43.41
CA GLY B 4140 -27.15 -11.41 -43.36
C GLY B 4140 -26.00 -10.46 -43.12
N PHE B 4141 -26.04 -9.28 -43.76
CA PHE B 4141 -25.03 -8.27 -43.50
C PHE B 4141 -25.07 -7.83 -42.04
N ASN B 4142 -26.28 -7.61 -41.50
CA ASN B 4142 -26.40 -7.15 -40.13
C ASN B 4142 -25.86 -8.18 -39.13
N VAL B 4143 -26.21 -9.46 -39.33
CA VAL B 4143 -25.71 -10.49 -38.42
C VAL B 4143 -24.20 -10.68 -38.59
N ALA B 4144 -23.70 -10.58 -39.83
CA ALA B 4144 -22.26 -10.68 -40.02
C ALA B 4144 -21.52 -9.55 -39.31
N VAL B 4145 -22.05 -8.33 -39.42
CA VAL B 4145 -21.48 -7.21 -38.68
C VAL B 4145 -21.56 -7.46 -37.18
N LEU B 4146 -22.67 -8.02 -36.72
CA LEU B 4146 -22.83 -8.21 -35.28
C LEU B 4146 -21.76 -9.16 -34.78
N LEU B 4147 -21.65 -10.34 -35.40
CA LEU B 4147 -20.64 -11.33 -34.99
C LEU B 4147 -19.22 -10.81 -35.16
N THR B 4148 -18.94 -10.05 -36.22
CA THR B 4148 -17.61 -9.49 -36.38
C THR B 4148 -17.29 -8.53 -35.23
N ASN B 4149 -18.27 -7.71 -34.83
CA ASN B 4149 -18.05 -6.76 -33.74
C ASN B 4149 -17.81 -7.47 -32.41
N LEU B 4150 -18.60 -8.52 -32.11
CA LEU B 4150 -18.35 -9.28 -30.88
C LEU B 4150 -16.99 -9.97 -30.92
N SER B 4151 -16.61 -10.57 -32.05
CA SER B 4151 -15.32 -11.24 -32.12
C SER B 4151 -14.18 -10.24 -31.91
N GLU B 4152 -14.28 -9.05 -32.51
CA GLU B 4152 -13.23 -8.07 -32.36
C GLU B 4152 -13.24 -7.42 -30.98
N HIS B 4153 -14.39 -7.39 -30.30
CA HIS B 4153 -14.49 -6.70 -29.02
C HIS B 4153 -13.86 -7.51 -27.89
N VAL B 4154 -14.28 -8.76 -27.74
CA VAL B 4154 -13.84 -9.60 -26.63
C VAL B 4154 -13.22 -10.88 -27.19
N PRO B 4155 -11.93 -10.88 -27.52
CA PRO B 4155 -11.24 -12.12 -27.87
C PRO B 4155 -11.24 -13.12 -26.72
N HIS B 4156 -10.69 -14.30 -27.01
CA HIS B 4156 -10.48 -15.35 -26.01
C HIS B 4156 -11.77 -15.77 -25.33
N ASP B 4157 -12.85 -15.83 -26.11
CA ASP B 4157 -14.13 -16.33 -25.61
C ASP B 4157 -14.44 -17.67 -26.29
N PRO B 4158 -14.37 -18.79 -25.56
CA PRO B 4158 -14.59 -20.09 -26.21
C PRO B 4158 -15.98 -20.23 -26.81
N ARG B 4159 -17.01 -19.69 -26.15
CA ARG B 4159 -18.36 -19.74 -26.72
C ARG B 4159 -18.43 -18.90 -27.99
N LEU B 4160 -17.86 -17.69 -27.97
CA LEU B 4160 -17.85 -16.85 -29.15
C LEU B 4160 -17.02 -17.47 -30.27
N ARG B 4161 -15.89 -18.09 -29.93
CA ARG B 4161 -15.08 -18.76 -30.93
C ARG B 4161 -15.85 -19.91 -31.58
N ASN B 4162 -16.55 -20.71 -30.77
CA ASN B 4162 -17.35 -21.80 -31.31
C ASN B 4162 -18.47 -21.27 -32.20
N PHE B 4163 -19.12 -20.18 -31.78
CA PHE B 4163 -20.22 -19.63 -32.56
C PHE B 4163 -19.71 -19.06 -33.88
N LEU B 4164 -18.53 -18.43 -33.87
CA LEU B 4164 -17.93 -17.96 -35.11
C LEU B 4164 -17.57 -19.12 -36.02
N GLU B 4165 -17.03 -20.20 -35.46
CA GLU B 4165 -16.71 -21.38 -36.25
C GLU B 4165 -17.97 -22.06 -36.79
N LEU B 4166 -19.12 -21.85 -36.14
CA LEU B 4166 -20.36 -22.45 -36.62
C LEU B 4166 -20.74 -21.89 -37.99
N ALA B 4167 -20.58 -20.58 -38.18
CA ALA B 4167 -20.94 -19.92 -39.43
C ALA B 4167 -19.71 -19.24 -40.01
N GLU B 4168 -19.17 -19.81 -41.09
CA GLU B 4168 -18.03 -19.25 -41.79
C GLU B 4168 -18.34 -18.85 -43.22
N SER B 4169 -19.34 -19.47 -43.85
CA SER B 4169 -19.70 -19.10 -45.22
C SER B 4169 -20.25 -17.69 -45.28
N ILE B 4170 -21.07 -17.30 -44.30
CA ILE B 4170 -21.68 -15.97 -44.30
C ILE B 4170 -20.61 -14.90 -44.17
N LEU B 4171 -19.66 -15.09 -43.25
CA LEU B 4171 -18.59 -14.11 -43.08
C LEU B 4171 -17.72 -14.01 -44.31
N GLU B 4172 -17.41 -15.15 -44.94
CA GLU B 4172 -16.59 -15.13 -46.15
C GLU B 4172 -17.32 -14.42 -47.29
N TYR B 4173 -18.62 -14.68 -47.44
CA TYR B 4173 -19.38 -14.03 -48.51
C TYR B 4173 -19.50 -12.53 -48.26
N PHE B 4174 -19.70 -12.12 -47.01
CA PHE B 4174 -19.88 -10.71 -46.68
C PHE B 4174 -18.57 -10.01 -46.40
N ARG B 4175 -17.44 -10.72 -46.43
CA ARG B 4175 -16.15 -10.06 -46.20
C ARG B 4175 -15.83 -8.99 -47.23
N PRO B 4176 -15.96 -9.22 -48.54
CA PRO B 4176 -15.69 -8.13 -49.49
C PRO B 4176 -16.64 -6.96 -49.37
N TYR B 4177 -17.83 -7.16 -48.80
CA TYR B 4177 -18.82 -6.11 -48.64
C TYR B 4177 -18.80 -5.48 -47.26
N LEU B 4178 -17.84 -5.85 -46.42
CA LEU B 4178 -17.75 -5.35 -45.05
C LEU B 4178 -16.54 -4.44 -44.89
N GLY B 4179 -16.71 -3.36 -44.14
CA GLY B 4179 -15.64 -2.41 -43.89
C GLY B 4179 -15.30 -2.37 -42.42
N ARG B 4180 -14.03 -2.08 -42.12
CA ARG B 4180 -13.51 -2.03 -40.76
C ARG B 4180 -12.75 -0.74 -40.53
N ILE B 4181 -13.34 0.38 -40.92
CA ILE B 4181 -12.71 1.68 -40.74
C ILE B 4181 -12.63 2.00 -39.25
N GLU B 4182 -11.44 2.42 -38.80
CA GLU B 4182 -11.20 2.76 -37.41
C GLU B 4182 -11.01 4.27 -37.29
N ILE B 4183 -11.81 4.90 -36.44
CA ILE B 4183 -11.75 6.34 -36.19
C ILE B 4183 -11.72 6.58 -34.69
N MET B 4184 -11.25 7.76 -34.31
CA MET B 4184 -11.20 8.17 -32.90
C MET B 4184 -12.50 8.91 -32.59
N GLY B 4185 -13.35 8.28 -31.79
CA GLY B 4185 -14.64 8.86 -31.47
C GLY B 4185 -14.58 9.98 -30.46
N ALA B 4186 -14.20 9.65 -29.23
CA ALA B 4186 -14.12 10.62 -28.16
C ALA B 4186 -13.17 10.11 -27.09
N SER B 4187 -12.66 11.05 -26.28
CA SER B 4187 -11.75 10.74 -25.18
C SER B 4187 -10.49 10.03 -25.67
N ARG B 4188 -10.07 10.32 -26.90
CA ARG B 4188 -8.88 9.72 -27.50
C ARG B 4188 -8.96 8.20 -27.49
N ARG B 4189 -10.13 7.67 -27.83
CA ARG B 4189 -10.38 6.24 -27.85
C ARG B 4189 -10.64 5.78 -29.27
N ILE B 4190 -9.95 4.72 -29.69
CA ILE B 4190 -10.12 4.18 -31.03
C ILE B 4190 -11.32 3.25 -31.05
N GLU B 4191 -12.22 3.45 -32.02
CA GLU B 4191 -13.42 2.64 -32.15
C GLU B 4191 -13.51 2.09 -33.57
N ARG B 4192 -14.17 0.95 -33.70
CA ARG B 4192 -14.35 0.28 -34.98
C ARG B 4192 -15.71 0.64 -35.56
N ILE B 4193 -15.73 1.03 -36.83
CA ILE B 4193 -16.95 1.43 -37.53
C ILE B 4193 -17.18 0.46 -38.68
N TYR B 4194 -18.39 -0.08 -38.76
CA TYR B 4194 -18.77 -1.00 -39.82
C TYR B 4194 -19.82 -0.34 -40.70
N PHE B 4195 -19.57 -0.31 -42.01
CA PHE B 4195 -20.48 0.35 -42.95
C PHE B 4195 -20.88 -0.60 -44.07
N GLU B 4196 -21.60 -0.10 -45.06
CA GLU B 4196 -22.16 -0.92 -46.12
C GLU B 4196 -21.38 -0.73 -47.42
N ILE B 4197 -21.08 -1.83 -48.09
CA ILE B 4197 -20.42 -1.83 -49.39
C ILE B 4197 -21.29 -2.58 -50.38
N SER B 4198 -21.59 -1.95 -51.50
CA SER B 4198 -22.40 -2.57 -52.55
C SER B 4198 -21.53 -3.25 -53.58
N GLU B 4199 -22.15 -4.13 -54.37
CA GLU B 4199 -21.42 -4.80 -55.45
C GLU B 4199 -20.95 -3.82 -56.50
N THR B 4200 -21.82 -2.86 -56.87
CA THR B 4200 -21.43 -1.85 -57.86
C THR B 4200 -20.28 -1.00 -57.36
N ASN B 4201 -20.13 -0.87 -56.03
CA ASN B 4201 -19.05 -0.08 -55.47
C ASN B 4201 -17.70 -0.65 -55.86
N ARG B 4202 -17.45 -1.91 -55.50
CA ARG B 4202 -16.21 -2.57 -55.89
C ARG B 4202 -16.12 -2.80 -57.39
N ALA B 4203 -17.26 -2.96 -58.06
CA ALA B 4203 -17.25 -3.12 -59.51
C ALA B 4203 -16.68 -1.88 -60.19
N GLN B 4204 -17.10 -0.69 -59.74
CA GLN B 4204 -16.59 0.55 -60.30
C GLN B 4204 -15.23 0.92 -59.73
N TRP B 4205 -14.86 0.37 -58.56
CA TRP B 4205 -13.56 0.69 -57.99
C TRP B 4205 -12.42 0.01 -58.76
N GLU B 4206 -12.72 -1.05 -59.52
CA GLU B 4206 -11.68 -1.81 -60.20
C GLU B 4206 -11.21 -1.17 -61.50
N MET B 4207 -11.83 -0.06 -61.94
CA MET B 4207 -11.37 0.59 -63.15
C MET B 4207 -9.97 1.16 -62.93
N PRO B 4208 -9.16 1.24 -63.99
CA PRO B 4208 -7.79 1.76 -63.81
C PRO B 4208 -7.67 3.27 -63.81
N GLN B 4209 -8.71 4.02 -64.19
CA GLN B 4209 -8.66 5.47 -64.05
C GLN B 4209 -8.55 5.87 -62.59
N VAL B 4210 -9.40 5.30 -61.74
CA VAL B 4210 -9.38 5.67 -60.31
C VAL B 4210 -8.11 5.16 -59.65
N LYS B 4211 -7.64 3.97 -60.03
CA LYS B 4211 -6.39 3.46 -59.48
C LYS B 4211 -5.21 4.35 -59.88
N GLU B 4212 -5.17 4.77 -61.14
CA GLU B 4212 -4.10 5.66 -61.59
C GLU B 4212 -4.16 6.99 -60.87
N SER B 4213 -5.36 7.55 -60.71
CA SER B 4213 -5.50 8.81 -59.99
C SER B 4213 -5.04 8.68 -58.54
N LYS B 4214 -5.39 7.57 -57.90
CA LYS B 4214 -4.93 7.32 -56.53
C LYS B 4214 -3.41 7.24 -56.47
N ARG B 4215 -2.81 6.55 -57.44
CA ARG B 4215 -1.35 6.45 -57.48
C ARG B 4215 -0.70 7.82 -57.62
N GLN B 4216 -1.23 8.65 -58.53
CA GLN B 4216 -0.67 9.99 -58.71
C GLN B 4216 -0.83 10.82 -57.44
N PHE B 4217 -2.01 10.75 -56.81
CA PHE B 4217 -2.23 11.55 -55.60
C PHE B 4217 -1.29 11.12 -54.48
N ILE B 4218 -1.14 9.81 -54.26
CA ILE B 4218 -0.31 9.36 -53.15
C ILE B 4218 1.16 9.68 -53.42
N PHE B 4219 1.60 9.51 -54.67
CA PHE B 4219 2.97 9.86 -55.02
C PHE B 4219 3.24 11.34 -54.78
N ASP B 4220 2.33 12.19 -55.24
CA ASP B 4220 2.50 13.63 -55.05
C ASP B 4220 2.52 14.00 -53.58
N VAL B 4221 1.63 13.41 -52.79
CA VAL B 4221 1.54 13.79 -51.38
C VAL B 4221 2.77 13.31 -50.61
N VAL B 4222 3.36 12.19 -51.04
CA VAL B 4222 4.54 11.72 -50.31
C VAL B 4222 5.78 12.53 -50.72
N ASN B 4223 5.86 12.96 -51.99
CA ASN B 4223 6.90 13.92 -52.34
C ASN B 4223 6.73 15.23 -51.58
N GLU B 4224 5.49 15.67 -51.37
CA GLU B 4224 5.26 16.92 -50.65
C GLU B 4224 5.79 16.84 -49.23
N GLY B 4225 5.58 15.71 -48.55
CA GLY B 4225 6.05 15.53 -47.20
C GLY B 4225 5.20 16.15 -46.13
N GLY B 4226 4.09 16.80 -46.49
CA GLY B 4226 3.21 17.40 -45.51
C GLY B 4226 2.58 16.39 -44.57
N GLU B 4227 2.64 16.66 -43.27
CA GLU B 4227 2.07 15.77 -42.26
C GLU B 4227 0.80 16.34 -41.65
N ALA B 4228 0.82 17.60 -41.21
CA ALA B 4228 -0.38 18.20 -40.62
C ALA B 4228 -1.50 18.33 -41.64
N GLU B 4229 -1.16 18.71 -42.87
CA GLU B 4229 -2.16 18.90 -43.92
C GLU B 4229 -2.40 17.66 -44.77
N LYS B 4230 -1.71 16.55 -44.48
CA LYS B 4230 -1.84 15.35 -45.31
C LYS B 4230 -3.29 14.89 -45.39
N MET B 4231 -4.03 14.96 -44.28
CA MET B 4231 -5.42 14.57 -44.30
C MET B 4231 -6.24 15.49 -45.21
N GLU B 4232 -5.82 16.76 -45.34
CA GLU B 4232 -6.53 17.68 -46.23
C GLU B 4232 -6.43 17.23 -47.68
N LEU B 4233 -5.21 16.90 -48.13
CA LEU B 4233 -5.05 16.39 -49.49
C LEU B 4233 -5.74 15.04 -49.65
N PHE B 4234 -5.77 14.22 -48.60
CA PHE B 4234 -6.48 12.95 -48.69
C PHE B 4234 -7.98 13.18 -48.92
N VAL B 4235 -8.57 14.12 -48.19
CA VAL B 4235 -10.00 14.41 -48.35
C VAL B 4235 -10.27 15.02 -49.71
N SER B 4236 -9.37 15.90 -50.18
CA SER B 4236 -9.53 16.48 -51.52
C SER B 4236 -9.47 15.40 -52.58
N PHE B 4237 -8.54 14.45 -52.44
CA PHE B 4237 -8.45 13.34 -53.39
C PHE B 4237 -9.69 12.48 -53.33
N CYS B 4238 -10.22 12.25 -52.13
CA CYS B 4238 -11.46 11.46 -52.01
C CYS B 4238 -12.62 12.16 -52.72
N GLU B 4239 -12.74 13.48 -52.56
CA GLU B 4239 -13.80 14.21 -53.24
C GLU B 4239 -13.61 14.17 -54.76
N ASP B 4240 -12.36 14.31 -55.23
CA ASP B 4240 -12.10 14.23 -56.67
C ASP B 4240 -12.42 12.84 -57.20
N THR B 4241 -12.09 11.81 -56.43
CA THR B 4241 -12.41 10.44 -56.84
C THR B 4241 -13.91 10.21 -56.87
N ILE B 4242 -14.65 10.80 -55.93
CA ILE B 4242 -16.11 10.69 -55.95
C ILE B 4242 -16.68 11.38 -57.18
N PHE B 4243 -16.15 12.56 -57.52
CA PHE B 4243 -16.61 13.25 -58.73
C PHE B 4243 -16.30 12.44 -59.98
N GLU B 4244 -15.11 11.84 -60.04
CA GLU B 4244 -14.76 10.99 -61.17
C GLU B 4244 -15.66 9.75 -61.22
N MET B 4245 -16.02 9.22 -60.06
CA MET B 4245 -16.95 8.10 -59.99
C MET B 4245 -18.30 8.49 -60.58
N GLN B 4246 -18.80 9.66 -60.21
CA GLN B 4246 -20.07 10.14 -60.75
C GLN B 4246 -20.00 10.35 -62.25
N ILE B 4247 -18.89 10.93 -62.74
CA ILE B 4247 -18.77 11.15 -64.18
C ILE B 4247 -18.65 9.83 -64.92
N ALA B 4248 -17.98 8.83 -64.34
CA ALA B 4248 -17.89 7.53 -64.99
C ALA B 4248 -19.24 6.83 -65.02
N ALA B 4249 -20.02 6.95 -63.95
CA ALA B 4249 -21.38 6.42 -63.97
C ALA B 4249 -22.24 7.12 -65.00
N GLN B 4250 -22.07 8.44 -65.14
CA GLN B 4250 -22.83 9.19 -66.14
C GLN B 4250 -22.47 8.74 -67.55
N ILE B 4251 -21.18 8.54 -67.83
CA ILE B 4251 -20.74 8.12 -69.16
C ILE B 4251 -20.78 6.61 -69.34
N SER B 4252 -21.18 5.86 -68.32
CA SER B 4252 -21.27 4.41 -68.45
C SER B 4252 -22.37 4.02 -69.40
N GLU B 4253 -22.10 3.01 -70.23
CA GLU B 4253 -23.08 2.54 -71.20
C GLU B 4253 -24.17 1.73 -70.53
N THR B 4323 18.46 -4.40 -97.51
CA THR B 4323 19.41 -3.30 -97.34
C THR B 4323 19.16 -2.57 -96.02
N ALA B 4324 19.39 -1.25 -96.03
CA ALA B 4324 19.17 -0.45 -94.84
C ALA B 4324 17.70 -0.37 -94.47
N ARG B 4325 16.79 -0.56 -95.44
CA ARG B 4325 15.36 -0.49 -95.15
C ARG B 4325 14.94 -1.57 -94.16
N GLU B 4326 15.44 -2.79 -94.35
CA GLU B 4326 15.08 -3.88 -93.45
C GLU B 4326 15.59 -3.61 -92.03
N ALA B 4327 16.83 -3.13 -91.90
CA ALA B 4327 17.38 -2.83 -90.60
C ALA B 4327 16.60 -1.71 -89.92
N ALA B 4328 16.27 -0.66 -90.66
CA ALA B 4328 15.47 0.43 -90.10
C ALA B 4328 14.10 -0.05 -89.65
N THR B 4329 13.46 -0.90 -90.46
CA THR B 4329 12.16 -1.44 -90.10
C THR B 4329 12.25 -2.28 -88.84
N ALA B 4330 13.28 -3.13 -88.73
CA ALA B 4330 13.45 -3.95 -87.54
C ALA B 4330 13.68 -3.09 -86.30
N LEU B 4331 14.51 -2.05 -86.43
CA LEU B 4331 14.78 -1.18 -85.29
C LEU B 4331 13.51 -0.43 -84.86
N ALA B 4332 12.75 0.07 -85.83
CA ALA B 4332 11.50 0.76 -85.51
C ALA B 4332 10.51 -0.18 -84.85
N ALA B 4333 10.41 -1.42 -85.35
CA ALA B 4333 9.51 -2.40 -84.76
C ALA B 4333 9.90 -2.72 -83.32
N LEU B 4334 11.20 -2.91 -83.07
CA LEU B 4334 11.64 -3.16 -81.69
C LEU B 4334 11.34 -1.97 -80.80
N LEU B 4335 11.61 -0.76 -81.27
CA LEU B 4335 11.35 0.43 -80.46
C LEU B 4335 9.87 0.54 -80.13
N TRP B 4336 9.00 0.29 -81.11
CA TRP B 4336 7.57 0.33 -80.85
C TRP B 4336 7.15 -0.77 -79.86
N ALA B 4337 7.73 -1.96 -80.00
CA ALA B 4337 7.38 -3.06 -79.10
C ALA B 4337 7.77 -2.75 -77.67
N VAL B 4338 8.98 -2.21 -77.47
CA VAL B 4338 9.41 -1.90 -76.10
C VAL B 4338 8.65 -0.71 -75.55
N VAL B 4339 8.28 0.25 -76.41
CA VAL B 4339 7.47 1.38 -75.96
C VAL B 4339 6.10 0.90 -75.50
N ALA B 4340 5.47 0.00 -76.26
CA ALA B 4340 4.14 -0.49 -75.91
C ALA B 4340 4.13 -1.24 -74.59
N ARG B 4341 5.26 -1.78 -74.16
CA ARG B 4341 5.34 -2.50 -72.90
C ARG B 4341 5.27 -1.55 -71.72
N TRP B 4541 -34.47 16.56 -84.29
CA TRP B 4541 -33.50 17.24 -83.45
C TRP B 4541 -33.09 16.37 -82.28
N GLY B 4542 -34.05 15.66 -81.70
CA GLY B 4542 -33.74 14.77 -80.58
C GLY B 4542 -32.84 13.62 -80.98
N GLU B 4543 -33.06 13.05 -82.16
CA GLU B 4543 -32.21 11.94 -82.63
C GLU B 4543 -30.76 12.40 -82.80
N LEU B 4544 -30.57 13.58 -83.40
CA LEU B 4544 -29.21 14.09 -83.56
C LEU B 4544 -28.56 14.34 -82.21
N GLU B 4545 -29.31 14.90 -81.25
CA GLU B 4545 -28.75 15.17 -79.93
C GLU B 4545 -28.36 13.89 -79.22
N VAL B 4546 -29.21 12.87 -79.26
CA VAL B 4546 -28.90 11.62 -78.57
C VAL B 4546 -27.74 10.90 -79.26
N GLN B 4547 -27.67 10.98 -80.60
CA GLN B 4547 -26.53 10.40 -81.30
C GLN B 4547 -25.23 11.10 -80.93
N ARG B 4548 -25.26 12.43 -80.84
CA ARG B 4548 -24.07 13.17 -80.43
C ARG B 4548 -23.67 12.81 -79.00
N VAL B 4549 -24.65 12.68 -78.11
CA VAL B 4549 -24.35 12.31 -76.72
C VAL B 4549 -23.72 10.93 -76.65
N LYS B 4550 -24.27 9.96 -77.39
CA LYS B 4550 -23.72 8.62 -77.39
C LYS B 4550 -22.31 8.60 -77.98
N PHE B 4551 -22.09 9.35 -79.06
CA PHE B 4551 -20.75 9.42 -79.65
C PHE B 4551 -19.76 10.04 -78.67
N LEU B 4552 -20.16 11.11 -77.98
CA LEU B 4552 -19.27 11.73 -76.99
C LEU B 4552 -18.96 10.77 -75.85
N ASN B 4553 -19.96 10.03 -75.38
CA ASN B 4553 -19.72 9.06 -74.31
C ASN B 4553 -18.76 7.96 -74.75
N TYR B 4554 -18.96 7.43 -75.97
CA TYR B 4554 -18.07 6.40 -76.48
C TYR B 4554 -16.65 6.93 -76.64
N LEU B 4555 -16.52 8.17 -77.13
CA LEU B 4555 -15.20 8.76 -77.27
C LEU B 4555 -14.53 8.97 -75.92
N SER B 4556 -15.30 9.39 -74.92
CA SER B 4556 -14.76 9.57 -73.57
C SER B 4556 -14.32 8.24 -72.96
N ARG B 4557 -15.04 7.16 -73.26
CA ARG B 4557 -14.70 5.86 -72.67
C ARG B 4557 -13.33 5.38 -73.13
N ASN B 4558 -12.99 5.60 -74.40
CA ASN B 4558 -11.77 5.07 -75.00
C ASN B 4558 -10.73 6.18 -75.24
N PHE B 4559 -10.62 7.12 -74.30
CA PHE B 4559 -9.67 8.22 -74.48
C PHE B 4559 -8.23 7.73 -74.47
N TYR B 4560 -7.89 6.84 -73.54
CA TYR B 4560 -6.52 6.32 -73.47
C TYR B 4560 -6.20 5.47 -74.70
N THR B 4561 -7.15 4.65 -75.14
CA THR B 4561 -6.95 3.88 -76.37
C THR B 4561 -6.77 4.81 -77.56
N LEU B 4562 -7.53 5.90 -77.61
CA LEU B 4562 -7.38 6.87 -78.69
C LEU B 4562 -6.01 7.52 -78.66
N ARG B 4563 -5.51 7.86 -77.47
CA ARG B 4563 -4.18 8.44 -77.37
C ARG B 4563 -3.10 7.46 -77.82
N PHE B 4564 -3.25 6.18 -77.43
CA PHE B 4564 -2.30 5.17 -77.88
C PHE B 4564 -2.34 5.01 -79.40
N LEU B 4565 -3.54 5.04 -79.98
CA LEU B 4565 -3.67 4.95 -81.43
C LEU B 4565 -3.02 6.16 -82.10
N ALA B 4566 -3.20 7.35 -81.53
CA ALA B 4566 -2.56 8.55 -82.09
C ALA B 4566 -1.05 8.44 -82.05
N LEU B 4567 -0.50 7.94 -80.93
CA LEU B 4567 0.94 7.78 -80.82
C LEU B 4567 1.45 6.76 -81.84
N PHE B 4568 0.72 5.66 -82.02
CA PHE B 4568 1.09 4.67 -83.03
C PHE B 4568 1.04 5.27 -84.44
N LEU B 4569 0.02 6.08 -84.71
CA LEU B 4569 -0.09 6.72 -86.01
C LEU B 4569 1.07 7.67 -86.27
N ALA B 4570 1.46 8.44 -85.25
CA ALA B 4570 2.60 9.33 -85.38
C ALA B 4570 3.87 8.55 -85.63
N PHE B 4571 4.07 7.45 -84.91
CA PHE B 4571 5.22 6.59 -85.15
C PHE B 4571 5.22 6.09 -86.60
N ALA B 4572 4.07 5.65 -87.08
CA ALA B 4572 3.98 5.12 -88.44
C ALA B 4572 4.31 6.18 -89.49
N ILE B 4573 3.75 7.39 -89.34
CA ILE B 4573 3.97 8.41 -90.36
C ILE B 4573 5.41 8.89 -90.33
N ASN B 4574 5.99 9.04 -89.14
CA ASN B 4574 7.39 9.47 -89.07
C ASN B 4574 8.33 8.38 -89.58
N PHE B 4575 7.97 7.11 -89.41
CA PHE B 4575 8.74 6.04 -90.04
C PHE B 4575 8.61 6.12 -91.57
N ILE B 4576 7.42 6.46 -92.05
CA ILE B 4576 7.24 6.70 -93.48
C ILE B 4576 8.06 7.91 -93.92
N LEU B 4577 8.12 8.93 -93.06
CA LEU B 4577 8.91 10.12 -93.36
C LEU B 4577 10.41 9.82 -93.43
N LEU B 4578 10.82 8.66 -92.89
CA LEU B 4578 12.23 8.28 -92.90
C LEU B 4578 12.73 7.86 -94.27
N PHE B 4579 11.86 7.82 -95.28
CA PHE B 4579 12.24 7.40 -96.62
C PHE B 4579 12.19 8.55 -97.62
N TYR B 4580 12.60 9.74 -97.21
CA TYR B 4580 12.59 10.91 -98.08
C TYR B 4580 13.93 11.08 -98.78
N LYS B 4581 13.92 11.92 -99.82
CA LYS B 4581 15.12 12.16 -100.62
C LYS B 4581 14.97 13.50 -101.34
N VAL B 4582 16.11 14.12 -101.65
CA VAL B 4582 16.17 15.40 -102.34
C VAL B 4582 16.95 15.24 -103.63
N SER B 4583 16.42 15.85 -104.69
CA SER B 4583 17.10 15.92 -105.97
C SER B 4583 17.06 17.35 -106.48
N ASP B 4584 18.02 17.70 -107.33
CA ASP B 4584 18.10 19.06 -107.86
C ASP B 4584 16.86 19.40 -108.69
N SER B 4585 16.37 18.46 -109.49
CA SER B 4585 15.19 18.65 -110.30
C SER B 4585 14.21 17.51 -110.05
N PRO B 4586 12.91 17.77 -110.19
CA PRO B 4586 11.93 16.69 -109.99
C PRO B 4586 12.10 15.61 -111.04
N PRO B 4587 11.82 14.34 -110.69
CA PRO B 4587 11.94 13.21 -111.62
C PRO B 4587 11.00 13.33 -112.81
N ASN B 4626 16.02 25.52 -107.26
CA ASN B 4626 14.80 25.22 -106.51
C ASN B 4626 14.76 23.75 -106.11
N MET B 4627 15.13 23.47 -104.86
CA MET B 4627 15.12 22.11 -104.35
C MET B 4627 13.69 21.59 -104.25
N VAL B 4628 13.50 20.33 -104.60
CA VAL B 4628 12.19 19.68 -104.58
C VAL B 4628 12.26 18.47 -103.67
N TYR B 4629 11.27 18.35 -102.78
CA TYR B 4629 11.16 17.21 -101.87
C TYR B 4629 10.30 16.15 -102.55
N TYR B 4630 10.93 15.11 -103.06
CA TYR B 4630 10.24 14.02 -103.75
C TYR B 4630 10.38 12.73 -102.98
N PHE B 4631 9.32 11.93 -102.99
CA PHE B 4631 9.30 10.68 -102.24
C PHE B 4631 10.06 9.58 -102.98
N LEU B 4632 10.79 8.77 -102.21
CA LEU B 4632 11.45 7.61 -102.78
C LEU B 4632 10.42 6.60 -103.25
N GLU B 4633 10.76 5.87 -104.33
CA GLU B 4633 9.84 4.91 -104.91
C GLU B 4633 9.49 3.82 -103.91
N GLU B 4634 10.50 3.24 -103.26
CA GLU B 4634 10.32 2.20 -102.26
C GLU B 4634 9.47 1.05 -102.79
N SER B 4635 8.27 0.89 -102.26
CA SER B 4635 7.35 -0.17 -102.69
C SER B 4635 6.48 0.34 -103.85
N THR B 4636 7.16 0.62 -104.97
CA THR B 4636 6.51 1.06 -106.21
C THR B 4636 5.66 2.31 -105.99
N GLY B 4637 6.18 3.25 -105.21
CA GLY B 4637 5.50 4.51 -104.98
C GLY B 4637 4.31 4.46 -104.07
N TYR B 4638 4.13 3.36 -103.32
CA TYR B 4638 3.00 3.22 -102.41
C TYR B 4638 3.14 4.09 -101.16
N MET B 4639 4.30 4.70 -100.94
CA MET B 4639 4.53 5.44 -99.71
C MET B 4639 3.78 6.77 -99.65
N GLU B 4640 3.55 7.42 -100.79
CA GLU B 4640 2.93 8.74 -100.77
C GLU B 4640 1.45 8.68 -100.41
N PRO B 4641 0.61 7.87 -101.06
CA PRO B 4641 -0.79 7.78 -100.59
C PRO B 4641 -0.91 7.25 -99.18
N ALA B 4642 -0.03 6.33 -98.78
CA ALA B 4642 -0.03 5.85 -97.41
C ALA B 4642 0.27 6.97 -96.43
N LEU B 4643 1.26 7.81 -96.75
CA LEU B 4643 1.58 8.95 -95.88
C LEU B 4643 0.41 9.93 -95.82
N TRP B 4644 -0.24 10.18 -96.96
CA TRP B 4644 -1.37 11.11 -96.98
C TRP B 4644 -2.51 10.61 -96.11
N CYS B 4645 -2.87 9.33 -96.27
CA CYS B 4645 -3.95 8.75 -95.46
C CYS B 4645 -3.55 8.70 -93.99
N LEU B 4646 -2.28 8.41 -93.69
CA LEU B 4646 -1.82 8.39 -92.31
C LEU B 4646 -1.93 9.77 -91.68
N SER B 4647 -1.56 10.82 -92.43
CA SER B 4647 -1.67 12.18 -91.90
C SER B 4647 -3.13 12.56 -91.66
N LEU B 4648 -4.01 12.21 -92.61
CA LEU B 4648 -5.43 12.52 -92.43
C LEU B 4648 -6.00 11.81 -91.21
N LEU B 4649 -5.68 10.51 -91.06
CA LEU B 4649 -6.18 9.76 -89.92
C LEU B 4649 -5.60 10.29 -88.61
N HIS B 4650 -4.33 10.68 -88.62
CA HIS B 4650 -3.72 11.24 -87.42
C HIS B 4650 -4.37 12.55 -87.01
N THR B 4651 -4.67 13.41 -87.98
CA THR B 4651 -5.37 14.66 -87.67
C THR B 4651 -6.75 14.39 -87.10
N LEU B 4652 -7.49 13.45 -87.72
CA LEU B 4652 -8.82 13.13 -87.22
C LEU B 4652 -8.75 12.57 -85.80
N VAL B 4653 -7.79 11.68 -85.55
CA VAL B 4653 -7.66 11.06 -84.23
C VAL B 4653 -7.25 12.11 -83.20
N ALA B 4654 -6.39 13.06 -83.58
CA ALA B 4654 -6.01 14.13 -82.66
C ALA B 4654 -7.20 15.01 -82.32
N PHE B 4655 -8.04 15.32 -83.31
CA PHE B 4655 -9.25 16.11 -83.04
C PHE B 4655 -10.18 15.36 -82.09
N LEU B 4656 -10.41 14.07 -82.33
CA LEU B 4656 -11.22 13.29 -81.41
C LEU B 4656 -10.58 13.20 -80.04
N CYS B 4657 -9.24 13.19 -79.98
CA CYS B 4657 -8.54 13.12 -78.71
C CYS B 4657 -8.75 14.39 -77.88
N ILE B 4658 -8.63 15.56 -78.50
CA ILE B 4658 -8.85 16.78 -77.75
C ILE B 4658 -10.31 16.92 -77.35
N ILE B 4659 -11.23 16.49 -78.23
CA ILE B 4659 -12.64 16.52 -77.87
C ILE B 4659 -12.91 15.61 -76.67
N GLY B 4660 -12.35 14.40 -76.68
CA GLY B 4660 -12.55 13.49 -75.57
C GLY B 4660 -11.92 13.98 -74.28
N TYR B 4661 -10.75 14.63 -74.38
CA TYR B 4661 -10.14 15.20 -73.19
C TYR B 4661 -11.00 16.32 -72.62
N ASN B 4662 -11.58 17.15 -73.49
CA ASN B 4662 -12.50 18.19 -73.02
C ASN B 4662 -13.73 17.58 -72.37
N CYS B 4663 -14.23 16.48 -72.92
CA CYS B 4663 -15.43 15.83 -72.41
C CYS B 4663 -15.17 15.01 -71.14
N LEU B 4664 -13.93 14.62 -70.86
CA LEU B 4664 -13.62 13.66 -69.81
C LEU B 4664 -12.93 14.28 -68.61
N LYS B 4665 -11.78 14.94 -68.80
CA LYS B 4665 -10.99 15.43 -67.69
C LYS B 4665 -11.23 16.89 -67.36
N VAL B 4666 -11.78 17.67 -68.29
CA VAL B 4666 -12.08 19.07 -68.01
C VAL B 4666 -13.08 19.23 -66.87
N PRO B 4667 -14.20 18.49 -66.83
CA PRO B 4667 -15.14 18.68 -65.70
C PRO B 4667 -14.53 18.43 -64.35
N LEU B 4668 -13.58 17.50 -64.22
CA LEU B 4668 -12.89 17.30 -62.96
C LEU B 4668 -12.12 18.56 -62.54
N VAL B 4669 -11.44 19.19 -63.50
CA VAL B 4669 -10.71 20.42 -63.20
C VAL B 4669 -11.68 21.53 -62.82
N ILE B 4670 -12.81 21.62 -63.52
CA ILE B 4670 -13.80 22.64 -63.19
C ILE B 4670 -14.34 22.42 -61.78
N PHE B 4671 -14.64 21.18 -61.43
CA PHE B 4671 -15.14 20.87 -60.09
C PHE B 4671 -14.10 21.22 -59.03
N LYS B 4672 -12.83 20.87 -59.28
CA LYS B 4672 -11.78 21.17 -58.31
C LYS B 4672 -11.62 22.68 -58.12
N ARG B 4673 -11.62 23.44 -59.22
CA ARG B 4673 -11.47 24.89 -59.12
C ARG B 4673 -12.65 25.52 -58.39
N GLU B 4674 -13.88 25.11 -58.73
CA GLU B 4674 -15.05 25.64 -58.06
C GLU B 4674 -15.05 25.29 -56.58
N LYS B 4675 -14.65 24.07 -56.24
CA LYS B 4675 -14.58 23.65 -54.85
C LYS B 4675 -13.56 24.48 -54.09
N GLU B 4676 -12.38 24.69 -54.66
CA GLU B 4676 -11.35 25.49 -54.00
C GLU B 4676 -11.83 26.92 -53.79
N LEU B 4677 -12.43 27.52 -54.82
CA LEU B 4677 -12.90 28.90 -54.70
C LEU B 4677 -13.99 29.02 -53.64
N ALA B 4678 -14.97 28.10 -53.66
CA ALA B 4678 -16.07 28.16 -52.71
C ALA B 4678 -15.57 27.97 -51.28
N ARG B 4679 -14.67 27.00 -51.08
CA ARG B 4679 -14.09 26.79 -49.74
C ARG B 4679 -13.31 28.00 -49.26
N LYS B 4680 -12.48 28.58 -50.13
CA LYS B 4680 -11.69 29.75 -49.72
C LYS B 4680 -12.60 30.91 -49.34
N LEU B 4681 -13.63 31.18 -50.16
CA LEU B 4681 -14.54 32.28 -49.86
C LEU B 4681 -15.34 32.00 -48.58
N GLU B 4682 -15.72 30.75 -48.35
CA GLU B 4682 -16.54 30.42 -47.19
C GLU B 4682 -15.75 30.49 -45.89
N PHE B 4683 -14.54 29.93 -45.88
CA PHE B 4683 -13.76 29.80 -44.65
C PHE B 4683 -12.71 30.90 -44.51
N ASP B 4684 -11.81 31.02 -45.49
CA ASP B 4684 -10.75 32.02 -45.38
C ASP B 4684 -11.33 33.44 -45.42
N GLY B 4685 -12.31 33.68 -46.26
CA GLY B 4685 -12.92 34.99 -46.37
C GLY B 4685 -11.96 36.07 -46.84
N LEU B 4686 -11.06 35.73 -47.73
CA LEU B 4686 -10.09 36.68 -48.27
C LEU B 4686 -10.59 37.40 -49.51
N TYR B 4687 -11.85 37.16 -49.90
CA TYR B 4687 -12.44 37.85 -51.05
C TYR B 4687 -13.41 38.95 -50.65
N ILE B 4688 -13.81 39.02 -49.37
CA ILE B 4688 -14.72 40.05 -48.91
C ILE B 4688 -14.03 40.86 -47.81
N THR B 4689 -13.56 40.17 -46.77
CA THR B 4689 -12.82 40.87 -45.71
C THR B 4689 -11.47 41.36 -46.19
N GLU B 4690 -10.81 40.58 -47.06
CA GLU B 4690 -9.51 40.91 -47.60
C GLU B 4690 -9.62 41.04 -49.13
N GLN B 4691 -8.45 41.19 -49.77
CA GLN B 4691 -8.38 41.35 -51.21
C GLN B 4691 -7.41 40.33 -51.79
N PRO B 4692 -7.60 39.93 -53.05
CA PRO B 4692 -6.65 38.99 -53.67
C PRO B 4692 -5.23 39.52 -53.73
N GLY B 4693 -5.05 40.82 -53.89
CA GLY B 4693 -3.72 41.39 -53.95
C GLY B 4693 -3.14 41.39 -55.35
N ASP B 4694 -1.87 41.78 -55.42
CA ASP B 4694 -1.16 41.87 -56.69
C ASP B 4694 -0.91 40.48 -57.26
N ASP B 4695 -0.73 40.45 -58.58
CA ASP B 4695 -0.50 39.20 -59.34
C ASP B 4695 -1.71 38.30 -59.11
N ASP B 4696 -1.51 36.98 -58.97
CA ASP B 4696 -2.58 36.02 -58.71
C ASP B 4696 -3.64 36.08 -59.80
N VAL B 4697 -3.22 35.71 -61.01
CA VAL B 4697 -4.12 35.70 -62.17
C VAL B 4697 -5.30 34.78 -61.90
N LYS B 4698 -5.05 33.64 -61.24
CA LYS B 4698 -6.14 32.77 -60.83
C LYS B 4698 -7.09 33.49 -59.88
N GLY B 4699 -6.55 34.33 -59.00
CA GLY B 4699 -7.40 35.12 -58.12
C GLY B 4699 -8.28 36.10 -58.88
N GLN B 4700 -7.72 36.78 -59.87
CA GLN B 4700 -8.52 37.69 -60.68
C GLN B 4700 -9.59 36.95 -61.47
N TRP B 4701 -9.24 35.77 -62.00
CA TRP B 4701 -10.24 34.96 -62.69
C TRP B 4701 -11.36 34.52 -61.75
N ASP B 4702 -11.00 34.13 -60.52
CA ASP B 4702 -12.01 33.72 -59.56
C ASP B 4702 -12.89 34.89 -59.14
N ARG B 4703 -12.33 36.10 -59.09
CA ARG B 4703 -13.15 37.27 -58.78
C ARG B 4703 -14.14 37.55 -59.90
N LEU B 4704 -13.75 37.27 -61.15
CA LEU B 4704 -14.63 37.54 -62.28
C LEU B 4704 -15.86 36.65 -62.26
N VAL B 4705 -15.69 35.36 -61.92
CA VAL B 4705 -16.79 34.41 -61.93
C VAL B 4705 -17.68 34.55 -60.70
N LEU B 4706 -17.25 35.32 -59.70
CA LEU B 4706 -18.04 35.48 -58.49
C LEU B 4706 -19.43 36.05 -58.80
N ASN B 4707 -19.50 37.01 -59.73
CA ASN B 4707 -20.76 37.58 -60.16
C ASN B 4707 -21.60 36.61 -60.97
N THR B 4708 -21.00 35.59 -61.56
CA THR B 4708 -21.72 34.68 -62.44
C THR B 4708 -22.74 33.87 -61.65
N PRO B 4709 -23.99 33.79 -62.11
CA PRO B 4709 -24.97 32.92 -61.45
C PRO B 4709 -24.65 31.46 -61.71
N SER B 4710 -25.22 30.60 -60.85
CA SER B 4710 -24.99 29.15 -60.90
C SER B 4710 -23.50 28.81 -60.83
N PHE B 4711 -22.80 29.50 -59.93
CA PHE B 4711 -21.37 29.24 -59.75
C PHE B 4711 -21.06 27.80 -59.37
N PRO B 4712 -21.75 27.18 -58.38
CA PRO B 4712 -21.44 25.77 -58.07
C PRO B 4712 -22.20 24.80 -58.97
N SER B 4713 -21.97 24.92 -60.28
CA SER B 4713 -22.62 24.03 -61.24
C SER B 4713 -22.16 22.58 -61.05
N ASN B 4714 -20.86 22.38 -60.83
CA ASN B 4714 -20.30 21.06 -60.61
C ASN B 4714 -20.14 20.72 -59.14
N TYR B 4715 -20.01 21.73 -58.27
CA TYR B 4715 -19.91 21.49 -56.84
C TYR B 4715 -21.21 20.92 -56.30
N TRP B 4716 -21.10 20.01 -55.34
CA TRP B 4716 -22.28 19.35 -54.80
C TRP B 4716 -23.18 20.34 -54.07
N ASP B 4717 -22.60 21.19 -53.23
CA ASP B 4717 -23.38 22.15 -52.44
C ASP B 4717 -23.68 23.34 -53.35
N LYS B 4718 -24.95 23.46 -53.75
CA LYS B 4718 -25.39 24.55 -54.61
C LYS B 4718 -25.83 25.79 -53.84
N PHE B 4719 -25.76 25.75 -52.51
CA PHE B 4719 -26.20 26.85 -51.67
C PHE B 4719 -25.06 27.41 -50.84
N VAL B 4720 -23.85 27.39 -51.39
CA VAL B 4720 -22.69 27.96 -50.69
C VAL B 4720 -22.86 29.47 -50.53
N LYS B 4721 -23.49 30.12 -51.51
CA LYS B 4721 -23.72 31.57 -51.40
C LYS B 4721 -24.58 31.90 -50.19
N ARG B 4722 -25.66 31.15 -49.97
CA ARG B 4722 -26.50 31.39 -48.80
C ARG B 4722 -25.74 31.10 -47.51
N LYS B 4723 -24.90 30.05 -47.52
CA LYS B 4723 -24.12 29.72 -46.33
C LYS B 4723 -23.17 30.85 -45.96
N VAL B 4724 -22.40 31.34 -46.93
CA VAL B 4724 -21.48 32.43 -46.64
C VAL B 4724 -22.23 33.71 -46.31
N LEU B 4725 -23.42 33.90 -46.90
CA LEU B 4725 -24.28 35.01 -46.51
C LEU B 4725 -24.59 34.96 -45.02
N ASP B 4726 -25.27 33.91 -44.58
CA ASP B 4726 -25.61 33.75 -43.17
C ASP B 4726 -24.39 33.72 -42.28
N LYS B 4727 -23.21 33.39 -42.82
CA LYS B 4727 -21.99 33.37 -42.02
C LYS B 4727 -21.46 34.77 -41.76
N HIS B 4728 -21.22 35.55 -42.82
CA HIS B 4728 -20.52 36.82 -42.67
C HIS B 4728 -21.13 38.01 -43.40
N GLY B 4729 -22.05 37.79 -44.34
CA GLY B 4729 -22.56 38.89 -45.14
C GLY B 4729 -23.34 39.91 -44.33
N ASP B 4730 -24.13 39.43 -43.37
CA ASP B 4730 -24.89 40.35 -42.52
C ASP B 4730 -23.96 41.27 -41.73
N ILE B 4731 -22.86 40.72 -41.22
CA ILE B 4731 -21.86 41.55 -40.55
C ILE B 4731 -21.21 42.51 -41.54
N PHE B 4732 -20.88 42.03 -42.73
CA PHE B 4732 -20.18 42.82 -43.73
C PHE B 4732 -21.11 43.65 -44.61
N GLY B 4733 -22.43 43.54 -44.42
CA GLY B 4733 -23.36 44.29 -45.24
C GLY B 4733 -24.23 43.42 -46.13
N ARG B 4734 -25.53 43.37 -45.85
CA ARG B 4734 -26.42 42.49 -46.59
C ARG B 4734 -26.56 42.89 -48.05
N GLU B 4735 -26.25 44.14 -48.41
CA GLU B 4735 -26.39 44.59 -49.78
C GLU B 4735 -25.09 44.47 -50.57
N ARG B 4736 -23.98 44.91 -49.97
CA ARG B 4736 -22.70 44.87 -50.68
C ARG B 4736 -22.26 43.44 -50.95
N ILE B 4737 -22.42 42.55 -49.96
CA ILE B 4737 -22.01 41.16 -50.13
C ILE B 4737 -22.87 40.48 -51.19
N ALA B 4738 -24.18 40.73 -51.17
CA ALA B 4738 -25.07 40.15 -52.17
C ALA B 4738 -24.73 40.66 -53.57
N GLU B 4739 -24.44 41.95 -53.69
CA GLU B 4739 -24.07 42.51 -54.99
C GLU B 4739 -22.76 41.91 -55.49
N LEU B 4740 -21.77 41.75 -54.60
CA LEU B 4740 -20.51 41.15 -55.00
C LEU B 4740 -20.68 39.70 -55.42
N LEU B 4741 -21.51 38.95 -54.70
CA LEU B 4741 -21.75 37.54 -55.03
C LEU B 4741 -22.62 37.36 -56.26
N GLY B 4742 -23.23 38.44 -56.77
CA GLY B 4742 -24.03 38.35 -57.97
C GLY B 4742 -25.27 37.50 -57.84
N MET B 4743 -25.96 37.57 -56.71
CA MET B 4743 -27.19 36.82 -56.53
C MET B 4743 -28.29 37.39 -57.40
N ASP B 4744 -29.18 36.51 -57.85
CA ASP B 4744 -30.30 36.93 -58.69
C ASP B 4744 -31.21 37.91 -57.94
N LEU B 4745 -31.80 37.45 -56.83
CA LEU B 4745 -32.66 38.30 -56.02
C LEU B 4745 -32.83 37.65 -54.66
N ALA B 4746 -32.55 38.41 -53.60
CA ALA B 4746 -32.73 37.90 -52.25
C ALA B 4746 -34.21 37.61 -51.97
N SER B 4747 -35.10 38.51 -52.44
CA SER B 4747 -36.53 38.28 -52.26
C SER B 4747 -36.99 37.03 -52.99
N LEU B 4748 -36.48 36.80 -54.20
CA LEU B 4748 -36.85 35.60 -54.94
C LEU B 4748 -36.37 34.35 -54.24
N GLU B 4749 -35.14 34.38 -53.69
CA GLU B 4749 -34.64 33.23 -52.93
C GLU B 4749 -35.48 32.97 -51.69
N ILE B 4750 -35.86 34.04 -50.99
CA ILE B 4750 -36.70 33.89 -49.80
C ILE B 4750 -38.05 33.29 -50.17
N THR B 4751 -38.65 33.77 -51.26
CA THR B 4751 -39.93 33.23 -51.71
C THR B 4751 -39.81 31.77 -52.10
N ALA B 4752 -38.73 31.40 -52.78
CA ALA B 4752 -38.51 30.00 -53.13
C ALA B 4752 -38.36 29.14 -51.88
N HIS B 4753 -37.63 29.63 -50.89
CA HIS B 4753 -37.50 28.90 -49.63
C HIS B 4753 -38.81 28.88 -48.86
N ASN B 4754 -39.65 29.89 -49.05
CA ASN B 4754 -40.95 29.99 -48.38
C ASN B 4754 -42.10 29.60 -49.28
N GLU B 4755 -41.82 28.94 -50.41
CA GLU B 4755 -42.90 28.54 -51.33
C GLU B 4755 -43.85 27.55 -50.66
N ARG B 4756 -43.31 26.60 -49.91
CA ARG B 4756 -44.10 25.59 -49.21
C ARG B 4756 -45.01 24.82 -50.17
N THR B 4766 -34.77 28.44 -75.98
CA THR B 4766 -34.77 28.29 -74.53
C THR B 4766 -33.40 27.87 -74.02
N TRP B 4767 -32.82 26.84 -74.68
CA TRP B 4767 -31.49 26.37 -74.28
C TRP B 4767 -30.43 27.44 -74.50
N LEU B 4768 -30.51 28.16 -75.63
CA LEU B 4768 -29.54 29.22 -75.90
C LEU B 4768 -29.63 30.34 -74.87
N MET B 4769 -30.85 30.73 -74.51
CA MET B 4769 -31.02 31.79 -73.52
C MET B 4769 -30.63 31.33 -72.12
N SER B 4770 -30.80 30.04 -71.82
CA SER B 4770 -30.46 29.52 -70.51
C SER B 4770 -28.95 29.56 -70.27
N ILE B 4771 -28.15 29.31 -71.31
CA ILE B 4771 -26.70 29.33 -71.17
C ILE B 4771 -26.23 30.76 -70.92
N ASP B 4772 -25.38 30.93 -69.91
CA ASP B 4772 -24.86 32.24 -69.55
C ASP B 4772 -23.52 32.48 -70.24
N VAL B 4773 -23.37 33.63 -70.88
CA VAL B 4773 -22.14 33.93 -71.61
C VAL B 4773 -20.97 34.07 -70.66
N LYS B 4774 -21.19 34.66 -69.48
CA LYS B 4774 -20.10 34.85 -68.54
C LYS B 4774 -19.56 33.51 -68.03
N TYR B 4775 -20.45 32.57 -67.71
CA TYR B 4775 -19.99 31.26 -67.26
C TYR B 4775 -19.23 30.54 -68.37
N GLN B 4776 -19.73 30.62 -69.60
CA GLN B 4776 -19.06 29.96 -70.72
C GLN B 4776 -17.68 30.56 -70.94
N ILE B 4777 -17.55 31.88 -70.89
CA ILE B 4777 -16.25 32.50 -71.13
C ILE B 4777 -15.29 32.20 -69.98
N TRP B 4778 -15.80 32.13 -68.74
CA TRP B 4778 -14.94 31.75 -67.63
C TRP B 4778 -14.47 30.30 -67.77
N LYS B 4779 -15.35 29.41 -68.18
CA LYS B 4779 -14.96 28.02 -68.40
C LYS B 4779 -13.92 27.92 -69.50
N PHE B 4780 -14.10 28.66 -70.59
CA PHE B 4780 -13.12 28.67 -71.67
C PHE B 4780 -11.78 29.20 -71.19
N GLY B 4781 -11.79 30.27 -70.39
CA GLY B 4781 -10.54 30.83 -69.89
C GLY B 4781 -9.80 29.89 -68.96
N VAL B 4782 -10.54 29.26 -68.03
CA VAL B 4782 -9.90 28.32 -67.12
C VAL B 4782 -9.48 27.04 -67.82
N ILE B 4783 -10.14 26.68 -68.93
CA ILE B 4783 -9.69 25.55 -69.73
C ILE B 4783 -8.39 25.88 -70.44
N PHE B 4784 -8.27 27.10 -70.97
CA PHE B 4784 -7.09 27.53 -71.72
C PHE B 4784 -5.87 27.77 -70.84
N THR B 4785 -5.96 27.52 -69.53
CA THR B 4785 -4.81 27.67 -68.65
C THR B 4785 -4.29 26.34 -68.11
N ASP B 4786 -5.04 25.25 -68.27
CA ASP B 4786 -4.60 23.94 -67.81
C ASP B 4786 -3.49 23.40 -68.69
N ASN B 4787 -2.45 22.83 -68.06
CA ASN B 4787 -1.27 22.39 -68.78
C ASN B 4787 -1.61 21.31 -69.81
N SER B 4788 -2.48 20.37 -69.45
CA SER B 4788 -2.85 19.31 -70.40
C SER B 4788 -3.58 19.87 -71.61
N PHE B 4789 -4.46 20.86 -71.40
CA PHE B 4789 -5.13 21.48 -72.53
C PHE B 4789 -4.15 22.26 -73.40
N LEU B 4790 -3.16 22.91 -72.78
CA LEU B 4790 -2.12 23.56 -73.57
C LEU B 4790 -1.34 22.55 -74.41
N TYR B 4791 -1.04 21.38 -73.83
CA TYR B 4791 -0.35 20.34 -74.59
C TYR B 4791 -1.22 19.84 -75.75
N LEU B 4792 -2.52 19.67 -75.51
CA LEU B 4792 -3.41 19.24 -76.57
C LEU B 4792 -3.52 20.28 -77.68
N GLY B 4793 -3.56 21.56 -77.31
CA GLY B 4793 -3.57 22.61 -78.32
C GLY B 4793 -2.29 22.66 -79.11
N TRP B 4794 -1.15 22.45 -78.45
CA TRP B 4794 0.13 22.36 -79.16
C TRP B 4794 0.15 21.19 -80.12
N TYR B 4795 -0.42 20.05 -79.69
CA TYR B 4795 -0.51 18.89 -80.58
C TYR B 4795 -1.39 19.19 -81.80
N MET B 4796 -2.51 19.88 -81.59
CA MET B 4796 -3.37 20.26 -82.71
C MET B 4796 -2.66 21.21 -83.66
N VAL B 4797 -1.92 22.18 -83.11
CA VAL B 4797 -1.18 23.12 -83.95
C VAL B 4797 -0.11 22.38 -84.74
N MET B 4798 0.59 21.43 -84.10
CA MET B 4798 1.59 20.65 -84.81
C MET B 4798 0.97 19.82 -85.92
N SER B 4799 -0.21 19.24 -85.66
CA SER B 4799 -0.89 18.48 -86.71
C SER B 4799 -1.29 19.38 -87.87
N LEU B 4800 -1.79 20.58 -87.58
CA LEU B 4800 -2.14 21.51 -88.65
C LEU B 4800 -0.91 21.90 -89.46
N LEU B 4801 0.22 22.15 -88.78
CA LEU B 4801 1.45 22.49 -89.49
C LEU B 4801 1.94 21.32 -90.33
N GLY B 4802 1.81 20.10 -89.81
CA GLY B 4802 2.15 18.92 -90.61
C GLY B 4802 1.28 18.79 -91.84
N HIS B 4803 0.00 19.16 -91.71
CA HIS B 4803 -0.86 19.26 -92.89
C HIS B 4803 -0.32 20.30 -93.87
N TYR B 4804 0.10 21.45 -93.34
CA TYR B 4804 0.69 22.48 -94.20
C TYR B 4804 2.01 22.01 -94.80
N ASN B 4805 2.85 21.35 -93.99
CA ASN B 4805 4.14 20.85 -94.46
C ASN B 4805 4.44 19.56 -93.73
N ASN B 4806 4.63 18.47 -94.49
CA ASN B 4806 4.71 17.13 -93.90
C ASN B 4806 5.88 16.98 -92.93
N PHE B 4807 6.92 17.80 -93.04
CA PHE B 4807 8.07 17.68 -92.15
C PHE B 4807 7.78 18.18 -90.74
N PHE B 4808 6.65 18.86 -90.52
CA PHE B 4808 6.29 19.33 -89.20
C PHE B 4808 5.77 18.23 -88.28
N PHE B 4809 5.51 17.03 -88.83
CA PHE B 4809 4.97 15.94 -88.04
C PHE B 4809 5.99 15.33 -87.08
N ALA B 4810 7.26 15.70 -87.18
CA ALA B 4810 8.28 15.14 -86.31
C ALA B 4810 8.10 15.54 -84.86
N ALA B 4811 7.40 16.67 -84.59
CA ALA B 4811 7.22 17.12 -83.23
C ALA B 4811 6.24 16.26 -82.45
N HIS B 4812 5.45 15.42 -83.13
CA HIS B 4812 4.47 14.60 -82.43
C HIS B 4812 5.11 13.43 -81.68
N LEU B 4813 6.36 13.08 -81.99
CA LEU B 4813 7.05 12.04 -81.24
C LEU B 4813 7.51 12.52 -79.87
N LEU B 4814 7.39 13.81 -79.57
CA LEU B 4814 7.67 14.29 -78.22
C LEU B 4814 6.68 13.76 -77.21
N ASP B 4815 5.56 13.20 -77.65
CA ASP B 4815 4.60 12.57 -76.73
C ASP B 4815 5.17 11.31 -76.10
N ILE B 4816 6.26 10.76 -76.65
CA ILE B 4816 6.89 9.59 -76.06
C ILE B 4816 7.45 9.88 -74.68
N ALA B 4817 7.75 11.15 -74.39
CA ALA B 4817 8.23 11.52 -73.07
C ALA B 4817 7.12 11.40 -72.03
N MET B 4818 5.92 11.86 -72.37
CA MET B 4818 4.79 11.81 -71.46
C MET B 4818 4.20 10.41 -71.32
N GLY B 4819 4.42 9.54 -72.31
CA GLY B 4819 3.78 8.23 -72.30
C GLY B 4819 4.23 7.37 -71.13
N VAL B 4820 5.54 7.30 -70.90
CA VAL B 4820 6.09 6.49 -69.83
C VAL B 4820 6.88 7.40 -68.88
N LYS B 4821 7.06 6.92 -67.65
CA LYS B 4821 7.49 7.81 -66.57
C LYS B 4821 8.98 8.10 -66.59
N THR B 4822 9.80 7.22 -67.17
CA THR B 4822 11.24 7.46 -67.15
C THR B 4822 11.61 8.70 -67.97
N LEU B 4823 11.01 8.84 -69.16
CA LEU B 4823 11.37 9.97 -70.00
C LEU B 4823 10.79 11.27 -69.44
N ARG B 4824 9.61 11.19 -68.81
CA ARG B 4824 9.07 12.34 -68.09
C ARG B 4824 9.99 12.73 -66.93
N THR B 4825 10.57 11.75 -66.24
CA THR B 4825 11.54 12.04 -65.19
C THR B 4825 12.76 12.74 -65.76
N ILE B 4826 13.23 12.30 -66.92
CA ILE B 4826 14.37 12.96 -67.57
C ILE B 4826 14.03 14.40 -67.91
N LEU B 4827 12.84 14.63 -68.48
CA LEU B 4827 12.43 15.99 -68.85
C LEU B 4827 12.29 16.87 -67.62
N SER B 4828 11.73 16.32 -66.54
CA SER B 4828 11.60 17.10 -65.30
C SER B 4828 12.95 17.38 -64.67
N SER B 4829 13.90 16.46 -64.85
CA SER B 4829 15.28 16.70 -64.40
C SER B 4829 15.92 17.83 -65.18
N VAL B 4830 15.58 17.94 -66.47
CA VAL B 4830 16.14 19.00 -67.30
C VAL B 4830 15.85 20.37 -66.71
N THR B 4831 14.64 20.57 -66.20
CA THR B 4831 14.22 21.86 -65.65
C THR B 4831 14.14 21.88 -64.13
N HIS B 4832 14.59 20.82 -63.46
CA HIS B 4832 14.48 20.76 -62.00
C HIS B 4832 15.34 21.82 -61.33
N ASN B 4833 16.55 22.04 -61.84
CA ASN B 4833 17.48 23.02 -61.29
C ASN B 4833 17.75 24.13 -62.30
N GLY B 4834 16.70 24.64 -62.92
CA GLY B 4834 16.83 25.65 -63.95
C GLY B 4834 17.54 26.90 -63.51
N LYS B 4835 17.27 27.37 -62.29
CA LYS B 4835 17.96 28.56 -61.79
C LYS B 4835 19.45 28.32 -61.70
N GLN B 4836 19.85 27.21 -61.08
CA GLN B 4836 21.27 26.89 -60.95
C GLN B 4836 21.91 26.64 -62.31
N LEU B 4837 21.20 25.98 -63.22
CA LEU B 4837 21.74 25.74 -64.55
C LEU B 4837 21.98 27.04 -65.29
N VAL B 4838 21.02 27.98 -65.22
CA VAL B 4838 21.18 29.26 -65.89
C VAL B 4838 22.30 30.06 -65.24
N MET B 4839 22.44 29.97 -63.91
CA MET B 4839 23.53 30.66 -63.23
C MET B 4839 24.89 30.13 -63.69
N THR B 4840 25.02 28.80 -63.80
CA THR B 4840 26.27 28.22 -64.26
C THR B 4840 26.55 28.59 -65.72
N VAL B 4841 25.50 28.63 -66.54
CA VAL B 4841 25.66 29.05 -67.94
C VAL B 4841 26.13 30.49 -68.00
N GLY B 4842 25.59 31.35 -67.12
CA GLY B 4842 26.03 32.73 -67.07
C GLY B 4842 27.47 32.87 -66.64
N LEU B 4843 27.90 32.08 -65.65
CA LEU B 4843 29.30 32.07 -65.27
C LEU B 4843 30.20 31.63 -66.43
N LEU B 4844 29.77 30.59 -67.15
CA LEU B 4844 30.53 30.15 -68.32
C LEU B 4844 30.62 31.26 -69.36
N ALA B 4845 29.50 31.96 -69.60
CA ALA B 4845 29.49 33.04 -70.59
C ALA B 4845 30.42 34.17 -70.19
N VAL B 4846 30.38 34.59 -68.92
CA VAL B 4846 31.22 35.70 -68.49
C VAL B 4846 32.70 35.30 -68.49
N VAL B 4847 33.00 34.06 -68.13
CA VAL B 4847 34.39 33.59 -68.18
C VAL B 4847 34.88 33.57 -69.62
N VAL B 4848 34.04 33.08 -70.55
CA VAL B 4848 34.43 33.05 -71.95
C VAL B 4848 34.61 34.47 -72.48
N TYR B 4849 33.75 35.40 -72.06
CA TYR B 4849 33.90 36.79 -72.48
C TYR B 4849 35.20 37.39 -71.98
N LEU B 4850 35.55 37.14 -70.71
CA LEU B 4850 36.80 37.66 -70.17
C LEU B 4850 38.00 37.08 -70.91
N TYR B 4851 37.97 35.78 -71.18
CA TYR B 4851 39.08 35.15 -71.88
C TYR B 4851 39.16 35.62 -73.33
N THR B 4852 38.00 35.89 -73.95
CA THR B 4852 37.99 36.45 -75.29
C THR B 4852 38.60 37.85 -75.32
N VAL B 4853 38.29 38.66 -74.30
CA VAL B 4853 38.88 39.99 -74.21
C VAL B 4853 40.40 39.88 -74.05
N VAL B 4854 40.85 38.97 -73.19
CA VAL B 4854 42.28 38.77 -73.00
C VAL B 4854 42.95 38.34 -74.30
N ALA B 4855 42.34 37.39 -75.01
CA ALA B 4855 42.89 36.90 -76.27
C ALA B 4855 42.95 38.01 -77.31
N PHE B 4856 41.92 38.84 -77.40
CA PHE B 4856 41.96 39.96 -78.33
C PHE B 4856 43.08 40.92 -77.98
N ASN B 4857 43.24 41.20 -76.68
CA ASN B 4857 44.25 42.18 -76.26
C ASN B 4857 45.66 41.67 -76.52
N PHE B 4858 45.92 40.38 -76.30
CA PHE B 4858 47.28 39.88 -76.40
C PHE B 4858 47.48 38.77 -77.41
N PHE B 4859 46.55 37.83 -77.52
CA PHE B 4859 46.75 36.63 -78.32
C PHE B 4859 46.03 36.69 -79.67
N ARG B 4860 45.96 37.88 -80.27
CA ARG B 4860 45.28 38.01 -81.55
C ARG B 4860 46.04 37.33 -82.69
N LYS B 4861 47.36 37.27 -82.59
CA LYS B 4861 48.16 36.74 -83.69
C LYS B 4861 47.89 35.26 -83.92
N PHE B 4862 47.68 34.49 -82.85
CA PHE B 4862 47.53 33.05 -82.96
C PHE B 4862 46.17 32.61 -83.46
N TYR B 4863 45.19 33.52 -83.53
CA TYR B 4863 43.84 33.18 -83.99
C TYR B 4863 43.80 33.25 -85.52
N ASN B 4864 44.32 32.18 -86.14
CA ASN B 4864 44.34 32.06 -87.60
C ASN B 4864 43.79 30.69 -87.97
N LYS B 4865 42.46 30.61 -88.13
CA LYS B 4865 41.84 29.34 -88.49
C LYS B 4865 42.15 28.96 -89.92
N SER B 4866 42.09 29.91 -90.85
CA SER B 4866 42.35 29.62 -92.25
C SER B 4866 43.83 29.30 -92.47
N GLU B 4867 44.08 28.31 -93.30
CA GLU B 4867 45.44 27.89 -93.64
C GLU B 4867 45.95 28.53 -94.93
N ASP B 4868 45.17 29.41 -95.56
CA ASP B 4868 45.56 30.05 -96.80
C ASP B 4868 46.22 31.38 -96.49
N GLU B 4869 47.50 31.52 -96.86
CA GLU B 4869 48.22 32.76 -96.61
C GLU B 4869 47.77 33.87 -97.55
N ASP B 4870 47.28 33.53 -98.74
CA ASP B 4870 46.84 34.55 -99.68
C ASP B 4870 45.63 35.31 -99.15
N GLU B 4871 44.67 34.61 -98.56
CA GLU B 4871 43.46 35.20 -97.99
C GLU B 4871 43.25 34.68 -96.58
N PRO B 4872 44.05 35.14 -95.62
CA PRO B 4872 43.87 34.68 -94.24
C PRO B 4872 42.55 35.16 -93.65
N ASP B 4873 42.01 34.35 -92.75
CA ASP B 4873 40.78 34.68 -92.03
C ASP B 4873 41.12 34.88 -90.56
N MET B 4874 40.75 36.05 -90.03
CA MET B 4874 41.00 36.40 -88.64
C MET B 4874 39.73 36.14 -87.84
N LYS B 4875 39.76 35.10 -87.00
CA LYS B 4875 38.61 34.76 -86.18
C LYS B 4875 38.47 35.63 -84.94
N CYS B 4876 39.48 36.45 -84.62
CA CYS B 4876 39.45 37.31 -83.44
C CYS B 4876 39.67 38.78 -83.81
N ASP B 4877 39.24 39.18 -85.00
CA ASP B 4877 39.35 40.57 -85.40
C ASP B 4877 38.29 41.46 -84.79
N ASP B 4878 37.21 40.87 -84.25
CA ASP B 4878 36.14 41.62 -83.62
C ASP B 4878 35.69 40.88 -82.37
N MET B 4879 35.07 41.64 -81.45
CA MET B 4879 34.55 41.03 -80.22
C MET B 4879 33.49 39.98 -80.52
N MET B 4880 32.54 40.31 -81.40
CA MET B 4880 31.46 39.37 -81.70
C MET B 4880 32.00 38.10 -82.35
N THR B 4881 32.89 38.26 -83.35
CA THR B 4881 33.41 37.08 -84.05
C THR B 4881 34.24 36.21 -83.12
N CYS B 4882 35.11 36.82 -82.31
CA CYS B 4882 35.95 36.04 -81.41
C CYS B 4882 35.13 35.36 -80.32
N TYR B 4883 34.14 36.08 -79.76
CA TYR B 4883 33.26 35.46 -78.76
C TYR B 4883 32.47 34.31 -79.35
N LEU B 4884 31.98 34.48 -80.59
CA LEU B 4884 31.25 33.42 -81.25
C LEU B 4884 32.14 32.20 -81.47
N PHE B 4885 33.38 32.44 -81.92
CA PHE B 4885 34.33 31.34 -82.11
C PHE B 4885 34.62 30.62 -80.81
N HIS B 4886 34.78 31.37 -79.72
CA HIS B 4886 35.02 30.75 -78.42
C HIS B 4886 33.83 29.90 -77.99
N MET B 4887 32.64 30.47 -78.00
CA MET B 4887 31.44 29.72 -77.61
C MET B 4887 31.10 28.59 -78.56
N TYR B 4888 31.67 28.58 -79.76
CA TYR B 4888 31.38 27.52 -80.73
C TYR B 4888 32.39 26.39 -80.70
N VAL B 4889 33.66 26.67 -80.37
CA VAL B 4889 34.70 25.64 -80.45
C VAL B 4889 35.26 25.34 -79.06
N GLY B 4890 35.59 26.38 -78.30
CA GLY B 4890 36.29 26.19 -77.04
C GLY B 4890 35.49 25.54 -75.95
N VAL B 4891 34.16 25.55 -76.05
CA VAL B 4891 33.32 24.96 -75.00
C VAL B 4891 33.01 23.48 -75.27
N ARG B 4892 33.10 23.03 -76.52
CA ARG B 4892 32.83 21.65 -76.87
C ARG B 4892 34.06 20.91 -77.39
N ALA B 4893 35.24 21.55 -77.33
CA ALA B 4893 36.45 20.89 -77.82
C ALA B 4893 36.79 19.67 -76.99
N GLY B 4894 36.65 19.76 -75.67
CA GLY B 4894 37.02 18.70 -74.77
C GLY B 4894 38.46 18.70 -74.33
N GLY B 4895 39.28 19.59 -74.87
CA GLY B 4895 40.68 19.70 -74.48
C GLY B 4895 41.16 21.14 -74.44
N GLY B 4896 40.21 22.07 -74.39
CA GLY B 4896 40.54 23.49 -74.38
C GLY B 4896 40.55 24.10 -75.77
N ILE B 4897 40.69 25.42 -75.79
CA ILE B 4897 40.71 26.16 -77.05
C ILE B 4897 42.02 25.95 -77.80
N GLY B 4898 43.05 25.44 -77.12
CA GLY B 4898 44.36 25.30 -77.73
C GLY B 4898 44.42 24.29 -78.86
N ASP B 4899 43.42 23.41 -78.98
CA ASP B 4899 43.43 22.44 -80.07
C ASP B 4899 43.31 23.12 -81.43
N GLU B 4900 42.47 24.14 -81.53
CA GLU B 4900 42.28 24.86 -82.79
C GLU B 4900 43.28 25.99 -82.97
N ILE B 4901 43.78 26.56 -81.88
CA ILE B 4901 44.74 27.65 -81.94
C ILE B 4901 46.10 27.10 -82.33
N GLU B 4902 46.86 27.89 -83.10
CA GLU B 4902 48.18 27.47 -83.55
C GLU B 4902 49.13 27.33 -82.37
N ASP B 4903 50.15 26.50 -82.56
CA ASP B 4903 51.12 26.22 -81.50
C ASP B 4903 51.96 27.46 -81.22
N PRO B 4904 51.98 27.95 -79.98
CA PRO B 4904 52.80 29.13 -79.65
C PRO B 4904 54.25 28.83 -79.36
N ALA B 4905 54.71 27.59 -79.59
CA ALA B 4905 56.10 27.25 -79.31
C ALA B 4905 57.07 28.06 -80.17
N GLY B 4906 56.74 28.23 -81.45
CA GLY B 4906 57.59 28.97 -82.36
C GLY B 4906 57.43 30.47 -82.35
N ASP B 4907 56.58 31.01 -81.48
CA ASP B 4907 56.34 32.44 -81.40
C ASP B 4907 56.53 32.91 -79.97
N GLU B 4908 56.43 34.23 -79.78
CA GLU B 4908 56.59 34.81 -78.46
C GLU B 4908 55.37 34.53 -77.60
N TYR B 4909 55.49 34.87 -76.31
CA TYR B 4909 54.42 34.67 -75.32
C TYR B 4909 54.01 33.20 -75.25
N GLU B 4910 55.00 32.30 -75.38
CA GLU B 4910 54.70 30.88 -75.35
C GLU B 4910 54.22 30.44 -73.98
N LEU B 4911 54.93 30.83 -72.92
CA LEU B 4911 54.54 30.45 -71.57
C LEU B 4911 53.21 31.08 -71.19
N TYR B 4912 53.01 32.35 -71.55
CA TYR B 4912 51.75 33.02 -71.24
C TYR B 4912 50.57 32.33 -71.91
N ARG B 4913 50.73 32.00 -73.20
CA ARG B 4913 49.64 31.34 -73.91
C ARG B 4913 49.41 29.92 -73.41
N VAL B 4914 50.47 29.21 -73.02
CA VAL B 4914 50.31 27.87 -72.46
C VAL B 4914 49.53 27.94 -71.15
N VAL B 4915 49.88 28.90 -70.28
CA VAL B 4915 49.16 29.08 -69.03
C VAL B 4915 47.71 29.46 -69.30
N PHE B 4916 47.48 30.32 -70.29
CA PHE B 4916 46.12 30.72 -70.65
C PHE B 4916 45.30 29.52 -71.10
N ASP B 4917 45.88 28.67 -71.95
CA ASP B 4917 45.15 27.48 -72.40
C ASP B 4917 44.88 26.53 -71.25
N ILE B 4918 45.86 26.33 -70.38
CA ILE B 4918 45.69 25.40 -69.26
C ILE B 4918 44.59 25.88 -68.33
N THR B 4919 44.61 27.18 -67.98
CA THR B 4919 43.59 27.70 -67.09
C THR B 4919 42.22 27.74 -67.75
N PHE B 4920 42.16 28.00 -69.06
CA PHE B 4920 40.88 27.94 -69.77
C PHE B 4920 40.29 26.55 -69.72
N PHE B 4921 41.10 25.53 -70.05
CA PHE B 4921 40.64 24.16 -69.97
C PHE B 4921 40.15 23.82 -68.56
N PHE B 4922 40.96 24.14 -67.56
CA PHE B 4922 40.62 23.79 -66.19
C PHE B 4922 39.35 24.47 -65.72
N PHE B 4923 39.17 25.75 -66.05
CA PHE B 4923 38.05 26.53 -65.55
C PHE B 4923 36.80 26.41 -66.42
N VAL B 4924 36.88 25.80 -67.59
CA VAL B 4924 35.72 25.62 -68.46
C VAL B 4924 35.29 24.15 -68.51
N ILE B 4925 36.16 23.26 -68.99
CA ILE B 4925 35.74 21.89 -69.22
C ILE B 4925 35.75 21.08 -67.92
N VAL B 4926 36.82 21.20 -67.13
CA VAL B 4926 36.95 20.40 -65.93
C VAL B 4926 35.96 20.87 -64.86
N ILE B 4927 35.68 22.17 -64.80
CA ILE B 4927 34.90 22.70 -63.69
C ILE B 4927 33.46 23.02 -64.11
N LEU B 4928 33.28 23.96 -65.05
CA LEU B 4928 31.94 24.47 -65.31
C LEU B 4928 31.08 23.47 -66.06
N LEU B 4929 31.62 22.87 -67.12
CA LEU B 4929 30.86 21.86 -67.87
C LEU B 4929 30.56 20.65 -67.00
N ALA B 4930 31.54 20.22 -66.20
CA ALA B 4930 31.31 19.11 -65.29
C ALA B 4930 30.26 19.45 -64.25
N ILE B 4931 30.24 20.71 -63.79
CA ILE B 4931 29.23 21.12 -62.81
C ILE B 4931 27.84 21.10 -63.43
N ILE B 4932 27.71 21.58 -64.67
CA ILE B 4932 26.41 21.55 -65.35
C ILE B 4932 25.94 20.11 -65.53
N GLN B 4933 26.84 19.25 -66.02
CA GLN B 4933 26.49 17.85 -66.22
C GLN B 4933 26.10 17.18 -64.91
N GLY B 4934 26.86 17.46 -63.85
CA GLY B 4934 26.53 16.89 -62.55
C GLY B 4934 25.19 17.38 -62.03
N LEU B 4935 24.87 18.66 -62.26
CA LEU B 4935 23.57 19.18 -61.89
C LEU B 4935 22.45 18.40 -62.56
N ILE B 4936 22.56 18.22 -63.89
CA ILE B 4936 21.50 17.51 -64.61
C ILE B 4936 21.40 16.06 -64.15
N ILE B 4937 22.55 15.38 -64.07
CA ILE B 4937 22.55 13.95 -63.72
C ILE B 4937 22.05 13.74 -62.30
N ASP B 4938 22.44 14.61 -61.36
CA ASP B 4938 22.02 14.44 -59.98
C ASP B 4938 20.56 14.83 -59.81
N ALA B 4939 20.07 15.76 -60.63
CA ALA B 4939 18.63 16.03 -60.62
C ALA B 4939 17.83 14.81 -61.05
N PHE B 4940 18.29 14.15 -62.13
CA PHE B 4940 17.62 12.92 -62.55
C PHE B 4940 17.72 11.83 -61.49
N GLY B 4941 18.91 11.69 -60.89
CA GLY B 4941 19.09 10.68 -59.85
C GLY B 4941 18.23 10.95 -58.63
N GLU B 4942 18.11 12.22 -58.25
CA GLU B 4942 17.28 12.58 -57.10
C GLU B 4942 15.81 12.34 -57.40
N LEU B 4943 15.37 12.64 -58.63
CA LEU B 4943 13.98 12.35 -58.98
C LEU B 4943 13.69 10.86 -58.92
N ARG B 4944 14.58 10.03 -59.49
CA ARG B 4944 14.40 8.59 -59.41
C ARG B 4944 14.46 8.11 -57.97
N ASP B 4945 15.34 8.70 -57.16
CA ASP B 4945 15.47 8.34 -55.76
C ASP B 4945 14.18 8.63 -55.01
N GLN B 4946 13.56 9.78 -55.29
CA GLN B 4946 12.28 10.11 -54.68
C GLN B 4946 11.19 9.15 -55.11
N GLN B 4947 11.16 8.80 -56.41
CA GLN B 4947 10.15 7.86 -56.88
C GLN B 4947 10.29 6.50 -56.23
N GLU B 4948 11.51 6.04 -55.96
CA GLU B 4948 11.69 4.80 -55.23
C GLU B 4948 11.36 4.95 -53.74
N GLN B 4949 11.76 6.08 -53.14
CA GLN B 4949 11.59 6.27 -51.71
C GLN B 4949 10.13 6.36 -51.34
N VAL B 4950 9.30 6.93 -52.22
CA VAL B 4950 7.86 6.99 -51.97
C VAL B 4950 7.30 5.58 -51.84
N LYS B 4951 7.65 4.72 -52.80
CA LYS B 4951 7.20 3.34 -52.78
C LYS B 4951 7.70 2.61 -51.55
N GLU B 4952 8.98 2.81 -51.20
CA GLU B 4952 9.54 2.14 -50.03
C GLU B 4952 8.84 2.58 -48.75
N ASP B 4953 8.59 3.88 -48.61
CA ASP B 4953 7.90 4.39 -47.42
C ASP B 4953 6.49 3.84 -47.34
N MET B 4954 5.80 3.74 -48.47
CA MET B 4954 4.46 3.15 -48.44
C MET B 4954 4.50 1.68 -48.10
N GLU B 4955 5.53 0.96 -48.56
CA GLU B 4955 5.66 -0.45 -48.20
C GLU B 4955 6.04 -0.65 -46.74
N THR B 4956 6.68 0.33 -46.09
CA THR B 4956 7.04 0.20 -44.69
C THR B 4956 6.16 1.01 -43.75
N LYS B 4957 5.42 2.00 -44.26
CA LYS B 4957 4.55 2.83 -43.43
C LYS B 4957 3.22 3.02 -44.12
N CYS B 4958 2.15 3.03 -43.34
CA CYS B 4958 0.82 3.20 -43.89
C CYS B 4958 0.42 4.68 -43.91
N PHE B 4959 -0.57 5.00 -44.73
CA PHE B 4959 -0.92 6.39 -45.00
C PHE B 4959 -1.70 7.04 -43.87
N ILE B 4960 -2.57 6.30 -43.19
CA ILE B 4960 -3.53 6.91 -42.27
C ILE B 4960 -2.85 7.36 -40.98
N CYS B 4961 -2.31 6.41 -40.22
CA CYS B 4961 -1.71 6.74 -38.93
C CYS B 4961 -0.18 6.77 -38.96
N GLY B 4962 0.44 6.22 -40.00
CA GLY B 4962 1.88 6.33 -40.16
C GLY B 4962 2.70 5.45 -39.25
N ILE B 4963 2.09 4.50 -38.55
CA ILE B 4963 2.84 3.60 -37.69
C ILE B 4963 3.69 2.68 -38.54
N GLY B 4964 4.97 2.54 -38.19
CA GLY B 4964 5.86 1.73 -38.99
C GLY B 4964 5.51 0.25 -38.95
N SER B 4965 5.91 -0.45 -40.01
CA SER B 4965 5.63 -1.87 -40.12
C SER B 4965 6.46 -2.72 -39.16
N ASP B 4966 7.48 -2.14 -38.52
CA ASP B 4966 8.28 -2.89 -37.57
C ASP B 4966 7.45 -3.35 -36.39
N TYR B 4967 6.57 -2.47 -35.88
CA TYR B 4967 5.69 -2.87 -34.77
C TYR B 4967 4.73 -3.97 -35.19
N PHE B 4968 4.17 -3.87 -36.40
CA PHE B 4968 3.27 -4.90 -36.92
C PHE B 4968 4.01 -6.15 -37.38
N ASP B 4969 5.33 -6.10 -37.50
CA ASP B 4969 6.09 -7.26 -37.97
C ASP B 4969 6.07 -8.41 -36.98
N THR B 4970 5.79 -8.15 -35.71
CA THR B 4970 5.72 -9.23 -34.73
C THR B 4970 4.60 -10.20 -35.06
N THR B 4971 3.42 -9.69 -35.41
CA THR B 4971 2.33 -10.55 -35.84
C THR B 4971 2.57 -10.99 -37.27
N PRO B 4972 2.46 -12.29 -37.57
CA PRO B 4972 2.65 -12.74 -38.95
C PRO B 4972 1.62 -12.12 -39.88
N HIS B 4973 2.12 -11.48 -40.95
CA HIS B 4973 1.29 -10.74 -41.91
C HIS B 4973 0.46 -9.66 -41.22
N GLY B 4974 1.01 -9.08 -40.15
CA GLY B 4974 0.29 -8.04 -39.44
C GLY B 4974 0.11 -6.78 -40.26
N PHE B 4975 1.17 -6.36 -40.95
CA PHE B 4975 1.08 -5.16 -41.79
C PHE B 4975 0.11 -5.37 -42.95
N GLU B 4976 0.10 -6.57 -43.53
CA GLU B 4976 -0.83 -6.85 -44.62
C GLU B 4976 -2.27 -6.76 -44.14
N THR B 4977 -2.58 -7.34 -42.99
CA THR B 4977 -3.93 -7.26 -42.44
C THR B 4977 -4.29 -5.82 -42.09
N HIS B 4978 -3.34 -5.07 -41.53
CA HIS B 4978 -3.59 -3.67 -41.20
C HIS B 4978 -3.93 -2.87 -42.45
N THR B 4979 -3.11 -2.98 -43.49
CA THR B 4979 -3.33 -2.23 -44.71
C THR B 4979 -4.50 -2.77 -45.53
N LEU B 4980 -4.99 -3.96 -45.24
CA LEU B 4980 -6.14 -4.50 -45.95
C LEU B 4980 -7.47 -4.19 -45.27
N GLU B 4981 -7.50 -4.11 -43.94
CA GLU B 4981 -8.78 -3.95 -43.26
C GLU B 4981 -8.82 -2.73 -42.35
N GLU B 4982 -7.72 -2.44 -41.66
CA GLU B 4982 -7.70 -1.43 -40.62
C GLU B 4982 -7.66 -0.01 -41.19
N HIS B 4983 -6.65 0.30 -42.00
CA HIS B 4983 -6.37 1.66 -42.44
C HIS B 4983 -6.29 1.72 -43.97
N ASN B 4984 -7.28 1.16 -44.64
CA ASN B 4984 -7.33 1.17 -46.09
C ASN B 4984 -7.98 2.46 -46.59
N LEU B 4985 -7.34 3.11 -47.56
CA LEU B 4985 -7.91 4.32 -48.16
C LEU B 4985 -9.23 4.01 -48.86
N ALA B 4986 -9.29 2.87 -49.55
CA ALA B 4986 -10.51 2.48 -50.24
C ALA B 4986 -11.67 2.32 -49.26
N ASN B 4987 -11.41 1.71 -48.11
CA ASN B 4987 -12.45 1.56 -47.09
C ASN B 4987 -12.93 2.91 -46.59
N TYR B 4988 -12.01 3.84 -46.36
CA TYR B 4988 -12.40 5.18 -45.89
C TYR B 4988 -13.26 5.90 -46.92
N MET B 4989 -12.85 5.84 -48.20
CA MET B 4989 -13.64 6.52 -49.23
C MET B 4989 -15.00 5.86 -49.42
N PHE B 4990 -15.05 4.54 -49.34
CA PHE B 4990 -16.33 3.83 -49.43
C PHE B 4990 -17.24 4.22 -48.27
N PHE B 4991 -16.69 4.31 -47.06
CA PHE B 4991 -17.50 4.74 -45.92
C PHE B 4991 -18.01 6.17 -46.11
N LEU B 4992 -17.15 7.07 -46.58
CA LEU B 4992 -17.55 8.46 -46.77
C LEU B 4992 -18.69 8.56 -47.77
N MET B 4993 -18.54 7.95 -48.94
CA MET B 4993 -19.56 8.09 -49.95
C MET B 4993 -20.80 7.23 -49.68
N TYR B 4994 -20.69 6.19 -48.84
CA TYR B 4994 -21.87 5.50 -48.36
C TYR B 4994 -22.65 6.36 -47.39
N LEU B 4995 -21.95 7.06 -46.49
CA LEU B 4995 -22.61 8.02 -45.61
C LEU B 4995 -23.26 9.13 -46.43
N ILE B 4996 -22.62 9.52 -47.53
CA ILE B 4996 -23.24 10.47 -48.47
C ILE B 4996 -24.53 9.87 -49.03
N ASN B 4997 -24.48 8.61 -49.45
CA ASN B 4997 -25.67 7.96 -49.99
C ASN B 4997 -26.74 7.79 -48.94
N LYS B 4998 -26.36 7.36 -47.74
CA LYS B 4998 -27.34 7.10 -46.68
C LYS B 4998 -27.88 8.42 -46.12
N ASP B 4999 -29.17 8.44 -45.83
CA ASP B 4999 -29.81 9.63 -45.30
C ASP B 4999 -29.27 10.00 -43.92
N GLU B 5000 -29.36 11.29 -43.60
CA GLU B 5000 -28.85 11.77 -42.33
C GLU B 5000 -29.62 11.18 -41.14
N THR B 5001 -30.92 10.98 -41.31
CA THR B 5001 -31.74 10.45 -40.22
C THR B 5001 -31.33 9.03 -39.85
N GLU B 5002 -30.82 8.26 -40.81
CA GLU B 5002 -30.42 6.88 -40.57
C GLU B 5002 -29.01 6.75 -40.01
N HIS B 5003 -28.29 7.87 -39.85
CA HIS B 5003 -26.93 7.81 -39.35
C HIS B 5003 -26.91 7.38 -37.88
N THR B 5004 -25.90 6.60 -37.53
CA THR B 5004 -25.68 6.22 -36.13
C THR B 5004 -24.97 7.37 -35.40
N GLY B 5005 -24.73 7.17 -34.11
CA GLY B 5005 -24.07 8.20 -33.33
C GLY B 5005 -22.65 8.49 -33.83
N GLN B 5006 -21.88 7.44 -34.06
CA GLN B 5006 -20.53 7.61 -34.59
C GLN B 5006 -20.57 8.18 -36.01
N GLU B 5007 -21.50 7.69 -36.84
CA GLU B 5007 -21.63 8.21 -38.20
C GLU B 5007 -22.05 9.68 -38.18
N SER B 5008 -22.99 10.03 -37.32
CA SER B 5008 -23.40 11.44 -37.21
C SER B 5008 -22.25 12.31 -36.73
N TYR B 5009 -21.47 11.82 -35.77
CA TYR B 5009 -20.32 12.58 -35.28
C TYR B 5009 -19.29 12.79 -36.38
N VAL B 5010 -18.99 11.75 -37.16
CA VAL B 5010 -18.00 11.88 -38.21
C VAL B 5010 -18.52 12.79 -39.33
N TRP B 5011 -19.83 12.74 -39.61
CA TRP B 5011 -20.40 13.65 -40.60
C TRP B 5011 -20.34 15.09 -40.14
N LYS B 5012 -20.62 15.33 -38.85
CA LYS B 5012 -20.51 16.69 -38.32
C LYS B 5012 -19.07 17.19 -38.37
N MET B 5013 -18.11 16.31 -38.05
CA MET B 5013 -16.71 16.70 -38.12
C MET B 5013 -16.29 17.01 -39.56
N TYR B 5014 -16.77 16.22 -40.52
CA TYR B 5014 -16.47 16.50 -41.92
C TYR B 5014 -17.07 17.84 -42.35
N GLN B 5015 -18.31 18.12 -41.93
CA GLN B 5015 -18.95 19.38 -42.26
C GLN B 5015 -18.27 20.57 -41.58
N GLU B 5016 -17.58 20.34 -40.46
CA GLU B 5016 -16.88 21.39 -39.74
C GLU B 5016 -15.49 21.65 -40.31
N ARG B 5017 -15.07 20.89 -41.32
CA ARG B 5017 -13.75 21.03 -41.93
C ARG B 5017 -12.64 20.90 -40.89
N CYS B 5018 -12.79 19.92 -40.01
CA CYS B 5018 -11.80 19.65 -38.97
C CYS B 5018 -11.76 18.14 -38.75
N TRP B 5019 -10.59 17.54 -38.96
CA TRP B 5019 -10.43 16.09 -38.88
C TRP B 5019 -9.62 15.75 -37.63
N ASP B 5020 -10.32 15.45 -36.54
CA ASP B 5020 -9.70 14.90 -35.35
C ASP B 5020 -10.09 13.46 -35.08
N PHE B 5021 -11.03 12.90 -35.84
CA PHE B 5021 -11.42 11.51 -35.67
C PHE B 5021 -10.41 10.54 -36.29
N PHE B 5022 -9.47 11.04 -37.09
CA PHE B 5022 -8.46 10.17 -37.67
C PHE B 5022 -7.59 9.56 -36.58
N PRO B 5023 -7.05 8.36 -36.82
CA PRO B 5023 -6.22 7.71 -35.77
C PRO B 5023 -5.05 8.57 -35.32
N ALA B 5024 -4.39 9.26 -36.26
CA ALA B 5024 -3.28 10.17 -35.93
C ALA B 5024 -2.20 9.45 -35.12
N GLY B 5025 -1.79 8.28 -35.60
CA GLY B 5025 -0.77 7.50 -34.92
C GLY B 5025 -1.26 6.60 -33.82
N ASP B 5026 -2.57 6.39 -33.72
CA ASP B 5026 -3.15 5.50 -32.72
C ASP B 5026 -3.78 4.30 -33.40
N CYS B 5027 -3.43 3.10 -32.93
CA CYS B 5027 -3.91 1.86 -33.52
C CYS B 5027 -4.82 1.15 -32.53
N PHE B 5028 -5.85 0.49 -33.07
CA PHE B 5028 -6.80 -0.23 -32.21
C PHE B 5028 -6.11 -1.36 -31.46
N ARG B 5029 -5.26 -2.13 -32.15
CA ARG B 5029 -4.52 -3.19 -31.48
C ARG B 5029 -3.52 -2.63 -30.48
N LYS B 5030 -2.84 -1.53 -30.83
CA LYS B 5030 -1.88 -0.93 -29.92
C LYS B 5030 -2.56 -0.35 -28.69
N GLN B 5031 -3.75 0.23 -28.87
CA GLN B 5031 -4.46 0.82 -27.74
C GLN B 5031 -4.87 -0.25 -26.73
N TYR B 5032 -5.29 -1.42 -27.21
CA TYR B 5032 -5.74 -2.52 -26.37
C TYR B 5032 -4.79 -3.71 -26.45
N GLU B 5033 -3.48 -3.44 -26.48
CA GLU B 5033 -2.50 -4.51 -26.61
C GLU B 5033 -2.52 -5.43 -25.41
N ASP B 5034 -2.63 -4.88 -24.19
CA ASP B 5034 -2.63 -5.70 -22.99
C ASP B 5034 -3.86 -6.61 -22.94
N GLN B 5035 -5.03 -6.08 -23.31
CA GLN B 5035 -6.26 -6.87 -23.25
C GLN B 5035 -6.34 -7.87 -24.40
N LEU B 5036 -5.84 -7.50 -25.59
CA LEU B 5036 -5.91 -8.41 -26.73
C LEU B 5036 -4.96 -9.58 -26.57
N SER B 5037 -3.89 -9.42 -25.79
CA SER B 5037 -2.92 -10.48 -25.59
C SER B 5037 -3.49 -11.56 -24.67
N GLY C 1 -123.87 42.04 -6.21
CA GLY C 1 -123.20 42.19 -7.49
C GLY C 1 -122.13 43.26 -7.49
N VAL C 2 -121.31 43.28 -8.53
CA VAL C 2 -120.22 44.26 -8.62
C VAL C 2 -120.81 45.63 -8.93
N GLU C 3 -120.15 46.68 -8.44
CA GLU C 3 -120.62 48.04 -8.67
C GLU C 3 -120.14 48.55 -10.02
N ILE C 4 -121.01 49.32 -10.68
CA ILE C 4 -120.75 49.85 -12.01
C ILE C 4 -121.04 51.34 -11.98
N GLU C 5 -120.01 52.15 -12.20
CA GLU C 5 -120.13 53.60 -12.22
C GLU C 5 -119.92 54.05 -13.67
N THR C 6 -120.99 54.50 -14.30
CA THR C 6 -120.97 54.82 -15.73
C THR C 6 -120.19 56.12 -15.94
N ILE C 7 -118.94 55.98 -16.41
CA ILE C 7 -118.16 57.17 -16.75
C ILE C 7 -118.70 57.81 -18.02
N SER C 8 -119.01 57.01 -19.03
CA SER C 8 -119.49 57.51 -20.31
C SER C 8 -120.79 56.79 -20.66
N PRO C 9 -121.84 57.52 -21.06
CA PRO C 9 -123.12 56.87 -21.36
C PRO C 9 -123.03 56.03 -22.63
N GLY C 10 -123.91 55.02 -22.68
CA GLY C 10 -124.01 54.15 -23.84
C GLY C 10 -125.43 54.08 -24.34
N ASP C 11 -125.57 53.58 -25.57
CA ASP C 11 -126.90 53.48 -26.19
C ASP C 11 -127.79 52.51 -25.42
N GLY C 12 -127.26 51.34 -25.08
CA GLY C 12 -128.00 50.34 -24.33
C GLY C 12 -129.04 49.59 -25.12
N ARG C 13 -129.12 49.79 -26.44
CA ARG C 13 -130.13 49.09 -27.23
C ARG C 13 -129.86 47.59 -27.28
N THR C 14 -128.60 47.19 -27.39
CA THR C 14 -128.22 45.79 -27.46
C THR C 14 -127.43 45.41 -26.22
N PHE C 15 -127.56 44.15 -25.79
CA PHE C 15 -126.86 43.64 -24.63
C PHE C 15 -126.19 42.31 -24.98
N PRO C 16 -125.07 41.99 -24.34
CA PRO C 16 -124.39 40.71 -24.61
C PRO C 16 -125.23 39.54 -24.12
N LYS C 17 -125.65 38.70 -25.06
CA LYS C 17 -126.44 37.52 -24.74
C LYS C 17 -125.54 36.32 -24.49
N LYS C 18 -126.13 35.26 -23.93
CA LYS C 18 -125.38 34.06 -23.63
C LYS C 18 -124.98 33.35 -24.92
N GLY C 19 -123.75 32.86 -24.97
CA GLY C 19 -123.25 32.16 -26.12
C GLY C 19 -122.76 33.04 -27.25
N GLN C 20 -122.68 34.33 -27.05
CA GLN C 20 -122.24 35.28 -28.08
C GLN C 20 -120.89 35.85 -27.69
N THR C 21 -119.95 35.82 -28.62
CA THR C 21 -118.61 36.36 -28.36
C THR C 21 -118.68 37.87 -28.17
N CYS C 22 -117.91 38.37 -27.22
CA CYS C 22 -117.93 39.77 -26.82
C CYS C 22 -116.53 40.36 -26.90
N VAL C 23 -116.45 41.59 -27.40
CA VAL C 23 -115.18 42.29 -27.58
C VAL C 23 -115.09 43.39 -26.54
N VAL C 24 -114.01 43.40 -25.76
CA VAL C 24 -113.81 44.36 -24.69
C VAL C 24 -112.44 45.02 -24.83
N HIS C 25 -112.29 46.17 -24.18
CA HIS C 25 -111.01 46.88 -24.07
C HIS C 25 -110.90 47.36 -22.63
N TYR C 26 -110.29 46.53 -21.79
CA TYR C 26 -110.23 46.77 -20.35
C TYR C 26 -108.86 47.31 -19.94
N THR C 27 -108.87 48.13 -18.90
CA THR C 27 -107.68 48.81 -18.36
C THR C 27 -107.66 48.67 -16.84
N GLY C 28 -107.82 47.44 -16.36
CA GLY C 28 -108.01 47.21 -14.94
C GLY C 28 -106.81 47.65 -14.12
N MET C 29 -107.09 48.06 -12.88
CA MET C 29 -106.06 48.52 -11.96
C MET C 29 -106.51 48.23 -10.53
N LEU C 30 -105.55 48.27 -9.61
CA LEU C 30 -105.81 47.99 -8.21
C LEU C 30 -106.35 49.24 -7.50
N GLN C 31 -106.67 49.07 -6.21
CA GLN C 31 -107.17 50.19 -5.42
C GLN C 31 -106.13 51.28 -5.27
N ASN C 32 -104.87 50.90 -5.05
CA ASN C 32 -103.81 51.87 -4.79
C ASN C 32 -103.47 52.71 -6.01
N GLY C 33 -103.97 52.35 -7.20
CA GLY C 33 -103.69 53.08 -8.41
C GLY C 33 -102.66 52.45 -9.31
N LYS C 34 -101.95 51.42 -8.85
CA LYS C 34 -100.96 50.74 -9.65
C LYS C 34 -101.66 49.77 -10.61
N LYS C 35 -101.59 50.05 -11.91
CA LYS C 35 -102.20 49.18 -12.89
C LYS C 35 -101.46 47.85 -12.98
N PHE C 36 -102.18 46.81 -13.38
CA PHE C 36 -101.61 45.48 -13.44
C PHE C 36 -101.77 44.85 -14.83
N ASP C 37 -102.88 45.14 -15.50
CA ASP C 37 -103.14 44.56 -16.80
C ASP C 37 -104.03 45.53 -17.58
N SER C 38 -103.84 45.56 -18.89
CA SER C 38 -104.69 46.34 -19.78
C SER C 38 -104.57 45.76 -21.17
N SER C 39 -105.66 45.81 -21.95
CA SER C 39 -105.64 45.29 -23.30
C SER C 39 -105.39 46.37 -24.35
N ARG C 40 -105.42 47.64 -23.97
CA ARG C 40 -105.26 48.72 -24.94
C ARG C 40 -103.82 48.84 -25.41
N ASP C 41 -102.86 48.73 -24.49
CA ASP C 41 -101.45 48.85 -24.86
C ASP C 41 -101.02 47.73 -25.80
N ARG C 42 -101.51 46.51 -25.56
CA ARG C 42 -101.17 45.38 -26.42
C ARG C 42 -101.76 45.50 -27.81
N ASN C 43 -102.70 46.42 -28.02
CA ASN C 43 -103.34 46.63 -29.32
C ASN C 43 -104.04 45.38 -29.82
N LYS C 44 -104.52 44.55 -28.89
CA LYS C 44 -105.24 43.32 -29.23
C LYS C 44 -106.52 43.26 -28.41
N PRO C 45 -107.68 43.48 -29.02
CA PRO C 45 -108.93 43.40 -28.25
C PRO C 45 -109.15 42.00 -27.69
N PHE C 46 -109.74 41.95 -26.50
CA PHE C 46 -110.02 40.69 -25.82
C PHE C 46 -111.38 40.16 -26.26
N LYS C 47 -111.43 38.87 -26.60
CA LYS C 47 -112.65 38.23 -27.07
C LYS C 47 -113.05 37.12 -26.11
N PHE C 48 -114.31 37.15 -25.68
CA PHE C 48 -114.85 36.13 -24.79
C PHE C 48 -116.36 36.11 -24.95
N ARG C 49 -116.97 35.01 -24.51
CA ARG C 49 -118.41 34.83 -24.61
C ARG C 49 -119.01 34.48 -23.26
N ILE C 50 -120.25 34.92 -23.05
CA ILE C 50 -120.92 34.67 -21.78
C ILE C 50 -121.29 33.19 -21.69
N GLY C 51 -121.02 32.59 -20.52
CA GLY C 51 -121.32 31.20 -20.28
C GLY C 51 -120.14 30.27 -20.35
N LYS C 52 -119.02 30.71 -20.94
CA LYS C 52 -117.84 29.88 -21.01
C LYS C 52 -117.08 29.81 -19.69
N GLN C 53 -117.35 30.73 -18.76
CA GLN C 53 -116.72 30.79 -17.46
C GLN C 53 -115.20 31.00 -17.55
N GLU C 54 -114.70 31.38 -18.72
CA GLU C 54 -113.27 31.66 -18.86
C GLU C 54 -112.87 32.87 -18.01
N VAL C 55 -113.65 33.94 -18.06
CA VAL C 55 -113.38 35.13 -17.26
C VAL C 55 -114.02 34.96 -15.89
N ILE C 56 -113.63 35.83 -14.94
CA ILE C 56 -114.20 35.76 -13.61
C ILE C 56 -115.69 36.02 -13.66
N LYS C 57 -116.42 35.48 -12.67
CA LYS C 57 -117.87 35.65 -12.63
C LYS C 57 -118.27 37.11 -12.51
N GLY C 58 -117.51 37.90 -11.76
CA GLY C 58 -117.80 39.32 -11.67
C GLY C 58 -117.65 40.03 -13.00
N PHE C 59 -116.61 39.66 -13.76
CA PHE C 59 -116.44 40.23 -15.10
C PHE C 59 -117.60 39.85 -16.01
N GLU C 60 -118.05 38.60 -15.94
CA GLU C 60 -119.18 38.17 -16.76
C GLU C 60 -120.45 38.91 -16.38
N GLU C 61 -120.68 39.09 -15.07
CA GLU C 61 -121.86 39.84 -14.63
C GLU C 61 -121.78 41.29 -15.11
N GLY C 62 -120.62 41.92 -15.00
CA GLY C 62 -120.47 43.28 -15.47
C GLY C 62 -120.69 43.41 -16.97
N ALA C 63 -120.18 42.45 -17.73
CA ALA C 63 -120.42 42.43 -19.18
C ALA C 63 -121.90 42.26 -19.48
N ALA C 64 -122.59 41.42 -18.69
CA ALA C 64 -124.03 41.28 -18.85
C ALA C 64 -124.74 42.60 -18.59
N GLN C 65 -124.30 43.35 -17.57
CA GLN C 65 -124.90 44.66 -17.34
C GLN C 65 -124.36 45.70 -18.32
N MET C 66 -123.20 45.45 -18.93
CA MET C 66 -122.54 46.38 -19.83
C MET C 66 -123.34 46.57 -21.11
N SER C 67 -123.09 47.70 -21.77
CA SER C 67 -123.78 48.06 -23.00
C SER C 67 -122.77 48.47 -24.06
N LEU C 68 -123.18 48.36 -25.32
CA LEU C 68 -122.32 48.72 -26.43
C LEU C 68 -122.03 50.21 -26.42
N GLY C 69 -120.77 50.56 -26.67
CA GLY C 69 -120.36 51.95 -26.71
C GLY C 69 -120.52 52.65 -25.38
N GLN C 70 -120.20 51.99 -24.27
CA GLN C 70 -120.34 52.54 -22.94
C GLN C 70 -119.07 52.30 -22.15
N ARG C 71 -118.60 53.33 -21.46
CA ARG C 71 -117.42 53.25 -20.60
C ARG C 71 -117.84 53.42 -19.16
N ALA C 72 -117.45 52.47 -18.30
CA ALA C 72 -117.78 52.52 -16.90
C ALA C 72 -116.67 51.85 -16.09
N LYS C 73 -116.62 52.20 -14.81
CA LYS C 73 -115.64 51.63 -13.89
C LYS C 73 -116.28 50.47 -13.14
N LEU C 74 -115.62 49.31 -13.17
CA LEU C 74 -116.15 48.08 -12.60
C LEU C 74 -115.17 47.60 -11.52
N THR C 75 -115.65 47.50 -10.29
CA THR C 75 -114.84 47.07 -9.16
C THR C 75 -115.33 45.71 -8.67
N CYS C 76 -114.39 44.89 -8.20
CA CYS C 76 -114.68 43.54 -7.75
C CYS C 76 -114.17 43.32 -6.33
N THR C 77 -115.03 42.78 -5.48
CA THR C 77 -114.59 42.33 -4.18
C THR C 77 -113.68 41.11 -4.32
N PRO C 78 -112.69 40.95 -3.44
CA PRO C 78 -111.75 39.83 -3.60
C PRO C 78 -112.39 38.46 -3.50
N ASP C 79 -113.59 38.37 -2.93
CA ASP C 79 -114.25 37.07 -2.80
C ASP C 79 -114.60 36.49 -4.18
N VAL C 80 -115.28 37.27 -5.02
CA VAL C 80 -115.66 36.77 -6.33
C VAL C 80 -114.45 36.68 -7.26
N ALA C 81 -113.56 37.67 -7.21
CA ALA C 81 -112.42 37.76 -8.11
C ALA C 81 -111.17 37.29 -7.37
N TYR C 82 -110.68 36.11 -7.72
CA TYR C 82 -109.47 35.53 -7.15
C TYR C 82 -109.58 35.42 -5.62
N GLY C 83 -110.52 34.60 -5.19
CA GLY C 83 -110.70 34.37 -3.75
C GLY C 83 -109.44 33.77 -3.15
N ALA C 84 -109.06 34.29 -1.98
CA ALA C 84 -107.82 33.91 -1.28
C ALA C 84 -106.67 34.18 -2.25
N THR C 85 -105.73 33.26 -2.42
CA THR C 85 -104.66 33.47 -3.39
C THR C 85 -105.18 33.24 -4.80
N GLY C 86 -104.61 33.98 -5.75
CA GLY C 86 -105.00 33.86 -7.14
C GLY C 86 -104.05 34.55 -8.09
N HIS C 87 -103.65 33.85 -9.16
CA HIS C 87 -102.71 34.34 -10.15
C HIS C 87 -101.45 34.87 -9.49
N PRO C 88 -100.60 33.99 -8.96
CA PRO C 88 -99.40 34.47 -8.25
C PRO C 88 -98.48 35.25 -9.18
N GLY C 89 -97.87 36.29 -8.63
CA GLY C 89 -96.99 37.16 -9.38
C GLY C 89 -97.66 38.35 -10.02
N VAL C 90 -98.99 38.39 -10.08
CA VAL C 90 -99.71 39.50 -10.67
C VAL C 90 -100.67 40.09 -9.64
N ILE C 91 -101.62 39.29 -9.19
CA ILE C 91 -102.66 39.72 -8.26
C ILE C 91 -102.27 39.26 -6.86
N PRO C 92 -102.01 40.17 -5.91
CA PRO C 92 -101.73 39.73 -4.55
C PRO C 92 -102.96 39.09 -3.93
N PRO C 93 -102.77 38.15 -3.00
CA PRO C 93 -103.93 37.51 -2.37
C PRO C 93 -104.78 38.50 -1.59
N ASN C 94 -106.10 38.26 -1.60
CA ASN C 94 -107.07 39.10 -0.89
C ASN C 94 -106.97 40.57 -1.33
N ALA C 95 -106.98 40.78 -2.64
CA ALA C 95 -106.90 42.12 -3.22
C ALA C 95 -108.06 42.33 -4.17
N THR C 96 -108.63 43.53 -4.12
CA THR C 96 -109.73 43.88 -5.02
C THR C 96 -109.21 44.16 -6.42
N LEU C 97 -110.13 44.16 -7.38
CA LEU C 97 -109.82 44.44 -8.77
C LEU C 97 -110.81 45.46 -9.32
N ILE C 98 -110.29 46.55 -9.88
CA ILE C 98 -111.09 47.61 -10.48
C ILE C 98 -110.79 47.63 -11.96
N PHE C 99 -111.82 47.47 -12.79
CA PHE C 99 -111.67 47.37 -14.23
C PHE C 99 -112.39 48.52 -14.92
N ASP C 100 -111.85 48.92 -16.07
CA ASP C 100 -112.44 49.95 -16.92
C ASP C 100 -112.68 49.24 -18.25
N VAL C 101 -113.84 48.61 -18.39
CA VAL C 101 -114.19 47.83 -19.56
C VAL C 101 -115.03 48.68 -20.50
N GLU C 102 -114.92 48.42 -21.81
CA GLU C 102 -115.62 49.17 -22.83
C GLU C 102 -115.86 48.28 -24.05
N LEU C 103 -117.06 48.37 -24.61
CA LEU C 103 -117.45 47.58 -25.77
C LEU C 103 -117.13 48.37 -27.03
N LEU C 104 -116.14 47.89 -27.81
CA LEU C 104 -115.94 48.43 -29.14
C LEU C 104 -117.03 47.96 -30.09
N ASN C 105 -117.35 46.65 -30.04
CA ASN C 105 -118.39 46.08 -30.88
C ASN C 105 -118.74 44.69 -30.33
N LEU C 106 -119.87 44.17 -30.79
CA LEU C 106 -120.29 42.83 -30.43
C LEU C 106 -119.77 41.84 -31.49
N GLU C 107 -120.27 40.61 -31.45
CA GLU C 107 -119.87 39.57 -32.40
C GLU C 107 -120.23 39.96 -33.83
N MET D 1 -88.36 -9.16 -33.90
CA MET D 1 -87.95 -7.83 -34.30
C MET D 1 -89.15 -7.01 -34.76
N ALA D 2 -89.28 -5.79 -34.20
CA ALA D 2 -90.37 -4.92 -34.59
C ALA D 2 -90.20 -4.40 -36.01
N ASP D 3 -88.97 -4.28 -36.49
CA ASP D 3 -88.71 -3.79 -37.84
C ASP D 3 -89.06 -4.80 -38.92
N GLN D 4 -89.33 -6.06 -38.54
CA GLN D 4 -89.70 -7.07 -39.53
C GLN D 4 -91.02 -6.74 -40.21
N LEU D 5 -91.99 -6.22 -39.44
CA LEU D 5 -93.29 -5.87 -40.00
C LEU D 5 -93.15 -4.73 -41.00
N THR D 6 -93.96 -4.78 -42.06
CA THR D 6 -93.93 -3.76 -43.09
C THR D 6 -94.55 -2.46 -42.58
N GLU D 7 -94.26 -1.37 -43.30
CA GLU D 7 -94.79 -0.06 -42.92
C GLU D 7 -96.31 -0.04 -43.03
N GLU D 8 -96.86 -0.69 -44.07
CA GLU D 8 -98.32 -0.75 -44.22
C GLU D 8 -98.96 -1.48 -43.04
N GLN D 9 -98.34 -2.58 -42.58
CA GLN D 9 -98.86 -3.29 -41.43
C GLN D 9 -98.81 -2.42 -40.18
N ILE D 10 -97.74 -1.66 -40.00
CA ILE D 10 -97.64 -0.76 -38.86
C ILE D 10 -98.73 0.30 -38.91
N ALA D 11 -98.97 0.87 -40.09
CA ALA D 11 -100.02 1.89 -40.22
C ALA D 11 -101.39 1.30 -39.95
N GLU D 12 -101.66 0.08 -40.45
CA GLU D 12 -102.93 -0.57 -40.20
C GLU D 12 -103.13 -0.84 -38.70
N PHE D 13 -102.08 -1.32 -38.03
CA PHE D 13 -102.17 -1.56 -36.60
C PHE D 13 -102.39 -0.26 -35.84
N LYS D 14 -101.74 0.82 -36.25
CA LYS D 14 -101.94 2.10 -35.60
C LYS D 14 -103.37 2.59 -35.77
N GLU D 15 -103.92 2.45 -36.98
CA GLU D 15 -105.31 2.85 -37.21
C GLU D 15 -106.26 2.00 -36.38
N ALA D 16 -106.03 0.69 -36.32
CA ALA D 16 -106.90 -0.19 -35.54
C ALA D 16 -106.85 0.16 -34.06
N PHE D 17 -105.66 0.43 -33.53
CA PHE D 17 -105.53 0.79 -32.12
C PHE D 17 -106.16 2.14 -31.84
N SER D 18 -106.02 3.09 -32.77
CA SER D 18 -106.66 4.39 -32.60
C SER D 18 -108.19 4.25 -32.59
N LEU D 19 -108.72 3.37 -33.43
CA LEU D 19 -110.16 3.11 -33.40
C LEU D 19 -110.59 2.49 -32.09
N PHE D 20 -109.68 1.81 -31.38
CA PHE D 20 -109.96 1.19 -30.10
C PHE D 20 -109.24 1.90 -28.96
N ASP D 21 -109.01 3.20 -29.10
CA ASP D 21 -108.33 4.01 -28.10
C ASP D 21 -109.28 4.99 -27.41
N LYS D 22 -110.50 4.52 -27.13
CA LYS D 22 -111.47 5.38 -26.47
C LYS D 22 -111.03 5.78 -25.07
N ASP D 23 -110.26 4.92 -24.39
CA ASP D 23 -109.76 5.26 -23.07
C ASP D 23 -108.79 6.44 -23.12
N GLY D 24 -107.93 6.47 -24.13
CA GLY D 24 -106.97 7.53 -24.32
C GLY D 24 -105.58 7.22 -23.81
N ASP D 25 -105.44 6.22 -22.94
CA ASP D 25 -104.14 5.80 -22.42
C ASP D 25 -103.59 4.58 -23.13
N GLY D 26 -104.27 4.10 -24.17
CA GLY D 26 -103.83 2.93 -24.90
C GLY D 26 -104.14 1.60 -24.25
N THR D 27 -104.90 1.60 -23.15
CA THR D 27 -105.22 0.35 -22.48
C THR D 27 -106.13 -0.51 -23.34
N ILE D 28 -105.79 -1.80 -23.44
CA ILE D 28 -106.58 -2.76 -24.20
C ILE D 28 -106.62 -4.07 -23.43
N THR D 29 -107.82 -4.61 -23.24
CA THR D 29 -107.99 -5.87 -22.53
C THR D 29 -107.74 -7.05 -23.48
N THR D 30 -107.81 -8.26 -22.93
CA THR D 30 -107.64 -9.45 -23.74
C THR D 30 -108.75 -9.57 -24.78
N LYS D 31 -109.99 -9.27 -24.38
CA LYS D 31 -111.10 -9.29 -25.34
C LYS D 31 -110.90 -8.25 -26.42
N ALA D 32 -110.44 -7.05 -26.06
CA ALA D 32 -110.17 -6.02 -27.05
C ALA D 32 -109.07 -6.45 -28.02
N LEU D 33 -108.01 -7.08 -27.50
CA LEU D 33 -106.95 -7.57 -28.36
C LEU D 33 -107.46 -8.65 -29.31
N GLY D 34 -108.29 -9.55 -28.80
CA GLY D 34 -108.87 -10.58 -29.67
C GLY D 34 -109.76 -10.00 -30.74
N THR D 35 -110.57 -8.99 -30.39
CA THR D 35 -111.41 -8.32 -31.38
C THR D 35 -110.57 -7.62 -32.43
N VAL D 36 -109.49 -6.96 -32.01
CA VAL D 36 -108.60 -6.30 -32.97
C VAL D 36 -107.96 -7.31 -33.90
N MET D 37 -107.51 -8.45 -33.36
CA MET D 37 -106.92 -9.49 -34.19
C MET D 37 -107.94 -10.04 -35.18
N ARG D 38 -109.18 -10.25 -34.73
CA ARG D 38 -110.22 -10.74 -35.64
C ARG D 38 -110.51 -9.73 -36.74
N SER D 39 -110.55 -8.44 -36.39
CA SER D 39 -110.76 -7.41 -37.40
C SER D 39 -109.62 -7.38 -38.40
N LEU D 40 -108.38 -7.56 -37.92
CA LEU D 40 -107.22 -7.59 -38.80
C LEU D 40 -107.16 -8.86 -39.65
N GLY D 41 -108.01 -9.85 -39.38
CA GLY D 41 -108.01 -11.09 -40.11
C GLY D 41 -107.18 -12.20 -39.52
N GLN D 42 -106.43 -11.92 -38.45
CA GLN D 42 -105.65 -12.98 -37.81
C GLN D 42 -106.55 -14.06 -37.22
N ASN D 43 -107.65 -13.65 -36.58
CA ASN D 43 -108.59 -14.56 -35.95
C ASN D 43 -107.92 -15.52 -34.96
N PRO D 44 -107.13 -14.99 -34.03
CA PRO D 44 -106.48 -15.87 -33.05
C PRO D 44 -107.49 -16.53 -32.12
N THR D 45 -107.14 -17.74 -31.68
CA THR D 45 -107.99 -18.49 -30.78
C THR D 45 -107.92 -17.88 -29.37
N GLU D 46 -108.90 -18.25 -28.55
CA GLU D 46 -108.93 -17.77 -27.17
C GLU D 46 -107.72 -18.24 -26.38
N ALA D 47 -107.35 -19.52 -26.54
CA ALA D 47 -106.17 -20.03 -25.87
C ALA D 47 -104.90 -19.34 -26.38
N GLU D 48 -104.80 -19.13 -27.69
CA GLU D 48 -103.65 -18.44 -28.24
C GLU D 48 -103.57 -17.00 -27.74
N LEU D 49 -104.73 -16.32 -27.67
CA LEU D 49 -104.75 -14.95 -27.16
C LEU D 49 -104.33 -14.91 -25.69
N GLN D 50 -104.81 -15.86 -24.89
CA GLN D 50 -104.43 -15.91 -23.48
C GLN D 50 -102.93 -16.18 -23.33
N ASP D 51 -102.38 -17.07 -24.15
CA ASP D 51 -100.95 -17.35 -24.10
C ASP D 51 -100.14 -16.13 -24.49
N MET D 52 -100.58 -15.40 -25.52
CA MET D 52 -99.88 -14.19 -25.94
C MET D 52 -99.94 -13.12 -24.86
N ILE D 53 -101.09 -12.98 -24.20
CA ILE D 53 -101.22 -12.01 -23.11
C ILE D 53 -100.30 -12.38 -21.96
N ASN D 54 -100.25 -13.67 -21.61
CA ASN D 54 -99.40 -14.10 -20.51
C ASN D 54 -97.92 -13.94 -20.84
N GLU D 55 -97.53 -14.15 -22.10
CA GLU D 55 -96.14 -14.00 -22.49
C GLU D 55 -95.68 -12.55 -22.32
N VAL D 56 -96.52 -11.59 -22.69
CA VAL D 56 -96.17 -10.19 -22.57
C VAL D 56 -96.24 -9.75 -21.10
N GLY D 62 -107.36 -4.74 -19.27
CA GLY D 62 -106.02 -5.26 -19.43
C GLY D 62 -104.96 -4.18 -19.51
N THR D 63 -103.71 -4.56 -19.32
CA THR D 63 -102.58 -3.64 -19.36
C THR D 63 -101.83 -3.69 -20.69
N ILE D 64 -102.37 -4.38 -21.69
CA ILE D 64 -101.73 -4.47 -23.00
C ILE D 64 -101.89 -3.14 -23.72
N ASP D 65 -100.81 -2.37 -23.80
CA ASP D 65 -100.85 -1.04 -24.39
C ASP D 65 -100.51 -1.14 -25.88
N PHE D 66 -100.31 0.02 -26.51
CA PHE D 66 -99.94 0.06 -27.93
C PHE D 66 -98.62 -0.67 -28.21
N PRO D 67 -97.50 -0.38 -27.52
CA PRO D 67 -96.25 -1.05 -27.90
C PRO D 67 -96.24 -2.54 -27.60
N ALA D 68 -96.91 -2.98 -26.53
CA ALA D 68 -97.00 -4.41 -26.26
C ALA D 68 -97.76 -5.13 -27.35
N PHE D 69 -98.88 -4.55 -27.80
CA PHE D 69 -99.64 -5.13 -28.91
C PHE D 69 -98.81 -5.15 -30.18
N LEU D 70 -98.04 -4.09 -30.44
CA LEU D 70 -97.18 -4.07 -31.61
C LEU D 70 -96.12 -5.17 -31.54
N THR D 71 -95.52 -5.36 -30.37
CA THR D 71 -94.52 -6.41 -30.21
C THR D 71 -95.13 -7.79 -30.41
N MET D 72 -96.33 -8.01 -29.87
CA MET D 72 -97.01 -9.29 -30.07
C MET D 72 -97.32 -9.53 -31.53
N MET D 73 -97.80 -8.50 -32.24
CA MET D 73 -98.10 -8.64 -33.66
C MET D 73 -96.83 -8.91 -34.46
N ALA D 74 -95.73 -8.23 -34.13
CA ALA D 74 -94.47 -8.47 -34.81
C ALA D 74 -93.98 -9.90 -34.59
N ARG D 75 -94.10 -10.40 -33.36
CA ARG D 75 -93.72 -11.78 -33.09
C ARG D 75 -94.57 -12.76 -33.86
N LYS D 76 -95.89 -12.49 -33.93
CA LYS D 76 -96.78 -13.37 -34.70
C LYS D 76 -96.42 -13.35 -36.18
N MET D 77 -96.12 -12.17 -36.72
CA MET D 77 -95.75 -12.07 -38.13
C MET D 77 -94.43 -12.80 -38.39
N LYS D 78 -93.47 -12.68 -37.48
CA LYS D 78 -92.21 -13.41 -37.64
C LYS D 78 -92.44 -14.91 -37.61
N ASP D 79 -93.32 -15.37 -36.71
CA ASP D 79 -93.66 -16.79 -36.69
C ASP D 79 -94.39 -17.21 -37.96
N THR D 80 -95.28 -16.34 -38.46
CA THR D 80 -96.04 -16.63 -39.67
C THR D 80 -95.21 -16.52 -40.95
N ASP D 81 -93.98 -16.01 -40.86
CA ASP D 81 -93.14 -15.85 -42.05
C ASP D 81 -92.57 -17.17 -42.56
N SER D 82 -93.01 -18.31 -42.02
CA SER D 82 -92.51 -19.60 -42.50
C SER D 82 -92.90 -19.84 -43.95
N GLU D 83 -94.13 -19.46 -44.32
CA GLU D 83 -94.57 -19.65 -45.70
C GLU D 83 -93.72 -18.84 -46.67
N GLU D 84 -93.41 -17.60 -46.31
CA GLU D 84 -92.53 -16.79 -47.15
C GLU D 84 -91.13 -17.41 -47.24
N GLU D 85 -90.62 -17.92 -46.12
CA GLU D 85 -89.32 -18.59 -46.14
C GLU D 85 -89.36 -19.84 -47.00
N ILE D 86 -90.44 -20.61 -46.94
CA ILE D 86 -90.56 -21.82 -47.75
C ILE D 86 -90.61 -21.45 -49.23
N ARG D 87 -91.37 -20.41 -49.59
CA ARG D 87 -91.42 -19.97 -50.98
C ARG D 87 -90.06 -19.49 -51.45
N GLU D 88 -89.34 -18.76 -50.61
CA GLU D 88 -88.00 -18.30 -50.97
C GLU D 88 -87.05 -19.47 -51.18
N ALA D 89 -87.12 -20.48 -50.31
CA ALA D 89 -86.27 -21.66 -50.47
C ALA D 89 -86.61 -22.40 -51.76
N PHE D 90 -87.91 -22.52 -52.08
CA PHE D 90 -88.30 -23.17 -53.32
C PHE D 90 -87.81 -22.40 -54.53
N ARG D 91 -87.89 -21.07 -54.49
CA ARG D 91 -87.41 -20.26 -55.60
C ARG D 91 -85.90 -20.36 -55.75
N VAL D 92 -85.17 -20.40 -54.63
CA VAL D 92 -83.71 -20.52 -54.69
C VAL D 92 -83.30 -21.88 -55.22
N PHE D 93 -84.03 -22.93 -54.84
CA PHE D 93 -83.70 -24.27 -55.32
C PHE D 93 -83.89 -24.37 -56.82
N ASP D 94 -84.95 -23.78 -57.35
CA ASP D 94 -85.24 -23.82 -58.77
C ASP D 94 -85.79 -22.46 -59.20
N LYS D 95 -85.07 -21.78 -60.09
CA LYS D 95 -85.54 -20.49 -60.59
C LYS D 95 -86.83 -20.65 -61.38
N ASP D 96 -86.93 -21.69 -62.20
CA ASP D 96 -88.12 -21.94 -63.00
C ASP D 96 -89.16 -22.78 -62.27
N GLY D 97 -88.86 -23.24 -61.06
CA GLY D 97 -89.82 -24.03 -60.30
C GLY D 97 -89.84 -25.51 -60.65
N ASN D 98 -88.92 -25.99 -61.49
CA ASN D 98 -88.89 -27.38 -61.87
C ASN D 98 -88.38 -28.29 -60.75
N GLY D 99 -87.79 -27.73 -59.70
CA GLY D 99 -87.30 -28.53 -58.60
C GLY D 99 -85.96 -29.19 -58.83
N TYR D 100 -85.26 -28.86 -59.92
CA TYR D 100 -83.97 -29.46 -60.22
C TYR D 100 -83.02 -28.40 -60.74
N ILE D 101 -81.72 -28.63 -60.55
CA ILE D 101 -80.70 -27.71 -61.00
C ILE D 101 -79.40 -28.50 -61.17
N SER D 102 -78.59 -28.09 -62.16
CA SER D 102 -77.33 -28.76 -62.40
C SER D 102 -76.33 -28.44 -61.28
N ALA D 103 -75.35 -29.34 -61.13
CA ALA D 103 -74.34 -29.14 -60.10
C ALA D 103 -73.51 -27.88 -60.36
N ALA D 104 -73.10 -27.68 -61.61
CA ALA D 104 -72.37 -26.46 -61.96
C ALA D 104 -73.25 -25.22 -61.78
N ALA D 105 -74.53 -25.31 -62.19
CA ALA D 105 -75.44 -24.20 -62.00
C ALA D 105 -75.66 -23.91 -60.52
N LEU D 106 -75.80 -24.97 -59.71
CA LEU D 106 -75.98 -24.77 -58.27
C LEU D 106 -74.74 -24.12 -57.65
N ARG D 107 -73.55 -24.56 -58.07
CA ARG D 107 -72.32 -23.96 -57.56
C ARG D 107 -72.22 -22.49 -57.95
N HIS D 108 -72.58 -22.17 -59.21
CA HIS D 108 -72.55 -20.78 -59.65
C HIS D 108 -73.55 -19.93 -58.87
N VAL D 109 -74.74 -20.47 -58.61
CA VAL D 109 -75.75 -19.74 -57.85
C VAL D 109 -75.26 -19.50 -56.42
N MET D 110 -74.67 -20.52 -55.80
CA MET D 110 -74.15 -20.37 -54.44
C MET D 110 -73.03 -19.34 -54.40
N THR D 111 -72.13 -19.36 -55.38
CA THR D 111 -71.07 -18.38 -55.43
C THR D 111 -71.62 -16.96 -55.66
N ASN D 112 -72.63 -16.84 -56.53
CA ASN D 112 -73.25 -15.56 -56.84
C ASN D 112 -74.50 -15.32 -56.01
N LEU D 113 -74.58 -15.89 -54.79
CA LEU D 113 -75.74 -15.71 -53.94
C LEU D 113 -75.83 -14.30 -53.36
N GLY D 114 -74.75 -13.51 -53.42
CA GLY D 114 -74.74 -12.18 -52.88
C GLY D 114 -74.39 -12.08 -51.42
N GLU D 115 -74.15 -13.20 -50.74
CA GLU D 115 -73.78 -13.22 -49.34
C GLU D 115 -72.28 -13.43 -49.14
N LYS D 116 -71.49 -13.31 -50.21
CA LYS D 116 -70.03 -13.53 -50.14
C LYS D 116 -69.70 -14.91 -49.61
N LEU D 117 -70.47 -15.91 -50.04
CA LEU D 117 -70.23 -17.28 -49.62
C LEU D 117 -68.94 -17.80 -50.23
N THR D 118 -68.14 -18.49 -49.41
CA THR D 118 -66.88 -19.04 -49.88
C THR D 118 -67.13 -20.20 -50.84
N ASP D 119 -66.22 -20.34 -51.82
CA ASP D 119 -66.33 -21.44 -52.77
C ASP D 119 -66.19 -22.79 -52.07
N GLU D 120 -65.24 -22.89 -51.13
CA GLU D 120 -65.07 -24.13 -50.39
C GLU D 120 -66.30 -24.46 -49.55
N GLU D 121 -66.89 -23.44 -48.92
CA GLU D 121 -68.11 -23.67 -48.14
C GLU D 121 -69.25 -24.12 -49.04
N VAL D 122 -69.38 -23.51 -50.23
CA VAL D 122 -70.43 -23.91 -51.16
C VAL D 122 -70.23 -25.35 -51.61
N ASP D 123 -68.98 -25.72 -51.91
CA ASP D 123 -68.69 -27.09 -52.32
C ASP D 123 -69.00 -28.08 -51.20
N GLU D 124 -68.65 -27.74 -49.96
CA GLU D 124 -68.95 -28.60 -48.83
C GLU D 124 -70.45 -28.76 -48.64
N MET D 125 -71.19 -27.66 -48.77
CA MET D 125 -72.66 -27.74 -48.64
C MET D 125 -73.26 -28.59 -49.74
N ILE D 126 -72.75 -28.46 -50.97
CA ILE D 126 -73.26 -29.27 -52.08
C ILE D 126 -72.96 -30.75 -51.84
N ARG D 127 -71.75 -31.05 -51.36
CA ARG D 127 -71.38 -32.44 -51.08
C ARG D 127 -72.25 -33.02 -49.96
N GLU D 128 -72.51 -32.23 -48.92
CA GLU D 128 -73.35 -32.70 -47.82
C GLU D 128 -74.77 -32.96 -48.29
N ALA D 129 -75.31 -32.07 -49.12
CA ALA D 129 -76.67 -32.18 -49.66
C ALA D 129 -77.70 -32.32 -48.54
N GLY D 135 -75.14 -32.92 -64.11
CA GLY D 135 -76.39 -33.60 -63.85
C GLY D 135 -77.32 -32.81 -62.95
N GLN D 136 -78.61 -32.84 -63.27
CA GLN D 136 -79.60 -32.14 -62.47
C GLN D 136 -79.73 -32.78 -61.08
N VAL D 137 -79.81 -31.93 -60.06
CA VAL D 137 -79.94 -32.41 -58.69
C VAL D 137 -81.36 -32.89 -58.45
N ASN D 138 -81.52 -33.81 -57.50
CA ASN D 138 -82.83 -34.32 -57.16
C ASN D 138 -83.65 -33.27 -56.43
N TYR D 139 -84.97 -33.43 -56.48
CA TYR D 139 -85.87 -32.49 -55.81
C TYR D 139 -85.64 -32.47 -54.31
N GLU D 140 -85.50 -33.65 -53.70
CA GLU D 140 -85.21 -33.72 -52.27
C GLU D 140 -83.85 -33.11 -51.95
N ALA D 141 -82.84 -33.39 -52.78
CA ALA D 141 -81.53 -32.79 -52.58
C ALA D 141 -81.57 -31.28 -52.72
N PHE D 142 -82.30 -30.78 -53.72
CA PHE D 142 -82.43 -29.34 -53.89
C PHE D 142 -83.15 -28.70 -52.71
N VAL D 143 -84.19 -29.34 -52.20
CA VAL D 143 -84.91 -28.81 -51.04
C VAL D 143 -84.00 -28.79 -49.82
N GLN D 144 -83.22 -29.85 -49.62
CA GLN D 144 -82.29 -29.88 -48.48
C GLN D 144 -81.22 -28.80 -48.61
N MET D 145 -80.70 -28.61 -49.82
CA MET D 145 -79.70 -27.56 -50.03
C MET D 145 -80.28 -26.18 -49.78
N MET D 146 -81.51 -25.94 -50.24
CA MET D 146 -82.14 -24.65 -49.99
C MET D 146 -82.38 -24.42 -48.51
N THR D 147 -82.86 -25.45 -47.80
CA THR D 147 -83.04 -25.34 -46.36
C THR D 147 -81.70 -25.19 -45.64
N ALA D 148 -80.70 -25.96 -46.06
CA ALA D 148 -79.35 -25.92 -45.48
C ALA D 148 -79.38 -26.08 -43.96
N GLN E 12 -31.20 -15.13 -6.42
CA GLN E 12 -32.39 -14.55 -5.79
C GLN E 12 -33.66 -14.93 -6.56
N PHE E 13 -33.48 -15.32 -7.82
CA PHE E 13 -34.58 -15.72 -8.69
C PHE E 13 -34.41 -17.18 -9.08
N LEU E 14 -35.46 -17.97 -8.90
CA LEU E 14 -35.39 -19.39 -9.16
C LEU E 14 -35.38 -19.69 -10.65
N ARG E 15 -34.90 -20.88 -10.99
CA ARG E 15 -34.85 -21.38 -12.35
C ARG E 15 -35.35 -22.82 -12.37
N THR E 16 -35.29 -23.44 -13.56
CA THR E 16 -35.73 -24.81 -13.71
C THR E 16 -34.66 -25.77 -13.22
N ASP E 17 -35.04 -27.05 -13.10
CA ASP E 17 -34.14 -28.12 -12.67
C ASP E 17 -33.53 -27.83 -11.30
N ASP E 18 -34.35 -27.31 -10.39
CA ASP E 18 -33.91 -27.00 -9.04
C ASP E 18 -34.91 -27.60 -8.05
N GLU E 19 -34.40 -28.16 -6.96
CA GLU E 19 -35.27 -28.74 -5.95
C GLU E 19 -35.90 -27.63 -5.11
N VAL E 20 -37.22 -27.70 -4.94
CA VAL E 20 -37.97 -26.71 -4.17
C VAL E 20 -38.92 -27.44 -3.23
N VAL E 21 -39.26 -26.77 -2.13
CA VAL E 21 -40.21 -27.28 -1.15
C VAL E 21 -41.20 -26.16 -0.84
N LEU E 22 -42.49 -26.45 -1.04
CA LEU E 22 -43.53 -25.46 -0.79
C LEU E 22 -43.88 -25.43 0.70
N GLN E 23 -43.86 -24.24 1.30
CA GLN E 23 -44.16 -24.08 2.71
C GLN E 23 -45.05 -22.86 2.89
N CYS E 24 -46.01 -22.96 3.81
CA CYS E 24 -46.93 -21.86 4.09
C CYS E 24 -47.45 -21.99 5.52
N SER E 25 -48.01 -20.90 6.02
CA SER E 25 -48.58 -20.83 7.35
C SER E 25 -50.07 -20.62 7.25
N ALA E 26 -50.85 -21.42 7.97
CA ALA E 26 -52.29 -21.32 7.95
C ALA E 26 -52.89 -21.67 9.32
N GLN E 32 -50.73 -20.18 12.56
CA GLN E 32 -49.67 -19.71 11.67
C GLN E 32 -48.52 -20.71 11.62
N LEU E 33 -48.83 -21.97 11.90
CA LEU E 33 -47.81 -23.02 11.86
C LEU E 33 -47.40 -23.30 10.41
N LYS E 34 -46.10 -23.52 10.22
CA LYS E 34 -45.60 -23.80 8.87
C LYS E 34 -46.06 -25.18 8.42
N LEU E 35 -46.58 -25.25 7.19
CA LEU E 35 -47.08 -26.49 6.62
C LEU E 35 -46.38 -26.75 5.30
N CYS E 36 -45.91 -27.97 5.10
CA CYS E 36 -45.25 -28.38 3.86
C CYS E 36 -45.94 -29.61 3.30
N LEU E 37 -46.28 -29.56 2.01
CA LEU E 37 -46.93 -30.70 1.37
C LEU E 37 -45.94 -31.86 1.24
N ALA E 38 -46.43 -33.06 1.50
CA ALA E 38 -45.61 -34.26 1.43
C ALA E 38 -46.47 -35.45 1.03
N ALA E 39 -45.80 -36.48 0.51
CA ALA E 39 -46.48 -37.70 0.12
C ALA E 39 -45.51 -38.87 0.29
N GLU E 40 -46.01 -39.96 0.85
CA GLU E 40 -45.19 -41.15 1.08
C GLU E 40 -44.98 -41.86 -0.25
N GLY E 41 -43.73 -41.95 -0.69
CA GLY E 41 -43.42 -42.62 -1.94
C GLY E 41 -43.71 -44.11 -1.87
N PHE E 42 -44.24 -44.64 -2.97
CA PHE E 42 -44.57 -46.05 -3.14
C PHE E 42 -45.57 -46.56 -2.11
N GLY E 43 -46.21 -45.67 -1.35
CA GLY E 43 -47.22 -46.07 -0.40
C GLY E 43 -48.60 -45.60 -0.78
N ASN E 44 -49.06 -44.51 -0.17
CA ASN E 44 -50.35 -43.91 -0.49
C ASN E 44 -50.13 -42.76 -1.47
N ARG E 45 -50.90 -42.75 -2.56
CA ARG E 45 -50.74 -41.72 -3.58
C ARG E 45 -51.21 -40.35 -3.09
N LEU E 46 -52.14 -40.33 -2.14
CA LEU E 46 -52.66 -39.06 -1.63
C LEU E 46 -51.57 -38.31 -0.87
N CYS E 47 -51.54 -36.99 -1.05
CA CYS E 47 -50.58 -36.14 -0.38
C CYS E 47 -51.15 -35.63 0.94
N PHE E 48 -50.30 -35.63 1.98
CA PHE E 48 -50.70 -35.20 3.31
C PHE E 48 -49.82 -34.04 3.76
N LEU E 49 -50.42 -33.08 4.45
CA LEU E 49 -49.67 -31.95 4.97
C LEU E 49 -48.75 -32.42 6.10
N GLU E 50 -47.54 -31.88 6.13
CA GLU E 50 -46.54 -32.22 7.14
C GLU E 50 -46.20 -31.00 7.97
N PRO E 51 -46.79 -30.84 9.16
CA PRO E 51 -46.47 -29.68 10.00
C PRO E 51 -45.03 -29.74 10.50
N THR E 52 -44.44 -28.56 10.68
CA THR E 52 -43.08 -28.42 11.18
C THR E 52 -43.05 -27.61 12.48
N SER E 53 -44.16 -27.60 13.22
CA SER E 53 -44.21 -26.86 14.48
C SER E 53 -43.24 -27.43 15.50
N ASN E 54 -43.15 -28.76 15.58
CA ASN E 54 -42.27 -29.43 16.53
C ASN E 54 -40.84 -29.59 16.01
N ALA E 55 -40.45 -28.81 15.00
CA ALA E 55 -39.10 -28.92 14.47
C ALA E 55 -38.05 -28.53 15.50
N GLN E 56 -38.40 -27.67 16.45
CA GLN E 56 -37.47 -27.28 17.50
C GLN E 56 -37.15 -28.43 18.46
N ASN E 57 -38.01 -29.45 18.52
CA ASN E 57 -37.80 -30.59 19.40
C ASN E 57 -37.53 -31.88 18.64
N VAL E 58 -38.42 -32.25 17.72
CA VAL E 58 -38.24 -33.48 16.94
C VAL E 58 -37.95 -33.12 15.50
N PRO E 59 -37.22 -33.94 14.75
CA PRO E 59 -36.92 -33.61 13.35
C PRO E 59 -38.07 -34.02 12.44
N PRO E 60 -38.69 -33.07 11.77
CA PRO E 60 -39.77 -33.41 10.82
C PRO E 60 -39.21 -34.03 9.55
N ASP E 61 -40.06 -34.81 8.90
CA ASP E 61 -39.67 -35.45 7.65
C ASP E 61 -39.52 -34.41 6.54
N LEU E 62 -38.47 -34.55 5.74
CA LEU E 62 -38.19 -33.61 4.66
C LEU E 62 -37.88 -34.27 3.33
N ALA E 63 -37.55 -35.57 3.30
CA ALA E 63 -37.24 -36.23 2.04
C ALA E 63 -38.49 -36.39 1.18
N ILE E 64 -39.67 -36.47 1.80
CA ILE E 64 -40.91 -36.64 1.06
C ILE E 64 -41.49 -35.31 0.57
N CYS E 65 -40.87 -34.19 0.91
CA CYS E 65 -41.36 -32.88 0.50
C CYS E 65 -40.56 -32.27 -0.64
N CYS E 66 -39.45 -32.88 -1.05
CA CYS E 66 -38.62 -32.31 -2.11
C CYS E 66 -39.30 -32.48 -3.46
N PHE E 67 -39.37 -31.39 -4.22
CA PHE E 67 -39.96 -31.38 -5.55
C PHE E 67 -39.06 -30.62 -6.51
N THR E 68 -39.01 -31.07 -7.75
CA THR E 68 -38.17 -30.46 -8.78
C THR E 68 -39.04 -30.00 -9.94
N LEU E 69 -38.69 -28.85 -10.52
CA LEU E 69 -39.44 -28.29 -11.63
C LEU E 69 -38.84 -28.80 -12.94
N GLU E 70 -39.56 -29.69 -13.62
CA GLU E 70 -39.04 -30.28 -14.85
C GLU E 70 -38.98 -29.27 -15.98
N GLN E 71 -40.04 -28.48 -16.16
CA GLN E 71 -40.09 -27.52 -17.25
C GLN E 71 -40.97 -26.35 -16.85
N SER E 72 -40.80 -25.23 -17.55
CA SER E 72 -41.50 -23.99 -17.26
C SER E 72 -42.19 -23.47 -18.51
N LEU E 73 -42.94 -24.35 -19.19
CA LEU E 73 -43.63 -23.94 -20.45
C LEU E 73 -44.71 -22.89 -20.12
N SER E 74 -45.05 -22.05 -21.10
CA SER E 74 -46.12 -21.02 -20.91
C SER E 74 -47.49 -21.69 -21.05
N VAL E 75 -48.55 -20.98 -20.67
CA VAL E 75 -49.91 -21.59 -20.71
C VAL E 75 -50.27 -22.08 -22.12
N ARG E 76 -50.07 -21.24 -23.13
CA ARG E 76 -50.33 -21.67 -24.53
C ARG E 76 -49.27 -22.69 -24.97
N ALA E 77 -48.06 -22.54 -24.45
CA ALA E 77 -46.98 -23.51 -24.77
C ALA E 77 -47.51 -24.83 -24.21
N LEU E 78 -48.09 -24.81 -23.01
CA LEU E 78 -48.62 -26.04 -22.39
C LEU E 78 -49.74 -26.58 -23.27
N GLN E 79 -50.62 -25.70 -23.73
CA GLN E 79 -51.76 -26.15 -24.57
C GLN E 79 -51.20 -26.79 -25.85
N GLU E 80 -50.20 -26.14 -26.46
CA GLU E 80 -49.58 -26.67 -27.68
C GLU E 80 -48.90 -28.01 -27.35
N MET E 81 -48.22 -28.07 -26.20
CA MET E 81 -47.50 -29.32 -25.84
C MET E 81 -48.53 -30.45 -25.72
N LEU E 82 -49.64 -30.17 -25.05
CA LEU E 82 -50.71 -31.19 -24.89
C LEU E 82 -51.26 -31.51 -26.29
N ALA E 83 -51.39 -30.48 -27.14
CA ALA E 83 -51.90 -30.69 -28.50
C ALA E 83 -50.96 -31.62 -29.28
N ASN E 84 -49.65 -31.44 -29.09
CA ASN E 84 -48.65 -32.30 -29.80
C ASN E 84 -48.85 -33.75 -29.36
N THR E 85 -49.12 -33.97 -28.08
CA THR E 85 -49.33 -35.36 -27.56
C THR E 85 -50.33 -36.09 -28.47
N GLY E 97 -32.76 -26.09 -20.31
CA GLY E 97 -31.89 -25.15 -19.64
C GLY E 97 -32.47 -24.60 -18.35
N HIS E 98 -31.70 -23.77 -17.66
CA HIS E 98 -32.13 -23.16 -16.40
C HIS E 98 -32.91 -21.87 -16.67
N ARG E 99 -34.00 -22.01 -17.41
CA ARG E 99 -34.83 -20.86 -17.73
C ARG E 99 -35.55 -20.36 -16.49
N THR E 100 -35.54 -19.05 -16.29
CA THR E 100 -36.22 -18.45 -15.15
C THR E 100 -37.73 -18.54 -15.33
N LEU E 101 -38.42 -18.98 -14.28
CA LEU E 101 -39.88 -19.08 -14.32
C LEU E 101 -40.49 -17.72 -13.97
N LEU E 102 -41.36 -17.23 -14.84
CA LEU E 102 -42.03 -15.95 -14.62
C LEU E 102 -43.46 -16.18 -14.13
N TYR E 103 -44.09 -15.10 -13.69
CA TYR E 103 -45.49 -15.17 -13.29
C TYR E 103 -46.36 -15.46 -14.51
N GLY E 104 -47.29 -16.39 -14.36
CA GLY E 104 -48.09 -16.85 -15.47
C GLY E 104 -47.48 -17.99 -16.27
N HIS E 105 -46.25 -18.41 -15.93
CA HIS E 105 -45.58 -19.52 -16.59
C HIS E 105 -45.81 -20.79 -15.79
N ALA E 106 -46.43 -21.78 -16.42
CA ALA E 106 -46.74 -23.02 -15.72
C ALA E 106 -45.48 -23.81 -15.42
N ILE E 107 -45.55 -24.66 -14.39
CA ILE E 107 -44.44 -25.52 -14.02
C ILE E 107 -44.95 -26.94 -13.80
N LEU E 108 -44.04 -27.90 -13.90
CA LEU E 108 -44.33 -29.30 -13.65
C LEU E 108 -43.59 -29.75 -12.40
N LEU E 109 -44.32 -30.31 -11.45
CA LEU E 109 -43.77 -30.73 -10.16
C LEU E 109 -43.60 -32.24 -10.14
N ARG E 110 -42.39 -32.69 -9.84
CA ARG E 110 -42.08 -34.12 -9.77
C ARG E 110 -41.43 -34.41 -8.43
N HIS E 111 -41.92 -35.45 -7.75
CA HIS E 111 -41.35 -35.86 -6.47
C HIS E 111 -40.09 -36.67 -6.70
N ALA E 112 -39.00 -36.28 -6.02
CA ALA E 112 -37.73 -36.96 -6.20
C ALA E 112 -37.77 -38.38 -5.63
N HIS E 113 -38.36 -38.55 -4.45
CA HIS E 113 -38.37 -39.86 -3.80
C HIS E 113 -39.26 -40.84 -4.56
N SER E 114 -40.49 -40.41 -4.89
CA SER E 114 -41.43 -41.30 -5.54
C SER E 114 -41.23 -41.39 -7.05
N ARG E 115 -40.42 -40.51 -7.64
CA ARG E 115 -40.20 -40.48 -9.08
C ARG E 115 -41.52 -40.36 -9.84
N MET E 116 -42.43 -39.55 -9.31
CA MET E 116 -43.74 -39.36 -9.89
C MET E 116 -44.08 -37.87 -9.90
N TYR E 117 -44.98 -37.50 -10.80
CA TYR E 117 -45.40 -36.11 -10.97
C TYR E 117 -46.69 -35.87 -10.20
N LEU E 118 -46.70 -34.81 -9.39
CA LEU E 118 -47.88 -34.45 -8.62
C LEU E 118 -49.00 -34.02 -9.56
N SER E 119 -50.20 -34.51 -9.29
CA SER E 119 -51.36 -34.22 -10.14
C SER E 119 -52.60 -34.15 -9.26
N CYS E 120 -53.77 -34.13 -9.91
CA CYS E 120 -55.05 -34.10 -9.22
C CYS E 120 -55.84 -35.35 -9.59
N LEU E 121 -56.31 -36.07 -8.58
CA LEU E 121 -57.07 -37.29 -8.80
C LEU E 121 -58.55 -36.97 -8.98
N THR E 122 -59.23 -37.80 -9.79
CA THR E 122 -60.66 -37.61 -10.02
C THR E 122 -61.47 -37.86 -8.76
N THR E 123 -61.05 -38.82 -7.93
CA THR E 123 -61.75 -39.11 -6.69
C THR E 123 -61.63 -37.94 -5.71
N SER E 124 -62.65 -37.81 -4.86
CA SER E 124 -62.72 -36.73 -3.88
C SER E 124 -63.10 -37.33 -2.53
N ARG E 125 -62.08 -37.67 -1.74
CA ARG E 125 -62.33 -38.22 -0.41
C ARG E 125 -63.03 -37.19 0.49
N SER E 126 -62.58 -35.94 0.44
CA SER E 126 -63.19 -34.89 1.25
C SER E 126 -64.59 -34.58 0.76
N MET E 127 -65.51 -34.39 1.71
CA MET E 127 -66.91 -34.10 1.40
C MET E 127 -67.27 -32.65 1.68
N THR E 128 -66.28 -31.79 1.95
CA THR E 128 -66.58 -30.38 2.22
C THR E 128 -67.18 -29.70 1.00
N ASP E 129 -66.63 -29.96 -0.18
CA ASP E 129 -67.15 -29.40 -1.42
C ASP E 129 -67.19 -30.49 -2.49
N LYS E 130 -68.31 -30.52 -3.22
CA LYS E 130 -68.44 -31.51 -4.29
C LYS E 130 -67.42 -31.27 -5.40
N LEU E 131 -67.18 -30.01 -5.75
CA LEU E 131 -66.21 -29.70 -6.80
C LEU E 131 -64.78 -29.88 -6.34
N ALA E 132 -64.52 -29.89 -5.03
CA ALA E 132 -63.17 -30.04 -4.54
C ALA E 132 -62.64 -31.44 -4.82
N PHE E 133 -61.44 -31.51 -5.41
CA PHE E 133 -60.80 -32.77 -5.75
C PHE E 133 -59.52 -32.91 -4.96
N ASP E 134 -59.15 -34.16 -4.66
CA ASP E 134 -57.92 -34.45 -3.96
C ASP E 134 -56.73 -34.37 -4.91
N VAL E 135 -55.53 -34.29 -4.32
CA VAL E 135 -54.29 -34.22 -5.07
C VAL E 135 -53.45 -35.45 -4.77
N GLY E 136 -52.49 -35.72 -5.65
CA GLY E 136 -51.64 -36.88 -5.48
C GLY E 136 -50.57 -36.91 -6.55
N LEU E 137 -49.68 -37.89 -6.42
CA LEU E 137 -48.57 -38.08 -7.35
C LEU E 137 -48.99 -39.11 -8.41
N GLN E 138 -48.82 -38.75 -9.68
CA GLN E 138 -49.16 -39.63 -10.79
C GLN E 138 -47.87 -40.13 -11.43
N GLU E 139 -47.79 -41.45 -11.63
CA GLU E 139 -46.59 -42.06 -12.18
C GLU E 139 -46.32 -41.55 -13.60
N ASP E 140 -47.35 -41.46 -14.42
CA ASP E 140 -47.19 -41.02 -15.81
C ASP E 140 -47.01 -39.50 -15.86
N ALA E 141 -46.53 -39.03 -17.00
CA ALA E 141 -46.32 -37.60 -17.24
C ALA E 141 -47.31 -37.04 -18.26
N THR E 142 -48.26 -37.84 -18.73
CA THR E 142 -49.23 -37.40 -19.72
C THR E 142 -50.41 -36.69 -19.05
N GLY E 143 -51.17 -35.96 -19.84
CA GLY E 143 -52.32 -35.25 -19.36
C GLY E 143 -51.97 -33.90 -18.76
N GLU E 144 -53.02 -33.11 -18.50
CA GLU E 144 -52.86 -31.79 -17.92
C GLU E 144 -52.97 -31.79 -16.40
N ALA E 145 -53.29 -32.93 -15.79
CA ALA E 145 -53.41 -32.99 -14.34
C ALA E 145 -52.07 -32.76 -13.66
N CYS E 146 -50.99 -33.33 -14.21
CA CYS E 146 -49.68 -33.19 -13.60
C CYS E 146 -49.20 -31.74 -13.63
N TRP E 147 -49.43 -31.05 -14.74
CA TRP E 147 -48.94 -29.68 -14.89
C TRP E 147 -49.79 -28.72 -14.07
N TRP E 148 -49.14 -27.67 -13.55
CA TRP E 148 -49.80 -26.62 -12.80
C TRP E 148 -49.32 -25.26 -13.29
N THR E 149 -50.24 -24.31 -13.35
CA THR E 149 -49.94 -22.97 -13.83
C THR E 149 -49.91 -21.97 -12.68
N MET E 150 -49.10 -20.93 -12.84
CA MET E 150 -48.92 -19.91 -11.82
C MET E 150 -49.72 -18.66 -12.13
N HIS E 151 -50.11 -17.96 -11.07
CA HIS E 151 -50.85 -16.72 -11.13
C HIS E 151 -50.36 -15.82 -10.02
N PRO E 152 -50.49 -14.49 -10.17
CA PRO E 152 -50.02 -13.59 -9.11
C PRO E 152 -51.02 -13.53 -7.96
N ALA E 153 -50.55 -13.89 -6.76
CA ALA E 153 -51.42 -13.89 -5.60
C ALA E 153 -51.91 -12.49 -5.25
N SER E 154 -51.02 -11.50 -5.35
CA SER E 154 -51.35 -10.12 -5.02
C SER E 154 -51.00 -9.22 -6.20
N LYS E 155 -51.31 -7.93 -6.07
CA LYS E 155 -51.04 -6.95 -7.12
C LYS E 155 -49.63 -6.40 -7.05
N GLN E 156 -48.82 -6.81 -6.07
CA GLN E 156 -47.45 -6.32 -5.98
C GLN E 156 -46.63 -6.75 -7.19
N ARG E 157 -46.81 -7.99 -7.64
CA ARG E 157 -46.09 -8.52 -8.79
C ARG E 157 -47.05 -8.58 -9.98
N SER E 158 -46.66 -7.94 -11.07
CA SER E 158 -47.48 -7.93 -12.28
C SER E 158 -47.33 -9.23 -13.05
N GLU E 159 -48.23 -9.45 -13.99
CA GLU E 159 -48.19 -10.64 -14.81
C GLU E 159 -46.97 -10.63 -15.71
N GLY E 160 -46.31 -11.79 -15.81
CA GLY E 160 -45.11 -11.92 -16.60
C GLY E 160 -43.82 -11.62 -15.87
N GLU E 161 -43.89 -11.09 -14.64
CA GLU E 161 -42.69 -10.81 -13.87
C GLU E 161 -42.06 -12.10 -13.36
N LYS E 162 -40.73 -12.08 -13.27
CA LYS E 162 -40.01 -13.24 -12.77
C LYS E 162 -40.32 -13.49 -11.30
N VAL E 163 -40.50 -14.75 -10.94
CA VAL E 163 -40.84 -15.12 -9.57
C VAL E 163 -39.58 -15.09 -8.72
N ARG E 164 -39.65 -14.40 -7.60
CA ARG E 164 -38.53 -14.28 -6.67
C ARG E 164 -38.68 -15.30 -5.54
N VAL E 165 -37.61 -15.43 -4.76
CA VAL E 165 -37.58 -16.38 -3.65
C VAL E 165 -38.37 -15.80 -2.48
N GLY E 166 -39.33 -16.57 -1.98
CA GLY E 166 -40.14 -16.16 -0.85
C GLY E 166 -41.37 -15.36 -1.19
N ASP E 167 -41.58 -15.02 -2.46
CA ASP E 167 -42.76 -14.26 -2.85
C ASP E 167 -44.01 -15.14 -2.79
N ASP E 168 -45.11 -14.55 -2.31
CA ASP E 168 -46.37 -15.28 -2.26
C ASP E 168 -46.88 -15.57 -3.65
N LEU E 169 -47.39 -16.79 -3.85
CA LEU E 169 -47.86 -17.23 -5.14
C LEU E 169 -49.02 -18.21 -4.96
N ILE E 170 -49.83 -18.32 -6.01
CA ILE E 170 -51.01 -19.17 -6.00
C ILE E 170 -50.90 -20.15 -7.16
N LEU E 171 -51.31 -21.40 -6.92
CA LEU E 171 -51.23 -22.47 -7.91
C LEU E 171 -52.63 -22.78 -8.43
N VAL E 172 -52.75 -22.92 -9.74
CA VAL E 172 -54.02 -23.21 -10.40
C VAL E 172 -53.86 -24.51 -11.19
N SER E 173 -54.81 -25.42 -11.01
CA SER E 173 -54.78 -26.67 -11.75
C SER E 173 -55.06 -26.41 -13.23
N VAL E 174 -54.26 -27.03 -14.11
CA VAL E 174 -54.45 -26.83 -15.54
C VAL E 174 -55.74 -27.52 -16.02
N SER E 175 -55.96 -28.75 -15.58
CA SER E 175 -57.11 -29.52 -16.04
C SER E 175 -58.32 -29.32 -15.14
N SER E 176 -58.17 -29.57 -13.84
CA SER E 176 -59.29 -29.46 -12.92
C SER E 176 -59.68 -28.00 -12.66
N GLU E 177 -58.83 -27.05 -13.03
CA GLU E 177 -59.08 -25.62 -12.85
C GLU E 177 -59.27 -25.23 -11.39
N ARG E 178 -58.76 -26.04 -10.47
CA ARG E 178 -58.87 -25.78 -9.04
C ARG E 178 -57.60 -25.10 -8.52
N TYR E 179 -57.63 -24.74 -7.24
CA TYR E 179 -56.48 -24.17 -6.56
C TYR E 179 -56.09 -25.08 -5.40
N LEU E 180 -54.79 -25.33 -5.26
CA LEU E 180 -54.29 -26.18 -4.18
C LEU E 180 -54.50 -25.43 -2.87
N HIS E 181 -55.37 -25.97 -2.02
CA HIS E 181 -55.78 -25.32 -0.78
C HIS E 181 -55.51 -26.24 0.39
N LEU E 182 -55.03 -25.67 1.49
CA LEU E 182 -54.76 -26.43 2.71
C LEU E 182 -56.07 -26.80 3.41
N GLN E 190 -56.18 -31.60 5.84
CA GLN E 190 -56.23 -32.31 4.57
C GLN E 190 -56.10 -31.34 3.39
N VAL E 191 -54.94 -31.36 2.75
CA VAL E 191 -54.68 -30.49 1.61
C VAL E 191 -55.30 -31.11 0.37
N ASP E 192 -56.15 -30.36 -0.32
CA ASP E 192 -56.80 -30.84 -1.53
C ASP E 192 -57.12 -29.65 -2.42
N ALA E 193 -57.28 -29.92 -3.71
CA ALA E 193 -57.60 -28.87 -4.66
C ALA E 193 -59.03 -28.38 -4.45
N SER E 194 -59.20 -27.06 -4.46
CA SER E 194 -60.51 -26.46 -4.24
C SER E 194 -60.55 -25.11 -4.94
N PHE E 195 -61.76 -24.59 -5.13
CA PHE E 195 -61.97 -23.30 -5.78
C PHE E 195 -61.93 -22.13 -4.80
N MET E 196 -61.28 -22.30 -3.65
CA MET E 196 -61.07 -21.22 -2.69
C MET E 196 -59.59 -20.88 -2.67
N GLN E 197 -59.27 -19.62 -2.95
CA GLN E 197 -57.89 -19.20 -3.02
C GLN E 197 -57.28 -19.12 -1.62
N THR E 198 -56.10 -19.71 -1.46
CA THR E 198 -55.38 -19.69 -0.19
C THR E 198 -53.91 -19.45 -0.46
N LEU E 199 -53.28 -18.65 0.40
CA LEU E 199 -51.86 -18.36 0.24
C LEU E 199 -51.03 -19.62 0.44
N TRP E 200 -50.08 -19.86 -0.47
CA TRP E 200 -49.24 -21.05 -0.45
C TRP E 200 -47.89 -20.69 -1.06
N ASN E 201 -46.94 -20.34 -0.19
CA ASN E 201 -45.61 -19.96 -0.64
C ASN E 201 -44.79 -21.20 -0.99
N MET E 202 -43.74 -20.98 -1.77
CA MET E 202 -42.82 -22.03 -2.18
C MET E 202 -41.39 -21.52 -2.06
N ASN E 203 -40.51 -22.32 -1.47
CA ASN E 203 -39.15 -21.92 -1.19
C ASN E 203 -38.17 -22.98 -1.72
N PRO E 204 -37.08 -22.55 -2.34
CA PRO E 204 -36.13 -23.52 -2.92
C PRO E 204 -35.45 -24.37 -1.85
N ILE E 205 -35.14 -25.60 -2.24
CA ILE E 205 -34.44 -26.55 -1.37
C ILE E 205 -33.13 -27.02 -1.99
N CYS E 206 -32.67 -26.38 -3.05
CA CYS E 206 -31.43 -26.76 -3.71
C CYS E 206 -30.23 -26.06 -3.09
N TYR E 213 -20.07 -32.21 -3.96
CA TYR E 213 -20.15 -31.48 -2.70
C TYR E 213 -21.27 -32.01 -1.82
N VAL E 214 -21.02 -32.05 -0.51
CA VAL E 214 -22.02 -32.55 0.43
C VAL E 214 -23.11 -31.51 0.62
N THR E 215 -24.36 -31.94 0.52
CA THR E 215 -25.52 -31.06 0.66
C THR E 215 -26.53 -31.70 1.60
N GLY E 216 -27.36 -30.85 2.21
CA GLY E 216 -28.38 -31.34 3.11
C GLY E 216 -29.43 -32.16 2.40
N GLY E 217 -29.98 -33.14 3.11
CA GLY E 217 -30.95 -34.04 2.55
C GLY E 217 -30.39 -35.11 1.63
N HIS E 218 -29.07 -35.25 1.57
CA HIS E 218 -28.41 -36.20 0.69
C HIS E 218 -27.86 -37.32 1.55
N VAL E 219 -28.27 -38.55 1.27
CA VAL E 219 -27.87 -39.71 2.07
C VAL E 219 -26.44 -40.10 1.71
N LEU E 220 -25.57 -40.12 2.72
CA LEU E 220 -24.17 -40.47 2.52
C LEU E 220 -23.71 -41.35 3.66
N ARG E 221 -22.70 -42.18 3.38
CA ARG E 221 -22.11 -43.08 4.37
C ARG E 221 -20.62 -42.82 4.43
N LEU E 222 -20.14 -42.43 5.62
CA LEU E 222 -18.72 -42.23 5.82
C LEU E 222 -18.01 -43.58 5.93
N PHE E 223 -16.85 -43.69 5.28
CA PHE E 223 -16.10 -44.94 5.21
C PHE E 223 -14.85 -44.82 6.07
N HIS E 224 -14.59 -45.84 6.88
CA HIS E 224 -13.44 -45.83 7.77
C HIS E 224 -12.14 -45.85 6.97
N GLY E 225 -11.20 -44.99 7.37
CA GLY E 225 -9.92 -44.89 6.70
C GLY E 225 -8.99 -46.04 7.01
N GLU E 229 -15.20 -51.37 5.80
CA GLU E 229 -15.03 -50.64 7.06
C GLU E 229 -15.72 -49.28 6.98
N CYS E 230 -16.92 -49.19 7.56
CA CYS E 230 -17.68 -47.94 7.56
C CYS E 230 -18.64 -47.96 8.74
N LEU E 231 -19.07 -46.76 9.12
CA LEU E 231 -20.03 -46.63 10.21
C LEU E 231 -21.40 -47.11 9.73
N THR E 232 -22.06 -47.93 10.56
CA THR E 232 -23.34 -48.50 10.19
C THR E 232 -24.13 -48.80 11.45
N ILE E 233 -25.45 -48.96 11.29
CA ILE E 233 -26.33 -49.33 12.39
C ILE E 233 -26.11 -50.80 12.70
N SER E 234 -26.67 -51.26 13.82
CA SER E 234 -26.52 -52.65 14.23
C SER E 234 -27.14 -53.58 13.18
N ALA E 235 -26.82 -54.87 13.30
CA ALA E 235 -27.29 -55.86 12.34
C ALA E 235 -28.81 -55.92 12.33
N ALA E 236 -29.37 -56.06 11.13
CA ALA E 236 -30.81 -56.13 10.98
C ALA E 236 -31.35 -57.42 11.57
N ASP E 237 -32.55 -57.34 12.14
CA ASP E 237 -33.22 -58.48 12.77
C ASP E 237 -32.36 -59.09 13.88
N SER E 238 -31.87 -58.23 14.77
CA SER E 238 -31.04 -58.63 15.89
C SER E 238 -31.76 -58.38 17.20
N ASP E 239 -31.19 -58.90 18.28
CA ASP E 239 -31.79 -58.74 19.60
C ASP E 239 -31.68 -57.31 20.12
N ASP E 240 -30.82 -56.48 19.52
CA ASP E 240 -30.67 -55.10 19.96
C ASP E 240 -31.75 -54.18 19.41
N GLN E 241 -32.57 -54.66 18.47
CA GLN E 241 -33.66 -53.88 17.88
C GLN E 241 -33.15 -52.59 17.24
N ARG E 242 -31.93 -52.63 16.68
CA ARG E 242 -31.33 -51.48 16.01
C ARG E 242 -31.28 -50.26 16.92
N ARG E 243 -30.98 -50.48 18.20
CA ARG E 243 -30.88 -49.42 19.18
C ARG E 243 -29.45 -49.03 19.50
N LEU E 244 -28.48 -49.54 18.75
CA LEU E 244 -27.07 -49.25 19.00
C LEU E 244 -26.35 -49.14 17.67
N VAL E 245 -25.22 -48.44 17.69
CA VAL E 245 -24.40 -48.20 16.50
C VAL E 245 -23.04 -48.85 16.71
N TYR E 246 -22.62 -49.69 15.76
CA TYR E 246 -21.33 -50.34 15.81
C TYR E 246 -20.63 -50.21 14.46
N TYR E 247 -19.34 -49.93 14.50
CA TYR E 247 -18.54 -49.89 13.27
C TYR E 247 -18.36 -51.30 12.74
N GLU E 248 -18.62 -51.49 11.45
CA GLU E 248 -18.53 -52.80 10.83
C GLU E 248 -17.92 -52.67 9.45
N GLY E 249 -17.35 -53.77 8.96
CA GLY E 249 -16.74 -53.79 7.66
C GLY E 249 -17.13 -55.04 6.89
N GLY E 250 -16.95 -54.97 5.58
CA GLY E 250 -17.27 -56.09 4.70
C GLY E 250 -18.38 -55.79 3.73
N ALA E 251 -19.38 -56.67 3.67
CA ALA E 251 -20.51 -56.49 2.76
C ALA E 251 -21.47 -55.40 3.21
N VAL E 252 -21.31 -54.87 4.42
CA VAL E 252 -22.21 -53.83 4.90
C VAL E 252 -22.06 -52.53 4.13
N CYS E 253 -20.94 -52.35 3.41
CA CYS E 253 -20.73 -51.12 2.65
CA CYS E 253 -20.73 -51.12 2.65
C CYS E 253 -21.73 -50.96 1.51
N THR E 254 -22.35 -52.05 1.07
CA THR E 254 -23.31 -51.99 -0.03
C THR E 254 -24.75 -52.20 0.40
N HIS E 255 -25.00 -52.81 1.55
CA HIS E 255 -26.36 -53.06 2.01
C HIS E 255 -26.98 -51.77 2.54
N ALA E 256 -28.31 -51.81 2.69
CA ALA E 256 -29.04 -50.63 3.13
C ALA E 256 -28.83 -50.32 4.61
N ARG E 257 -28.28 -51.25 5.39
CA ARG E 257 -28.09 -51.01 6.82
C ARG E 257 -26.94 -50.04 7.11
N SER E 258 -26.34 -49.41 6.10
CA SER E 258 -25.26 -48.44 6.28
C SER E 258 -25.60 -47.15 5.54
N LEU E 259 -26.84 -46.70 5.66
CA LEU E 259 -27.31 -45.49 5.00
C LEU E 259 -27.67 -44.45 6.06
N TRP E 260 -27.09 -43.26 5.96
CA TRP E 260 -27.34 -42.18 6.89
C TRP E 260 -27.70 -40.92 6.13
N ARG E 261 -28.80 -40.28 6.52
CA ARG E 261 -29.28 -39.06 5.90
C ARG E 261 -29.00 -37.87 6.80
N LEU E 262 -28.48 -36.79 6.22
CA LEU E 262 -28.12 -35.60 6.96
C LEU E 262 -29.26 -34.58 6.87
N GLU E 263 -29.83 -34.23 8.01
CA GLU E 263 -30.91 -33.25 8.08
C GLU E 263 -30.41 -32.00 8.77
N PRO E 264 -30.26 -30.87 8.07
CA PRO E 264 -29.81 -29.64 8.72
C PRO E 264 -30.78 -29.19 9.80
N LEU E 265 -30.22 -28.66 10.90
CA LEU E 265 -31.06 -28.19 12.00
C LEU E 265 -31.88 -26.97 11.58
N ARG E 266 -31.28 -26.06 10.81
CA ARG E 266 -31.97 -24.85 10.37
C ARG E 266 -33.04 -25.24 9.35
N ILE E 267 -34.31 -25.17 9.76
CA ILE E 267 -35.41 -25.52 8.86
C ILE E 267 -35.45 -24.57 7.68
N SER E 268 -35.31 -23.27 7.94
CA SER E 268 -35.31 -22.28 6.87
C SER E 268 -34.02 -22.37 6.07
N TRP E 269 -34.14 -22.28 4.74
CA TRP E 269 -33.00 -22.27 3.81
C TRP E 269 -32.04 -23.43 4.10
N SER E 270 -32.64 -24.62 4.23
CA SER E 270 -31.91 -25.83 4.57
C SER E 270 -31.29 -26.52 3.37
N GLY E 271 -31.43 -25.95 2.18
CA GLY E 271 -30.87 -26.54 0.97
C GLY E 271 -29.42 -26.20 0.71
N SER E 272 -28.76 -25.49 1.62
CA SER E 272 -27.38 -25.10 1.42
C SER E 272 -26.44 -26.31 1.48
N HIS E 273 -25.29 -26.17 0.83
CA HIS E 273 -24.28 -27.21 0.88
C HIS E 273 -23.69 -27.32 2.29
N LEU E 274 -23.16 -28.50 2.60
CA LEU E 274 -22.59 -28.73 3.92
C LEU E 274 -21.40 -27.81 4.16
N ARG E 275 -21.37 -27.19 5.33
CA ARG E 275 -20.31 -26.27 5.72
C ARG E 275 -19.64 -26.76 7.00
N TRP E 276 -18.40 -26.32 7.19
CA TRP E 276 -17.64 -26.74 8.36
C TRP E 276 -18.25 -26.14 9.64
N GLY E 277 -18.36 -26.97 10.67
CA GLY E 277 -18.95 -26.53 11.92
C GLY E 277 -20.44 -26.23 11.81
N GLN E 278 -21.17 -27.02 11.03
CA GLN E 278 -22.60 -26.81 10.87
C GLN E 278 -23.35 -27.83 11.72
N PRO E 279 -24.09 -27.40 12.75
CA PRO E 279 -24.83 -28.36 13.57
C PRO E 279 -26.02 -28.93 12.80
N LEU E 280 -26.11 -30.26 12.79
CA LEU E 280 -27.19 -30.94 12.08
C LEU E 280 -27.35 -32.33 12.68
N ARG E 281 -28.42 -33.00 12.28
CA ARG E 281 -28.80 -34.30 12.84
C ARG E 281 -28.56 -35.40 11.82
N ILE E 282 -27.97 -36.50 12.28
CA ILE E 282 -27.72 -37.68 11.45
C ILE E 282 -28.83 -38.68 11.71
N ARG E 283 -29.48 -39.15 10.64
CA ARG E 283 -30.57 -40.11 10.75
C ARG E 283 -30.33 -41.27 9.81
N HIS E 284 -30.66 -42.47 10.28
CA HIS E 284 -30.59 -43.66 9.45
C HIS E 284 -31.87 -43.80 8.64
N VAL E 285 -31.74 -43.98 7.33
CA VAL E 285 -32.90 -43.97 6.45
C VAL E 285 -33.78 -45.19 6.72
N THR E 286 -33.19 -46.38 6.81
CA THR E 286 -33.97 -47.59 6.96
C THR E 286 -34.60 -47.68 8.34
N THR E 287 -33.83 -47.41 9.40
CA THR E 287 -34.36 -47.50 10.75
C THR E 287 -35.24 -46.31 11.12
N GLY E 288 -35.09 -45.19 10.42
CA GLY E 288 -35.87 -44.00 10.73
C GLY E 288 -35.61 -43.45 12.12
N ARG E 289 -34.36 -43.51 12.57
CA ARG E 289 -33.98 -43.03 13.89
C ARG E 289 -32.82 -42.06 13.76
N TYR E 290 -32.78 -41.08 14.65
CA TYR E 290 -31.74 -40.06 14.67
C TYR E 290 -30.75 -40.38 15.78
N LEU E 291 -29.47 -40.36 15.46
CA LEU E 291 -28.44 -40.61 16.46
C LEU E 291 -28.46 -39.51 17.51
N ALA E 292 -28.47 -39.91 18.78
CA ALA E 292 -28.54 -38.97 19.89
C ALA E 292 -27.66 -39.44 21.02
N LEU E 293 -27.23 -38.48 21.85
CA LEU E 293 -26.41 -38.77 23.02
C LEU E 293 -27.34 -38.98 24.21
N THR E 294 -27.76 -40.23 24.39
CA THR E 294 -28.66 -40.57 25.49
C THR E 294 -27.95 -40.44 26.84
N GLU E 295 -28.73 -40.13 27.87
CA GLU E 295 -28.16 -40.00 29.21
C GLU E 295 -27.57 -41.32 29.70
N ASP E 296 -28.27 -42.42 29.45
CA ASP E 296 -27.82 -43.74 29.88
C ASP E 296 -27.23 -44.56 28.74
N GLN E 297 -27.93 -44.62 27.60
CA GLN E 297 -27.44 -45.41 26.47
C GLN E 297 -26.23 -44.77 25.79
N GLY E 298 -26.07 -43.45 25.92
CA GLY E 298 -24.94 -42.78 25.29
C GLY E 298 -25.15 -42.53 23.81
N LEU E 299 -24.09 -42.71 23.02
CA LEU E 299 -24.17 -42.51 21.57
C LEU E 299 -24.86 -43.73 20.95
N VAL E 300 -26.19 -43.71 21.00
CA VAL E 300 -27.02 -44.78 20.49
C VAL E 300 -28.13 -44.19 19.63
N VAL E 301 -28.69 -45.03 18.77
CA VAL E 301 -29.77 -44.60 17.89
C VAL E 301 -31.04 -44.39 18.70
N VAL E 302 -31.69 -43.26 18.49
CA VAL E 302 -32.92 -42.90 19.20
C VAL E 302 -33.99 -42.60 18.17
N ASP E 303 -35.20 -43.14 18.39
CA ASP E 303 -36.31 -42.90 17.48
C ASP E 303 -36.67 -41.42 17.46
N ALA E 304 -37.03 -40.92 16.28
CA ALA E 304 -37.33 -39.50 16.10
C ALA E 304 -38.60 -39.07 16.82
N CYS E 305 -39.42 -40.02 17.28
CA CYS E 305 -40.66 -39.66 17.98
C CYS E 305 -40.38 -38.89 19.26
N LYS E 306 -39.36 -39.31 20.02
CA LYS E 306 -39.01 -38.68 21.29
C LYS E 306 -37.56 -38.21 21.32
N ALA E 307 -36.95 -37.99 20.16
CA ALA E 307 -35.56 -37.56 20.08
C ALA E 307 -35.52 -36.03 20.11
N HIS E 308 -34.91 -35.48 21.15
CA HIS E 308 -34.76 -34.03 21.25
C HIS E 308 -33.74 -33.52 20.22
N THR E 309 -33.99 -32.32 19.72
CA THR E 309 -33.08 -31.73 18.74
C THR E 309 -31.70 -31.48 19.35
N LYS E 310 -31.66 -30.97 20.59
CA LYS E 310 -30.38 -30.76 21.25
C LYS E 310 -29.69 -32.09 21.58
N ALA E 311 -30.48 -33.09 22.00
CA ALA E 311 -29.90 -34.39 22.34
C ALA E 311 -29.38 -35.14 21.12
N THR E 312 -29.91 -34.85 19.93
CA THR E 312 -29.47 -35.50 18.70
C THR E 312 -28.60 -34.61 17.82
N SER E 313 -28.27 -33.41 18.27
CA SER E 313 -27.48 -32.49 17.47
C SER E 313 -26.03 -32.98 17.37
N PHE E 314 -25.49 -32.97 16.15
CA PHE E 314 -24.12 -33.39 15.90
C PHE E 314 -23.47 -32.38 14.97
N CYS E 315 -22.57 -31.55 15.51
CA CYS E 315 -21.91 -30.54 14.70
C CYS E 315 -20.92 -31.19 13.74
N PHE E 316 -20.96 -30.76 12.48
CA PHE E 316 -20.07 -31.29 11.44
C PHE E 316 -18.87 -30.35 11.32
N ARG E 317 -17.97 -30.45 12.29
CA ARG E 317 -16.76 -29.63 12.35
C ARG E 317 -15.55 -30.51 12.05
N VAL E 318 -14.71 -30.03 11.12
CA VAL E 318 -13.51 -30.78 10.75
C VAL E 318 -12.36 -30.56 11.72
N SER E 319 -12.51 -29.66 12.69
CA SER E 319 -11.44 -29.40 13.65
C SER E 319 -11.21 -30.62 14.54
N LYS E 320 -9.96 -30.85 14.89
CA LYS E 320 -9.57 -31.98 15.73
C LYS E 320 -8.61 -31.51 16.81
N GLU E 321 -8.59 -32.23 17.92
CA GLU E 321 -7.73 -31.93 19.06
C GLU E 321 -7.94 -30.50 19.56
N GLY E 333 -29.95 -21.39 -0.95
CA GLY E 333 -29.20 -21.56 -2.21
C GLY E 333 -28.48 -22.89 -2.26
N MET E 334 -27.59 -23.08 -3.25
CA MET E 334 -26.79 -24.32 -3.33
C MET E 334 -25.98 -24.47 -2.03
N GLY E 335 -25.47 -23.35 -1.52
CA GLY E 335 -24.69 -23.37 -0.27
C GLY E 335 -23.21 -23.61 -0.54
N PRO E 336 -22.30 -23.28 0.40
CA PRO E 336 -20.86 -23.43 0.17
C PRO E 336 -20.45 -24.90 0.32
N PRO E 337 -19.71 -25.48 -0.65
CA PRO E 337 -19.25 -26.86 -0.54
C PRO E 337 -18.03 -26.95 0.38
N GLU E 338 -18.15 -26.39 1.59
CA GLU E 338 -17.04 -26.46 2.57
C GLU E 338 -16.72 -27.93 2.81
N ILE E 339 -17.76 -28.76 2.92
CA ILE E 339 -17.56 -30.22 3.09
C ILE E 339 -17.71 -30.88 1.72
N LYS E 340 -16.65 -31.53 1.23
CA LYS E 340 -16.71 -32.23 -0.08
C LYS E 340 -16.76 -33.74 0.17
N TYR E 341 -17.73 -34.43 -0.43
CA TYR E 341 -17.88 -35.88 -0.19
C TYR E 341 -16.56 -36.58 -0.56
N GLY E 342 -15.99 -37.34 0.36
CA GLY E 342 -14.73 -38.08 0.10
C GLY E 342 -13.51 -37.23 0.41
N GLU E 343 -13.70 -35.93 0.61
CA GLU E 343 -12.57 -35.02 0.93
C GLU E 343 -12.86 -34.30 2.26
N SER E 344 -14.03 -34.54 2.84
CA SER E 344 -14.40 -33.89 4.12
C SER E 344 -13.99 -34.78 5.31
N LEU E 345 -12.68 -34.99 5.49
CA LEU E 345 -12.20 -35.80 6.65
C LEU E 345 -12.53 -35.03 7.93
N CYS E 346 -13.81 -35.02 8.31
CA CYS E 346 -14.25 -34.28 9.47
C CYS E 346 -14.42 -35.22 10.66
N PHE E 347 -14.24 -34.67 11.86
CA PHE E 347 -14.41 -35.43 13.09
C PHE E 347 -15.83 -35.27 13.60
N VAL E 348 -16.47 -36.39 13.92
CA VAL E 348 -17.83 -36.34 14.46
C VAL E 348 -17.79 -35.74 15.86
N GLN E 349 -18.65 -34.76 16.11
CA GLN E 349 -18.67 -34.04 17.38
C GLN E 349 -20.12 -33.72 17.73
N HIS E 350 -20.63 -34.35 18.79
CA HIS E 350 -21.96 -34.04 19.27
C HIS E 350 -21.99 -32.65 19.89
N VAL E 351 -23.06 -31.91 19.63
CA VAL E 351 -23.18 -30.54 20.13
C VAL E 351 -23.22 -30.55 21.66
N ALA E 352 -24.03 -31.44 22.24
CA ALA E 352 -24.10 -31.54 23.70
C ALA E 352 -22.77 -32.00 24.29
N SER E 353 -22.14 -32.99 23.67
CA SER E 353 -20.84 -33.46 24.15
C SER E 353 -19.78 -32.38 23.99
N GLY E 354 -19.77 -31.69 22.85
CA GLY E 354 -18.77 -30.66 22.61
C GLY E 354 -17.35 -31.17 22.53
N LEU E 355 -17.20 -32.38 21.98
CA LEU E 355 -15.86 -33.00 21.89
C LEU E 355 -15.85 -33.98 20.71
N TRP E 356 -14.67 -34.46 20.33
CA TRP E 356 -14.56 -35.37 19.17
C TRP E 356 -14.89 -36.80 19.63
N LEU E 357 -16.16 -37.17 19.60
CA LEU E 357 -16.55 -38.57 19.96
C LEU E 357 -15.91 -39.50 18.92
N THR E 358 -15.42 -40.66 19.37
CA THR E 358 -14.70 -41.58 18.44
C THR E 358 -15.10 -43.03 18.73
N TYR E 359 -14.81 -43.93 17.80
CA TYR E 359 -15.13 -45.37 18.01
C TYR E 359 -14.41 -45.85 19.27
N ALA E 360 -15.12 -46.59 20.14
CA ALA E 360 -14.47 -47.16 21.34
C ALA E 360 -13.46 -48.23 20.91
N ALA E 361 -13.84 -49.03 19.92
CA ALA E 361 -12.94 -50.11 19.43
C ALA E 361 -13.31 -50.45 17.99
N LEU E 372 -15.08 -57.59 12.86
CA LEU E 372 -15.30 -56.23 12.33
C LEU E 372 -16.31 -55.49 13.20
N LYS E 373 -16.64 -56.05 14.37
CA LYS E 373 -17.64 -55.43 15.29
C LYS E 373 -16.95 -54.40 16.18
N LYS E 374 -16.68 -53.20 15.65
CA LYS E 374 -16.00 -52.15 16.43
C LYS E 374 -17.05 -51.21 17.03
N LYS E 375 -17.27 -51.26 18.35
CA LYS E 375 -18.24 -50.36 19.00
C LYS E 375 -17.67 -48.93 19.00
N ALA E 376 -18.54 -47.93 18.81
CA ALA E 376 -18.10 -46.51 18.76
C ALA E 376 -18.06 -45.94 20.17
N ILE E 377 -17.76 -44.65 20.31
CA ILE E 377 -17.79 -43.99 21.65
C ILE E 377 -18.03 -42.48 21.49
N LEU E 378 -18.45 -41.82 22.56
CA LEU E 378 -18.68 -40.35 22.54
C LEU E 378 -17.66 -39.67 23.47
N HIS E 379 -16.48 -40.26 23.63
CA HIS E 379 -15.45 -39.72 24.56
C HIS E 379 -14.91 -38.38 24.05
N GLN E 380 -14.29 -37.60 24.93
CA GLN E 380 -13.78 -36.26 24.54
C GLN E 380 -12.77 -36.42 23.42
N GLU E 381 -11.81 -37.34 23.59
CA GLU E 381 -10.79 -37.58 22.54
C GLU E 381 -10.94 -39.02 22.05
N GLY E 382 -10.99 -39.99 22.98
CA GLY E 382 -11.06 -41.40 22.57
C GLY E 382 -9.97 -41.69 21.55
N HIS E 383 -10.32 -42.32 20.44
CA HIS E 383 -9.33 -42.57 19.36
C HIS E 383 -8.81 -41.23 18.84
N MET E 384 -7.50 -41.13 18.60
CA MET E 384 -6.91 -39.87 18.06
C MET E 384 -7.54 -39.59 16.69
N ASP E 385 -7.83 -40.64 15.91
CA ASP E 385 -8.40 -40.46 14.55
C ASP E 385 -9.86 -40.96 14.53
N ASP E 386 -10.72 -40.29 13.77
CA ASP E 386 -12.14 -40.70 13.66
C ASP E 386 -12.76 -40.10 12.39
N ALA E 387 -12.03 -39.23 11.71
CA ALA E 387 -12.56 -38.56 10.50
C ALA E 387 -12.61 -39.55 9.33
N LEU E 388 -13.81 -39.90 8.87
CA LEU E 388 -13.95 -40.90 7.77
C LEU E 388 -14.47 -40.20 6.52
N PHE E 389 -13.72 -40.29 5.41
CA PHE E 389 -14.18 -39.68 4.13
C PHE E 389 -15.64 -40.05 3.91
N LEU E 390 -16.45 -39.10 3.44
CA LEU E 390 -17.86 -39.40 3.22
C LEU E 390 -18.06 -39.86 1.78
N THR E 391 -18.75 -40.99 1.62
CA THR E 391 -19.09 -41.54 0.32
C THR E 391 -20.56 -41.29 0.03
N ARG E 392 -20.85 -40.75 -1.15
CA ARG E 392 -22.22 -40.38 -1.50
C ARG E 392 -22.99 -41.59 -2.00
N CYS E 393 -24.15 -41.84 -1.40
CA CYS E 393 -25.02 -42.92 -1.86
C CYS E 393 -25.73 -42.50 -3.13
N GLN E 394 -25.89 -43.47 -4.04
CA GLN E 394 -26.61 -43.22 -5.28
C GLN E 394 -28.09 -43.02 -4.99
N GLN E 395 -28.71 -42.11 -5.75
CA GLN E 395 -30.02 -41.58 -5.37
C GLN E 395 -31.08 -42.67 -5.30
N GLU E 396 -31.10 -43.59 -6.29
CA GLU E 396 -32.10 -44.65 -6.28
C GLU E 396 -31.91 -45.56 -5.07
N GLU E 397 -30.67 -45.73 -4.60
CA GLU E 397 -30.45 -46.51 -3.39
C GLU E 397 -31.08 -45.84 -2.18
N SER E 398 -30.94 -44.52 -2.06
CA SER E 398 -31.56 -43.81 -0.95
C SER E 398 -33.08 -43.87 -1.04
N GLN E 399 -33.63 -43.72 -2.25
CA GLN E 399 -35.08 -43.84 -2.42
C GLN E 399 -35.55 -45.23 -2.04
N ALA E 400 -34.81 -46.27 -2.42
CA ALA E 400 -35.16 -47.63 -2.04
C ALA E 400 -35.10 -47.82 -0.53
N ALA E 401 -34.09 -47.25 0.13
CA ALA E 401 -33.99 -47.37 1.58
C ALA E 401 -35.17 -46.69 2.27
N ARG E 402 -35.55 -45.50 1.79
CA ARG E 402 -36.73 -44.83 2.34
C ARG E 402 -37.99 -45.67 2.11
N MET E 403 -38.09 -46.29 0.94
CA MET E 403 -39.22 -47.16 0.66
C MET E 403 -39.27 -48.34 1.62
N ILE E 404 -38.11 -48.96 1.89
CA ILE E 404 -38.07 -50.08 2.83
C ILE E 404 -38.48 -49.62 4.21
N HIS E 405 -38.01 -48.44 4.63
CA HIS E 405 -38.40 -47.93 5.95
C HIS E 405 -39.92 -47.72 6.04
N SER E 406 -40.50 -47.05 5.03
CA SER E 406 -41.93 -46.78 5.06
C SER E 406 -42.74 -48.07 5.03
N THR E 407 -42.33 -49.01 4.17
CA THR E 407 -43.04 -50.28 4.09
C THR E 407 -42.90 -51.08 5.38
N ALA E 408 -41.71 -51.08 5.98
CA ALA E 408 -41.52 -51.80 7.24
C ALA E 408 -42.44 -51.24 8.32
N GLY E 409 -42.53 -49.92 8.41
CA GLY E 409 -43.47 -49.33 9.36
C GLY E 409 -44.91 -49.70 9.07
N LEU E 410 -45.31 -49.63 7.79
CA LEU E 410 -46.68 -49.93 7.42
C LEU E 410 -47.04 -51.37 7.73
N TYR E 411 -46.16 -52.31 7.37
CA TYR E 411 -46.49 -53.72 7.63
C TYR E 411 -46.35 -54.07 9.10
N ASN E 412 -45.50 -53.38 9.85
CA ASN E 412 -45.48 -53.57 11.29
C ASN E 412 -46.80 -53.14 11.91
N GLN E 413 -47.33 -52.00 11.48
CA GLN E 413 -48.64 -51.58 11.96
C GLN E 413 -49.72 -52.59 11.56
N PHE E 414 -49.66 -53.08 10.32
CA PHE E 414 -50.67 -54.03 9.85
C PHE E 414 -50.60 -55.30 10.70
N ILE E 415 -49.40 -55.86 10.89
CA ILE E 415 -49.27 -57.12 11.59
C ILE E 415 -49.64 -56.95 13.06
N LYS E 416 -49.36 -55.79 13.66
CA LYS E 416 -49.82 -55.52 15.00
C LYS E 416 -51.35 -55.50 15.07
N GLY E 417 -51.99 -54.86 14.09
CA GLY E 417 -53.45 -54.87 14.05
C GLY E 417 -54.01 -56.26 13.86
N LEU E 418 -53.35 -57.08 13.04
CA LEU E 418 -53.80 -58.44 12.81
C LEU E 418 -53.67 -59.28 14.08
N ASP E 419 -52.57 -59.10 14.82
CA ASP E 419 -52.41 -59.81 16.09
C ASP E 419 -53.46 -59.36 17.09
N SER E 420 -53.75 -58.05 17.14
CA SER E 420 -54.80 -57.57 18.03
C SER E 420 -56.16 -58.16 17.67
N PHE E 421 -56.44 -58.25 16.37
CA PHE E 421 -57.70 -58.86 15.94
C PHE E 421 -57.70 -60.36 16.14
N SER E 422 -56.51 -60.99 16.13
CA SER E 422 -56.43 -62.42 16.34
C SER E 422 -56.90 -62.78 17.75
N GLY E 423 -57.76 -63.79 17.84
CA GLY E 423 -58.35 -64.19 19.09
C GLY E 423 -59.51 -63.30 19.50
N LYS E 424 -60.29 -63.80 20.46
CA LYS E 424 -61.47 -63.10 20.96
C LYS E 424 -62.41 -62.72 19.83
N PRO E 425 -62.94 -63.68 19.08
CA PRO E 425 -63.83 -63.36 17.96
C PRO E 425 -65.09 -62.65 18.44
N ARG E 426 -65.57 -61.73 17.62
CA ARG E 426 -66.78 -60.97 17.94
C ARG E 426 -67.51 -60.55 16.67
N ALA E 435 -56.94 -48.24 12.11
CA ALA E 435 -56.58 -49.63 12.36
C ALA E 435 -56.91 -50.51 11.16
N LEU E 436 -56.00 -51.45 10.85
CA LEU E 436 -56.13 -52.37 9.74
C LEU E 436 -56.40 -51.64 8.43
N PRO E 437 -55.41 -50.93 7.89
CA PRO E 437 -55.61 -50.21 6.60
C PRO E 437 -55.50 -51.15 5.40
N ILE E 438 -56.62 -51.81 5.10
CA ILE E 438 -56.65 -52.80 4.02
C ILE E 438 -56.40 -52.12 2.68
N GLU E 439 -57.07 -50.99 2.44
CA GLU E 439 -56.89 -50.29 1.17
C GLU E 439 -55.46 -49.75 1.04
N ALA E 440 -54.93 -49.16 2.11
CA ALA E 440 -53.58 -48.62 2.06
C ALA E 440 -52.55 -49.72 1.83
N VAL E 441 -52.70 -50.85 2.53
CA VAL E 441 -51.73 -51.94 2.37
C VAL E 441 -51.86 -52.57 0.98
N ILE E 442 -53.08 -52.64 0.44
CA ILE E 442 -53.25 -53.16 -0.92
C ILE E 442 -52.56 -52.24 -1.92
N LEU E 443 -52.76 -50.92 -1.77
CA LEU E 443 -52.10 -49.97 -2.67
C LEU E 443 -50.58 -50.06 -2.56
N SER E 444 -50.07 -50.18 -1.34
CA SER E 444 -48.62 -50.30 -1.15
C SER E 444 -48.09 -51.58 -1.79
N LEU E 445 -48.80 -52.70 -1.62
CA LEU E 445 -48.37 -53.96 -2.22
C LEU E 445 -48.36 -53.86 -3.73
N GLN E 446 -49.39 -53.24 -4.31
CA GLN E 446 -49.43 -53.07 -5.77
C GLN E 446 -48.29 -52.19 -6.25
N ASP E 447 -48.02 -51.09 -5.53
CA ASP E 447 -46.93 -50.20 -5.92
C ASP E 447 -45.58 -50.91 -5.86
N LEU E 448 -45.36 -51.72 -4.81
CA LEU E 448 -44.09 -52.44 -4.69
C LEU E 448 -43.99 -53.55 -5.71
N ILE E 449 -45.10 -54.19 -6.07
CA ILE E 449 -45.09 -55.18 -7.15
C ILE E 449 -44.71 -54.52 -8.46
N GLY E 450 -45.28 -53.34 -8.73
CA GLY E 450 -44.87 -52.60 -9.92
C GLY E 450 -43.42 -52.21 -9.89
N TYR E 451 -42.91 -51.82 -8.71
CA TYR E 451 -41.50 -51.49 -8.57
C TYR E 451 -40.61 -52.70 -8.83
N PHE E 452 -40.98 -53.85 -8.28
CA PHE E 452 -40.20 -55.08 -8.43
C PHE E 452 -40.77 -55.90 -9.56
N GLU E 453 -40.28 -55.66 -10.78
CA GLU E 453 -40.73 -56.39 -11.95
C GLU E 453 -39.53 -56.94 -12.71
N PRO E 454 -39.64 -58.14 -13.27
CA PRO E 454 -38.55 -58.68 -14.06
C PRO E 454 -38.31 -57.85 -15.30
N PRO E 455 -37.06 -57.77 -15.76
CA PRO E 455 -36.78 -56.98 -16.97
C PRO E 455 -37.40 -57.62 -18.20
N SER E 456 -37.79 -56.76 -19.14
CA SER E 456 -38.38 -57.23 -20.39
C SER E 456 -37.31 -57.84 -21.28
N GLU E 457 -37.70 -58.88 -22.02
CA GLU E 457 -36.79 -59.56 -22.93
C GLU E 457 -36.57 -58.82 -24.24
N GLU E 458 -37.38 -57.80 -24.52
CA GLU E 458 -37.23 -57.05 -25.77
C GLU E 458 -35.98 -56.18 -25.79
N LEU E 459 -35.40 -55.89 -24.63
CA LEU E 459 -34.21 -55.06 -24.58
C LEU E 459 -32.99 -55.80 -25.12
N GLN E 460 -31.95 -55.04 -25.42
CA GLN E 460 -30.72 -55.62 -25.93
C GLN E 460 -30.01 -56.42 -24.83
N HIS E 461 -28.99 -57.18 -25.25
CA HIS E 461 -28.27 -58.03 -24.30
C HIS E 461 -27.61 -57.20 -23.21
N GLU E 462 -26.95 -56.10 -23.58
CA GLU E 462 -26.33 -55.24 -22.58
C GLU E 462 -27.37 -54.61 -21.66
N GLU E 463 -28.47 -54.11 -22.23
CA GLU E 463 -29.53 -53.53 -21.42
C GLU E 463 -30.16 -54.57 -20.51
N LYS E 464 -30.40 -55.77 -21.03
CA LYS E 464 -30.98 -56.83 -20.20
C LYS E 464 -30.04 -57.23 -19.07
N GLN E 465 -28.74 -57.32 -19.36
CA GLN E 465 -27.78 -57.66 -18.31
C GLN E 465 -27.71 -56.57 -17.24
N SER E 466 -27.71 -55.31 -17.66
CA SER E 466 -27.68 -54.21 -16.69
C SER E 466 -28.95 -54.21 -15.83
N LYS E 467 -30.11 -54.44 -16.45
CA LYS E 467 -31.35 -54.49 -15.70
C LYS E 467 -31.35 -55.66 -14.72
N LEU E 468 -30.85 -56.82 -15.14
CA LEU E 468 -30.78 -57.97 -14.26
C LEU E 468 -29.86 -57.69 -13.07
N ARG E 469 -28.70 -57.07 -13.33
CA ARG E 469 -27.79 -56.75 -12.24
C ARG E 469 -28.42 -55.75 -11.28
N SER E 470 -29.09 -54.72 -11.81
CA SER E 470 -29.75 -53.74 -10.95
C SER E 470 -30.83 -54.40 -10.10
N LEU E 471 -31.61 -55.30 -10.70
CA LEU E 471 -32.68 -55.97 -9.97
C LEU E 471 -32.09 -56.88 -8.88
N ARG E 472 -30.98 -57.56 -9.19
CA ARG E 472 -30.34 -58.42 -8.21
C ARG E 472 -29.81 -57.61 -7.03
N ASN E 473 -29.16 -56.47 -7.30
CA ASN E 473 -28.70 -55.61 -6.23
C ASN E 473 -29.86 -55.06 -5.40
N ARG E 474 -30.96 -54.69 -6.08
CA ARG E 474 -32.14 -54.22 -5.37
C ARG E 474 -32.70 -55.30 -4.44
N GLN E 475 -32.77 -56.54 -4.94
CA GLN E 475 -33.24 -57.64 -4.09
C GLN E 475 -32.31 -57.90 -2.93
N SER E 476 -30.99 -57.83 -3.15
CA SER E 476 -30.05 -58.05 -2.06
C SER E 476 -30.21 -56.99 -0.98
N LEU E 477 -30.28 -55.72 -1.37
CA LEU E 477 -30.43 -54.66 -0.38
C LEU E 477 -31.82 -54.67 0.25
N PHE E 478 -32.82 -55.20 -0.44
CA PHE E 478 -34.17 -55.26 0.12
C PHE E 478 -34.28 -56.39 1.14
N GLN E 479 -33.63 -57.52 0.85
CA GLN E 479 -33.71 -58.71 1.75
C GLN E 479 -32.85 -58.48 2.99
N GLU E 480 -31.72 -57.78 2.85
CA GLU E 480 -30.80 -57.58 4.00
C GLU E 480 -31.55 -56.88 5.12
N GLU E 481 -32.46 -55.95 4.78
CA GLU E 481 -33.27 -55.24 5.80
C GLU E 481 -34.14 -56.27 6.54
N GLY E 482 -34.31 -57.45 5.95
CA GLY E 482 -35.07 -58.53 6.62
C GLY E 482 -36.57 -58.29 6.56
N MET E 483 -37.00 -57.36 5.72
CA MET E 483 -38.46 -57.09 5.56
C MET E 483 -39.13 -58.38 5.11
N LEU E 484 -38.40 -59.23 4.39
CA LEU E 484 -38.98 -60.50 3.88
C LEU E 484 -39.43 -61.33 5.08
N SER E 485 -38.67 -61.27 6.18
CA SER E 485 -39.06 -62.00 7.40
C SER E 485 -40.45 -61.53 7.82
N LEU E 486 -40.65 -60.22 7.83
CA LEU E 486 -41.99 -59.66 8.16
C LEU E 486 -42.99 -60.13 7.12
N VAL E 487 -42.58 -60.14 5.84
CA VAL E 487 -43.47 -60.62 4.75
C VAL E 487 -43.83 -62.07 5.04
N LEU E 488 -42.84 -62.87 5.42
CA LEU E 488 -43.10 -64.30 5.76
C LEU E 488 -44.10 -64.33 6.91
N ASN E 489 -43.83 -63.56 7.96
CA ASN E 489 -44.73 -63.55 9.15
C ASN E 489 -46.11 -63.09 8.70
N CYS E 490 -46.16 -62.07 7.84
CA CYS E 490 -47.48 -61.51 7.41
C CYS E 490 -48.28 -62.62 6.71
N ILE E 491 -47.64 -63.34 5.79
CA ILE E 491 -48.34 -64.45 5.09
C ILE E 491 -48.80 -65.44 6.16
N ASP E 492 -47.95 -65.72 7.13
CA ASP E 492 -48.29 -66.73 8.17
C ASP E 492 -49.57 -66.39 8.94
N ARG E 493 -49.66 -65.18 9.49
CA ARG E 493 -50.85 -64.85 10.33
C ARG E 493 -52.15 -64.79 9.50
N LEU E 494 -52.06 -64.28 8.28
CA LEU E 494 -53.31 -64.15 7.47
C LEU E 494 -53.75 -65.61 7.29
N ASN E 495 -52.79 -66.49 7.00
CA ASN E 495 -53.12 -67.93 6.82
C ASN E 495 -53.66 -68.46 8.13
N VAL E 496 -53.17 -67.94 9.25
CA VAL E 496 -53.62 -68.43 10.59
C VAL E 496 -55.14 -68.29 10.65
N TYR E 497 -55.65 -67.16 10.19
CA TYR E 497 -57.13 -66.95 10.17
C TYR E 497 -57.76 -67.99 9.25
N THR E 498 -56.98 -68.53 8.31
CA THR E 498 -57.51 -69.55 7.37
C THR E 498 -58.57 -68.92 6.46
N THR E 499 -59.69 -69.61 6.26
CA THR E 499 -60.71 -69.08 5.31
C THR E 499 -61.03 -67.63 5.65
N ALA E 500 -61.20 -66.78 4.63
CA ALA E 500 -61.45 -65.34 4.87
C ALA E 500 -62.67 -65.19 5.79
N ALA E 501 -63.75 -65.89 5.47
CA ALA E 501 -64.94 -65.84 6.35
C ALA E 501 -64.61 -66.54 7.67
N HIS E 502 -63.80 -67.59 7.63
CA HIS E 502 -63.54 -68.37 8.88
C HIS E 502 -62.99 -67.47 9.97
N PHE E 503 -61.91 -66.73 9.71
CA PHE E 503 -61.32 -65.93 10.81
C PHE E 503 -61.08 -64.49 10.37
N ALA E 504 -60.67 -64.28 9.12
CA ALA E 504 -60.53 -62.87 8.70
C ALA E 504 -61.85 -62.18 8.98
N GLU E 505 -62.97 -62.84 8.65
CA GLU E 505 -64.31 -62.26 8.91
C GLU E 505 -64.52 -62.11 10.42
N TYR E 506 -64.17 -63.13 11.20
CA TYR E 506 -64.41 -63.06 12.66
C TYR E 506 -63.70 -61.84 13.22
N ALA E 507 -62.44 -61.63 12.83
CA ALA E 507 -61.71 -60.42 13.28
C ALA E 507 -62.38 -59.18 12.68
N GLY E 508 -62.77 -59.25 11.41
CA GLY E 508 -63.47 -58.12 10.76
C GLY E 508 -64.17 -58.52 9.48
N GLU E 509 -65.39 -58.01 9.26
CA GLU E 509 -66.14 -58.33 8.01
C GLU E 509 -65.50 -57.63 6.80
N GLU E 510 -65.17 -56.35 6.94
CA GLU E 510 -64.63 -55.57 5.78
C GLU E 510 -63.31 -56.19 5.29
N ALA E 511 -62.40 -56.48 6.21
CA ALA E 511 -61.10 -57.08 5.83
C ALA E 511 -61.37 -58.42 5.17
N ALA E 512 -62.38 -59.15 5.65
CA ALA E 512 -62.72 -60.47 5.07
C ALA E 512 -62.98 -60.29 3.58
N GLU E 513 -63.55 -59.15 3.20
CA GLU E 513 -63.77 -58.85 1.76
C GLU E 513 -62.43 -58.81 1.04
N SER E 514 -61.34 -58.53 1.74
CA SER E 514 -60.02 -58.36 1.06
C SER E 514 -59.04 -59.48 1.40
N TRP E 515 -59.44 -60.46 2.21
CA TRP E 515 -58.48 -61.50 2.64
C TRP E 515 -57.97 -62.31 1.43
N LYS E 516 -58.86 -62.62 0.48
CA LYS E 516 -58.45 -63.48 -0.66
C LYS E 516 -57.35 -62.81 -1.50
N GLU E 517 -57.44 -61.50 -1.72
CA GLU E 517 -56.47 -60.84 -2.61
C GLU E 517 -55.16 -60.61 -1.86
N ILE E 518 -55.24 -59.98 -0.68
CA ILE E 518 -54.05 -59.68 0.10
C ILE E 518 -53.10 -60.87 0.13
N VAL E 519 -53.64 -62.09 0.27
CA VAL E 519 -52.77 -63.26 0.33
C VAL E 519 -52.11 -63.52 -1.03
N ASN E 520 -52.85 -63.32 -2.12
CA ASN E 520 -52.26 -63.48 -3.46
C ASN E 520 -51.18 -62.43 -3.70
N LEU E 521 -51.43 -61.19 -3.29
CA LEU E 521 -50.45 -60.13 -3.49
C LEU E 521 -49.18 -60.39 -2.66
N LEU E 522 -49.36 -60.85 -1.42
CA LEU E 522 -48.19 -61.17 -0.60
C LEU E 522 -47.41 -62.34 -1.20
N TYR E 523 -48.10 -63.36 -1.70
CA TYR E 523 -47.41 -64.46 -2.35
C TYR E 523 -46.64 -64.00 -3.57
N GLU E 524 -47.25 -63.14 -4.38
CA GLU E 524 -46.56 -62.61 -5.56
C GLU E 524 -45.34 -61.77 -5.17
N LEU E 525 -45.48 -60.94 -4.14
CA LEU E 525 -44.36 -60.11 -3.69
C LEU E 525 -43.21 -60.97 -3.20
N LEU E 526 -43.51 -61.99 -2.40
CA LEU E 526 -42.47 -62.90 -1.91
C LEU E 526 -41.84 -63.74 -3.00
N ALA E 527 -42.63 -64.18 -4.00
CA ALA E 527 -42.06 -64.89 -5.13
C ALA E 527 -41.14 -63.99 -5.96
N SER E 528 -41.52 -62.72 -6.12
CA SER E 528 -40.63 -61.77 -6.78
C SER E 528 -39.36 -61.54 -5.97
N LEU E 529 -39.48 -61.52 -4.64
CA LEU E 529 -38.31 -61.38 -3.78
C LEU E 529 -37.35 -62.55 -3.96
N ILE E 530 -37.88 -63.78 -4.00
CA ILE E 530 -37.02 -64.94 -4.17
C ILE E 530 -36.45 -64.99 -5.59
N ARG E 531 -37.18 -64.48 -6.57
CA ARG E 531 -36.74 -64.58 -7.96
C ARG E 531 -35.58 -63.63 -8.23
N GLY E 532 -34.55 -64.15 -8.92
CA GLY E 532 -33.44 -63.35 -9.35
C GLY E 532 -32.31 -63.17 -8.35
N ASN E 533 -32.46 -63.68 -7.13
CA ASN E 533 -31.42 -63.55 -6.12
C ASN E 533 -31.12 -64.91 -5.51
N ARG E 534 -29.83 -65.28 -5.50
CA ARG E 534 -29.43 -66.56 -4.91
C ARG E 534 -29.43 -66.50 -3.38
N ALA E 535 -29.00 -65.37 -2.81
CA ALA E 535 -28.93 -65.26 -1.36
C ALA E 535 -30.31 -65.33 -0.72
N ASN E 536 -31.30 -64.65 -1.32
CA ASN E 536 -32.66 -64.70 -0.77
C ASN E 536 -33.22 -66.11 -0.83
N CYS E 537 -32.97 -66.81 -1.94
CA CYS E 537 -33.43 -68.20 -2.05
C CYS E 537 -32.75 -69.09 -1.03
N ALA E 538 -31.44 -68.90 -0.83
CA ALA E 538 -30.71 -69.71 0.15
C ALA E 538 -31.23 -69.47 1.57
N LEU E 539 -31.49 -68.21 1.92
CA LEU E 539 -32.03 -67.92 3.24
C LEU E 539 -33.44 -68.49 3.39
N PHE E 540 -34.25 -68.40 2.33
CA PHE E 540 -35.61 -68.93 2.37
C PHE E 540 -35.64 -70.46 2.39
N SER E 541 -34.52 -71.11 2.07
CA SER E 541 -34.49 -72.57 2.02
C SER E 541 -34.76 -73.20 3.39
N THR E 542 -34.53 -72.46 4.48
CA THR E 542 -34.78 -73.00 5.81
C THR E 542 -36.27 -73.21 6.07
N ASN E 543 -37.15 -72.54 5.30
CA ASN E 543 -38.58 -72.67 5.47
C ASN E 543 -39.19 -73.66 4.47
N LEU E 544 -38.44 -74.69 4.09
CA LEU E 544 -38.94 -75.67 3.14
C LEU E 544 -40.13 -76.44 3.70
N ASP E 545 -40.01 -76.94 4.93
CA ASP E 545 -41.13 -77.63 5.56
C ASP E 545 -42.31 -76.68 5.74
N TRP E 546 -42.02 -75.41 6.01
CA TRP E 546 -43.08 -74.42 6.15
C TRP E 546 -43.84 -74.26 4.84
N VAL E 547 -43.12 -74.07 3.72
CA VAL E 547 -43.79 -73.84 2.45
C VAL E 547 -44.50 -75.11 1.98
N VAL E 548 -44.00 -76.28 2.38
CA VAL E 548 -44.71 -77.52 2.08
C VAL E 548 -46.01 -77.59 2.87
N SER E 549 -45.97 -77.20 4.15
CA SER E 549 -47.16 -77.27 4.99
C SER E 549 -48.25 -76.31 4.50
N LYS E 550 -47.87 -75.09 4.12
CA LYS E 550 -48.87 -74.11 3.69
C LYS E 550 -49.39 -74.43 2.30
N LEU E 551 -48.69 -75.28 1.55
CA LEU E 551 -49.12 -75.63 0.20
C LEU E 551 -50.42 -76.42 0.20
N ASP E 552 -50.73 -77.11 1.31
CA ASP E 552 -51.96 -77.91 1.36
C ASP E 552 -53.22 -77.06 1.22
N ARG E 553 -53.13 -75.77 1.53
CA ARG E 553 -54.29 -74.89 1.37
C ARG E 553 -54.62 -74.70 -0.11
N LEU E 554 -55.92 -74.80 -0.43
CA LEU E 554 -56.34 -74.66 -1.82
C LEU E 554 -56.31 -73.20 -2.28
N GLU E 555 -56.66 -72.28 -1.38
CA GLU E 555 -56.71 -70.87 -1.75
C GLU E 555 -55.30 -70.32 -2.01
N ALA E 556 -55.20 -69.47 -3.02
CA ALA E 556 -53.93 -68.83 -3.40
C ALA E 556 -52.83 -69.85 -3.64
N SER E 557 -53.18 -70.95 -4.32
CA SER E 557 -52.20 -71.99 -4.58
C SER E 557 -51.22 -71.60 -5.67
N SER E 558 -51.63 -70.70 -6.58
CA SER E 558 -50.78 -70.36 -7.71
C SER E 558 -49.49 -69.68 -7.27
N GLY E 559 -49.60 -68.70 -6.37
CA GLY E 559 -48.42 -67.97 -5.94
C GLY E 559 -47.45 -68.83 -5.16
N ILE E 560 -47.96 -69.66 -4.25
CA ILE E 560 -47.09 -70.54 -3.48
C ILE E 560 -46.48 -71.62 -4.37
N LEU E 561 -47.22 -72.09 -5.37
CA LEU E 561 -46.65 -73.03 -6.33
C LEU E 561 -45.53 -72.37 -7.13
N GLU E 562 -45.73 -71.12 -7.54
CA GLU E 562 -44.69 -70.41 -8.28
C GLU E 562 -43.44 -70.21 -7.42
N VAL E 563 -43.62 -69.86 -6.15
CA VAL E 563 -42.45 -69.65 -5.30
C VAL E 563 -41.76 -70.97 -4.98
N LEU E 564 -42.53 -72.07 -4.89
CA LEU E 564 -41.89 -73.37 -4.72
C LEU E 564 -41.08 -73.74 -5.95
N TYR E 565 -41.61 -73.45 -7.14
CA TYR E 565 -40.83 -73.64 -8.37
C TYR E 565 -39.56 -72.80 -8.35
N CYS E 566 -39.66 -71.55 -7.92
CA CYS E 566 -38.51 -70.67 -7.88
C CYS E 566 -37.46 -71.18 -6.90
N VAL E 567 -37.88 -71.62 -5.73
CA VAL E 567 -36.94 -72.12 -4.73
C VAL E 567 -36.33 -73.44 -5.19
N LEU E 568 -37.05 -74.21 -6.00
CA LEU E 568 -36.48 -75.45 -6.52
C LEU E 568 -35.48 -75.19 -7.64
N ILE E 569 -35.72 -74.17 -8.47
CA ILE E 569 -34.86 -73.92 -9.62
C ILE E 569 -33.65 -73.06 -9.28
N GLU E 570 -33.75 -72.19 -8.27
CA GLU E 570 -32.67 -71.27 -7.93
C GLU E 570 -31.63 -71.88 -7.00
N SER E 571 -32.05 -72.65 -6.00
CA SER E 571 -31.12 -73.24 -5.05
C SER E 571 -31.05 -74.75 -5.24
N PRO E 572 -29.97 -75.29 -5.81
CA PRO E 572 -29.85 -76.75 -5.93
C PRO E 572 -29.91 -77.47 -4.59
N GLU E 573 -29.45 -76.85 -3.51
CA GLU E 573 -29.40 -77.49 -2.21
C GLU E 573 -30.77 -77.80 -1.63
N VAL E 574 -31.83 -77.15 -2.14
CA VAL E 574 -33.18 -77.41 -1.64
C VAL E 574 -33.61 -78.84 -1.98
N LEU E 575 -33.21 -79.33 -3.16
CA LEU E 575 -33.62 -80.66 -3.60
C LEU E 575 -33.11 -81.75 -2.69
N ASN E 576 -31.96 -81.53 -2.04
CA ASN E 576 -31.45 -82.52 -1.10
C ASN E 576 -32.28 -82.58 0.17
N ILE E 577 -32.80 -81.45 0.63
CA ILE E 577 -33.49 -81.39 1.91
C ILE E 577 -34.85 -82.08 1.84
N ILE E 578 -35.54 -82.02 0.69
CA ILE E 578 -36.88 -82.57 0.61
C ILE E 578 -36.88 -84.07 0.89
N GLN E 579 -38.05 -84.60 1.26
CA GLN E 579 -38.20 -85.99 1.65
C GLN E 579 -39.46 -86.55 1.03
N GLU E 580 -39.85 -87.75 1.47
CA GLU E 580 -41.03 -88.42 0.90
C GLU E 580 -42.32 -87.69 1.28
N ASN E 581 -42.36 -87.05 2.44
CA ASN E 581 -43.56 -86.33 2.84
C ASN E 581 -43.85 -85.17 1.88
N HIS E 582 -42.81 -84.45 1.47
CA HIS E 582 -42.99 -83.36 0.51
C HIS E 582 -43.46 -83.89 -0.84
N ILE E 583 -42.92 -85.04 -1.27
CA ILE E 583 -43.34 -85.64 -2.53
C ILE E 583 -44.81 -86.04 -2.45
N LYS E 584 -45.23 -86.64 -1.34
CA LYS E 584 -46.64 -86.99 -1.16
C LYS E 584 -47.52 -85.75 -1.16
N SER E 585 -47.04 -84.66 -0.54
CA SER E 585 -47.80 -83.41 -0.56
C SER E 585 -47.95 -82.88 -1.98
N ILE E 586 -46.88 -82.96 -2.78
CA ILE E 586 -46.95 -82.52 -4.17
C ILE E 586 -47.94 -83.38 -4.95
N ILE E 587 -47.91 -84.69 -4.73
CA ILE E 587 -48.83 -85.59 -5.42
C ILE E 587 -50.28 -85.27 -5.03
N SER E 588 -50.52 -85.01 -3.74
CA SER E 588 -51.86 -84.66 -3.30
C SER E 588 -52.30 -83.33 -3.90
N LEU E 589 -51.38 -82.37 -4.01
CA LEU E 589 -51.70 -81.10 -4.65
C LEU E 589 -52.10 -81.31 -6.10
N LEU E 590 -51.35 -82.14 -6.83
CA LEU E 590 -51.68 -82.41 -8.23
C LEU E 590 -53.04 -83.10 -8.33
N ASP E 591 -53.31 -84.07 -7.45
CA ASP E 591 -54.56 -84.81 -7.51
C ASP E 591 -55.76 -83.99 -7.03
N LYS E 592 -55.53 -82.92 -6.27
CA LYS E 592 -56.63 -82.13 -5.74
C LYS E 592 -56.91 -80.85 -6.53
N HIS E 593 -55.94 -80.35 -7.29
CA HIS E 593 -56.11 -79.13 -8.06
C HIS E 593 -56.31 -79.39 -9.55
N GLY E 594 -56.53 -80.63 -9.93
CA GLY E 594 -56.76 -80.96 -11.33
C GLY E 594 -55.48 -81.03 -12.13
N ARG E 595 -55.65 -81.10 -13.45
CA ARG E 595 -54.54 -81.21 -14.38
C ARG E 595 -53.93 -79.83 -14.59
N ASN E 596 -52.77 -79.59 -13.98
CA ASN E 596 -52.08 -78.30 -14.05
C ASN E 596 -50.69 -78.51 -14.59
N HIS E 597 -50.29 -77.68 -15.56
CA HIS E 597 -48.96 -77.78 -16.13
C HIS E 597 -47.87 -77.26 -15.20
N LYS E 598 -48.21 -76.34 -14.30
CA LYS E 598 -47.23 -75.84 -13.34
C LYS E 598 -46.75 -76.95 -12.42
N VAL E 599 -47.65 -77.83 -11.97
CA VAL E 599 -47.24 -78.95 -11.15
C VAL E 599 -46.35 -79.89 -11.95
N LEU E 600 -46.65 -80.08 -13.23
CA LEU E 600 -45.81 -80.94 -14.06
C LEU E 600 -44.41 -80.37 -14.22
N ASP E 601 -44.30 -79.05 -14.40
CA ASP E 601 -42.99 -78.42 -14.49
C ASP E 601 -42.26 -78.49 -13.15
N VAL E 602 -42.99 -78.39 -12.04
CA VAL E 602 -42.39 -78.59 -10.72
C VAL E 602 -41.83 -80.00 -10.61
N LEU E 603 -42.57 -80.99 -11.09
CA LEU E 603 -42.08 -82.37 -11.08
C LEU E 603 -40.83 -82.50 -11.94
N CYS E 604 -40.82 -81.86 -13.11
CA CYS E 604 -39.64 -81.91 -13.98
C CYS E 604 -38.43 -81.31 -13.31
N SER E 605 -38.60 -80.17 -12.63
CA SER E 605 -37.50 -79.56 -11.89
C SER E 605 -37.09 -80.43 -10.70
N LEU E 606 -38.04 -81.19 -10.14
CA LEU E 606 -37.71 -82.13 -9.06
C LEU E 606 -36.83 -83.26 -9.57
N CYS E 607 -37.07 -83.71 -10.80
CA CYS E 607 -36.38 -84.88 -11.33
C CYS E 607 -34.88 -84.64 -11.45
N VAL E 608 -34.47 -83.48 -11.97
CA VAL E 608 -33.07 -83.21 -12.27
C VAL E 608 -32.60 -82.04 -11.40
N CYS E 609 -31.28 -81.97 -11.20
CA CYS E 609 -30.69 -80.91 -10.39
C CYS E 609 -29.31 -80.58 -10.96
N ASN E 610 -29.26 -79.59 -11.85
CA ASN E 610 -28.01 -79.07 -12.40
C ASN E 610 -27.13 -80.18 -12.96
N GLY E 611 -27.74 -81.12 -13.66
CA GLY E 611 -27.01 -82.23 -14.25
C GLY E 611 -26.70 -83.37 -13.29
N VAL E 612 -27.22 -83.34 -12.08
CA VAL E 612 -27.03 -84.41 -11.10
C VAL E 612 -28.30 -85.24 -11.06
N ALA E 613 -28.13 -86.57 -11.10
CA ALA E 613 -29.28 -87.46 -11.21
C ALA E 613 -30.20 -87.36 -10.00
N VAL E 614 -29.63 -87.33 -8.80
CA VAL E 614 -30.38 -87.40 -7.55
C VAL E 614 -31.24 -88.65 -7.58
N ARG E 615 -30.61 -89.81 -7.36
CA ARG E 615 -31.27 -91.09 -7.59
C ARG E 615 -32.46 -91.31 -6.65
N SER E 616 -32.38 -90.79 -5.42
CA SER E 616 -33.45 -91.04 -4.45
C SER E 616 -34.77 -90.46 -4.93
N ASN E 617 -34.78 -89.19 -5.30
CA ASN E 617 -36.03 -88.56 -5.72
C ASN E 617 -36.48 -89.08 -7.08
N GLN E 618 -35.52 -89.39 -7.96
CA GLN E 618 -35.86 -89.96 -9.26
C GLN E 618 -36.57 -91.31 -9.10
N ASP E 619 -36.09 -92.13 -8.17
CA ASP E 619 -36.75 -93.41 -7.91
C ASP E 619 -38.09 -93.21 -7.21
N LEU E 620 -38.16 -92.25 -6.28
CA LEU E 620 -39.41 -92.00 -5.58
C LEU E 620 -40.51 -91.53 -6.54
N ILE E 621 -40.12 -90.76 -7.56
CA ILE E 621 -41.11 -90.23 -8.50
C ILE E 621 -41.80 -91.36 -9.25
N THR E 622 -41.02 -92.33 -9.72
CA THR E 622 -41.58 -93.48 -10.42
C THR E 622 -42.13 -94.54 -9.49
N GLU E 623 -41.83 -94.47 -8.19
CA GLU E 623 -42.38 -95.43 -7.25
C GLU E 623 -43.69 -94.96 -6.61
N ASN E 624 -43.96 -93.65 -6.59
CA ASN E 624 -45.15 -93.12 -5.95
C ASN E 624 -46.23 -92.74 -6.96
N LEU E 625 -45.88 -91.91 -7.95
CA LEU E 625 -46.86 -91.38 -8.88
C LEU E 625 -47.06 -92.26 -10.11
N LEU E 626 -45.99 -92.87 -10.60
CA LEU E 626 -46.10 -93.72 -11.79
C LEU E 626 -47.01 -94.93 -11.59
N PRO E 627 -46.88 -95.73 -10.52
CA PRO E 627 -47.73 -96.93 -10.41
C PRO E 627 -49.21 -96.64 -10.30
N GLY E 628 -49.60 -95.43 -9.90
CA GLY E 628 -51.02 -95.13 -9.78
C GLY E 628 -51.76 -95.20 -11.09
N ARG E 629 -51.15 -94.69 -12.17
CA ARG E 629 -51.73 -94.67 -13.51
C ARG E 629 -53.09 -93.96 -13.52
N GLU E 630 -53.27 -92.97 -12.63
CA GLU E 630 -54.50 -92.22 -12.54
C GLU E 630 -54.29 -90.72 -12.68
N LEU E 631 -53.21 -90.19 -12.12
CA LEU E 631 -52.98 -88.75 -12.17
C LEU E 631 -52.66 -88.30 -13.59
N LEU E 632 -51.86 -89.06 -14.33
CA LEU E 632 -51.41 -88.66 -15.66
C LEU E 632 -52.09 -89.50 -16.74
N LEU E 633 -51.97 -89.02 -17.97
CA LEU E 633 -52.60 -89.63 -19.11
C LEU E 633 -51.81 -90.87 -19.56
N GLN E 634 -52.52 -91.80 -20.21
CA GLN E 634 -51.95 -93.09 -20.59
C GLN E 634 -52.07 -93.30 -22.10
N THR E 635 -51.04 -93.95 -22.67
CA THR E 635 -50.98 -94.19 -24.11
C THR E 635 -50.92 -95.69 -24.37
N ASN E 636 -51.66 -96.13 -25.39
CA ASN E 636 -51.69 -97.53 -25.77
C ASN E 636 -52.03 -97.62 -27.25
N LEU E 637 -51.50 -98.65 -27.91
CA LEU E 637 -51.69 -98.84 -29.34
C LEU E 637 -52.89 -99.75 -29.57
N ILE E 638 -53.90 -99.24 -30.29
CA ILE E 638 -55.14 -99.96 -30.49
C ILE E 638 -55.39 -100.12 -32.00
N ASN E 639 -56.31 -101.01 -32.33
CA ASN E 639 -56.65 -101.33 -33.71
C ASN E 639 -58.01 -100.75 -34.06
N TYR E 640 -58.12 -100.24 -35.28
CA TYR E 640 -59.40 -99.71 -35.76
C TYR E 640 -60.41 -100.83 -35.92
N VAL E 641 -61.66 -100.54 -35.57
CA VAL E 641 -62.76 -101.50 -35.67
C VAL E 641 -63.91 -100.86 -36.41
N THR E 642 -64.73 -101.70 -37.04
CA THR E 642 -65.89 -101.25 -37.79
C THR E 642 -67.04 -102.20 -37.54
N SER E 643 -68.26 -101.67 -37.58
CA SER E 643 -69.48 -102.44 -37.36
C SER E 643 -70.35 -102.37 -38.61
N ILE E 644 -70.80 -103.53 -39.09
CA ILE E 644 -71.67 -103.63 -40.25
C ILE E 644 -72.90 -104.44 -39.87
N ARG E 645 -74.07 -103.97 -40.29
CA ARG E 645 -75.33 -104.62 -39.98
C ARG E 645 -76.21 -104.66 -41.21
N PRO E 646 -77.10 -105.65 -41.31
CA PRO E 646 -78.07 -105.66 -42.41
C PRO E 646 -79.13 -104.58 -42.21
N ASN E 647 -79.76 -104.19 -43.34
CA ASN E 647 -80.77 -103.14 -43.31
C ASN E 647 -82.04 -103.57 -42.59
N ILE E 648 -82.21 -104.85 -42.29
CA ILE E 648 -83.41 -105.32 -41.60
C ILE E 648 -83.35 -104.89 -40.14
N PHE E 649 -84.44 -104.31 -39.65
CA PHE E 649 -84.56 -103.88 -38.27
C PHE E 649 -85.82 -104.48 -37.66
N VAL E 650 -85.71 -104.95 -36.41
CA VAL E 650 -86.82 -105.55 -35.69
C VAL E 650 -86.93 -104.88 -34.33
N GLY E 651 -88.13 -104.41 -34.00
CA GLY E 651 -88.37 -103.77 -32.71
C GLY E 651 -89.77 -103.96 -32.18
N ARG E 652 -89.89 -104.23 -30.89
CA ARG E 652 -91.20 -104.42 -30.28
C ARG E 652 -91.97 -103.10 -30.23
N ALA E 653 -93.27 -103.18 -30.50
CA ALA E 653 -94.13 -102.01 -30.47
C ALA E 653 -95.57 -102.49 -30.31
N GLU E 654 -96.49 -101.52 -30.17
CA GLU E 654 -97.90 -101.87 -30.05
C GLU E 654 -98.40 -102.54 -31.33
N GLY E 655 -98.01 -102.02 -32.48
CA GLY E 655 -98.36 -102.63 -33.76
C GLY E 655 -97.41 -103.75 -34.12
N SER E 656 -97.55 -104.89 -33.46
CA SER E 656 -96.64 -106.03 -33.64
C SER E 656 -96.93 -106.68 -35.00
N THR E 657 -96.31 -106.13 -36.04
CA THR E 657 -96.44 -106.68 -37.39
C THR E 657 -95.49 -107.83 -37.65
N GLN E 658 -94.61 -108.16 -36.70
CA GLN E 658 -93.66 -109.24 -36.84
C GLN E 658 -94.01 -110.38 -35.88
N TYR E 659 -93.27 -111.48 -36.01
CA TYR E 659 -93.47 -112.63 -35.13
C TYR E 659 -93.11 -112.33 -33.69
N GLY E 660 -92.27 -111.32 -33.45
CA GLY E 660 -91.75 -111.05 -32.13
C GLY E 660 -90.56 -111.89 -31.72
N LYS E 661 -90.08 -112.76 -32.61
CA LYS E 661 -88.93 -113.61 -32.33
C LYS E 661 -88.24 -113.93 -33.65
N TRP E 662 -86.93 -113.68 -33.72
CA TRP E 662 -86.17 -113.92 -34.93
C TRP E 662 -84.85 -114.59 -34.58
N TYR E 663 -84.32 -115.35 -35.53
CA TYR E 663 -83.09 -116.10 -35.34
C TYR E 663 -82.21 -115.99 -36.58
N PHE E 664 -80.91 -115.84 -36.36
CA PHE E 664 -79.94 -115.75 -37.45
C PHE E 664 -78.68 -116.50 -37.06
N GLU E 665 -77.93 -116.93 -38.07
CA GLU E 665 -76.72 -117.71 -37.87
C GLU E 665 -75.55 -117.05 -38.60
N VAL E 666 -74.36 -117.23 -38.03
CA VAL E 666 -73.12 -116.68 -38.58
C VAL E 666 -72.07 -117.78 -38.60
N MET E 667 -71.44 -117.97 -39.75
CA MET E 667 -70.35 -118.92 -39.91
C MET E 667 -69.02 -118.16 -39.88
N VAL E 668 -68.13 -118.56 -38.99
CA VAL E 668 -66.84 -117.87 -38.85
C VAL E 668 -65.86 -118.45 -39.86
N ASP E 669 -65.28 -117.58 -40.68
CA ASP E 669 -64.30 -117.98 -41.67
C ASP E 669 -62.90 -117.99 -41.04
N GLU E 670 -61.87 -118.13 -41.87
CA GLU E 670 -60.50 -118.13 -41.37
C GLU E 670 -60.15 -116.75 -40.84
N VAL E 671 -59.83 -116.69 -39.54
CA VAL E 671 -59.54 -115.44 -38.86
C VAL E 671 -58.20 -115.57 -38.15
N VAL E 672 -57.30 -114.63 -38.40
CA VAL E 672 -56.01 -114.58 -37.71
C VAL E 672 -56.27 -114.07 -36.29
N PRO E 673 -55.90 -114.83 -35.26
CA PRO E 673 -56.21 -114.38 -33.89
C PRO E 673 -55.45 -113.14 -33.48
N PHE E 674 -54.21 -112.97 -33.92
CA PHE E 674 -53.35 -111.87 -33.52
C PHE E 674 -52.63 -111.28 -34.72
N LEU E 675 -53.39 -110.97 -35.78
CA LEU E 675 -52.79 -110.37 -36.97
C LEU E 675 -52.12 -109.05 -36.65
N THR E 676 -52.75 -108.23 -35.83
CA THR E 676 -52.19 -106.96 -35.40
C THR E 676 -51.56 -107.12 -34.01
N ALA E 677 -51.10 -106.01 -33.44
CA ALA E 677 -50.43 -106.06 -32.13
C ALA E 677 -51.39 -106.52 -31.05
N GLN E 678 -52.63 -106.02 -31.06
CA GLN E 678 -53.62 -106.37 -30.06
C GLN E 678 -54.45 -107.56 -30.51
N ALA E 679 -55.24 -108.09 -29.58
CA ALA E 679 -56.12 -109.21 -29.89
C ALA E 679 -57.24 -108.78 -30.83
N THR E 680 -57.54 -109.63 -31.81
CA THR E 680 -58.62 -109.35 -32.73
C THR E 680 -59.96 -109.42 -32.03
N HIS E 681 -60.88 -108.54 -32.44
CA HIS E 681 -62.19 -108.42 -31.82
C HIS E 681 -63.24 -109.03 -32.75
N LEU E 682 -64.01 -109.97 -32.22
CA LEU E 682 -65.05 -110.66 -32.99
C LEU E 682 -66.23 -110.92 -32.06
N ARG E 683 -67.29 -110.15 -32.21
CA ARG E 683 -68.48 -110.28 -31.38
C ARG E 683 -69.71 -110.28 -32.26
N VAL E 684 -70.71 -111.06 -31.84
CA VAL E 684 -71.98 -111.18 -32.56
C VAL E 684 -73.11 -110.90 -31.60
N GLY E 685 -74.08 -110.10 -32.04
CA GLY E 685 -75.21 -109.77 -31.20
C GLY E 685 -76.11 -108.76 -31.87
N TRP E 686 -76.99 -108.17 -31.06
CA TRP E 686 -77.98 -107.22 -31.51
C TRP E 686 -77.80 -105.89 -30.78
N ALA E 687 -78.14 -104.80 -31.47
CA ALA E 687 -78.01 -103.46 -30.91
C ALA E 687 -79.21 -102.62 -31.33
N LEU E 688 -79.46 -101.57 -30.54
CA LEU E 688 -80.56 -100.67 -30.81
C LEU E 688 -80.27 -99.82 -32.04
N THR E 689 -81.35 -99.31 -32.66
CA THR E 689 -81.23 -98.52 -33.87
C THR E 689 -80.94 -97.05 -33.60
N GLU E 690 -81.00 -96.60 -32.35
CA GLU E 690 -80.77 -95.21 -32.01
C GLU E 690 -79.56 -95.01 -31.10
N GLY E 691 -79.47 -95.78 -30.01
CA GLY E 691 -78.37 -95.61 -29.07
C GLY E 691 -77.04 -96.16 -29.54
N TYR E 692 -77.05 -97.07 -30.50
CA TYR E 692 -75.81 -97.71 -30.99
C TYR E 692 -75.26 -96.87 -32.13
N SER E 693 -74.27 -96.04 -31.83
CA SER E 693 -73.58 -95.22 -32.82
C SER E 693 -72.08 -95.37 -32.64
N PRO E 694 -71.52 -96.52 -33.04
CA PRO E 694 -70.07 -96.72 -32.86
C PRO E 694 -69.24 -95.91 -33.83
N TYR E 695 -68.60 -94.86 -33.33
CA TYR E 695 -67.76 -94.01 -34.17
C TYR E 695 -66.36 -94.60 -34.26
N PRO E 696 -65.83 -94.82 -35.47
CA PRO E 696 -64.47 -95.35 -35.58
C PRO E 696 -63.45 -94.44 -34.92
N GLY E 697 -62.44 -95.05 -34.29
CA GLY E 697 -61.45 -94.30 -33.56
C GLY E 697 -61.74 -94.25 -32.07
N GLY E 698 -62.11 -93.07 -31.58
CA GLY E 698 -62.46 -92.95 -30.19
C GLY E 698 -63.80 -93.60 -29.88
N GLY E 699 -63.98 -93.98 -28.62
CA GLY E 699 -65.21 -94.63 -28.21
C GLY E 699 -65.26 -94.78 -26.70
N GLU E 700 -66.34 -95.40 -26.25
CA GLU E 700 -66.52 -95.63 -24.82
C GLU E 700 -65.47 -96.61 -24.29
N GLY E 701 -65.09 -96.41 -23.03
CA GLY E 701 -64.07 -97.25 -22.44
C GLY E 701 -62.71 -97.04 -23.07
N TRP E 702 -61.92 -98.10 -23.13
CA TRP E 702 -60.60 -98.07 -23.72
C TRP E 702 -60.60 -98.90 -25.00
N GLY E 703 -60.14 -98.30 -26.09
CA GLY E 703 -60.11 -98.96 -27.37
C GLY E 703 -61.38 -98.77 -28.17
N GLY E 704 -61.36 -99.32 -29.39
CA GLY E 704 -62.51 -99.21 -30.27
C GLY E 704 -63.70 -99.98 -29.72
N ASN E 705 -64.88 -99.37 -29.80
CA ASN E 705 -66.09 -99.99 -29.30
C ASN E 705 -66.71 -100.90 -30.35
N GLY E 706 -67.58 -101.80 -29.88
CA GLY E 706 -68.29 -102.70 -30.77
C GLY E 706 -69.63 -103.08 -30.17
N VAL E 707 -70.20 -104.20 -30.63
CA VAL E 707 -71.47 -104.66 -30.06
C VAL E 707 -71.20 -105.20 -28.67
N GLY E 708 -71.95 -104.70 -27.68
CA GLY E 708 -71.72 -105.04 -26.29
C GLY E 708 -70.92 -104.02 -25.52
N ASP E 709 -70.18 -103.15 -26.19
CA ASP E 709 -69.47 -102.08 -25.51
C ASP E 709 -70.44 -101.06 -24.93
N ASP E 710 -71.46 -100.70 -25.71
CA ASP E 710 -72.49 -99.79 -25.25
C ASP E 710 -73.62 -100.57 -24.59
N LEU E 711 -74.33 -99.91 -23.67
CA LEU E 711 -75.44 -100.57 -22.99
C LEU E 711 -76.57 -100.90 -23.95
N TYR E 712 -76.78 -100.08 -24.97
CA TYR E 712 -77.80 -100.38 -25.98
C TYR E 712 -77.46 -101.66 -26.72
N SER E 713 -76.20 -101.84 -27.09
CA SER E 713 -75.77 -103.04 -27.81
C SER E 713 -75.64 -104.22 -26.85
N TYR E 714 -75.87 -105.42 -27.39
CA TYR E 714 -75.77 -106.65 -26.63
C TYR E 714 -75.14 -107.72 -27.50
N GLY E 715 -74.13 -108.42 -26.96
CA GLY E 715 -73.46 -109.44 -27.72
C GLY E 715 -72.50 -110.22 -26.83
N PHE E 716 -71.99 -111.32 -27.39
CA PHE E 716 -71.08 -112.21 -26.68
C PHE E 716 -69.95 -112.60 -27.61
N ASP E 717 -68.75 -112.69 -27.04
CA ASP E 717 -67.52 -112.89 -27.81
C ASP E 717 -67.11 -114.35 -27.93
N GLY E 718 -67.88 -115.28 -27.39
CA GLY E 718 -67.55 -116.68 -27.43
C GLY E 718 -66.88 -117.22 -26.18
N LEU E 719 -66.31 -116.34 -25.36
CA LEU E 719 -65.68 -116.76 -24.11
C LEU E 719 -66.20 -115.94 -22.93
N HIS E 720 -66.59 -114.69 -23.20
CA HIS E 720 -67.11 -113.81 -22.17
C HIS E 720 -68.25 -112.98 -22.74
N LEU E 721 -69.30 -112.80 -21.95
CA LEU E 721 -70.41 -111.96 -22.36
C LEU E 721 -70.01 -110.48 -22.27
N TRP E 722 -70.69 -109.66 -23.07
CA TRP E 722 -70.40 -108.22 -23.13
C TRP E 722 -71.72 -107.47 -23.12
N THR E 723 -72.08 -106.93 -21.95
CA THR E 723 -73.28 -106.11 -21.77
C THR E 723 -72.85 -104.76 -21.22
N GLY E 724 -72.72 -103.77 -22.10
CA GLY E 724 -72.25 -102.46 -21.68
C GLY E 724 -70.79 -102.43 -21.25
N HIS E 725 -69.92 -103.14 -21.98
CA HIS E 725 -68.48 -103.12 -21.72
C HIS E 725 -68.15 -103.55 -20.30
N VAL E 726 -68.80 -104.60 -19.81
CA VAL E 726 -68.51 -105.14 -18.48
C VAL E 726 -67.69 -106.41 -18.53
N ALA E 727 -67.57 -107.06 -19.70
CA ALA E 727 -66.81 -108.30 -19.85
C ALA E 727 -67.29 -109.36 -18.87
N ARG E 728 -68.60 -109.58 -18.84
CA ARG E 728 -69.17 -110.57 -17.95
C ARG E 728 -68.74 -111.97 -18.36
N PRO E 729 -68.45 -112.85 -17.42
CA PRO E 729 -68.03 -114.21 -17.77
C PRO E 729 -69.17 -114.99 -18.41
N VAL E 730 -68.80 -115.91 -19.30
CA VAL E 730 -69.74 -116.77 -20.00
C VAL E 730 -69.11 -118.15 -20.14
N THR E 731 -69.95 -119.19 -20.01
CA THR E 731 -69.50 -120.57 -20.13
C THR E 731 -69.85 -121.06 -21.53
N SER E 732 -68.84 -121.12 -22.39
CA SER E 732 -69.05 -121.59 -23.75
C SER E 732 -69.35 -123.08 -23.74
N PRO E 733 -70.29 -123.55 -24.57
CA PRO E 733 -70.59 -124.99 -24.62
C PRO E 733 -69.38 -125.83 -25.00
N GLY E 734 -68.54 -125.33 -25.91
CA GLY E 734 -67.33 -126.01 -26.32
C GLY E 734 -66.08 -125.58 -25.61
N GLN E 735 -66.19 -124.69 -24.62
CA GLN E 735 -65.04 -124.17 -23.87
C GLN E 735 -64.01 -123.55 -24.81
N HIS E 736 -64.48 -122.84 -25.83
CA HIS E 736 -63.61 -122.22 -26.82
C HIS E 736 -64.17 -120.85 -27.21
N LEU E 737 -63.28 -119.92 -27.48
CA LEU E 737 -63.66 -118.58 -27.88
C LEU E 737 -63.97 -118.55 -29.38
N LEU E 738 -64.09 -117.36 -29.95
CA LEU E 738 -64.35 -117.22 -31.37
C LEU E 738 -63.21 -117.83 -32.17
N ALA E 739 -63.52 -118.89 -32.92
CA ALA E 739 -62.53 -119.64 -33.68
C ALA E 739 -63.01 -119.81 -35.11
N PRO E 740 -62.07 -119.99 -36.06
CA PRO E 740 -62.48 -120.22 -37.45
C PRO E 740 -63.23 -121.53 -37.60
N GLU E 741 -64.05 -121.59 -38.65
CA GLU E 741 -64.87 -122.78 -38.96
C GLU E 741 -65.80 -123.13 -37.80
N ASP E 742 -66.36 -122.10 -37.17
CA ASP E 742 -67.33 -122.27 -36.08
C ASP E 742 -68.67 -121.68 -36.51
N VAL E 743 -69.73 -122.46 -36.31
CA VAL E 743 -71.08 -122.04 -36.71
C VAL E 743 -71.76 -121.50 -35.46
N VAL E 744 -71.72 -120.20 -35.29
CA VAL E 744 -72.37 -119.52 -34.18
C VAL E 744 -73.77 -119.07 -34.63
N SER E 745 -74.67 -118.92 -33.66
CA SER E 745 -76.03 -118.52 -33.97
C SER E 745 -76.65 -117.85 -32.76
N CYS E 746 -77.30 -116.71 -32.98
CA CYS E 746 -77.97 -115.96 -31.92
C CYS E 746 -79.43 -115.74 -32.30
N CYS E 747 -80.31 -115.87 -31.31
CA CYS E 747 -81.74 -115.68 -31.50
C CYS E 747 -82.27 -114.77 -30.40
N LEU E 748 -82.74 -113.59 -30.79
CA LEU E 748 -83.31 -112.62 -29.87
C LEU E 748 -84.77 -112.39 -30.22
N ASP E 749 -85.62 -112.33 -29.21
CA ASP E 749 -87.05 -112.12 -29.38
C ASP E 749 -87.46 -110.81 -28.73
N LEU E 750 -88.22 -110.00 -29.46
CA LEU E 750 -88.65 -108.70 -28.94
C LEU E 750 -89.78 -108.84 -27.93
N SER E 751 -90.67 -109.83 -28.12
CA SER E 751 -91.82 -109.97 -27.24
C SER E 751 -91.39 -110.36 -25.83
N VAL E 752 -90.57 -111.40 -25.70
CA VAL E 752 -90.09 -111.86 -24.40
C VAL E 752 -88.75 -111.18 -24.12
N PRO E 753 -88.54 -110.65 -22.91
CA PRO E 753 -87.29 -109.94 -22.60
C PRO E 753 -86.07 -110.84 -22.45
N SER E 754 -86.16 -112.12 -22.80
CA SER E 754 -85.04 -113.04 -22.72
C SER E 754 -84.52 -113.33 -24.11
N ILE E 755 -83.21 -113.13 -24.31
CA ILE E 755 -82.55 -113.39 -25.59
C ILE E 755 -81.36 -114.29 -25.33
N SER E 756 -81.25 -115.36 -26.13
CA SER E 756 -80.19 -116.35 -25.97
C SER E 756 -79.38 -116.45 -27.27
N PHE E 757 -78.40 -117.34 -27.25
CA PHE E 757 -77.55 -117.59 -28.41
C PHE E 757 -76.97 -118.99 -28.31
N ARG E 758 -76.51 -119.50 -29.45
CA ARG E 758 -75.94 -120.84 -29.53
C ARG E 758 -74.54 -120.76 -30.14
N ILE E 759 -73.62 -121.53 -29.58
CA ILE E 759 -72.23 -121.56 -30.02
C ILE E 759 -71.90 -122.97 -30.50
N ASN E 760 -71.38 -123.07 -31.73
CA ASN E 760 -70.98 -124.35 -32.32
C ASN E 760 -72.14 -125.35 -32.34
N GLY E 761 -73.34 -124.85 -32.63
CA GLY E 761 -74.50 -125.70 -32.71
C GLY E 761 -75.12 -126.10 -31.39
N CYS E 762 -74.61 -125.56 -30.28
CA CYS E 762 -75.14 -125.89 -28.96
C CYS E 762 -75.48 -124.59 -28.24
N PRO E 763 -76.65 -124.49 -27.61
CA PRO E 763 -77.00 -123.26 -26.89
C PRO E 763 -76.07 -123.01 -25.73
N VAL E 764 -75.79 -121.74 -25.46
CA VAL E 764 -74.91 -121.34 -24.38
C VAL E 764 -75.72 -121.24 -23.09
N GLN E 765 -75.01 -121.21 -21.96
CA GLN E 765 -75.64 -121.14 -20.66
C GLN E 765 -75.94 -119.73 -20.20
N GLY E 766 -75.52 -118.71 -20.95
CA GLY E 766 -75.75 -117.33 -20.61
C GLY E 766 -76.85 -116.73 -21.45
N VAL E 767 -77.89 -116.23 -20.78
CA VAL E 767 -79.05 -115.66 -21.43
C VAL E 767 -79.27 -114.23 -20.94
N PHE E 768 -79.40 -113.30 -21.88
CA PHE E 768 -79.70 -111.91 -21.53
C PHE E 768 -81.16 -111.78 -21.11
N GLU E 769 -81.41 -110.86 -20.19
CA GLU E 769 -82.76 -110.68 -19.67
C GLU E 769 -82.96 -109.23 -19.25
N ALA E 770 -84.22 -108.82 -19.14
CA ALA E 770 -84.61 -107.49 -18.68
C ALA E 770 -83.99 -106.39 -19.53
N PHE E 771 -84.00 -106.59 -20.84
CA PHE E 771 -83.51 -105.58 -21.78
C PHE E 771 -84.68 -104.80 -22.35
N ASN E 772 -84.49 -103.48 -22.49
CA ASN E 772 -85.56 -102.61 -22.96
C ASN E 772 -85.91 -102.91 -24.41
N LEU E 773 -87.20 -102.81 -24.73
CA LEU E 773 -87.69 -103.06 -26.08
C LEU E 773 -87.77 -101.79 -26.92
N ASP E 774 -87.37 -100.65 -26.37
CA ASP E 774 -87.40 -99.41 -27.12
C ASP E 774 -86.42 -99.46 -28.29
N GLY E 775 -86.86 -98.96 -29.44
CA GLY E 775 -86.05 -98.99 -30.64
C GLY E 775 -86.12 -100.33 -31.36
N LEU E 776 -85.41 -100.41 -32.47
CA LEU E 776 -85.36 -101.61 -33.29
C LEU E 776 -83.97 -102.22 -33.24
N PHE E 777 -83.93 -103.55 -33.30
CA PHE E 777 -82.69 -104.31 -33.14
C PHE E 777 -82.31 -104.98 -34.46
N PHE E 778 -81.01 -105.03 -34.73
CA PHE E 778 -80.46 -105.64 -35.92
C PHE E 778 -79.29 -106.52 -35.54
N PRO E 779 -79.04 -107.60 -36.29
CA PRO E 779 -77.86 -108.46 -36.01
C PRO E 779 -76.55 -107.86 -36.50
N VAL E 780 -75.98 -106.99 -35.67
CA VAL E 780 -74.76 -106.27 -36.01
C VAL E 780 -73.56 -107.04 -35.51
N VAL E 781 -72.53 -107.14 -36.35
CA VAL E 781 -71.27 -107.80 -36.01
C VAL E 781 -70.15 -106.77 -36.10
N SER E 782 -69.37 -106.66 -35.03
CA SER E 782 -68.27 -105.70 -34.97
C SER E 782 -66.98 -106.41 -35.33
N PHE E 783 -66.79 -106.63 -36.63
CA PHE E 783 -65.57 -107.24 -37.13
C PHE E 783 -64.39 -106.30 -36.95
N SER E 784 -63.23 -106.87 -36.64
CA SER E 784 -62.01 -106.10 -36.46
C SER E 784 -61.15 -106.18 -37.72
N ALA E 785 -59.96 -105.60 -37.63
CA ALA E 785 -59.04 -105.62 -38.76
C ALA E 785 -58.44 -107.01 -38.94
N GLY E 786 -58.26 -107.40 -40.21
CA GLY E 786 -57.68 -108.69 -40.52
C GLY E 786 -58.53 -109.88 -40.09
N VAL E 787 -59.84 -109.82 -40.37
CA VAL E 787 -60.76 -110.87 -39.99
C VAL E 787 -61.64 -111.22 -41.18
N LYS E 788 -62.17 -112.44 -41.17
CA LYS E 788 -63.08 -112.91 -42.20
C LYS E 788 -64.20 -113.70 -41.55
N VAL E 789 -65.43 -113.49 -42.02
CA VAL E 789 -66.60 -114.13 -41.45
C VAL E 789 -67.69 -114.19 -42.52
N ARG E 790 -68.64 -115.10 -42.33
CA ARG E 790 -69.75 -115.28 -43.27
C ARG E 790 -71.05 -114.87 -42.61
N PHE E 791 -71.95 -114.29 -43.42
CA PHE E 791 -73.24 -113.81 -42.94
C PHE E 791 -74.36 -114.65 -43.55
N LEU E 792 -75.23 -115.17 -42.69
CA LEU E 792 -76.41 -115.92 -43.11
C LEU E 792 -77.66 -115.23 -42.56
N LEU E 793 -78.60 -114.93 -43.44
CA LEU E 793 -79.82 -114.23 -43.04
C LEU E 793 -81.09 -115.05 -43.24
N GLY E 794 -81.09 -116.06 -44.09
CA GLY E 794 -82.28 -116.85 -44.31
C GLY E 794 -82.08 -117.80 -45.48
N GLY E 795 -83.17 -118.50 -45.80
CA GLY E 795 -83.13 -119.46 -46.89
C GLY E 795 -82.93 -118.79 -48.24
N ARG E 796 -83.54 -117.63 -48.45
CA ARG E 796 -83.38 -116.93 -49.72
C ARG E 796 -81.94 -116.47 -49.94
N HIS E 797 -81.30 -115.95 -48.90
CA HIS E 797 -79.95 -115.40 -49.01
C HIS E 797 -78.86 -116.42 -48.74
N GLY E 798 -79.20 -117.64 -48.35
CA GLY E 798 -78.19 -118.63 -48.06
C GLY E 798 -78.81 -119.91 -47.56
N GLU E 799 -77.94 -120.81 -47.09
CA GLU E 799 -78.35 -122.10 -46.54
C GLU E 799 -78.16 -122.07 -45.03
N PHE E 800 -79.21 -122.48 -44.31
CA PHE E 800 -79.20 -122.50 -42.85
C PHE E 800 -78.85 -123.91 -42.38
N LYS E 801 -77.65 -124.07 -41.81
CA LYS E 801 -77.24 -125.37 -41.30
C LYS E 801 -78.11 -125.81 -40.14
N PHE E 802 -78.45 -124.88 -39.25
CA PHE E 802 -79.28 -125.17 -38.09
C PHE E 802 -80.71 -124.71 -38.36
N LEU E 803 -81.67 -125.60 -38.13
CA LEU E 803 -83.07 -125.26 -38.32
C LEU E 803 -83.49 -124.18 -37.33
N PRO E 804 -84.30 -123.21 -37.75
CA PRO E 804 -84.72 -122.15 -36.83
C PRO E 804 -85.52 -122.71 -35.66
N PRO E 805 -85.33 -122.17 -34.46
CA PRO E 805 -86.11 -122.62 -33.32
C PRO E 805 -87.57 -122.22 -33.47
N PRO E 806 -88.49 -122.94 -32.84
CA PRO E 806 -89.91 -122.55 -32.91
C PRO E 806 -90.13 -121.15 -32.36
N GLY E 807 -91.01 -120.40 -33.03
CA GLY E 807 -91.26 -119.03 -32.65
C GLY E 807 -90.28 -118.05 -33.27
N TYR E 808 -89.00 -118.41 -33.27
CA TYR E 808 -87.95 -117.57 -33.83
C TYR E 808 -87.92 -117.77 -35.34
N ALA E 809 -88.65 -116.92 -36.06
CA ALA E 809 -88.72 -117.01 -37.50
C ALA E 809 -87.39 -116.59 -38.12
N PRO E 810 -87.03 -117.16 -39.27
CA PRO E 810 -85.79 -116.74 -39.95
C PRO E 810 -85.87 -115.27 -40.36
N CYS E 811 -84.72 -114.61 -40.32
CA CYS E 811 -84.67 -113.16 -40.45
C CYS E 811 -85.01 -112.66 -41.85
N HIS E 812 -84.96 -113.52 -42.87
CA HIS E 812 -85.26 -113.05 -44.21
C HIS E 812 -86.74 -112.72 -44.39
N GLU E 813 -87.60 -113.19 -43.48
CA GLU E 813 -89.02 -112.85 -43.53
C GLU E 813 -89.31 -111.45 -43.02
N ALA E 814 -88.33 -110.78 -42.42
CA ALA E 814 -88.50 -109.42 -41.90
C ALA E 814 -87.95 -108.36 -42.86
N VAL E 815 -87.63 -108.74 -44.09
CA VAL E 815 -87.07 -107.79 -45.05
C VAL E 815 -88.13 -106.77 -45.43
N LEU E 816 -87.80 -105.49 -45.30
CA LEU E 816 -88.73 -104.44 -45.68
C LEU E 816 -88.92 -104.43 -47.19
N PRO E 817 -90.12 -104.12 -47.69
CA PRO E 817 -90.34 -104.10 -49.14
C PRO E 817 -89.75 -102.89 -49.84
N ARG E 818 -89.42 -101.83 -49.10
CA ARG E 818 -88.90 -100.62 -49.74
C ARG E 818 -87.55 -100.86 -50.40
N GLU E 819 -86.67 -101.61 -49.72
CA GLU E 819 -85.32 -101.84 -50.23
C GLU E 819 -84.96 -103.31 -50.06
N ARG E 820 -83.91 -103.73 -50.76
CA ARG E 820 -83.43 -105.10 -50.70
C ARG E 820 -82.62 -105.30 -49.41
N LEU E 821 -81.96 -106.45 -49.31
CA LEU E 821 -81.17 -106.80 -48.13
C LEU E 821 -79.70 -106.60 -48.43
N ARG E 822 -79.03 -105.80 -47.60
CA ARG E 822 -77.60 -105.52 -47.78
C ARG E 822 -77.03 -105.09 -46.43
N LEU E 823 -75.71 -105.16 -46.33
CA LEU E 823 -74.99 -104.80 -45.11
C LEU E 823 -74.34 -103.44 -45.28
N GLU E 824 -74.60 -102.54 -44.33
CA GLU E 824 -74.07 -101.19 -44.37
C GLU E 824 -73.53 -100.82 -42.99
N PRO E 825 -72.51 -99.96 -42.93
CA PRO E 825 -72.00 -99.51 -41.64
C PRO E 825 -73.00 -98.64 -40.90
N ILE E 826 -72.84 -98.60 -39.58
CA ILE E 826 -73.75 -97.87 -38.70
C ILE E 826 -73.26 -96.43 -38.57
N LYS E 827 -74.12 -95.48 -38.97
CA LYS E 827 -73.85 -94.05 -38.83
C LYS E 827 -72.52 -93.66 -39.46
N GLU E 828 -72.25 -94.20 -40.65
CA GLU E 828 -71.02 -93.88 -41.35
C GLU E 828 -71.03 -92.43 -41.80
N TYR E 829 -69.91 -91.73 -41.59
CA TYR E 829 -69.78 -90.34 -41.97
C TYR E 829 -68.95 -90.15 -43.24
N ARG E 830 -68.28 -91.18 -43.73
CA ARG E 830 -67.49 -91.09 -44.94
C ARG E 830 -67.43 -92.45 -45.61
N ARG E 831 -67.45 -92.45 -46.94
CA ARG E 831 -67.38 -93.67 -47.72
C ARG E 831 -66.40 -93.48 -48.87
N GLU E 832 -65.84 -94.59 -49.34
CA GLU E 832 -64.87 -94.54 -50.43
C GLU E 832 -65.55 -94.07 -51.71
N GLY E 833 -64.84 -93.23 -52.47
CA GLY E 833 -65.35 -92.69 -53.70
C GLY E 833 -64.27 -92.02 -54.53
N PRO E 834 -64.60 -91.68 -55.78
CA PRO E 834 -63.66 -91.01 -56.70
C PRO E 834 -63.21 -89.65 -56.17
N PRO E 837 -63.99 -89.29 -48.82
CA PRO E 837 -64.43 -88.86 -50.15
C PRO E 837 -65.94 -88.68 -50.24
N HIS E 838 -66.68 -89.78 -50.36
CA HIS E 838 -68.13 -89.75 -50.44
C HIS E 838 -68.71 -89.80 -49.03
N LEU E 839 -68.77 -88.63 -48.40
CA LEU E 839 -69.30 -88.53 -47.04
C LEU E 839 -70.80 -88.81 -47.03
N VAL E 840 -71.25 -89.49 -45.98
CA VAL E 840 -72.64 -89.87 -45.81
C VAL E 840 -73.17 -89.22 -44.54
N GLY E 841 -74.30 -88.54 -44.65
CA GLY E 841 -74.89 -87.86 -43.52
C GLY E 841 -75.64 -88.82 -42.61
N PRO E 842 -76.21 -88.26 -41.54
CA PRO E 842 -76.97 -89.10 -40.61
C PRO E 842 -78.21 -89.70 -41.27
N SER E 843 -78.57 -90.88 -40.80
CA SER E 843 -79.72 -91.61 -41.32
C SER E 843 -80.79 -91.68 -40.25
N ARG E 844 -82.01 -91.24 -40.59
CA ARG E 844 -83.13 -91.25 -39.66
C ARG E 844 -83.87 -92.57 -39.83
N CYS E 845 -83.41 -93.58 -39.11
CA CYS E 845 -84.04 -94.90 -39.16
C CYS E 845 -85.43 -94.85 -38.54
N LEU E 846 -86.34 -95.68 -39.08
CA LEU E 846 -87.69 -95.74 -38.56
C LEU E 846 -87.71 -96.23 -37.13
N SER E 847 -88.46 -95.55 -36.27
CA SER E 847 -88.57 -95.89 -34.87
C SER E 847 -89.74 -96.85 -34.66
N HIS E 848 -90.06 -97.15 -33.40
CA HIS E 848 -91.18 -98.03 -33.09
C HIS E 848 -92.51 -97.43 -33.50
N THR E 849 -92.60 -96.10 -33.61
CA THR E 849 -93.85 -95.47 -34.05
C THR E 849 -94.20 -95.87 -35.47
N ASP E 850 -93.19 -95.94 -36.36
CA ASP E 850 -93.45 -96.35 -37.74
C ASP E 850 -93.89 -97.80 -37.82
N PHE E 851 -93.44 -98.64 -36.87
CA PHE E 851 -93.88 -100.04 -36.86
C PHE E 851 -95.38 -100.15 -36.62
N VAL E 852 -95.91 -99.34 -35.73
CA VAL E 852 -97.35 -99.36 -35.45
C VAL E 852 -98.09 -98.78 -36.64
N PRO E 853 -99.08 -99.49 -37.22
CA PRO E 853 -99.86 -98.99 -38.35
C PRO E 853 -100.73 -97.78 -37.99
N ILE E 861 -117.32 -93.06 -38.76
CA ILE E 861 -117.86 -92.10 -37.82
C ILE E 861 -119.39 -92.11 -37.87
N VAL E 862 -120.00 -91.08 -37.30
CA VAL E 862 -121.46 -90.98 -37.29
C VAL E 862 -121.94 -90.62 -38.69
N LEU E 863 -122.93 -91.37 -39.18
CA LEU E 863 -123.47 -91.15 -40.52
C LEU E 863 -124.85 -90.52 -40.45
N PRO E 864 -125.00 -89.26 -40.85
CA PRO E 864 -126.34 -88.65 -40.92
C PRO E 864 -127.18 -89.33 -41.98
N PRO E 865 -128.51 -89.15 -41.94
CA PRO E 865 -129.37 -89.86 -42.91
C PRO E 865 -129.03 -89.61 -44.37
N HIS E 866 -128.66 -88.38 -44.73
CA HIS E 866 -128.21 -88.12 -46.09
C HIS E 866 -126.92 -88.88 -46.38
N LEU E 867 -125.99 -88.89 -45.41
CA LEU E 867 -124.80 -89.72 -45.55
C LEU E 867 -125.15 -91.20 -45.56
N GLU E 868 -126.23 -91.60 -44.87
CA GLU E 868 -126.67 -92.99 -44.94
C GLU E 868 -127.13 -93.36 -46.35
N ARG E 869 -127.89 -92.48 -46.99
CA ARG E 869 -128.30 -92.73 -48.38
C ARG E 869 -127.09 -92.74 -49.31
N ILE E 870 -126.14 -91.83 -49.09
CA ILE E 870 -124.92 -91.82 -49.88
C ILE E 870 -124.15 -93.13 -49.68
N ARG E 871 -124.13 -93.64 -48.46
CA ARG E 871 -123.44 -94.90 -48.17
C ARG E 871 -124.15 -96.08 -48.83
N GLU E 872 -125.48 -96.06 -48.88
CA GLU E 872 -126.20 -97.12 -49.57
C GLU E 872 -125.91 -97.09 -51.08
N LYS E 873 -125.88 -95.90 -51.66
CA LYS E 873 -125.54 -95.78 -53.08
C LYS E 873 -124.11 -96.24 -53.32
N LEU E 874 -123.19 -95.89 -52.42
CA LEU E 874 -121.81 -96.35 -52.52
C LEU E 874 -121.71 -97.86 -52.36
N ALA E 875 -122.57 -98.46 -51.53
CA ALA E 875 -122.59 -99.91 -51.40
C ALA E 875 -123.03 -100.57 -52.70
N GLU E 876 -124.06 -100.01 -53.34
CA GLU E 876 -124.47 -100.53 -54.65
C GLU E 876 -123.35 -100.40 -55.67
N ASN E 877 -122.68 -99.25 -55.69
CA ASN E 877 -121.58 -99.04 -56.63
C ASN E 877 -120.42 -99.98 -56.34
N ILE E 878 -120.12 -100.22 -55.07
CA ILE E 878 -119.03 -101.12 -54.70
C ILE E 878 -119.36 -102.56 -55.07
N HIS E 879 -120.63 -102.95 -54.91
CA HIS E 879 -121.04 -104.28 -55.35
C HIS E 879 -120.87 -104.42 -56.87
N GLU E 880 -121.28 -103.39 -57.62
CA GLU E 880 -121.10 -103.44 -59.06
C GLU E 880 -119.62 -103.50 -59.45
N LEU E 881 -118.78 -102.73 -58.76
CA LEU E 881 -117.35 -102.74 -59.05
C LEU E 881 -116.73 -104.09 -58.70
N TRP E 882 -117.15 -104.70 -57.60
CA TRP E 882 -116.64 -106.01 -57.23
C TRP E 882 -117.05 -107.06 -58.26
N ALA E 883 -118.31 -106.98 -58.74
CA ALA E 883 -118.75 -107.90 -59.78
C ALA E 883 -117.94 -107.71 -61.06
N LEU E 884 -117.67 -106.47 -61.43
CA LEU E 884 -116.88 -106.21 -62.64
C LEU E 884 -115.45 -106.70 -62.49
N THR E 885 -114.84 -106.49 -61.33
CA THR E 885 -113.44 -106.85 -61.13
C THR E 885 -113.25 -108.35 -60.94
N ARG E 886 -114.25 -109.05 -60.40
CA ARG E 886 -114.12 -110.48 -60.18
C ARG E 886 -114.03 -111.27 -61.48
N ILE E 887 -114.46 -110.69 -62.60
CA ILE E 887 -114.37 -111.36 -63.89
C ILE E 887 -112.98 -111.21 -64.48
N HIS E 904 -117.80 -117.18 -62.64
CA HIS E 904 -118.24 -117.07 -61.25
C HIS E 904 -119.54 -116.28 -61.15
N PRO E 905 -120.47 -116.77 -60.33
CA PRO E 905 -121.75 -116.05 -60.17
C PRO E 905 -121.57 -114.64 -59.62
N CYS E 906 -120.59 -114.43 -58.75
CA CYS E 906 -120.35 -113.07 -58.24
C CYS E 906 -119.89 -112.13 -59.34
N LEU E 907 -119.05 -112.63 -60.25
CA LEU E 907 -118.52 -111.78 -61.32
C LEU E 907 -119.58 -111.46 -62.38
N VAL E 908 -120.66 -112.23 -62.45
CA VAL E 908 -121.67 -112.00 -63.49
C VAL E 908 -122.34 -110.65 -63.27
N ASN E 909 -122.82 -110.40 -62.06
CA ASN E 909 -123.49 -109.14 -61.74
C ASN E 909 -123.54 -108.98 -60.23
N PHE E 910 -123.79 -107.73 -59.80
CA PHE E 910 -123.94 -107.47 -58.37
C PHE E 910 -125.18 -108.17 -57.81
N HIS E 911 -126.30 -108.12 -58.55
CA HIS E 911 -127.50 -108.82 -58.11
C HIS E 911 -127.32 -110.33 -58.11
N SER E 912 -126.65 -110.85 -59.15
CA SER E 912 -126.40 -112.28 -59.23
C SER E 912 -125.33 -112.75 -58.25
N LEU E 913 -124.61 -111.84 -57.61
CA LEU E 913 -123.59 -112.22 -56.66
C LEU E 913 -124.21 -112.88 -55.43
N PRO E 914 -123.48 -113.79 -54.78
CA PRO E 914 -124.01 -114.42 -53.57
C PRO E 914 -124.25 -113.40 -52.46
N GLU E 915 -125.21 -113.71 -51.60
CA GLU E 915 -125.55 -112.81 -50.50
C GLU E 915 -124.36 -112.49 -49.59
N PRO E 916 -123.52 -113.44 -49.18
CA PRO E 916 -122.34 -113.05 -48.39
C PRO E 916 -121.42 -112.09 -49.12
N GLU E 917 -121.24 -112.26 -50.43
CA GLU E 917 -120.40 -111.34 -51.19
C GLU E 917 -121.00 -109.93 -51.22
N ARG E 918 -122.31 -109.84 -51.42
CA ARG E 918 -122.97 -108.53 -51.40
C ARG E 918 -122.86 -107.89 -50.03
N ASN E 919 -123.01 -108.68 -48.96
CA ASN E 919 -122.88 -108.15 -47.61
C ASN E 919 -121.46 -107.64 -47.36
N TYR E 920 -120.46 -108.39 -47.81
CA TYR E 920 -119.07 -107.96 -47.64
C TYR E 920 -118.80 -106.67 -48.41
N ASN E 921 -119.31 -106.58 -49.65
CA ASN E 921 -119.13 -105.36 -50.43
C ASN E 921 -119.80 -104.17 -49.77
N LEU E 922 -121.02 -104.38 -49.24
CA LEU E 922 -121.72 -103.31 -48.54
C LEU E 922 -120.96 -102.88 -47.30
N GLN E 923 -120.41 -103.82 -46.55
CA GLN E 923 -119.63 -103.48 -45.36
C GLN E 923 -118.37 -102.70 -45.73
N MET E 924 -117.69 -103.11 -46.79
CA MET E 924 -116.50 -102.38 -47.22
C MET E 924 -116.84 -100.96 -47.66
N SER E 925 -117.94 -100.81 -48.41
CA SER E 925 -118.35 -99.47 -48.84
C SER E 925 -118.77 -98.62 -47.65
N GLY E 926 -119.43 -99.23 -46.66
CA GLY E 926 -119.78 -98.49 -45.46
C GLY E 926 -118.57 -98.03 -44.68
N GLU E 927 -117.56 -98.90 -44.60
CA GLU E 927 -116.30 -98.50 -43.95
C GLU E 927 -115.63 -97.36 -44.69
N THR E 928 -115.64 -97.42 -46.03
CA THR E 928 -115.07 -96.34 -46.82
C THR E 928 -115.83 -95.02 -46.61
N LEU E 929 -117.15 -95.10 -46.56
CA LEU E 929 -117.96 -93.90 -46.31
C LEU E 929 -117.71 -93.35 -44.91
N LYS E 930 -117.55 -94.23 -43.92
CA LYS E 930 -117.25 -93.79 -42.57
C LYS E 930 -115.88 -93.10 -42.52
N THR E 931 -114.89 -93.65 -43.23
CA THR E 931 -113.59 -92.99 -43.30
C THR E 931 -113.68 -91.63 -43.96
N LEU E 932 -114.46 -91.54 -45.05
CA LEU E 932 -114.64 -90.26 -45.73
C LEU E 932 -115.30 -89.23 -44.82
N LEU E 933 -116.31 -89.67 -44.06
CA LEU E 933 -116.97 -88.77 -43.11
C LEU E 933 -116.00 -88.34 -42.01
N ALA E 934 -115.18 -89.26 -41.51
CA ALA E 934 -114.17 -88.93 -40.51
C ALA E 934 -113.11 -87.99 -41.05
N LEU E 935 -112.89 -87.98 -42.37
CA LEU E 935 -111.96 -87.02 -42.96
C LEU E 935 -112.43 -85.60 -42.73
N GLY E 936 -113.74 -85.36 -42.84
CA GLY E 936 -114.31 -84.05 -42.57
C GLY E 936 -113.88 -82.96 -43.55
N CYS E 937 -113.87 -83.27 -44.84
CA CYS E 937 -113.50 -82.29 -45.85
C CYS E 937 -114.71 -81.49 -46.31
N VAL E 985 -108.26 -88.29 -51.06
CA VAL E 985 -108.42 -89.73 -51.24
C VAL E 985 -107.27 -90.48 -50.59
N ASP E 986 -106.10 -89.83 -50.55
CA ASP E 986 -104.93 -90.46 -49.93
C ASP E 986 -105.15 -90.71 -48.44
N ARG E 987 -105.77 -89.75 -47.75
CA ARG E 987 -106.03 -89.92 -46.32
C ARG E 987 -107.01 -91.07 -46.07
N LEU E 988 -108.04 -91.17 -46.90
CA LEU E 988 -109.00 -92.26 -46.74
C LEU E 988 -108.33 -93.61 -46.97
N ALA E 989 -107.48 -93.71 -48.00
CA ALA E 989 -106.74 -94.94 -48.23
C ALA E 989 -105.82 -95.26 -47.07
N GLU E 990 -105.17 -94.24 -46.50
CA GLU E 990 -104.30 -94.46 -45.35
C GLU E 990 -105.10 -95.00 -44.16
N ASN E 991 -106.26 -94.41 -43.90
CA ASN E 991 -107.08 -94.88 -42.78
C ASN E 991 -107.56 -96.30 -43.02
N GLY E 992 -107.96 -96.62 -44.25
CA GLY E 992 -108.39 -97.97 -44.56
C GLY E 992 -107.27 -98.98 -44.39
N HIS E 993 -106.07 -98.64 -44.87
CA HIS E 993 -104.92 -99.52 -44.69
C HIS E 993 -104.59 -99.70 -43.21
N ASN E 994 -104.67 -98.63 -42.43
CA ASN E 994 -104.37 -98.72 -41.00
C ASN E 994 -105.37 -99.62 -40.29
N VAL E 995 -106.66 -99.46 -40.57
CA VAL E 995 -107.65 -100.29 -39.90
C VAL E 995 -107.55 -101.74 -40.36
N TRP E 996 -107.24 -101.97 -41.64
CA TRP E 996 -107.04 -103.34 -42.11
C TRP E 996 -105.84 -103.99 -41.45
N ALA E 997 -104.75 -103.23 -41.29
CA ALA E 997 -103.57 -103.75 -40.60
C ALA E 997 -103.87 -104.04 -39.14
N ARG E 998 -104.65 -103.18 -38.49
CA ARG E 998 -105.05 -103.43 -37.10
C ARG E 998 -105.89 -104.71 -37.00
N ASP E 999 -106.82 -104.91 -37.92
CA ASP E 999 -107.61 -106.13 -37.93
C ASP E 999 -106.74 -107.36 -38.16
N ARG E 1000 -105.75 -107.25 -39.06
CA ARG E 1000 -104.84 -108.35 -39.32
C ARG E 1000 -104.00 -108.68 -38.09
N VAL E 1001 -103.53 -107.65 -37.39
CA VAL E 1001 -102.75 -107.86 -36.17
C VAL E 1001 -103.62 -108.50 -35.10
N ALA E 1002 -104.90 -108.12 -35.04
CA ALA E 1002 -105.83 -108.79 -34.13
C ALA E 1002 -105.99 -110.26 -34.51
N GLN E 1003 -106.02 -110.55 -35.81
CA GLN E 1003 -106.12 -111.93 -36.28
C GLN E 1003 -104.79 -112.67 -36.22
N GLY E 1004 -103.68 -111.98 -35.98
CA GLY E 1004 -102.39 -112.62 -35.86
C GLY E 1004 -101.54 -112.61 -37.10
N TRP E 1005 -101.92 -111.86 -38.13
CA TRP E 1005 -101.12 -111.79 -39.35
C TRP E 1005 -99.80 -111.08 -39.10
N SER E 1006 -98.76 -111.52 -39.79
CA SER E 1006 -97.42 -110.96 -39.61
C SER E 1006 -96.67 -110.99 -40.94
N TYR E 1007 -95.63 -110.18 -41.02
CA TYR E 1007 -94.80 -110.11 -42.22
C TYR E 1007 -94.02 -111.40 -42.40
N SER E 1008 -94.02 -111.93 -43.62
CA SER E 1008 -93.23 -113.11 -43.95
C SER E 1008 -92.76 -112.99 -45.40
N ALA E 1009 -91.55 -113.48 -45.66
CA ALA E 1009 -91.04 -113.49 -47.04
C ALA E 1009 -91.90 -114.38 -47.93
N VAL E 1010 -92.28 -115.54 -47.42
CA VAL E 1010 -93.18 -116.45 -48.11
C VAL E 1010 -94.49 -116.51 -47.34
N GLN E 1011 -95.60 -116.30 -48.03
CA GLN E 1011 -96.91 -116.26 -47.37
C GLN E 1011 -97.22 -117.62 -46.75
N ASP E 1012 -97.67 -117.59 -45.50
CA ASP E 1012 -98.03 -118.80 -44.74
C ASP E 1012 -99.37 -118.53 -44.05
N ILE E 1013 -100.46 -118.83 -44.74
CA ILE E 1013 -101.79 -118.63 -44.16
C ILE E 1013 -102.00 -119.48 -42.91
N PRO E 1014 -101.69 -120.78 -42.89
CA PRO E 1014 -101.88 -121.55 -41.65
C PRO E 1014 -101.03 -121.04 -40.49
N ALA E 1015 -99.86 -120.46 -40.77
CA ALA E 1015 -98.98 -119.96 -39.73
C ALA E 1015 -99.28 -118.52 -39.34
N ARG E 1016 -100.36 -117.95 -39.87
CA ARG E 1016 -100.77 -116.57 -39.60
C ARG E 1016 -99.65 -115.58 -39.97
N ARG E 1017 -99.32 -115.58 -41.26
CA ARG E 1017 -98.25 -114.74 -41.79
C ARG E 1017 -98.74 -114.09 -43.08
N ASN E 1018 -99.18 -112.84 -42.99
CA ASN E 1018 -99.60 -112.07 -44.15
C ASN E 1018 -98.60 -110.96 -44.43
N PRO E 1019 -97.87 -111.01 -45.54
CA PRO E 1019 -96.90 -109.94 -45.83
C PRO E 1019 -97.53 -108.57 -46.03
N ARG E 1020 -98.82 -108.51 -46.36
CA ARG E 1020 -99.49 -107.24 -46.61
C ARG E 1020 -99.86 -106.49 -45.34
N LEU E 1021 -99.71 -107.11 -44.17
CA LEU E 1021 -100.06 -106.47 -42.89
C LEU E 1021 -98.97 -105.46 -42.52
N VAL E 1022 -98.95 -104.36 -43.25
CA VAL E 1022 -97.95 -103.31 -43.06
C VAL E 1022 -98.64 -101.95 -43.03
N PRO E 1023 -98.05 -100.94 -42.39
CA PRO E 1023 -98.62 -99.59 -42.45
C PRO E 1023 -98.51 -99.04 -43.87
N TYR E 1024 -99.39 -98.07 -44.17
CA TYR E 1024 -99.43 -97.51 -45.52
C TYR E 1024 -98.12 -96.83 -45.88
N ARG E 1025 -97.52 -96.11 -44.92
CA ARG E 1025 -96.26 -95.41 -45.19
C ARG E 1025 -95.17 -96.39 -45.59
N LEU E 1026 -95.09 -97.53 -44.91
CA LEU E 1026 -94.10 -98.55 -45.22
C LEU E 1026 -94.64 -99.61 -46.18
N LEU E 1027 -95.85 -99.43 -46.71
CA LEU E 1027 -96.44 -100.43 -47.59
C LEU E 1027 -95.73 -100.47 -48.93
N ASP E 1028 -95.95 -101.56 -49.66
CA ASP E 1028 -95.35 -101.74 -50.97
C ASP E 1028 -96.01 -100.82 -51.99
N GLU E 1029 -95.34 -100.65 -53.13
CA GLU E 1029 -95.84 -99.76 -54.17
C GLU E 1029 -97.15 -100.28 -54.75
N ALA E 1030 -97.25 -101.60 -54.96
CA ALA E 1030 -98.45 -102.17 -55.55
C ALA E 1030 -99.66 -102.00 -54.62
N THR E 1031 -99.48 -102.27 -53.33
CA THR E 1031 -100.57 -102.10 -52.38
C THR E 1031 -100.98 -100.63 -52.27
N LYS E 1032 -100.00 -99.72 -52.27
CA LYS E 1032 -100.31 -98.30 -52.23
C LYS E 1032 -101.10 -97.86 -53.46
N ARG E 1033 -100.69 -98.34 -54.64
CA ARG E 1033 -101.41 -98.00 -55.86
C ARG E 1033 -102.82 -98.55 -55.85
N SER E 1034 -103.00 -99.79 -55.37
CA SER E 1034 -104.33 -100.36 -55.29
C SER E 1034 -105.22 -99.58 -54.34
N ASN E 1035 -104.69 -99.20 -53.17
CA ASN E 1035 -105.46 -98.42 -52.21
C ASN E 1035 -105.82 -97.06 -52.79
N ARG E 1036 -104.88 -96.41 -53.49
CA ARG E 1036 -105.16 -95.12 -54.10
C ARG E 1036 -106.23 -95.24 -55.17
N ASP E 1037 -106.17 -96.30 -55.99
CA ASP E 1037 -107.18 -96.50 -57.01
C ASP E 1037 -108.56 -96.74 -56.39
N SER E 1038 -108.61 -97.54 -55.33
CA SER E 1038 -109.89 -97.78 -54.66
C SER E 1038 -110.44 -96.49 -54.06
N LEU E 1039 -109.59 -95.68 -53.44
CA LEU E 1039 -110.04 -94.41 -52.87
C LEU E 1039 -110.53 -93.47 -53.96
N CYS E 1040 -109.82 -93.42 -55.10
CA CYS E 1040 -110.25 -92.57 -56.20
C CYS E 1040 -111.60 -93.03 -56.76
N GLN E 1041 -111.79 -94.34 -56.89
CA GLN E 1041 -113.06 -94.86 -57.37
C GLN E 1041 -114.19 -94.52 -56.40
N ALA E 1042 -113.94 -94.66 -55.10
CA ALA E 1042 -114.96 -94.30 -54.11
C ALA E 1042 -115.29 -92.81 -54.17
N VAL E 1043 -114.26 -91.98 -54.32
CA VAL E 1043 -114.48 -90.53 -54.39
C VAL E 1043 -115.28 -90.17 -55.64
N ARG E 1044 -114.96 -90.81 -56.77
CA ARG E 1044 -115.73 -90.56 -58.00
C ARG E 1044 -117.17 -91.01 -57.86
N THR E 1045 -117.40 -92.16 -57.22
CA THR E 1045 -118.76 -92.63 -57.01
C THR E 1045 -119.53 -91.67 -56.11
N LEU E 1046 -118.89 -91.18 -55.05
CA LEU E 1046 -119.54 -90.22 -54.16
C LEU E 1046 -119.86 -88.92 -54.89
N LEU E 1047 -118.94 -88.45 -55.73
CA LEU E 1047 -119.16 -87.22 -56.49
C LEU E 1047 -120.27 -87.41 -57.52
N GLY E 1048 -120.44 -88.62 -58.04
CA GLY E 1048 -121.52 -88.87 -58.99
C GLY E 1048 -122.89 -88.66 -58.38
N TYR E 1049 -123.05 -88.97 -57.10
CA TYR E 1049 -124.33 -88.78 -56.42
C TYR E 1049 -124.63 -87.31 -56.15
N GLY E 1050 -123.68 -86.40 -56.36
CA GLY E 1050 -123.86 -85.00 -56.09
C GLY E 1050 -123.24 -84.51 -54.81
N TYR E 1051 -122.56 -85.37 -54.06
CA TYR E 1051 -121.91 -85.00 -52.80
C TYR E 1051 -120.41 -84.92 -53.05
N ASN E 1052 -119.84 -83.72 -52.95
CA ASN E 1052 -118.43 -83.50 -53.16
C ASN E 1052 -117.86 -82.67 -52.03
N ILE E 1053 -116.60 -82.95 -51.67
CA ILE E 1053 -115.92 -82.25 -50.61
C ILE E 1053 -114.52 -81.87 -51.10
N GLU E 1054 -113.96 -80.84 -50.46
CA GLU E 1054 -112.63 -80.35 -50.81
C GLU E 1054 -111.62 -80.79 -49.76
N PRO E 1055 -110.69 -81.70 -50.08
CA PRO E 1055 -109.68 -82.17 -49.12
C PRO E 1055 -108.26 -81.80 -49.53
N ASP E 1070 -80.06 -87.05 -36.37
CA ASP E 1070 -80.71 -85.94 -35.69
C ASP E 1070 -80.23 -84.60 -36.27
N ARG E 1071 -79.25 -84.01 -35.60
CA ARG E 1071 -78.70 -82.73 -36.06
C ARG E 1071 -77.83 -82.92 -37.29
N VAL E 1072 -77.56 -81.81 -37.98
CA VAL E 1072 -76.72 -81.85 -39.17
C VAL E 1072 -75.28 -82.17 -38.78
N ARG E 1073 -74.61 -82.96 -39.62
CA ARG E 1073 -73.22 -83.34 -39.37
C ARG E 1073 -72.31 -82.22 -39.87
N ILE E 1074 -71.75 -81.46 -38.94
CA ILE E 1074 -70.87 -80.35 -39.29
C ILE E 1074 -69.48 -80.88 -39.58
N PHE E 1075 -68.95 -80.54 -40.76
CA PHE E 1075 -67.62 -80.93 -41.18
C PHE E 1075 -66.76 -79.69 -41.34
N ARG E 1076 -65.60 -79.67 -40.70
CA ARG E 1076 -64.69 -78.54 -40.76
C ARG E 1076 -63.25 -79.03 -40.71
N ALA E 1077 -62.34 -78.20 -41.20
CA ALA E 1077 -60.93 -78.54 -41.22
C ALA E 1077 -60.30 -78.28 -39.85
N GLU E 1078 -59.06 -78.73 -39.69
CA GLU E 1078 -58.35 -78.53 -38.45
C GLU E 1078 -57.96 -77.06 -38.28
N LYS E 1079 -57.77 -76.66 -37.02
CA LYS E 1079 -57.37 -75.29 -36.73
C LYS E 1079 -55.96 -74.98 -37.23
N SER E 1080 -55.15 -76.01 -37.51
CA SER E 1080 -53.81 -75.77 -38.06
C SER E 1080 -53.86 -75.14 -39.44
N TYR E 1081 -54.86 -75.51 -40.25
CA TYR E 1081 -55.01 -74.97 -41.60
C TYR E 1081 -55.75 -73.63 -41.62
N THR E 1082 -55.81 -72.94 -40.48
CA THR E 1082 -56.48 -71.63 -40.43
C THR E 1082 -55.81 -70.65 -41.37
N VAL E 1083 -56.61 -69.94 -42.16
CA VAL E 1083 -56.13 -68.98 -43.15
C VAL E 1083 -56.59 -67.59 -42.72
N GLN E 1084 -55.64 -66.66 -42.63
CA GLN E 1084 -55.93 -65.28 -42.26
C GLN E 1084 -55.79 -64.29 -43.41
N SER E 1085 -55.18 -64.70 -44.52
CA SER E 1085 -54.98 -63.79 -45.66
C SER E 1085 -54.87 -64.62 -46.93
N GLY E 1086 -55.03 -63.94 -48.06
CA GLY E 1086 -54.94 -64.57 -49.36
C GLY E 1086 -56.29 -65.02 -49.89
N ARG E 1087 -56.27 -65.51 -51.13
CA ARG E 1087 -57.46 -65.97 -51.82
C ARG E 1087 -57.40 -67.48 -51.98
N TRP E 1088 -58.43 -68.18 -51.51
CA TRP E 1088 -58.49 -69.63 -51.56
C TRP E 1088 -59.90 -70.06 -51.95
N TYR E 1089 -60.00 -71.28 -52.49
CA TYR E 1089 -61.26 -71.79 -53.01
C TYR E 1089 -61.34 -73.29 -52.77
N PHE E 1090 -62.55 -73.78 -52.49
CA PHE E 1090 -62.83 -75.20 -52.39
C PHE E 1090 -64.16 -75.49 -53.08
N GLU E 1091 -64.31 -76.73 -53.53
CA GLU E 1091 -65.48 -77.13 -54.30
C GLU E 1091 -66.24 -78.24 -53.58
N PHE E 1092 -67.57 -78.20 -53.69
CA PHE E 1092 -68.45 -79.21 -53.13
C PHE E 1092 -69.27 -79.84 -54.24
N GLU E 1093 -69.28 -81.18 -54.29
CA GLU E 1093 -70.08 -81.92 -55.24
C GLU E 1093 -71.35 -82.38 -54.54
N ALA E 1094 -72.48 -81.78 -54.90
CA ALA E 1094 -73.77 -82.07 -54.27
C ALA E 1094 -74.36 -83.31 -54.92
N VAL E 1095 -73.98 -84.48 -54.40
CA VAL E 1095 -74.53 -85.73 -54.90
C VAL E 1095 -76.02 -85.83 -54.60
N THR E 1096 -76.42 -85.48 -53.37
CA THR E 1096 -77.81 -85.56 -52.94
C THR E 1096 -78.28 -84.17 -52.52
N THR E 1097 -79.47 -83.79 -52.97
CA THR E 1097 -80.03 -82.49 -52.63
C THR E 1097 -80.69 -82.52 -51.26
N GLY E 1098 -80.51 -81.43 -50.51
CA GLY E 1098 -81.18 -81.29 -49.23
C GLY E 1098 -80.24 -80.96 -48.08
N GLU E 1099 -80.50 -79.84 -47.41
CA GLU E 1099 -79.76 -79.42 -46.22
C GLU E 1099 -78.26 -79.34 -46.49
N MET E 1100 -77.89 -78.45 -47.41
CA MET E 1100 -76.49 -78.24 -47.80
C MET E 1100 -76.17 -76.76 -47.63
N ARG E 1101 -75.56 -76.42 -46.50
CA ARG E 1101 -75.14 -75.04 -46.21
C ARG E 1101 -73.66 -75.07 -45.85
N VAL E 1102 -72.82 -74.66 -46.81
CA VAL E 1102 -71.37 -74.71 -46.64
C VAL E 1102 -70.79 -73.35 -46.96
N GLY E 1103 -69.57 -73.13 -46.48
CA GLY E 1103 -68.88 -71.87 -46.70
C GLY E 1103 -67.61 -71.74 -45.88
N TRP E 1104 -67.36 -70.54 -45.35
CA TRP E 1104 -66.19 -70.27 -44.52
C TRP E 1104 -66.65 -69.76 -43.17
N ALA E 1105 -66.01 -70.25 -42.10
CA ALA E 1105 -66.37 -69.89 -40.74
C ALA E 1105 -65.11 -69.65 -39.92
N ARG E 1106 -65.30 -69.11 -38.73
CA ARG E 1106 -64.20 -68.85 -37.81
C ARG E 1106 -63.67 -70.17 -37.26
N PRO E 1107 -62.41 -70.18 -36.81
CA PRO E 1107 -61.85 -71.42 -36.23
C PRO E 1107 -62.63 -71.93 -35.03
N GLU E 1108 -63.17 -71.03 -34.20
CA GLU E 1108 -63.95 -71.42 -33.03
C GLU E 1108 -65.43 -71.37 -33.41
N LEU E 1109 -65.97 -72.52 -33.82
CA LEU E 1109 -67.36 -72.63 -34.24
C LEU E 1109 -68.10 -73.53 -33.26
N ARG E 1110 -69.21 -73.04 -32.72
CA ARG E 1110 -70.01 -73.84 -31.81
C ARG E 1110 -70.76 -74.91 -32.60
N PRO E 1111 -70.63 -76.18 -32.24
CA PRO E 1111 -71.35 -77.23 -32.99
C PRO E 1111 -72.84 -77.21 -32.75
N ASP E 1112 -73.29 -76.76 -31.57
CA ASP E 1112 -74.72 -76.72 -31.28
C ASP E 1112 -75.45 -75.72 -32.18
N VAL E 1113 -74.83 -74.57 -32.43
CA VAL E 1113 -75.46 -73.54 -33.25
C VAL E 1113 -75.55 -74.02 -34.69
N GLU E 1114 -76.55 -73.55 -35.41
CA GLU E 1114 -76.72 -73.93 -36.81
C GLU E 1114 -75.69 -73.22 -37.68
N LEU E 1115 -75.39 -73.82 -38.82
CA LEU E 1115 -74.43 -73.25 -39.76
C LEU E 1115 -74.98 -71.98 -40.39
N GLY E 1116 -74.36 -70.84 -40.07
CA GLY E 1116 -74.82 -69.55 -40.55
C GLY E 1116 -75.93 -68.92 -39.75
N ALA E 1117 -76.38 -69.56 -38.66
CA ALA E 1117 -77.44 -68.98 -37.85
C ALA E 1117 -76.98 -67.67 -37.21
N ASP E 1118 -75.75 -67.62 -36.74
CA ASP E 1118 -75.18 -66.44 -36.11
C ASP E 1118 -73.97 -65.95 -36.93
N GLU E 1119 -73.28 -64.95 -36.40
CA GLU E 1119 -72.12 -64.40 -37.09
C GLU E 1119 -70.91 -65.33 -37.05
N LEU E 1120 -70.97 -66.42 -36.27
CA LEU E 1120 -69.84 -67.33 -36.17
C LEU E 1120 -69.55 -68.07 -37.47
N ALA E 1121 -70.53 -68.15 -38.37
CA ALA E 1121 -70.36 -68.83 -39.65
C ALA E 1121 -70.87 -67.96 -40.78
N TYR E 1122 -70.16 -67.96 -41.90
CA TYR E 1122 -70.52 -67.18 -43.08
C TYR E 1122 -70.92 -68.10 -44.23
N VAL E 1123 -71.60 -69.19 -43.92
CA VAL E 1123 -71.97 -70.17 -44.94
C VAL E 1123 -73.20 -69.70 -45.70
N PHE E 1124 -73.42 -70.32 -46.85
CA PHE E 1124 -74.58 -70.03 -47.69
C PHE E 1124 -75.30 -71.34 -48.00
N ASN E 1125 -76.61 -71.37 -47.72
CA ASN E 1125 -77.42 -72.57 -47.93
C ASN E 1125 -77.80 -72.66 -49.39
N GLY E 1126 -77.08 -73.50 -50.15
CA GLY E 1126 -77.36 -73.65 -51.56
C GLY E 1126 -78.61 -74.45 -51.86
N HIS E 1127 -79.03 -75.31 -50.93
CA HIS E 1127 -80.25 -76.09 -51.16
C HIS E 1127 -81.48 -75.19 -51.21
N ARG E 1128 -81.57 -74.21 -50.32
CA ARG E 1128 -82.69 -73.27 -50.30
C ARG E 1128 -82.39 -71.99 -51.05
N GLY E 1129 -81.17 -71.81 -51.55
CA GLY E 1129 -80.80 -70.60 -52.27
C GLY E 1129 -80.88 -69.35 -51.41
N GLN E 1130 -80.32 -69.43 -50.20
CA GLN E 1130 -80.36 -68.31 -49.27
C GLN E 1130 -79.14 -68.37 -48.36
N ARG E 1131 -78.41 -67.27 -48.29
CA ARG E 1131 -77.21 -67.20 -47.45
C ARG E 1131 -77.58 -66.91 -46.01
N TRP E 1132 -76.94 -67.62 -45.08
CA TRP E 1132 -77.20 -67.47 -43.66
C TRP E 1132 -75.99 -66.83 -42.99
N HIS E 1133 -76.21 -65.68 -42.37
CA HIS E 1133 -75.17 -64.99 -41.60
C HIS E 1133 -75.85 -64.05 -40.63
N LEU E 1134 -75.78 -64.36 -39.34
CA LEU E 1134 -76.49 -63.61 -38.31
C LEU E 1134 -77.97 -63.51 -38.65
N GLY E 1135 -78.53 -64.62 -39.13
CA GLY E 1135 -79.88 -64.65 -39.64
C GLY E 1135 -79.92 -65.16 -41.07
N SER E 1136 -81.15 -65.35 -41.56
CA SER E 1136 -81.38 -65.86 -42.90
C SER E 1136 -81.74 -64.71 -43.83
N GLU E 1137 -80.97 -64.56 -44.91
CA GLU E 1137 -81.21 -63.53 -45.92
C GLU E 1137 -81.16 -64.19 -47.29
N PRO E 1138 -82.21 -64.09 -48.09
CA PRO E 1138 -82.19 -64.75 -49.41
C PRO E 1138 -81.08 -64.21 -50.30
N PHE E 1139 -80.47 -65.12 -51.06
CA PHE E 1139 -79.38 -64.76 -51.96
C PHE E 1139 -79.13 -65.89 -52.95
N GLY E 1140 -79.04 -65.55 -54.24
CA GLY E 1140 -78.78 -66.55 -55.26
C GLY E 1140 -79.99 -67.42 -55.55
N ARG E 1141 -79.73 -68.55 -56.19
CA ARG E 1141 -80.76 -69.49 -56.58
C ARG E 1141 -80.38 -70.91 -56.16
N PRO E 1142 -81.37 -71.73 -55.79
CA PRO E 1142 -81.07 -73.11 -55.42
C PRO E 1142 -80.64 -73.94 -56.62
N TRP E 1143 -79.88 -74.99 -56.32
CA TRP E 1143 -79.42 -75.94 -57.33
C TRP E 1143 -80.12 -77.28 -57.14
N GLN E 1144 -79.74 -78.25 -57.97
CA GLN E 1144 -80.34 -79.57 -57.97
C GLN E 1144 -79.27 -80.64 -57.78
N SER E 1145 -79.70 -81.90 -57.80
CA SER E 1145 -78.78 -83.01 -57.64
C SER E 1145 -77.81 -83.08 -58.82
N GLY E 1146 -76.54 -83.33 -58.52
CA GLY E 1146 -75.51 -83.39 -59.53
C GLY E 1146 -74.90 -82.04 -59.90
N ASP E 1147 -75.42 -80.95 -59.35
CA ASP E 1147 -74.90 -79.61 -59.62
C ASP E 1147 -73.91 -79.25 -58.52
N VAL E 1148 -72.63 -79.16 -58.88
CA VAL E 1148 -71.60 -78.84 -57.91
C VAL E 1148 -71.67 -77.35 -57.55
N VAL E 1149 -71.13 -77.01 -56.38
CA VAL E 1149 -71.10 -75.63 -55.91
C VAL E 1149 -69.66 -75.29 -55.53
N GLY E 1150 -69.38 -73.99 -55.53
CA GLY E 1150 -68.05 -73.51 -55.23
C GLY E 1150 -68.08 -72.36 -54.24
N CYS E 1151 -67.04 -72.29 -53.42
CA CYS E 1151 -66.89 -71.25 -52.41
C CYS E 1151 -65.48 -70.73 -52.45
N MET E 1152 -65.32 -69.45 -52.81
CA MET E 1152 -64.01 -68.81 -52.88
C MET E 1152 -64.03 -67.54 -52.04
N ILE E 1153 -63.02 -67.37 -51.19
CA ILE E 1153 -62.91 -66.23 -50.30
C ILE E 1153 -61.71 -65.40 -50.71
N ASP E 1154 -61.89 -64.08 -50.77
CA ASP E 1154 -60.83 -63.15 -51.08
C ASP E 1154 -60.57 -62.29 -49.84
N LEU E 1155 -59.63 -62.74 -49.01
CA LEU E 1155 -59.33 -62.01 -47.77
C LEU E 1155 -58.78 -60.62 -48.07
N THR E 1156 -57.92 -60.50 -49.08
CA THR E 1156 -57.38 -59.19 -49.44
C THR E 1156 -58.49 -58.26 -49.90
N GLU E 1157 -59.41 -58.76 -50.72
CA GLU E 1157 -60.53 -57.95 -51.19
C GLU E 1157 -61.69 -57.91 -50.21
N ASN E 1158 -61.65 -58.72 -49.16
CA ASN E 1158 -62.71 -58.77 -48.15
C ASN E 1158 -64.06 -59.12 -48.77
N THR E 1159 -64.06 -60.04 -49.73
CA THR E 1159 -65.28 -60.56 -50.33
C THR E 1159 -65.20 -62.07 -50.43
N ILE E 1160 -66.36 -62.71 -50.48
CA ILE E 1160 -66.48 -64.15 -50.73
C ILE E 1160 -67.25 -64.33 -52.03
N ILE E 1161 -66.71 -65.14 -52.92
CA ILE E 1161 -67.31 -65.38 -54.24
C ILE E 1161 -67.89 -66.78 -54.27
N PHE E 1162 -69.17 -66.88 -54.61
CA PHE E 1162 -69.87 -68.16 -54.74
C PHE E 1162 -70.12 -68.43 -56.22
N THR E 1163 -69.83 -69.65 -56.66
CA THR E 1163 -70.02 -70.05 -58.05
C THR E 1163 -70.79 -71.36 -58.10
N LEU E 1164 -71.56 -71.52 -59.19
CA LEU E 1164 -72.37 -72.71 -59.42
C LEU E 1164 -72.02 -73.26 -60.80
N ASN E 1165 -71.20 -74.33 -60.82
CA ASN E 1165 -70.76 -74.96 -62.07
C ASN E 1165 -70.11 -73.94 -63.01
N GLY E 1166 -69.31 -73.06 -62.43
CA GLY E 1166 -68.63 -72.02 -63.20
C GLY E 1166 -69.41 -70.73 -63.34
N GLU E 1167 -70.66 -70.69 -62.88
CA GLU E 1167 -71.48 -69.49 -62.96
C GLU E 1167 -71.51 -68.80 -61.60
N VAL E 1168 -71.07 -67.55 -61.55
CA VAL E 1168 -71.02 -66.81 -60.30
C VAL E 1168 -72.44 -66.54 -59.81
N LEU E 1169 -72.66 -66.73 -58.51
CA LEU E 1169 -73.96 -66.49 -57.93
C LEU E 1169 -74.31 -65.01 -57.98
N MET E 1170 -75.58 -64.71 -58.27
CA MET E 1170 -76.06 -63.35 -58.39
C MET E 1170 -76.84 -62.96 -57.14
N SER E 1171 -76.46 -61.84 -56.54
CA SER E 1171 -77.12 -61.33 -55.35
C SER E 1171 -78.23 -60.36 -55.75
N ASP E 1172 -78.93 -59.83 -54.74
CA ASP E 1172 -79.99 -58.86 -54.99
C ASP E 1172 -79.43 -57.58 -55.59
N SER E 1173 -78.28 -57.12 -55.10
CA SER E 1173 -77.64 -55.91 -55.60
C SER E 1173 -76.66 -56.17 -56.74
N GLY E 1174 -76.54 -57.43 -57.19
CA GLY E 1174 -75.62 -57.77 -58.25
C GLY E 1174 -74.21 -58.09 -57.80
N SER E 1175 -73.94 -58.07 -56.50
CA SER E 1175 -72.62 -58.39 -55.99
C SER E 1175 -72.37 -59.89 -56.03
N GLU E 1176 -71.12 -60.28 -55.75
CA GLU E 1176 -70.77 -61.69 -55.74
C GLU E 1176 -71.53 -62.45 -54.66
N THR E 1177 -71.64 -61.86 -53.47
CA THR E 1177 -72.37 -62.48 -52.37
C THR E 1177 -72.84 -61.39 -51.43
N ALA E 1178 -73.81 -61.76 -50.58
CA ALA E 1178 -74.35 -60.82 -49.60
C ALA E 1178 -73.31 -60.45 -48.53
N PHE E 1179 -72.28 -61.27 -48.34
CA PHE E 1179 -71.25 -60.99 -47.35
C PHE E 1179 -70.34 -59.89 -47.87
N ARG E 1180 -70.24 -58.79 -47.14
CA ARG E 1180 -69.39 -57.67 -47.52
C ARG E 1180 -68.66 -57.14 -46.29
N GLU E 1181 -67.49 -56.56 -46.54
CA GLU E 1181 -66.66 -55.97 -45.48
C GLU E 1181 -66.35 -56.99 -44.39
N ILE E 1182 -65.98 -58.21 -44.81
CA ILE E 1182 -65.72 -59.28 -43.86
C ILE E 1182 -64.40 -59.00 -43.14
N GLU E 1183 -64.38 -59.29 -41.84
CA GLU E 1183 -63.16 -59.16 -41.04
C GLU E 1183 -62.52 -60.53 -40.87
N ILE E 1184 -61.19 -60.59 -41.03
CA ILE E 1184 -60.48 -61.85 -40.91
C ILE E 1184 -60.61 -62.41 -39.50
N GLY E 1185 -60.43 -61.56 -38.49
CA GLY E 1185 -60.57 -61.99 -37.12
C GLY E 1185 -59.58 -63.09 -36.78
N ASP E 1186 -60.07 -64.14 -36.13
CA ASP E 1186 -59.21 -65.28 -35.80
C ASP E 1186 -58.72 -65.98 -37.06
N GLY E 1187 -59.59 -66.16 -38.04
CA GLY E 1187 -59.20 -66.81 -39.27
C GLY E 1187 -60.43 -67.29 -40.03
N PHE E 1188 -60.16 -68.03 -41.11
CA PHE E 1188 -61.22 -68.56 -41.95
C PHE E 1188 -60.76 -69.88 -42.54
N LEU E 1189 -61.59 -70.91 -42.40
CA LEU E 1189 -61.32 -72.24 -42.93
C LEU E 1189 -62.59 -72.80 -43.52
N PRO E 1190 -62.49 -73.70 -44.51
CA PRO E 1190 -63.70 -74.29 -45.10
C PRO E 1190 -64.47 -75.10 -44.07
N VAL E 1191 -65.80 -75.02 -44.18
CA VAL E 1191 -66.71 -75.75 -43.31
C VAL E 1191 -67.84 -76.32 -44.15
N CYS E 1192 -68.21 -77.57 -43.88
CA CYS E 1192 -69.25 -78.25 -44.63
C CYS E 1192 -70.32 -78.78 -43.68
N SER E 1193 -71.54 -78.84 -44.18
CA SER E 1193 -72.68 -79.34 -43.42
C SER E 1193 -73.39 -80.41 -44.22
N LEU E 1194 -73.77 -81.50 -43.55
CA LEU E 1194 -74.50 -82.60 -44.17
C LEU E 1194 -75.76 -82.86 -43.38
N GLY E 1195 -76.91 -82.79 -44.07
CA GLY E 1195 -78.18 -83.00 -43.42
C GLY E 1195 -78.52 -84.47 -43.30
N PRO E 1196 -79.71 -84.74 -42.74
CA PRO E 1196 -80.17 -86.12 -42.59
C PRO E 1196 -80.43 -86.80 -43.93
N GLY E 1197 -79.63 -87.80 -44.27
CA GLY E 1197 -79.76 -88.50 -45.53
C GLY E 1197 -79.04 -87.86 -46.69
N GLN E 1198 -78.41 -86.70 -46.49
CA GLN E 1198 -77.69 -86.02 -47.56
C GLN E 1198 -76.33 -86.66 -47.78
N VAL E 1199 -75.93 -86.77 -49.04
CA VAL E 1199 -74.65 -87.35 -49.43
C VAL E 1199 -73.96 -86.36 -50.36
N GLY E 1200 -72.70 -86.05 -50.06
CA GLY E 1200 -71.94 -85.13 -50.88
C GLY E 1200 -70.46 -85.44 -50.82
N HIS E 1201 -69.72 -84.85 -51.76
CA HIS E 1201 -68.28 -85.02 -51.86
C HIS E 1201 -67.64 -83.64 -51.91
N LEU E 1202 -66.90 -83.29 -50.87
CA LEU E 1202 -66.22 -82.00 -50.78
C LEU E 1202 -64.77 -82.14 -51.23
N ASN E 1203 -64.32 -81.17 -52.03
CA ASN E 1203 -62.95 -81.14 -52.53
C ASN E 1203 -62.28 -79.85 -52.07
N LEU E 1204 -61.12 -79.98 -51.44
CA LEU E 1204 -60.35 -78.85 -50.95
C LEU E 1204 -59.21 -78.48 -51.89
N GLY E 1205 -59.36 -78.77 -53.18
CA GLY E 1205 -58.33 -78.47 -54.15
C GLY E 1205 -57.05 -79.25 -53.95
N GLN E 1206 -57.15 -80.51 -53.53
CA GLN E 1206 -55.96 -81.33 -53.34
C GLN E 1206 -55.23 -81.55 -54.66
N ASP E 1207 -55.97 -81.79 -55.74
CA ASP E 1207 -55.42 -82.01 -57.07
C ASP E 1207 -55.95 -80.94 -58.02
N VAL E 1208 -55.09 -80.49 -58.94
CA VAL E 1208 -55.51 -79.49 -59.91
C VAL E 1208 -56.59 -80.05 -60.82
N SER E 1209 -56.42 -81.30 -61.28
CA SER E 1209 -57.42 -81.92 -62.14
C SER E 1209 -58.73 -82.19 -61.43
N SER E 1210 -58.70 -82.33 -60.09
CA SER E 1210 -59.93 -82.55 -59.35
C SER E 1210 -60.87 -81.36 -59.46
N LEU E 1211 -60.32 -80.15 -59.38
CA LEU E 1211 -61.12 -78.93 -59.49
C LEU E 1211 -61.21 -78.50 -60.96
N ARG E 1212 -61.86 -79.37 -61.73
CA ARG E 1212 -62.08 -79.08 -63.15
C ARG E 1212 -63.00 -77.88 -63.33
N PHE E 1213 -64.02 -77.76 -62.48
CA PHE E 1213 -64.93 -76.62 -62.55
C PHE E 1213 -64.23 -75.32 -62.21
N PHE E 1214 -63.16 -75.38 -61.41
CA PHE E 1214 -62.38 -74.19 -61.11
C PHE E 1214 -61.74 -73.63 -62.37
N ALA E 1215 -61.20 -74.50 -63.22
CA ALA E 1215 -60.63 -74.12 -64.52
C ALA E 1215 -59.56 -73.05 -64.38
N ILE E 1216 -59.61 -72.04 -65.26
CA ILE E 1216 -58.64 -70.96 -65.25
C ILE E 1216 -59.25 -69.62 -64.88
N CYS E 1217 -60.57 -69.52 -64.78
CA CYS E 1217 -61.19 -68.26 -64.38
C CYS E 1217 -60.79 -67.87 -62.97
N GLY E 1218 -60.77 -68.83 -62.05
CA GLY E 1218 -60.31 -68.54 -60.70
C GLY E 1218 -58.84 -68.19 -60.64
N LEU E 1219 -58.03 -68.86 -61.48
CA LEU E 1219 -56.61 -68.52 -61.56
C LEU E 1219 -56.40 -67.11 -62.06
N GLN E 1220 -57.18 -66.69 -63.06
CA GLN E 1220 -57.13 -65.31 -63.52
C GLN E 1220 -57.58 -64.35 -62.43
N GLU E 1221 -58.61 -64.73 -61.67
CA GLU E 1221 -59.08 -63.92 -60.56
C GLU E 1221 -58.13 -63.95 -59.37
N GLY E 1222 -57.14 -64.83 -59.38
CA GLY E 1222 -56.18 -64.93 -58.30
C GLY E 1222 -56.48 -65.99 -57.27
N PHE E 1223 -57.61 -66.69 -57.39
CA PHE E 1223 -57.95 -67.75 -56.43
C PHE E 1223 -57.03 -68.95 -56.61
N GLU E 1224 -56.73 -69.61 -55.50
CA GLU E 1224 -55.85 -70.77 -55.48
C GLU E 1224 -56.51 -71.89 -54.69
N PRO E 1225 -56.18 -73.15 -55.01
CA PRO E 1225 -56.72 -74.26 -54.23
C PRO E 1225 -56.21 -74.25 -52.80
N PHE E 1226 -57.06 -74.75 -51.89
CA PHE E 1226 -56.69 -74.79 -50.48
C PHE E 1226 -55.49 -75.70 -50.25
N ALA E 1227 -55.55 -76.93 -50.77
CA ALA E 1227 -54.44 -77.87 -50.65
C ALA E 1227 -53.62 -77.84 -51.94
N ILE E 1228 -52.98 -76.67 -52.16
CA ILE E 1228 -52.21 -76.48 -53.39
C ILE E 1228 -51.03 -77.43 -53.44
N ASN E 1229 -50.31 -77.58 -52.33
CA ASN E 1229 -49.14 -78.48 -52.30
C ASN E 1229 -49.08 -79.30 -51.01
N MET E 1230 -50.21 -79.47 -50.32
CA MET E 1230 -50.22 -80.25 -49.08
C MET E 1230 -50.12 -81.73 -49.43
N GLN E 1231 -48.93 -82.31 -49.20
CA GLN E 1231 -48.75 -83.73 -49.50
C GLN E 1231 -49.64 -84.60 -48.62
N ARG E 1232 -49.71 -84.29 -47.33
CA ARG E 1232 -50.58 -85.04 -46.43
C ARG E 1232 -52.03 -84.61 -46.64
N PRO E 1233 -52.97 -85.56 -46.58
CA PRO E 1233 -54.39 -85.19 -46.71
C PRO E 1233 -54.83 -84.25 -45.59
N VAL E 1234 -55.72 -83.34 -45.94
CA VAL E 1234 -56.22 -82.36 -44.98
C VAL E 1234 -57.19 -83.03 -44.02
N THR E 1235 -56.92 -82.93 -42.73
CA THR E 1235 -57.78 -83.55 -41.73
C THR E 1235 -59.10 -82.81 -41.62
N THR E 1236 -60.17 -83.56 -41.37
CA THR E 1236 -61.52 -83.00 -41.27
C THR E 1236 -62.10 -83.32 -39.90
N TRP E 1237 -62.76 -82.33 -39.30
CA TRP E 1237 -63.43 -82.49 -38.01
C TRP E 1237 -64.91 -82.77 -38.25
N PHE E 1238 -65.38 -83.90 -37.74
CA PHE E 1238 -66.75 -84.34 -37.94
C PHE E 1238 -67.52 -84.26 -36.63
N SER E 1239 -68.76 -83.78 -36.71
CA SER E 1239 -69.57 -83.61 -35.51
C SER E 1239 -70.04 -84.95 -34.99
N LYS E 1240 -69.84 -85.18 -33.69
CA LYS E 1240 -70.17 -86.45 -33.05
C LYS E 1240 -71.54 -86.33 -32.38
N SER E 1241 -72.47 -87.20 -32.78
CA SER E 1241 -73.81 -87.18 -32.21
C SER E 1241 -73.84 -87.69 -30.78
N LEU E 1242 -72.82 -88.42 -30.35
CA LEU E 1242 -72.78 -88.94 -28.98
C LEU E 1242 -72.54 -87.78 -28.01
N PRO E 1243 -73.42 -87.58 -27.03
CA PRO E 1243 -73.23 -86.46 -26.10
C PRO E 1243 -72.07 -86.74 -25.14
N GLN E 1244 -71.16 -85.78 -25.04
CA GLN E 1244 -69.99 -85.88 -24.18
C GLN E 1244 -70.07 -84.82 -23.09
N PHE E 1245 -69.90 -85.24 -21.84
CA PHE E 1245 -69.95 -84.31 -20.72
C PHE E 1245 -68.77 -83.36 -20.77
N GLU E 1246 -69.03 -82.09 -20.53
CA GLU E 1246 -68.00 -81.05 -20.56
C GLU E 1246 -68.14 -80.15 -19.34
N PRO E 1247 -67.05 -79.53 -18.88
CA PRO E 1247 -67.15 -78.60 -17.76
C PRO E 1247 -67.99 -77.38 -18.13
N VAL E 1248 -68.64 -76.82 -17.12
CA VAL E 1248 -69.52 -75.66 -17.34
C VAL E 1248 -68.68 -74.48 -17.81
N PRO E 1249 -69.15 -73.69 -18.78
CA PRO E 1249 -68.39 -72.51 -19.20
C PRO E 1249 -68.32 -71.49 -18.08
N PRO E 1250 -67.24 -70.71 -18.01
CA PRO E 1250 -67.15 -69.67 -16.97
C PRO E 1250 -68.02 -68.46 -17.26
N GLU E 1251 -68.46 -68.27 -18.50
CA GLU E 1251 -69.32 -67.16 -18.89
C GLU E 1251 -70.63 -67.68 -19.47
N HIS E 1252 -71.19 -68.72 -18.87
CA HIS E 1252 -72.42 -69.31 -19.35
C HIS E 1252 -73.60 -68.40 -19.03
N PRO E 1253 -74.35 -67.94 -20.02
CA PRO E 1253 -75.52 -67.08 -19.72
C PRO E 1253 -76.59 -67.77 -18.89
N HIS E 1254 -76.67 -69.09 -18.95
CA HIS E 1254 -77.72 -69.84 -18.27
C HIS E 1254 -77.14 -71.08 -17.60
N TYR E 1255 -77.83 -71.52 -16.55
CA TYR E 1255 -77.37 -72.62 -15.69
C TYR E 1255 -75.96 -72.36 -15.14
N GLU E 1256 -75.72 -71.14 -14.69
CA GLU E 1256 -74.46 -70.83 -14.04
C GLU E 1256 -74.43 -71.43 -12.64
N VAL E 1257 -73.24 -71.86 -12.20
CA VAL E 1257 -73.06 -72.51 -10.91
C VAL E 1257 -71.94 -71.79 -10.16
N ALA E 1258 -72.17 -71.49 -8.89
CA ALA E 1258 -71.19 -70.87 -8.02
C ALA E 1258 -70.74 -71.86 -6.95
N ARG E 1259 -69.68 -71.48 -6.24
CA ARG E 1259 -69.09 -72.30 -5.19
C ARG E 1259 -69.25 -71.60 -3.85
N MET E 1260 -69.70 -72.36 -2.85
CA MET E 1260 -69.91 -71.85 -1.50
C MET E 1260 -68.89 -72.46 -0.55
N ASP E 1261 -68.19 -71.62 0.18
CA ASP E 1261 -67.19 -72.10 1.13
C ASP E 1261 -67.87 -72.76 2.34
N GLY E 1262 -67.23 -73.80 2.85
CA GLY E 1262 -67.78 -74.51 4.00
C GLY E 1262 -67.75 -73.64 5.24
N THR E 1263 -68.88 -73.56 5.94
CA THR E 1263 -68.99 -72.80 7.16
C THR E 1263 -68.83 -73.71 8.38
N VAL E 1264 -69.00 -73.13 9.57
CA VAL E 1264 -68.89 -73.92 10.80
C VAL E 1264 -69.99 -74.96 10.87
N ASP E 1265 -71.22 -74.57 10.56
CA ASP E 1265 -72.37 -75.48 10.58
C ASP E 1265 -72.89 -75.81 9.20
N THR E 1266 -72.24 -75.34 8.14
CA THR E 1266 -72.68 -75.59 6.77
C THR E 1266 -71.54 -76.25 6.00
N PRO E 1267 -71.73 -77.46 5.46
CA PRO E 1267 -70.67 -78.09 4.67
C PRO E 1267 -70.47 -77.37 3.36
N PRO E 1268 -69.27 -77.47 2.78
CA PRO E 1268 -69.03 -76.81 1.49
C PRO E 1268 -69.95 -77.37 0.41
N CYS E 1269 -70.39 -76.48 -0.49
CA CYS E 1269 -71.34 -76.87 -1.52
C CYS E 1269 -71.11 -76.01 -2.76
N LEU E 1270 -71.59 -76.52 -3.89
CA LEU E 1270 -71.54 -75.81 -5.18
C LEU E 1270 -72.97 -75.71 -5.68
N ARG E 1271 -73.67 -74.65 -5.26
CA ARG E 1271 -75.06 -74.48 -5.62
C ARG E 1271 -75.19 -74.00 -7.06
N LEU E 1272 -76.21 -74.50 -7.76
CA LEU E 1272 -76.50 -74.11 -9.13
C LEU E 1272 -77.65 -73.11 -9.12
N ALA E 1273 -77.40 -71.91 -9.65
CA ALA E 1273 -78.38 -70.84 -9.64
C ALA E 1273 -78.68 -70.43 -11.08
N HIS E 1274 -79.96 -70.49 -11.45
CA HIS E 1274 -80.40 -70.10 -12.79
C HIS E 1274 -80.45 -68.57 -12.84
N ARG E 1275 -79.42 -67.97 -13.44
CA ARG E 1275 -79.35 -66.52 -13.52
C ARG E 1275 -80.51 -65.95 -14.35
N THR E 1276 -80.82 -66.59 -15.47
CA THR E 1276 -81.90 -66.15 -16.35
C THR E 1276 -83.05 -67.15 -16.23
N TRP E 1277 -83.93 -66.91 -15.28
CA TRP E 1277 -85.11 -67.75 -15.07
C TRP E 1277 -86.35 -66.87 -15.10
N GLY E 1278 -87.32 -67.26 -15.93
CA GLY E 1278 -88.57 -66.53 -16.05
C GLY E 1278 -88.54 -65.37 -17.02
N SER E 1279 -87.39 -65.06 -17.59
CA SER E 1279 -87.29 -63.95 -18.54
C SER E 1279 -87.85 -64.37 -19.90
N GLN E 1280 -88.21 -63.35 -20.69
CA GLN E 1280 -88.73 -63.61 -22.03
C GLN E 1280 -87.70 -64.28 -22.91
N ASN E 1281 -86.44 -63.82 -22.85
CA ASN E 1281 -85.38 -64.42 -23.64
C ASN E 1281 -84.84 -65.70 -23.01
N SER E 1282 -85.15 -65.96 -21.75
CA SER E 1282 -84.67 -67.16 -21.09
C SER E 1282 -85.33 -68.40 -21.67
N LEU E 1283 -84.58 -69.50 -21.68
CA LEU E 1283 -85.06 -70.78 -22.20
C LEU E 1283 -84.87 -71.86 -21.15
N VAL E 1284 -85.77 -72.83 -21.15
CA VAL E 1284 -85.75 -73.93 -20.20
C VAL E 1284 -85.66 -75.25 -20.95
N GLU E 1285 -84.77 -76.12 -20.49
CA GLU E 1285 -84.59 -77.42 -21.09
C GLU E 1285 -84.09 -78.39 -20.04
N MET E 1286 -84.16 -79.67 -20.36
CA MET E 1286 -83.70 -80.70 -19.44
C MET E 1286 -82.20 -80.59 -19.23
N LEU E 1287 -81.77 -80.49 -17.98
CA LEU E 1287 -80.37 -80.32 -17.62
C LEU E 1287 -79.80 -81.65 -17.12
N PHE E 1288 -78.70 -82.09 -17.73
CA PHE E 1288 -78.01 -83.31 -17.34
C PHE E 1288 -76.73 -82.88 -16.63
N LEU E 1289 -76.83 -82.67 -15.32
CA LEU E 1289 -75.70 -82.23 -14.50
C LEU E 1289 -74.97 -83.43 -13.92
N ARG E 1290 -73.66 -83.31 -13.79
CA ARG E 1290 -72.82 -84.42 -13.38
C ARG E 1290 -71.53 -83.89 -12.77
N LEU E 1291 -70.96 -84.65 -11.83
CA LEU E 1291 -69.71 -84.26 -11.21
C LEU E 1291 -68.53 -84.62 -12.09
N SER E 1292 -67.32 -84.35 -11.61
CA SER E 1292 -66.12 -84.43 -12.42
C SER E 1292 -65.07 -85.39 -11.87
N LEU E 1293 -65.42 -86.25 -10.91
CA LEU E 1293 -64.42 -87.17 -10.37
C LEU E 1293 -65.12 -88.38 -9.77
N PRO E 1294 -64.62 -89.60 -10.03
CA PRO E 1294 -65.38 -90.80 -9.66
C PRO E 1294 -65.06 -91.36 -8.28
N VAL E 1295 -65.79 -92.42 -7.90
CA VAL E 1295 -65.45 -93.27 -6.78
C VAL E 1295 -65.35 -94.69 -7.29
N GLN E 1296 -64.25 -95.35 -6.98
CA GLN E 1296 -63.97 -96.69 -7.50
C GLN E 1296 -64.31 -97.72 -6.43
N PHE E 1297 -65.17 -98.68 -6.79
CA PHE E 1297 -65.50 -99.76 -5.88
C PHE E 1297 -64.28 -100.64 -5.64
N HIS E 1298 -64.15 -101.11 -4.39
CA HIS E 1298 -63.00 -101.90 -4.01
C HIS E 1298 -62.94 -103.19 -4.81
N GLN E 1299 -61.75 -103.51 -5.34
CA GLN E 1299 -61.59 -104.72 -6.13
C GLN E 1299 -61.77 -105.98 -5.29
N HIS E 1300 -61.26 -105.97 -4.07
CA HIS E 1300 -61.36 -107.12 -3.17
C HIS E 1300 -62.77 -107.18 -2.60
N PHE E 1301 -63.66 -107.81 -3.35
CA PHE E 1301 -65.05 -107.95 -2.91
C PHE E 1301 -65.14 -108.90 -1.72
N ARG E 1302 -66.00 -108.56 -0.77
CA ARG E 1302 -66.18 -109.37 0.43
C ARG E 1302 -67.65 -109.77 0.61
N LEU E 1428 -63.37 -95.26 11.40
CA LEU E 1428 -62.04 -95.51 10.87
C LEU E 1428 -62.07 -96.58 9.79
N ASN E 1429 -62.73 -97.70 10.09
CA ASN E 1429 -62.86 -98.81 9.15
C ASN E 1429 -64.14 -98.75 8.33
N THR E 1430 -64.95 -97.72 8.49
CA THR E 1430 -66.18 -97.61 7.73
C THR E 1430 -65.88 -97.38 6.24
N THR E 1431 -66.60 -98.11 5.39
CA THR E 1431 -66.44 -98.00 3.95
C THR E 1431 -67.64 -97.38 3.26
N THR E 1432 -68.58 -96.84 4.02
CA THR E 1432 -69.79 -96.23 3.47
C THR E 1432 -69.65 -94.72 3.50
N TYR E 1433 -69.85 -94.07 2.35
CA TYR E 1433 -69.73 -92.62 2.22
C TYR E 1433 -71.03 -92.06 1.65
N TYR E 1434 -71.47 -90.94 2.20
CA TYR E 1434 -72.74 -90.33 1.82
C TYR E 1434 -72.55 -88.83 1.63
N TYR E 1435 -73.19 -88.29 0.59
CA TYR E 1435 -73.15 -86.87 0.29
C TYR E 1435 -74.57 -86.30 0.38
N SER E 1436 -74.68 -85.12 0.99
CA SER E 1436 -75.98 -84.50 1.22
C SER E 1436 -76.37 -83.63 0.03
N VAL E 1437 -77.61 -83.79 -0.42
CA VAL E 1437 -78.18 -82.98 -1.48
C VAL E 1437 -79.54 -82.46 -1.02
N ARG E 1438 -79.76 -81.16 -1.17
CA ARG E 1438 -80.97 -80.51 -0.70
C ARG E 1438 -81.65 -79.78 -1.86
N VAL E 1439 -82.96 -79.96 -1.98
CA VAL E 1439 -83.72 -79.29 -3.02
C VAL E 1439 -84.14 -77.92 -2.49
N PHE E 1440 -83.77 -76.87 -3.22
CA PHE E 1440 -84.10 -75.52 -2.79
C PHE E 1440 -85.59 -75.24 -2.96
N ALA E 1441 -86.08 -74.27 -2.20
CA ALA E 1441 -87.49 -73.90 -2.26
C ALA E 1441 -87.84 -73.30 -3.62
N GLY E 1442 -89.08 -73.54 -4.05
CA GLY E 1442 -89.56 -73.06 -5.32
C GLY E 1442 -89.34 -74.01 -6.48
N GLN E 1443 -88.65 -75.12 -6.27
CA GLN E 1443 -88.40 -76.11 -7.31
C GLN E 1443 -89.21 -77.36 -7.04
N GLU E 1444 -89.91 -77.85 -8.05
CA GLU E 1444 -90.74 -79.04 -7.89
C GLU E 1444 -89.85 -80.27 -7.68
N PRO E 1445 -90.06 -81.04 -6.62
CA PRO E 1445 -89.21 -82.23 -6.40
C PRO E 1445 -89.35 -83.28 -7.48
N SER E 1446 -90.45 -83.29 -8.22
CA SER E 1446 -90.63 -84.30 -9.27
C SER E 1446 -89.59 -84.14 -10.37
N CYS E 1447 -89.28 -82.90 -10.75
CA CYS E 1447 -88.28 -82.67 -11.80
C CYS E 1447 -86.86 -82.92 -11.33
N VAL E 1448 -86.64 -83.07 -10.03
CA VAL E 1448 -85.30 -83.28 -9.49
C VAL E 1448 -85.03 -84.78 -9.39
N TRP E 1449 -83.93 -85.22 -9.99
CA TRP E 1449 -83.49 -86.61 -9.93
C TRP E 1449 -82.13 -86.65 -9.25
N VAL E 1450 -82.00 -87.51 -8.24
CA VAL E 1450 -80.77 -87.62 -7.46
C VAL E 1450 -80.32 -89.08 -7.47
N GLY E 1451 -79.04 -89.29 -7.74
CA GLY E 1451 -78.50 -90.65 -7.73
C GLY E 1451 -77.09 -90.67 -8.29
N TRP E 1452 -76.68 -91.86 -8.72
CA TRP E 1452 -75.35 -92.10 -9.24
C TRP E 1452 -75.43 -92.48 -10.72
N VAL E 1453 -74.39 -92.12 -11.48
CA VAL E 1453 -74.34 -92.40 -12.89
C VAL E 1453 -72.97 -93.00 -13.23
N THR E 1454 -72.93 -93.70 -14.36
CA THR E 1454 -71.75 -94.37 -14.89
C THR E 1454 -71.22 -93.60 -16.11
N PRO E 1455 -69.90 -93.49 -16.25
CA PRO E 1455 -69.36 -92.71 -17.39
C PRO E 1455 -69.76 -93.25 -18.75
N ASP E 1456 -70.15 -94.52 -18.85
CA ASP E 1456 -70.65 -95.06 -20.11
C ASP E 1456 -72.01 -94.50 -20.50
N TYR E 1457 -72.68 -93.79 -19.61
CA TYR E 1457 -73.98 -93.20 -19.91
C TYR E 1457 -73.81 -92.06 -20.90
N HIS E 1458 -74.45 -92.17 -22.05
CA HIS E 1458 -74.36 -91.17 -23.12
C HIS E 1458 -75.74 -90.91 -23.71
N GLN E 1459 -76.74 -90.77 -22.85
CA GLN E 1459 -78.11 -90.51 -23.27
C GLN E 1459 -78.49 -89.08 -22.94
N HIS E 1460 -79.06 -88.37 -23.93
CA HIS E 1460 -79.47 -86.99 -23.75
C HIS E 1460 -80.82 -86.82 -24.44
N ASP E 1461 -81.89 -86.81 -23.65
CA ASP E 1461 -83.25 -86.64 -24.15
C ASP E 1461 -83.93 -85.51 -23.41
N MET E 1462 -84.67 -84.68 -24.16
CA MET E 1462 -85.41 -83.59 -23.53
C MET E 1462 -86.48 -84.11 -22.59
N ASN E 1463 -87.20 -85.15 -23.00
CA ASN E 1463 -88.23 -85.78 -22.18
C ASN E 1463 -87.61 -87.01 -21.52
N PHE E 1464 -87.17 -86.83 -20.27
CA PHE E 1464 -86.52 -87.90 -19.51
C PHE E 1464 -87.33 -88.19 -18.25
N ASP E 1465 -87.49 -89.47 -17.94
CA ASP E 1465 -88.23 -89.91 -16.77
C ASP E 1465 -87.47 -91.03 -16.08
N LEU E 1466 -87.88 -91.35 -14.85
CA LEU E 1466 -87.23 -92.41 -14.10
C LEU E 1466 -87.39 -93.76 -14.80
N SER E 1467 -88.59 -94.04 -15.31
CA SER E 1467 -88.80 -95.28 -16.04
C SER E 1467 -88.19 -95.27 -17.43
N LYS E 1468 -87.85 -94.08 -17.95
CA LYS E 1468 -87.24 -93.98 -19.27
C LYS E 1468 -85.78 -94.42 -19.27
N VAL E 1469 -85.19 -94.65 -18.10
CA VAL E 1469 -83.80 -95.07 -18.04
C VAL E 1469 -83.64 -96.47 -18.63
N ARG E 1470 -82.43 -96.77 -19.07
CA ARG E 1470 -82.10 -98.04 -19.69
C ARG E 1470 -81.32 -98.91 -18.71
N ALA E 1471 -81.77 -100.15 -18.52
CA ALA E 1471 -81.13 -101.07 -17.60
C ALA E 1471 -81.27 -102.49 -18.14
N VAL E 1472 -80.36 -103.37 -17.68
CA VAL E 1472 -80.35 -104.76 -18.08
C VAL E 1472 -80.05 -105.61 -16.86
N THR E 1473 -80.48 -106.87 -16.89
CA THR E 1473 -80.24 -107.83 -15.80
C THR E 1473 -79.89 -109.17 -16.45
N VAL E 1474 -78.59 -109.40 -16.61
CA VAL E 1474 -78.10 -110.63 -17.24
C VAL E 1474 -78.23 -111.78 -16.26
N THR E 1475 -78.56 -112.97 -16.79
CA THR E 1475 -78.66 -114.20 -16.00
C THR E 1475 -77.87 -115.28 -16.72
N MET E 1476 -76.66 -115.54 -16.24
CA MET E 1476 -75.79 -116.54 -16.84
C MET E 1476 -76.23 -117.95 -16.44
N HIS E 1484 -77.25 -119.87 -14.01
CA HIS E 1484 -76.06 -120.00 -13.18
C HIS E 1484 -75.90 -118.82 -12.23
N SER E 1485 -75.48 -117.68 -12.79
CA SER E 1485 -75.27 -116.45 -12.03
C SER E 1485 -76.09 -115.34 -12.65
N SER E 1486 -76.83 -114.61 -11.81
CA SER E 1486 -77.67 -113.51 -12.25
C SER E 1486 -77.16 -112.22 -11.62
N LEU E 1487 -76.94 -111.20 -12.46
CA LEU E 1487 -76.47 -109.91 -12.00
C LEU E 1487 -77.24 -108.81 -12.70
N LYS E 1488 -77.35 -107.66 -12.04
CA LYS E 1488 -78.05 -106.49 -12.57
C LYS E 1488 -77.09 -105.32 -12.65
N CYS E 1489 -77.09 -104.64 -13.80
CA CYS E 1489 -76.22 -103.50 -14.01
C CYS E 1489 -76.93 -102.50 -14.92
N SER E 1490 -76.52 -101.25 -14.81
CA SER E 1490 -77.12 -100.19 -15.63
C SER E 1490 -76.13 -99.04 -15.73
N ASN E 1491 -76.40 -98.14 -16.67
CA ASN E 1491 -75.59 -96.94 -16.87
C ASN E 1491 -76.03 -95.78 -16.00
N CYS E 1492 -77.07 -95.96 -15.19
CA CYS E 1492 -77.60 -94.88 -14.36
C CYS E 1492 -78.34 -95.48 -13.17
N TYR E 1493 -78.12 -94.91 -11.99
CA TYR E 1493 -78.78 -95.33 -10.75
C TYR E 1493 -79.25 -94.08 -10.00
N MET E 1494 -80.46 -93.62 -10.29
CA MET E 1494 -81.07 -92.52 -9.56
C MET E 1494 -82.51 -92.86 -9.22
N VAL E 1495 -83.02 -92.20 -8.18
CA VAL E 1495 -84.39 -92.38 -7.71
C VAL E 1495 -85.17 -91.09 -7.99
N TRP E 1496 -86.41 -91.25 -8.43
CA TRP E 1496 -87.24 -90.09 -8.75
C TRP E 1496 -87.52 -89.27 -7.50
N GLY E 1497 -87.36 -87.95 -7.63
CA GLY E 1497 -87.60 -87.08 -6.49
C GLY E 1497 -89.06 -87.06 -6.07
N GLY E 1498 -89.98 -87.14 -7.04
CA GLY E 1498 -91.39 -87.13 -6.71
C GLY E 1498 -91.82 -88.32 -5.88
N ASP E 1499 -91.25 -89.49 -6.17
CA ASP E 1499 -91.56 -90.68 -5.38
C ASP E 1499 -91.08 -90.53 -3.94
N PHE E 1500 -89.89 -89.96 -3.75
CA PHE E 1500 -89.38 -89.74 -2.39
C PHE E 1500 -90.26 -88.77 -1.61
N VAL E 1501 -90.72 -87.70 -2.27
CA VAL E 1501 -91.56 -86.71 -1.61
C VAL E 1501 -92.46 -86.03 -2.63
N HIS E 1511 -93.10 -75.14 -1.10
CA HIS E 1511 -92.14 -74.49 -0.21
C HIS E 1511 -91.58 -75.47 0.81
N THR E 1512 -90.58 -76.25 0.40
CA THR E 1512 -89.96 -77.24 1.27
C THR E 1512 -88.51 -77.45 0.83
N ASP E 1513 -87.72 -77.99 1.75
CA ASP E 1513 -86.30 -78.28 1.51
C ASP E 1513 -86.09 -79.78 1.72
N LEU E 1514 -86.22 -80.54 0.63
CA LEU E 1514 -86.06 -81.99 0.68
C LEU E 1514 -84.58 -82.34 0.66
N VAL E 1515 -84.10 -82.93 1.74
CA VAL E 1515 -82.70 -83.34 1.85
C VAL E 1515 -82.66 -84.83 1.51
N ILE E 1516 -82.35 -85.12 0.25
CA ILE E 1516 -82.29 -86.51 -0.22
C ILE E 1516 -80.96 -87.12 0.24
N GLY E 1517 -81.04 -88.31 0.82
CA GLY E 1517 -79.85 -89.03 1.24
C GLY E 1517 -79.39 -90.02 0.18
N CYS E 1518 -78.07 -90.13 0.01
CA CYS E 1518 -77.47 -91.03 -0.97
C CYS E 1518 -76.19 -91.59 -0.36
N LEU E 1519 -76.25 -92.85 0.07
CA LEU E 1519 -75.11 -93.52 0.67
C LEU E 1519 -74.82 -94.81 -0.07
N VAL E 1520 -73.54 -95.08 -0.31
CA VAL E 1520 -73.09 -96.27 -1.01
C VAL E 1520 -71.84 -96.81 -0.32
N ASP E 1521 -71.77 -98.12 -0.16
CA ASP E 1521 -70.61 -98.79 0.43
C ASP E 1521 -69.77 -99.37 -0.69
N LEU E 1522 -68.58 -98.80 -0.89
CA LEU E 1522 -67.71 -99.25 -1.99
C LEU E 1522 -67.25 -100.69 -1.78
N ALA E 1523 -66.86 -101.04 -0.55
CA ALA E 1523 -66.40 -102.40 -0.28
C ALA E 1523 -67.55 -103.40 -0.40
N THR E 1524 -68.71 -103.07 0.17
CA THR E 1524 -69.85 -103.99 0.10
C THR E 1524 -70.47 -104.02 -1.28
N GLY E 1525 -70.41 -102.92 -2.01
CA GLY E 1525 -71.00 -102.85 -3.34
C GLY E 1525 -72.47 -102.52 -3.38
N LEU E 1526 -73.10 -102.29 -2.23
CA LEU E 1526 -74.51 -101.96 -2.16
C LEU E 1526 -74.70 -100.46 -1.94
N MET E 1527 -75.87 -99.97 -2.33
CA MET E 1527 -76.20 -98.55 -2.20
C MET E 1527 -77.61 -98.41 -1.65
N THR E 1528 -77.86 -97.28 -0.99
CA THR E 1528 -79.16 -97.00 -0.40
C THR E 1528 -79.46 -95.52 -0.54
N PHE E 1529 -80.74 -95.18 -0.46
CA PHE E 1529 -81.20 -93.81 -0.59
C PHE E 1529 -82.07 -93.44 0.60
N THR E 1530 -81.99 -92.17 1.00
CA THR E 1530 -82.77 -91.64 2.11
C THR E 1530 -83.56 -90.42 1.65
N ALA E 1531 -84.80 -90.32 2.10
CA ALA E 1531 -85.69 -89.22 1.75
C ALA E 1531 -86.01 -88.43 3.01
N ASN E 1532 -85.39 -87.25 3.13
CA ASN E 1532 -85.60 -86.35 4.27
C ASN E 1532 -85.33 -87.06 5.59
N GLY E 1533 -84.27 -87.87 5.63
CA GLY E 1533 -83.90 -88.62 6.81
C GLY E 1533 -84.52 -90.00 6.91
N LYS E 1534 -85.43 -90.36 6.01
CA LYS E 1534 -86.06 -91.67 6.00
C LYS E 1534 -85.49 -92.48 4.86
N GLU E 1535 -84.90 -93.63 5.19
CA GLU E 1535 -84.26 -94.47 4.17
C GLU E 1535 -85.31 -95.08 3.24
N SER E 1536 -85.06 -94.98 1.94
CA SER E 1536 -85.96 -95.53 0.95
C SER E 1536 -85.82 -97.05 0.89
N ASN E 1537 -86.90 -97.72 0.50
CA ASN E 1537 -86.90 -99.17 0.41
C ASN E 1537 -86.09 -99.69 -0.78
N THR E 1538 -85.87 -98.85 -1.79
CA THR E 1538 -85.13 -99.28 -2.97
C THR E 1538 -83.66 -99.53 -2.63
N PHE E 1539 -83.09 -100.53 -3.30
CA PHE E 1539 -81.68 -100.88 -3.13
C PHE E 1539 -81.06 -101.15 -4.49
N PHE E 1540 -79.74 -100.96 -4.58
CA PHE E 1540 -79.01 -101.15 -5.82
C PHE E 1540 -77.76 -101.98 -5.56
N GLN E 1541 -77.50 -102.92 -6.46
CA GLN E 1541 -76.32 -103.77 -6.39
C GLN E 1541 -75.57 -103.66 -7.71
N VAL E 1542 -74.25 -103.44 -7.62
CA VAL E 1542 -73.42 -103.26 -8.81
C VAL E 1542 -72.28 -104.27 -8.80
N GLU E 1543 -71.44 -104.19 -9.83
CA GLU E 1543 -70.31 -105.09 -9.94
C GLU E 1543 -69.24 -104.76 -8.90
N PRO E 1544 -68.38 -105.72 -8.54
CA PRO E 1544 -67.31 -105.42 -7.59
C PRO E 1544 -66.38 -104.30 -8.04
N ASN E 1545 -66.17 -104.15 -9.35
CA ASN E 1545 -65.38 -103.05 -9.90
C ASN E 1545 -66.29 -102.20 -10.77
N THR E 1546 -66.40 -100.91 -10.42
CA THR E 1546 -67.30 -100.01 -11.14
C THR E 1546 -66.93 -98.58 -10.78
N LYS E 1547 -66.86 -97.72 -11.81
CA LYS E 1547 -66.62 -96.30 -11.61
C LYS E 1547 -67.96 -95.57 -11.61
N LEU E 1548 -68.23 -94.84 -10.53
CA LEU E 1548 -69.50 -94.17 -10.33
C LEU E 1548 -69.27 -92.67 -10.18
N PHE E 1549 -70.00 -91.87 -10.95
CA PHE E 1549 -70.03 -90.42 -11.09
C PHE E 1549 -71.27 -89.83 -10.44
N PRO E 1550 -71.10 -88.88 -9.51
CA PRO E 1550 -72.27 -88.19 -8.94
C PRO E 1550 -72.92 -87.30 -10.00
N ALA E 1551 -74.23 -87.41 -10.12
CA ALA E 1551 -74.96 -86.66 -11.14
C ALA E 1551 -76.39 -86.41 -10.67
N VAL E 1552 -76.99 -85.35 -11.20
CA VAL E 1552 -78.38 -85.01 -10.97
C VAL E 1552 -79.00 -84.55 -12.28
N PHE E 1553 -80.21 -85.03 -12.55
CA PHE E 1553 -80.95 -84.66 -13.76
C PHE E 1553 -82.17 -83.85 -13.30
N VAL E 1554 -82.05 -82.52 -13.41
CA VAL E 1554 -83.04 -81.60 -12.83
C VAL E 1554 -83.49 -80.63 -13.91
N LEU E 1555 -84.80 -80.41 -13.98
CA LEU E 1555 -85.34 -79.33 -14.81
C LEU E 1555 -85.40 -78.05 -14.00
N PRO E 1556 -84.81 -76.95 -14.50
CA PRO E 1556 -84.80 -75.71 -13.71
C PRO E 1556 -86.21 -75.18 -13.48
N THR E 1557 -86.50 -74.84 -12.22
CA THR E 1557 -87.84 -74.37 -11.85
C THR E 1557 -87.77 -73.10 -11.02
N HIS E 1558 -86.65 -72.90 -10.32
CA HIS E 1558 -86.48 -71.78 -9.42
C HIS E 1558 -85.09 -71.16 -9.63
N GLN E 1559 -84.93 -69.94 -9.14
CA GLN E 1559 -83.65 -69.25 -9.27
C GLN E 1559 -82.53 -70.03 -8.61
N ASN E 1560 -82.77 -70.55 -7.41
CA ASN E 1560 -81.84 -71.47 -6.75
C ASN E 1560 -82.38 -72.88 -6.93
N VAL E 1561 -81.58 -73.76 -7.53
CA VAL E 1561 -82.09 -75.07 -7.94
C VAL E 1561 -81.68 -76.14 -6.94
N ILE E 1562 -80.38 -76.44 -6.86
CA ILE E 1562 -79.87 -77.47 -5.96
C ILE E 1562 -78.49 -77.03 -5.49
N GLN E 1563 -77.98 -77.72 -4.46
CA GLN E 1563 -76.61 -77.58 -4.01
C GLN E 1563 -76.06 -78.98 -3.71
N PHE E 1564 -74.74 -79.06 -3.56
CA PHE E 1564 -74.05 -80.32 -3.27
C PHE E 1564 -73.36 -80.20 -1.91
N GLU E 1565 -74.10 -80.48 -0.84
CA GLU E 1565 -73.53 -80.42 0.50
C GLU E 1565 -72.60 -81.61 0.72
N LEU E 1566 -71.33 -81.33 0.98
CA LEU E 1566 -70.33 -82.38 1.16
C LEU E 1566 -70.29 -82.93 2.59
N GLY E 1567 -71.35 -82.70 3.37
CA GLY E 1567 -71.39 -83.22 4.72
C GLY E 1567 -71.71 -84.71 4.76
N LYS E 1568 -71.61 -85.26 5.96
CA LYS E 1568 -71.85 -86.68 6.17
C LYS E 1568 -72.24 -86.91 7.62
N GLN E 1569 -72.78 -88.09 7.89
CA GLN E 1569 -73.21 -88.43 9.24
C GLN E 1569 -72.00 -88.62 10.16
N LYS E 1570 -72.30 -88.83 11.45
CA LYS E 1570 -71.23 -89.02 12.43
C LYS E 1570 -70.43 -90.28 12.14
N ASN E 1571 -71.10 -91.36 11.78
CA ASN E 1571 -70.44 -92.63 11.49
C ASN E 1571 -70.14 -92.83 10.00
N ILE E 1572 -70.40 -91.82 9.17
CA ILE E 1572 -70.19 -91.90 7.74
C ILE E 1572 -69.11 -90.89 7.35
N MET E 1573 -68.09 -91.37 6.64
CA MET E 1573 -67.03 -90.50 6.18
C MET E 1573 -67.48 -89.69 4.96
N PRO E 1574 -66.92 -88.50 4.75
CA PRO E 1574 -67.35 -87.67 3.63
C PRO E 1574 -66.98 -88.27 2.28
N LEU E 1575 -67.71 -87.86 1.25
CA LEU E 1575 -67.45 -88.36 -0.10
C LEU E 1575 -66.08 -87.93 -0.60
N SER E 1576 -65.59 -86.78 -0.14
CA SER E 1576 -64.28 -86.30 -0.57
C SER E 1576 -63.17 -87.26 -0.18
N ALA E 1577 -63.36 -88.00 0.92
CA ALA E 1577 -62.37 -88.99 1.31
C ALA E 1577 -62.24 -90.09 0.26
N ALA E 1578 -63.36 -90.56 -0.28
CA ALA E 1578 -63.31 -91.55 -1.33
C ALA E 1578 -62.87 -90.95 -2.66
N MET E 1579 -63.15 -89.66 -2.86
CA MET E 1579 -62.80 -89.01 -4.12
C MET E 1579 -61.28 -88.99 -4.32
N PHE E 1580 -60.53 -88.66 -3.27
CA PHE E 1580 -59.08 -88.52 -3.35
C PHE E 1580 -58.41 -89.62 -2.54
N LEU E 1581 -57.46 -90.32 -3.17
CA LEU E 1581 -56.71 -91.36 -2.47
C LEU E 1581 -55.87 -90.77 -1.34
N SER E 1582 -55.28 -89.59 -1.58
CA SER E 1582 -54.46 -88.95 -0.56
C SER E 1582 -55.27 -88.53 0.66
N GLU E 1583 -56.57 -88.27 0.50
CA GLU E 1583 -57.44 -87.86 1.60
C GLU E 1583 -58.36 -89.00 2.05
N ARG E 1584 -58.00 -90.25 1.74
CA ARG E 1584 -58.84 -91.37 2.14
C ARG E 1584 -58.94 -91.50 3.66
N LYS E 1585 -57.81 -91.33 4.35
CA LYS E 1585 -57.81 -91.44 5.81
C LYS E 1585 -58.37 -90.21 6.50
N ASN E 1586 -58.44 -89.08 5.81
CA ASN E 1586 -58.92 -87.85 6.42
C ASN E 1586 -60.45 -87.89 6.52
N PRO E 1587 -61.02 -87.75 7.71
CA PRO E 1587 -62.49 -87.73 7.85
C PRO E 1587 -63.11 -86.35 7.77
N ALA E 1588 -62.32 -85.30 7.54
CA ALA E 1588 -62.86 -83.94 7.46
C ALA E 1588 -63.27 -83.65 6.03
N PRO E 1589 -64.52 -83.25 5.78
CA PRO E 1589 -64.92 -82.90 4.41
C PRO E 1589 -64.10 -81.74 3.87
N GLN E 1590 -63.82 -81.79 2.57
CA GLN E 1590 -63.03 -80.77 1.91
C GLN E 1590 -63.59 -80.54 0.51
N CYS E 1591 -63.26 -79.37 -0.05
CA CYS E 1591 -63.70 -78.97 -1.39
C CYS E 1591 -62.50 -78.56 -2.21
N PRO E 1592 -61.71 -79.53 -2.68
CA PRO E 1592 -60.57 -79.19 -3.53
C PRO E 1592 -61.04 -78.64 -4.87
N PRO E 1593 -60.22 -77.83 -5.54
CA PRO E 1593 -60.65 -77.20 -6.80
C PRO E 1593 -60.96 -78.18 -7.92
N ARG E 1594 -60.46 -79.42 -7.85
CA ARG E 1594 -60.66 -80.35 -8.96
C ARG E 1594 -62.14 -80.67 -9.17
N LEU E 1595 -62.89 -80.84 -8.09
CA LEU E 1595 -64.32 -81.08 -8.20
C LEU E 1595 -65.02 -79.89 -8.83
N GLU E 1596 -65.55 -80.07 -10.03
CA GLU E 1596 -66.26 -79.01 -10.72
C GLU E 1596 -67.66 -79.48 -11.12
N VAL E 1597 -68.38 -78.68 -11.89
CA VAL E 1597 -69.73 -79.01 -12.33
C VAL E 1597 -69.69 -79.25 -13.84
N GLN E 1598 -70.15 -80.43 -14.25
CA GLN E 1598 -70.12 -80.83 -15.65
C GLN E 1598 -71.55 -81.07 -16.12
N MET E 1599 -71.89 -80.50 -17.27
CA MET E 1599 -73.19 -80.69 -17.87
C MET E 1599 -73.03 -81.26 -19.28
N LEU E 1600 -74.01 -82.04 -19.71
CA LEU E 1600 -73.89 -82.82 -20.93
C LEU E 1600 -74.07 -81.93 -22.15
N MET E 1601 -73.04 -81.83 -22.97
CA MET E 1601 -73.16 -81.17 -24.26
C MET E 1601 -74.05 -82.02 -25.16
N PRO E 1602 -75.10 -81.45 -25.76
CA PRO E 1602 -75.94 -82.24 -26.67
C PRO E 1602 -75.17 -82.80 -27.86
N VAL E 1603 -74.17 -82.07 -28.35
CA VAL E 1603 -73.34 -82.52 -29.46
C VAL E 1603 -71.88 -82.21 -29.13
N SER E 1604 -70.99 -83.11 -29.51
CA SER E 1604 -69.56 -82.98 -29.24
C SER E 1604 -68.77 -82.97 -30.54
N TRP E 1605 -67.46 -82.84 -30.41
CA TRP E 1605 -66.56 -82.83 -31.56
C TRP E 1605 -65.63 -84.04 -31.50
N SER E 1606 -65.50 -84.73 -32.62
CA SER E 1606 -64.62 -85.88 -32.73
C SER E 1606 -63.85 -85.80 -34.04
N ARG E 1607 -62.68 -86.44 -34.07
CA ARG E 1607 -61.82 -86.42 -35.24
C ARG E 1607 -62.14 -87.60 -36.16
N MET E 1608 -62.25 -87.30 -37.45
CA MET E 1608 -62.45 -88.34 -38.46
C MET E 1608 -61.10 -88.92 -38.85
N PRO E 1609 -60.89 -90.23 -38.71
CA PRO E 1609 -59.60 -90.82 -39.09
C PRO E 1609 -59.32 -90.66 -40.57
N ASN E 1610 -58.04 -90.50 -40.89
CA ASN E 1610 -57.62 -90.32 -42.28
C ASN E 1610 -57.46 -91.64 -43.03
N HIS E 1611 -57.54 -92.78 -42.35
CA HIS E 1611 -57.40 -94.09 -42.97
C HIS E 1611 -58.52 -94.99 -42.46
N PHE E 1612 -59.63 -95.02 -43.18
CA PHE E 1612 -60.75 -95.87 -42.81
C PHE E 1612 -60.46 -97.33 -43.12
N LEU E 1613 -61.16 -98.22 -42.42
CA LEU E 1613 -61.00 -99.65 -42.62
C LEU E 1613 -61.80 -100.06 -43.86
N GLN E 1614 -61.09 -100.58 -44.86
CA GLN E 1614 -61.75 -100.99 -46.10
C GLN E 1614 -62.66 -102.19 -45.86
N VAL E 1615 -63.82 -102.18 -46.52
CA VAL E 1615 -64.81 -103.23 -46.39
C VAL E 1615 -65.03 -103.86 -47.76
N GLU E 1616 -64.97 -105.18 -47.82
CA GLU E 1616 -65.17 -105.93 -49.06
C GLU E 1616 -66.04 -107.14 -48.76
N THR E 1617 -67.26 -107.14 -49.28
CA THR E 1617 -68.20 -108.23 -49.06
C THR E 1617 -68.83 -108.65 -50.39
N ARG E 1618 -69.16 -109.93 -50.49
CA ARG E 1618 -69.77 -110.48 -51.69
C ARG E 1618 -70.54 -111.74 -51.33
N ARG E 1619 -71.43 -112.15 -52.23
CA ARG E 1619 -72.23 -113.35 -52.04
C ARG E 1619 -71.37 -114.57 -52.39
N ALA E 1620 -71.05 -115.38 -51.38
CA ALA E 1620 -70.24 -116.57 -51.62
C ALA E 1620 -70.99 -117.57 -52.51
N GLY E 1621 -72.27 -117.77 -52.27
CA GLY E 1621 -73.04 -118.69 -53.08
C GLY E 1621 -74.42 -118.90 -52.48
N GLU E 1622 -75.23 -119.65 -53.22
CA GLU E 1622 -76.59 -119.95 -52.76
C GLU E 1622 -76.57 -120.80 -51.50
N ARG E 1623 -75.67 -121.78 -51.44
CA ARG E 1623 -75.57 -122.66 -50.29
C ARG E 1623 -74.56 -122.18 -49.24
N LEU E 1624 -73.88 -121.07 -49.50
CA LEU E 1624 -72.90 -120.53 -48.56
C LEU E 1624 -73.30 -119.21 -47.95
N GLY E 1625 -74.28 -118.50 -48.52
CA GLY E 1625 -74.71 -117.23 -47.98
C GLY E 1625 -73.71 -116.11 -48.24
N TRP E 1626 -73.93 -115.01 -47.54
CA TRP E 1626 -73.04 -113.86 -47.66
C TRP E 1626 -71.71 -114.13 -46.96
N ALA E 1627 -70.67 -113.45 -47.43
CA ALA E 1627 -69.33 -113.61 -46.87
C ALA E 1627 -68.57 -112.30 -47.03
N VAL E 1628 -67.92 -111.86 -45.95
CA VAL E 1628 -67.11 -110.65 -45.95
C VAL E 1628 -65.71 -111.01 -45.49
N GLN E 1629 -64.71 -110.56 -46.25
CA GLN E 1629 -63.31 -110.83 -45.94
C GLN E 1629 -62.55 -109.51 -45.88
N CYS E 1630 -61.78 -109.32 -44.82
CA CYS E 1630 -60.99 -108.10 -44.63
C CYS E 1630 -59.59 -108.50 -44.18
N GLN E 1631 -58.57 -108.05 -44.92
CA GLN E 1631 -57.18 -108.31 -44.59
C GLN E 1631 -56.42 -107.00 -44.74
N ASP E 1632 -56.36 -106.23 -43.65
CA ASP E 1632 -55.67 -104.95 -43.65
C ASP E 1632 -55.25 -104.59 -42.23
N PRO E 1633 -53.94 -104.48 -41.96
CA PRO E 1633 -53.49 -104.14 -40.61
C PRO E 1633 -53.49 -102.64 -40.39
N LEU E 1634 -54.34 -102.17 -39.49
CA LEU E 1634 -54.44 -100.76 -39.15
C LEU E 1634 -54.34 -100.61 -37.63
N THR E 1635 -53.57 -99.61 -37.19
CA THR E 1635 -53.33 -99.39 -35.79
C THR E 1635 -53.48 -97.90 -35.47
N MET E 1636 -54.12 -97.62 -34.32
CA MET E 1636 -54.34 -96.24 -33.89
C MET E 1636 -53.93 -96.11 -32.43
N MET E 1637 -53.68 -94.86 -32.03
CA MET E 1637 -53.27 -94.56 -30.68
C MET E 1637 -54.48 -94.29 -29.80
N ALA E 1638 -54.41 -94.73 -28.54
CA ALA E 1638 -55.47 -94.55 -27.57
C ALA E 1638 -54.94 -93.78 -26.38
N LEU E 1639 -55.75 -92.83 -25.89
CA LEU E 1639 -55.34 -91.92 -24.83
C LEU E 1639 -56.40 -91.90 -23.73
N HIS E 1640 -56.77 -93.09 -23.26
CA HIS E 1640 -57.84 -93.24 -22.27
C HIS E 1640 -57.52 -92.44 -21.01
N ILE E 1641 -58.41 -91.53 -20.65
CA ILE E 1641 -58.24 -90.71 -19.45
C ILE E 1641 -58.72 -91.50 -18.24
N PRO E 1642 -57.90 -91.64 -17.19
CA PRO E 1642 -58.34 -92.41 -16.01
C PRO E 1642 -59.59 -91.85 -15.34
N GLU E 1643 -59.81 -90.53 -15.44
CA GLU E 1643 -60.97 -89.93 -14.78
C GLU E 1643 -62.28 -90.41 -15.42
N GLU E 1644 -62.44 -90.15 -16.71
CA GLU E 1644 -63.63 -90.58 -17.46
C GLU E 1644 -63.24 -91.63 -18.47
N ASN E 1645 -63.93 -92.76 -18.45
CA ASN E 1645 -63.59 -93.91 -19.29
C ASN E 1645 -63.98 -93.60 -20.73
N ARG E 1646 -63.11 -92.86 -21.41
CA ARG E 1646 -63.29 -92.50 -22.81
C ARG E 1646 -62.01 -92.84 -23.57
N CYS E 1647 -62.05 -92.62 -24.88
CA CYS E 1647 -60.91 -92.88 -25.75
C CYS E 1647 -60.56 -91.61 -26.52
N MET E 1648 -59.28 -91.26 -26.55
CA MET E 1648 -58.80 -90.08 -27.24
C MET E 1648 -57.69 -90.48 -28.19
N ASP E 1649 -57.66 -89.83 -29.36
CA ASP E 1649 -56.63 -90.11 -30.35
C ASP E 1649 -55.48 -89.12 -30.21
N ILE E 1650 -54.27 -89.61 -30.51
CA ILE E 1650 -53.10 -88.74 -30.43
C ILE E 1650 -53.13 -87.68 -31.52
N LEU E 1651 -53.87 -87.92 -32.60
CA LEU E 1651 -54.07 -86.91 -33.63
C LEU E 1651 -55.19 -85.94 -33.27
N GLU E 1652 -56.01 -86.26 -32.26
CA GLU E 1652 -57.10 -85.39 -31.84
C GLU E 1652 -56.62 -84.23 -30.97
N LEU E 1653 -55.38 -84.28 -30.49
CA LEU E 1653 -54.87 -83.27 -29.57
C LEU E 1653 -54.56 -81.94 -30.25
N SER E 1654 -54.60 -81.88 -31.58
CA SER E 1654 -54.27 -80.65 -32.29
C SER E 1654 -55.25 -79.53 -32.01
N GLU E 1655 -56.47 -79.85 -31.58
CA GLU E 1655 -57.48 -78.82 -31.33
C GLU E 1655 -57.50 -78.34 -29.88
N ARG E 1656 -57.22 -79.23 -28.93
CA ARG E 1656 -57.24 -78.89 -27.50
C ARG E 1656 -55.81 -78.58 -27.07
N LEU E 1657 -55.54 -77.31 -26.78
CA LEU E 1657 -54.19 -76.89 -26.43
C LEU E 1657 -53.82 -77.28 -25.01
N ASP E 1658 -54.78 -77.25 -24.08
CA ASP E 1658 -54.48 -77.55 -22.69
C ASP E 1658 -54.04 -79.01 -22.52
N LEU E 1659 -54.80 -79.94 -23.09
CA LEU E 1659 -54.44 -81.35 -22.97
C LEU E 1659 -53.16 -81.66 -23.72
N GLN E 1660 -52.93 -81.03 -24.86
CA GLN E 1660 -51.68 -81.20 -25.58
C GLN E 1660 -50.50 -80.72 -24.77
N ARG E 1661 -50.64 -79.57 -24.11
CA ARG E 1661 -49.57 -79.06 -23.25
C ARG E 1661 -49.34 -79.98 -22.06
N PHE E 1662 -50.41 -80.53 -21.48
CA PHE E 1662 -50.27 -81.47 -20.38
C PHE E 1662 -49.53 -82.72 -20.82
N HIS E 1663 -49.86 -83.25 -22.00
CA HIS E 1663 -49.16 -84.42 -22.52
C HIS E 1663 -47.70 -84.12 -22.81
N SER E 1664 -47.41 -82.93 -23.36
CA SER E 1664 -46.02 -82.54 -23.59
C SER E 1664 -45.26 -82.45 -22.27
N HIS E 1665 -45.90 -81.90 -21.24
CA HIS E 1665 -45.22 -81.76 -19.95
C HIS E 1665 -45.01 -83.11 -19.27
N THR E 1666 -45.95 -84.04 -19.42
CA THR E 1666 -45.72 -85.37 -18.83
C THR E 1666 -44.68 -86.14 -19.63
N LEU E 1667 -44.58 -85.90 -20.94
CA LEU E 1667 -43.47 -86.46 -21.71
C LEU E 1667 -42.13 -85.90 -21.24
N ARG E 1668 -42.10 -84.59 -20.95
CA ARG E 1668 -40.89 -83.97 -20.41
C ARG E 1668 -40.54 -84.55 -19.06
N LEU E 1669 -41.55 -84.80 -18.22
CA LEU E 1669 -41.32 -85.45 -16.93
C LEU E 1669 -40.74 -86.84 -17.12
N TYR E 1670 -41.28 -87.61 -18.07
CA TYR E 1670 -40.74 -88.93 -18.36
C TYR E 1670 -39.29 -88.84 -18.78
N ARG E 1671 -38.97 -87.90 -19.67
CA ARG E 1671 -37.59 -87.75 -20.13
C ARG E 1671 -36.67 -87.36 -18.98
N ALA E 1672 -37.12 -86.44 -18.11
CA ALA E 1672 -36.28 -85.99 -17.01
C ALA E 1672 -36.02 -87.10 -16.00
N VAL E 1673 -37.05 -87.87 -15.64
CA VAL E 1673 -36.87 -88.93 -14.65
C VAL E 1673 -36.06 -90.08 -15.25
N CYS E 1674 -36.20 -90.32 -16.56
CA CYS E 1674 -35.50 -91.41 -17.22
C CYS E 1674 -34.03 -91.11 -17.48
N ALA E 1675 -33.67 -89.84 -17.69
CA ALA E 1675 -32.32 -89.48 -18.10
C ALA E 1675 -31.34 -89.60 -16.93
N LEU E 1676 -30.12 -89.12 -17.16
CA LEU E 1676 -29.03 -89.16 -16.18
C LEU E 1676 -28.69 -90.59 -15.75
N GLY E 1677 -28.81 -91.52 -16.69
CA GLY E 1677 -28.40 -92.90 -16.43
C GLY E 1677 -29.18 -93.60 -15.34
N ASN E 1678 -30.49 -93.43 -15.31
CA ASN E 1678 -31.36 -94.14 -14.37
C ASN E 1678 -32.05 -95.26 -15.13
N ASN E 1679 -31.47 -96.46 -15.07
CA ASN E 1679 -31.92 -97.56 -15.90
C ASN E 1679 -33.20 -98.20 -15.37
N ARG E 1680 -33.36 -98.27 -14.05
CA ARG E 1680 -34.60 -98.80 -13.48
C ARG E 1680 -35.80 -97.93 -13.86
N VAL E 1681 -35.63 -96.61 -13.78
CA VAL E 1681 -36.69 -95.70 -14.22
C VAL E 1681 -36.93 -95.85 -15.72
N ALA E 1682 -35.87 -96.11 -16.48
CA ALA E 1682 -36.04 -96.35 -17.92
C ALA E 1682 -36.89 -97.58 -18.18
N HIS E 1683 -36.66 -98.66 -17.43
CA HIS E 1683 -37.48 -99.85 -17.59
C HIS E 1683 -38.91 -99.59 -17.17
N ALA E 1684 -39.11 -98.87 -16.05
CA ALA E 1684 -40.46 -98.55 -15.61
C ALA E 1684 -41.20 -97.73 -16.65
N LEU E 1685 -40.50 -96.81 -17.31
CA LEU E 1685 -41.12 -96.00 -18.36
C LEU E 1685 -41.42 -96.83 -19.60
N CYS E 1686 -40.48 -97.69 -20.01
CA CYS E 1686 -40.70 -98.57 -21.15
C CYS E 1686 -41.87 -99.51 -20.90
N SER E 1687 -42.17 -99.81 -19.64
CA SER E 1687 -43.38 -100.57 -19.33
C SER E 1687 -44.63 -99.83 -19.80
N HIS E 1688 -44.70 -98.52 -19.54
CA HIS E 1688 -45.84 -97.73 -19.95
C HIS E 1688 -45.67 -97.11 -21.33
N VAL E 1689 -44.45 -97.04 -21.84
CA VAL E 1689 -44.17 -96.49 -23.16
C VAL E 1689 -43.46 -97.59 -23.95
N ASP E 1690 -44.22 -98.37 -24.70
CA ASP E 1690 -43.66 -99.46 -25.46
C ASP E 1690 -42.88 -98.93 -26.68
N GLN E 1691 -42.08 -99.82 -27.26
CA GLN E 1691 -41.30 -99.43 -28.44
C GLN E 1691 -42.14 -99.36 -29.71
N ALA E 1692 -43.11 -100.27 -29.87
CA ALA E 1692 -43.90 -100.30 -31.09
C ALA E 1692 -44.67 -99.00 -31.28
N GLN E 1693 -45.26 -98.47 -30.21
CA GLN E 1693 -45.91 -97.17 -30.30
C GLN E 1693 -44.91 -96.07 -30.61
N LEU E 1694 -43.66 -96.23 -30.18
CA LEU E 1694 -42.65 -95.22 -30.50
C LEU E 1694 -42.36 -95.18 -31.99
N LEU E 1695 -42.09 -96.34 -32.61
CA LEU E 1695 -41.89 -96.35 -34.06
C LEU E 1695 -43.16 -95.99 -34.81
N HIS E 1696 -44.34 -96.26 -34.21
CA HIS E 1696 -45.57 -95.80 -34.83
C HIS E 1696 -45.65 -94.28 -34.84
N ALA E 1697 -45.23 -93.64 -33.75
CA ALA E 1697 -45.18 -92.18 -33.71
C ALA E 1697 -44.17 -91.65 -34.72
N LEU E 1698 -43.02 -92.30 -34.84
CA LEU E 1698 -42.04 -91.87 -35.84
C LEU E 1698 -42.61 -91.97 -37.24
N GLU E 1699 -43.31 -93.07 -37.54
CA GLU E 1699 -43.91 -93.23 -38.86
C GLU E 1699 -45.06 -92.26 -39.07
N ASP E 1700 -45.82 -91.95 -38.03
CA ASP E 1700 -46.94 -91.02 -38.15
C ASP E 1700 -46.44 -89.62 -38.48
N ALA E 1701 -47.20 -88.91 -39.31
CA ALA E 1701 -46.83 -87.57 -39.75
C ALA E 1701 -47.82 -86.49 -39.35
N HIS E 1702 -48.95 -86.84 -38.74
CA HIS E 1702 -49.96 -85.87 -38.34
C HIS E 1702 -49.87 -85.49 -36.87
N LEU E 1703 -48.82 -85.93 -36.17
CA LEU E 1703 -48.68 -85.62 -34.76
C LEU E 1703 -48.38 -84.13 -34.57
N PRO E 1704 -48.84 -83.54 -33.47
CA PRO E 1704 -48.48 -82.15 -33.17
C PRO E 1704 -46.99 -82.02 -32.93
N GLY E 1705 -46.47 -80.83 -33.24
CA GLY E 1705 -45.05 -80.55 -33.16
C GLY E 1705 -44.42 -80.82 -31.81
N PRO E 1706 -44.89 -80.12 -30.76
CA PRO E 1706 -44.32 -80.36 -29.42
C PRO E 1706 -44.45 -81.80 -28.97
N LEU E 1707 -45.58 -82.46 -29.25
CA LEU E 1707 -45.74 -83.85 -28.85
C LEU E 1707 -44.79 -84.76 -29.60
N ARG E 1708 -44.62 -84.52 -30.91
CA ARG E 1708 -43.68 -85.32 -31.69
C ARG E 1708 -42.26 -85.15 -31.17
N ALA E 1709 -41.87 -83.91 -30.88
CA ALA E 1709 -40.53 -83.67 -30.34
C ALA E 1709 -40.35 -84.34 -28.99
N GLY E 1710 -41.37 -84.28 -28.13
CA GLY E 1710 -41.29 -84.95 -26.84
C GLY E 1710 -41.17 -86.45 -26.96
N TYR E 1711 -41.93 -87.05 -27.89
CA TYR E 1711 -41.83 -88.48 -28.11
C TYR E 1711 -40.45 -88.86 -28.65
N TYR E 1712 -39.91 -88.07 -29.57
CA TYR E 1712 -38.57 -88.32 -30.09
C TYR E 1712 -37.53 -88.25 -28.98
N ASP E 1713 -37.62 -87.22 -28.14
CA ASP E 1713 -36.65 -87.07 -27.05
C ASP E 1713 -36.80 -88.18 -26.02
N LEU E 1714 -38.03 -88.62 -25.75
CA LEU E 1714 -38.23 -89.75 -24.84
C LEU E 1714 -37.64 -91.03 -25.41
N LEU E 1715 -37.81 -91.26 -26.72
CA LEU E 1715 -37.21 -92.43 -27.34
C LEU E 1715 -35.69 -92.38 -27.24
N ILE E 1716 -35.11 -91.19 -27.46
CA ILE E 1716 -33.65 -91.04 -27.34
C ILE E 1716 -33.21 -91.33 -25.91
N SER E 1717 -33.93 -90.80 -24.93
CA SER E 1717 -33.49 -90.88 -23.53
C SER E 1717 -33.68 -92.30 -22.98
N ILE E 1718 -34.75 -92.98 -23.37
CA ILE E 1718 -35.05 -94.30 -22.81
C ILE E 1718 -34.06 -95.37 -23.24
N HIS E 1719 -33.60 -95.35 -24.49
CA HIS E 1719 -32.82 -96.45 -25.05
C HIS E 1719 -31.37 -96.08 -25.33
N LEU E 1720 -31.09 -94.85 -25.74
CA LEU E 1720 -29.76 -94.45 -26.19
C LEU E 1720 -29.33 -93.15 -25.52
N GLU E 1721 -29.43 -93.08 -24.20
CA GLU E 1721 -28.94 -91.93 -23.43
C GLU E 1721 -27.69 -92.26 -22.64
N SER E 1722 -27.74 -93.30 -21.79
CA SER E 1722 -26.54 -93.70 -21.05
C SER E 1722 -25.46 -94.21 -21.99
N ALA E 1723 -25.85 -95.03 -22.97
CA ALA E 1723 -24.88 -95.52 -23.95
C ALA E 1723 -24.31 -94.38 -24.77
N CYS E 1724 -25.15 -93.41 -25.15
CA CYS E 1724 -24.66 -92.25 -25.89
C CYS E 1724 -23.67 -91.45 -25.07
N ARG E 1725 -23.96 -91.24 -23.78
CA ARG E 1725 -23.04 -90.51 -22.92
C ARG E 1725 -21.72 -91.25 -22.78
N SER E 1726 -21.78 -92.57 -22.59
CA SER E 1726 -20.55 -93.35 -22.47
C SER E 1726 -19.73 -93.30 -23.75
N ARG E 1727 -20.38 -93.42 -24.91
CA ARG E 1727 -19.65 -93.37 -26.17
C ARG E 1727 -19.04 -92.00 -26.42
N ARG E 1728 -19.78 -90.94 -26.09
CA ARG E 1728 -19.25 -89.59 -26.26
C ARG E 1728 -18.07 -89.33 -25.33
N SER E 1729 -18.15 -89.82 -24.09
CA SER E 1729 -17.03 -89.69 -23.17
C SER E 1729 -15.82 -90.47 -23.66
N MET E 1730 -16.05 -91.66 -24.22
CA MET E 1730 -14.96 -92.49 -24.71
C MET E 1730 -14.53 -92.15 -26.13
N LEU E 1731 -15.25 -91.26 -26.81
CA LEU E 1731 -14.84 -90.84 -28.15
C LEU E 1731 -13.58 -89.99 -28.13
N SER E 1732 -13.24 -89.41 -26.97
CA SER E 1732 -12.03 -88.59 -26.88
C SER E 1732 -10.77 -89.42 -27.09
N GLU E 1733 -10.75 -90.64 -26.56
CA GLU E 1733 -9.57 -91.48 -26.70
C GLU E 1733 -9.46 -92.03 -28.12
N TYR E 1734 -8.24 -92.38 -28.51
CA TYR E 1734 -7.97 -92.95 -29.82
C TYR E 1734 -7.22 -94.26 -29.70
N ILE E 1735 -7.67 -95.14 -28.81
CA ILE E 1735 -6.99 -96.42 -28.59
C ILE E 1735 -7.14 -97.29 -29.83
N VAL E 1736 -6.02 -97.69 -30.41
CA VAL E 1736 -6.01 -98.53 -31.61
C VAL E 1736 -4.92 -99.58 -31.50
N PRO E 1737 -5.25 -100.86 -31.65
CA PRO E 1737 -4.23 -101.91 -31.60
C PRO E 1737 -3.63 -102.20 -32.96
N LEU E 1738 -2.67 -103.12 -32.98
CA LEU E 1738 -2.03 -103.56 -34.21
C LEU E 1738 -2.81 -104.72 -34.81
N THR E 1739 -3.18 -104.58 -36.08
CA THR E 1739 -3.99 -105.57 -36.78
C THR E 1739 -3.85 -105.33 -38.27
N PRO E 1740 -4.04 -106.35 -39.12
CA PRO E 1740 -3.86 -106.13 -40.56
C PRO E 1740 -4.94 -105.25 -41.18
N GLU E 1741 -6.13 -105.18 -40.57
CA GLU E 1741 -7.12 -104.21 -41.02
C GLU E 1741 -6.62 -102.79 -40.81
N THR E 1742 -5.95 -102.53 -39.68
CA THR E 1742 -5.35 -101.22 -39.45
C THR E 1742 -4.26 -100.94 -40.47
N ARG E 1743 -3.41 -101.94 -40.76
CA ARG E 1743 -2.33 -101.75 -41.72
C ARG E 1743 -2.84 -101.56 -43.14
N ALA E 1744 -4.04 -102.07 -43.45
CA ALA E 1744 -4.56 -101.93 -44.80
C ALA E 1744 -5.04 -100.52 -45.10
N ILE E 1745 -5.66 -99.85 -44.12
CA ILE E 1745 -6.23 -98.53 -44.38
C ILE E 1745 -5.12 -97.48 -44.46
N THR E 1746 -5.25 -96.60 -45.45
CA THR E 1746 -4.28 -95.55 -45.69
C THR E 1746 -4.97 -94.19 -45.65
N LEU E 1747 -4.16 -93.13 -45.63
CA LEU E 1747 -4.71 -91.79 -45.54
C LEU E 1747 -5.55 -91.44 -46.77
N PHE E 1748 -5.07 -91.80 -47.95
CA PHE E 1748 -5.77 -91.50 -49.19
C PHE E 1748 -6.26 -92.80 -49.84
N PRO E 1749 -7.42 -92.77 -50.51
CA PRO E 1749 -7.97 -93.94 -51.20
C PRO E 1749 -7.05 -94.46 -52.31
N ARG E 1759 -8.23 -87.40 -54.42
CA ARG E 1759 -9.47 -87.03 -53.74
C ARG E 1759 -9.55 -87.66 -52.36
N HIS E 1760 -9.87 -86.84 -51.36
CA HIS E 1760 -9.98 -87.33 -49.99
C HIS E 1760 -11.17 -88.27 -49.86
N GLY E 1761 -11.00 -89.31 -49.03
CA GLY E 1761 -12.07 -90.26 -48.83
C GLY E 1761 -13.22 -89.68 -48.03
N LEU E 1762 -14.39 -90.29 -48.22
CA LEU E 1762 -15.58 -89.82 -47.53
C LEU E 1762 -15.45 -90.10 -46.03
N PRO E 1763 -15.84 -89.16 -45.17
CA PRO E 1763 -15.79 -89.41 -43.74
C PRO E 1763 -16.77 -90.49 -43.32
N GLY E 1764 -16.40 -91.22 -42.27
CA GLY E 1764 -17.24 -92.28 -41.73
C GLY E 1764 -17.04 -93.65 -42.34
N VAL E 1765 -17.06 -93.73 -43.67
CA VAL E 1765 -16.87 -95.02 -44.34
C VAL E 1765 -15.41 -95.45 -44.20
N GLY E 1766 -15.19 -96.76 -44.22
CA GLY E 1766 -13.86 -97.30 -44.10
C GLY E 1766 -13.75 -98.32 -42.98
N VAL E 1767 -12.53 -98.58 -42.53
CA VAL E 1767 -12.29 -99.50 -41.42
C VAL E 1767 -11.69 -98.69 -40.27
N THR E 1768 -12.37 -98.70 -39.12
CA THR E 1768 -11.91 -98.02 -37.93
C THR E 1768 -11.68 -99.03 -36.83
N THR E 1769 -10.48 -99.01 -36.25
CA THR E 1769 -10.10 -99.93 -35.19
C THR E 1769 -9.95 -99.18 -33.86
N SER E 1770 -10.85 -98.24 -33.62
CA SER E 1770 -10.86 -97.48 -32.37
C SER E 1770 -11.44 -98.37 -31.27
N LEU E 1771 -10.57 -98.84 -30.38
CA LEU E 1771 -11.00 -99.72 -29.29
C LEU E 1771 -11.87 -98.95 -28.32
N ARG E 1772 -13.15 -99.29 -28.26
CA ARG E 1772 -14.11 -98.67 -27.36
C ARG E 1772 -14.96 -99.76 -26.71
N PRO E 1773 -15.46 -99.53 -25.50
CA PRO E 1773 -16.29 -100.53 -24.83
C PRO E 1773 -17.64 -100.68 -25.53
N PRO E 1774 -17.96 -101.87 -26.02
CA PRO E 1774 -19.26 -102.05 -26.67
C PRO E 1774 -20.41 -101.86 -25.68
N HIS E 1775 -21.51 -101.30 -26.19
CA HIS E 1775 -22.69 -101.07 -25.37
C HIS E 1775 -23.45 -102.37 -25.16
N HIS E 1776 -23.82 -102.64 -23.92
CA HIS E 1776 -24.56 -103.85 -23.56
C HIS E 1776 -26.00 -103.50 -23.26
N PHE E 1777 -26.92 -104.21 -23.92
CA PHE E 1777 -28.36 -103.98 -23.76
C PHE E 1777 -29.00 -105.22 -23.16
N SER E 1778 -29.70 -105.04 -22.05
CA SER E 1778 -30.42 -106.13 -21.40
C SER E 1778 -31.86 -106.16 -21.89
N PRO E 1779 -32.33 -107.30 -22.41
CA PRO E 1779 -33.73 -107.39 -22.86
C PRO E 1779 -34.68 -107.10 -21.73
N PRO E 1780 -35.75 -106.35 -21.98
CA PRO E 1780 -36.70 -106.00 -20.91
C PRO E 1780 -37.68 -107.13 -20.64
N CYS E 1781 -37.53 -107.77 -19.48
CA CYS E 1781 -38.42 -108.82 -19.02
C CYS E 1781 -39.01 -108.38 -17.69
N PHE E 1782 -40.29 -108.03 -17.69
CA PHE E 1782 -40.94 -107.45 -16.52
C PHE E 1782 -41.80 -108.45 -15.75
N VAL E 1783 -41.95 -109.68 -16.25
CA VAL E 1783 -42.69 -110.71 -15.53
C VAL E 1783 -41.80 -111.60 -14.67
N ALA E 1784 -40.48 -111.42 -14.76
CA ALA E 1784 -39.57 -112.22 -13.96
C ALA E 1784 -39.60 -111.77 -12.50
N ALA E 1785 -39.24 -112.71 -11.62
CA ALA E 1785 -39.19 -112.41 -10.20
C ALA E 1785 -38.09 -111.40 -9.90
N LEU E 1786 -38.38 -110.46 -9.01
CA LEU E 1786 -37.44 -109.42 -8.64
C LEU E 1786 -36.79 -109.78 -7.31
N PRO E 1787 -35.48 -110.07 -7.28
CA PRO E 1787 -34.75 -110.42 -6.04
C PRO E 1787 -34.76 -109.29 -5.02
N PRO E 1795 -26.03 -105.58 -9.44
CA PRO E 1795 -25.42 -104.57 -10.30
C PRO E 1795 -26.46 -103.74 -11.04
N ALA E 1796 -26.03 -102.63 -11.64
CA ALA E 1796 -26.95 -101.77 -12.38
C ALA E 1796 -27.45 -102.48 -13.63
N ARG E 1797 -28.74 -102.34 -13.91
CA ARG E 1797 -29.33 -102.95 -15.09
C ARG E 1797 -28.83 -102.28 -16.37
N LEU E 1798 -28.71 -103.07 -17.42
CA LEU E 1798 -28.26 -102.56 -18.70
C LEU E 1798 -29.42 -101.85 -19.43
N SER E 1799 -29.07 -101.15 -20.51
CA SER E 1799 -30.04 -100.35 -21.23
C SER E 1799 -31.12 -101.24 -21.85
N PRO E 1800 -32.35 -100.73 -21.94
CA PRO E 1800 -33.43 -101.54 -22.54
C PRO E 1800 -33.10 -101.89 -23.98
N ALA E 1801 -33.49 -103.10 -24.37
CA ALA E 1801 -33.18 -103.61 -25.70
C ALA E 1801 -34.20 -103.12 -26.72
N ILE E 1802 -33.70 -102.62 -27.85
CA ILE E 1802 -34.53 -102.20 -28.97
C ILE E 1802 -33.93 -102.81 -30.23
N PRO E 1803 -34.72 -103.09 -31.27
CA PRO E 1803 -34.13 -103.52 -32.54
C PRO E 1803 -33.29 -102.43 -33.17
N LEU E 1804 -31.97 -102.65 -33.23
CA LEU E 1804 -31.07 -101.62 -33.73
C LEU E 1804 -31.27 -101.39 -35.23
N GLU E 1805 -31.31 -102.49 -36.01
CA GLU E 1805 -31.47 -102.36 -37.45
C GLU E 1805 -32.82 -101.76 -37.83
N ALA E 1806 -33.89 -102.21 -37.16
CA ALA E 1806 -35.21 -101.66 -37.44
C ALA E 1806 -35.29 -100.18 -37.11
N LEU E 1807 -34.72 -99.79 -35.96
CA LEU E 1807 -34.71 -98.37 -35.59
C LEU E 1807 -33.90 -97.55 -36.58
N ARG E 1808 -32.75 -98.07 -37.01
CA ARG E 1808 -31.94 -97.35 -37.99
C ARG E 1808 -32.68 -97.19 -39.31
N ASP E 1809 -33.35 -98.25 -39.77
CA ASP E 1809 -34.11 -98.15 -41.02
C ASP E 1809 -35.26 -97.16 -40.90
N LYS E 1810 -35.97 -97.19 -39.76
CA LYS E 1810 -37.07 -96.26 -39.56
C LYS E 1810 -36.57 -94.82 -39.53
N ALA E 1811 -35.45 -94.57 -38.85
CA ALA E 1811 -34.89 -93.23 -38.79
C ALA E 1811 -34.45 -92.76 -40.18
N LEU E 1812 -33.82 -93.66 -40.96
CA LEU E 1812 -33.42 -93.28 -42.31
C LEU E 1812 -34.63 -92.96 -43.19
N ARG E 1813 -35.68 -93.77 -43.09
CA ARG E 1813 -36.89 -93.50 -43.87
C ARG E 1813 -37.54 -92.19 -43.46
N MET E 1814 -37.59 -91.92 -42.15
CA MET E 1814 -38.18 -90.66 -41.69
C MET E 1814 -37.36 -89.47 -42.16
N LEU E 1815 -36.03 -89.57 -42.10
CA LEU E 1815 -35.18 -88.49 -42.58
C LEU E 1815 -35.33 -88.28 -44.08
N GLY E 1816 -35.46 -89.37 -44.85
CA GLY E 1816 -35.71 -89.22 -46.28
C GLY E 1816 -37.04 -88.55 -46.57
N GLU E 1817 -38.08 -88.93 -45.83
CA GLU E 1817 -39.38 -88.28 -45.99
C GLU E 1817 -39.29 -86.79 -45.64
N ALA E 1818 -38.57 -86.48 -44.57
CA ALA E 1818 -38.42 -85.08 -44.15
C ALA E 1818 -37.69 -84.26 -45.20
N VAL E 1819 -36.60 -84.80 -45.76
CA VAL E 1819 -35.85 -84.05 -46.77
C VAL E 1819 -36.67 -83.92 -48.05
N ARG E 1820 -37.44 -84.95 -48.40
CA ARG E 1820 -38.32 -84.83 -49.57
C ARG E 1820 -39.37 -83.75 -49.36
N ASP E 1821 -39.97 -83.70 -48.16
CA ASP E 1821 -40.96 -82.66 -47.86
C ASP E 1821 -40.33 -81.28 -47.88
N GLY E 1822 -39.12 -81.14 -47.34
CA GLY E 1822 -38.43 -79.87 -47.38
C GLY E 1822 -38.12 -79.42 -48.79
N GLY E 1823 -37.71 -80.37 -49.64
CA GLY E 1823 -37.52 -80.03 -51.06
C GLY E 1823 -38.80 -79.61 -51.73
N GLN E 1824 -39.92 -80.27 -51.39
CA GLN E 1824 -41.22 -79.88 -51.90
C GLN E 1824 -41.69 -78.54 -51.34
N HIS E 1825 -41.07 -78.07 -50.25
CA HIS E 1825 -41.38 -76.80 -49.59
C HIS E 1825 -42.90 -76.59 -49.47
N ALA E 1826 -43.57 -77.58 -48.90
CA ALA E 1826 -45.00 -77.48 -48.67
C ALA E 1826 -45.30 -76.56 -47.49
N ARG E 1827 -46.55 -76.12 -47.41
CA ARG E 1827 -46.99 -75.23 -46.34
C ARG E 1827 -47.56 -76.00 -45.14
N ASP E 1828 -47.53 -77.33 -45.17
CA ASP E 1828 -48.05 -78.16 -44.08
C ASP E 1828 -46.97 -79.15 -43.66
N PRO E 1829 -45.95 -78.68 -42.94
CA PRO E 1829 -44.89 -79.59 -42.48
C PRO E 1829 -45.39 -80.50 -41.37
N VAL E 1830 -44.65 -81.58 -41.16
CA VAL E 1830 -44.98 -82.53 -40.09
C VAL E 1830 -44.74 -81.85 -38.75
N GLY E 1831 -45.81 -81.73 -37.95
CA GLY E 1831 -45.76 -81.06 -36.68
C GLY E 1831 -46.21 -79.61 -36.72
N GLY E 1832 -46.37 -79.04 -37.91
CA GLY E 1832 -46.83 -77.67 -38.07
C GLY E 1832 -45.73 -76.67 -38.34
N SER E 1833 -44.47 -77.01 -38.04
CA SER E 1833 -43.36 -76.11 -38.27
C SER E 1833 -42.18 -76.90 -38.83
N VAL E 1834 -41.33 -76.21 -39.59
CA VAL E 1834 -40.14 -76.84 -40.16
C VAL E 1834 -39.16 -77.22 -39.06
N GLU E 1835 -39.01 -76.36 -38.05
CA GLU E 1835 -38.11 -76.65 -36.94
C GLU E 1835 -38.54 -77.91 -36.20
N PHE E 1836 -39.83 -78.02 -35.91
CA PHE E 1836 -40.35 -79.22 -35.26
C PHE E 1836 -40.41 -80.40 -36.22
N GLN E 1837 -40.34 -80.15 -37.53
CA GLN E 1837 -40.25 -81.23 -38.49
C GLN E 1837 -38.86 -81.85 -38.51
N PHE E 1838 -37.82 -81.04 -38.43
CA PHE E 1838 -36.46 -81.52 -38.65
C PHE E 1838 -35.65 -81.76 -37.39
N VAL E 1839 -35.88 -81.01 -36.31
CA VAL E 1839 -35.03 -81.14 -35.13
C VAL E 1839 -35.20 -82.50 -34.45
N PRO E 1840 -36.43 -83.01 -34.22
CA PRO E 1840 -36.54 -84.39 -33.72
C PRO E 1840 -35.76 -85.41 -34.52
N VAL E 1841 -36.00 -85.48 -35.83
CA VAL E 1841 -35.43 -86.55 -36.64
C VAL E 1841 -33.91 -86.39 -36.75
N LEU E 1842 -33.42 -85.15 -36.86
CA LEU E 1842 -31.99 -84.95 -36.90
C LEU E 1842 -31.33 -85.39 -35.60
N LYS E 1843 -31.95 -85.09 -34.46
CA LYS E 1843 -31.44 -85.55 -33.18
C LYS E 1843 -31.41 -87.07 -33.11
N LEU E 1844 -32.49 -87.73 -33.56
CA LEU E 1844 -32.55 -89.18 -33.51
C LEU E 1844 -31.46 -89.79 -34.40
N VAL E 1845 -31.29 -89.27 -35.62
CA VAL E 1845 -30.32 -89.83 -36.54
C VAL E 1845 -28.90 -89.59 -36.04
N SER E 1846 -28.66 -88.42 -35.43
CA SER E 1846 -27.33 -88.17 -34.86
C SER E 1846 -27.04 -89.12 -33.71
N THR E 1847 -28.02 -89.35 -32.83
CA THR E 1847 -27.83 -90.24 -31.70
C THR E 1847 -27.56 -91.67 -32.17
N LEU E 1848 -28.28 -92.12 -33.20
CA LEU E 1848 -28.03 -93.46 -33.72
C LEU E 1848 -26.71 -93.56 -34.48
N LEU E 1849 -26.30 -92.48 -35.16
CA LEU E 1849 -25.09 -92.54 -35.96
C LEU E 1849 -23.83 -92.46 -35.10
N VAL E 1850 -23.88 -91.71 -34.00
CA VAL E 1850 -22.71 -91.66 -33.12
C VAL E 1850 -22.47 -92.99 -32.42
N MET E 1851 -23.47 -93.87 -32.37
CA MET E 1851 -23.23 -95.24 -31.94
C MET E 1851 -22.33 -95.99 -32.92
N GLY E 1852 -22.41 -95.66 -34.21
CA GLY E 1852 -21.62 -96.33 -35.21
C GLY E 1852 -22.21 -97.60 -35.76
N ILE E 1853 -23.44 -97.96 -35.37
CA ILE E 1853 -24.06 -99.18 -35.90
C ILE E 1853 -24.44 -98.97 -37.36
N PHE E 1854 -24.52 -97.72 -37.82
CA PHE E 1854 -24.88 -97.44 -39.21
C PHE E 1854 -23.89 -98.11 -40.15
N GLY E 1855 -24.43 -98.84 -41.13
CA GLY E 1855 -23.59 -99.56 -42.06
C GLY E 1855 -22.86 -98.64 -43.02
N ASP E 1856 -21.87 -99.21 -43.69
CA ASP E 1856 -21.11 -98.44 -44.68
C ASP E 1856 -22.01 -97.98 -45.82
N GLU E 1857 -22.89 -98.86 -46.30
CA GLU E 1857 -23.84 -98.47 -47.34
C GLU E 1857 -24.80 -97.40 -46.84
N ASP E 1858 -25.30 -97.56 -45.62
CA ASP E 1858 -26.22 -96.57 -45.07
C ASP E 1858 -25.53 -95.22 -44.85
N VAL E 1859 -24.29 -95.24 -44.37
CA VAL E 1859 -23.54 -93.99 -44.18
C VAL E 1859 -23.29 -93.33 -45.52
N LYS E 1860 -22.91 -94.11 -46.53
CA LYS E 1860 -22.71 -93.56 -47.87
C LYS E 1860 -23.99 -92.96 -48.42
N GLN E 1861 -25.13 -93.63 -48.21
CA GLN E 1861 -26.40 -93.09 -48.66
C GLN E 1861 -26.73 -91.78 -47.95
N ILE E 1862 -26.48 -91.71 -46.65
CA ILE E 1862 -26.74 -90.48 -45.91
C ILE E 1862 -25.87 -89.33 -46.44
N LEU E 1863 -24.58 -89.61 -46.64
CA LEU E 1863 -23.68 -88.58 -47.14
C LEU E 1863 -24.03 -88.18 -48.58
N LYS E 1864 -24.60 -89.10 -49.35
CA LYS E 1864 -25.02 -88.78 -50.71
C LYS E 1864 -26.30 -87.97 -50.74
N MET E 1865 -27.21 -88.19 -49.78
CA MET E 1865 -28.47 -87.47 -49.78
C MET E 1865 -28.37 -86.11 -49.11
N ILE E 1866 -27.44 -85.93 -48.15
CA ILE E 1866 -27.32 -84.62 -47.50
C ILE E 1866 -26.80 -83.58 -48.50
N GLU E 1867 -25.89 -83.99 -49.39
CA GLU E 1867 -25.35 -83.09 -50.42
C GLU E 1867 -24.86 -83.95 -51.56
N PRO E 1868 -25.66 -84.11 -52.63
CA PRO E 1868 -25.28 -85.08 -53.68
C PRO E 1868 -24.18 -84.59 -54.59
N GLU E 1869 -24.16 -83.30 -54.92
CA GLU E 1869 -23.21 -82.81 -55.93
C GLU E 1869 -21.77 -82.97 -55.47
N VAL E 1870 -21.47 -82.54 -54.24
CA VAL E 1870 -20.10 -82.64 -53.73
C VAL E 1870 -19.73 -84.09 -53.44
N PHE E 1871 -20.67 -84.87 -52.89
CA PHE E 1871 -20.40 -86.23 -52.44
C PHE E 1871 -20.93 -87.27 -53.43
N THR E 1872 -20.83 -87.00 -54.73
CA THR E 1872 -21.23 -87.96 -55.75
C THR E 1872 -20.13 -89.00 -55.89
N GLU E 1873 -20.23 -90.07 -55.11
CA GLU E 1873 -19.23 -91.13 -55.13
C GLU E 1873 -19.37 -91.99 -56.38
N GLU E 1923 -30.86 -83.82 -56.88
CA GLU E 1923 -31.74 -83.30 -55.83
C GLU E 1923 -31.08 -82.14 -55.09
N GLU E 1924 -31.92 -81.27 -54.54
CA GLU E 1924 -31.40 -80.13 -53.79
C GLU E 1924 -30.74 -80.58 -52.50
N GLY E 1925 -29.63 -79.93 -52.16
CA GLY E 1925 -28.93 -80.27 -50.94
C GLY E 1925 -29.71 -79.89 -49.70
N LEU E 1926 -29.41 -80.60 -48.60
CA LEU E 1926 -30.08 -80.32 -47.34
C LEU E 1926 -29.72 -78.93 -46.79
N LEU E 1927 -28.55 -78.43 -47.15
CA LEU E 1927 -28.11 -77.11 -46.70
C LEU E 1927 -28.44 -76.00 -47.69
N GLN E 1928 -29.13 -76.32 -48.79
CA GLN E 1928 -29.37 -75.33 -49.84
C GLN E 1928 -30.28 -74.21 -49.35
N MET E 1929 -31.42 -74.55 -48.76
CA MET E 1929 -32.38 -73.55 -48.32
C MET E 1929 -32.08 -73.13 -46.87
N LYS E 1930 -32.88 -72.21 -46.33
CA LYS E 1930 -32.68 -71.67 -45.00
C LYS E 1930 -33.30 -72.60 -43.96
N LEU E 1931 -32.60 -72.76 -42.83
CA LEU E 1931 -33.02 -73.64 -41.76
C LEU E 1931 -33.22 -72.87 -40.47
N PRO E 1932 -34.19 -73.28 -39.64
CA PRO E 1932 -34.31 -72.71 -38.29
C PRO E 1932 -33.03 -72.93 -37.49
N GLU E 1933 -32.86 -72.10 -36.46
CA GLU E 1933 -31.60 -72.09 -35.72
C GLU E 1933 -31.30 -73.44 -35.09
N SER E 1934 -32.31 -74.09 -34.51
CA SER E 1934 -32.09 -75.40 -33.90
C SER E 1934 -31.75 -76.44 -34.95
N VAL E 1935 -32.36 -76.35 -36.13
CA VAL E 1935 -32.03 -77.27 -37.22
C VAL E 1935 -30.58 -77.10 -37.61
N LYS E 1936 -30.11 -75.84 -37.72
CA LYS E 1936 -28.71 -75.59 -38.03
C LYS E 1936 -27.80 -76.11 -36.92
N LEU E 1937 -28.26 -76.05 -35.67
CA LEU E 1937 -27.47 -76.60 -34.57
C LEU E 1937 -27.32 -78.11 -34.72
N GLN E 1938 -28.40 -78.81 -35.08
CA GLN E 1938 -28.31 -80.24 -35.30
C GLN E 1938 -27.39 -80.54 -36.49
N MET E 1939 -27.47 -79.74 -37.55
CA MET E 1939 -26.60 -79.91 -38.70
C MET E 1939 -25.13 -79.74 -38.30
N CYS E 1940 -24.84 -78.72 -37.50
CA CYS E 1940 -23.45 -78.47 -37.11
C CYS E 1940 -22.94 -79.54 -36.17
N ASN E 1941 -23.81 -80.09 -35.30
CA ASN E 1941 -23.40 -81.23 -34.50
C ASN E 1941 -23.08 -82.45 -35.36
N LEU E 1942 -23.91 -82.70 -36.38
CA LEU E 1942 -23.65 -83.79 -37.30
C LEU E 1942 -22.32 -83.60 -38.03
N LEU E 1943 -22.07 -82.38 -38.51
CA LEU E 1943 -20.82 -82.11 -39.21
C LEU E 1943 -19.62 -82.18 -38.28
N GLU E 1944 -19.80 -81.79 -37.01
CA GLU E 1944 -18.73 -81.94 -36.03
C GLU E 1944 -18.41 -83.41 -35.79
N TYR E 1945 -19.43 -84.25 -35.71
CA TYR E 1945 -19.18 -85.68 -35.58
C TYR E 1945 -18.47 -86.23 -36.81
N PHE E 1946 -18.85 -85.75 -38.00
CA PHE E 1946 -18.15 -86.18 -39.22
C PHE E 1946 -16.68 -85.76 -39.19
N CYS E 1947 -16.41 -84.53 -38.73
CA CYS E 1947 -15.02 -84.08 -38.63
C CYS E 1947 -14.25 -84.89 -37.60
N ASP E 1948 -14.90 -85.25 -36.50
CA ASP E 1948 -14.27 -86.11 -35.50
C ASP E 1948 -13.94 -87.48 -36.09
N GLN E 1949 -14.86 -88.02 -36.89
CA GLN E 1949 -14.60 -89.30 -37.56
C GLN E 1949 -13.43 -89.19 -38.52
N GLU E 1950 -13.35 -88.08 -39.27
CA GLU E 1950 -12.22 -87.87 -40.16
C GLU E 1950 -10.90 -87.78 -39.39
N LEU E 1951 -10.92 -87.09 -38.25
CA LEU E 1951 -9.72 -87.00 -37.41
C LEU E 1951 -9.34 -88.36 -36.87
N GLN E 1952 -10.32 -89.18 -36.48
CA GLN E 1952 -10.04 -90.54 -36.04
C GLN E 1952 -9.42 -91.36 -37.17
N HIS E 1953 -9.93 -91.17 -38.40
CA HIS E 1953 -9.33 -91.85 -39.55
C HIS E 1953 -7.89 -91.44 -39.75
N ARG E 1954 -7.60 -90.14 -39.63
CA ARG E 1954 -6.22 -89.66 -39.75
C ARG E 1954 -5.32 -90.24 -38.67
N VAL E 1955 -5.82 -90.30 -37.43
CA VAL E 1955 -5.05 -90.85 -36.33
C VAL E 1955 -4.79 -92.34 -36.56
N GLU E 1956 -5.80 -93.07 -37.04
CA GLU E 1956 -5.62 -94.48 -37.34
C GLU E 1956 -4.60 -94.69 -38.45
N SER E 1957 -4.63 -93.85 -39.47
CA SER E 1957 -3.63 -93.94 -40.54
C SER E 1957 -2.22 -93.67 -40.01
N LEU E 1958 -2.09 -92.67 -39.15
CA LEU E 1958 -0.79 -92.38 -38.56
C LEU E 1958 -0.29 -93.55 -37.71
N ALA E 1959 -1.18 -94.16 -36.92
CA ALA E 1959 -0.80 -95.30 -36.10
C ALA E 1959 -0.41 -96.48 -36.97
N ALA E 1960 -1.14 -96.70 -38.07
CA ALA E 1960 -0.79 -97.78 -38.99
C ALA E 1960 0.58 -97.55 -39.61
N PHE E 1961 0.87 -96.32 -40.02
CA PHE E 1961 2.19 -96.01 -40.57
C PHE E 1961 3.27 -96.25 -39.53
N ALA E 1962 3.03 -95.84 -38.28
CA ALA E 1962 4.01 -96.06 -37.22
C ALA E 1962 4.25 -97.54 -37.00
N GLU E 1963 3.19 -98.34 -36.94
CA GLU E 1963 3.33 -99.78 -36.72
C GLU E 1963 4.06 -100.43 -37.89
N ARG E 1964 3.75 -100.02 -39.11
CA ARG E 1964 4.42 -100.59 -40.28
C ARG E 1964 5.90 -100.25 -40.30
N TYR E 1965 6.26 -99.01 -39.94
CA TYR E 1965 7.64 -98.58 -40.05
C TYR E 1965 8.48 -98.91 -38.82
N VAL E 1966 7.87 -99.33 -37.71
CA VAL E 1966 8.65 -99.74 -36.55
C VAL E 1966 9.50 -100.96 -36.88
N ASP E 1967 8.94 -101.93 -37.61
CA ASP E 1967 9.70 -103.11 -37.98
C ASP E 1967 10.88 -102.75 -38.87
N LYS E 1968 10.67 -101.86 -39.85
CA LYS E 1968 11.76 -101.44 -40.72
C LYS E 1968 12.84 -100.68 -39.94
N LEU E 1969 12.42 -99.83 -39.00
CA LEU E 1969 13.40 -99.12 -38.17
C LEU E 1969 14.20 -100.07 -37.32
N GLN E 1970 13.54 -101.10 -36.76
CA GLN E 1970 14.25 -102.09 -35.96
C GLN E 1970 15.23 -102.88 -36.81
N ALA E 1971 14.83 -103.24 -38.04
CA ALA E 1971 15.73 -103.95 -38.93
C ALA E 1971 16.94 -103.09 -39.29
N ASN E 1972 16.72 -101.81 -39.56
CA ASN E 1972 17.82 -100.91 -39.87
C ASN E 1972 18.76 -100.75 -38.68
N GLN E 1973 18.20 -100.64 -37.47
CA GLN E 1973 19.02 -100.54 -36.27
C GLN E 1973 19.85 -101.80 -36.06
N ARG E 1974 19.24 -102.97 -36.29
CA ARG E 1974 19.98 -104.23 -36.16
C ARG E 1974 21.10 -104.32 -37.18
N SER E 1975 20.83 -103.90 -38.42
CA SER E 1975 21.88 -103.90 -39.45
C SER E 1975 23.01 -102.95 -39.08
N ARG E 1976 22.67 -101.77 -38.56
CA ARG E 1976 23.70 -100.82 -38.14
C ARG E 1976 24.53 -101.39 -36.99
N TYR E 1977 23.87 -102.04 -36.03
CA TYR E 1977 24.60 -102.65 -34.91
C TYR E 1977 25.53 -103.75 -35.40
N ALA E 1978 25.07 -104.58 -36.34
CA ALA E 1978 25.90 -105.64 -36.89
C ALA E 1978 27.10 -105.05 -37.63
N LEU E 1979 26.88 -103.98 -38.40
CA LEU E 1979 27.98 -103.34 -39.12
C LEU E 1979 28.99 -102.75 -38.15
N LEU E 1980 28.51 -102.11 -37.08
CA LEU E 1980 29.42 -101.55 -36.08
C LEU E 1980 30.22 -102.64 -35.38
N MET E 1981 29.57 -103.75 -35.04
CA MET E 1981 30.27 -104.86 -34.40
C MET E 1981 31.32 -105.47 -35.32
N ARG E 1982 30.98 -105.63 -36.60
CA ARG E 1982 31.94 -106.18 -37.56
C ARG E 1982 33.13 -105.25 -37.74
N ALA E 1983 32.88 -103.94 -37.84
CA ALA E 1983 33.95 -102.95 -38.03
C ALA E 1983 34.53 -102.54 -36.67
N PHE E 1984 35.18 -103.50 -36.04
CA PHE E 1984 35.81 -103.25 -34.73
C PHE E 1984 37.20 -102.65 -34.85
N THR E 1985 37.78 -102.61 -36.05
CA THR E 1985 39.11 -102.03 -36.22
C THR E 1985 39.12 -100.54 -35.90
N MET E 1986 38.11 -99.81 -36.35
CA MET E 1986 38.04 -98.39 -36.08
C MET E 1986 37.78 -98.13 -34.60
N SER E 1987 38.26 -96.98 -34.12
CA SER E 1987 38.10 -96.59 -32.73
C SER E 1987 37.20 -95.36 -32.59
N ALA E 1988 37.53 -94.26 -33.26
CA ALA E 1988 36.71 -93.05 -33.16
C ALA E 1988 35.37 -93.23 -33.86
N ALA E 1989 35.40 -93.76 -35.09
CA ALA E 1989 34.17 -93.97 -35.84
C ALA E 1989 33.27 -95.00 -35.15
N GLU E 1990 33.87 -96.09 -34.64
CA GLU E 1990 33.09 -97.10 -33.95
C GLU E 1990 32.45 -96.53 -32.69
N THR E 1991 33.20 -95.74 -31.92
CA THR E 1991 32.64 -95.13 -30.71
C THR E 1991 31.52 -94.15 -31.07
N ALA E 1992 31.71 -93.36 -32.12
CA ALA E 1992 30.68 -92.41 -32.54
C ALA E 1992 29.41 -93.14 -32.96
N ARG E 1993 29.54 -94.24 -33.71
CA ARG E 1993 28.38 -95.02 -34.10
C ARG E 1993 27.70 -95.65 -32.89
N ARG E 1994 28.49 -96.20 -31.97
CA ARG E 1994 27.93 -96.85 -30.79
C ARG E 1994 27.21 -95.85 -29.86
N THR E 1995 27.70 -94.61 -29.79
CA THR E 1995 27.07 -93.62 -28.91
C THR E 1995 25.60 -93.43 -29.26
N ARG E 1996 25.25 -93.59 -30.52
CA ARG E 1996 23.85 -93.51 -30.95
C ARG E 1996 23.18 -94.87 -31.07
N GLU E 1997 23.95 -95.92 -31.36
CA GLU E 1997 23.36 -97.25 -31.52
C GLU E 1997 22.89 -97.81 -30.18
N PHE E 1998 23.74 -97.75 -29.15
CA PHE E 1998 23.41 -98.38 -27.88
C PHE E 1998 23.52 -97.45 -26.69
N ARG E 1999 24.51 -96.56 -26.68
CA ARG E 1999 24.70 -95.67 -25.53
C ARG E 1999 23.51 -94.73 -25.35
N SER E 2000 22.98 -94.20 -26.46
CA SER E 2000 21.83 -93.31 -26.38
C SER E 2000 20.58 -94.09 -25.95
N PRO E 2001 19.71 -93.47 -25.18
CA PRO E 2001 18.45 -94.13 -24.80
C PRO E 2001 17.54 -94.29 -26.00
N PRO E 2002 16.56 -95.21 -25.93
CA PRO E 2002 15.67 -95.40 -27.09
C PRO E 2002 14.94 -94.14 -27.52
N GLN E 2003 14.58 -93.27 -26.57
CA GLN E 2003 13.95 -92.00 -26.94
C GLN E 2003 14.90 -91.14 -27.76
N GLU E 2004 16.17 -91.06 -27.34
CA GLU E 2004 17.15 -90.30 -28.10
C GLU E 2004 17.38 -90.92 -29.47
N GLN E 2005 17.42 -92.26 -29.54
CA GLN E 2005 17.62 -92.93 -30.81
C GLN E 2005 16.47 -92.65 -31.78
N ILE E 2006 15.23 -92.72 -31.28
CA ILE E 2006 14.10 -92.46 -32.18
C ILE E 2006 14.02 -90.98 -32.54
N ASN E 2007 14.45 -90.08 -31.65
CA ASN E 2007 14.51 -88.67 -32.00
C ASN E 2007 15.54 -88.41 -33.10
N MET E 2008 16.70 -89.06 -33.00
CA MET E 2008 17.71 -88.92 -34.04
C MET E 2008 17.23 -89.51 -35.36
N LEU E 2009 16.54 -90.65 -35.30
CA LEU E 2009 16.01 -91.26 -36.51
C LEU E 2009 14.96 -90.37 -37.16
N LEU E 2010 14.09 -89.75 -36.37
CA LEU E 2010 13.08 -88.85 -36.90
C LEU E 2010 13.68 -87.55 -37.44
N HIS E 2011 14.91 -87.23 -37.04
CA HIS E 2011 15.57 -86.01 -37.51
C HIS E 2011 15.99 -86.10 -38.98
N PHE E 2012 15.92 -87.28 -39.58
CA PHE E 2012 16.30 -87.43 -40.98
C PHE E 2012 15.35 -86.62 -41.87
N LYS E 2013 15.92 -86.02 -42.92
CA LYS E 2013 15.16 -85.19 -43.85
C LYS E 2013 14.42 -84.06 -43.13
N ASP E 2014 15.08 -83.46 -42.15
CA ASP E 2014 14.52 -82.37 -41.35
C ASP E 2014 13.20 -82.76 -40.70
N ASP E 2020 22.92 -84.54 -40.45
CA ASP E 2020 23.27 -85.83 -39.85
C ASP E 2020 22.06 -86.75 -39.79
N CYS E 2021 21.81 -87.46 -40.88
CA CYS E 2021 20.68 -88.38 -40.97
C CYS E 2021 21.18 -89.82 -41.07
N PRO E 2022 21.15 -90.60 -39.99
CA PRO E 2022 21.60 -92.00 -40.02
C PRO E 2022 20.53 -92.97 -40.53
N LEU E 2023 19.90 -92.61 -41.64
CA LEU E 2023 18.84 -93.41 -42.23
C LEU E 2023 19.04 -93.48 -43.74
N PRO E 2024 18.57 -94.55 -44.39
CA PRO E 2024 18.69 -94.64 -45.84
C PRO E 2024 17.86 -93.57 -46.53
N GLU E 2025 18.31 -93.19 -47.73
CA GLU E 2025 17.63 -92.15 -48.49
C GLU E 2025 16.21 -92.56 -48.87
N ASP E 2026 16.00 -93.86 -49.10
CA ASP E 2026 14.65 -94.33 -49.42
C ASP E 2026 13.68 -94.09 -48.26
N ILE E 2027 14.13 -94.34 -47.04
CA ILE E 2027 13.28 -94.12 -45.87
C ILE E 2027 12.93 -92.64 -45.74
N ARG E 2028 13.92 -91.76 -45.94
CA ARG E 2028 13.66 -90.32 -45.85
C ARG E 2028 12.70 -89.88 -46.95
N GLN E 2029 12.87 -90.39 -48.16
CA GLN E 2029 11.96 -90.04 -49.25
C GLN E 2029 10.54 -90.51 -48.96
N ASP E 2030 10.40 -91.73 -48.42
CA ASP E 2030 9.07 -92.23 -48.07
C ASP E 2030 8.44 -91.39 -46.97
N LEU E 2031 9.23 -91.00 -45.96
CA LEU E 2031 8.72 -90.14 -44.90
C LEU E 2031 8.27 -88.80 -45.44
N GLN E 2032 9.06 -88.20 -46.34
CA GLN E 2032 8.67 -86.93 -46.93
C GLN E 2032 7.41 -87.06 -47.75
N ASP E 2033 7.28 -88.14 -48.52
CA ASP E 2033 6.07 -88.36 -49.31
C ASP E 2033 4.85 -88.52 -48.42
N PHE E 2034 4.99 -89.29 -47.33
CA PHE E 2034 3.88 -89.47 -46.41
C PHE E 2034 3.50 -88.16 -45.72
N HIS E 2035 4.49 -87.35 -45.34
CA HIS E 2035 4.20 -86.06 -44.76
C HIS E 2035 3.48 -85.15 -45.74
N GLN E 2036 3.91 -85.15 -46.99
CA GLN E 2036 3.23 -84.36 -48.01
C GLN E 2036 1.79 -84.83 -48.22
N ASP E 2037 1.59 -86.15 -48.22
CA ASP E 2037 0.23 -86.68 -48.36
C ASP E 2037 -0.64 -86.27 -47.19
N LEU E 2038 -0.11 -86.33 -45.97
CA LEU E 2038 -0.87 -85.89 -44.80
C LEU E 2038 -1.20 -84.41 -44.88
N LEU E 2039 -0.23 -83.60 -45.32
CA LEU E 2039 -0.47 -82.16 -45.46
C LEU E 2039 -1.55 -81.88 -46.50
N ALA E 2040 -1.51 -82.59 -47.62
CA ALA E 2040 -2.52 -82.38 -48.66
C ALA E 2040 -3.88 -82.92 -48.25
N HIS E 2041 -3.92 -83.90 -47.35
CA HIS E 2041 -5.20 -84.44 -46.90
C HIS E 2041 -6.04 -83.38 -46.18
N CYS E 2042 -5.39 -82.56 -45.35
CA CYS E 2042 -6.08 -81.50 -44.65
C CYS E 2042 -6.36 -80.34 -45.60
N GLY E 2043 -6.91 -79.25 -45.06
CA GLY E 2043 -7.18 -78.06 -45.83
C GLY E 2043 -5.98 -77.16 -45.95
N ILE E 2044 -4.78 -77.75 -45.95
CA ILE E 2044 -3.56 -76.96 -45.99
C ILE E 2044 -3.43 -76.25 -47.35
N GLN E 2045 -3.67 -76.97 -48.43
CA GLN E 2045 -3.55 -76.40 -49.77
C GLN E 2045 -4.93 -76.11 -50.36
N PRO E 2091 -15.92 -76.29 -54.15
CA PRO E 2091 -16.34 -77.09 -52.99
C PRO E 2091 -16.28 -78.58 -53.26
N GLN E 2092 -15.20 -79.03 -53.89
CA GLN E 2092 -15.05 -80.46 -54.19
C GLN E 2092 -14.93 -81.27 -52.90
N SER E 2093 -14.19 -80.78 -51.92
CA SER E 2093 -14.00 -81.48 -50.67
C SER E 2093 -15.05 -81.04 -49.65
N LEU E 2094 -15.16 -81.83 -48.57
CA LEU E 2094 -16.10 -81.49 -47.51
C LEU E 2094 -15.69 -80.22 -46.77
N GLN E 2095 -14.38 -79.96 -46.66
CA GLN E 2095 -13.91 -78.80 -45.91
C GLN E 2095 -14.41 -77.51 -46.55
N GLU E 2096 -14.18 -77.34 -47.85
CA GLU E 2096 -14.61 -76.12 -48.53
C GLU E 2096 -16.13 -75.99 -48.50
N LEU E 2097 -16.85 -77.10 -48.71
CA LEU E 2097 -18.30 -77.07 -48.70
C LEU E 2097 -18.83 -76.59 -47.35
N VAL E 2098 -18.30 -77.15 -46.26
CA VAL E 2098 -18.79 -76.80 -44.93
C VAL E 2098 -18.41 -75.36 -44.60
N SER E 2099 -17.20 -74.94 -44.98
CA SER E 2099 -16.79 -73.56 -44.73
C SER E 2099 -17.71 -72.58 -45.46
N HIS E 2100 -18.00 -72.87 -46.74
CA HIS E 2100 -18.89 -71.99 -47.50
C HIS E 2100 -20.30 -71.98 -46.91
N MET E 2101 -20.78 -73.15 -46.47
CA MET E 2101 -22.11 -73.19 -45.86
C MET E 2101 -22.17 -72.37 -44.58
N VAL E 2102 -21.14 -72.46 -43.74
CA VAL E 2102 -21.11 -71.68 -42.51
C VAL E 2102 -21.03 -70.19 -42.81
N VAL E 2103 -20.21 -69.80 -43.80
CA VAL E 2103 -20.11 -68.39 -44.17
C VAL E 2103 -21.46 -67.88 -44.69
N ARG E 2104 -22.13 -68.67 -45.53
CA ARG E 2104 -23.43 -68.27 -46.04
C ARG E 2104 -24.46 -68.14 -44.91
N TRP E 2105 -24.44 -69.07 -43.97
CA TRP E 2105 -25.35 -68.98 -42.82
C TRP E 2105 -25.07 -67.73 -42.00
N ALA E 2106 -23.79 -67.41 -41.77
CA ALA E 2106 -23.45 -66.23 -41.00
C ALA E 2106 -23.88 -64.95 -41.71
N GLN E 2107 -23.66 -64.87 -43.02
CA GLN E 2107 -23.98 -63.66 -43.76
C GLN E 2107 -25.46 -63.54 -44.13
N GLU E 2108 -26.23 -64.63 -44.01
CA GLU E 2108 -27.65 -64.57 -44.39
C GLU E 2108 -28.44 -63.69 -43.43
N ASP E 2109 -28.24 -63.88 -42.13
CA ASP E 2109 -28.97 -63.11 -41.13
C ASP E 2109 -28.21 -63.14 -39.82
N TYR E 2110 -28.60 -62.24 -38.92
CA TYR E 2110 -27.99 -62.17 -37.59
C TYR E 2110 -28.57 -63.27 -36.71
N VAL E 2111 -27.72 -64.17 -36.25
CA VAL E 2111 -28.18 -65.30 -35.45
C VAL E 2111 -28.33 -64.86 -34.00
N GLN E 2112 -29.50 -65.13 -33.42
CA GLN E 2112 -29.78 -64.74 -32.04
C GLN E 2112 -29.45 -65.82 -31.02
N SER E 2113 -29.02 -67.01 -31.46
CA SER E 2113 -28.71 -68.08 -30.54
C SER E 2113 -27.20 -68.18 -30.34
N PRO E 2114 -26.69 -67.92 -29.15
CA PRO E 2114 -25.23 -68.04 -28.93
C PRO E 2114 -24.69 -69.43 -29.17
N GLU E 2115 -25.48 -70.47 -28.86
CA GLU E 2115 -25.02 -71.83 -29.07
C GLU E 2115 -24.75 -72.10 -30.55
N LEU E 2116 -25.62 -71.63 -31.43
CA LEU E 2116 -25.42 -71.81 -32.85
C LEU E 2116 -24.10 -71.19 -33.32
N VAL E 2117 -23.87 -69.93 -32.97
CA VAL E 2117 -22.67 -69.25 -33.46
C VAL E 2117 -21.41 -69.85 -32.86
N ARG E 2118 -21.45 -70.20 -31.56
CA ARG E 2118 -20.29 -70.84 -30.95
C ARG E 2118 -19.98 -72.17 -31.62
N ALA E 2119 -21.00 -72.98 -31.85
CA ALA E 2119 -20.78 -74.29 -32.45
C ALA E 2119 -20.29 -74.18 -33.88
N MET E 2120 -20.85 -73.26 -34.68
CA MET E 2120 -20.44 -73.15 -36.07
C MET E 2120 -19.01 -72.61 -36.16
N PHE E 2121 -18.65 -71.68 -35.28
CA PHE E 2121 -17.28 -71.16 -35.30
C PHE E 2121 -16.29 -72.22 -34.83
N SER E 2122 -16.66 -73.02 -33.82
CA SER E 2122 -15.81 -74.13 -33.40
C SER E 2122 -15.62 -75.13 -34.53
N LEU E 2123 -16.70 -75.46 -35.25
CA LEU E 2123 -16.60 -76.36 -36.39
C LEU E 2123 -15.70 -75.78 -37.47
N LEU E 2124 -15.85 -74.49 -37.76
CA LEU E 2124 -15.05 -73.85 -38.79
C LEU E 2124 -13.56 -73.91 -38.44
N HIS E 2125 -13.21 -73.60 -37.19
CA HIS E 2125 -11.80 -73.59 -36.82
C HIS E 2125 -11.25 -75.02 -36.74
N ARG E 2126 -12.04 -75.97 -36.26
CA ARG E 2126 -11.58 -77.35 -36.22
C ARG E 2126 -11.38 -77.91 -37.62
N GLN E 2127 -12.19 -77.45 -38.58
CA GLN E 2127 -12.01 -77.87 -39.96
C GLN E 2127 -10.78 -77.23 -40.58
N TYR E 2128 -10.61 -75.92 -40.37
CA TYR E 2128 -9.46 -75.22 -40.96
C TYR E 2128 -8.16 -75.66 -40.32
N ASP E 2129 -8.12 -75.77 -39.00
CA ASP E 2129 -6.90 -76.15 -38.28
C ASP E 2129 -6.87 -77.66 -38.04
N GLY E 2130 -6.92 -78.41 -39.13
CA GLY E 2130 -6.85 -79.86 -39.02
C GLY E 2130 -5.52 -80.34 -38.47
N LEU E 2131 -4.42 -79.73 -38.91
CA LEU E 2131 -3.10 -80.11 -38.43
C LEU E 2131 -2.96 -79.82 -36.94
N GLY E 2132 -3.44 -78.66 -36.49
CA GLY E 2132 -3.38 -78.34 -35.08
C GLY E 2132 -4.22 -79.28 -34.23
N GLU E 2133 -5.42 -79.62 -34.70
CA GLU E 2133 -6.25 -80.59 -33.99
C GLU E 2133 -5.58 -81.95 -33.93
N LEU E 2134 -4.95 -82.38 -35.03
CA LEU E 2134 -4.24 -83.66 -35.02
C LEU E 2134 -3.09 -83.65 -34.03
N LEU E 2135 -2.32 -82.55 -33.99
CA LEU E 2135 -1.20 -82.48 -33.06
C LEU E 2135 -1.69 -82.45 -31.61
N ARG E 2136 -2.83 -81.78 -31.36
CA ARG E 2136 -3.38 -81.76 -30.01
C ARG E 2136 -3.89 -83.14 -29.61
N ALA E 2137 -4.49 -83.87 -30.55
CA ALA E 2137 -5.03 -85.20 -30.25
C ALA E 2137 -3.98 -86.31 -30.32
N LEU E 2138 -2.78 -86.03 -30.82
CA LEU E 2138 -1.78 -87.08 -30.93
C LEU E 2138 -1.34 -87.66 -29.59
N PRO E 2139 -1.12 -86.88 -28.52
CA PRO E 2139 -0.71 -87.53 -27.25
C PRO E 2139 -1.63 -88.65 -26.80
N ARG E 2140 -2.94 -88.51 -27.03
CA ARG E 2140 -3.89 -89.57 -26.68
C ARG E 2140 -4.14 -90.53 -27.85
N ALA E 2141 -3.06 -91.04 -28.45
CA ALA E 2141 -3.16 -91.93 -29.60
C ALA E 2141 -2.14 -93.05 -29.52
N TYR E 2142 -1.99 -93.64 -28.34
CA TYR E 2142 -1.01 -94.70 -28.14
C TYR E 2142 -1.51 -95.99 -28.80
N THR E 2143 -0.57 -96.82 -29.24
CA THR E 2143 -0.90 -98.08 -29.90
C THR E 2143 -0.75 -99.22 -28.89
N ILE E 2144 -1.83 -99.98 -28.69
CA ILE E 2144 -1.89 -101.03 -27.68
C ILE E 2144 -1.58 -102.37 -28.32
N SER E 2145 -0.83 -103.21 -27.61
CA SER E 2145 -0.51 -104.54 -28.10
C SER E 2145 -1.79 -105.38 -28.19
N PRO E 2146 -1.91 -106.24 -29.21
CA PRO E 2146 -3.13 -107.06 -29.35
C PRO E 2146 -3.30 -108.10 -28.25
N SER E 2147 -2.24 -108.41 -27.50
CA SER E 2147 -2.31 -109.49 -26.50
C SER E 2147 -3.22 -109.16 -25.33
N SER E 2148 -3.60 -107.90 -25.14
CA SER E 2148 -4.43 -107.50 -24.02
C SER E 2148 -5.65 -106.72 -24.50
N VAL E 2149 -6.28 -107.20 -25.58
CA VAL E 2149 -7.47 -106.52 -26.10
C VAL E 2149 -8.63 -106.63 -25.13
N GLU E 2150 -8.85 -107.82 -24.56
CA GLU E 2150 -9.93 -108.00 -23.60
C GLU E 2150 -9.68 -107.21 -22.32
N ASP E 2151 -8.42 -107.17 -21.87
CA ASP E 2151 -8.09 -106.38 -20.68
C ASP E 2151 -8.35 -104.91 -20.91
N THR E 2152 -7.99 -104.39 -22.10
CA THR E 2152 -8.25 -103.00 -22.42
C THR E 2152 -9.75 -102.75 -22.54
N MET E 2153 -10.51 -103.71 -23.06
CA MET E 2153 -11.96 -103.57 -23.11
C MET E 2153 -12.56 -103.47 -21.71
N SER E 2154 -12.10 -104.33 -20.79
CA SER E 2154 -12.58 -104.25 -19.41
C SER E 2154 -12.17 -102.92 -18.78
N LEU E 2155 -10.95 -102.46 -19.03
CA LEU E 2155 -10.49 -101.17 -18.53
C LEU E 2155 -11.40 -100.04 -19.01
N LEU E 2156 -11.71 -100.02 -20.31
CA LEU E 2156 -12.51 -98.93 -20.86
C LEU E 2156 -13.94 -99.00 -20.37
N GLU E 2157 -14.49 -100.21 -20.22
CA GLU E 2157 -15.83 -100.34 -19.66
C GLU E 2157 -15.88 -99.85 -18.22
N CYS E 2158 -14.88 -100.19 -17.42
CA CYS E 2158 -14.84 -99.72 -16.03
C CYS E 2158 -14.67 -98.20 -15.97
N LEU E 2159 -13.86 -97.64 -16.87
CA LEU E 2159 -13.68 -96.19 -16.87
C LEU E 2159 -14.97 -95.47 -17.29
N GLY E 2160 -15.69 -96.00 -18.27
CA GLY E 2160 -17.01 -95.46 -18.58
C GLY E 2160 -17.96 -95.59 -17.41
N GLN E 2161 -17.88 -96.71 -16.68
CA GLN E 2161 -18.74 -96.89 -15.52
C GLN E 2161 -18.45 -95.86 -14.44
N ILE E 2162 -17.19 -95.58 -14.16
CA ILE E 2162 -16.87 -94.61 -13.11
C ILE E 2162 -17.22 -93.20 -13.59
N ARG E 2163 -17.09 -92.93 -14.89
CA ARG E 2163 -17.57 -91.65 -15.41
C ARG E 2163 -19.08 -91.50 -15.18
N SER E 2164 -19.84 -92.54 -15.49
CA SER E 2164 -21.29 -92.49 -15.30
C SER E 2164 -21.63 -92.33 -13.82
N LEU E 2165 -20.92 -93.02 -12.95
CA LEU E 2165 -21.14 -92.88 -11.52
C LEU E 2165 -20.76 -91.49 -11.02
N LEU E 2166 -19.77 -90.85 -11.65
CA LEU E 2166 -19.45 -89.47 -11.33
C LEU E 2166 -20.58 -88.55 -11.74
N ILE E 2167 -21.20 -88.82 -12.89
CA ILE E 2167 -22.36 -88.02 -13.31
C ILE E 2167 -23.50 -88.18 -12.29
N VAL E 2168 -23.74 -89.42 -11.84
CA VAL E 2168 -24.82 -89.69 -10.90
C VAL E 2168 -24.40 -89.26 -9.49
N GLN E 2169 -25.36 -88.79 -8.71
CA GLN E 2169 -25.09 -88.41 -7.33
C GLN E 2169 -24.58 -89.60 -6.52
N MET E 2170 -23.60 -89.33 -5.67
CA MET E 2170 -22.96 -90.38 -4.86
C MET E 2170 -23.83 -90.69 -3.66
N GLY E 2171 -24.34 -91.92 -3.60
CA GLY E 2171 -25.16 -92.36 -2.50
C GLY E 2171 -25.14 -93.86 -2.33
N PRO E 2172 -26.08 -94.40 -1.55
CA PRO E 2172 -26.24 -95.84 -1.45
C PRO E 2172 -26.23 -96.52 -2.81
N GLN E 2173 -25.57 -97.68 -2.88
CA GLN E 2173 -25.44 -98.49 -4.08
C GLN E 2173 -24.71 -97.77 -5.21
N GLU E 2174 -24.06 -96.66 -4.93
CA GLU E 2174 -23.29 -95.92 -5.93
C GLU E 2174 -21.81 -95.85 -5.59
N GLU E 2175 -21.47 -95.55 -4.32
CA GLU E 2175 -20.08 -95.54 -3.92
C GLU E 2175 -19.47 -96.94 -3.99
N ASN E 2176 -20.24 -97.96 -3.61
CA ASN E 2176 -19.75 -99.33 -3.67
C ASN E 2176 -19.46 -99.75 -5.09
N LEU E 2177 -20.30 -99.35 -6.05
CA LEU E 2177 -20.05 -99.67 -7.45
C LEU E 2177 -18.76 -99.03 -7.93
N MET E 2178 -18.53 -97.77 -7.57
CA MET E 2178 -17.28 -97.11 -7.94
C MET E 2178 -16.08 -97.78 -7.30
N ILE E 2179 -16.20 -98.20 -6.04
CA ILE E 2179 -15.12 -98.90 -5.37
C ILE E 2179 -14.81 -100.21 -6.10
N GLN E 2180 -15.85 -100.96 -6.48
CA GLN E 2180 -15.63 -102.19 -7.22
C GLN E 2180 -14.98 -101.92 -8.58
N SER E 2181 -15.42 -100.85 -9.26
CA SER E 2181 -14.84 -100.54 -10.56
C SER E 2181 -13.36 -100.20 -10.45
N ILE E 2182 -12.98 -99.40 -9.45
CA ILE E 2182 -11.57 -99.06 -9.32
C ILE E 2182 -10.77 -100.24 -8.77
N GLY E 2183 -11.41 -101.13 -8.02
CA GLY E 2183 -10.74 -102.37 -7.66
C GLY E 2183 -10.45 -103.24 -8.86
N ASN E 2184 -11.40 -103.31 -9.80
CA ASN E 2184 -11.15 -104.03 -11.04
C ASN E 2184 -10.05 -103.37 -11.87
N ILE E 2185 -10.04 -102.03 -11.91
CA ILE E 2185 -9.01 -101.33 -12.67
C ILE E 2185 -7.64 -101.55 -12.04
N MET E 2186 -7.60 -101.67 -10.71
CA MET E 2186 -6.34 -101.96 -10.02
C MET E 2186 -5.90 -103.39 -10.29
N ASN E 2187 -6.83 -104.34 -10.30
CA ASN E 2187 -6.48 -105.73 -10.54
C ASN E 2187 -6.10 -106.00 -11.99
N ASN E 2188 -6.47 -105.11 -12.91
CA ASN E 2188 -6.14 -105.30 -14.32
C ASN E 2188 -4.64 -105.14 -14.54
N LYS E 2189 -4.08 -105.97 -15.42
CA LYS E 2189 -2.66 -105.92 -15.71
C LYS E 2189 -2.28 -104.71 -16.55
N VAL E 2190 -3.20 -104.18 -17.36
CA VAL E 2190 -2.90 -103.03 -18.20
C VAL E 2190 -2.61 -101.80 -17.35
N PHE E 2191 -3.25 -101.71 -16.17
CA PHE E 2191 -3.01 -100.57 -15.29
C PHE E 2191 -1.56 -100.43 -14.90
N TYR E 2192 -0.81 -101.54 -14.84
CA TYR E 2192 0.60 -101.51 -14.52
C TYR E 2192 1.51 -101.62 -15.75
N GLN E 2193 1.03 -102.26 -16.82
CA GLN E 2193 1.86 -102.43 -18.00
C GLN E 2193 2.19 -101.09 -18.64
N HIS E 2194 1.20 -100.22 -18.78
CA HIS E 2194 1.35 -98.95 -19.50
C HIS E 2194 0.79 -97.80 -18.66
N PRO E 2195 1.56 -97.29 -17.70
CA PRO E 2195 1.09 -96.13 -16.93
C PRO E 2195 0.86 -94.88 -17.78
N ASN E 2196 1.53 -94.78 -18.94
CA ASN E 2196 1.29 -93.64 -19.82
C ASN E 2196 -0.15 -93.61 -20.34
N LEU E 2197 -0.78 -94.78 -20.51
CA LEU E 2197 -2.21 -94.82 -20.80
C LEU E 2197 -3.04 -94.30 -19.65
N MET E 2198 -2.65 -94.61 -18.41
CA MET E 2198 -3.35 -94.04 -17.26
C MET E 2198 -3.23 -92.51 -17.27
N ARG E 2199 -2.06 -92.00 -17.64
CA ARG E 2199 -1.88 -90.55 -17.68
C ARG E 2199 -2.67 -89.92 -18.82
N ALA E 2200 -2.66 -90.53 -20.00
CA ALA E 2200 -3.26 -89.93 -21.19
C ALA E 2200 -4.78 -90.05 -21.18
N LEU E 2201 -5.31 -91.17 -20.72
CA LEU E 2201 -6.75 -91.40 -20.79
C LEU E 2201 -7.54 -90.47 -19.88
N GLY E 2202 -6.89 -89.82 -18.92
CA GLY E 2202 -7.56 -88.92 -18.03
C GLY E 2202 -8.38 -89.57 -16.94
N MET E 2203 -8.21 -90.88 -16.71
CA MET E 2203 -8.93 -91.54 -15.63
C MET E 2203 -8.56 -90.97 -14.28
N HIS E 2204 -7.30 -90.54 -14.12
CA HIS E 2204 -6.90 -89.91 -12.88
C HIS E 2204 -7.66 -88.61 -12.64
N GLU E 2205 -7.90 -87.84 -13.70
CA GLU E 2205 -8.69 -86.61 -13.56
C GLU E 2205 -10.11 -86.93 -13.12
N THR E 2206 -10.72 -87.97 -13.71
CA THR E 2206 -12.08 -88.33 -13.32
C THR E 2206 -12.15 -88.81 -11.88
N VAL E 2207 -11.19 -89.63 -11.45
CA VAL E 2207 -11.25 -90.13 -10.08
C VAL E 2207 -10.95 -89.01 -9.09
N MET E 2208 -10.09 -88.05 -9.47
CA MET E 2208 -9.88 -86.89 -8.64
C MET E 2208 -11.15 -86.04 -8.53
N GLU E 2209 -11.88 -85.90 -9.64
CA GLU E 2209 -13.16 -85.18 -9.59
C GLU E 2209 -14.14 -85.89 -8.67
N VAL E 2210 -14.17 -87.22 -8.71
CA VAL E 2210 -15.03 -87.98 -7.82
C VAL E 2210 -14.63 -87.76 -6.37
N MET E 2211 -13.32 -87.76 -6.09
CA MET E 2211 -12.85 -87.57 -4.72
C MET E 2211 -13.16 -86.17 -4.23
N VAL E 2212 -13.06 -85.17 -5.11
CA VAL E 2212 -13.46 -83.81 -4.75
C VAL E 2212 -14.94 -83.76 -4.44
N ASN E 2213 -15.75 -84.44 -5.26
CA ASN E 2213 -17.20 -84.43 -5.05
C ASN E 2213 -17.58 -85.06 -3.72
N VAL E 2214 -16.98 -86.21 -3.39
CA VAL E 2214 -17.35 -86.88 -2.14
C VAL E 2214 -16.83 -86.10 -0.94
N LEU E 2215 -15.60 -85.60 -1.02
CA LEU E 2215 -15.09 -84.77 0.08
C LEU E 2215 -15.83 -83.44 0.16
N GLY E 2216 -16.12 -82.83 -0.97
CA GLY E 2216 -16.81 -81.55 -0.99
C GLY E 2216 -15.94 -80.39 -0.58
N GLU E 2222 -18.10 -83.98 7.62
CA GLU E 2222 -17.06 -84.97 7.35
C GLU E 2222 -17.32 -85.67 6.02
N ILE E 2223 -17.03 -86.98 5.98
CA ILE E 2223 -17.23 -87.79 4.78
C ILE E 2223 -18.35 -88.77 5.05
N ARG E 2224 -19.38 -88.74 4.19
CA ARG E 2224 -20.51 -89.63 4.36
C ARG E 2224 -20.15 -91.08 4.05
N PHE E 2225 -19.12 -91.29 3.23
CA PHE E 2225 -18.67 -92.63 2.83
C PHE E 2225 -17.17 -92.74 3.06
N PRO E 2226 -16.75 -92.94 4.31
CA PRO E 2226 -15.31 -93.03 4.58
C PRO E 2226 -14.62 -94.16 3.84
N LYS E 2227 -15.30 -95.29 3.61
CA LYS E 2227 -14.70 -96.38 2.86
C LYS E 2227 -14.41 -95.96 1.43
N MET E 2228 -15.31 -95.20 0.82
CA MET E 2228 -15.07 -94.70 -0.53
C MET E 2228 -13.86 -93.78 -0.56
N VAL E 2229 -13.72 -92.91 0.44
CA VAL E 2229 -12.57 -92.01 0.48
C VAL E 2229 -11.27 -92.80 0.65
N THR E 2230 -11.28 -93.81 1.52
CA THR E 2230 -10.08 -94.62 1.72
C THR E 2230 -9.71 -95.37 0.44
N SER E 2231 -10.70 -95.95 -0.24
CA SER E 2231 -10.42 -96.68 -1.47
C SER E 2231 -9.90 -95.74 -2.57
N CYS E 2232 -10.49 -94.55 -2.66
CA CYS E 2232 -10.02 -93.56 -3.62
C CYS E 2232 -8.58 -93.14 -3.34
N CYS E 2233 -8.26 -92.91 -2.06
CA CYS E 2233 -6.91 -92.52 -1.70
C CYS E 2233 -5.92 -93.65 -1.96
N ARG E 2234 -6.32 -94.90 -1.73
CA ARG E 2234 -5.45 -96.03 -2.05
C ARG E 2234 -5.18 -96.11 -3.54
N PHE E 2235 -6.22 -95.93 -4.36
CA PHE E 2235 -6.03 -95.96 -5.81
C PHE E 2235 -5.11 -94.83 -6.23
N LEU E 2236 -5.29 -93.64 -5.65
CA LEU E 2236 -4.43 -92.51 -5.99
C LEU E 2236 -2.99 -92.78 -5.59
N CYS E 2237 -2.78 -93.40 -4.42
CA CYS E 2237 -1.44 -93.76 -4.00
C CYS E 2237 -0.78 -94.72 -4.98
N TYR E 2238 -1.53 -95.74 -5.43
CA TYR E 2238 -0.98 -96.69 -6.37
C TYR E 2238 -0.69 -96.04 -7.72
N PHE E 2239 -1.56 -95.13 -8.16
CA PHE E 2239 -1.33 -94.38 -9.40
C PHE E 2239 -0.08 -93.52 -9.28
N CYS E 2240 0.15 -92.92 -8.11
CA CYS E 2240 1.38 -92.18 -7.89
C CYS E 2240 2.59 -93.09 -7.93
N ARG E 2241 2.46 -94.29 -7.34
CA ARG E 2241 3.61 -95.19 -7.22
C ARG E 2241 3.98 -95.83 -8.56
N ILE E 2242 3.01 -95.98 -9.47
CA ILE E 2242 3.25 -96.76 -10.68
C ILE E 2242 4.33 -96.14 -11.55
N SER E 2243 4.43 -94.81 -11.58
CA SER E 2243 5.44 -94.15 -12.39
C SER E 2243 5.71 -92.76 -11.88
N ARG E 2244 6.84 -92.19 -12.30
CA ARG E 2244 7.22 -90.85 -11.89
C ARG E 2244 6.43 -89.76 -12.60
N GLN E 2245 6.05 -90.00 -13.86
CA GLN E 2245 5.25 -89.01 -14.59
C GLN E 2245 3.90 -88.80 -13.92
N ASN E 2246 3.24 -89.91 -13.53
CA ASN E 2246 1.99 -89.78 -12.78
C ASN E 2246 2.23 -89.13 -11.41
N GLN E 2247 3.38 -89.41 -10.80
CA GLN E 2247 3.70 -88.76 -9.53
C GLN E 2247 3.78 -87.25 -9.69
N ARG E 2248 4.43 -86.77 -10.76
CA ARG E 2248 4.49 -85.34 -11.01
C ARG E 2248 3.11 -84.77 -11.35
N SER E 2249 2.32 -85.51 -12.14
CA SER E 2249 0.98 -85.04 -12.49
C SER E 2249 0.12 -84.87 -11.24
N MET E 2250 0.25 -85.79 -10.29
CA MET E 2250 -0.49 -85.68 -9.04
C MET E 2250 0.10 -84.62 -8.11
N PHE E 2251 1.43 -84.44 -8.10
CA PHE E 2251 2.03 -83.37 -7.33
C PHE E 2251 1.60 -82.00 -7.83
N ASP E 2252 1.26 -81.88 -9.11
CA ASP E 2252 0.75 -80.62 -9.63
C ASP E 2252 -0.49 -80.18 -8.86
N HIS E 2253 -1.29 -81.13 -8.36
CA HIS E 2253 -2.45 -80.83 -7.53
C HIS E 2253 -2.23 -81.20 -6.06
N LEU E 2254 -1.03 -81.63 -5.69
CA LEU E 2254 -0.79 -82.05 -4.31
C LEU E 2254 -0.96 -80.90 -3.33
N SER E 2255 -0.87 -79.65 -3.80
CA SER E 2255 -1.12 -78.51 -2.93
C SER E 2255 -2.54 -78.55 -2.38
N TYR E 2256 -3.51 -78.84 -3.25
CA TYR E 2256 -4.89 -79.01 -2.79
C TYR E 2256 -5.04 -80.24 -1.90
N LEU E 2257 -4.31 -81.32 -2.20
CA LEU E 2257 -4.35 -82.51 -1.36
C LEU E 2257 -3.84 -82.19 0.04
N LEU E 2258 -2.74 -81.44 0.14
CA LEU E 2258 -2.27 -81.00 1.45
C LEU E 2258 -3.23 -80.04 2.11
N GLU E 2259 -3.94 -79.23 1.30
CA GLU E 2259 -4.95 -78.33 1.86
C GLU E 2259 -6.07 -79.10 2.53
N ASN E 2260 -6.51 -80.21 1.91
CA ASN E 2260 -7.56 -81.02 2.52
C ASN E 2260 -7.10 -81.60 3.86
N SER E 2261 -5.87 -82.08 3.93
CA SER E 2261 -5.33 -82.66 5.15
C SER E 2261 -4.87 -81.57 6.12
N MET E 2267 -8.27 -90.43 9.80
CA MET E 2267 -8.86 -91.67 10.27
C MET E 2267 -8.11 -92.88 9.72
N GLN E 2268 -8.75 -94.05 9.79
CA GLN E 2268 -8.13 -95.27 9.30
C GLN E 2268 -8.11 -95.27 7.76
N GLY E 2269 -7.27 -96.13 7.21
CA GLY E 2269 -7.14 -96.23 5.78
C GLY E 2269 -6.19 -95.19 5.22
N SER E 2270 -6.14 -95.13 3.89
CA SER E 2270 -5.27 -94.20 3.20
C SER E 2270 -5.75 -92.77 3.38
N THR E 2271 -4.83 -91.83 3.27
CA THR E 2271 -5.06 -90.42 3.52
C THR E 2271 -4.54 -89.59 2.34
N PRO E 2272 -5.19 -88.47 2.04
CA PRO E 2272 -4.61 -87.57 1.02
C PRO E 2272 -3.20 -87.11 1.35
N LEU E 2273 -2.88 -86.93 2.63
CA LEU E 2273 -1.50 -86.65 3.02
C LEU E 2273 -0.59 -87.82 2.66
N ASP E 2274 -1.08 -89.05 2.83
CA ASP E 2274 -0.32 -90.21 2.38
C ASP E 2274 -0.14 -90.22 0.87
N VAL E 2275 -1.15 -89.77 0.12
CA VAL E 2275 -1.01 -89.68 -1.33
C VAL E 2275 0.07 -88.68 -1.70
N ALA E 2276 0.07 -87.52 -1.04
CA ALA E 2276 1.10 -86.51 -1.31
C ALA E 2276 2.48 -87.03 -0.94
N ALA E 2277 2.60 -87.74 0.18
CA ALA E 2277 3.89 -88.31 0.57
C ALA E 2277 4.36 -89.34 -0.45
N ALA E 2278 3.46 -90.20 -0.91
CA ALA E 2278 3.83 -91.21 -1.90
C ALA E 2278 4.24 -90.58 -3.21
N SER E 2279 3.61 -89.48 -3.60
CA SER E 2279 3.97 -88.80 -4.83
C SER E 2279 5.39 -88.24 -4.76
N VAL E 2280 5.84 -87.86 -3.56
CA VAL E 2280 7.15 -87.24 -3.37
C VAL E 2280 8.10 -88.17 -2.61
N ILE E 2281 7.74 -89.44 -2.46
CA ILE E 2281 8.53 -90.36 -1.65
C ILE E 2281 9.92 -90.57 -2.26
N ASP E 2282 9.97 -90.78 -3.58
CA ASP E 2282 11.21 -91.15 -4.26
C ASP E 2282 11.41 -90.30 -5.51
N ASN E 2283 11.26 -88.99 -5.37
CA ASN E 2283 11.44 -88.05 -6.47
C ASN E 2283 12.18 -86.82 -5.96
N ASN E 2284 13.46 -86.72 -6.29
CA ASN E 2284 14.27 -85.60 -5.81
C ASN E 2284 13.89 -84.30 -6.51
N GLU E 2285 13.73 -84.34 -7.83
CA GLU E 2285 13.36 -83.14 -8.57
C GLU E 2285 11.98 -82.64 -8.18
N LEU E 2286 11.05 -83.57 -7.96
CA LEU E 2286 9.71 -83.19 -7.52
C LEU E 2286 9.74 -82.55 -6.13
N ALA E 2287 10.58 -83.08 -5.25
CA ALA E 2287 10.76 -82.46 -3.93
C ALA E 2287 11.35 -81.07 -4.05
N LEU E 2288 12.31 -80.89 -4.97
CA LEU E 2288 12.87 -79.57 -5.20
C LEU E 2288 11.82 -78.60 -5.73
N ALA E 2289 10.89 -79.09 -6.55
CA ALA E 2289 9.83 -78.26 -7.09
C ALA E 2289 8.79 -77.84 -6.05
N LEU E 2290 8.81 -78.45 -4.86
CA LEU E 2290 7.85 -78.11 -3.83
C LEU E 2290 8.07 -76.69 -3.32
N GLN E 2291 6.97 -75.99 -3.05
CA GLN E 2291 7.02 -74.63 -2.56
C GLN E 2291 6.97 -74.60 -1.03
N GLU E 2292 7.22 -73.42 -0.47
CA GLU E 2292 7.22 -73.26 0.99
C GLU E 2292 5.81 -73.11 1.57
N GLN E 2293 4.81 -72.83 0.73
CA GLN E 2293 3.45 -72.70 1.23
C GLN E 2293 2.94 -74.01 1.81
N ASP E 2294 3.22 -75.12 1.12
CA ASP E 2294 2.80 -76.43 1.63
C ASP E 2294 3.48 -76.75 2.95
N LEU E 2295 4.77 -76.43 3.07
CA LEU E 2295 5.48 -76.70 4.32
C LEU E 2295 4.97 -75.82 5.44
N GLU E 2296 4.61 -74.57 5.14
CA GLU E 2296 4.01 -73.71 6.15
C GLU E 2296 2.66 -74.26 6.60
N LYS E 2297 1.87 -74.79 5.65
CA LYS E 2297 0.60 -75.41 6.01
C LYS E 2297 0.82 -76.63 6.90
N VAL E 2298 1.83 -77.43 6.59
CA VAL E 2298 2.13 -78.60 7.42
C VAL E 2298 2.62 -78.17 8.80
N VAL E 2299 3.37 -77.07 8.88
CA VAL E 2299 3.80 -76.56 10.18
C VAL E 2299 2.59 -76.13 11.00
N SER E 2300 1.63 -75.44 10.37
CA SER E 2300 0.40 -75.06 11.07
C SER E 2300 -0.38 -76.30 11.51
N TYR E 2301 -0.40 -77.33 10.67
CA TYR E 2301 -1.07 -78.58 11.04
C TYR E 2301 -0.40 -79.22 12.25
N LEU E 2302 0.94 -79.21 12.29
CA LEU E 2302 1.66 -79.74 13.44
C LEU E 2302 1.36 -78.94 14.70
N ALA E 2303 1.30 -77.61 14.57
CA ALA E 2303 0.97 -76.76 15.72
C ALA E 2303 -0.43 -77.06 16.23
N GLY E 2304 -1.39 -77.24 15.32
CA GLY E 2304 -2.73 -77.60 15.73
C GLY E 2304 -2.80 -78.98 16.37
N CYS E 2305 -1.98 -79.91 15.88
CA CYS E 2305 -1.98 -81.26 16.39
C CYS E 2305 -1.44 -81.36 17.82
N GLY E 2306 -0.77 -80.31 18.30
CA GLY E 2306 -0.25 -80.29 19.65
C GLY E 2306 -1.22 -79.84 20.71
N LEU E 2307 -2.48 -79.64 20.37
CA LEU E 2307 -3.48 -79.19 21.32
C LEU E 2307 -4.59 -80.20 21.59
N GLN E 2308 -4.83 -81.14 20.67
CA GLN E 2308 -5.89 -82.12 20.83
C GLN E 2308 -5.36 -83.52 20.54
N SER E 2309 -5.91 -84.50 21.25
CA SER E 2309 -5.49 -85.88 21.12
C SER E 2309 -6.15 -86.53 19.90
N CYS E 2310 -5.75 -87.76 19.63
CA CYS E 2310 -6.32 -88.51 18.52
C CYS E 2310 -7.80 -88.79 18.79
N PRO E 2311 -8.71 -88.44 17.88
CA PRO E 2311 -10.14 -88.65 18.15
C PRO E 2311 -10.51 -90.09 18.44
N MET E 2312 -9.88 -91.04 17.75
CA MET E 2312 -10.19 -92.45 17.98
C MET E 2312 -9.78 -92.87 19.39
N LEU E 2313 -8.59 -92.47 19.83
CA LEU E 2313 -8.14 -92.81 21.18
C LEU E 2313 -9.02 -92.15 22.24
N LEU E 2314 -9.40 -90.89 22.03
CA LEU E 2314 -10.26 -90.22 23.00
C LEU E 2314 -11.63 -90.86 23.07
N ALA E 2315 -12.19 -91.26 21.93
CA ALA E 2315 -13.51 -91.90 21.92
C ALA E 2315 -13.45 -93.30 22.52
N LYS E 2316 -12.35 -94.02 22.31
CA LYS E 2316 -12.23 -95.39 22.82
C LYS E 2316 -12.07 -95.46 24.33
N GLY E 2317 -11.84 -94.33 25.00
CA GLY E 2317 -11.66 -94.31 26.44
C GLY E 2317 -10.21 -94.26 26.90
N TYR E 2318 -9.26 -94.11 26.00
CA TYR E 2318 -7.86 -94.01 26.37
C TYR E 2318 -7.60 -92.68 27.07
N PRO E 2319 -6.52 -92.60 27.85
CA PRO E 2319 -6.21 -91.33 28.54
C PRO E 2319 -6.07 -90.18 27.56
N ASP E 2320 -6.59 -89.02 27.96
CA ASP E 2320 -6.64 -87.84 27.09
C ASP E 2320 -5.31 -87.10 27.18
N ILE E 2321 -4.47 -87.29 26.18
CA ILE E 2321 -3.20 -86.58 26.09
C ILE E 2321 -3.45 -85.20 25.49
N GLY E 2322 -2.46 -84.32 25.57
CA GLY E 2322 -2.57 -82.99 25.04
C GLY E 2322 -2.30 -82.86 23.55
N TRP E 2323 -2.04 -83.98 22.87
CA TRP E 2323 -1.73 -83.96 21.45
C TRP E 2323 -2.07 -85.32 20.85
N ASN E 2324 -2.19 -85.35 19.52
CA ASN E 2324 -2.56 -86.56 18.82
C ASN E 2324 -1.32 -87.24 18.27
N PRO E 2325 -0.95 -88.42 18.78
CA PRO E 2325 0.20 -89.13 18.19
C PRO E 2325 -0.05 -89.60 16.76
N CYS E 2326 -1.31 -89.89 16.41
CA CYS E 2326 -1.61 -90.46 15.10
C CYS E 2326 -1.29 -89.46 13.99
N GLY E 2327 -1.98 -88.32 13.98
CA GLY E 2327 -1.77 -87.33 12.94
C GLY E 2327 -0.37 -86.75 12.97
N GLY E 2328 0.17 -86.52 14.18
CA GLY E 2328 1.53 -86.01 14.28
C GLY E 2328 2.55 -86.96 13.69
N GLU E 2329 2.43 -88.25 14.00
CA GLU E 2329 3.34 -89.24 13.44
C GLU E 2329 3.19 -89.35 11.92
N ARG E 2330 1.96 -89.35 11.43
CA ARG E 2330 1.75 -89.43 9.98
C ARG E 2330 2.36 -88.23 9.27
N TYR E 2331 2.14 -87.03 9.81
CA TYR E 2331 2.67 -85.83 9.17
C TYR E 2331 4.19 -85.77 9.27
N LEU E 2332 4.76 -86.26 10.39
CA LEU E 2332 6.21 -86.32 10.50
C LEU E 2332 6.80 -87.29 9.48
N ASP E 2333 6.14 -88.43 9.27
CA ASP E 2333 6.59 -89.38 8.25
C ASP E 2333 6.51 -88.77 6.86
N PHE E 2334 5.42 -88.05 6.57
CA PHE E 2334 5.30 -87.40 5.27
C PHE E 2334 6.38 -86.34 5.09
N LEU E 2335 6.68 -85.57 6.13
CA LEU E 2335 7.72 -84.56 6.06
C LEU E 2335 9.08 -85.19 5.84
N ARG E 2336 9.37 -86.31 6.51
CA ARG E 2336 10.64 -86.98 6.32
C ARG E 2336 10.74 -87.59 4.92
N PHE E 2337 9.61 -88.02 4.35
CA PHE E 2337 9.62 -88.49 2.97
C PHE E 2337 9.89 -87.34 1.99
N ALA E 2338 9.28 -86.18 2.24
CA ALA E 2338 9.44 -85.05 1.33
C ALA E 2338 10.86 -84.48 1.40
N VAL E 2339 11.39 -84.30 2.61
CA VAL E 2339 12.70 -83.69 2.77
C VAL E 2339 13.79 -84.61 2.23
N PHE E 2340 13.74 -85.89 2.61
CA PHE E 2340 14.77 -86.83 2.20
C PHE E 2340 14.53 -87.29 0.77
N VAL E 2341 15.61 -87.34 -0.02
CA VAL E 2341 15.56 -87.78 -1.41
C VAL E 2341 16.55 -88.92 -1.56
N ASN E 2342 16.04 -90.15 -1.69
CA ASN E 2342 16.86 -91.37 -1.81
C ASN E 2342 17.76 -91.45 -0.59
N GLY E 2343 19.08 -91.50 -0.73
CA GLY E 2343 19.98 -91.57 0.40
C GLY E 2343 20.48 -90.24 0.93
N GLU E 2344 19.99 -89.13 0.38
CA GLU E 2344 20.43 -87.79 0.79
C GLU E 2344 19.20 -86.94 1.08
N SER E 2345 19.45 -85.67 1.41
CA SER E 2345 18.40 -84.71 1.69
C SER E 2345 18.69 -83.40 0.99
N VAL E 2346 17.62 -82.65 0.68
CA VAL E 2346 17.76 -81.38 -0.01
C VAL E 2346 18.12 -80.31 1.01
N GLU E 2347 19.19 -79.55 0.73
CA GLU E 2347 19.64 -78.52 1.66
C GLU E 2347 18.61 -77.42 1.81
N GLU E 2348 18.04 -76.95 0.71
CA GLU E 2348 17.03 -75.89 0.77
C GLU E 2348 15.78 -76.37 1.49
N ASN E 2349 15.34 -77.60 1.20
CA ASN E 2349 14.18 -78.15 1.89
C ASN E 2349 14.44 -78.30 3.38
N ALA E 2350 15.64 -78.76 3.74
CA ALA E 2350 15.99 -78.88 5.16
C ALA E 2350 16.00 -77.51 5.83
N ASN E 2351 16.53 -76.50 5.16
CA ASN E 2351 16.59 -75.17 5.75
C ASN E 2351 15.20 -74.59 5.96
N VAL E 2352 14.33 -74.70 4.96
CA VAL E 2352 12.98 -74.16 5.13
C VAL E 2352 12.21 -74.97 6.18
N VAL E 2353 12.45 -76.28 6.25
CA VAL E 2353 11.76 -77.11 7.24
C VAL E 2353 12.18 -76.70 8.65
N VAL E 2354 13.49 -76.53 8.88
CA VAL E 2354 13.94 -76.16 10.22
C VAL E 2354 13.47 -74.74 10.55
N ARG E 2355 13.42 -73.84 9.57
CA ARG E 2355 12.90 -72.50 9.82
C ARG E 2355 11.43 -72.56 10.23
N LEU E 2356 10.64 -73.39 9.54
CA LEU E 2356 9.23 -73.53 9.88
C LEU E 2356 9.06 -74.13 11.28
N LEU E 2357 9.86 -75.14 11.61
CA LEU E 2357 9.75 -75.74 12.94
C LEU E 2357 10.15 -74.76 14.03
N ILE E 2358 11.18 -73.95 13.79
CA ILE E 2358 11.61 -72.98 14.78
C ILE E 2358 10.56 -71.88 14.94
N ARG E 2359 9.93 -71.48 13.83
CA ARG E 2359 8.92 -70.43 13.89
C ARG E 2359 7.68 -70.85 14.68
N LYS E 2360 7.44 -72.15 14.81
CA LYS E 2360 6.28 -72.69 15.53
C LYS E 2360 6.77 -73.67 16.59
N PRO E 2361 7.07 -73.18 17.80
CA PRO E 2361 7.53 -74.09 18.86
C PRO E 2361 6.49 -75.12 19.27
N GLU E 2362 5.21 -74.88 19.02
CA GLU E 2362 4.17 -75.84 19.38
C GLU E 2362 4.25 -77.12 18.54
N CYS E 2363 4.96 -77.09 17.42
CA CYS E 2363 5.10 -78.28 16.59
C CYS E 2363 5.85 -79.38 17.33
N PHE E 2364 6.90 -79.00 18.07
CA PHE E 2364 7.68 -79.97 18.80
C PHE E 2364 6.88 -80.54 19.97
N GLY E 2365 7.34 -81.68 20.49
CA GLY E 2365 6.72 -82.32 21.61
C GLY E 2365 6.68 -81.44 22.85
N PRO E 2366 5.51 -81.38 23.49
CA PRO E 2366 5.39 -80.52 24.69
C PRO E 2366 6.32 -80.92 25.82
N ALA E 2367 6.63 -82.21 25.97
CA ALA E 2367 7.56 -82.64 27.01
C ALA E 2367 8.95 -82.09 26.76
N LEU E 2368 9.41 -82.12 25.52
CA LEU E 2368 10.72 -81.58 25.16
C LEU E 2368 10.67 -80.11 24.76
N ARG E 2369 9.48 -79.51 24.73
CA ARG E 2369 9.31 -78.11 24.36
C ARG E 2369 9.90 -77.80 22.99
N GLY E 2373 9.73 -79.42 28.83
CA GLY E 2373 10.92 -79.25 29.64
C GLY E 2373 11.66 -80.56 29.90
N SER E 2374 10.91 -81.66 29.94
CA SER E 2374 11.51 -82.96 30.16
C SER E 2374 12.35 -83.39 28.97
N GLY E 2375 13.43 -84.12 29.27
CA GLY E 2375 14.31 -84.60 28.22
C GLY E 2375 13.73 -85.75 27.43
N LEU E 2376 14.44 -86.13 26.37
CA LEU E 2376 13.99 -87.24 25.54
C LEU E 2376 13.98 -88.55 26.32
N LEU E 2377 15.01 -88.78 27.15
CA LEU E 2377 15.05 -89.99 27.96
C LEU E 2377 13.90 -90.03 28.94
N ALA E 2378 13.60 -88.90 29.59
CA ALA E 2378 12.49 -88.86 30.53
C ALA E 2378 11.16 -89.10 29.82
N ALA E 2379 10.98 -88.50 28.64
CA ALA E 2379 9.75 -88.71 27.89
C ALA E 2379 9.60 -90.17 27.48
N ILE E 2380 10.70 -90.81 27.05
CA ILE E 2380 10.65 -92.21 26.66
C ILE E 2380 10.32 -93.09 27.87
N GLU E 2381 10.93 -92.79 29.02
CA GLU E 2381 10.63 -93.56 30.22
C GLU E 2381 9.17 -93.40 30.63
N GLU E 2382 8.63 -92.18 30.54
CA GLU E 2382 7.23 -91.96 30.87
C GLU E 2382 6.32 -92.72 29.91
N ALA E 2383 6.66 -92.70 28.61
CA ALA E 2383 5.85 -93.43 27.63
C ALA E 2383 5.90 -94.93 27.90
N ILE E 2384 7.07 -95.46 28.24
CA ILE E 2384 7.18 -96.89 28.56
C ILE E 2384 6.35 -97.23 29.79
N ARG E 2385 6.42 -96.39 30.82
CA ARG E 2385 5.63 -96.62 32.03
C ARG E 2385 4.14 -96.59 31.73
N ILE E 2386 3.70 -95.64 30.89
CA ILE E 2386 2.29 -95.56 30.53
C ILE E 2386 1.86 -96.79 29.76
N SER E 2387 2.69 -97.24 28.81
CA SER E 2387 2.36 -98.42 28.02
C SER E 2387 2.29 -99.67 28.88
N GLU E 2388 3.22 -99.80 29.83
CA GLU E 2388 3.20 -100.97 30.71
C GLU E 2388 1.94 -101.00 31.57
N ASP E 2389 1.55 -99.86 32.12
CA ASP E 2389 0.36 -99.79 32.93
C ASP E 2389 -0.90 -99.94 32.05
N PRO E 2390 -1.94 -100.62 32.57
CA PRO E 2390 -3.24 -100.82 31.93
C PRO E 2390 -3.77 -99.58 31.20
N ARG E 2415 -4.28 -102.72 20.33
CA ARG E 2415 -4.01 -102.24 18.98
C ARG E 2415 -4.06 -100.71 18.92
N VAL E 2416 -4.55 -100.10 20.00
CA VAL E 2416 -4.66 -98.64 20.08
C VAL E 2416 -3.87 -98.14 21.28
N HIS E 2417 -2.79 -98.84 21.61
CA HIS E 2417 -1.96 -98.44 22.74
C HIS E 2417 -1.37 -97.06 22.53
N LEU E 2418 -1.41 -96.22 23.57
CA LEU E 2418 -0.99 -94.84 23.45
C LEU E 2418 0.51 -94.66 23.72
N GLY E 2419 1.10 -95.47 24.60
CA GLY E 2419 2.52 -95.33 24.86
C GLY E 2419 3.37 -95.62 23.64
N HIS E 2420 3.03 -96.68 22.91
CA HIS E 2420 3.74 -96.99 21.68
C HIS E 2420 3.57 -95.88 20.64
N ALA E 2421 2.36 -95.32 20.55
CA ALA E 2421 2.14 -94.21 19.62
C ALA E 2421 2.96 -92.99 19.99
N ILE E 2422 3.05 -92.69 21.29
CA ILE E 2422 3.86 -91.56 21.75
C ILE E 2422 5.32 -91.78 21.40
N MET E 2423 5.83 -92.98 21.68
CA MET E 2423 7.22 -93.29 21.36
C MET E 2423 7.48 -93.23 19.86
N SER E 2424 6.52 -93.71 19.06
CA SER E 2424 6.67 -93.66 17.61
C SER E 2424 6.69 -92.21 17.11
N PHE E 2425 5.84 -91.35 17.68
CA PHE E 2425 5.86 -89.94 17.28
C PHE E 2425 7.20 -89.32 17.62
N TYR E 2426 7.72 -89.57 18.82
CA TYR E 2426 9.00 -89.00 19.21
C TYR E 2426 10.13 -89.52 18.33
N ALA E 2427 10.11 -90.81 17.99
CA ALA E 2427 11.11 -91.37 17.10
C ALA E 2427 11.03 -90.75 15.71
N ALA E 2428 9.81 -90.56 15.20
CA ALA E 2428 9.66 -89.93 13.90
C ALA E 2428 10.15 -88.49 13.91
N LEU E 2429 9.89 -87.76 15.00
CA LEU E 2429 10.38 -86.40 15.12
C LEU E 2429 11.90 -86.37 15.15
N ILE E 2430 12.52 -87.29 15.90
CA ILE E 2430 13.97 -87.37 15.95
C ILE E 2430 14.55 -87.70 14.58
N ASP E 2431 13.93 -88.64 13.87
CA ASP E 2431 14.40 -88.99 12.55
C ASP E 2431 14.27 -87.83 11.57
N LEU E 2432 13.17 -87.08 11.65
CA LEU E 2432 13.00 -85.91 10.80
C LEU E 2432 14.04 -84.85 11.12
N LEU E 2433 14.32 -84.63 12.41
CA LEU E 2433 15.34 -83.66 12.78
C LEU E 2433 16.72 -84.08 12.28
N GLY E 2434 17.03 -85.37 12.36
CA GLY E 2434 18.28 -85.86 11.82
C GLY E 2434 18.37 -85.75 10.32
N ARG E 2435 17.25 -85.95 9.62
CA ARG E 2435 17.25 -85.86 8.16
C ARG E 2435 17.58 -84.45 7.69
N CYS E 2436 17.06 -83.43 8.37
CA CYS E 2436 17.30 -82.05 8.00
C CYS E 2436 18.57 -81.48 8.62
N ALA E 2437 19.32 -82.30 9.36
CA ALA E 2437 20.58 -81.84 9.92
C ALA E 2437 21.58 -81.54 8.81
N PRO E 2438 22.50 -80.60 9.04
CA PRO E 2438 23.47 -80.25 8.00
C PRO E 2438 24.33 -81.44 7.61
N GLU E 2439 24.65 -81.52 6.32
CA GLU E 2439 25.45 -82.62 5.82
C GLU E 2439 26.91 -82.46 6.24
N MET E 2440 27.67 -83.55 6.08
CA MET E 2440 29.09 -83.52 6.44
C MET E 2440 29.86 -82.53 5.58
N HIS E 2441 29.56 -82.48 4.28
CA HIS E 2441 30.23 -81.53 3.40
C HIS E 2441 29.93 -80.09 3.80
N LEU E 2442 28.66 -79.81 4.12
CA LEU E 2442 28.29 -78.45 4.54
C LEU E 2442 28.97 -78.07 5.84
N ILE E 2443 29.06 -79.00 6.79
CA ILE E 2443 29.73 -78.72 8.05
C ILE E 2443 31.21 -78.47 7.82
N GLN E 2444 31.84 -79.28 6.97
CA GLN E 2444 33.26 -79.10 6.67
C GLN E 2444 33.51 -77.75 6.00
N ALA E 2445 32.64 -77.37 5.07
CA ALA E 2445 32.79 -76.09 4.37
C ALA E 2445 32.58 -74.89 5.27
N GLY E 2446 32.01 -75.08 6.46
CA GLY E 2446 31.78 -73.97 7.38
C GLY E 2446 30.76 -72.96 6.89
N LYS E 2447 29.69 -73.43 6.26
CA LYS E 2447 28.64 -72.53 5.80
C LYS E 2447 27.91 -71.90 6.98
N GLY E 2448 27.52 -70.64 6.83
CA GLY E 2448 26.81 -69.95 7.90
C GLY E 2448 25.47 -70.58 8.21
N GLU E 2449 24.70 -70.90 7.16
CA GLU E 2449 23.41 -71.54 7.35
C GLU E 2449 23.57 -72.92 7.97
N ALA E 2450 24.56 -73.69 7.51
CA ALA E 2450 24.81 -75.01 8.07
C ALA E 2450 25.21 -74.92 9.54
N LEU E 2451 26.09 -73.97 9.86
CA LEU E 2451 26.49 -73.79 11.26
C LEU E 2451 25.30 -73.37 12.12
N ARG E 2452 24.45 -72.49 11.62
CA ARG E 2452 23.27 -72.08 12.36
C ARG E 2452 22.33 -73.25 12.60
N ILE E 2453 22.12 -74.08 11.57
CA ILE E 2453 21.23 -75.24 11.72
C ILE E 2453 21.81 -76.22 12.72
N ARG E 2454 23.12 -76.45 12.66
CA ARG E 2454 23.76 -77.36 13.61
C ARG E 2454 23.65 -76.84 15.04
N ALA E 2455 23.84 -75.52 15.24
CA ALA E 2455 23.71 -74.95 16.57
C ALA E 2455 22.28 -75.06 17.08
N ILE E 2456 21.30 -74.82 16.20
CA ILE E 2456 19.90 -74.95 16.60
C ILE E 2456 19.57 -76.38 16.99
N LEU E 2457 20.05 -77.35 16.21
CA LEU E 2457 19.81 -78.75 16.53
C LEU E 2457 20.47 -79.14 17.85
N ARG E 2458 21.70 -78.66 18.08
CA ARG E 2458 22.37 -78.96 19.33
C ARG E 2458 21.65 -78.36 20.53
N SER E 2459 21.17 -77.12 20.39
CA SER E 2459 20.46 -76.47 21.49
C SER E 2459 19.09 -77.09 21.74
N LEU E 2460 18.44 -77.60 20.69
CA LEU E 2460 17.12 -78.20 20.87
C LEU E 2460 17.17 -79.42 21.77
N VAL E 2461 18.18 -80.27 21.59
CA VAL E 2461 18.32 -81.48 22.39
C VAL E 2461 19.79 -81.88 22.45
N PRO E 2462 20.35 -82.11 23.63
CA PRO E 2462 21.75 -82.50 23.73
C PRO E 2462 21.96 -83.98 23.42
N LEU E 2463 23.23 -84.34 23.24
CA LEU E 2463 23.58 -85.73 22.98
C LEU E 2463 23.37 -86.63 24.20
N ASP E 2464 23.23 -86.03 25.39
CA ASP E 2464 22.96 -86.82 26.58
C ASP E 2464 21.62 -87.53 26.48
N ASP E 2465 20.63 -86.86 25.88
CA ASP E 2465 19.33 -87.50 25.68
C ASP E 2465 19.46 -88.71 24.74
N LEU E 2466 20.23 -88.57 23.67
CA LEU E 2466 20.44 -89.70 22.77
C LEU E 2466 21.18 -90.83 23.46
N VAL E 2467 22.16 -90.50 24.29
CA VAL E 2467 22.88 -91.54 25.05
C VAL E 2467 21.94 -92.26 25.99
N GLY E 2468 21.05 -91.52 26.65
CA GLY E 2468 20.07 -92.16 27.52
C GLY E 2468 19.10 -93.03 26.75
N ILE E 2469 18.69 -92.59 25.56
CA ILE E 2469 17.80 -93.39 24.73
C ILE E 2469 18.48 -94.70 24.34
N ILE E 2470 19.75 -94.63 23.93
CA ILE E 2470 20.49 -95.84 23.57
C ILE E 2470 20.64 -96.75 24.78
N SER E 2471 20.95 -96.18 25.94
CA SER E 2471 21.10 -96.99 27.15
C SER E 2471 19.77 -97.50 27.68
N LEU E 2472 18.66 -96.91 27.27
CA LEU E 2472 17.35 -97.37 27.73
C LEU E 2472 17.08 -98.77 27.18
N PRO E 2473 16.54 -99.67 28.00
CA PRO E 2473 16.25 -101.03 27.52
C PRO E 2473 15.18 -101.03 26.44
N LEU E 2474 15.33 -101.97 25.51
CA LEU E 2474 14.39 -102.11 24.40
C LEU E 2474 13.30 -103.12 24.78
N GLN E 2475 12.50 -103.52 23.80
CA GLN E 2475 11.42 -104.48 24.02
C GLN E 2475 12.02 -105.87 24.15
N ILE E 2476 12.38 -106.24 25.38
CA ILE E 2476 12.97 -107.55 25.63
C ILE E 2476 11.89 -108.63 25.48
N PRO E 2477 12.10 -109.64 24.63
CA PRO E 2477 11.12 -110.72 24.42
C PRO E 2477 11.76 -112.03 24.00
N GLN E 2487 5.15 -111.23 16.42
CA GLN E 2487 6.08 -111.45 17.52
C GLN E 2487 6.83 -110.16 17.86
N PRO E 2488 6.78 -109.18 16.95
CA PRO E 2488 7.45 -107.90 17.23
C PRO E 2488 6.91 -107.18 18.45
N LYS E 2489 5.61 -107.32 18.74
CA LYS E 2489 4.98 -106.67 19.89
C LYS E 2489 5.21 -105.15 19.86
N MET E 2490 4.98 -104.55 18.68
CA MET E 2490 5.16 -103.11 18.54
C MET E 2490 4.20 -102.33 19.43
N SER E 2491 2.95 -102.77 19.52
CA SER E 2491 1.98 -102.09 20.37
C SER E 2491 2.32 -102.23 21.84
N ALA E 2492 2.86 -103.38 22.25
CA ALA E 2492 3.15 -103.61 23.66
C ALA E 2492 4.30 -102.74 24.14
N SER E 2493 5.38 -102.65 23.36
CA SER E 2493 6.56 -101.91 23.78
C SER E 2493 7.20 -101.27 22.55
N PHE E 2494 8.04 -100.27 22.81
CA PHE E 2494 8.68 -99.51 21.75
C PHE E 2494 9.53 -100.42 20.87
N VAL E 2495 9.37 -100.29 19.57
CA VAL E 2495 10.10 -101.09 18.58
C VAL E 2495 11.55 -100.61 18.54
N PRO E 2496 12.49 -101.44 18.07
CA PRO E 2496 13.87 -100.95 17.92
C PRO E 2496 14.00 -99.79 16.93
N ASP E 2497 13.05 -99.65 16.00
CA ASP E 2497 13.14 -98.56 15.03
C ASP E 2497 13.22 -97.20 15.71
N HIS E 2498 12.66 -97.08 16.91
CA HIS E 2498 12.79 -95.84 17.68
C HIS E 2498 14.24 -95.54 17.99
N LYS E 2499 14.96 -96.53 18.53
CA LYS E 2499 16.37 -96.33 18.82
C LYS E 2499 17.16 -96.14 17.53
N ALA E 2500 16.70 -96.73 16.42
CA ALA E 2500 17.37 -96.54 15.15
C ALA E 2500 17.28 -95.07 14.70
N SER E 2501 16.08 -94.50 14.79
CA SER E 2501 15.91 -93.10 14.46
C SER E 2501 16.73 -92.22 15.40
N MET E 2502 16.76 -92.57 16.69
CA MET E 2502 17.51 -91.78 17.67
C MET E 2502 19.01 -91.78 17.34
N VAL E 2503 19.58 -92.96 17.09
CA VAL E 2503 21.01 -93.03 16.80
C VAL E 2503 21.33 -92.43 15.44
N LEU E 2504 20.41 -92.53 14.48
CA LEU E 2504 20.62 -91.87 13.19
C LEU E 2504 20.64 -90.35 13.36
N PHE E 2505 19.74 -89.82 14.17
CA PHE E 2505 19.75 -88.38 14.45
C PHE E 2505 21.04 -87.98 15.15
N LEU E 2506 21.48 -88.79 16.12
CA LEU E 2506 22.72 -88.49 16.83
C LEU E 2506 23.92 -88.48 15.88
N ASP E 2507 23.98 -89.46 14.97
CA ASP E 2507 25.07 -89.51 14.00
C ASP E 2507 25.01 -88.32 13.05
N ARG E 2508 23.81 -87.95 12.61
CA ARG E 2508 23.68 -86.81 11.71
C ARG E 2508 24.09 -85.50 12.38
N VAL E 2509 23.75 -85.34 13.66
CA VAL E 2509 24.04 -84.11 14.38
C VAL E 2509 25.45 -84.16 14.97
N TYR E 2510 25.71 -85.15 15.83
CA TYR E 2510 26.98 -85.23 16.53
C TYR E 2510 27.96 -86.18 15.85
N GLY E 2511 27.51 -87.40 15.55
CA GLY E 2511 28.40 -88.39 14.97
C GLY E 2511 29.24 -89.08 16.01
N ILE E 2512 30.22 -89.84 15.52
CA ILE E 2512 31.13 -90.59 16.38
C ILE E 2512 32.23 -89.65 16.87
N GLU E 2513 32.02 -89.02 18.03
CA GLU E 2513 33.02 -88.11 18.58
C GLU E 2513 34.30 -88.85 18.93
N ASN E 2514 34.19 -90.02 19.55
CA ASN E 2514 35.36 -90.80 19.94
C ASN E 2514 35.02 -92.28 19.84
N GLN E 2515 36.04 -93.09 19.59
CA GLN E 2515 35.84 -94.54 19.51
C GLN E 2515 35.43 -95.11 20.86
N ASP E 2516 36.05 -94.64 21.95
CA ASP E 2516 35.70 -95.12 23.27
C ASP E 2516 34.26 -94.75 23.63
N PHE E 2517 33.84 -93.53 23.30
CA PHE E 2517 32.47 -93.11 23.56
C PHE E 2517 31.48 -93.96 22.77
N LEU E 2518 31.79 -94.23 21.50
CA LEU E 2518 30.91 -95.07 20.69
C LEU E 2518 30.84 -96.49 21.24
N LEU E 2519 31.97 -97.03 21.68
CA LEU E 2519 31.99 -98.37 22.27
C LEU E 2519 31.15 -98.41 23.55
N HIS E 2520 31.27 -97.38 24.39
CA HIS E 2520 30.47 -97.33 25.61
C HIS E 2520 28.99 -97.22 25.29
N VAL E 2521 28.63 -96.41 24.29
CA VAL E 2521 27.24 -96.27 23.90
C VAL E 2521 26.69 -97.60 23.39
N LEU E 2522 27.49 -98.32 22.59
CA LEU E 2522 27.05 -99.63 22.10
C LEU E 2522 26.88 -100.60 23.26
N ASP E 2523 27.84 -100.64 24.18
CA ASP E 2523 27.74 -101.53 25.33
C ASP E 2523 26.53 -101.20 26.19
N VAL E 2524 26.12 -99.94 26.22
CA VAL E 2524 24.91 -99.54 26.92
C VAL E 2524 23.71 -99.80 26.02
N GLY E 2525 23.14 -100.99 26.11
CA GLY E 2525 21.94 -101.33 25.34
C GLY E 2525 22.18 -102.03 24.02
N PHE E 2526 22.97 -101.43 23.13
CA PHE E 2526 23.11 -101.97 21.78
C PHE E 2526 23.84 -103.31 21.79
N LEU E 2527 24.97 -103.38 22.50
CA LEU E 2527 25.72 -104.63 22.56
C LEU E 2527 24.94 -105.78 23.18
N PRO E 2528 24.23 -105.61 24.31
CA PRO E 2528 23.39 -106.72 24.78
C PRO E 2528 22.35 -107.17 23.77
N ASP E 2529 21.79 -106.24 23.00
CA ASP E 2529 20.84 -106.62 21.96
C ASP E 2529 21.50 -107.46 20.89
N MET E 2530 22.72 -107.10 20.49
CA MET E 2530 23.45 -107.89 19.51
C MET E 2530 23.77 -109.27 20.05
N ARG E 2531 24.17 -109.34 21.32
CA ARG E 2531 24.45 -110.64 21.94
C ARG E 2531 23.21 -111.52 21.99
N ALA E 2532 22.06 -110.93 22.34
CA ALA E 2532 20.82 -111.68 22.37
C ALA E 2532 20.44 -112.17 20.97
N ALA E 2533 20.61 -111.32 19.96
CA ALA E 2533 20.33 -111.72 18.59
C ALA E 2533 21.23 -112.86 18.15
N ALA E 2534 22.52 -112.79 18.51
CA ALA E 2534 23.45 -113.86 18.16
C ALA E 2534 23.08 -115.16 18.86
N SER E 2535 22.67 -115.07 20.14
CA SER E 2535 22.26 -116.27 20.86
C SER E 2535 21.01 -116.88 20.25
N LEU E 2536 20.05 -116.05 19.85
CA LEU E 2536 18.83 -116.55 19.23
C LEU E 2536 19.09 -117.02 17.80
N ASP E 2537 20.12 -116.49 17.15
CA ASP E 2537 20.48 -116.85 15.78
C ASP E 2537 19.31 -116.68 14.82
N THR E 2544 12.56 -115.38 15.13
CA THR E 2544 11.32 -114.69 15.44
C THR E 2544 11.26 -113.32 14.77
N GLU E 2545 10.05 -112.77 14.65
CA GLU E 2545 9.90 -111.45 14.05
C GLU E 2545 10.61 -110.38 14.86
N MET E 2546 10.49 -110.42 16.18
CA MET E 2546 11.17 -109.44 17.03
C MET E 2546 12.68 -109.60 16.92
N ALA E 2547 13.17 -110.84 16.91
CA ALA E 2547 14.60 -111.06 16.77
C ALA E 2547 15.11 -110.56 15.43
N LEU E 2548 14.36 -110.81 14.35
CA LEU E 2548 14.75 -110.32 13.04
C LEU E 2548 14.77 -108.79 12.99
N ALA E 2549 13.76 -108.16 13.60
CA ALA E 2549 13.71 -106.71 13.64
C ALA E 2549 14.90 -106.14 14.42
N LEU E 2550 15.23 -106.75 15.56
CA LEU E 2550 16.37 -106.30 16.33
C LEU E 2550 17.68 -106.48 15.57
N ASN E 2551 17.82 -107.61 14.86
CA ASN E 2551 19.02 -107.84 14.06
C ASN E 2551 19.14 -106.81 12.95
N ARG E 2552 18.03 -106.52 12.26
CA ARG E 2552 18.06 -105.52 11.20
C ARG E 2552 18.40 -104.15 11.76
N TYR E 2553 17.81 -103.79 12.90
CA TYR E 2553 18.15 -102.54 13.56
C TYR E 2553 19.63 -102.46 13.86
N LEU E 2554 20.19 -103.52 14.46
CA LEU E 2554 21.59 -103.48 14.86
C LEU E 2554 22.49 -103.34 13.64
N CYS E 2555 22.21 -104.11 12.59
CA CYS E 2555 23.04 -104.08 11.39
C CYS E 2555 22.87 -102.78 10.60
N LEU E 2556 21.76 -102.07 10.77
CA LEU E 2556 21.57 -100.82 10.04
C LEU E 2556 21.97 -99.58 10.85
N ALA E 2557 22.11 -99.69 12.17
CA ALA E 2557 22.40 -98.53 12.99
C ALA E 2557 23.69 -98.66 13.77
N VAL E 2558 23.91 -99.77 14.46
CA VAL E 2558 25.01 -99.85 15.43
C VAL E 2558 26.34 -100.09 14.72
N LEU E 2559 26.46 -101.21 14.01
CA LEU E 2559 27.72 -101.59 13.41
C LEU E 2559 28.19 -100.65 12.29
N PRO E 2560 27.30 -99.95 11.56
CA PRO E 2560 27.82 -98.88 10.68
C PRO E 2560 28.62 -97.83 11.43
N LEU E 2561 28.18 -97.46 12.64
CA LEU E 2561 28.94 -96.50 13.44
C LEU E 2561 30.29 -97.07 13.85
N ILE E 2562 30.32 -98.35 14.21
CA ILE E 2562 31.59 -98.99 14.57
C ILE E 2562 32.54 -99.01 13.39
N THR E 2563 32.03 -99.33 12.19
CA THR E 2563 32.86 -99.33 11.00
C THR E 2563 33.37 -97.93 10.69
N LYS E 2564 32.52 -96.91 10.86
CA LYS E 2564 32.96 -95.54 10.65
C LYS E 2564 34.04 -95.14 11.64
N CYS E 2565 33.91 -95.56 12.89
CA CYS E 2565 34.88 -95.23 13.94
C CYS E 2565 36.00 -96.25 14.05
N ALA E 2566 36.05 -97.23 13.15
CA ALA E 2566 37.11 -98.23 13.19
C ALA E 2566 38.52 -97.66 13.09
N PRO E 2567 38.83 -96.68 12.23
CA PRO E 2567 40.19 -96.12 12.25
C PRO E 2567 40.58 -95.51 13.58
N LEU E 2568 39.62 -94.95 14.33
CA LEU E 2568 39.89 -94.34 15.62
C LEU E 2568 39.88 -95.36 16.76
N PHE E 2569 39.58 -96.63 16.48
CA PHE E 2569 39.52 -97.65 17.53
C PHE E 2569 40.89 -98.02 18.07
N ALA E 2570 41.98 -97.56 17.45
CA ALA E 2570 43.32 -97.88 17.93
C ALA E 2570 43.55 -97.28 19.32
N GLY E 2571 44.28 -98.02 20.15
CA GLY E 2571 44.56 -97.57 21.50
C GLY E 2571 43.51 -97.89 22.53
N THR E 2572 42.48 -98.65 22.16
CA THR E 2572 41.40 -99.01 23.09
C THR E 2572 41.79 -100.24 23.89
N GLU E 2573 42.86 -100.09 24.70
CA GLU E 2573 43.32 -101.20 25.53
C GLU E 2573 42.31 -101.52 26.62
N HIS E 2574 41.66 -100.50 27.20
CA HIS E 2574 40.68 -100.74 28.25
C HIS E 2574 39.48 -101.51 27.71
N ARG E 2575 39.03 -101.17 26.50
CA ARG E 2575 37.88 -101.82 25.88
C ARG E 2575 38.27 -102.98 24.98
N ALA E 2576 39.45 -103.55 25.17
CA ALA E 2576 39.89 -104.68 24.36
C ALA E 2576 38.97 -105.88 24.56
N ILE E 2577 38.59 -106.15 25.81
CA ILE E 2577 37.67 -107.26 26.09
C ILE E 2577 36.32 -107.00 25.44
N MET E 2578 35.83 -105.75 25.54
CA MET E 2578 34.56 -105.41 24.90
C MET E 2578 34.65 -105.54 23.38
N VAL E 2579 35.79 -105.14 22.80
CA VAL E 2579 35.96 -105.27 21.36
C VAL E 2579 35.97 -106.74 20.94
N ASP E 2580 36.65 -107.58 21.72
CA ASP E 2580 36.67 -109.02 21.42
C ASP E 2580 35.27 -109.62 21.54
N SER E 2581 34.51 -109.22 22.56
CA SER E 2581 33.15 -109.71 22.72
C SER E 2581 32.27 -109.27 21.55
N MET E 2582 32.42 -108.02 21.11
CA MET E 2582 31.67 -107.53 19.96
C MET E 2582 32.02 -108.31 18.70
N LEU E 2583 33.31 -108.58 18.50
CA LEU E 2583 33.72 -109.38 17.34
C LEU E 2583 33.15 -110.79 17.40
N HIS E 2584 33.15 -111.40 18.59
CA HIS E 2584 32.57 -112.73 18.73
C HIS E 2584 31.08 -112.73 18.44
N THR E 2585 30.36 -111.70 18.92
CA THR E 2585 28.94 -111.60 18.63
C THR E 2585 28.68 -111.40 17.14
N VAL E 2586 29.51 -110.59 16.49
CA VAL E 2586 29.37 -110.39 15.05
C VAL E 2586 29.61 -111.69 14.29
N TYR E 2587 30.62 -112.45 14.71
CA TYR E 2587 30.88 -113.74 14.08
C TYR E 2587 29.71 -114.70 14.29
N ARG E 2588 29.14 -114.71 15.49
CA ARG E 2588 27.97 -115.56 15.75
C ARG E 2588 26.79 -115.14 14.89
N LEU E 2589 26.60 -113.84 14.70
CA LEU E 2589 25.55 -113.36 13.80
C LEU E 2589 25.81 -113.83 12.38
N SER E 2590 27.07 -113.79 11.94
CA SER E 2590 27.41 -114.29 10.61
C SER E 2590 27.10 -115.77 10.47
N ARG E 2591 27.39 -116.54 11.51
CA ARG E 2591 27.12 -117.97 11.52
C ARG E 2591 25.72 -118.31 12.02
N GLY E 2592 24.91 -117.30 12.34
CA GLY E 2592 23.57 -117.56 12.83
C GLY E 2592 22.67 -118.16 11.77
N ARG E 2593 21.67 -118.90 12.22
CA ARG E 2593 20.74 -119.56 11.30
C ARG E 2593 19.94 -118.55 10.50
N SER E 2594 19.47 -117.48 11.14
CA SER E 2594 18.66 -116.45 10.49
C SER E 2594 19.47 -115.16 10.45
N LEU E 2595 19.87 -114.75 9.25
CA LEU E 2595 20.63 -113.52 9.08
C LEU E 2595 20.51 -113.07 7.63
N THR E 2596 20.21 -111.79 7.43
CA THR E 2596 20.12 -111.23 6.08
C THR E 2596 21.50 -111.20 5.43
N LYS E 2597 21.54 -111.53 4.14
CA LYS E 2597 22.82 -111.56 3.42
C LYS E 2597 23.49 -110.19 3.42
N ALA E 2598 22.72 -109.13 3.15
CA ALA E 2598 23.28 -107.79 3.19
C ALA E 2598 23.72 -107.42 4.61
N GLN E 2599 22.90 -107.77 5.60
CA GLN E 2599 23.26 -107.52 6.99
C GLN E 2599 24.51 -108.30 7.40
N ARG E 2600 24.61 -109.56 6.96
CA ARG E 2600 25.79 -110.36 7.26
C ARG E 2600 27.03 -109.77 6.62
N ASP E 2601 26.90 -109.31 5.37
CA ASP E 2601 28.04 -108.68 4.70
C ASP E 2601 28.46 -107.40 5.41
N VAL E 2602 27.49 -106.59 5.84
CA VAL E 2602 27.80 -105.37 6.58
C VAL E 2602 28.51 -105.69 7.89
N ILE E 2603 28.02 -106.72 8.60
CA ILE E 2603 28.66 -107.11 9.86
C ILE E 2603 30.07 -107.59 9.63
N GLU E 2604 30.29 -108.38 8.58
CA GLU E 2604 31.64 -108.86 8.27
C GLU E 2604 32.57 -107.70 7.92
N ASP E 2605 32.08 -106.74 7.13
CA ASP E 2605 32.88 -105.58 6.79
C ASP E 2605 33.23 -104.75 8.03
N CYS E 2606 32.26 -104.57 8.92
CA CYS E 2606 32.53 -103.83 10.15
C CYS E 2606 33.55 -104.55 11.02
N LEU E 2607 33.43 -105.88 11.13
CA LEU E 2607 34.40 -106.64 11.92
C LEU E 2607 35.79 -106.56 11.31
N MET E 2608 35.89 -106.64 9.98
CA MET E 2608 37.19 -106.53 9.33
C MET E 2608 37.79 -105.14 9.53
N ALA E 2609 36.97 -104.09 9.45
CA ALA E 2609 37.47 -102.74 9.68
C ALA E 2609 37.93 -102.56 11.13
N LEU E 2610 37.19 -103.12 12.08
CA LEU E 2610 37.56 -102.99 13.49
C LEU E 2610 38.82 -103.80 13.81
N CYS E 2611 39.02 -104.92 13.13
CA CYS E 2611 40.22 -105.72 13.37
C CYS E 2611 41.48 -104.95 13.01
N ARG E 2612 41.46 -104.25 11.89
CA ARG E 2612 42.61 -103.44 11.48
C ARG E 2612 42.70 -102.18 12.33
N TYR E 2613 43.93 -101.70 12.52
CA TYR E 2613 44.21 -100.51 13.32
C TYR E 2613 43.65 -100.64 14.72
N ILE E 2614 44.01 -101.73 15.40
CA ILE E 2614 43.57 -102.01 16.75
C ILE E 2614 44.78 -102.37 17.61
N ARG E 2615 44.61 -102.21 18.92
CA ARG E 2615 45.69 -102.51 19.85
C ARG E 2615 45.92 -104.01 19.93
N PRO E 2616 47.15 -104.43 20.28
CA PRO E 2616 47.41 -105.87 20.42
C PRO E 2616 46.59 -106.53 21.52
N SER E 2617 46.13 -105.78 22.51
CA SER E 2617 45.30 -106.36 23.56
C SER E 2617 43.98 -106.88 23.00
N MET E 2618 43.39 -106.15 22.05
CA MET E 2618 42.17 -106.61 21.41
C MET E 2618 42.40 -107.92 20.66
N LEU E 2619 43.51 -108.03 19.94
CA LEU E 2619 43.83 -109.27 19.23
C LEU E 2619 44.06 -110.42 20.22
N GLN E 2620 44.75 -110.15 21.32
CA GLN E 2620 44.97 -111.18 22.33
C GLN E 2620 43.65 -111.65 22.93
N HIS E 2621 42.74 -110.73 23.21
CA HIS E 2621 41.45 -111.10 23.77
C HIS E 2621 40.58 -111.83 22.75
N LEU E 2622 40.70 -111.49 21.48
CA LEU E 2622 39.91 -112.11 20.42
C LEU E 2622 40.58 -113.34 19.82
N LEU E 2623 41.75 -113.74 20.34
CA LEU E 2623 42.39 -114.96 19.85
C LEU E 2623 41.49 -116.17 20.00
N ARG E 2624 40.63 -116.19 21.02
CA ARG E 2624 39.65 -117.27 21.15
C ARG E 2624 38.68 -117.26 19.97
N ARG E 2625 38.24 -116.07 19.55
CA ARG E 2625 37.38 -115.98 18.38
C ARG E 2625 38.09 -116.46 17.12
N LEU E 2626 39.37 -116.10 16.97
CA LEU E 2626 40.16 -116.59 15.84
C LEU E 2626 40.32 -118.10 15.92
N VAL E 2627 40.49 -118.64 17.13
CA VAL E 2627 40.59 -120.08 17.29
C VAL E 2627 39.30 -120.77 16.87
N PHE E 2628 38.16 -120.21 17.26
CA PHE E 2628 36.87 -120.77 16.84
C PHE E 2628 36.70 -120.69 15.34
N ASP E 2629 37.09 -119.56 14.74
CA ASP E 2629 37.01 -119.41 13.28
C ASP E 2629 37.95 -120.37 12.56
N VAL E 2630 39.04 -120.78 13.19
CA VAL E 2630 39.94 -121.76 12.58
C VAL E 2630 39.20 -123.05 12.25
N PRO E 2631 38.35 -123.60 13.13
CA PRO E 2631 37.55 -124.76 12.73
C PRO E 2631 36.63 -124.45 11.56
N ILE E 2632 36.09 -123.23 11.49
CA ILE E 2632 35.29 -122.83 10.32
C ILE E 2632 36.18 -122.75 9.08
N LEU E 2633 37.44 -122.33 9.26
CA LEU E 2633 38.36 -122.28 8.12
C LEU E 2633 38.59 -123.67 7.54
N ASN E 2634 38.65 -124.69 8.40
CA ASN E 2634 38.76 -126.07 7.93
C ASN E 2634 37.52 -126.51 7.17
N GLU E 2635 36.40 -125.81 7.33
CA GLU E 2635 35.16 -126.08 6.60
C GLU E 2635 35.08 -125.32 5.29
N PHE E 2636 36.16 -124.64 4.88
CA PHE E 2636 36.23 -123.89 3.63
C PHE E 2636 35.17 -122.78 3.59
N ALA E 2637 35.00 -122.09 4.72
CA ALA E 2637 34.12 -120.94 4.76
C ALA E 2637 34.76 -119.76 4.04
N LYS E 2638 33.99 -119.13 3.15
CA LYS E 2638 34.53 -118.04 2.34
C LYS E 2638 34.83 -116.81 3.20
N MET E 2639 33.87 -116.40 4.03
CA MET E 2639 34.08 -115.23 4.88
C MET E 2639 35.20 -115.42 5.88
N PRO E 2640 35.27 -116.52 6.63
CA PRO E 2640 36.41 -116.71 7.54
C PRO E 2640 37.75 -116.77 6.83
N LEU E 2641 37.80 -117.39 5.65
CA LEU E 2641 39.05 -117.44 4.88
C LEU E 2641 39.47 -116.05 4.44
N LYS E 2642 38.52 -115.25 3.96
CA LYS E 2642 38.84 -113.88 3.56
C LYS E 2642 39.32 -113.05 4.74
N LEU E 2643 38.65 -113.21 5.90
CA LEU E 2643 39.07 -112.48 7.09
C LEU E 2643 40.48 -112.88 7.52
N LEU E 2644 40.78 -114.19 7.49
CA LEU E 2644 42.11 -114.64 7.85
C LEU E 2644 43.16 -114.12 6.87
N THR E 2645 42.86 -114.13 5.58
CA THR E 2645 43.79 -113.60 4.59
C THR E 2645 44.03 -112.11 4.80
N ASN E 2646 42.97 -111.35 5.08
CA ASN E 2646 43.14 -109.92 5.33
C ASN E 2646 43.97 -109.68 6.58
N HIS E 2647 43.73 -110.45 7.64
CA HIS E 2647 44.52 -110.30 8.86
C HIS E 2647 45.98 -110.64 8.63
N TYR E 2648 46.26 -111.71 7.87
CA TYR E 2648 47.64 -112.08 7.58
C TYR E 2648 48.34 -111.02 6.73
N GLU E 2649 47.62 -110.47 5.74
CA GLU E 2649 48.22 -109.44 4.89
C GLU E 2649 48.54 -108.18 5.68
N ARG E 2650 47.64 -107.79 6.58
CA ARG E 2650 47.84 -106.59 7.38
C ARG E 2650 48.88 -106.85 8.48
N GLU E 2669 53.50 -118.34 20.45
CA GLU E 2669 53.91 -119.71 20.12
C GLU E 2669 52.72 -120.53 19.64
N GLU E 2670 51.59 -120.39 20.33
CA GLU E 2670 50.40 -121.14 19.94
C GLU E 2670 49.81 -120.62 18.64
N GLU E 2671 50.02 -119.35 18.31
CA GLU E 2671 49.46 -118.79 17.08
C GLU E 2671 50.07 -119.45 15.85
N LEU E 2672 51.38 -119.68 15.85
CA LEU E 2672 52.02 -120.33 14.72
C LEU E 2672 51.52 -121.77 14.54
N HIS E 2673 51.39 -122.50 15.65
CA HIS E 2673 50.86 -123.86 15.57
C HIS E 2673 49.43 -123.88 15.06
N LEU E 2674 48.60 -122.94 15.53
CA LEU E 2674 47.23 -122.86 15.07
C LEU E 2674 47.17 -122.54 13.57
N THR E 2675 48.01 -121.62 13.11
CA THR E 2675 48.04 -121.29 11.69
C THR E 2675 48.49 -122.48 10.86
N ARG E 2676 49.50 -123.20 11.32
CA ARG E 2676 49.97 -124.39 10.60
C ARG E 2676 48.88 -125.46 10.54
N LYS E 2677 48.18 -125.68 11.66
CA LYS E 2677 47.09 -126.65 11.67
C LYS E 2677 45.97 -126.24 10.74
N LEU E 2678 45.63 -124.95 10.71
CA LEU E 2678 44.58 -124.48 9.81
C LEU E 2678 44.97 -124.65 8.36
N PHE E 2679 46.24 -124.34 8.03
CA PHE E 2679 46.71 -124.54 6.66
C PHE E 2679 46.68 -126.00 6.27
N TRP E 2680 47.12 -126.89 7.17
CA TRP E 2680 47.08 -128.33 6.88
C TRP E 2680 45.66 -128.82 6.67
N GLY E 2681 44.73 -128.35 7.52
CA GLY E 2681 43.34 -128.74 7.36
C GLY E 2681 42.73 -128.23 6.07
N ILE E 2682 43.07 -127.00 5.68
CA ILE E 2682 42.58 -126.45 4.42
C ILE E 2682 43.12 -127.26 3.24
N PHE E 2683 44.40 -127.60 3.28
CA PHE E 2683 44.99 -128.41 2.21
C PHE E 2683 44.33 -129.79 2.14
N ASP E 2684 44.10 -130.42 3.30
CA ASP E 2684 43.47 -131.72 3.31
C ASP E 2684 42.05 -131.65 2.77
N SER E 2685 41.29 -130.61 3.14
CA SER E 2685 39.94 -130.46 2.63
C SER E 2685 39.94 -130.22 1.12
N LEU E 2686 40.89 -129.42 0.63
CA LEU E 2686 40.97 -129.17 -0.81
C LEU E 2686 41.32 -130.45 -1.56
N ALA E 2687 42.23 -131.25 -1.02
CA ALA E 2687 42.64 -132.48 -1.70
C ALA E 2687 41.51 -133.51 -1.68
N HIS E 2688 40.89 -133.71 -0.52
CA HIS E 2688 39.86 -134.75 -0.40
C HIS E 2688 38.57 -134.35 -1.12
N LYS E 2689 38.13 -133.11 -0.93
CA LYS E 2689 36.89 -132.65 -1.52
C LYS E 2689 37.15 -131.95 -2.85
N LYS E 2690 36.08 -131.41 -3.44
CA LYS E 2690 36.19 -130.72 -4.73
C LYS E 2690 36.72 -129.31 -4.48
N TYR E 2691 37.97 -129.08 -4.86
CA TYR E 2691 38.57 -127.76 -4.69
C TYR E 2691 37.93 -126.75 -5.62
N ASP E 2692 37.80 -125.52 -5.14
CA ASP E 2692 37.22 -124.43 -5.90
C ASP E 2692 38.28 -123.38 -6.18
N GLN E 2693 38.36 -122.92 -7.44
CA GLN E 2693 39.34 -121.91 -7.81
C GLN E 2693 39.09 -120.60 -7.07
N GLU E 2694 37.83 -120.18 -6.98
CA GLU E 2694 37.51 -118.94 -6.26
C GLU E 2694 37.85 -119.06 -4.78
N LEU E 2695 37.51 -120.20 -4.16
CA LEU E 2695 37.82 -120.39 -2.75
C LEU E 2695 39.32 -120.41 -2.52
N TYR E 2696 40.07 -121.06 -3.40
CA TYR E 2696 41.53 -121.08 -3.27
C TYR E 2696 42.12 -119.70 -3.42
N ARG E 2697 41.62 -118.92 -4.39
CA ARG E 2697 42.11 -117.56 -4.59
C ARG E 2697 41.79 -116.67 -3.40
N MET E 2698 40.60 -116.81 -2.82
CA MET E 2698 40.22 -116.00 -1.67
C MET E 2698 41.09 -116.34 -0.46
N ALA E 2699 41.41 -117.61 -0.26
CA ALA E 2699 42.19 -118.06 0.87
C ALA E 2699 43.67 -118.22 0.55
N MET E 2700 44.10 -117.78 -0.63
CA MET E 2700 45.51 -117.91 -1.00
C MET E 2700 46.44 -117.16 -0.05
N PRO E 2701 46.18 -115.89 0.29
CA PRO E 2701 47.05 -115.22 1.27
C PRO E 2701 47.05 -115.88 2.63
N CYS E 2702 45.91 -116.43 3.07
CA CYS E 2702 45.86 -117.14 4.35
C CYS E 2702 46.62 -118.46 4.29
N LEU E 2703 46.48 -119.19 3.19
CA LEU E 2703 47.21 -120.45 3.03
C LEU E 2703 48.71 -120.22 2.97
N CYS E 2704 49.14 -119.18 2.26
CA CYS E 2704 50.57 -118.88 2.16
C CYS E 2704 51.14 -118.50 3.52
N ALA E 2705 50.41 -117.71 4.30
CA ALA E 2705 50.87 -117.29 5.62
C ALA E 2705 50.40 -118.26 6.69
N GLU E 2749 37.01 -151.32 45.03
CA GLU E 2749 38.19 -151.98 45.59
C GLU E 2749 39.22 -150.96 46.06
N LYS E 2750 40.50 -151.25 45.79
CA LYS E 2750 41.57 -150.33 46.15
C LYS E 2750 41.44 -149.01 45.39
N LEU E 2751 41.10 -149.09 44.10
CA LEU E 2751 40.90 -147.87 43.32
C LEU E 2751 39.74 -147.05 43.86
N ASP E 2752 38.66 -147.71 44.27
CA ASP E 2752 37.52 -146.99 44.87
C ASP E 2752 37.93 -146.33 46.17
N SER E 2753 38.72 -147.02 47.00
CA SER E 2753 39.19 -146.41 48.25
C SER E 2753 40.08 -145.20 47.97
N PHE E 2754 40.96 -145.30 46.97
CA PHE E 2754 41.80 -144.17 46.60
C PHE E 2754 40.96 -143.00 46.10
N ILE E 2755 39.92 -143.29 45.32
CA ILE E 2755 39.03 -142.23 44.83
C ILE E 2755 38.31 -141.57 46.00
N ASN E 2756 37.86 -142.37 46.97
CA ASN E 2756 37.20 -141.80 48.15
C ASN E 2756 38.15 -140.93 48.96
N LYS E 2757 39.41 -141.37 49.09
CA LYS E 2757 40.41 -140.57 49.80
C LYS E 2757 40.67 -139.26 49.06
N PHE E 2758 40.74 -139.31 47.73
CA PHE E 2758 40.94 -138.09 46.95
C PHE E 2758 39.75 -137.14 47.10
N ALA E 2759 38.54 -137.70 47.12
CA ALA E 2759 37.35 -136.87 47.33
C ALA E 2759 37.37 -136.23 48.72
N GLU E 2760 37.80 -136.98 49.73
CA GLU E 2760 37.92 -136.43 51.07
C GLU E 2760 38.96 -135.31 51.12
N TYR E 2761 40.08 -135.50 50.42
CA TYR E 2761 41.09 -134.45 50.36
C TYR E 2761 40.56 -133.20 49.66
N THR E 2762 39.81 -133.39 48.58
CA THR E 2762 39.22 -132.25 47.88
C THR E 2762 38.21 -131.53 48.77
N HIS E 2763 37.40 -132.28 49.52
CA HIS E 2763 36.46 -131.66 50.45
C HIS E 2763 37.20 -130.90 51.55
N GLU E 2764 38.32 -131.45 52.03
CA GLU E 2764 39.11 -130.75 53.03
C GLU E 2764 39.70 -129.46 52.46
N LYS E 2765 40.17 -129.50 51.22
CA LYS E 2765 40.68 -128.27 50.59
C LYS E 2765 39.57 -127.24 50.43
N TRP E 2766 38.38 -127.68 50.04
CA TRP E 2766 37.25 -126.75 49.92
C TRP E 2766 36.89 -126.15 51.27
N ALA E 2767 36.91 -126.97 52.34
CA ALA E 2767 36.62 -126.47 53.67
C ALA E 2767 37.68 -125.47 54.13
N PHE E 2768 38.95 -125.74 53.82
CA PHE E 2768 40.00 -124.79 54.16
C PHE E 2768 39.83 -123.47 53.41
N ASP E 2769 39.48 -123.53 52.13
CA ASP E 2769 39.23 -122.33 51.36
C ASP E 2769 38.04 -121.55 51.92
N LYS E 2770 37.00 -122.26 52.32
CA LYS E 2770 35.83 -121.61 52.94
C LYS E 2770 36.20 -120.96 54.26
N ILE E 2771 37.04 -121.61 55.06
CA ILE E 2771 37.51 -121.03 56.31
C ILE E 2771 38.32 -119.77 56.03
N GLN E 2772 39.11 -119.79 54.96
CA GLN E 2772 39.82 -118.57 54.54
C GLN E 2772 38.83 -117.49 54.12
N ASN E 2773 37.64 -117.88 53.65
CA ASN E 2773 36.59 -116.93 53.29
C ASN E 2773 35.53 -116.80 54.38
N ASN E 2774 35.81 -117.29 55.59
CA ASN E 2774 34.98 -117.24 56.79
C ASN E 2774 33.78 -118.18 56.73
N TRP E 2775 33.63 -118.96 55.66
CA TRP E 2775 32.54 -119.93 55.59
C TRP E 2775 32.90 -121.18 56.37
N SER E 2776 31.91 -121.74 57.07
CA SER E 2776 32.11 -122.90 57.92
C SER E 2776 30.98 -123.90 57.72
N TYR E 2777 31.26 -125.16 58.04
CA TYR E 2777 30.27 -126.21 57.89
C TYR E 2777 29.16 -126.05 58.93
N GLY E 2778 27.97 -126.52 58.56
CA GLY E 2778 26.84 -126.44 59.45
C GLY E 2778 25.70 -127.30 58.95
N GLU E 2779 24.75 -127.57 59.85
CA GLU E 2779 23.58 -128.36 59.48
C GLU E 2779 22.74 -127.63 58.44
N ASN E 2780 22.56 -126.32 58.59
CA ASN E 2780 21.81 -125.51 57.65
C ASN E 2780 22.71 -124.42 57.09
N VAL E 2781 22.59 -124.17 55.79
CA VAL E 2781 23.40 -123.17 55.10
C VAL E 2781 22.56 -121.91 54.94
N ASP E 2782 23.07 -120.79 55.46
CA ASP E 2782 22.40 -119.50 55.38
C ASP E 2782 23.36 -118.48 54.80
N GLU E 2783 22.89 -117.70 53.82
CA GLU E 2783 23.72 -116.68 53.22
C GLU E 2783 24.11 -115.60 54.23
N GLU E 2784 23.16 -115.19 55.08
CA GLU E 2784 23.46 -114.19 56.10
C GLU E 2784 24.46 -114.73 57.12
N LEU E 2785 24.30 -115.99 57.52
CA LEU E 2785 25.23 -116.60 58.47
C LEU E 2785 26.58 -116.90 57.86
N LYS E 2786 26.69 -116.85 56.52
CA LYS E 2786 27.94 -117.13 55.82
C LYS E 2786 28.49 -118.50 56.16
N THR E 2787 27.59 -119.49 56.26
CA THR E 2787 27.96 -120.87 56.54
C THR E 2787 27.55 -121.74 55.36
N HIS E 2788 28.49 -122.55 54.88
CA HIS E 2788 28.24 -123.42 53.74
C HIS E 2788 28.09 -124.86 54.22
N PRO E 2789 26.88 -125.43 54.21
CA PRO E 2789 26.75 -126.84 54.60
C PRO E 2789 27.52 -127.79 53.69
N MET E 2790 27.67 -127.46 52.41
CA MET E 2790 28.37 -128.34 51.49
C MET E 2790 29.83 -128.52 51.89
N LEU E 2791 30.49 -127.43 52.30
CA LEU E 2791 31.89 -127.48 52.71
C LEU E 2791 31.98 -128.08 54.12
N ARG E 2792 31.76 -129.38 54.19
CA ARG E 2792 31.75 -130.13 55.42
C ARG E 2792 32.55 -131.42 55.24
N PRO E 2793 32.97 -132.04 56.34
CA PRO E 2793 33.70 -133.31 56.23
C PRO E 2793 32.83 -134.40 55.62
N TYR E 2794 33.49 -135.35 54.95
CA TYR E 2794 32.76 -136.41 54.27
C TYR E 2794 31.94 -137.24 55.24
N LYS E 2795 32.52 -137.57 56.40
CA LYS E 2795 31.76 -138.31 57.41
C LYS E 2795 30.60 -137.47 57.95
N THR E 2796 30.85 -136.18 58.19
CA THR E 2796 29.79 -135.30 58.67
C THR E 2796 28.71 -135.11 57.61
N PHE E 2797 29.11 -134.96 56.34
CA PHE E 2797 28.16 -134.77 55.27
C PHE E 2797 27.46 -136.08 54.93
N SER E 2798 26.46 -136.00 54.06
CA SER E 2798 25.72 -137.18 53.64
C SER E 2798 26.62 -138.14 52.87
N GLU E 2799 26.37 -139.44 53.05
CA GLU E 2799 27.16 -140.45 52.35
C GLU E 2799 26.96 -140.35 50.83
N LYS E 2800 25.78 -139.93 50.39
CA LYS E 2800 25.55 -139.76 48.97
C LYS E 2800 26.44 -138.66 48.39
N ASP E 2801 26.64 -137.57 49.14
CA ASP E 2801 27.53 -136.51 48.69
C ASP E 2801 28.96 -137.01 48.58
N LYS E 2802 29.41 -137.80 49.55
CA LYS E 2802 30.76 -138.35 49.50
C LYS E 2802 30.91 -139.31 48.32
N GLU E 2803 29.90 -140.13 48.06
CA GLU E 2803 29.94 -141.02 46.91
C GLU E 2803 29.99 -140.24 45.60
N ILE E 2804 29.21 -139.17 45.50
CA ILE E 2804 29.22 -138.35 44.29
C ILE E 2804 30.58 -137.69 44.10
N TYR E 2805 31.18 -137.20 45.20
CA TYR E 2805 32.52 -136.60 45.11
C TYR E 2805 33.56 -137.62 44.68
N ARG E 2806 33.48 -138.84 45.21
CA ARG E 2806 34.40 -139.90 44.80
C ARG E 2806 34.16 -140.32 43.35
N TRP E 2807 32.93 -140.16 42.86
CA TRP E 2807 32.59 -140.51 41.49
C TRP E 2807 33.39 -139.68 40.49
N PRO E 2808 33.87 -138.49 40.87
CA PRO E 2808 34.72 -137.72 39.95
C PRO E 2808 36.05 -138.41 39.67
N ILE E 2809 36.73 -138.83 40.74
CA ILE E 2809 37.99 -139.54 40.57
C ILE E 2809 37.77 -140.89 39.89
N LYS E 2810 36.65 -141.55 40.21
CA LYS E 2810 36.33 -142.81 39.54
C LYS E 2810 36.11 -142.61 38.05
N GLU E 2811 35.41 -141.53 37.67
CA GLU E 2811 35.21 -141.23 36.26
C GLU E 2811 36.52 -140.88 35.57
N SER E 2812 37.40 -140.16 36.26
CA SER E 2812 38.72 -139.86 35.69
C SER E 2812 39.51 -141.13 35.47
N LEU E 2813 39.48 -142.06 36.42
CA LEU E 2813 40.17 -143.33 36.26
C LEU E 2813 39.57 -144.15 35.13
N LYS E 2814 38.23 -144.14 34.99
CA LYS E 2814 37.59 -144.85 33.90
C LYS E 2814 37.98 -144.25 32.54
N ALA E 2815 38.04 -142.92 32.46
CA ALA E 2815 38.48 -142.28 31.23
C ALA E 2815 39.93 -142.62 30.90
N MET E 2816 40.80 -142.66 31.92
CA MET E 2816 42.18 -143.06 31.71
C MET E 2816 42.26 -144.51 31.22
N ILE E 2817 41.44 -145.39 31.79
CA ILE E 2817 41.43 -146.78 31.36
C ILE E 2817 40.94 -146.90 29.92
N ALA E 2818 39.98 -146.04 29.55
CA ALA E 2818 39.51 -146.03 28.16
C ALA E 2818 40.63 -145.63 27.21
N TRP E 2819 41.54 -144.76 27.66
CA TRP E 2819 42.70 -144.38 26.88
C TRP E 2819 43.88 -145.33 27.09
N GLU E 2820 43.62 -146.56 27.54
CA GLU E 2820 44.59 -147.62 27.78
C GLU E 2820 45.58 -147.28 28.90
N TRP E 2821 45.31 -146.26 29.71
CA TRP E 2821 46.19 -145.91 30.82
C TRP E 2821 45.64 -146.51 32.11
N THR E 2822 46.46 -147.31 32.77
CA THR E 2822 46.07 -147.98 34.01
C THR E 2822 46.97 -147.49 35.15
N ILE E 2823 46.35 -147.10 36.26
CA ILE E 2823 47.07 -146.63 37.44
C ILE E 2823 46.81 -147.62 38.57
N GLU E 2824 47.88 -148.19 39.11
CA GLU E 2824 47.80 -149.14 40.20
C GLU E 2824 48.72 -148.70 41.33
N LYS E 2825 48.24 -148.84 42.56
CA LYS E 2825 49.03 -148.44 43.72
C LYS E 2825 50.29 -149.28 43.83
N ALA E 2826 51.41 -148.62 44.10
CA ALA E 2826 52.69 -149.31 44.20
C ALA E 2826 52.72 -150.18 45.46
N ARG E 2827 53.04 -151.45 45.28
CA ARG E 2827 53.12 -152.38 46.40
C ARG E 2827 54.34 -152.07 47.26
N GLU E 2828 54.20 -152.31 48.56
CA GLU E 2828 55.29 -152.09 49.52
C GLU E 2828 56.21 -153.32 49.52
N GLY E 2829 56.91 -153.49 48.40
CA GLY E 2829 57.82 -154.61 48.25
C GLY E 2829 59.19 -154.19 47.77
N GLU E 2830 60.23 -154.66 48.46
CA GLU E 2830 61.62 -154.33 48.13
C GLU E 2830 61.85 -152.81 48.09
N GLU E 2831 61.23 -152.11 49.03
CA GLU E 2831 61.35 -150.66 49.13
C GLU E 2831 62.09 -150.30 50.42
N GLU E 2832 63.15 -149.51 50.29
CA GLU E 2832 63.93 -149.11 51.45
C GLU E 2832 63.13 -148.17 52.34
N ARG E 2833 63.25 -148.38 53.65
CA ARG E 2833 62.56 -147.53 54.61
C ARG E 2833 63.17 -146.13 54.63
N THR E 2834 62.31 -145.14 54.88
CA THR E 2834 62.73 -143.75 54.93
C THR E 2834 62.14 -143.08 56.16
N GLU E 2835 62.81 -142.03 56.62
CA GLU E 2835 62.35 -141.30 57.79
C GLU E 2835 61.02 -140.60 57.50
N LYS E 2836 60.11 -140.64 58.47
CA LYS E 2836 58.79 -140.04 58.33
C LYS E 2836 58.64 -138.92 59.36
N LYS E 2837 58.14 -137.78 58.90
CA LYS E 2837 57.92 -136.65 59.80
C LYS E 2837 56.81 -136.96 60.79
N LYS E 2838 56.99 -136.50 62.03
CA LYS E 2838 56.01 -136.75 63.07
C LYS E 2838 54.72 -135.98 62.78
N THR E 2839 53.59 -136.65 62.99
CA THR E 2839 52.29 -136.05 62.76
C THR E 2839 51.27 -136.66 63.72
N ARG E 2840 50.18 -135.94 63.94
CA ARG E 2840 49.13 -136.41 64.82
C ARG E 2840 48.44 -137.63 64.23
N LYS E 2841 48.15 -138.61 65.09
CA LYS E 2841 47.49 -139.84 64.69
C LYS E 2841 46.10 -139.91 65.31
N ILE E 2842 45.09 -140.13 64.48
CA ILE E 2842 43.71 -140.22 64.94
C ILE E 2842 43.49 -141.59 65.57
N SER E 2843 42.80 -141.61 66.72
CA SER E 2843 42.52 -142.85 67.40
C SER E 2843 41.58 -143.72 66.59
N GLN E 2844 41.80 -145.04 66.63
CA GLN E 2844 40.99 -145.99 65.88
C GLN E 2844 39.71 -146.30 66.66
N THR E 2845 38.81 -145.32 66.68
CA THR E 2845 37.55 -145.45 67.38
C THR E 2845 36.48 -144.67 66.63
N ALA E 2846 35.23 -144.98 66.93
CA ALA E 2846 34.11 -144.29 66.29
C ALA E 2846 34.09 -142.82 66.69
N GLN E 2847 33.84 -141.96 65.72
CA GLN E 2847 33.81 -140.52 65.92
C GLN E 2847 32.44 -139.97 65.54
N THR E 2848 31.93 -139.06 66.37
CA THR E 2848 30.64 -138.43 66.15
C THR E 2848 30.85 -136.95 65.85
N TYR E 2849 30.26 -136.48 64.75
CA TYR E 2849 30.40 -135.09 64.36
C TYR E 2849 29.70 -134.17 65.35
N ASP E 2850 30.35 -133.06 65.68
CA ASP E 2850 29.79 -132.07 66.60
C ASP E 2850 29.36 -130.84 65.82
N PRO E 2851 28.06 -130.53 65.75
CA PRO E 2851 27.64 -129.33 65.03
C PRO E 2851 28.22 -128.04 65.59
N ARG E 2852 28.41 -127.95 66.90
CA ARG E 2852 28.98 -126.76 67.50
C ARG E 2852 30.44 -126.58 67.11
N GLU E 2853 31.20 -127.68 67.07
CA GLU E 2853 32.60 -127.60 66.72
C GLU E 2853 32.79 -127.22 65.26
N GLY E 2854 33.76 -126.35 65.00
CA GLY E 2854 34.04 -125.92 63.65
C GLY E 2854 34.85 -126.94 62.87
N TYR E 2855 35.08 -126.63 61.59
CA TYR E 2855 35.84 -127.48 60.68
C TYR E 2855 37.21 -126.88 60.45
N ASN E 2856 38.25 -127.66 60.70
CA ASN E 2856 39.65 -127.25 60.53
C ASN E 2856 40.35 -128.29 59.67
N PRO E 2857 40.13 -128.28 58.35
CA PRO E 2857 40.73 -129.29 57.49
C PRO E 2857 42.09 -128.90 56.96
N GLN E 2858 42.92 -129.92 56.76
CA GLN E 2858 44.28 -129.76 56.22
C GLN E 2858 44.45 -130.73 55.06
N PRO E 2859 43.99 -130.35 53.87
CA PRO E 2859 44.12 -131.25 52.73
C PRO E 2859 45.58 -131.47 52.38
N PRO E 2860 45.93 -132.65 51.90
CA PRO E 2860 47.32 -132.92 51.52
C PRO E 2860 47.74 -132.11 50.30
N ASP E 2861 49.03 -131.79 50.23
CA ASP E 2861 49.61 -131.07 49.11
C ASP E 2861 50.68 -131.95 48.47
N LEU E 2862 50.57 -132.13 47.15
CA LEU E 2862 51.51 -132.97 46.39
C LEU E 2862 52.34 -132.14 45.42
N SER E 2863 52.68 -130.91 45.79
CA SER E 2863 53.53 -130.08 44.94
C SER E 2863 54.92 -130.68 44.79
N GLY E 2864 55.45 -131.25 45.87
CA GLY E 2864 56.77 -131.88 45.78
C GLY E 2864 56.78 -133.09 44.87
N VAL E 2865 55.71 -133.88 44.91
CA VAL E 2865 55.62 -135.05 44.04
C VAL E 2865 55.45 -134.62 42.60
N THR E 2866 56.21 -135.24 41.70
CA THR E 2866 56.21 -134.91 40.28
C THR E 2866 55.70 -136.10 39.48
N LEU E 2867 54.74 -135.84 38.59
CA LEU E 2867 54.20 -136.87 37.73
C LEU E 2867 55.11 -137.08 36.52
N SER E 2868 54.96 -138.24 35.89
CA SER E 2868 55.77 -138.57 34.72
C SER E 2868 55.39 -137.69 33.54
N ARG E 2869 56.38 -137.40 32.69
CA ARG E 2869 56.15 -136.56 31.52
C ARG E 2869 55.13 -137.20 30.57
N GLU E 2870 55.29 -138.50 30.31
CA GLU E 2870 54.29 -139.20 29.51
C GLU E 2870 52.94 -139.22 30.23
N LEU E 2871 52.96 -139.43 31.55
CA LEU E 2871 51.74 -139.32 32.33
C LEU E 2871 51.17 -137.90 32.28
N GLN E 2872 52.04 -136.88 32.25
CA GLN E 2872 51.56 -135.52 32.13
C GLN E 2872 50.86 -135.28 30.78
N ALA E 2873 51.44 -135.80 29.70
CA ALA E 2873 50.80 -135.67 28.40
C ALA E 2873 49.47 -136.42 28.35
N MET E 2874 49.43 -137.62 28.93
CA MET E 2874 48.18 -138.37 28.98
C MET E 2874 47.13 -137.62 29.81
N ALA E 2875 47.55 -136.99 30.91
CA ALA E 2875 46.64 -136.21 31.72
C ALA E 2875 46.13 -134.99 30.95
N GLU E 2876 46.99 -134.35 30.16
CA GLU E 2876 46.55 -133.24 29.34
C GLU E 2876 45.51 -133.69 28.31
N GLN E 2877 45.76 -134.84 27.67
CA GLN E 2877 44.79 -135.37 26.71
C GLN E 2877 43.46 -135.70 27.39
N LEU E 2878 43.53 -136.31 28.58
CA LEU E 2878 42.30 -136.63 29.32
C LEU E 2878 41.57 -135.36 29.75
N ALA E 2879 42.32 -134.31 30.10
CA ALA E 2879 41.68 -133.04 30.45
C ALA E 2879 41.00 -132.42 29.24
N GLU E 2880 41.62 -132.53 28.07
CA GLU E 2880 40.97 -132.07 26.85
C GLU E 2880 39.70 -132.85 26.58
N ASN E 2881 39.73 -134.17 26.78
CA ASN E 2881 38.54 -134.98 26.61
C ASN E 2881 37.45 -134.61 27.60
N TYR E 2882 37.83 -134.35 28.86
CA TYR E 2882 36.85 -133.94 29.87
C TYR E 2882 36.25 -132.57 29.54
N HIS E 2883 37.07 -131.65 29.02
CA HIS E 2883 36.55 -130.37 28.57
C HIS E 2883 35.58 -130.55 27.41
N ASN E 2884 35.89 -131.47 26.50
CA ASN E 2884 34.97 -131.76 25.41
C ASN E 2884 33.65 -132.33 25.93
N THR E 2885 33.71 -133.20 26.93
CA THR E 2885 32.49 -133.75 27.53
C THR E 2885 31.68 -132.66 28.22
N TRP E 2886 32.34 -131.76 28.94
CA TRP E 2886 31.65 -130.64 29.57
C TRP E 2886 31.01 -129.73 28.53
N GLY E 2887 31.72 -129.50 27.42
CA GLY E 2887 31.15 -128.73 26.33
C GLY E 2887 29.96 -129.41 25.69
N ARG E 2888 29.99 -130.75 25.60
CA ARG E 2888 28.84 -131.48 25.09
C ARG E 2888 27.64 -131.35 26.03
N LYS E 2889 27.88 -131.41 27.34
CA LYS E 2889 26.80 -131.20 28.30
C LYS E 2889 26.23 -129.80 28.18
N LYS E 2890 27.11 -128.79 28.05
CA LYS E 2890 26.66 -127.42 27.86
C LYS E 2890 25.89 -127.25 26.56
N LYS E 2891 26.30 -127.96 25.51
CA LYS E 2891 25.58 -127.90 24.24
C LYS E 2891 24.20 -128.54 24.36
N GLN E 2892 24.09 -129.63 25.13
CA GLN E 2892 22.78 -130.22 25.40
C GLN E 2892 21.89 -129.23 26.17
N GLU E 2893 22.46 -128.56 27.16
CA GLU E 2893 21.70 -127.56 27.90
C GLU E 2893 21.25 -126.42 26.98
N LEU E 2894 22.15 -125.98 26.09
CA LEU E 2894 21.80 -124.91 25.15
C LEU E 2894 20.70 -125.36 24.19
N GLU E 2895 20.79 -126.61 23.71
CA GLU E 2895 19.75 -127.13 22.84
C GLU E 2895 18.41 -127.20 23.57
N ALA E 2896 18.44 -127.51 24.86
CA ALA E 2896 17.24 -127.39 25.67
C ALA E 2896 16.76 -125.93 25.71
N LYS E 2897 17.70 -124.99 25.78
CA LYS E 2897 17.39 -123.57 25.78
C LYS E 2897 17.29 -122.98 24.38
N GLY E 2898 17.66 -123.72 23.34
CA GLY E 2898 17.56 -123.24 21.97
C GLY E 2898 18.83 -123.35 21.15
N GLY E 2899 19.97 -123.70 21.73
CA GLY E 2899 21.20 -123.85 20.96
C GLY E 2899 22.06 -122.62 21.00
N GLY E 2900 23.36 -122.82 20.83
CA GLY E 2900 24.31 -121.72 20.83
C GLY E 2900 25.71 -122.21 20.57
N THR E 2901 26.63 -121.26 20.43
CA THR E 2901 28.03 -121.53 20.18
C THR E 2901 28.86 -121.03 21.36
N HIS E 2902 29.75 -121.88 21.86
CA HIS E 2902 30.59 -121.54 23.01
C HIS E 2902 32.05 -121.57 22.61
N PRO E 2903 32.80 -120.49 22.81
CA PRO E 2903 34.24 -120.52 22.49
C PRO E 2903 35.03 -121.51 23.33
N LEU E 2904 34.51 -121.90 24.50
CA LEU E 2904 35.23 -122.87 25.33
C LEU E 2904 35.32 -124.22 24.63
N LEU E 2905 34.27 -124.64 23.94
CA LEU E 2905 34.24 -125.91 23.23
C LEU E 2905 35.09 -125.78 21.97
N VAL E 2906 36.41 -125.83 22.16
CA VAL E 2906 37.36 -125.68 21.08
C VAL E 2906 38.46 -126.72 21.24
N PRO E 2907 39.23 -126.97 20.16
CA PRO E 2907 40.33 -127.94 20.26
C PRO E 2907 41.38 -127.47 21.25
N TYR E 2908 42.09 -128.43 21.84
CA TYR E 2908 43.07 -128.12 22.89
C TYR E 2908 44.16 -127.19 22.38
N ASP E 2909 44.66 -127.46 21.17
CA ASP E 2909 45.64 -126.54 20.57
C ASP E 2909 45.03 -125.18 20.33
N THR E 2910 43.78 -125.13 19.85
CA THR E 2910 43.12 -123.86 19.60
C THR E 2910 42.67 -123.19 20.89
N LEU E 2911 42.40 -123.98 21.93
CA LEU E 2911 41.88 -123.44 23.18
C LEU E 2911 42.87 -122.46 23.80
N THR E 2912 42.34 -121.45 24.49
CA THR E 2912 43.17 -120.43 25.11
C THR E 2912 44.04 -121.03 26.20
N ALA E 2913 45.09 -120.29 26.55
CA ALA E 2913 46.04 -120.77 27.55
C ALA E 2913 45.39 -120.92 28.93
N LYS E 2914 44.44 -120.05 29.26
CA LYS E 2914 43.83 -120.10 30.59
C LYS E 2914 42.97 -121.34 30.76
N GLU E 2915 42.08 -121.62 29.79
CA GLU E 2915 41.21 -122.78 29.91
C GLU E 2915 41.99 -124.09 29.85
N LYS E 2916 42.97 -124.17 28.93
CA LYS E 2916 43.80 -125.36 28.85
C LYS E 2916 44.61 -125.54 30.13
N ALA E 2917 45.11 -124.45 30.70
CA ALA E 2917 45.85 -124.52 31.95
C ALA E 2917 44.97 -124.99 33.09
N ARG E 2918 43.72 -124.53 33.15
CA ARG E 2918 42.80 -124.99 34.18
C ARG E 2918 42.48 -126.47 34.03
N ASP E 2919 42.24 -126.92 32.79
CA ASP E 2919 41.97 -128.33 32.58
C ASP E 2919 43.18 -129.19 32.95
N ARG E 2920 44.38 -128.75 32.56
CA ARG E 2920 45.59 -129.47 32.93
C ARG E 2920 45.82 -129.45 34.42
N GLU E 2921 45.43 -128.37 35.10
CA GLU E 2921 45.54 -128.31 36.56
C GLU E 2921 44.61 -129.32 37.22
N LYS E 2922 43.39 -129.45 36.71
CA LYS E 2922 42.48 -130.47 37.23
C LYS E 2922 43.04 -131.87 37.00
N ALA E 2923 43.57 -132.12 35.79
CA ALA E 2923 44.15 -133.42 35.50
C ALA E 2923 45.35 -133.70 36.39
N GLN E 2924 46.19 -132.70 36.62
CA GLN E 2924 47.35 -132.87 37.49
C GLN E 2924 46.94 -133.05 38.94
N GLU E 2925 45.83 -132.43 39.36
CA GLU E 2925 45.31 -132.69 40.70
C GLU E 2925 44.86 -134.14 40.84
N LEU E 2926 44.19 -134.66 39.82
CA LEU E 2926 43.82 -136.08 39.84
C LEU E 2926 45.06 -136.98 39.87
N LEU E 2927 46.06 -136.65 39.06
CA LEU E 2927 47.28 -137.44 39.02
C LEU E 2927 48.02 -137.39 40.36
N LYS E 2928 48.06 -136.22 41.00
CA LYS E 2928 48.70 -136.09 42.30
C LYS E 2928 47.93 -136.83 43.39
N PHE E 2929 46.59 -136.84 43.30
CA PHE E 2929 45.80 -137.64 44.22
C PHE E 2929 46.12 -139.12 44.05
N LEU E 2930 46.26 -139.57 42.81
CA LEU E 2930 46.67 -140.96 42.56
C LEU E 2930 48.06 -141.22 43.12
N GLN E 2931 48.99 -140.28 42.92
CA GLN E 2931 50.37 -140.47 43.37
C GLN E 2931 50.46 -140.51 44.89
N MET E 2932 49.63 -139.72 45.58
CA MET E 2932 49.62 -139.75 47.04
C MET E 2932 49.25 -141.13 47.55
N ASN E 2933 48.29 -141.79 46.90
CA ASN E 2933 47.98 -143.17 47.21
C ASN E 2933 49.03 -144.14 46.71
N GLY E 2934 49.98 -143.68 45.92
CA GLY E 2934 51.03 -144.53 45.37
C GLY E 2934 50.75 -145.10 44.00
N TYR E 2935 49.68 -144.66 43.35
CA TYR E 2935 49.34 -145.19 42.03
C TYR E 2935 50.36 -144.73 40.99
N ALA E 2936 50.76 -145.66 40.13
CA ALA E 2936 51.66 -145.38 39.02
C ALA E 2936 50.92 -145.64 37.71
N VAL E 2937 50.94 -144.65 36.81
CA VAL E 2937 50.21 -144.72 35.56
C VAL E 2937 51.08 -145.41 34.52
N THR E 2938 50.58 -146.50 33.95
CA THR E 2938 51.26 -147.25 32.90
C THR E 2938 50.34 -147.39 31.71
N ARG E 2939 50.86 -147.09 30.52
CA ARG E 2939 50.07 -147.18 29.30
C ARG E 2939 50.90 -147.77 28.16
N PHE E 2955 58.35 -127.69 12.89
CA PHE E 2955 57.54 -126.59 12.37
C PHE E 2955 57.74 -126.43 10.86
N ALA E 2956 58.79 -125.72 10.49
CA ALA E 2956 59.08 -125.51 9.07
C ALA E 2956 59.49 -126.80 8.39
N PHE E 2957 60.18 -127.70 9.10
CA PHE E 2957 60.61 -128.96 8.51
C PHE E 2957 59.42 -129.81 8.10
N GLY E 2958 58.39 -129.87 8.95
CA GLY E 2958 57.21 -130.65 8.61
C GLY E 2958 56.48 -130.10 7.40
N PHE E 2959 56.35 -128.77 7.32
CA PHE E 2959 55.70 -128.16 6.16
C PHE E 2959 56.51 -128.41 4.90
N LEU E 2960 57.84 -128.31 4.98
CA LEU E 2960 58.68 -128.59 3.82
C LEU E 2960 58.55 -130.04 3.37
N GLN E 2961 58.52 -130.97 4.33
CA GLN E 2961 58.36 -132.37 3.99
C GLN E 2961 57.00 -132.63 3.34
N GLN E 2962 55.94 -132.01 3.87
CA GLN E 2962 54.62 -132.17 3.27
C GLN E 2962 54.58 -131.61 1.85
N LEU E 2963 55.20 -130.45 1.64
CA LEU E 2963 55.25 -129.87 0.31
C LEU E 2963 56.03 -130.74 -0.66
N LEU E 2964 57.15 -131.30 -0.20
CA LEU E 2964 57.93 -132.20 -1.06
C LEU E 2964 57.15 -133.46 -1.40
N ARG E 2965 56.43 -134.02 -0.42
CA ARG E 2965 55.61 -135.20 -0.69
C ARG E 2965 54.49 -134.88 -1.69
N TRP E 2966 53.85 -133.73 -1.54
CA TRP E 2966 52.81 -133.33 -2.47
C TRP E 2966 53.37 -133.15 -3.88
N MET E 2967 54.54 -132.51 -3.99
CA MET E 2967 55.16 -132.33 -5.30
C MET E 2967 55.52 -133.67 -5.93
N ASP E 2968 56.05 -134.60 -5.13
CA ASP E 2968 56.38 -135.92 -5.65
C ASP E 2968 55.14 -136.66 -6.12
N ILE E 2969 54.05 -136.57 -5.34
CA ILE E 2969 52.80 -137.21 -5.74
C ILE E 2969 52.27 -136.61 -7.03
N SER E 2970 52.32 -135.29 -7.16
CA SER E 2970 51.86 -134.64 -8.38
C SER E 2970 52.71 -135.05 -9.57
N GLN E 2971 54.03 -135.13 -9.40
CA GLN E 2971 54.91 -135.55 -10.48
C GLN E 2971 54.63 -137.00 -10.88
N GLU E 2972 54.41 -137.88 -9.90
CA GLU E 2972 54.10 -139.27 -10.21
C GLU E 2972 52.77 -139.40 -10.95
N PHE E 2973 51.77 -138.61 -10.53
CA PHE E 2973 50.47 -138.66 -11.20
C PHE E 2973 50.57 -138.19 -12.64
N ILE E 2974 51.34 -137.13 -12.89
CA ILE E 2974 51.50 -136.59 -14.23
C ILE E 2974 52.92 -136.07 -14.42
N GLU E 2994 41.30 -135.34 -8.06
CA GLU E 2994 42.37 -135.27 -7.07
C GLU E 2994 43.60 -134.57 -7.64
N ILE E 2995 43.94 -134.90 -8.90
CA ILE E 2995 45.08 -134.27 -9.55
C ILE E 2995 44.84 -132.78 -9.75
N LYS E 2996 43.64 -132.42 -10.20
CA LYS E 2996 43.32 -131.00 -10.40
C LYS E 2996 43.35 -130.24 -9.08
N PHE E 2997 42.79 -130.83 -8.02
CA PHE E 2997 42.81 -130.18 -6.71
C PHE E 2997 44.24 -130.02 -6.20
N PHE E 2998 45.06 -131.06 -6.39
CA PHE E 2998 46.46 -130.97 -5.96
C PHE E 2998 47.19 -129.89 -6.71
N ALA E 2999 46.97 -129.79 -8.02
CA ALA E 2999 47.63 -128.76 -8.82
C ALA E 2999 47.14 -127.36 -8.43
N LYS E 3000 45.86 -127.22 -8.09
CA LYS E 3000 45.31 -125.92 -7.74
C LYS E 3000 45.61 -125.50 -6.30
N ILE E 3001 46.00 -126.43 -5.44
CA ILE E 3001 46.24 -126.10 -4.03
C ILE E 3001 47.72 -126.19 -3.71
N LEU E 3002 48.30 -127.38 -3.83
CA LEU E 3002 49.69 -127.60 -3.41
C LEU E 3002 50.67 -126.87 -4.32
N LEU E 3003 50.47 -126.97 -5.64
CA LEU E 3003 51.39 -126.33 -6.58
C LEU E 3003 51.39 -124.82 -6.44
N PRO E 3004 50.25 -124.14 -6.35
CA PRO E 3004 50.30 -122.68 -6.12
C PRO E 3004 50.99 -122.30 -4.82
N LEU E 3005 50.79 -123.10 -3.76
CA LEU E 3005 51.46 -122.82 -2.49
C LEU E 3005 52.97 -122.99 -2.64
N ILE E 3006 53.41 -124.03 -3.35
CA ILE E 3006 54.83 -124.23 -3.56
C ILE E 3006 55.42 -123.10 -4.38
N ASN E 3007 54.70 -122.65 -5.40
CA ASN E 3007 55.18 -121.52 -6.21
C ASN E 3007 55.29 -120.25 -5.38
N GLN E 3008 54.29 -120.00 -4.53
CA GLN E 3008 54.34 -118.82 -3.67
C GLN E 3008 55.50 -118.89 -2.68
N TYR E 3009 55.74 -120.08 -2.11
CA TYR E 3009 56.86 -120.24 -1.19
C TYR E 3009 58.19 -120.04 -1.90
N PHE E 3010 58.32 -120.56 -3.12
CA PHE E 3010 59.55 -120.37 -3.88
C PHE E 3010 59.76 -118.90 -4.23
N THR E 3011 58.70 -118.20 -4.60
CA THR E 3011 58.81 -116.78 -4.91
C THR E 3011 59.20 -115.98 -3.68
N ASN E 3012 58.62 -116.31 -2.52
CA ASN E 3012 58.96 -115.61 -1.28
C ASN E 3012 60.41 -115.88 -0.89
N HIS E 3013 60.86 -117.11 -1.04
CA HIS E 3013 62.23 -117.48 -0.70
C HIS E 3013 62.71 -118.66 -1.54
N GLU E 3035 66.07 -127.82 2.91
CA GLU E 3035 66.98 -126.69 2.76
C GLU E 3035 67.35 -126.47 1.30
N LYS E 3036 68.63 -126.19 1.04
CA LYS E 3036 69.09 -125.98 -0.32
C LYS E 3036 68.96 -127.25 -1.15
N GLU E 3037 69.27 -128.41 -0.56
CA GLU E 3037 69.17 -129.66 -1.28
C GLU E 3037 67.72 -129.96 -1.69
N MET E 3038 66.77 -129.69 -0.79
CA MET E 3038 65.37 -129.92 -1.11
C MET E 3038 64.91 -128.99 -2.24
N ILE E 3039 65.34 -127.73 -2.20
CA ILE E 3039 64.97 -126.78 -3.26
C ILE E 3039 65.56 -127.22 -4.59
N THR E 3040 66.82 -127.66 -4.58
CA THR E 3040 67.45 -128.14 -5.82
C THR E 3040 66.73 -129.37 -6.37
N SER E 3041 66.35 -130.30 -5.49
CA SER E 3041 65.62 -131.48 -5.92
C SER E 3041 64.26 -131.12 -6.50
N LEU E 3042 63.56 -130.18 -5.87
CA LEU E 3042 62.27 -129.74 -6.39
C LEU E 3042 62.42 -129.07 -7.75
N PHE E 3043 63.45 -128.24 -7.90
CA PHE E 3043 63.70 -127.59 -9.19
C PHE E 3043 64.03 -128.62 -10.27
N CYS E 3044 64.84 -129.62 -9.94
CA CYS E 3044 65.16 -130.66 -10.90
C CYS E 3044 63.92 -131.46 -11.29
N LYS E 3045 63.06 -131.78 -10.31
CA LYS E 3045 61.83 -132.50 -10.61
C LYS E 3045 60.91 -131.67 -11.50
N LEU E 3046 60.81 -130.37 -11.23
CA LEU E 3046 59.98 -129.50 -12.07
C LEU E 3046 60.54 -129.41 -13.48
N ALA E 3047 61.86 -129.31 -13.62
CA ALA E 3047 62.47 -129.26 -14.95
C ALA E 3047 62.24 -130.55 -15.71
N ALA E 3048 62.37 -131.69 -15.03
CA ALA E 3048 62.15 -132.98 -15.68
C ALA E 3048 60.71 -133.13 -16.16
N LEU E 3049 59.76 -132.70 -15.33
CA LEU E 3049 58.34 -132.79 -15.69
C LEU E 3049 57.96 -131.72 -16.70
N ALA E 3063 53.37 -117.53 -11.79
CA ALA E 3063 52.96 -118.63 -12.66
C ALA E 3063 54.04 -119.71 -12.72
N VAL E 3064 53.95 -120.59 -13.73
CA VAL E 3064 54.94 -121.65 -13.87
C VAL E 3064 56.31 -121.07 -14.17
N VAL E 3065 56.38 -120.09 -15.06
CA VAL E 3065 57.66 -119.46 -15.39
C VAL E 3065 58.24 -118.75 -14.18
N ASN E 3066 57.40 -118.02 -13.44
CA ASN E 3066 57.88 -117.33 -12.24
C ASN E 3066 58.35 -118.32 -11.19
N CYS E 3067 57.62 -119.42 -11.01
CA CYS E 3067 58.04 -120.44 -10.05
C CYS E 3067 59.37 -121.07 -10.45
N LEU E 3068 59.54 -121.36 -11.75
CA LEU E 3068 60.81 -121.92 -12.21
C LEU E 3068 61.95 -120.94 -12.01
N HIS E 3069 61.72 -119.66 -12.29
CA HIS E 3069 62.76 -118.66 -12.09
C HIS E 3069 63.12 -118.53 -10.62
N ILE E 3070 62.13 -118.56 -9.73
CA ILE E 3070 62.39 -118.48 -8.30
C ILE E 3070 63.18 -119.70 -7.83
N LEU E 3071 62.81 -120.90 -8.30
CA LEU E 3071 63.52 -122.11 -7.90
C LEU E 3071 64.96 -122.09 -8.42
N ALA E 3072 65.17 -121.63 -9.65
CA ALA E 3072 66.52 -121.56 -10.19
C ALA E 3072 67.37 -120.53 -9.46
N ARG E 3073 66.77 -119.41 -9.07
CA ARG E 3073 67.50 -118.36 -8.35
C ARG E 3073 67.87 -118.81 -6.94
N GLU E 3086 78.68 -133.67 -6.11
CA GLU E 3086 77.53 -133.69 -5.22
C GLU E 3086 76.25 -133.31 -5.96
N ILE E 3087 75.24 -132.86 -5.22
CA ILE E 3087 73.99 -132.45 -5.83
C ILE E 3087 74.19 -131.20 -6.69
N VAL E 3088 75.01 -130.26 -6.22
CA VAL E 3088 75.27 -129.05 -6.99
C VAL E 3088 75.99 -129.38 -8.29
N LYS E 3089 76.98 -130.29 -8.22
CA LYS E 3089 77.69 -130.69 -9.44
C LYS E 3089 76.76 -131.38 -10.42
N ALA E 3090 75.88 -132.25 -9.92
CA ALA E 3090 74.92 -132.93 -10.80
C ALA E 3090 73.97 -131.93 -11.45
N GLY E 3091 73.50 -130.95 -10.68
CA GLY E 3091 72.64 -129.93 -11.26
C GLY E 3091 73.34 -129.08 -12.30
N LEU E 3092 74.60 -128.72 -12.03
CA LEU E 3092 75.38 -127.97 -13.01
C LEU E 3092 75.59 -128.77 -14.29
N ARG E 3093 75.88 -130.08 -14.15
CA ARG E 3093 76.05 -130.92 -15.32
C ARG E 3093 74.75 -131.04 -16.11
N SER E 3094 73.62 -131.19 -15.42
CA SER E 3094 72.34 -131.26 -16.11
C SER E 3094 72.04 -129.95 -16.84
N PHE E 3095 72.33 -128.81 -16.20
CA PHE E 3095 72.11 -127.53 -16.86
C PHE E 3095 73.00 -127.37 -18.08
N PHE E 3096 74.26 -127.80 -17.98
CA PHE E 3096 75.16 -127.73 -19.13
C PHE E 3096 74.68 -128.62 -20.27
N GLU E 3097 74.20 -129.82 -19.94
CA GLU E 3097 73.67 -130.71 -20.98
C GLU E 3097 72.43 -130.11 -21.64
N SER E 3098 71.54 -129.50 -20.85
CA SER E 3098 70.37 -128.86 -21.42
C SER E 3098 70.75 -127.70 -22.32
N ALA E 3099 71.73 -126.90 -21.90
CA ALA E 3099 72.19 -125.78 -22.72
C ALA E 3099 72.81 -126.27 -24.03
N SER E 3100 73.60 -127.35 -23.96
CA SER E 3100 74.19 -127.91 -25.16
C SER E 3100 73.12 -128.44 -26.10
N GLU E 3101 72.10 -129.12 -25.55
CA GLU E 3101 71.01 -129.61 -26.39
C GLU E 3101 70.24 -128.47 -27.04
N ASP E 3102 70.00 -127.39 -26.29
CA ASP E 3102 69.31 -126.23 -26.86
C ASP E 3102 70.14 -125.58 -27.96
N ILE E 3103 71.46 -125.47 -27.75
CA ILE E 3103 72.32 -124.90 -28.77
C ILE E 3103 72.33 -125.76 -30.02
N GLU E 3104 72.39 -127.08 -29.85
CA GLU E 3104 72.36 -127.98 -31.00
C GLU E 3104 71.03 -127.88 -31.75
N LYS E 3105 69.92 -127.78 -31.02
CA LYS E 3105 68.61 -127.63 -31.67
C LYS E 3105 68.53 -126.31 -32.43
N MET E 3106 69.05 -125.23 -31.84
CA MET E 3106 69.02 -123.94 -32.51
C MET E 3106 69.89 -123.94 -33.77
N VAL E 3107 71.05 -124.59 -33.70
CA VAL E 3107 71.93 -124.66 -34.87
C VAL E 3107 71.27 -125.45 -35.99
N GLU E 3108 70.64 -126.57 -35.66
CA GLU E 3108 69.97 -127.40 -36.65
C GLU E 3108 68.65 -126.77 -37.10
N GLY E 3126 59.58 -132.50 -30.26
CA GLY E 3126 58.56 -131.69 -30.89
C GLY E 3126 58.25 -130.41 -30.13
N GLN E 3127 56.97 -130.05 -30.06
CA GLN E 3127 56.57 -128.85 -29.34
C GLN E 3127 56.89 -128.97 -27.85
N ASN E 3128 56.64 -130.14 -27.27
CA ASN E 3128 56.92 -130.34 -25.85
C ASN E 3128 58.42 -130.25 -25.58
N LEU E 3129 59.24 -130.82 -26.45
CA LEU E 3129 60.69 -130.74 -26.28
C LEU E 3129 61.17 -129.30 -26.40
N THR E 3130 60.63 -128.54 -27.36
CA THR E 3130 61.01 -127.15 -27.51
C THR E 3130 60.61 -126.33 -26.27
N TYR E 3131 59.41 -126.59 -25.75
CA TYR E 3131 58.97 -125.88 -24.54
C TYR E 3131 59.86 -126.22 -23.35
N THR E 3132 60.23 -127.50 -23.21
CA THR E 3132 61.11 -127.90 -22.12
C THR E 3132 62.48 -127.23 -22.26
N THR E 3133 63.02 -127.17 -23.48
CA THR E 3133 64.31 -126.51 -23.69
C THR E 3133 64.22 -125.02 -23.38
N VAL E 3134 63.13 -124.38 -23.78
CA VAL E 3134 62.95 -122.95 -23.48
C VAL E 3134 62.87 -122.73 -21.97
N ALA E 3135 62.13 -123.59 -21.27
CA ALA E 3135 62.03 -123.46 -19.82
C ALA E 3135 63.38 -123.67 -19.16
N LEU E 3136 64.16 -124.65 -19.63
CA LEU E 3136 65.48 -124.90 -19.08
C LEU E 3136 66.41 -123.72 -19.31
N LEU E 3137 66.36 -123.12 -20.50
CA LEU E 3137 67.18 -121.96 -20.78
C LEU E 3137 66.88 -120.79 -19.85
N PRO E 3138 65.62 -120.42 -19.61
CA PRO E 3138 65.35 -119.39 -18.60
C PRO E 3138 65.81 -119.79 -17.21
N VAL E 3139 65.70 -121.07 -16.86
CA VAL E 3139 66.18 -121.54 -15.56
C VAL E 3139 67.69 -121.39 -15.47
N LEU E 3140 68.41 -121.73 -16.54
CA LEU E 3140 69.86 -121.57 -16.56
C LEU E 3140 70.24 -120.10 -16.44
N THR E 3141 69.51 -119.21 -17.14
CA THR E 3141 69.79 -117.78 -17.05
C THR E 3141 69.56 -117.27 -15.64
N THR E 3142 68.46 -117.69 -15.01
CA THR E 3142 68.18 -117.28 -13.63
C THR E 3142 69.25 -117.78 -12.67
N LEU E 3143 69.70 -119.02 -12.86
CA LEU E 3143 70.75 -119.57 -12.00
C LEU E 3143 72.06 -118.80 -12.18
N PHE E 3144 72.40 -118.46 -13.43
CA PHE E 3144 73.61 -117.69 -13.67
C PHE E 3144 73.51 -116.29 -13.05
N GLN E 3145 72.33 -115.66 -13.15
CA GLN E 3145 72.15 -114.35 -12.55
C GLN E 3145 72.26 -114.43 -11.02
N HIS E 3146 71.69 -115.48 -10.42
CA HIS E 3146 71.80 -115.64 -8.97
C HIS E 3146 73.24 -115.88 -8.55
N ILE E 3147 73.98 -116.68 -9.32
CA ILE E 3147 75.38 -116.94 -9.00
C ILE E 3147 76.20 -115.66 -9.10
N ALA E 3148 75.96 -114.86 -10.15
CA ALA E 3148 76.67 -113.60 -10.31
C ALA E 3148 76.35 -112.64 -9.18
N GLN E 3149 75.08 -112.57 -8.78
CA GLN E 3149 74.66 -111.68 -7.70
C GLN E 3149 75.06 -112.25 -6.34
N ASP E 3160 86.21 -124.99 -12.53
CA ASP E 3160 85.49 -126.21 -12.19
C ASP E 3160 84.50 -126.58 -13.29
N VAL E 3161 83.45 -127.31 -12.91
CA VAL E 3161 82.44 -127.71 -13.88
C VAL E 3161 81.67 -126.50 -14.39
N GLN E 3162 81.38 -125.55 -13.51
CA GLN E 3162 80.66 -124.35 -13.92
C GLN E 3162 81.46 -123.53 -14.93
N VAL E 3163 82.78 -123.41 -14.70
CA VAL E 3163 83.62 -122.66 -15.61
C VAL E 3163 83.66 -123.33 -16.99
N SER E 3164 83.78 -124.66 -17.00
CA SER E 3164 83.79 -125.38 -18.27
C SER E 3164 82.46 -125.23 -19.00
N CYS E 3165 81.34 -125.30 -18.26
CA CYS E 3165 80.03 -125.12 -18.88
C CYS E 3165 79.88 -123.72 -19.46
N TYR E 3166 80.34 -122.70 -18.72
CA TYR E 3166 80.27 -121.34 -19.22
C TYR E 3166 81.13 -121.16 -20.47
N ARG E 3167 82.33 -121.75 -20.48
CA ARG E 3167 83.18 -121.67 -21.66
C ARG E 3167 82.54 -122.36 -22.86
N THR E 3168 81.93 -123.52 -22.64
CA THR E 3168 81.25 -124.22 -23.72
C THR E 3168 80.07 -123.41 -24.26
N LEU E 3169 79.31 -122.80 -23.36
CA LEU E 3169 78.19 -121.97 -23.80
C LEU E 3169 78.67 -120.76 -24.58
N CYS E 3170 79.75 -120.12 -24.14
CA CYS E 3170 80.29 -118.99 -24.86
C CYS E 3170 80.80 -119.41 -26.24
N SER E 3171 81.45 -120.56 -26.33
CA SER E 3171 81.92 -121.05 -27.62
C SER E 3171 80.75 -121.36 -28.55
N ILE E 3172 79.68 -121.96 -28.02
CA ILE E 3172 78.51 -122.26 -28.84
C ILE E 3172 77.87 -120.98 -29.33
N TYR E 3173 77.75 -119.97 -28.45
CA TYR E 3173 77.17 -118.69 -28.85
C TYR E 3173 78.01 -118.01 -29.93
N SER E 3174 79.34 -118.06 -29.78
CA SER E 3174 80.22 -117.48 -30.79
C SER E 3174 80.10 -118.20 -32.13
N LEU E 3175 80.01 -119.53 -32.09
CA LEU E 3175 79.85 -120.29 -33.32
C LEU E 3175 78.51 -119.98 -34.00
N GLY E 3176 77.45 -119.86 -33.21
CA GLY E 3176 76.13 -119.57 -33.74
C GLY E 3176 75.86 -118.11 -34.03
N THR E 3177 76.79 -117.21 -33.70
CA THR E 3177 76.60 -115.79 -33.95
C THR E 3177 76.77 -115.46 -35.43
N PRO E 3188 73.69 -108.96 -31.14
CA PRO E 3188 72.98 -110.18 -31.54
C PRO E 3188 72.03 -110.69 -30.47
N ALA E 3189 70.83 -111.11 -30.88
CA ALA E 3189 69.87 -111.62 -29.91
C ALA E 3189 70.36 -112.92 -29.27
N LEU E 3190 70.97 -113.80 -30.06
CA LEU E 3190 71.48 -115.05 -29.52
C LEU E 3190 72.58 -114.80 -28.50
N GLY E 3191 73.50 -113.88 -28.81
CA GLY E 3191 74.56 -113.55 -27.86
C GLY E 3191 74.04 -112.95 -26.58
N GLU E 3192 73.05 -112.05 -26.68
CA GLU E 3192 72.45 -111.46 -25.49
C GLU E 3192 71.74 -112.52 -24.65
N CYS E 3193 71.04 -113.44 -25.30
CA CYS E 3193 70.36 -114.51 -24.56
C CYS E 3193 71.37 -115.42 -23.87
N LEU E 3194 72.47 -115.75 -24.56
CA LEU E 3194 73.50 -116.59 -23.95
C LEU E 3194 74.16 -115.89 -22.78
N ALA E 3195 74.44 -114.60 -22.90
CA ALA E 3195 75.07 -113.86 -21.81
C ALA E 3195 74.16 -113.81 -20.58
N ARG E 3196 72.87 -113.59 -20.79
CA ARG E 3196 71.92 -113.53 -19.68
C ARG E 3196 71.65 -114.92 -19.11
N LEU E 3274 81.21 -105.64 -31.29
CA LEU E 3274 79.76 -105.58 -31.13
C LEU E 3274 79.30 -106.48 -29.99
N PRO E 3275 78.43 -107.44 -30.31
CA PRO E 3275 77.96 -108.37 -29.27
C PRO E 3275 79.08 -109.17 -28.62
N MET E 3276 80.11 -109.53 -29.38
CA MET E 3276 81.23 -110.29 -28.81
C MET E 3276 81.96 -109.48 -27.76
N LEU E 3277 82.19 -108.19 -28.02
CA LEU E 3277 82.86 -107.35 -27.04
C LEU E 3277 82.02 -107.20 -25.77
N CYS E 3278 80.71 -107.03 -25.93
CA CYS E 3278 79.83 -106.92 -24.76
C CYS E 3278 79.83 -108.21 -23.95
N SER E 3279 79.80 -109.36 -24.64
CA SER E 3279 79.84 -110.64 -23.93
C SER E 3279 81.17 -110.82 -23.20
N TYR E 3280 82.28 -110.42 -23.83
CA TYR E 3280 83.58 -110.54 -23.18
C TYR E 3280 83.67 -109.63 -21.97
N LEU E 3281 83.15 -108.40 -22.07
CA LEU E 3281 83.17 -107.48 -20.93
C LEU E 3281 82.40 -108.02 -19.74
N PRO E 3282 81.17 -108.55 -19.90
CA PRO E 3282 80.47 -109.09 -18.73
C PRO E 3282 81.20 -110.25 -18.06
N ARG E 3283 81.92 -111.07 -18.84
CA ARG E 3283 82.65 -112.18 -18.25
C ARG E 3283 83.76 -111.69 -17.33
N TRP E 3284 84.49 -110.63 -17.75
CA TRP E 3284 85.55 -110.08 -16.91
C TRP E 3284 85.00 -109.50 -15.62
N TRP E 3285 83.87 -108.80 -15.69
CA TRP E 3285 83.27 -108.20 -14.51
C TRP E 3285 82.55 -109.26 -13.67
N SER E 3309 92.96 -101.55 -16.44
CA SER E 3309 91.65 -101.54 -15.79
C SER E 3309 90.88 -100.28 -16.12
N ASP E 3310 91.31 -99.15 -15.54
CA ASP E 3310 90.66 -97.87 -15.81
C ASP E 3310 90.80 -97.48 -17.27
N HIS E 3311 91.99 -97.67 -17.84
CA HIS E 3311 92.19 -97.35 -19.25
C HIS E 3311 91.34 -98.24 -20.14
N LEU E 3312 91.25 -99.53 -19.82
CA LEU E 3312 90.41 -100.44 -20.59
C LEU E 3312 88.95 -100.05 -20.50
N ASN E 3313 88.49 -99.66 -19.31
CA ASN E 3313 87.10 -99.23 -19.15
C ASN E 3313 86.83 -97.96 -19.95
N SER E 3314 87.78 -97.01 -19.93
CA SER E 3314 87.60 -95.79 -20.70
C SER E 3314 87.57 -96.07 -22.19
N LEU E 3315 88.43 -96.97 -22.66
CA LEU E 3315 88.42 -97.34 -24.08
C LEU E 3315 87.11 -98.02 -24.46
N LEU E 3316 86.61 -98.90 -23.60
CA LEU E 3316 85.33 -99.55 -23.88
C LEU E 3316 84.19 -98.55 -23.92
N GLY E 3317 84.19 -97.59 -22.99
CA GLY E 3317 83.17 -96.55 -23.01
C GLY E 3317 83.24 -95.69 -24.26
N ASN E 3318 84.44 -95.33 -24.68
CA ASN E 3318 84.60 -94.55 -25.91
C ASN E 3318 84.13 -95.34 -27.12
N ILE E 3319 84.44 -96.64 -27.17
CA ILE E 3319 84.00 -97.48 -28.28
C ILE E 3319 82.48 -97.56 -28.31
N LEU E 3320 81.86 -97.74 -27.13
CA LEU E 3320 80.40 -97.80 -27.06
C LEU E 3320 79.77 -96.49 -27.51
N ARG E 3321 80.36 -95.35 -27.09
CA ARG E 3321 79.84 -94.06 -27.50
C ARG E 3321 79.96 -93.88 -29.01
N ILE E 3322 81.09 -94.31 -29.59
CA ILE E 3322 81.28 -94.19 -31.04
C ILE E 3322 80.27 -95.07 -31.77
N ILE E 3323 80.03 -96.28 -31.26
CA ILE E 3323 79.06 -97.17 -31.89
C ILE E 3323 77.65 -96.59 -31.82
N VAL E 3324 77.31 -96.00 -30.68
CA VAL E 3324 75.99 -95.37 -30.53
C VAL E 3324 75.85 -94.20 -31.49
N ASN E 3325 76.89 -93.38 -31.62
CA ASN E 3325 76.87 -92.26 -32.55
C ASN E 3325 76.76 -92.75 -33.99
N ASN E 3326 77.51 -93.80 -34.33
CA ASN E 3326 77.49 -94.35 -35.68
C ASN E 3326 76.23 -95.17 -35.92
N MET E 3335 68.98 -98.87 -33.37
CA MET E 3335 69.66 -97.83 -32.61
C MET E 3335 69.34 -97.93 -31.13
N LYS E 3336 68.05 -98.08 -30.82
CA LYS E 3336 67.63 -98.20 -29.43
C LYS E 3336 68.19 -99.47 -28.79
N ARG E 3337 68.17 -100.58 -29.52
CA ARG E 3337 68.71 -101.83 -28.99
C ARG E 3337 70.20 -101.73 -28.73
N LEU E 3338 70.94 -101.09 -29.65
CA LEU E 3338 72.38 -100.93 -29.44
C LEU E 3338 72.67 -100.05 -28.24
N ALA E 3339 71.90 -98.97 -28.07
CA ALA E 3339 72.09 -98.10 -26.91
C ALA E 3339 71.77 -98.83 -25.61
N VAL E 3340 70.71 -99.64 -25.62
CA VAL E 3340 70.35 -100.41 -24.43
C VAL E 3340 71.45 -101.42 -24.09
N PHE E 3341 71.99 -102.10 -25.11
CA PHE E 3341 73.06 -103.05 -24.88
C PHE E 3341 74.31 -102.36 -24.34
N ALA E 3342 74.65 -101.19 -24.89
CA ALA E 3342 75.81 -100.46 -24.42
C ALA E 3342 75.63 -99.99 -22.97
N GLN E 3343 74.42 -99.51 -22.64
CA GLN E 3343 74.15 -99.08 -21.26
C GLN E 3343 74.32 -100.20 -20.25
N PRO E 3344 73.80 -101.41 -20.48
CA PRO E 3344 73.93 -102.52 -19.54
C PRO E 3344 75.33 -103.11 -19.52
N LEU E 3354 89.15 -92.11 -17.83
CA LEU E 3354 90.57 -91.75 -17.90
C LEU E 3354 90.77 -90.30 -17.51
N HIS E 3355 91.61 -89.60 -18.30
CA HIS E 3355 91.92 -88.20 -18.04
C HIS E 3355 90.95 -87.29 -18.81
N SER E 3356 89.66 -87.54 -18.60
CA SER E 3356 88.58 -86.75 -19.20
C SER E 3356 88.69 -86.74 -20.73
N HIS E 3357 89.05 -87.88 -21.31
CA HIS E 3357 89.10 -88.02 -22.77
C HIS E 3357 87.78 -88.57 -23.30
N PHE E 3358 87.37 -89.74 -22.82
CA PHE E 3358 86.05 -90.27 -23.16
C PHE E 3358 84.96 -89.34 -22.66
N ILE E 3359 85.18 -88.71 -21.50
CA ILE E 3359 84.27 -87.66 -21.05
C ILE E 3359 84.22 -86.50 -22.02
N PRO E 3360 85.34 -85.98 -22.54
CA PRO E 3360 85.26 -84.94 -23.57
C PRO E 3360 84.55 -85.40 -24.84
N THR E 3361 84.75 -86.65 -25.25
CA THR E 3361 84.04 -87.16 -26.43
C THR E 3361 82.53 -87.20 -26.19
N ILE E 3362 82.13 -87.67 -25.00
CA ILE E 3362 80.71 -87.71 -24.66
C ILE E 3362 80.15 -86.29 -24.59
N GLY E 3363 80.95 -85.34 -24.09
CA GLY E 3363 80.50 -83.96 -24.06
C GLY E 3363 80.31 -83.37 -25.45
N ARG E 3364 81.23 -83.69 -26.37
CA ARG E 3364 81.07 -83.23 -27.75
C ARG E 3364 79.83 -83.84 -28.39
N LEU E 3365 79.60 -85.14 -28.14
CA LEU E 3365 78.39 -85.78 -28.67
C LEU E 3365 77.13 -85.15 -28.10
N ARG E 3366 77.14 -84.85 -26.80
CA ARG E 3366 75.99 -84.20 -26.17
C ARG E 3366 75.78 -82.79 -26.73
N LYS E 3367 76.87 -82.08 -27.01
CA LYS E 3367 76.75 -80.76 -27.62
C LYS E 3367 76.14 -80.84 -29.02
N ARG E 3368 76.56 -81.83 -29.81
CA ARG E 3368 75.97 -82.03 -31.13
C ARG E 3368 74.48 -82.37 -31.03
N ALA E 3369 74.13 -83.24 -30.08
CA ALA E 3369 72.72 -83.59 -29.88
C ALA E 3369 71.91 -82.37 -29.44
N GLY E 3370 72.49 -81.54 -28.57
CA GLY E 3370 71.80 -80.33 -28.15
C GLY E 3370 71.62 -79.34 -29.28
N LYS E 3371 72.62 -79.23 -30.16
CA LYS E 3371 72.49 -78.37 -31.33
C LYS E 3371 71.38 -78.88 -32.25
N VAL E 3372 71.30 -80.20 -32.44
CA VAL E 3372 70.23 -80.77 -33.26
C VAL E 3372 68.87 -80.50 -32.62
N VAL E 3373 68.78 -80.66 -31.29
CA VAL E 3373 67.51 -80.41 -30.60
C VAL E 3373 67.12 -78.95 -30.71
N ALA E 3374 68.10 -78.04 -30.60
CA ALA E 3374 67.81 -76.62 -30.74
C ALA E 3374 67.33 -76.29 -32.15
N GLU E 3375 67.94 -76.90 -33.17
CA GLU E 3375 67.47 -76.69 -34.54
C GLU E 3375 66.05 -77.20 -34.71
N GLU E 3376 65.74 -78.38 -34.15
CA GLU E 3376 64.38 -78.89 -34.22
C GLU E 3376 63.39 -77.98 -33.51
N GLU E 3377 63.77 -77.47 -32.34
CA GLU E 3377 62.90 -76.55 -31.61
C GLU E 3377 62.67 -75.26 -32.38
N GLN E 3378 63.71 -74.73 -33.02
CA GLN E 3378 63.56 -73.54 -33.83
C GLN E 3378 62.64 -73.79 -35.02
N LEU E 3379 62.78 -74.96 -35.66
CA LEU E 3379 61.90 -75.31 -36.77
C LEU E 3379 60.45 -75.42 -36.30
N ARG E 3380 60.23 -76.03 -35.13
CA ARG E 3380 58.88 -76.13 -34.59
C ARG E 3380 58.31 -74.77 -34.27
N LEU E 3381 59.13 -73.88 -33.69
CA LEU E 3381 58.66 -72.53 -33.36
C LEU E 3381 58.32 -71.75 -34.62
N GLU E 3382 59.11 -71.91 -35.67
CA GLU E 3382 58.83 -71.22 -36.93
C GLU E 3382 57.52 -71.65 -37.55
N ALA E 3383 56.99 -72.82 -37.18
CA ALA E 3383 55.71 -73.31 -37.68
C ALA E 3383 54.58 -72.66 -36.88
N LYS E 3384 54.30 -71.40 -37.19
CA LYS E 3384 53.28 -70.63 -36.50
C LYS E 3384 51.91 -70.99 -37.06
N ALA E 3385 50.90 -70.21 -36.67
CA ALA E 3385 49.54 -70.46 -37.15
C ALA E 3385 49.38 -70.18 -38.64
N GLU E 3386 50.31 -69.44 -39.24
CA GLU E 3386 50.22 -69.17 -40.68
C GLU E 3386 50.31 -70.45 -41.50
N ALA E 3387 51.20 -71.36 -41.11
CA ALA E 3387 51.38 -72.63 -41.82
C ALA E 3387 50.70 -73.73 -40.99
N GLU E 3388 49.44 -74.00 -41.34
CA GLU E 3388 48.70 -75.07 -40.64
C GLU E 3388 49.36 -76.42 -40.87
N GLU E 3389 49.78 -76.71 -42.10
CA GLU E 3389 50.48 -77.95 -42.38
C GLU E 3389 51.81 -78.01 -41.63
N GLY E 3390 52.53 -76.89 -41.60
CA GLY E 3390 53.76 -76.84 -40.83
C GLY E 3390 53.52 -77.02 -39.34
N GLU E 3391 52.44 -76.43 -38.83
CA GLU E 3391 52.10 -76.60 -37.42
C GLU E 3391 51.78 -78.07 -37.11
N LEU E 3392 51.04 -78.73 -37.99
CA LEU E 3392 50.74 -80.15 -37.78
C LEU E 3392 52.02 -80.99 -37.86
N LEU E 3393 52.91 -80.66 -38.79
CA LEU E 3393 54.17 -81.38 -38.89
C LEU E 3393 55.01 -81.21 -37.63
N VAL E 3394 55.06 -79.99 -37.09
CA VAL E 3394 55.79 -79.77 -35.85
C VAL E 3394 55.13 -80.49 -34.68
N ARG E 3395 53.80 -80.58 -34.68
CA ARG E 3395 53.11 -81.23 -33.58
C ARG E 3395 53.26 -82.75 -33.61
N ASP E 3396 53.34 -83.35 -34.80
CA ASP E 3396 53.33 -84.80 -34.92
C ASP E 3396 54.69 -85.37 -35.32
N GLU E 3397 55.25 -84.94 -36.45
CA GLU E 3397 56.50 -85.51 -36.91
C GLU E 3397 57.68 -85.04 -36.06
N PHE E 3398 57.71 -83.75 -35.72
CA PHE E 3398 58.81 -83.23 -34.91
C PHE E 3398 58.79 -83.82 -33.51
N SER E 3399 57.60 -84.04 -32.95
CA SER E 3399 57.50 -84.67 -31.64
C SER E 3399 58.06 -86.08 -31.66
N VAL E 3400 57.78 -86.84 -32.72
CA VAL E 3400 58.30 -88.19 -32.85
C VAL E 3400 59.82 -88.17 -32.95
N LEU E 3401 60.37 -87.23 -33.73
CA LEU E 3401 61.82 -87.11 -33.84
C LEU E 3401 62.45 -86.74 -32.50
N CYS E 3402 61.81 -85.83 -31.76
CA CYS E 3402 62.32 -85.45 -30.44
C CYS E 3402 62.30 -86.64 -29.48
N ARG E 3403 61.21 -87.43 -29.52
CA ARG E 3403 61.13 -88.62 -28.66
C ARG E 3403 62.21 -89.63 -29.03
N ASP E 3404 62.44 -89.84 -30.33
CA ASP E 3404 63.49 -90.76 -30.76
C ASP E 3404 64.86 -90.28 -30.31
N LEU E 3405 65.13 -88.97 -30.42
CA LEU E 3405 66.40 -88.43 -29.98
C LEU E 3405 66.57 -88.58 -28.48
N TYR E 3406 65.51 -88.33 -27.71
CA TYR E 3406 65.57 -88.48 -26.26
C TYR E 3406 65.81 -89.92 -25.85
N ALA E 3407 65.18 -90.87 -26.55
CA ALA E 3407 65.38 -92.28 -26.24
C ALA E 3407 66.83 -92.70 -26.44
N LEU E 3408 67.45 -92.24 -27.53
CA LEU E 3408 68.86 -92.56 -27.77
C LEU E 3408 69.76 -91.80 -26.80
N TYR E 3409 69.34 -90.61 -26.39
CA TYR E 3409 70.10 -89.77 -25.47
C TYR E 3409 70.22 -90.43 -24.10
N PRO E 3410 69.28 -91.31 -23.73
CA PRO E 3410 69.34 -91.91 -22.39
C PRO E 3410 70.64 -92.66 -22.11
N LEU E 3411 71.19 -93.34 -23.11
CA LEU E 3411 72.49 -93.99 -22.92
C LEU E 3411 73.60 -92.96 -22.68
N LEU E 3412 73.57 -91.87 -23.46
CA LEU E 3412 74.56 -90.81 -23.26
C LEU E 3412 74.39 -90.15 -21.90
N ILE E 3413 73.15 -89.96 -21.45
CA ILE E 3413 72.91 -89.39 -20.14
C ILE E 3413 73.45 -90.30 -19.04
N ARG E 3414 73.22 -91.61 -19.18
CA ARG E 3414 73.75 -92.56 -18.19
C ARG E 3414 75.27 -92.55 -18.18
N TYR E 3415 75.90 -92.50 -19.37
CA TYR E 3415 77.34 -92.45 -19.43
C TYR E 3415 77.89 -91.18 -18.78
N VAL E 3416 77.23 -90.03 -19.03
CA VAL E 3416 77.66 -88.78 -18.42
C VAL E 3416 77.51 -88.83 -16.91
N ASP E 3417 76.41 -89.41 -16.42
CA ASP E 3417 76.21 -89.54 -14.98
C ASP E 3417 77.28 -90.43 -14.36
N ASN E 3418 77.62 -91.54 -15.02
CA ASN E 3418 78.67 -92.41 -14.51
C ASN E 3418 80.02 -91.71 -14.50
N ASN E 3419 80.32 -90.94 -15.55
CA ASN E 3419 81.58 -90.19 -15.58
C ASN E 3419 81.63 -89.15 -14.48
N ARG E 3420 80.52 -88.45 -14.23
CA ARG E 3420 80.47 -87.47 -13.17
C ARG E 3420 80.64 -88.13 -11.80
N ALA E 3421 80.01 -89.28 -11.60
CA ALA E 3421 80.19 -90.01 -10.35
C ALA E 3421 81.63 -90.45 -10.15
N HIS E 3422 82.28 -90.90 -11.23
CA HIS E 3422 83.69 -91.30 -11.13
C HIS E 3422 84.58 -90.11 -10.81
N TRP E 3423 84.30 -88.96 -11.44
CA TRP E 3423 85.09 -87.75 -11.23
C TRP E 3423 84.60 -87.05 -9.97
N LEU E 3424 85.16 -87.44 -8.83
CA LEU E 3424 84.78 -86.87 -7.54
C LEU E 3424 85.71 -85.71 -7.19
N THR E 3425 85.29 -84.95 -6.17
CA THR E 3425 86.06 -83.81 -5.66
C THR E 3425 86.34 -82.79 -6.76
N GLU E 3426 85.36 -82.61 -7.66
CA GLU E 3426 85.43 -81.67 -8.77
C GLU E 3426 86.68 -81.91 -9.62
N PRO E 3427 87.01 -83.16 -9.93
CA PRO E 3427 88.15 -83.42 -10.81
C PRO E 3427 87.88 -82.95 -12.23
N ASN E 3428 88.96 -82.62 -12.94
CA ASN E 3428 88.89 -82.16 -14.33
C ASN E 3428 88.02 -80.89 -14.43
N ALA E 3429 88.54 -79.82 -13.82
CA ALA E 3429 87.78 -78.58 -13.69
C ALA E 3429 87.28 -78.08 -15.03
N ASN E 3430 88.12 -78.13 -16.08
CA ASN E 3430 87.68 -77.73 -17.41
C ASN E 3430 86.60 -78.68 -17.91
N ALA E 3431 86.81 -79.98 -17.76
CA ALA E 3431 85.79 -80.96 -18.16
C ALA E 3431 84.55 -80.84 -17.28
N GLU E 3432 84.72 -80.54 -16.00
CA GLU E 3432 83.56 -80.33 -15.14
C GLU E 3432 82.74 -79.14 -15.60
N GLU E 3433 83.40 -78.04 -15.97
CA GLU E 3433 82.68 -76.88 -16.49
C GLU E 3433 81.98 -77.20 -17.81
N LEU E 3434 82.65 -77.96 -18.68
CA LEU E 3434 82.01 -78.36 -19.94
C LEU E 3434 80.78 -79.22 -19.69
N PHE E 3435 80.87 -80.16 -18.75
CA PHE E 3435 79.72 -81.00 -18.41
C PHE E 3435 78.60 -80.17 -17.79
N ARG E 3436 78.95 -79.18 -16.96
CA ARG E 3436 77.94 -78.31 -16.39
C ARG E 3436 77.23 -77.49 -17.46
N MET E 3437 77.99 -76.98 -18.44
CA MET E 3437 77.38 -76.26 -19.55
C MET E 3437 76.47 -77.16 -20.37
N VAL E 3438 76.91 -78.40 -20.62
CA VAL E 3438 76.07 -79.34 -21.36
C VAL E 3438 74.79 -79.64 -20.60
N GLY E 3439 74.89 -79.82 -19.29
CA GLY E 3439 73.70 -80.07 -18.50
C GLY E 3439 72.76 -78.88 -18.46
N GLU E 3440 73.32 -77.67 -18.39
CA GLU E 3440 72.49 -76.47 -18.45
C GLU E 3440 71.77 -76.36 -19.79
N ILE E 3441 72.46 -76.67 -20.88
CA ILE E 3441 71.83 -76.66 -22.20
C ILE E 3441 70.71 -77.70 -22.26
N PHE E 3442 70.97 -78.89 -21.71
CA PHE E 3442 69.95 -79.94 -21.70
C PHE E 3442 68.73 -79.51 -20.88
N ILE E 3443 68.95 -78.87 -19.73
CA ILE E 3443 67.85 -78.39 -18.91
C ILE E 3443 67.06 -77.32 -19.64
N TYR E 3444 67.76 -76.41 -20.31
CA TYR E 3444 67.07 -75.37 -21.07
C TYR E 3444 66.24 -75.96 -22.20
N TRP E 3445 66.78 -76.98 -22.88
CA TRP E 3445 66.00 -77.67 -23.91
C TRP E 3445 64.78 -78.36 -23.32
N SER E 3446 64.95 -79.03 -22.17
CA SER E 3446 63.84 -79.71 -21.52
C SER E 3446 62.81 -78.74 -20.98
N LYS E 3447 63.17 -77.48 -20.77
CA LYS E 3447 62.19 -76.47 -20.35
C LYS E 3447 61.10 -76.30 -21.40
N SER E 3448 61.41 -76.55 -22.67
CA SER E 3448 60.40 -76.49 -23.72
C SER E 3448 59.39 -77.61 -23.53
N HIS E 3449 58.13 -77.32 -23.88
CA HIS E 3449 57.06 -78.31 -23.69
C HIS E 3449 57.28 -79.54 -24.55
N ASN E 3450 57.69 -79.36 -25.80
CA ASN E 3450 57.86 -80.50 -26.71
C ASN E 3450 58.96 -81.44 -26.23
N PHE E 3451 60.10 -80.88 -25.84
CA PHE E 3451 61.20 -81.73 -25.37
C PHE E 3451 60.85 -82.43 -24.06
N LYS E 3452 60.17 -81.72 -23.15
CA LYS E 3452 59.75 -82.34 -21.90
C LYS E 3452 58.77 -83.49 -22.15
N ARG E 3453 57.82 -83.27 -23.06
CA ARG E 3453 56.87 -84.33 -23.40
C ARG E 3453 57.57 -85.52 -24.04
N GLU E 3454 58.54 -85.25 -24.93
CA GLU E 3454 59.28 -86.34 -25.55
C GLU E 3454 60.08 -87.14 -24.51
N GLU E 3455 60.71 -86.44 -23.56
CA GLU E 3455 61.46 -87.13 -22.51
C GLU E 3455 60.54 -87.95 -21.63
N GLN E 3456 59.38 -87.40 -21.29
CA GLN E 3456 58.41 -88.16 -20.48
C GLN E 3456 57.92 -89.39 -21.21
N ASN E 3457 57.64 -89.27 -22.51
CA ASN E 3457 57.21 -90.42 -23.29
C ASN E 3457 58.30 -91.47 -23.37
N PHE E 3458 59.55 -91.04 -23.56
CA PHE E 3458 60.67 -91.99 -23.61
C PHE E 3458 60.85 -92.70 -22.28
N VAL E 3459 60.72 -91.97 -21.16
CA VAL E 3459 60.85 -92.59 -19.85
C VAL E 3459 59.72 -93.58 -19.60
N VAL E 3460 58.49 -93.21 -19.97
CA VAL E 3460 57.35 -94.10 -19.76
C VAL E 3460 57.50 -95.36 -20.62
N GLN E 3461 57.90 -95.19 -21.87
CA GLN E 3461 58.06 -96.32 -22.78
C GLN E 3461 59.33 -97.10 -22.46
N VAL E 3511 66.90 -87.42 -16.16
CA VAL E 3511 67.01 -86.64 -14.94
C VAL E 3511 68.46 -86.24 -14.68
N ALA E 3512 69.30 -86.42 -15.71
CA ALA E 3512 70.72 -86.08 -15.59
C ALA E 3512 70.97 -84.58 -15.53
N THR E 3513 69.96 -83.76 -15.86
CA THR E 3513 70.14 -82.31 -15.81
C THR E 3513 70.41 -81.84 -14.39
N LEU E 3514 69.67 -82.38 -13.42
CA LEU E 3514 69.90 -82.00 -12.02
C LEU E 3514 71.28 -82.43 -11.54
N LYS E 3515 71.71 -83.64 -11.92
CA LYS E 3515 73.03 -84.10 -11.53
C LYS E 3515 74.13 -83.23 -12.14
N LYS E 3516 73.96 -82.84 -13.40
CA LYS E 3516 74.95 -81.97 -14.04
C LYS E 3516 74.96 -80.59 -13.40
N MET E 3517 73.77 -80.06 -13.06
CA MET E 3517 73.71 -78.74 -12.43
C MET E 3517 74.28 -78.76 -11.01
N LEU E 3518 74.22 -79.92 -10.35
CA LEU E 3518 74.84 -80.03 -9.03
C LEU E 3518 76.33 -79.73 -9.06
N PRO E 3519 77.11 -80.26 -9.99
CA PRO E 3519 78.52 -79.84 -10.09
C PRO E 3519 78.67 -78.36 -10.39
N ILE E 3520 77.76 -77.77 -11.16
CA ILE E 3520 77.82 -76.33 -11.43
C ILE E 3520 77.62 -75.55 -10.15
N GLY E 3521 76.65 -75.95 -9.32
CA GLY E 3521 76.45 -75.28 -8.05
C GLY E 3521 77.62 -75.47 -7.11
N LEU E 3522 78.21 -76.67 -7.10
CA LEU E 3522 79.38 -76.93 -6.27
C LEU E 3522 80.56 -76.06 -6.70
N ASN E 3523 80.76 -75.91 -8.00
CA ASN E 3523 81.86 -75.11 -8.52
C ASN E 3523 81.47 -73.63 -8.58
N GLN E 3530 82.17 -64.87 -2.74
CA GLN E 3530 81.78 -63.74 -3.58
C GLN E 3530 80.25 -63.66 -3.71
N ASP E 3531 79.66 -62.71 -2.97
CA ASP E 3531 78.21 -62.53 -3.01
C ASP E 3531 77.72 -61.93 -4.32
N LEU E 3532 78.62 -61.36 -5.13
CA LEU E 3532 78.20 -60.77 -6.40
C LEU E 3532 77.77 -61.81 -7.42
N ILE E 3533 78.09 -63.08 -7.19
CA ILE E 3533 77.68 -64.13 -8.12
C ILE E 3533 76.16 -64.25 -8.16
N MET E 3534 75.52 -64.21 -7.00
CA MET E 3534 74.06 -64.30 -6.95
C MET E 3534 73.42 -63.10 -7.64
N LEU E 3535 73.96 -61.91 -7.42
CA LEU E 3535 73.42 -60.72 -8.08
C LEU E 3535 73.57 -60.80 -9.59
N ALA E 3536 74.73 -61.28 -10.06
CA ALA E 3536 74.93 -61.44 -11.49
C ALA E 3536 73.98 -62.46 -12.09
N LYS E 3537 73.75 -63.57 -11.38
CA LYS E 3537 72.81 -64.58 -11.85
C LYS E 3537 71.39 -64.02 -11.91
N THR E 3538 71.00 -63.24 -10.89
CA THR E 3538 69.68 -62.64 -10.89
C THR E 3538 69.52 -61.65 -12.03
N ARG E 3539 70.55 -60.84 -12.29
CA ARG E 3539 70.51 -59.91 -13.41
C ARG E 3539 70.46 -60.64 -14.74
N TYR E 3540 71.21 -61.73 -14.88
CA TYR E 3540 71.19 -62.50 -16.12
C TYR E 3540 69.86 -63.20 -16.33
N ALA E 3541 69.12 -63.48 -15.25
CA ALA E 3541 67.82 -64.12 -15.38
C ALA E 3541 66.82 -63.24 -16.10
N LEU E 3542 67.02 -61.93 -16.10
CA LEU E 3542 66.14 -60.99 -16.77
C LEU E 3542 66.56 -60.70 -18.21
N LYS E 3543 67.58 -61.41 -18.71
CA LYS E 3543 68.10 -61.21 -20.07
C LYS E 3543 68.60 -59.78 -20.26
N ASP E 3544 69.57 -59.39 -19.42
CA ASP E 3544 70.14 -58.07 -19.47
C ASP E 3544 71.55 -58.11 -18.91
N THR E 3545 72.32 -57.07 -19.19
CA THR E 3545 73.70 -57.00 -18.71
C THR E 3545 73.73 -56.89 -17.18
N ASP E 3546 74.73 -57.52 -16.59
CA ASP E 3546 74.89 -57.55 -15.14
C ASP E 3546 75.88 -56.49 -14.64
N GLU E 3547 76.06 -55.42 -15.41
CA GLU E 3547 76.96 -54.35 -14.98
C GLU E 3547 76.47 -53.68 -13.71
N GLU E 3548 75.16 -53.42 -13.62
CA GLU E 3548 74.60 -52.80 -12.43
C GLU E 3548 74.68 -53.74 -11.23
N VAL E 3549 74.46 -55.03 -11.46
CA VAL E 3549 74.52 -56.01 -10.36
C VAL E 3549 75.94 -56.12 -9.82
N ARG E 3550 76.93 -56.10 -10.72
CA ARG E 3550 78.32 -56.19 -10.28
C ARG E 3550 78.72 -55.00 -9.41
N GLU E 3551 78.29 -53.81 -9.79
CA GLU E 3551 78.60 -52.61 -9.03
C GLU E 3551 77.77 -52.53 -7.75
N GLU E 3590 80.83 -60.99 -20.44
CA GLU E 3590 81.38 -62.00 -21.35
C GLU E 3590 81.29 -63.39 -20.73
N LYS E 3591 82.43 -63.93 -20.31
CA LYS E 3591 82.45 -65.24 -19.68
C LYS E 3591 81.66 -65.24 -18.37
N ILE E 3592 81.83 -64.19 -17.57
CA ILE E 3592 81.08 -64.08 -16.32
C ILE E 3592 79.58 -63.95 -16.61
N VAL E 3593 79.23 -63.18 -17.64
CA VAL E 3593 77.82 -63.03 -18.01
C VAL E 3593 77.26 -64.37 -18.48
N ARG E 3594 78.02 -65.12 -19.26
CA ARG E 3594 77.57 -66.43 -19.72
C ARG E 3594 77.38 -67.39 -18.55
N ARG E 3595 78.31 -67.38 -17.59
CA ARG E 3595 78.18 -68.23 -16.42
C ARG E 3595 76.96 -67.85 -15.59
N VAL E 3596 76.71 -66.55 -15.43
CA VAL E 3596 75.54 -66.09 -14.69
C VAL E 3596 74.26 -66.52 -15.40
N GLN E 3597 74.24 -66.41 -16.73
CA GLN E 3597 73.07 -66.83 -17.49
C GLN E 3597 72.83 -68.34 -17.34
N GLU E 3598 73.90 -69.13 -17.39
CA GLU E 3598 73.76 -70.57 -17.21
C GLU E 3598 73.25 -70.91 -15.82
N VAL E 3599 73.75 -70.22 -14.80
CA VAL E 3599 73.28 -70.46 -13.43
C VAL E 3599 71.81 -70.08 -13.29
N SER E 3600 71.42 -68.95 -13.89
CA SER E 3600 70.02 -68.54 -13.84
C SER E 3600 69.12 -69.53 -14.56
N ALA E 3601 69.58 -70.06 -15.70
CA ALA E 3601 68.79 -71.07 -16.42
C ALA E 3601 68.65 -72.34 -15.60
N VAL E 3602 69.73 -72.77 -14.93
CA VAL E 3602 69.66 -73.95 -14.08
C VAL E 3602 68.70 -73.73 -12.92
N LEU E 3603 68.75 -72.54 -12.30
CA LEU E 3603 67.84 -72.24 -11.21
C LEU E 3603 66.39 -72.22 -11.69
N TYR E 3604 66.15 -71.65 -12.86
CA TYR E 3604 64.79 -71.61 -13.41
C TYR E 3604 64.28 -73.03 -13.70
N HIS E 3605 65.15 -73.88 -14.25
CA HIS E 3605 64.76 -75.26 -14.51
C HIS E 3605 64.44 -75.99 -13.21
N LEU E 3606 65.26 -75.78 -12.17
CA LEU E 3606 65.00 -76.40 -10.88
C LEU E 3606 63.69 -75.92 -10.28
N GLU E 3607 63.42 -74.62 -10.39
CA GLU E 3607 62.15 -74.09 -9.88
C GLU E 3607 60.96 -74.65 -10.64
N GLN E 3608 61.08 -74.77 -11.96
CA GLN E 3608 60.00 -75.35 -12.76
C GLN E 3608 59.77 -76.81 -12.39
N THR E 3609 60.85 -77.56 -12.17
CA THR E 3609 60.71 -78.95 -11.74
C THR E 3609 60.05 -79.04 -10.37
N GLU E 3610 60.42 -78.15 -9.44
CA GLU E 3610 59.82 -78.15 -8.12
C GLU E 3610 58.41 -77.60 -8.11
N HIS E 3611 58.03 -76.85 -9.15
CA HIS E 3611 56.69 -76.27 -9.23
C HIS E 3611 55.65 -77.33 -9.55
N SER E 3625 27.42 -85.22 -8.93
CA SER E 3625 27.35 -85.86 -7.62
C SER E 3625 27.02 -87.34 -7.74
N LYS E 3626 26.46 -87.92 -6.68
CA LYS E 3626 26.09 -89.33 -6.70
C LYS E 3626 24.98 -89.59 -7.71
N GLN E 3627 24.01 -88.67 -7.80
CA GLN E 3627 22.91 -88.85 -8.75
C GLN E 3627 23.42 -88.83 -10.19
N ARG E 3628 24.36 -87.92 -10.48
CA ARG E 3628 24.93 -87.87 -11.83
C ARG E 3628 25.70 -89.14 -12.16
N ARG E 3629 26.47 -89.65 -11.21
CA ARG E 3629 27.20 -90.90 -11.44
C ARG E 3629 26.24 -92.07 -11.66
N ARG E 3630 25.17 -92.14 -10.87
CA ARG E 3630 24.18 -93.20 -11.06
C ARG E 3630 23.50 -93.09 -12.42
N ALA E 3631 23.17 -91.87 -12.84
CA ALA E 3631 22.56 -91.68 -14.15
C ALA E 3631 23.52 -92.08 -15.27
N VAL E 3632 24.80 -91.75 -15.13
CA VAL E 3632 25.79 -92.13 -16.14
C VAL E 3632 25.92 -93.64 -16.20
N VAL E 3633 25.96 -94.30 -15.04
CA VAL E 3633 26.08 -95.75 -15.00
C VAL E 3633 24.86 -96.39 -15.66
N ALA E 3634 23.66 -95.87 -15.36
CA ALA E 3634 22.45 -96.41 -15.97
C ALA E 3634 22.43 -96.22 -17.48
N CYS E 3635 22.87 -95.05 -17.94
CA CYS E 3635 22.87 -94.75 -19.38
C CYS E 3635 24.04 -95.39 -20.11
N PHE E 3636 25.02 -95.96 -19.40
CA PHE E 3636 26.14 -96.62 -20.06
C PHE E 3636 25.65 -97.81 -20.89
N ARG E 3637 24.73 -98.60 -20.34
CA ARG E 3637 24.14 -99.74 -21.04
C ARG E 3637 22.66 -99.48 -21.24
N MET E 3638 22.22 -99.48 -22.49
CA MET E 3638 20.82 -99.26 -22.82
C MET E 3638 20.38 -100.25 -23.90
N THR E 3639 19.12 -100.65 -23.84
CA THR E 3639 18.61 -101.59 -24.82
C THR E 3639 18.52 -100.94 -26.21
N PRO E 3640 18.84 -101.67 -27.26
CA PRO E 3640 18.74 -101.10 -28.62
C PRO E 3640 17.28 -100.97 -29.04
N LEU E 3641 17.10 -100.25 -30.16
CA LEU E 3641 15.75 -100.06 -30.69
C LEU E 3641 15.13 -101.37 -31.13
N TYR E 3642 15.92 -102.24 -31.77
CA TYR E 3642 15.40 -103.52 -32.23
C TYR E 3642 15.16 -104.51 -31.09
N ASN E 3643 15.60 -104.19 -29.88
CA ASN E 3643 15.36 -105.01 -28.69
C ASN E 3643 14.36 -104.34 -27.76
N LEU E 3644 13.35 -103.69 -28.32
CA LEU E 3644 12.35 -102.95 -27.56
C LEU E 3644 10.96 -103.39 -27.99
N PRO E 3645 9.96 -103.25 -27.12
CA PRO E 3645 8.59 -103.61 -27.50
C PRO E 3645 8.09 -102.78 -28.67
N THR E 3646 7.27 -103.42 -29.51
CA THR E 3646 6.76 -102.75 -30.70
C THR E 3646 5.89 -101.55 -30.34
N HIS E 3647 5.01 -101.71 -29.34
CA HIS E 3647 4.13 -100.61 -28.94
C HIS E 3647 4.92 -99.44 -28.39
N ARG E 3648 5.96 -99.73 -27.60
CA ARG E 3648 6.81 -98.66 -27.08
C ARG E 3648 7.52 -97.92 -28.21
N ALA E 3649 8.00 -98.65 -29.22
CA ALA E 3649 8.63 -98.01 -30.37
C ALA E 3649 7.62 -97.15 -31.14
N CYS E 3650 6.40 -97.64 -31.30
CA CYS E 3650 5.36 -96.85 -31.98
C CYS E 3650 5.08 -95.56 -31.21
N ASN E 3651 4.95 -95.66 -29.89
CA ASN E 3651 4.69 -94.46 -29.08
C ASN E 3651 5.85 -93.48 -29.16
N MET E 3652 7.08 -93.98 -29.10
CA MET E 3652 8.24 -93.10 -29.19
C MET E 3652 8.31 -92.41 -30.55
N PHE E 3653 8.05 -93.15 -31.63
CA PHE E 3653 8.06 -92.56 -32.96
C PHE E 3653 6.95 -91.52 -33.10
N LEU E 3654 5.77 -91.79 -32.55
CA LEU E 3654 4.67 -90.83 -32.60
C LEU E 3654 5.03 -89.56 -31.84
N GLU E 3655 5.63 -89.70 -30.66
CA GLU E 3655 6.05 -88.52 -29.89
C GLU E 3655 7.11 -87.73 -30.64
N SER E 3656 8.08 -88.41 -31.25
CA SER E 3656 9.13 -87.72 -32.01
C SER E 3656 8.52 -86.98 -33.20
N TYR E 3657 7.59 -87.61 -33.90
CA TYR E 3657 6.94 -86.95 -35.03
C TYR E 3657 6.17 -85.73 -34.57
N LYS E 3658 5.45 -85.85 -33.45
CA LYS E 3658 4.70 -84.71 -32.91
C LYS E 3658 5.63 -83.56 -32.56
N ALA E 3659 6.77 -83.87 -31.93
CA ALA E 3659 7.68 -82.84 -31.47
C ALA E 3659 8.56 -82.27 -32.58
N ALA E 3660 8.66 -82.94 -33.73
CA ALA E 3660 9.56 -82.52 -34.79
C ALA E 3660 8.85 -81.99 -36.03
N TRP E 3661 7.95 -82.77 -36.63
CA TRP E 3661 7.45 -82.45 -37.97
C TRP E 3661 6.27 -81.48 -37.95
N ILE E 3662 5.17 -81.89 -37.31
CA ILE E 3662 3.96 -81.07 -37.34
C ILE E 3662 4.14 -79.79 -36.52
N LEU E 3663 4.85 -79.89 -35.40
CA LEU E 3663 5.04 -78.72 -34.53
C LEU E 3663 5.82 -77.63 -35.24
N THR E 3664 6.88 -77.99 -35.96
CA THR E 3664 7.69 -77.00 -36.65
C THR E 3664 6.97 -76.42 -37.86
N GLU E 3665 6.03 -77.16 -38.44
CA GLU E 3665 5.30 -76.69 -39.60
C GLU E 3665 4.37 -75.53 -39.22
N ASP E 3666 4.43 -74.46 -40.00
CA ASP E 3666 3.62 -73.27 -39.77
C ASP E 3666 2.93 -72.86 -41.07
N HIS E 3667 1.69 -72.42 -40.94
CA HIS E 3667 0.88 -72.03 -42.09
C HIS E 3667 0.13 -70.75 -41.76
N SER E 3668 -0.16 -69.97 -42.81
CA SER E 3668 -0.75 -68.64 -42.67
C SER E 3668 -2.24 -68.63 -43.01
N PHE E 3669 -2.97 -69.67 -42.63
CA PHE E 3669 -4.40 -69.74 -42.92
C PHE E 3669 -5.20 -68.69 -42.13
N GLU E 3670 -4.59 -68.03 -41.15
CA GLU E 3670 -5.31 -67.02 -40.37
C GLU E 3670 -5.76 -65.86 -41.24
N ASP E 3671 -4.88 -65.38 -42.13
CA ASP E 3671 -5.25 -64.29 -43.03
C ASP E 3671 -6.36 -64.71 -43.98
N ARG E 3672 -6.30 -65.94 -44.50
CA ARG E 3672 -7.35 -66.43 -45.38
C ARG E 3672 -8.67 -66.52 -44.65
N MET E 3673 -8.66 -67.01 -43.41
CA MET E 3673 -9.89 -67.09 -42.63
C MET E 3673 -10.45 -65.69 -42.35
N ILE E 3674 -9.58 -64.73 -42.02
CA ILE E 3674 -10.04 -63.37 -41.77
C ILE E 3674 -10.66 -62.78 -43.03
N ASP E 3675 -10.03 -62.98 -44.18
CA ASP E 3675 -10.57 -62.47 -45.43
C ASP E 3675 -11.91 -63.12 -45.76
N ASP E 3676 -12.02 -64.43 -45.53
CA ASP E 3676 -13.29 -65.12 -45.81
C ASP E 3676 -14.40 -64.63 -44.89
N LEU E 3677 -14.10 -64.42 -43.61
CA LEU E 3677 -15.11 -63.96 -42.66
C LEU E 3677 -15.38 -62.47 -42.75
N SER E 3678 -14.59 -61.71 -43.50
CA SER E 3678 -14.78 -60.27 -43.68
C SER E 3678 -15.00 -59.91 -45.14
N LYS E 3679 -15.65 -60.80 -45.90
CA LYS E 3679 -15.90 -60.55 -47.31
C LYS E 3679 -17.00 -59.51 -47.53
N ALA E 3680 -17.72 -59.11 -46.49
CA ALA E 3680 -18.80 -58.12 -46.58
C ALA E 3680 -19.85 -58.54 -47.61
N GLY E 3681 -20.18 -59.84 -47.62
CA GLY E 3681 -21.17 -60.36 -48.54
C GLY E 3681 -22.55 -60.46 -47.93
N LYS E 3693 -26.79 -52.38 -40.90
CA LYS E 3693 -27.41 -53.47 -41.64
C LYS E 3693 -27.08 -54.82 -41.03
N LYS E 3694 -27.01 -55.84 -41.87
CA LYS E 3694 -26.69 -57.18 -41.40
C LYS E 3694 -25.21 -57.23 -40.98
N PRO E 3695 -24.91 -57.67 -39.76
CA PRO E 3695 -23.51 -57.73 -39.34
C PRO E 3695 -22.72 -58.76 -40.12
N ASP E 3696 -21.43 -58.48 -40.29
CA ASP E 3696 -20.53 -59.39 -40.97
C ASP E 3696 -20.26 -60.61 -40.10
N PRO E 3697 -19.81 -61.72 -40.69
CA PRO E 3697 -19.44 -62.89 -39.87
C PRO E 3697 -18.38 -62.56 -38.82
N LEU E 3698 -17.40 -61.73 -39.18
CA LEU E 3698 -16.44 -61.27 -38.18
C LEU E 3698 -17.12 -60.39 -37.13
N HIS E 3699 -18.06 -59.55 -37.55
CA HIS E 3699 -18.84 -58.76 -36.61
C HIS E 3699 -19.64 -59.64 -35.68
N GLN E 3700 -20.24 -60.71 -36.22
CA GLN E 3700 -20.99 -61.65 -35.39
C GLN E 3700 -20.09 -62.35 -34.40
N LEU E 3701 -18.89 -62.75 -34.84
CA LEU E 3701 -17.93 -63.38 -33.94
C LEU E 3701 -17.52 -62.44 -32.82
N VAL E 3702 -17.25 -61.18 -33.15
CA VAL E 3702 -16.85 -60.21 -32.14
C VAL E 3702 -17.98 -59.99 -31.15
N LEU E 3703 -19.22 -59.87 -31.65
CA LEU E 3703 -20.36 -59.68 -30.76
C LEU E 3703 -20.58 -60.89 -29.85
N HIS E 3704 -20.41 -62.11 -30.39
CA HIS E 3704 -20.51 -63.30 -29.56
C HIS E 3704 -19.46 -63.29 -28.46
N PHE E 3705 -18.20 -63.02 -28.82
CA PHE E 3705 -17.14 -63.03 -27.81
C PHE E 3705 -17.30 -61.92 -26.79
N SER E 3706 -17.90 -60.79 -27.19
CA SER E 3706 -18.19 -59.73 -26.22
C SER E 3706 -19.39 -60.08 -25.34
N ARG E 3707 -20.32 -60.90 -25.85
CA ARG E 3707 -21.50 -61.25 -25.08
C ARG E 3707 -21.15 -62.01 -23.81
N THR E 3708 -20.21 -62.96 -23.91
CA THR E 3708 -19.81 -63.75 -22.76
C THR E 3708 -18.87 -63.00 -21.83
N ALA E 3709 -18.38 -61.81 -22.23
CA ALA E 3709 -17.49 -61.05 -21.36
C ALA E 3709 -18.26 -60.47 -20.17
N LEU E 3710 -19.31 -59.70 -20.44
CA LEU E 3710 -20.13 -59.11 -19.39
C LEU E 3710 -21.31 -60.00 -19.03
N THR E 3711 -21.01 -61.26 -18.70
CA THR E 3711 -22.03 -62.23 -18.32
C THR E 3711 -22.24 -62.30 -16.81
N GLU E 3712 -21.61 -61.41 -16.05
CA GLU E 3712 -21.74 -61.35 -14.59
C GLU E 3712 -21.32 -62.68 -13.95
N LYS E 3713 -20.16 -63.18 -14.37
CA LYS E 3713 -19.59 -64.41 -13.82
C LYS E 3713 -18.35 -64.06 -13.01
N SER E 3714 -18.27 -64.60 -11.79
CA SER E 3714 -17.12 -64.34 -10.94
C SER E 3714 -15.84 -64.91 -11.54
N LYS E 3715 -15.91 -66.11 -12.12
CA LYS E 3715 -14.78 -66.76 -12.73
C LYS E 3715 -15.10 -67.13 -14.17
N LEU E 3716 -14.07 -67.13 -15.01
CA LEU E 3716 -14.22 -67.40 -16.44
C LEU E 3716 -13.68 -68.79 -16.75
N ASP E 3717 -14.53 -69.63 -17.34
CA ASP E 3717 -14.12 -70.97 -17.72
C ASP E 3717 -13.18 -70.93 -18.91
N GLU E 3718 -12.22 -71.85 -18.92
CA GLU E 3718 -11.20 -71.92 -19.97
C GLU E 3718 -11.86 -72.38 -21.27
N ASP E 3719 -12.06 -71.43 -22.18
CA ASP E 3719 -12.65 -71.71 -23.49
C ASP E 3719 -11.54 -71.77 -24.53
N TYR E 3720 -11.42 -72.91 -25.21
CA TYR E 3720 -10.42 -73.06 -26.26
C TYR E 3720 -10.77 -72.28 -27.52
N LEU E 3721 -12.05 -71.90 -27.68
CA LEU E 3721 -12.45 -71.14 -28.86
C LEU E 3721 -11.70 -69.82 -28.94
N TYR E 3722 -11.57 -69.11 -27.82
CA TYR E 3722 -10.78 -67.89 -27.83
C TYR E 3722 -9.30 -68.18 -28.03
N MET E 3723 -8.78 -69.23 -27.40
CA MET E 3723 -7.37 -69.58 -27.59
C MET E 3723 -7.07 -69.77 -29.07
N ALA E 3724 -8.03 -70.28 -29.83
CA ALA E 3724 -7.87 -70.38 -31.27
C ALA E 3724 -8.02 -69.02 -31.95
N TYR E 3725 -9.12 -68.31 -31.66
CA TYR E 3725 -9.50 -67.17 -32.48
C TYR E 3725 -8.64 -65.94 -32.21
N ALA E 3726 -8.27 -65.69 -30.94
CA ALA E 3726 -7.39 -64.57 -30.65
C ALA E 3726 -6.03 -64.75 -31.31
N ASP E 3727 -5.49 -65.98 -31.25
CA ASP E 3727 -4.22 -66.25 -31.92
C ASP E 3727 -4.34 -66.10 -33.42
N ILE E 3728 -5.46 -66.55 -34.00
CA ILE E 3728 -5.68 -66.41 -35.43
C ILE E 3728 -5.72 -64.94 -35.83
N MET E 3729 -6.46 -64.13 -35.06
CA MET E 3729 -6.56 -62.70 -35.36
C MET E 3729 -5.22 -62.01 -35.19
N ALA E 3730 -4.46 -62.38 -34.15
CA ALA E 3730 -3.14 -61.78 -33.96
C ALA E 3730 -2.20 -62.11 -35.11
N LYS E 3731 -2.22 -63.38 -35.56
CA LYS E 3731 -1.38 -63.76 -36.69
C LYS E 3731 -1.78 -63.03 -37.96
N SER E 3732 -3.09 -62.88 -38.19
CA SER E 3732 -3.56 -62.18 -39.37
C SER E 3732 -3.17 -60.71 -39.34
N CYS E 3733 -3.31 -60.06 -38.17
CA CYS E 3733 -2.99 -58.65 -38.08
C CYS E 3733 -1.49 -58.40 -38.18
N HIS E 3734 -0.68 -59.24 -37.54
CA HIS E 3734 0.77 -59.06 -37.59
C HIS E 3734 1.31 -59.26 -39.00
N LEU E 3735 0.80 -60.24 -39.73
CA LEU E 3735 1.25 -60.51 -41.09
C LEU E 3735 0.78 -59.41 -42.05
N GLU E 3750 18.46 -51.12 -48.66
CA GLU E 3750 17.55 -50.96 -47.54
C GLU E 3750 16.10 -50.98 -48.00
N VAL E 3751 15.26 -50.17 -47.34
CA VAL E 3751 13.84 -50.07 -47.65
C VAL E 3751 13.53 -48.62 -48.00
N SER E 3752 12.89 -48.41 -49.15
CA SER E 3752 12.54 -47.08 -49.58
C SER E 3752 11.39 -46.53 -48.72
N PHE E 3753 11.21 -45.20 -48.79
CA PHE E 3753 10.13 -44.56 -48.04
C PHE E 3753 8.77 -45.02 -48.53
N GLU E 3754 8.63 -45.22 -49.85
CA GLU E 3754 7.36 -45.67 -50.41
C GLU E 3754 6.98 -47.05 -49.88
N GLU E 3755 7.95 -47.96 -49.80
CA GLU E 3755 7.66 -49.30 -49.28
C GLU E 3755 7.23 -49.25 -47.82
N LYS E 3756 7.91 -48.43 -47.01
CA LYS E 3756 7.53 -48.30 -45.60
C LYS E 3756 6.14 -47.70 -45.47
N GLU E 3757 5.83 -46.68 -46.29
CA GLU E 3757 4.50 -46.08 -46.24
C GLU E 3757 3.43 -47.09 -46.65
N MET E 3758 3.70 -47.90 -47.67
CA MET E 3758 2.75 -48.92 -48.10
C MET E 3758 2.54 -49.96 -47.01
N GLU E 3759 3.62 -50.37 -46.34
CA GLU E 3759 3.49 -51.32 -45.23
C GLU E 3759 2.67 -50.73 -44.10
N LYS E 3760 2.92 -49.47 -43.76
CA LYS E 3760 2.15 -48.81 -42.71
C LYS E 3760 0.68 -48.70 -43.09
N GLN E 3761 0.40 -48.38 -44.35
CA GLN E 3761 -1.00 -48.31 -44.79
C GLN E 3761 -1.67 -49.67 -44.75
N ARG E 3762 -0.95 -50.73 -45.13
CA ARG E 3762 -1.51 -52.08 -45.04
C ARG E 3762 -1.80 -52.47 -43.60
N LEU E 3763 -0.88 -52.15 -42.68
CA LEU E 3763 -1.12 -52.42 -41.27
C LEU E 3763 -2.32 -51.63 -40.75
N LEU E 3764 -2.44 -50.37 -41.16
CA LEU E 3764 -3.57 -49.55 -40.75
C LEU E 3764 -4.88 -50.13 -41.28
N TYR E 3765 -4.89 -50.60 -42.52
CA TYR E 3765 -6.10 -51.20 -43.07
C TYR E 3765 -6.46 -52.49 -42.35
N GLN E 3766 -5.45 -53.30 -42.01
CA GLN E 3766 -5.73 -54.52 -41.25
C GLN E 3766 -6.30 -54.19 -39.88
N GLN E 3767 -5.74 -53.17 -39.22
CA GLN E 3767 -6.27 -52.73 -37.93
C GLN E 3767 -7.70 -52.22 -38.08
N SER E 3768 -7.98 -51.51 -39.17
CA SER E 3768 -9.34 -51.02 -39.42
C SER E 3768 -10.31 -52.19 -39.60
N ARG E 3769 -9.90 -53.21 -40.36
CA ARG E 3769 -10.77 -54.36 -40.58
C ARG E 3769 -10.94 -55.18 -39.31
N LEU E 3770 -9.97 -55.15 -38.41
CA LEU E 3770 -10.04 -55.92 -37.17
C LEU E 3770 -10.57 -55.12 -35.98
N HIS E 3771 -10.81 -53.81 -36.14
CA HIS E 3771 -11.29 -52.99 -35.04
C HIS E 3771 -12.57 -52.23 -35.32
N THR E 3772 -12.95 -52.01 -36.58
CA THR E 3772 -14.22 -51.35 -36.88
C THR E 3772 -15.42 -52.21 -36.50
N ARG E 3773 -15.20 -53.49 -36.18
CA ARG E 3773 -16.26 -54.38 -35.72
C ARG E 3773 -16.41 -54.36 -34.21
N GLY E 3774 -15.81 -53.38 -33.54
CA GLY E 3774 -15.89 -53.28 -32.09
C GLY E 3774 -15.18 -54.39 -31.33
N ALA E 3775 -13.97 -54.75 -31.75
CA ALA E 3775 -13.17 -55.78 -31.08
C ALA E 3775 -12.29 -55.23 -29.97
N ALA E 3776 -11.89 -53.96 -30.05
CA ALA E 3776 -11.11 -53.38 -28.96
C ALA E 3776 -11.93 -53.33 -27.67
N GLU E 3777 -13.21 -52.99 -27.78
CA GLU E 3777 -14.09 -52.95 -26.62
C GLU E 3777 -14.22 -54.33 -25.99
N MET E 3778 -14.40 -55.37 -26.80
CA MET E 3778 -14.44 -56.73 -26.26
C MET E 3778 -13.13 -57.09 -25.58
N VAL E 3779 -12.00 -56.72 -26.19
CA VAL E 3779 -10.70 -57.05 -25.61
C VAL E 3779 -10.58 -56.44 -24.22
N LEU E 3780 -10.86 -55.13 -24.11
CA LEU E 3780 -10.67 -54.47 -22.81
C LEU E 3780 -11.69 -54.97 -21.79
N GLN E 3781 -12.95 -55.16 -22.19
CA GLN E 3781 -13.95 -55.57 -21.21
C GLN E 3781 -13.68 -56.96 -20.69
N MET E 3782 -13.16 -57.85 -21.53
CA MET E 3782 -12.94 -59.20 -21.02
C MET E 3782 -11.59 -59.29 -20.29
N ILE E 3783 -10.64 -58.41 -20.62
CA ILE E 3783 -9.47 -58.25 -19.76
C ILE E 3783 -9.89 -57.82 -18.38
N SER E 3784 -10.88 -56.92 -18.29
CA SER E 3784 -11.47 -56.60 -16.99
C SER E 3784 -12.18 -57.79 -16.39
N ALA E 3785 -12.81 -58.62 -17.23
CA ALA E 3785 -13.60 -59.74 -16.75
C ALA E 3785 -12.75 -60.82 -16.10
N CYS E 3786 -11.57 -61.14 -16.65
CA CYS E 3786 -10.75 -62.17 -16.04
C CYS E 3786 -10.28 -61.74 -14.64
N LYS E 3787 -10.02 -60.45 -14.46
CA LYS E 3787 -9.79 -59.85 -13.14
C LYS E 3787 -8.60 -60.49 -12.44
N GLY E 3788 -7.42 -60.37 -13.05
CA GLY E 3788 -6.20 -60.84 -12.43
C GLY E 3788 -6.07 -62.34 -12.32
N GLU E 3789 -6.75 -63.09 -13.20
CA GLU E 3789 -6.64 -64.55 -13.17
C GLU E 3789 -5.25 -65.02 -13.58
N THR E 3790 -4.54 -64.22 -14.38
CA THR E 3790 -3.20 -64.55 -14.85
C THR E 3790 -3.16 -65.91 -15.55
N GLY E 3791 -4.21 -66.22 -16.31
CA GLY E 3791 -4.30 -67.44 -17.06
C GLY E 3791 -4.01 -67.25 -18.54
N ALA E 3792 -4.34 -68.28 -19.32
CA ALA E 3792 -4.16 -68.19 -20.76
C ALA E 3792 -5.16 -67.23 -21.39
N MET E 3793 -6.29 -67.01 -20.71
CA MET E 3793 -7.28 -66.06 -21.19
C MET E 3793 -6.68 -64.66 -21.34
N VAL E 3794 -6.06 -64.16 -20.27
CA VAL E 3794 -5.50 -62.81 -20.31
C VAL E 3794 -4.31 -62.75 -21.25
N SER E 3795 -3.53 -63.83 -21.35
CA SER E 3795 -2.38 -63.85 -22.24
C SER E 3795 -2.82 -63.74 -23.70
N SER E 3796 -3.81 -64.55 -24.10
CA SER E 3796 -4.30 -64.50 -25.47
C SER E 3796 -4.95 -63.16 -25.78
N THR E 3797 -5.76 -62.66 -24.84
CA THR E 3797 -6.40 -61.35 -25.06
C THR E 3797 -5.36 -60.25 -25.19
N LEU E 3798 -4.29 -60.32 -24.38
CA LEU E 3798 -3.26 -59.31 -24.42
C LEU E 3798 -2.45 -59.39 -25.71
N LYS E 3799 -2.17 -60.61 -26.19
CA LYS E 3799 -1.50 -60.75 -27.48
C LYS E 3799 -2.33 -60.16 -28.60
N LEU E 3800 -3.63 -60.47 -28.62
CA LEU E 3800 -4.49 -59.89 -29.64
C LEU E 3800 -4.56 -58.36 -29.51
N GLY E 3801 -4.51 -57.87 -28.27
CA GLY E 3801 -4.54 -56.43 -28.05
C GLY E 3801 -3.31 -55.73 -28.58
N ILE E 3802 -2.14 -56.31 -28.34
CA ILE E 3802 -0.92 -55.72 -28.91
C ILE E 3802 -0.91 -55.87 -30.43
N SER E 3803 -1.60 -56.88 -30.96
CA SER E 3803 -1.69 -57.02 -32.40
C SER E 3803 -2.55 -55.92 -33.01
N ILE E 3804 -3.73 -55.66 -32.43
CA ILE E 3804 -4.61 -54.64 -32.99
C ILE E 3804 -4.05 -53.23 -32.77
N LEU E 3805 -3.37 -53.01 -31.64
CA LEU E 3805 -2.86 -51.70 -31.29
C LEU E 3805 -1.46 -51.43 -31.82
N ASN E 3806 -0.93 -52.32 -32.66
CA ASN E 3806 0.40 -52.12 -33.22
C ASN E 3806 0.44 -50.89 -34.11
N GLY E 3807 1.53 -50.13 -33.99
CA GLY E 3807 1.69 -48.92 -34.78
C GLY E 3807 1.01 -47.70 -34.24
N GLY E 3808 0.42 -47.77 -33.05
CA GLY E 3808 -0.22 -46.62 -32.44
C GLY E 3808 -1.41 -46.09 -33.19
N ASN E 3809 -2.34 -46.97 -33.56
CA ASN E 3809 -3.52 -46.55 -34.31
C ASN E 3809 -4.32 -45.57 -33.47
N ALA E 3810 -4.58 -44.39 -34.02
CA ALA E 3810 -5.31 -43.35 -33.30
C ALA E 3810 -6.76 -43.73 -33.10
N GLU E 3811 -7.37 -44.39 -34.10
CA GLU E 3811 -8.78 -44.73 -34.01
C GLU E 3811 -9.05 -45.73 -32.89
N VAL E 3812 -8.20 -46.74 -32.75
CA VAL E 3812 -8.39 -47.71 -31.67
C VAL E 3812 -8.25 -47.05 -30.31
N GLN E 3813 -7.23 -46.19 -30.15
CA GLN E 3813 -7.07 -45.50 -28.88
C GLN E 3813 -8.26 -44.59 -28.58
N GLN E 3814 -8.78 -43.93 -29.61
CA GLN E 3814 -9.98 -43.10 -29.43
C GLN E 3814 -11.17 -43.94 -29.00
N LYS E 3815 -11.32 -45.14 -29.58
CA LYS E 3815 -12.40 -46.02 -29.17
C LYS E 3815 -12.24 -46.48 -27.73
N MET E 3816 -11.00 -46.79 -27.33
CA MET E 3816 -10.75 -47.14 -25.93
C MET E 3816 -11.13 -45.99 -25.01
N LEU E 3817 -10.73 -44.76 -25.37
CA LEU E 3817 -11.08 -43.60 -24.56
C LEU E 3817 -12.59 -43.42 -24.47
N ASP E 3818 -13.29 -43.57 -25.59
CA ASP E 3818 -14.74 -43.39 -25.61
C ASP E 3818 -15.42 -44.42 -24.72
N TYR E 3819 -15.01 -45.69 -24.82
CA TYR E 3819 -15.63 -46.72 -24.00
C TYR E 3819 -15.32 -46.50 -22.52
N LEU E 3820 -14.06 -46.17 -22.20
CA LEU E 3820 -13.69 -46.01 -20.80
C LEU E 3820 -14.32 -44.77 -20.18
N LYS E 3821 -14.69 -43.78 -21.00
CA LYS E 3821 -15.37 -42.60 -20.46
C LYS E 3821 -16.87 -42.83 -20.34
N ASP E 3822 -17.48 -43.46 -21.35
CA ASP E 3822 -18.93 -43.67 -21.31
C ASP E 3822 -19.31 -44.71 -20.26
N LYS E 3823 -18.63 -45.85 -20.26
CA LYS E 3823 -18.97 -46.91 -19.31
C LYS E 3823 -18.47 -46.59 -17.91
N LYS E 3824 -17.36 -45.86 -17.79
CA LYS E 3824 -16.76 -45.53 -16.50
C LYS E 3824 -16.47 -46.80 -15.68
N GLU E 3825 -16.00 -47.84 -16.36
CA GLU E 3825 -15.71 -49.10 -15.69
C GLU E 3825 -14.50 -48.95 -14.78
N VAL E 3826 -14.59 -49.50 -13.56
CA VAL E 3826 -13.50 -49.45 -12.61
C VAL E 3826 -12.76 -50.79 -12.52
N GLY E 3827 -13.35 -51.88 -13.00
CA GLY E 3827 -12.70 -53.18 -12.92
C GLY E 3827 -11.52 -53.34 -13.85
N PHE E 3828 -11.43 -52.52 -14.91
CA PHE E 3828 -10.32 -52.60 -15.83
C PHE E 3828 -8.99 -52.28 -15.14
N PHE E 3829 -8.95 -51.14 -14.45
CA PHE E 3829 -7.69 -50.70 -13.84
C PHE E 3829 -7.30 -51.55 -12.66
N GLN E 3830 -8.27 -51.94 -11.82
CA GLN E 3830 -7.98 -52.88 -10.74
C GLN E 3830 -7.51 -54.21 -11.29
N SER E 3831 -8.10 -54.65 -12.41
CA SER E 3831 -7.69 -55.90 -13.03
C SER E 3831 -6.24 -55.84 -13.49
N ILE E 3832 -5.85 -54.79 -14.21
CA ILE E 3832 -4.46 -54.73 -14.68
C ILE E 3832 -3.51 -54.56 -13.49
N GLN E 3833 -3.92 -53.80 -12.47
CA GLN E 3833 -3.08 -53.63 -11.30
C GLN E 3833 -2.82 -54.97 -10.60
N ALA E 3834 -3.88 -55.76 -10.40
CA ALA E 3834 -3.71 -57.07 -9.77
C ALA E 3834 -2.90 -57.99 -10.67
N LEU E 3835 -3.05 -57.85 -11.99
CA LEU E 3835 -2.28 -58.68 -12.91
C LEU E 3835 -0.78 -58.40 -12.80
N MET E 3836 -0.39 -57.12 -12.78
CA MET E 3836 1.04 -56.81 -12.75
C MET E 3836 1.61 -56.99 -11.35
N GLN E 3837 0.78 -56.86 -10.31
CA GLN E 3837 1.26 -57.10 -8.96
C GLN E 3837 1.70 -58.55 -8.77
N THR E 3838 0.94 -59.49 -9.32
CA THR E 3838 1.23 -60.91 -9.19
C THR E 3838 2.04 -61.47 -10.35
N CYS E 3839 2.70 -60.59 -11.12
CA CYS E 3839 3.55 -61.05 -12.20
C CYS E 3839 4.76 -61.81 -11.65
N SER E 3840 5.24 -62.77 -12.43
CA SER E 3840 6.39 -63.58 -12.01
C SER E 3840 7.64 -62.71 -11.98
N VAL E 3841 8.31 -62.70 -10.83
CA VAL E 3841 9.54 -61.95 -10.63
C VAL E 3841 10.68 -62.92 -10.41
N LEU E 3842 11.87 -62.55 -10.87
CA LEU E 3842 13.04 -63.40 -10.71
C LEU E 3842 13.31 -63.66 -9.23
N ASP E 3843 13.50 -64.92 -8.88
CA ASP E 3843 13.73 -65.33 -7.50
C ASP E 3843 15.05 -66.08 -7.41
N LEU E 3844 15.86 -65.74 -6.40
CA LEU E 3844 17.15 -66.40 -6.23
C LEU E 3844 16.97 -67.83 -5.74
N ASN E 3845 16.04 -68.05 -4.81
CA ASN E 3845 15.80 -69.40 -4.31
C ASN E 3845 15.27 -70.31 -5.40
N ALA E 3846 14.36 -69.80 -6.24
CA ALA E 3846 13.85 -70.61 -7.34
C ALA E 3846 14.96 -70.96 -8.32
N PHE E 3847 15.84 -70.01 -8.61
CA PHE E 3847 16.97 -70.29 -9.50
C PHE E 3847 17.91 -71.32 -8.90
N GLU E 3848 18.16 -71.23 -7.58
CA GLU E 3848 19.02 -72.21 -6.93
C GLU E 3848 18.40 -73.60 -6.98
N ARG E 3849 17.09 -73.70 -6.77
CA ARG E 3849 16.41 -74.99 -6.88
C ARG E 3849 16.47 -75.52 -8.31
N GLN E 3850 16.33 -74.64 -9.30
CA GLN E 3850 16.45 -75.06 -10.68
C GLN E 3850 17.85 -75.58 -10.99
N ASN E 3851 18.87 -74.91 -10.47
CA ASN E 3851 20.25 -75.39 -10.66
C ASN E 3851 20.45 -76.74 -9.98
N LYS E 3852 19.90 -76.91 -8.78
CA LYS E 3852 20.02 -78.19 -8.09
C LYS E 3852 19.34 -79.31 -8.88
N ALA E 3853 18.16 -79.01 -9.44
CA ALA E 3853 17.48 -80.01 -10.27
C ALA E 3853 18.28 -80.33 -11.53
N GLU E 3854 18.87 -79.31 -12.15
CA GLU E 3854 19.69 -79.53 -13.34
C GLU E 3854 20.99 -80.25 -13.02
N GLY E 3855 21.42 -80.23 -11.76
CA GLY E 3855 22.62 -80.97 -11.38
C GLY E 3855 22.47 -82.46 -11.60
N LEU E 3856 21.27 -82.99 -11.39
CA LEU E 3856 21.01 -84.40 -11.66
C LEU E 3856 21.07 -84.68 -13.15
N GLY E 3857 21.32 -85.94 -13.49
CA GLY E 3857 21.42 -86.31 -14.90
C GLY E 3857 20.11 -86.08 -15.63
N MET E 3858 20.24 -85.65 -16.89
CA MET E 3858 19.05 -85.40 -17.71
C MET E 3858 18.28 -86.69 -17.97
N VAL E 3859 18.99 -87.78 -18.22
CA VAL E 3859 18.39 -89.09 -18.49
C VAL E 3859 18.65 -89.97 -17.28
N ASN E 3860 17.57 -90.42 -16.63
CA ASN E 3860 17.64 -91.29 -15.47
C ASN E 3860 16.92 -92.60 -15.78
N GLU E 3861 17.61 -93.71 -15.56
CA GLU E 3861 17.07 -95.05 -15.83
C GLU E 3861 16.60 -95.16 -17.28
N ASP E 3862 17.45 -94.68 -18.19
CA ASP E 3862 17.16 -94.67 -19.63
C ASP E 3862 15.89 -93.89 -19.95
N GLY E 3863 15.62 -92.83 -19.19
CA GLY E 3863 14.45 -92.00 -19.41
C GLY E 3863 14.75 -90.53 -19.33
N THR E 3864 14.47 -89.79 -20.40
CA THR E 3864 14.73 -88.36 -20.43
C THR E 3864 13.75 -87.62 -19.52
N VAL E 3865 14.27 -86.60 -18.83
CA VAL E 3865 13.47 -85.79 -17.91
C VAL E 3865 12.77 -84.72 -18.75
N ILE E 3866 11.54 -85.03 -19.20
CA ILE E 3866 10.80 -84.07 -20.02
C ILE E 3866 10.37 -82.87 -19.19
N ASN E 3867 10.19 -83.05 -17.88
CA ASN E 3867 9.71 -81.96 -17.04
C ASN E 3867 10.70 -80.81 -16.98
N ARG E 3868 12.00 -81.12 -16.92
CA ARG E 3868 13.01 -80.06 -16.83
C ARG E 3868 13.00 -79.18 -18.08
N GLN E 3869 12.88 -79.79 -19.26
CA GLN E 3869 12.88 -79.01 -20.49
C GLN E 3869 11.55 -78.32 -20.73
N ASN E 3870 10.43 -78.94 -20.31
CA ASN E 3870 9.11 -78.38 -20.60
C ASN E 3870 8.87 -77.09 -19.81
N GLY E 3871 9.26 -77.07 -18.54
CA GLY E 3871 8.97 -75.95 -17.65
C GLY E 3871 10.24 -75.29 -17.14
N GLU E 3872 10.18 -73.97 -16.98
CA GLU E 3872 11.28 -73.18 -16.43
C GLU E 3872 10.79 -72.46 -15.18
N LYS E 3873 11.57 -72.56 -14.10
CA LYS E 3873 11.17 -71.97 -12.83
C LYS E 3873 11.41 -70.47 -12.80
N VAL E 3874 12.66 -70.05 -13.07
CA VAL E 3874 13.01 -68.65 -13.01
C VAL E 3874 12.45 -67.91 -14.22
N MET E 3875 11.78 -66.79 -13.98
CA MET E 3875 11.20 -65.95 -15.03
C MET E 3875 10.26 -66.77 -15.93
N ALA E 3876 9.38 -67.53 -15.28
CA ALA E 3876 8.44 -68.37 -16.03
C ALA E 3876 7.51 -67.53 -16.88
N ASP E 3877 6.88 -66.52 -16.28
CA ASP E 3877 5.97 -65.64 -17.00
C ASP E 3877 6.68 -64.40 -17.52
N ASP E 3878 7.79 -64.60 -18.23
CA ASP E 3878 8.50 -63.48 -18.84
C ASP E 3878 7.76 -62.97 -20.07
N GLU E 3879 7.24 -63.90 -20.88
CA GLU E 3879 6.49 -63.50 -22.08
C GLU E 3879 5.23 -62.73 -21.70
N PHE E 3880 4.54 -63.16 -20.64
CA PHE E 3880 3.34 -62.46 -20.21
C PHE E 3880 3.66 -61.04 -19.76
N THR E 3881 4.74 -60.86 -18.99
CA THR E 3881 5.12 -59.52 -18.56
C THR E 3881 5.51 -58.65 -19.75
N GLN E 3882 6.28 -59.21 -20.69
CA GLN E 3882 6.66 -58.46 -21.88
C GLN E 3882 5.44 -58.04 -22.68
N ASP E 3883 4.47 -58.94 -22.84
CA ASP E 3883 3.24 -58.60 -23.57
C ASP E 3883 2.45 -57.53 -22.82
N LEU E 3884 2.38 -57.62 -21.50
CA LEU E 3884 1.64 -56.63 -20.71
C LEU E 3884 2.25 -55.24 -20.87
N PHE E 3885 3.58 -55.15 -20.76
CA PHE E 3885 4.22 -53.85 -20.92
C PHE E 3885 4.14 -53.35 -22.36
N ARG E 3886 4.19 -54.28 -23.33
CA ARG E 3886 4.03 -53.89 -24.73
C ARG E 3886 2.64 -53.29 -24.96
N PHE E 3887 1.60 -53.93 -24.41
CA PHE E 3887 0.25 -53.40 -24.54
C PHE E 3887 0.14 -52.04 -23.86
N LEU E 3888 0.68 -51.92 -22.64
CA LEU E 3888 0.62 -50.65 -21.92
C LEU E 3888 1.40 -49.55 -22.62
N GLN E 3889 2.43 -49.91 -23.40
CA GLN E 3889 3.21 -48.92 -24.14
C GLN E 3889 2.50 -48.45 -25.41
N LEU E 3890 2.04 -49.40 -26.24
CA LEU E 3890 1.31 -49.01 -27.44
C LEU E 3890 -0.09 -48.51 -27.15
N LEU E 3891 -0.59 -48.65 -25.92
CA LEU E 3891 -1.87 -48.05 -25.62
C LEU E 3891 -1.71 -46.54 -25.46
N CYS E 3892 -0.55 -46.11 -24.97
CA CYS E 3892 -0.22 -44.69 -24.87
C CYS E 3892 0.60 -44.19 -26.06
N GLU E 3893 0.82 -45.05 -27.07
CA GLU E 3893 1.51 -44.66 -28.29
C GLU E 3893 0.77 -43.54 -29.01
N GLY E 3894 1.53 -42.62 -29.58
CA GLY E 3894 0.98 -41.49 -30.28
C GLY E 3894 0.97 -40.19 -29.50
N HIS E 3895 1.55 -40.17 -28.30
CA HIS E 3895 1.60 -38.97 -27.45
C HIS E 3895 0.19 -38.43 -27.18
N ASN E 3896 -0.75 -39.34 -26.93
CA ASN E 3896 -2.13 -38.98 -26.62
C ASN E 3896 -2.17 -38.49 -25.19
N ASN E 3897 -2.25 -37.16 -25.01
CA ASN E 3897 -2.23 -36.59 -23.67
C ASN E 3897 -3.48 -36.94 -22.88
N ASP E 3898 -4.61 -37.11 -23.56
CA ASP E 3898 -5.86 -37.41 -22.86
C ASP E 3898 -5.77 -38.75 -22.13
N PHE E 3899 -5.27 -39.79 -22.81
CA PHE E 3899 -5.13 -41.08 -22.16
C PHE E 3899 -4.11 -41.03 -21.04
N GLN E 3900 -3.02 -40.28 -21.22
CA GLN E 3900 -2.02 -40.16 -20.17
C GLN E 3900 -2.60 -39.50 -18.92
N ASN E 3901 -3.38 -38.44 -19.10
CA ASN E 3901 -4.01 -37.78 -17.97
C ASN E 3901 -5.04 -38.69 -17.30
N TYR E 3902 -5.83 -39.41 -18.09
CA TYR E 3902 -6.82 -40.31 -17.52
C TYR E 3902 -6.16 -41.45 -16.74
N LEU E 3903 -5.06 -41.98 -17.26
CA LEU E 3903 -4.33 -43.04 -16.58
C LEU E 3903 -3.69 -42.51 -15.30
N ARG E 3904 -3.20 -41.27 -15.32
CA ARG E 3904 -2.65 -40.68 -14.10
C ARG E 3904 -3.72 -40.53 -13.03
N THR E 3905 -4.87 -39.96 -13.38
CA THR E 3905 -5.97 -39.76 -12.44
C THR E 3905 -7.28 -40.02 -13.17
N GLN E 3906 -8.00 -41.05 -12.73
CA GLN E 3906 -9.26 -41.40 -13.35
C GLN E 3906 -10.34 -40.40 -12.98
N THR E 3907 -11.25 -40.14 -13.93
CA THR E 3907 -12.36 -39.23 -13.74
C THR E 3907 -13.71 -39.93 -13.72
N GLY E 3908 -13.97 -40.80 -14.71
CA GLY E 3908 -15.23 -41.50 -14.74
C GLY E 3908 -15.39 -42.50 -13.60
N ASN E 3909 -14.32 -43.22 -13.28
CA ASN E 3909 -14.38 -44.19 -12.19
C ASN E 3909 -14.50 -43.49 -10.85
N THR E 3910 -15.25 -44.12 -9.94
CA THR E 3910 -15.42 -43.54 -8.61
C THR E 3910 -14.09 -43.49 -7.85
N THR E 3911 -13.30 -44.54 -7.95
CA THR E 3911 -11.97 -44.59 -7.34
C THR E 3911 -10.92 -44.62 -8.44
N THR E 3912 -9.87 -43.82 -8.29
CA THR E 3912 -8.80 -43.72 -9.26
C THR E 3912 -7.60 -44.54 -8.82
N ILE E 3913 -6.94 -45.18 -9.77
CA ILE E 3913 -5.74 -45.98 -9.51
C ILE E 3913 -4.62 -45.43 -10.38
N ASN E 3914 -3.48 -45.13 -9.76
CA ASN E 3914 -2.31 -44.62 -10.48
C ASN E 3914 -1.42 -45.81 -10.81
N ILE E 3915 -1.52 -46.30 -12.05
CA ILE E 3915 -0.77 -47.49 -12.44
C ILE E 3915 0.71 -47.18 -12.65
N ILE E 3916 1.04 -45.90 -12.87
CA ILE E 3916 2.45 -45.56 -13.10
C ILE E 3916 3.28 -45.84 -11.87
N ILE E 3917 2.80 -45.45 -10.68
CA ILE E 3917 3.55 -45.66 -9.45
C ILE E 3917 3.72 -47.16 -9.16
N CYS E 3918 2.67 -47.93 -9.40
CA CYS E 3918 2.78 -49.38 -9.19
C CYS E 3918 3.77 -49.99 -10.19
N THR E 3919 3.84 -49.43 -11.39
CA THR E 3919 4.89 -49.84 -12.32
C THR E 3919 6.28 -49.49 -11.76
N VAL E 3920 6.39 -48.34 -11.07
CA VAL E 3920 7.66 -48.01 -10.44
C VAL E 3920 8.04 -49.04 -9.39
N ASP E 3921 7.09 -49.47 -8.54
CA ASP E 3921 7.47 -50.46 -7.54
C ASP E 3921 7.79 -51.80 -8.18
N TYR E 3922 7.13 -52.13 -9.29
CA TYR E 3922 7.49 -53.34 -10.03
C TYR E 3922 8.92 -53.24 -10.54
N LEU E 3923 9.32 -52.06 -11.04
CA LEU E 3923 10.70 -51.86 -11.46
C LEU E 3923 11.66 -51.95 -10.29
N LEU E 3924 11.25 -51.47 -9.11
CA LEU E 3924 12.06 -51.62 -7.91
C LEU E 3924 12.28 -53.09 -7.58
N ARG E 3925 11.22 -53.89 -7.64
CA ARG E 3925 11.34 -55.32 -7.37
C ARG E 3925 12.25 -56.00 -8.38
N LEU E 3926 12.12 -55.64 -9.66
CA LEU E 3926 13.00 -56.20 -10.68
C LEU E 3926 14.45 -55.81 -10.44
N GLN E 3927 14.68 -54.56 -10.02
CA GLN E 3927 16.04 -54.12 -9.74
C GLN E 3927 16.63 -54.88 -8.56
N GLU E 3928 15.83 -55.10 -7.51
CA GLU E 3928 16.30 -55.90 -6.38
C GLU E 3928 16.63 -57.32 -6.81
N SER E 3929 15.77 -57.91 -7.64
CA SER E 3929 16.01 -59.28 -8.10
C SER E 3929 17.28 -59.38 -8.93
N ILE E 3930 17.48 -58.45 -9.87
CA ILE E 3930 18.65 -58.51 -10.73
C ILE E 3930 19.92 -58.22 -9.92
N SER E 3931 19.84 -57.31 -8.96
CA SER E 3931 20.99 -57.05 -8.10
C SER E 3931 21.36 -58.29 -7.29
N ASP E 3932 20.37 -58.97 -6.73
CA ASP E 3932 20.64 -60.20 -5.98
C ASP E 3932 21.22 -61.28 -6.90
N PHE E 3933 20.70 -61.39 -8.12
CA PHE E 3933 21.22 -62.36 -9.07
C PHE E 3933 22.69 -62.10 -9.40
N TYR E 3934 23.02 -60.86 -9.75
CA TYR E 3934 24.40 -60.53 -10.06
C TYR E 3934 25.29 -60.74 -8.83
N TRP E 3935 24.79 -60.41 -7.64
CA TRP E 3935 25.62 -60.49 -6.46
C TRP E 3935 25.85 -61.94 -6.03
N TYR E 3936 24.91 -62.82 -6.38
CA TYR E 3936 25.14 -64.24 -6.16
C TYR E 3936 26.12 -64.80 -7.18
N TYR E 3937 26.04 -64.35 -8.43
CA TYR E 3937 27.00 -64.81 -9.43
C TYR E 3937 28.37 -64.15 -9.32
N SER E 3938 28.50 -63.11 -8.49
CA SER E 3938 29.80 -62.45 -8.34
C SER E 3938 30.86 -63.40 -7.81
N GLY E 3939 30.49 -64.25 -6.84
CA GLY E 3939 31.43 -65.24 -6.34
C GLY E 3939 31.78 -66.30 -7.37
N LYS E 3940 30.86 -66.59 -8.29
CA LYS E 3940 31.08 -67.61 -9.31
C LYS E 3940 31.86 -67.08 -10.51
N ASP E 3941 32.19 -65.80 -10.55
CA ASP E 3941 32.95 -65.19 -11.63
C ASP E 3941 32.26 -65.37 -12.97
N VAL E 3942 32.72 -66.34 -13.77
CA VAL E 3942 32.16 -66.56 -15.09
C VAL E 3942 30.74 -67.10 -14.96
N ILE E 3943 29.81 -66.48 -15.67
CA ILE E 3943 28.41 -66.89 -15.62
C ILE E 3943 28.21 -68.16 -16.43
N GLU E 3944 27.39 -69.07 -15.93
CA GLU E 3944 27.10 -70.31 -16.62
C GLU E 3944 26.09 -70.08 -17.73
N GLU E 3945 25.86 -71.12 -18.54
CA GLU E 3945 24.93 -71.02 -19.66
C GLU E 3945 23.51 -70.74 -19.17
N GLN E 3946 23.07 -71.47 -18.13
CA GLN E 3946 21.76 -71.20 -17.55
C GLN E 3946 21.72 -69.80 -16.92
N GLY E 3947 22.80 -69.43 -16.23
CA GLY E 3947 22.88 -68.08 -15.70
C GLY E 3947 22.89 -67.03 -16.79
N LYS E 3948 23.58 -67.31 -17.90
CA LYS E 3948 23.58 -66.37 -19.02
C LYS E 3948 22.19 -66.21 -19.60
N ARG E 3949 21.44 -67.31 -19.75
CA ARG E 3949 20.08 -67.23 -20.25
C ARG E 3949 19.17 -66.46 -19.30
N ASN E 3950 19.32 -66.72 -17.99
CA ASN E 3950 18.52 -65.99 -17.01
C ASN E 3950 18.84 -64.50 -17.03
N PHE E 3951 20.13 -64.15 -17.15
CA PHE E 3951 20.51 -62.75 -17.26
C PHE E 3951 19.93 -62.13 -18.52
N SER E 3952 19.99 -62.84 -19.64
CA SER E 3952 19.45 -62.32 -20.90
C SER E 3952 17.96 -62.06 -20.76
N LYS E 3953 17.23 -63.00 -20.16
CA LYS E 3953 15.80 -62.79 -19.94
C LYS E 3953 15.56 -61.58 -19.04
N ALA E 3954 16.35 -61.44 -17.97
CA ALA E 3954 16.17 -60.32 -17.05
C ALA E 3954 16.39 -58.99 -17.74
N MET E 3955 17.45 -58.89 -18.55
CA MET E 3955 17.69 -57.64 -19.28
C MET E 3955 16.63 -57.42 -20.35
N SER E 3956 16.06 -58.49 -20.92
CA SER E 3956 14.97 -58.32 -21.87
C SER E 3956 13.74 -57.73 -21.20
N VAL E 3957 13.37 -58.24 -20.02
CA VAL E 3957 12.25 -57.67 -19.28
C VAL E 3957 12.56 -56.23 -18.87
N ALA E 3958 13.79 -55.96 -18.44
CA ALA E 3958 14.15 -54.60 -18.06
C ALA E 3958 14.08 -53.65 -19.25
N LYS E 3959 14.54 -54.09 -20.42
CA LYS E 3959 14.45 -53.27 -21.63
C LYS E 3959 13.00 -53.01 -22.00
N GLN E 3960 12.15 -54.04 -21.89
CA GLN E 3960 10.74 -53.85 -22.23
C GLN E 3960 10.06 -52.86 -21.28
N VAL E 3961 10.32 -52.99 -19.97
CA VAL E 3961 9.68 -52.07 -19.03
C VAL E 3961 10.26 -50.67 -19.18
N PHE E 3962 11.54 -50.54 -19.53
CA PHE E 3962 12.11 -49.21 -19.76
C PHE E 3962 11.55 -48.59 -21.03
N ASN E 3963 11.28 -49.40 -22.05
CA ASN E 3963 10.59 -48.90 -23.24
C ASN E 3963 9.19 -48.42 -22.91
N SER E 3964 8.48 -49.17 -22.06
CA SER E 3964 7.17 -48.73 -21.61
C SER E 3964 7.26 -47.41 -20.85
N LEU E 3965 8.28 -47.27 -20.00
CA LEU E 3965 8.46 -46.02 -19.27
C LEU E 3965 8.78 -44.85 -20.20
N THR E 3966 9.61 -45.10 -21.22
CA THR E 3966 9.90 -44.06 -22.20
C THR E 3966 8.63 -43.62 -22.90
N GLU E 3967 7.78 -44.57 -23.29
CA GLU E 3967 6.53 -44.19 -23.91
C GLU E 3967 5.60 -43.48 -22.95
N TYR E 3968 5.66 -43.82 -21.66
CA TYR E 3968 4.85 -43.13 -20.67
C TYR E 3968 5.28 -41.68 -20.51
N ILE E 3969 6.59 -41.42 -20.59
CA ILE E 3969 7.13 -40.11 -20.25
C ILE E 3969 7.45 -39.22 -21.46
N GLN E 3970 7.43 -39.77 -22.68
CA GLN E 3970 7.79 -38.97 -23.85
C GLN E 3970 6.82 -37.81 -24.09
N GLY E 3971 5.53 -38.06 -23.90
CA GLY E 3971 4.52 -37.06 -24.13
C GLY E 3971 4.70 -35.84 -23.25
N PRO E 3972 4.33 -34.66 -23.77
CA PRO E 3972 4.47 -33.40 -23.01
C PRO E 3972 3.46 -33.25 -21.89
N CYS E 3973 3.41 -34.24 -21.00
CA CYS E 3973 2.49 -34.24 -19.86
C CYS E 3973 3.28 -33.84 -18.62
N THR E 3974 3.10 -32.58 -18.19
CA THR E 3974 3.79 -32.10 -16.99
C THR E 3974 3.29 -32.82 -15.75
N GLY E 3975 2.01 -33.21 -15.73
CA GLY E 3975 1.47 -33.93 -14.59
C GLY E 3975 2.14 -35.27 -14.37
N ASN E 3976 2.39 -36.00 -15.47
CA ASN E 3976 3.10 -37.27 -15.36
C ASN E 3976 4.53 -37.06 -14.87
N GLN E 3977 5.18 -35.98 -15.32
CA GLN E 3977 6.52 -35.67 -14.85
C GLN E 3977 6.53 -35.39 -13.35
N GLN E 3978 5.55 -34.62 -12.86
CA GLN E 3978 5.47 -34.35 -11.43
C GLN E 3978 5.18 -35.62 -10.65
N SER E 3979 4.29 -36.47 -11.16
CA SER E 3979 3.99 -37.73 -10.48
C SER E 3979 5.22 -38.62 -10.40
N LEU E 3980 6.02 -38.66 -11.47
CA LEU E 3980 7.26 -39.42 -11.45
C LEU E 3980 8.25 -38.82 -10.46
N ALA E 3981 8.29 -37.49 -10.38
CA ALA E 3981 9.20 -36.82 -9.45
C ALA E 3981 8.84 -37.15 -8.01
N HIS E 3982 7.54 -37.18 -7.69
CA HIS E 3982 7.11 -37.52 -6.34
C HIS E 3982 7.32 -38.99 -5.99
N SER E 3983 7.64 -39.83 -6.96
CA SER E 3983 7.87 -41.24 -6.71
C SER E 3983 9.30 -41.47 -6.22
N ARG E 3984 9.59 -42.71 -5.81
CA ARG E 3984 10.90 -43.11 -5.30
C ARG E 3984 11.73 -43.81 -6.37
N LEU E 3985 11.46 -43.48 -7.63
CA LEU E 3985 12.11 -44.19 -8.76
C LEU E 3985 13.59 -43.87 -8.85
N TRP E 3986 14.00 -42.68 -8.38
CA TRP E 3986 15.42 -42.32 -8.56
C TRP E 3986 16.26 -43.44 -7.94
N ASP E 3987 15.72 -44.11 -6.94
CA ASP E 3987 16.44 -45.25 -6.31
C ASP E 3987 16.68 -46.31 -7.39
N ALA E 3988 15.64 -46.59 -8.18
CA ALA E 3988 15.76 -47.62 -9.24
C ALA E 3988 16.94 -47.24 -10.13
N VAL E 3989 17.02 -45.95 -10.49
CA VAL E 3989 18.09 -45.51 -11.41
C VAL E 3989 19.39 -45.77 -10.64
N VAL E 3990 19.45 -45.34 -9.37
CA VAL E 3990 20.73 -45.48 -8.62
C VAL E 3990 21.15 -46.96 -8.63
N GLY E 3991 20.26 -47.82 -8.16
CA GLY E 3991 20.60 -49.26 -8.12
C GLY E 3991 20.96 -49.86 -9.46
N PHE E 3992 20.20 -49.48 -10.48
CA PHE E 3992 20.43 -50.05 -11.83
C PHE E 3992 21.84 -49.67 -12.28
N LEU E 3993 22.23 -48.41 -12.06
CA LEU E 3993 23.55 -47.96 -12.57
C LEU E 3993 24.62 -48.86 -11.95
N HIS E 3994 24.52 -49.12 -10.65
CA HIS E 3994 25.58 -49.91 -9.97
C HIS E 3994 25.67 -51.30 -10.59
N VAL E 3995 24.54 -51.99 -10.70
CA VAL E 3995 24.60 -53.39 -11.20
C VAL E 3995 25.18 -53.36 -12.62
N PHE E 3996 24.71 -52.40 -13.42
CA PHE E 3996 25.18 -52.33 -14.83
C PHE E 3996 26.69 -52.14 -14.83
N ALA E 3997 27.18 -51.17 -14.06
CA ALA E 3997 28.63 -50.88 -14.09
C ALA E 3997 29.41 -52.13 -13.67
N HIS E 3998 29.07 -52.69 -12.50
CA HIS E 3998 29.85 -53.85 -12.01
C HIS E 3998 29.66 -55.01 -12.98
N MET E 3999 28.41 -55.25 -13.39
CA MET E 3999 28.15 -56.33 -14.38
C MET E 3999 29.05 -56.06 -15.58
N MET E 4000 29.04 -54.82 -16.07
CA MET E 4000 29.86 -54.50 -17.22
C MET E 4000 31.31 -54.84 -16.96
N MET E 4001 31.81 -54.52 -15.75
CA MET E 4001 33.15 -54.95 -15.40
C MET E 4001 33.28 -56.47 -15.41
N LYS E 4002 32.29 -57.17 -14.84
CA LYS E 4002 32.37 -58.61 -14.69
C LYS E 4002 32.43 -59.31 -16.05
N LEU E 4003 31.47 -59.01 -16.93
CA LEU E 4003 31.48 -59.63 -18.25
C LEU E 4003 32.41 -58.94 -19.25
N ALA E 4004 33.07 -57.84 -18.87
CA ALA E 4004 34.19 -57.36 -19.67
C ALA E 4004 35.46 -58.10 -19.32
N GLN E 4005 35.56 -58.61 -18.09
CA GLN E 4005 36.68 -59.48 -17.76
C GLN E 4005 36.68 -60.75 -18.58
N ASP E 4006 35.52 -61.16 -19.10
CA ASP E 4006 35.39 -62.35 -19.92
C ASP E 4006 35.12 -61.95 -21.37
N SER E 4007 35.81 -62.62 -22.29
CA SER E 4007 35.70 -62.30 -23.71
C SER E 4007 34.60 -63.07 -24.43
N SER E 4008 33.90 -63.97 -23.74
CA SER E 4008 32.88 -64.82 -24.37
C SER E 4008 31.47 -64.28 -24.20
N GLN E 4009 31.30 -63.09 -23.61
CA GLN E 4009 29.99 -62.53 -23.33
C GLN E 4009 29.69 -61.33 -24.23
N ILE E 4010 30.09 -61.42 -25.50
CA ILE E 4010 29.91 -60.30 -26.43
C ILE E 4010 28.43 -59.99 -26.64
N GLU E 4011 27.61 -61.03 -26.84
CA GLU E 4011 26.18 -60.82 -27.00
C GLU E 4011 25.56 -60.28 -25.71
N LEU E 4012 26.01 -60.79 -24.56
CA LEU E 4012 25.51 -60.28 -23.29
C LEU E 4012 25.88 -58.82 -23.11
N LEU E 4013 27.10 -58.43 -23.52
CA LEU E 4013 27.48 -57.02 -23.49
C LEU E 4013 26.59 -56.20 -24.43
N LYS E 4014 26.31 -56.72 -25.62
CA LYS E 4014 25.46 -55.98 -26.55
C LYS E 4014 24.09 -55.73 -25.94
N GLU E 4015 23.50 -56.75 -25.31
CA GLU E 4015 22.22 -56.57 -24.63
C GLU E 4015 22.36 -55.59 -23.47
N LEU E 4016 23.49 -55.62 -22.76
CA LEU E 4016 23.69 -54.72 -21.64
C LEU E 4016 23.72 -53.25 -22.08
N LEU E 4017 24.50 -52.93 -23.12
CA LEU E 4017 24.47 -51.54 -23.58
C LEU E 4017 23.18 -51.19 -24.32
N ASP E 4018 22.45 -52.17 -24.84
CA ASP E 4018 21.11 -51.87 -25.34
C ASP E 4018 20.20 -51.40 -24.21
N LEU E 4019 20.20 -52.15 -23.10
CA LEU E 4019 19.47 -51.71 -21.91
C LEU E 4019 20.02 -50.38 -21.40
N GLN E 4020 21.32 -50.16 -21.55
CA GLN E 4020 21.91 -48.88 -21.18
C GLN E 4020 21.28 -47.74 -21.95
N LYS E 4021 21.24 -47.86 -23.28
CA LYS E 4021 20.65 -46.84 -24.12
C LYS E 4021 19.19 -46.61 -23.77
N ASP E 4022 18.45 -47.70 -23.52
CA ASP E 4022 17.05 -47.55 -23.12
C ASP E 4022 16.91 -46.78 -21.81
N MET E 4023 17.76 -47.09 -20.82
CA MET E 4023 17.69 -46.37 -19.56
C MET E 4023 18.00 -44.89 -19.74
N VAL E 4024 19.05 -44.58 -20.51
CA VAL E 4024 19.44 -43.17 -20.66
C VAL E 4024 18.42 -42.40 -21.49
N VAL E 4025 17.78 -43.02 -22.47
CA VAL E 4025 16.71 -42.30 -23.17
C VAL E 4025 15.53 -42.07 -22.22
N MET E 4026 15.26 -43.04 -21.33
CA MET E 4026 14.21 -42.81 -20.32
C MET E 4026 14.57 -41.62 -19.42
N LEU E 4027 15.82 -41.58 -18.96
CA LEU E 4027 16.24 -40.51 -18.06
C LEU E 4027 16.21 -39.16 -18.76
N LEU E 4028 16.66 -39.10 -20.02
CA LEU E 4028 16.65 -37.85 -20.77
C LEU E 4028 15.23 -37.38 -21.04
N SER E 4029 14.32 -38.31 -21.38
CA SER E 4029 12.93 -37.94 -21.61
C SER E 4029 12.27 -37.45 -20.33
N LEU E 4030 12.65 -38.02 -19.18
CA LEU E 4030 12.21 -37.46 -17.91
C LEU E 4030 12.78 -36.05 -17.73
N LEU E 4031 14.03 -35.84 -18.15
CA LEU E 4031 14.63 -34.52 -18.12
C LEU E 4031 13.96 -33.57 -19.12
N GLU E 4032 13.48 -34.09 -20.25
CA GLU E 4032 12.96 -33.23 -21.31
C GLU E 4032 11.83 -32.35 -20.80
N GLY E 4033 11.85 -31.09 -21.22
CA GLY E 4033 10.87 -30.12 -20.77
C GLY E 4033 11.18 -29.47 -19.44
N ASN E 4034 12.35 -29.71 -18.86
CA ASN E 4034 12.68 -29.15 -17.56
C ASN E 4034 12.92 -27.65 -17.66
N VAL E 4035 12.49 -26.92 -16.63
CA VAL E 4035 12.75 -25.49 -16.55
C VAL E 4035 14.22 -25.26 -16.28
N VAL E 4036 14.73 -24.10 -16.70
CA VAL E 4036 16.13 -23.76 -16.49
C VAL E 4036 16.52 -23.80 -15.02
N ASN E 4037 15.55 -23.65 -14.11
CA ASN E 4037 15.78 -23.77 -12.67
C ASN E 4037 14.55 -24.45 -12.08
N GLY E 4038 14.62 -25.78 -11.96
CA GLY E 4038 13.49 -26.56 -11.46
C GLY E 4038 13.96 -27.68 -10.56
N MET E 4039 12.99 -28.26 -9.85
CA MET E 4039 13.28 -29.36 -8.93
C MET E 4039 13.69 -30.64 -9.65
N ILE E 4040 13.27 -30.78 -10.91
CA ILE E 4040 13.53 -32.06 -11.64
C ILE E 4040 15.01 -32.13 -12.03
N ALA E 4041 15.51 -31.11 -12.72
CA ALA E 4041 16.91 -31.17 -13.19
C ALA E 4041 17.82 -31.31 -11.97
N ARG E 4042 17.59 -30.49 -10.94
CA ARG E 4042 18.43 -30.57 -9.73
C ARG E 4042 18.31 -31.96 -9.15
N GLN E 4043 17.10 -32.52 -9.14
CA GLN E 4043 16.87 -33.85 -8.52
C GLN E 4043 17.75 -34.88 -9.22
N MET E 4044 17.74 -34.90 -10.55
CA MET E 4044 18.52 -35.91 -11.30
C MET E 4044 20.00 -35.70 -10.98
N VAL E 4045 20.40 -34.43 -10.82
CA VAL E 4045 21.84 -34.14 -10.58
C VAL E 4045 22.10 -34.85 -9.25
N ASP E 4046 21.19 -34.67 -8.29
CA ASP E 4046 21.38 -35.30 -6.96
C ASP E 4046 21.61 -36.81 -7.13
N MET E 4047 20.68 -37.45 -7.85
CA MET E 4047 20.79 -38.91 -8.09
C MET E 4047 22.14 -39.44 -8.62
N LEU E 4048 22.71 -38.73 -9.59
CA LEU E 4048 24.00 -39.19 -10.17
C LEU E 4048 25.10 -39.14 -9.10
N VAL E 4049 25.13 -38.07 -8.31
CA VAL E 4049 26.19 -37.91 -7.27
C VAL E 4049 25.97 -39.05 -6.27
N GLU E 4050 24.71 -39.38 -5.99
CA GLU E 4050 24.42 -40.44 -4.99
C GLU E 4050 25.11 -41.73 -5.44
N SER E 4051 25.11 -42.00 -6.74
CA SER E 4051 25.83 -43.19 -7.26
C SER E 4051 27.17 -42.73 -7.84
N SER E 4052 27.57 -41.51 -7.51
CA SER E 4052 28.84 -40.95 -8.06
C SER E 4052 29.78 -42.09 -8.46
N SER E 4053 30.12 -42.96 -7.51
CA SER E 4053 31.07 -44.02 -7.83
C SER E 4053 30.73 -44.71 -9.14
N ASN E 4054 29.45 -45.04 -9.35
CA ASN E 4054 29.06 -45.82 -10.52
C ASN E 4054 29.24 -45.02 -11.81
N VAL E 4055 28.74 -43.78 -11.83
CA VAL E 4055 28.87 -42.94 -13.01
C VAL E 4055 30.32 -42.55 -13.24
N GLU E 4056 31.09 -42.32 -12.16
CA GLU E 4056 32.51 -42.07 -12.33
C GLU E 4056 33.23 -43.27 -12.96
N MET E 4057 32.89 -44.47 -12.51
CA MET E 4057 33.49 -45.68 -13.07
C MET E 4057 33.12 -45.86 -14.54
N ILE E 4058 31.85 -45.61 -14.89
CA ILE E 4058 31.42 -45.73 -16.27
C ILE E 4058 32.13 -44.70 -17.14
N LEU E 4059 32.22 -43.46 -16.66
CA LEU E 4059 32.90 -42.41 -17.42
C LEU E 4059 34.37 -42.74 -17.63
N LYS E 4060 35.04 -43.25 -16.58
CA LYS E 4060 36.41 -43.71 -16.76
C LYS E 4060 36.50 -44.82 -17.79
N PHE E 4061 35.73 -45.90 -17.59
CA PHE E 4061 35.68 -47.00 -18.55
C PHE E 4061 35.65 -46.48 -19.98
N PHE E 4062 34.71 -45.59 -20.27
CA PHE E 4062 34.65 -44.98 -21.60
C PHE E 4062 35.94 -44.21 -21.92
N ASP E 4063 36.49 -43.51 -20.92
CA ASP E 4063 37.64 -42.64 -21.17
C ASP E 4063 38.86 -43.44 -21.61
N MET E 4064 39.25 -44.45 -20.82
CA MET E 4064 40.44 -45.18 -21.28
C MET E 4064 40.12 -46.18 -22.39
N PHE E 4065 38.86 -46.53 -22.62
CA PHE E 4065 38.57 -47.32 -23.82
C PHE E 4065 38.76 -46.48 -25.08
N LEU E 4066 38.29 -45.23 -25.06
CA LEU E 4066 38.57 -44.32 -26.16
C LEU E 4066 40.07 -44.05 -26.28
N LYS E 4067 40.76 -43.96 -25.13
CA LYS E 4067 42.20 -43.74 -25.15
C LYS E 4067 42.93 -44.90 -25.82
N LEU E 4068 42.56 -46.14 -25.49
CA LEU E 4068 43.20 -47.28 -26.11
C LEU E 4068 42.82 -47.42 -27.58
N LYS E 4069 41.60 -47.02 -27.94
CA LYS E 4069 41.25 -46.98 -29.36
C LYS E 4069 42.12 -45.98 -30.11
N ASP E 4070 42.36 -44.81 -29.52
CA ASP E 4070 43.23 -43.83 -30.15
C ASP E 4070 44.67 -44.33 -30.23
N ILE E 4071 45.13 -45.03 -29.19
CA ILE E 4071 46.48 -45.60 -29.19
C ILE E 4071 46.60 -46.62 -30.31
N VAL E 4072 45.57 -47.45 -30.48
CA VAL E 4072 45.55 -48.40 -31.61
C VAL E 4072 45.62 -47.64 -32.93
N GLY E 4073 44.88 -46.53 -33.03
CA GLY E 4073 44.98 -45.68 -34.21
C GLY E 4073 46.25 -44.85 -34.26
N SER E 4074 46.99 -44.79 -33.15
CA SER E 4074 48.23 -44.03 -33.10
C SER E 4074 49.39 -44.83 -33.70
N GLU E 4075 50.53 -44.16 -33.85
CA GLU E 4075 51.71 -44.77 -34.45
C GLU E 4075 52.51 -45.63 -33.46
N ALA E 4076 52.21 -45.55 -32.16
CA ALA E 4076 52.93 -46.36 -31.19
C ALA E 4076 52.67 -47.84 -31.43
N PHE E 4077 51.42 -48.22 -31.71
CA PHE E 4077 51.11 -49.60 -32.01
C PHE E 4077 51.81 -50.05 -33.29
N GLN E 4078 51.85 -49.19 -34.30
CA GLN E 4078 52.54 -49.52 -35.54
C GLN E 4078 54.04 -49.66 -35.30
N ASP E 4079 54.57 -48.98 -34.28
CA ASP E 4079 55.98 -49.15 -33.94
C ASP E 4079 56.22 -50.45 -33.19
N TYR E 4080 55.28 -50.84 -32.34
CA TYR E 4080 55.46 -52.02 -31.49
C TYR E 4080 55.03 -53.33 -32.14
N VAL E 4081 54.39 -53.29 -33.31
CA VAL E 4081 53.91 -54.52 -33.93
C VAL E 4081 55.06 -55.23 -34.62
N THR E 4082 55.20 -56.53 -34.34
CA THR E 4082 56.27 -57.34 -34.91
C THR E 4082 55.77 -58.44 -35.84
N ASP E 4083 54.46 -58.63 -35.96
CA ASP E 4083 53.90 -59.70 -36.78
C ASP E 4083 52.52 -59.27 -37.24
N PRO E 4084 52.02 -59.85 -38.34
CA PRO E 4084 50.66 -59.49 -38.80
C PRO E 4084 49.57 -59.83 -37.79
N ARG E 4085 49.84 -60.72 -36.84
CA ARG E 4085 48.87 -61.03 -35.80
C ARG E 4085 48.71 -59.89 -34.80
N GLY E 4086 49.55 -58.86 -34.86
CA GLY E 4086 49.46 -57.74 -33.94
C GLY E 4086 49.79 -58.08 -32.51
N LEU E 4087 50.84 -58.87 -32.28
CA LEU E 4087 51.26 -59.21 -30.92
C LEU E 4087 51.93 -58.00 -30.28
N ILE E 4088 51.36 -57.51 -29.18
CA ILE E 4088 51.88 -56.36 -28.45
C ILE E 4088 52.18 -56.79 -27.03
N SER E 4089 53.40 -56.50 -26.57
CA SER E 4089 53.78 -56.85 -25.22
C SER E 4089 53.00 -56.02 -24.21
N LYS E 4090 52.60 -56.65 -23.11
CA LYS E 4090 51.86 -55.94 -22.07
C LYS E 4090 52.70 -54.85 -21.44
N LYS E 4091 53.98 -55.13 -21.18
CA LYS E 4091 54.86 -54.13 -20.58
C LYS E 4091 55.04 -52.92 -21.50
N ASP E 4092 55.22 -53.16 -22.80
CA ASP E 4092 55.39 -52.07 -23.75
C ASP E 4092 54.12 -51.23 -23.84
N PHE E 4093 52.96 -51.89 -23.88
CA PHE E 4093 51.69 -51.16 -23.92
C PHE E 4093 51.49 -50.33 -22.66
N GLN E 4094 51.81 -50.90 -21.50
CA GLN E 4094 51.69 -50.14 -20.25
C GLN E 4094 52.63 -48.95 -20.23
N LYS E 4095 53.86 -49.13 -20.70
CA LYS E 4095 54.81 -48.02 -20.75
C LYS E 4095 54.33 -46.92 -21.69
N ALA E 4096 53.80 -47.31 -22.86
CA ALA E 4096 53.28 -46.32 -23.79
C ALA E 4096 52.09 -45.56 -23.19
N MET E 4097 51.20 -46.28 -22.52
CA MET E 4097 50.04 -45.63 -21.89
C MET E 4097 50.50 -44.67 -20.79
N ASP E 4098 51.48 -45.07 -19.99
CA ASP E 4098 52.00 -44.19 -18.95
C ASP E 4098 52.65 -42.95 -19.55
N SER E 4099 53.41 -43.12 -20.63
CA SER E 4099 54.05 -41.98 -21.28
C SER E 4099 53.01 -41.02 -21.85
N GLN E 4100 51.96 -41.56 -22.47
CA GLN E 4100 50.90 -40.74 -23.04
C GLN E 4100 49.80 -40.40 -22.03
N LYS E 4101 49.89 -40.91 -20.81
CA LYS E 4101 48.89 -40.69 -19.75
C LYS E 4101 47.50 -41.14 -20.16
N GLN E 4102 47.40 -42.04 -21.14
CA GLN E 4102 46.10 -42.51 -21.60
C GLN E 4102 45.48 -43.48 -20.59
N PHE E 4103 46.29 -44.41 -20.07
CA PHE E 4103 45.80 -45.40 -19.12
C PHE E 4103 46.81 -45.57 -18.01
N THR E 4104 46.32 -45.89 -16.81
CA THR E 4104 47.17 -46.12 -15.66
C THR E 4104 47.56 -47.59 -15.56
N GLY E 4105 48.26 -47.95 -14.49
CA GLY E 4105 48.66 -49.31 -14.25
C GLY E 4105 47.50 -50.27 -14.13
N PRO E 4106 46.60 -50.02 -13.18
CA PRO E 4106 45.39 -50.86 -13.10
C PRO E 4106 44.56 -50.83 -14.37
N GLU E 4107 44.47 -49.68 -15.05
CA GLU E 4107 43.74 -49.62 -16.30
C GLU E 4107 44.40 -50.49 -17.37
N ILE E 4108 45.74 -50.45 -17.45
CA ILE E 4108 46.45 -51.29 -18.41
C ILE E 4108 46.25 -52.76 -18.09
N GLN E 4109 46.29 -53.13 -16.81
CA GLN E 4109 46.07 -54.51 -16.42
C GLN E 4109 44.66 -54.97 -16.78
N PHE E 4110 43.66 -54.11 -16.54
CA PHE E 4110 42.29 -54.45 -16.90
C PHE E 4110 42.13 -54.61 -18.40
N LEU E 4111 42.75 -53.72 -19.18
CA LEU E 4111 42.68 -53.82 -20.63
C LEU E 4111 43.33 -55.11 -21.13
N LEU E 4112 44.48 -55.47 -20.54
CA LEU E 4112 45.14 -56.72 -20.92
C LEU E 4112 44.29 -57.92 -20.56
N SER E 4113 43.63 -57.89 -19.39
CA SER E 4113 42.75 -58.97 -19.00
C SER E 4113 41.58 -59.11 -19.97
N CYS E 4114 41.01 -57.98 -20.39
CA CYS E 4114 39.91 -58.02 -21.35
C CYS E 4114 40.37 -58.59 -22.69
N SER E 4115 41.55 -58.20 -23.14
CA SER E 4115 42.07 -58.69 -24.41
C SER E 4115 42.46 -60.17 -24.30
N GLU E 4116 42.44 -60.86 -25.42
CA GLU E 4116 42.78 -62.27 -25.47
C GLU E 4116 44.30 -62.46 -25.39
N ILE E 4123 48.07 -60.45 -31.17
CA ILE E 4123 46.91 -60.56 -30.29
C ILE E 4123 45.71 -59.86 -30.93
N ASN E 4124 45.91 -59.34 -32.13
CA ASN E 4124 44.86 -58.65 -32.89
C ASN E 4124 44.31 -57.47 -32.09
N PHE E 4125 45.18 -56.50 -31.84
CA PHE E 4125 44.80 -55.33 -31.05
C PHE E 4125 43.68 -54.53 -31.71
N GLU E 4126 43.64 -54.51 -33.05
CA GLU E 4126 42.57 -53.81 -33.74
C GLU E 4126 41.22 -54.45 -33.46
N GLU E 4127 41.16 -55.78 -33.42
CA GLU E 4127 39.92 -56.47 -33.11
C GLU E 4127 39.42 -56.11 -31.70
N PHE E 4128 40.34 -56.09 -30.73
CA PHE E 4128 39.95 -55.71 -29.37
C PHE E 4128 39.49 -54.26 -29.32
N ALA E 4129 40.18 -53.38 -30.07
CA ALA E 4129 39.81 -51.96 -30.05
C ALA E 4129 38.44 -51.72 -30.65
N ASN E 4130 38.13 -52.37 -31.78
CA ASN E 4130 36.87 -52.13 -32.47
C ASN E 4130 35.76 -53.08 -32.07
N ARG E 4131 36.02 -54.03 -31.17
CA ARG E 4131 34.99 -54.97 -30.75
C ARG E 4131 33.87 -54.26 -29.99
N PHE E 4132 34.23 -53.34 -29.10
CA PHE E 4132 33.26 -52.62 -28.29
C PHE E 4132 33.11 -51.17 -28.68
N GLN E 4133 33.84 -50.70 -29.71
CA GLN E 4133 33.71 -49.31 -30.13
C GLN E 4133 32.32 -49.02 -30.69
N GLU E 4134 31.78 -49.93 -31.49
CA GLU E 4134 30.47 -49.73 -32.10
C GLU E 4134 29.33 -50.02 -31.12
N PRO E 4135 29.33 -51.15 -30.39
CA PRO E 4135 28.22 -51.37 -29.43
C PRO E 4135 28.11 -50.30 -28.36
N ALA E 4136 29.23 -49.72 -27.93
CA ALA E 4136 29.21 -48.70 -26.90
C ALA E 4136 29.10 -47.29 -27.44
N ARG E 4137 28.99 -47.14 -28.76
CA ARG E 4137 28.86 -45.79 -29.34
C ARG E 4137 27.54 -45.15 -28.95
N ASP E 4138 26.44 -45.91 -29.03
CA ASP E 4138 25.13 -45.35 -28.76
C ASP E 4138 25.01 -44.93 -27.29
N ILE E 4139 25.45 -45.78 -26.38
CA ILE E 4139 25.36 -45.47 -24.95
C ILE E 4139 26.26 -44.28 -24.61
N GLY E 4140 27.48 -44.25 -25.16
CA GLY E 4140 28.36 -43.13 -24.91
C GLY E 4140 27.78 -41.82 -25.41
N PHE E 4141 27.19 -41.84 -26.61
CA PHE E 4141 26.53 -40.65 -27.14
C PHE E 4141 25.37 -40.23 -26.23
N ASN E 4142 24.58 -41.20 -25.77
CA ASN E 4142 23.44 -40.86 -24.92
C ASN E 4142 23.87 -40.23 -23.60
N VAL E 4143 24.90 -40.79 -22.95
CA VAL E 4143 25.33 -40.21 -21.68
C VAL E 4143 25.97 -38.85 -21.91
N ALA E 4144 26.70 -38.69 -23.02
CA ALA E 4144 27.26 -37.38 -23.33
C ALA E 4144 26.18 -36.34 -23.52
N VAL E 4145 25.11 -36.70 -24.23
CA VAL E 4145 23.98 -35.78 -24.40
C VAL E 4145 23.33 -35.47 -23.06
N LEU E 4146 23.21 -36.49 -22.20
CA LEU E 4146 22.62 -36.28 -20.88
C LEU E 4146 23.41 -35.27 -20.05
N LEU E 4147 24.74 -35.46 -19.99
CA LEU E 4147 25.56 -34.53 -19.23
C LEU E 4147 25.57 -33.14 -19.86
N THR E 4148 25.54 -33.06 -21.20
CA THR E 4148 25.48 -31.76 -21.86
C THR E 4148 24.19 -31.03 -21.49
N ASN E 4149 23.06 -31.73 -21.52
CA ASN E 4149 21.79 -31.12 -21.15
C ASN E 4149 21.80 -30.69 -19.68
N LEU E 4150 22.34 -31.53 -18.81
CA LEU E 4150 22.40 -31.19 -17.38
C LEU E 4150 23.26 -29.95 -17.14
N SER E 4151 24.41 -29.87 -17.81
CA SER E 4151 25.28 -28.71 -17.65
C SER E 4151 24.64 -27.45 -18.22
N GLU E 4152 23.95 -27.57 -19.36
CA GLU E 4152 23.35 -26.40 -19.98
C GLU E 4152 22.13 -25.89 -19.21
N HIS E 4153 21.39 -26.80 -18.57
CA HIS E 4153 20.16 -26.40 -17.91
C HIS E 4153 20.43 -25.62 -16.62
N VAL E 4154 21.09 -26.26 -15.66
CA VAL E 4154 21.37 -25.66 -14.37
C VAL E 4154 22.88 -25.43 -14.26
N PRO E 4155 23.34 -24.18 -14.26
CA PRO E 4155 24.78 -23.93 -14.06
C PRO E 4155 25.15 -23.89 -12.58
N HIS E 4156 26.41 -23.55 -12.30
CA HIS E 4156 26.91 -23.41 -10.93
C HIS E 4156 26.75 -24.72 -10.15
N ASP E 4157 27.16 -25.81 -10.77
CA ASP E 4157 27.13 -27.14 -10.15
C ASP E 4157 28.53 -27.72 -10.19
N PRO E 4158 29.31 -27.56 -9.12
CA PRO E 4158 30.68 -28.09 -9.12
C PRO E 4158 30.76 -29.59 -9.34
N ARG E 4159 29.80 -30.35 -8.80
CA ARG E 4159 29.79 -31.80 -9.02
C ARG E 4159 29.55 -32.11 -10.50
N LEU E 4160 28.63 -31.39 -11.14
CA LEU E 4160 28.40 -31.59 -12.57
C LEU E 4160 29.63 -31.24 -13.38
N ARG E 4161 30.33 -30.17 -13.00
CA ARG E 4161 31.58 -29.82 -13.67
C ARG E 4161 32.62 -30.92 -13.50
N ASN E 4162 32.70 -31.50 -12.31
CA ASN E 4162 33.63 -32.61 -12.08
C ASN E 4162 33.29 -33.80 -12.96
N PHE E 4163 32.00 -34.13 -13.07
CA PHE E 4163 31.61 -35.26 -13.90
C PHE E 4163 31.91 -34.98 -15.37
N LEU E 4164 31.66 -33.76 -15.83
CA LEU E 4164 31.96 -33.40 -17.21
C LEU E 4164 33.46 -33.47 -17.48
N GLU E 4165 34.28 -33.00 -16.54
CA GLU E 4165 35.73 -33.06 -16.71
C GLU E 4165 36.22 -34.50 -16.74
N LEU E 4166 35.65 -35.37 -15.89
CA LEU E 4166 36.06 -36.77 -15.88
C LEU E 4166 35.74 -37.43 -17.22
N ALA E 4167 34.54 -37.16 -17.75
CA ALA E 4167 34.09 -37.73 -19.02
C ALA E 4167 34.29 -36.78 -20.18
N GLU E 4168 35.29 -35.89 -20.10
CA GLU E 4168 35.54 -34.94 -21.17
C GLU E 4168 35.96 -35.59 -22.47
N SER E 4169 36.56 -36.79 -22.40
CA SER E 4169 36.97 -37.48 -23.61
C SER E 4169 35.77 -37.86 -24.47
N ILE E 4170 34.68 -38.31 -23.83
CA ILE E 4170 33.48 -38.69 -24.58
C ILE E 4170 32.89 -37.48 -25.28
N LEU E 4171 32.81 -36.34 -24.59
CA LEU E 4171 32.27 -35.13 -25.20
C LEU E 4171 33.16 -34.64 -26.33
N GLU E 4172 34.49 -34.69 -26.13
CA GLU E 4172 35.40 -34.24 -27.18
C GLU E 4172 35.32 -35.12 -28.42
N TYR E 4173 35.22 -36.44 -28.23
CA TYR E 4173 35.16 -37.35 -29.36
C TYR E 4173 33.81 -37.28 -30.07
N PHE E 4174 32.74 -36.97 -29.34
CA PHE E 4174 31.40 -36.93 -29.90
C PHE E 4174 30.89 -35.51 -30.11
N ARG E 4175 31.78 -34.51 -30.03
CA ARG E 4175 31.36 -33.13 -30.27
C ARG E 4175 30.79 -32.90 -31.67
N PRO E 4176 31.42 -33.36 -32.75
CA PRO E 4176 30.80 -33.16 -34.08
C PRO E 4176 29.46 -33.87 -34.23
N TYR E 4177 29.16 -34.85 -33.40
CA TYR E 4177 27.91 -35.59 -33.49
C TYR E 4177 26.81 -35.04 -32.58
N LEU E 4178 27.04 -33.89 -31.96
CA LEU E 4178 26.09 -33.29 -31.03
C LEU E 4178 25.67 -31.93 -31.54
N GLY E 4179 24.36 -31.69 -31.57
CA GLY E 4179 23.81 -30.41 -31.96
C GLY E 4179 22.77 -29.93 -30.97
N ARG E 4180 22.51 -28.63 -30.98
CA ARG E 4180 21.75 -27.94 -29.94
C ARG E 4180 20.66 -27.05 -30.53
N ILE E 4181 19.84 -27.63 -31.41
CA ILE E 4181 18.77 -26.87 -32.04
C ILE E 4181 17.80 -26.38 -30.98
N GLU E 4182 17.40 -25.10 -31.09
CA GLU E 4182 16.42 -24.51 -30.19
C GLU E 4182 15.15 -24.21 -30.97
N ILE E 4183 14.02 -24.73 -30.50
CA ILE E 4183 12.71 -24.48 -31.07
C ILE E 4183 11.73 -24.19 -29.93
N MET E 4184 10.51 -23.80 -30.31
CA MET E 4184 9.46 -23.49 -29.35
C MET E 4184 8.44 -24.63 -29.36
N GLY E 4185 8.28 -25.29 -28.20
CA GLY E 4185 7.34 -26.36 -28.04
C GLY E 4185 6.03 -26.00 -27.39
N ALA E 4186 5.83 -24.74 -27.03
CA ALA E 4186 4.61 -24.28 -26.39
C ALA E 4186 4.28 -22.90 -26.92
N SER E 4187 3.36 -22.21 -26.25
CA SER E 4187 3.00 -20.86 -26.65
C SER E 4187 4.19 -19.92 -26.55
N ARG E 4188 4.96 -20.01 -25.47
CA ARG E 4188 6.17 -19.19 -25.29
C ARG E 4188 7.14 -20.01 -24.45
N ARG E 4189 8.05 -20.71 -25.12
CA ARG E 4189 9.05 -21.53 -24.44
C ARG E 4189 10.22 -21.76 -25.38
N ILE E 4190 11.35 -22.13 -24.78
CA ILE E 4190 12.58 -22.44 -25.51
C ILE E 4190 13.17 -23.73 -24.93
N GLU E 4191 13.55 -24.65 -25.80
CA GLU E 4191 14.10 -25.94 -25.39
C GLU E 4191 15.38 -26.22 -26.16
N ARG E 4192 16.28 -26.97 -25.52
CA ARG E 4192 17.56 -27.34 -26.13
C ARG E 4192 17.49 -28.80 -26.57
N ILE E 4193 16.98 -29.00 -27.79
CA ILE E 4193 16.84 -30.34 -28.33
C ILE E 4193 18.17 -30.79 -28.91
N TYR E 4194 18.54 -32.04 -28.64
CA TYR E 4194 19.80 -32.61 -29.09
C TYR E 4194 19.53 -33.82 -29.98
N PHE E 4195 20.31 -33.96 -31.04
CA PHE E 4195 20.07 -35.03 -32.00
C PHE E 4195 21.39 -35.76 -32.25
N GLU E 4196 21.39 -36.64 -33.23
CA GLU E 4196 22.58 -37.36 -33.67
C GLU E 4196 22.81 -37.10 -35.15
N ILE E 4197 24.06 -36.82 -35.52
CA ILE E 4197 24.46 -36.62 -36.91
C ILE E 4197 25.47 -37.71 -37.26
N SER E 4198 25.22 -38.42 -38.35
CA SER E 4198 26.14 -39.45 -38.80
C SER E 4198 27.38 -38.83 -39.42
N GLU E 4199 28.48 -39.60 -39.43
CA GLU E 4199 29.71 -39.12 -40.04
C GLU E 4199 29.54 -38.94 -41.54
N THR E 4200 28.78 -39.83 -42.19
CA THR E 4200 28.53 -39.69 -43.62
C THR E 4200 27.78 -38.40 -43.93
N ASN E 4201 26.80 -38.05 -43.11
CA ASN E 4201 26.05 -36.81 -43.33
C ASN E 4201 26.96 -35.60 -43.20
N ARG E 4202 27.85 -35.60 -42.19
CA ARG E 4202 28.79 -34.49 -42.04
C ARG E 4202 29.76 -34.42 -43.22
N ALA E 4203 30.21 -35.57 -43.71
CA ALA E 4203 31.11 -35.59 -44.86
C ALA E 4203 30.42 -35.03 -46.10
N GLN E 4204 29.16 -35.38 -46.31
CA GLN E 4204 28.41 -34.85 -47.46
C GLN E 4204 28.21 -33.35 -47.34
N TRP E 4205 28.03 -32.86 -46.12
CA TRP E 4205 27.83 -31.43 -45.90
C TRP E 4205 29.07 -30.61 -46.25
N GLU E 4206 30.25 -31.23 -46.27
CA GLU E 4206 31.48 -30.53 -46.59
C GLU E 4206 31.75 -30.44 -48.09
N MET E 4207 30.89 -31.01 -48.93
CA MET E 4207 31.10 -30.97 -50.37
C MET E 4207 30.96 -29.54 -50.89
N PRO E 4208 31.73 -29.18 -51.92
CA PRO E 4208 31.60 -27.83 -52.49
C PRO E 4208 30.23 -27.54 -53.08
N GLN E 4209 29.53 -28.55 -53.58
CA GLN E 4209 28.25 -28.32 -54.23
C GLN E 4209 27.21 -27.77 -53.24
N VAL E 4210 27.08 -28.41 -52.09
CA VAL E 4210 26.12 -27.95 -51.09
C VAL E 4210 26.54 -26.60 -50.53
N LYS E 4211 27.84 -26.35 -50.42
CA LYS E 4211 28.32 -25.05 -49.95
C LYS E 4211 27.91 -23.95 -50.93
N GLU E 4212 28.11 -24.19 -52.22
CA GLU E 4212 27.73 -23.19 -53.23
C GLU E 4212 26.21 -23.00 -53.25
N SER E 4213 25.45 -24.08 -53.08
CA SER E 4213 24.00 -23.97 -53.00
C SER E 4213 23.60 -23.12 -51.79
N LYS E 4214 24.27 -23.31 -50.65
CA LYS E 4214 23.98 -22.50 -49.48
C LYS E 4214 24.30 -21.03 -49.72
N ARG E 4215 25.44 -20.74 -50.38
CA ARG E 4215 25.78 -19.36 -50.68
C ARG E 4215 24.74 -18.71 -51.56
N GLN E 4216 24.32 -19.40 -52.63
CA GLN E 4216 23.30 -18.85 -53.51
C GLN E 4216 21.98 -18.66 -52.77
N PHE E 4217 21.64 -19.62 -51.91
CA PHE E 4217 20.38 -19.55 -51.15
C PHE E 4217 20.36 -18.31 -50.27
N ILE E 4218 21.42 -18.11 -49.46
CA ILE E 4218 21.43 -16.99 -48.53
C ILE E 4218 21.51 -15.68 -49.31
N PHE E 4219 22.24 -15.67 -50.43
CA PHE E 4219 22.32 -14.48 -51.28
C PHE E 4219 20.92 -14.06 -51.72
N ASP E 4220 20.17 -15.01 -52.29
CA ASP E 4220 18.83 -14.72 -52.78
C ASP E 4220 17.88 -14.35 -51.65
N VAL E 4221 17.99 -15.02 -50.51
CA VAL E 4221 17.12 -14.71 -49.37
C VAL E 4221 17.35 -13.30 -48.88
N VAL E 4222 18.62 -12.89 -48.77
CA VAL E 4222 18.90 -11.55 -48.26
C VAL E 4222 18.45 -10.49 -49.26
N ASN E 4223 18.69 -10.71 -50.56
CA ASN E 4223 18.21 -9.72 -51.53
C ASN E 4223 16.69 -9.63 -51.55
N GLU E 4224 16.00 -10.77 -51.45
CA GLU E 4224 14.55 -10.78 -51.55
C GLU E 4224 13.91 -9.98 -50.41
N GLY E 4225 14.44 -10.12 -49.20
CA GLY E 4225 13.87 -9.43 -48.06
C GLY E 4225 12.61 -10.05 -47.52
N GLY E 4226 12.25 -11.24 -47.95
CA GLY E 4226 11.05 -11.90 -47.48
C GLY E 4226 11.20 -12.52 -46.11
N GLU E 4227 11.28 -11.68 -45.07
CA GLU E 4227 11.43 -12.20 -43.71
C GLU E 4227 10.20 -13.01 -43.31
N ALA E 4228 9.01 -12.57 -43.69
CA ALA E 4228 7.80 -13.32 -43.38
C ALA E 4228 7.81 -14.68 -44.05
N GLU E 4229 8.25 -14.74 -45.30
CA GLU E 4229 8.31 -15.99 -46.06
C GLU E 4229 9.71 -16.62 -46.04
N LYS E 4230 10.52 -16.29 -45.02
CA LYS E 4230 11.87 -16.85 -44.96
C LYS E 4230 11.82 -18.35 -44.63
N MET E 4231 10.83 -18.77 -43.84
CA MET E 4231 10.69 -20.19 -43.55
C MET E 4231 10.40 -21.00 -44.81
N GLU E 4232 9.58 -20.45 -45.71
CA GLU E 4232 9.34 -21.08 -47.00
C GLU E 4232 10.65 -21.47 -47.67
N LEU E 4233 11.52 -20.47 -47.90
CA LEU E 4233 12.78 -20.71 -48.58
C LEU E 4233 13.69 -21.62 -47.76
N PHE E 4234 13.64 -21.51 -46.43
CA PHE E 4234 14.50 -22.34 -45.60
C PHE E 4234 14.17 -23.81 -45.74
N VAL E 4235 12.89 -24.17 -45.62
CA VAL E 4235 12.50 -25.58 -45.78
C VAL E 4235 12.72 -26.03 -47.22
N SER E 4236 12.47 -25.17 -48.20
CA SER E 4236 12.72 -25.55 -49.58
C SER E 4236 14.20 -25.86 -49.79
N PHE E 4237 15.09 -25.02 -49.24
CA PHE E 4237 16.53 -25.22 -49.39
C PHE E 4237 16.94 -26.52 -48.71
N CYS E 4238 16.37 -26.79 -47.53
CA CYS E 4238 16.70 -28.02 -46.82
C CYS E 4238 16.30 -29.24 -47.64
N GLU E 4239 15.12 -29.21 -48.26
CA GLU E 4239 14.69 -30.33 -49.10
C GLU E 4239 15.61 -30.49 -50.30
N ASP E 4240 15.98 -29.38 -50.95
CA ASP E 4240 16.88 -29.47 -52.11
C ASP E 4240 18.25 -30.01 -51.71
N THR E 4241 18.78 -29.61 -50.56
CA THR E 4241 20.04 -30.19 -50.10
C THR E 4241 19.91 -31.68 -49.83
N ILE E 4242 18.82 -32.09 -49.17
CA ILE E 4242 18.64 -33.52 -48.88
C ILE E 4242 18.63 -34.30 -50.18
N PHE E 4243 17.92 -33.77 -51.19
CA PHE E 4243 17.92 -34.41 -52.50
C PHE E 4243 19.32 -34.42 -53.13
N GLU E 4244 20.05 -33.32 -53.00
CA GLU E 4244 21.38 -33.24 -53.59
C GLU E 4244 22.32 -34.27 -53.00
N MET E 4245 22.29 -34.45 -51.67
CA MET E 4245 23.14 -35.48 -51.07
C MET E 4245 22.60 -36.87 -51.33
N GLN E 4246 21.30 -37.02 -51.61
CA GLN E 4246 20.80 -38.30 -52.11
C GLN E 4246 21.47 -38.66 -53.43
N ILE E 4247 21.51 -37.70 -54.37
CA ILE E 4247 22.18 -37.95 -55.65
C ILE E 4247 23.68 -38.16 -55.43
N ALA E 4248 24.26 -37.43 -54.48
CA ALA E 4248 25.69 -37.58 -54.21
C ALA E 4248 26.00 -38.98 -53.70
N ALA E 4249 25.17 -39.51 -52.80
CA ALA E 4249 25.35 -40.88 -52.33
C ALA E 4249 25.12 -41.88 -53.45
N GLN E 4250 24.17 -41.59 -54.35
CA GLN E 4250 23.95 -42.45 -55.50
C GLN E 4250 25.19 -42.51 -56.38
N ILE E 4251 25.85 -41.36 -56.59
CA ILE E 4251 27.05 -41.31 -57.42
C ILE E 4251 28.32 -41.48 -56.60
N SER E 4252 28.23 -41.68 -55.30
CA SER E 4252 29.42 -41.85 -54.47
C SER E 4252 30.13 -43.14 -54.81
N GLU E 4253 31.46 -43.10 -54.75
CA GLU E 4253 32.28 -44.26 -55.07
C GLU E 4253 32.29 -45.25 -53.91
N THR E 4323 59.76 -13.46 -83.05
CA THR E 4323 58.90 -12.29 -82.93
C THR E 4323 58.84 -11.78 -81.50
N ALA E 4324 57.79 -11.01 -81.19
CA ALA E 4324 57.59 -10.46 -79.86
C ALA E 4324 56.57 -11.26 -79.05
N ARG E 4325 56.55 -12.58 -79.23
CA ARG E 4325 55.55 -13.41 -78.56
C ARG E 4325 55.83 -13.57 -77.07
N GLU E 4326 57.04 -13.23 -76.61
CA GLU E 4326 57.38 -13.41 -75.20
C GLU E 4326 56.51 -12.52 -74.30
N ALA E 4327 56.32 -11.27 -74.71
CA ALA E 4327 55.47 -10.37 -73.92
C ALA E 4327 54.03 -10.86 -73.88
N ALA E 4328 53.53 -11.34 -75.02
CA ALA E 4328 52.17 -11.87 -75.05
C ALA E 4328 52.03 -13.09 -74.16
N THR E 4329 53.02 -13.99 -74.18
CA THR E 4329 52.97 -15.17 -73.32
C THR E 4329 52.99 -14.77 -71.85
N ALA E 4330 53.86 -13.82 -71.48
CA ALA E 4330 53.92 -13.38 -70.09
C ALA E 4330 52.62 -12.74 -69.65
N LEU E 4331 52.04 -11.88 -70.50
CA LEU E 4331 50.79 -11.22 -70.15
C LEU E 4331 49.65 -12.23 -70.01
N ALA E 4332 49.57 -13.20 -70.93
CA ALA E 4332 48.54 -14.21 -70.84
C ALA E 4332 48.71 -15.07 -69.60
N ALA E 4333 49.95 -15.42 -69.27
CA ALA E 4333 50.21 -16.22 -68.07
C ALA E 4333 49.79 -15.48 -66.82
N LEU E 4334 50.14 -14.20 -66.72
CA LEU E 4334 49.77 -13.43 -65.53
C LEU E 4334 48.26 -13.26 -65.45
N LEU E 4335 47.60 -13.02 -66.59
CA LEU E 4335 46.14 -12.87 -66.57
C LEU E 4335 45.47 -14.17 -66.16
N TRP E 4336 45.94 -15.32 -66.66
CA TRP E 4336 45.37 -16.59 -66.27
C TRP E 4336 45.62 -16.85 -64.78
N ALA E 4337 46.80 -16.50 -64.28
CA ALA E 4337 47.10 -16.71 -62.88
C ALA E 4337 46.19 -15.87 -61.98
N VAL E 4338 45.98 -14.60 -62.33
CA VAL E 4338 45.13 -13.76 -61.49
C VAL E 4338 43.67 -14.17 -61.62
N VAL E 4339 43.26 -14.67 -62.78
CA VAL E 4339 41.88 -15.14 -62.95
C VAL E 4339 41.63 -16.39 -62.12
N ALA E 4340 42.59 -17.34 -62.14
CA ALA E 4340 42.41 -18.59 -61.42
C ALA E 4340 42.31 -18.37 -59.91
N ARG E 4341 42.95 -17.33 -59.40
CA ARG E 4341 42.92 -17.03 -57.98
C ARG E 4341 41.62 -16.32 -57.60
N TRP E 4541 25.90 -58.16 -71.61
CA TRP E 4541 26.52 -56.83 -71.66
C TRP E 4541 26.38 -56.12 -70.33
N GLY E 4542 26.20 -56.89 -69.26
CA GLY E 4542 26.08 -56.29 -67.93
C GLY E 4542 27.35 -55.59 -67.48
N GLU E 4543 28.50 -56.20 -67.75
CA GLU E 4543 29.77 -55.58 -67.38
C GLU E 4543 29.98 -54.26 -68.11
N LEU E 4544 29.61 -54.20 -69.39
CA LEU E 4544 29.72 -52.96 -70.14
C LEU E 4544 28.82 -51.88 -69.54
N GLU E 4545 27.61 -52.24 -69.14
CA GLU E 4545 26.71 -51.27 -68.51
C GLU E 4545 27.27 -50.79 -67.18
N VAL E 4546 27.83 -51.69 -66.38
CA VAL E 4546 28.43 -51.29 -65.11
C VAL E 4546 29.59 -50.35 -65.33
N GLN E 4547 30.45 -50.65 -66.32
CA GLN E 4547 31.56 -49.77 -66.63
C GLN E 4547 31.07 -48.40 -67.10
N ARG E 4548 30.02 -48.39 -67.93
CA ARG E 4548 29.49 -47.12 -68.43
C ARG E 4548 28.92 -46.27 -67.30
N VAL E 4549 28.15 -46.88 -66.40
CA VAL E 4549 27.59 -46.10 -65.30
C VAL E 4549 28.67 -45.65 -64.33
N LYS E 4550 29.70 -46.47 -64.10
CA LYS E 4550 30.81 -46.06 -63.26
C LYS E 4550 31.55 -44.87 -63.87
N PHE E 4551 31.78 -44.91 -65.19
CA PHE E 4551 32.42 -43.77 -65.86
C PHE E 4551 31.54 -42.53 -65.78
N LEU E 4552 30.23 -42.68 -65.95
CA LEU E 4552 29.33 -41.54 -65.84
C LEU E 4552 29.40 -40.93 -64.45
N ASN E 4553 29.42 -41.78 -63.41
CA ASN E 4553 29.54 -41.27 -62.05
C ASN E 4553 30.88 -40.58 -61.83
N TYR E 4554 31.95 -41.12 -62.41
CA TYR E 4554 33.27 -40.50 -62.24
C TYR E 4554 33.32 -39.12 -62.89
N LEU E 4555 32.77 -38.98 -64.10
CA LEU E 4555 32.67 -37.67 -64.72
C LEU E 4555 31.78 -36.72 -63.92
N SER E 4556 30.68 -37.23 -63.37
CA SER E 4556 29.78 -36.39 -62.59
C SER E 4556 30.47 -35.88 -61.33
N ARG E 4557 31.29 -36.72 -60.68
CA ARG E 4557 31.93 -36.33 -59.44
C ARG E 4557 32.93 -35.20 -59.64
N ASN E 4558 33.56 -35.13 -60.81
CA ASN E 4558 34.60 -34.15 -61.11
C ASN E 4558 34.12 -33.10 -62.11
N PHE E 4559 32.87 -32.66 -61.98
CA PHE E 4559 32.31 -31.72 -62.96
C PHE E 4559 32.95 -30.35 -62.84
N TYR E 4560 33.23 -29.89 -61.61
CA TYR E 4560 33.75 -28.54 -61.41
C TYR E 4560 35.16 -28.39 -61.97
N THR E 4561 36.07 -29.30 -61.60
CA THR E 4561 37.41 -29.27 -62.17
C THR E 4561 37.35 -29.53 -63.67
N LEU E 4562 36.34 -30.25 -64.13
CA LEU E 4562 36.23 -30.54 -65.55
C LEU E 4562 35.89 -29.27 -66.32
N ARG E 4563 34.96 -28.47 -65.78
CA ARG E 4563 34.64 -27.16 -66.34
C ARG E 4563 35.85 -26.22 -66.25
N PHE E 4564 36.59 -26.28 -65.15
CA PHE E 4564 37.78 -25.43 -65.02
C PHE E 4564 38.81 -25.76 -66.10
N LEU E 4565 39.02 -27.05 -66.37
CA LEU E 4565 39.99 -27.43 -67.39
C LEU E 4565 39.45 -27.08 -68.78
N ALA E 4566 38.13 -27.13 -68.97
CA ALA E 4566 37.55 -26.68 -70.22
C ALA E 4566 37.80 -25.19 -70.44
N LEU E 4567 37.64 -24.38 -69.39
CA LEU E 4567 37.93 -22.95 -69.49
C LEU E 4567 39.41 -22.72 -69.79
N PHE E 4568 40.29 -23.49 -69.14
CA PHE E 4568 41.72 -23.38 -69.41
C PHE E 4568 42.03 -23.74 -70.86
N LEU E 4569 41.39 -24.78 -71.38
CA LEU E 4569 41.59 -25.17 -72.78
C LEU E 4569 41.09 -24.10 -73.73
N ALA E 4570 39.96 -23.48 -73.40
CA ALA E 4570 39.46 -22.38 -74.22
C ALA E 4570 40.43 -21.21 -74.23
N PHE E 4571 40.98 -20.87 -73.06
CA PHE E 4571 41.99 -19.81 -72.99
C PHE E 4571 43.22 -20.17 -73.82
N ALA E 4572 43.67 -21.41 -73.72
CA ALA E 4572 44.86 -21.84 -74.46
C ALA E 4572 44.63 -21.79 -75.96
N ILE E 4573 43.47 -22.27 -76.42
CA ILE E 4573 43.19 -22.29 -77.85
C ILE E 4573 42.99 -20.88 -78.38
N ASN E 4574 42.42 -19.98 -77.57
CA ASN E 4574 42.27 -18.59 -78.01
C ASN E 4574 43.63 -17.89 -78.05
N PHE E 4575 44.53 -18.24 -77.13
CA PHE E 4575 45.90 -17.74 -77.23
C PHE E 4575 46.60 -18.29 -78.47
N ILE E 4576 46.29 -19.53 -78.84
CA ILE E 4576 46.82 -20.07 -80.09
C ILE E 4576 46.31 -19.27 -81.28
N LEU E 4577 45.04 -18.90 -81.26
CA LEU E 4577 44.47 -18.12 -82.35
C LEU E 4577 45.06 -16.72 -82.42
N LEU E 4578 45.72 -16.27 -81.35
CA LEU E 4578 46.32 -14.94 -81.32
C LEU E 4578 47.50 -14.81 -82.29
N PHE E 4579 47.99 -15.91 -82.84
CA PHE E 4579 49.08 -15.90 -83.81
C PHE E 4579 48.60 -16.29 -85.20
N TYR E 4580 47.37 -15.90 -85.54
CA TYR E 4580 46.75 -16.24 -86.83
C TYR E 4580 47.01 -15.10 -87.79
N LYS E 4581 48.08 -15.21 -88.57
CA LYS E 4581 48.44 -14.22 -89.57
C LYS E 4581 48.12 -14.77 -90.96
N VAL E 4582 47.39 -13.99 -91.74
CA VAL E 4582 46.98 -14.41 -93.08
C VAL E 4582 47.48 -13.39 -94.10
N SER E 4583 47.46 -13.81 -95.36
CA SER E 4583 47.89 -12.95 -96.45
C SER E 4583 47.21 -13.41 -97.73
N ASP E 4584 47.22 -12.53 -98.74
CA ASP E 4584 46.60 -12.86 -100.02
C ASP E 4584 47.32 -14.01 -100.71
N SER E 4585 48.65 -14.04 -100.63
CA SER E 4585 49.42 -15.10 -101.28
C SER E 4585 49.14 -16.44 -100.61
N PRO E 4586 48.92 -17.50 -101.39
CA PRO E 4586 48.69 -18.81 -100.80
C PRO E 4586 49.96 -19.32 -100.13
N PRO E 4587 49.83 -20.19 -99.10
CA PRO E 4587 50.97 -20.76 -98.38
C PRO E 4587 51.93 -21.50 -99.30
N ASN E 4626 40.97 -14.52 -103.47
CA ASN E 4626 40.64 -15.57 -102.53
C ASN E 4626 41.67 -15.65 -101.40
N MET E 4627 41.37 -14.99 -100.29
CA MET E 4627 42.27 -14.99 -99.14
C MET E 4627 42.32 -16.38 -98.50
N VAL E 4628 43.49 -16.71 -97.95
CA VAL E 4628 43.72 -17.99 -97.29
C VAL E 4628 43.98 -17.73 -95.81
N TYR E 4629 43.30 -18.48 -94.95
CA TYR E 4629 43.43 -18.33 -93.50
C TYR E 4629 44.46 -19.32 -92.97
N TYR E 4630 45.71 -19.10 -93.36
CA TYR E 4630 46.79 -19.96 -92.92
C TYR E 4630 47.32 -19.51 -91.56
N PHE E 4631 48.13 -20.37 -90.95
CA PHE E 4631 48.71 -20.14 -89.63
C PHE E 4631 50.19 -19.85 -89.80
N LEU E 4632 50.63 -18.69 -89.32
CA LEU E 4632 52.05 -18.32 -89.38
C LEU E 4632 52.81 -19.08 -88.32
N GLU E 4633 53.79 -19.88 -88.75
CA GLU E 4633 54.54 -20.72 -87.81
C GLU E 4633 55.35 -19.85 -86.87
N GLU E 4634 55.32 -20.20 -85.57
CA GLU E 4634 56.06 -19.49 -84.56
C GLU E 4634 57.41 -20.15 -84.34
N SER E 4635 58.11 -19.75 -83.27
CA SER E 4635 59.42 -20.32 -82.99
C SER E 4635 59.31 -21.80 -82.61
N THR E 4636 58.26 -22.17 -81.88
CA THR E 4636 58.10 -23.56 -81.45
C THR E 4636 57.95 -24.49 -82.63
N GLY E 4637 57.14 -24.11 -83.62
CA GLY E 4637 57.06 -24.82 -84.88
C GLY E 4637 56.00 -25.90 -84.96
N TYR E 4638 55.36 -26.25 -83.85
CA TYR E 4638 54.30 -27.27 -83.85
C TYR E 4638 52.96 -26.68 -83.42
N MET E 4639 52.67 -25.46 -83.91
CA MET E 4639 51.46 -24.77 -83.49
C MET E 4639 50.21 -25.43 -84.04
N GLU E 4640 50.25 -25.88 -85.30
CA GLU E 4640 49.06 -26.47 -85.92
C GLU E 4640 48.64 -27.78 -85.25
N PRO E 4641 49.52 -28.76 -85.03
CA PRO E 4641 49.08 -29.98 -84.31
C PRO E 4641 48.60 -29.68 -82.91
N ALA E 4642 49.23 -28.72 -82.22
CA ALA E 4642 48.76 -28.34 -80.89
C ALA E 4642 47.35 -27.75 -80.96
N LEU E 4643 47.10 -26.92 -81.97
CA LEU E 4643 45.76 -26.36 -82.16
C LEU E 4643 44.74 -27.46 -82.40
N TRP E 4644 45.07 -28.42 -83.27
CA TRP E 4644 44.13 -29.48 -83.58
C TRP E 4644 43.83 -30.34 -82.35
N CYS E 4645 44.88 -30.72 -81.62
CA CYS E 4645 44.68 -31.53 -80.43
C CYS E 4645 43.92 -30.77 -79.36
N LEU E 4646 44.19 -29.46 -79.22
CA LEU E 4646 43.47 -28.64 -78.26
C LEU E 4646 41.99 -28.57 -78.61
N SER E 4647 41.66 -28.39 -79.89
CA SER E 4647 40.27 -28.36 -80.29
C SER E 4647 39.58 -29.69 -80.03
N LEU E 4648 40.25 -30.80 -80.37
CA LEU E 4648 39.66 -32.11 -80.15
C LEU E 4648 39.42 -32.38 -78.67
N LEU E 4649 40.41 -32.04 -77.83
CA LEU E 4649 40.26 -32.26 -76.39
C LEU E 4649 39.20 -31.33 -75.82
N HIS E 4650 39.08 -30.11 -76.35
CA HIS E 4650 38.03 -29.20 -75.89
C HIS E 4650 36.65 -29.74 -76.23
N THR E 4651 36.48 -30.31 -77.42
CA THR E 4651 35.20 -30.91 -77.77
C THR E 4651 34.89 -32.11 -76.88
N LEU E 4652 35.88 -32.98 -76.66
CA LEU E 4652 35.68 -34.14 -75.80
C LEU E 4652 35.33 -33.70 -74.37
N VAL E 4653 36.04 -32.70 -73.86
CA VAL E 4653 35.86 -32.25 -72.48
C VAL E 4653 34.51 -31.55 -72.32
N ALA E 4654 34.04 -30.85 -73.36
CA ALA E 4654 32.73 -30.24 -73.33
C ALA E 4654 31.62 -31.29 -73.37
N PHE E 4655 31.80 -32.34 -74.17
CA PHE E 4655 30.85 -33.44 -74.17
C PHE E 4655 30.78 -34.11 -72.80
N LEU E 4656 31.94 -34.30 -72.17
CA LEU E 4656 31.95 -34.87 -70.81
C LEU E 4656 31.25 -33.92 -69.83
N CYS E 4657 31.47 -32.61 -69.98
CA CYS E 4657 30.79 -31.64 -69.13
C CYS E 4657 29.28 -31.76 -69.24
N ILE E 4658 28.76 -31.77 -70.48
CA ILE E 4658 27.32 -31.78 -70.66
C ILE E 4658 26.73 -33.12 -70.21
N ILE E 4659 27.43 -34.23 -70.44
CA ILE E 4659 26.91 -35.51 -69.99
C ILE E 4659 26.92 -35.61 -68.47
N GLY E 4660 27.90 -35.01 -67.81
CA GLY E 4660 27.89 -34.98 -66.35
C GLY E 4660 26.79 -34.09 -65.81
N TYR E 4661 26.58 -32.92 -66.43
CA TYR E 4661 25.52 -32.02 -66.00
C TYR E 4661 24.15 -32.64 -66.24
N ASN E 4662 24.02 -33.53 -67.22
CA ASN E 4662 22.76 -34.18 -67.49
C ASN E 4662 22.29 -35.05 -66.33
N CYS E 4663 23.20 -35.43 -65.42
CA CYS E 4663 22.84 -36.23 -64.27
C CYS E 4663 23.29 -35.62 -62.94
N LEU E 4664 23.87 -34.42 -62.96
CA LEU E 4664 24.25 -33.75 -61.72
C LEU E 4664 23.18 -32.81 -61.20
N LYS E 4665 22.80 -31.79 -61.98
CA LYS E 4665 21.85 -30.79 -61.54
C LYS E 4665 20.45 -30.98 -62.10
N VAL E 4666 20.28 -31.82 -63.13
CA VAL E 4666 18.93 -32.12 -63.62
C VAL E 4666 18.05 -32.73 -62.54
N PRO E 4667 18.49 -33.70 -61.73
CA PRO E 4667 17.61 -34.18 -60.65
C PRO E 4667 17.19 -33.07 -59.71
N LEU E 4668 18.07 -32.11 -59.40
CA LEU E 4668 17.73 -31.05 -58.47
C LEU E 4668 16.62 -30.16 -59.01
N VAL E 4669 16.75 -29.69 -60.26
CA VAL E 4669 15.75 -28.81 -60.83
C VAL E 4669 14.45 -29.57 -61.07
N ILE E 4670 14.54 -30.84 -61.48
CA ILE E 4670 13.34 -31.64 -61.66
C ILE E 4670 12.59 -31.82 -60.35
N PHE E 4671 13.32 -32.09 -59.27
CA PHE E 4671 12.72 -32.22 -57.95
C PHE E 4671 12.09 -30.91 -57.51
N LYS E 4672 12.77 -29.79 -57.75
CA LYS E 4672 12.22 -28.50 -57.37
C LYS E 4672 10.91 -28.22 -58.11
N ARG E 4673 10.89 -28.45 -59.42
CA ARG E 4673 9.68 -28.21 -60.20
C ARG E 4673 8.55 -29.13 -59.75
N GLU E 4674 8.84 -30.41 -59.53
CA GLU E 4674 7.82 -31.34 -59.10
C GLU E 4674 7.27 -30.97 -57.73
N LYS E 4675 8.15 -30.57 -56.82
CA LYS E 4675 7.71 -30.15 -55.49
C LYS E 4675 6.81 -28.92 -55.57
N GLU E 4676 7.19 -27.94 -56.38
CA GLU E 4676 6.37 -26.74 -56.53
C GLU E 4676 5.00 -27.08 -57.11
N LEU E 4677 4.98 -27.92 -58.15
CA LEU E 4677 3.70 -28.30 -58.76
C LEU E 4677 2.83 -29.07 -57.78
N ALA E 4678 3.42 -30.01 -57.04
CA ALA E 4678 2.65 -30.80 -56.09
C ALA E 4678 2.09 -29.93 -54.98
N ARG E 4679 2.90 -29.02 -54.45
CA ARG E 4679 2.42 -28.12 -53.40
C ARG E 4679 1.29 -27.23 -53.91
N LYS E 4680 1.45 -26.68 -55.12
CA LYS E 4680 0.41 -25.83 -55.68
C LYS E 4680 -0.89 -26.61 -55.85
N LEU E 4681 -0.80 -27.81 -56.42
CA LEU E 4681 -2.00 -28.62 -56.65
C LEU E 4681 -2.66 -29.03 -55.34
N GLU E 4682 -1.85 -29.36 -54.32
CA GLU E 4682 -2.41 -29.84 -53.07
C GLU E 4682 -3.05 -28.71 -52.27
N PHE E 4683 -2.43 -27.54 -52.22
CA PHE E 4683 -2.91 -26.46 -51.36
C PHE E 4683 -3.70 -25.41 -52.12
N ASP E 4684 -3.11 -24.81 -53.15
CA ASP E 4684 -3.77 -23.71 -53.85
C ASP E 4684 -4.90 -24.20 -54.74
N GLY E 4685 -4.80 -25.43 -55.25
CA GLY E 4685 -5.79 -25.91 -56.21
C GLY E 4685 -5.83 -25.09 -57.47
N LEU E 4686 -4.66 -24.67 -57.97
CA LEU E 4686 -4.60 -23.79 -59.12
C LEU E 4686 -5.07 -24.48 -60.39
N TYR E 4687 -5.00 -25.81 -60.43
CA TYR E 4687 -5.43 -26.59 -61.59
C TYR E 4687 -6.72 -27.35 -61.31
N ILE E 4688 -6.80 -28.05 -60.17
CA ILE E 4688 -7.98 -28.85 -59.86
C ILE E 4688 -9.19 -27.96 -59.60
N THR E 4689 -9.00 -26.91 -58.79
CA THR E 4689 -10.08 -26.03 -58.39
C THR E 4689 -10.04 -24.68 -59.09
N GLU E 4690 -9.17 -24.51 -60.07
CA GLU E 4690 -9.05 -23.22 -60.75
C GLU E 4690 -8.44 -23.45 -62.14
N GLN E 4691 -8.51 -22.41 -62.97
CA GLN E 4691 -7.89 -22.45 -64.28
C GLN E 4691 -6.39 -22.20 -64.16
N PRO E 4692 -5.60 -22.72 -65.11
CA PRO E 4692 -4.15 -22.46 -65.08
C PRO E 4692 -3.79 -20.98 -65.12
N GLY E 4693 -4.56 -20.18 -65.83
CA GLY E 4693 -4.31 -18.75 -65.91
C GLY E 4693 -3.77 -18.35 -67.28
N ASP E 4694 -3.82 -17.05 -67.54
CA ASP E 4694 -3.33 -16.52 -68.80
C ASP E 4694 -1.82 -16.68 -68.92
N ASP E 4695 -1.35 -16.89 -70.15
CA ASP E 4695 0.07 -17.11 -70.47
C ASP E 4695 0.53 -18.31 -69.66
N ASP E 4696 1.62 -18.21 -68.89
CA ASP E 4696 2.11 -19.29 -68.03
C ASP E 4696 2.39 -20.56 -68.86
N VAL E 4697 3.40 -20.43 -69.73
CA VAL E 4697 3.84 -21.57 -70.53
C VAL E 4697 4.30 -22.71 -69.62
N LYS E 4698 4.99 -22.37 -68.53
CA LYS E 4698 5.32 -23.38 -67.52
C LYS E 4698 4.06 -23.98 -66.91
N GLY E 4699 3.00 -23.17 -66.77
CA GLY E 4699 1.75 -23.70 -66.28
C GLY E 4699 1.15 -24.75 -67.21
N GLN E 4700 1.17 -24.46 -68.51
CA GLN E 4700 0.66 -25.43 -69.48
C GLN E 4700 1.53 -26.68 -69.52
N TRP E 4701 2.85 -26.51 -69.36
CA TRP E 4701 3.74 -27.66 -69.29
C TRP E 4701 3.42 -28.52 -68.06
N ASP E 4702 3.14 -27.88 -66.93
CA ASP E 4702 2.77 -28.62 -65.72
C ASP E 4702 1.43 -29.31 -65.88
N ARG E 4703 0.50 -28.69 -66.61
CA ARG E 4703 -0.80 -29.33 -66.85
C ARG E 4703 -0.64 -30.62 -67.65
N LEU E 4704 0.28 -30.63 -68.61
CA LEU E 4704 0.50 -31.82 -69.43
C LEU E 4704 0.98 -33.00 -68.59
N VAL E 4705 1.82 -32.72 -67.59
CA VAL E 4705 2.44 -33.79 -66.80
C VAL E 4705 1.56 -34.26 -65.64
N LEU E 4706 0.41 -33.64 -65.43
CA LEU E 4706 -0.44 -34.01 -64.29
C LEU E 4706 -0.93 -35.45 -64.40
N ASN E 4707 -1.33 -35.87 -65.60
CA ASN E 4707 -1.88 -37.20 -65.81
C ASN E 4707 -0.79 -38.24 -66.04
N THR E 4708 0.47 -37.85 -66.04
CA THR E 4708 1.55 -38.82 -66.23
C THR E 4708 1.62 -39.77 -65.05
N PRO E 4709 1.67 -41.08 -65.29
CA PRO E 4709 1.77 -42.03 -64.17
C PRO E 4709 3.03 -41.84 -63.33
N SER E 4710 4.13 -41.39 -63.93
CA SER E 4710 5.40 -41.27 -63.24
C SER E 4710 5.66 -39.87 -62.70
N PHE E 4711 4.61 -39.07 -62.54
CA PHE E 4711 4.79 -37.75 -61.94
C PHE E 4711 5.31 -37.81 -60.51
N PRO E 4712 4.83 -38.70 -59.60
CA PRO E 4712 5.39 -38.74 -58.24
C PRO E 4712 6.87 -39.07 -58.17
N SER E 4713 7.49 -39.40 -59.30
CA SER E 4713 8.90 -39.76 -59.31
C SER E 4713 9.76 -38.58 -58.89
N ASN E 4714 10.91 -38.89 -58.28
CA ASN E 4714 11.89 -37.95 -57.75
C ASN E 4714 11.34 -37.12 -56.59
N TYR E 4715 10.15 -37.44 -56.09
CA TYR E 4715 9.55 -36.74 -54.96
C TYR E 4715 9.17 -37.76 -53.88
N TRP E 4716 9.43 -37.39 -52.63
CA TRP E 4716 9.11 -38.30 -51.52
C TRP E 4716 7.62 -38.56 -51.43
N ASP E 4717 6.80 -37.52 -51.57
CA ASP E 4717 5.34 -37.66 -51.48
C ASP E 4717 4.85 -38.27 -52.79
N LYS E 4718 4.74 -39.59 -52.80
CA LYS E 4718 4.29 -40.33 -53.97
C LYS E 4718 2.79 -40.59 -53.97
N PHE E 4719 2.07 -40.11 -52.95
CA PHE E 4719 0.64 -40.33 -52.83
C PHE E 4719 -0.14 -39.02 -52.87
N VAL E 4720 0.46 -37.97 -53.44
CA VAL E 4720 -0.18 -36.66 -53.46
C VAL E 4720 -1.49 -36.72 -54.27
N LYS E 4721 -1.58 -37.61 -55.25
CA LYS E 4721 -2.82 -37.79 -55.98
C LYS E 4721 -3.93 -38.26 -55.05
N ARG E 4722 -3.62 -39.18 -54.14
CA ARG E 4722 -4.62 -39.64 -53.18
C ARG E 4722 -5.07 -38.50 -52.27
N LYS E 4723 -4.13 -37.68 -51.81
CA LYS E 4723 -4.48 -36.58 -50.92
C LYS E 4723 -5.37 -35.56 -51.62
N VAL E 4724 -5.02 -35.18 -52.86
CA VAL E 4724 -5.83 -34.19 -53.57
C VAL E 4724 -7.20 -34.77 -53.91
N LEU E 4725 -7.25 -36.06 -54.27
CA LEU E 4725 -8.54 -36.69 -54.55
C LEU E 4725 -9.42 -36.71 -53.30
N ASP E 4726 -8.85 -37.06 -52.15
CA ASP E 4726 -9.62 -37.05 -50.91
C ASP E 4726 -10.09 -35.63 -50.57
N LYS E 4727 -9.24 -34.64 -50.80
CA LYS E 4727 -9.60 -33.26 -50.48
C LYS E 4727 -10.73 -32.75 -51.37
N HIS E 4728 -10.68 -33.05 -52.66
CA HIS E 4728 -11.62 -32.46 -53.61
C HIS E 4728 -12.74 -33.41 -54.03
N GLY E 4729 -12.84 -34.59 -53.42
CA GLY E 4729 -13.93 -35.50 -53.77
C GLY E 4729 -15.30 -34.93 -53.46
N ASP E 4730 -15.46 -34.30 -52.30
CA ASP E 4730 -16.75 -33.70 -51.96
C ASP E 4730 -17.09 -32.55 -52.90
N ILE E 4731 -16.10 -31.73 -53.24
CA ILE E 4731 -16.37 -30.54 -54.05
C ILE E 4731 -16.68 -30.91 -55.49
N PHE E 4732 -15.87 -31.79 -56.08
CA PHE E 4732 -15.99 -32.11 -57.50
C PHE E 4732 -16.58 -33.49 -57.77
N GLY E 4733 -17.11 -34.16 -56.74
CA GLY E 4733 -17.71 -35.46 -56.96
C GLY E 4733 -16.72 -36.60 -57.12
N ARG E 4734 -15.42 -36.34 -56.91
CA ARG E 4734 -14.37 -37.36 -57.02
C ARG E 4734 -14.34 -38.00 -58.41
N GLU E 4735 -14.76 -37.26 -59.43
CA GLU E 4735 -14.74 -37.74 -60.80
C GLU E 4735 -13.81 -36.92 -61.70
N ARG E 4736 -14.00 -35.60 -61.73
CA ARG E 4736 -13.13 -34.76 -62.56
C ARG E 4736 -11.71 -34.70 -62.00
N ILE E 4737 -11.57 -34.72 -60.68
CA ILE E 4737 -10.25 -34.67 -60.05
C ILE E 4737 -9.45 -35.92 -60.42
N ALA E 4738 -10.09 -37.08 -60.37
CA ALA E 4738 -9.40 -38.32 -60.73
C ALA E 4738 -8.99 -38.30 -62.19
N GLU E 4739 -9.86 -37.83 -63.07
CA GLU E 4739 -9.54 -37.77 -64.50
C GLU E 4739 -8.39 -36.81 -64.77
N LEU E 4740 -8.37 -35.66 -64.09
CA LEU E 4740 -7.31 -34.69 -64.30
C LEU E 4740 -5.96 -35.24 -63.85
N LEU E 4741 -5.93 -35.94 -62.73
CA LEU E 4741 -4.70 -36.51 -62.19
C LEU E 4741 -4.44 -37.93 -62.73
N GLY E 4742 -5.24 -38.39 -63.68
CA GLY E 4742 -5.11 -39.73 -64.21
C GLY E 4742 -5.84 -40.76 -63.37
N MET E 4743 -5.27 -41.12 -62.23
CA MET E 4743 -5.89 -42.05 -61.28
C MET E 4743 -6.35 -43.33 -61.99
N ASP E 4744 -5.43 -43.94 -62.74
CA ASP E 4744 -5.76 -45.14 -63.49
C ASP E 4744 -6.18 -46.26 -62.55
N LEU E 4745 -7.38 -46.80 -62.78
CA LEU E 4745 -7.94 -47.88 -61.96
C LEU E 4745 -8.01 -47.47 -60.49
N ALA E 4746 -8.82 -46.44 -60.23
CA ALA E 4746 -8.97 -45.92 -58.87
C ALA E 4746 -9.52 -46.97 -57.93
N SER E 4747 -10.54 -47.71 -58.38
CA SER E 4747 -11.07 -48.81 -57.56
C SER E 4747 -10.02 -49.89 -57.34
N LEU E 4748 -9.28 -50.24 -58.39
CA LEU E 4748 -8.20 -51.21 -58.24
C LEU E 4748 -7.08 -50.68 -57.37
N GLU E 4749 -6.78 -49.38 -57.45
CA GLU E 4749 -5.78 -48.80 -56.57
C GLU E 4749 -6.21 -48.88 -55.11
N ILE E 4750 -7.49 -48.60 -54.84
CA ILE E 4750 -8.01 -48.69 -53.48
C ILE E 4750 -7.96 -50.14 -53.00
N THR E 4751 -8.29 -51.08 -53.87
CA THR E 4751 -8.22 -52.50 -53.50
C THR E 4751 -6.78 -52.91 -53.21
N ALA E 4752 -5.83 -52.43 -53.99
CA ALA E 4752 -4.42 -52.72 -53.74
C ALA E 4752 -3.97 -52.13 -52.42
N HIS E 4753 -4.43 -50.91 -52.10
CA HIS E 4753 -4.15 -50.33 -50.79
C HIS E 4753 -4.76 -51.13 -49.66
N ASN E 4754 -5.81 -51.91 -49.94
CA ASN E 4754 -6.45 -52.78 -48.96
C ASN E 4754 -6.26 -54.26 -49.31
N GLU E 4755 -5.18 -54.57 -50.04
CA GLU E 4755 -4.93 -55.96 -50.44
C GLU E 4755 -4.64 -56.83 -49.23
N ARG E 4756 -3.86 -56.32 -48.28
CA ARG E 4756 -3.47 -57.06 -47.07
C ARG E 4756 -2.80 -58.39 -47.41
N THR E 4766 12.12 -54.33 -72.65
CA THR E 4766 10.94 -54.00 -71.85
C THR E 4766 11.04 -52.60 -71.27
N TRP E 4767 12.25 -52.03 -71.32
CA TRP E 4767 12.45 -50.67 -70.81
C TRP E 4767 11.67 -49.65 -71.62
N LEU E 4768 11.64 -49.80 -72.94
CA LEU E 4768 10.90 -48.87 -73.78
C LEU E 4768 9.40 -48.94 -73.51
N MET E 4769 8.87 -50.16 -73.33
CA MET E 4769 7.45 -50.31 -73.07
C MET E 4769 7.05 -49.69 -71.73
N SER E 4770 7.88 -49.87 -70.70
CA SER E 4770 7.59 -49.35 -69.38
C SER E 4770 7.87 -47.87 -69.24
N ILE E 4771 8.55 -47.26 -70.22
CA ILE E 4771 8.88 -45.84 -70.15
C ILE E 4771 7.68 -45.02 -70.61
N ASP E 4772 7.27 -44.06 -69.78
CA ASP E 4772 6.17 -43.18 -70.13
C ASP E 4772 6.67 -42.07 -71.05
N VAL E 4773 6.13 -42.03 -72.27
CA VAL E 4773 6.60 -41.06 -73.25
C VAL E 4773 6.24 -39.64 -72.83
N LYS E 4774 5.09 -39.46 -72.19
CA LYS E 4774 4.69 -38.12 -71.76
C LYS E 4774 5.63 -37.58 -70.70
N TYR E 4775 6.02 -38.42 -69.73
CA TYR E 4775 6.99 -37.99 -68.72
C TYR E 4775 8.33 -37.65 -69.35
N GLN E 4776 8.75 -38.46 -70.34
CA GLN E 4776 10.03 -38.20 -71.00
C GLN E 4776 10.02 -36.88 -71.75
N ILE E 4777 8.95 -36.60 -72.49
CA ILE E 4777 8.89 -35.34 -73.23
C ILE E 4777 8.75 -34.16 -72.27
N TRP E 4778 8.03 -34.33 -71.16
CA TRP E 4778 7.95 -33.27 -70.16
C TRP E 4778 9.32 -32.97 -69.56
N LYS E 4779 10.09 -34.01 -69.24
CA LYS E 4779 11.43 -33.79 -68.70
C LYS E 4779 12.34 -33.15 -69.74
N PHE E 4780 12.20 -33.55 -71.01
CA PHE E 4780 13.01 -32.92 -72.05
C PHE E 4780 12.68 -31.44 -72.18
N GLY E 4781 11.40 -31.09 -72.15
CA GLY E 4781 11.01 -29.70 -72.21
C GLY E 4781 11.50 -28.90 -71.00
N VAL E 4782 11.38 -29.48 -69.80
CA VAL E 4782 11.78 -28.76 -68.60
C VAL E 4782 13.30 -28.58 -68.54
N ILE E 4783 14.06 -29.51 -69.12
CA ILE E 4783 15.51 -29.32 -69.12
C ILE E 4783 15.93 -28.38 -70.25
N PHE E 4784 15.21 -28.36 -71.36
CA PHE E 4784 15.53 -27.41 -72.42
C PHE E 4784 15.15 -25.99 -72.02
N THR E 4785 14.15 -25.83 -71.14
CA THR E 4785 13.77 -24.51 -70.67
C THR E 4785 14.75 -23.94 -69.66
N ASP E 4786 15.54 -24.80 -69.01
CA ASP E 4786 16.46 -24.33 -67.98
C ASP E 4786 17.53 -23.43 -68.57
N ASN E 4787 17.85 -22.36 -67.85
CA ASN E 4787 18.81 -21.38 -68.34
C ASN E 4787 20.23 -21.95 -68.39
N SER E 4788 20.64 -22.67 -67.34
CA SER E 4788 21.98 -23.24 -67.33
C SER E 4788 22.13 -24.30 -68.41
N PHE E 4789 21.11 -25.13 -68.62
CA PHE E 4789 21.17 -26.11 -69.69
C PHE E 4789 21.18 -25.43 -71.06
N LEU E 4790 20.47 -24.31 -71.21
CA LEU E 4790 20.52 -23.56 -72.45
C LEU E 4790 21.92 -23.01 -72.70
N TYR E 4791 22.58 -22.51 -71.65
CA TYR E 4791 23.96 -22.05 -71.78
C TYR E 4791 24.89 -23.19 -72.16
N LEU E 4792 24.68 -24.37 -71.56
CA LEU E 4792 25.49 -25.53 -71.90
C LEU E 4792 25.26 -25.95 -73.36
N GLY E 4793 24.02 -25.87 -73.83
CA GLY E 4793 23.75 -26.19 -75.22
C GLY E 4793 24.36 -25.18 -76.19
N TRP E 4794 24.36 -23.91 -75.80
CA TRP E 4794 25.05 -22.90 -76.60
C TRP E 4794 26.55 -23.18 -76.66
N TYR E 4795 27.13 -23.56 -75.53
CA TYR E 4795 28.53 -23.97 -75.50
C TYR E 4795 28.76 -25.16 -76.42
N MET E 4796 27.85 -26.13 -76.39
CA MET E 4796 27.95 -27.31 -77.25
C MET E 4796 27.95 -26.93 -78.72
N VAL E 4797 26.99 -26.10 -79.14
CA VAL E 4797 26.88 -25.75 -80.55
C VAL E 4797 28.07 -24.88 -80.98
N MET E 4798 28.56 -24.00 -80.09
CA MET E 4798 29.74 -23.21 -80.44
C MET E 4798 30.96 -24.10 -80.61
N SER E 4799 31.14 -25.07 -79.71
CA SER E 4799 32.26 -26.00 -79.86
C SER E 4799 32.14 -26.81 -81.14
N LEU E 4800 30.93 -27.25 -81.48
CA LEU E 4800 30.73 -28.00 -82.73
C LEU E 4800 31.04 -27.13 -83.94
N LEU E 4801 30.59 -25.88 -83.94
CA LEU E 4801 30.85 -25.00 -85.07
C LEU E 4801 32.31 -24.54 -85.13
N GLY E 4802 33.05 -24.66 -84.03
CA GLY E 4802 34.46 -24.30 -84.06
C GLY E 4802 35.28 -25.15 -85.02
N HIS E 4803 34.82 -26.37 -85.30
CA HIS E 4803 35.50 -27.19 -86.29
C HIS E 4803 35.37 -26.60 -87.69
N TYR E 4804 34.20 -26.05 -88.02
CA TYR E 4804 34.01 -25.42 -89.32
C TYR E 4804 34.92 -24.22 -89.49
N ASN E 4805 35.03 -23.39 -88.46
CA ASN E 4805 35.92 -22.23 -88.47
C ASN E 4805 36.53 -22.07 -87.08
N ASN E 4806 37.86 -21.97 -87.03
CA ASN E 4806 38.55 -21.90 -85.74
C ASN E 4806 38.16 -20.64 -84.97
N PHE E 4807 37.81 -19.56 -85.68
CA PHE E 4807 37.46 -18.31 -85.01
C PHE E 4807 36.19 -18.42 -84.19
N PHE E 4808 35.37 -19.45 -84.41
CA PHE E 4808 34.18 -19.64 -83.60
C PHE E 4808 34.49 -19.98 -82.15
N PHE E 4809 35.72 -20.41 -81.86
CA PHE E 4809 36.11 -20.73 -80.50
C PHE E 4809 36.25 -19.49 -79.62
N ALA E 4810 36.28 -18.29 -80.20
CA ALA E 4810 36.37 -17.07 -79.41
C ALA E 4810 35.15 -16.85 -78.53
N ALA E 4811 34.00 -17.42 -78.92
CA ALA E 4811 32.79 -17.27 -78.10
C ALA E 4811 32.90 -17.99 -76.76
N HIS E 4812 33.82 -18.94 -76.64
CA HIS E 4812 34.00 -19.69 -75.39
C HIS E 4812 34.61 -18.84 -74.28
N LEU E 4813 35.07 -17.63 -74.58
CA LEU E 4813 35.58 -16.75 -73.53
C LEU E 4813 34.47 -16.26 -72.60
N LEU E 4814 33.20 -16.43 -72.98
CA LEU E 4814 32.10 -16.01 -72.11
C LEU E 4814 32.02 -16.81 -70.83
N ASP E 4815 32.73 -17.94 -70.74
CA ASP E 4815 32.77 -18.69 -69.48
C ASP E 4815 33.44 -17.88 -68.39
N ILE E 4816 34.46 -17.09 -68.75
CA ILE E 4816 35.11 -16.24 -67.76
C ILE E 4816 34.15 -15.16 -67.27
N ALA E 4817 33.20 -14.74 -68.10
CA ALA E 4817 32.22 -13.75 -67.69
C ALA E 4817 31.13 -14.37 -66.80
N MET E 4818 30.74 -15.60 -67.10
CA MET E 4818 29.68 -16.27 -66.36
C MET E 4818 30.18 -17.02 -65.12
N GLY E 4819 31.50 -17.12 -64.94
CA GLY E 4819 32.04 -17.89 -63.84
C GLY E 4819 32.23 -17.10 -62.55
N VAL E 4820 32.95 -15.98 -62.63
CA VAL E 4820 33.27 -15.21 -61.43
C VAL E 4820 32.09 -14.35 -61.03
N LYS E 4821 31.96 -14.10 -59.73
CA LYS E 4821 30.86 -13.26 -59.23
C LYS E 4821 31.00 -11.83 -59.74
N THR E 4822 32.22 -11.28 -59.75
CA THR E 4822 32.41 -9.92 -60.24
C THR E 4822 32.10 -9.81 -61.71
N LEU E 4823 32.56 -10.77 -62.53
CA LEU E 4823 32.27 -10.74 -63.95
C LEU E 4823 30.78 -10.91 -64.22
N ARG E 4824 30.13 -11.80 -63.47
CA ARG E 4824 28.69 -11.98 -63.63
C ARG E 4824 27.93 -10.72 -63.25
N THR E 4825 28.36 -10.05 -62.18
CA THR E 4825 27.73 -8.79 -61.78
C THR E 4825 27.91 -7.72 -62.85
N ILE E 4826 29.12 -7.64 -63.43
CA ILE E 4826 29.37 -6.65 -64.47
C ILE E 4826 28.49 -6.92 -65.68
N LEU E 4827 28.36 -8.20 -66.07
CA LEU E 4827 27.51 -8.54 -67.21
C LEU E 4827 26.04 -8.25 -66.92
N SER E 4828 25.58 -8.56 -65.72
CA SER E 4828 24.17 -8.38 -65.37
C SER E 4828 23.82 -6.95 -65.01
N SER E 4829 24.81 -6.06 -64.87
CA SER E 4829 24.50 -4.65 -64.61
C SER E 4829 23.69 -4.05 -65.75
N VAL E 4830 23.97 -4.46 -66.99
CA VAL E 4830 23.22 -3.94 -68.13
C VAL E 4830 21.76 -4.36 -68.06
N THR E 4831 21.51 -5.62 -67.71
CA THR E 4831 20.15 -6.14 -67.66
C THR E 4831 19.41 -5.75 -66.39
N HIS E 4832 20.13 -5.29 -65.36
CA HIS E 4832 19.47 -4.87 -64.13
C HIS E 4832 18.57 -3.67 -64.35
N ASN E 4833 19.03 -2.71 -65.15
CA ASN E 4833 18.27 -1.52 -65.50
C ASN E 4833 18.09 -1.43 -67.02
N GLY E 4834 17.74 -2.55 -67.64
CA GLY E 4834 17.65 -2.59 -69.09
C GLY E 4834 16.53 -1.73 -69.65
N LYS E 4835 15.40 -1.68 -68.95
CA LYS E 4835 14.26 -0.91 -69.44
C LYS E 4835 14.59 0.58 -69.51
N GLN E 4836 15.18 1.11 -68.44
CA GLN E 4836 15.54 2.52 -68.42
C GLN E 4836 16.62 2.84 -69.46
N LEU E 4837 17.58 1.93 -69.64
CA LEU E 4837 18.61 2.12 -70.65
C LEU E 4837 18.00 2.16 -72.04
N VAL E 4838 17.06 1.25 -72.32
CA VAL E 4838 16.41 1.23 -73.63
C VAL E 4838 15.57 2.48 -73.84
N MET E 4839 14.92 2.98 -72.77
CA MET E 4839 14.16 4.22 -72.88
C MET E 4839 15.08 5.41 -73.18
N THR E 4840 16.24 5.45 -72.53
CA THR E 4840 17.20 6.52 -72.83
C THR E 4840 17.72 6.43 -74.25
N VAL E 4841 17.95 5.20 -74.74
CA VAL E 4841 18.34 5.03 -76.13
C VAL E 4841 17.22 5.47 -77.06
N GLY E 4842 15.97 5.26 -76.64
CA GLY E 4842 14.84 5.74 -77.43
C GLY E 4842 14.78 7.25 -77.52
N LEU E 4843 15.02 7.94 -76.40
CA LEU E 4843 15.13 9.40 -76.47
C LEU E 4843 16.31 9.84 -77.33
N LEU E 4844 17.43 9.12 -77.25
CA LEU E 4844 18.57 9.45 -78.11
C LEU E 4844 18.19 9.34 -79.58
N ALA E 4845 17.52 8.25 -79.95
CA ALA E 4845 17.09 8.07 -81.33
C ALA E 4845 16.08 9.14 -81.75
N VAL E 4846 15.15 9.48 -80.86
CA VAL E 4846 14.14 10.48 -81.19
C VAL E 4846 14.78 11.85 -81.40
N VAL E 4847 15.70 12.25 -80.52
CA VAL E 4847 16.35 13.54 -80.66
C VAL E 4847 17.26 13.57 -81.88
N VAL E 4848 17.89 12.43 -82.19
CA VAL E 4848 18.71 12.37 -83.40
C VAL E 4848 17.83 12.49 -84.64
N TYR E 4849 16.65 11.87 -84.63
CA TYR E 4849 15.71 12.01 -85.73
C TYR E 4849 15.26 13.46 -85.88
N LEU E 4850 14.95 14.11 -84.77
CA LEU E 4850 14.50 15.50 -84.82
C LEU E 4850 15.59 16.41 -85.36
N TYR E 4851 16.82 16.24 -84.89
CA TYR E 4851 17.90 17.08 -85.39
C TYR E 4851 18.26 16.74 -86.83
N THR E 4852 18.06 15.48 -87.24
CA THR E 4852 18.30 15.08 -88.62
C THR E 4852 17.30 15.74 -89.55
N VAL E 4853 16.01 15.74 -89.20
CA VAL E 4853 15.03 16.40 -90.07
C VAL E 4853 15.22 17.91 -90.04
N VAL E 4854 15.68 18.45 -88.90
CA VAL E 4854 15.99 19.87 -88.84
C VAL E 4854 17.14 20.22 -89.79
N ALA E 4855 18.20 19.40 -89.79
CA ALA E 4855 19.33 19.66 -90.67
C ALA E 4855 18.96 19.41 -92.13
N PHE E 4856 18.04 18.49 -92.38
CA PHE E 4856 17.57 18.24 -93.74
C PHE E 4856 16.76 19.40 -94.27
N ASN E 4857 15.93 20.01 -93.41
CA ASN E 4857 15.14 21.16 -93.83
C ASN E 4857 16.02 22.36 -94.16
N PHE E 4858 17.05 22.60 -93.34
CA PHE E 4858 17.95 23.73 -93.53
C PHE E 4858 19.29 23.41 -92.91
N PHE E 4859 20.32 24.14 -93.37
CA PHE E 4859 21.74 23.79 -93.17
C PHE E 4859 22.09 22.45 -93.81
N ARG E 4860 21.38 22.10 -94.88
CA ARG E 4860 21.65 20.84 -95.57
C ARG E 4860 22.95 20.92 -96.37
N LYS E 4861 23.28 22.10 -96.91
CA LYS E 4861 24.47 22.24 -97.73
C LYS E 4861 25.76 22.07 -96.94
N PHE E 4862 25.72 22.22 -95.61
CA PHE E 4862 26.93 22.08 -94.82
C PHE E 4862 27.36 20.63 -94.66
N TYR E 4863 26.50 19.68 -94.97
CA TYR E 4863 26.81 18.25 -94.80
C TYR E 4863 27.60 17.77 -96.02
N ASN E 4864 28.87 18.17 -96.07
CA ASN E 4864 29.78 17.80 -97.14
C ASN E 4864 31.02 17.16 -96.51
N LYS E 4865 31.19 15.85 -96.72
CA LYS E 4865 32.32 15.11 -96.18
C LYS E 4865 33.28 14.66 -97.27
N SER E 4866 33.28 15.36 -98.41
CA SER E 4866 34.15 15.04 -99.53
C SER E 4866 35.21 16.12 -99.65
N GLU E 4867 36.48 15.71 -99.64
CA GLU E 4867 37.58 16.67 -99.75
C GLU E 4867 37.71 17.19 -101.17
N ASP E 4868 37.53 16.33 -102.16
CA ASP E 4868 37.66 16.70 -103.56
C ASP E 4868 36.33 17.24 -104.08
N GLU E 4869 36.37 18.43 -104.68
CA GLU E 4869 35.17 19.05 -105.24
C GLU E 4869 34.74 18.41 -106.55
N ASP E 4870 35.57 17.57 -107.15
CA ASP E 4870 35.20 16.92 -108.41
C ASP E 4870 34.01 15.99 -108.22
N GLU E 4871 33.97 15.26 -107.11
CA GLU E 4871 32.88 14.33 -106.80
C GLU E 4871 32.36 14.64 -105.41
N PRO E 4872 31.53 15.66 -105.27
CA PRO E 4872 30.98 15.99 -103.95
C PRO E 4872 30.10 14.87 -103.41
N ASP E 4873 30.11 14.72 -102.09
CA ASP E 4873 29.33 13.70 -101.41
C ASP E 4873 28.38 14.36 -100.43
N MET E 4874 27.08 14.23 -100.68
CA MET E 4874 26.03 14.78 -99.83
C MET E 4874 25.56 13.69 -98.89
N LYS E 4875 26.01 13.74 -97.63
CA LYS E 4875 25.60 12.75 -96.64
C LYS E 4875 24.18 12.97 -96.14
N CYS E 4876 23.58 14.12 -96.42
CA CYS E 4876 22.21 14.41 -95.99
C CYS E 4876 21.24 14.58 -97.15
N ASP E 4877 21.50 13.88 -98.26
CA ASP E 4877 20.59 13.95 -99.40
C ASP E 4877 19.31 13.15 -99.17
N ASP E 4878 19.32 12.23 -98.21
CA ASP E 4878 18.17 11.39 -97.91
C ASP E 4878 17.98 11.30 -96.40
N MET E 4879 16.76 10.97 -95.99
CA MET E 4879 16.47 10.82 -94.57
C MET E 4879 17.31 9.70 -93.95
N MET E 4880 17.35 8.54 -94.60
CA MET E 4880 18.05 7.39 -94.02
C MET E 4880 19.55 7.64 -93.96
N THR E 4881 20.13 8.17 -95.04
CA THR E 4881 21.58 8.41 -95.05
C THR E 4881 21.98 9.44 -94.00
N CYS E 4882 21.22 10.53 -93.90
CA CYS E 4882 21.53 11.55 -92.90
C CYS E 4882 21.35 11.01 -91.48
N TYR E 4883 20.30 10.22 -91.26
CA TYR E 4883 20.10 9.62 -89.94
C TYR E 4883 21.24 8.68 -89.57
N LEU E 4884 21.68 7.86 -90.53
CA LEU E 4884 22.81 6.96 -90.27
C LEU E 4884 24.09 7.75 -90.00
N PHE E 4885 24.34 8.80 -90.77
CA PHE E 4885 25.53 9.63 -90.54
C PHE E 4885 25.48 10.26 -89.15
N HIS E 4886 24.32 10.78 -88.74
CA HIS E 4886 24.19 11.36 -87.42
C HIS E 4886 24.45 10.33 -86.33
N MET E 4887 23.75 9.20 -86.40
CA MET E 4887 23.89 8.16 -85.38
C MET E 4887 25.28 7.54 -85.38
N TYR E 4888 26.05 7.71 -86.45
CA TYR E 4888 27.39 7.15 -86.50
C TYR E 4888 28.46 8.14 -86.03
N VAL E 4889 28.29 9.43 -86.29
CA VAL E 4889 29.32 10.42 -86.04
C VAL E 4889 29.01 11.26 -84.80
N GLY E 4890 27.81 11.83 -84.72
CA GLY E 4890 27.53 12.82 -83.70
C GLY E 4890 27.57 12.26 -82.29
N VAL E 4891 27.02 11.06 -82.09
CA VAL E 4891 26.94 10.51 -80.74
C VAL E 4891 28.32 10.15 -80.21
N ARG E 4892 29.20 9.64 -81.07
CA ARG E 4892 30.54 9.24 -80.66
C ARG E 4892 31.58 10.33 -80.83
N ALA E 4893 31.22 11.49 -81.38
CA ALA E 4893 32.19 12.55 -81.57
C ALA E 4893 32.70 13.09 -80.25
N GLY E 4894 31.81 13.26 -79.27
CA GLY E 4894 32.19 13.82 -77.98
C GLY E 4894 32.24 15.33 -77.95
N GLY E 4895 31.98 16.01 -79.06
CA GLY E 4895 31.99 17.46 -79.10
C GLY E 4895 30.90 18.01 -80.00
N GLY E 4896 29.92 17.18 -80.34
CA GLY E 4896 28.83 17.59 -81.19
C GLY E 4896 29.06 17.24 -82.65
N ILE E 4897 28.03 17.50 -83.46
CA ILE E 4897 28.09 17.23 -84.89
C ILE E 4897 28.97 18.22 -85.64
N GLY E 4898 29.35 19.32 -85.01
CA GLY E 4898 30.15 20.34 -85.69
C GLY E 4898 31.57 19.91 -86.00
N ASP E 4899 32.06 18.85 -85.37
CA ASP E 4899 33.42 18.40 -85.62
C ASP E 4899 33.58 17.90 -87.05
N GLU E 4900 32.64 17.08 -87.51
CA GLU E 4900 32.72 16.55 -88.87
C GLU E 4900 32.31 17.60 -89.90
N ILE E 4901 31.32 18.43 -89.56
CA ILE E 4901 30.85 19.45 -90.50
C ILE E 4901 31.88 20.57 -90.60
N GLU E 4902 31.99 21.14 -91.80
CA GLU E 4902 32.92 22.24 -92.03
C GLU E 4902 32.49 23.48 -91.26
N ASP E 4903 33.45 24.38 -91.07
CA ASP E 4903 33.19 25.58 -90.28
C ASP E 4903 32.23 26.51 -91.02
N PRO E 4904 31.11 26.90 -90.41
CA PRO E 4904 30.15 27.81 -91.05
C PRO E 4904 30.57 29.28 -90.94
N ALA E 4905 31.46 29.69 -91.84
CA ALA E 4905 31.98 31.05 -91.87
C ALA E 4905 31.46 31.77 -93.09
N GLY E 4906 30.83 32.94 -92.86
CA GLY E 4906 30.30 33.75 -93.93
C GLY E 4906 28.89 33.40 -94.36
N ASP E 4907 28.31 32.33 -93.84
CA ASP E 4907 26.96 31.94 -94.20
C ASP E 4907 25.94 32.81 -93.49
N GLU E 4908 24.78 32.99 -94.12
CA GLU E 4908 23.71 33.77 -93.52
C GLU E 4908 23.12 33.08 -92.29
N TYR E 4909 23.30 31.77 -92.16
CA TYR E 4909 22.79 31.00 -91.03
C TYR E 4909 23.89 30.68 -90.02
N GLU E 4910 24.87 31.57 -89.87
CA GLU E 4910 25.98 31.30 -88.95
C GLU E 4910 25.50 31.20 -87.51
N LEU E 4911 24.70 32.17 -87.06
CA LEU E 4911 24.19 32.13 -85.71
C LEU E 4911 23.25 30.94 -85.50
N TYR E 4912 22.40 30.68 -86.49
CA TYR E 4912 21.48 29.54 -86.41
C TYR E 4912 22.24 28.22 -86.34
N ARG E 4913 23.27 28.06 -87.18
CA ARG E 4913 24.08 26.85 -87.15
C ARG E 4913 24.82 26.71 -85.82
N VAL E 4914 25.34 27.82 -85.30
CA VAL E 4914 26.04 27.78 -84.02
C VAL E 4914 25.10 27.35 -82.91
N VAL E 4915 23.89 27.93 -82.88
CA VAL E 4915 22.90 27.56 -81.86
C VAL E 4915 22.51 26.10 -82.00
N PHE E 4916 22.35 25.63 -83.24
CA PHE E 4916 22.00 24.24 -83.48
C PHE E 4916 23.07 23.30 -82.94
N ASP E 4917 24.33 23.59 -83.22
CA ASP E 4917 25.41 22.73 -82.74
C ASP E 4917 25.45 22.77 -81.21
N ILE E 4918 25.27 23.96 -80.63
CA ILE E 4918 25.32 24.09 -79.17
C ILE E 4918 24.23 23.25 -78.52
N THR E 4919 22.99 23.36 -79.01
CA THR E 4919 21.91 22.62 -78.38
C THR E 4919 22.06 21.12 -78.63
N PHE E 4920 22.56 20.73 -79.80
CA PHE E 4920 22.80 19.32 -80.06
C PHE E 4920 23.82 18.75 -79.08
N PHE E 4921 24.95 19.45 -78.92
CA PHE E 4921 25.97 19.00 -77.98
C PHE E 4921 25.41 18.91 -76.57
N PHE E 4922 24.78 19.98 -76.10
CA PHE E 4922 24.29 20.02 -74.72
C PHE E 4922 23.23 18.96 -74.47
N PHE E 4923 22.34 18.75 -75.44
CA PHE E 4923 21.26 17.79 -75.24
C PHE E 4923 21.75 16.35 -75.36
N VAL E 4924 22.73 16.06 -76.21
CA VAL E 4924 23.11 14.67 -76.43
C VAL E 4924 24.29 14.29 -75.53
N ILE E 4925 25.44 14.93 -75.75
CA ILE E 4925 26.66 14.44 -75.11
C ILE E 4925 26.65 14.73 -73.60
N VAL E 4926 26.24 15.93 -73.22
CA VAL E 4926 26.26 16.31 -71.81
C VAL E 4926 25.17 15.59 -71.02
N ILE E 4927 24.01 15.34 -71.65
CA ILE E 4927 22.87 14.85 -70.91
C ILE E 4927 22.62 13.36 -71.15
N LEU E 4928 22.32 12.98 -72.40
CA LEU E 4928 21.85 11.62 -72.67
C LEU E 4928 22.95 10.58 -72.46
N LEU E 4929 24.16 10.83 -72.99
CA LEU E 4929 25.25 9.88 -72.77
C LEU E 4929 25.60 9.78 -71.29
N ALA E 4930 25.66 10.93 -70.61
CA ALA E 4930 25.94 10.92 -69.18
C ALA E 4930 24.84 10.21 -68.40
N ILE E 4931 23.59 10.35 -68.84
CA ILE E 4931 22.50 9.67 -68.14
C ILE E 4931 22.64 8.16 -68.26
N ILE E 4932 22.97 7.67 -69.47
CA ILE E 4932 23.18 6.23 -69.66
C ILE E 4932 24.36 5.74 -68.82
N GLN E 4933 25.46 6.50 -68.84
CA GLN E 4933 26.64 6.10 -68.06
C GLN E 4933 26.31 6.06 -66.57
N GLY E 4934 25.59 7.07 -66.07
CA GLY E 4934 25.21 7.08 -64.68
C GLY E 4934 24.25 5.96 -64.32
N LEU E 4935 23.34 5.61 -65.23
CA LEU E 4935 22.43 4.50 -64.98
C LEU E 4935 23.19 3.19 -64.84
N ILE E 4936 24.13 2.95 -65.75
CA ILE E 4936 24.91 1.70 -65.67
C ILE E 4936 25.76 1.70 -64.41
N ILE E 4937 26.40 2.83 -64.09
CA ILE E 4937 27.23 2.92 -62.89
C ILE E 4937 26.40 2.68 -61.64
N ASP E 4938 25.21 3.28 -61.57
CA ASP E 4938 24.35 3.10 -60.41
C ASP E 4938 23.86 1.67 -60.30
N ALA E 4939 23.55 1.02 -61.42
CA ALA E 4939 23.14 -0.38 -61.38
C ALA E 4939 24.26 -1.26 -60.84
N PHE E 4940 25.48 -1.06 -61.34
CA PHE E 4940 26.62 -1.84 -60.85
C PHE E 4940 26.88 -1.57 -59.38
N GLY E 4941 26.79 -0.30 -58.96
CA GLY E 4941 27.01 0.03 -57.57
C GLY E 4941 25.96 -0.57 -56.66
N GLU E 4942 24.70 -0.56 -57.09
CA GLU E 4942 23.63 -1.17 -56.30
C GLU E 4942 23.83 -2.68 -56.19
N LEU E 4943 24.23 -3.33 -57.28
CA LEU E 4943 24.50 -4.77 -57.22
C LEU E 4943 25.65 -5.08 -56.26
N ARG E 4944 26.74 -4.30 -56.34
CA ARG E 4944 27.86 -4.53 -55.43
C ARG E 4944 27.47 -4.24 -53.99
N ASP E 4945 26.65 -3.21 -53.78
CA ASP E 4945 26.18 -2.91 -52.43
C ASP E 4945 25.34 -4.04 -51.87
N GLN E 4946 24.46 -4.61 -52.68
CA GLN E 4946 23.67 -5.75 -52.22
C GLN E 4946 24.55 -6.96 -51.91
N GLN E 4947 25.55 -7.20 -52.76
CA GLN E 4947 26.45 -8.33 -52.53
C GLN E 4947 27.22 -8.16 -51.22
N GLU E 4948 27.69 -6.94 -50.94
CA GLU E 4948 28.39 -6.69 -49.68
C GLU E 4948 27.42 -6.75 -48.50
N GLN E 4949 26.20 -6.25 -48.69
CA GLN E 4949 25.22 -6.25 -47.61
C GLN E 4949 24.81 -7.66 -47.22
N VAL E 4950 24.85 -8.60 -48.16
CA VAL E 4950 24.58 -10.00 -47.81
C VAL E 4950 25.55 -10.46 -46.72
N LYS E 4951 26.85 -10.26 -46.95
CA LYS E 4951 27.85 -10.67 -45.98
C LYS E 4951 27.75 -9.84 -44.70
N GLU E 4952 27.48 -8.54 -44.83
CA GLU E 4952 27.40 -7.69 -43.64
C GLU E 4952 26.25 -8.12 -42.74
N ASP E 4953 25.09 -8.43 -43.34
CA ASP E 4953 23.95 -8.90 -42.56
C ASP E 4953 24.22 -10.29 -41.97
N MET E 4954 24.88 -11.17 -42.71
CA MET E 4954 25.17 -12.49 -42.17
C MET E 4954 26.12 -12.41 -40.98
N GLU E 4955 27.13 -11.54 -41.05
CA GLU E 4955 28.06 -11.37 -39.95
C GLU E 4955 27.57 -10.42 -38.85
N THR E 4956 26.44 -9.74 -39.04
CA THR E 4956 25.91 -8.89 -37.98
C THR E 4956 24.59 -9.36 -37.40
N LYS E 4957 23.86 -10.23 -38.09
CA LYS E 4957 22.56 -10.71 -37.63
C LYS E 4957 22.47 -12.22 -37.80
N CYS E 4958 21.80 -12.88 -36.85
CA CYS E 4958 21.60 -14.31 -36.93
C CYS E 4958 20.43 -14.63 -37.86
N PHE E 4959 20.58 -15.69 -38.64
CA PHE E 4959 19.61 -15.97 -39.70
C PHE E 4959 18.26 -16.40 -39.13
N ILE E 4960 18.26 -17.33 -38.19
CA ILE E 4960 17.01 -17.87 -37.67
C ILE E 4960 16.31 -16.86 -36.77
N CYS E 4961 16.96 -16.47 -35.68
CA CYS E 4961 16.41 -15.51 -34.74
C CYS E 4961 16.94 -14.11 -35.07
N GLY E 4962 16.03 -13.17 -35.26
CA GLY E 4962 16.40 -11.82 -35.67
C GLY E 4962 17.00 -10.99 -34.56
N ILE E 4963 18.16 -11.39 -34.07
CA ILE E 4963 18.89 -10.66 -33.03
C ILE E 4963 20.21 -10.20 -33.62
N GLY E 4964 20.49 -8.91 -33.52
CA GLY E 4964 21.71 -8.36 -34.05
C GLY E 4964 22.92 -8.73 -33.21
N SER E 4965 24.10 -8.39 -33.74
CA SER E 4965 25.34 -8.67 -33.04
C SER E 4965 25.62 -7.63 -31.98
N ASP E 4966 24.65 -7.40 -31.09
CA ASP E 4966 24.79 -6.42 -30.02
C ASP E 4966 24.65 -7.04 -28.63
N TYR E 4967 23.60 -7.82 -28.40
CA TYR E 4967 23.42 -8.40 -27.07
C TYR E 4967 24.33 -9.61 -26.90
N PHE E 4968 24.70 -10.26 -28.00
CA PHE E 4968 25.67 -11.34 -27.92
C PHE E 4968 27.09 -10.81 -27.87
N ASP E 4969 27.28 -9.52 -28.15
CA ASP E 4969 28.61 -8.92 -28.13
C ASP E 4969 29.15 -8.77 -26.71
N THR E 4970 28.28 -8.79 -25.70
CA THR E 4970 28.76 -8.66 -24.32
C THR E 4970 29.64 -9.84 -23.94
N THR E 4971 29.21 -11.05 -24.27
CA THR E 4971 30.03 -12.23 -24.01
C THR E 4971 31.20 -12.26 -24.99
N PRO E 4972 32.42 -12.50 -24.52
CA PRO E 4972 33.56 -12.59 -25.44
C PRO E 4972 33.34 -13.67 -26.48
N HIS E 4973 33.64 -13.34 -27.74
CA HIS E 4973 33.33 -14.16 -28.91
C HIS E 4973 31.95 -14.82 -28.78
N GLY E 4974 30.98 -14.01 -28.36
CA GLY E 4974 29.63 -14.52 -28.20
C GLY E 4974 28.96 -14.88 -29.52
N PHE E 4975 29.17 -14.03 -30.54
CA PHE E 4975 28.59 -14.31 -31.85
C PHE E 4975 29.29 -15.46 -32.55
N GLU E 4976 30.50 -15.82 -32.13
CA GLU E 4976 31.23 -16.92 -32.75
C GLU E 4976 30.75 -18.29 -32.30
N THR E 4977 29.96 -18.36 -31.23
CA THR E 4977 29.46 -19.63 -30.70
C THR E 4977 27.96 -19.81 -30.86
N HIS E 4978 27.18 -18.75 -30.69
CA HIS E 4978 25.73 -18.86 -30.86
C HIS E 4978 25.34 -19.22 -32.28
N THR E 4979 25.96 -18.57 -33.26
CA THR E 4979 25.59 -18.84 -34.65
C THR E 4979 26.06 -20.23 -35.11
N LEU E 4980 26.97 -20.86 -34.37
CA LEU E 4980 27.48 -22.18 -34.74
C LEU E 4980 26.92 -23.30 -33.87
N GLU E 4981 26.30 -22.99 -32.74
CA GLU E 4981 25.76 -24.01 -31.85
C GLU E 4981 24.27 -23.88 -31.60
N GLU E 4982 23.72 -22.67 -31.58
CA GLU E 4982 22.30 -22.47 -31.24
C GLU E 4982 21.42 -22.44 -32.48
N HIS E 4983 21.68 -21.51 -33.40
CA HIS E 4983 20.85 -21.29 -34.58
C HIS E 4983 21.61 -21.57 -35.87
N ASN E 4984 22.39 -22.64 -35.90
CA ASN E 4984 23.10 -23.02 -37.11
C ASN E 4984 22.13 -23.64 -38.11
N LEU E 4985 22.24 -23.23 -39.38
CA LEU E 4985 21.42 -23.83 -40.42
C LEU E 4985 21.73 -25.31 -40.57
N ALA E 4986 23.01 -25.67 -40.47
CA ALA E 4986 23.39 -27.09 -40.56
C ALA E 4986 22.76 -27.89 -39.43
N ASN E 4987 22.67 -27.31 -38.24
CA ASN E 4987 22.07 -28.02 -37.10
C ASN E 4987 20.60 -28.30 -37.35
N TYR E 4988 19.84 -27.29 -37.80
CA TYR E 4988 18.42 -27.49 -38.07
C TYR E 4988 18.22 -28.48 -39.21
N MET E 4989 19.05 -28.38 -40.24
CA MET E 4989 18.97 -29.31 -41.36
C MET E 4989 19.24 -30.74 -40.92
N PHE E 4990 20.26 -30.94 -40.08
CA PHE E 4990 20.55 -32.29 -39.59
C PHE E 4990 19.45 -32.79 -38.67
N PHE E 4991 18.83 -31.88 -37.92
CA PHE E 4991 17.65 -32.25 -37.13
C PHE E 4991 16.55 -32.79 -38.02
N LEU E 4992 16.23 -32.06 -39.10
CA LEU E 4992 15.19 -32.51 -40.01
C LEU E 4992 15.54 -33.85 -40.65
N MET E 4993 16.80 -34.01 -41.07
CA MET E 4993 17.22 -35.26 -41.69
C MET E 4993 17.15 -36.43 -40.70
N TYR E 4994 17.52 -36.18 -39.45
CA TYR E 4994 17.53 -37.26 -38.45
C TYR E 4994 16.11 -37.66 -38.07
N LEU E 4995 15.18 -36.70 -38.01
CA LEU E 4995 13.77 -37.07 -37.86
C LEU E 4995 13.25 -37.81 -39.08
N ILE E 4996 13.73 -37.46 -40.28
CA ILE E 4996 13.31 -38.18 -41.48
C ILE E 4996 13.77 -39.64 -41.40
N ASN E 4997 15.02 -39.85 -41.00
CA ASN E 4997 15.55 -41.21 -40.93
C ASN E 4997 14.86 -42.02 -39.84
N LYS E 4998 14.63 -41.42 -38.68
CA LYS E 4998 14.02 -42.15 -37.57
C LYS E 4998 12.54 -42.38 -37.82
N ASP E 4999 12.04 -43.49 -37.28
CA ASP E 4999 10.62 -43.83 -37.39
C ASP E 4999 9.79 -42.93 -36.48
N GLU E 5000 8.51 -42.84 -36.81
CA GLU E 5000 7.60 -41.99 -36.03
C GLU E 5000 7.37 -42.55 -34.63
N THR E 5001 7.49 -43.87 -34.46
CA THR E 5001 7.24 -44.48 -33.15
C THR E 5001 8.30 -44.09 -32.14
N GLU E 5002 9.53 -43.83 -32.59
CA GLU E 5002 10.64 -43.50 -31.69
C GLU E 5002 10.80 -42.01 -31.48
N HIS E 5003 9.94 -41.18 -32.07
CA HIS E 5003 10.06 -39.74 -31.92
C HIS E 5003 9.71 -39.30 -30.50
N THR E 5004 10.51 -38.38 -29.96
CA THR E 5004 10.24 -37.81 -28.66
C THR E 5004 9.03 -36.87 -28.76
N GLY E 5005 8.48 -36.51 -27.59
CA GLY E 5005 7.31 -35.65 -27.57
C GLY E 5005 7.55 -34.33 -28.26
N GLN E 5006 8.67 -33.67 -27.97
CA GLN E 5006 9.05 -32.47 -28.71
C GLN E 5006 9.34 -32.80 -30.16
N GLU E 5007 10.04 -33.92 -30.40
CA GLU E 5007 10.30 -34.33 -31.78
C GLU E 5007 9.01 -34.65 -32.52
N SER E 5008 8.07 -35.33 -31.86
CA SER E 5008 6.79 -35.62 -32.50
C SER E 5008 6.02 -34.34 -32.79
N TYR E 5009 6.05 -33.38 -31.86
CA TYR E 5009 5.38 -32.10 -32.09
C TYR E 5009 5.99 -31.38 -33.29
N VAL E 5010 7.32 -31.37 -33.38
CA VAL E 5010 7.98 -30.71 -34.51
C VAL E 5010 7.63 -31.41 -35.82
N TRP E 5011 7.64 -32.75 -35.82
CA TRP E 5011 7.30 -33.50 -37.03
C TRP E 5011 5.87 -33.22 -37.47
N LYS E 5012 4.93 -33.24 -36.52
CA LYS E 5012 3.54 -32.98 -36.88
C LYS E 5012 3.36 -31.56 -37.37
N MET E 5013 4.07 -30.60 -36.79
CA MET E 5013 3.91 -29.21 -37.17
C MET E 5013 4.52 -28.97 -38.56
N TYR E 5014 5.63 -29.63 -38.86
CA TYR E 5014 6.21 -29.59 -40.20
C TYR E 5014 5.27 -30.22 -41.22
N GLN E 5015 4.63 -31.33 -40.85
CA GLN E 5015 3.66 -31.97 -41.75
C GLN E 5015 2.45 -31.09 -42.00
N GLU E 5016 2.23 -30.07 -41.18
CA GLU E 5016 1.12 -29.15 -41.34
C GLU E 5016 1.43 -28.01 -42.31
N ARG E 5017 2.63 -27.97 -42.89
CA ARG E 5017 3.09 -27.00 -43.88
C ARG E 5017 3.27 -25.61 -43.28
N CYS E 5018 3.06 -25.44 -41.98
CA CYS E 5018 3.27 -24.17 -41.30
C CYS E 5018 4.35 -24.38 -40.26
N TRP E 5019 5.17 -23.35 -40.03
CA TRP E 5019 6.31 -23.44 -39.12
C TRP E 5019 6.32 -22.24 -38.19
N ASP E 5020 5.78 -22.41 -36.98
CA ASP E 5020 6.04 -21.50 -35.88
C ASP E 5020 6.93 -22.08 -34.80
N PHE E 5021 7.46 -23.30 -34.97
CA PHE E 5021 8.39 -23.84 -34.00
C PHE E 5021 9.73 -23.10 -33.99
N PHE E 5022 10.04 -22.38 -35.06
CA PHE E 5022 11.27 -21.61 -35.11
C PHE E 5022 11.27 -20.52 -34.04
N PRO E 5023 12.44 -20.19 -33.48
CA PRO E 5023 12.48 -19.20 -32.39
C PRO E 5023 11.91 -17.85 -32.77
N ALA E 5024 12.10 -17.41 -34.00
CA ALA E 5024 11.64 -16.11 -34.49
C ALA E 5024 12.25 -15.04 -33.58
N GLY E 5025 11.44 -14.18 -32.96
CA GLY E 5025 11.98 -13.17 -32.06
C GLY E 5025 12.17 -13.67 -30.65
N ASP E 5026 12.91 -14.76 -30.49
CA ASP E 5026 13.18 -15.33 -29.18
C ASP E 5026 14.45 -16.16 -29.26
N CYS E 5027 15.03 -16.45 -28.09
CA CYS E 5027 16.25 -17.23 -28.04
C CYS E 5027 16.36 -17.92 -26.68
N PHE E 5028 17.20 -18.94 -26.63
CA PHE E 5028 17.46 -19.63 -25.37
C PHE E 5028 18.14 -18.71 -24.37
N ARG E 5029 19.15 -17.96 -24.81
CA ARG E 5029 19.84 -17.03 -23.93
C ARG E 5029 18.92 -15.90 -23.47
N LYS E 5030 18.16 -15.32 -24.41
CA LYS E 5030 17.31 -14.19 -24.07
C LYS E 5030 16.20 -14.58 -23.10
N GLN E 5031 15.58 -15.74 -23.29
CA GLN E 5031 14.46 -16.14 -22.45
C GLN E 5031 14.91 -16.49 -21.03
N TYR E 5032 16.16 -16.89 -20.86
CA TYR E 5032 16.69 -17.29 -19.56
C TYR E 5032 17.88 -16.42 -19.17
N GLU E 5033 17.79 -15.12 -19.43
CA GLU E 5033 18.87 -14.21 -19.06
C GLU E 5033 18.95 -14.02 -17.56
N ASP E 5034 17.83 -14.21 -16.84
CA ASP E 5034 17.86 -14.05 -15.39
C ASP E 5034 18.75 -15.09 -14.73
N GLN E 5035 18.70 -16.33 -15.20
CA GLN E 5035 19.54 -17.38 -14.63
C GLN E 5035 21.01 -17.11 -14.89
N LEU E 5036 21.36 -16.64 -16.09
CA LEU E 5036 22.74 -16.34 -16.42
C LEU E 5036 23.18 -15.01 -15.82
N GLY F 1 -52.98 -120.69 -5.01
CA GLY F 1 -53.72 -121.24 -6.14
C GLY F 1 -54.01 -120.22 -7.22
N VAL F 2 -53.72 -120.58 -8.47
CA VAL F 2 -53.94 -119.72 -9.61
C VAL F 2 -55.19 -120.17 -10.34
N GLU F 3 -55.75 -119.26 -11.14
CA GLU F 3 -56.97 -119.53 -11.91
C GLU F 3 -56.60 -119.69 -13.37
N ILE F 4 -57.13 -120.74 -14.00
CA ILE F 4 -56.86 -121.05 -15.40
C ILE F 4 -58.16 -120.86 -16.18
N GLU F 5 -58.11 -120.01 -17.20
CA GLU F 5 -59.26 -119.74 -18.06
C GLU F 5 -58.82 -119.91 -19.51
N THR F 6 -59.18 -121.04 -20.11
CA THR F 6 -58.77 -121.36 -21.47
C THR F 6 -59.76 -120.76 -22.46
N ILE F 7 -59.27 -119.90 -23.36
CA ILE F 7 -60.11 -119.34 -24.41
C ILE F 7 -59.99 -120.15 -25.70
N SER F 8 -58.79 -120.62 -26.02
CA SER F 8 -58.55 -121.46 -27.19
C SER F 8 -57.98 -122.80 -26.73
N PRO F 9 -58.69 -123.91 -26.95
CA PRO F 9 -58.17 -125.20 -26.47
C PRO F 9 -56.82 -125.58 -27.04
N GLY F 10 -56.56 -125.24 -28.31
CA GLY F 10 -55.29 -125.58 -28.91
C GLY F 10 -55.09 -127.09 -29.01
N ASP F 11 -53.85 -127.51 -28.86
CA ASP F 11 -53.48 -128.92 -28.90
C ASP F 11 -53.12 -129.36 -27.48
N GLY F 12 -54.08 -129.97 -26.80
CA GLY F 12 -53.86 -130.42 -25.43
C GLY F 12 -53.05 -131.68 -25.28
N ARG F 13 -52.80 -132.40 -26.38
CA ARG F 13 -51.99 -133.62 -26.29
C ARG F 13 -50.55 -133.30 -25.89
N THR F 14 -49.99 -132.23 -26.44
CA THR F 14 -48.62 -131.87 -26.14
C THR F 14 -48.54 -131.05 -24.84
N PHE F 15 -47.55 -131.37 -24.01
CA PHE F 15 -47.32 -130.69 -22.75
C PHE F 15 -45.89 -130.20 -22.68
N PRO F 16 -45.65 -129.10 -21.96
CA PRO F 16 -44.28 -128.61 -21.81
C PRO F 16 -43.38 -129.63 -21.14
N LYS F 17 -42.13 -129.71 -21.61
CA LYS F 17 -41.17 -130.64 -21.06
C LYS F 17 -40.57 -130.09 -19.77
N LYS F 18 -40.36 -130.97 -18.80
CA LYS F 18 -39.78 -130.57 -17.53
C LYS F 18 -38.31 -130.22 -17.72
N GLY F 19 -37.89 -129.08 -17.16
CA GLY F 19 -36.53 -128.63 -17.30
C GLY F 19 -36.12 -128.31 -18.72
N GLN F 20 -37.01 -127.70 -19.48
CA GLN F 20 -36.75 -127.33 -20.86
C GLN F 20 -37.19 -125.90 -21.12
N THR F 21 -36.41 -125.19 -21.93
CA THR F 21 -36.73 -123.80 -22.25
C THR F 21 -37.92 -123.74 -23.20
N CYS F 22 -38.86 -122.84 -22.90
CA CYS F 22 -40.04 -122.65 -23.72
C CYS F 22 -40.26 -121.16 -23.93
N VAL F 23 -40.92 -120.84 -25.06
CA VAL F 23 -41.21 -119.46 -25.43
C VAL F 23 -42.71 -119.23 -25.32
N VAL F 24 -43.08 -118.14 -24.65
CA VAL F 24 -44.47 -117.76 -24.48
C VAL F 24 -44.65 -116.31 -24.94
N HIS F 25 -45.91 -115.95 -25.20
CA HIS F 25 -46.26 -114.63 -25.69
C HIS F 25 -47.32 -114.05 -24.75
N TYR F 26 -46.87 -113.33 -23.73
CA TYR F 26 -47.76 -112.80 -22.71
C TYR F 26 -48.34 -111.46 -23.14
N THR F 27 -49.53 -111.15 -22.60
CA THR F 27 -50.22 -109.88 -22.82
C THR F 27 -50.76 -109.36 -21.50
N GLY F 28 -49.88 -109.30 -20.49
CA GLY F 28 -50.26 -108.91 -19.15
C GLY F 28 -51.01 -107.59 -19.05
N MET F 29 -52.12 -107.58 -18.33
CA MET F 29 -53.02 -106.45 -18.27
C MET F 29 -53.74 -106.45 -16.93
N LEU F 30 -53.83 -105.27 -16.31
CA LEU F 30 -54.16 -105.14 -14.90
C LEU F 30 -55.63 -105.43 -14.64
N GLN F 31 -55.96 -105.60 -13.35
CA GLN F 31 -57.34 -105.86 -12.95
C GLN F 31 -58.25 -104.68 -13.30
N ASN F 32 -57.77 -103.45 -13.05
CA ASN F 32 -58.59 -102.27 -13.30
C ASN F 32 -58.82 -102.03 -14.79
N GLY F 33 -57.98 -102.58 -15.66
CA GLY F 33 -58.14 -102.38 -17.09
C GLY F 33 -57.00 -101.63 -17.74
N LYS F 34 -55.79 -101.80 -17.21
CA LYS F 34 -54.60 -101.14 -17.73
C LYS F 34 -53.56 -102.17 -18.13
N LYS F 35 -52.87 -101.91 -19.24
CA LYS F 35 -51.84 -102.82 -19.75
C LYS F 35 -50.47 -102.33 -19.29
N PHE F 36 -49.69 -103.24 -18.72
CA PHE F 36 -48.35 -102.92 -18.24
C PHE F 36 -47.24 -103.51 -19.08
N ASP F 37 -47.47 -104.65 -19.74
CA ASP F 37 -46.46 -105.27 -20.58
C ASP F 37 -47.16 -106.17 -21.59
N SER F 38 -46.53 -106.35 -22.74
CA SER F 38 -47.09 -107.20 -23.80
C SER F 38 -45.95 -107.75 -24.63
N SER F 39 -45.90 -109.08 -24.77
CA SER F 39 -44.83 -109.70 -25.55
C SER F 39 -44.95 -109.34 -27.03
N ARG F 40 -46.17 -109.34 -27.57
CA ARG F 40 -46.34 -109.01 -28.98
C ARG F 40 -46.05 -107.54 -29.25
N ASP F 41 -46.14 -106.70 -28.22
CA ASP F 41 -45.80 -105.29 -28.38
C ASP F 41 -44.34 -105.11 -28.77
N ARG F 42 -43.45 -105.91 -28.17
CA ARG F 42 -42.04 -105.89 -28.52
C ARG F 42 -41.73 -106.71 -29.76
N ASN F 43 -42.69 -107.49 -30.27
CA ASN F 43 -42.50 -108.33 -31.45
C ASN F 43 -41.31 -109.28 -31.28
N LYS F 44 -41.20 -109.88 -30.09
CA LYS F 44 -40.12 -110.81 -29.81
C LYS F 44 -40.54 -111.79 -28.74
N PRO F 45 -40.45 -113.10 -28.99
CA PRO F 45 -40.81 -114.09 -27.98
C PRO F 45 -39.87 -114.03 -26.78
N PHE F 46 -40.42 -114.35 -25.61
CA PHE F 46 -39.65 -114.41 -24.37
C PHE F 46 -39.44 -115.86 -24.00
N LYS F 47 -38.18 -116.25 -23.79
CA LYS F 47 -37.81 -117.61 -23.47
C LYS F 47 -37.38 -117.71 -22.01
N PHE F 48 -38.02 -118.62 -21.27
CA PHE F 48 -37.68 -118.87 -19.88
C PHE F 48 -37.65 -120.36 -19.64
N ARG F 49 -36.78 -120.80 -18.73
CA ARG F 49 -36.67 -122.19 -18.37
C ARG F 49 -37.64 -122.54 -17.24
N ILE F 50 -37.83 -123.84 -17.03
CA ILE F 50 -38.71 -124.31 -15.96
C ILE F 50 -38.12 -124.01 -14.58
N GLY F 51 -36.82 -123.74 -14.50
CA GLY F 51 -36.20 -123.44 -13.23
C GLY F 51 -36.72 -122.15 -12.62
N LYS F 52 -36.45 -122.00 -11.33
CA LYS F 52 -36.95 -120.87 -10.57
C LYS F 52 -36.24 -119.58 -10.99
N GLN F 53 -36.82 -118.45 -10.56
CA GLN F 53 -36.28 -117.10 -10.76
C GLN F 53 -36.38 -116.66 -12.21
N GLU F 54 -36.81 -117.54 -13.11
CA GLU F 54 -37.04 -117.14 -14.49
C GLU F 54 -38.29 -116.29 -14.61
N VAL F 55 -39.38 -116.71 -13.97
CA VAL F 55 -40.64 -115.99 -13.92
C VAL F 55 -41.17 -116.04 -12.50
N ILE F 56 -42.28 -115.36 -12.27
CA ILE F 56 -42.93 -115.35 -10.96
C ILE F 56 -43.55 -116.71 -10.70
N LYS F 57 -43.92 -116.99 -9.45
CA LYS F 57 -44.45 -118.29 -9.09
C LYS F 57 -45.75 -118.58 -9.82
N GLY F 58 -46.63 -117.58 -9.91
CA GLY F 58 -47.89 -117.78 -10.62
C GLY F 58 -47.69 -118.08 -12.09
N PHE F 59 -46.77 -117.36 -12.74
CA PHE F 59 -46.49 -117.61 -14.15
C PHE F 59 -45.90 -119.00 -14.35
N GLU F 60 -45.00 -119.43 -13.46
CA GLU F 60 -44.43 -120.76 -13.57
C GLU F 60 -45.49 -121.84 -13.37
N GLU F 61 -46.37 -121.66 -12.38
CA GLU F 61 -47.45 -122.62 -12.17
C GLU F 61 -48.38 -122.69 -13.37
N GLY F 62 -48.70 -121.53 -13.95
CA GLY F 62 -49.53 -121.53 -15.15
C GLY F 62 -48.87 -122.22 -16.32
N ALA F 63 -47.58 -121.96 -16.52
CA ALA F 63 -46.85 -122.62 -17.60
C ALA F 63 -46.81 -124.13 -17.39
N ALA F 64 -46.64 -124.57 -16.14
CA ALA F 64 -46.72 -125.99 -15.85
C ALA F 64 -48.10 -126.54 -16.18
N GLN F 65 -49.15 -125.79 -15.85
CA GLN F 65 -50.52 -126.17 -16.21
C GLN F 65 -50.85 -125.87 -17.66
N MET F 66 -49.99 -125.15 -18.37
CA MET F 66 -50.26 -124.77 -19.76
C MET F 66 -50.02 -125.97 -20.68
N SER F 67 -50.42 -125.80 -21.94
CA SER F 67 -50.18 -126.81 -22.96
C SER F 67 -49.79 -126.12 -24.26
N LEU F 68 -49.09 -126.86 -25.12
CA LEU F 68 -48.58 -126.29 -26.36
C LEU F 68 -49.72 -125.89 -27.28
N GLY F 69 -49.62 -124.69 -27.86
CA GLY F 69 -50.59 -124.22 -28.82
C GLY F 69 -51.92 -123.75 -28.25
N GLN F 70 -52.03 -123.65 -26.93
CA GLN F 70 -53.28 -123.28 -26.28
C GLN F 70 -53.18 -121.86 -25.73
N ARG F 71 -54.23 -121.07 -25.94
CA ARG F 71 -54.32 -119.71 -25.44
C ARG F 71 -55.20 -119.69 -24.20
N ALA F 72 -54.72 -119.04 -23.14
CA ALA F 72 -55.47 -118.99 -21.89
C ALA F 72 -55.11 -117.70 -21.15
N LYS F 73 -56.00 -117.31 -20.25
CA LYS F 73 -55.79 -116.14 -19.38
C LYS F 73 -55.36 -116.62 -18.01
N LEU F 74 -54.23 -116.11 -17.53
CA LEU F 74 -53.62 -116.58 -16.28
C LEU F 74 -53.85 -115.53 -15.20
N THR F 75 -54.99 -115.64 -14.51
CA THR F 75 -55.27 -114.76 -13.39
C THR F 75 -54.52 -115.24 -12.15
N CYS F 76 -53.73 -114.35 -11.56
CA CYS F 76 -52.90 -114.69 -10.41
C CYS F 76 -53.18 -113.70 -9.28
N THR F 77 -53.42 -114.24 -8.08
CA THR F 77 -53.60 -113.41 -6.92
C THR F 77 -52.27 -112.76 -6.53
N PRO F 78 -52.30 -111.57 -5.91
CA PRO F 78 -51.04 -110.92 -5.50
C PRO F 78 -50.23 -111.73 -4.51
N ASP F 79 -50.85 -112.69 -3.81
CA ASP F 79 -50.08 -113.55 -2.91
C ASP F 79 -49.06 -114.38 -3.68
N VAL F 80 -49.46 -114.92 -4.83
CA VAL F 80 -48.53 -115.68 -5.66
C VAL F 80 -47.88 -114.80 -6.71
N ALA F 81 -48.53 -113.69 -7.10
CA ALA F 81 -47.95 -112.74 -8.04
C ALA F 81 -46.98 -111.82 -7.29
N TYR F 82 -46.61 -110.71 -7.93
CA TYR F 82 -45.72 -109.74 -7.31
C TYR F 82 -46.29 -109.26 -5.99
N GLY F 83 -45.45 -109.23 -4.96
CA GLY F 83 -45.86 -108.82 -3.63
C GLY F 83 -45.82 -107.31 -3.48
N ALA F 84 -45.75 -106.88 -2.22
CA ALA F 84 -45.67 -105.45 -1.93
C ALA F 84 -44.39 -104.87 -2.51
N THR F 85 -44.51 -103.74 -3.19
CA THR F 85 -43.39 -103.08 -3.87
C THR F 85 -42.67 -104.06 -4.80
N GLY F 86 -43.45 -104.85 -5.53
CA GLY F 86 -42.86 -105.83 -6.43
C GLY F 86 -42.06 -105.20 -7.56
N HIS F 87 -42.60 -104.13 -8.15
CA HIS F 87 -41.90 -103.43 -9.22
C HIS F 87 -42.22 -101.94 -9.16
N PRO F 88 -41.21 -101.07 -9.08
CA PRO F 88 -41.47 -99.62 -8.96
C PRO F 88 -41.95 -98.95 -10.24
N GLY F 89 -43.26 -99.08 -10.49
CA GLY F 89 -43.87 -98.43 -11.63
C GLY F 89 -44.60 -99.37 -12.56
N VAL F 90 -44.00 -100.53 -12.83
CA VAL F 90 -44.63 -101.52 -13.68
C VAL F 90 -45.87 -102.12 -13.01
N ILE F 91 -45.72 -102.55 -11.77
CA ILE F 91 -46.78 -103.30 -11.08
C ILE F 91 -47.17 -102.58 -9.81
N PRO F 92 -48.48 -102.42 -9.53
CA PRO F 92 -48.88 -101.81 -8.27
C PRO F 92 -48.47 -102.68 -7.10
N PRO F 93 -48.22 -102.08 -5.93
CA PRO F 93 -47.77 -102.88 -4.78
C PRO F 93 -48.75 -103.97 -4.37
N ASN F 94 -50.06 -103.74 -4.50
CA ASN F 94 -51.07 -104.72 -4.13
C ASN F 94 -52.15 -104.73 -5.21
N ALA F 95 -52.01 -105.63 -6.17
CA ALA F 95 -52.98 -105.77 -7.24
C ALA F 95 -52.88 -107.17 -7.82
N THR F 96 -53.93 -107.58 -8.53
CA THR F 96 -53.97 -108.88 -9.18
C THR F 96 -53.31 -108.80 -10.54
N LEU F 97 -52.52 -109.83 -10.87
CA LEU F 97 -51.79 -109.89 -12.13
C LEU F 97 -52.40 -110.99 -13.00
N ILE F 98 -52.96 -110.59 -14.15
CA ILE F 98 -53.47 -111.54 -15.13
C ILE F 98 -52.74 -111.30 -16.44
N PHE F 99 -52.49 -112.38 -17.18
CA PHE F 99 -51.78 -112.30 -18.45
C PHE F 99 -52.48 -113.20 -19.46
N ASP F 100 -52.33 -112.85 -20.75
CA ASP F 100 -52.82 -113.67 -21.84
C ASP F 100 -51.58 -114.41 -22.35
N VAL F 101 -51.35 -115.59 -21.78
CA VAL F 101 -50.16 -116.38 -22.10
C VAL F 101 -50.49 -117.36 -23.20
N GLU F 102 -49.72 -117.33 -24.27
CA GLU F 102 -49.87 -118.24 -25.40
C GLU F 102 -48.61 -119.11 -25.46
N LEU F 103 -48.79 -120.42 -25.38
CA LEU F 103 -47.67 -121.35 -25.31
C LEU F 103 -47.32 -121.87 -26.70
N LEU F 104 -46.02 -121.86 -27.00
CA LEU F 104 -45.55 -122.26 -28.33
C LEU F 104 -44.52 -123.38 -28.22
N ASN F 105 -43.86 -123.69 -29.33
CA ASN F 105 -42.89 -124.79 -29.34
C ASN F 105 -41.74 -124.49 -28.39
N LEU F 106 -41.39 -125.51 -27.60
CA LEU F 106 -40.31 -125.36 -26.63
C LEU F 106 -38.97 -125.23 -27.34
N GLU F 107 -38.10 -124.39 -26.77
CA GLU F 107 -36.78 -124.15 -27.35
C GLU F 107 -35.80 -125.23 -26.89
N MET G 1 6.37 -98.74 -8.37
CA MET G 1 6.91 -98.68 -9.72
C MET G 1 6.89 -100.08 -10.33
N ALA G 2 6.62 -100.15 -11.63
CA ALA G 2 6.59 -101.44 -12.34
C ALA G 2 7.23 -101.37 -13.72
N ASP G 3 7.92 -100.28 -14.04
CA ASP G 3 8.58 -100.19 -15.35
C ASP G 3 9.71 -101.20 -15.47
N GLN G 4 10.37 -101.53 -14.36
CA GLN G 4 11.40 -102.58 -14.37
C GLN G 4 10.79 -103.93 -14.73
N LEU G 5 9.60 -104.21 -14.22
CA LEU G 5 8.90 -105.45 -14.56
C LEU G 5 8.49 -105.43 -16.02
N THR G 6 8.84 -106.50 -16.74
CA THR G 6 8.50 -106.59 -18.15
C THR G 6 7.04 -106.98 -18.33
N GLU G 7 6.54 -106.79 -19.56
CA GLU G 7 5.15 -107.13 -19.85
C GLU G 7 4.90 -108.62 -19.66
N GLU G 8 5.82 -109.46 -20.16
CA GLU G 8 5.70 -110.90 -19.92
C GLU G 8 5.81 -111.22 -18.44
N GLN G 9 6.71 -110.53 -17.73
CA GLN G 9 6.90 -110.79 -16.30
C GLN G 9 5.65 -110.41 -15.51
N ILE G 10 5.07 -109.24 -15.78
CA ILE G 10 3.88 -108.82 -15.06
C ILE G 10 2.69 -109.71 -15.43
N ALA G 11 2.61 -110.14 -16.69
CA ALA G 11 1.54 -111.07 -17.09
C ALA G 11 1.67 -112.39 -16.34
N GLU G 12 2.88 -112.93 -16.24
CA GLU G 12 3.09 -114.17 -15.52
C GLU G 12 2.77 -114.01 -14.04
N PHE G 13 3.17 -112.87 -13.45
CA PHE G 13 2.87 -112.62 -12.05
C PHE G 13 1.37 -112.55 -11.81
N LYS G 14 0.64 -111.86 -12.70
CA LYS G 14 -0.81 -111.78 -12.57
C LYS G 14 -1.46 -113.15 -12.72
N GLU G 15 -0.97 -113.95 -13.67
CA GLU G 15 -1.51 -115.29 -13.85
C GLU G 15 -1.26 -116.16 -12.62
N ALA G 16 -0.08 -116.04 -12.02
CA ALA G 16 0.23 -116.84 -10.83
C ALA G 16 -0.58 -116.38 -9.63
N PHE G 17 -0.79 -115.08 -9.47
CA PHE G 17 -1.46 -114.54 -8.31
C PHE G 17 -2.98 -114.44 -8.48
N SER G 18 -3.51 -114.80 -9.65
CA SER G 18 -4.95 -114.83 -9.83
C SER G 18 -5.62 -115.78 -8.83
N LEU G 19 -4.94 -116.86 -8.45
CA LEU G 19 -5.48 -117.75 -7.43
C LEU G 19 -5.62 -117.03 -6.10
N PHE G 20 -4.62 -116.24 -5.72
CA PHE G 20 -4.72 -115.46 -4.49
C PHE G 20 -5.82 -114.42 -4.57
N ASP G 21 -5.96 -113.76 -5.72
CA ASP G 21 -7.01 -112.76 -5.90
C ASP G 21 -8.40 -113.39 -5.95
N LYS G 22 -8.49 -114.70 -6.17
CA LYS G 22 -9.78 -115.38 -6.22
C LYS G 22 -10.45 -115.49 -4.86
N ASP G 23 -9.75 -115.16 -3.78
CA ASP G 23 -10.33 -115.24 -2.44
C ASP G 23 -11.49 -114.26 -2.24
N GLY G 24 -11.57 -113.23 -3.06
CA GLY G 24 -12.66 -112.27 -2.96
C GLY G 24 -12.21 -110.83 -2.93
N ASP G 25 -11.07 -110.57 -2.28
CA ASP G 25 -10.53 -109.22 -2.19
C ASP G 25 -9.03 -109.14 -2.39
N GLY G 26 -8.36 -110.25 -2.71
CA GLY G 26 -6.92 -110.23 -2.90
C GLY G 26 -6.10 -110.17 -1.64
N THR G 27 -6.72 -110.33 -0.47
CA THR G 27 -6.00 -110.28 0.80
C THR G 27 -5.24 -111.58 0.98
N ILE G 28 -3.98 -111.59 0.56
CA ILE G 28 -3.13 -112.77 0.66
C ILE G 28 -2.53 -112.83 2.06
N THR G 29 -2.70 -113.97 2.73
CA THR G 29 -2.18 -114.17 4.07
C THR G 29 -0.74 -114.68 3.98
N THR G 30 -0.18 -115.11 5.12
CA THR G 30 1.18 -115.64 5.13
C THR G 30 1.27 -116.93 4.32
N LYS G 31 0.28 -117.81 4.46
CA LYS G 31 0.28 -119.04 3.69
C LYS G 31 0.17 -118.77 2.20
N ALA G 32 -0.70 -117.83 1.81
CA ALA G 32 -0.82 -117.45 0.41
C ALA G 32 0.48 -116.87 -0.12
N LEU G 33 1.16 -116.05 0.70
CA LEU G 33 2.45 -115.51 0.29
C LEU G 33 3.48 -116.61 0.10
N GLY G 34 3.48 -117.61 0.99
CA GLY G 34 4.39 -118.73 0.85
C GLY G 34 4.14 -119.53 -0.42
N THR G 35 2.87 -119.81 -0.72
CA THR G 35 2.53 -120.53 -1.94
C THR G 35 2.92 -119.73 -3.17
N VAL G 36 2.69 -118.42 -3.16
CA VAL G 36 3.05 -117.58 -4.30
C VAL G 36 4.56 -117.57 -4.50
N MET G 37 5.32 -117.46 -3.40
CA MET G 37 6.77 -117.49 -3.49
C MET G 37 7.26 -118.83 -4.02
N ARG G 38 6.66 -119.93 -3.57
CA ARG G 38 7.04 -121.25 -4.08
C ARG G 38 6.73 -121.37 -5.57
N SER G 39 5.58 -120.86 -6.00
CA SER G 39 5.23 -120.91 -7.41
C SER G 39 6.14 -120.01 -8.24
N LEU G 40 6.70 -118.96 -7.65
CA LEU G 40 7.59 -118.06 -8.37
C LEU G 40 8.88 -118.75 -8.80
N GLY G 41 9.23 -119.88 -8.19
CA GLY G 41 10.42 -120.62 -8.52
C GLY G 41 11.58 -120.42 -7.57
N GLN G 42 11.53 -119.37 -6.73
CA GLN G 42 12.58 -119.09 -5.76
C GLN G 42 11.97 -119.03 -4.38
N ASN G 43 12.57 -119.73 -3.43
CA ASN G 43 12.06 -119.74 -2.06
C ASN G 43 12.40 -118.42 -1.38
N PRO G 44 11.41 -117.69 -0.86
CA PRO G 44 11.72 -116.43 -0.18
C PRO G 44 12.50 -116.67 1.11
N THR G 45 13.34 -115.70 1.44
CA THR G 45 14.14 -115.76 2.65
C THR G 45 13.37 -115.17 3.84
N GLU G 46 13.98 -115.28 5.02
CA GLU G 46 13.36 -114.72 6.23
C GLU G 46 13.23 -113.20 6.12
N ALA G 47 14.26 -112.53 5.60
CA ALA G 47 14.19 -111.08 5.43
C ALA G 47 13.09 -110.69 4.46
N GLU G 48 12.95 -111.42 3.35
CA GLU G 48 11.89 -111.13 2.39
C GLU G 48 10.52 -111.32 3.01
N LEU G 49 10.33 -112.39 3.79
CA LEU G 49 9.05 -112.62 4.45
C LEU G 49 8.75 -111.52 5.47
N GLN G 50 9.77 -111.09 6.22
CA GLN G 50 9.57 -110.01 7.18
C GLN G 50 9.20 -108.71 6.48
N ASP G 51 9.86 -108.41 5.35
CA ASP G 51 9.54 -107.21 4.60
C ASP G 51 8.12 -107.26 4.04
N MET G 52 7.72 -108.44 3.53
CA MET G 52 6.35 -108.59 3.03
C MET G 52 5.33 -108.42 4.14
N ILE G 53 5.61 -108.96 5.33
CA ILE G 53 4.69 -108.82 6.45
C ILE G 53 4.60 -107.36 6.87
N ASN G 54 5.73 -106.66 6.92
CA ASN G 54 5.72 -105.25 7.29
C ASN G 54 4.95 -104.42 6.27
N GLU G 55 5.15 -104.69 4.98
CA GLU G 55 4.42 -103.96 3.94
C GLU G 55 2.95 -104.34 3.89
N VAL G 56 2.56 -105.47 4.48
CA VAL G 56 1.18 -105.90 4.49
C VAL G 56 0.35 -105.00 5.41
N THR G 63 -3.04 -107.78 6.09
CA THR G 63 -2.79 -108.82 5.09
C THR G 63 -2.22 -108.22 3.81
N ILE G 64 -1.38 -108.99 3.13
CA ILE G 64 -0.76 -108.55 1.88
C ILE G 64 -1.80 -108.55 0.77
N ASP G 65 -1.48 -107.91 -0.35
CA ASP G 65 -2.41 -107.78 -1.46
C ASP G 65 -1.74 -108.17 -2.76
N PHE G 66 -2.56 -108.59 -3.73
CA PHE G 66 -2.04 -108.96 -5.05
C PHE G 66 -1.26 -107.83 -5.72
N PRO G 67 -1.71 -106.58 -5.71
CA PRO G 67 -0.84 -105.50 -6.21
C PRO G 67 0.45 -105.35 -5.41
N ALA G 68 0.42 -105.64 -4.11
CA ALA G 68 1.66 -105.64 -3.33
C ALA G 68 2.60 -106.73 -3.80
N PHE G 69 2.05 -107.89 -4.17
CA PHE G 69 2.88 -108.95 -4.74
C PHE G 69 3.47 -108.51 -6.07
N LEU G 70 2.69 -107.80 -6.89
CA LEU G 70 3.23 -107.25 -8.13
C LEU G 70 4.36 -106.26 -7.87
N THR G 71 4.19 -105.42 -6.85
CA THR G 71 5.24 -104.46 -6.49
C THR G 71 6.50 -105.18 -6.04
N MET G 72 6.35 -106.25 -5.24
CA MET G 72 7.51 -107.03 -4.82
C MET G 72 8.21 -107.68 -6.01
N MET G 73 7.42 -108.21 -6.96
CA MET G 73 8.01 -108.79 -8.16
C MET G 73 8.75 -107.72 -8.98
N ALA G 74 8.17 -106.52 -9.05
CA ALA G 74 8.84 -105.43 -9.76
C ALA G 74 10.13 -105.03 -9.08
N ARG G 75 10.15 -105.03 -7.75
CA ARG G 75 11.38 -104.74 -7.02
C ARG G 75 12.44 -105.81 -7.27
N LYS G 76 12.03 -107.08 -7.30
CA LYS G 76 12.97 -108.15 -7.61
C LYS G 76 13.51 -108.00 -9.03
N MET G 77 12.65 -107.64 -9.98
CA MET G 77 13.10 -107.41 -11.35
C MET G 77 14.05 -106.22 -11.42
N LYS G 78 13.80 -105.18 -10.63
CA LYS G 78 14.71 -104.04 -10.58
C LYS G 78 16.07 -104.44 -10.03
N ASP G 79 16.09 -105.30 -9.00
CA ASP G 79 17.36 -105.80 -8.48
C ASP G 79 18.09 -106.63 -9.53
N THR G 80 17.35 -107.47 -10.27
CA THR G 80 17.97 -108.25 -11.34
C THR G 80 18.52 -107.35 -12.43
N ASP G 81 17.79 -106.28 -12.78
CA ASP G 81 18.27 -105.34 -13.78
C ASP G 81 19.51 -104.59 -13.29
N SER G 82 19.57 -104.28 -11.99
CA SER G 82 20.77 -103.66 -11.43
C SER G 82 21.96 -104.60 -11.51
N GLU G 83 21.74 -105.89 -11.23
CA GLU G 83 22.82 -106.87 -11.36
C GLU G 83 23.28 -106.98 -12.82
N GLU G 84 22.32 -106.98 -13.75
CA GLU G 84 22.66 -107.04 -15.17
C GLU G 84 23.44 -105.80 -15.60
N GLU G 85 23.06 -104.63 -15.08
CA GLU G 85 23.78 -103.40 -15.40
C GLU G 85 25.19 -103.44 -14.83
N ILE G 86 25.37 -104.01 -13.63
CA ILE G 86 26.69 -104.17 -13.05
C ILE G 86 27.54 -105.08 -13.93
N ARG G 87 26.96 -106.19 -14.39
CA ARG G 87 27.68 -107.09 -15.29
C ARG G 87 28.04 -106.40 -16.60
N GLU G 88 27.13 -105.59 -17.15
CA GLU G 88 27.40 -104.87 -18.38
C GLU G 88 28.51 -103.85 -18.18
N ALA G 89 28.53 -103.17 -17.02
CA ALA G 89 29.60 -102.25 -16.72
C ALA G 89 30.94 -102.97 -16.59
N PHE G 90 30.93 -104.17 -15.98
CA PHE G 90 32.16 -104.93 -15.84
C PHE G 90 32.67 -105.43 -17.19
N ARG G 91 31.77 -105.77 -18.11
CA ARG G 91 32.17 -106.38 -19.38
C ARG G 91 32.47 -105.34 -20.47
N VAL G 92 31.53 -104.45 -20.74
CA VAL G 92 31.65 -103.54 -21.86
C VAL G 92 32.79 -102.55 -21.64
N PHE G 93 32.99 -102.11 -20.39
CA PHE G 93 34.05 -101.14 -20.11
C PHE G 93 35.43 -101.67 -20.45
N ASP G 94 35.60 -102.99 -20.49
CA ASP G 94 36.86 -103.61 -20.89
C ASP G 94 36.92 -103.66 -22.42
N LYS G 95 37.15 -102.47 -23.01
CA LYS G 95 37.21 -102.37 -24.46
C LYS G 95 38.37 -103.16 -25.03
N ASP G 96 39.51 -103.15 -24.34
CA ASP G 96 40.66 -103.93 -24.80
C ASP G 96 40.36 -105.42 -24.76
N GLY G 97 39.64 -105.87 -23.73
CA GLY G 97 39.30 -107.27 -23.58
C GLY G 97 40.29 -108.08 -22.76
N ASN G 98 41.42 -107.49 -22.36
CA ASN G 98 42.42 -108.17 -21.55
C ASN G 98 42.32 -107.80 -20.08
N GLY G 99 41.26 -107.11 -19.67
CA GLY G 99 41.10 -106.69 -18.29
C GLY G 99 41.69 -105.35 -17.95
N TYR G 100 42.36 -104.69 -18.90
CA TYR G 100 42.98 -103.38 -18.67
C TYR G 100 42.65 -102.49 -19.87
N ILE G 101 41.60 -101.68 -19.72
CA ILE G 101 41.17 -100.79 -20.78
C ILE G 101 42.02 -99.52 -20.74
N SER G 102 42.34 -99.00 -21.92
CA SER G 102 43.14 -97.79 -22.01
C SER G 102 42.37 -96.59 -21.46
N ALA G 103 43.10 -95.70 -20.77
CA ALA G 103 42.47 -94.52 -20.20
C ALA G 103 41.95 -93.60 -21.30
N ALA G 104 42.73 -93.43 -22.38
CA ALA G 104 42.27 -92.60 -23.49
C ALA G 104 41.03 -93.18 -24.15
N ALA G 105 41.00 -94.50 -24.34
CA ALA G 105 39.82 -95.14 -24.92
C ALA G 105 38.60 -94.98 -24.02
N LEU G 106 38.80 -95.13 -22.69
CA LEU G 106 37.69 -94.95 -21.76
C LEU G 106 37.18 -93.52 -21.79
N ARG G 107 38.08 -92.54 -21.85
CA ARG G 107 37.66 -91.14 -21.93
C ARG G 107 36.90 -90.87 -23.23
N HIS G 108 37.38 -91.43 -24.34
CA HIS G 108 36.68 -91.24 -25.62
C HIS G 108 35.29 -91.88 -25.58
N VAL G 109 35.18 -93.06 -24.97
CA VAL G 109 33.87 -93.70 -24.86
C VAL G 109 32.93 -92.88 -23.98
N MET G 110 33.46 -92.34 -22.87
CA MET G 110 32.63 -91.52 -21.99
C MET G 110 32.17 -90.25 -22.69
N THR G 111 33.05 -89.64 -23.49
CA THR G 111 32.66 -88.44 -24.23
C THR G 111 31.55 -88.74 -25.23
N ASN G 112 31.67 -89.86 -25.94
CA ASN G 112 30.64 -90.29 -26.89
C ASN G 112 29.71 -91.27 -26.19
N LEU G 113 28.83 -90.72 -25.36
CA LEU G 113 27.88 -91.51 -24.59
C LEU G 113 26.51 -90.86 -24.65
N GLY G 114 25.48 -91.69 -24.40
CA GLY G 114 24.12 -91.19 -24.40
C GLY G 114 23.86 -90.16 -23.32
N GLU G 115 24.51 -90.31 -22.16
CA GLU G 115 24.33 -89.37 -21.07
C GLU G 115 24.89 -87.98 -21.37
N LYS G 116 25.71 -87.86 -22.42
CA LYS G 116 26.30 -86.57 -22.81
C LYS G 116 27.10 -85.96 -21.67
N LEU G 117 27.83 -86.80 -20.95
CA LEU G 117 28.65 -86.32 -19.84
C LEU G 117 29.88 -85.57 -20.38
N THR G 118 30.41 -84.68 -19.55
CA THR G 118 31.56 -83.88 -19.92
C THR G 118 32.84 -84.63 -19.58
N ASP G 119 33.73 -84.77 -20.57
CA ASP G 119 35.00 -85.46 -20.34
C ASP G 119 35.87 -84.70 -19.34
N GLU G 120 35.90 -83.37 -19.46
CA GLU G 120 36.71 -82.57 -18.54
C GLU G 120 36.20 -82.69 -17.10
N GLU G 121 34.88 -82.69 -16.93
CA GLU G 121 34.30 -82.81 -15.59
C GLU G 121 34.61 -84.17 -14.98
N VAL G 122 34.56 -85.23 -15.78
CA VAL G 122 34.79 -86.59 -15.27
C VAL G 122 36.25 -86.98 -15.47
N ASP G 123 37.10 -86.00 -15.77
CA ASP G 123 38.52 -86.29 -15.94
C ASP G 123 39.14 -86.77 -14.64
N GLU G 124 38.78 -86.14 -13.51
CA GLU G 124 39.31 -86.55 -12.22
C GLU G 124 38.86 -87.98 -11.88
N MET G 125 37.60 -88.29 -12.15
CA MET G 125 37.11 -89.65 -11.88
C MET G 125 37.81 -90.67 -12.77
N ILE G 126 38.05 -90.33 -14.03
CA ILE G 126 38.76 -91.23 -14.93
C ILE G 126 40.19 -91.46 -14.45
N ARG G 127 40.86 -90.39 -14.02
CA ARG G 127 42.23 -90.53 -13.53
C ARG G 127 42.27 -91.36 -12.25
N GLU G 128 41.31 -91.16 -11.35
CA GLU G 128 41.26 -91.94 -10.12
C GLU G 128 41.00 -93.42 -10.41
N ALA G 129 40.10 -93.69 -11.35
CA ALA G 129 39.73 -95.06 -11.74
C ALA G 129 39.30 -95.89 -10.54
N GLY G 135 48.56 -96.43 -16.59
CA GLY G 135 48.18 -96.19 -17.96
C GLY G 135 46.84 -96.79 -18.33
N GLN G 136 46.79 -98.13 -18.41
CA GLN G 136 45.56 -98.82 -18.75
C GLN G 136 44.72 -99.02 -17.49
N VAL G 137 43.49 -98.54 -17.53
CA VAL G 137 42.58 -98.66 -16.40
C VAL G 137 42.02 -100.08 -16.35
N ASN G 138 42.12 -100.72 -15.19
CA ASN G 138 41.62 -102.08 -15.03
C ASN G 138 40.11 -102.11 -15.12
N TYR G 139 39.58 -103.25 -15.57
CA TYR G 139 38.13 -103.40 -15.67
C TYR G 139 37.47 -103.32 -14.31
N GLU G 140 38.08 -103.93 -13.29
CA GLU G 140 37.54 -103.84 -11.94
C GLU G 140 37.56 -102.40 -11.43
N ALA G 141 38.64 -101.66 -11.72
CA ALA G 141 38.71 -100.26 -11.33
C ALA G 141 37.64 -99.44 -12.03
N PHE G 142 37.41 -99.70 -13.31
CA PHE G 142 36.35 -98.99 -14.04
C PHE G 142 34.98 -99.30 -13.46
N VAL G 143 34.74 -100.57 -13.11
CA VAL G 143 33.46 -100.94 -12.52
C VAL G 143 33.27 -100.26 -11.17
N GLN G 144 34.32 -100.22 -10.36
CA GLN G 144 34.24 -99.54 -9.07
C GLN G 144 33.98 -98.05 -9.23
N MET G 145 34.64 -97.41 -10.21
CA MET G 145 34.41 -96.00 -10.46
C MET G 145 32.98 -95.75 -10.92
N MET G 146 32.45 -96.62 -11.79
CA MET G 146 31.07 -96.48 -12.23
C MET G 146 30.10 -96.65 -11.07
N THR G 147 30.36 -97.60 -10.18
CA THR G 147 29.51 -97.82 -9.02
C THR G 147 29.85 -96.92 -7.85
N ALA G 148 30.89 -96.08 -7.98
CA ALA G 148 31.30 -95.16 -6.92
C ALA G 148 31.57 -95.88 -5.61
N GLN H 12 8.72 -37.86 9.76
CA GLN H 12 7.86 -38.77 9.01
C GLN H 12 8.63 -40.01 8.55
N PHE H 13 9.94 -39.85 8.35
CA PHE H 13 10.80 -40.92 7.91
C PHE H 13 12.08 -40.92 8.75
N LEU H 14 12.70 -42.08 8.84
CA LEU H 14 13.94 -42.25 9.60
C LEU H 14 15.13 -42.31 8.65
N ARG H 15 16.22 -41.65 9.04
CA ARG H 15 17.43 -41.59 8.25
C ARG H 15 18.63 -41.99 9.11
N THR H 16 19.77 -42.16 8.45
CA THR H 16 20.99 -42.53 9.16
C THR H 16 21.49 -41.37 10.02
N ASP H 17 22.28 -41.72 11.03
CA ASP H 17 22.89 -40.81 12.00
C ASP H 17 21.86 -40.12 12.90
N ASP H 18 20.58 -40.45 12.77
CA ASP H 18 19.55 -39.86 13.62
C ASP H 18 19.50 -40.58 14.97
N GLU H 19 19.07 -39.85 15.99
CA GLU H 19 18.96 -40.39 17.33
C GLU H 19 17.56 -40.95 17.53
N VAL H 20 17.46 -42.25 17.80
CA VAL H 20 16.19 -42.94 17.99
C VAL H 20 16.27 -43.77 19.26
N VAL H 21 15.09 -44.04 19.83
CA VAL H 21 14.97 -44.84 21.04
C VAL H 21 13.93 -45.93 20.79
N LEU H 22 14.28 -47.17 21.15
CA LEU H 22 13.37 -48.29 21.00
C LEU H 22 12.38 -48.31 22.17
N GLN H 23 11.09 -48.26 21.86
CA GLN H 23 10.04 -48.22 22.87
C GLN H 23 9.12 -49.42 22.70
N CYS H 24 8.66 -49.96 23.82
CA CYS H 24 7.75 -51.11 23.83
C CYS H 24 6.60 -50.83 24.78
N SER H 25 5.48 -51.49 24.52
CA SER H 25 4.26 -51.32 25.31
C SER H 25 3.94 -52.63 26.04
N ALA H 26 3.65 -52.53 27.32
CA ALA H 26 3.29 -53.68 28.14
C ALA H 26 2.08 -53.35 28.99
N THR H 27 1.31 -54.38 29.34
CA THR H 27 0.10 -54.23 30.13
C THR H 27 0.39 -54.62 31.57
N VAL H 28 0.26 -53.65 32.48
CA VAL H 28 0.46 -53.86 33.90
C VAL H 28 -0.73 -53.26 34.64
N LEU H 29 -1.33 -54.05 35.53
CA LEU H 29 -2.49 -53.62 36.32
C LEU H 29 -3.62 -53.11 35.41
N LYS H 30 -3.84 -53.82 34.30
CA LYS H 30 -4.85 -53.46 33.31
C LYS H 30 -4.64 -52.04 32.79
N GLU H 31 -3.38 -51.67 32.60
CA GLU H 31 -3.03 -50.34 32.09
C GLU H 31 -1.80 -50.46 31.20
N GLN H 32 -1.79 -49.68 30.12
CA GLN H 32 -0.66 -49.71 29.20
C GLN H 32 0.54 -49.01 29.82
N LEU H 33 1.70 -49.66 29.77
CA LEU H 33 2.94 -49.14 30.31
C LEU H 33 3.96 -48.99 29.19
N LYS H 34 4.56 -47.81 29.08
CA LYS H 34 5.57 -47.52 28.07
C LYS H 34 6.96 -47.69 28.68
N LEU H 35 7.80 -48.47 28.00
CA LEU H 35 9.16 -48.73 28.45
C LEU H 35 10.12 -48.54 27.28
N CYS H 36 11.30 -47.99 27.57
CA CYS H 36 12.33 -47.77 26.57
C CYS H 36 13.59 -48.55 26.95
N LEU H 37 14.19 -49.20 25.97
CA LEU H 37 15.40 -49.98 26.21
C LEU H 37 16.57 -49.05 26.52
N ALA H 38 17.27 -49.33 27.61
CA ALA H 38 18.42 -48.55 28.02
C ALA H 38 19.52 -49.49 28.51
N ALA H 39 20.77 -49.05 28.34
CA ALA H 39 21.93 -49.83 28.76
C ALA H 39 22.95 -48.91 29.40
N GLU H 40 23.50 -49.32 30.54
CA GLU H 40 24.52 -48.53 31.20
C GLU H 40 25.82 -48.49 30.40
N GLY H 41 26.17 -49.58 29.74
CA GLY H 41 27.39 -49.64 28.96
C GLY H 41 28.61 -49.97 29.79
N PHE H 42 29.04 -49.02 30.62
CA PHE H 42 30.19 -49.21 31.48
C PHE H 42 29.75 -49.82 32.81
N GLY H 43 30.23 -51.03 33.08
CA GLY H 43 29.89 -51.74 34.29
C GLY H 43 28.72 -52.68 34.19
N ASN H 44 27.87 -52.54 33.17
CA ASN H 44 26.72 -53.42 32.98
C ASN H 44 26.39 -53.43 31.49
N ARG H 45 26.81 -54.48 30.80
CA ARG H 45 26.53 -54.60 29.37
C ARG H 45 25.09 -55.01 29.08
N LEU H 46 24.40 -55.62 30.06
CA LEU H 46 23.03 -56.05 29.85
C LEU H 46 22.09 -54.84 29.86
N CYS H 47 21.20 -54.78 28.87
CA CYS H 47 20.27 -53.67 28.77
C CYS H 47 19.09 -53.87 29.73
N PHE H 48 18.37 -52.78 29.98
CA PHE H 48 17.21 -52.78 30.85
C PHE H 48 16.14 -51.87 30.25
N LEU H 49 14.94 -51.93 30.81
CA LEU H 49 13.81 -51.13 30.35
C LEU H 49 13.60 -49.96 31.30
N GLU H 50 13.55 -48.74 30.74
CA GLU H 50 13.31 -47.54 31.53
C GLU H 50 11.88 -47.08 31.32
N PRO H 51 11.01 -47.16 32.33
CA PRO H 51 9.61 -46.74 32.13
C PRO H 51 9.52 -45.25 31.80
N THR H 52 8.57 -44.92 30.92
CA THR H 52 8.34 -43.55 30.52
C THR H 52 6.87 -43.12 30.67
N SER H 53 5.97 -44.03 31.04
CA SER H 53 4.58 -43.66 31.21
C SER H 53 4.38 -42.72 32.40
N ASN H 54 5.16 -42.90 33.46
CA ASN H 54 5.07 -42.07 34.65
C ASN H 54 6.10 -40.95 34.66
N ALA H 55 6.44 -40.42 33.48
CA ALA H 55 7.42 -39.34 33.39
C ALA H 55 6.93 -38.06 34.07
N GLN H 56 5.61 -37.87 34.17
CA GLN H 56 5.09 -36.68 34.83
C GLN H 56 5.46 -36.65 36.30
N ASN H 57 5.37 -37.79 36.98
CA ASN H 57 5.69 -37.87 38.40
C ASN H 57 7.17 -38.16 38.64
N VAL H 58 7.76 -39.06 37.86
CA VAL H 58 9.17 -39.41 38.00
C VAL H 58 9.83 -39.36 36.63
N PRO H 59 10.73 -38.40 36.39
CA PRO H 59 11.39 -38.35 35.09
C PRO H 59 12.23 -39.59 34.86
N PRO H 60 12.32 -40.06 33.63
CA PRO H 60 13.09 -41.27 33.34
C PRO H 60 14.54 -40.92 32.97
N ASP H 61 15.38 -41.97 32.98
CA ASP H 61 16.79 -41.84 32.64
C ASP H 61 16.94 -42.03 31.13
N LEU H 62 16.63 -40.97 30.38
CA LEU H 62 16.71 -41.00 28.92
C LEU H 62 18.14 -40.84 28.41
N ALA H 63 19.08 -40.48 29.28
CA ALA H 63 20.46 -40.33 28.83
C ALA H 63 21.05 -41.66 28.36
N ILE H 64 20.77 -42.75 29.09
CA ILE H 64 21.28 -44.06 28.72
C ILE H 64 20.41 -44.77 27.69
N CYS H 65 19.21 -44.26 27.43
CA CYS H 65 18.32 -44.87 26.45
C CYS H 65 18.47 -44.29 25.05
N CYS H 66 19.38 -43.33 24.87
CA CYS H 66 19.58 -42.72 23.57
C CYS H 66 20.42 -43.63 22.69
N PHE H 67 19.96 -43.86 21.46
CA PHE H 67 20.66 -44.70 20.50
C PHE H 67 20.76 -43.97 19.16
N THR H 68 21.88 -44.17 18.48
CA THR H 68 22.15 -43.53 17.20
C THR H 68 22.31 -44.59 16.13
N LEU H 69 21.63 -44.41 15.00
CA LEU H 69 21.70 -45.33 13.88
C LEU H 69 22.97 -45.03 13.09
N GLU H 70 24.00 -45.85 13.30
CA GLU H 70 25.27 -45.62 12.62
C GLU H 70 25.14 -45.81 11.12
N GLN H 71 24.43 -46.84 10.69
CA GLN H 71 24.27 -47.13 9.28
C GLN H 71 22.95 -47.86 9.05
N SER H 72 22.48 -47.82 7.81
CA SER H 72 21.24 -48.50 7.42
C SER H 72 21.47 -49.07 6.01
N LEU H 73 21.70 -50.38 5.93
CA LEU H 73 21.96 -51.04 4.67
C LEU H 73 21.17 -52.33 4.60
N SER H 74 20.94 -52.80 3.37
CA SER H 74 20.19 -54.03 3.16
C SER H 74 20.98 -55.24 3.67
N VAL H 75 20.31 -56.39 3.67
CA VAL H 75 20.95 -57.61 4.18
C VAL H 75 22.11 -58.04 3.29
N ARG H 76 21.99 -57.83 1.98
CA ARG H 76 23.10 -58.16 1.08
C ARG H 76 24.26 -57.19 1.26
N ALA H 77 23.97 -55.90 1.44
CA ALA H 77 25.01 -54.94 1.75
C ALA H 77 25.64 -55.24 3.11
N LEU H 78 24.84 -55.72 4.06
CA LEU H 78 25.38 -56.15 5.34
C LEU H 78 26.33 -57.33 5.17
N GLN H 79 25.96 -58.28 4.30
CA GLN H 79 26.84 -59.41 4.02
C GLN H 79 28.14 -58.96 3.39
N GLU H 80 28.06 -57.97 2.49
CA GLU H 80 29.27 -57.42 1.88
C GLU H 80 30.15 -56.74 2.93
N MET H 81 29.53 -55.97 3.84
CA MET H 81 30.30 -55.29 4.87
C MET H 81 30.97 -56.30 5.80
N LEU H 82 30.26 -57.37 6.15
CA LEU H 82 30.86 -58.41 6.98
C LEU H 82 32.00 -59.12 6.26
N ALA H 83 31.82 -59.40 4.96
CA ALA H 83 32.86 -60.07 4.19
C ALA H 83 34.08 -59.18 4.02
N ASN H 84 33.88 -57.89 3.76
CA ASN H 84 34.98 -56.96 3.57
C ASN H 84 34.74 -55.66 4.33
N GLY H 97 25.22 -38.12 3.85
CA GLY H 97 24.98 -39.55 3.90
C GLY H 97 23.75 -39.92 4.71
N HIS H 98 22.70 -39.10 4.61
CA HIS H 98 21.44 -39.33 5.33
C HIS H 98 20.55 -40.26 4.51
N ARG H 99 20.95 -41.53 4.47
CA ARG H 99 20.20 -42.53 3.73
C ARG H 99 18.91 -42.86 4.47
N THR H 100 17.80 -42.90 3.74
CA THR H 100 16.51 -43.20 4.34
C THR H 100 16.45 -44.67 4.76
N LEU H 101 15.69 -44.93 5.82
CA LEU H 101 15.53 -46.28 6.34
C LEU H 101 14.45 -47.01 5.54
N LEU H 102 14.78 -48.21 5.07
CA LEU H 102 13.87 -49.03 4.29
C LEU H 102 13.61 -50.34 5.01
N TYR H 103 12.41 -50.88 4.81
CA TYR H 103 12.05 -52.16 5.42
C TYR H 103 12.91 -53.28 4.85
N GLY H 104 13.32 -54.19 5.72
CA GLY H 104 14.20 -55.29 5.34
C GLY H 104 15.68 -54.98 5.43
N HIS H 105 16.05 -53.74 5.72
CA HIS H 105 17.45 -53.36 5.82
C HIS H 105 17.99 -53.69 7.22
N ALA H 106 19.31 -53.73 7.32
CA ALA H 106 20.00 -53.96 8.59
C ALA H 106 20.52 -52.63 9.10
N ILE H 107 20.15 -52.29 10.34
CA ILE H 107 20.50 -51.02 10.96
C ILE H 107 21.40 -51.28 12.15
N LEU H 108 22.51 -50.55 12.21
CA LEU H 108 23.45 -50.64 13.32
C LEU H 108 23.19 -49.47 14.26
N LEU H 109 22.91 -49.78 15.53
CA LEU H 109 22.59 -48.78 16.53
C LEU H 109 23.78 -48.61 17.47
N ARG H 110 24.22 -47.37 17.63
CA ARG H 110 25.36 -47.03 18.49
C ARG H 110 24.88 -46.18 19.65
N HIS H 111 25.27 -46.57 20.87
CA HIS H 111 24.85 -45.85 22.06
C HIS H 111 25.46 -44.46 22.10
N ALA H 112 24.66 -43.47 22.51
CA ALA H 112 25.16 -42.11 22.61
C ALA H 112 26.04 -41.93 23.83
N HIS H 113 25.71 -42.59 24.94
CA HIS H 113 26.47 -42.42 26.17
C HIS H 113 27.69 -43.33 26.20
N SER H 114 27.48 -44.64 26.09
CA SER H 114 28.57 -45.60 26.19
C SER H 114 29.41 -45.70 24.92
N ARG H 115 28.96 -45.09 23.81
CA ARG H 115 29.67 -45.16 22.53
C ARG H 115 29.88 -46.61 22.10
N MET H 116 28.88 -47.45 22.35
CA MET H 116 28.93 -48.86 22.03
C MET H 116 27.72 -49.24 21.19
N TYR H 117 27.82 -50.38 20.51
CA TYR H 117 26.77 -50.88 19.63
C TYR H 117 26.10 -52.09 20.29
N LEU H 118 24.78 -52.07 20.35
CA LEU H 118 24.03 -53.18 20.93
C LEU H 118 24.17 -54.42 20.05
N SER H 119 24.38 -55.57 20.71
CA SER H 119 24.58 -56.83 20.01
C SER H 119 23.94 -57.95 20.81
N CYS H 120 23.70 -59.07 20.13
CA CYS H 120 23.11 -60.25 20.74
C CYS H 120 24.23 -61.05 21.41
N LEU H 121 24.30 -60.97 22.73
CA LEU H 121 25.33 -61.69 23.46
C LEU H 121 25.04 -63.19 23.49
N THR H 122 26.10 -63.98 23.64
CA THR H 122 25.96 -65.44 23.70
C THR H 122 25.48 -65.94 25.05
N THR H 123 25.43 -65.08 26.07
CA THR H 123 24.97 -65.49 27.38
C THR H 123 23.45 -65.62 27.40
N SER H 124 22.95 -66.30 28.44
CA SER H 124 21.53 -66.53 28.62
C SER H 124 21.14 -66.25 30.06
N ARG H 125 19.88 -65.91 30.25
CA ARG H 125 19.32 -65.60 31.57
C ARG H 125 20.12 -64.50 32.29
N LYS H 130 13.88 -71.80 26.56
CA LYS H 130 14.99 -72.62 26.07
C LYS H 130 15.80 -71.87 25.01
N LEU H 131 15.19 -71.66 23.85
CA LEU H 131 15.83 -70.96 22.74
C LEU H 131 15.67 -69.46 22.96
N ALA H 132 16.67 -68.86 23.60
CA ALA H 132 16.65 -67.43 23.89
C ALA H 132 18.07 -66.90 23.93
N PHE H 133 18.20 -65.59 23.78
CA PHE H 133 19.50 -64.93 23.80
C PHE H 133 19.36 -63.57 24.45
N ASP H 134 20.48 -63.03 24.90
CA ASP H 134 20.54 -61.75 25.59
C ASP H 134 21.15 -60.70 24.67
N VAL H 135 20.58 -59.50 24.69
CA VAL H 135 21.03 -58.38 23.86
C VAL H 135 21.72 -57.37 24.76
N GLY H 136 22.90 -56.90 24.33
CA GLY H 136 23.65 -55.94 25.11
C GLY H 136 24.63 -55.18 24.24
N LEU H 137 25.15 -54.09 24.80
CA LEU H 137 26.10 -53.27 24.08
C LEU H 137 27.43 -54.00 23.89
N GLN H 138 28.04 -53.82 22.72
CA GLN H 138 29.32 -54.42 22.40
C GLN H 138 30.35 -53.32 22.21
N GLU H 139 31.55 -53.54 22.76
CA GLU H 139 32.61 -52.55 22.69
C GLU H 139 33.13 -52.35 21.26
N ASP H 140 32.83 -53.28 20.35
CA ASP H 140 33.30 -53.18 18.97
C ASP H 140 32.14 -53.47 18.03
N ALA H 141 32.25 -52.92 16.82
CA ALA H 141 31.23 -53.08 15.79
C ALA H 141 31.51 -54.26 14.87
N THR H 142 32.56 -55.03 15.12
CA THR H 142 32.88 -56.17 14.28
C THR H 142 31.85 -57.28 14.46
N GLY H 143 31.64 -58.05 13.39
CA GLY H 143 30.69 -59.13 13.39
C GLY H 143 29.29 -58.69 13.03
N GLU H 144 28.44 -59.69 12.79
CA GLU H 144 27.04 -59.46 12.40
C GLU H 144 26.09 -59.51 13.59
N ALA H 145 26.61 -59.69 14.81
CA ALA H 145 25.74 -59.78 15.98
C ALA H 145 25.21 -58.41 16.39
N CYS H 146 25.85 -57.32 15.98
CA CYS H 146 25.45 -55.98 16.36
C CYS H 146 24.49 -55.34 15.36
N TRP H 147 24.09 -56.06 14.31
CA TRP H 147 23.21 -55.53 13.28
C TRP H 147 21.79 -56.04 13.50
N TRP H 148 20.82 -55.14 13.41
CA TRP H 148 19.42 -55.46 13.58
C TRP H 148 18.68 -55.24 12.28
N THR H 149 17.88 -56.22 11.87
CA THR H 149 17.10 -56.16 10.64
C THR H 149 15.63 -55.91 10.99
N MET H 150 15.04 -54.90 10.35
CA MET H 150 13.68 -54.49 10.63
C MET H 150 12.73 -55.02 9.56
N HIS H 151 11.60 -55.57 9.98
CA HIS H 151 10.58 -56.10 9.10
C HIS H 151 9.23 -55.48 9.45
N PRO H 152 8.34 -55.34 8.47
CA PRO H 152 7.01 -54.79 8.76
C PRO H 152 6.22 -55.70 9.70
N ALA H 153 5.43 -55.07 10.56
CA ALA H 153 4.60 -55.78 11.52
C ALA H 153 3.19 -56.01 11.04
N SER H 154 2.85 -55.60 9.83
CA SER H 154 1.50 -55.76 9.29
C SER H 154 1.57 -55.69 7.77
N LYS H 155 0.43 -55.96 7.14
CA LYS H 155 0.34 -55.94 5.68
C LYS H 155 0.36 -54.53 5.12
N GLN H 156 0.26 -53.50 5.96
CA GLN H 156 0.28 -52.12 5.49
C GLN H 156 1.64 -51.70 4.96
N ARG H 157 2.69 -52.46 5.23
CA ARG H 157 4.04 -52.14 4.77
C ARG H 157 4.67 -53.38 4.15
N SER H 158 5.60 -53.16 3.23
CA SER H 158 6.29 -54.22 2.52
C SER H 158 7.79 -53.95 2.53
N GLU H 159 8.56 -54.98 2.19
CA GLU H 159 10.01 -54.85 2.14
C GLU H 159 10.42 -53.83 1.08
N GLY H 160 11.39 -52.99 1.44
CA GLY H 160 11.86 -51.95 0.55
C GLY H 160 11.12 -50.64 0.65
N GLU H 161 10.04 -50.59 1.42
CA GLU H 161 9.28 -49.35 1.58
C GLU H 161 9.93 -48.45 2.63
N LYS H 162 9.64 -47.16 2.53
CA LYS H 162 10.20 -46.20 3.47
C LYS H 162 9.64 -46.42 4.87
N VAL H 163 10.52 -46.33 5.86
CA VAL H 163 10.14 -46.53 7.25
C VAL H 163 9.42 -45.29 7.76
N ARG H 164 8.25 -45.48 8.35
CA ARG H 164 7.45 -44.38 8.87
C ARG H 164 7.62 -44.28 10.39
N VAL H 165 7.72 -43.05 10.88
CA VAL H 165 7.88 -42.81 12.31
C VAL H 165 6.60 -43.20 13.03
N GLY H 166 6.75 -44.00 14.10
CA GLY H 166 5.61 -44.47 14.87
C GLY H 166 5.03 -45.78 14.40
N ASP H 167 5.49 -46.32 13.27
CA ASP H 167 4.98 -47.59 12.78
C ASP H 167 5.70 -48.75 13.48
N ASP H 168 4.92 -49.77 13.85
CA ASP H 168 5.49 -50.93 14.52
C ASP H 168 6.39 -51.71 13.57
N LEU H 169 7.53 -52.16 14.09
CA LEU H 169 8.49 -52.93 13.31
C LEU H 169 8.99 -54.10 14.15
N ILE H 170 9.44 -55.14 13.44
CA ILE H 170 9.95 -56.35 14.08
C ILE H 170 11.46 -56.39 13.85
N LEU H 171 12.21 -56.51 14.93
CA LEU H 171 13.67 -56.55 14.87
C LEU H 171 14.14 -58.01 14.88
N VAL H 172 15.00 -58.36 13.93
CA VAL H 172 15.51 -59.71 13.77
C VAL H 172 17.02 -59.68 13.96
N SER H 173 17.53 -60.53 14.86
CA SER H 173 18.96 -60.63 15.06
C SER H 173 19.60 -61.32 13.88
N VAL H 174 20.66 -60.71 13.33
CA VAL H 174 21.34 -61.28 12.17
C VAL H 174 22.11 -62.54 12.55
N SER H 175 22.75 -62.53 13.72
CA SER H 175 23.62 -63.64 14.10
C SER H 175 22.82 -64.87 14.52
N SER H 176 21.74 -64.68 15.28
CA SER H 176 21.02 -65.78 15.88
C SER H 176 19.63 -66.00 15.30
N GLU H 177 19.20 -65.17 14.36
CA GLU H 177 17.86 -65.27 13.76
C GLU H 177 16.77 -65.22 14.83
N ARG H 178 16.97 -64.36 15.83
CA ARG H 178 16.05 -64.21 16.95
C ARG H 178 15.34 -62.86 16.88
N TYR H 179 14.10 -62.85 17.35
CA TYR H 179 13.29 -61.63 17.37
C TYR H 179 13.44 -60.94 18.71
N LEU H 180 13.65 -59.63 18.68
CA LEU H 180 13.73 -58.85 19.90
C LEU H 180 12.36 -58.87 20.59
N HIS H 181 12.28 -59.52 21.74
CA HIS H 181 11.01 -59.77 22.42
C HIS H 181 11.11 -59.36 23.88
N LEU H 182 10.02 -58.82 24.41
CA LEU H 182 9.95 -58.38 25.79
C LEU H 182 9.40 -59.52 26.65
N SER H 183 10.10 -59.82 27.74
CA SER H 183 9.74 -60.92 28.63
C SER H 183 9.20 -60.38 29.94
N THR H 184 8.45 -61.23 30.64
CA THR H 184 7.88 -60.88 31.92
C THR H 184 7.88 -62.07 32.87
N LEU H 189 10.28 -58.07 34.70
CA LEU H 189 10.15 -57.83 33.27
C LEU H 189 11.46 -57.29 32.67
N GLN H 190 11.97 -57.99 31.68
CA GLN H 190 13.22 -57.61 31.01
C GLN H 190 13.07 -57.87 29.52
N VAL H 191 14.20 -57.81 28.80
CA VAL H 191 14.21 -58.04 27.36
C VAL H 191 15.16 -59.20 27.07
N ASP H 192 14.93 -59.82 25.91
CA ASP H 192 15.75 -60.94 25.46
C ASP H 192 15.56 -61.09 23.96
N ALA H 193 16.24 -62.08 23.39
CA ALA H 193 16.16 -62.38 21.96
C ALA H 193 15.54 -63.76 21.80
N SER H 194 14.21 -63.80 21.75
CA SER H 194 13.47 -65.05 21.61
C SER H 194 13.11 -65.28 20.14
N PHE H 195 12.41 -66.38 19.89
CA PHE H 195 12.00 -66.75 18.54
C PHE H 195 10.56 -66.32 18.22
N MET H 196 9.94 -65.53 19.10
CA MET H 196 8.59 -65.02 18.89
C MET H 196 8.68 -63.55 18.49
N GLN H 197 8.01 -63.19 17.40
CA GLN H 197 8.05 -61.82 16.91
C GLN H 197 7.30 -60.89 17.86
N THR H 198 7.94 -59.77 18.21
CA THR H 198 7.34 -58.77 19.08
C THR H 198 7.44 -57.41 18.40
N LEU H 199 6.32 -56.69 18.39
CA LEU H 199 6.29 -55.37 17.77
C LEU H 199 7.12 -54.38 18.57
N TRP H 200 7.84 -53.51 17.87
CA TRP H 200 8.66 -52.49 18.50
C TRP H 200 8.56 -51.20 17.70
N ASN H 201 8.77 -50.07 18.38
CA ASN H 201 8.68 -48.75 17.76
C ASN H 201 9.98 -48.00 18.01
N MET H 202 10.53 -47.41 16.96
CA MET H 202 11.76 -46.62 17.04
C MET H 202 11.35 -45.15 16.97
N ASN H 203 11.06 -44.58 18.14
CA ASN H 203 10.62 -43.19 18.18
C ASN H 203 11.77 -42.25 17.83
N PRO H 204 11.52 -41.22 17.01
CA PRO H 204 12.57 -40.25 16.65
C PRO H 204 12.80 -39.21 17.76
N ILE H 205 13.63 -39.59 18.73
CA ILE H 205 13.91 -38.72 19.86
C ILE H 205 14.58 -37.43 19.41
N CYS H 206 15.57 -37.54 18.53
CA CYS H 206 16.29 -36.37 18.03
C CYS H 206 16.61 -36.57 16.56
N SER H 207 16.83 -35.45 15.87
CA SER H 207 17.15 -35.45 14.45
C SER H 207 18.22 -34.39 14.20
N CYS H 208 18.43 -34.06 12.93
CA CYS H 208 19.42 -33.05 12.57
C CYS H 208 18.99 -31.68 13.05
N CYS H 209 19.94 -30.94 13.61
CA CYS H 209 19.68 -29.60 14.13
C CYS H 209 20.85 -28.69 13.79
N GLU H 210 20.59 -27.38 13.84
CA GLU H 210 21.63 -26.40 13.55
C GLU H 210 22.73 -26.46 14.60
N GLU H 211 23.97 -26.34 14.15
CA GLU H 211 25.11 -26.38 15.05
C GLU H 211 25.13 -25.14 15.95
N GLY H 212 25.42 -25.36 17.22
CA GLY H 212 25.44 -24.26 18.18
C GLY H 212 24.10 -23.60 18.36
N TYR H 213 23.03 -24.39 18.46
CA TYR H 213 21.68 -23.88 18.61
C TYR H 213 21.04 -24.51 19.83
N VAL H 214 20.03 -23.82 20.37
CA VAL H 214 19.35 -24.29 21.58
C VAL H 214 18.50 -25.50 21.24
N THR H 215 18.69 -26.58 22.00
CA THR H 215 17.93 -27.82 21.79
C THR H 215 17.93 -28.60 23.09
N GLY H 216 16.98 -29.53 23.20
CA GLY H 216 16.87 -30.36 24.37
C GLY H 216 17.74 -31.60 24.30
N GLY H 217 17.95 -32.21 25.46
CA GLY H 217 18.75 -33.41 25.54
C GLY H 217 20.24 -33.21 25.51
N HIS H 218 20.71 -31.96 25.56
CA HIS H 218 22.13 -31.65 25.52
C HIS H 218 22.57 -31.06 26.85
N VAL H 219 23.78 -31.43 27.28
CA VAL H 219 24.33 -30.96 28.54
C VAL H 219 25.09 -29.66 28.29
N LEU H 220 24.77 -28.63 29.07
CA LEU H 220 25.40 -27.33 28.93
C LEU H 220 25.42 -26.64 30.29
N ARG H 221 26.34 -25.68 30.42
CA ARG H 221 26.50 -24.91 31.65
C ARG H 221 26.08 -23.47 31.40
N LEU H 222 25.22 -22.95 32.26
CA LEU H 222 24.73 -21.59 32.16
C LEU H 222 25.63 -20.66 32.98
N PHE H 223 26.28 -19.72 32.30
CA PHE H 223 27.19 -18.77 32.93
C PHE H 223 26.53 -17.40 32.98
N HIS H 224 26.55 -16.78 34.14
CA HIS H 224 25.97 -15.45 34.35
C HIS H 224 27.08 -14.42 34.44
N GLY H 225 26.98 -13.37 33.64
CA GLY H 225 27.98 -12.31 33.63
C GLY H 225 29.20 -12.64 32.79
N GLU H 229 31.84 -17.20 36.49
CA GLU H 229 30.63 -17.25 37.29
C GLU H 229 29.50 -17.97 36.55
N CYS H 230 29.25 -19.23 36.92
CA CYS H 230 28.22 -20.03 36.30
C CYS H 230 27.38 -20.70 37.37
N LEU H 231 26.09 -20.87 37.07
CA LEU H 231 25.19 -21.53 38.01
C LEU H 231 25.49 -23.02 38.07
N THR H 232 25.61 -23.55 39.29
CA THR H 232 25.95 -24.95 39.48
C THR H 232 25.48 -25.38 40.86
N ILE H 233 25.45 -26.70 41.07
CA ILE H 233 25.08 -27.27 42.36
C ILE H 233 26.21 -27.02 43.34
N SER H 234 25.95 -27.28 44.62
CA SER H 234 26.95 -27.05 45.66
C SER H 234 28.14 -27.99 45.47
N ALA H 235 29.19 -27.75 46.25
CA ALA H 235 30.41 -28.53 46.15
C ALA H 235 30.16 -29.99 46.50
N ALA H 236 30.87 -30.87 45.80
CA ALA H 236 30.73 -32.30 46.04
C ALA H 236 31.25 -32.67 47.42
N ASP H 237 30.55 -33.61 48.07
CA ASP H 237 30.92 -34.10 49.40
C ASP H 237 31.01 -32.97 50.43
N SER H 238 30.15 -31.97 50.28
CA SER H 238 30.09 -30.84 51.21
C SER H 238 28.98 -31.08 52.23
N ASP H 239 28.70 -30.06 53.04
CA ASP H 239 27.61 -30.16 54.02
C ASP H 239 26.26 -30.32 53.34
N ASP H 240 26.03 -29.59 52.24
CA ASP H 240 24.78 -29.67 51.51
C ASP H 240 24.70 -30.87 50.58
N GLN H 241 25.81 -31.60 50.40
CA GLN H 241 25.85 -32.78 49.53
C GLN H 241 25.42 -32.43 48.10
N ARG H 242 25.87 -31.27 47.62
CA ARG H 242 25.58 -30.81 46.26
C ARG H 242 24.08 -30.75 45.99
N ARG H 243 23.32 -30.26 46.97
CA ARG H 243 21.87 -30.12 46.84
C ARG H 243 21.41 -28.68 46.87
N LEU H 244 22.34 -27.72 46.93
CA LEU H 244 22.02 -26.30 46.96
C LEU H 244 22.58 -25.63 45.72
N VAL H 245 21.75 -24.85 45.04
CA VAL H 245 22.18 -24.15 43.83
C VAL H 245 22.92 -22.87 44.23
N TYR H 246 24.12 -22.70 43.71
CA TYR H 246 24.94 -21.53 44.01
C TYR H 246 25.87 -21.26 42.83
N TYR H 247 25.84 -20.03 42.33
CA TYR H 247 26.67 -19.64 41.20
C TYR H 247 28.07 -19.29 41.68
N GLU H 248 29.08 -19.98 41.15
CA GLU H 248 30.47 -19.74 41.51
C GLU H 248 31.33 -19.75 40.26
N GLY H 249 32.45 -19.02 40.32
CA GLY H 249 33.38 -18.93 39.22
C GLY H 249 34.70 -19.64 39.52
N GLY H 250 35.60 -19.52 38.55
CA GLY H 250 36.92 -20.12 38.68
C GLY H 250 36.95 -21.51 38.07
N ALA H 251 37.54 -22.46 38.79
CA ALA H 251 37.65 -23.83 38.30
C ALA H 251 36.32 -24.58 38.34
N VAL H 252 35.29 -24.01 38.97
CA VAL H 252 33.99 -24.68 39.04
C VAL H 252 33.37 -24.81 37.66
N CYS H 253 33.58 -23.79 36.80
CA CYS H 253 33.03 -23.85 35.46
CA CYS H 253 33.03 -23.85 35.46
C CYS H 253 33.65 -24.97 34.63
N THR H 254 34.88 -25.36 34.94
CA THR H 254 35.57 -26.43 34.22
C THR H 254 35.37 -27.79 34.88
N HIS H 255 34.60 -27.87 35.95
CA HIS H 255 34.36 -29.12 36.65
C HIS H 255 33.07 -29.77 36.15
N ALA H 256 32.92 -31.06 36.46
CA ALA H 256 31.75 -31.80 36.03
C ALA H 256 30.51 -31.44 36.85
N ARG H 257 30.68 -30.81 38.00
CA ARG H 257 29.54 -30.43 38.84
C ARG H 257 28.73 -29.29 38.23
N SER H 258 29.28 -28.59 37.25
CA SER H 258 28.60 -27.48 36.61
C SER H 258 27.84 -27.90 35.35
N LEU H 259 27.82 -29.20 35.04
CA LEU H 259 27.14 -29.70 33.86
C LEU H 259 25.68 -30.00 34.18
N TRP H 260 24.78 -29.41 33.40
CA TRP H 260 23.34 -29.61 33.57
C TRP H 260 22.71 -29.92 32.22
N ARG H 261 21.66 -30.72 32.25
CA ARG H 261 20.94 -31.13 31.05
C ARG H 261 19.49 -30.70 31.15
N LEU H 262 18.95 -30.20 30.04
CA LEU H 262 17.57 -29.73 29.98
C LEU H 262 16.72 -30.77 29.26
N GLU H 263 15.64 -31.21 29.92
CA GLU H 263 14.75 -32.21 29.36
C GLU H 263 13.38 -31.58 29.12
N PRO H 264 12.84 -31.64 27.90
CA PRO H 264 11.52 -31.04 27.65
C PRO H 264 10.42 -31.77 28.39
N LEU H 265 9.27 -31.10 28.50
CA LEU H 265 8.14 -31.69 29.20
C LEU H 265 7.65 -32.95 28.52
N ARG H 266 7.62 -32.97 27.19
CA ARG H 266 7.21 -34.15 26.44
C ARG H 266 8.40 -35.07 26.26
N ILE H 267 8.24 -36.34 26.64
CA ILE H 267 9.32 -37.32 26.51
C ILE H 267 9.68 -37.52 25.04
N SER H 268 8.66 -37.64 24.19
CA SER H 268 8.91 -37.81 22.76
C SER H 268 9.48 -36.53 22.15
N TRP H 269 10.36 -36.71 21.17
CA TRP H 269 11.01 -35.60 20.47
C TRP H 269 11.73 -34.67 21.45
N SER H 270 12.44 -35.27 22.41
CA SER H 270 13.19 -34.48 23.38
C SER H 270 14.35 -33.73 22.75
N GLY H 271 14.82 -34.17 21.59
CA GLY H 271 15.92 -33.52 20.91
C GLY H 271 15.55 -32.36 20.02
N SER H 272 14.28 -31.96 20.02
CA SER H 272 13.84 -30.85 19.18
C SER H 272 14.41 -29.53 19.68
N HIS H 273 14.35 -28.52 18.81
CA HIS H 273 14.87 -27.21 19.16
C HIS H 273 14.05 -26.58 20.29
N LEU H 274 14.75 -25.94 21.22
CA LEU H 274 14.10 -25.29 22.34
C LEU H 274 13.51 -23.95 21.92
N ARG H 275 12.32 -23.65 22.42
CA ARG H 275 11.62 -22.42 22.12
C ARG H 275 11.37 -21.63 23.41
N TRP H 276 11.19 -20.33 23.24
CA TRP H 276 10.93 -19.46 24.38
C TRP H 276 9.62 -19.83 25.04
N GLY H 277 9.63 -19.93 26.38
CA GLY H 277 8.45 -20.27 27.14
C GLY H 277 8.13 -21.74 27.20
N GLN H 278 8.92 -22.60 26.57
CA GLN H 278 8.66 -24.03 26.59
C GLN H 278 9.08 -24.61 27.93
N PRO H 279 8.20 -25.30 28.66
CA PRO H 279 8.59 -25.90 29.93
C PRO H 279 9.66 -26.97 29.74
N LEU H 280 10.56 -27.06 30.71
CA LEU H 280 11.65 -28.03 30.66
C LEU H 280 12.10 -28.34 32.08
N ARG H 281 12.81 -29.46 32.22
CA ARG H 281 13.34 -29.92 33.49
C ARG H 281 14.86 -29.94 33.42
N ILE H 282 15.50 -29.40 34.45
CA ILE H 282 16.96 -29.35 34.53
C ILE H 282 17.42 -30.40 35.53
N ARG H 283 18.30 -31.30 35.07
CA ARG H 283 18.83 -32.37 35.89
C ARG H 283 20.36 -32.29 35.92
N HIS H 284 20.93 -32.47 37.10
CA HIS H 284 22.38 -32.44 37.24
C HIS H 284 23.00 -33.72 36.68
N VAL H 285 24.02 -33.56 35.85
CA VAL H 285 24.68 -34.72 35.26
C VAL H 285 25.47 -35.48 36.30
N THR H 286 26.23 -34.76 37.14
CA THR H 286 27.08 -35.43 38.12
C THR H 286 26.27 -36.00 39.28
N THR H 287 25.27 -35.27 39.76
CA THR H 287 24.50 -35.69 40.92
C THR H 287 23.31 -36.57 40.55
N GLY H 288 22.70 -36.36 39.39
CA GLY H 288 21.54 -37.11 38.98
C GLY H 288 20.23 -36.64 39.58
N ARG H 289 20.24 -35.54 40.34
CA ARG H 289 19.04 -35.01 40.97
C ARG H 289 18.49 -33.86 40.14
N TYR H 290 17.26 -34.02 39.65
CA TYR H 290 16.63 -32.97 38.85
C TYR H 290 16.31 -31.76 39.70
N LEU H 291 16.59 -30.57 39.15
CA LEU H 291 16.32 -29.33 39.87
C LEU H 291 14.81 -29.06 39.88
N ALA H 292 14.29 -28.72 41.06
CA ALA H 292 12.88 -28.41 41.21
C ALA H 292 12.73 -27.20 42.13
N LEU H 293 11.67 -26.43 41.88
CA LEU H 293 11.40 -25.23 42.66
C LEU H 293 10.57 -25.58 43.90
N THR H 294 11.25 -26.23 44.85
CA THR H 294 10.61 -26.59 46.11
C THR H 294 10.28 -25.33 46.91
N GLU H 295 9.14 -25.34 47.59
CA GLU H 295 8.72 -24.18 48.36
C GLU H 295 9.68 -23.90 49.50
N ASP H 296 10.11 -24.94 50.22
CA ASP H 296 11.00 -24.74 51.36
C ASP H 296 12.42 -24.39 50.92
N GLN H 297 12.93 -25.08 49.90
CA GLN H 297 14.32 -24.92 49.48
C GLN H 297 14.48 -23.96 48.32
N GLY H 298 13.42 -23.31 47.87
CA GLY H 298 13.54 -22.42 46.72
C GLY H 298 13.96 -23.19 45.48
N LEU H 299 14.94 -22.65 44.76
CA LEU H 299 15.48 -23.29 43.57
C LEU H 299 16.68 -24.14 43.98
N VAL H 300 16.48 -25.45 44.07
CA VAL H 300 17.52 -26.39 44.48
C VAL H 300 17.26 -27.73 43.84
N VAL H 301 18.29 -28.58 43.84
CA VAL H 301 18.16 -29.92 43.27
C VAL H 301 17.24 -30.77 44.13
N VAL H 302 16.42 -31.59 43.49
CA VAL H 302 15.47 -32.46 44.17
C VAL H 302 15.63 -33.88 43.64
N ASP H 303 15.16 -34.83 44.43
CA ASP H 303 15.26 -36.24 44.06
C ASP H 303 14.42 -36.54 42.83
N ALA H 304 14.87 -37.53 42.06
CA ALA H 304 14.16 -37.90 40.83
C ALA H 304 12.77 -38.43 41.15
N CYS H 305 12.63 -39.23 42.22
CA CYS H 305 11.33 -39.76 42.60
C CYS H 305 10.37 -38.64 42.99
N LYS H 306 10.87 -37.63 43.70
CA LYS H 306 10.06 -36.51 44.14
C LYS H 306 10.04 -35.36 43.14
N ALA H 307 10.67 -35.51 41.98
CA ALA H 307 10.73 -34.46 40.97
C ALA H 307 9.37 -34.37 40.26
N HIS H 308 8.46 -33.63 40.88
CA HIS H 308 7.14 -33.43 40.30
C HIS H 308 7.23 -32.56 39.05
N THR H 309 6.27 -32.76 38.14
CA THR H 309 6.26 -32.00 36.90
C THR H 309 6.08 -30.50 37.16
N LYS H 310 5.17 -30.15 38.07
CA LYS H 310 4.95 -28.74 38.38
C LYS H 310 6.17 -28.12 39.04
N ALA H 311 6.82 -28.85 39.96
CA ALA H 311 7.97 -28.29 40.66
C ALA H 311 9.18 -28.17 39.75
N THR H 312 9.35 -29.09 38.79
CA THR H 312 10.51 -29.11 37.92
C THR H 312 10.25 -28.45 36.56
N SER H 313 9.12 -27.77 36.41
CA SER H 313 8.79 -27.11 35.14
C SER H 313 9.52 -25.77 35.09
N PHE H 314 10.51 -25.68 34.20
CA PHE H 314 11.29 -24.46 34.03
C PHE H 314 11.29 -24.06 32.56
N CYS H 315 11.35 -22.75 32.32
CA CYS H 315 11.32 -22.22 30.97
C CYS H 315 12.20 -20.98 30.90
N PHE H 316 12.61 -20.64 29.69
CA PHE H 316 13.46 -19.48 29.43
C PHE H 316 12.61 -18.38 28.80
N ARG H 317 12.76 -17.16 29.31
CA ARG H 317 12.05 -16.00 28.81
C ARG H 317 13.03 -14.95 28.32
N VAL H 318 12.73 -14.37 27.16
CA VAL H 318 13.58 -13.34 26.58
C VAL H 318 13.42 -12.02 27.33
N PRO H 337 13.10 -22.22 18.50
CA PRO H 337 14.17 -22.06 17.50
C PRO H 337 14.48 -20.59 17.21
N GLU H 338 14.62 -19.79 18.26
CA GLU H 338 14.90 -18.37 18.14
C GLU H 338 16.28 -17.99 18.66
N ILE H 339 16.79 -18.68 19.67
CA ILE H 339 18.09 -18.37 20.25
C ILE H 339 19.05 -19.51 19.92
N LYS H 340 20.34 -19.19 19.90
CA LYS H 340 21.40 -20.12 19.57
C LYS H 340 22.15 -20.50 20.84
N TYR H 341 21.99 -21.74 21.28
CA TYR H 341 22.69 -22.30 22.44
C TYR H 341 22.40 -21.55 23.73
N GLY H 342 21.31 -20.77 23.75
CA GLY H 342 20.97 -20.02 24.94
C GLY H 342 21.84 -18.82 25.25
N GLU H 343 22.67 -18.39 24.29
CA GLU H 343 23.54 -17.25 24.53
C GLU H 343 22.76 -15.96 24.76
N SER H 344 21.57 -15.85 24.18
CA SER H 344 20.74 -14.67 24.37
C SER H 344 20.20 -14.62 25.79
N LEU H 345 19.69 -13.45 26.17
CA LEU H 345 19.15 -13.25 27.50
C LEU H 345 17.96 -14.18 27.75
N CYS H 346 18.12 -15.12 28.68
CA CYS H 346 17.10 -16.12 29.01
C CYS H 346 16.87 -16.07 30.51
N PHE H 347 15.83 -15.35 30.93
CA PHE H 347 15.49 -15.27 32.34
C PHE H 347 14.82 -16.55 32.79
N VAL H 348 15.37 -17.20 33.82
CA VAL H 348 14.84 -18.45 34.32
C VAL H 348 13.62 -18.16 35.17
N GLN H 349 12.48 -18.75 34.81
CA GLN H 349 11.23 -18.56 35.53
C GLN H 349 10.54 -19.89 35.74
N HIS H 350 10.06 -20.11 36.95
CA HIS H 350 9.29 -21.31 37.25
C HIS H 350 7.90 -21.20 36.64
N VAL H 351 7.47 -22.27 35.96
CA VAL H 351 6.18 -22.24 35.27
C VAL H 351 5.03 -22.12 36.28
N ALA H 352 5.10 -22.91 37.36
CA ALA H 352 4.00 -22.93 38.32
C ALA H 352 3.99 -21.68 39.20
N SER H 353 5.16 -21.24 39.63
CA SER H 353 5.25 -20.14 40.58
C SER H 353 5.40 -18.78 39.89
N GLY H 354 6.15 -18.71 38.81
CA GLY H 354 6.40 -17.45 38.13
C GLY H 354 7.55 -16.64 38.68
N LEU H 355 8.22 -17.11 39.73
CA LEU H 355 9.35 -16.39 40.29
C LEU H 355 10.55 -16.44 39.35
N TRP H 356 11.35 -15.39 39.40
CA TRP H 356 12.55 -15.28 38.57
C TRP H 356 13.77 -15.74 39.37
N LEU H 357 14.55 -16.64 38.78
CA LEU H 357 15.75 -17.13 39.44
C LEU H 357 16.82 -16.05 39.46
N THR H 358 17.42 -15.83 40.63
CA THR H 358 18.44 -14.81 40.79
C THR H 358 19.39 -15.26 41.89
N TYR H 359 20.21 -14.33 42.38
CA TYR H 359 21.16 -14.59 43.44
C TYR H 359 20.85 -13.72 44.65
N ALA H 360 21.16 -14.24 45.83
CA ALA H 360 20.90 -13.55 47.09
C ALA H 360 22.16 -13.07 47.77
N ALA H 361 23.13 -13.96 47.99
CA ALA H 361 24.37 -13.60 48.64
C ALA H 361 25.53 -14.43 48.12
N VAL H 371 37.52 -16.30 45.42
CA VAL H 371 36.58 -17.41 45.28
C VAL H 371 35.15 -16.92 45.50
N LEU H 372 34.65 -16.16 44.54
CA LEU H 372 33.29 -15.63 44.63
C LEU H 372 32.28 -16.77 44.51
N LYS H 373 31.26 -16.74 45.37
CA LYS H 373 30.21 -17.76 45.35
C LYS H 373 28.93 -17.16 45.91
N LYS H 374 27.91 -17.06 45.07
CA LYS H 374 26.62 -16.50 45.45
C LYS H 374 25.56 -17.59 45.35
N LYS H 375 24.77 -17.73 46.40
CA LYS H 375 23.70 -18.72 46.42
C LYS H 375 22.60 -18.33 45.44
N ALA H 376 22.06 -19.33 44.73
CA ALA H 376 21.00 -19.12 43.77
C ALA H 376 19.65 -19.42 44.42
N ILE H 377 18.71 -18.49 44.29
CA ILE H 377 17.38 -18.62 44.87
C ILE H 377 16.37 -18.06 43.87
N LEU H 378 15.09 -18.28 44.17
CA LEU H 378 14.00 -17.80 43.34
C LEU H 378 13.33 -16.61 44.02
N HIS H 379 13.14 -15.53 43.27
CA HIS H 379 12.54 -14.30 43.79
C HIS H 379 11.43 -13.85 42.84
N GLN H 380 10.43 -13.18 43.43
CA GLN H 380 9.31 -12.67 42.63
C GLN H 380 9.78 -11.61 41.65
N GLU H 381 10.67 -10.72 42.07
CA GLU H 381 11.17 -9.65 41.22
C GLU H 381 12.52 -9.97 40.59
N GLY H 382 13.39 -10.69 41.30
CA GLY H 382 14.69 -11.01 40.75
C GLY H 382 15.61 -9.80 40.68
N HIS H 383 16.57 -9.88 39.76
CA HIS H 383 17.54 -8.83 39.54
C HIS H 383 17.62 -8.50 38.06
N MET H 384 18.04 -7.27 37.76
CA MET H 384 18.16 -6.82 36.38
C MET H 384 19.27 -7.56 35.63
N ASP H 385 20.24 -8.14 36.35
CA ASP H 385 21.33 -8.89 35.74
C ASP H 385 21.14 -10.39 35.86
N ASP H 386 19.88 -10.85 35.93
CA ASP H 386 19.61 -12.28 36.06
C ASP H 386 19.83 -13.05 34.76
N ALA H 387 20.04 -12.36 33.64
CA ALA H 387 20.28 -13.04 32.38
C ALA H 387 21.60 -13.81 32.43
N LEU H 388 21.58 -15.03 31.89
CA LEU H 388 22.75 -15.89 31.88
C LEU H 388 22.96 -16.44 30.48
N PHE H 389 24.22 -16.72 30.16
CA PHE H 389 24.61 -17.28 28.87
C PHE H 389 25.02 -18.73 29.05
N LEU H 390 24.48 -19.61 28.20
CA LEU H 390 24.75 -21.03 28.27
C LEU H 390 25.76 -21.41 27.18
N THR H 391 26.79 -22.15 27.57
CA THR H 391 27.84 -22.60 26.67
C THR H 391 27.67 -24.09 26.40
N ARG H 392 27.65 -24.46 25.13
CA ARG H 392 27.48 -25.86 24.76
C ARG H 392 28.70 -26.68 25.19
N CYS H 393 28.45 -27.92 25.60
CA CYS H 393 29.50 -28.83 26.04
C CYS H 393 29.59 -30.01 25.07
N GLN H 394 30.79 -30.58 24.98
CA GLN H 394 31.02 -31.70 24.09
C GLN H 394 30.22 -32.93 24.54
N GLN H 395 29.78 -33.73 23.57
CA GLN H 395 29.04 -34.94 23.88
C GLN H 395 29.90 -35.93 24.66
N GLU H 396 31.20 -35.97 24.37
CA GLU H 396 32.09 -36.86 25.12
C GLU H 396 32.14 -36.48 26.60
N GLU H 397 32.17 -35.17 26.89
CA GLU H 397 32.18 -34.73 28.28
C GLU H 397 30.89 -35.13 28.99
N SER H 398 29.74 -34.97 28.32
CA SER H 398 28.47 -35.36 28.93
C SER H 398 28.42 -36.87 29.16
N GLN H 399 28.90 -37.66 28.20
CA GLN H 399 28.93 -39.11 28.38
C GLN H 399 29.84 -39.50 29.53
N ALA H 400 31.00 -38.85 29.64
CA ALA H 400 31.90 -39.14 30.75
C ALA H 400 31.26 -38.78 32.09
N ALA H 401 30.56 -37.64 32.14
CA ALA H 401 29.88 -37.25 33.38
C ALA H 401 28.80 -38.25 33.75
N ARG H 402 28.02 -38.71 32.77
CA ARG H 402 26.98 -39.70 33.05
C ARG H 402 27.59 -41.01 33.53
N MET H 403 28.68 -41.45 32.90
CA MET H 403 29.34 -42.68 33.33
C MET H 403 29.91 -42.53 34.74
N ILE H 404 30.47 -41.36 35.05
CA ILE H 404 31.00 -41.12 36.39
C ILE H 404 29.89 -41.15 37.42
N HIS H 405 28.74 -40.54 37.09
CA HIS H 405 27.60 -40.56 38.01
C HIS H 405 27.10 -41.99 38.24
N SER H 406 27.00 -42.77 37.17
CA SER H 406 26.56 -44.15 37.31
C SER H 406 27.55 -44.97 38.15
N THR H 407 28.85 -44.78 37.91
CA THR H 407 29.85 -45.48 38.70
C THR H 407 29.80 -45.07 40.17
N ALA H 408 29.59 -43.78 40.42
CA ALA H 408 29.47 -43.32 41.80
C ALA H 408 28.25 -43.91 42.48
N GLY H 409 27.12 -44.00 41.77
CA GLY H 409 25.95 -44.64 42.34
C GLY H 409 26.18 -46.12 42.63
N LEU H 410 26.84 -46.82 41.72
CA LEU H 410 27.14 -48.23 41.95
C LEU H 410 28.08 -48.39 43.14
N TYR H 411 29.07 -47.52 43.26
CA TYR H 411 29.98 -47.59 44.41
C TYR H 411 29.26 -47.29 45.72
N ASN H 412 28.33 -46.33 45.69
CA ASN H 412 27.55 -46.02 46.88
C ASN H 412 26.68 -47.21 47.28
N GLN H 413 26.06 -47.89 46.31
CA GLN H 413 25.28 -49.07 46.62
C GLN H 413 26.16 -50.18 47.20
N PHE H 414 27.36 -50.36 46.62
CA PHE H 414 28.27 -51.38 47.14
C PHE H 414 28.71 -51.06 48.56
N ILE H 415 28.98 -49.78 48.85
CA ILE H 415 29.39 -49.39 50.20
C ILE H 415 28.23 -49.56 51.18
N LYS H 416 27.01 -49.27 50.73
CA LYS H 416 25.85 -49.50 51.58
C LYS H 416 25.70 -50.97 51.93
N GLY H 417 25.86 -51.85 50.93
CA GLY H 417 25.82 -53.27 51.20
C GLY H 417 26.95 -53.73 52.11
N LEU H 418 28.13 -53.14 51.94
CA LEU H 418 29.27 -53.49 52.78
C LEU H 418 29.02 -53.11 54.23
N ASP H 419 28.49 -51.91 54.47
CA ASP H 419 28.10 -51.53 55.82
C ASP H 419 26.96 -52.40 56.34
N SER H 420 26.09 -52.87 55.44
CA SER H 420 24.98 -53.71 55.87
C SER H 420 25.45 -55.05 56.39
N PHE H 421 26.34 -55.73 55.66
CA PHE H 421 26.77 -57.05 56.10
C PHE H 421 28.04 -57.02 56.94
N SER H 422 28.58 -55.83 57.20
CA SER H 422 29.79 -55.74 58.01
C SER H 422 29.54 -56.19 59.44
N GLY H 423 28.38 -55.85 60.00
CA GLY H 423 28.09 -56.16 61.38
C GLY H 423 27.29 -57.43 61.57
N LYS H 424 27.28 -58.30 60.56
CA LYS H 424 26.54 -59.56 60.61
C LYS H 424 27.41 -60.68 60.06
N PRO H 425 28.02 -61.49 60.93
CA PRO H 425 28.85 -62.61 60.47
C PRO H 425 27.97 -63.77 60.00
N ARG H 426 28.02 -64.04 58.70
CA ARG H 426 27.24 -65.11 58.08
C ARG H 426 25.74 -64.96 58.37
N LEU H 436 25.70 -58.77 47.49
CA LEU H 436 26.41 -57.64 46.92
C LEU H 436 26.80 -57.90 45.47
N PRO H 437 26.59 -56.91 44.61
CA PRO H 437 26.94 -57.08 43.19
C PRO H 437 28.44 -57.09 42.96
N ILE H 438 29.09 -58.20 43.30
CA ILE H 438 30.53 -58.31 43.11
C ILE H 438 30.89 -58.26 41.62
N GLU H 439 30.12 -58.99 40.79
CA GLU H 439 30.39 -58.99 39.36
C GLU H 439 30.19 -57.60 38.75
N ALA H 440 29.12 -56.91 39.16
CA ALA H 440 28.87 -55.58 38.65
C ALA H 440 29.97 -54.61 39.08
N VAL H 441 30.43 -54.72 40.33
CA VAL H 441 31.50 -53.86 40.81
C VAL H 441 32.79 -54.13 40.04
N ILE H 442 33.09 -55.40 39.79
CA ILE H 442 34.30 -55.75 39.02
C ILE H 442 34.21 -55.20 37.60
N LEU H 443 33.03 -55.33 36.98
CA LEU H 443 32.85 -54.80 35.63
C LEU H 443 33.00 -53.28 35.59
N SER H 444 32.44 -52.59 36.59
CA SER H 444 32.58 -51.14 36.66
C SER H 444 34.03 -50.74 36.85
N LEU H 445 34.76 -51.46 37.71
CA LEU H 445 36.17 -51.16 37.92
C LEU H 445 36.98 -51.38 36.65
N GLN H 446 36.69 -52.47 35.93
CA GLN H 446 37.39 -52.73 34.68
C GLN H 446 37.10 -51.65 33.64
N ASP H 447 35.83 -51.23 33.55
CA ASP H 447 35.46 -50.17 32.60
C ASP H 447 36.16 -48.85 32.95
N LEU H 448 36.21 -48.52 34.25
CA LEU H 448 36.89 -47.31 34.67
C LEU H 448 38.39 -47.38 34.38
N ILE H 449 38.99 -48.55 34.60
CA ILE H 449 40.42 -48.72 34.31
C ILE H 449 40.67 -48.55 32.82
N GLY H 450 39.81 -49.12 31.98
CA GLY H 450 39.93 -48.92 30.55
C GLY H 450 39.77 -47.48 30.15
N TYR H 451 38.85 -46.76 30.82
CA TYR H 451 38.68 -45.33 30.55
C TYR H 451 39.94 -44.56 30.92
N PHE H 452 40.56 -44.88 32.05
CA PHE H 452 41.75 -44.18 32.54
C PHE H 452 43.03 -44.90 32.18
N GLU H 453 42.99 -45.78 31.18
CA GLU H 453 44.19 -46.49 30.76
C GLU H 453 45.16 -45.53 30.07
N PRO H 454 46.41 -45.45 30.51
CA PRO H 454 47.36 -44.56 29.85
C PRO H 454 47.61 -45.00 28.43
N PRO H 455 47.88 -44.05 27.51
CA PRO H 455 48.14 -44.37 26.11
C PRO H 455 49.48 -45.08 25.90
N GLN H 465 50.72 -35.05 21.94
CA GLN H 465 50.00 -36.18 22.52
C GLN H 465 48.84 -35.70 23.39
N SER H 466 47.68 -35.52 22.77
CA SER H 466 46.50 -35.05 23.49
C SER H 466 45.88 -36.13 24.37
N LYS H 467 46.30 -37.40 24.22
CA LYS H 467 45.76 -38.45 25.06
C LYS H 467 46.10 -38.23 26.52
N LEU H 468 47.34 -37.82 26.81
CA LEU H 468 47.73 -37.54 28.18
C LEU H 468 46.92 -36.40 28.77
N ARG H 469 46.71 -35.34 27.98
CA ARG H 469 45.90 -34.21 28.46
C ARG H 469 44.47 -34.63 28.73
N SER H 470 43.89 -35.45 27.84
CA SER H 470 42.53 -35.94 28.05
C SER H 470 42.45 -36.80 29.30
N LEU H 471 43.43 -37.67 29.52
CA LEU H 471 43.44 -38.49 30.72
C LEU H 471 43.55 -37.64 31.98
N ARG H 472 44.42 -36.61 31.94
CA ARG H 472 44.55 -35.73 33.09
C ARG H 472 43.26 -34.98 33.37
N ASN H 473 42.58 -34.50 32.31
CA ASN H 473 41.31 -33.82 32.50
C ASN H 473 40.25 -34.75 33.07
N ARG H 474 40.21 -35.99 32.59
CA ARG H 474 39.25 -36.96 33.12
C ARG H 474 39.54 -37.26 34.59
N GLN H 475 40.81 -37.41 34.94
CA GLN H 475 41.18 -37.66 36.33
C GLN H 475 40.80 -36.48 37.22
N SER H 476 41.03 -35.26 36.74
CA SER H 476 40.66 -34.07 37.52
C SER H 476 39.15 -33.99 37.69
N LEU H 477 38.40 -34.29 36.64
CA LEU H 477 36.94 -34.28 36.75
C LEU H 477 36.45 -35.33 37.73
N PHE H 478 37.05 -36.52 37.70
CA PHE H 478 36.66 -37.58 38.64
C PHE H 478 36.99 -37.17 40.08
N GLN H 479 38.15 -36.55 40.29
CA GLN H 479 38.53 -36.12 41.63
C GLN H 479 37.63 -35.00 42.13
N GLU H 480 37.20 -34.11 41.24
CA GLU H 480 36.31 -33.02 41.65
C GLU H 480 34.95 -33.55 42.09
N GLU H 481 34.48 -34.63 41.48
CA GLU H 481 33.18 -35.20 41.81
C GLU H 481 33.23 -36.13 43.02
N GLY H 482 34.41 -36.37 43.59
CA GLY H 482 34.53 -37.22 44.75
C GLY H 482 34.75 -38.68 44.47
N MET H 483 35.14 -39.03 43.24
CA MET H 483 35.40 -40.44 42.92
C MET H 483 36.59 -40.97 43.72
N LEU H 484 37.63 -40.15 43.89
CA LEU H 484 38.79 -40.58 44.66
C LEU H 484 38.42 -40.85 46.12
N SER H 485 37.57 -39.99 46.71
CA SER H 485 37.14 -40.21 48.08
C SER H 485 36.34 -41.50 48.21
N LEU H 486 35.44 -41.76 47.26
CA LEU H 486 34.68 -42.99 47.29
C LEU H 486 35.58 -44.21 47.15
N VAL H 487 36.58 -44.13 46.26
CA VAL H 487 37.52 -45.22 46.09
C VAL H 487 38.31 -45.47 47.38
N LEU H 488 38.74 -44.39 48.03
CA LEU H 488 39.48 -44.54 49.29
C LEU H 488 38.59 -45.16 50.38
N ASN H 489 37.33 -44.74 50.45
CA ASN H 489 36.42 -45.32 51.42
C ASN H 489 36.18 -46.79 51.15
N CYS H 490 36.02 -47.17 49.88
CA CYS H 490 35.84 -48.58 49.54
C CYS H 490 37.09 -49.39 49.87
N ILE H 491 38.27 -48.83 49.62
CA ILE H 491 39.51 -49.52 49.95
C ILE H 491 39.63 -49.72 51.45
N ASP H 492 39.28 -48.69 52.24
CA ASP H 492 39.33 -48.83 53.69
C ASP H 492 38.33 -49.87 54.18
N ARG H 493 37.12 -49.89 53.61
CA ARG H 493 36.12 -50.87 54.00
C ARG H 493 36.60 -52.29 53.67
N LEU H 494 37.22 -52.47 52.51
CA LEU H 494 37.76 -53.78 52.15
C LEU H 494 38.90 -54.18 53.10
N ASN H 495 39.76 -53.23 53.45
CA ASN H 495 40.86 -53.51 54.36
C ASN H 495 40.38 -53.79 55.78
N VAL H 496 39.18 -53.34 56.14
CA VAL H 496 38.63 -53.63 57.46
C VAL H 496 38.46 -55.14 57.64
N TYR H 497 37.92 -55.80 56.63
CA TYR H 497 37.76 -57.25 56.68
C TYR H 497 39.04 -57.95 56.22
N THR H 498 39.50 -58.91 57.02
CA THR H 498 40.70 -59.68 56.73
C THR H 498 40.41 -60.97 55.98
N THR H 499 39.14 -61.26 55.69
CA THR H 499 38.79 -62.49 54.98
C THR H 499 37.59 -62.24 54.07
N TYR H 506 30.93 -63.16 57.79
CA TYR H 506 30.73 -62.08 56.84
C TYR H 506 29.73 -62.50 55.75
N ALA H 507 30.16 -62.40 54.50
CA ALA H 507 29.32 -62.78 53.36
C ALA H 507 29.44 -64.28 53.11
N GLY H 508 28.89 -64.74 52.00
CA GLY H 508 28.97 -66.14 51.66
C GLY H 508 30.37 -66.56 51.24
N GLU H 509 30.60 -67.88 51.26
CA GLU H 509 31.91 -68.41 50.88
C GLU H 509 32.23 -68.09 49.43
N GLU H 510 31.25 -68.26 48.54
CA GLU H 510 31.46 -67.95 47.13
C GLU H 510 31.44 -66.46 46.87
N ALA H 511 30.59 -65.71 47.60
CA ALA H 511 30.51 -64.28 47.40
C ALA H 511 31.81 -63.59 47.82
N ALA H 512 32.42 -64.03 48.90
CA ALA H 512 33.65 -63.42 49.40
C ALA H 512 34.89 -63.89 48.64
N GLU H 513 34.76 -64.86 47.74
CA GLU H 513 35.91 -65.33 46.98
C GLU H 513 36.44 -64.25 46.04
N SER H 514 35.56 -63.42 45.49
CA SER H 514 35.95 -62.35 44.58
C SER H 514 36.26 -61.04 45.30
N TRP H 515 36.22 -61.03 46.64
CA TRP H 515 36.52 -59.81 47.37
C TRP H 515 37.95 -59.36 47.16
N LYS H 516 38.90 -60.30 47.12
CA LYS H 516 40.29 -59.97 46.84
C LYS H 516 40.44 -59.39 45.44
N GLU H 517 39.74 -59.96 44.46
CA GLU H 517 39.77 -59.41 43.10
C GLU H 517 39.19 -58.01 43.06
N ILE H 518 38.11 -57.78 43.81
CA ILE H 518 37.50 -56.45 43.86
C ILE H 518 38.47 -55.45 44.48
N VAL H 519 39.18 -55.86 45.54
CA VAL H 519 40.16 -54.98 46.17
C VAL H 519 41.30 -54.65 45.21
N ASN H 520 41.78 -55.67 44.49
CA ASN H 520 42.84 -55.43 43.52
C ASN H 520 42.37 -54.50 42.40
N LEU H 521 41.14 -54.67 41.93
CA LEU H 521 40.60 -53.78 40.92
C LEU H 521 40.48 -52.35 41.43
N LEU H 522 40.04 -52.19 42.68
CA LEU H 522 39.96 -50.85 43.27
C LEU H 522 41.33 -50.21 43.40
N TYR H 523 42.34 -51.00 43.79
CA TYR H 523 43.70 -50.48 43.88
C TYR H 523 44.23 -50.08 42.51
N GLU H 524 43.93 -50.88 41.48
CA GLU H 524 44.33 -50.52 40.13
C GLU H 524 43.64 -49.24 39.67
N LEU H 525 42.36 -49.07 40.02
CA LEU H 525 41.66 -47.85 39.67
C LEU H 525 42.29 -46.65 40.37
N LEU H 526 42.64 -46.81 41.64
CA LEU H 526 43.30 -45.72 42.37
C LEU H 526 44.64 -45.38 41.75
N ALA H 527 45.40 -46.39 41.32
CA ALA H 527 46.67 -46.14 40.65
C ALA H 527 46.45 -45.39 39.34
N SER H 528 45.43 -45.77 38.57
CA SER H 528 45.14 -45.09 37.32
C SER H 528 44.74 -43.64 37.55
N LEU H 529 43.92 -43.40 38.58
CA LEU H 529 43.52 -42.02 38.90
C LEU H 529 44.69 -41.19 39.40
N ILE H 530 45.62 -41.80 40.13
CA ILE H 530 46.75 -41.06 40.67
C ILE H 530 47.66 -40.57 39.54
N ARG H 531 47.83 -41.39 38.50
CA ARG H 531 48.70 -41.01 37.39
C ARG H 531 48.12 -39.84 36.62
N GLY H 532 48.94 -38.82 36.37
CA GLY H 532 48.49 -37.66 35.62
C GLY H 532 47.42 -36.86 36.31
N ASN H 533 47.55 -36.65 37.62
CA ASN H 533 46.56 -35.87 38.37
C ASN H 533 47.27 -35.19 39.54
N ARG H 534 47.40 -33.87 39.46
CA ARG H 534 48.03 -33.13 40.56
C ARG H 534 47.19 -33.18 41.82
N ALA H 535 45.86 -33.09 41.69
CA ALA H 535 44.99 -33.13 42.86
C ALA H 535 45.08 -34.48 43.57
N ASN H 536 45.10 -35.57 42.80
CA ASN H 536 45.25 -36.89 43.40
C ASN H 536 46.59 -37.03 44.12
N CYS H 537 47.66 -36.50 43.51
CA CYS H 537 48.96 -36.56 44.15
C CYS H 537 48.98 -35.77 45.46
N ALA H 538 48.36 -34.58 45.45
CA ALA H 538 48.29 -33.79 46.67
C ALA H 538 47.47 -34.50 47.75
N LEU H 539 46.35 -35.11 47.36
CA LEU H 539 45.54 -35.84 48.32
C LEU H 539 46.28 -37.02 48.92
N PHE H 540 47.04 -37.75 48.07
CA PHE H 540 47.83 -38.87 48.58
C PHE H 540 48.95 -38.39 49.49
N SER H 541 49.56 -37.25 49.17
CA SER H 541 50.59 -36.68 50.04
C SER H 541 50.00 -36.29 51.39
N THR H 542 48.78 -35.73 51.39
CA THR H 542 48.12 -35.42 52.65
C THR H 542 47.83 -36.69 53.44
N ASN H 543 47.40 -37.75 52.76
CA ASN H 543 47.10 -39.04 53.40
C ASN H 543 48.23 -40.04 53.24
N LEU H 544 49.48 -39.57 53.30
CA LEU H 544 50.63 -40.47 53.11
C LEU H 544 50.71 -41.53 54.18
N ASP H 545 50.33 -41.20 55.42
CA ASP H 545 50.37 -42.18 56.50
C ASP H 545 49.43 -43.35 56.24
N TRP H 546 48.21 -43.03 55.77
CA TRP H 546 47.25 -44.10 55.46
C TRP H 546 47.75 -44.95 54.30
N VAL H 547 48.35 -44.33 53.29
CA VAL H 547 48.89 -45.08 52.16
C VAL H 547 50.01 -46.01 52.62
N VAL H 548 50.89 -45.53 53.49
CA VAL H 548 51.97 -46.35 54.00
C VAL H 548 51.42 -47.51 54.83
N SER H 549 50.40 -47.24 55.65
CA SER H 549 49.80 -48.29 56.45
C SER H 549 49.16 -49.36 55.57
N LYS H 550 48.48 -48.93 54.50
CA LYS H 550 47.88 -49.88 53.57
C LYS H 550 48.95 -50.70 52.85
N LEU H 551 50.05 -50.05 52.46
CA LEU H 551 51.14 -50.77 51.80
C LEU H 551 51.83 -51.74 52.74
N ASP H 552 51.81 -51.47 54.05
CA ASP H 552 52.41 -52.38 55.02
C ASP H 552 51.68 -53.71 55.07
N ARG H 553 50.41 -53.76 54.67
CA ARG H 553 49.68 -55.02 54.66
C ARG H 553 50.24 -55.97 53.62
N LEU H 554 50.32 -57.25 53.97
CA LEU H 554 50.85 -58.25 53.06
C LEU H 554 49.98 -58.40 51.82
N GLU H 555 48.66 -58.40 51.98
CA GLU H 555 47.76 -58.61 50.86
C GLU H 555 47.73 -57.37 49.97
N ALA H 556 47.90 -57.59 48.66
CA ALA H 556 47.85 -56.53 47.65
C ALA H 556 48.82 -55.39 47.98
N SER H 557 50.02 -55.74 48.44
CA SER H 557 51.02 -54.74 48.76
C SER H 557 51.60 -54.11 47.50
N SER H 558 51.66 -54.85 46.40
CA SER H 558 52.25 -54.33 45.17
C SER H 558 51.46 -53.15 44.63
N GLY H 559 50.13 -53.24 44.65
CA GLY H 559 49.31 -52.14 44.16
C GLY H 559 49.47 -50.87 44.97
N ILE H 560 49.46 -51.01 46.30
CA ILE H 560 49.63 -49.85 47.17
C ILE H 560 51.02 -49.24 46.99
N LEU H 561 52.04 -50.10 46.84
CA LEU H 561 53.39 -49.62 46.61
C LEU H 561 53.48 -48.85 45.29
N GLU H 562 52.82 -49.36 44.25
CA GLU H 562 52.81 -48.67 42.96
C GLU H 562 52.10 -47.33 43.07
N VAL H 563 50.98 -47.28 43.79
CA VAL H 563 50.28 -46.01 44.00
C VAL H 563 51.17 -45.02 44.72
N LEU H 564 51.86 -45.47 45.78
CA LEU H 564 52.74 -44.59 46.52
C LEU H 564 53.88 -44.07 45.64
N TYR H 565 54.47 -44.95 44.83
CA TYR H 565 55.54 -44.53 43.93
C TYR H 565 55.05 -43.51 42.92
N CYS H 566 53.86 -43.75 42.35
CA CYS H 566 53.31 -42.83 41.36
C CYS H 566 53.03 -41.46 41.97
N VAL H 567 52.42 -41.43 43.17
CA VAL H 567 52.10 -40.14 43.78
C VAL H 567 53.36 -39.43 44.25
N LEU H 568 54.39 -40.19 44.66
CA LEU H 568 55.66 -39.56 45.03
C LEU H 568 56.34 -38.95 43.82
N ILE H 569 56.31 -39.63 42.68
CA ILE H 569 56.86 -39.07 41.46
C ILE H 569 56.09 -37.82 41.03
N GLU H 570 54.76 -37.90 41.08
CA GLU H 570 53.94 -36.76 40.70
C GLU H 570 54.11 -35.60 41.68
N SER H 571 54.18 -35.90 42.98
CA SER H 571 54.30 -34.88 44.02
C SER H 571 55.62 -35.04 44.75
N PRO H 572 56.65 -34.25 44.41
CA PRO H 572 57.93 -34.37 45.13
C PRO H 572 57.84 -34.00 46.60
N GLU H 573 56.82 -33.25 47.01
CA GLU H 573 56.68 -32.85 48.41
C GLU H 573 56.38 -34.02 49.34
N VAL H 574 56.01 -35.18 48.80
CA VAL H 574 55.74 -36.35 49.64
C VAL H 574 57.00 -36.79 50.37
N LEU H 575 58.14 -36.77 49.68
CA LEU H 575 59.40 -37.19 50.29
C LEU H 575 59.79 -36.25 51.44
N ASN H 576 59.59 -34.95 51.25
CA ASN H 576 59.91 -34.00 52.31
C ASN H 576 59.02 -34.19 53.54
N ILE H 577 57.73 -34.44 53.31
CA ILE H 577 56.80 -34.65 54.41
C ILE H 577 56.85 -36.06 54.96
N ILE H 578 57.64 -36.95 54.36
CA ILE H 578 57.71 -38.33 54.81
C ILE H 578 58.44 -38.41 56.15
N GLN H 579 58.03 -39.35 56.97
CA GLN H 579 58.65 -39.60 58.27
C GLN H 579 59.43 -40.91 58.22
N GLU H 580 60.21 -41.16 59.28
CA GLU H 580 61.08 -42.32 59.32
C GLU H 580 60.32 -43.64 59.22
N ASN H 581 59.04 -43.65 59.60
CA ASN H 581 58.26 -44.88 59.54
C ASN H 581 58.13 -45.37 58.10
N HIS H 582 58.04 -44.45 57.14
CA HIS H 582 57.89 -44.83 55.74
C HIS H 582 59.13 -45.57 55.24
N ILE H 583 60.32 -45.02 55.48
CA ILE H 583 61.54 -45.70 55.05
C ILE H 583 61.73 -46.99 55.84
N LYS H 584 61.34 -47.01 57.11
CA LYS H 584 61.42 -48.24 57.89
C LYS H 584 60.56 -49.34 57.28
N SER H 585 59.32 -49.00 56.90
CA SER H 585 58.44 -49.96 56.26
C SER H 585 58.98 -50.39 54.89
N ILE H 586 59.56 -49.45 54.14
CA ILE H 586 60.12 -49.79 52.84
C ILE H 586 61.28 -50.78 53.00
N ILE H 587 62.13 -50.56 53.99
CA ILE H 587 63.24 -51.47 54.26
C ILE H 587 62.71 -52.84 54.70
N SER H 588 61.72 -52.85 55.59
CA SER H 588 61.17 -54.11 56.08
C SER H 588 60.40 -54.87 54.99
N LEU H 589 59.95 -54.18 53.94
CA LEU H 589 59.22 -54.85 52.87
C LEU H 589 60.10 -55.89 52.18
N LEU H 590 61.36 -55.56 51.91
CA LEU H 590 62.26 -56.51 51.28
C LEU H 590 62.55 -57.68 52.20
N ASP H 591 62.70 -57.43 53.50
CA ASP H 591 62.99 -58.50 54.44
C ASP H 591 61.81 -59.45 54.59
N LYS H 592 60.58 -58.91 54.60
CA LYS H 592 59.39 -59.71 54.84
C LYS H 592 58.82 -60.29 53.55
N HIS H 593 58.46 -59.43 52.59
CA HIS H 593 57.84 -59.91 51.36
C HIS H 593 58.86 -60.58 50.43
N GLY H 594 60.10 -60.12 50.46
CA GLY H 594 61.14 -60.65 49.60
C GLY H 594 61.78 -59.56 48.75
N ARG H 595 62.83 -59.97 48.04
CA ARG H 595 63.55 -59.06 47.18
C ARG H 595 62.67 -58.65 46.00
N ASN H 596 62.59 -57.35 45.75
CA ASN H 596 61.78 -56.83 44.66
C ASN H 596 62.40 -55.52 44.16
N HIS H 597 62.41 -55.35 42.84
CA HIS H 597 62.98 -54.14 42.25
C HIS H 597 62.08 -52.93 42.44
N LYS H 598 60.77 -53.13 42.60
CA LYS H 598 59.86 -52.00 42.76
C LYS H 598 60.14 -51.24 44.05
N VAL H 599 60.38 -51.96 45.15
CA VAL H 599 60.66 -51.29 46.42
C VAL H 599 61.98 -50.52 46.34
N LEU H 600 62.98 -51.10 45.68
CA LEU H 600 64.25 -50.40 45.53
C LEU H 600 64.11 -49.18 44.63
N ASP H 601 63.27 -49.26 43.60
CA ASP H 601 63.00 -48.08 42.78
C ASP H 601 62.29 -46.99 43.57
N VAL H 602 61.37 -47.39 44.46
CA VAL H 602 60.71 -46.42 45.34
C VAL H 602 61.74 -45.77 46.25
N LEU H 603 62.70 -46.56 46.77
CA LEU H 603 63.76 -46.00 47.59
C LEU H 603 64.61 -45.02 46.79
N CYS H 604 64.91 -45.35 45.53
CA CYS H 604 65.67 -44.44 44.67
C CYS H 604 64.93 -43.13 44.48
N SER H 605 63.61 -43.21 44.24
CA SER H 605 62.82 -42.00 44.09
C SER H 605 62.80 -41.19 45.38
N LEU H 606 62.75 -41.87 46.53
CA LEU H 606 62.78 -41.19 47.81
C LEU H 606 64.11 -40.51 48.07
N CYS H 607 65.21 -41.07 47.55
CA CYS H 607 66.53 -40.53 47.82
C CYS H 607 66.68 -39.10 47.28
N VAL H 608 66.23 -38.88 46.05
CA VAL H 608 66.34 -37.57 45.40
C VAL H 608 65.00 -37.22 44.79
N CYS H 609 64.50 -36.02 45.09
CA CYS H 609 63.23 -35.56 44.54
C CYS H 609 63.31 -34.05 44.31
N ASN H 610 62.54 -33.59 43.32
CA ASN H 610 62.45 -32.17 42.96
C ASN H 610 63.82 -31.60 42.57
N GLY H 611 64.70 -32.45 42.04
CA GLY H 611 66.01 -32.01 41.61
C GLY H 611 66.99 -31.72 42.72
N VAL H 612 66.65 -32.04 43.98
CA VAL H 612 67.52 -31.81 45.11
C VAL H 612 67.55 -33.06 45.98
N ALA H 613 68.57 -33.14 46.82
CA ALA H 613 68.75 -34.26 47.75
C ALA H 613 68.31 -33.81 49.13
N VAL H 614 67.39 -34.57 49.73
CA VAL H 614 66.88 -34.25 51.06
C VAL H 614 67.70 -35.03 52.09
N ARG H 615 68.18 -34.32 53.11
CA ARG H 615 69.05 -34.94 54.10
C ARG H 615 68.32 -36.00 54.92
N SER H 616 67.06 -35.75 55.28
CA SER H 616 66.36 -36.64 56.20
C SER H 616 66.16 -38.03 55.60
N ASN H 617 65.61 -38.11 54.39
CA ASN H 617 65.35 -39.42 53.79
C ASN H 617 66.65 -40.12 53.43
N GLN H 618 67.66 -39.36 52.97
CA GLN H 618 68.94 -39.96 52.66
C GLN H 618 69.58 -40.57 53.91
N ASP H 619 69.54 -39.85 55.03
CA ASP H 619 70.08 -40.38 56.27
C ASP H 619 69.29 -41.60 56.74
N LEU H 620 67.96 -41.55 56.59
CA LEU H 620 67.14 -42.69 57.00
C LEU H 620 67.47 -43.92 56.17
N ILE H 621 67.64 -43.77 54.86
CA ILE H 621 67.95 -44.91 54.01
C ILE H 621 69.38 -45.40 54.26
N THR H 622 70.28 -44.49 54.63
CA THR H 622 71.66 -44.89 54.88
C THR H 622 71.84 -45.51 56.27
N GLU H 623 70.90 -45.27 57.19
CA GLU H 623 70.99 -45.84 58.53
C GLU H 623 70.00 -46.96 58.79
N ASN H 624 69.08 -47.24 57.86
CA ASN H 624 68.08 -48.28 58.08
C ASN H 624 68.56 -49.64 57.57
N LEU H 625 68.86 -49.74 56.28
CA LEU H 625 69.26 -51.00 55.67
C LEU H 625 70.75 -51.09 55.36
N LEU H 626 71.41 -49.97 55.11
CA LEU H 626 72.84 -49.99 54.79
C LEU H 626 73.70 -50.57 55.90
N PRO H 627 73.55 -50.16 57.17
CA PRO H 627 74.40 -50.77 58.22
C PRO H 627 74.20 -52.27 58.36
N GLY H 628 72.96 -52.75 58.19
CA GLY H 628 72.71 -54.18 58.32
C GLY H 628 73.38 -55.00 57.23
N ARG H 629 73.38 -54.48 56.00
CA ARG H 629 73.94 -55.12 54.82
C ARG H 629 73.25 -56.43 54.45
N GLU H 630 72.17 -56.78 55.14
CA GLU H 630 71.43 -57.99 54.81
C GLU H 630 70.57 -57.81 53.56
N LEU H 631 69.98 -56.62 53.40
CA LEU H 631 69.15 -56.37 52.23
C LEU H 631 69.97 -56.35 50.95
N LEU H 632 71.14 -55.72 50.98
CA LEU H 632 72.00 -55.62 49.81
C LEU H 632 72.93 -56.83 49.72
N LEU H 633 73.29 -57.20 48.49
CA LEU H 633 74.19 -58.32 48.24
C LEU H 633 75.62 -57.79 48.18
N GLN H 634 76.44 -58.18 49.15
CA GLN H 634 77.83 -57.75 49.19
C GLN H 634 78.62 -58.37 48.03
N THR H 635 79.47 -57.56 47.42
CA THR H 635 80.30 -57.98 46.30
C THR H 635 81.77 -57.80 46.66
N ASN H 636 82.57 -58.83 46.44
CA ASN H 636 83.99 -58.77 46.73
C ASN H 636 84.74 -59.63 45.71
N LEU H 637 86.03 -59.33 45.55
CA LEU H 637 86.89 -60.05 44.62
C LEU H 637 87.59 -61.16 45.38
N ILE H 638 86.94 -62.34 45.42
CA ILE H 638 87.51 -63.47 46.12
C ILE H 638 88.57 -64.16 45.27
N ASN H 639 89.47 -64.87 45.93
CA ASN H 639 90.54 -65.57 45.26
C ASN H 639 90.06 -66.95 44.80
N TYR H 640 90.87 -67.60 43.95
CA TYR H 640 90.59 -68.92 43.44
C TYR H 640 91.52 -69.93 44.09
N VAL H 641 90.96 -71.02 44.59
CA VAL H 641 91.71 -72.07 45.28
C VAL H 641 91.47 -73.38 44.55
N THR H 642 92.55 -74.09 44.26
CA THR H 642 92.50 -75.39 43.59
C THR H 642 92.98 -76.48 44.52
N SER H 643 92.26 -77.60 44.53
CA SER H 643 92.56 -78.73 45.41
C SER H 643 93.17 -79.86 44.57
N ILE H 644 94.32 -80.37 45.02
CA ILE H 644 95.01 -81.47 44.37
C ILE H 644 95.15 -82.60 45.36
N ARG H 645 94.73 -83.81 44.96
CA ARG H 645 94.78 -84.96 45.84
C ARG H 645 95.07 -86.21 45.02
N PRO H 646 95.97 -87.08 45.49
CA PRO H 646 96.22 -88.33 44.77
C PRO H 646 95.02 -89.25 44.81
N ASN H 647 94.90 -90.09 43.77
CA ASN H 647 93.79 -91.03 43.64
C ASN H 647 94.03 -92.27 44.50
N ILE H 648 94.11 -92.05 45.80
CA ILE H 648 94.31 -93.12 46.78
C ILE H 648 92.95 -93.38 47.41
N PHE H 649 92.24 -94.37 46.85
CA PHE H 649 90.91 -94.73 47.32
C PHE H 649 91.05 -95.68 48.51
N VAL H 650 91.24 -95.08 49.69
CA VAL H 650 91.40 -95.82 50.94
C VAL H 650 90.26 -95.41 51.87
N GLY H 651 89.49 -96.39 52.33
CA GLY H 651 88.38 -96.10 53.21
C GLY H 651 87.83 -97.38 53.80
N ARG H 652 86.88 -97.21 54.72
CA ARG H 652 86.25 -98.36 55.37
C ARG H 652 85.42 -99.15 54.37
N ALA H 653 85.53 -100.48 54.46
CA ALA H 653 84.80 -101.37 53.57
C ALA H 653 84.70 -102.74 54.23
N GLU H 654 84.05 -103.67 53.54
CA GLU H 654 83.92 -105.02 54.07
C GLU H 654 85.28 -105.69 54.22
N GLY H 655 86.14 -105.53 53.23
CA GLY H 655 87.48 -106.08 53.27
C GLY H 655 88.48 -105.05 53.74
N SER H 656 89.20 -105.38 54.81
CA SER H 656 90.20 -104.47 55.39
C SER H 656 91.53 -104.61 54.65
N THR H 657 91.50 -104.24 53.36
CA THR H 657 92.71 -104.28 52.55
C THR H 657 93.75 -103.28 53.05
N GLN H 658 93.31 -102.09 53.42
CA GLN H 658 94.23 -101.07 53.92
C GLN H 658 94.74 -101.43 55.30
N TYR H 659 95.85 -100.81 55.69
CA TYR H 659 96.44 -101.04 57.00
C TYR H 659 95.55 -100.53 58.13
N GLY H 660 94.60 -99.64 57.84
CA GLY H 660 93.76 -99.04 58.84
C GLY H 660 94.30 -97.75 59.43
N LYS H 661 95.53 -97.38 59.10
CA LYS H 661 96.12 -96.12 59.56
C LYS H 661 97.22 -95.72 58.60
N TRP H 662 97.15 -94.50 58.08
CA TRP H 662 98.08 -94.02 57.08
C TRP H 662 98.64 -92.67 57.48
N TYR H 663 99.87 -92.40 57.04
CA TYR H 663 100.55 -91.14 57.33
C TYR H 663 101.03 -90.53 56.04
N PHE H 664 100.86 -89.21 55.92
CA PHE H 664 101.32 -88.46 54.76
C PHE H 664 102.08 -87.23 55.22
N GLU H 665 103.09 -86.84 54.44
CA GLU H 665 103.95 -85.71 54.77
C GLU H 665 103.82 -84.64 53.70
N VAL H 666 103.65 -83.39 54.12
CA VAL H 666 103.58 -82.24 53.22
C VAL H 666 104.61 -81.23 53.68
N MET H 667 105.57 -80.92 52.81
CA MET H 667 106.64 -79.98 53.11
C MET H 667 106.17 -78.57 52.76
N VAL H 668 105.89 -77.77 53.80
CA VAL H 668 105.43 -76.40 53.59
C VAL H 668 106.64 -75.55 53.21
N ASP H 669 106.69 -75.11 51.96
CA ASP H 669 107.77 -74.28 51.45
C ASP H 669 107.33 -72.83 51.41
N GLU H 670 108.15 -71.96 50.81
CA GLU H 670 107.86 -70.54 50.72
C GLU H 670 106.60 -70.28 49.90
N VAL H 671 105.54 -69.84 50.57
CA VAL H 671 104.26 -69.52 49.92
C VAL H 671 103.84 -68.13 50.36
N VAL H 672 103.41 -67.31 49.40
CA VAL H 672 102.98 -65.95 49.68
C VAL H 672 101.72 -65.99 50.52
N PRO H 673 101.70 -65.36 51.70
CA PRO H 673 100.46 -65.39 52.52
C PRO H 673 99.27 -64.75 51.83
N PHE H 674 99.48 -63.70 51.05
CA PHE H 674 98.41 -63.00 50.34
C PHE H 674 98.86 -62.73 48.91
N LEU H 675 98.59 -63.69 48.02
CA LEU H 675 98.87 -63.47 46.61
C LEU H 675 97.99 -62.37 46.02
N THR H 676 96.73 -62.33 46.43
CA THR H 676 95.77 -61.33 46.00
C THR H 676 95.31 -60.53 47.23
N ALA H 677 94.27 -59.70 47.02
CA ALA H 677 93.75 -58.89 48.12
C ALA H 677 93.24 -59.78 49.26
N GLN H 678 92.50 -60.83 48.93
CA GLN H 678 92.04 -61.77 49.93
C GLN H 678 93.18 -62.70 50.36
N ALA H 679 93.10 -63.17 51.60
CA ALA H 679 94.13 -64.06 52.12
C ALA H 679 94.10 -65.40 51.39
N THR H 680 95.29 -65.96 51.16
CA THR H 680 95.41 -67.23 50.46
C THR H 680 95.13 -68.37 51.45
N HIS H 681 94.05 -69.11 51.20
CA HIS H 681 93.65 -70.22 52.07
C HIS H 681 94.21 -71.51 51.49
N LEU H 682 95.51 -71.72 51.70
CA LEU H 682 96.19 -72.94 51.23
C LEU H 682 96.03 -74.05 52.27
N ARG H 683 94.78 -74.49 52.41
CA ARG H 683 94.44 -75.51 53.38
C ARG H 683 94.86 -76.90 52.88
N VAL H 684 94.93 -77.85 53.80
CA VAL H 684 95.30 -79.22 53.49
C VAL H 684 94.68 -80.13 54.54
N GLY H 685 94.38 -81.37 54.14
CA GLY H 685 93.77 -82.30 55.07
C GLY H 685 93.30 -83.56 54.37
N TRP H 686 92.31 -84.21 54.99
CA TRP H 686 91.74 -85.45 54.47
C TRP H 686 90.37 -85.16 53.87
N ALA H 687 90.16 -85.63 52.64
CA ALA H 687 88.90 -85.46 51.93
C ALA H 687 88.35 -86.82 51.55
N LEU H 688 87.10 -87.08 51.91
CA LEU H 688 86.47 -88.35 51.59
C LEU H 688 86.13 -88.41 50.10
N THR H 689 86.05 -89.65 49.59
CA THR H 689 85.70 -89.85 48.18
C THR H 689 84.28 -89.37 47.89
N GLU H 690 83.34 -89.64 48.78
CA GLU H 690 81.96 -89.22 48.60
C GLU H 690 81.32 -88.87 49.94
N TRP H 702 80.02 -66.94 52.25
CA TRP H 702 81.00 -66.26 51.40
C TRP H 702 81.70 -67.24 50.47
N GLY H 703 81.09 -68.41 50.28
CA GLY H 703 81.69 -69.41 49.41
C GLY H 703 82.99 -69.94 50.00
N GLY H 704 84.05 -69.87 49.20
CA GLY H 704 85.34 -70.38 49.64
C GLY H 704 85.35 -71.87 49.88
N ASN H 705 84.77 -72.63 48.96
CA ASN H 705 84.69 -74.07 49.11
C ASN H 705 86.08 -74.69 49.13
N GLY H 706 86.26 -75.66 50.01
CA GLY H 706 87.54 -76.32 50.13
C GLY H 706 87.45 -77.51 51.05
N VAL H 707 88.63 -78.04 51.40
CA VAL H 707 88.68 -79.18 52.32
C VAL H 707 88.13 -78.79 53.68
N GLY H 708 88.56 -77.64 54.21
CA GLY H 708 88.04 -77.19 55.49
C GLY H 708 86.59 -76.76 55.41
N ASP H 709 86.21 -76.08 54.33
CA ASP H 709 84.84 -75.58 54.19
C ASP H 709 83.84 -76.73 54.12
N ASP H 710 84.15 -77.78 53.36
CA ASP H 710 83.23 -78.90 53.21
C ASP H 710 83.10 -79.67 54.51
N LEU H 711 81.87 -80.06 54.83
CA LEU H 711 81.61 -80.77 56.08
C LEU H 711 82.25 -82.15 56.09
N TYR H 712 82.18 -82.87 54.96
CA TYR H 712 82.68 -84.24 54.94
C TYR H 712 84.20 -84.28 55.05
N SER H 713 84.89 -83.32 54.45
CA SER H 713 86.35 -83.29 54.50
C SER H 713 86.82 -82.54 55.74
N TYR H 714 87.98 -82.96 56.24
CA TYR H 714 88.57 -82.35 57.44
C TYR H 714 90.02 -81.99 57.15
N GLY H 715 90.48 -80.90 57.79
CA GLY H 715 91.84 -80.45 57.60
C GLY H 715 92.20 -79.41 58.64
N PHE H 716 93.49 -79.08 58.67
CA PHE H 716 94.02 -78.10 59.61
C PHE H 716 94.88 -77.10 58.86
N ASP H 717 94.76 -75.83 59.24
CA ASP H 717 95.56 -74.76 58.65
C ASP H 717 96.86 -74.50 59.38
N GLY H 718 97.16 -75.29 60.42
CA GLY H 718 98.37 -75.13 61.20
C GLY H 718 98.18 -74.41 62.51
N LEU H 719 97.09 -73.66 62.67
CA LEU H 719 96.82 -72.95 63.91
C LEU H 719 95.41 -73.26 64.41
N HIS H 720 94.50 -73.55 63.48
CA HIS H 720 93.12 -73.86 63.82
C HIS H 720 92.62 -74.98 62.92
N LEU H 721 91.82 -75.88 63.50
CA LEU H 721 91.24 -76.98 62.73
C LEU H 721 89.98 -76.51 62.01
N TRP H 722 89.93 -76.74 60.71
CA TRP H 722 88.81 -76.34 59.88
C TRP H 722 87.96 -77.55 59.52
N THR H 723 86.66 -77.46 59.79
CA THR H 723 85.74 -78.56 59.48
C THR H 723 84.35 -77.98 59.34
N GLY H 724 83.74 -78.16 58.17
CA GLY H 724 82.41 -77.62 57.92
C GLY H 724 82.33 -76.11 57.92
N HIS H 725 83.35 -75.46 57.37
CA HIS H 725 83.43 -73.99 57.30
C HIS H 725 83.32 -73.35 58.68
N VAL H 726 83.86 -74.01 59.70
CA VAL H 726 83.85 -73.53 61.08
C VAL H 726 85.26 -73.72 61.62
N ALA H 727 86.07 -72.66 61.58
CA ALA H 727 87.43 -72.72 62.08
C ALA H 727 87.44 -72.67 63.60
N ARG H 728 88.08 -73.66 64.22
CA ARG H 728 88.17 -73.76 65.67
C ARG H 728 89.64 -73.74 66.09
N PRO H 729 90.08 -72.77 66.89
CA PRO H 729 91.48 -72.69 67.33
C PRO H 729 91.81 -73.70 68.43
N GLN H 735 101.99 -72.90 67.77
CA GLN H 735 101.06 -71.80 67.57
C GLN H 735 101.46 -70.95 66.36
N HIS H 736 101.83 -71.62 65.28
CA HIS H 736 102.25 -70.95 64.06
C HIS H 736 101.51 -71.57 62.87
N LEU H 737 101.21 -70.72 61.89
CA LEU H 737 100.51 -71.17 60.68
C LEU H 737 101.52 -71.81 59.72
N LEU H 738 101.08 -72.06 58.49
CA LEU H 738 101.95 -72.66 57.49
C LEU H 738 103.07 -71.70 57.13
N ALA H 739 104.31 -72.13 57.32
CA ALA H 739 105.50 -71.33 57.09
C ALA H 739 106.51 -72.13 56.30
N PRO H 740 107.43 -71.47 55.60
CA PRO H 740 108.47 -72.20 54.88
C PRO H 740 109.38 -72.96 55.83
N GLU H 741 110.11 -73.93 55.27
CA GLU H 741 111.00 -74.80 56.03
C GLU H 741 110.25 -75.55 57.13
N ASP H 742 109.03 -75.99 56.80
CA ASP H 742 108.21 -76.77 57.72
C ASP H 742 107.61 -77.95 56.97
N VAL H 743 107.32 -79.02 57.72
CA VAL H 743 106.78 -80.25 57.15
C VAL H 743 105.53 -80.64 57.94
N VAL H 744 104.45 -80.91 57.22
CA VAL H 744 103.21 -81.35 57.85
C VAL H 744 103.32 -82.83 58.18
N SER H 745 103.03 -83.19 59.42
CA SER H 745 103.13 -84.55 59.91
C SER H 745 101.77 -85.10 60.31
N CYS H 746 100.75 -84.82 59.49
CA CYS H 746 99.41 -85.30 59.78
C CYS H 746 99.33 -86.81 59.56
N CYS H 747 98.72 -87.50 60.52
CA CYS H 747 98.55 -88.96 60.44
C CYS H 747 97.18 -89.31 60.98
N LEU H 748 96.32 -89.84 60.12
CA LEU H 748 94.95 -90.21 60.49
C LEU H 748 94.73 -91.69 60.23
N ASP H 749 94.03 -92.34 61.17
CA ASP H 749 93.74 -93.75 61.04
C ASP H 749 92.61 -93.97 60.04
N LEU H 750 92.85 -94.84 59.05
CA LEU H 750 91.84 -95.11 58.03
C LEU H 750 90.68 -95.90 58.60
N SER H 751 90.97 -96.96 59.35
CA SER H 751 89.90 -97.80 59.89
C SER H 751 89.13 -97.07 61.00
N VAL H 752 89.85 -96.46 61.93
CA VAL H 752 89.24 -95.73 63.03
C VAL H 752 88.57 -94.47 62.49
N PRO H 753 87.46 -94.02 63.08
CA PRO H 753 86.79 -92.80 62.60
C PRO H 753 87.38 -91.54 63.24
N SER H 754 88.67 -91.33 63.02
CA SER H 754 89.37 -90.18 63.57
C SER H 754 90.28 -89.59 62.51
N ILE H 755 90.53 -88.29 62.61
CA ILE H 755 91.38 -87.55 61.68
C ILE H 755 92.33 -86.71 62.53
N SER H 756 93.54 -87.21 62.77
CA SER H 756 94.55 -86.51 63.54
C SER H 756 95.54 -85.84 62.61
N PHE H 757 95.92 -84.61 62.94
CA PHE H 757 96.85 -83.83 62.14
C PHE H 757 97.94 -83.24 63.03
N ARG H 758 99.13 -83.09 62.44
CA ARG H 758 100.26 -82.51 63.15
C ARG H 758 101.12 -81.75 62.16
N ILE H 759 101.84 -80.75 62.67
CA ILE H 759 102.70 -79.90 61.85
C ILE H 759 104.08 -79.86 62.51
N ASN H 760 105.10 -80.30 61.78
CA ASN H 760 106.49 -80.28 62.25
C ASN H 760 106.68 -81.05 63.55
N GLY H 761 105.83 -82.04 63.80
CA GLY H 761 105.90 -82.81 65.02
C GLY H 761 105.71 -81.98 66.28
N CYS H 762 104.80 -81.02 66.24
CA CYS H 762 104.57 -80.17 67.39
C CYS H 762 103.97 -80.96 68.54
N PRO H 763 104.34 -80.67 69.78
CA PRO H 763 103.73 -81.40 70.92
C PRO H 763 102.23 -81.22 71.02
N VAL H 764 101.71 -80.05 70.63
CA VAL H 764 100.29 -79.77 70.68
C VAL H 764 99.82 -79.51 69.26
N GLN H 765 98.82 -80.26 68.81
CA GLN H 765 98.28 -80.12 67.46
C GLN H 765 96.80 -80.47 67.48
N GLY H 766 96.09 -79.95 66.49
CA GLY H 766 94.66 -80.21 66.40
C GLY H 766 94.37 -81.65 66.03
N VAL H 767 93.31 -82.20 66.61
CA VAL H 767 92.89 -83.58 66.37
C VAL H 767 91.39 -83.60 66.18
N PHE H 768 90.93 -84.41 65.24
CA PHE H 768 89.50 -84.57 64.95
C PHE H 768 89.13 -86.04 65.08
N GLU H 769 87.98 -86.30 65.71
CA GLU H 769 87.49 -87.64 65.92
C GLU H 769 86.07 -87.74 65.38
N ALA H 770 85.47 -88.93 65.54
CA ALA H 770 84.10 -89.20 65.08
C ALA H 770 83.93 -88.90 63.60
N PHE H 771 84.94 -89.27 62.81
CA PHE H 771 84.88 -89.04 61.38
C PHE H 771 83.80 -89.89 60.73
N ASN H 772 83.23 -89.38 59.64
CA ASN H 772 82.17 -90.08 58.93
C ASN H 772 82.71 -91.34 58.28
N LEU H 773 82.00 -92.46 58.51
CA LEU H 773 82.43 -93.73 57.92
C LEU H 773 82.31 -93.72 56.41
N ASP H 774 81.24 -93.12 55.87
CA ASP H 774 81.04 -93.09 54.44
C ASP H 774 82.10 -92.22 53.76
N GLY H 775 82.59 -92.69 52.62
CA GLY H 775 83.59 -91.97 51.87
C GLY H 775 85.00 -92.43 52.14
N LEU H 776 85.82 -92.52 51.09
CA LEU H 776 87.21 -92.94 51.22
C LEU H 776 88.07 -91.71 51.40
N PHE H 777 88.59 -91.52 52.61
CA PHE H 777 89.39 -90.34 52.91
C PHE H 777 90.77 -90.46 52.27
N PHE H 778 91.20 -89.39 51.61
CA PHE H 778 92.52 -89.31 50.99
C PHE H 778 93.15 -87.97 51.32
N PRO H 779 94.48 -87.89 51.36
CA PRO H 779 95.15 -86.61 51.63
C PRO H 779 94.90 -85.63 50.49
N VAL H 780 94.32 -84.48 50.84
CA VAL H 780 93.98 -83.44 49.86
C VAL H 780 94.56 -82.13 50.34
N VAL H 781 95.25 -81.43 49.43
CA VAL H 781 95.85 -80.13 49.72
C VAL H 781 95.17 -79.10 48.82
N SER H 782 94.42 -78.18 49.44
CA SER H 782 93.72 -77.14 48.69
C SER H 782 94.57 -75.87 48.68
N PHE H 783 95.65 -75.93 47.90
CA PHE H 783 96.57 -74.80 47.79
C PHE H 783 95.90 -73.64 47.06
N SER H 784 96.04 -72.45 47.62
CA SER H 784 95.46 -71.24 47.03
C SER H 784 96.41 -70.68 45.99
N ALA H 785 96.11 -69.47 45.51
CA ALA H 785 96.96 -68.83 44.52
C ALA H 785 98.32 -68.47 45.12
N GLY H 786 99.37 -68.66 44.33
CA GLY H 786 100.71 -68.36 44.80
C GLY H 786 101.17 -69.22 45.96
N VAL H 787 100.84 -70.51 45.92
CA VAL H 787 101.22 -71.45 46.97
C VAL H 787 102.05 -72.56 46.34
N LYS H 788 103.25 -72.78 46.89
CA LYS H 788 104.17 -73.80 46.40
C LYS H 788 104.73 -74.56 47.60
N VAL H 789 104.12 -75.69 47.93
CA VAL H 789 104.54 -76.52 49.05
C VAL H 789 104.66 -77.97 48.56
N ARG H 790 105.79 -78.59 48.87
CA ARG H 790 105.99 -79.99 48.49
C ARG H 790 105.13 -80.92 49.35
N PHE H 791 104.79 -82.07 48.78
CA PHE H 791 103.95 -83.06 49.45
C PHE H 791 104.59 -84.44 49.27
N LEU H 792 105.45 -84.82 50.20
CA LEU H 792 106.12 -86.13 50.17
C LEU H 792 105.28 -87.17 50.90
N LEU H 793 104.02 -87.29 50.46
CA LEU H 793 103.10 -88.22 51.09
C LEU H 793 103.54 -89.67 50.91
N GLY H 794 104.01 -90.01 49.71
CA GLY H 794 104.41 -91.38 49.41
C GLY H 794 105.93 -91.51 49.43
N GLY H 795 106.40 -92.56 50.10
CA GLY H 795 107.84 -92.81 50.15
C GLY H 795 108.41 -93.16 48.80
N ARG H 796 107.66 -93.91 47.98
CA ARG H 796 108.13 -94.27 46.64
C ARG H 796 108.29 -93.03 45.77
N HIS H 797 107.34 -92.10 45.83
CA HIS H 797 107.42 -90.88 45.03
C HIS H 797 108.61 -90.03 45.46
N GLY H 798 108.84 -89.90 46.77
CA GLY H 798 109.95 -89.11 47.27
C GLY H 798 110.23 -89.45 48.71
N GLU H 799 111.41 -89.00 49.16
CA GLU H 799 111.82 -89.27 50.54
C GLU H 799 110.87 -88.59 51.52
N PHE H 800 110.45 -89.34 52.54
CA PHE H 800 109.54 -88.80 53.54
C PHE H 800 110.24 -87.75 54.40
N LYS H 801 109.55 -86.64 54.65
CA LYS H 801 110.12 -85.60 55.49
C LYS H 801 110.32 -86.07 56.92
N PHE H 802 109.35 -86.82 57.46
CA PHE H 802 109.44 -87.34 58.82
C PHE H 802 109.01 -88.79 58.83
N LEU H 803 109.48 -89.53 59.84
CA LEU H 803 109.13 -90.92 59.97
C LEU H 803 107.64 -91.08 60.30
N PRO H 804 107.03 -92.18 59.87
CA PRO H 804 105.61 -92.38 60.17
C PRO H 804 105.38 -92.53 61.66
N PRO H 805 104.23 -92.08 62.17
CA PRO H 805 103.95 -92.23 63.60
C PRO H 805 103.51 -93.66 63.91
N PRO H 806 103.30 -93.98 65.18
CA PRO H 806 102.83 -95.33 65.53
C PRO H 806 101.48 -95.62 64.89
N GLY H 807 101.32 -96.86 64.45
CA GLY H 807 100.09 -97.27 63.78
C GLY H 807 99.97 -96.83 62.33
N TYR H 808 100.19 -95.55 62.06
CA TYR H 808 100.10 -95.05 60.70
C TYR H 808 101.27 -95.55 59.86
N ALA H 809 101.05 -95.58 58.55
CA ALA H 809 102.03 -96.05 57.58
C ALA H 809 102.15 -95.05 56.45
N PRO H 810 103.26 -95.07 55.71
CA PRO H 810 103.42 -94.13 54.59
C PRO H 810 102.38 -94.37 53.51
N CYS H 811 102.02 -93.28 52.82
CA CYS H 811 101.00 -93.35 51.77
C CYS H 811 101.46 -94.15 50.56
N HIS H 812 102.76 -94.47 50.44
CA HIS H 812 103.23 -95.28 49.33
C HIS H 812 102.64 -96.67 49.37
N GLU H 813 102.50 -97.24 50.56
CA GLU H 813 101.91 -98.57 50.71
C GLU H 813 100.41 -98.58 50.47
N ALA H 814 99.76 -97.43 50.40
CA ALA H 814 98.33 -97.34 50.18
C ALA H 814 97.96 -97.17 48.71
N VAL H 815 98.93 -97.16 47.81
CA VAL H 815 98.64 -96.99 46.39
C VAL H 815 98.05 -98.27 45.84
N LEU H 816 96.92 -98.15 45.13
CA LEU H 816 96.28 -99.31 44.55
C LEU H 816 97.12 -99.88 43.41
N PRO H 817 97.06 -101.19 43.18
CA PRO H 817 97.86 -101.80 42.11
C PRO H 817 97.36 -101.48 40.71
N ARG H 818 96.14 -100.95 40.58
CA ARG H 818 95.61 -100.64 39.24
C ARG H 818 96.44 -99.58 38.54
N GLU H 819 96.82 -98.53 39.28
CA GLU H 819 97.62 -97.45 38.71
C GLU H 819 98.32 -96.71 39.84
N ARG H 820 99.36 -95.96 39.47
CA ARG H 820 100.09 -95.18 40.45
C ARG H 820 99.25 -94.00 40.93
N LEU H 821 99.56 -93.53 42.13
CA LEU H 821 98.84 -92.43 42.75
C LEU H 821 99.63 -91.14 42.54
N ARG H 822 99.02 -90.17 41.87
CA ARG H 822 99.63 -88.87 41.62
C ARG H 822 98.63 -87.77 41.95
N LEU H 823 99.17 -86.64 42.42
CA LEU H 823 98.32 -85.51 42.80
C LEU H 823 97.62 -84.94 41.57
N GLU H 824 96.30 -84.97 41.57
CA GLU H 824 95.48 -84.49 40.47
C GLU H 824 94.30 -83.72 41.04
N PRO H 825 93.69 -82.85 40.24
CA PRO H 825 92.52 -82.11 40.73
C PRO H 825 91.35 -83.04 41.01
N ILE H 826 90.53 -82.64 41.98
CA ILE H 826 89.38 -83.43 42.41
C ILE H 826 88.14 -82.93 41.70
N LYS H 827 87.44 -83.84 41.02
CA LYS H 827 86.22 -83.53 40.28
C LYS H 827 86.47 -82.42 39.25
N GLU H 828 87.61 -82.50 38.57
CA GLU H 828 87.94 -81.52 37.56
C GLU H 828 87.06 -81.71 36.33
N TYR H 829 86.47 -80.61 35.84
CA TYR H 829 85.58 -80.65 34.69
C TYR H 829 86.21 -80.01 33.46
N ARG H 830 87.49 -79.67 33.51
CA ARG H 830 88.16 -79.04 32.37
C ARG H 830 89.64 -79.35 32.44
N ARG H 831 90.30 -79.19 31.29
CA ARG H 831 91.74 -79.42 31.18
C ARG H 831 92.29 -78.58 30.05
N GLU H 832 93.61 -78.40 30.05
CA GLU H 832 94.27 -77.59 29.03
C GLU H 832 94.18 -78.30 27.68
N GLY H 833 93.74 -77.57 26.66
CA GLY H 833 93.60 -78.12 25.33
C GLY H 833 94.46 -77.40 24.31
N PRO H 834 95.45 -78.10 23.76
CA PRO H 834 96.36 -77.54 22.74
C PRO H 834 95.63 -77.22 21.44
N PRO H 837 90.45 -76.11 27.26
CA PRO H 837 89.50 -76.50 26.22
C PRO H 837 89.12 -77.98 26.30
N HIS H 838 89.93 -78.77 27.01
CA HIS H 838 89.68 -80.20 27.18
C HIS H 838 88.69 -80.40 28.32
N LEU H 839 87.42 -80.10 28.03
CA LEU H 839 86.37 -80.28 29.02
C LEU H 839 86.17 -81.76 29.33
N VAL H 840 85.93 -82.06 30.61
CA VAL H 840 85.74 -83.42 31.08
C VAL H 840 84.48 -83.47 31.96
N GLY H 841 83.98 -84.68 32.15
CA GLY H 841 82.80 -84.89 32.96
C GLY H 841 83.06 -85.78 34.16
N HIS H 848 84.64 -97.72 47.82
CA HIS H 848 85.22 -98.62 48.80
C HIS H 848 84.90 -100.07 48.48
N THR H 849 83.78 -100.28 47.77
CA THR H 849 83.40 -101.64 47.38
C THR H 849 84.42 -102.26 46.44
N ASP H 850 84.94 -101.47 45.48
CA ASP H 850 85.96 -101.97 44.58
C ASP H 850 87.23 -102.32 45.33
N PHE H 851 87.62 -101.49 46.30
CA PHE H 851 88.82 -101.77 47.09
C PHE H 851 88.61 -102.90 48.07
N VAL H 852 87.36 -103.27 48.35
CA VAL H 852 87.06 -104.38 49.26
C VAL H 852 87.45 -105.69 48.59
N PRO H 853 87.75 -106.74 49.35
CA PRO H 853 88.13 -108.05 48.79
C PRO H 853 86.98 -108.74 48.06
N ILE H 861 77.58 -122.99 45.27
CA ILE H 861 76.76 -124.20 45.19
C ILE H 861 77.52 -125.39 45.79
N VAL H 862 77.17 -126.59 45.35
CA VAL H 862 77.81 -127.81 45.81
C VAL H 862 77.72 -128.85 44.70
N LEU H 863 78.83 -129.53 44.46
CA LEU H 863 78.87 -130.57 43.43
C LEU H 863 78.35 -131.89 43.96
N PRO H 864 77.87 -132.76 43.08
CA PRO H 864 77.40 -134.08 43.51
C PRO H 864 78.55 -134.99 43.88
N PRO H 865 78.28 -136.10 44.59
CA PRO H 865 79.39 -137.01 44.93
C PRO H 865 80.11 -137.56 43.72
N HIS H 866 79.40 -137.89 42.65
CA HIS H 866 80.06 -138.26 41.41
C HIS H 866 80.84 -137.09 40.83
N LEU H 867 80.23 -135.89 40.86
CA LEU H 867 80.95 -134.68 40.47
C LEU H 867 82.13 -134.43 41.40
N GLU H 868 81.99 -134.77 42.69
CA GLU H 868 83.11 -134.63 43.61
C GLU H 868 84.27 -135.55 43.23
N ARG H 869 83.97 -136.79 42.87
CA ARG H 869 85.02 -137.71 42.43
C ARG H 869 85.66 -137.25 41.13
N ILE H 870 84.85 -136.74 40.19
CA ILE H 870 85.39 -136.21 38.94
C ILE H 870 86.30 -135.02 39.23
N ARG H 871 85.90 -134.15 40.16
CA ARG H 871 86.72 -133.01 40.53
C ARG H 871 88.01 -133.45 41.20
N GLU H 872 87.95 -134.51 42.00
CA GLU H 872 89.18 -135.03 42.62
C GLU H 872 90.14 -135.57 41.58
N LYS H 873 89.63 -136.31 40.59
CA LYS H 873 90.49 -136.79 39.51
C LYS H 873 91.07 -135.64 38.72
N LEU H 874 90.25 -134.64 38.42
CA LEU H 874 90.74 -133.45 37.72
C LEU H 874 91.78 -132.71 38.53
N ALA H 875 91.62 -132.69 39.86
CA ALA H 875 92.61 -132.07 40.74
C ALA H 875 93.94 -132.83 40.70
N GLU H 876 93.88 -134.16 40.71
CA GLU H 876 95.10 -134.95 40.61
C GLU H 876 95.82 -134.67 39.29
N ASN H 877 95.07 -134.67 38.19
CA ASN H 877 95.70 -134.40 36.90
C ASN H 877 96.21 -132.97 36.80
N ILE H 878 95.50 -132.01 37.40
CA ILE H 878 95.94 -130.62 37.37
C ILE H 878 97.20 -130.44 38.22
N HIS H 879 97.29 -131.16 39.35
CA HIS H 879 98.51 -131.13 40.14
C HIS H 879 99.67 -131.73 39.37
N GLU H 880 99.42 -132.80 38.62
CA GLU H 880 100.45 -133.36 37.75
C GLU H 880 100.90 -132.35 36.70
N LEU H 881 99.94 -131.65 36.09
CA LEU H 881 100.29 -130.64 35.09
C LEU H 881 101.06 -129.48 35.71
N TRP H 882 100.69 -129.07 36.91
CA TRP H 882 101.40 -128.00 37.61
C TRP H 882 102.82 -128.42 37.95
N ALA H 883 103.00 -129.66 38.38
CA ALA H 883 104.35 -130.17 38.63
C ALA H 883 105.16 -130.21 37.34
N LEU H 884 104.52 -130.56 36.22
CA LEU H 884 105.19 -130.53 34.93
C LEU H 884 105.62 -129.11 34.58
N THR H 885 104.74 -128.13 34.81
CA THR H 885 105.06 -126.74 34.48
C THR H 885 106.01 -126.11 35.49
N ARG H 886 106.22 -126.75 36.64
CA ARG H 886 107.11 -126.21 37.66
C ARG H 886 108.58 -126.31 37.28
N ILE H 887 108.91 -127.05 36.22
CA ILE H 887 110.30 -127.19 35.78
C ILE H 887 110.82 -125.88 35.21
N HIS H 904 112.51 -132.64 45.69
CA HIS H 904 111.87 -132.28 44.44
C HIS H 904 110.76 -133.25 44.08
N PRO H 905 110.42 -134.14 45.02
CA PRO H 905 109.33 -135.10 44.75
C PRO H 905 108.00 -134.45 44.48
N CYS H 906 107.70 -133.31 45.10
CA CYS H 906 106.44 -132.63 44.85
C CYS H 906 106.34 -132.17 43.41
N LEU H 907 107.41 -131.60 42.86
CA LEU H 907 107.42 -131.16 41.47
C LEU H 907 107.73 -132.30 40.50
N VAL H 908 108.21 -133.44 41.00
CA VAL H 908 108.52 -134.57 40.11
C VAL H 908 107.24 -135.13 39.50
N ASN H 909 106.23 -135.38 40.34
CA ASN H 909 104.97 -135.92 39.87
C ASN H 909 103.90 -135.69 40.93
N PHE H 910 102.64 -135.77 40.50
CA PHE H 910 101.53 -135.65 41.43
C PHE H 910 101.51 -136.81 42.41
N HIS H 911 101.76 -138.03 41.93
CA HIS H 911 101.80 -139.19 42.81
C HIS H 911 102.96 -139.09 43.80
N SER H 912 104.12 -138.62 43.32
CA SER H 912 105.27 -138.46 44.20
C SER H 912 105.08 -137.35 45.22
N LEU H 913 104.12 -136.45 44.99
CA LEU H 913 103.85 -135.38 45.92
C LEU H 913 103.20 -135.92 47.19
N PRO H 914 103.28 -135.18 48.29
CA PRO H 914 102.69 -135.68 49.55
C PRO H 914 101.17 -135.80 49.45
N GLU H 915 100.64 -136.76 50.20
CA GLU H 915 99.19 -136.97 50.22
C GLU H 915 98.44 -135.73 50.70
N PRO H 916 98.89 -134.99 51.72
CA PRO H 916 98.16 -133.78 52.11
C PRO H 916 98.07 -132.75 50.99
N GLU H 917 99.10 -132.64 50.16
CA GLU H 917 99.03 -131.75 49.01
C GLU H 917 97.95 -132.19 48.03
N ARG H 918 97.85 -133.50 47.79
CA ARG H 918 96.80 -134.01 46.91
C ARG H 918 95.42 -133.75 47.50
N ASN H 919 95.27 -133.91 48.81
CA ASN H 919 93.98 -133.64 49.45
C ASN H 919 93.63 -132.16 49.35
N TYR H 920 94.60 -131.27 49.55
CA TYR H 920 94.35 -129.84 49.41
C TYR H 920 93.96 -129.49 47.98
N ASN H 921 94.64 -130.09 46.99
CA ASN H 921 94.28 -129.85 45.60
C ASN H 921 92.88 -130.35 45.30
N LEU H 922 92.50 -131.51 45.85
CA LEU H 922 91.15 -132.03 45.65
C LEU H 922 90.11 -131.10 46.27
N GLN H 923 90.38 -130.57 47.46
CA GLN H 923 89.46 -129.64 48.10
C GLN H 923 89.33 -128.36 47.29
N MET H 924 90.45 -127.85 46.78
CA MET H 924 90.41 -126.64 45.96
C MET H 924 89.62 -126.86 44.68
N SER H 925 89.81 -128.02 44.04
CA SER H 925 89.06 -128.32 42.82
C SER H 925 87.57 -128.48 43.12
N GLY H 926 87.24 -129.09 44.27
CA GLY H 926 85.84 -129.19 44.65
C GLY H 926 85.21 -127.83 44.88
N GLU H 927 85.94 -126.92 45.54
CA GLU H 927 85.44 -125.56 45.73
C GLU H 927 85.26 -124.86 44.39
N THR H 928 86.21 -125.03 43.47
CA THR H 928 86.09 -124.41 42.15
C THR H 928 84.89 -124.97 41.38
N LEU H 929 84.67 -126.28 41.48
CA LEU H 929 83.52 -126.89 40.82
C LEU H 929 82.22 -126.38 41.42
N LYS H 930 82.16 -126.23 42.75
CA LYS H 930 80.97 -125.67 43.38
C LYS H 930 80.73 -124.24 42.93
N THR H 931 81.79 -123.43 42.83
CA THR H 931 81.63 -122.06 42.36
C THR H 931 81.15 -122.03 40.91
N LEU H 932 81.68 -122.92 40.07
CA LEU H 932 81.23 -123.00 38.68
C LEU H 932 79.76 -123.41 38.61
N LEU H 933 79.36 -124.36 39.45
CA LEU H 933 77.95 -124.77 39.49
C LEU H 933 77.06 -123.62 39.94
N ALA H 934 77.55 -122.79 40.86
CA ALA H 934 76.80 -121.60 41.24
C ALA H 934 76.63 -120.66 40.05
N LEU H 935 77.64 -120.56 39.20
CA LEU H 935 77.59 -119.75 37.99
C LEU H 935 77.08 -120.52 36.78
N GLY H 936 76.76 -121.80 36.93
CA GLY H 936 76.29 -122.60 35.82
C GLY H 936 77.29 -123.64 35.36
N CYS H 937 76.93 -124.92 35.51
CA CYS H 937 77.81 -126.02 35.16
C CYS H 937 77.02 -127.09 34.41
N HIS H 938 77.75 -127.92 33.68
CA HIS H 938 77.15 -129.02 32.92
C HIS H 938 76.89 -130.20 33.84
N VAL H 939 76.58 -131.36 33.26
CA VAL H 939 76.30 -132.55 34.06
C VAL H 939 77.54 -132.96 34.81
N GLY H 940 77.39 -133.22 36.11
CA GLY H 940 78.53 -133.59 36.93
C GLY H 940 79.14 -134.92 36.56
N MET H 941 78.31 -135.92 36.30
CA MET H 941 78.76 -137.27 35.99
C MET H 941 78.44 -137.59 34.53
N ALA H 942 79.49 -137.73 33.72
CA ALA H 942 79.32 -138.10 32.32
C ALA H 942 80.58 -138.83 31.88
N ASP H 943 80.53 -140.17 31.88
CA ASP H 943 81.65 -141.02 31.48
C ASP H 943 82.91 -140.70 32.29
N GLU H 944 82.80 -140.95 33.60
CA GLU H 944 83.93 -140.69 34.50
C GLU H 944 85.11 -141.60 34.24
N LYS H 945 84.91 -142.72 33.53
CA LYS H 945 86.00 -143.64 33.23
C LYS H 945 86.97 -143.09 32.19
N ALA H 946 86.65 -141.97 31.56
CA ALA H 946 87.50 -141.38 30.53
C ALA H 946 88.68 -140.61 31.10
N GLU H 947 89.00 -140.80 32.39
CA GLU H 947 90.14 -140.11 32.99
C GLU H 947 91.46 -140.56 32.38
N ASP H 948 91.50 -141.73 31.75
CA ASP H 948 92.72 -142.21 31.12
C ASP H 948 93.10 -141.42 29.87
N ASN H 949 92.20 -140.57 29.37
CA ASN H 949 92.50 -139.76 28.19
C ASN H 949 93.62 -138.76 28.45
N LEU H 950 93.85 -138.38 29.71
CA LEU H 950 94.95 -137.47 30.02
C LEU H 950 96.30 -138.10 29.69
N LYS H 951 96.46 -139.39 29.99
CA LYS H 951 97.68 -140.15 29.70
C LYS H 951 98.84 -139.46 30.40
N LYS H 952 99.99 -139.28 29.76
CA LYS H 952 101.16 -138.63 30.36
C LYS H 952 101.72 -137.63 29.36
N THR H 953 101.25 -136.38 29.44
CA THR H 953 101.77 -135.32 28.59
C THR H 953 103.16 -134.87 28.98
N LYS H 954 103.64 -135.26 30.16
CA LYS H 954 104.97 -134.90 30.65
C LYS H 954 105.97 -136.05 30.44
N LEU H 955 105.85 -136.77 29.34
CA LEU H 955 106.75 -137.88 29.07
C LEU H 955 108.21 -137.46 29.02
N PRO H 956 108.58 -136.35 28.37
CA PRO H 956 109.99 -135.94 28.39
C PRO H 956 110.46 -135.64 29.80
N LYS H 957 111.71 -136.01 30.09
CA LYS H 957 112.25 -135.82 31.42
C LYS H 957 112.44 -134.33 31.74
N THR H 958 112.95 -133.56 30.78
CA THR H 958 113.17 -132.14 31.03
C THR H 958 111.87 -131.40 31.26
N TYR H 959 110.84 -131.70 30.47
CA TYR H 959 109.56 -131.01 30.61
C TYR H 959 108.80 -131.47 31.85
N MET H 960 109.03 -132.71 32.30
CA MET H 960 108.29 -133.23 33.44
C MET H 960 108.71 -132.54 34.74
N MET H 961 110.01 -132.42 34.97
CA MET H 961 110.53 -131.80 36.19
C MET H 961 112.02 -131.53 36.00
N SER H 962 112.57 -130.73 36.89
CA SER H 962 114.01 -130.48 36.89
C SER H 962 114.78 -131.76 37.21
N ASN H 963 114.28 -132.56 38.15
CA ASN H 963 114.94 -133.82 38.49
C ASN H 963 114.89 -134.79 37.32
N GLY H 964 113.76 -134.85 36.63
CA GLY H 964 113.60 -135.73 35.47
C GLY H 964 112.53 -136.78 35.60
N TYR H 965 111.92 -136.96 36.79
CA TYR H 965 110.87 -137.94 36.94
C TYR H 965 109.62 -137.52 36.18
N LYS H 966 108.99 -138.48 35.52
CA LYS H 966 107.82 -138.18 34.71
C LYS H 966 106.66 -137.71 35.59
N PRO H 967 105.99 -136.62 35.24
CA PRO H 967 104.87 -136.13 36.06
C PRO H 967 103.49 -136.60 35.61
N ALA H 968 103.39 -137.23 34.45
CA ALA H 968 102.12 -137.69 33.89
C ALA H 968 101.09 -136.55 33.82
N PRO H 969 101.43 -135.45 33.16
CA PRO H 969 100.48 -134.34 33.05
C PRO H 969 99.34 -134.67 32.10
N LEU H 970 98.25 -133.91 32.26
CA LEU H 970 97.09 -134.08 31.40
C LEU H 970 97.42 -133.68 29.96
N ASP H 971 96.91 -134.47 29.01
CA ASP H 971 97.19 -134.21 27.60
C ASP H 971 96.57 -132.89 27.16
N LEU H 972 97.33 -132.14 26.36
CA LEU H 972 96.83 -130.87 25.85
C LEU H 972 95.65 -131.06 24.91
N SER H 973 95.70 -132.11 24.07
CA SER H 973 94.62 -132.35 23.13
C SER H 973 93.31 -132.66 23.85
N HIS H 974 93.38 -133.47 24.92
CA HIS H 974 92.17 -133.81 25.67
C HIS H 974 91.69 -132.64 26.52
N VAL H 975 92.61 -131.76 26.93
CA VAL H 975 92.27 -130.62 27.78
C VAL H 975 91.80 -129.48 26.88
N ARG H 976 90.50 -129.21 26.89
CA ARG H 976 89.91 -128.16 26.09
C ARG H 976 89.21 -127.15 27.00
N LEU H 977 89.56 -125.88 26.85
CA LEU H 977 88.99 -124.83 27.67
C LEU H 977 87.66 -124.38 27.07
N THR H 978 87.04 -123.36 27.69
CA THR H 978 85.76 -122.82 27.25
C THR H 978 85.89 -121.31 27.07
N PRO H 979 86.40 -120.86 25.92
CA PRO H 979 86.50 -119.41 25.68
C PRO H 979 85.16 -118.70 25.74
N ALA H 980 84.07 -119.37 25.31
CA ALA H 980 82.75 -118.76 25.40
C ALA H 980 82.35 -118.53 26.85
N GLN H 981 82.65 -119.48 27.73
CA GLN H 981 82.34 -119.37 29.15
C GLN H 981 83.53 -118.88 29.97
N THR H 982 84.48 -118.19 29.32
CA THR H 982 85.66 -117.71 30.03
C THR H 982 85.30 -116.66 31.06
N THR H 983 84.21 -115.92 30.85
CA THR H 983 83.79 -114.91 31.82
C THR H 983 83.41 -115.54 33.14
N LEU H 984 82.67 -116.65 33.10
CA LEU H 984 82.28 -117.33 34.34
C LEU H 984 83.50 -117.93 35.04
N VAL H 985 84.45 -118.46 34.28
CA VAL H 985 85.68 -118.99 34.87
C VAL H 985 86.45 -117.86 35.54
N ASP H 986 86.53 -116.70 34.89
CA ASP H 986 87.21 -115.55 35.49
C ASP H 986 86.50 -115.10 36.76
N ARG H 987 85.17 -115.11 36.75
CA ARG H 987 84.42 -114.74 37.95
C ARG H 987 84.68 -115.72 39.09
N LEU H 988 84.74 -117.02 38.79
CA LEU H 988 85.03 -118.02 39.82
C LEU H 988 86.45 -117.83 40.36
N ALA H 989 87.41 -117.55 39.48
CA ALA H 989 88.77 -117.29 39.92
C ALA H 989 88.84 -116.04 40.80
N GLU H 990 88.09 -115.01 40.43
CA GLU H 990 88.05 -113.80 41.25
C GLU H 990 87.44 -114.08 42.62
N ASN H 991 86.39 -114.89 42.67
CA ASN H 991 85.80 -115.26 43.95
C ASN H 991 86.78 -116.04 44.81
N GLY H 992 87.52 -116.97 44.20
CA GLY H 992 88.54 -117.70 44.93
C GLY H 992 89.64 -116.80 45.46
N HIS H 993 90.09 -115.84 44.63
CA HIS H 993 91.09 -114.89 45.07
C HIS H 993 90.55 -114.03 46.22
N ASN H 994 89.28 -113.64 46.14
CA ASN H 994 88.68 -112.82 47.19
C ASN H 994 88.60 -113.58 48.51
N VAL H 995 88.18 -114.86 48.47
CA VAL H 995 88.09 -115.62 49.70
C VAL H 995 89.49 -115.90 50.26
N TRP H 996 90.47 -116.13 49.39
CA TRP H 996 91.84 -116.29 49.86
C TRP H 996 92.36 -115.02 50.52
N ALA H 997 92.04 -113.86 49.93
CA ALA H 997 92.44 -112.59 50.51
C ALA H 997 91.76 -112.36 51.85
N ARG H 998 90.48 -112.72 51.95
CA ARG H 998 89.78 -112.61 53.23
C ARG H 998 90.42 -113.49 54.29
N ASP H 999 90.79 -114.72 53.91
CA ASP H 999 91.46 -115.61 54.86
C ASP H 999 92.81 -115.04 55.29
N ARG H 1000 93.55 -114.46 54.35
CA ARG H 1000 94.83 -113.85 54.68
C ARG H 1000 94.64 -112.65 55.61
N VAL H 1001 93.63 -111.84 55.36
CA VAL H 1001 93.35 -110.69 56.22
C VAL H 1001 92.96 -111.16 57.62
N ALA H 1002 92.23 -112.28 57.71
CA ALA H 1002 91.94 -112.87 59.01
C ALA H 1002 93.21 -113.26 59.74
N GLN H 1003 94.26 -113.59 58.99
CA GLN H 1003 95.58 -113.87 59.57
C GLN H 1003 96.43 -112.63 59.75
N GLY H 1004 95.92 -111.46 59.37
CA GLY H 1004 96.65 -110.21 59.52
C GLY H 1004 97.34 -109.70 58.29
N TRP H 1005 97.10 -110.29 57.12
CA TRP H 1005 97.77 -109.89 55.89
C TRP H 1005 96.91 -108.85 55.16
N SER H 1006 97.25 -107.58 55.31
CA SER H 1006 96.57 -106.50 54.61
C SER H 1006 97.41 -106.05 53.42
N TYR H 1007 96.76 -105.39 52.47
CA TYR H 1007 97.42 -104.97 51.25
C TYR H 1007 98.49 -103.92 51.53
N SER H 1008 99.65 -104.09 50.91
CA SER H 1008 100.74 -103.14 51.00
C SER H 1008 101.47 -103.11 49.67
N ALA H 1009 102.20 -102.02 49.43
CA ALA H 1009 102.94 -101.90 48.18
C ALA H 1009 104.07 -102.92 48.08
N VAL H 1010 104.58 -103.39 49.22
CA VAL H 1010 105.63 -104.40 49.20
C VAL H 1010 105.08 -105.72 48.68
N GLN H 1011 103.84 -106.05 49.03
CA GLN H 1011 103.19 -107.29 48.61
C GLN H 1011 103.99 -108.52 49.02
N ASP H 1012 104.51 -108.50 50.24
CA ASP H 1012 105.27 -109.61 50.80
C ASP H 1012 104.36 -110.41 51.72
N ILE H 1013 104.04 -111.65 51.32
CA ILE H 1013 103.15 -112.48 52.13
C ILE H 1013 103.72 -112.74 53.52
N PRO H 1014 105.01 -113.08 53.68
CA PRO H 1014 105.54 -113.27 55.03
C PRO H 1014 105.48 -112.03 55.89
N ALA H 1015 105.51 -110.84 55.29
CA ALA H 1015 105.46 -109.57 56.02
C ALA H 1015 104.05 -109.05 56.21
N ARG H 1016 103.05 -109.94 56.20
CA ARG H 1016 101.64 -109.56 56.37
C ARG H 1016 101.21 -108.54 55.32
N ARG H 1017 101.65 -108.75 54.08
CA ARG H 1017 101.30 -107.88 52.95
C ARG H 1017 100.74 -108.77 51.84
N ASN H 1018 99.42 -108.85 51.76
CA ASN H 1018 98.76 -109.69 50.77
C ASN H 1018 98.91 -109.08 49.38
N PRO H 1019 99.48 -109.80 48.41
CA PRO H 1019 99.62 -109.23 47.06
C PRO H 1019 98.30 -108.92 46.38
N ARG H 1020 97.23 -109.61 46.75
CA ARG H 1020 95.92 -109.44 46.12
C ARG H 1020 94.80 -109.34 47.16
N LEU H 1021 95.00 -108.49 48.17
CA LEU H 1021 94.01 -108.33 49.22
C LEU H 1021 92.72 -107.71 48.69
N VAL H 1022 92.83 -106.79 47.73
CA VAL H 1022 91.64 -106.14 47.15
C VAL H 1022 90.97 -107.11 46.18
N PRO H 1023 89.88 -106.70 45.53
CA PRO H 1023 89.26 -107.59 44.54
C PRO H 1023 90.20 -107.88 43.38
N TYR H 1024 89.98 -109.03 42.74
CA TYR H 1024 90.87 -109.48 41.68
C TYR H 1024 90.94 -108.47 40.54
N ARG H 1025 89.83 -107.80 40.23
CA ARG H 1025 89.84 -106.77 39.20
C ARG H 1025 90.75 -105.61 39.58
N LEU H 1026 90.68 -105.18 40.84
CA LEU H 1026 91.52 -104.08 41.32
C LEU H 1026 92.91 -104.52 41.73
N LEU H 1027 93.17 -105.82 41.83
CA LEU H 1027 94.48 -106.33 42.22
C LEU H 1027 95.43 -106.28 41.02
N ASP H 1028 96.61 -106.86 41.20
CA ASP H 1028 97.58 -106.93 40.10
C ASP H 1028 97.04 -107.79 38.96
N GLU H 1029 97.32 -107.36 37.74
CA GLU H 1029 96.83 -108.09 36.57
C GLU H 1029 97.46 -109.48 36.48
N ALA H 1030 98.70 -109.62 36.94
CA ALA H 1030 99.36 -110.92 36.88
C ALA H 1030 98.64 -111.96 37.73
N THR H 1031 98.24 -111.59 38.95
CA THR H 1031 97.55 -112.52 39.82
C THR H 1031 96.20 -112.93 39.24
N LYS H 1032 95.44 -111.97 38.71
CA LYS H 1032 94.15 -112.30 38.12
C LYS H 1032 94.32 -113.18 36.88
N ARG H 1033 95.33 -112.89 36.06
CA ARG H 1033 95.59 -113.72 34.88
C ARG H 1033 95.97 -115.13 35.30
N SER H 1034 96.80 -115.27 36.33
CA SER H 1034 97.19 -116.60 36.81
C SER H 1034 95.98 -117.36 37.34
N ASN H 1035 95.11 -116.69 38.10
CA ASN H 1035 93.91 -117.35 38.61
C ASN H 1035 92.99 -117.78 37.48
N ARG H 1036 92.81 -116.92 36.47
CA ARG H 1036 91.97 -117.29 35.33
C ARG H 1036 92.57 -118.46 34.56
N ASP H 1037 93.90 -118.46 34.39
CA ASP H 1037 94.55 -119.57 33.70
C ASP H 1037 94.40 -120.87 34.49
N SER H 1038 94.52 -120.80 35.82
CA SER H 1038 94.33 -121.99 36.64
C SER H 1038 92.90 -122.51 36.53
N LEU H 1039 91.92 -121.61 36.56
CA LEU H 1039 90.53 -122.05 36.40
C LEU H 1039 90.28 -122.68 35.05
N CYS H 1040 90.83 -122.07 33.99
CA CYS H 1040 90.68 -122.64 32.65
C CYS H 1040 91.36 -123.99 32.54
N GLN H 1041 92.53 -124.14 33.15
CA GLN H 1041 93.22 -125.43 33.14
C GLN H 1041 92.42 -126.48 33.89
N ALA H 1042 91.82 -126.11 35.02
CA ALA H 1042 90.98 -127.05 35.76
C ALA H 1042 89.77 -127.47 34.93
N VAL H 1043 89.13 -126.51 34.25
CA VAL H 1043 87.98 -126.84 33.40
C VAL H 1043 88.39 -127.75 32.27
N ARG H 1044 89.53 -127.47 31.64
CA ARG H 1044 90.02 -128.31 30.54
C ARG H 1044 90.36 -129.71 31.03
N THR H 1045 90.95 -129.81 32.23
CA THR H 1045 91.25 -131.12 32.81
C THR H 1045 89.98 -131.90 33.08
N LEU H 1046 88.95 -131.23 33.61
CA LEU H 1046 87.68 -131.90 33.84
C LEU H 1046 87.07 -132.38 32.53
N LEU H 1047 87.15 -131.56 31.48
CA LEU H 1047 86.66 -131.98 30.18
C LEU H 1047 87.43 -133.18 29.64
N GLY H 1048 88.75 -133.18 29.82
CA GLY H 1048 89.56 -134.31 29.37
C GLY H 1048 89.25 -135.58 30.14
N TYR H 1049 88.94 -135.46 31.42
CA TYR H 1049 88.57 -136.62 32.24
C TYR H 1049 87.24 -137.23 31.83
N GLY H 1050 86.46 -136.54 31.00
CA GLY H 1050 85.19 -137.07 30.54
C GLY H 1050 84.00 -136.36 31.15
N TYR H 1051 84.07 -136.10 32.46
CA TYR H 1051 83.01 -135.41 33.18
C TYR H 1051 83.37 -133.93 33.24
N ASN H 1052 82.74 -133.13 32.39
CA ASN H 1052 83.05 -131.72 32.24
C ASN H 1052 81.99 -130.87 32.94
N ILE H 1053 82.44 -129.95 33.78
CA ILE H 1053 81.57 -128.99 34.45
C ILE H 1053 81.80 -127.63 33.82
N GLU H 1054 80.74 -127.03 33.30
CA GLU H 1054 80.86 -125.74 32.64
C GLU H 1054 81.27 -124.67 33.65
N PRO H 1055 82.07 -123.69 33.23
CA PRO H 1055 82.52 -122.60 34.11
C PRO H 1055 81.36 -121.74 34.60
N ARG H 1071 76.99 -88.43 36.03
CA ARG H 1071 75.94 -87.89 35.19
C ARG H 1071 76.52 -87.11 34.02
N VAL H 1072 75.72 -86.92 32.97
CA VAL H 1072 76.16 -86.18 31.79
C VAL H 1072 75.82 -84.71 32.01
N ARG H 1073 76.86 -83.87 32.05
CA ARG H 1073 76.70 -82.44 32.26
C ARG H 1073 76.86 -81.73 30.91
N ILE H 1074 75.81 -81.03 30.48
CA ILE H 1074 75.85 -80.33 29.20
C ILE H 1074 76.57 -79.00 29.35
N PHE H 1075 76.99 -78.44 28.22
CA PHE H 1075 77.68 -77.16 28.17
C PHE H 1075 76.71 -76.14 27.57
N ARG H 1076 75.88 -75.55 28.43
CA ARG H 1076 74.85 -74.62 27.99
C ARG H 1076 75.45 -73.23 27.81
N ALA H 1077 75.45 -72.74 26.58
CA ALA H 1077 75.95 -71.40 26.30
C ALA H 1077 74.93 -70.35 26.73
N GLU H 1078 75.39 -69.10 26.78
CA GLU H 1078 74.51 -68.00 27.16
C GLU H 1078 73.44 -67.78 26.10
N LYS H 1079 72.29 -67.27 26.54
CA LYS H 1079 71.18 -67.03 25.63
C LYS H 1079 71.53 -65.95 24.60
N SER H 1080 72.42 -65.02 24.95
CA SER H 1080 72.82 -63.99 24.00
C SER H 1080 73.60 -64.58 22.83
N TYR H 1081 74.35 -65.66 23.06
CA TYR H 1081 75.12 -66.27 21.98
C TYR H 1081 74.21 -66.89 20.93
N THR H 1082 73.06 -67.42 21.33
CA THR H 1082 72.15 -68.05 20.39
C THR H 1082 71.57 -67.03 19.42
N VAL H 1083 71.52 -67.42 18.14
CA VAL H 1083 71.00 -66.55 17.08
C VAL H 1083 69.88 -67.30 16.36
N GLN H 1084 68.74 -66.64 16.18
CA GLN H 1084 67.61 -67.28 15.50
C GLN H 1084 67.94 -67.59 14.05
N SER H 1085 68.59 -66.66 13.35
CA SER H 1085 68.93 -66.82 11.95
C SER H 1085 70.43 -66.99 11.73
N GLY H 1086 71.20 -67.27 12.77
CA GLY H 1086 72.63 -67.43 12.64
C GLY H 1086 73.07 -68.88 12.62
N ARG H 1087 73.42 -69.38 11.44
CA ARG H 1087 73.88 -70.75 11.28
C ARG H 1087 75.41 -70.80 11.43
N TRP H 1088 75.88 -71.69 12.30
CA TRP H 1088 77.31 -71.83 12.58
C TRP H 1088 77.72 -73.28 12.41
N TYR H 1089 79.00 -73.47 12.07
CA TYR H 1089 79.57 -74.79 11.87
C TYR H 1089 80.71 -75.06 12.85
N PHE H 1090 80.52 -74.65 14.10
CA PHE H 1090 81.53 -74.85 15.13
C PHE H 1090 81.56 -76.32 15.53
N GLU H 1091 82.62 -77.02 15.15
CA GLU H 1091 82.73 -78.45 15.44
C GLU H 1091 82.90 -78.69 16.93
N PHE H 1092 82.42 -79.85 17.38
CA PHE H 1092 82.51 -80.27 18.77
C PHE H 1092 83.38 -81.53 18.82
N GLU H 1093 84.69 -81.33 18.95
CA GLU H 1093 85.62 -82.44 18.99
C GLU H 1093 85.44 -83.26 20.27
N ALA H 1094 85.78 -84.55 20.18
CA ALA H 1094 85.69 -85.48 21.30
C ALA H 1094 87.10 -85.78 21.80
N VAL H 1095 87.40 -85.30 23.01
CA VAL H 1095 88.72 -85.54 23.59
C VAL H 1095 88.91 -87.03 23.88
N THR H 1096 87.88 -87.68 24.44
CA THR H 1096 87.96 -89.10 24.78
C THR H 1096 86.57 -89.71 24.67
N THR H 1097 86.55 -91.03 24.52
CA THR H 1097 85.28 -91.75 24.41
C THR H 1097 84.55 -91.78 25.74
N GLY H 1098 83.23 -91.70 25.68
CA GLY H 1098 82.43 -91.74 26.89
C GLY H 1098 81.00 -91.34 26.59
N GLU H 1099 80.23 -91.15 27.66
CA GLU H 1099 78.82 -90.76 27.55
C GLU H 1099 78.74 -89.25 27.37
N MET H 1100 79.16 -88.80 26.19
CA MET H 1100 79.17 -87.39 25.83
C MET H 1100 78.22 -87.16 24.67
N ARG H 1101 77.26 -86.26 24.85
CA ARG H 1101 76.30 -85.88 23.82
C ARG H 1101 76.58 -84.45 23.41
N VAL H 1102 77.09 -84.26 22.21
CA VAL H 1102 77.46 -82.94 21.70
C VAL H 1102 76.47 -82.55 20.59
N GLY H 1103 76.03 -81.30 20.63
CA GLY H 1103 75.10 -80.81 19.63
C GLY H 1103 74.56 -79.46 20.02
N TRP H 1104 73.78 -78.90 19.11
CA TRP H 1104 73.17 -77.58 19.30
C TRP H 1104 71.75 -77.79 19.83
N ALA H 1105 71.62 -77.76 21.16
CA ALA H 1105 70.34 -77.98 21.81
C ALA H 1105 69.59 -76.66 21.94
N ARG H 1106 68.42 -76.71 22.59
CA ARG H 1106 67.62 -75.53 22.79
C ARG H 1106 68.31 -74.58 23.76
N PRO H 1107 68.09 -73.26 23.61
CA PRO H 1107 68.70 -72.30 24.55
C PRO H 1107 68.29 -72.53 26.00
N GLU H 1108 67.05 -72.96 26.24
CA GLU H 1108 66.55 -73.21 27.59
C GLU H 1108 66.46 -74.72 27.80
N LEU H 1109 67.14 -75.20 28.85
CA LEU H 1109 67.13 -76.62 29.17
C LEU H 1109 67.44 -76.79 30.64
N ARG H 1110 66.71 -77.71 31.29
CA ARG H 1110 66.94 -77.96 32.71
C ARG H 1110 68.30 -78.63 32.91
N PRO H 1111 69.04 -78.25 33.96
CA PRO H 1111 70.33 -78.90 34.19
C PRO H 1111 70.20 -80.34 34.66
N ASP H 1112 69.17 -80.66 35.44
CA ASP H 1112 68.98 -82.03 35.90
C ASP H 1112 68.57 -82.95 34.76
N VAL H 1113 67.77 -82.46 33.82
CA VAL H 1113 67.33 -83.28 32.71
C VAL H 1113 68.52 -83.61 31.81
N GLU H 1114 68.53 -84.84 31.29
CA GLU H 1114 69.61 -85.27 30.42
C GLU H 1114 69.59 -84.47 29.11
N LEU H 1115 70.78 -84.20 28.58
CA LEU H 1115 70.90 -83.42 27.36
C LEU H 1115 70.28 -84.18 26.19
N GLY H 1116 69.48 -83.49 25.39
CA GLY H 1116 68.82 -84.08 24.25
C GLY H 1116 67.53 -84.82 24.55
N ALA H 1117 67.12 -84.90 25.81
CA ALA H 1117 65.87 -85.57 26.15
C ALA H 1117 64.68 -84.83 25.57
N ASP H 1118 64.69 -83.50 25.64
CA ASP H 1118 63.59 -82.71 25.12
C ASP H 1118 63.59 -82.72 23.59
N GLU H 1119 62.39 -82.54 23.01
CA GLU H 1119 62.28 -82.51 21.56
C GLU H 1119 63.04 -81.33 20.97
N LEU H 1120 62.97 -80.17 21.62
CA LEU H 1120 63.69 -78.99 21.12
C LEU H 1120 65.19 -79.20 21.15
N ALA H 1121 65.70 -79.83 22.21
CA ALA H 1121 67.13 -80.09 22.31
C ALA H 1121 67.57 -81.08 21.24
N TYR H 1122 68.76 -80.83 20.68
CA TYR H 1122 69.30 -81.67 19.61
C TYR H 1122 70.79 -81.86 19.86
N VAL H 1123 71.18 -83.05 20.32
CA VAL H 1123 72.58 -83.37 20.54
C VAL H 1123 72.92 -84.62 19.74
N PHE H 1124 74.18 -85.06 19.82
CA PHE H 1124 74.62 -86.24 19.08
C PHE H 1124 75.67 -86.95 19.92
N ASN H 1125 75.24 -88.00 20.63
CA ASN H 1125 76.15 -88.83 21.42
C ASN H 1125 76.67 -89.97 20.53
N GLY H 1126 77.54 -89.60 19.59
CA GLY H 1126 78.05 -90.54 18.62
C GLY H 1126 78.97 -91.60 19.20
N HIS H 1127 79.50 -91.37 20.40
CA HIS H 1127 80.35 -92.38 21.02
C HIS H 1127 79.57 -93.65 21.31
N ARG H 1128 78.33 -93.52 21.78
CA ARG H 1128 77.45 -94.65 22.02
C ARG H 1128 76.65 -95.05 20.79
N GLY H 1129 76.78 -94.31 19.69
CA GLY H 1129 76.07 -94.62 18.46
C GLY H 1129 74.67 -94.08 18.37
N GLN H 1130 74.18 -93.39 19.40
CA GLN H 1130 72.83 -92.84 19.42
C GLN H 1130 72.90 -91.33 19.60
N ARG H 1131 72.25 -90.60 18.71
CA ARG H 1131 72.22 -89.15 18.79
C ARG H 1131 71.11 -88.69 19.72
N TRP H 1132 71.43 -87.72 20.58
CA TRP H 1132 70.47 -87.19 21.55
C TRP H 1132 69.69 -86.04 20.92
N HIS H 1133 68.90 -86.38 19.91
CA HIS H 1133 68.05 -85.42 19.20
C HIS H 1133 66.61 -85.88 19.33
N LEU H 1134 65.85 -85.21 20.19
CA LEU H 1134 64.46 -85.57 20.48
C LEU H 1134 64.35 -87.04 20.91
N GLY H 1135 65.28 -87.46 21.75
CA GLY H 1135 65.39 -88.83 22.20
C GLY H 1135 66.71 -89.45 21.81
N SER H 1136 66.87 -90.72 22.19
CA SER H 1136 68.10 -91.47 21.92
C SER H 1136 68.03 -92.13 20.54
N GLU H 1137 67.83 -91.30 19.53
CA GLU H 1137 67.78 -91.79 18.16
C GLU H 1137 69.17 -92.22 17.70
N PRO H 1138 69.25 -93.27 16.88
CA PRO H 1138 70.56 -93.74 16.40
C PRO H 1138 71.29 -92.65 15.61
N PHE H 1139 72.61 -92.64 15.75
CA PHE H 1139 73.47 -91.65 15.11
C PHE H 1139 74.28 -92.24 13.96
N GLY H 1140 73.74 -93.26 13.30
CA GLY H 1140 74.45 -93.87 12.18
C GLY H 1140 75.72 -94.56 12.64
N ARG H 1141 76.81 -94.28 11.94
CA ARG H 1141 78.10 -94.89 12.27
C ARG H 1141 78.70 -94.22 13.50
N PRO H 1142 78.95 -94.95 14.58
CA PRO H 1142 79.57 -94.33 15.77
C PRO H 1142 81.04 -94.02 15.54
N TRP H 1143 81.54 -93.08 16.34
CA TRP H 1143 82.95 -92.71 16.34
C TRP H 1143 83.55 -93.04 17.69
N GLN H 1144 84.88 -93.05 17.74
CA GLN H 1144 85.63 -93.39 18.94
C GLN H 1144 86.45 -92.19 19.41
N SER H 1145 87.29 -92.40 20.41
CA SER H 1145 88.12 -91.33 20.94
C SER H 1145 89.12 -90.85 19.89
N GLY H 1146 89.37 -89.54 19.89
CA GLY H 1146 90.27 -88.93 18.94
C GLY H 1146 89.63 -88.50 17.64
N ASP H 1147 88.34 -88.79 17.45
CA ASP H 1147 87.61 -88.40 16.24
C ASP H 1147 86.63 -87.30 16.58
N VAL H 1148 86.67 -86.20 15.82
CA VAL H 1148 85.78 -85.08 16.08
C VAL H 1148 84.36 -85.43 15.61
N VAL H 1149 83.39 -84.71 16.16
CA VAL H 1149 82.00 -84.92 15.78
C VAL H 1149 81.54 -83.99 14.67
N GLY H 1150 82.19 -82.84 14.51
CA GLY H 1150 81.84 -81.91 13.45
C GLY H 1150 80.44 -81.35 13.56
N CYS H 1151 80.05 -80.93 14.77
CA CYS H 1151 78.72 -80.39 14.98
C CYS H 1151 78.53 -79.10 14.19
N MET H 1152 77.34 -78.94 13.62
CA MET H 1152 77.01 -77.75 12.84
C MET H 1152 75.50 -77.58 12.84
N ILE H 1153 75.05 -76.34 13.04
CA ILE H 1153 73.63 -76.02 13.10
C ILE H 1153 73.29 -75.13 11.92
N ASP H 1154 72.28 -75.54 11.15
CA ASP H 1154 71.80 -74.75 10.01
C ASP H 1154 70.56 -73.97 10.46
N LEU H 1155 70.81 -72.89 11.20
CA LEU H 1155 69.70 -72.06 11.68
C LEU H 1155 68.95 -71.42 10.51
N THR H 1156 69.68 -70.95 9.50
CA THR H 1156 69.03 -70.36 8.34
C THR H 1156 68.33 -71.41 7.50
N GLU H 1157 68.91 -72.61 7.39
CA GLU H 1157 68.35 -73.67 6.57
C GLU H 1157 67.45 -74.61 7.36
N ASN H 1158 67.29 -74.39 8.67
CA ASN H 1158 66.44 -75.20 9.54
C ASN H 1158 66.84 -76.68 9.49
N THR H 1159 68.10 -76.94 9.83
CA THR H 1159 68.65 -78.28 9.83
C THR H 1159 69.89 -78.29 10.72
N ILE H 1160 70.57 -79.44 10.75
CA ILE H 1160 71.81 -79.59 11.50
C ILE H 1160 72.65 -80.67 10.82
N ILE H 1161 73.96 -80.44 10.75
CA ILE H 1161 74.87 -81.34 10.05
C ILE H 1161 75.99 -81.74 11.00
N PHE H 1162 76.36 -83.02 10.96
CA PHE H 1162 77.45 -83.56 11.74
C PHE H 1162 78.50 -84.17 10.82
N THR H 1163 79.77 -83.87 11.10
CA THR H 1163 80.89 -84.35 10.30
C THR H 1163 81.83 -85.13 11.21
N LEU H 1164 81.67 -86.44 11.24
CA LEU H 1164 82.48 -87.29 12.11
C LEU H 1164 83.86 -87.48 11.49
N ASN H 1165 84.89 -86.97 12.17
CA ASN H 1165 86.28 -87.09 11.72
C ASN H 1165 86.46 -86.52 10.31
N GLY H 1166 85.79 -85.41 10.03
CA GLY H 1166 85.86 -84.78 8.73
C GLY H 1166 84.95 -85.36 7.67
N GLU H 1167 84.17 -86.40 8.00
CA GLU H 1167 83.24 -87.03 7.08
C GLU H 1167 81.84 -87.00 7.67
N VAL H 1168 80.84 -86.77 6.81
CA VAL H 1168 79.47 -86.67 7.27
C VAL H 1168 79.02 -88.01 7.83
N LEU H 1169 78.44 -88.00 9.03
CA LEU H 1169 77.99 -89.20 9.69
C LEU H 1169 76.50 -89.44 9.41
N MET H 1170 76.13 -90.72 9.35
CA MET H 1170 74.76 -91.10 9.08
C MET H 1170 73.88 -90.82 10.29
N SER H 1171 72.56 -90.98 10.09
CA SER H 1171 71.59 -90.75 11.15
C SER H 1171 70.67 -91.95 11.31
N ASP H 1172 69.59 -91.80 12.08
CA ASP H 1172 68.65 -92.89 12.26
C ASP H 1172 68.00 -93.28 10.94
N SER H 1173 67.64 -92.30 10.13
CA SER H 1173 67.03 -92.53 8.83
C SER H 1173 68.06 -92.57 7.70
N GLY H 1174 69.33 -92.81 8.01
CA GLY H 1174 70.37 -92.85 7.00
C GLY H 1174 70.62 -91.53 6.31
N SER H 1175 70.62 -90.43 7.06
CA SER H 1175 70.84 -89.09 6.53
C SER H 1175 72.15 -88.53 7.04
N GLU H 1176 72.91 -87.90 6.14
CA GLU H 1176 74.18 -87.28 6.53
C GLU H 1176 73.98 -86.14 7.51
N THR H 1177 72.84 -85.44 7.41
CA THR H 1177 72.56 -84.33 8.32
C THR H 1177 72.33 -84.85 9.74
N ALA H 1178 72.83 -84.10 10.72
CA ALA H 1178 72.65 -84.49 12.12
C ALA H 1178 71.17 -84.48 12.50
N PHE H 1179 70.44 -83.45 12.09
CA PHE H 1179 69.02 -83.34 12.39
C PHE H 1179 68.28 -82.90 11.14
N ARG H 1180 67.07 -83.41 10.96
CA ARG H 1180 66.23 -83.10 9.81
C ARG H 1180 65.09 -82.18 10.26
N GLU H 1181 64.92 -81.07 9.53
CA GLU H 1181 63.87 -80.09 9.83
C GLU H 1181 63.97 -79.58 11.26
N ILE H 1182 65.19 -79.33 11.71
CA ILE H 1182 65.41 -78.83 13.07
C ILE H 1182 64.95 -77.37 13.14
N GLU H 1183 64.15 -77.06 14.15
CA GLU H 1183 63.62 -75.71 14.33
C GLU H 1183 64.57 -74.90 15.21
N ILE H 1184 65.17 -73.86 14.62
CA ILE H 1184 66.07 -73.01 15.39
C ILE H 1184 65.33 -72.28 16.49
N GLY H 1185 64.15 -71.75 16.18
CA GLY H 1185 63.39 -71.01 17.19
C GLY H 1185 64.13 -69.76 17.63
N ASP H 1186 64.26 -69.61 18.95
CA ASP H 1186 65.00 -68.46 19.48
C ASP H 1186 66.46 -68.50 19.08
N GLY H 1187 67.07 -69.68 19.11
CA GLY H 1187 68.46 -69.81 18.74
C GLY H 1187 68.94 -71.23 18.98
N PHE H 1188 70.23 -71.42 18.73
CA PHE H 1188 70.88 -72.71 18.89
C PHE H 1188 71.92 -72.62 20.00
N LEU H 1189 71.80 -73.50 20.99
CA LEU H 1189 72.74 -73.55 22.11
C LEU H 1189 73.61 -74.79 21.99
N PRO H 1190 74.91 -74.66 21.78
CA PRO H 1190 75.78 -75.86 21.62
C PRO H 1190 76.03 -76.57 22.94
N VAL H 1191 75.05 -77.37 23.36
CA VAL H 1191 75.14 -78.11 24.61
C VAL H 1191 75.94 -79.38 24.38
N CYS H 1192 77.04 -79.54 25.12
CA CYS H 1192 77.92 -80.71 25.00
C CYS H 1192 77.89 -81.46 26.33
N SER H 1193 77.22 -82.61 26.35
CA SER H 1193 77.16 -83.42 27.55
C SER H 1193 78.51 -84.08 27.84
N LEU H 1194 78.72 -84.43 29.11
CA LEU H 1194 79.96 -85.06 29.53
C LEU H 1194 79.66 -85.95 30.72
N GLY H 1195 79.68 -87.27 30.51
CA GLY H 1195 79.40 -88.22 31.56
C GLY H 1195 80.68 -88.71 32.24
N PRO H 1196 80.64 -89.94 32.77
CA PRO H 1196 81.82 -90.47 33.45
C PRO H 1196 82.95 -90.80 32.48
N GLY H 1197 84.03 -90.03 32.55
CA GLY H 1197 85.16 -90.22 31.65
C GLY H 1197 84.95 -89.71 30.25
N GLN H 1198 83.86 -88.99 29.98
CA GLN H 1198 83.57 -88.48 28.65
C GLN H 1198 84.22 -87.11 28.49
N VAL H 1199 85.52 -87.13 28.21
CA VAL H 1199 86.27 -85.89 28.01
C VAL H 1199 85.89 -85.31 26.65
N GLY H 1200 85.52 -84.03 26.64
CA GLY H 1200 85.10 -83.38 25.42
C GLY H 1200 85.97 -82.21 25.02
N HIS H 1201 86.38 -82.19 23.74
CA HIS H 1201 87.18 -81.10 23.19
C HIS H 1201 86.35 -80.19 22.30
N LEU H 1202 85.09 -79.94 22.67
CA LEU H 1202 84.20 -79.14 21.85
C LEU H 1202 84.73 -77.71 21.71
N ASN H 1203 84.69 -77.20 20.48
CA ASN H 1203 85.16 -75.87 20.18
C ASN H 1203 83.97 -74.97 19.85
N LEU H 1204 83.93 -73.79 20.49
CA LEU H 1204 82.86 -72.84 20.24
C LEU H 1204 82.97 -72.15 18.89
N GLY H 1205 84.09 -72.32 18.19
CA GLY H 1205 84.29 -71.67 16.91
C GLY H 1205 85.08 -70.38 16.96
N GLN H 1206 85.61 -70.01 18.13
CA GLN H 1206 86.39 -68.78 18.23
C GLN H 1206 87.67 -68.85 17.40
N ASP H 1207 88.33 -70.01 17.40
CA ASP H 1207 89.58 -70.20 16.69
C ASP H 1207 89.33 -71.02 15.43
N VAL H 1208 89.87 -70.55 14.30
CA VAL H 1208 89.70 -71.27 13.05
C VAL H 1208 90.45 -72.60 13.08
N SER H 1209 91.62 -72.63 13.74
CA SER H 1209 92.40 -73.86 13.83
C SER H 1209 91.68 -74.93 14.66
N SER H 1210 90.82 -74.51 15.59
CA SER H 1210 90.09 -75.47 16.39
C SER H 1210 89.17 -76.32 15.53
N LEU H 1211 88.47 -75.69 14.58
CA LEU H 1211 87.58 -76.38 13.65
C LEU H 1211 87.93 -75.90 12.25
N ARG H 1212 88.79 -76.66 11.57
CA ARG H 1212 89.24 -76.30 10.22
C ARG H 1212 88.49 -77.06 9.12
N PHE H 1213 88.49 -78.39 9.19
CA PHE H 1213 87.78 -79.17 8.18
C PHE H 1213 86.28 -78.93 8.25
N PHE H 1214 85.73 -78.84 9.46
CA PHE H 1214 84.30 -78.55 9.61
C PHE H 1214 83.95 -77.17 9.06
N ALA H 1215 84.82 -76.19 9.29
CA ALA H 1215 84.57 -74.85 8.76
C ALA H 1215 84.58 -74.86 7.24
N ILE H 1216 85.53 -75.58 6.63
CA ILE H 1216 85.58 -75.66 5.17
C ILE H 1216 84.34 -76.35 4.62
N CYS H 1217 83.91 -77.45 5.28
CA CYS H 1217 82.71 -78.15 4.83
C CYS H 1217 81.48 -77.26 4.95
N GLY H 1218 81.38 -76.49 6.04
CA GLY H 1218 80.26 -75.59 6.18
C GLY H 1218 80.26 -74.47 5.16
N LEU H 1219 81.44 -73.92 4.87
CA LEU H 1219 81.56 -72.88 3.85
C LEU H 1219 81.16 -73.43 2.48
N GLN H 1220 81.55 -74.68 2.18
CA GLN H 1220 81.07 -75.31 0.96
C GLN H 1220 79.56 -75.48 0.98
N GLU H 1221 78.99 -75.82 2.14
CA GLU H 1221 77.55 -75.97 2.29
C GLU H 1221 76.84 -74.66 2.60
N GLY H 1222 77.58 -73.56 2.78
CA GLY H 1222 76.99 -72.27 3.04
C GLY H 1222 76.94 -71.84 4.49
N PHE H 1223 77.62 -72.55 5.38
CA PHE H 1223 77.63 -72.18 6.79
C PHE H 1223 78.67 -71.08 7.04
N GLU H 1224 78.51 -70.39 8.16
CA GLU H 1224 79.42 -69.31 8.54
C GLU H 1224 79.45 -69.20 10.06
N PRO H 1225 80.49 -69.73 10.71
CA PRO H 1225 80.58 -69.62 12.17
C PRO H 1225 80.80 -68.18 12.63
N PHE H 1226 79.82 -67.62 13.33
CA PHE H 1226 79.91 -66.23 13.76
C PHE H 1226 80.90 -66.04 14.91
N ALA H 1227 81.28 -67.12 15.59
CA ALA H 1227 82.22 -67.03 16.70
C ALA H 1227 83.65 -66.76 16.24
N ILE H 1228 83.95 -66.95 14.96
CA ILE H 1228 85.30 -66.73 14.46
C ILE H 1228 85.70 -65.26 14.62
N ASN H 1229 84.79 -64.35 14.30
CA ASN H 1229 85.05 -62.92 14.41
C ASN H 1229 84.83 -62.39 15.81
N MET H 1230 84.37 -63.22 16.75
CA MET H 1230 84.15 -62.77 18.11
C MET H 1230 85.47 -62.42 18.78
N GLN H 1231 85.44 -61.35 19.61
CA GLN H 1231 86.66 -60.91 20.27
C GLN H 1231 87.15 -61.94 21.29
N ARG H 1232 86.24 -62.56 22.02
CA ARG H 1232 86.57 -63.52 23.07
C ARG H 1232 85.75 -64.78 22.88
N PRO H 1233 86.25 -65.92 23.37
CA PRO H 1233 85.49 -67.17 23.24
C PRO H 1233 84.21 -67.14 24.06
N VAL H 1234 83.23 -67.91 23.59
CA VAL H 1234 81.93 -67.98 24.25
C VAL H 1234 82.02 -68.96 25.42
N THR H 1235 81.62 -68.51 26.61
CA THR H 1235 81.63 -69.35 27.80
C THR H 1235 80.36 -70.19 27.86
N THR H 1236 80.51 -71.44 28.26
CA THR H 1236 79.41 -72.39 28.33
C THR H 1236 79.20 -72.82 29.77
N TRP H 1237 77.95 -72.74 30.24
CA TRP H 1237 77.62 -73.17 31.59
C TRP H 1237 77.67 -74.68 31.71
N PHE H 1238 78.23 -75.15 32.82
CA PHE H 1238 78.35 -76.58 33.09
C PHE H 1238 77.47 -76.95 34.27
N SER H 1239 76.81 -78.11 34.16
CA SER H 1239 75.93 -78.57 35.22
C SER H 1239 76.74 -78.98 36.45
N LYS H 1240 76.23 -78.63 37.63
CA LYS H 1240 76.88 -78.95 38.89
C LYS H 1240 76.10 -80.06 39.59
N SER H 1241 76.82 -81.11 40.01
CA SER H 1241 76.19 -82.22 40.70
C SER H 1241 75.83 -81.88 42.15
N LEU H 1242 76.34 -80.79 42.70
CA LEU H 1242 76.03 -80.42 44.07
C LEU H 1242 74.57 -79.98 44.15
N PRO H 1243 73.79 -80.54 45.07
CA PRO H 1243 72.39 -80.13 45.20
C PRO H 1243 72.25 -78.68 45.65
N GLN H 1244 71.20 -78.03 45.16
CA GLN H 1244 70.89 -76.64 45.49
C GLN H 1244 69.49 -76.55 46.07
N PHE H 1245 69.36 -75.82 47.17
CA PHE H 1245 68.07 -75.68 47.86
C PHE H 1245 67.22 -74.60 47.20
N GLU H 1246 66.92 -74.82 45.92
CA GLU H 1246 66.09 -73.89 45.17
C GLU H 1246 64.64 -73.98 45.65
N PRO H 1247 63.89 -72.88 45.58
CA PRO H 1247 62.49 -72.92 45.98
C PRO H 1247 61.68 -73.87 45.11
N VAL H 1248 60.70 -74.53 45.72
CA VAL H 1248 59.88 -75.49 44.99
C VAL H 1248 59.00 -74.74 43.99
N PRO H 1249 59.02 -75.09 42.71
CA PRO H 1249 58.19 -74.39 41.72
C PRO H 1249 56.72 -74.67 41.96
N PRO H 1250 55.92 -73.63 42.18
CA PRO H 1250 54.47 -73.85 42.36
C PRO H 1250 53.80 -74.43 41.14
N GLU H 1251 54.30 -74.15 39.94
CA GLU H 1251 53.69 -74.65 38.72
C GLU H 1251 53.89 -76.15 38.52
N HIS H 1252 54.77 -76.78 39.29
CA HIS H 1252 55.00 -78.21 39.15
C HIS H 1252 53.79 -78.98 39.64
N PRO H 1253 53.19 -79.85 38.81
CA PRO H 1253 52.03 -80.62 39.27
C PRO H 1253 52.33 -81.53 40.45
N HIS H 1254 53.53 -82.08 40.53
CA HIS H 1254 53.90 -82.99 41.60
C HIS H 1254 54.40 -82.20 42.81
N TYR H 1255 53.84 -82.51 43.99
CA TYR H 1255 54.21 -81.86 45.24
C TYR H 1255 54.06 -80.34 45.15
N GLU H 1256 52.91 -79.90 44.66
CA GLU H 1256 52.63 -78.47 44.56
C GLU H 1256 52.56 -77.84 45.94
N VAL H 1257 53.19 -76.68 46.08
CA VAL H 1257 53.23 -75.98 47.36
C VAL H 1257 51.98 -75.11 47.49
N ALA H 1258 51.24 -75.32 48.59
CA ALA H 1258 50.03 -74.55 48.87
C ALA H 1258 50.15 -73.95 50.26
N ARG H 1259 49.85 -72.66 50.36
CA ARG H 1259 49.93 -71.95 51.63
C ARG H 1259 48.58 -71.97 52.32
N MET H 1260 48.54 -72.51 53.53
CA MET H 1260 47.30 -72.58 54.29
C MET H 1260 46.90 -71.20 54.81
N ASP H 1261 45.60 -71.03 55.01
CA ASP H 1261 45.09 -69.77 55.53
C ASP H 1261 45.53 -69.54 56.97
N GLY H 1262 45.72 -68.27 57.32
CA GLY H 1262 46.15 -67.91 58.65
C GLY H 1262 45.01 -67.71 59.63
N THR H 1263 44.18 -68.74 59.79
CA THR H 1263 43.07 -68.66 60.72
C THR H 1263 43.57 -68.70 62.17
N VAL H 1264 42.71 -68.24 63.08
CA VAL H 1264 43.06 -68.26 64.49
C VAL H 1264 43.21 -69.69 64.99
N ASP H 1265 42.25 -70.56 64.64
CA ASP H 1265 42.33 -71.96 65.03
C ASP H 1265 43.43 -72.69 64.27
N THR H 1266 43.54 -72.45 62.97
CA THR H 1266 44.54 -73.09 62.12
C THR H 1266 45.51 -72.04 61.59
N PRO H 1267 46.71 -71.95 62.14
CA PRO H 1267 47.68 -70.95 61.66
C PRO H 1267 48.13 -71.27 60.24
N PRO H 1268 48.60 -70.27 59.50
CA PRO H 1268 49.05 -70.52 58.12
C PRO H 1268 50.21 -71.52 58.09
N CYS H 1269 50.19 -72.39 57.09
CA CYS H 1269 51.18 -73.45 56.97
C CYS H 1269 51.51 -73.66 55.50
N LEU H 1270 52.71 -74.20 55.27
CA LEU H 1270 53.15 -74.56 53.92
C LEU H 1270 52.69 -75.98 53.61
N ARG H 1271 51.37 -76.12 53.46
CA ARG H 1271 50.73 -77.41 53.23
C ARG H 1271 50.95 -77.82 51.78
N LEU H 1272 52.11 -78.40 51.53
CA LEU H 1272 52.46 -78.90 50.20
C LEU H 1272 51.63 -80.15 49.90
N ALA H 1273 50.62 -80.01 49.04
CA ALA H 1273 49.72 -81.09 48.69
C ALA H 1273 49.93 -81.47 47.23
N HIS H 1274 50.20 -82.75 46.99
CA HIS H 1274 50.35 -83.25 45.63
C HIS H 1274 49.02 -83.23 44.90
N ARG H 1275 49.04 -82.79 43.64
CA ARG H 1275 47.81 -82.73 42.85
C ARG H 1275 47.23 -84.12 42.63
N THR H 1276 48.05 -85.05 42.14
CA THR H 1276 47.64 -86.43 41.89
C THR H 1276 48.69 -87.36 42.50
N TRP H 1277 48.54 -87.67 43.79
CA TRP H 1277 49.49 -88.56 44.45
C TRP H 1277 49.29 -90.01 44.01
N GLY H 1278 48.03 -90.44 43.91
CA GLY H 1278 47.74 -91.82 43.53
C GLY H 1278 47.29 -91.96 42.09
N SER H 1279 46.59 -90.94 41.58
CA SER H 1279 46.13 -90.98 40.20
C SER H 1279 47.29 -91.02 39.23
N GLN H 1280 48.32 -90.22 39.48
CA GLN H 1280 49.50 -90.16 38.63
C GLN H 1280 50.60 -91.11 39.09
N ASN H 1281 50.35 -91.90 40.14
CA ASN H 1281 51.34 -92.84 40.68
C ASN H 1281 52.64 -92.14 41.04
N SER H 1282 52.52 -90.96 41.65
CA SER H 1282 53.70 -90.19 42.05
C SER H 1282 54.46 -90.91 43.15
N LEU H 1283 55.79 -90.92 43.04
CA LEU H 1283 56.61 -91.55 44.04
C LEU H 1283 56.68 -90.70 45.32
N VAL H 1284 57.20 -91.31 46.38
CA VAL H 1284 57.33 -90.59 47.66
C VAL H 1284 58.27 -89.42 47.51
N GLU H 1285 59.42 -89.64 46.85
CA GLU H 1285 60.42 -88.61 46.59
C GLU H 1285 60.87 -87.93 47.89
N MET H 1286 61.47 -88.73 48.76
CA MET H 1286 61.94 -88.22 50.05
C MET H 1286 63.01 -87.16 49.83
N LEU H 1287 62.87 -86.04 50.53
CA LEU H 1287 63.80 -84.92 50.42
C LEU H 1287 63.66 -84.04 51.66
N PHE H 1288 64.65 -83.16 51.85
CA PHE H 1288 64.66 -82.24 52.97
C PHE H 1288 63.92 -80.97 52.57
N LEU H 1289 62.77 -80.73 53.21
CA LEU H 1289 61.98 -79.53 52.94
C LEU H 1289 62.55 -78.38 53.77
N ARG H 1290 63.22 -77.44 53.10
CA ARG H 1290 63.87 -76.32 53.74
C ARG H 1290 63.10 -75.04 53.47
N LEU H 1291 62.84 -74.27 54.52
CA LEU H 1291 62.18 -72.98 54.36
C LEU H 1291 63.11 -71.99 53.68
N SER H 1292 62.53 -71.11 52.86
CA SER H 1292 63.33 -70.13 52.14
C SER H 1292 64.01 -69.16 53.11
N LEU H 1293 63.29 -68.74 54.15
CA LEU H 1293 63.85 -67.83 55.15
C LEU H 1293 64.54 -68.66 56.24
N PRO H 1294 65.86 -68.53 56.41
CA PRO H 1294 66.54 -69.32 57.44
C PRO H 1294 66.45 -68.67 58.80
N VAL H 1295 66.55 -69.51 59.84
CA VAL H 1295 66.54 -69.05 61.22
C VAL H 1295 67.99 -68.97 61.71
N GLN H 1296 68.37 -67.79 62.19
CA GLN H 1296 69.73 -67.52 62.62
C GLN H 1296 69.79 -67.50 64.13
N PHE H 1297 70.76 -68.23 64.71
CA PHE H 1297 70.94 -68.24 66.15
C PHE H 1297 71.41 -66.88 66.64
N HIS H 1298 71.08 -66.57 67.89
CA HIS H 1298 71.45 -65.29 68.48
C HIS H 1298 72.96 -65.19 68.62
N GLN H 1299 73.49 -64.00 68.32
CA GLN H 1299 74.93 -63.78 68.44
C GLN H 1299 75.39 -63.87 69.90
N HIS H 1300 74.55 -63.42 70.83
CA HIS H 1300 74.87 -63.45 72.26
C HIS H 1300 74.14 -64.59 72.97
N PHE H 1301 74.01 -65.73 72.31
CA PHE H 1301 73.34 -66.87 72.91
C PHE H 1301 74.09 -67.36 74.14
N ARG H 1302 73.35 -67.64 75.20
CA ARG H 1302 73.94 -68.13 76.45
C ARG H 1302 72.94 -68.97 77.23
N ILE H 1427 58.54 -65.92 78.17
CA ILE H 1427 57.44 -66.02 77.22
C ILE H 1427 57.74 -65.20 75.98
N LEU H 1428 57.38 -63.92 76.03
CA LEU H 1428 57.64 -63.03 74.89
C LEU H 1428 59.14 -62.89 74.64
N ASN H 1429 59.92 -62.73 75.71
CA ASN H 1429 61.36 -62.59 75.57
C ASN H 1429 62.08 -63.92 75.38
N THR H 1430 61.39 -65.04 75.52
CA THR H 1430 62.01 -66.34 75.33
C THR H 1430 62.40 -66.53 73.87
N THR H 1431 63.55 -67.20 73.66
CA THR H 1431 64.06 -67.44 72.32
C THR H 1431 63.44 -68.66 71.66
N THR H 1432 62.58 -69.39 72.35
CA THR H 1432 61.94 -70.55 71.76
C THR H 1432 61.04 -70.14 70.59
N TYR H 1433 61.07 -70.92 69.53
CA TYR H 1433 60.29 -70.66 68.33
C TYR H 1433 59.69 -71.98 67.84
N TYR H 1434 58.40 -72.16 68.06
CA TYR H 1434 57.72 -73.39 67.66
C TYR H 1434 57.30 -73.33 66.20
N TYR H 1435 57.32 -74.49 65.54
CA TYR H 1435 56.91 -74.63 64.14
C TYR H 1435 56.04 -75.88 64.05
N SER H 1436 54.74 -75.69 64.19
CA SER H 1436 53.79 -76.81 64.14
C SER H 1436 53.51 -77.25 62.71
N TRP H 1452 65.13 -79.22 60.85
CA TRP H 1452 65.78 -77.94 61.06
C TRP H 1452 67.28 -78.03 60.82
N VAL H 1453 67.66 -78.57 59.66
CA VAL H 1453 69.07 -78.71 59.33
C VAL H 1453 69.69 -77.34 59.08
N THR H 1454 71.02 -77.29 59.15
CA THR H 1454 71.74 -76.04 58.94
C THR H 1454 71.55 -75.57 57.50
N PRO H 1455 71.30 -74.27 57.29
CA PRO H 1455 71.15 -73.77 55.92
C PRO H 1455 72.38 -73.97 55.05
N ASP H 1456 73.57 -73.89 55.65
CA ASP H 1456 74.80 -74.10 54.87
C ASP H 1456 74.88 -75.53 54.35
N TYR H 1457 74.52 -76.51 55.17
CA TYR H 1457 74.54 -77.90 54.75
C TYR H 1457 73.39 -78.18 53.79
N HIS H 1458 73.70 -78.88 52.69
CA HIS H 1458 72.72 -79.23 51.67
C HIS H 1458 72.84 -80.73 51.40
N GLN H 1459 72.12 -81.54 52.17
CA GLN H 1459 72.12 -82.98 52.03
C GLN H 1459 70.69 -83.45 51.85
N HIS H 1460 70.38 -84.01 50.68
CA HIS H 1460 69.04 -84.51 50.39
C HIS H 1460 69.12 -85.47 49.23
N ASP H 1461 68.48 -86.63 49.37
CA ASP H 1461 68.45 -87.64 48.32
C ASP H 1461 67.22 -88.50 48.49
N MET H 1462 66.87 -89.23 47.43
CA MET H 1462 65.71 -90.10 47.47
C MET H 1462 65.87 -91.21 48.51
N ASN H 1463 67.06 -91.80 48.58
CA ASN H 1463 67.35 -92.85 49.55
C ASN H 1463 68.01 -92.32 50.82
N PHE H 1464 68.16 -91.01 50.94
CA PHE H 1464 68.78 -90.43 52.12
C PHE H 1464 67.90 -90.62 53.36
N ASP H 1465 68.55 -90.80 54.50
CA ASP H 1465 67.86 -90.97 55.77
C ASP H 1465 68.16 -89.79 56.69
N LEU H 1466 67.25 -89.55 57.63
CA LEU H 1466 67.44 -88.46 58.58
C LEU H 1466 68.67 -88.68 59.45
N SER H 1467 68.89 -89.91 59.90
CA SER H 1467 70.06 -90.23 60.71
C SER H 1467 71.33 -90.40 59.88
N LYS H 1468 71.21 -90.44 58.55
CA LYS H 1468 72.38 -90.57 57.67
C LYS H 1468 72.97 -89.19 57.43
N VAL H 1469 73.73 -88.72 58.42
CA VAL H 1469 74.37 -87.41 58.35
C VAL H 1469 75.85 -87.58 58.68
N ARG H 1470 76.64 -86.59 58.26
CA ARG H 1470 78.08 -86.58 58.45
C ARG H 1470 78.44 -85.47 59.43
N ALA H 1471 79.12 -85.84 60.52
CA ALA H 1471 79.56 -84.88 61.51
C ALA H 1471 80.74 -85.46 62.26
N VAL H 1472 81.69 -84.62 62.63
CA VAL H 1472 82.92 -85.04 63.31
C VAL H 1472 83.07 -84.22 64.58
N THR H 1473 83.36 -84.90 65.69
CA THR H 1473 83.59 -84.25 66.96
C THR H 1473 85.07 -83.89 67.11
N VAL H 1474 85.33 -82.70 67.64
CA VAL H 1474 86.70 -82.23 67.82
C VAL H 1474 87.38 -83.06 68.91
N THR H 1475 88.58 -83.56 68.61
CA THR H 1475 89.36 -84.34 69.55
C THR H 1475 90.47 -83.53 70.21
N MET H 1476 90.48 -82.22 70.02
CA MET H 1476 91.49 -81.35 70.60
C MET H 1476 91.15 -81.08 72.07
N SER H 1485 89.71 -78.38 73.30
CA SER H 1485 88.33 -77.89 73.32
C SER H 1485 87.46 -78.83 72.49
N SER H 1486 87.08 -79.94 73.11
CA SER H 1486 86.31 -80.96 72.43
C SER H 1486 84.87 -80.51 72.25
N LEU H 1487 84.37 -80.61 71.02
CA LEU H 1487 83.00 -80.24 70.71
C LEU H 1487 82.58 -80.95 69.43
N LYS H 1488 81.27 -81.07 69.24
CA LYS H 1488 80.69 -81.71 68.07
C LYS H 1488 79.93 -80.68 67.27
N CYS H 1489 80.28 -80.55 65.99
CA CYS H 1489 79.63 -79.59 65.11
C CYS H 1489 78.26 -80.10 64.70
N SER H 1490 77.27 -79.20 64.70
CA SER H 1490 75.90 -79.55 64.31
C SER H 1490 75.74 -79.34 62.80
N ASN H 1491 76.34 -80.25 62.04
CA ASN H 1491 76.25 -80.19 60.59
C ASN H 1491 74.81 -80.36 60.12
N CYS H 1492 74.08 -81.31 60.71
CA CYS H 1492 72.68 -81.57 60.39
C CYS H 1492 71.90 -81.62 61.69
N TYR H 1493 71.30 -80.48 62.07
CA TYR H 1493 70.53 -80.42 63.30
C TYR H 1493 69.21 -81.18 63.21
N MET H 1494 68.75 -81.49 62.00
CA MET H 1494 67.52 -82.24 61.84
C MET H 1494 67.67 -83.65 62.37
N VAL H 1495 66.60 -84.17 62.98
CA VAL H 1495 66.59 -85.50 63.57
C VAL H 1495 65.37 -86.25 63.06
N TRP H 1496 65.38 -87.57 63.21
CA TRP H 1496 64.30 -88.44 62.75
C TRP H 1496 63.19 -88.45 63.81
N GLY H 1497 62.54 -87.29 63.96
CA GLY H 1497 61.45 -87.19 64.91
C GLY H 1497 60.25 -88.03 64.50
N GLY H 1498 59.89 -88.01 63.22
CA GLY H 1498 58.78 -88.82 62.75
C GLY H 1498 59.06 -90.31 62.83
N ASP H 1499 60.29 -90.72 62.52
CA ASP H 1499 60.65 -92.13 62.59
C ASP H 1499 60.60 -92.65 64.03
N PHE H 1500 61.05 -91.84 64.99
CA PHE H 1500 61.02 -92.24 66.39
C PHE H 1500 59.58 -92.44 66.87
N VAL H 1501 58.68 -91.55 66.48
CA VAL H 1501 57.28 -91.64 66.88
C VAL H 1501 56.44 -92.20 65.74
N VAL H 1515 50.92 -82.90 63.11
CA VAL H 1515 51.10 -81.61 63.75
C VAL H 1515 52.13 -81.71 64.86
N ILE H 1516 53.38 -81.44 64.52
CA ILE H 1516 54.49 -81.50 65.47
C ILE H 1516 55.14 -80.13 65.52
N GLY H 1517 55.24 -79.56 66.72
CA GLY H 1517 55.84 -78.26 66.89
C GLY H 1517 57.34 -78.30 67.13
N CYS H 1518 58.12 -77.95 66.11
CA CYS H 1518 59.58 -77.97 66.21
C CYS H 1518 60.03 -76.69 66.89
N LEU H 1519 60.11 -76.74 68.21
CA LEU H 1519 60.55 -75.58 69.00
C LEU H 1519 62.05 -75.41 68.88
N VAL H 1520 62.49 -74.20 68.55
CA VAL H 1520 63.89 -73.87 68.41
C VAL H 1520 64.19 -72.64 69.25
N ASP H 1521 65.20 -72.74 70.11
CA ASP H 1521 65.61 -71.64 70.98
C ASP H 1521 67.01 -71.20 70.55
N LEU H 1522 67.11 -69.97 70.04
CA LEU H 1522 68.39 -69.46 69.58
C LEU H 1522 69.33 -69.17 70.75
N ALA H 1523 68.82 -68.49 71.78
CA ALA H 1523 69.66 -68.16 72.93
C ALA H 1523 70.09 -69.41 73.70
N THR H 1524 69.17 -70.36 73.87
CA THR H 1524 69.51 -71.59 74.60
C THR H 1524 70.36 -72.54 73.77
N GLY H 1525 70.41 -72.35 72.46
CA GLY H 1525 71.19 -73.23 71.60
C GLY H 1525 70.47 -74.51 71.26
N LEU H 1526 70.11 -75.28 72.28
CA LEU H 1526 69.39 -76.54 72.05
C LEU H 1526 67.99 -76.27 71.51
N MET H 1527 67.59 -77.09 70.54
CA MET H 1527 66.27 -76.98 69.91
C MET H 1527 65.56 -78.32 70.06
N THR H 1528 64.67 -78.41 71.04
CA THR H 1528 63.94 -79.65 71.29
C THR H 1528 62.86 -79.85 70.23
N PHE H 1529 62.95 -80.95 69.49
CA PHE H 1529 61.98 -81.27 68.45
C PHE H 1529 60.74 -81.90 69.07
N THR H 1530 59.73 -82.15 68.23
CA THR H 1530 58.49 -82.76 68.65
C THR H 1530 58.35 -84.12 67.97
N ALA H 1531 58.10 -85.16 68.77
CA ALA H 1531 57.94 -86.52 68.27
C ALA H 1531 56.50 -86.70 67.80
N ASN H 1532 56.22 -86.19 66.60
CA ASN H 1532 54.89 -86.25 66.00
C ASN H 1532 53.83 -85.65 66.92
N GLY H 1533 54.15 -84.52 67.54
CA GLY H 1533 53.28 -83.84 68.47
C GLY H 1533 53.60 -84.09 69.92
N LYS H 1534 54.41 -85.10 70.23
CA LYS H 1534 54.80 -85.40 71.60
C LYS H 1534 56.10 -84.67 71.93
N GLU H 1535 56.70 -85.01 73.06
CA GLU H 1535 57.95 -84.41 73.51
C GLU H 1535 59.12 -85.33 73.16
N SER H 1536 60.10 -84.79 72.44
CA SER H 1536 61.28 -85.54 72.03
C SER H 1536 62.47 -85.13 72.89
N ASN H 1537 63.19 -86.13 73.42
CA ASN H 1537 64.34 -85.85 74.26
C ASN H 1537 65.48 -85.22 73.47
N THR H 1538 65.65 -85.61 72.21
CA THR H 1538 66.73 -85.07 71.39
C THR H 1538 66.55 -83.57 71.18
N PHE H 1539 67.63 -82.82 71.32
CA PHE H 1539 67.62 -81.37 71.15
C PHE H 1539 68.68 -81.00 70.11
N PHE H 1540 68.28 -80.16 69.16
CA PHE H 1540 69.17 -79.71 68.09
C PHE H 1540 69.98 -78.53 68.60
N GLN H 1541 71.14 -78.83 69.20
CA GLN H 1541 72.02 -77.78 69.70
C GLN H 1541 72.59 -76.96 68.56
N VAL H 1542 72.61 -75.64 68.73
CA VAL H 1542 73.11 -74.72 67.72
C VAL H 1542 74.07 -73.74 68.39
N GLU H 1543 75.21 -73.51 67.76
CA GLU H 1543 76.17 -72.55 68.29
C GLU H 1543 75.67 -71.13 68.09
N PRO H 1544 76.20 -70.17 68.86
CA PRO H 1544 75.76 -68.78 68.69
C PRO H 1544 76.00 -68.24 67.29
N ASN H 1545 77.11 -68.62 66.66
CA ASN H 1545 77.41 -68.19 65.29
C ASN H 1545 76.98 -69.27 64.30
N THR H 1546 75.66 -69.42 64.18
CA THR H 1546 75.09 -70.42 63.31
C THR H 1546 73.73 -69.94 62.81
N LYS H 1547 73.29 -70.53 61.70
CA LYS H 1547 71.98 -70.19 61.12
C LYS H 1547 71.41 -71.46 60.52
N LEU H 1548 70.46 -72.08 61.25
CA LEU H 1548 69.84 -73.34 60.83
C LEU H 1548 68.44 -73.04 60.30
N PHE H 1549 68.25 -73.26 59.01
CA PHE H 1549 66.94 -73.07 58.40
C PHE H 1549 66.01 -74.21 58.76
N PRO H 1550 64.69 -74.01 58.61
CA PRO H 1550 63.75 -75.09 58.92
C PRO H 1550 63.78 -76.19 57.87
N ALA H 1551 64.87 -76.96 57.84
CA ALA H 1551 65.07 -78.03 56.88
C ALA H 1551 64.87 -79.37 57.57
N VAL H 1552 63.74 -80.02 57.28
CA VAL H 1552 63.41 -81.32 57.86
C VAL H 1552 63.06 -82.27 56.72
N PHE H 1553 63.65 -83.46 56.74
CA PHE H 1553 63.37 -84.45 55.71
C PHE H 1553 61.91 -84.87 55.76
N VAL H 1554 61.27 -84.91 54.60
CA VAL H 1554 59.86 -85.27 54.49
C VAL H 1554 59.72 -86.39 53.48
N LEU H 1555 59.09 -87.49 53.89
CA LEU H 1555 58.81 -88.63 53.02
C LEU H 1555 57.31 -88.77 52.87
N PRO H 1556 56.74 -88.37 51.73
CA PRO H 1556 55.29 -88.46 51.57
C PRO H 1556 54.80 -89.90 51.63
N THR H 1557 53.65 -90.09 52.28
CA THR H 1557 53.05 -91.42 52.38
C THR H 1557 51.54 -91.40 52.22
N HIS H 1558 50.95 -90.25 51.90
CA HIS H 1558 49.51 -90.13 51.74
C HIS H 1558 49.23 -89.21 50.55
N GLN H 1559 47.97 -88.78 50.43
CA GLN H 1559 47.60 -87.90 49.33
C GLN H 1559 48.33 -86.56 49.41
N ASN H 1560 48.47 -86.01 50.62
CA ASN H 1560 49.12 -84.73 50.83
C ASN H 1560 50.17 -84.86 51.92
N VAL H 1561 51.23 -84.06 51.80
CA VAL H 1561 52.31 -84.05 52.78
C VAL H 1561 51.87 -83.25 54.00
N ILE H 1562 52.64 -83.35 55.08
CA ILE H 1562 52.30 -82.62 56.30
C ILE H 1562 52.45 -81.11 56.08
N GLN H 1563 51.80 -80.34 56.94
CA GLN H 1563 51.80 -78.89 56.87
C GLN H 1563 52.67 -78.32 57.99
N PHE H 1564 53.55 -77.39 57.63
CA PHE H 1564 54.46 -76.77 58.58
C PHE H 1564 53.83 -75.47 59.08
N GLU H 1565 53.04 -75.58 60.14
CA GLU H 1565 52.39 -74.41 60.73
C GLU H 1565 53.34 -73.68 61.67
N LEU H 1566 52.92 -72.49 62.08
CA LEU H 1566 53.70 -71.65 63.00
C LEU H 1566 53.03 -71.68 64.37
N GLY H 1567 53.81 -72.05 65.39
CA GLY H 1567 53.29 -72.10 66.75
C GLY H 1567 53.20 -70.75 67.40
N LYS H 1568 51.98 -70.27 67.64
CA LYS H 1568 51.75 -68.95 68.22
C LYS H 1568 51.56 -69.02 69.74
N GLN H 1569 52.20 -69.99 70.39
CA GLN H 1569 52.08 -70.12 71.84
C GLN H 1569 52.84 -68.98 72.54
N LYS H 1570 52.45 -68.74 73.79
CA LYS H 1570 53.12 -67.70 74.57
C LYS H 1570 54.58 -68.05 74.83
N ASN H 1571 54.86 -69.32 75.14
CA ASN H 1571 56.24 -69.72 75.45
C ASN H 1571 57.13 -69.65 74.23
N ILE H 1572 56.67 -70.13 73.09
CA ILE H 1572 57.45 -70.18 71.86
C ILE H 1572 56.77 -69.33 70.80
N MET H 1573 57.46 -68.31 70.32
CA MET H 1573 56.89 -67.42 69.32
C MET H 1573 56.83 -68.10 67.96
N PRO H 1574 56.00 -67.59 67.05
CA PRO H 1574 55.91 -68.19 65.72
C PRO H 1574 57.19 -68.01 64.93
N LEU H 1575 57.42 -68.91 63.97
CA LEU H 1575 58.61 -68.84 63.13
C LEU H 1575 58.64 -67.58 62.28
N SER H 1576 57.48 -66.99 61.98
CA SER H 1576 57.46 -65.74 61.23
C SER H 1576 58.11 -64.61 62.01
N ALA H 1577 58.05 -64.65 63.34
CA ALA H 1577 58.72 -63.63 64.14
C ALA H 1577 60.23 -63.65 63.94
N ALA H 1578 60.82 -64.84 63.89
CA ALA H 1578 62.25 -64.96 63.63
C ALA H 1578 62.60 -64.74 62.16
N MET H 1579 61.66 -65.07 61.25
CA MET H 1579 61.93 -64.90 59.83
C MET H 1579 62.12 -63.44 59.45
N PHE H 1580 61.30 -62.55 60.01
CA PHE H 1580 61.35 -61.13 59.70
C PHE H 1580 61.98 -60.37 60.87
N LEU H 1581 62.95 -59.52 60.55
CA LEU H 1581 63.62 -58.76 61.59
C LEU H 1581 62.67 -57.82 62.32
N SER H 1582 61.78 -57.16 61.58
CA SER H 1582 60.81 -56.24 62.17
C SER H 1582 59.70 -56.96 62.92
N GLU H 1583 59.58 -58.28 62.78
CA GLU H 1583 58.55 -59.05 63.45
C GLU H 1583 59.04 -59.71 64.74
N ARG H 1584 60.23 -59.33 65.21
CA ARG H 1584 60.76 -59.92 66.44
C ARG H 1584 59.87 -59.62 67.63
N LYS H 1585 59.34 -58.39 67.72
CA LYS H 1585 58.48 -58.02 68.82
C LYS H 1585 57.04 -58.48 68.63
N ASN H 1586 56.69 -59.01 67.47
CA ASN H 1586 55.34 -59.49 67.20
C ASN H 1586 55.33 -61.01 67.15
N PRO H 1587 54.79 -61.70 68.15
CA PRO H 1587 54.77 -63.16 68.14
C PRO H 1587 53.56 -63.80 67.46
N ALA H 1588 52.70 -63.01 66.82
CA ALA H 1588 51.53 -63.56 66.16
C ALA H 1588 51.96 -64.37 64.93
N PRO H 1589 51.24 -65.45 64.62
CA PRO H 1589 51.59 -66.24 63.44
C PRO H 1589 51.39 -65.46 62.16
N GLN H 1590 52.25 -65.74 61.18
CA GLN H 1590 52.18 -65.07 59.89
C GLN H 1590 52.83 -65.94 58.83
N CYS H 1591 52.54 -65.64 57.57
CA CYS H 1591 53.08 -66.37 56.42
C CYS H 1591 53.69 -65.36 55.47
N PRO H 1592 54.92 -64.92 55.73
CA PRO H 1592 55.57 -63.95 54.85
C PRO H 1592 55.76 -64.51 53.46
N PRO H 1593 55.61 -63.68 52.42
CA PRO H 1593 55.82 -64.18 51.05
C PRO H 1593 57.22 -64.71 50.80
N ARG H 1594 58.23 -64.15 51.45
CA ARG H 1594 59.60 -64.60 51.23
C ARG H 1594 59.87 -65.96 51.86
N LEU H 1595 59.00 -66.42 52.76
CA LEU H 1595 59.15 -67.71 53.43
C LEU H 1595 58.35 -68.76 52.65
N GLU H 1596 59.04 -69.66 51.98
CA GLU H 1596 58.41 -70.70 51.19
C GLU H 1596 59.24 -71.97 51.25
N VAL H 1597 58.59 -73.10 50.99
CA VAL H 1597 59.29 -74.38 51.00
C VAL H 1597 60.21 -74.48 49.78
N GLN H 1598 61.38 -75.08 49.98
CA GLN H 1598 62.38 -75.22 48.93
C GLN H 1598 62.71 -76.70 48.74
N MET H 1599 62.85 -77.11 47.49
CA MET H 1599 63.18 -78.48 47.15
C MET H 1599 64.61 -78.55 46.63
N LEU H 1600 65.39 -79.48 47.15
CA LEU H 1600 66.79 -79.62 46.77
C LEU H 1600 66.89 -80.17 45.35
N MET H 1601 67.16 -79.30 44.40
CA MET H 1601 67.30 -79.73 43.01
C MET H 1601 68.55 -80.60 42.87
N PRO H 1602 68.45 -81.76 42.20
CA PRO H 1602 69.63 -82.61 42.07
C PRO H 1602 70.79 -81.97 41.34
N VAL H 1603 70.51 -81.13 40.33
CA VAL H 1603 71.56 -80.49 39.54
C VAL H 1603 71.16 -79.05 39.28
N SER H 1604 72.13 -78.15 39.38
CA SER H 1604 71.94 -76.73 39.10
C SER H 1604 73.06 -76.23 38.21
N TRP H 1605 72.73 -75.27 37.36
CA TRP H 1605 73.73 -74.70 36.45
C TRP H 1605 74.77 -73.91 37.23
N SER H 1606 76.04 -74.12 36.90
CA SER H 1606 77.15 -73.48 37.60
C SER H 1606 78.00 -72.72 36.59
N ARG H 1607 78.49 -71.55 37.01
CA ARG H 1607 79.30 -70.72 36.12
C ARG H 1607 80.66 -71.35 35.88
N MET H 1608 81.07 -71.38 34.61
CA MET H 1608 82.39 -71.87 34.25
C MET H 1608 83.33 -70.69 34.04
N PRO H 1609 84.32 -70.49 34.90
CA PRO H 1609 85.22 -69.34 34.74
C PRO H 1609 86.00 -69.42 33.44
N ASN H 1610 86.23 -68.26 32.83
CA ASN H 1610 87.03 -68.20 31.61
C ASN H 1610 88.51 -68.37 31.90
N HIS H 1611 88.95 -67.97 33.08
CA HIS H 1611 90.35 -68.08 33.49
C HIS H 1611 90.46 -69.11 34.60
N PHE H 1612 91.39 -70.06 34.43
CA PHE H 1612 91.62 -71.11 35.41
C PHE H 1612 93.07 -71.05 35.90
N LEU H 1613 93.24 -71.23 37.21
CA LEU H 1613 94.57 -71.19 37.79
C LEU H 1613 95.40 -72.38 37.30
N GLN H 1614 96.67 -72.12 37.00
CA GLN H 1614 97.58 -73.15 36.51
C GLN H 1614 98.21 -73.88 37.70
N VAL H 1615 97.40 -74.70 38.35
CA VAL H 1615 97.86 -75.48 39.49
C VAL H 1615 98.67 -76.67 38.99
N GLU H 1616 99.89 -76.81 39.50
CA GLU H 1616 100.79 -77.89 39.11
C GLU H 1616 101.13 -78.73 40.34
N THR H 1617 100.98 -80.05 40.21
CA THR H 1617 101.28 -80.96 41.31
C THR H 1617 101.63 -82.31 40.71
N ARG H 1618 102.90 -82.70 40.78
CA ARG H 1618 103.36 -83.95 40.22
C ARG H 1618 104.49 -84.49 41.07
N ARG H 1619 104.74 -85.80 40.93
CA ARG H 1619 105.82 -86.44 41.67
C ARG H 1619 107.17 -85.92 41.21
N ALA H 1620 108.06 -85.70 42.18
CA ALA H 1620 109.40 -85.21 41.89
C ALA H 1620 110.40 -85.70 42.92
N TRP H 1626 107.24 -85.78 46.09
CA TRP H 1626 106.40 -84.99 45.20
C TRP H 1626 106.34 -83.53 45.64
N ALA H 1627 106.49 -82.62 44.68
CA ALA H 1627 106.47 -81.19 44.94
C ALA H 1627 105.31 -80.56 44.18
N VAL H 1628 104.53 -79.72 44.86
CA VAL H 1628 103.39 -79.03 44.27
C VAL H 1628 103.68 -77.54 44.29
N GLN H 1629 103.62 -76.91 43.11
CA GLN H 1629 103.87 -75.48 42.99
C GLN H 1629 102.78 -74.88 42.10
N CYS H 1630 101.97 -73.99 42.69
CA CYS H 1630 100.89 -73.33 41.98
C CYS H 1630 101.01 -71.82 42.20
N GLN H 1631 101.36 -71.09 41.14
CA GLN H 1631 101.52 -69.64 41.19
C GLN H 1631 100.72 -69.04 40.04
N ASP H 1632 99.44 -68.78 40.28
CA ASP H 1632 98.57 -68.19 39.28
C ASP H 1632 97.63 -67.19 39.92
N PRO H 1633 97.77 -65.89 39.61
CA PRO H 1633 96.89 -64.88 40.21
C PRO H 1633 95.55 -64.84 39.50
N LEU H 1634 94.50 -65.26 40.21
CA LEU H 1634 93.14 -65.26 39.67
C LEU H 1634 92.18 -64.77 40.75
N THR H 1635 91.42 -63.73 40.44
CA THR H 1635 90.46 -63.15 41.35
C THR H 1635 89.09 -63.12 40.69
N MET H 1636 88.07 -63.57 41.41
CA MET H 1636 86.70 -63.62 40.91
C MET H 1636 85.84 -62.67 41.74
N MET H 1637 85.12 -61.78 41.05
CA MET H 1637 84.21 -60.84 41.71
C MET H 1637 82.87 -61.53 41.93
N ALA H 1638 82.78 -62.24 43.05
CA ALA H 1638 81.58 -63.00 43.40
C ALA H 1638 80.74 -62.19 44.38
N LEU H 1639 79.45 -62.06 44.07
CA LEU H 1639 78.52 -61.33 44.92
C LEU H 1639 77.90 -62.29 45.91
N HIS H 1640 78.26 -62.14 47.18
CA HIS H 1640 77.74 -63.02 48.23
C HIS H 1640 76.26 -62.75 48.46
N ILE H 1641 75.50 -63.84 48.63
CA ILE H 1641 74.06 -63.76 48.87
C ILE H 1641 73.84 -63.81 50.38
N PRO H 1642 73.26 -62.77 50.99
CA PRO H 1642 73.02 -62.82 52.44
C PRO H 1642 72.08 -63.95 52.87
N GLU H 1643 71.12 -64.31 52.02
CA GLU H 1643 70.15 -65.35 52.40
C GLU H 1643 70.83 -66.69 52.60
N GLU H 1644 71.74 -67.06 51.70
CA GLU H 1644 72.45 -68.34 51.77
C GLU H 1644 73.93 -68.09 51.55
N ASN H 1645 74.76 -68.51 52.49
CA ASN H 1645 76.19 -68.30 52.41
C ASN H 1645 76.79 -69.05 51.23
N ARG H 1646 77.23 -68.31 50.21
CA ARG H 1646 77.82 -68.91 49.01
C ARG H 1646 78.61 -67.82 48.29
N CYS H 1647 79.16 -68.19 47.13
CA CYS H 1647 79.93 -67.28 46.29
C CYS H 1647 79.30 -67.28 44.91
N MET H 1648 78.33 -66.39 44.71
CA MET H 1648 77.65 -66.25 43.43
C MET H 1648 78.37 -65.20 42.60
N ASP H 1649 78.92 -65.61 41.46
CA ASP H 1649 79.64 -64.69 40.60
C ASP H 1649 78.71 -63.64 40.00
N ILE H 1650 79.19 -62.40 39.92
CA ILE H 1650 78.41 -61.34 39.32
C ILE H 1650 78.22 -61.59 37.83
N LEU H 1651 79.23 -62.17 37.18
CA LEU H 1651 79.12 -62.47 35.75
C LEU H 1651 78.01 -63.49 35.48
N GLU H 1652 77.88 -64.49 36.36
CA GLU H 1652 76.86 -65.52 36.17
C GLU H 1652 75.45 -65.00 36.31
N LEU H 1653 75.27 -63.81 36.89
CA LEU H 1653 73.93 -63.28 37.11
C LEU H 1653 73.37 -62.56 35.89
N SER H 1654 74.15 -62.46 34.80
CA SER H 1654 73.68 -61.74 33.61
C SER H 1654 72.45 -62.40 33.01
N GLU H 1655 72.46 -63.74 32.89
CA GLU H 1655 71.34 -64.44 32.27
C GLU H 1655 70.24 -64.79 33.28
N ARG H 1656 70.47 -64.54 34.57
CA ARG H 1656 69.44 -64.83 35.56
C ARG H 1656 68.23 -63.94 35.37
N LEU H 1657 68.43 -62.72 34.88
CA LEU H 1657 67.41 -61.72 34.58
C LEU H 1657 66.72 -61.17 35.83
N ASP H 1658 67.06 -61.68 37.02
CA ASP H 1658 66.53 -61.16 38.27
C ASP H 1658 67.63 -60.65 39.19
N LEU H 1659 68.70 -61.42 39.37
CA LEU H 1659 69.82 -60.96 40.19
C LEU H 1659 70.50 -59.74 39.56
N GLN H 1660 70.65 -59.75 38.24
CA GLN H 1660 71.27 -58.61 37.56
C GLN H 1660 70.42 -57.35 37.72
N ARG H 1661 69.09 -57.48 37.58
CA ARG H 1661 68.22 -56.33 37.75
C ARG H 1661 68.27 -55.81 39.18
N PHE H 1662 68.29 -56.72 40.17
CA PHE H 1662 68.38 -56.31 41.56
C PHE H 1662 69.70 -55.60 41.83
N HIS H 1663 70.79 -56.10 41.28
CA HIS H 1663 72.09 -55.45 41.46
C HIS H 1663 72.13 -54.08 40.81
N SER H 1664 71.52 -53.95 39.61
CA SER H 1664 71.44 -52.65 38.97
C SER H 1664 70.62 -51.67 39.79
N HIS H 1665 69.51 -52.13 40.35
CA HIS H 1665 68.69 -51.27 41.21
C HIS H 1665 69.46 -50.86 42.46
N THR H 1666 70.23 -51.78 43.03
CA THR H 1666 71.06 -51.43 44.19
C THR H 1666 72.11 -50.38 43.83
N LEU H 1667 72.73 -50.53 42.65
CA LEU H 1667 73.70 -49.54 42.19
C LEU H 1667 73.02 -48.18 42.00
N ARG H 1668 71.82 -48.17 41.42
CA ARG H 1668 71.09 -46.91 41.25
C ARG H 1668 70.76 -46.27 42.60
N LEU H 1669 70.36 -47.09 43.58
CA LEU H 1669 70.08 -46.57 44.91
C LEU H 1669 71.34 -45.97 45.54
N TYR H 1670 72.48 -46.66 45.41
CA TYR H 1670 73.72 -46.14 45.94
C TYR H 1670 74.10 -44.82 45.27
N ARG H 1671 73.95 -44.75 43.96
CA ARG H 1671 74.25 -43.51 43.24
C ARG H 1671 73.34 -42.37 43.68
N ALA H 1672 72.05 -42.65 43.85
CA ALA H 1672 71.11 -41.62 44.28
C ALA H 1672 71.44 -41.16 45.69
N VAL H 1673 71.81 -42.09 46.58
CA VAL H 1673 72.19 -41.71 47.94
C VAL H 1673 73.44 -40.85 47.94
N CYS H 1674 74.42 -41.21 47.12
CA CYS H 1674 75.67 -40.45 47.04
C CYS H 1674 75.55 -39.22 46.14
N ALA H 1675 74.44 -39.05 45.44
CA ALA H 1675 74.28 -37.91 44.56
C ALA H 1675 74.11 -36.62 45.35
N LEU H 1676 74.53 -35.51 44.74
CA LEU H 1676 74.40 -34.17 45.30
C LEU H 1676 75.10 -34.07 46.66
N GLY H 1677 76.42 -34.26 46.62
CA GLY H 1677 77.21 -34.17 47.84
C GLY H 1677 77.06 -35.41 48.68
N ASN H 1678 76.71 -35.22 49.96
CA ASN H 1678 76.52 -36.31 50.92
C ASN H 1678 77.79 -37.15 51.02
N ASN H 1679 78.87 -36.51 51.50
CA ASN H 1679 80.17 -37.16 51.54
C ASN H 1679 80.19 -38.35 52.50
N ARG H 1680 79.45 -38.25 53.60
CA ARG H 1680 79.38 -39.38 54.54
C ARG H 1680 78.73 -40.59 53.89
N VAL H 1681 77.63 -40.38 53.15
CA VAL H 1681 76.98 -41.48 52.47
C VAL H 1681 77.87 -42.03 51.35
N ALA H 1682 78.63 -41.14 50.68
CA ALA H 1682 79.58 -41.61 49.68
C ALA H 1682 80.65 -42.49 50.29
N HIS H 1683 81.16 -42.11 51.46
CA HIS H 1683 82.16 -42.93 52.15
C HIS H 1683 81.56 -44.26 52.58
N ALA H 1684 80.30 -44.24 53.05
CA ALA H 1684 79.64 -45.49 53.42
C ALA H 1684 79.48 -46.41 52.21
N LEU H 1685 79.10 -45.85 51.06
CA LEU H 1685 78.97 -46.65 49.85
C LEU H 1685 80.32 -47.20 49.40
N CYS H 1686 81.38 -46.39 49.53
CA CYS H 1686 82.72 -46.87 49.19
C CYS H 1686 83.14 -48.02 50.11
N SER H 1687 82.83 -47.90 51.40
CA SER H 1687 83.12 -48.99 52.33
C SER H 1687 82.34 -50.25 51.97
N HIS H 1688 81.06 -50.09 51.58
CA HIS H 1688 80.27 -51.23 51.17
C HIS H 1688 80.86 -51.90 49.93
N VAL H 1689 81.32 -51.09 48.96
CA VAL H 1689 81.95 -51.63 47.76
C VAL H 1689 83.42 -51.92 47.96
N ASP H 1690 84.00 -51.53 49.10
CA ASP H 1690 85.38 -51.78 49.49
C ASP H 1690 86.40 -51.09 48.58
N GLN H 1691 85.96 -50.21 47.70
CA GLN H 1691 86.81 -49.42 46.79
C GLN H 1691 87.68 -50.30 45.89
N ALA H 1692 87.37 -51.59 45.78
CA ALA H 1692 88.13 -52.49 44.93
C ALA H 1692 87.23 -53.25 43.97
N GLN H 1693 85.97 -53.46 44.38
CA GLN H 1693 85.01 -54.13 43.52
C GLN H 1693 84.72 -53.32 42.27
N LEU H 1694 84.62 -51.99 42.41
CA LEU H 1694 84.37 -51.13 41.26
C LEU H 1694 85.52 -51.20 40.27
N LEU H 1695 86.76 -51.17 40.76
CA LEU H 1695 87.92 -51.27 39.89
C LEU H 1695 87.96 -52.62 39.16
N HIS H 1696 87.65 -53.70 39.89
CA HIS H 1696 87.63 -55.02 39.27
C HIS H 1696 86.56 -55.12 38.20
N ALA H 1697 85.37 -54.55 38.47
CA ALA H 1697 84.30 -54.56 37.48
C ALA H 1697 84.69 -53.74 36.25
N LEU H 1698 85.34 -52.58 36.46
CA LEU H 1698 85.77 -51.77 35.34
C LEU H 1698 86.82 -52.49 34.51
N GLU H 1699 87.74 -53.19 35.16
CA GLU H 1699 88.79 -53.91 34.46
C GLU H 1699 88.32 -55.23 33.85
N ASP H 1700 87.11 -55.67 34.18
CA ASP H 1700 86.57 -56.93 33.66
C ASP H 1700 85.63 -56.62 32.50
N ALA H 1701 85.95 -57.17 31.32
CA ALA H 1701 85.13 -56.95 30.13
C ALA H 1701 83.97 -57.94 30.02
N HIS H 1702 83.95 -58.99 30.85
CA HIS H 1702 82.90 -59.99 30.84
C HIS H 1702 81.77 -59.68 31.81
N LEU H 1703 81.82 -58.53 32.48
CA LEU H 1703 80.77 -58.17 33.43
C LEU H 1703 79.46 -57.90 32.69
N PRO H 1704 78.32 -58.09 33.36
CA PRO H 1704 77.04 -57.80 32.72
C PRO H 1704 76.93 -56.34 32.33
N GLY H 1705 76.22 -56.09 31.23
CA GLY H 1705 76.06 -54.77 30.68
C GLY H 1705 75.53 -53.75 31.68
N PRO H 1706 74.30 -53.93 32.15
CA PRO H 1706 73.77 -53.00 33.16
C PRO H 1706 74.62 -52.94 34.42
N LEU H 1707 75.16 -54.08 34.87
CA LEU H 1707 76.00 -54.07 36.06
C LEU H 1707 77.29 -53.28 35.82
N ARG H 1708 77.92 -53.47 34.67
CA ARG H 1708 79.14 -52.72 34.36
C ARG H 1708 78.85 -51.23 34.25
N ALA H 1709 77.72 -50.88 33.63
CA ALA H 1709 77.34 -49.47 33.53
C ALA H 1709 77.10 -48.87 34.91
N GLY H 1710 76.42 -49.60 35.79
CA GLY H 1710 76.19 -49.11 37.13
C GLY H 1710 77.48 -48.93 37.92
N TYR H 1711 78.40 -49.90 37.81
CA TYR H 1711 79.68 -49.77 38.50
C TYR H 1711 80.48 -48.59 37.97
N TYR H 1712 80.48 -48.39 36.64
CA TYR H 1712 81.19 -47.26 36.06
C TYR H 1712 80.58 -45.93 36.52
N ASP H 1713 79.25 -45.87 36.57
CA ASP H 1713 78.59 -44.66 37.06
C ASP H 1713 78.93 -44.40 38.52
N LEU H 1714 78.96 -45.45 39.34
CA LEU H 1714 79.27 -45.28 40.76
C LEU H 1714 80.72 -44.88 40.98
N LEU H 1715 81.61 -45.31 40.08
CA LEU H 1715 83.02 -44.98 40.22
C LEU H 1715 83.23 -43.47 40.23
N ILE H 1716 82.44 -42.73 39.46
CA ILE H 1716 82.57 -41.27 39.42
C ILE H 1716 81.52 -40.56 40.26
N SER H 1717 80.38 -41.19 40.54
CA SER H 1717 79.32 -40.54 41.30
C SER H 1717 79.63 -40.49 42.79
N ILE H 1718 80.43 -41.42 43.30
CA ILE H 1718 80.76 -41.46 44.72
C ILE H 1718 82.18 -41.01 45.01
N HIS H 1719 83.00 -40.78 43.98
CA HIS H 1719 84.39 -40.36 44.17
C HIS H 1719 84.66 -38.97 43.63
N LEU H 1720 84.31 -38.71 42.36
CA LEU H 1720 84.67 -37.45 41.71
C LEU H 1720 83.44 -36.63 41.30
N GLU H 1721 82.25 -36.98 41.79
CA GLU H 1721 81.07 -36.20 41.44
C GLU H 1721 81.15 -34.78 42.00
N SER H 1722 81.52 -34.64 43.27
CA SER H 1722 81.66 -33.31 43.86
C SER H 1722 82.78 -32.52 43.18
N ALA H 1723 83.90 -33.18 42.90
CA ALA H 1723 85.01 -32.50 42.25
C ALA H 1723 84.64 -32.05 40.84
N CYS H 1724 83.96 -32.92 40.08
CA CYS H 1724 83.57 -32.54 38.73
C CYS H 1724 82.53 -31.42 38.75
N ARG H 1725 81.59 -31.47 39.69
CA ARG H 1725 80.60 -30.40 39.82
C ARG H 1725 81.28 -29.07 40.16
N SER H 1726 82.24 -29.10 41.08
CA SER H 1726 82.96 -27.88 41.44
C SER H 1726 83.75 -27.34 40.26
N ARG H 1727 84.40 -28.23 39.50
CA ARG H 1727 85.15 -27.80 38.32
C ARG H 1727 84.24 -27.19 37.28
N ARG H 1728 83.07 -27.79 37.06
CA ARG H 1728 82.12 -27.23 36.10
C ARG H 1728 81.61 -25.87 36.56
N SER H 1729 81.33 -25.73 37.86
CA SER H 1729 80.87 -24.45 38.38
C SER H 1729 81.94 -23.37 38.25
N MET H 1730 83.21 -23.73 38.50
CA MET H 1730 84.30 -22.77 38.43
C MET H 1730 84.78 -22.52 37.01
N LEU H 1731 84.31 -23.30 36.03
CA LEU H 1731 84.74 -23.09 34.64
C LEU H 1731 84.21 -21.79 34.07
N SER H 1732 83.09 -21.29 34.61
CA SER H 1732 82.52 -20.04 34.11
C SER H 1732 83.46 -18.85 34.35
N GLU H 1733 84.08 -18.81 35.53
CA GLU H 1733 84.97 -17.71 35.88
C GLU H 1733 86.32 -17.93 35.22
N TYR H 1734 86.61 -17.16 34.19
CA TYR H 1734 87.89 -17.24 33.47
C TYR H 1734 88.89 -16.23 34.03
N ILE H 1735 89.23 -16.41 35.30
CA ILE H 1735 90.17 -15.53 35.98
C ILE H 1735 91.59 -15.90 35.57
N VAL H 1736 92.36 -14.91 35.13
CA VAL H 1736 93.69 -15.13 34.60
C VAL H 1736 94.69 -14.25 35.34
N PRO H 1737 95.16 -14.65 36.52
CA PRO H 1737 96.12 -13.80 37.25
C PRO H 1737 97.43 -13.69 36.51
N LEU H 1738 98.09 -12.55 36.69
CA LEU H 1738 99.36 -12.30 36.03
C LEU H 1738 100.44 -13.22 36.58
N THR H 1739 101.28 -13.73 35.67
CA THR H 1739 102.36 -14.63 36.03
C THR H 1739 103.43 -14.55 34.96
N PRO H 1740 104.71 -14.69 35.32
CA PRO H 1740 105.76 -14.64 34.28
C PRO H 1740 105.62 -15.75 33.26
N GLU H 1741 105.17 -16.94 33.67
CA GLU H 1741 104.95 -18.01 32.71
C GLU H 1741 103.76 -17.71 31.80
N THR H 1742 102.71 -17.12 32.35
CA THR H 1742 101.54 -16.75 31.56
C THR H 1742 101.74 -15.46 30.78
N ARG H 1743 102.79 -14.70 31.09
CA ARG H 1743 103.03 -13.45 30.37
C ARG H 1743 103.42 -13.70 28.92
N ALA H 1744 103.99 -14.86 28.63
CA ALA H 1744 104.39 -15.24 27.28
C ALA H 1744 103.50 -16.39 26.81
N ILE H 1745 102.34 -16.03 26.26
CA ILE H 1745 101.38 -17.01 25.75
C ILE H 1745 100.92 -16.56 24.37
N THR H 1746 100.92 -17.48 23.41
CA THR H 1746 100.50 -17.19 22.04
C THR H 1746 99.44 -18.18 21.62
N LEU H 1747 98.46 -17.69 20.86
CA LEU H 1747 97.40 -18.56 20.36
C LEU H 1747 97.95 -19.62 19.41
N PHE H 1748 98.88 -19.22 18.52
CA PHE H 1748 99.49 -20.14 17.58
C PHE H 1748 100.82 -20.62 18.10
N PRO H 1749 101.09 -21.94 18.11
CA PRO H 1749 102.35 -22.50 18.59
C PRO H 1749 103.56 -22.01 17.79
N ARG H 1759 99.92 -23.13 12.27
CA ARG H 1759 98.70 -23.94 12.29
C ARG H 1759 98.00 -23.84 13.64
N HIS H 1760 96.76 -24.31 13.70
CA HIS H 1760 95.99 -24.26 14.93
C HIS H 1760 96.57 -25.22 15.96
N GLY H 1761 96.63 -24.77 17.21
CA GLY H 1761 97.10 -25.62 18.28
C GLY H 1761 96.04 -26.62 18.73
N LEU H 1762 96.51 -27.67 19.37
CA LEU H 1762 95.61 -28.70 19.87
C LEU H 1762 94.81 -28.15 21.05
N PRO H 1763 93.51 -28.45 21.13
CA PRO H 1763 92.73 -28.02 22.28
C PRO H 1763 93.16 -28.73 23.56
N GLY H 1764 93.05 -28.01 24.67
CA GLY H 1764 93.39 -28.58 25.97
C GLY H 1764 94.84 -28.97 26.13
N VAL H 1765 95.76 -28.15 25.62
CA VAL H 1765 97.18 -28.38 25.78
C VAL H 1765 97.83 -27.08 26.24
N GLY H 1766 98.98 -27.21 26.89
CA GLY H 1766 99.71 -26.06 27.39
C GLY H 1766 99.22 -25.63 28.77
N VAL H 1767 99.98 -24.71 29.36
CA VAL H 1767 99.64 -24.21 30.69
C VAL H 1767 98.43 -23.29 30.61
N THR H 1768 97.45 -23.53 31.48
CA THR H 1768 96.24 -22.71 31.54
C THR H 1768 96.34 -21.72 32.70
N THR H 1769 95.95 -20.48 32.42
CA THR H 1769 96.01 -19.41 33.40
C THR H 1769 94.77 -19.35 34.29
N SER H 1770 93.75 -20.17 34.01
CA SER H 1770 92.55 -20.18 34.82
C SER H 1770 92.86 -20.57 36.25
N LEU H 1771 92.37 -19.79 37.20
CA LEU H 1771 92.63 -20.02 38.62
C LEU H 1771 91.53 -20.87 39.26
N ARG H 1772 91.25 -22.02 38.65
CA ARG H 1772 90.26 -22.93 39.22
C ARG H 1772 90.77 -23.50 40.55
N PRO H 1773 89.93 -23.57 41.57
CA PRO H 1773 90.37 -24.13 42.86
C PRO H 1773 90.81 -25.56 42.72
N PRO H 1774 91.88 -25.96 43.41
CA PRO H 1774 92.35 -27.34 43.31
C PRO H 1774 91.36 -28.30 43.98
N HIS H 1775 91.23 -29.49 43.39
CA HIS H 1775 90.37 -30.51 43.96
C HIS H 1775 91.02 -31.14 45.17
N HIS H 1776 90.28 -31.22 46.27
CA HIS H 1776 90.77 -31.77 47.53
C HIS H 1776 90.17 -33.14 47.74
N PHE H 1777 91.02 -34.15 47.90
CA PHE H 1777 90.59 -35.52 48.10
C PHE H 1777 91.14 -36.05 49.41
N SER H 1778 90.27 -36.70 50.19
CA SER H 1778 90.65 -37.23 51.49
C SER H 1778 90.77 -38.74 51.41
N PRO H 1779 91.85 -39.33 51.92
CA PRO H 1779 91.99 -40.80 51.90
C PRO H 1779 90.92 -41.44 52.75
N PRO H 1780 90.21 -42.44 52.21
CA PRO H 1780 89.17 -43.11 53.00
C PRO H 1780 89.78 -43.84 54.20
N CYS H 1781 89.05 -43.83 55.31
CA CYS H 1781 89.48 -44.49 56.53
C CYS H 1781 88.26 -44.91 57.32
N PHE H 1782 88.32 -46.11 57.91
CA PHE H 1782 87.21 -46.63 58.70
C PHE H 1782 87.68 -47.16 60.05
N VAL H 1783 88.88 -46.78 60.49
CA VAL H 1783 89.42 -47.17 61.78
C VAL H 1783 89.77 -45.98 62.66
N ALA H 1784 89.59 -44.76 62.17
CA ALA H 1784 89.91 -43.57 62.94
C ALA H 1784 88.90 -43.38 64.08
N ALA H 1785 89.27 -42.54 65.04
CA ALA H 1785 88.43 -42.27 66.21
C ALA H 1785 87.26 -41.41 65.77
N LEU H 1786 86.11 -42.04 65.60
CA LEU H 1786 84.91 -41.31 65.20
C LEU H 1786 84.37 -40.52 66.39
N PRO H 1787 84.16 -39.20 66.25
CA PRO H 1787 83.64 -38.35 67.32
C PRO H 1787 82.25 -38.78 67.80
N ALA H 1796 82.23 -29.98 57.04
CA ALA H 1796 81.59 -31.27 56.90
C ALA H 1796 82.62 -32.37 56.67
N ARG H 1797 82.42 -33.16 55.62
CA ARG H 1797 83.32 -34.26 55.27
C ARG H 1797 83.84 -34.07 53.85
N LEU H 1798 85.12 -34.38 53.65
CA LEU H 1798 85.73 -34.25 52.34
C LEU H 1798 85.42 -35.47 51.47
N SER H 1799 85.61 -35.30 50.17
CA SER H 1799 85.36 -36.38 49.24
C SER H 1799 86.40 -37.48 49.40
N PRO H 1800 86.00 -38.74 49.20
CA PRO H 1800 86.97 -39.84 49.30
C PRO H 1800 88.02 -39.76 48.19
N ALA H 1801 89.21 -40.27 48.51
CA ALA H 1801 90.32 -40.20 47.57
C ALA H 1801 90.08 -41.10 46.36
N ILE H 1802 90.77 -40.76 45.27
CA ILE H 1802 90.66 -41.51 44.03
C ILE H 1802 92.07 -41.85 43.54
N PRO H 1803 92.20 -42.90 42.73
CA PRO H 1803 93.53 -43.26 42.21
C PRO H 1803 94.16 -42.17 41.36
N LEU H 1804 93.36 -41.27 40.79
CA LEU H 1804 93.85 -40.14 39.99
C LEU H 1804 94.66 -40.60 38.80
N GLU H 1805 95.99 -40.64 38.95
CA GLU H 1805 96.86 -41.03 37.84
C GLU H 1805 96.60 -42.48 37.42
N ALA H 1806 96.47 -43.38 38.39
CA ALA H 1806 96.15 -44.76 38.07
C ALA H 1806 94.78 -44.89 37.43
N LEU H 1807 93.79 -44.17 37.96
CA LEU H 1807 92.45 -44.18 37.37
C LEU H 1807 92.47 -43.58 35.97
N ARG H 1808 93.24 -42.51 35.77
CA ARG H 1808 93.36 -41.92 34.45
C ARG H 1808 93.98 -42.89 33.45
N ASP H 1809 95.03 -43.59 33.87
CA ASP H 1809 95.66 -44.57 32.98
C ASP H 1809 94.70 -45.71 32.66
N LYS H 1810 93.95 -46.19 33.66
CA LYS H 1810 92.98 -47.24 33.42
C LYS H 1810 91.89 -46.78 32.45
N ALA H 1811 91.41 -45.55 32.62
CA ALA H 1811 90.39 -45.03 31.71
C ALA H 1811 90.94 -44.89 30.29
N LEU H 1812 92.19 -44.43 30.16
CA LEU H 1812 92.80 -44.32 28.83
C LEU H 1812 92.95 -45.69 28.18
N ARG H 1813 93.37 -46.70 28.95
CA ARG H 1813 93.49 -48.04 28.42
C ARG H 1813 92.13 -48.60 28.00
N MET H 1814 91.10 -48.36 28.80
CA MET H 1814 89.77 -48.81 28.45
C MET H 1814 89.26 -48.13 27.19
N LEU H 1815 89.51 -46.82 27.05
CA LEU H 1815 89.11 -46.11 25.85
C LEU H 1815 89.84 -46.65 24.62
N GLY H 1816 91.14 -46.93 24.76
CA GLY H 1816 91.88 -47.50 23.64
C GLY H 1816 91.37 -48.87 23.26
N GLU H 1817 91.05 -49.71 24.25
CA GLU H 1817 90.49 -51.02 23.97
C GLU H 1817 89.13 -50.91 23.27
N ALA H 1818 88.30 -49.96 23.71
CA ALA H 1818 87.00 -49.75 23.08
C ALA H 1818 87.17 -49.28 21.63
N VAL H 1819 88.14 -48.39 21.39
CA VAL H 1819 88.39 -47.91 20.03
C VAL H 1819 88.86 -49.07 19.15
N ARG H 1820 89.75 -49.91 19.67
CA ARG H 1820 90.22 -51.06 18.90
C ARG H 1820 89.08 -52.02 18.60
N ASP H 1821 88.21 -52.27 19.58
CA ASP H 1821 87.07 -53.17 19.35
C ASP H 1821 86.11 -52.59 18.32
N GLY H 1822 85.86 -51.28 18.38
CA GLY H 1822 85.01 -50.66 17.38
C GLY H 1822 85.61 -50.72 15.99
N GLY H 1823 86.93 -50.54 15.89
CA GLY H 1823 87.59 -50.67 14.60
C GLY H 1823 87.53 -52.08 14.06
N GLN H 1824 87.66 -53.07 14.94
CA GLN H 1824 87.57 -54.46 14.52
C GLN H 1824 86.14 -54.84 14.13
N HIS H 1825 85.15 -54.13 14.67
CA HIS H 1825 83.73 -54.38 14.40
C HIS H 1825 83.36 -55.83 14.73
N ALA H 1826 83.86 -56.32 15.87
CA ALA H 1826 83.56 -57.67 16.29
C ALA H 1826 82.10 -57.80 16.70
N ARG H 1827 81.55 -59.00 16.48
CA ARG H 1827 80.16 -59.30 16.81
C ARG H 1827 79.96 -59.65 18.28
N ASP H 1828 80.92 -59.36 19.15
CA ASP H 1828 80.83 -59.65 20.57
C ASP H 1828 81.15 -58.37 21.33
N PRO H 1829 80.20 -57.43 21.40
CA PRO H 1829 80.46 -56.17 22.10
C PRO H 1829 80.59 -56.39 23.60
N VAL H 1830 81.33 -55.48 24.24
CA VAL H 1830 81.53 -55.55 25.68
C VAL H 1830 80.22 -55.24 26.38
N GLY H 1831 79.83 -56.11 27.32
CA GLY H 1831 78.58 -55.95 28.02
C GLY H 1831 77.35 -56.39 27.26
N GLY H 1832 77.52 -57.02 26.09
CA GLY H 1832 76.41 -57.48 25.29
C GLY H 1832 75.82 -56.46 24.34
N SER H 1833 76.30 -55.22 24.36
CA SER H 1833 75.79 -54.19 23.47
C SER H 1833 76.86 -53.11 23.30
N VAL H 1834 76.72 -52.35 22.21
CA VAL H 1834 77.65 -51.25 21.95
C VAL H 1834 77.49 -50.15 22.99
N GLU H 1835 76.24 -49.92 23.43
CA GLU H 1835 75.99 -48.88 24.43
C GLU H 1835 76.72 -49.18 25.72
N PHE H 1836 76.60 -50.41 26.23
CA PHE H 1836 77.33 -50.80 27.43
C PHE H 1836 78.83 -50.86 27.20
N GLN H 1837 79.26 -51.05 25.95
CA GLN H 1837 80.69 -51.12 25.66
C GLN H 1837 81.35 -49.75 25.64
N PHE H 1838 80.64 -48.72 25.17
CA PHE H 1838 81.24 -47.42 24.93
C PHE H 1838 80.74 -46.31 25.85
N VAL H 1839 79.44 -46.27 26.14
CA VAL H 1839 78.87 -45.13 26.87
C VAL H 1839 79.47 -44.97 28.26
N PRO H 1840 79.51 -46.01 29.13
CA PRO H 1840 80.09 -45.79 30.46
C PRO H 1840 81.55 -45.36 30.42
N VAL H 1841 82.34 -45.92 29.49
CA VAL H 1841 83.73 -45.52 29.37
C VAL H 1841 83.85 -44.06 28.94
N LEU H 1842 83.02 -43.65 27.97
CA LEU H 1842 83.05 -42.26 27.53
C LEU H 1842 82.61 -41.31 28.64
N LYS H 1843 81.57 -41.70 29.40
CA LYS H 1843 81.14 -40.86 30.52
C LYS H 1843 82.22 -40.74 31.57
N LEU H 1844 82.89 -41.85 31.90
CA LEU H 1844 83.95 -41.80 32.89
C LEU H 1844 85.12 -40.96 32.43
N VAL H 1845 85.54 -41.11 31.17
CA VAL H 1845 86.69 -40.35 30.69
C VAL H 1845 86.33 -38.87 30.60
N SER H 1846 85.09 -38.54 30.25
CA SER H 1846 84.67 -37.14 30.26
C SER H 1846 84.66 -36.59 31.68
N THR H 1847 84.22 -37.38 32.65
CA THR H 1847 84.17 -36.92 34.03
C THR H 1847 85.57 -36.64 34.57
N LEU H 1848 86.52 -37.52 34.27
CA LEU H 1848 87.90 -37.24 34.70
C LEU H 1848 88.56 -36.16 33.84
N LEU H 1849 88.05 -35.92 32.63
CA LEU H 1849 88.59 -34.85 31.79
C LEU H 1849 88.17 -33.48 32.30
N VAL H 1850 86.91 -33.34 32.70
CA VAL H 1850 86.46 -32.06 33.26
C VAL H 1850 87.09 -31.81 34.63
N MET H 1851 87.61 -32.85 35.28
CA MET H 1851 88.31 -32.69 36.55
C MET H 1851 89.80 -32.45 36.37
N GLY H 1852 90.31 -32.48 35.14
CA GLY H 1852 91.71 -32.25 34.90
C GLY H 1852 92.63 -33.36 35.33
N ILE H 1853 92.15 -34.61 35.35
CA ILE H 1853 92.97 -35.73 35.81
C ILE H 1853 94.11 -35.98 34.83
N PHE H 1854 93.80 -36.04 33.53
CA PHE H 1854 94.82 -36.35 32.54
C PHE H 1854 95.73 -35.15 32.29
N GLY H 1855 97.00 -35.44 31.98
CA GLY H 1855 97.95 -34.44 31.56
C GLY H 1855 97.93 -34.21 30.07
N ASP H 1856 98.90 -33.44 29.60
CA ASP H 1856 98.94 -33.07 28.18
C ASP H 1856 99.08 -34.30 27.29
N GLU H 1857 99.96 -35.23 27.67
CA GLU H 1857 100.17 -36.42 26.85
C GLU H 1857 98.92 -37.29 26.79
N ASP H 1858 98.22 -37.44 27.92
CA ASP H 1858 97.03 -38.30 27.94
C ASP H 1858 95.90 -37.70 27.11
N VAL H 1859 95.67 -36.39 27.21
CA VAL H 1859 94.64 -35.78 26.39
C VAL H 1859 95.04 -35.78 24.92
N LYS H 1860 96.34 -35.67 24.62
CA LYS H 1860 96.79 -35.80 23.24
C LYS H 1860 96.50 -37.20 22.69
N GLN H 1861 96.76 -38.23 23.51
CA GLN H 1861 96.44 -39.59 23.10
C GLN H 1861 94.94 -39.78 22.91
N ILE H 1862 94.13 -39.19 23.80
CA ILE H 1862 92.68 -39.30 23.68
C ILE H 1862 92.21 -38.63 22.40
N LEU H 1863 92.74 -37.46 22.08
CA LEU H 1863 92.38 -36.76 20.85
C LEU H 1863 92.80 -37.57 19.63
N LYS H 1864 93.98 -38.17 19.66
CA LYS H 1864 94.43 -38.99 18.55
C LYS H 1864 93.52 -40.20 18.36
N MET H 1865 93.10 -40.83 19.47
CA MET H 1865 92.17 -41.96 19.38
C MET H 1865 90.83 -41.51 18.81
N ILE H 1866 90.34 -40.35 19.23
CA ILE H 1866 89.07 -39.84 18.71
C ILE H 1866 89.17 -39.54 17.23
N GLU H 1867 90.25 -38.88 16.81
CA GLU H 1867 90.45 -38.53 15.40
C GLU H 1867 91.94 -38.42 15.15
N PRO H 1868 92.57 -39.47 14.59
CA PRO H 1868 94.03 -39.42 14.37
C PRO H 1868 94.40 -38.58 13.15
N GLU H 1869 93.57 -38.63 12.10
CA GLU H 1869 93.88 -37.89 10.88
C GLU H 1869 93.63 -36.40 11.03
N VAL H 1870 92.63 -36.01 11.82
CA VAL H 1870 92.30 -34.59 11.96
C VAL H 1870 93.43 -33.85 12.67
N PHE H 1871 93.90 -34.39 13.79
CA PHE H 1871 94.95 -33.74 14.57
C PHE H 1871 96.30 -34.39 14.27
N THR H 1872 96.85 -34.02 13.12
CA THR H 1872 98.15 -34.52 12.70
C THR H 1872 99.25 -33.92 13.57
N GLU H 1873 100.24 -34.74 13.91
CA GLU H 1873 101.35 -34.29 14.74
C GLU H 1873 102.68 -34.59 14.06
N GLU H 1924 89.56 -46.61 12.07
CA GLU H 1924 89.57 -45.16 12.09
C GLU H 1924 89.31 -44.62 13.49
N GLY H 1925 88.91 -43.35 13.57
CA GLY H 1925 88.64 -42.73 14.85
C GLY H 1925 87.29 -43.11 15.41
N LEU H 1926 87.07 -42.71 16.67
CA LEU H 1926 85.80 -42.98 17.33
C LEU H 1926 84.65 -42.25 16.66
N LEU H 1927 84.88 -41.00 16.25
CA LEU H 1927 83.82 -40.23 15.60
C LEU H 1927 83.44 -40.84 14.25
N GLN H 1928 84.42 -41.34 13.50
CA GLN H 1928 84.13 -41.95 12.20
C GLN H 1928 83.26 -43.20 12.37
N MET H 1929 83.56 -44.01 13.37
CA MET H 1929 82.78 -45.23 13.61
C MET H 1929 81.38 -44.88 14.07
N LYS H 1930 80.41 -45.70 13.66
CA LYS H 1930 79.02 -45.48 14.04
C LYS H 1930 78.85 -45.71 15.54
N LEU H 1931 78.03 -44.85 16.15
CA LEU H 1931 77.78 -44.90 17.59
C LEU H 1931 76.30 -44.67 17.86
N PRO H 1932 75.78 -45.21 18.96
CA PRO H 1932 74.36 -44.97 19.30
C PRO H 1932 74.10 -43.55 19.74
N GLU H 1933 72.84 -43.25 20.10
CA GLU H 1933 72.46 -41.90 20.47
C GLU H 1933 73.20 -41.43 21.73
N SER H 1934 73.29 -42.30 22.74
CA SER H 1934 73.96 -41.92 23.99
C SER H 1934 75.45 -41.72 23.76
N VAL H 1935 76.08 -42.58 22.97
CA VAL H 1935 77.50 -42.41 22.66
C VAL H 1935 77.71 -41.14 21.85
N LYS H 1936 76.78 -40.82 20.95
CA LYS H 1936 76.88 -39.58 20.19
C LYS H 1936 76.77 -38.38 21.12
N LEU H 1937 75.87 -38.44 22.10
CA LEU H 1937 75.74 -37.35 23.07
C LEU H 1937 77.02 -37.20 23.90
N GLN H 1938 77.62 -38.32 24.31
CA GLN H 1938 78.87 -38.26 25.05
C GLN H 1938 80.00 -37.66 24.21
N MET H 1939 80.07 -38.04 22.94
CA MET H 1939 81.07 -37.47 22.04
C MET H 1939 80.85 -35.97 21.85
N CYS H 1940 79.58 -35.56 21.76
CA CYS H 1940 79.28 -34.14 21.63
C CYS H 1940 79.68 -33.38 22.89
N ASN H 1941 79.48 -33.99 24.07
CA ASN H 1941 79.94 -33.39 25.31
C ASN H 1941 81.46 -33.24 25.33
N LEU H 1942 82.16 -34.27 24.83
CA LEU H 1942 83.61 -34.18 24.74
C LEU H 1942 84.04 -33.05 23.79
N LEU H 1943 83.34 -32.91 22.67
CA LEU H 1943 83.64 -31.83 21.74
C LEU H 1943 83.35 -30.46 22.37
N GLU H 1944 82.29 -30.38 23.16
CA GLU H 1944 82.00 -29.13 23.87
C GLU H 1944 83.09 -28.81 24.87
N TYR H 1945 83.61 -29.82 25.57
CA TYR H 1945 84.73 -29.59 26.47
C TYR H 1945 85.96 -29.12 25.70
N PHE H 1946 86.21 -29.71 24.53
CA PHE H 1946 87.34 -29.26 23.71
C PHE H 1946 87.17 -27.81 23.28
N CYS H 1947 85.95 -27.43 22.90
CA CYS H 1947 85.69 -26.03 22.55
C CYS H 1947 85.90 -25.11 23.73
N ASP H 1948 85.48 -25.54 24.93
CA ASP H 1948 85.70 -24.75 26.14
C ASP H 1948 87.19 -24.60 26.43
N GLN H 1949 87.96 -25.66 26.22
CA GLN H 1949 89.41 -25.58 26.41
C GLN H 1949 90.04 -24.63 25.41
N GLU H 1950 89.57 -24.66 24.16
CA GLU H 1950 90.05 -23.72 23.16
C GLU H 1950 89.72 -22.29 23.56
N LEU H 1951 88.51 -22.06 24.08
CA LEU H 1951 88.14 -20.73 24.56
C LEU H 1951 89.03 -20.30 25.72
N GLN H 1952 89.35 -21.23 26.61
CA GLN H 1952 90.24 -20.91 27.72
C GLN H 1952 91.63 -20.54 27.22
N HIS H 1953 92.13 -21.26 26.20
CA HIS H 1953 93.41 -20.92 25.60
C HIS H 1953 93.37 -19.53 24.96
N ARG H 1954 92.26 -19.21 24.28
CA ARG H 1954 92.10 -17.88 23.72
C ARG H 1954 92.11 -16.81 24.81
N VAL H 1955 91.44 -17.10 25.93
CA VAL H 1955 91.40 -16.14 27.04
C VAL H 1955 92.79 -15.95 27.63
N GLU H 1956 93.57 -17.04 27.74
CA GLU H 1956 94.93 -16.94 28.26
C GLU H 1956 95.80 -16.09 27.33
N SER H 1957 95.70 -16.33 26.03
CA SER H 1957 96.47 -15.54 25.07
C SER H 1957 96.06 -14.07 25.12
N LEU H 1958 94.76 -13.82 25.25
CA LEU H 1958 94.26 -12.45 25.36
C LEU H 1958 94.81 -11.78 26.62
N ALA H 1959 94.86 -12.51 27.73
CA ALA H 1959 95.39 -11.95 28.97
C ALA H 1959 96.88 -11.64 28.84
N ALA H 1960 97.63 -12.53 28.21
CA ALA H 1960 99.07 -12.28 28.02
C ALA H 1960 99.29 -11.05 27.14
N PHE H 1961 98.56 -10.96 26.02
CA PHE H 1961 98.69 -9.79 25.16
C PHE H 1961 98.23 -8.53 25.89
N ALA H 1962 97.21 -8.65 26.75
CA ALA H 1962 96.74 -7.50 27.51
C ALA H 1962 97.81 -7.01 28.46
N GLU H 1963 98.50 -7.93 29.14
CA GLU H 1963 99.58 -7.53 30.04
C GLU H 1963 100.70 -6.84 29.27
N ARG H 1964 101.11 -7.42 28.15
CA ARG H 1964 102.20 -6.82 27.37
C ARG H 1964 101.82 -5.45 26.84
N TYR H 1965 100.61 -5.33 26.28
CA TYR H 1965 100.15 -4.07 25.70
C TYR H 1965 99.90 -3.03 26.78
N VAL H 1966 99.47 -3.44 27.97
CA VAL H 1966 99.29 -2.50 29.07
C VAL H 1966 100.63 -1.97 29.54
N ASP H 1967 101.64 -2.83 29.63
CA ASP H 1967 102.98 -2.35 29.98
C ASP H 1967 103.50 -1.37 28.94
N LYS H 1968 103.32 -1.70 27.65
CA LYS H 1968 103.77 -0.81 26.58
C LYS H 1968 103.05 0.53 26.64
N LEU H 1969 101.74 0.51 26.88
CA LEU H 1969 100.97 1.75 26.96
C LEU H 1969 101.31 2.56 28.19
N GLN H 1970 101.61 1.89 29.31
CA GLN H 1970 102.08 2.63 30.48
C GLN H 1970 103.39 3.35 30.20
N ALA H 1971 104.33 2.66 29.54
CA ALA H 1971 105.59 3.31 29.20
C ALA H 1971 105.38 4.47 28.23
N ASN H 1972 104.54 4.25 27.20
CA ASN H 1972 104.29 5.30 26.22
C ASN H 1972 103.58 6.49 26.85
N GLN H 1973 102.63 6.24 27.75
CA GLN H 1973 101.93 7.33 28.41
C GLN H 1973 102.85 8.10 29.34
N ARG H 1974 103.76 7.41 30.04
CA ARG H 1974 104.74 8.12 30.86
C ARG H 1974 105.63 9.01 30.00
N SER H 1975 106.11 8.48 28.87
CA SER H 1975 106.95 9.27 27.98
C SER H 1975 106.18 10.47 27.43
N ARG H 1976 104.93 10.26 27.03
CA ARG H 1976 104.12 11.35 26.49
C ARG H 1976 103.84 12.41 27.53
N TYR H 1977 103.56 12.00 28.78
CA TYR H 1977 103.33 12.97 29.84
C TYR H 1977 104.59 13.77 30.14
N ALA H 1978 105.75 13.10 30.14
CA ALA H 1978 107.01 13.82 30.34
C ALA H 1978 107.25 14.83 29.22
N LEU H 1979 106.99 14.44 27.97
CA LEU H 1979 107.17 15.35 26.85
C LEU H 1979 106.21 16.53 26.93
N LEU H 1980 104.95 16.26 27.31
CA LEU H 1980 103.97 17.33 27.42
C LEU H 1980 104.34 18.31 28.55
N MET H 1981 104.83 17.78 29.67
CA MET H 1981 105.29 18.65 30.75
C MET H 1981 106.49 19.49 30.31
N ARG H 1982 107.42 18.88 29.56
CA ARG H 1982 108.56 19.63 29.07
C ARG H 1982 108.12 20.70 28.06
N ALA H 1983 107.20 20.37 27.17
CA ALA H 1983 106.76 21.30 26.14
C ALA H 1983 105.81 22.34 26.72
N PHE H 1984 106.03 23.60 26.34
CA PHE H 1984 105.18 24.71 26.78
C PHE H 1984 104.78 25.66 25.68
N THR H 1985 105.46 25.68 24.54
CA THR H 1985 105.13 26.63 23.48
C THR H 1985 103.76 26.34 22.88
N MET H 1986 103.43 25.06 22.67
CA MET H 1986 102.18 24.70 22.03
C MET H 1986 101.00 25.01 22.95
N SER H 1987 99.97 25.66 22.40
CA SER H 1987 98.76 25.99 23.15
C SER H 1987 97.62 25.02 22.83
N ALA H 1988 97.24 24.91 21.55
CA ALA H 1988 96.17 23.98 21.18
C ALA H 1988 96.61 22.54 21.34
N ALA H 1989 97.87 22.24 20.97
CA ALA H 1989 98.39 20.89 21.15
C ALA H 1989 98.46 20.51 22.63
N GLU H 1990 98.73 21.48 23.50
CA GLU H 1990 98.72 21.20 24.93
C GLU H 1990 97.33 20.79 25.39
N THR H 1991 96.29 21.49 24.93
CA THR H 1991 94.93 21.10 25.27
C THR H 1991 94.58 19.74 24.69
N ALA H 1992 95.01 19.46 23.46
CA ALA H 1992 94.75 18.15 22.87
C ALA H 1992 95.40 17.03 23.68
N ARG H 1993 96.64 17.24 24.12
CA ARG H 1993 97.31 16.25 24.95
C ARG H 1993 96.62 16.11 26.30
N ARG H 1994 96.22 17.23 26.92
CA ARG H 1994 95.53 17.17 28.19
C ARG H 1994 94.17 16.50 28.09
N THR H 1995 93.56 16.49 26.91
CA THR H 1995 92.29 15.80 26.73
C THR H 1995 92.44 14.31 27.01
N ARG H 1996 93.53 13.70 26.52
CA ARG H 1996 93.82 12.29 26.76
C ARG H 1996 94.72 12.08 27.96
N GLU H 1997 95.07 13.13 28.68
CA GLU H 1997 95.96 13.03 29.84
C GLU H 1997 95.17 12.57 31.07
N PHE H 1998 95.79 12.70 32.24
CA PHE H 1998 95.19 12.24 33.49
C PHE H 1998 93.92 12.99 33.86
N ARG H 1999 93.63 14.12 33.23
CA ARG H 1999 92.40 14.85 33.52
C ARG H 1999 91.18 14.00 33.19
N SER H 2000 91.20 13.31 32.05
CA SER H 2000 90.11 12.42 31.70
C SER H 2000 90.14 11.17 32.59
N PRO H 2001 88.99 10.53 32.80
CA PRO H 2001 88.99 9.30 33.58
C PRO H 2001 89.76 8.21 32.87
N PRO H 2002 90.30 7.23 33.61
CA PRO H 2002 91.13 6.20 32.96
C PRO H 2002 90.42 5.44 31.86
N GLN H 2003 89.11 5.20 32.01
CA GLN H 2003 88.36 4.55 30.94
C GLN H 2003 88.34 5.40 29.68
N GLU H 2004 88.16 6.71 29.84
CA GLU H 2004 88.17 7.61 28.69
C GLU H 2004 89.54 7.62 28.02
N GLN H 2005 90.61 7.64 28.81
CA GLN H 2005 91.95 7.61 28.25
C GLN H 2005 92.20 6.30 27.50
N ILE H 2006 91.74 5.17 28.05
CA ILE H 2006 91.91 3.90 27.38
C ILE H 2006 91.14 3.87 26.07
N ASN H 2007 89.90 4.40 26.08
CA ASN H 2007 89.11 4.45 24.86
C ASN H 2007 89.77 5.34 23.81
N MET H 2008 90.29 6.49 24.22
CA MET H 2008 90.96 7.39 23.28
C MET H 2008 92.21 6.74 22.70
N LEU H 2009 92.98 6.03 23.53
CA LEU H 2009 94.17 5.34 23.04
C LEU H 2009 93.83 4.17 22.14
N LEU H 2010 92.59 3.69 22.17
CA LEU H 2010 92.14 2.58 21.33
C LEU H 2010 91.19 3.03 20.24
N HIS H 2011 91.18 4.32 19.91
CA HIS H 2011 90.29 4.86 18.89
C HIS H 2011 90.86 4.76 17.48
N PHE H 2012 92.07 4.22 17.34
CA PHE H 2012 92.71 4.09 16.03
C PHE H 2012 92.20 2.89 15.24
N LYS H 2013 91.08 2.28 15.64
CA LYS H 2013 90.54 1.14 14.93
C LYS H 2013 90.09 1.54 13.52
N ASP H 2014 90.40 0.69 12.55
CA ASP H 2014 90.06 0.92 11.15
C ASP H 2014 90.59 2.25 10.64
N ASP H 2020 94.05 9.14 14.14
CA ASP H 2020 94.22 10.50 14.65
C ASP H 2020 94.55 10.48 16.15
N CYS H 2021 94.34 9.33 16.78
CA CYS H 2021 94.63 9.21 18.20
C CYS H 2021 96.14 9.30 18.44
N PRO H 2022 96.56 9.91 19.54
CA PRO H 2022 98.00 10.01 19.82
C PRO H 2022 98.61 8.68 20.26
N LEU H 2023 98.80 7.77 19.31
CA LEU H 2023 99.38 6.46 19.59
C LEU H 2023 100.48 6.16 18.60
N PRO H 2024 101.50 5.41 19.02
CA PRO H 2024 102.57 5.04 18.09
C PRO H 2024 102.06 4.22 16.92
N GLU H 2025 102.64 4.45 15.75
CA GLU H 2025 102.24 3.70 14.56
C GLU H 2025 102.67 2.24 14.65
N ASP H 2026 103.86 1.98 15.21
CA ASP H 2026 104.35 0.61 15.32
C ASP H 2026 103.48 -0.22 16.24
N ILE H 2027 103.10 0.33 17.39
CA ILE H 2027 102.24 -0.41 18.31
C ILE H 2027 100.85 -0.60 17.72
N ARG H 2028 100.37 0.38 16.95
CA ARG H 2028 99.07 0.22 16.28
C ARG H 2028 99.12 -0.91 15.26
N GLN H 2029 100.21 -0.98 14.49
CA GLN H 2029 100.35 -2.07 13.52
C GLN H 2029 100.47 -3.41 14.23
N ASP H 2030 101.19 -3.46 15.36
CA ASP H 2030 101.31 -4.69 16.12
C ASP H 2030 99.94 -5.15 16.64
N LEU H 2031 99.13 -4.21 17.16
CA LEU H 2031 97.80 -4.56 17.63
C LEU H 2031 96.92 -5.02 16.48
N GLN H 2032 97.02 -4.38 15.32
CA GLN H 2032 96.24 -4.81 14.16
C GLN H 2032 96.63 -6.22 13.73
N ASP H 2033 97.93 -6.52 13.73
CA ASP H 2033 98.39 -7.85 13.39
C ASP H 2033 97.90 -8.88 14.40
N PHE H 2034 97.92 -8.52 15.69
CA PHE H 2034 97.41 -9.42 16.72
C PHE H 2034 95.92 -9.68 16.53
N HIS H 2035 95.15 -8.64 16.19
CA HIS H 2035 93.73 -8.82 15.95
C HIS H 2035 93.48 -9.71 14.73
N GLN H 2036 94.27 -9.52 13.68
CA GLN H 2036 94.15 -10.37 12.50
C GLN H 2036 94.49 -11.82 12.84
N ASP H 2037 95.50 -12.03 13.68
CA ASP H 2037 95.84 -13.37 14.12
C ASP H 2037 94.70 -13.99 14.93
N LEU H 2038 94.05 -13.19 15.78
CA LEU H 2038 92.89 -13.68 16.52
C LEU H 2038 91.76 -14.07 15.57
N LEU H 2039 91.49 -13.25 14.56
CA LEU H 2039 90.45 -13.58 13.60
C LEU H 2039 90.77 -14.86 12.84
N ALA H 2040 92.04 -15.03 12.46
CA ALA H 2040 92.45 -16.27 11.79
C ALA H 2040 92.30 -17.47 12.72
N HIS H 2041 92.64 -17.30 14.00
CA HIS H 2041 92.50 -18.40 14.96
C HIS H 2041 91.04 -18.79 15.14
N CYS H 2042 90.15 -17.80 15.22
CA CYS H 2042 88.72 -18.11 15.29
C CYS H 2042 88.18 -18.71 14.01
N GLY H 2043 88.87 -18.51 12.90
CA GLY H 2043 88.45 -19.10 11.62
C GLY H 2043 87.14 -18.56 11.09
N ILE H 2044 86.87 -17.27 11.28
CA ILE H 2044 85.64 -16.69 10.75
C ILE H 2044 85.70 -16.60 9.22
N GLN H 2045 86.85 -16.22 8.69
CA GLN H 2045 87.03 -16.09 7.24
C GLN H 2045 88.51 -16.21 6.92
N LEU H 2046 88.90 -17.26 6.20
CA LEU H 2046 90.29 -17.47 5.84
C LEU H 2046 90.73 -16.49 4.75
N PRO H 2091 89.10 -32.33 7.32
CA PRO H 2091 88.70 -31.86 8.65
C PRO H 2091 89.89 -31.65 9.57
N GLN H 2092 90.94 -31.00 9.05
CA GLN H 2092 92.12 -30.74 9.86
C GLN H 2092 91.81 -29.82 11.04
N SER H 2093 91.03 -28.77 10.79
CA SER H 2093 90.65 -27.86 11.86
C SER H 2093 89.64 -28.53 12.79
N LEU H 2094 89.77 -28.24 14.09
CA LEU H 2094 88.85 -28.82 15.07
C LEU H 2094 87.42 -28.37 14.83
N GLN H 2095 87.22 -27.08 14.58
CA GLN H 2095 85.88 -26.57 14.32
C GLN H 2095 85.29 -27.17 13.06
N GLU H 2096 86.09 -27.28 12.00
CA GLU H 2096 85.61 -27.93 10.78
C GLU H 2096 85.30 -29.40 11.04
N LEU H 2097 86.11 -30.05 11.88
CA LEU H 2097 85.88 -31.46 12.19
C LEU H 2097 84.54 -31.65 12.89
N VAL H 2098 84.26 -30.84 13.92
CA VAL H 2098 83.00 -31.02 14.65
C VAL H 2098 81.82 -30.62 13.76
N SER H 2099 82.01 -29.60 12.90
CA SER H 2099 80.93 -29.21 11.99
C SER H 2099 80.59 -30.35 11.03
N HIS H 2100 81.61 -30.97 10.44
CA HIS H 2100 81.38 -32.11 9.57
C HIS H 2100 80.73 -33.26 10.32
N MET H 2101 81.16 -33.48 11.57
CA MET H 2101 80.59 -34.56 12.36
C MET H 2101 79.11 -34.34 12.62
N VAL H 2102 78.71 -33.12 13.03
CA VAL H 2102 77.31 -32.88 13.34
C VAL H 2102 76.48 -32.90 12.05
N VAL H 2103 77.02 -32.39 10.95
CA VAL H 2103 76.29 -32.45 9.68
C VAL H 2103 76.06 -33.90 9.27
N ARG H 2104 77.09 -34.73 9.37
CA ARG H 2104 76.95 -36.14 9.00
C ARG H 2104 75.95 -36.85 9.92
N TRP H 2105 76.00 -36.56 11.22
CA TRP H 2105 75.07 -37.18 12.15
C TRP H 2105 73.64 -36.77 11.85
N ALA H 2106 73.42 -35.49 11.53
CA ALA H 2106 72.07 -35.02 11.21
C ALA H 2106 71.56 -35.64 9.92
N GLN H 2107 72.43 -35.74 8.90
CA GLN H 2107 72.00 -36.25 7.61
C GLN H 2107 71.94 -37.77 7.56
N GLU H 2108 72.53 -38.48 8.53
CA GLU H 2108 72.54 -39.94 8.50
C GLU H 2108 71.14 -40.50 8.71
N ASP H 2109 70.44 -40.05 9.74
CA ASP H 2109 69.11 -40.55 10.07
C ASP H 2109 68.46 -39.60 11.06
N TYR H 2110 67.17 -39.84 11.31
CA TYR H 2110 66.42 -39.05 12.28
C TYR H 2110 66.82 -39.46 13.69
N VAL H 2111 67.15 -38.49 14.52
CA VAL H 2111 67.49 -38.72 15.93
C VAL H 2111 66.29 -38.35 16.78
N GLN H 2112 65.82 -39.30 17.58
CA GLN H 2112 64.64 -39.12 18.41
C GLN H 2112 64.96 -38.55 19.79
N SER H 2113 66.23 -38.24 20.07
CA SER H 2113 66.60 -37.68 21.36
C SER H 2113 66.73 -36.17 21.23
N PRO H 2114 65.81 -35.38 21.79
CA PRO H 2114 65.94 -33.92 21.68
C PRO H 2114 67.20 -33.36 22.32
N GLU H 2115 67.64 -33.95 23.43
CA GLU H 2115 68.83 -33.44 24.11
C GLU H 2115 70.06 -33.58 23.24
N LEU H 2116 70.21 -34.71 22.55
CA LEU H 2116 71.37 -34.93 21.71
C LEU H 2116 71.44 -33.91 20.58
N VAL H 2117 70.31 -33.67 19.90
CA VAL H 2117 70.32 -32.73 18.78
C VAL H 2117 70.51 -31.30 19.28
N ARG H 2118 69.92 -30.96 20.45
CA ARG H 2118 70.14 -29.64 21.02
C ARG H 2118 71.61 -29.42 21.33
N ALA H 2119 72.24 -30.41 21.97
CA ALA H 2119 73.66 -30.28 22.33
C ALA H 2119 74.53 -30.20 21.08
N MET H 2120 74.20 -30.99 20.05
CA MET H 2120 74.99 -30.95 18.81
C MET H 2120 74.88 -29.59 18.13
N PHE H 2121 73.66 -29.04 18.06
CA PHE H 2121 73.49 -27.72 17.45
C PHE H 2121 74.23 -26.65 18.24
N SER H 2122 74.13 -26.73 19.56
CA SER H 2122 74.88 -25.77 20.40
C SER H 2122 76.34 -25.78 19.99
N LEU H 2123 76.93 -26.97 19.87
CA LEU H 2123 78.38 -27.06 19.55
C LEU H 2123 78.64 -26.42 18.18
N LEU H 2124 77.79 -26.69 17.20
CA LEU H 2124 78.09 -26.20 15.82
C LEU H 2124 78.13 -24.67 15.81
N HIS H 2125 77.10 -24.03 16.38
CA HIS H 2125 77.05 -22.54 16.31
C HIS H 2125 78.26 -22.13 17.15
N ARG H 2126 78.46 -22.84 18.25
CA ARG H 2126 79.62 -22.52 19.13
C ARG H 2126 80.91 -22.55 18.29
N GLN H 2127 81.11 -23.65 17.57
CA GLN H 2127 82.34 -23.78 16.74
C GLN H 2127 82.59 -22.69 15.69
N TYR H 2128 81.56 -22.35 14.91
CA TYR H 2128 81.77 -21.36 13.82
C TYR H 2128 81.93 -19.95 14.40
N ASP H 2129 81.10 -19.58 15.37
CA ASP H 2129 81.15 -18.20 15.92
C ASP H 2129 82.16 -18.13 17.07
N GLY H 2130 83.44 -18.29 16.77
CA GLY H 2130 84.46 -18.17 17.82
C GLY H 2130 84.49 -16.76 18.39
N LEU H 2131 84.45 -15.75 17.52
CA LEU H 2131 84.54 -14.35 18.00
C LEU H 2131 83.33 -14.04 18.89
N GLY H 2132 82.14 -14.49 18.50
CA GLY H 2132 80.93 -14.14 19.27
C GLY H 2132 81.03 -14.67 20.68
N GLU H 2133 81.49 -15.91 20.83
CA GLU H 2133 81.62 -16.51 22.18
C GLU H 2133 82.63 -15.69 22.97
N LEU H 2134 83.71 -15.27 22.30
CA LEU H 2134 84.77 -14.51 23.02
C LEU H 2134 84.14 -13.24 23.58
N LEU H 2135 83.30 -12.58 22.78
CA LEU H 2135 82.65 -11.33 23.23
C LEU H 2135 81.77 -11.65 24.45
N ARG H 2136 81.03 -12.76 24.37
CA ARG H 2136 80.12 -13.13 25.48
C ARG H 2136 80.96 -13.48 26.72
N ALA H 2137 82.06 -14.21 26.53
CA ALA H 2137 82.91 -14.54 27.67
C ALA H 2137 83.86 -13.40 28.04
N LEU H 2138 83.89 -12.32 27.25
CA LEU H 2138 84.77 -11.20 27.58
C LEU H 2138 84.45 -10.55 28.92
N PRO H 2139 83.19 -10.27 29.29
CA PRO H 2139 82.94 -9.75 30.64
C PRO H 2139 83.37 -10.69 31.75
N ARG H 2140 83.29 -12.00 31.53
CA ARG H 2140 83.70 -12.99 32.53
C ARG H 2140 85.20 -13.30 32.42
N ALA H 2141 86.02 -12.25 32.44
CA ALA H 2141 87.46 -12.41 32.37
C ALA H 2141 88.11 -11.27 33.15
N TYR H 2142 89.12 -11.61 33.95
CA TYR H 2142 89.80 -10.61 34.77
C TYR H 2142 91.18 -11.14 35.14
N THR H 2143 92.09 -10.19 35.40
CA THR H 2143 93.46 -10.51 35.77
C THR H 2143 93.66 -10.16 37.24
N ILE H 2144 94.07 -11.15 38.03
CA ILE H 2144 94.26 -10.96 39.46
C ILE H 2144 95.72 -10.65 39.74
N SER H 2145 95.97 -10.02 40.89
CA SER H 2145 97.33 -9.69 41.27
C SER H 2145 98.13 -10.96 41.58
N PRO H 2146 99.39 -11.03 41.14
CA PRO H 2146 100.20 -12.22 41.45
C PRO H 2146 100.40 -12.45 42.94
N SER H 2147 100.42 -11.40 43.75
CA SER H 2147 100.63 -11.57 45.19
C SER H 2147 99.42 -12.20 45.86
N SER H 2148 98.22 -11.91 45.40
CA SER H 2148 96.98 -12.38 46.01
C SER H 2148 96.44 -13.64 45.35
N VAL H 2149 97.33 -14.50 44.82
CA VAL H 2149 96.87 -15.73 44.18
C VAL H 2149 96.19 -16.64 45.20
N GLU H 2150 96.75 -16.75 46.40
CA GLU H 2150 96.14 -17.57 47.44
C GLU H 2150 94.78 -17.02 47.85
N ASP H 2151 94.67 -15.70 47.94
CA ASP H 2151 93.39 -15.09 48.29
C ASP H 2151 92.34 -15.37 47.22
N THR H 2152 92.71 -15.27 45.95
CA THR H 2152 91.77 -15.57 44.88
C THR H 2152 91.38 -17.05 44.87
N MET H 2153 92.33 -17.93 45.16
CA MET H 2153 92.02 -19.35 45.24
C MET H 2153 91.04 -19.64 46.38
N SER H 2154 91.25 -18.98 47.53
CA SER H 2154 90.32 -19.14 48.64
C SER H 2154 88.94 -18.59 48.27
N LEU H 2155 88.91 -17.46 47.55
CA LEU H 2155 87.64 -16.93 47.07
C LEU H 2155 86.92 -17.94 46.19
N LEU H 2156 87.63 -18.54 45.24
CA LEU H 2156 87.01 -19.50 44.34
C LEU H 2156 86.52 -20.74 45.08
N GLU H 2157 87.31 -21.23 46.04
CA GLU H 2157 86.89 -22.39 46.82
C GLU H 2157 85.65 -22.08 47.65
N CYS H 2158 85.61 -20.91 48.29
CA CYS H 2158 84.43 -20.55 49.07
C CYS H 2158 83.21 -20.38 48.17
N LEU H 2159 83.37 -19.75 47.01
CA LEU H 2159 82.26 -19.59 46.08
C LEU H 2159 81.74 -20.94 45.61
N GLY H 2160 82.63 -21.87 45.30
CA GLY H 2160 82.20 -23.21 44.94
C GLY H 2160 81.48 -23.91 46.07
N GLN H 2161 81.94 -23.69 47.31
CA GLN H 2161 81.25 -24.26 48.47
C GLN H 2161 79.83 -23.72 48.59
N ILE H 2162 79.66 -22.42 48.39
CA ILE H 2162 78.32 -21.83 48.45
C ILE H 2162 77.44 -22.37 47.32
N ARG H 2163 78.01 -22.52 46.13
CA ARG H 2163 77.25 -23.09 45.02
C ARG H 2163 76.81 -24.51 45.32
N SER H 2164 77.71 -25.32 45.89
CA SER H 2164 77.36 -26.69 46.25
C SER H 2164 76.28 -26.72 47.33
N LEU H 2165 76.37 -25.83 48.31
CA LEU H 2165 75.35 -25.75 49.35
C LEU H 2165 74.00 -25.34 48.75
N LEU H 2166 74.01 -24.41 47.80
CA LEU H 2166 72.78 -24.02 47.13
C LEU H 2166 72.19 -25.17 46.33
N ILE H 2167 73.05 -25.97 45.69
CA ILE H 2167 72.57 -27.12 44.92
C ILE H 2167 71.85 -28.11 45.82
N VAL H 2168 72.41 -28.38 47.01
CA VAL H 2168 71.77 -29.27 47.96
C VAL H 2168 70.59 -28.56 48.61
N GLN H 2169 69.63 -29.34 49.09
CA GLN H 2169 68.46 -28.77 49.74
C GLN H 2169 68.84 -28.17 51.09
N MET H 2170 68.27 -27.02 51.40
CA MET H 2170 68.52 -26.36 52.68
C MET H 2170 67.90 -27.16 53.81
N GLY H 2171 68.59 -27.22 54.95
CA GLY H 2171 68.11 -27.94 56.10
C GLY H 2171 68.92 -27.66 57.34
N PRO H 2172 68.58 -28.33 58.44
CA PRO H 2172 69.32 -28.12 59.69
C PRO H 2172 70.75 -28.62 59.58
N GLN H 2173 71.62 -28.00 60.37
CA GLN H 2173 73.06 -28.30 60.44
C GLN H 2173 73.78 -28.01 59.13
N GLU H 2174 73.13 -27.31 58.20
CA GLU H 2174 73.75 -26.91 56.94
C GLU H 2174 73.85 -25.41 56.76
N GLU H 2175 72.98 -24.62 57.39
CA GLU H 2175 73.06 -23.17 57.27
C GLU H 2175 74.30 -22.61 57.97
N ASN H 2176 74.83 -23.34 58.97
CA ASN H 2176 76.03 -22.89 59.65
C ASN H 2176 77.22 -22.86 58.70
N LEU H 2177 77.33 -23.87 57.83
CA LEU H 2177 78.42 -23.87 56.85
C LEU H 2177 78.30 -22.71 55.88
N MET H 2178 77.08 -22.39 55.44
CA MET H 2178 76.88 -21.25 54.56
C MET H 2178 77.20 -19.94 55.27
N ILE H 2179 76.84 -19.83 56.55
CA ILE H 2179 77.16 -18.62 57.30
C ILE H 2179 78.67 -18.46 57.47
N GLN H 2180 79.36 -19.57 57.77
CA GLN H 2180 80.82 -19.52 57.87
C GLN H 2180 81.44 -19.14 56.53
N SER H 2181 80.89 -19.68 55.44
CA SER H 2181 81.35 -19.30 54.11
C SER H 2181 81.17 -17.81 53.89
N ILE H 2182 80.03 -17.26 54.29
CA ILE H 2182 79.74 -15.85 54.08
C ILE H 2182 80.69 -14.99 54.90
N GLY H 2183 80.96 -15.41 56.14
CA GLY H 2183 81.96 -14.71 56.94
C GLY H 2183 83.33 -14.73 56.29
N ASN H 2184 83.71 -15.87 55.71
CA ASN H 2184 85.00 -15.96 55.03
C ASN H 2184 85.04 -15.07 53.79
N ILE H 2185 83.92 -14.99 53.05
CA ILE H 2185 83.89 -14.08 51.91
C ILE H 2185 84.06 -12.63 52.38
N MET H 2186 83.38 -12.26 53.46
CA MET H 2186 83.51 -10.91 53.97
C MET H 2186 84.95 -10.61 54.39
N ASN H 2187 85.59 -11.58 55.07
CA ASN H 2187 86.97 -11.40 55.49
C ASN H 2187 87.97 -11.57 54.35
N ASN H 2188 87.54 -12.06 53.19
CA ASN H 2188 88.44 -12.22 52.07
C ASN H 2188 88.83 -10.86 51.50
N LYS H 2189 90.12 -10.69 51.20
CA LYS H 2189 90.61 -9.39 50.75
C LYS H 2189 90.04 -9.01 49.38
N VAL H 2190 89.96 -9.97 48.46
CA VAL H 2190 89.56 -9.66 47.09
C VAL H 2190 88.09 -9.30 47.00
N PHE H 2191 87.29 -9.63 48.02
CA PHE H 2191 85.86 -9.32 47.98
C PHE H 2191 85.62 -7.81 47.90
N TYR H 2192 86.34 -7.04 48.71
CA TYR H 2192 86.19 -5.59 48.71
C TYR H 2192 87.25 -4.87 47.88
N GLN H 2193 88.40 -5.49 47.67
CA GLN H 2193 89.45 -4.85 46.87
C GLN H 2193 89.03 -4.73 45.42
N HIS H 2194 88.51 -5.81 44.84
CA HIS H 2194 88.14 -5.86 43.42
C HIS H 2194 86.69 -6.31 43.27
N PRO H 2195 85.75 -5.40 43.04
CA PRO H 2195 84.35 -5.81 42.85
C PRO H 2195 84.12 -6.63 41.59
N ASN H 2196 85.07 -6.61 40.65
CA ASN H 2196 84.84 -7.25 39.35
C ASN H 2196 84.73 -8.77 39.50
N LEU H 2197 85.58 -9.39 40.32
CA LEU H 2197 85.44 -10.82 40.56
C LEU H 2197 84.14 -11.13 41.29
N MET H 2198 83.74 -10.26 42.22
CA MET H 2198 82.48 -10.46 42.93
C MET H 2198 81.30 -10.46 41.97
N ARG H 2199 81.31 -9.55 41.00
CA ARG H 2199 80.23 -9.50 40.01
C ARG H 2199 80.31 -10.68 39.05
N ALA H 2200 81.51 -11.01 38.58
CA ALA H 2200 81.65 -12.04 37.55
C ALA H 2200 81.41 -13.44 38.12
N LEU H 2201 81.86 -13.69 39.35
CA LEU H 2201 81.71 -15.00 39.95
C LEU H 2201 80.26 -15.36 40.25
N GLY H 2202 79.34 -14.40 40.18
CA GLY H 2202 77.96 -14.69 40.50
C GLY H 2202 77.68 -14.88 41.98
N MET H 2203 78.54 -14.33 42.85
CA MET H 2203 78.32 -14.46 44.28
C MET H 2203 77.00 -13.81 44.69
N HIS H 2204 76.69 -12.65 44.11
CA HIS H 2204 75.39 -12.03 44.36
C HIS H 2204 74.25 -12.92 43.87
N GLU H 2205 74.43 -13.56 42.71
CA GLU H 2205 73.41 -14.48 42.21
C GLU H 2205 73.22 -15.66 43.16
N THR H 2206 74.33 -16.23 43.65
CA THR H 2206 74.24 -17.37 44.56
C THR H 2206 73.56 -16.98 45.88
N VAL H 2207 73.92 -15.82 46.44
CA VAL H 2207 73.32 -15.42 47.71
C VAL H 2207 71.84 -15.09 47.52
N MET H 2208 71.49 -14.49 46.37
CA MET H 2208 70.07 -14.25 46.09
C MET H 2208 69.32 -15.57 45.94
N GLU H 2209 69.93 -16.56 45.29
CA GLU H 2209 69.27 -17.85 45.13
C GLU H 2209 69.06 -18.55 46.46
N VAL H 2210 70.07 -18.54 47.33
CA VAL H 2210 69.90 -19.21 48.62
C VAL H 2210 68.91 -18.44 49.49
N MET H 2211 68.89 -17.10 49.39
CA MET H 2211 67.87 -16.33 50.12
C MET H 2211 66.47 -16.67 49.63
N VAL H 2212 66.31 -16.81 48.31
CA VAL H 2212 65.01 -17.21 47.77
C VAL H 2212 64.62 -18.60 48.28
N ASN H 2213 65.58 -19.52 48.31
CA ASN H 2213 65.29 -20.87 48.76
C ASN H 2213 64.87 -20.89 50.23
N VAL H 2214 65.58 -20.17 51.08
CA VAL H 2214 65.26 -20.20 52.51
C VAL H 2214 63.95 -19.46 52.79
N LEU H 2215 63.74 -18.31 52.13
CA LEU H 2215 62.49 -17.57 52.35
C LEU H 2215 61.32 -18.24 51.67
N GLY H 2216 61.51 -18.75 50.46
CA GLY H 2216 60.44 -19.40 49.72
C GLY H 2216 59.46 -18.42 49.10
N GLU H 2222 57.07 -17.17 56.74
CA GLU H 2222 57.77 -17.71 57.89
C GLU H 2222 59.26 -17.91 57.58
N ILE H 2223 60.11 -17.34 58.42
CA ILE H 2223 61.56 -17.45 58.27
C ILE H 2223 62.01 -18.71 59.01
N ARG H 2224 62.26 -19.79 58.27
CA ARG H 2224 62.70 -21.03 58.88
C ARG H 2224 64.07 -20.87 59.52
N PHE H 2225 64.99 -20.18 58.85
CA PHE H 2225 66.36 -19.99 59.32
C PHE H 2225 66.64 -18.49 59.37
N PRO H 2226 66.20 -17.80 60.42
CA PRO H 2226 66.40 -16.35 60.50
C PRO H 2226 67.87 -15.93 60.47
N LYS H 2227 68.76 -16.73 61.07
CA LYS H 2227 70.18 -16.41 61.03
C LYS H 2227 70.71 -16.40 59.60
N MET H 2228 70.28 -17.36 58.79
CA MET H 2228 70.69 -17.41 57.39
C MET H 2228 70.23 -16.16 56.65
N VAL H 2229 68.98 -15.74 56.87
CA VAL H 2229 68.47 -14.54 56.21
C VAL H 2229 69.25 -13.31 56.65
N THR H 2230 69.55 -13.20 57.96
CA THR H 2230 70.30 -12.05 58.44
C THR H 2230 71.70 -12.01 57.84
N SER H 2231 72.37 -13.16 57.77
CA SER H 2231 73.71 -13.20 57.18
C SER H 2231 73.67 -12.85 55.70
N CYS H 2232 72.68 -13.37 54.97
CA CYS H 2232 72.56 -13.05 53.55
C CYS H 2232 72.28 -11.57 53.34
N CYS H 2233 71.42 -10.97 54.17
CA CYS H 2233 71.14 -9.56 54.04
C CYS H 2233 72.37 -8.71 54.35
N ARG H 2234 73.13 -9.08 55.38
CA ARG H 2234 74.35 -8.35 55.69
C ARG H 2234 75.34 -8.44 54.53
N PHE H 2235 75.50 -9.63 53.96
CA PHE H 2235 76.41 -9.79 52.82
C PHE H 2235 75.96 -8.96 51.63
N LEU H 2236 74.65 -8.97 51.33
CA LEU H 2236 74.14 -8.21 50.19
C LEU H 2236 74.30 -6.70 50.39
N CYS H 2237 74.01 -6.21 51.60
CA CYS H 2237 74.19 -4.80 51.88
C CYS H 2237 75.66 -4.40 51.77
N TYR H 2238 76.55 -5.24 52.30
CA TYR H 2238 77.98 -4.96 52.16
C TYR H 2238 78.39 -4.94 50.69
N PHE H 2239 77.84 -5.87 49.90
CA PHE H 2239 78.15 -5.91 48.47
C PHE H 2239 77.71 -4.62 47.78
N CYS H 2240 76.53 -4.10 48.13
CA CYS H 2240 76.10 -2.84 47.54
C CYS H 2240 77.03 -1.69 47.98
N ARG H 2241 77.46 -1.70 49.25
CA ARG H 2241 78.41 -0.69 49.70
C ARG H 2241 79.78 -0.84 49.04
N ILE H 2242 80.08 -1.99 48.45
CA ILE H 2242 81.40 -2.19 47.86
C ILE H 2242 81.64 -1.21 46.71
N SER H 2243 80.68 -1.14 45.78
CA SER H 2243 80.88 -0.31 44.59
C SER H 2243 79.52 0.07 44.02
N ARG H 2244 79.55 1.03 43.09
CA ARG H 2244 78.32 1.54 42.49
C ARG H 2244 77.72 0.57 41.48
N GLN H 2245 78.55 -0.17 40.75
CA GLN H 2245 78.02 -1.15 39.80
C GLN H 2245 77.27 -2.27 40.51
N ASN H 2246 77.76 -2.70 41.67
CA ASN H 2246 77.01 -3.65 42.48
C ASN H 2246 75.67 -3.07 42.90
N GLN H 2247 75.65 -1.78 43.24
CA GLN H 2247 74.41 -1.11 43.59
C GLN H 2247 73.43 -1.10 42.43
N ARG H 2248 73.94 -0.85 41.21
CA ARG H 2248 73.08 -0.87 40.03
C ARG H 2248 72.54 -2.27 39.76
N SER H 2249 73.38 -3.29 39.94
CA SER H 2249 72.92 -4.67 39.74
C SER H 2249 71.85 -5.03 40.76
N MET H 2250 72.01 -4.59 42.01
CA MET H 2250 70.98 -4.80 43.01
C MET H 2250 69.70 -4.06 42.66
N PHE H 2251 69.84 -2.87 42.06
CA PHE H 2251 68.66 -2.14 41.58
C PHE H 2251 67.94 -2.94 40.50
N ASP H 2252 68.70 -3.61 39.63
CA ASP H 2252 68.08 -4.43 38.59
C ASP H 2252 67.23 -5.55 39.19
N HIS H 2253 67.59 -6.03 40.39
CA HIS H 2253 66.84 -7.05 41.09
C HIS H 2253 66.04 -6.50 42.26
N LEU H 2254 65.90 -5.18 42.35
CA LEU H 2254 65.31 -4.54 43.53
C LEU H 2254 63.85 -4.93 43.73
N SER H 2255 63.15 -5.32 42.66
CA SER H 2255 61.73 -5.63 42.76
C SER H 2255 61.48 -6.78 43.72
N TYR H 2256 62.32 -7.82 43.68
CA TYR H 2256 62.13 -8.95 44.58
C TYR H 2256 62.33 -8.54 46.03
N LEU H 2257 63.33 -7.70 46.30
CA LEU H 2257 63.56 -7.25 47.67
C LEU H 2257 62.39 -6.43 48.19
N LEU H 2258 61.84 -5.54 47.37
CA LEU H 2258 60.66 -4.79 47.82
C LEU H 2258 59.43 -5.67 47.97
N GLU H 2259 59.27 -6.68 47.10
CA GLU H 2259 58.08 -7.52 47.18
C GLU H 2259 58.12 -8.45 48.39
N ASN H 2260 59.26 -9.09 48.64
CA ASN H 2260 59.35 -10.06 49.73
C ASN H 2260 59.35 -9.37 51.08
N SER H 2261 60.15 -8.32 51.23
CA SER H 2261 60.26 -7.63 52.51
C SER H 2261 59.06 -6.74 52.78
N MET H 2267 61.54 -8.18 60.35
CA MET H 2267 61.25 -8.65 61.70
C MET H 2267 62.32 -8.17 62.69
N GLN H 2268 63.40 -8.94 62.79
CA GLN H 2268 64.50 -8.63 63.68
C GLN H 2268 65.81 -8.70 62.91
N GLY H 2269 66.77 -7.88 63.33
CA GLY H 2269 68.05 -7.85 62.66
C GLY H 2269 67.96 -7.25 61.26
N SER H 2270 68.91 -7.64 60.41
CA SER H 2270 68.94 -7.15 59.04
C SER H 2270 67.82 -7.76 58.23
N THR H 2271 67.28 -6.99 57.30
CA THR H 2271 66.17 -7.37 56.45
C THR H 2271 66.52 -7.04 55.00
N PRO H 2272 65.92 -7.75 54.04
CA PRO H 2272 66.20 -7.42 52.62
C PRO H 2272 65.83 -6.00 52.26
N LEU H 2273 64.85 -5.41 52.94
CA LEU H 2273 64.51 -4.01 52.69
C LEU H 2273 65.65 -3.10 53.13
N ASP H 2274 66.41 -3.49 54.15
CA ASP H 2274 67.62 -2.75 54.49
C ASP H 2274 68.64 -2.83 53.37
N VAL H 2275 68.73 -3.99 52.69
CA VAL H 2275 69.59 -4.10 51.52
C VAL H 2275 69.11 -3.16 50.42
N ALA H 2276 67.81 -3.08 50.22
CA ALA H 2276 67.26 -2.15 49.23
C ALA H 2276 67.61 -0.71 49.58
N ALA H 2277 67.47 -0.34 50.85
CA ALA H 2277 67.82 1.01 51.29
C ALA H 2277 69.30 1.29 51.06
N ALA H 2278 70.15 0.33 51.36
CA ALA H 2278 71.58 0.49 51.11
C ALA H 2278 71.87 0.61 49.62
N SER H 2279 71.08 -0.06 48.79
CA SER H 2279 71.24 0.07 47.34
C SER H 2279 70.82 1.45 46.86
N VAL H 2280 69.81 2.04 47.50
CA VAL H 2280 69.34 3.36 47.08
C VAL H 2280 70.31 4.47 47.48
N ILE H 2281 70.92 4.37 48.66
CA ILE H 2281 71.70 5.47 49.21
C ILE H 2281 73.02 5.62 48.46
N ASP H 2282 73.69 6.75 48.72
CA ASP H 2282 75.05 7.01 48.27
C ASP H 2282 75.18 7.09 46.76
N ASN H 2283 74.07 7.41 46.07
CA ASN H 2283 74.11 7.58 44.62
C ASN H 2283 72.83 8.28 44.17
N ASN H 2284 72.99 9.33 43.37
CA ASN H 2284 71.84 10.05 42.83
C ASN H 2284 71.25 9.35 41.61
N GLU H 2285 72.07 8.61 40.86
CA GLU H 2285 71.57 7.93 39.67
C GLU H 2285 70.53 6.87 40.02
N LEU H 2286 70.79 6.09 41.07
CA LEU H 2286 69.81 5.08 41.49
C LEU H 2286 68.60 5.73 42.15
N ALA H 2287 68.82 6.81 42.91
CA ALA H 2287 67.71 7.48 43.58
C ALA H 2287 66.74 8.10 42.58
N LEU H 2288 67.26 8.73 41.52
CA LEU H 2288 66.39 9.41 40.55
C LEU H 2288 65.56 8.41 39.76
N ALA H 2289 66.16 7.28 39.37
CA ALA H 2289 65.51 6.30 38.52
C ALA H 2289 64.56 5.37 39.28
N LEU H 2290 64.15 5.75 40.49
CA LEU H 2290 63.24 4.93 41.27
C LEU H 2290 61.89 4.82 40.54
N GLN H 2291 61.38 3.59 40.43
CA GLN H 2291 60.11 3.36 39.77
C GLN H 2291 58.95 3.56 40.74
N GLU H 2292 57.83 4.04 40.20
CA GLU H 2292 56.66 4.33 41.03
C GLU H 2292 56.07 3.09 41.68
N GLN H 2293 56.35 1.90 41.15
CA GLN H 2293 55.85 0.68 41.77
C GLN H 2293 56.44 0.50 43.17
N ASP H 2294 57.73 0.82 43.33
CA ASP H 2294 58.36 0.72 44.64
C ASP H 2294 57.70 1.68 45.65
N LEU H 2295 57.45 2.92 45.24
CA LEU H 2295 56.79 3.87 46.12
C LEU H 2295 55.37 3.41 46.46
N GLU H 2296 54.65 2.86 45.48
CA GLU H 2296 53.31 2.35 45.75
C GLU H 2296 53.36 1.19 46.74
N LYS H 2297 54.33 0.29 46.60
CA LYS H 2297 54.45 -0.82 47.53
C LYS H 2297 54.79 -0.34 48.94
N VAL H 2298 55.68 0.64 49.04
CA VAL H 2298 56.04 1.17 50.37
C VAL H 2298 54.85 1.89 51.00
N VAL H 2299 54.06 2.60 50.19
CA VAL H 2299 52.88 3.28 50.73
C VAL H 2299 51.84 2.26 51.19
N SER H 2300 51.68 1.16 50.42
CA SER H 2300 50.78 0.10 50.85
C SER H 2300 51.25 -0.53 52.16
N TYR H 2301 52.57 -0.72 52.30
CA TYR H 2301 53.11 -1.25 53.55
C TYR H 2301 52.85 -0.28 54.70
N LEU H 2302 53.01 1.02 54.46
CA LEU H 2302 52.72 2.02 55.49
C LEU H 2302 51.25 1.96 55.90
N ALA H 2303 50.36 1.83 54.93
CA ALA H 2303 48.93 1.72 55.24
C ALA H 2303 48.64 0.45 56.03
N GLY H 2304 49.29 -0.66 55.67
CA GLY H 2304 49.12 -1.89 56.41
C GLY H 2304 49.72 -1.87 57.80
N CYS H 2305 50.67 -0.97 58.05
CA CYS H 2305 51.22 -0.83 59.40
C CYS H 2305 50.15 -0.38 60.39
N GLY H 2306 49.17 0.40 59.94
CA GLY H 2306 48.08 0.79 60.81
C GLY H 2306 47.22 -0.40 61.20
N LEU H 2307 46.58 -0.28 62.37
CA LEU H 2307 45.73 -1.34 62.93
C LEU H 2307 46.50 -2.64 63.07
N GLN H 2308 47.73 -2.53 63.57
CA GLN H 2308 48.59 -3.70 63.77
C GLN H 2308 49.49 -3.42 64.98
N SER H 2309 50.44 -4.32 65.23
CA SER H 2309 51.37 -4.18 66.33
C SER H 2309 52.72 -4.77 65.94
N CYS H 2310 53.78 -4.25 66.57
CA CYS H 2310 55.11 -4.75 66.29
C CYS H 2310 55.26 -6.18 66.83
N PRO H 2311 55.96 -7.06 66.11
CA PRO H 2311 56.16 -8.42 66.63
C PRO H 2311 56.86 -8.44 67.98
N MET H 2312 57.80 -7.53 68.21
CA MET H 2312 58.44 -7.44 69.52
C MET H 2312 57.43 -7.06 70.60
N LEU H 2313 56.55 -6.10 70.31
CA LEU H 2313 55.53 -5.72 71.27
C LEU H 2313 54.56 -6.88 71.54
N LEU H 2314 54.19 -7.61 70.49
CA LEU H 2314 53.32 -8.77 70.68
C LEU H 2314 53.98 -9.83 71.53
N ALA H 2315 55.28 -10.08 71.30
CA ALA H 2315 56.01 -11.03 72.14
C ALA H 2315 56.08 -10.56 73.58
N LYS H 2316 56.31 -9.27 73.80
CA LYS H 2316 56.35 -8.73 75.15
C LYS H 2316 54.98 -8.72 75.83
N GLY H 2317 53.90 -8.91 75.09
CA GLY H 2317 52.57 -8.92 75.66
C GLY H 2317 51.93 -7.56 75.84
N TYR H 2318 52.57 -6.49 75.40
CA TYR H 2318 52.00 -5.16 75.54
C TYR H 2318 50.78 -5.01 74.64
N PRO H 2319 49.77 -4.26 75.08
CA PRO H 2319 48.59 -4.04 74.24
C PRO H 2319 48.94 -3.30 72.96
N ASP H 2320 48.21 -3.61 71.89
CA ASP H 2320 48.45 -2.97 70.61
C ASP H 2320 48.08 -1.50 70.67
N ILE H 2321 48.91 -0.66 70.04
CA ILE H 2321 48.69 0.77 70.00
C ILE H 2321 48.10 1.23 68.66
N GLY H 2322 47.61 0.29 67.84
CA GLY H 2322 47.04 0.62 66.56
C GLY H 2322 48.03 0.69 65.41
N TRP H 2323 49.31 0.50 65.66
CA TRP H 2323 50.33 0.52 64.62
C TRP H 2323 51.59 -0.13 65.17
N ASN H 2324 52.47 -0.54 64.25
CA ASN H 2324 53.74 -1.15 64.63
C ASN H 2324 54.84 -0.12 64.47
N PRO H 2325 55.39 0.40 65.56
CA PRO H 2325 56.49 1.38 65.43
C PRO H 2325 57.72 0.83 64.74
N CYS H 2326 58.03 -0.45 64.92
CA CYS H 2326 59.28 -1.01 64.40
C CYS H 2326 59.26 -1.03 62.87
N GLY H 2327 58.31 -1.78 62.29
CA GLY H 2327 58.25 -1.87 60.84
C GLY H 2327 57.94 -0.55 60.17
N GLY H 2328 57.03 0.22 60.76
CA GLY H 2328 56.73 1.54 60.22
C GLY H 2328 57.94 2.45 60.22
N GLU H 2329 58.71 2.45 61.31
CA GLU H 2329 59.92 3.26 61.37
C GLU H 2329 60.96 2.79 60.36
N ARG H 2330 61.09 1.48 60.18
CA ARG H 2330 62.04 0.97 59.19
C ARG H 2330 61.64 1.40 57.78
N TYR H 2331 60.36 1.27 57.45
CA TYR H 2331 59.89 1.69 56.13
C TYR H 2331 60.06 3.19 55.92
N LEU H 2332 59.79 3.97 56.98
CA LEU H 2332 59.93 5.42 56.89
C LEU H 2332 61.39 5.83 56.72
N ASP H 2333 62.30 5.14 57.41
CA ASP H 2333 63.73 5.38 57.22
C ASP H 2333 64.15 5.05 55.79
N PHE H 2334 63.62 3.95 55.24
CA PHE H 2334 63.90 3.62 53.84
C PHE H 2334 63.40 4.73 52.92
N LEU H 2335 62.20 5.25 53.19
CA LEU H 2335 61.65 6.33 52.37
C LEU H 2335 62.52 7.57 52.44
N ARG H 2336 62.99 7.92 53.65
CA ARG H 2336 63.85 9.09 53.81
C ARG H 2336 65.20 8.88 53.13
N PHE H 2337 65.70 7.64 53.11
CA PHE H 2337 66.89 7.34 52.31
C PHE H 2337 66.63 7.53 50.83
N ALA H 2338 65.46 7.08 50.36
CA ALA H 2338 65.13 7.18 48.95
C ALA H 2338 65.02 8.63 48.50
N VAL H 2339 64.40 9.48 49.33
CA VAL H 2339 64.20 10.87 48.95
C VAL H 2339 65.47 11.71 49.17
N PHE H 2340 66.16 11.51 50.28
CA PHE H 2340 67.31 12.33 50.66
C PHE H 2340 68.59 11.62 50.24
N VAL H 2341 69.23 12.14 49.20
CA VAL H 2341 70.54 11.67 48.75
C VAL H 2341 71.39 12.88 48.42
N ASN H 2342 72.67 12.84 48.84
CA ASN H 2342 73.62 13.93 48.61
C ASN H 2342 73.08 15.27 49.10
N GLY H 2343 72.28 15.25 50.16
CA GLY H 2343 71.67 16.47 50.68
C GLY H 2343 70.46 16.98 49.94
N GLU H 2344 70.50 17.00 48.61
CA GLU H 2344 69.38 17.48 47.83
C GLU H 2344 68.30 16.41 47.73
N SER H 2345 67.12 16.84 47.29
CA SER H 2345 65.97 15.95 47.10
C SER H 2345 65.48 16.06 45.66
N VAL H 2346 65.24 14.91 45.03
CA VAL H 2346 64.74 14.90 43.67
C VAL H 2346 63.30 15.37 43.66
N GLU H 2347 63.00 16.35 42.79
CA GLU H 2347 61.68 16.96 42.78
C GLU H 2347 60.58 15.96 42.44
N GLU H 2348 60.81 15.16 41.40
CA GLU H 2348 59.79 14.20 40.97
C GLU H 2348 59.55 13.13 42.02
N ASN H 2349 60.64 12.57 42.57
CA ASN H 2349 60.50 11.54 43.60
C ASN H 2349 59.82 12.09 44.85
N ALA H 2350 60.21 13.29 45.28
CA ALA H 2350 59.58 13.90 46.44
C ALA H 2350 58.09 14.15 46.19
N ASN H 2351 57.75 14.66 45.01
CA ASN H 2351 56.35 14.94 44.70
C ASN H 2351 55.52 13.66 44.71
N VAL H 2352 56.01 12.61 44.05
CA VAL H 2352 55.23 11.38 43.98
C VAL H 2352 55.12 10.72 45.35
N VAL H 2353 56.20 10.77 46.15
CA VAL H 2353 56.14 10.11 47.45
C VAL H 2353 55.21 10.86 48.39
N VAL H 2354 55.22 12.20 48.36
CA VAL H 2354 54.30 12.93 49.24
C VAL H 2354 52.87 12.75 48.77
N ARG H 2355 52.64 12.70 47.46
CA ARG H 2355 51.28 12.49 46.96
C ARG H 2355 50.74 11.14 47.37
N LEU H 2356 51.54 10.08 47.20
CA LEU H 2356 51.09 8.75 47.60
C LEU H 2356 50.99 8.61 49.11
N LEU H 2357 51.78 9.39 49.86
CA LEU H 2357 51.67 9.34 51.32
C LEU H 2357 50.40 10.02 51.80
N ILE H 2358 50.03 11.16 51.19
CA ILE H 2358 48.87 11.89 51.68
C ILE H 2358 47.58 11.27 51.15
N ARG H 2359 47.65 10.59 49.99
CA ARG H 2359 46.45 9.99 49.43
C ARG H 2359 45.84 8.96 50.38
N LYS H 2360 46.66 8.32 51.22
CA LYS H 2360 46.18 7.38 52.23
C LYS H 2360 46.47 7.94 53.61
N PRO H 2361 45.48 8.52 54.29
CA PRO H 2361 45.74 9.10 55.63
C PRO H 2361 46.13 8.08 56.68
N GLU H 2362 45.86 6.79 56.46
CA GLU H 2362 46.15 5.78 57.47
C GLU H 2362 47.66 5.65 57.71
N CYS H 2363 48.48 5.98 56.72
CA CYS H 2363 49.93 5.84 56.86
C CYS H 2363 50.53 6.82 57.86
N PHE H 2364 49.82 7.91 58.17
CA PHE H 2364 50.32 8.88 59.12
C PHE H 2364 50.14 8.38 60.55
N GLY H 2365 50.51 9.22 61.51
CA GLY H 2365 50.41 8.87 62.91
C GLY H 2365 48.96 8.84 63.38
N PRO H 2366 48.72 8.18 64.51
CA PRO H 2366 47.34 8.12 65.04
C PRO H 2366 46.76 9.48 65.36
N ALA H 2367 47.57 10.43 65.82
CA ALA H 2367 47.07 11.77 66.12
C ALA H 2367 46.56 12.47 64.87
N LEU H 2368 47.31 12.36 63.78
CA LEU H 2368 46.91 13.01 62.53
C LEU H 2368 45.77 12.24 61.88
N ARG H 2369 44.83 12.98 61.28
CA ARG H 2369 43.69 12.37 60.63
C ARG H 2369 43.34 13.12 59.35
N GLY H 2373 41.79 14.10 65.28
CA GLY H 2373 41.76 13.42 66.56
C GLY H 2373 42.61 14.10 67.61
N SER H 2374 43.91 13.85 67.57
CA SER H 2374 44.87 14.43 68.51
C SER H 2374 45.89 15.26 67.74
N GLY H 2375 46.90 15.75 68.47
CA GLY H 2375 47.94 16.56 67.88
C GLY H 2375 49.32 16.00 68.20
N LEU H 2376 50.34 16.63 67.61
CA LEU H 2376 51.71 16.20 67.84
C LEU H 2376 52.11 16.39 69.30
N LEU H 2377 51.70 17.50 69.92
CA LEU H 2377 51.99 17.71 71.33
C LEU H 2377 51.26 16.68 72.19
N ALA H 2378 50.03 16.32 71.83
CA ALA H 2378 49.32 15.26 72.55
C ALA H 2378 50.03 13.93 72.40
N ALA H 2379 50.53 13.63 71.20
CA ALA H 2379 51.29 12.40 70.99
C ALA H 2379 52.56 12.39 71.82
N ILE H 2380 53.25 13.52 71.90
CA ILE H 2380 54.47 13.60 72.71
C ILE H 2380 54.15 13.39 74.18
N GLU H 2381 53.06 14.01 74.65
CA GLU H 2381 52.66 13.82 76.05
C GLU H 2381 52.30 12.37 76.32
N GLU H 2382 51.59 11.72 75.40
CA GLU H 2382 51.26 10.31 75.57
C GLU H 2382 52.52 9.44 75.59
N ALA H 2383 53.47 9.74 74.72
CA ALA H 2383 54.72 8.99 74.70
C ALA H 2383 55.48 9.16 76.01
N ILE H 2384 55.51 10.38 76.54
CA ILE H 2384 56.15 10.62 77.83
C ILE H 2384 55.43 9.85 78.94
N ARG H 2385 54.10 9.78 78.86
CA ARG H 2385 53.33 9.04 79.85
C ARG H 2385 53.66 7.55 79.81
N ILE H 2386 53.77 6.98 78.61
CA ILE H 2386 54.15 5.57 78.49
C ILE H 2386 55.59 5.37 78.97
N SER H 2387 56.47 6.34 78.71
CA SER H 2387 57.83 6.25 79.19
C SER H 2387 57.88 6.22 80.71
N GLU H 2388 57.08 7.06 81.37
CA GLU H 2388 56.99 7.03 82.83
C GLU H 2388 56.36 5.73 83.31
N ASP H 2389 55.35 5.24 82.60
CA ASP H 2389 54.70 4.00 82.98
C ASP H 2389 55.62 2.81 82.77
N PRO H 2390 55.47 1.74 83.58
CA PRO H 2390 56.30 0.55 83.43
C PRO H 2390 56.00 -0.23 82.15
N ARG H 2415 65.45 -2.71 76.07
CA ARG H 2415 65.50 -1.70 75.02
C ARG H 2415 64.38 -1.90 74.01
N VAL H 2416 63.20 -2.30 74.51
CA VAL H 2416 62.04 -2.54 73.66
C VAL H 2416 60.87 -1.71 74.16
N HIS H 2417 61.16 -0.56 74.77
CA HIS H 2417 60.11 0.29 75.31
C HIS H 2417 59.28 0.90 74.18
N LEU H 2418 57.97 0.99 74.42
CA LEU H 2418 57.07 1.47 73.38
C LEU H 2418 57.16 2.99 73.20
N GLY H 2419 57.38 3.73 74.28
CA GLY H 2419 57.41 5.18 74.18
C GLY H 2419 58.54 5.69 73.31
N HIS H 2420 59.73 5.13 73.47
CA HIS H 2420 60.86 5.53 72.66
C HIS H 2420 60.61 5.22 71.19
N ALA H 2421 60.04 4.06 70.90
CA ALA H 2421 59.74 3.70 69.51
C ALA H 2421 58.71 4.64 68.91
N ILE H 2422 57.67 4.99 69.68
CA ILE H 2422 56.66 5.91 69.18
C ILE H 2422 57.27 7.27 68.90
N MET H 2423 58.10 7.77 69.82
CA MET H 2423 58.75 9.07 69.62
C MET H 2423 59.66 9.04 68.40
N SER H 2424 60.42 7.95 68.22
CA SER H 2424 61.29 7.82 67.05
C SER H 2424 60.48 7.78 65.77
N PHE H 2425 59.36 7.07 65.76
CA PHE H 2425 58.51 7.02 64.57
C PHE H 2425 57.95 8.40 64.23
N TYR H 2426 57.49 9.14 65.24
CA TYR H 2426 56.95 10.47 64.98
C TYR H 2426 58.04 11.42 64.49
N ALA H 2427 59.24 11.34 65.08
CA ALA H 2427 60.35 12.17 64.62
C ALA H 2427 60.72 11.83 63.18
N ALA H 2428 60.74 10.53 62.84
CA ALA H 2428 61.02 10.13 61.47
C ALA H 2428 59.96 10.64 60.52
N LEU H 2429 58.69 10.60 60.94
CA LEU H 2429 57.61 11.08 60.09
C LEU H 2429 57.75 12.57 59.79
N ILE H 2430 58.00 13.37 60.83
CA ILE H 2430 58.12 14.81 60.62
C ILE H 2430 59.37 15.13 59.83
N ASP H 2431 60.47 14.39 60.07
CA ASP H 2431 61.69 14.61 59.31
C ASP H 2431 61.50 14.27 57.83
N LEU H 2432 60.79 13.18 57.55
CA LEU H 2432 60.51 12.82 56.15
C LEU H 2432 59.60 13.85 55.50
N LEU H 2433 58.60 14.35 56.25
CA LEU H 2433 57.72 15.37 55.70
C LEU H 2433 58.50 16.65 55.36
N GLY H 2434 59.44 17.03 56.23
CA GLY H 2434 60.26 18.20 55.95
C GLY H 2434 61.36 17.98 54.93
N ARG H 2435 61.74 16.72 54.70
CA ARG H 2435 62.84 16.43 53.78
C ARG H 2435 62.43 16.63 52.33
N CYS H 2436 61.22 16.21 51.97
CA CYS H 2436 60.71 16.35 50.61
C CYS H 2436 60.27 17.76 50.28
N ALA H 2437 60.49 18.73 51.17
CA ALA H 2437 60.12 20.09 50.89
C ALA H 2437 60.96 20.66 49.75
N PRO H 2438 60.38 21.52 48.92
CA PRO H 2438 61.15 22.14 47.83
C PRO H 2438 62.31 22.97 48.38
N GLU H 2439 63.40 22.99 47.62
CA GLU H 2439 64.60 23.70 48.02
C GLU H 2439 64.36 25.21 47.94
N MET H 2440 65.39 25.97 48.35
CA MET H 2440 65.29 27.42 48.34
C MET H 2440 65.13 27.96 46.92
N HIS H 2441 65.84 27.37 45.96
CA HIS H 2441 65.74 27.83 44.57
C HIS H 2441 64.33 27.59 44.02
N LEU H 2442 63.71 26.47 44.38
CA LEU H 2442 62.34 26.21 43.92
C LEU H 2442 61.37 27.24 44.49
N ILE H 2443 61.52 27.59 45.77
CA ILE H 2443 60.65 28.59 46.37
C ILE H 2443 60.88 29.95 45.72
N GLN H 2444 62.14 30.31 45.47
CA GLN H 2444 62.44 31.59 44.85
C GLN H 2444 61.88 31.67 43.43
N ALA H 2445 61.98 30.59 42.67
CA ALA H 2445 61.46 30.57 41.31
C ALA H 2445 59.93 30.61 41.26
N GLY H 2446 59.26 30.35 42.37
CA GLY H 2446 57.80 30.39 42.41
C GLY H 2446 57.12 29.33 41.57
N LYS H 2447 57.62 28.09 41.61
CA LYS H 2447 56.99 27.01 40.88
C LYS H 2447 55.64 26.67 41.51
N GLY H 2448 54.62 26.48 40.66
CA GLY H 2448 53.29 26.21 41.17
C GLY H 2448 53.21 24.89 41.92
N GLU H 2449 53.78 23.82 41.35
CA GLU H 2449 53.76 22.52 42.00
C GLU H 2449 54.56 22.55 43.29
N ALA H 2450 55.75 23.17 43.27
CA ALA H 2450 56.56 23.26 44.48
C ALA H 2450 55.86 24.07 45.56
N LEU H 2451 55.24 25.19 45.19
CA LEU H 2451 54.51 25.99 46.16
C LEU H 2451 53.33 25.22 46.74
N ARG H 2452 52.60 24.49 45.90
CA ARG H 2452 51.47 23.70 46.39
C ARG H 2452 51.94 22.62 47.36
N ILE H 2453 53.03 21.92 47.02
CA ILE H 2453 53.55 20.88 47.90
C ILE H 2453 54.01 21.48 49.22
N ARG H 2454 54.70 22.62 49.17
CA ARG H 2454 55.16 23.26 50.40
C ARG H 2454 53.98 23.69 51.27
N ALA H 2455 52.94 24.26 50.65
CA ALA H 2455 51.76 24.67 51.42
C ALA H 2455 51.06 23.48 52.03
N ILE H 2456 50.94 22.37 51.28
CA ILE H 2456 50.28 21.18 51.80
C ILE H 2456 51.06 20.63 52.99
N LEU H 2457 52.38 20.52 52.87
CA LEU H 2457 53.18 19.97 53.94
C LEU H 2457 53.24 20.92 55.13
N ARG H 2458 53.12 22.23 54.91
CA ARG H 2458 53.07 23.18 56.01
C ARG H 2458 51.76 23.09 56.77
N SER H 2459 50.64 22.99 56.04
CA SER H 2459 49.34 22.87 56.69
C SER H 2459 49.13 21.51 57.33
N LEU H 2460 49.86 20.48 56.89
CA LEU H 2460 49.71 19.15 57.46
C LEU H 2460 50.09 19.14 58.94
N VAL H 2461 51.22 19.77 59.28
CA VAL H 2461 51.73 19.80 60.64
C VAL H 2461 51.88 21.25 61.06
N PRO H 2462 51.13 21.74 62.05
CA PRO H 2462 51.31 23.12 62.51
C PRO H 2462 52.65 23.32 63.19
N LEU H 2463 53.14 24.56 63.10
CA LEU H 2463 54.44 24.89 63.70
C LEU H 2463 54.37 24.86 65.22
N ASP H 2464 53.24 25.27 65.81
CA ASP H 2464 53.12 25.32 67.26
C ASP H 2464 53.32 23.94 67.88
N ASP H 2465 52.85 22.89 67.21
CA ASP H 2465 53.08 21.54 67.69
C ASP H 2465 54.57 21.22 67.70
N LEU H 2466 55.29 21.63 66.67
CA LEU H 2466 56.73 21.41 66.63
C LEU H 2466 57.45 22.16 67.75
N VAL H 2467 57.04 23.41 68.01
CA VAL H 2467 57.65 24.16 69.10
C VAL H 2467 57.37 23.50 70.44
N GLY H 2468 56.14 23.01 70.63
CA GLY H 2468 55.82 22.31 71.86
C GLY H 2468 56.61 21.03 72.03
N ILE H 2469 56.82 20.29 70.93
CA ILE H 2469 57.60 19.06 71.00
C ILE H 2469 59.05 19.37 71.35
N ILE H 2470 59.62 20.41 70.73
CA ILE H 2470 61.00 20.78 71.03
C ILE H 2470 61.13 21.30 72.47
N SER H 2471 60.10 21.97 72.98
CA SER H 2471 60.17 22.56 74.31
C SER H 2471 60.30 21.51 75.41
N LEU H 2472 60.03 20.25 75.11
CA LEU H 2472 60.18 19.19 76.11
C LEU H 2472 61.66 19.04 76.46
N PRO H 2473 62.02 19.11 77.73
CA PRO H 2473 63.43 19.04 78.12
C PRO H 2473 63.90 17.57 78.18
N LEU H 2474 65.17 17.41 78.54
CA LEU H 2474 65.78 16.09 78.66
C LEU H 2474 66.50 15.99 79.99
N GLN H 2475 66.56 14.77 80.52
CA GLN H 2475 67.20 14.51 81.81
C GLN H 2475 68.71 14.38 81.60
N ILE H 2476 69.35 15.52 81.41
CA ILE H 2476 70.80 15.58 81.20
C ILE H 2476 71.49 15.33 82.53
N PRO H 2477 72.40 14.34 82.61
CA PRO H 2477 73.12 14.02 83.85
C PRO H 2477 74.47 13.36 83.58
N VAL H 2486 72.47 10.10 87.95
CA VAL H 2486 73.08 9.29 86.91
C VAL H 2486 72.38 9.54 85.57
N GLN H 2487 73.13 9.42 84.49
CA GLN H 2487 72.55 9.62 83.17
C GLN H 2487 71.55 8.52 82.85
N PRO H 2488 70.42 8.86 82.24
CA PRO H 2488 69.42 7.85 81.90
C PRO H 2488 69.79 7.12 80.61
N LYS H 2489 68.91 6.23 80.18
CA LYS H 2489 69.11 5.45 78.96
C LYS H 2489 68.31 6.08 77.83
N MET H 2490 69.00 6.43 76.74
CA MET H 2490 68.32 7.05 75.60
C MET H 2490 67.52 6.03 74.79
N SER H 2491 67.76 4.74 74.98
CA SER H 2491 67.02 3.71 74.26
C SER H 2491 65.58 3.59 74.71
N ALA H 2492 65.22 4.19 75.86
CA ALA H 2492 63.86 4.14 76.37
C ALA H 2492 63.39 5.53 76.81
N SER H 2493 63.85 6.57 76.11
CA SER H 2493 63.48 7.94 76.44
C SER H 2493 63.47 8.76 75.15
N PHE H 2494 63.42 10.07 75.30
CA PHE H 2494 63.38 10.99 74.16
C PHE H 2494 64.82 11.32 73.76
N VAL H 2495 65.28 10.73 72.65
CA VAL H 2495 66.62 10.95 72.16
C VAL H 2495 66.74 12.35 71.56
N PRO H 2496 67.90 12.99 71.65
CA PRO H 2496 68.06 14.31 71.02
C PRO H 2496 67.90 14.29 69.51
N ASP H 2497 68.04 13.13 68.87
CA ASP H 2497 67.83 13.04 67.43
C ASP H 2497 66.41 13.42 67.05
N HIS H 2498 65.44 13.16 67.93
CA HIS H 2498 64.07 13.60 67.68
C HIS H 2498 63.98 15.13 67.62
N LYS H 2499 64.66 15.80 68.56
CA LYS H 2499 64.69 17.26 68.53
C LYS H 2499 65.41 17.78 67.29
N ALA H 2500 66.49 17.11 66.89
CA ALA H 2500 67.19 17.51 65.67
C ALA H 2500 66.30 17.37 64.45
N SER H 2501 65.55 16.26 64.36
CA SER H 2501 64.60 16.09 63.25
C SER H 2501 63.52 17.14 63.27
N MET H 2502 63.02 17.48 64.47
CA MET H 2502 61.99 18.52 64.58
C MET H 2502 62.52 19.87 64.11
N VAL H 2503 63.75 20.21 64.51
CA VAL H 2503 64.34 21.49 64.12
C VAL H 2503 64.57 21.52 62.62
N LEU H 2504 65.03 20.41 62.04
CA LEU H 2504 65.21 20.33 60.60
C LEU H 2504 63.89 20.49 59.87
N PHE H 2505 62.83 19.86 60.39
CA PHE H 2505 61.49 20.02 59.81
C PHE H 2505 61.04 21.47 59.85
N LEU H 2506 61.25 22.13 60.99
CA LEU H 2506 60.86 23.53 61.12
C LEU H 2506 61.64 24.41 60.15
N ASP H 2507 62.94 24.15 60.00
CA ASP H 2507 63.76 24.96 59.11
C ASP H 2507 63.37 24.75 57.64
N ARG H 2508 63.14 23.50 57.24
CA ARG H 2508 62.84 23.19 55.85
C ARG H 2508 61.39 23.45 55.48
N VAL H 2509 60.51 23.62 56.46
CA VAL H 2509 59.08 23.80 56.19
C VAL H 2509 58.69 25.25 56.40
N TYR H 2510 58.86 25.74 57.62
CA TYR H 2510 58.41 27.09 57.98
C TYR H 2510 59.51 28.12 57.75
N GLY H 2511 60.64 27.95 58.44
CA GLY H 2511 61.74 28.90 58.32
C GLY H 2511 61.52 30.11 59.21
N ILE H 2512 62.56 30.50 59.95
CA ILE H 2512 62.48 31.63 60.86
C ILE H 2512 62.99 32.85 60.09
N GLU H 2513 62.06 33.64 59.57
CA GLU H 2513 62.38 34.86 58.82
C GLU H 2513 62.20 36.12 59.65
N ASN H 2514 61.06 36.26 60.31
CA ASN H 2514 60.82 37.43 61.15
C ASN H 2514 61.72 37.39 62.39
N GLN H 2515 62.16 38.57 62.82
CA GLN H 2515 63.01 38.66 64.01
C GLN H 2515 62.26 38.18 65.25
N ASP H 2516 60.99 38.56 65.39
CA ASP H 2516 60.21 38.13 66.54
C ASP H 2516 60.03 36.62 66.56
N PHE H 2517 59.76 36.02 65.39
CA PHE H 2517 59.61 34.57 65.33
C PHE H 2517 60.92 33.87 65.67
N LEU H 2518 62.05 34.39 65.19
CA LEU H 2518 63.34 33.80 65.53
C LEU H 2518 63.62 33.90 67.01
N LEU H 2519 63.32 35.06 67.62
CA LEU H 2519 63.51 35.20 69.06
C LEU H 2519 62.62 34.24 69.83
N HIS H 2520 61.37 34.08 69.40
CA HIS H 2520 60.46 33.18 70.10
C HIS H 2520 60.93 31.73 70.01
N VAL H 2521 61.35 31.30 68.82
CA VAL H 2521 61.82 29.91 68.69
C VAL H 2521 63.15 29.70 69.38
N LEU H 2522 63.98 30.74 69.52
CA LEU H 2522 65.20 30.60 70.28
C LEU H 2522 64.91 30.51 71.77
N ASP H 2523 63.91 31.27 72.25
CA ASP H 2523 63.56 31.22 73.66
C ASP H 2523 62.89 29.90 74.03
N VAL H 2524 62.04 29.37 73.15
CA VAL H 2524 61.28 28.16 73.43
C VAL H 2524 62.02 26.97 72.86
N GLY H 2525 62.40 26.03 73.72
CA GLY H 2525 63.08 24.82 73.29
C GLY H 2525 64.56 25.00 73.07
N PHE H 2526 64.92 25.94 72.19
CA PHE H 2526 66.34 26.16 71.88
C PHE H 2526 67.10 26.62 73.11
N LEU H 2527 66.55 27.57 73.86
CA LEU H 2527 67.22 28.03 75.08
C LEU H 2527 67.32 26.95 76.14
N PRO H 2528 66.26 26.20 76.47
CA PRO H 2528 66.44 25.09 77.43
C PRO H 2528 67.44 24.05 76.95
N ASP H 2529 67.45 23.73 75.65
CA ASP H 2529 68.41 22.76 75.13
C ASP H 2529 69.83 23.27 75.27
N MET H 2530 70.06 24.54 74.96
CA MET H 2530 71.40 25.12 75.11
C MET H 2530 71.82 25.15 76.58
N ARG H 2531 70.89 25.49 77.48
CA ARG H 2531 71.22 25.50 78.90
C ARG H 2531 71.56 24.10 79.39
N ALA H 2532 70.81 23.09 78.96
CA ALA H 2532 71.11 21.72 79.36
C ALA H 2532 72.46 21.27 78.81
N ALA H 2533 72.77 21.63 77.56
CA ALA H 2533 74.06 21.27 76.99
C ALA H 2533 75.20 21.94 77.74
N ALA H 2534 75.04 23.22 78.09
CA ALA H 2534 76.09 23.93 78.82
C ALA H 2534 76.27 23.35 80.21
N SER H 2535 75.18 23.01 80.89
CA SER H 2535 75.27 22.46 82.24
C SER H 2535 75.97 21.11 82.23
N LEU H 2536 75.66 20.26 81.24
CA LEU H 2536 76.26 18.94 81.14
C LEU H 2536 77.53 18.94 80.29
N ASP H 2537 78.19 20.08 80.15
CA ASP H 2537 79.42 20.17 79.36
C ASP H 2537 80.64 19.86 80.21
N THR H 2544 80.23 11.32 78.65
CA THR H 2544 78.81 11.07 78.86
C THR H 2544 78.08 10.88 77.53
N GLU H 2545 77.35 9.78 77.41
CA GLU H 2545 76.61 9.50 76.18
C GLU H 2545 75.52 10.54 75.95
N MET H 2546 74.81 10.93 77.01
CA MET H 2546 73.75 11.93 76.86
C MET H 2546 74.33 13.28 76.44
N ALA H 2547 75.45 13.69 77.03
CA ALA H 2547 76.08 14.94 76.65
C ALA H 2547 76.56 14.91 75.21
N LEU H 2548 77.15 13.78 74.79
CA LEU H 2548 77.59 13.64 73.41
C LEU H 2548 76.41 13.72 72.44
N ALA H 2549 75.30 13.05 72.78
CA ALA H 2549 74.11 13.10 71.93
C ALA H 2549 73.56 14.52 71.84
N LEU H 2550 73.52 15.23 72.97
CA LEU H 2550 73.03 16.61 72.96
C LEU H 2550 73.94 17.50 72.11
N ASN H 2551 75.25 17.33 72.24
CA ASN H 2551 76.18 18.12 71.43
C ASN H 2551 76.03 17.82 69.95
N ARG H 2552 75.84 16.54 69.60
CA ARG H 2552 75.64 16.17 68.21
C ARG H 2552 74.36 16.79 67.67
N TYR H 2553 73.28 16.74 68.46
CA TYR H 2553 72.02 17.36 68.05
C TYR H 2553 72.20 18.86 67.84
N LEU H 2554 72.88 19.53 68.76
CA LEU H 2554 73.09 20.97 68.64
C LEU H 2554 73.88 21.30 67.38
N CYS H 2555 74.99 20.59 67.16
CA CYS H 2555 75.85 20.89 66.02
C CYS H 2555 75.22 20.48 64.69
N LEU H 2556 74.28 19.53 64.69
CA LEU H 2556 73.65 19.09 63.45
C LEU H 2556 72.39 19.86 63.10
N ALA H 2557 71.67 20.38 64.09
CA ALA H 2557 70.42 21.09 63.83
C ALA H 2557 70.44 22.53 64.29
N VAL H 2558 70.86 22.79 65.52
CA VAL H 2558 70.81 24.14 66.07
C VAL H 2558 71.83 25.05 65.39
N LEU H 2559 73.06 24.58 65.23
CA LEU H 2559 74.11 25.42 64.66
C LEU H 2559 73.82 25.86 63.24
N PRO H 2560 73.46 24.98 62.28
CA PRO H 2560 73.13 25.49 60.94
C PRO H 2560 71.96 26.45 60.93
N LEU H 2561 70.92 26.18 61.73
CA LEU H 2561 69.78 27.08 61.77
C LEU H 2561 70.14 28.42 62.39
N ILE H 2562 70.98 28.40 63.43
CA ILE H 2562 71.43 29.65 64.05
C ILE H 2562 72.25 30.45 63.06
N THR H 2563 73.13 29.79 62.31
CA THR H 2563 73.95 30.49 61.32
C THR H 2563 73.07 31.08 60.22
N LYS H 2564 72.06 30.32 59.75
CA LYS H 2564 71.17 30.83 58.72
C LYS H 2564 70.35 32.01 59.22
N CYS H 2565 69.91 31.96 60.48
CA CYS H 2565 69.08 33.00 61.06
C CYS H 2565 69.88 34.13 61.69
N ALA H 2566 71.21 34.08 61.59
CA ALA H 2566 72.05 35.15 62.14
C ALA H 2566 71.71 36.54 61.61
N PRO H 2567 71.47 36.75 60.31
CA PRO H 2567 71.08 38.10 59.87
C PRO H 2567 69.82 38.62 60.52
N LEU H 2568 68.89 37.74 60.90
CA LEU H 2568 67.66 38.17 61.55
C LEU H 2568 67.87 38.63 62.98
N PHE H 2569 69.06 38.41 63.55
CA PHE H 2569 69.31 38.84 64.92
C PHE H 2569 69.27 40.36 65.04
N ALA H 2570 69.83 41.06 64.06
CA ALA H 2570 69.87 42.52 64.11
C ALA H 2570 68.46 43.11 64.01
N GLY H 2571 68.28 44.26 64.65
CA GLY H 2571 67.00 44.94 64.66
C GLY H 2571 66.04 44.49 65.73
N THR H 2572 66.48 43.63 66.67
CA THR H 2572 65.64 43.14 67.76
C THR H 2572 66.35 43.43 69.07
N GLU H 2573 66.08 44.62 69.62
CA GLU H 2573 66.70 45.06 70.87
C GLU H 2573 65.83 44.73 72.09
N HIS H 2574 64.64 44.15 71.89
CA HIS H 2574 63.76 43.82 72.99
C HIS H 2574 64.15 42.52 73.68
N ARG H 2575 65.09 41.76 73.13
CA ARG H 2575 65.51 40.49 73.72
C ARG H 2575 67.00 40.51 74.05
N ALA H 2576 67.46 41.60 74.66
CA ALA H 2576 68.88 41.73 74.98
C ALA H 2576 69.34 40.64 75.95
N ILE H 2577 68.53 40.36 76.97
CA ILE H 2577 68.88 39.33 77.94
C ILE H 2577 68.96 37.97 77.26
N MET H 2578 67.99 37.66 76.38
CA MET H 2578 67.97 36.36 75.72
C MET H 2578 69.18 36.17 74.81
N VAL H 2579 69.51 37.20 74.01
CA VAL H 2579 70.63 37.08 73.10
C VAL H 2579 71.95 37.03 73.87
N ASP H 2580 72.04 37.79 74.96
CA ASP H 2580 73.25 37.73 75.79
C ASP H 2580 73.42 36.34 76.40
N SER H 2581 72.34 35.75 76.90
CA SER H 2581 72.41 34.40 77.46
C SER H 2581 72.79 33.39 76.39
N MET H 2582 72.22 33.52 75.19
CA MET H 2582 72.57 32.60 74.11
C MET H 2582 74.04 32.73 73.72
N LEU H 2583 74.55 33.96 73.64
CA LEU H 2583 75.96 34.17 73.32
C LEU H 2583 76.86 33.58 74.40
N HIS H 2584 76.51 33.79 75.67
CA HIS H 2584 77.31 33.21 76.75
C HIS H 2584 77.29 31.69 76.69
N THR H 2585 76.12 31.10 76.42
CA THR H 2585 76.01 29.65 76.35
C THR H 2585 76.83 29.07 75.21
N VAL H 2586 76.75 29.69 74.03
CA VAL H 2586 77.51 29.17 72.90
C VAL H 2586 79.01 29.38 73.11
N TYR H 2587 79.41 30.48 73.75
CA TYR H 2587 80.82 30.68 74.06
C TYR H 2587 81.32 29.63 75.05
N ARG H 2588 80.52 29.31 76.06
CA ARG H 2588 80.90 28.27 77.01
C ARG H 2588 80.98 26.90 76.33
N LEU H 2589 80.02 26.60 75.44
CA LEU H 2589 80.03 25.32 74.75
C LEU H 2589 81.16 25.22 73.72
N SER H 2590 81.67 26.36 73.23
CA SER H 2590 82.76 26.31 72.28
C SER H 2590 84.02 25.72 72.89
N ARG H 2591 84.31 26.07 74.14
CA ARG H 2591 85.49 25.55 74.85
C ARG H 2591 85.16 24.23 75.54
N GLY H 2592 84.72 23.27 74.74
CA GLY H 2592 84.37 21.96 75.24
C GLY H 2592 85.58 21.07 75.43
N ARG H 2593 85.31 19.87 75.95
CA ARG H 2593 86.35 18.88 76.21
C ARG H 2593 86.21 17.65 75.33
N SER H 2594 85.02 17.06 75.23
CA SER H 2594 84.78 15.88 74.41
C SER H 2594 84.27 16.23 73.01
N LEU H 2595 84.16 17.51 72.68
CA LEU H 2595 83.67 17.90 71.37
C LEU H 2595 84.66 17.53 70.28
N THR H 2596 84.15 17.12 69.13
CA THR H 2596 84.99 16.77 68.00
C THR H 2596 85.62 18.04 67.40
N LYS H 2597 86.72 17.84 66.67
CA LYS H 2597 87.37 18.97 66.02
C LYS H 2597 86.44 19.65 65.01
N ALA H 2598 85.74 18.86 64.20
CA ALA H 2598 84.73 19.43 63.31
C ALA H 2598 83.59 20.04 64.11
N GLN H 2599 83.21 19.40 65.21
CA GLN H 2599 82.18 19.95 66.09
C GLN H 2599 82.59 21.33 66.60
N ARG H 2600 83.81 21.44 67.11
CA ARG H 2600 84.30 22.72 67.63
C ARG H 2600 84.41 23.77 66.52
N ASP H 2601 84.87 23.36 65.34
CA ASP H 2601 84.97 24.29 64.22
C ASP H 2601 83.60 24.83 63.82
N VAL H 2602 82.60 23.94 63.75
CA VAL H 2602 81.25 24.38 63.38
C VAL H 2602 80.66 25.28 64.46
N ILE H 2603 80.91 24.95 65.73
CA ILE H 2603 80.42 25.79 66.82
C ILE H 2603 81.04 27.18 66.75
N GLU H 2604 82.36 27.24 66.50
CA GLU H 2604 83.03 28.53 66.39
C GLU H 2604 82.51 29.32 65.19
N ASP H 2605 82.27 28.65 64.06
CA ASP H 2605 81.74 29.33 62.89
C ASP H 2605 80.35 29.89 63.18
N CYS H 2606 79.50 29.10 63.85
CA CYS H 2606 78.17 29.59 64.20
C CYS H 2606 78.24 30.78 65.16
N LEU H 2607 79.14 30.71 66.14
CA LEU H 2607 79.29 31.83 67.07
C LEU H 2607 79.77 33.08 66.35
N MET H 2608 80.72 32.94 65.43
CA MET H 2608 81.21 34.09 64.67
C MET H 2608 80.10 34.67 63.79
N ALA H 2609 79.30 33.81 63.17
CA ALA H 2609 78.19 34.30 62.36
C ALA H 2609 77.17 35.04 63.20
N LEU H 2610 76.86 34.51 64.39
CA LEU H 2610 75.92 35.18 65.28
C LEU H 2610 76.46 36.52 65.76
N CYS H 2611 77.75 36.59 66.07
CA CYS H 2611 78.35 37.84 66.53
C CYS H 2611 78.31 38.91 65.44
N ARG H 2612 78.59 38.53 64.20
CA ARG H 2612 78.59 39.49 63.10
C ARG H 2612 77.17 39.92 62.77
N TYR H 2613 77.05 41.13 62.25
CA TYR H 2613 75.78 41.78 61.89
C TYR H 2613 74.71 41.51 62.95
N ILE H 2614 75.01 41.94 64.18
CA ILE H 2614 74.12 41.75 65.31
C ILE H 2614 73.84 43.10 65.95
N ARG H 2615 72.72 43.18 66.67
CA ARG H 2615 72.33 44.41 67.32
C ARG H 2615 73.29 44.74 68.46
N PRO H 2616 73.44 46.03 68.79
CA PRO H 2616 74.32 46.40 69.91
C PRO H 2616 73.80 45.99 71.28
N SER H 2617 72.64 45.34 71.35
CA SER H 2617 72.13 44.87 72.64
C SER H 2617 72.97 43.74 73.23
N MET H 2618 73.82 43.12 72.42
CA MET H 2618 74.68 42.03 72.89
C MET H 2618 76.08 42.51 73.23
N LEU H 2619 76.30 43.83 73.34
CA LEU H 2619 77.62 44.34 73.68
C LEU H 2619 78.06 43.90 75.07
N GLN H 2620 77.11 43.72 75.99
CA GLN H 2620 77.47 43.20 77.31
C GLN H 2620 78.03 41.78 77.22
N HIS H 2621 77.42 40.94 76.39
CA HIS H 2621 77.93 39.58 76.19
C HIS H 2621 79.30 39.61 75.53
N LEU H 2622 79.49 40.51 74.56
CA LEU H 2622 80.80 40.63 73.91
C LEU H 2622 81.86 41.06 74.91
N LEU H 2623 81.54 42.02 75.78
CA LEU H 2623 82.49 42.45 76.81
C LEU H 2623 82.80 41.33 77.78
N ARG H 2624 81.77 40.55 78.17
CA ARG H 2624 82.00 39.42 79.06
C ARG H 2624 82.91 38.39 78.41
N ARG H 2625 82.69 38.09 77.13
CA ARG H 2625 83.55 37.16 76.42
C ARG H 2625 84.98 37.70 76.33
N LEU H 2626 85.13 39.00 76.08
CA LEU H 2626 86.46 39.59 75.96
C LEU H 2626 87.21 39.51 77.28
N VAL H 2627 86.54 39.82 78.39
CA VAL H 2627 87.18 39.76 79.70
C VAL H 2627 87.38 38.34 80.19
N PHE H 2628 86.61 37.38 79.67
CA PHE H 2628 86.84 35.97 79.97
C PHE H 2628 88.01 35.40 79.18
N ASP H 2629 88.22 35.87 77.95
CA ASP H 2629 89.34 35.38 77.14
C ASP H 2629 90.65 36.07 77.48
N VAL H 2630 90.61 37.18 78.22
CA VAL H 2630 91.85 37.86 78.61
C VAL H 2630 92.74 36.97 79.48
N PRO H 2631 92.24 36.27 80.51
CA PRO H 2631 93.13 35.40 81.29
C PRO H 2631 93.72 34.25 80.48
N ILE H 2632 93.12 33.89 79.34
CA ILE H 2632 93.66 32.81 78.53
C ILE H 2632 95.05 33.17 78.01
N LEU H 2633 95.24 34.40 77.56
CA LEU H 2633 96.53 34.88 77.05
C LEU H 2633 97.02 34.01 75.89
N ASN H 2634 96.13 33.75 74.94
CA ASN H 2634 96.42 32.97 73.73
C ASN H 2634 96.82 31.53 74.04
N GLU H 2635 96.45 31.02 75.22
CA GLU H 2635 96.71 29.62 75.52
C GLU H 2635 95.91 28.70 74.62
N PHE H 2636 94.65 29.04 74.36
CA PHE H 2636 93.80 28.27 73.47
C PHE H 2636 94.02 28.74 72.02
N ALA H 2637 93.14 28.31 71.12
CA ALA H 2637 93.25 28.72 69.72
C ALA H 2637 93.01 30.22 69.59
N LYS H 2638 93.75 30.84 68.68
CA LYS H 2638 93.67 32.28 68.45
C LYS H 2638 92.55 32.66 67.48
N MET H 2639 91.85 31.68 66.91
CA MET H 2639 90.73 31.99 66.03
C MET H 2639 89.63 32.79 66.71
N PRO H 2640 89.21 32.48 67.95
CA PRO H 2640 88.25 33.39 68.62
C PRO H 2640 88.79 34.81 68.76
N LEU H 2641 90.10 34.96 68.99
CA LEU H 2641 90.68 36.30 69.05
C LEU H 2641 90.55 37.02 67.73
N LYS H 2642 90.80 36.32 66.62
CA LYS H 2642 90.63 36.92 65.30
C LYS H 2642 89.18 37.30 65.04
N LEU H 2643 88.24 36.44 65.46
CA LEU H 2643 86.82 36.75 65.30
C LEU H 2643 86.44 37.99 66.10
N LEU H 2644 86.94 38.09 67.34
CA LEU H 2644 86.65 39.27 68.15
C LEU H 2644 87.26 40.52 67.54
N THR H 2645 88.47 40.40 66.99
CA THR H 2645 89.10 41.54 66.33
C THR H 2645 88.29 41.99 65.11
N ASN H 2646 87.79 41.02 64.32
CA ASN H 2646 86.96 41.36 63.17
C ASN H 2646 85.65 42.03 63.61
N HIS H 2647 85.04 41.52 64.69
CA HIS H 2647 83.82 42.13 65.20
C HIS H 2647 84.08 43.56 65.67
N TYR H 2648 85.20 43.78 66.35
CA TYR H 2648 85.55 45.14 66.78
C TYR H 2648 85.79 46.06 65.58
N GLU H 2649 86.46 45.53 64.55
CA GLU H 2649 86.70 46.32 63.35
C GLU H 2649 85.40 46.64 62.63
N ARG H 2650 84.39 45.78 62.76
CA ARG H 2650 83.08 46.08 62.18
C ARG H 2650 82.48 47.32 62.82
N CYS H 2651 82.63 47.47 64.14
CA CYS H 2651 82.18 48.65 64.86
C CYS H 2651 83.31 49.60 65.21
N TRP H 2652 84.41 49.55 64.44
CA TRP H 2652 85.55 50.42 64.74
C TRP H 2652 85.22 51.90 64.52
N LYS H 2653 84.26 52.19 63.64
CA LYS H 2653 83.87 53.58 63.41
C LYS H 2653 83.25 54.19 64.66
N TYR H 2654 82.43 53.43 65.37
CA TYR H 2654 81.78 53.95 66.57
C TYR H 2654 82.78 54.10 67.72
N TYR H 2655 83.85 53.30 67.72
CA TYR H 2655 84.84 53.34 68.80
C TYR H 2655 85.89 54.41 68.57
N CYS H 2656 86.61 54.34 67.44
CA CYS H 2656 87.67 55.31 67.17
C CYS H 2656 87.11 56.72 67.02
N LEU H 2657 86.00 56.86 66.31
CA LEU H 2657 85.39 58.17 66.09
C LEU H 2657 84.21 58.37 67.03
N PRO H 2658 83.87 59.63 67.33
CA PRO H 2658 82.75 59.96 68.22
C PRO H 2658 81.39 59.64 67.61
N GLU H 2669 84.98 52.54 77.41
CA GLU H 2669 85.51 52.86 78.73
C GLU H 2669 86.17 51.64 79.38
N GLU H 2670 85.43 50.97 80.25
CA GLU H 2670 85.95 49.77 80.90
C GLU H 2670 86.21 48.66 79.90
N GLU H 2671 85.30 48.48 78.94
CA GLU H 2671 85.50 47.45 77.92
C GLU H 2671 86.70 47.75 77.06
N LEU H 2672 86.89 49.02 76.69
CA LEU H 2672 88.06 49.39 75.89
C LEU H 2672 89.36 49.15 76.66
N HIS H 2673 89.38 49.49 77.95
CA HIS H 2673 90.55 49.24 78.76
C HIS H 2673 90.83 47.75 78.90
N LEU H 2674 89.78 46.94 79.08
CA LEU H 2674 89.96 45.49 79.16
C LEU H 2674 90.51 44.93 77.86
N THR H 2675 89.99 45.40 76.72
CA THR H 2675 90.51 44.94 75.43
C THR H 2675 91.95 45.36 75.23
N ARG H 2676 92.30 46.58 75.64
CA ARG H 2676 93.69 47.03 75.52
C ARG H 2676 94.62 46.19 76.38
N LYS H 2677 94.20 45.88 77.62
CA LYS H 2677 95.01 45.03 78.48
C LYS H 2677 95.15 43.62 77.90
N LEU H 2678 94.07 43.09 77.33
CA LEU H 2678 94.13 41.77 76.71
C LEU H 2678 95.10 41.76 75.54
N PHE H 2679 95.08 42.80 74.71
CA PHE H 2679 96.01 42.87 73.57
C PHE H 2679 97.45 43.04 74.06
N TRP H 2680 97.64 43.82 75.14
CA TRP H 2680 98.96 43.96 75.72
C TRP H 2680 99.50 42.62 76.19
N GLY H 2681 98.70 41.87 76.93
CA GLY H 2681 99.12 40.54 77.36
C GLY H 2681 99.35 39.60 76.18
N ILE H 2682 98.54 39.74 75.14
CA ILE H 2682 98.68 38.89 73.96
C ILE H 2682 100.02 39.10 73.29
N PHE H 2683 100.38 40.37 73.05
CA PHE H 2683 101.67 40.60 72.38
C PHE H 2683 102.84 40.36 73.32
N ASP H 2684 102.64 40.51 74.63
CA ASP H 2684 103.69 40.16 75.58
C ASP H 2684 103.97 38.66 75.55
N SER H 2685 102.91 37.85 75.50
CA SER H 2685 103.10 36.41 75.37
C SER H 2685 103.69 36.05 74.01
N LEU H 2686 103.32 36.77 72.96
CA LEU H 2686 103.87 36.52 71.64
C LEU H 2686 105.37 36.80 71.61
N ALA H 2687 105.81 37.87 72.29
CA ALA H 2687 107.21 38.27 72.27
C ALA H 2687 108.04 37.54 73.33
N HIS H 2688 107.65 37.66 74.60
CA HIS H 2688 108.47 37.11 75.68
C HIS H 2688 108.46 35.58 75.68
N LYS H 2689 107.29 34.97 75.49
CA LYS H 2689 107.16 33.53 75.56
C LYS H 2689 107.52 32.91 74.20
N LYS H 2690 107.21 31.62 74.04
CA LYS H 2690 107.54 30.93 72.80
C LYS H 2690 106.80 31.55 71.62
N TYR H 2691 107.46 31.57 70.47
CA TYR H 2691 106.94 32.18 69.26
C TYR H 2691 106.52 31.10 68.27
N ASP H 2692 105.31 31.24 67.73
CA ASP H 2692 104.79 30.33 66.72
C ASP H 2692 104.29 31.13 65.54
N GLN H 2693 104.56 30.63 64.33
CA GLN H 2693 104.16 31.34 63.11
C GLN H 2693 102.64 31.49 63.04
N GLU H 2694 101.90 30.44 63.39
CA GLU H 2694 100.44 30.52 63.38
C GLU H 2694 99.93 31.51 64.40
N LEU H 2695 100.62 31.64 65.54
CA LEU H 2695 100.20 32.60 66.56
C LEU H 2695 100.26 34.03 66.01
N TYR H 2696 101.38 34.39 65.38
CA TYR H 2696 101.48 35.72 64.79
C TYR H 2696 100.52 35.89 63.63
N ARG H 2697 100.30 34.82 62.85
CA ARG H 2697 99.38 34.90 61.72
C ARG H 2697 97.96 35.20 62.19
N MET H 2698 97.53 34.57 63.28
CA MET H 2698 96.18 34.75 63.80
C MET H 2698 96.05 35.91 64.78
N ALA H 2699 97.17 36.50 65.21
CA ALA H 2699 97.13 37.65 66.11
C ALA H 2699 97.47 38.97 65.45
N MET H 2700 98.03 38.97 64.24
CA MET H 2700 98.31 40.22 63.55
C MET H 2700 97.05 41.05 63.29
N PRO H 2701 95.92 40.49 62.82
CA PRO H 2701 94.70 41.30 62.72
C PRO H 2701 94.24 41.84 64.06
N CYS H 2702 94.48 41.12 65.16
CA CYS H 2702 94.08 41.62 66.47
C CYS H 2702 94.84 42.90 66.82
N LEU H 2703 96.13 42.94 66.55
CA LEU H 2703 96.92 44.15 66.82
C LEU H 2703 96.44 45.31 65.96
N CYS H 2704 96.14 45.06 64.69
CA CYS H 2704 95.64 46.11 63.82
C CYS H 2704 94.28 46.64 64.30
N ALA H 2705 93.40 45.74 64.72
CA ALA H 2705 92.09 46.16 65.20
C ALA H 2705 92.17 46.90 66.53
N ILE H 2706 93.14 46.53 67.38
CA ILE H 2706 93.31 47.21 68.66
C ILE H 2706 93.69 48.68 68.44
N ALA H 2707 94.62 48.93 67.51
CA ALA H 2707 95.05 50.29 67.22
C ALA H 2707 94.14 50.94 66.19
N PRO H 2748 96.65 44.72 115.86
CA PRO H 2748 96.93 45.39 117.13
C PRO H 2748 95.72 45.42 118.06
N GLU H 2749 95.95 45.73 119.34
CA GLU H 2749 94.83 45.82 120.29
C GLU H 2749 93.88 46.94 119.91
N LYS H 2750 94.41 48.11 119.52
CA LYS H 2750 93.57 49.18 119.03
C LYS H 2750 92.87 48.77 117.74
N LEU H 2751 93.59 48.08 116.85
CA LEU H 2751 92.97 47.57 115.63
C LEU H 2751 91.88 46.55 115.95
N ASP H 2752 92.11 45.70 116.95
CA ASP H 2752 91.09 44.74 117.36
C ASP H 2752 89.86 45.43 117.90
N SER H 2753 90.04 46.48 118.71
CA SER H 2753 88.90 47.24 119.22
C SER H 2753 88.14 47.93 118.10
N PHE H 2754 88.87 48.49 117.12
CA PHE H 2754 88.22 49.11 115.98
C PHE H 2754 87.44 48.09 115.16
N ILE H 2755 88.00 46.89 115.01
CA ILE H 2755 87.31 45.83 114.28
C ILE H 2755 86.04 45.40 115.02
N ASN H 2756 86.12 45.31 116.35
CA ASN H 2756 84.93 44.97 117.13
C ASN H 2756 83.85 46.04 117.01
N LYS H 2757 84.26 47.31 117.04
CA LYS H 2757 83.30 48.40 116.86
C LYS H 2757 82.67 48.35 115.47
N PHE H 2758 83.48 48.06 114.45
CA PHE H 2758 82.95 47.95 113.09
C PHE H 2758 81.98 46.78 112.98
N ALA H 2759 82.28 45.66 113.64
CA ALA H 2759 81.38 44.52 113.63
C ALA H 2759 80.06 44.85 114.32
N GLU H 2760 80.12 45.57 115.45
CA GLU H 2760 78.89 45.99 116.11
C GLU H 2760 78.08 46.92 115.23
N TYR H 2761 78.76 47.85 114.54
CA TYR H 2761 78.06 48.75 113.62
C TYR H 2761 77.43 47.98 112.46
N THR H 2762 78.12 46.97 111.95
CA THR H 2762 77.57 46.15 110.88
C THR H 2762 76.36 45.36 111.34
N HIS H 2763 76.41 44.82 112.57
CA HIS H 2763 75.25 44.11 113.11
C HIS H 2763 74.07 45.06 113.28
N GLU H 2764 74.33 46.28 113.76
CA GLU H 2764 73.26 47.26 113.89
C GLU H 2764 72.69 47.63 112.53
N LYS H 2765 73.54 47.76 111.51
CA LYS H 2765 73.07 48.07 110.17
C LYS H 2765 72.22 46.93 109.62
N TRP H 2766 72.63 45.68 109.87
CA TRP H 2766 71.82 44.55 109.44
C TRP H 2766 70.46 44.54 110.14
N ALA H 2767 70.45 44.85 111.43
CA ALA H 2767 69.18 44.93 112.16
C ALA H 2767 68.29 46.03 111.60
N PHE H 2768 68.88 47.19 111.28
CA PHE H 2768 68.10 48.28 110.70
C PHE H 2768 67.56 47.91 109.32
N ASP H 2769 68.36 47.22 108.51
CA ASP H 2769 67.90 46.78 107.21
C ASP H 2769 66.76 45.76 107.33
N LYS H 2770 66.86 44.86 108.31
CA LYS H 2770 65.77 43.92 108.56
C LYS H 2770 64.51 44.65 109.01
N ILE H 2771 64.68 45.69 109.84
CA ILE H 2771 63.53 46.49 110.27
C ILE H 2771 62.88 47.18 109.07
N GLN H 2772 63.70 47.69 108.15
CA GLN H 2772 63.16 48.26 106.92
C GLN H 2772 62.46 47.21 106.08
N ASN H 2773 62.87 45.94 106.20
CA ASN H 2773 62.20 44.83 105.53
C ASN H 2773 61.07 44.25 106.37
N ASN H 2774 60.59 44.99 107.38
CA ASN H 2774 59.49 44.59 108.24
C ASN H 2774 59.79 43.35 109.07
N TRP H 2775 61.07 42.98 109.21
CA TRP H 2775 61.42 41.85 110.04
C TRP H 2775 61.40 42.25 111.51
N SER H 2776 60.84 41.38 112.34
CA SER H 2776 60.68 41.63 113.77
C SER H 2776 61.43 40.57 114.57
N TYR H 2777 61.97 40.98 115.71
CA TYR H 2777 62.69 40.06 116.58
C TYR H 2777 61.74 39.03 117.17
N GLY H 2778 62.21 37.80 117.28
CA GLY H 2778 61.39 36.73 117.82
C GLY H 2778 62.24 35.51 118.14
N GLU H 2779 61.57 34.51 118.69
CA GLU H 2779 62.25 33.26 119.04
C GLU H 2779 62.77 32.55 117.80
N ASN H 2780 61.99 32.53 116.73
CA ASN H 2780 62.36 31.85 115.51
C ASN H 2780 62.26 32.81 114.33
N VAL H 2781 62.99 32.49 113.26
CA VAL H 2781 63.03 33.31 112.06
C VAL H 2781 62.23 32.60 110.97
N ASP H 2782 61.17 33.25 110.49
CA ASP H 2782 60.34 32.71 109.42
C ASP H 2782 60.05 33.79 108.41
N GLU H 2783 60.31 33.49 107.13
CA GLU H 2783 60.05 34.47 106.07
C GLU H 2783 58.56 34.77 105.94
N GLU H 2784 57.73 33.73 106.00
CA GLU H 2784 56.29 33.93 105.87
C GLU H 2784 55.72 34.72 107.04
N LEU H 2785 56.20 34.44 108.25
CA LEU H 2785 55.70 35.12 109.44
C LEU H 2785 56.21 36.55 109.57
N LYS H 2786 57.16 36.95 108.73
CA LYS H 2786 57.76 38.28 108.72
C LYS H 2786 58.50 38.61 110.02
N THR H 2787 58.78 37.61 110.83
CA THR H 2787 59.54 37.78 112.06
C THR H 2787 60.86 37.02 111.95
N HIS H 2788 61.97 37.71 112.16
CA HIS H 2788 63.29 37.12 112.02
C HIS H 2788 64.01 37.15 113.37
N PRO H 2789 64.44 36.00 113.91
CA PRO H 2789 65.22 36.03 115.15
C PRO H 2789 66.51 36.81 115.03
N MET H 2790 67.14 36.82 113.85
CA MET H 2790 68.35 37.59 113.64
C MET H 2790 68.08 39.10 113.58
N LEU H 2791 66.82 39.50 113.45
CA LEU H 2791 66.45 40.92 113.42
C LEU H 2791 66.30 41.47 114.84
N ARG H 2792 67.38 41.31 115.61
CA ARG H 2792 67.43 41.74 117.00
C ARG H 2792 68.77 42.42 117.25
N PRO H 2793 68.86 43.21 118.31
CA PRO H 2793 70.14 43.88 118.61
C PRO H 2793 71.21 42.88 119.01
N TYR H 2794 72.44 43.38 119.09
CA TYR H 2794 73.57 42.52 119.45
C TYR H 2794 73.40 41.93 120.84
N LYS H 2795 72.96 42.74 121.80
CA LYS H 2795 72.71 42.23 123.15
C LYS H 2795 71.57 41.22 123.14
N THR H 2796 70.49 41.50 122.40
CA THR H 2796 69.38 40.56 122.31
C THR H 2796 69.81 39.27 121.63
N PHE H 2797 70.61 39.37 120.57
CA PHE H 2797 71.08 38.19 119.87
C PHE H 2797 72.11 37.44 120.72
N SER H 2798 72.32 36.17 120.37
CA SER H 2798 73.25 35.34 121.11
C SER H 2798 74.68 35.79 120.86
N GLU H 2799 75.56 35.44 121.80
CA GLU H 2799 76.98 35.77 121.66
C GLU H 2799 77.60 35.10 120.44
N LYS H 2800 77.05 33.97 120.03
CA LYS H 2800 77.53 33.32 118.81
C LYS H 2800 77.29 34.21 117.58
N ASP H 2801 76.15 34.89 117.55
CA ASP H 2801 75.89 35.83 116.46
C ASP H 2801 76.89 36.98 116.47
N LYS H 2802 77.23 37.49 117.65
CA LYS H 2802 78.22 38.55 117.75
C LYS H 2802 79.59 38.05 117.28
N GLU H 2803 79.96 36.83 117.64
CA GLU H 2803 81.23 36.27 117.18
C GLU H 2803 81.23 36.10 115.67
N ILE H 2804 80.12 35.66 115.09
CA ILE H 2804 80.02 35.51 113.64
C ILE H 2804 80.14 36.86 112.95
N TYR H 2805 79.51 37.90 113.52
CA TYR H 2805 79.63 39.23 112.96
C TYR H 2805 81.06 39.74 113.05
N ARG H 2806 81.74 39.48 114.16
CA ARG H 2806 83.12 39.88 114.31
C ARG H 2806 84.04 39.11 113.36
N TRP H 2807 83.64 37.90 112.99
CA TRP H 2807 84.43 37.12 112.03
C TRP H 2807 84.62 37.84 110.70
N PRO H 2808 83.61 38.48 110.12
CA PRO H 2808 83.88 39.32 108.93
C PRO H 2808 84.83 40.47 109.23
N ILE H 2809 84.73 41.07 110.43
CA ILE H 2809 85.65 42.12 110.81
C ILE H 2809 87.07 41.56 110.98
N LYS H 2810 87.17 40.35 111.55
CA LYS H 2810 88.49 39.71 111.66
C LYS H 2810 89.08 39.43 110.29
N GLU H 2811 88.26 38.98 109.34
CA GLU H 2811 88.74 38.73 107.98
C GLU H 2811 89.19 40.03 107.32
N SER H 2812 88.44 41.12 107.52
CA SER H 2812 88.85 42.41 106.97
C SER H 2812 90.17 42.87 107.57
N LEU H 2813 90.33 42.70 108.88
CA LEU H 2813 91.58 43.07 109.53
C LEU H 2813 92.75 42.22 109.03
N LYS H 2814 92.52 40.92 108.81
CA LYS H 2814 93.55 40.06 108.28
C LYS H 2814 93.93 40.47 106.86
N ALA H 2815 92.94 40.84 106.04
CA ALA H 2815 93.23 41.31 104.69
C ALA H 2815 94.03 42.61 104.73
N MET H 2816 93.67 43.52 105.64
CA MET H 2816 94.43 44.76 105.78
C MET H 2816 95.86 44.49 106.22
N ILE H 2817 96.05 43.55 107.15
CA ILE H 2817 97.40 43.20 107.60
C ILE H 2817 98.20 42.59 106.46
N ALA H 2818 97.57 41.74 105.65
CA ALA H 2818 98.25 41.17 104.50
C ALA H 2818 98.64 42.24 103.50
N TRP H 2819 97.76 43.23 103.28
CA TRP H 2819 98.11 44.37 102.45
C TRP H 2819 99.13 45.27 103.10
N GLU H 2820 99.38 45.11 104.40
CA GLU H 2820 100.37 45.86 105.16
C GLU H 2820 100.07 47.35 105.20
N TRP H 2821 98.82 47.74 104.95
CA TRP H 2821 98.45 49.14 105.01
C TRP H 2821 98.49 49.65 106.45
N THR H 2822 99.00 50.87 106.62
CA THR H 2822 99.13 51.47 107.95
C THR H 2822 97.79 52.09 108.33
N ILE H 2823 96.95 51.32 109.00
CA ILE H 2823 95.64 51.77 109.47
C ILE H 2823 95.59 51.61 110.98
N GLU H 2824 95.26 52.70 111.68
CA GLU H 2824 95.20 52.68 113.13
C GLU H 2824 94.26 53.77 113.60
N LYS H 2825 93.84 53.65 114.85
CA LYS H 2825 92.93 54.64 115.44
C LYS H 2825 93.67 55.93 115.73
N ALA H 2826 93.25 57.01 115.09
CA ALA H 2826 93.89 58.32 115.29
C ALA H 2826 93.36 58.96 116.56
N ARG H 2827 94.28 59.51 117.37
CA ARG H 2827 93.90 60.15 118.61
C ARG H 2827 93.17 61.46 118.34
N GLU H 2828 92.34 61.87 119.32
CA GLU H 2828 91.57 63.11 119.22
C GLU H 2828 92.45 64.32 119.57
N GLY H 2829 93.45 64.54 118.73
CA GLY H 2829 94.36 65.66 118.92
C GLY H 2829 94.78 66.24 117.59
N GLU H 2830 95.10 67.54 117.62
CA GLU H 2830 95.49 68.28 116.41
C GLU H 2830 94.44 68.15 115.31
N GLU H 2831 93.18 68.23 115.70
CA GLU H 2831 92.06 68.12 114.78
C GLU H 2831 91.03 69.20 115.08
N GLU H 2832 90.22 69.52 114.07
CA GLU H 2832 89.19 70.53 114.23
C GLU H 2832 88.17 70.11 115.29
N ARG H 2833 87.83 71.03 116.18
CA ARG H 2833 86.90 70.78 117.27
C ARG H 2833 85.66 71.63 117.09
N THR H 2834 84.49 71.00 117.20
CA THR H 2834 83.21 71.67 117.08
C THR H 2834 82.29 71.19 118.19
N GLU H 2835 81.13 71.85 118.30
CA GLU H 2835 80.14 71.45 119.30
C GLU H 2835 79.64 70.04 119.03
N LYS H 2836 79.59 69.22 120.07
CA LYS H 2836 79.17 67.83 119.91
C LYS H 2836 77.67 67.76 119.63
N LYS H 2837 77.30 66.94 118.66
CA LYS H 2837 75.88 66.77 118.34
C LYS H 2837 75.17 66.03 119.47
N LYS H 2838 73.92 66.40 119.69
CA LYS H 2838 73.14 65.78 120.76
C LYS H 2838 72.86 64.32 120.43
N THR H 2839 73.14 63.43 121.38
CA THR H 2839 72.93 62.00 121.20
C THR H 2839 72.56 61.38 122.54
N ARG H 2840 71.68 60.39 122.48
CA ARG H 2840 71.26 59.69 123.69
C ARG H 2840 72.40 58.85 124.25
N LYS H 2841 72.47 58.77 125.57
CA LYS H 2841 73.49 58.00 126.27
C LYS H 2841 72.84 56.82 126.97
N ILE H 2842 73.35 55.62 126.71
CA ILE H 2842 72.81 54.42 127.33
C ILE H 2842 73.18 54.39 128.81
N SER H 2843 72.19 54.09 129.66
CA SER H 2843 72.43 54.01 131.08
C SER H 2843 73.35 52.82 131.41
N GLN H 2844 74.16 53.01 132.45
CA GLN H 2844 75.12 51.98 132.87
C GLN H 2844 74.42 50.97 133.79
N THR H 2845 73.50 50.22 133.18
CA THR H 2845 72.75 49.19 133.90
C THR H 2845 72.36 48.10 132.92
N ALA H 2846 72.35 46.86 133.40
CA ALA H 2846 71.98 45.72 132.58
C ALA H 2846 70.46 45.67 132.39
N GLN H 2847 70.03 45.53 131.15
CA GLN H 2847 68.61 45.45 130.81
C GLN H 2847 68.33 44.14 130.10
N THR H 2848 67.36 43.39 130.60
CA THR H 2848 66.98 42.13 129.99
C THR H 2848 66.09 42.36 128.77
N TYR H 2849 66.06 41.37 127.89
CA TYR H 2849 65.24 41.46 126.70
C TYR H 2849 63.76 41.47 127.08
N ASP H 2850 62.99 42.39 126.49
CA ASP H 2850 61.58 42.53 126.78
C ASP H 2850 60.77 42.15 125.55
N PRO H 2851 59.92 41.13 125.63
CA PRO H 2851 59.08 40.79 124.48
C PRO H 2851 58.13 41.91 124.06
N ARG H 2852 57.68 42.73 125.01
CA ARG H 2852 56.73 43.78 124.68
C ARG H 2852 57.33 44.82 123.73
N GLU H 2853 58.57 45.21 123.97
CA GLU H 2853 59.24 46.25 123.18
C GLU H 2853 60.31 45.59 122.31
N GLY H 2854 60.20 45.78 121.00
CA GLY H 2854 61.17 45.20 120.09
C GLY H 2854 62.53 45.86 120.20
N TYR H 2855 63.54 45.15 119.70
CA TYR H 2855 64.90 45.66 119.73
C TYR H 2855 65.03 46.89 118.85
N ASN H 2856 65.77 47.88 119.34
CA ASN H 2856 65.98 49.14 118.62
C ASN H 2856 67.38 49.17 118.04
N PRO H 2857 67.53 49.08 116.71
CA PRO H 2857 68.88 49.13 116.13
C PRO H 2857 69.47 50.52 116.21
N GLN H 2858 70.80 50.56 116.19
CA GLN H 2858 71.56 51.82 116.18
C GLN H 2858 72.59 51.74 115.06
N PRO H 2859 72.13 51.75 113.81
CA PRO H 2859 73.05 51.54 112.69
C PRO H 2859 73.88 52.78 112.42
N PRO H 2860 75.19 52.62 112.25
CA PRO H 2860 76.02 53.75 111.83
C PRO H 2860 75.67 54.18 110.41
N ASP H 2861 75.84 55.48 110.15
CA ASP H 2861 75.52 56.07 108.86
C ASP H 2861 76.80 56.16 108.03
N LEU H 2862 76.89 55.31 107.00
CA LEU H 2862 78.03 55.35 106.10
C LEU H 2862 77.95 56.50 105.11
N SER H 2863 76.76 57.06 104.89
CA SER H 2863 76.63 58.19 103.98
C SER H 2863 77.37 59.42 104.48
N GLY H 2864 77.32 59.66 105.79
CA GLY H 2864 78.01 60.82 106.35
C GLY H 2864 79.52 60.74 106.17
N VAL H 2865 80.08 59.56 106.36
CA VAL H 2865 81.52 59.37 106.20
C VAL H 2865 81.88 59.38 104.73
N THR H 2866 82.94 60.13 104.39
CA THR H 2866 83.41 60.25 103.01
C THR H 2866 84.79 59.62 102.89
N LEU H 2867 84.95 58.76 101.89
CA LEU H 2867 86.21 58.07 101.68
C LEU H 2867 87.19 58.96 100.94
N SER H 2868 88.44 59.01 101.42
CA SER H 2868 89.48 59.79 100.78
C SER H 2868 90.05 59.04 99.59
N ARG H 2869 90.86 59.75 98.80
CA ARG H 2869 91.46 59.16 97.61
C ARG H 2869 92.40 58.01 97.99
N GLU H 2870 93.27 58.23 98.98
CA GLU H 2870 94.09 57.14 99.49
C GLU H 2870 93.22 56.07 100.14
N LEU H 2871 92.18 56.50 100.86
CA LEU H 2871 91.21 55.55 101.40
C LEU H 2871 90.50 54.80 100.29
N GLN H 2872 90.21 55.49 99.17
CA GLN H 2872 89.58 54.82 98.04
C GLN H 2872 90.51 53.76 97.44
N ALA H 2873 91.79 54.07 97.32
CA ALA H 2873 92.75 53.08 96.81
C ALA H 2873 92.88 51.89 97.74
N MET H 2874 92.94 52.15 99.05
CA MET H 2874 93.01 51.06 100.02
C MET H 2874 91.75 50.20 99.96
N ALA H 2875 90.59 50.84 99.83
CA ALA H 2875 89.34 50.10 99.71
C ALA H 2875 89.31 49.26 98.43
N GLU H 2876 89.84 49.80 97.34
CA GLU H 2876 89.91 49.04 96.10
C GLU H 2876 90.80 47.82 96.25
N GLN H 2877 91.95 47.98 96.91
CA GLN H 2877 92.84 46.84 97.14
C GLN H 2877 92.17 45.79 98.03
N LEU H 2878 91.49 46.24 99.09
CA LEU H 2878 90.81 45.31 99.98
C LEU H 2878 89.67 44.59 99.24
N ALA H 2879 88.97 45.32 98.36
CA ALA H 2879 87.91 44.71 97.56
C ALA H 2879 88.47 43.67 96.60
N GLU H 2880 89.64 43.95 96.01
CA GLU H 2880 90.28 42.96 95.15
C GLU H 2880 90.66 41.72 95.92
N ASN H 2881 91.22 41.89 97.12
CA ASN H 2881 91.58 40.74 97.95
C ASN H 2881 90.34 39.94 98.34
N TYR H 2882 89.26 40.64 98.73
CA TYR H 2882 88.02 39.95 99.10
C TYR H 2882 87.42 39.23 97.90
N HIS H 2883 87.50 39.82 96.71
CA HIS H 2883 87.01 39.16 95.51
C HIS H 2883 87.82 37.91 95.20
N ASN H 2884 89.14 37.97 95.40
CA ASN H 2884 89.97 36.78 95.20
C ASN H 2884 89.58 35.69 96.20
N THR H 2885 89.36 36.05 97.46
CA THR H 2885 88.95 35.07 98.46
C THR H 2885 87.60 34.46 98.12
N TRP H 2886 86.65 35.30 97.70
CA TRP H 2886 85.33 34.80 97.32
C TRP H 2886 85.41 33.91 96.10
N GLY H 2887 86.28 34.24 95.14
CA GLY H 2887 86.46 33.38 93.99
C GLY H 2887 87.05 32.04 94.37
N ARG H 2888 88.00 32.03 95.31
CA ARG H 2888 88.54 30.76 95.79
C ARG H 2888 87.47 29.93 96.48
N LYS H 2889 86.64 30.58 97.31
CA LYS H 2889 85.56 29.86 97.98
C LYS H 2889 84.55 29.31 96.99
N LYS H 2890 84.20 30.09 95.97
CA LYS H 2890 83.27 29.62 94.95
C LYS H 2890 83.87 28.50 94.12
N LYS H 2891 85.18 28.55 93.84
CA LYS H 2891 85.83 27.45 93.14
C LYS H 2891 85.79 26.17 93.97
N GLN H 2892 86.02 26.30 95.29
CA GLN H 2892 85.91 25.12 96.15
C GLN H 2892 84.50 24.57 96.16
N GLU H 2893 83.50 25.46 96.23
CA GLU H 2893 82.11 25.02 96.20
C GLU H 2893 81.77 24.32 94.88
N LEU H 2894 82.25 24.87 93.77
CA LEU H 2894 82.01 24.25 92.47
C LEU H 2894 82.69 22.89 92.36
N GLU H 2895 83.93 22.78 92.87
CA GLU H 2895 84.60 21.49 92.89
C GLU H 2895 83.84 20.47 93.72
N ALA H 2896 83.25 20.92 94.83
CA ALA H 2896 82.35 20.06 95.59
C ALA H 2896 81.14 19.66 94.76
N LYS H 2897 80.61 20.59 93.97
CA LYS H 2897 79.44 20.35 93.14
C LYS H 2897 79.80 19.88 91.73
N GLY H 2898 81.08 19.74 91.42
CA GLY H 2898 81.52 19.25 90.12
C GLY H 2898 82.00 20.31 89.15
N GLY H 2899 82.01 21.58 89.54
CA GLY H 2899 82.51 22.63 88.69
C GLY H 2899 81.41 23.40 87.99
N GLY H 2900 81.67 24.67 87.72
CA GLY H 2900 80.71 25.52 87.04
C GLY H 2900 81.29 26.89 86.81
N THR H 2901 80.56 27.69 86.03
CA THR H 2901 80.94 29.06 85.71
C THR H 2901 79.92 30.01 86.31
N HIS H 2902 80.40 30.96 87.10
CA HIS H 2902 79.54 31.94 87.75
C HIS H 2902 80.17 33.32 87.60
N PRO H 2903 79.37 34.36 87.37
CA PRO H 2903 79.94 35.72 87.30
C PRO H 2903 80.58 36.16 88.60
N LEU H 2904 80.07 35.70 89.75
CA LEU H 2904 80.65 36.07 91.03
C LEU H 2904 82.07 35.51 91.17
N LEU H 2905 82.29 34.29 90.70
CA LEU H 2905 83.60 33.65 90.78
C LEU H 2905 84.52 34.14 89.66
N VAL H 2906 84.72 35.46 89.64
CA VAL H 2906 85.56 36.09 88.64
C VAL H 2906 86.33 37.23 89.29
N PRO H 2907 87.43 37.67 88.66
CA PRO H 2907 88.18 38.80 89.20
C PRO H 2907 87.32 40.07 89.22
N TYR H 2908 87.58 40.91 90.22
CA TYR H 2908 86.80 42.13 90.38
C TYR H 2908 86.92 43.04 89.17
N ASP H 2909 88.13 43.21 88.66
CA ASP H 2909 88.31 44.01 87.45
C ASP H 2909 87.64 43.36 86.24
N THR H 2910 87.77 42.05 86.09
CA THR H 2910 87.13 41.35 84.98
C THR H 2910 85.62 41.39 85.08
N LEU H 2911 85.09 41.21 86.29
CA LEU H 2911 83.65 41.23 86.48
C LEU H 2911 83.12 42.66 86.40
N THR H 2912 81.80 42.78 86.31
CA THR H 2912 81.16 44.08 86.23
C THR H 2912 81.29 44.82 87.57
N ALA H 2913 81.09 46.14 87.50
CA ALA H 2913 81.17 46.95 88.71
C ALA H 2913 80.12 46.53 89.73
N LYS H 2914 78.89 46.27 89.27
CA LYS H 2914 77.85 45.79 90.18
C LYS H 2914 78.14 44.38 90.68
N GLU H 2915 78.74 43.53 89.84
CA GLU H 2915 79.08 42.18 90.27
C GLU H 2915 80.13 42.21 91.38
N LYS H 2916 81.13 43.09 91.26
CA LYS H 2916 82.15 43.25 92.28
C LYS H 2916 81.77 44.29 93.32
N ALA H 2917 80.55 44.83 93.27
CA ALA H 2917 80.14 45.87 94.20
C ALA H 2917 80.03 45.36 95.64
N ARG H 2918 79.97 44.03 95.84
CA ARG H 2918 79.87 43.50 97.19
C ARG H 2918 81.17 43.77 97.98
N ASP H 2919 82.31 43.42 97.39
CA ASP H 2919 83.58 43.64 98.07
C ASP H 2919 83.88 45.13 98.22
N ARG H 2920 83.57 45.93 97.18
CA ARG H 2920 83.78 47.36 97.27
C ARG H 2920 82.91 47.97 98.36
N GLU H 2921 81.66 47.53 98.47
CA GLU H 2921 80.76 48.01 99.52
C GLU H 2921 81.25 47.59 100.90
N LYS H 2922 81.77 46.37 101.04
CA LYS H 2922 82.31 45.94 102.32
C LYS H 2922 83.51 46.79 102.72
N ALA H 2923 84.40 47.07 101.76
CA ALA H 2923 85.56 47.91 102.04
C ALA H 2923 85.14 49.33 102.40
N GLN H 2924 84.14 49.88 101.69
CA GLN H 2924 83.65 51.20 102.00
C GLN H 2924 83.01 51.26 103.38
N GLU H 2925 82.26 50.21 103.75
CA GLU H 2925 81.67 50.14 105.08
C GLU H 2925 82.75 50.06 106.16
N LEU H 2926 83.81 49.30 105.92
CA LEU H 2926 84.92 49.24 106.87
C LEU H 2926 85.58 50.61 107.02
N LEU H 2927 85.80 51.29 105.90
CA LEU H 2927 86.40 52.63 105.95
C LEU H 2927 85.50 53.61 106.69
N LYS H 2928 84.19 53.54 106.45
CA LYS H 2928 83.25 54.43 107.14
C LYS H 2928 83.22 54.14 108.63
N PHE H 2929 83.27 52.86 109.01
CA PHE H 2929 83.31 52.51 110.43
C PHE H 2929 84.60 53.01 111.08
N LEU H 2930 85.72 52.92 110.37
CA LEU H 2930 86.98 53.45 110.89
C LEU H 2930 86.90 54.96 111.05
N GLN H 2931 86.30 55.65 110.08
CA GLN H 2931 86.16 57.10 110.17
C GLN H 2931 85.25 57.50 111.32
N MET H 2932 84.16 56.77 111.53
CA MET H 2932 83.27 57.07 112.64
C MET H 2932 83.97 56.89 113.98
N ASN H 2933 84.79 55.87 114.11
CA ASN H 2933 85.59 55.66 115.32
C ASN H 2933 86.82 56.56 115.36
N GLY H 2934 87.08 57.33 114.31
CA GLY H 2934 88.23 58.20 114.25
C GLY H 2934 89.51 57.56 113.74
N TYR H 2935 89.45 56.31 113.30
CA TYR H 2935 90.64 55.64 112.78
C TYR H 2935 91.06 56.25 111.44
N ALA H 2936 92.37 56.36 111.24
CA ALA H 2936 92.94 56.90 110.02
C ALA H 2936 93.58 55.76 109.22
N VAL H 2937 93.31 55.72 107.92
CA VAL H 2937 93.82 54.69 107.03
C VAL H 2937 94.87 55.32 106.12
N THR H 2938 96.06 54.73 106.10
CA THR H 2938 97.16 55.21 105.27
C THR H 2938 97.84 54.03 104.61
N ARG H 2939 98.48 54.30 103.47
CA ARG H 2939 99.20 53.29 102.72
C ARG H 2939 100.64 53.21 103.19
N GLY H 2940 101.07 52.02 103.59
CA GLY H 2940 102.43 51.81 104.06
C GLY H 2940 102.80 50.34 104.18
N ILE H 2951 91.38 55.93 79.66
CA ILE H 2951 91.76 57.20 79.04
C ILE H 2951 92.46 56.96 77.72
N GLU H 2952 91.98 57.62 76.67
CA GLU H 2952 92.58 57.47 75.35
C GLU H 2952 94.01 58.02 75.33
N LYS H 2953 94.22 59.17 75.97
CA LYS H 2953 95.56 59.75 76.00
C LYS H 2953 96.54 58.86 76.77
N ARG H 2954 96.08 58.30 77.90
CA ARG H 2954 96.94 57.40 78.66
C ARG H 2954 97.26 56.14 77.86
N PHE H 2955 96.27 55.60 77.15
CA PHE H 2955 96.52 54.43 76.31
C PHE H 2955 97.51 54.74 75.19
N ALA H 2956 97.38 55.92 74.57
CA ALA H 2956 98.32 56.31 73.53
C ALA H 2956 99.74 56.48 74.07
N PHE H 2957 99.85 57.09 75.25
CA PHE H 2957 101.17 57.25 75.87
C PHE H 2957 101.79 55.89 76.20
N GLY H 2958 100.98 54.97 76.73
CA GLY H 2958 101.48 53.64 77.02
C GLY H 2958 101.91 52.90 75.76
N PHE H 2959 101.13 53.03 74.69
CA PHE H 2959 101.50 52.41 73.42
C PHE H 2959 102.80 52.98 72.88
N LEU H 2960 102.97 54.31 72.98
CA LEU H 2960 104.21 54.93 72.52
C LEU H 2960 105.41 54.45 73.35
N GLN H 2961 105.23 54.36 74.67
CA GLN H 2961 106.31 53.86 75.52
C GLN H 2961 106.66 52.41 75.19
N GLN H 2962 105.64 51.58 74.95
CA GLN H 2962 105.88 50.20 74.58
C GLN H 2962 106.59 50.10 73.24
N LEU H 2963 106.21 50.94 72.29
CA LEU H 2963 106.88 50.95 70.99
C LEU H 2963 108.34 51.36 71.13
N LEU H 2964 108.62 52.37 71.95
CA LEU H 2964 110.00 52.78 72.17
C LEU H 2964 110.81 51.67 72.83
N ARG H 2965 110.22 51.00 73.83
CA ARG H 2965 110.91 49.89 74.48
C ARG H 2965 111.18 48.75 73.50
N TRP H 2966 110.19 48.45 72.63
CA TRP H 2966 110.39 47.40 71.64
C TRP H 2966 111.48 47.78 70.64
N MET H 2967 111.53 49.04 70.24
CA MET H 2967 112.59 49.49 69.33
C MET H 2967 113.95 49.37 69.99
N ASP H 2968 114.06 49.76 71.26
CA ASP H 2968 115.33 49.62 71.97
C ASP H 2968 115.73 48.16 72.10
N ILE H 2969 114.78 47.28 72.39
CA ILE H 2969 115.07 45.85 72.51
C ILE H 2969 115.52 45.29 71.17
N SER H 2970 114.87 45.71 70.08
CA SER H 2970 115.27 45.24 68.75
C SER H 2970 116.67 45.72 68.40
N GLN H 2971 116.99 46.98 68.74
CA GLN H 2971 118.33 47.49 68.49
C GLN H 2971 119.38 46.71 69.28
N GLU H 2972 119.08 46.42 70.55
CA GLU H 2972 120.00 45.64 71.37
C GLU H 2972 120.18 44.23 70.81
N PHE H 2973 119.09 43.60 70.36
CA PHE H 2973 119.19 42.27 69.77
C PHE H 2973 120.01 42.28 68.49
N ILE H 2974 119.82 43.31 67.65
CA ILE H 2974 120.60 43.43 66.42
C ILE H 2974 122.08 43.61 66.74
N ALA H 2975 122.38 44.44 67.73
CA ALA H 2975 123.77 44.64 68.13
C ALA H 2975 124.39 43.35 68.65
N HIS H 2976 123.63 42.59 69.45
CA HIS H 2976 124.14 41.31 69.97
C HIS H 2976 124.36 40.31 68.83
N LEU H 2977 123.43 40.24 67.87
CA LEU H 2977 123.57 39.31 66.77
C LEU H 2977 124.66 39.72 65.79
N GLU H 2978 125.03 41.00 65.76
CA GLU H 2978 126.10 41.44 64.87
C GLU H 2978 127.42 40.78 65.23
N ALA H 2979 127.71 40.66 66.52
CA ALA H 2979 128.94 40.02 66.98
C ALA H 2979 128.86 38.51 66.83
N HIS H 2991 116.56 35.08 72.54
CA HIS H 2991 116.03 36.35 72.07
C HIS H 2991 115.46 36.22 70.66
N GLU H 2992 115.40 34.98 70.17
CA GLU H 2992 114.85 34.75 68.83
C GLU H 2992 113.39 35.13 68.76
N GLN H 2993 112.60 34.78 69.79
CA GLN H 2993 111.19 35.14 69.80
C GLN H 2993 111.00 36.65 69.82
N GLU H 2994 111.80 37.35 70.64
CA GLU H 2994 111.69 38.81 70.68
C GLU H 2994 112.11 39.43 69.36
N ILE H 2995 113.15 38.88 68.72
CA ILE H 2995 113.59 39.41 67.42
C ILE H 2995 112.49 39.22 66.38
N LYS H 2996 111.87 38.04 66.37
CA LYS H 2996 110.78 37.79 65.42
C LYS H 2996 109.59 38.71 65.69
N PHE H 2997 109.28 38.93 66.97
CA PHE H 2997 108.19 39.84 67.32
C PHE H 2997 108.47 41.26 66.84
N PHE H 2998 109.69 41.74 67.06
CA PHE H 2998 110.05 43.08 66.61
C PHE H 2998 110.06 43.18 65.10
N ALA H 2999 110.42 42.09 64.41
CA ALA H 2999 110.48 42.11 62.96
C ALA H 2999 109.11 42.05 62.31
N LYS H 3000 108.16 41.32 62.89
CA LYS H 3000 106.87 41.11 62.26
C LYS H 3000 105.73 41.83 62.97
N ILE H 3001 105.53 41.57 64.26
CA ILE H 3001 104.39 42.15 64.96
C ILE H 3001 104.56 43.64 65.16
N LEU H 3002 105.78 44.07 65.50
CA LEU H 3002 106.01 45.49 65.79
C LEU H 3002 105.75 46.37 64.57
N LEU H 3003 106.24 45.95 63.40
CA LEU H 3003 106.01 46.73 62.19
C LEU H 3003 104.54 46.83 61.82
N PRO H 3004 103.77 45.72 61.79
CA PRO H 3004 102.33 45.85 61.51
C PRO H 3004 101.60 46.69 62.55
N LEU H 3005 101.98 46.58 63.82
CA LEU H 3005 101.34 47.40 64.86
C LEU H 3005 101.63 48.88 64.65
N ILE H 3006 102.88 49.21 64.30
CA ILE H 3006 103.24 50.60 64.03
C ILE H 3006 102.48 51.13 62.82
N ASN H 3007 102.37 50.31 61.77
CA ASN H 3007 101.63 50.72 60.58
C ASN H 3007 100.15 50.96 60.91
N GLN H 3008 99.55 50.07 61.69
CA GLN H 3008 98.15 50.23 62.07
C GLN H 3008 97.96 51.47 62.92
N TYR H 3009 98.87 51.72 63.86
CA TYR H 3009 98.77 52.92 64.69
C TYR H 3009 98.90 54.18 63.85
N PHE H 3010 99.81 54.19 62.89
CA PHE H 3010 99.97 55.34 62.01
C PHE H 3010 98.73 55.57 61.16
N THR H 3011 98.16 54.49 60.62
CA THR H 3011 96.96 54.62 59.79
C THR H 3011 95.76 55.08 60.60
N ASN H 3012 95.61 54.58 61.82
CA ASN H 3012 94.43 54.89 62.62
C ASN H 3012 94.45 56.33 63.13
N HIS H 3013 95.62 56.82 63.53
CA HIS H 3013 95.75 58.13 64.17
C HIS H 3013 96.76 58.99 63.42
N CYS H 3014 96.65 59.02 62.09
CA CYS H 3014 97.50 59.90 61.30
C CYS H 3014 97.18 61.36 61.57
N LEU H 3015 95.89 61.71 61.60
CA LEU H 3015 95.50 63.09 61.86
C LEU H 3015 95.86 63.50 63.29
N TYR H 3016 95.67 62.59 64.26
CA TYR H 3016 96.02 62.91 65.64
C TYR H 3016 97.51 63.16 65.79
N PHE H 3017 98.35 62.34 65.14
CA PHE H 3017 99.78 62.56 65.17
C PHE H 3017 100.15 63.88 64.48
N LEU H 3018 99.53 64.16 63.34
CA LEU H 3018 99.80 65.41 62.64
C LEU H 3018 99.35 66.62 63.46
N SER H 3019 98.18 66.52 64.09
CA SER H 3019 97.65 67.62 64.89
C SER H 3019 97.91 67.38 66.38
N ASN H 3033 103.43 66.65 71.89
CA ASN H 3033 104.29 66.46 73.05
C ASN H 3033 105.20 65.24 72.86
N LYS H 3034 104.59 64.06 72.75
CA LYS H 3034 105.32 62.82 72.55
C LYS H 3034 105.64 62.54 71.08
N GLU H 3035 105.20 63.40 70.17
CA GLU H 3035 105.49 63.19 68.75
C GLU H 3035 106.97 63.33 68.45
N LYS H 3036 107.66 64.26 69.14
CA LYS H 3036 109.09 64.44 68.90
C LYS H 3036 109.87 63.19 69.27
N GLU H 3037 109.53 62.54 70.39
CA GLU H 3037 110.22 61.33 70.79
C GLU H 3037 110.00 60.21 69.78
N MET H 3038 108.76 60.07 69.28
CA MET H 3038 108.48 59.05 68.27
C MET H 3038 109.25 59.33 66.98
N ILE H 3039 109.33 60.60 66.57
CA ILE H 3039 110.06 60.96 65.36
C ILE H 3039 111.55 60.65 65.55
N THR H 3040 112.11 60.98 66.71
CA THR H 3040 113.51 60.69 66.97
C THR H 3040 113.77 59.19 66.97
N SER H 3041 112.88 58.40 67.57
CA SER H 3041 113.04 56.95 67.56
C SER H 3041 112.97 56.39 66.15
N LEU H 3042 112.03 56.90 65.33
CA LEU H 3042 111.94 56.44 63.95
C LEU H 3042 113.19 56.80 63.16
N PHE H 3043 113.72 58.01 63.37
CA PHE H 3043 114.94 58.41 62.67
C PHE H 3043 116.12 57.54 63.10
N CYS H 3044 116.22 57.24 64.40
CA CYS H 3044 117.30 56.37 64.86
C CYS H 3044 117.18 54.97 64.28
N LYS H 3045 115.95 54.44 64.22
CA LYS H 3045 115.74 53.12 63.63
C LYS H 3045 116.10 53.12 62.15
N LEU H 3046 115.73 54.17 61.42
CA LEU H 3046 116.08 54.25 60.01
C LEU H 3046 117.59 54.34 59.82
N ALA H 3047 118.26 55.12 60.66
CA ALA H 3047 119.72 55.22 60.57
C ALA H 3047 120.38 53.89 60.87
N ALA H 3048 119.89 53.16 61.86
CA ALA H 3048 120.44 51.85 62.18
C ALA H 3048 120.22 50.87 61.05
N LEU H 3049 119.03 50.89 60.44
CA LEU H 3049 118.76 50.00 59.31
C LEU H 3049 119.63 50.33 58.12
N VAL H 3050 119.84 51.62 57.83
CA VAL H 3050 120.68 52.01 56.72
C VAL H 3050 122.12 51.58 56.94
N ARG H 3051 122.64 51.78 58.16
CA ARG H 3051 124.01 51.40 58.49
C ARG H 3051 124.12 49.89 58.69
N VAL H 3064 112.18 42.80 55.90
CA VAL H 3064 110.88 43.32 55.53
C VAL H 3064 110.96 44.82 55.29
N VAL H 3065 110.14 45.31 54.37
CA VAL H 3065 110.11 46.73 54.04
C VAL H 3065 108.99 47.41 54.83
N ASN H 3066 108.38 46.67 55.74
CA ASN H 3066 107.32 47.23 56.57
C ASN H 3066 107.85 48.34 57.48
N CYS H 3067 109.04 48.15 58.04
CA CYS H 3067 109.63 49.18 58.89
C CYS H 3067 109.89 50.46 58.09
N LEU H 3068 110.40 50.32 56.87
CA LEU H 3068 110.63 51.50 56.03
C LEU H 3068 109.33 52.20 55.70
N HIS H 3069 108.28 51.44 55.40
CA HIS H 3069 106.98 52.05 55.12
C HIS H 3069 106.43 52.78 56.33
N ILE H 3070 106.59 52.19 57.52
CA ILE H 3070 106.14 52.85 58.74
C ILE H 3070 106.92 54.13 59.00
N LEU H 3071 108.24 54.09 58.77
CA LEU H 3071 109.06 55.28 58.96
C LEU H 3071 108.68 56.38 57.98
N ALA H 3072 108.39 56.01 56.73
CA ALA H 3072 107.99 56.99 55.73
C ALA H 3072 106.68 57.67 56.11
N ARG H 3073 105.72 56.89 56.63
CA ARG H 3073 104.43 57.44 57.02
C ARG H 3073 104.55 58.22 58.33
N LYS H 3089 116.46 69.05 68.39
CA LYS H 3089 116.61 68.73 66.98
C LYS H 3089 117.86 67.88 66.74
N ALA H 3090 118.34 67.23 67.80
CA ALA H 3090 119.51 66.38 67.69
C ALA H 3090 119.25 65.19 66.78
N GLY H 3091 118.08 64.56 66.91
CA GLY H 3091 117.75 63.45 66.05
C GLY H 3091 117.61 63.85 64.59
N LEU H 3092 116.98 65.00 64.34
CA LEU H 3092 116.86 65.49 62.98
C LEU H 3092 118.24 65.80 62.39
N ARG H 3093 119.12 66.42 63.18
CA ARG H 3093 120.46 66.70 62.71
C ARG H 3093 121.23 65.42 62.39
N SER H 3094 121.09 64.40 63.25
CA SER H 3094 121.77 63.13 62.99
C SER H 3094 121.23 62.46 61.73
N PHE H 3095 119.90 62.50 61.54
CA PHE H 3095 119.32 61.94 60.33
C PHE H 3095 119.79 62.67 59.09
N PHE H 3096 119.88 64.00 59.16
CA PHE H 3096 120.35 64.78 58.02
C PHE H 3096 121.81 64.46 57.72
N GLU H 3097 122.64 64.32 58.76
CA GLU H 3097 124.04 63.97 58.56
C GLU H 3097 124.18 62.58 57.92
N SER H 3098 123.37 61.63 58.39
CA SER H 3098 123.41 60.29 57.80
C SER H 3098 122.97 60.32 56.34
N ALA H 3099 121.93 61.08 56.04
CA ALA H 3099 121.47 61.20 54.65
C ALA H 3099 122.54 61.84 53.77
N SER H 3100 123.20 62.88 54.28
CA SER H 3100 124.26 63.52 53.52
C SER H 3100 125.42 62.58 53.28
N GLU H 3101 125.80 61.78 54.29
CA GLU H 3101 126.86 60.80 54.12
C GLU H 3101 126.48 59.75 53.08
N ASP H 3102 125.23 59.27 53.12
CA ASP H 3102 124.78 58.30 52.14
C ASP H 3102 124.79 58.88 50.74
N ILE H 3103 124.36 60.14 50.60
CA ILE H 3103 124.34 60.78 49.29
C ILE H 3103 125.77 60.96 48.77
N GLU H 3104 126.70 61.35 49.64
CA GLU H 3104 128.09 61.49 49.23
C GLU H 3104 128.68 60.14 48.80
N LYS H 3105 128.37 59.08 49.54
CA LYS H 3105 128.85 57.75 49.18
C LYS H 3105 128.29 57.32 47.83
N MET H 3106 126.99 57.57 47.60
CA MET H 3106 126.38 57.21 46.33
C MET H 3106 127.00 58.00 45.17
N VAL H 3107 127.27 59.29 45.39
CA VAL H 3107 127.89 60.11 44.36
C VAL H 3107 129.30 59.61 44.05
N GLU H 3108 130.06 59.26 45.09
CA GLU H 3108 131.40 58.74 44.88
C GLU H 3108 131.36 57.41 44.13
N ASN H 3109 130.41 56.54 44.47
CA ASN H 3109 130.28 55.27 43.76
C ASN H 3109 129.91 55.48 42.30
N LEU H 3110 128.99 56.42 42.03
CA LEU H 3110 128.58 56.69 40.66
C LEU H 3110 129.74 57.27 39.85
N ARG H 3111 130.51 58.17 40.44
CA ARG H 3111 131.64 58.79 39.76
C ARG H 3111 132.81 57.82 39.64
N GLN H 3127 125.83 46.16 49.51
CA GLN H 3127 124.60 45.87 50.26
C GLN H 3127 124.25 47.03 51.18
N ASN H 3128 125.25 47.53 51.91
CA ASN H 3128 125.01 48.65 52.82
C ASN H 3128 124.61 49.90 52.06
N LEU H 3129 125.27 50.18 50.94
CA LEU H 3129 124.94 51.36 50.14
C LEU H 3129 123.52 51.25 49.57
N THR H 3130 123.14 50.07 49.08
CA THR H 3130 121.80 49.89 48.53
C THR H 3130 120.75 50.07 49.62
N TYR H 3131 120.99 49.51 50.81
CA TYR H 3131 120.04 49.68 51.92
C TYR H 3131 119.95 51.14 52.33
N THR H 3132 121.08 51.85 52.36
CA THR H 3132 121.06 53.27 52.71
C THR H 3132 120.27 54.07 51.68
N THR H 3133 120.45 53.76 50.39
CA THR H 3133 119.70 54.46 49.34
C THR H 3133 118.21 54.17 49.45
N VAL H 3134 117.85 52.92 49.74
CA VAL H 3134 116.45 52.56 49.89
C VAL H 3134 115.83 53.29 51.07
N ALA H 3135 116.55 53.36 52.18
CA ALA H 3135 116.05 54.10 53.35
C ALA H 3135 115.92 55.58 53.05
N LEU H 3136 116.89 56.14 52.32
CA LEU H 3136 116.84 57.57 51.98
C LEU H 3136 115.65 57.87 51.07
N LEU H 3137 115.34 56.97 50.15
CA LEU H 3137 114.16 57.17 49.29
C LEU H 3137 112.89 57.29 50.10
N PRO H 3138 112.58 56.37 51.02
CA PRO H 3138 111.46 56.62 51.94
C PRO H 3138 111.67 57.86 52.80
N VAL H 3139 112.91 58.14 53.20
CA VAL H 3139 113.20 59.36 53.94
C VAL H 3139 112.95 60.58 53.07
N LEU H 3140 113.30 60.51 51.78
CA LEU H 3140 113.01 61.59 50.87
C LEU H 3140 111.52 61.81 50.72
N THR H 3141 110.74 60.72 50.62
CA THR H 3141 109.30 60.85 50.52
C THR H 3141 108.72 61.47 51.79
N THR H 3142 109.21 61.05 52.96
CA THR H 3142 108.74 61.62 54.21
C THR H 3142 109.07 63.11 54.30
N LEU H 3143 110.28 63.49 53.86
CA LEU H 3143 110.66 64.90 53.87
C LEU H 3143 109.79 65.72 52.92
N PHE H 3144 109.48 65.15 51.74
CA PHE H 3144 108.59 65.84 50.81
C PHE H 3144 107.20 66.02 51.41
N GLN H 3145 106.68 64.98 52.08
CA GLN H 3145 105.38 65.08 52.71
C GLN H 3145 105.38 66.14 53.82
N HIS H 3146 106.46 66.19 54.61
CA HIS H 3146 106.56 67.18 55.67
C HIS H 3146 106.64 68.60 55.09
N ILE H 3147 107.39 68.77 54.00
CA ILE H 3147 107.49 70.08 53.37
C ILE H 3147 106.14 70.50 52.81
N ALA H 3148 105.40 69.57 52.19
CA ALA H 3148 104.08 69.89 51.68
C ALA H 3148 103.13 70.26 52.81
N GLN H 3149 103.19 69.54 53.92
CA GLN H 3149 102.36 69.86 55.07
C GLN H 3149 102.73 71.23 55.65
N HIS H 3150 104.02 71.53 55.74
CA HIS H 3150 104.48 72.80 56.28
C HIS H 3150 104.34 73.91 55.25
N ASP H 3160 123.16 74.59 58.91
CA ASP H 3160 123.32 73.40 59.73
C ASP H 3160 122.87 72.16 58.99
N VAL H 3161 121.80 71.53 59.48
CA VAL H 3161 121.26 70.34 58.84
C VAL H 3161 120.73 70.68 57.45
N GLN H 3162 120.01 71.80 57.32
CA GLN H 3162 119.48 72.20 56.03
C GLN H 3162 120.60 72.51 55.05
N VAL H 3163 121.66 73.18 55.51
CA VAL H 3163 122.79 73.50 54.64
C VAL H 3163 123.46 72.22 54.15
N SER H 3164 123.66 71.26 55.06
CA SER H 3164 124.27 69.98 54.67
C SER H 3164 123.40 69.23 53.67
N CYS H 3165 122.08 69.23 53.90
CA CYS H 3165 121.18 68.56 52.97
C CYS H 3165 121.21 69.22 51.60
N TYR H 3166 121.24 70.56 51.56
CA TYR H 3166 121.32 71.27 50.28
C TYR H 3166 122.64 70.97 49.57
N ARG H 3167 123.74 70.93 50.32
CA ARG H 3167 125.03 70.61 49.72
C ARG H 3167 125.03 69.20 49.15
N THR H 3168 124.46 68.24 49.89
CA THR H 3168 124.39 66.87 49.40
C THR H 3168 123.53 66.77 48.14
N LEU H 3169 122.39 67.49 48.13
CA LEU H 3169 121.53 67.48 46.95
C LEU H 3169 122.24 68.09 45.75
N CYS H 3170 122.97 69.18 45.95
CA CYS H 3170 123.72 69.80 44.87
C CYS H 3170 124.81 68.87 44.35
N SER H 3171 125.51 68.18 45.25
CA SER H 3171 126.53 67.23 44.82
C SER H 3171 125.93 66.08 44.04
N ILE H 3172 124.77 65.59 44.47
CA ILE H 3172 124.11 64.50 43.76
C ILE H 3172 123.67 64.97 42.37
N TYR H 3173 123.11 66.17 42.29
CA TYR H 3173 122.65 66.68 41.00
C TYR H 3173 123.82 67.00 40.07
N SER H 3174 124.98 67.32 40.62
CA SER H 3174 126.15 67.61 39.78
C SER H 3174 126.56 66.39 38.97
N LEU H 3175 126.54 65.21 39.58
CA LEU H 3175 126.91 63.98 38.90
C LEU H 3175 125.78 63.48 38.00
N ARG H 3187 118.87 57.38 32.97
CA ARG H 3187 118.49 56.11 33.59
C ARG H 3187 117.44 56.33 34.68
N PRO H 3188 116.74 55.27 35.06
CA PRO H 3188 115.73 55.40 36.12
C PRO H 3188 116.31 55.88 37.44
N ALA H 3189 117.54 55.47 37.77
CA ALA H 3189 118.15 55.91 39.01
C ALA H 3189 118.38 57.42 39.01
N LEU H 3190 118.84 57.97 37.87
CA LEU H 3190 119.05 59.41 37.78
C LEU H 3190 117.73 60.16 37.92
N GLY H 3191 116.66 59.65 37.29
CA GLY H 3191 115.37 60.28 37.41
C GLY H 3191 114.84 60.24 38.84
N GLU H 3192 115.02 59.11 39.52
CA GLU H 3192 114.59 59.00 40.92
C GLU H 3192 115.37 59.97 41.80
N CYS H 3193 116.69 60.07 41.57
CA CYS H 3193 117.50 61.00 42.35
C CYS H 3193 117.08 62.44 42.11
N LEU H 3194 116.79 62.79 40.85
CA LEU H 3194 116.33 64.15 40.54
C LEU H 3194 114.98 64.43 41.19
N ALA H 3195 114.07 63.46 41.17
CA ALA H 3195 112.79 63.65 41.81
C ALA H 3195 112.94 63.82 43.32
N ARG H 3196 113.82 63.03 43.94
CA ARG H 3196 114.06 63.16 45.37
C ARG H 3196 114.66 64.52 45.71
N LEU H 3197 115.61 64.98 44.90
CA LEU H 3197 116.22 66.29 45.14
C LEU H 3197 115.20 67.41 44.99
N ALA H 3198 114.36 67.34 43.95
CA ALA H 3198 113.33 68.35 43.75
C ALA H 3198 112.24 68.28 44.81
N ALA H 3199 112.05 67.12 45.44
CA ALA H 3199 111.02 66.96 46.46
C ALA H 3199 111.42 67.66 47.76
N ARG H 3248 120.24 79.04 34.04
CA ARG H 3248 120.75 77.99 33.15
C ARG H 3248 119.61 77.18 32.55
N LEU H 3249 118.40 77.39 33.06
CA LEU H 3249 117.24 76.67 32.54
C LEU H 3249 116.96 77.06 31.09
N MET H 3250 117.09 78.34 30.76
CA MET H 3250 116.85 78.78 29.38
C MET H 3250 117.88 78.17 28.43
N ALA H 3251 119.14 78.12 28.85
CA ALA H 3251 120.17 77.52 28.01
C ALA H 3251 119.90 76.04 27.78
N ASP H 3252 119.51 75.31 28.83
CA ASP H 3252 119.19 73.90 28.68
C ASP H 3252 118.00 73.70 27.77
N ILE H 3253 116.96 74.54 27.90
CA ILE H 3253 115.79 74.44 27.05
C ILE H 3253 116.16 74.68 25.59
N GLY H 3254 117.00 75.69 25.34
CA GLY H 3254 117.44 75.96 23.98
C GLY H 3254 118.28 74.84 23.40
N GLY H 3255 119.16 74.26 24.21
CA GLY H 3255 119.98 73.16 23.74
C GLY H 3255 119.17 71.91 23.45
N LEU H 3256 118.15 71.64 24.27
CA LEU H 3256 117.32 70.47 24.06
C LEU H 3256 116.56 70.57 22.74
N ALA H 3257 116.04 71.74 22.42
CA ALA H 3257 115.29 71.94 21.19
C ALA H 3257 116.23 72.01 19.99
N PRO H 3267 117.72 64.46 27.63
CA PRO H 3267 118.48 63.40 28.29
C PRO H 3267 118.30 63.38 29.80
N HIS H 3268 119.16 62.65 30.51
CA HIS H 3268 119.08 62.59 31.96
C HIS H 3268 119.35 63.95 32.59
N VAL H 3269 120.33 64.68 32.06
CA VAL H 3269 120.66 65.99 32.61
C VAL H 3269 119.50 66.96 32.38
N ILE H 3270 118.89 66.92 31.19
CA ILE H 3270 117.76 67.81 30.90
C ILE H 3270 116.59 67.48 31.81
N GLU H 3271 116.31 66.18 32.01
CA GLU H 3271 115.22 65.78 32.89
C GLU H 3271 115.47 66.22 34.32
N ILE H 3272 116.72 66.10 34.80
CA ILE H 3272 117.05 66.52 36.15
C ILE H 3272 116.89 68.02 36.28
N THR H 3273 117.33 68.79 35.29
CA THR H 3273 117.20 70.24 35.34
C THR H 3273 115.73 70.66 35.34
N LEU H 3274 114.90 69.99 34.52
CA LEU H 3274 113.48 70.32 34.49
C LEU H 3274 112.80 70.10 35.83
N PRO H 3275 113.02 68.98 36.52
CA PRO H 3275 112.41 68.83 37.86
C PRO H 3275 112.85 69.89 38.85
N MET H 3276 114.10 70.33 38.78
CA MET H 3276 114.56 71.39 39.67
C MET H 3276 113.83 72.70 39.39
N LEU H 3277 113.66 73.04 38.10
CA LEU H 3277 112.92 74.24 37.74
C LEU H 3277 111.46 74.14 38.18
N CYS H 3278 110.85 72.96 38.02
CA CYS H 3278 109.47 72.78 38.45
C CYS H 3278 109.34 72.94 39.97
N SER H 3279 110.29 72.39 40.72
CA SER H 3279 110.26 72.54 42.17
C SER H 3279 110.46 73.99 42.58
N TYR H 3280 111.37 74.70 41.90
CA TYR H 3280 111.60 76.11 42.23
C TYR H 3280 110.36 76.95 41.93
N LEU H 3281 109.70 76.68 40.82
CA LEU H 3281 108.47 77.42 40.48
C LEU H 3281 107.39 77.23 41.52
N PRO H 3282 107.08 76.01 41.98
CA PRO H 3282 106.06 75.87 43.04
C PRO H 3282 106.40 76.59 44.33
N ARG H 3283 107.69 76.67 44.68
CA ARG H 3283 108.08 77.37 45.89
C ARG H 3283 107.77 78.85 45.82
N TRP H 3284 108.01 79.48 44.67
CA TRP H 3284 107.74 80.90 44.49
C TRP H 3284 106.25 81.15 44.34
N SER H 3309 105.12 82.48 37.45
CA SER H 3309 104.49 83.42 36.53
C SER H 3309 105.05 83.27 35.12
N ASP H 3310 105.81 84.27 34.68
CA ASP H 3310 106.42 84.23 33.36
C ASP H 3310 107.41 83.07 33.24
N HIS H 3311 108.22 82.86 34.28
CA HIS H 3311 109.18 81.75 34.26
C HIS H 3311 108.46 80.41 34.20
N LEU H 3312 107.38 80.25 34.96
CA LEU H 3312 106.62 79.00 34.93
C LEU H 3312 106.01 78.77 33.56
N ASN H 3313 105.47 79.82 32.94
CA ASN H 3313 104.90 79.68 31.60
C ASN H 3313 105.96 79.32 30.58
N SER H 3314 107.14 79.94 30.67
CA SER H 3314 108.24 79.60 29.77
C SER H 3314 108.68 78.16 29.95
N LEU H 3315 108.78 77.70 31.20
CA LEU H 3315 109.16 76.31 31.45
C LEU H 3315 108.12 75.34 30.90
N LEU H 3316 106.84 75.66 31.08
CA LEU H 3316 105.78 74.81 30.55
C LEU H 3316 105.83 74.76 29.02
N GLY H 3317 106.05 75.91 28.38
CA GLY H 3317 106.17 75.93 26.94
C GLY H 3317 107.37 75.13 26.44
N ASN H 3318 108.50 75.25 27.13
CA ASN H 3318 109.68 74.46 26.76
C ASN H 3318 109.42 72.97 26.92
N ILE H 3319 108.75 72.58 28.00
CA ILE H 3319 108.44 71.17 28.23
C ILE H 3319 107.50 70.66 27.14
N LEU H 3320 106.49 71.46 26.78
CA LEU H 3320 105.57 71.05 25.72
C LEU H 3320 106.29 70.92 24.39
N ARG H 3321 107.19 71.84 24.08
CA ARG H 3321 107.96 71.76 22.84
C ARG H 3321 108.85 70.52 22.82
N ILE H 3322 109.48 70.21 23.96
CA ILE H 3322 110.33 69.02 24.04
C ILE H 3322 109.49 67.76 23.85
N ILE H 3323 108.31 67.72 24.47
CA ILE H 3323 107.44 66.55 24.33
C ILE H 3323 106.98 66.40 22.89
N VAL H 3324 106.62 67.50 22.23
CA VAL H 3324 106.20 67.44 20.84
C VAL H 3324 107.33 66.96 19.95
N ASN H 3325 108.55 67.47 20.18
CA ASN H 3325 109.70 67.03 19.39
C ASN H 3325 110.00 65.56 19.62
N ASN H 3326 109.92 65.11 20.87
CA ASN H 3326 110.19 63.72 21.20
C ASN H 3326 109.02 62.82 20.82
N VAL H 3340 106.97 61.35 29.55
CA VAL H 3340 105.90 60.65 30.24
C VAL H 3340 106.07 60.78 31.76
N PHE H 3341 107.31 60.65 32.22
CA PHE H 3341 107.58 60.77 33.65
C PHE H 3341 107.28 62.18 34.15
N ALA H 3342 107.65 63.19 33.37
CA ALA H 3342 107.41 64.57 33.77
C ALA H 3342 105.91 64.89 33.69
N GLN H 3343 105.39 65.52 34.74
CA GLN H 3343 103.97 65.89 34.79
C GLN H 3343 103.77 67.01 35.80
N PRO H 3344 104.22 68.23 35.50
CA PRO H 3344 104.03 69.35 36.42
C PRO H 3344 102.55 69.66 36.62
N ILE H 3345 102.21 70.07 37.83
CA ILE H 3345 100.84 70.43 38.19
C ILE H 3345 100.65 71.93 38.31
N VAL H 3346 101.69 72.73 38.08
CA VAL H 3346 101.57 74.17 38.18
C VAL H 3346 100.77 74.71 37.01
N SER H 3347 99.82 75.60 37.29
CA SER H 3347 99.01 76.20 36.24
C SER H 3347 99.87 77.08 35.33
N ARG H 3348 99.53 77.09 34.05
CA ARG H 3348 100.27 77.85 33.04
C ARG H 3348 99.43 79.04 32.59
N ALA H 3349 100.04 80.22 32.58
CA ALA H 3349 99.34 81.42 32.14
C ALA H 3349 99.22 81.43 30.61
N ARG H 3350 98.39 82.35 30.12
CA ARG H 3350 98.12 82.51 28.69
C ARG H 3350 97.59 81.21 28.10
N PRO H 3351 96.36 80.80 28.46
CA PRO H 3351 95.82 79.55 27.90
C PRO H 3351 95.70 79.55 26.39
N GLU H 3352 95.46 80.71 25.77
CA GLU H 3352 95.35 80.77 24.32
C GLU H 3352 96.67 80.39 23.65
N LEU H 3353 97.78 80.88 24.18
CA LEU H 3353 99.09 80.53 23.62
C LEU H 3353 99.38 79.04 23.77
N LEU H 3354 99.03 78.48 24.93
CA LEU H 3354 99.24 77.04 25.15
C LEU H 3354 98.39 76.22 24.19
N HIS H 3355 97.13 76.63 23.98
CA HIS H 3355 96.26 75.93 23.04
C HIS H 3355 96.80 76.02 21.61
N SER H 3356 97.29 77.19 21.23
CA SER H 3356 97.86 77.36 19.89
C SER H 3356 99.10 76.48 19.72
N HIS H 3357 99.95 76.41 20.74
CA HIS H 3357 101.13 75.56 20.67
C HIS H 3357 100.75 74.08 20.58
N PHE H 3358 99.75 73.66 21.37
CA PHE H 3358 99.34 72.26 21.38
C PHE H 3358 98.53 71.88 20.15
N ILE H 3359 98.00 72.85 19.41
CA ILE H 3359 97.26 72.52 18.18
C ILE H 3359 98.12 71.75 17.20
N PRO H 3360 99.38 72.11 16.94
CA PRO H 3360 100.21 71.27 16.07
C PRO H 3360 100.40 69.86 16.61
N THR H 3361 100.53 69.70 17.93
CA THR H 3361 100.65 68.37 18.50
C THR H 3361 99.37 67.56 18.30
N ILE H 3362 98.22 68.21 18.45
CA ILE H 3362 96.94 67.53 18.22
C ILE H 3362 96.82 67.12 16.76
N GLY H 3363 97.22 67.99 15.85
CA GLY H 3363 97.19 67.64 14.43
C GLY H 3363 98.11 66.49 14.10
N ARG H 3364 99.31 66.48 14.67
CA ARG H 3364 100.24 65.37 14.44
C ARG H 3364 99.69 64.07 15.00
N LEU H 3365 99.08 64.12 16.18
CA LEU H 3365 98.48 62.92 16.76
C LEU H 3365 97.32 62.41 15.90
N ARG H 3366 96.50 63.33 15.39
CA ARG H 3366 95.40 62.93 14.51
C ARG H 3366 95.91 62.31 13.23
N LYS H 3367 96.98 62.89 12.65
CA LYS H 3367 97.56 62.32 11.44
C LYS H 3367 98.12 60.92 11.71
N ARG H 3368 98.80 60.74 12.84
CA ARG H 3368 99.33 59.43 13.18
C ARG H 3368 98.22 58.41 13.38
N ALA H 3369 97.13 58.82 14.05
CA ALA H 3369 96.00 57.93 14.26
C ALA H 3369 95.36 57.54 12.93
N GLY H 3370 95.22 58.52 12.02
CA GLY H 3370 94.66 58.21 10.71
C GLY H 3370 95.55 57.27 9.91
N LYS H 3371 96.86 57.48 9.97
CA LYS H 3371 97.78 56.57 9.28
C LYS H 3371 97.70 55.16 9.85
N VAL H 3372 97.61 55.05 11.19
CA VAL H 3372 97.50 53.74 11.81
C VAL H 3372 96.19 53.06 11.42
N VAL H 3373 95.09 53.83 11.38
CA VAL H 3373 93.80 53.26 10.98
C VAL H 3373 93.84 52.79 9.53
N ALA H 3374 94.46 53.59 8.65
CA ALA H 3374 94.57 53.18 7.25
C ALA H 3374 95.42 51.93 7.10
N GLU H 3375 96.52 51.84 7.86
CA GLU H 3375 97.37 50.64 7.80
C GLU H 3375 96.61 49.41 8.30
N GLU H 3376 95.84 49.57 9.38
CA GLU H 3376 95.05 48.45 9.90
C GLU H 3376 93.99 48.02 8.90
N GLU H 3377 93.33 48.99 8.25
CA GLU H 3377 92.31 48.66 7.26
C GLU H 3377 92.92 47.94 6.06
N GLN H 3378 94.09 48.40 5.61
CA GLN H 3378 94.76 47.76 4.47
C GLN H 3378 95.13 46.32 4.79
N LEU H 3379 95.64 46.08 6.00
CA LEU H 3379 96.02 44.74 6.41
C LEU H 3379 94.80 43.87 6.70
N ARG H 3395 97.49 44.35 12.58
CA ARG H 3395 98.82 43.75 12.51
C ARG H 3395 99.65 44.10 13.73
N ASP H 3396 100.77 43.39 13.91
CA ASP H 3396 101.65 43.67 15.03
C ASP H 3396 102.25 45.06 14.94
N GLU H 3397 102.68 45.46 13.73
CA GLU H 3397 103.25 46.80 13.56
C GLU H 3397 102.19 47.88 13.82
N PHE H 3398 100.97 47.66 13.33
CA PHE H 3398 99.90 48.62 13.57
C PHE H 3398 99.58 48.73 15.06
N SER H 3399 99.55 47.59 15.76
CA SER H 3399 99.29 47.62 17.19
C SER H 3399 100.41 48.34 17.94
N VAL H 3400 101.66 48.11 17.54
CA VAL H 3400 102.78 48.78 18.18
C VAL H 3400 102.71 50.29 17.95
N LEU H 3401 102.38 50.69 16.72
CA LEU H 3401 102.25 52.12 16.42
C LEU H 3401 101.12 52.74 17.22
N CYS H 3402 99.99 52.05 17.33
CA CYS H 3402 98.87 52.57 18.12
C CYS H 3402 99.24 52.71 19.59
N ARG H 3403 99.95 51.72 20.13
CA ARG H 3403 100.38 51.79 21.53
C ARG H 3403 101.35 52.95 21.74
N ASP H 3404 102.28 53.15 20.80
CA ASP H 3404 103.22 54.25 20.91
C ASP H 3404 102.50 55.60 20.84
N LEU H 3405 101.51 55.72 19.95
CA LEU H 3405 100.75 56.96 19.86
C LEU H 3405 99.95 57.21 21.14
N TYR H 3406 99.35 56.16 21.70
CA TYR H 3406 98.59 56.31 22.93
C TYR H 3406 99.48 56.71 24.10
N ALA H 3407 100.69 56.13 24.16
CA ALA H 3407 101.60 56.46 25.26
C ALA H 3407 102.00 57.94 25.23
N LEU H 3408 102.30 58.46 24.04
CA LEU H 3408 102.66 59.87 23.93
C LEU H 3408 101.45 60.79 24.10
N TYR H 3409 100.25 60.29 23.84
CA TYR H 3409 99.03 61.08 23.96
C TYR H 3409 98.76 61.47 25.41
N PRO H 3410 99.24 60.68 26.38
CA PRO H 3410 98.94 61.01 27.79
C PRO H 3410 99.41 62.39 28.22
N LEU H 3411 100.58 62.82 27.74
CA LEU H 3411 101.04 64.18 28.05
C LEU H 3411 100.21 65.22 27.31
N LEU H 3412 99.93 64.98 26.04
CA LEU H 3412 99.13 65.92 25.26
C LEU H 3412 97.72 66.03 25.81
N ILE H 3413 97.13 64.90 26.20
CA ILE H 3413 95.78 64.92 26.77
C ILE H 3413 95.76 65.72 28.07
N ARG H 3414 96.76 65.51 28.93
CA ARG H 3414 96.83 66.26 30.18
C ARG H 3414 97.00 67.74 29.92
N TYR H 3415 97.86 68.11 28.97
CA TYR H 3415 98.05 69.52 28.64
C TYR H 3415 96.76 70.13 28.10
N VAL H 3416 96.05 69.41 27.24
CA VAL H 3416 94.80 69.90 26.69
C VAL H 3416 93.76 70.09 27.79
N ASP H 3417 93.67 69.14 28.71
CA ASP H 3417 92.73 69.27 29.83
C ASP H 3417 93.07 70.46 30.71
N ASN H 3418 94.36 70.65 30.99
CA ASN H 3418 94.77 71.79 31.80
C ASN H 3418 94.46 73.12 31.11
N ASN H 3419 94.69 73.18 29.80
CA ASN H 3419 94.36 74.39 29.06
C ASN H 3419 92.87 74.66 29.04
N ARG H 3420 92.06 73.60 28.85
CA ARG H 3420 90.62 73.76 28.83
C ARG H 3420 90.08 74.22 30.19
N ALA H 3421 90.66 73.68 31.27
CA ALA H 3421 90.22 74.10 32.61
C ALA H 3421 90.51 75.58 32.83
N HIS H 3422 91.67 76.06 32.40
CA HIS H 3422 92.00 77.46 32.57
C HIS H 3422 91.21 78.35 31.61
N TRP H 3423 90.94 77.86 30.41
CA TRP H 3423 90.24 78.63 29.39
C TRP H 3423 88.73 78.44 29.43
N LEU H 3424 88.21 77.69 30.39
CA LEU H 3424 86.77 77.47 30.48
C LEU H 3424 86.01 78.76 30.78
N THR H 3425 86.67 79.78 31.32
CA THR H 3425 86.00 81.04 31.62
C THR H 3425 85.51 81.71 30.35
N GLU H 3426 86.32 81.70 29.29
CA GLU H 3426 85.95 82.36 28.05
C GLU H 3426 86.43 81.54 26.85
N PRO H 3427 85.53 81.11 25.97
CA PRO H 3427 85.96 80.35 24.79
C PRO H 3427 86.64 81.25 23.77
N ASN H 3428 87.44 80.61 22.91
CA ASN H 3428 88.19 81.30 21.87
C ASN H 3428 88.14 80.48 20.60
N ALA H 3429 88.38 81.16 19.47
CA ALA H 3429 88.41 80.47 18.19
C ALA H 3429 89.51 79.42 18.13
N ASN H 3430 90.71 79.77 18.63
CA ASN H 3430 91.78 78.79 18.73
C ASN H 3430 91.40 77.67 19.70
N ALA H 3431 90.75 78.02 20.81
CA ALA H 3431 90.26 77.00 21.74
C ALA H 3431 89.22 76.11 21.08
N GLU H 3432 88.34 76.69 20.27
CA GLU H 3432 87.35 75.90 19.56
C GLU H 3432 88.00 74.94 18.58
N GLU H 3433 89.02 75.42 17.85
CA GLU H 3433 89.73 74.55 16.91
C GLU H 3433 90.45 73.41 17.66
N LEU H 3434 91.07 73.74 18.79
CA LEU H 3434 91.73 72.70 19.59
C LEU H 3434 90.73 71.68 20.10
N PHE H 3435 89.55 72.14 20.54
CA PHE H 3435 88.52 71.22 21.01
C PHE H 3435 88.03 70.33 19.88
N ARG H 3436 87.85 70.89 18.68
CA ARG H 3436 87.44 70.09 17.53
C ARG H 3436 88.50 69.04 17.18
N MET H 3437 89.77 69.43 17.22
CA MET H 3437 90.84 68.48 16.94
C MET H 3437 90.87 67.37 17.99
N VAL H 3438 90.69 67.73 19.26
CA VAL H 3438 90.69 66.73 20.33
C VAL H 3438 89.51 65.78 20.16
N GLY H 3439 88.34 66.30 19.79
CA GLY H 3439 87.19 65.44 19.56
C GLY H 3439 87.40 64.51 18.38
N GLU H 3440 88.00 65.02 17.31
CA GLU H 3440 88.30 64.15 16.16
C GLU H 3440 89.29 63.06 16.54
N ILE H 3441 90.32 63.40 17.32
CA ILE H 3441 91.29 62.41 17.76
C ILE H 3441 90.62 61.36 18.63
N PHE H 3442 89.74 61.79 19.55
CA PHE H 3442 89.03 60.85 20.40
C PHE H 3442 88.12 59.92 19.59
N ILE H 3443 87.44 60.47 18.58
CA ILE H 3443 86.59 59.66 17.72
C ILE H 3443 87.42 58.63 16.95
N TYR H 3444 88.57 59.06 16.44
CA TYR H 3444 89.44 58.13 15.71
C TYR H 3444 89.96 57.03 16.64
N TRP H 3445 90.32 57.39 17.87
CA TRP H 3445 90.78 56.38 18.83
C TRP H 3445 89.67 55.40 19.18
N SER H 3446 88.45 55.91 19.36
CA SER H 3446 87.32 55.03 19.68
C SER H 3446 87.01 54.10 18.51
N LYS H 3447 87.14 54.60 17.28
CA LYS H 3447 86.86 53.76 16.12
C LYS H 3447 87.82 52.57 16.05
N SER H 3448 89.10 52.80 16.35
CA SER H 3448 90.11 51.74 16.31
C SER H 3448 90.09 51.00 17.64
N HIS H 3449 89.50 49.80 17.64
CA HIS H 3449 89.46 49.01 18.86
C HIS H 3449 90.84 48.53 19.29
N ASN H 3450 91.71 48.24 18.32
CA ASN H 3450 93.07 47.80 18.66
C ASN H 3450 93.83 48.90 19.40
N PHE H 3451 93.68 50.15 18.97
CA PHE H 3451 94.34 51.26 19.65
C PHE H 3451 93.85 51.40 21.08
N LYS H 3452 92.53 51.27 21.28
CA LYS H 3452 91.98 51.36 22.63
C LYS H 3452 92.48 50.21 23.51
N ARG H 3453 92.55 49.00 22.95
CA ARG H 3453 93.07 47.87 23.71
C ARG H 3453 94.53 48.07 24.08
N GLU H 3454 95.34 48.58 23.14
CA GLU H 3454 96.74 48.84 23.43
C GLU H 3454 96.88 49.92 24.50
N GLU H 3455 96.07 50.97 24.44
CA GLU H 3455 96.12 52.01 25.46
C GLU H 3455 95.74 51.46 26.83
N GLN H 3456 94.70 50.62 26.89
CA GLN H 3456 94.30 50.01 28.16
C GLN H 3456 95.40 49.13 28.71
N ASN H 3457 96.03 48.33 27.84
CA ASN H 3457 97.13 47.46 28.29
C ASN H 3457 98.30 48.28 28.80
N PHE H 3458 98.64 49.38 28.11
CA PHE H 3458 99.72 50.24 28.57
C PHE H 3458 99.40 50.88 29.92
N VAL H 3459 98.15 51.32 30.09
CA VAL H 3459 97.74 51.93 31.36
C VAL H 3459 97.81 50.90 32.48
N VAL H 3460 97.37 49.67 32.21
CA VAL H 3460 97.43 48.62 33.22
C VAL H 3460 98.87 48.30 33.59
N GLN H 3461 99.74 48.21 32.59
CA GLN H 3461 101.16 47.91 32.86
C GLN H 3461 101.82 49.03 33.65
N ASN H 3462 101.52 50.29 33.30
CA ASN H 3462 102.11 51.41 34.02
C ASN H 3462 101.67 51.45 35.47
N GLU H 3463 100.39 51.19 35.72
CA GLU H 3463 99.86 51.20 37.08
C GLU H 3463 99.06 49.93 37.37
N ILE H 3510 89.53 55.08 24.40
CA ILE H 3510 90.37 55.39 25.54
C ILE H 3510 89.59 56.25 26.53
N VAL H 3511 89.77 55.94 27.83
CA VAL H 3511 89.08 56.71 28.87
C VAL H 3511 89.58 58.16 28.88
N ALA H 3512 90.90 58.34 28.77
CA ALA H 3512 91.47 59.69 28.74
C ALA H 3512 90.97 60.46 27.51
N THR H 3513 90.92 59.80 26.36
CA THR H 3513 90.43 60.45 25.14
C THR H 3513 88.97 60.85 25.30
N LEU H 3514 88.15 59.98 25.88
CA LEU H 3514 86.75 60.32 26.09
C LEU H 3514 86.60 61.49 27.07
N LYS H 3515 87.40 61.49 28.14
CA LYS H 3515 87.34 62.59 29.10
C LYS H 3515 87.75 63.90 28.44
N LYS H 3516 88.80 63.88 27.60
CA LYS H 3516 89.22 65.08 26.91
C LYS H 3516 88.15 65.56 25.93
N MET H 3517 87.50 64.62 25.22
CA MET H 3517 86.45 64.99 24.29
C MET H 3517 85.25 65.60 25.01
N LEU H 3518 84.90 65.06 26.17
CA LEU H 3518 83.78 65.62 26.93
C LEU H 3518 84.02 67.06 27.32
N PRO H 3519 85.17 67.43 27.90
CA PRO H 3519 85.45 68.87 28.09
C PRO H 3519 85.51 69.64 26.80
N ILE H 3520 86.01 69.03 25.72
CA ILE H 3520 86.04 69.70 24.43
C ILE H 3520 84.62 69.95 23.92
N GLY H 3521 83.74 68.96 24.07
CA GLY H 3521 82.36 69.16 23.66
C GLY H 3521 81.65 70.20 24.51
N LEU H 3522 81.93 70.22 25.81
CA LEU H 3522 81.35 71.24 26.68
C LEU H 3522 81.82 72.63 26.29
N ASN H 3523 83.11 72.77 25.97
CA ASN H 3523 83.63 74.06 25.56
C ASN H 3523 83.00 74.52 24.24
N MET H 3524 82.83 73.61 23.29
CA MET H 3524 82.22 73.95 22.02
C MET H 3524 80.76 74.33 22.20
N CYS H 3525 80.34 75.38 21.50
CA CYS H 3525 78.98 75.89 21.59
C CYS H 3525 78.27 75.69 20.27
N ALA H 3526 77.11 75.04 20.31
CA ALA H 3526 76.31 74.82 19.12
C ALA H 3526 75.58 76.10 18.71
N PRO H 3527 75.11 76.16 17.46
CA PRO H 3527 74.37 77.34 17.02
C PRO H 3527 73.08 77.53 17.81
N THR H 3528 72.68 78.79 17.96
CA THR H 3528 71.46 79.10 18.72
C THR H 3528 70.23 78.50 18.05
N ASP H 3529 70.14 78.60 16.72
CA ASP H 3529 69.00 78.02 16.01
C ASP H 3529 68.95 76.50 16.16
N GLN H 3530 70.11 75.85 16.05
CA GLN H 3530 70.24 74.40 16.19
C GLN H 3530 69.34 73.73 15.15
N ASP H 3531 68.45 72.82 15.53
CA ASP H 3531 67.53 72.13 14.62
C ASP H 3531 68.27 71.33 13.55
N LEU H 3532 69.56 71.09 13.73
CA LEU H 3532 70.33 70.30 12.78
C LEU H 3532 71.26 69.27 13.43
N ILE H 3533 71.49 69.34 14.74
CA ILE H 3533 72.38 68.38 15.40
C ILE H 3533 71.78 66.98 15.35
N MET H 3534 70.47 66.87 15.58
CA MET H 3534 69.82 65.56 15.56
C MET H 3534 69.89 64.92 14.18
N LEU H 3535 69.65 65.71 13.13
CA LEU H 3535 69.70 65.18 11.78
C LEU H 3535 71.11 64.72 11.42
N ALA H 3536 72.12 65.51 11.79
CA ALA H 3536 73.50 65.13 11.52
C ALA H 3536 73.89 63.87 12.29
N LYS H 3537 73.44 63.76 13.54
CA LYS H 3537 73.73 62.56 14.32
C LYS H 3537 73.06 61.33 13.71
N THR H 3538 71.81 61.48 13.24
CA THR H 3538 71.14 60.38 12.57
C THR H 3538 71.85 59.97 11.30
N ARG H 3539 72.32 60.95 10.52
CA ARG H 3539 73.06 60.65 9.30
C ARG H 3539 74.37 59.94 9.62
N TYR H 3540 75.05 60.37 10.68
CA TYR H 3540 76.29 59.70 11.09
C TYR H 3540 76.02 58.27 11.53
N ALA H 3541 74.93 58.04 12.26
CA ALA H 3541 74.57 56.69 12.65
C ALA H 3541 74.26 55.81 11.45
N LEU H 3542 73.76 56.42 10.37
CA LEU H 3542 73.46 55.70 9.13
C LEU H 3542 74.65 55.69 8.18
N LYS H 3543 75.80 56.22 8.59
CA LYS H 3543 77.01 56.29 7.76
C LYS H 3543 76.74 57.03 6.45
N ASP H 3544 75.95 58.10 6.54
CA ASP H 3544 75.64 58.92 5.37
C ASP H 3544 76.84 59.79 5.00
N THR H 3545 76.83 60.26 3.75
CA THR H 3545 77.91 61.12 3.27
C THR H 3545 77.86 62.48 3.96
N ASP H 3546 79.04 63.10 4.08
CA ASP H 3546 79.11 64.42 4.71
C ASP H 3546 78.35 65.46 3.90
N GLU H 3547 78.46 65.41 2.58
CA GLU H 3547 77.72 66.35 1.74
C GLU H 3547 76.22 66.15 1.88
N GLU H 3548 75.77 64.90 1.94
CA GLU H 3548 74.34 64.64 2.12
C GLU H 3548 73.86 65.14 3.48
N VAL H 3549 74.66 64.94 4.52
CA VAL H 3549 74.31 65.42 5.85
C VAL H 3549 74.21 66.94 5.87
N ARG H 3550 75.18 67.61 5.23
CA ARG H 3550 75.14 69.07 5.17
C ARG H 3550 73.93 69.56 4.40
N GLU H 3551 73.58 68.90 3.29
CA GLU H 3551 72.41 69.30 2.52
C GLU H 3551 71.13 69.09 3.32
N PHE H 3552 71.04 67.99 4.06
CA PHE H 3552 69.87 67.74 4.90
C PHE H 3552 69.77 68.79 6.01
N LEU H 3553 70.89 69.15 6.63
CA LEU H 3553 70.88 70.16 7.67
C LEU H 3553 70.48 71.52 7.11
N GLN H 3554 70.96 71.86 5.92
CA GLN H 3554 70.59 73.14 5.31
C GLN H 3554 69.10 73.20 5.01
N ASN H 3555 68.53 72.10 4.51
CA ASN H 3555 67.10 72.06 4.19
C ASN H 3555 66.26 71.94 5.46
N ASP H 3588 81.52 81.78 6.72
CA ASP H 3588 80.55 81.30 5.74
C ASP H 3588 79.54 80.36 6.38
N PRO H 3589 78.27 80.49 6.01
CA PRO H 3589 77.25 79.59 6.57
C PRO H 3589 77.50 78.13 6.26
N GLU H 3590 78.06 77.81 5.08
CA GLU H 3590 78.35 76.42 4.76
C GLU H 3590 79.41 75.83 5.68
N LYS H 3591 80.44 76.61 6.00
CA LYS H 3591 81.47 76.14 6.91
C LYS H 3591 80.91 75.91 8.31
N ILE H 3592 80.05 76.81 8.77
CA ILE H 3592 79.43 76.65 10.08
C ILE H 3592 78.55 75.41 10.11
N VAL H 3593 77.78 75.18 9.03
CA VAL H 3593 76.93 74.01 8.96
C VAL H 3593 77.77 72.73 8.97
N ARG H 3594 78.88 72.72 8.22
CA ARG H 3594 79.75 71.55 8.20
C ARG H 3594 80.36 71.30 9.58
N ARG H 3595 80.78 72.36 10.27
CA ARG H 3595 81.35 72.21 11.60
C ARG H 3595 80.30 71.68 12.58
N VAL H 3596 79.07 72.18 12.49
CA VAL H 3596 78.00 71.70 13.37
C VAL H 3596 77.71 70.22 13.08
N GLN H 3597 77.68 69.84 11.80
CA GLN H 3597 77.45 68.44 11.46
C GLN H 3597 78.57 67.55 11.99
N GLU H 3598 79.82 68.00 11.87
CA GLU H 3598 80.95 67.23 12.40
C GLU H 3598 80.85 67.08 13.92
N VAL H 3599 80.48 68.16 14.60
CA VAL H 3599 80.35 68.11 16.06
C VAL H 3599 79.23 67.14 16.45
N SER H 3600 78.11 67.18 15.74
CA SER H 3600 77.01 66.28 16.04
C SER H 3600 77.41 64.83 15.77
N ALA H 3601 78.15 64.59 14.69
CA ALA H 3601 78.62 63.23 14.41
C ALA H 3601 79.56 62.73 15.50
N VAL H 3602 80.46 63.61 15.97
CA VAL H 3602 81.36 63.23 17.05
C VAL H 3602 80.59 62.91 18.32
N LEU H 3603 79.59 63.73 18.64
CA LEU H 3603 78.76 63.48 19.81
C LEU H 3603 78.01 62.17 19.70
N TYR H 3604 77.47 61.88 18.51
CA TYR H 3604 76.75 60.62 18.30
C TYR H 3604 77.69 59.43 18.44
N HIS H 3605 78.91 59.54 17.89
CA HIS H 3605 79.88 58.46 18.04
C HIS H 3605 80.26 58.25 19.50
N LEU H 3606 80.45 59.35 20.25
CA LEU H 3606 80.76 59.22 21.68
C LEU H 3606 79.61 58.57 22.43
N GLU H 3607 78.37 58.94 22.11
CA GLU H 3607 77.21 58.33 22.77
C GLU H 3607 77.12 56.85 22.45
N GLN H 3608 77.37 56.48 21.19
CA GLN H 3608 77.34 55.07 20.81
C GLN H 3608 78.43 54.29 21.53
N THR H 3609 79.63 54.87 21.64
CA THR H 3609 80.71 54.21 22.37
C THR H 3609 80.36 54.04 23.84
N GLU H 3610 79.74 55.06 24.46
CA GLU H 3610 79.35 54.96 25.85
C GLU H 3610 78.29 53.88 26.05
N HIS H 3611 77.33 53.79 25.14
CA HIS H 3611 76.27 52.79 25.23
C HIS H 3611 76.79 51.41 24.87
N SER H 3625 75.01 20.55 37.55
CA SER H 3625 74.62 20.08 38.87
C SER H 3625 75.81 20.06 39.82
N LYS H 3626 75.53 19.84 41.11
CA LYS H 3626 76.61 19.78 42.10
C LYS H 3626 77.52 18.59 41.84
N GLN H 3627 76.95 17.43 41.49
CA GLN H 3627 77.76 16.26 41.19
C GLN H 3627 78.63 16.49 39.95
N ARG H 3628 78.08 17.16 38.94
CA ARG H 3628 78.86 17.47 37.74
C ARG H 3628 80.03 18.38 38.07
N ARG H 3629 79.79 19.40 38.91
CA ARG H 3629 80.88 20.30 39.31
C ARG H 3629 81.93 19.56 40.13
N ARG H 3630 81.49 18.65 41.02
CA ARG H 3630 82.45 17.88 41.80
C ARG H 3630 83.30 16.98 40.91
N ALA H 3631 82.67 16.35 39.90
CA ALA H 3631 83.43 15.53 38.97
C ALA H 3631 84.40 16.37 38.16
N VAL H 3632 83.98 17.58 37.75
CA VAL H 3632 84.84 18.45 36.96
C VAL H 3632 86.05 18.88 37.78
N VAL H 3633 85.84 19.28 39.04
CA VAL H 3633 86.95 19.72 39.87
C VAL H 3633 87.80 18.55 40.36
N ALA H 3634 87.26 17.33 40.36
CA ALA H 3634 88.02 16.14 40.71
C ALA H 3634 88.69 15.48 39.53
N CYS H 3635 88.47 15.98 38.31
CA CYS H 3635 89.09 15.41 37.13
C CYS H 3635 90.60 15.58 37.16
N PHE H 3636 91.09 16.73 37.63
CA PHE H 3636 92.54 16.95 37.72
C PHE H 3636 93.18 16.01 38.73
N ARG H 3637 92.42 15.52 39.71
CA ARG H 3637 92.91 14.60 40.71
C ARG H 3637 92.69 13.13 40.33
N MET H 3638 92.19 12.87 39.13
CA MET H 3638 91.96 11.50 38.70
C MET H 3638 93.28 10.74 38.56
N THR H 3639 93.22 9.43 38.80
CA THR H 3639 94.41 8.61 38.74
C THR H 3639 94.87 8.46 37.30
N PRO H 3640 96.12 8.80 36.98
CA PRO H 3640 96.61 8.65 35.61
C PRO H 3640 96.74 7.19 35.22
N LEU H 3641 96.64 6.94 33.91
CA LEU H 3641 96.74 5.57 33.40
C LEU H 3641 98.14 5.01 33.63
N TYR H 3642 99.19 5.81 33.41
CA TYR H 3642 100.55 5.32 33.55
C TYR H 3642 100.96 5.08 35.00
N ASN H 3643 100.22 5.63 35.97
CA ASN H 3643 100.45 5.39 37.39
C ASN H 3643 99.20 4.71 37.94
N LEU H 3644 99.14 3.39 37.82
CA LEU H 3644 97.99 2.61 38.25
C LEU H 3644 98.42 1.17 38.41
N PRO H 3645 97.67 0.38 39.19
CA PRO H 3645 97.98 -1.06 39.28
C PRO H 3645 97.92 -1.71 37.91
N THR H 3646 98.85 -2.64 37.67
CA THR H 3646 98.98 -3.24 36.34
C THR H 3646 97.74 -4.05 35.96
N HIS H 3647 97.21 -4.84 36.90
CA HIS H 3647 96.08 -5.72 36.58
C HIS H 3647 94.85 -4.90 36.18
N ARG H 3648 94.59 -3.81 36.90
CA ARG H 3648 93.46 -2.95 36.54
C ARG H 3648 93.64 -2.36 35.15
N ALA H 3649 94.87 -1.95 34.81
CA ALA H 3649 95.14 -1.40 33.49
C ALA H 3649 94.90 -2.45 32.40
N CYS H 3650 95.38 -3.67 32.61
CA CYS H 3650 95.16 -4.73 31.62
C CYS H 3650 93.68 -5.03 31.45
N ASN H 3651 92.94 -5.12 32.56
CA ASN H 3651 91.52 -5.41 32.48
C ASN H 3651 90.76 -4.30 31.76
N MET H 3652 91.06 -3.04 32.09
CA MET H 3652 90.39 -1.92 31.45
C MET H 3652 90.71 -1.88 29.95
N PHE H 3653 91.97 -2.08 29.58
CA PHE H 3653 92.34 -2.05 28.17
C PHE H 3653 91.68 -3.21 27.42
N LEU H 3654 91.62 -4.38 28.03
CA LEU H 3654 90.98 -5.52 27.38
C LEU H 3654 89.49 -5.27 27.17
N GLU H 3655 88.82 -4.71 28.19
CA GLU H 3655 87.40 -4.39 28.05
C GLU H 3655 87.17 -3.36 26.95
N SER H 3656 88.01 -2.31 26.92
CA SER H 3656 87.86 -1.29 25.89
C SER H 3656 88.11 -1.87 24.50
N TYR H 3657 89.13 -2.71 24.36
CA TYR H 3657 89.42 -3.33 23.07
C TYR H 3657 88.27 -4.23 22.62
N LYS H 3658 87.72 -5.03 23.54
CA LYS H 3658 86.60 -5.89 23.20
C LYS H 3658 85.40 -5.07 22.76
N ALA H 3659 85.09 -4.00 23.50
CA ALA H 3659 83.95 -3.16 23.15
C ALA H 3659 84.14 -2.49 21.80
N ALA H 3660 85.36 -2.02 21.52
CA ALA H 3660 85.60 -1.25 20.30
C ALA H 3660 85.86 -2.12 19.08
N TRP H 3661 86.15 -3.41 19.25
CA TRP H 3661 86.46 -4.27 18.12
C TRP H 3661 85.46 -5.40 17.94
N ILE H 3662 85.16 -6.16 18.99
CA ILE H 3662 84.27 -7.31 18.84
C ILE H 3662 82.87 -6.87 18.44
N LEU H 3663 82.36 -5.82 19.07
CA LEU H 3663 81.03 -5.32 18.73
C LEU H 3663 81.00 -4.76 17.31
N THR H 3664 82.08 -4.06 16.94
CA THR H 3664 82.19 -3.49 15.59
C THR H 3664 82.59 -4.58 14.59
N GLU H 3665 83.16 -5.69 15.09
CA GLU H 3665 83.62 -6.77 14.19
C GLU H 3665 82.42 -7.31 13.43
N ASP H 3666 82.59 -7.64 12.15
CA ASP H 3666 81.43 -8.09 11.33
C ASP H 3666 81.66 -9.52 10.84
N HIS H 3667 80.68 -10.41 11.05
CA HIS H 3667 80.78 -11.79 10.55
C HIS H 3667 79.55 -12.10 9.70
N SER H 3668 79.74 -12.60 8.47
CA SER H 3668 78.60 -12.92 7.57
C SER H 3668 78.40 -14.44 7.57
N PHE H 3669 78.91 -15.13 8.59
CA PHE H 3669 78.84 -16.62 8.62
C PHE H 3669 77.39 -17.08 8.62
N GLU H 3670 76.45 -16.20 8.98
CA GLU H 3670 75.05 -16.65 9.13
C GLU H 3670 74.58 -17.29 7.80
N ASP H 3671 74.82 -16.62 6.68
CA ASP H 3671 74.32 -17.16 5.38
C ASP H 3671 75.17 -18.40 5.16
N ARG H 3672 76.47 -18.32 5.47
CA ARG H 3672 77.34 -19.49 5.22
C ARG H 3672 76.75 -20.74 5.91
N MET H 3673 76.52 -20.61 7.22
CA MET H 3673 75.94 -21.75 7.97
C MET H 3673 74.56 -22.24 7.54
N ILE H 3674 73.64 -21.31 7.24
CA ILE H 3674 72.27 -21.76 6.91
C ILE H 3674 72.35 -22.61 5.65
N ASP H 3675 73.10 -22.15 4.64
CA ASP H 3675 73.16 -22.91 3.37
C ASP H 3675 73.93 -24.21 3.58
N ASP H 3676 75.07 -24.14 4.26
CA ASP H 3676 75.92 -25.36 4.40
C ASP H 3676 75.13 -26.43 5.16
N LEU H 3677 74.46 -26.03 6.23
CA LEU H 3677 73.66 -27.00 7.02
C LEU H 3677 72.42 -27.37 6.20
N SER H 3678 72.06 -26.55 5.21
CA SER H 3678 70.85 -26.81 4.41
C SER H 3678 71.19 -27.75 3.26
N LYS H 3679 72.45 -28.16 3.14
CA LYS H 3679 72.88 -29.00 1.99
C LYS H 3679 72.05 -30.29 1.96
N ALA H 3680 71.75 -30.84 3.14
CA ALA H 3680 70.88 -32.04 3.20
C ALA H 3680 71.51 -33.16 2.37
N GLY H 3681 72.84 -33.28 2.41
CA GLY H 3681 73.52 -34.36 1.66
C GLY H 3681 74.25 -35.31 2.59
N LYS H 3693 59.71 -39.76 5.13
CA LYS H 3693 61.05 -39.79 4.58
C LYS H 3693 62.08 -39.35 5.63
N LYS H 3694 63.20 -38.81 5.17
CA LYS H 3694 64.25 -38.35 6.05
C LYS H 3694 64.22 -36.83 6.12
N PRO H 3695 63.84 -36.23 7.25
CA PRO H 3695 63.79 -34.77 7.33
C PRO H 3695 65.18 -34.16 7.27
N ASP H 3696 65.23 -32.93 6.74
CA ASP H 3696 66.47 -32.19 6.66
C ASP H 3696 66.89 -31.72 8.06
N PRO H 3697 68.18 -31.39 8.24
CA PRO H 3697 68.60 -30.84 9.55
C PRO H 3697 67.83 -29.60 9.95
N LEU H 3698 67.53 -28.72 8.99
CA LEU H 3698 66.64 -27.60 9.28
C LEU H 3698 65.25 -28.09 9.67
N HIS H 3699 64.74 -29.09 8.98
CA HIS H 3699 63.43 -29.65 9.33
C HIS H 3699 63.46 -30.27 10.72
N GLN H 3700 64.53 -31.00 11.05
CA GLN H 3700 64.66 -31.58 12.38
C GLN H 3700 64.71 -30.51 13.45
N LEU H 3701 65.48 -29.45 13.21
CA LEU H 3701 65.56 -28.35 14.18
C LEU H 3701 64.21 -27.66 14.36
N VAL H 3702 63.51 -27.43 13.26
CA VAL H 3702 62.19 -26.78 13.34
C VAL H 3702 61.22 -27.66 14.11
N LEU H 3703 61.21 -28.96 13.83
CA LEU H 3703 60.33 -29.87 14.56
C LEU H 3703 60.68 -29.93 16.03
N HIS H 3704 61.98 -29.93 16.36
CA HIS H 3704 62.40 -29.93 17.75
C HIS H 3704 61.93 -28.69 18.48
N PHE H 3705 62.09 -27.51 17.87
CA PHE H 3705 61.65 -26.29 18.52
C PHE H 3705 60.13 -26.22 18.63
N SER H 3706 59.42 -26.74 17.62
CA SER H 3706 57.96 -26.78 17.70
C SER H 3706 57.50 -27.70 18.83
N ARG H 3707 58.15 -28.84 18.99
CA ARG H 3707 57.82 -29.74 20.10
C ARG H 3707 58.13 -29.10 21.45
N THR H 3708 59.26 -28.39 21.53
CA THR H 3708 59.61 -27.71 22.77
C THR H 3708 58.58 -26.64 23.12
N ALA H 3709 58.15 -25.84 22.14
CA ALA H 3709 57.18 -24.80 22.39
C ALA H 3709 55.77 -25.35 22.63
N LEU H 3710 55.47 -26.55 22.11
CA LEU H 3710 54.14 -27.11 22.28
C LEU H 3710 53.89 -27.52 23.73
N THR H 3711 54.95 -27.77 24.51
CA THR H 3711 54.77 -28.15 25.90
C THR H 3711 54.16 -27.00 26.70
N GLU H 3712 53.21 -27.33 27.56
CA GLU H 3712 52.51 -26.33 28.37
C GLU H 3712 53.27 -26.08 29.67
N LYS H 3713 54.49 -25.57 29.52
CA LYS H 3713 55.33 -25.25 30.67
C LYS H 3713 54.99 -23.89 31.28
N SER H 3714 54.21 -23.07 30.59
CA SER H 3714 53.80 -21.74 31.07
C SER H 3714 54.98 -20.83 31.36
N LYS H 3715 56.13 -21.10 30.75
CA LYS H 3715 57.32 -20.29 30.96
C LYS H 3715 58.25 -20.48 29.78
N LEU H 3716 59.17 -19.53 29.62
CA LEU H 3716 60.16 -19.55 28.55
C LEU H 3716 61.56 -19.59 29.15
N ASP H 3717 62.38 -20.53 28.69
CA ASP H 3717 63.75 -20.65 29.17
C ASP H 3717 64.64 -19.64 28.44
N GLU H 3718 65.94 -19.69 28.76
CA GLU H 3718 66.88 -18.78 28.11
C GLU H 3718 67.00 -19.09 26.62
N ASP H 3719 67.24 -20.35 26.27
CA ASP H 3719 67.32 -20.81 24.90
C ASP H 3719 68.33 -19.98 24.09
N TYR H 3720 69.59 -20.02 24.56
CA TYR H 3720 70.64 -19.27 23.90
C TYR H 3720 70.89 -19.79 22.49
N LEU H 3721 70.88 -21.12 22.31
CA LEU H 3721 71.03 -21.68 20.98
C LEU H 3721 69.88 -21.28 20.07
N TYR H 3722 68.68 -21.13 20.64
CA TYR H 3722 67.55 -20.64 19.86
C TYR H 3722 67.78 -19.21 19.40
N MET H 3723 68.31 -18.36 20.28
CA MET H 3723 68.69 -17.00 19.88
C MET H 3723 69.69 -17.04 18.75
N ALA H 3724 70.72 -17.88 18.88
CA ALA H 3724 71.77 -17.94 17.87
C ALA H 3724 71.19 -18.35 16.52
N TYR H 3725 70.38 -19.42 16.50
CA TYR H 3725 69.84 -19.90 15.23
C TYR H 3725 68.84 -18.91 14.65
N ALA H 3726 68.00 -18.31 15.48
CA ALA H 3726 67.05 -17.32 14.99
C ALA H 3726 67.78 -16.13 14.36
N ASP H 3727 68.84 -15.66 15.00
CA ASP H 3727 69.65 -14.60 14.42
C ASP H 3727 70.29 -15.05 13.12
N ILE H 3728 70.75 -16.30 13.06
CA ILE H 3728 71.40 -16.81 11.86
C ILE H 3728 70.44 -16.76 10.68
N MET H 3729 69.29 -17.41 10.86
CA MET H 3729 68.31 -17.52 9.75
C MET H 3729 67.68 -16.16 9.47
N ALA H 3730 67.16 -15.51 10.50
CA ALA H 3730 66.45 -14.23 10.23
C ALA H 3730 67.38 -13.38 9.38
N LYS H 3731 68.66 -13.32 9.73
CA LYS H 3731 69.63 -12.55 8.92
C LYS H 3731 69.82 -13.25 7.57
N SER H 3732 69.83 -14.60 7.57
CA SER H 3732 69.95 -15.36 6.30
C SER H 3732 68.99 -14.79 5.25
N CYS H 3733 67.68 -14.97 5.42
CA CYS H 3733 66.71 -14.52 4.39
C CYS H 3733 66.82 -12.99 4.26
N HIS H 3734 67.35 -12.34 5.29
CA HIS H 3734 67.50 -10.86 5.27
C HIS H 3734 68.72 -10.51 4.42
N LEU H 3735 69.28 -11.49 3.72
CA LEU H 3735 70.41 -11.18 2.82
C LEU H 3735 69.92 -10.02 1.95
N GLU H 3736 68.62 -9.98 1.66
CA GLU H 3736 68.05 -8.83 0.92
C GLU H 3736 68.72 -7.54 1.40
N GLU H 3750 68.84 3.30 -12.54
CA GLU H 3750 68.88 2.40 -11.39
C GLU H 3750 68.77 0.94 -11.83
N VAL H 3751 68.29 0.09 -10.93
CA VAL H 3751 68.14 -1.32 -11.25
C VAL H 3751 66.97 -1.51 -12.21
N SER H 3752 67.22 -2.25 -13.29
CA SER H 3752 66.19 -2.50 -14.30
C SER H 3752 65.19 -3.53 -13.79
N PHE H 3753 64.22 -3.87 -14.64
CA PHE H 3753 63.21 -4.86 -14.26
C PHE H 3753 63.83 -6.23 -14.07
N GLU H 3754 64.83 -6.58 -14.89
CA GLU H 3754 65.45 -7.90 -14.78
C GLU H 3754 66.14 -8.08 -13.44
N GLU H 3755 66.88 -7.06 -12.98
CA GLU H 3755 67.57 -7.15 -11.70
C GLU H 3755 66.58 -7.28 -10.54
N LYS H 3756 65.51 -6.49 -10.56
CA LYS H 3756 64.50 -6.57 -9.52
C LYS H 3756 63.82 -7.94 -9.51
N GLU H 3757 63.51 -8.47 -10.70
CA GLU H 3757 62.89 -9.78 -10.78
C GLU H 3757 63.83 -10.87 -10.26
N MET H 3758 65.12 -10.76 -10.59
CA MET H 3758 66.09 -11.74 -10.09
C MET H 3758 66.21 -11.66 -8.57
N GLU H 3759 66.23 -10.44 -8.02
CA GLU H 3759 66.29 -10.30 -6.57
C GLU H 3759 65.04 -10.88 -5.91
N LYS H 3760 63.87 -10.63 -6.49
CA LYS H 3760 62.63 -11.18 -5.95
C LYS H 3760 62.64 -12.70 -6.01
N GLN H 3761 63.13 -13.27 -7.11
CA GLN H 3761 63.21 -14.72 -7.22
C GLN H 3761 64.17 -15.30 -6.19
N ARG H 3762 65.31 -14.65 -5.98
CA ARG H 3762 66.26 -15.12 -4.97
C ARG H 3762 65.64 -15.06 -3.57
N LEU H 3763 64.94 -13.98 -3.27
CA LEU H 3763 64.27 -13.86 -1.97
C LEU H 3763 63.20 -14.93 -1.81
N LEU H 3764 62.44 -15.20 -2.86
CA LEU H 3764 61.42 -16.25 -2.80
C LEU H 3764 62.05 -17.61 -2.58
N TYR H 3765 63.16 -17.89 -3.25
CA TYR H 3765 63.85 -19.17 -3.04
C TYR H 3765 64.36 -19.29 -1.61
N GLN H 3766 64.97 -18.22 -1.09
CA GLN H 3766 65.47 -18.26 0.28
C GLN H 3766 64.34 -18.45 1.28
N GLN H 3767 63.19 -17.81 1.03
CA GLN H 3767 62.04 -18.00 1.90
C GLN H 3767 61.53 -19.43 1.85
N SER H 3768 61.32 -19.97 0.63
CA SER H 3768 60.78 -21.32 0.50
C SER H 3768 61.74 -22.35 1.09
N ARG H 3769 63.04 -22.12 1.00
CA ARG H 3769 64.00 -23.00 1.66
C ARG H 3769 63.83 -22.95 3.18
N LEU H 3770 63.40 -21.81 3.71
CA LEU H 3770 63.20 -21.64 5.15
C LEU H 3770 61.74 -21.69 5.56
N HIS H 3771 60.84 -22.02 4.65
CA HIS H 3771 59.40 -22.03 4.95
C HIS H 3771 58.80 -23.42 4.89
N THR H 3772 59.16 -24.22 3.88
CA THR H 3772 58.58 -25.55 3.74
C THR H 3772 58.93 -26.47 4.91
N ARG H 3773 59.98 -26.13 5.67
CA ARG H 3773 60.34 -26.95 6.81
C ARG H 3773 59.36 -26.78 7.98
N GLY H 3774 58.69 -25.63 8.07
CA GLY H 3774 57.71 -25.42 9.10
C GLY H 3774 57.99 -24.24 10.02
N ALA H 3775 58.70 -23.23 9.51
CA ALA H 3775 59.02 -22.06 10.32
C ALA H 3775 57.77 -21.29 10.75
N ALA H 3776 56.75 -21.24 9.89
CA ALA H 3776 55.51 -20.56 10.26
C ALA H 3776 54.85 -21.24 11.44
N GLU H 3777 54.84 -22.58 11.44
CA GLU H 3777 54.26 -23.32 12.57
C GLU H 3777 55.00 -23.03 13.87
N MET H 3778 56.34 -23.00 13.82
CA MET H 3778 57.12 -22.69 15.01
C MET H 3778 56.86 -21.26 15.47
N VAL H 3779 56.70 -20.33 14.53
CA VAL H 3779 56.38 -18.95 14.89
C VAL H 3779 55.05 -18.90 15.63
N LEU H 3780 54.02 -19.55 15.07
CA LEU H 3780 52.70 -19.51 15.67
C LEU H 3780 52.70 -20.17 17.05
N GLN H 3781 53.38 -21.32 17.18
CA GLN H 3781 53.42 -22.02 18.47
C GLN H 3781 54.15 -21.19 19.51
N MET H 3782 55.30 -20.60 19.15
CA MET H 3782 56.07 -19.82 20.11
C MET H 3782 55.31 -18.56 20.52
N ILE H 3783 54.66 -17.90 19.57
CA ILE H 3783 53.90 -16.69 19.90
C ILE H 3783 52.73 -17.04 20.81
N SER H 3784 52.04 -18.15 20.53
CA SER H 3784 50.95 -18.58 21.40
C SER H 3784 51.45 -18.92 22.80
N ALA H 3785 52.60 -19.60 22.89
CA ALA H 3785 53.15 -19.98 24.18
C ALA H 3785 53.80 -18.81 24.92
N CYS H 3786 54.01 -17.66 24.25
CA CYS H 3786 54.58 -16.51 24.91
C CYS H 3786 53.67 -16.00 26.03
N LYS H 3787 52.36 -16.18 25.89
CA LYS H 3787 51.37 -15.79 26.89
C LYS H 3787 51.43 -14.29 27.19
N GLY H 3788 51.77 -13.49 26.19
CA GLY H 3788 51.81 -12.05 26.37
C GLY H 3788 52.94 -11.55 27.24
N GLU H 3789 53.99 -12.34 27.42
CA GLU H 3789 55.13 -11.97 28.24
C GLU H 3789 56.22 -11.41 27.35
N THR H 3790 56.46 -10.11 27.44
CA THR H 3790 57.50 -9.47 26.65
C THR H 3790 58.88 -9.91 27.11
N GLY H 3791 59.81 -9.96 26.15
CA GLY H 3791 61.16 -10.38 26.46
C GLY H 3791 61.94 -10.65 25.19
N ALA H 3792 63.11 -11.27 25.38
CA ALA H 3792 63.97 -11.58 24.24
C ALA H 3792 63.40 -12.70 23.38
N MET H 3793 62.63 -13.61 23.98
CA MET H 3793 61.97 -14.66 23.22
C MET H 3793 61.07 -14.07 22.14
N VAL H 3794 60.22 -13.11 22.53
CA VAL H 3794 59.28 -12.51 21.60
C VAL H 3794 60.01 -11.72 20.53
N SER H 3795 61.05 -10.97 20.91
CA SER H 3795 61.80 -10.22 19.92
C SER H 3795 62.46 -11.14 18.90
N SER H 3796 63.06 -12.25 19.37
CA SER H 3796 63.70 -13.18 18.46
C SER H 3796 62.69 -13.83 17.51
N THR H 3797 61.55 -14.27 18.04
CA THR H 3797 60.56 -14.91 17.17
C THR H 3797 59.93 -13.90 16.22
N LEU H 3798 59.81 -12.63 16.62
CA LEU H 3798 59.27 -11.61 15.73
C LEU H 3798 60.26 -11.30 14.61
N LYS H 3799 61.55 -11.24 14.93
CA LYS H 3799 62.56 -11.07 13.88
C LYS H 3799 62.54 -12.24 12.90
N LEU H 3800 62.43 -13.48 13.43
CA LEU H 3800 62.40 -14.63 12.54
C LEU H 3800 61.15 -14.59 11.67
N GLY H 3801 60.01 -14.17 12.23
CA GLY H 3801 58.80 -14.07 11.44
C GLY H 3801 58.89 -13.02 10.34
N ILE H 3802 59.41 -11.84 10.67
CA ILE H 3802 59.53 -10.80 9.63
C ILE H 3802 60.54 -11.24 8.58
N SER H 3803 61.52 -12.07 8.93
CA SER H 3803 62.41 -12.63 7.93
C SER H 3803 61.67 -13.61 7.02
N ILE H 3804 60.91 -14.53 7.62
CA ILE H 3804 60.21 -15.53 6.81
C ILE H 3804 59.11 -14.89 5.98
N LEU H 3805 58.42 -13.90 6.54
CA LEU H 3805 57.28 -13.27 5.88
C LEU H 3805 57.66 -12.11 4.98
N ASN H 3806 58.95 -11.82 4.83
CA ASN H 3806 59.38 -10.68 4.04
C ASN H 3806 58.93 -10.82 2.58
N GLY H 3807 58.52 -9.71 1.99
CA GLY H 3807 58.05 -9.71 0.61
C GLY H 3807 56.60 -10.09 0.42
N GLY H 3808 55.85 -10.27 1.51
CA GLY H 3808 54.44 -10.61 1.38
C GLY H 3808 54.19 -11.96 0.76
N ASN H 3809 54.93 -12.99 1.21
CA ASN H 3809 54.77 -14.33 0.66
C ASN H 3809 53.36 -14.84 0.89
N ALA H 3810 52.73 -15.34 -0.18
CA ALA H 3810 51.37 -15.85 -0.07
C ALA H 3810 51.34 -17.24 0.55
N GLU H 3811 52.33 -18.07 0.25
CA GLU H 3811 52.34 -19.44 0.77
C GLU H 3811 52.47 -19.45 2.29
N VAL H 3812 53.32 -18.58 2.84
CA VAL H 3812 53.49 -18.53 4.29
C VAL H 3812 52.19 -18.10 4.96
N GLN H 3813 51.52 -17.10 4.40
CA GLN H 3813 50.24 -16.67 4.97
C GLN H 3813 49.19 -17.76 4.88
N GLN H 3814 49.15 -18.49 3.75
CA GLN H 3814 48.19 -19.57 3.59
C GLN H 3814 48.44 -20.68 4.60
N LYS H 3815 49.71 -21.05 4.80
CA LYS H 3815 50.01 -22.11 5.77
C LYS H 3815 49.74 -21.65 7.19
N MET H 3816 49.99 -20.37 7.49
CA MET H 3816 49.64 -19.84 8.81
C MET H 3816 48.14 -19.89 9.04
N LEU H 3817 47.35 -19.53 8.03
CA LEU H 3817 45.90 -19.61 8.15
C LEU H 3817 45.46 -21.06 8.36
N ASP H 3818 46.07 -21.99 7.62
CA ASP H 3818 45.73 -23.40 7.80
C ASP H 3818 46.06 -23.89 9.20
N TYR H 3819 47.22 -23.49 9.73
CA TYR H 3819 47.59 -23.87 11.09
C TYR H 3819 46.61 -23.28 12.10
N LEU H 3820 46.23 -22.01 11.92
CA LEU H 3820 45.28 -21.39 12.84
C LEU H 3820 43.93 -22.09 12.80
N LYS H 3821 43.46 -22.46 11.60
CA LYS H 3821 42.19 -23.15 11.48
C LYS H 3821 42.24 -24.54 12.10
N ASP H 3822 43.34 -25.27 11.87
CA ASP H 3822 43.44 -26.64 12.39
C ASP H 3822 43.57 -26.64 13.91
N LYS H 3823 44.47 -25.82 14.45
CA LYS H 3823 44.67 -25.79 15.90
C LYS H 3823 43.45 -25.24 16.61
N LYS H 3824 42.86 -24.16 16.08
CA LYS H 3824 41.70 -23.50 16.69
C LYS H 3824 41.97 -23.14 18.15
N GLU H 3825 43.18 -22.62 18.40
CA GLU H 3825 43.63 -22.28 19.74
C GLU H 3825 43.46 -20.78 19.97
N VAL H 3826 42.76 -20.42 21.05
CA VAL H 3826 42.56 -19.02 21.40
C VAL H 3826 43.78 -18.39 22.04
N GLY H 3827 44.80 -19.18 22.35
CA GLY H 3827 45.97 -18.66 23.04
C GLY H 3827 46.73 -17.62 22.24
N PHE H 3828 46.80 -17.79 20.93
CA PHE H 3828 47.58 -16.88 20.08
C PHE H 3828 47.00 -15.46 20.11
N PHE H 3829 45.68 -15.34 19.96
CA PHE H 3829 45.07 -14.01 19.94
C PHE H 3829 45.21 -13.31 21.28
N GLN H 3830 44.91 -14.00 22.38
CA GLN H 3830 45.04 -13.39 23.70
C GLN H 3830 46.49 -13.04 23.99
N SER H 3831 47.42 -13.91 23.59
CA SER H 3831 48.85 -13.64 23.80
C SER H 3831 49.27 -12.38 23.07
N ILE H 3832 48.90 -12.25 21.79
CA ILE H 3832 49.31 -11.07 21.03
C ILE H 3832 48.64 -9.82 21.56
N GLN H 3833 47.38 -9.94 22.01
CA GLN H 3833 46.68 -8.77 22.54
C GLN H 3833 47.34 -8.28 23.83
N ALA H 3834 47.60 -9.20 24.77
CA ALA H 3834 48.25 -8.80 26.01
C ALA H 3834 49.68 -8.33 25.76
N LEU H 3835 50.32 -8.86 24.71
CA LEU H 3835 51.69 -8.46 24.40
C LEU H 3835 51.75 -7.04 23.89
N MET H 3836 50.89 -6.69 22.93
CA MET H 3836 50.96 -5.36 22.35
C MET H 3836 50.24 -4.32 23.21
N GLN H 3837 49.36 -4.76 24.11
CA GLN H 3837 48.72 -3.82 25.02
C GLN H 3837 49.73 -3.21 25.98
N THR H 3838 50.69 -3.99 26.45
CA THR H 3838 51.67 -3.54 27.42
C THR H 3838 52.86 -2.81 26.80
N CYS H 3839 52.81 -2.52 25.50
CA CYS H 3839 53.89 -1.78 24.87
C CYS H 3839 54.01 -0.39 25.46
N SER H 3840 55.23 0.03 25.75
CA SER H 3840 55.47 1.30 26.41
C SER H 3840 55.21 2.47 25.46
N VAL H 3841 54.67 3.55 26.02
CA VAL H 3841 54.43 4.78 25.28
C VAL H 3841 55.25 5.91 25.92
N LEU H 3842 55.19 7.10 25.32
CA LEU H 3842 55.94 8.22 25.85
C LEU H 3842 55.40 8.63 27.21
N ASP H 3843 56.32 8.86 28.15
CA ASP H 3843 55.98 9.28 29.50
C ASP H 3843 56.72 10.56 29.84
N LEU H 3844 55.98 11.60 30.25
CA LEU H 3844 56.60 12.87 30.59
C LEU H 3844 57.42 12.77 31.86
N ASN H 3845 56.97 11.97 32.83
CA ASN H 3845 57.77 11.72 34.02
C ASN H 3845 59.09 11.05 33.64
N ALA H 3846 59.02 10.05 32.75
CA ALA H 3846 60.24 9.37 32.30
C ALA H 3846 61.13 10.32 31.52
N PHE H 3847 60.56 11.18 30.69
CA PHE H 3847 61.36 12.13 29.93
C PHE H 3847 62.05 13.14 30.85
N GLU H 3848 61.34 13.62 31.86
CA GLU H 3848 61.96 14.54 32.83
C GLU H 3848 63.05 13.83 33.61
N ARG H 3849 62.83 12.56 33.97
CA ARG H 3849 63.86 11.79 34.64
C ARG H 3849 65.10 11.65 33.76
N GLN H 3850 64.91 11.38 32.48
CA GLN H 3850 66.03 11.26 31.55
C GLN H 3850 66.76 12.59 31.40
N ASN H 3851 66.02 13.70 31.33
CA ASN H 3851 66.66 15.01 31.22
C ASN H 3851 67.48 15.32 32.47
N LYS H 3852 66.94 15.01 33.65
CA LYS H 3852 67.68 15.24 34.88
C LYS H 3852 68.92 14.35 34.96
N ALA H 3853 68.80 13.10 34.51
CA ALA H 3853 69.95 12.21 34.48
C ALA H 3853 71.03 12.72 33.53
N GLU H 3854 70.62 13.24 32.37
CA GLU H 3854 71.58 13.83 31.44
C GLU H 3854 72.26 15.05 32.05
N GLY H 3855 71.49 15.88 32.76
CA GLY H 3855 72.06 17.02 33.45
C GLY H 3855 72.96 16.64 34.60
N LEU H 3856 72.79 15.44 35.16
CA LEU H 3856 73.68 14.97 36.21
C LEU H 3856 75.11 14.83 35.69
N GLY H 3857 75.26 14.28 34.48
CA GLY H 3857 76.57 14.13 33.87
C GLY H 3857 77.03 12.69 33.78
N MET H 3858 77.25 12.22 32.56
CA MET H 3858 77.74 10.85 32.37
C MET H 3858 79.18 10.71 32.87
N VAL H 3859 79.99 11.76 32.73
CA VAL H 3859 81.37 11.71 33.20
C VAL H 3859 81.42 11.56 34.72
N ASN H 3860 80.40 12.04 35.41
CA ASN H 3860 80.38 11.94 36.87
C ASN H 3860 80.34 10.48 37.31
N GLU H 3861 81.03 10.19 38.41
CA GLU H 3861 81.12 8.84 38.96
C GLU H 3861 81.67 7.85 37.93
N ASP H 3862 82.66 8.31 37.16
CA ASP H 3862 83.30 7.50 36.12
C ASP H 3862 82.30 6.94 35.12
N GLY H 3871 70.57 3.21 27.06
CA GLY H 3871 70.19 4.43 26.37
C GLY H 3871 69.24 5.30 27.19
N GLU H 3872 67.97 5.29 26.82
CA GLU H 3872 66.94 6.06 27.49
C GLU H 3872 65.83 5.14 27.98
N LYS H 3873 65.35 5.40 29.20
CA LYS H 3873 64.26 4.59 29.74
C LYS H 3873 62.99 4.76 28.92
N VAL H 3874 62.69 5.99 28.49
CA VAL H 3874 61.54 6.23 27.63
C VAL H 3874 61.86 5.73 26.22
N MET H 3875 60.86 5.13 25.57
CA MET H 3875 61.02 4.53 24.25
C MET H 3875 62.08 3.44 24.26
N ALA H 3876 62.18 2.71 25.37
CA ALA H 3876 63.11 1.59 25.45
C ALA H 3876 62.72 0.48 24.49
N ASP H 3877 61.42 0.21 24.37
CA ASP H 3877 60.90 -0.83 23.48
C ASP H 3877 60.37 -0.25 22.18
N ASP H 3878 60.89 0.90 21.76
CA ASP H 3878 60.44 1.50 20.50
C ASP H 3878 60.77 0.60 19.31
N GLU H 3879 61.99 0.05 19.29
CA GLU H 3879 62.34 -0.90 18.23
C GLU H 3879 61.50 -2.17 18.34
N PHE H 3880 61.20 -2.61 19.56
CA PHE H 3880 60.37 -3.79 19.75
C PHE H 3880 58.98 -3.58 19.14
N THR H 3881 58.35 -2.45 19.44
CA THR H 3881 57.04 -2.17 18.87
C THR H 3881 57.11 -1.96 17.37
N GLN H 3882 58.19 -1.33 16.90
CA GLN H 3882 58.39 -1.16 15.46
C GLN H 3882 58.42 -2.51 14.75
N ASP H 3883 59.19 -3.46 15.29
CA ASP H 3883 59.29 -4.77 14.68
C ASP H 3883 57.97 -5.53 14.79
N LEU H 3884 57.28 -5.41 15.92
CA LEU H 3884 56.00 -6.10 16.09
C LEU H 3884 54.98 -5.60 15.08
N PHE H 3885 54.89 -4.28 14.90
CA PHE H 3885 53.93 -3.74 13.95
C PHE H 3885 54.38 -3.99 12.51
N ARG H 3886 55.68 -4.08 12.25
CA ARG H 3886 56.14 -4.50 10.94
C ARG H 3886 55.70 -5.93 10.64
N PHE H 3887 55.82 -6.83 11.61
CA PHE H 3887 55.34 -8.19 11.43
C PHE H 3887 53.83 -8.22 11.21
N LEU H 3888 53.10 -7.41 11.96
CA LEU H 3888 51.64 -7.38 11.83
C LEU H 3888 51.23 -6.86 10.45
N GLN H 3889 51.90 -5.81 9.97
CA GLN H 3889 51.67 -5.29 8.64
C GLN H 3889 51.99 -6.33 7.57
N LEU H 3890 53.12 -7.02 7.73
CA LEU H 3890 53.49 -8.07 6.78
C LEU H 3890 52.47 -9.20 6.80
N LEU H 3891 51.89 -9.50 7.96
CA LEU H 3891 50.80 -10.45 8.05
C LEU H 3891 49.60 -9.97 7.26
N CYS H 3892 49.30 -8.67 7.34
CA CYS H 3892 48.23 -8.07 6.55
C CYS H 3892 48.67 -7.71 5.14
N GLU H 3893 49.95 -7.89 4.81
CA GLU H 3893 50.43 -7.59 3.47
C GLU H 3893 49.88 -8.60 2.46
N GLY H 3894 49.74 -8.14 1.21
CA GLY H 3894 49.29 -8.98 0.13
C GLY H 3894 47.80 -8.95 -0.15
N HIS H 3895 47.04 -8.09 0.54
CA HIS H 3895 45.60 -7.98 0.36
C HIS H 3895 44.90 -9.33 0.55
N ASN H 3896 45.35 -10.08 1.54
CA ASN H 3896 44.76 -11.39 1.85
C ASN H 3896 43.48 -11.15 2.63
N ASN H 3897 42.34 -11.17 1.94
CA ASN H 3897 41.06 -10.89 2.57
C ASN H 3897 40.71 -11.93 3.63
N ASP H 3898 41.05 -13.20 3.39
CA ASP H 3898 40.75 -14.25 4.36
C ASP H 3898 41.48 -14.00 5.68
N PHE H 3899 42.75 -13.62 5.62
CA PHE H 3899 43.49 -13.35 6.84
C PHE H 3899 42.94 -12.11 7.55
N GLN H 3900 42.52 -11.10 6.79
CA GLN H 3900 41.90 -9.93 7.39
C GLN H 3900 40.61 -10.29 8.13
N ASN H 3901 39.79 -11.14 7.52
CA ASN H 3901 38.57 -11.59 8.18
C ASN H 3901 38.88 -12.40 9.42
N TYR H 3902 39.89 -13.26 9.34
CA TYR H 3902 40.28 -14.07 10.50
C TYR H 3902 40.76 -13.18 11.65
N LEU H 3903 41.56 -12.16 11.34
CA LEU H 3903 42.03 -11.26 12.39
C LEU H 3903 40.89 -10.40 12.95
N ARG H 3904 39.95 -9.99 12.10
CA ARG H 3904 38.83 -9.20 12.59
C ARG H 3904 37.96 -9.96 13.58
N THR H 3905 37.52 -11.16 13.19
CA THR H 3905 36.73 -12.01 14.06
C THR H 3905 37.29 -13.43 14.00
N GLN H 3906 37.42 -14.06 15.17
CA GLN H 3906 37.88 -15.45 15.23
C GLN H 3906 36.67 -16.36 15.28
N THR H 3907 36.07 -16.57 14.10
CA THR H 3907 34.88 -17.41 14.01
C THR H 3907 35.19 -18.86 14.39
N GLY H 3908 36.33 -19.38 13.90
CA GLY H 3908 36.69 -20.75 14.24
C GLY H 3908 37.02 -20.92 15.71
N ASN H 3909 37.73 -19.96 16.30
CA ASN H 3909 38.10 -20.04 17.71
C ASN H 3909 36.87 -19.83 18.59
N THR H 3910 36.92 -20.42 19.79
CA THR H 3910 35.82 -20.25 20.74
C THR H 3910 35.68 -18.80 21.17
N THR H 3911 36.79 -18.13 21.44
CA THR H 3911 36.80 -16.74 21.84
C THR H 3911 37.43 -15.90 20.74
N THR H 3912 36.76 -14.81 20.36
CA THR H 3912 37.22 -13.94 19.29
C THR H 3912 37.80 -12.66 19.88
N ILE H 3913 39.02 -12.33 19.47
CA ILE H 3913 39.71 -11.13 19.92
C ILE H 3913 39.83 -10.20 18.72
N ASN H 3914 39.28 -9.00 18.84
CA ASN H 3914 39.28 -8.01 17.77
C ASN H 3914 40.56 -7.20 17.86
N ILE H 3915 41.52 -7.51 16.98
CA ILE H 3915 42.79 -6.80 16.98
C ILE H 3915 42.63 -5.34 16.59
N ILE H 3916 41.61 -5.01 15.81
CA ILE H 3916 41.41 -3.63 15.36
C ILE H 3916 41.14 -2.71 16.54
N ILE H 3917 40.28 -3.12 17.46
CA ILE H 3917 39.92 -2.26 18.59
C ILE H 3917 41.15 -2.01 19.48
N CYS H 3918 41.92 -3.06 19.74
CA CYS H 3918 43.08 -2.91 20.63
C CYS H 3918 44.19 -2.09 19.97
N THR H 3919 44.41 -2.27 18.67
CA THR H 3919 45.43 -1.45 18.01
C THR H 3919 44.97 0.00 17.90
N VAL H 3920 43.66 0.24 17.75
CA VAL H 3920 43.15 1.60 17.81
C VAL H 3920 43.35 2.20 19.20
N ASP H 3921 43.15 1.39 20.24
CA ASP H 3921 43.41 1.87 21.60
C ASP H 3921 44.87 2.22 21.80
N TYR H 3922 45.78 1.41 21.26
CA TYR H 3922 47.20 1.75 21.33
C TYR H 3922 47.49 3.04 20.58
N LEU H 3923 46.84 3.22 19.43
CA LEU H 3923 47.02 4.46 18.68
C LEU H 3923 46.53 5.66 19.49
N LEU H 3924 45.41 5.50 20.20
CA LEU H 3924 44.93 6.55 21.09
C LEU H 3924 45.95 6.87 22.17
N ARG H 3925 46.53 5.83 22.78
CA ARG H 3925 47.53 6.05 23.82
C ARG H 3925 48.74 6.78 23.26
N LEU H 3926 49.20 6.40 22.07
CA LEU H 3926 50.33 7.06 21.44
C LEU H 3926 50.01 8.53 21.14
N GLN H 3927 48.80 8.80 20.65
CA GLN H 3927 48.42 10.18 20.37
C GLN H 3927 48.35 11.02 21.63
N GLU H 3928 47.82 10.45 22.72
CA GLU H 3928 47.82 11.16 24.00
C GLU H 3928 49.24 11.46 24.47
N SER H 3929 50.13 10.47 24.36
CA SER H 3929 51.51 10.68 24.80
C SER H 3929 52.19 11.76 23.97
N ILE H 3930 52.00 11.73 22.65
CA ILE H 3930 52.65 12.74 21.81
C ILE H 3930 52.04 14.12 22.03
N SER H 3931 50.73 14.20 22.27
CA SER H 3931 50.11 15.48 22.57
C SER H 3931 50.64 16.05 23.89
N ASP H 3932 50.78 15.21 24.90
CA ASP H 3932 51.34 15.67 26.17
C ASP H 3932 52.79 16.10 26.01
N PHE H 3933 53.55 15.37 25.20
CA PHE H 3933 54.93 15.77 24.90
C PHE H 3933 54.97 17.14 24.24
N TYR H 3934 54.11 17.37 23.25
CA TYR H 3934 54.07 18.66 22.60
C TYR H 3934 53.67 19.77 23.57
N TRP H 3935 52.70 19.49 24.44
CA TRP H 3935 52.27 20.49 25.42
C TRP H 3935 53.41 20.84 26.37
N TYR H 3936 54.19 19.84 26.78
CA TYR H 3936 55.36 20.11 27.61
C TYR H 3936 56.39 20.93 26.85
N TYR H 3937 56.60 20.62 25.57
CA TYR H 3937 57.59 21.30 24.75
C TYR H 3937 57.04 22.58 24.10
N SER H 3938 55.77 22.91 24.32
CA SER H 3938 55.20 24.10 23.72
C SER H 3938 55.86 25.36 24.24
N GLY H 3939 56.20 25.38 25.52
CA GLY H 3939 56.80 26.58 26.10
C GLY H 3939 58.17 26.89 25.52
N LYS H 3940 58.99 25.87 25.31
CA LYS H 3940 60.34 26.05 24.80
C LYS H 3940 60.32 25.98 23.27
N ASP H 3941 60.65 27.10 22.63
CA ASP H 3941 60.71 27.13 21.17
C ASP H 3941 61.81 26.23 20.63
N VAL H 3942 62.97 26.23 21.28
CA VAL H 3942 64.09 25.42 20.84
C VAL H 3942 63.88 23.99 21.29
N ILE H 3943 64.04 23.04 20.37
CA ILE H 3943 63.85 21.63 20.64
C ILE H 3943 65.19 21.02 21.04
N GLU H 3944 65.24 20.36 22.19
CA GLU H 3944 66.46 19.74 22.67
C GLU H 3944 66.81 18.51 21.83
N GLU H 3945 68.09 18.14 21.87
CA GLU H 3945 68.55 16.98 21.11
C GLU H 3945 67.87 15.70 21.59
N GLN H 3946 67.79 15.50 22.91
CA GLN H 3946 67.07 14.34 23.43
C GLN H 3946 65.59 14.39 23.08
N GLY H 3947 64.99 15.58 23.18
CA GLY H 3947 63.61 15.73 22.77
C GLY H 3947 63.41 15.46 21.29
N LYS H 3948 64.36 15.91 20.46
CA LYS H 3948 64.28 15.64 19.03
C LYS H 3948 64.38 14.15 18.74
N ARG H 3949 65.29 13.46 19.43
CA ARG H 3949 65.41 12.01 19.24
C ARG H 3949 64.14 11.28 19.68
N ASN H 3950 63.57 11.68 20.82
CA ASN H 3950 62.32 11.08 21.27
C ASN H 3950 61.20 11.32 20.26
N PHE H 3951 61.12 12.55 19.74
CA PHE H 3951 60.11 12.87 18.73
C PHE H 3951 60.30 12.01 17.49
N SER H 3952 61.55 11.83 17.04
CA SER H 3952 61.80 11.02 15.85
C SER H 3952 61.42 9.57 16.08
N LYS H 3953 61.75 9.02 17.26
CA LYS H 3953 61.38 7.64 17.55
C LYS H 3953 59.87 7.47 17.59
N ALA H 3954 59.16 8.40 18.23
CA ALA H 3954 57.70 8.34 18.25
C ALA H 3954 57.13 8.48 16.85
N MET H 3955 57.75 9.32 16.02
CA MET H 3955 57.28 9.50 14.65
C MET H 3955 57.44 8.22 13.85
N SER H 3956 58.57 7.54 14.01
CA SER H 3956 58.77 6.25 13.32
C SER H 3956 57.78 5.21 13.80
N VAL H 3957 57.52 5.17 15.11
CA VAL H 3957 56.56 4.21 15.65
C VAL H 3957 55.17 4.47 15.08
N ALA H 3958 54.77 5.75 15.05
CA ALA H 3958 53.46 6.10 14.50
C ALA H 3958 53.38 5.79 13.01
N LYS H 3959 54.48 6.01 12.28
CA LYS H 3959 54.51 5.67 10.86
C LYS H 3959 54.32 4.17 10.64
N GLN H 3960 55.01 3.35 11.45
CA GLN H 3960 54.84 1.91 11.34
C GLN H 3960 53.41 1.49 11.68
N VAL H 3961 52.84 2.10 12.72
CA VAL H 3961 51.47 1.78 13.12
C VAL H 3961 50.50 2.14 12.00
N PHE H 3962 50.69 3.31 11.38
CA PHE H 3962 49.79 3.74 10.32
C PHE H 3962 49.94 2.87 9.06
N ASN H 3963 51.16 2.45 8.76
CA ASN H 3963 51.35 1.52 7.65
C ASN H 3963 50.65 0.19 7.91
N SER H 3964 50.75 -0.30 9.16
CA SER H 3964 50.02 -1.51 9.53
C SER H 3964 48.53 -1.30 9.34
N LEU H 3965 48.01 -0.15 9.77
CA LEU H 3965 46.58 0.14 9.61
C LEU H 3965 46.18 0.16 8.14
N THR H 3966 47.02 0.76 7.29
CA THR H 3966 46.79 0.70 5.86
C THR H 3966 46.64 -0.74 5.40
N GLU H 3967 47.58 -1.59 5.79
CA GLU H 3967 47.52 -2.98 5.36
C GLU H 3967 46.30 -3.71 5.91
N TYR H 3968 45.81 -3.31 7.08
CA TYR H 3968 44.50 -3.81 7.52
C TYR H 3968 43.40 -3.38 6.58
N ILE H 3969 43.41 -2.11 6.17
CA ILE H 3969 42.32 -1.56 5.37
C ILE H 3969 42.58 -1.63 3.87
N GLN H 3970 43.77 -2.09 3.47
CA GLN H 3970 44.05 -2.25 2.05
C GLN H 3970 43.11 -3.28 1.43
N GLY H 3971 42.60 -2.97 0.24
CA GLY H 3971 41.67 -3.82 -0.43
C GLY H 3971 40.23 -3.49 -0.08
N PRO H 3972 39.29 -3.96 -0.90
CA PRO H 3972 37.86 -3.69 -0.66
C PRO H 3972 37.26 -4.62 0.38
N CYS H 3973 37.74 -4.51 1.62
CA CYS H 3973 37.25 -5.33 2.73
C CYS H 3973 36.17 -4.54 3.46
N THR H 3974 34.91 -4.94 3.25
CA THR H 3974 33.80 -4.26 3.90
C THR H 3974 33.84 -4.42 5.41
N GLY H 3975 34.16 -5.62 5.88
CA GLY H 3975 34.17 -5.86 7.33
C GLY H 3975 35.21 -5.02 8.05
N ASN H 3976 36.42 -4.94 7.48
CA ASN H 3976 37.47 -4.13 8.09
C ASN H 3976 37.09 -2.65 8.09
N GLN H 3977 36.50 -2.18 6.98
CA GLN H 3977 36.07 -0.78 6.93
C GLN H 3977 35.01 -0.49 7.97
N GLN H 3978 34.04 -1.39 8.14
CA GLN H 3978 33.01 -1.20 9.16
C GLN H 3978 33.63 -1.22 10.57
N SER H 3979 34.57 -2.13 10.81
CA SER H 3979 35.21 -2.19 12.13
C SER H 3979 35.98 -0.91 12.42
N LEU H 3980 36.72 -0.39 11.45
CA LEU H 3980 37.54 0.79 11.78
C LEU H 3980 36.63 2.02 11.84
N ALA H 3981 35.50 1.98 11.13
CA ALA H 3981 34.60 3.15 11.09
C ALA H 3981 33.96 3.36 12.46
N HIS H 3982 33.41 2.29 13.03
CA HIS H 3982 32.75 2.38 14.35
C HIS H 3982 33.81 2.59 15.43
N SER H 3983 35.04 2.13 15.18
CA SER H 3983 36.11 2.23 16.20
C SER H 3983 36.48 3.69 16.43
N ARG H 3984 37.26 3.94 17.49
CA ARG H 3984 37.64 5.34 17.84
C ARG H 3984 38.65 5.87 16.82
N LEU H 3985 39.06 5.03 15.87
CA LEU H 3985 40.11 5.47 14.91
C LEU H 3985 39.71 6.85 14.40
N TRP H 3986 38.41 7.05 14.15
CA TRP H 3986 37.94 8.36 13.65
C TRP H 3986 38.43 9.44 14.61
N ASP H 3987 38.22 9.23 15.91
CA ASP H 3987 38.62 10.25 16.91
C ASP H 3987 40.14 10.38 16.88
N ALA H 3988 40.84 9.26 16.78
CA ALA H 3988 42.32 9.30 16.82
C ALA H 3988 42.78 10.23 15.70
N VAL H 3989 42.14 10.12 14.53
CA VAL H 3989 42.53 10.97 13.38
C VAL H 3989 42.39 12.42 13.83
N VAL H 3990 41.25 12.77 14.43
CA VAL H 3990 41.03 14.20 14.81
C VAL H 3990 42.22 14.64 15.64
N GLY H 3991 42.58 13.85 16.64
CA GLY H 3991 43.67 14.26 17.54
C GLY H 3991 44.97 14.37 16.77
N PHE H 3992 45.25 13.38 15.93
CA PHE H 3992 46.56 13.39 15.23
C PHE H 3992 46.62 14.69 14.42
N LEU H 3993 45.49 15.07 13.82
CA LEU H 3993 45.47 16.32 13.00
C LEU H 3993 45.85 17.47 13.92
N HIS H 3994 45.29 17.51 15.13
CA HIS H 3994 45.55 18.66 16.03
C HIS H 3994 47.06 18.79 16.28
N VAL H 3995 47.71 17.69 16.66
CA VAL H 3995 49.16 17.80 17.00
C VAL H 3995 49.87 18.28 15.75
N PHE H 3996 49.55 17.68 14.59
CA PHE H 3996 50.24 18.04 13.33
C PHE H 3996 49.94 19.50 13.00
N ALA H 3997 48.68 19.91 13.17
CA ALA H 3997 48.29 21.29 12.79
C ALA H 3997 49.20 22.26 13.53
N HIS H 3998 49.45 21.99 14.81
CA HIS H 3998 50.35 22.88 15.61
C HIS H 3998 51.80 22.42 15.43
N MET H 3999 52.10 21.14 15.68
CA MET H 3999 53.51 20.79 15.54
C MET H 3999 54.10 21.39 14.27
N MET H 4000 53.34 21.40 13.18
CA MET H 4000 53.82 22.02 11.94
C MET H 4000 54.02 23.51 12.13
N MET H 4001 53.10 24.17 12.83
CA MET H 4001 53.29 25.59 13.10
C MET H 4001 54.56 25.82 13.93
N LYS H 4002 54.75 25.02 14.97
CA LYS H 4002 55.92 25.18 15.84
C LYS H 4002 57.23 24.92 15.07
N LEU H 4003 57.24 23.89 14.23
CA LEU H 4003 58.44 23.56 13.47
C LEU H 4003 58.67 24.48 12.28
N ALA H 4004 57.62 25.19 11.84
CA ALA H 4004 57.82 26.27 10.88
C ALA H 4004 58.36 27.53 11.56
N GLN H 4005 58.07 27.69 12.85
CA GLN H 4005 58.64 28.83 13.58
C GLN H 4005 60.16 28.74 13.64
N ASP H 4006 60.70 27.55 13.85
CA ASP H 4006 62.14 27.34 13.96
C ASP H 4006 62.70 26.74 12.67
N SER H 4007 63.87 27.22 12.27
CA SER H 4007 64.49 26.79 11.02
C SER H 4007 65.48 25.63 11.21
N SER H 4008 65.64 25.12 12.42
CA SER H 4008 66.61 24.07 12.70
C SER H 4008 65.99 22.68 12.81
N GLN H 4009 64.72 22.53 12.42
CA GLN H 4009 64.00 21.28 12.55
C GLN H 4009 63.67 20.67 11.19
N ILE H 4010 64.64 20.71 10.26
CA ILE H 4010 64.39 20.26 8.90
C ILE H 4010 64.09 18.76 8.87
N GLU H 4011 64.93 17.97 9.54
CA GLU H 4011 64.73 16.51 9.56
C GLU H 4011 63.45 16.15 10.33
N LEU H 4012 63.21 16.82 11.45
CA LEU H 4012 61.98 16.59 12.20
C LEU H 4012 60.76 16.96 11.37
N LEU H 4013 60.84 18.05 10.63
CA LEU H 4013 59.74 18.43 9.74
C LEU H 4013 59.54 17.40 8.65
N LYS H 4014 60.64 16.85 8.11
CA LYS H 4014 60.52 15.81 7.09
C LYS H 4014 59.82 14.57 7.63
N GLU H 4015 60.19 14.15 8.84
CA GLU H 4015 59.52 13.02 9.45
C GLU H 4015 58.05 13.34 9.73
N LEU H 4016 57.78 14.58 10.15
CA LEU H 4016 56.41 15.02 10.38
C LEU H 4016 55.56 14.87 9.12
N LEU H 4017 56.08 15.36 7.99
CA LEU H 4017 55.33 15.26 6.74
C LEU H 4017 55.28 13.82 6.22
N ASP H 4018 56.28 13.01 6.54
CA ASP H 4018 56.22 11.60 6.18
C ASP H 4018 55.07 10.90 6.90
N LEU H 4019 54.89 11.20 8.19
CA LEU H 4019 53.78 10.59 8.92
C LEU H 4019 52.45 11.19 8.48
N GLN H 4020 52.46 12.48 8.12
CA GLN H 4020 51.32 13.08 7.41
C GLN H 4020 50.92 12.24 6.20
N LYS H 4021 51.88 11.92 5.35
CA LYS H 4021 51.61 11.13 4.15
C LYS H 4021 51.10 9.75 4.51
N ASP H 4022 51.69 9.13 5.53
CA ASP H 4022 51.26 7.79 5.93
C ASP H 4022 49.80 7.80 6.38
N MET H 4023 49.42 8.81 7.18
CA MET H 4023 48.04 8.86 7.73
C MET H 4023 47.03 9.20 6.64
N VAL H 4024 47.35 10.15 5.76
CA VAL H 4024 46.33 10.58 4.77
C VAL H 4024 45.94 9.35 3.95
N VAL H 4025 46.91 8.49 3.63
CA VAL H 4025 46.60 7.25 2.86
C VAL H 4025 45.61 6.43 3.69
N MET H 4026 45.77 6.43 5.02
CA MET H 4026 44.88 5.62 5.89
C MET H 4026 43.44 6.10 5.70
N LEU H 4027 43.22 7.42 5.72
CA LEU H 4027 41.85 7.93 5.45
C LEU H 4027 41.48 7.60 4.00
N LEU H 4028 42.41 7.83 3.06
CA LEU H 4028 42.08 7.62 1.63
C LEU H 4028 41.73 6.16 1.43
N SER H 4029 42.50 5.27 2.05
CA SER H 4029 42.28 3.81 1.84
C SER H 4029 40.89 3.44 2.35
N LEU H 4030 40.48 4.01 3.47
CA LEU H 4030 39.12 3.73 4.01
C LEU H 4030 38.10 4.18 2.97
N LEU H 4031 38.35 5.33 2.32
CA LEU H 4031 37.39 5.87 1.33
C LEU H 4031 37.23 4.87 0.18
N GLU H 4032 38.28 4.09 -0.12
CA GLU H 4032 38.22 3.15 -1.26
C GLU H 4032 37.06 2.18 -1.08
N GLY H 4033 36.30 1.94 -2.14
CA GLY H 4033 35.15 1.02 -2.06
C GLY H 4033 33.92 1.74 -1.54
N ASN H 4034 34.07 3.02 -1.18
CA ASN H 4034 32.90 3.81 -0.72
C ASN H 4034 32.08 4.26 -1.93
N VAL H 4035 30.76 4.05 -1.89
CA VAL H 4035 29.87 4.50 -3.00
C VAL H 4035 29.62 6.00 -2.83
N VAL H 4036 29.00 6.64 -3.83
CA VAL H 4036 28.67 8.10 -3.72
C VAL H 4036 27.73 8.26 -2.53
N ASN H 4037 27.95 9.30 -1.73
CA ASN H 4037 27.12 9.52 -0.51
C ASN H 4037 27.27 8.31 0.41
N GLY H 4038 28.44 7.66 0.38
CA GLY H 4038 28.68 6.48 1.23
C GLY H 4038 28.77 6.86 2.70
N MET H 4039 28.36 5.96 3.60
CA MET H 4039 28.33 6.29 5.05
C MET H 4039 29.76 6.59 5.53
N ILE H 4040 30.74 5.78 5.14
CA ILE H 4040 32.12 5.97 5.67
C ILE H 4040 32.58 7.36 5.21
N ALA H 4041 32.27 7.71 3.97
CA ALA H 4041 32.63 9.06 3.47
C ALA H 4041 31.91 10.10 4.32
N ARG H 4042 30.64 9.85 4.63
CA ARG H 4042 29.85 10.87 5.38
C ARG H 4042 30.52 11.08 6.74
N GLN H 4043 30.93 9.98 7.39
CA GLN H 4043 31.61 10.10 8.71
C GLN H 4043 32.91 10.86 8.51
N MET H 4044 33.62 10.57 7.42
CA MET H 4044 34.90 11.27 7.13
C MET H 4044 34.60 12.76 6.97
N VAL H 4045 33.48 13.09 6.33
CA VAL H 4045 33.13 14.51 6.10
C VAL H 4045 32.96 15.18 7.46
N ASP H 4046 32.20 14.54 8.35
CA ASP H 4046 31.96 15.11 9.71
C ASP H 4046 33.27 15.23 10.50
N MET H 4047 34.11 14.19 10.44
CA MET H 4047 35.35 14.20 11.24
C MET H 4047 36.24 15.36 10.78
N LEU H 4048 36.24 15.62 9.47
CA LEU H 4048 37.07 16.72 8.93
C LEU H 4048 36.49 18.01 9.53
N VAL H 4049 35.18 18.19 9.44
CA VAL H 4049 34.55 19.45 9.93
C VAL H 4049 34.74 19.51 11.45
N GLU H 4050 34.65 18.37 12.14
CA GLU H 4050 34.84 18.34 13.61
C GLU H 4050 36.27 18.78 13.92
N SER H 4051 37.16 18.66 12.96
CA SER H 4051 38.56 19.11 13.13
C SER H 4051 38.79 20.31 12.23
N SER H 4052 37.73 21.04 11.90
CA SER H 4052 37.85 22.15 10.92
C SER H 4052 38.94 23.11 11.38
N SER H 4053 38.97 23.44 12.66
CA SER H 4053 40.05 24.32 13.17
C SER H 4053 41.41 23.83 12.63
N ASN H 4054 41.68 22.54 12.76
CA ASN H 4054 42.98 22.03 12.32
C ASN H 4054 43.10 21.98 10.82
N VAL H 4055 42.05 21.49 10.13
CA VAL H 4055 42.11 21.40 8.68
C VAL H 4055 42.14 22.79 8.06
N GLU H 4056 41.37 23.73 8.60
CA GLU H 4056 41.42 25.09 8.10
C GLU H 4056 42.80 25.71 8.30
N MET H 4057 43.41 25.47 9.47
CA MET H 4057 44.73 26.03 9.74
C MET H 4057 45.77 25.48 8.77
N ILE H 4058 45.77 24.15 8.56
CA ILE H 4058 46.78 23.56 7.69
C ILE H 4058 46.53 23.98 6.24
N LEU H 4059 45.27 24.06 5.82
CA LEU H 4059 44.96 24.51 4.47
C LEU H 4059 45.41 25.95 4.25
N LYS H 4060 45.16 26.83 5.23
CA LYS H 4060 45.58 28.21 5.10
C LYS H 4060 47.09 28.33 5.06
N PHE H 4061 47.79 27.56 5.91
CA PHE H 4061 49.25 27.61 5.91
C PHE H 4061 49.82 27.13 4.58
N PHE H 4062 49.28 26.05 4.04
CA PHE H 4062 49.81 25.53 2.78
C PHE H 4062 49.47 26.45 1.61
N ASP H 4063 48.28 27.05 1.63
CA ASP H 4063 47.92 28.02 0.60
C ASP H 4063 48.83 29.25 0.66
N MET H 4064 49.13 29.72 1.87
CA MET H 4064 50.06 30.84 2.02
C MET H 4064 51.45 30.48 1.52
N PHE H 4065 51.91 29.26 1.82
CA PHE H 4065 53.22 28.83 1.34
C PHE H 4065 53.26 28.78 -0.18
N LEU H 4066 52.22 28.22 -0.80
CA LEU H 4066 52.17 28.13 -2.26
C LEU H 4066 52.10 29.52 -2.89
N LYS H 4067 51.30 30.41 -2.30
CA LYS H 4067 51.19 31.77 -2.83
C LYS H 4067 52.52 32.51 -2.71
N LEU H 4068 53.23 32.34 -1.59
CA LEU H 4068 54.54 32.96 -1.44
C LEU H 4068 55.53 32.40 -2.45
N LYS H 4069 55.50 31.08 -2.68
CA LYS H 4069 56.39 30.49 -3.68
C LYS H 4069 56.09 31.04 -5.07
N ASP H 4070 54.81 31.20 -5.41
CA ASP H 4070 54.46 31.80 -6.69
C ASP H 4070 54.90 33.26 -6.76
N ILE H 4071 54.78 33.99 -5.65
CA ILE H 4071 55.15 35.41 -5.63
C ILE H 4071 56.65 35.56 -5.83
N VAL H 4072 57.45 34.66 -5.26
CA VAL H 4072 58.90 34.74 -5.43
C VAL H 4072 59.27 34.69 -6.90
N GLY H 4073 58.60 33.83 -7.68
CA GLY H 4073 58.77 33.78 -9.11
C GLY H 4073 57.93 34.77 -9.89
N SER H 4074 57.13 35.59 -9.21
CA SER H 4074 56.28 36.56 -9.89
C SER H 4074 57.06 37.82 -10.25
N GLU H 4075 56.47 38.63 -11.13
CA GLU H 4075 57.13 39.84 -11.60
C GLU H 4075 57.08 40.96 -10.57
N ALA H 4076 56.01 41.03 -9.77
CA ALA H 4076 55.89 42.12 -8.80
C ALA H 4076 57.00 42.06 -7.76
N PHE H 4077 57.27 40.86 -7.23
CA PHE H 4077 58.33 40.72 -6.23
C PHE H 4077 59.70 40.97 -6.85
N GLN H 4078 59.91 40.55 -8.09
CA GLN H 4078 61.17 40.84 -8.77
C GLN H 4078 61.37 42.34 -8.94
N ASP H 4079 60.30 43.06 -9.29
CA ASP H 4079 60.39 44.52 -9.38
C ASP H 4079 60.67 45.14 -8.02
N TYR H 4080 60.04 44.62 -6.97
CA TYR H 4080 60.31 45.14 -5.63
C TYR H 4080 61.72 44.82 -5.16
N VAL H 4081 62.33 43.76 -5.71
CA VAL H 4081 63.69 43.41 -5.33
C VAL H 4081 64.65 44.43 -5.92
N THR H 4082 65.56 44.93 -5.09
CA THR H 4082 66.52 45.95 -5.51
C THR H 4082 67.97 45.49 -5.44
N ASP H 4083 68.33 44.71 -4.43
CA ASP H 4083 69.71 44.26 -4.29
C ASP H 4083 70.02 43.22 -5.37
N PRO H 4084 71.08 43.40 -6.16
CA PRO H 4084 71.41 42.41 -7.20
C PRO H 4084 71.82 41.06 -6.63
N ARG H 4085 72.19 40.98 -5.36
CA ARG H 4085 72.64 39.73 -4.75
C ARG H 4085 71.50 38.85 -4.28
N GLY H 4086 70.28 39.07 -4.76
CA GLY H 4086 69.16 38.24 -4.37
C GLY H 4086 68.68 38.46 -2.95
N LEU H 4087 68.94 39.63 -2.37
CA LEU H 4087 68.53 39.95 -1.01
C LEU H 4087 67.39 40.96 -1.05
N ILE H 4088 66.32 40.68 -0.30
CA ILE H 4088 65.15 41.53 -0.24
C ILE H 4088 64.90 41.91 1.21
N SER H 4089 64.64 43.20 1.45
CA SER H 4089 64.34 43.66 2.79
C SER H 4089 63.01 43.08 3.27
N LYS H 4090 62.93 42.85 4.59
CA LYS H 4090 61.70 42.32 5.16
C LYS H 4090 60.54 43.28 4.98
N LYS H 4091 60.78 44.58 5.20
CA LYS H 4091 59.74 45.58 4.96
C LYS H 4091 59.34 45.61 3.48
N ASP H 4092 60.32 45.52 2.59
CA ASP H 4092 60.02 45.49 1.16
C ASP H 4092 59.19 44.27 0.78
N PHE H 4093 59.55 43.11 1.32
CA PHE H 4093 58.78 41.90 1.05
C PHE H 4093 57.36 42.02 1.58
N GLN H 4094 57.19 42.56 2.79
CA GLN H 4094 55.85 42.75 3.34
C GLN H 4094 55.04 43.71 2.49
N LYS H 4095 55.65 44.81 2.05
CA LYS H 4095 54.94 45.77 1.21
C LYS H 4095 54.54 45.15 -0.12
N ALA H 4096 55.45 44.38 -0.74
CA ALA H 4096 55.13 43.73 -2.01
C ALA H 4096 53.99 42.72 -1.86
N MET H 4097 54.02 41.93 -0.78
CA MET H 4097 52.96 40.94 -0.58
C MET H 4097 51.63 41.62 -0.26
N ASP H 4098 51.66 42.74 0.48
CA ASP H 4098 50.44 43.49 0.73
C ASP H 4098 49.89 44.09 -0.56
N SER H 4099 50.76 44.59 -1.43
CA SER H 4099 50.31 45.10 -2.72
C SER H 4099 49.71 43.99 -3.58
N GLN H 4100 50.29 42.79 -3.52
CA GLN H 4100 49.73 41.66 -4.24
C GLN H 4100 48.35 41.26 -3.71
N LYS H 4101 48.01 41.66 -2.48
CA LYS H 4101 46.71 41.42 -1.87
C LYS H 4101 46.37 39.94 -1.74
N GLN H 4102 47.39 39.08 -1.73
CA GLN H 4102 47.18 37.65 -1.57
C GLN H 4102 47.28 37.19 -0.11
N PHE H 4103 47.60 38.09 0.81
CA PHE H 4103 47.77 37.74 2.21
C PHE H 4103 47.11 38.80 3.09
N THR H 4104 46.73 38.39 4.29
CA THR H 4104 46.14 39.28 5.27
C THR H 4104 47.16 39.68 6.33
N GLY H 4105 46.70 40.39 7.36
CA GLY H 4105 47.54 40.82 8.44
C GLY H 4105 48.19 39.68 9.20
N PRO H 4106 47.38 38.76 9.73
CA PRO H 4106 47.97 37.54 10.32
C PRO H 4106 48.80 36.75 9.33
N GLU H 4107 48.38 36.71 8.07
CA GLU H 4107 49.15 36.01 7.05
C GLU H 4107 50.50 36.68 6.83
N ILE H 4108 50.55 38.01 6.78
CA ILE H 4108 51.82 38.70 6.59
C ILE H 4108 52.70 38.52 7.82
N GLN H 4109 52.11 38.54 9.01
CA GLN H 4109 52.89 38.29 10.22
C GLN H 4109 53.51 36.91 10.19
N PHE H 4110 52.73 35.90 9.78
CA PHE H 4110 53.25 34.54 9.66
C PHE H 4110 54.35 34.46 8.60
N LEU H 4111 54.17 35.15 7.47
CA LEU H 4111 55.15 35.10 6.41
C LEU H 4111 56.49 35.70 6.84
N LEU H 4112 56.46 36.86 7.51
CA LEU H 4112 57.70 37.41 8.05
C LEU H 4112 58.29 36.54 9.14
N SER H 4113 57.44 35.92 9.98
CA SER H 4113 57.97 35.07 11.04
C SER H 4113 58.68 33.84 10.48
N CYS H 4114 58.09 33.20 9.46
CA CYS H 4114 58.68 31.98 8.92
C CYS H 4114 59.96 32.27 8.16
N SER H 4115 59.97 33.33 7.36
CA SER H 4115 61.16 33.66 6.58
C SER H 4115 62.29 34.13 7.49
N GLU H 4116 63.51 33.76 7.14
CA GLU H 4116 64.70 34.15 7.90
C GLU H 4116 65.38 35.30 7.17
N ALA H 4117 65.58 36.40 7.89
CA ALA H 4117 66.17 37.61 7.32
C ALA H 4117 67.44 37.97 8.09
N ASP H 4118 68.49 38.31 7.36
CA ASP H 4118 69.76 38.73 7.96
C ASP H 4118 69.75 40.25 8.08
N GLU H 4119 69.72 40.74 9.31
CA GLU H 4119 69.68 42.18 9.61
C GLU H 4119 68.45 42.85 8.99
N ASN H 4120 67.37 42.08 8.83
CA ASN H 4120 66.11 42.58 8.25
C ASN H 4120 66.30 43.16 6.85
N GLU H 4121 67.29 42.64 6.12
CA GLU H 4121 67.55 43.11 4.77
C GLU H 4121 67.80 42.02 3.76
N MET H 4122 68.06 40.77 4.18
CA MET H 4122 68.32 39.66 3.27
C MET H 4122 67.44 38.49 3.68
N ILE H 4123 66.23 38.43 3.12
CA ILE H 4123 65.30 37.36 3.46
C ILE H 4123 65.60 36.07 2.70
N ASN H 4124 66.36 36.14 1.60
CA ASN H 4124 66.68 34.99 0.76
C ASN H 4124 65.40 34.28 0.30
N PHE H 4125 64.63 35.01 -0.50
CA PHE H 4125 63.31 34.56 -0.90
C PHE H 4125 63.37 33.24 -1.67
N GLU H 4126 64.33 33.11 -2.60
CA GLU H 4126 64.46 31.87 -3.36
C GLU H 4126 64.84 30.71 -2.46
N GLU H 4127 65.80 30.92 -1.56
CA GLU H 4127 66.21 29.85 -0.65
C GLU H 4127 65.08 29.46 0.29
N PHE H 4128 64.35 30.45 0.79
CA PHE H 4128 63.19 30.16 1.65
C PHE H 4128 62.13 29.37 0.89
N ALA H 4129 61.89 29.73 -0.37
CA ALA H 4129 60.90 29.01 -1.17
C ALA H 4129 61.33 27.57 -1.43
N ASN H 4130 62.60 27.35 -1.74
CA ASN H 4130 63.08 26.01 -2.07
C ASN H 4130 63.54 25.21 -0.86
N ARG H 4131 63.46 25.77 0.35
CA ARG H 4131 63.90 25.04 1.53
C ARG H 4131 63.05 23.79 1.77
N PHE H 4132 61.73 23.92 1.67
CA PHE H 4132 60.79 22.82 1.90
C PHE H 4132 59.97 22.66 0.62
N GLN H 4133 60.40 21.75 -0.26
CA GLN H 4133 59.76 21.57 -1.56
C GLN H 4133 59.17 20.19 -1.74
N GLU H 4134 59.95 19.12 -1.53
CA GLU H 4134 59.48 17.78 -1.89
C GLU H 4134 58.43 17.25 -0.93
N PRO H 4135 58.69 17.13 0.39
CA PRO H 4135 57.65 16.61 1.28
C PRO H 4135 56.40 17.47 1.29
N ALA H 4136 56.55 18.79 1.22
CA ALA H 4136 55.39 19.67 1.18
C ALA H 4136 54.57 19.43 -0.08
N ARG H 4137 55.24 19.28 -1.23
CA ARG H 4137 54.52 19.00 -2.47
C ARG H 4137 53.80 17.66 -2.40
N ASP H 4138 54.45 16.63 -1.86
CA ASP H 4138 53.82 15.32 -1.77
C ASP H 4138 52.59 15.36 -0.87
N ILE H 4139 52.71 16.01 0.30
CA ILE H 4139 51.58 16.07 1.21
C ILE H 4139 50.47 16.94 0.64
N GLY H 4140 50.81 18.02 -0.09
CA GLY H 4140 49.78 18.82 -0.71
C GLY H 4140 49.03 18.06 -1.79
N PHE H 4141 49.76 17.27 -2.57
CA PHE H 4141 49.13 16.39 -3.55
C PHE H 4141 48.18 15.42 -2.86
N ASN H 4142 48.66 14.79 -1.79
CA ASN H 4142 47.83 13.74 -1.14
C ASN H 4142 46.60 14.40 -0.50
N VAL H 4143 46.79 15.56 0.13
CA VAL H 4143 45.66 16.22 0.83
C VAL H 4143 44.59 16.56 -0.20
N ALA H 4144 45.02 16.98 -1.39
CA ALA H 4144 44.06 17.32 -2.46
C ALA H 4144 43.27 16.07 -2.83
N VAL H 4145 43.96 14.94 -2.96
CA VAL H 4145 43.27 13.69 -3.36
C VAL H 4145 42.26 13.36 -2.28
N LEU H 4146 42.67 13.51 -1.01
CA LEU H 4146 41.77 13.18 0.11
C LEU H 4146 40.56 14.13 0.04
N LEU H 4147 40.82 15.43 -0.11
CA LEU H 4147 39.72 16.42 -0.20
C LEU H 4147 38.91 16.13 -1.47
N THR H 4148 39.60 15.85 -2.57
CA THR H 4148 38.89 15.66 -3.86
C THR H 4148 37.97 14.45 -3.74
N ASN H 4149 38.49 13.34 -3.22
CA ASN H 4149 37.66 12.11 -3.18
C ASN H 4149 36.35 12.52 -2.51
N LEU H 4150 36.42 13.48 -1.58
CA LEU H 4150 35.21 13.86 -0.87
C LEU H 4150 34.22 14.61 -1.77
N SER H 4151 34.74 15.50 -2.63
CA SER H 4151 33.86 16.22 -3.54
C SER H 4151 33.21 15.28 -4.55
N GLU H 4152 33.96 14.29 -5.04
CA GLU H 4152 33.39 13.32 -5.96
C GLU H 4152 32.36 12.43 -5.29
N HIS H 4153 32.67 11.95 -4.08
CA HIS H 4153 31.77 10.94 -3.46
C HIS H 4153 30.48 11.59 -2.95
N VAL H 4154 30.52 12.21 -1.76
CA VAL H 4154 29.31 12.86 -1.19
C VAL H 4154 29.31 14.31 -1.63
N PRO H 4155 28.58 14.66 -2.71
CA PRO H 4155 28.52 16.05 -3.19
C PRO H 4155 27.44 16.82 -2.45
N HIS H 4156 27.41 18.16 -2.62
CA HIS H 4156 26.33 18.97 -2.01
C HIS H 4156 26.56 19.13 -0.50
N ASP H 4157 27.79 18.92 -0.02
CA ASP H 4157 28.05 19.18 1.42
C ASP H 4157 28.52 20.63 1.54
N PRO H 4158 27.71 21.53 2.13
CA PRO H 4158 28.07 22.95 2.17
C PRO H 4158 29.39 23.13 2.94
N ARG H 4159 29.55 22.39 4.03
CA ARG H 4159 30.80 22.48 4.82
C ARG H 4159 31.95 22.07 3.89
N LEU H 4160 31.73 21.02 3.11
CA LEU H 4160 32.78 20.53 2.17
C LEU H 4160 33.07 21.65 1.18
N ARG H 4161 32.01 22.37 0.77
CA ARG H 4161 32.19 23.46 -0.22
C ARG H 4161 33.15 24.50 0.36
N ASN H 4162 32.99 24.81 1.66
CA ASN H 4162 33.92 25.77 2.30
C ASN H 4162 35.33 25.17 2.25
N PHE H 4163 35.45 23.88 2.56
CA PHE H 4163 36.80 23.27 2.61
C PHE H 4163 37.45 23.36 1.23
N LEU H 4164 36.75 22.90 0.20
CA LEU H 4164 37.33 22.89 -1.17
C LEU H 4164 37.60 24.34 -1.59
N GLU H 4165 36.70 25.26 -1.23
CA GLU H 4165 36.86 26.68 -1.64
C GLU H 4165 38.17 27.21 -1.05
N LEU H 4166 38.43 26.90 0.22
CA LEU H 4166 39.71 27.33 0.85
C LEU H 4166 40.86 26.63 0.13
N ALA H 4167 40.66 25.39 -0.29
CA ALA H 4167 41.77 24.58 -0.86
C ALA H 4167 42.04 24.91 -2.33
N GLU H 4168 41.42 25.95 -2.87
CA GLU H 4168 41.57 26.19 -4.33
C GLU H 4168 43.06 26.21 -4.68
N SER H 4169 43.88 26.87 -3.87
CA SER H 4169 45.33 26.98 -4.23
C SER H 4169 45.96 25.59 -4.27
N ILE H 4170 45.71 24.76 -3.25
CA ILE H 4170 46.37 23.41 -3.18
C ILE H 4170 45.97 22.63 -4.42
N LEU H 4171 44.65 22.49 -4.66
CA LEU H 4171 44.18 21.67 -5.79
C LEU H 4171 44.77 22.23 -7.09
N GLU H 4172 44.82 23.55 -7.23
CA GLU H 4172 45.27 24.13 -8.52
C GLU H 4172 46.71 23.70 -8.81
N TYR H 4173 47.60 23.80 -7.82
CA TYR H 4173 49.01 23.47 -8.12
C TYR H 4173 49.09 22.01 -8.53
N PHE H 4174 48.28 21.17 -7.89
CA PHE H 4174 48.33 19.72 -8.16
C PHE H 4174 47.26 19.34 -9.21
N ARG H 4175 46.64 20.33 -9.85
CA ARG H 4175 45.67 20.02 -10.93
C ARG H 4175 46.40 19.32 -12.08
N PRO H 4176 47.60 19.76 -12.50
CA PRO H 4176 48.34 19.06 -13.55
C PRO H 4176 48.79 17.66 -13.13
N TYR H 4177 49.37 17.51 -11.94
CA TYR H 4177 49.93 16.21 -11.51
C TYR H 4177 48.82 15.18 -11.21
N LEU H 4178 47.62 15.63 -10.87
CA LEU H 4178 46.56 14.68 -10.45
C LEU H 4178 45.98 13.99 -11.68
N GLY H 4179 45.56 12.73 -11.53
CA GLY H 4179 44.92 12.01 -12.66
C GLY H 4179 43.74 11.19 -12.17
N ARG H 4180 42.75 10.98 -13.03
CA ARG H 4180 41.54 10.23 -12.64
C ARG H 4180 41.26 9.14 -13.68
N ILE H 4181 40.89 7.94 -13.23
CA ILE H 4181 40.55 6.82 -14.15
C ILE H 4181 39.18 6.31 -13.69
N GLU H 4182 38.58 5.36 -14.41
CA GLU H 4182 37.23 4.88 -14.04
C GLU H 4182 37.16 3.37 -14.15
N ILE H 4183 38.11 2.65 -13.54
CA ILE H 4183 38.02 1.17 -13.54
C ILE H 4183 36.71 0.80 -12.85
N MET H 4184 35.91 -0.07 -13.45
CA MET H 4184 34.59 -0.42 -12.87
C MET H 4184 34.50 -1.93 -12.71
N GLY H 4185 35.52 -2.65 -13.16
CA GLY H 4185 35.46 -4.13 -13.12
C GLY H 4185 35.36 -4.64 -11.70
N ALA H 4186 36.12 -4.05 -10.77
CA ALA H 4186 36.13 -4.56 -9.38
C ALA H 4186 34.78 -4.32 -8.73
N SER H 4187 34.20 -5.35 -8.09
CA SER H 4187 32.94 -5.18 -7.34
C SER H 4187 31.77 -4.88 -8.28
N ARG H 4188 31.95 -5.07 -9.59
CA ARG H 4188 30.83 -4.89 -10.54
C ARG H 4188 30.20 -3.50 -10.35
N ARG H 4189 31.02 -2.49 -10.09
CA ARG H 4189 30.52 -1.09 -9.95
C ARG H 4189 31.67 -0.12 -10.23
N ILE H 4190 31.36 1.17 -10.42
CA ILE H 4190 32.44 2.14 -10.79
C ILE H 4190 32.93 2.94 -9.59
N GLU H 4191 34.23 3.22 -9.50
CA GLU H 4191 34.82 4.05 -8.47
C GLU H 4191 35.82 5.01 -9.08
N ARG H 4192 35.97 6.17 -8.46
CA ARG H 4192 36.89 7.21 -8.92
C ARG H 4192 38.17 7.10 -8.09
N ILE H 4193 39.15 6.40 -8.63
CA ILE H 4193 40.45 6.22 -7.98
C ILE H 4193 41.43 7.21 -8.60
N TYR H 4194 42.40 7.66 -7.80
CA TYR H 4194 43.36 8.66 -8.22
C TYR H 4194 44.78 8.13 -8.10
N PHE H 4195 45.70 8.78 -8.81
CA PHE H 4195 47.09 8.34 -8.87
C PHE H 4195 47.97 9.59 -8.96
N GLU H 4196 49.25 9.38 -9.25
CA GLU H 4196 50.22 10.46 -9.34
C GLU H 4196 50.85 10.49 -10.73
N ILE H 4197 51.06 11.69 -11.26
CA ILE H 4197 51.68 11.89 -12.56
C ILE H 4197 52.92 12.74 -12.35
N SER H 4198 54.08 12.24 -12.79
CA SER H 4198 55.32 12.98 -12.64
C SER H 4198 55.41 14.08 -13.69
N GLU H 4199 56.15 15.13 -13.34
CA GLU H 4199 56.30 16.27 -14.25
C GLU H 4199 57.04 15.88 -15.53
N THR H 4200 58.12 15.10 -15.39
CA THR H 4200 58.89 14.70 -16.57
C THR H 4200 58.11 13.74 -17.45
N ASN H 4201 57.08 13.07 -16.89
CA ASN H 4201 56.25 12.20 -17.70
C ASN H 4201 55.33 13.00 -18.61
N ARG H 4202 54.71 14.04 -18.05
CA ARG H 4202 53.86 14.93 -18.86
C ARG H 4202 54.70 15.72 -19.86
N ALA H 4203 55.88 16.19 -19.44
CA ALA H 4203 56.72 16.97 -20.34
C ALA H 4203 57.19 16.14 -21.53
N GLN H 4204 57.58 14.90 -21.28
CA GLN H 4204 58.03 14.04 -22.38
C GLN H 4204 56.87 13.54 -23.23
N TRP H 4205 55.66 13.47 -22.66
CA TRP H 4205 54.48 13.12 -23.44
C TRP H 4205 54.13 14.17 -24.48
N GLU H 4206 54.67 15.38 -24.36
CA GLU H 4206 54.37 16.45 -25.28
C GLU H 4206 55.12 16.34 -26.61
N MET H 4207 56.03 15.40 -26.75
CA MET H 4207 56.77 15.26 -27.99
C MET H 4207 55.83 14.83 -29.11
N PRO H 4208 55.97 15.39 -30.32
CA PRO H 4208 55.03 15.08 -31.40
C PRO H 4208 55.06 13.61 -31.83
N GLN H 4209 56.13 12.88 -31.55
CA GLN H 4209 56.22 11.50 -32.01
C GLN H 4209 55.15 10.62 -31.38
N VAL H 4210 54.97 10.74 -30.06
CA VAL H 4210 53.96 9.91 -29.39
C VAL H 4210 52.55 10.32 -29.81
N LYS H 4211 52.32 11.61 -30.04
CA LYS H 4211 51.02 12.05 -30.52
C LYS H 4211 50.72 11.50 -31.91
N GLU H 4212 51.72 11.50 -32.79
CA GLU H 4212 51.53 10.93 -34.13
C GLU H 4212 51.28 9.43 -34.04
N SER H 4213 52.00 8.73 -33.16
CA SER H 4213 51.78 7.30 -32.98
C SER H 4213 50.37 7.03 -32.47
N LYS H 4214 49.90 7.83 -31.51
CA LYS H 4214 48.55 7.67 -31.00
C LYS H 4214 47.50 7.93 -32.08
N ARG H 4215 47.73 8.97 -32.89
CA ARG H 4215 46.80 9.26 -33.99
C ARG H 4215 46.74 8.11 -34.98
N GLN H 4216 47.91 7.55 -35.35
CA GLN H 4216 47.92 6.42 -36.26
C GLN H 4216 47.22 5.21 -35.65
N PHE H 4217 47.45 4.95 -34.36
CA PHE H 4217 46.84 3.81 -33.69
C PHE H 4217 45.32 3.95 -33.65
N ILE H 4218 44.81 5.13 -33.30
CA ILE H 4218 43.37 5.31 -33.24
C ILE H 4218 42.76 5.26 -34.63
N PHE H 4219 43.46 5.80 -35.64
CA PHE H 4219 42.98 5.71 -37.01
C PHE H 4219 42.85 4.25 -37.43
N ASP H 4220 43.86 3.44 -37.12
CA ASP H 4220 43.79 2.01 -37.44
C ASP H 4220 42.66 1.33 -36.67
N VAL H 4221 42.45 1.71 -35.41
CA VAL H 4221 41.41 1.09 -34.60
C VAL H 4221 40.03 1.35 -35.21
N VAL H 4222 39.76 2.61 -35.57
CA VAL H 4222 38.44 2.94 -36.12
C VAL H 4222 38.26 2.36 -37.52
N ASN H 4223 39.28 2.45 -38.38
CA ASN H 4223 39.08 1.96 -39.74
C ASN H 4223 39.11 0.45 -39.85
N GLU H 4224 39.67 -0.25 -38.85
CA GLU H 4224 39.64 -1.71 -38.86
C GLU H 4224 38.27 -2.26 -38.51
N GLY H 4225 37.52 -1.57 -37.65
CA GLY H 4225 36.21 -2.01 -37.25
C GLY H 4225 36.17 -2.93 -36.04
N GLY H 4226 37.33 -3.32 -35.51
CA GLY H 4226 37.34 -4.19 -34.34
C GLY H 4226 36.75 -3.48 -33.13
N GLU H 4227 35.83 -4.16 -32.45
CA GLU H 4227 35.18 -3.62 -31.26
C GLU H 4227 35.48 -4.43 -30.01
N ALA H 4228 35.30 -5.76 -30.07
CA ALA H 4228 35.56 -6.59 -28.90
C ALA H 4228 37.04 -6.58 -28.52
N GLU H 4229 37.92 -6.58 -29.51
CA GLU H 4229 39.35 -6.60 -29.29
C GLU H 4229 39.95 -5.20 -29.16
N LYS H 4230 39.12 -4.16 -29.14
CA LYS H 4230 39.63 -2.79 -29.08
C LYS H 4230 40.45 -2.56 -27.81
N MET H 4231 40.01 -3.13 -26.69
CA MET H 4231 40.76 -2.98 -25.44
C MET H 4231 42.12 -3.63 -25.53
N GLU H 4232 42.21 -4.80 -26.17
CA GLU H 4232 43.51 -5.45 -26.36
C GLU H 4232 44.43 -4.59 -27.23
N LEU H 4233 43.88 -4.00 -28.30
CA LEU H 4233 44.67 -3.09 -29.12
C LEU H 4233 45.13 -1.88 -28.32
N PHE H 4234 44.25 -1.36 -27.44
CA PHE H 4234 44.64 -0.23 -26.60
C PHE H 4234 45.78 -0.60 -25.66
N VAL H 4235 45.67 -1.74 -24.99
CA VAL H 4235 46.77 -2.04 -24.03
C VAL H 4235 48.03 -2.10 -24.88
N SER H 4236 47.91 -2.61 -26.10
CA SER H 4236 49.09 -2.77 -26.98
C SER H 4236 49.68 -1.38 -27.28
N PHE H 4237 48.85 -0.40 -27.59
CA PHE H 4237 49.42 0.93 -27.95
C PHE H 4237 50.19 1.43 -26.73
N CYS H 4238 49.59 1.28 -25.55
CA CYS H 4238 50.22 1.80 -24.32
C CYS H 4238 51.55 1.07 -24.11
N GLU H 4239 51.54 -0.25 -24.27
CA GLU H 4239 52.79 -1.00 -23.98
C GLU H 4239 53.85 -0.49 -24.94
N ASP H 4240 53.47 -0.35 -26.21
CA ASP H 4240 54.47 0.09 -27.22
C ASP H 4240 54.92 1.50 -26.89
N THR H 4241 53.99 2.38 -26.56
CA THR H 4241 54.37 3.79 -26.31
C THR H 4241 55.34 3.79 -25.14
N ILE H 4242 55.05 3.00 -24.11
CA ILE H 4242 55.98 2.88 -22.96
C ILE H 4242 57.35 2.53 -23.52
N PHE H 4243 57.41 1.62 -24.50
CA PHE H 4243 58.73 1.24 -24.99
C PHE H 4243 59.36 2.35 -25.84
N GLU H 4244 58.55 2.97 -26.72
CA GLU H 4244 59.04 4.07 -27.54
C GLU H 4244 59.46 5.26 -26.71
N MET H 4245 58.67 5.59 -25.68
CA MET H 4245 59.03 6.68 -24.78
C MET H 4245 60.35 6.37 -24.06
N GLN H 4246 60.51 5.12 -23.63
CA GLN H 4246 61.75 4.74 -22.93
C GLN H 4246 62.96 4.85 -23.84
N ILE H 4247 62.87 4.35 -25.08
CA ILE H 4247 64.02 4.39 -25.96
C ILE H 4247 64.31 5.83 -26.37
N ALA H 4248 63.27 6.64 -26.56
CA ALA H 4248 63.48 8.05 -26.88
C ALA H 4248 64.17 8.78 -25.72
N ALA H 4249 63.76 8.50 -24.49
CA ALA H 4249 64.41 9.09 -23.33
C ALA H 4249 65.87 8.65 -23.23
N GLN H 4250 66.13 7.37 -23.51
CA GLN H 4250 67.50 6.88 -23.49
C GLN H 4250 68.36 7.57 -24.55
N ILE H 4251 67.79 7.79 -25.74
CA ILE H 4251 68.53 8.43 -26.81
C ILE H 4251 68.55 9.95 -26.67
N SER H 4252 67.67 10.52 -25.85
CA SER H 4252 67.63 11.96 -25.67
C SER H 4252 68.88 12.45 -24.94
N GLU H 4253 69.35 13.64 -25.32
CA GLU H 4253 70.53 14.22 -24.71
C GLU H 4253 70.15 15.02 -23.45
N THR H 4323 60.24 29.49 -73.94
CA THR H 4323 60.77 28.69 -72.85
C THR H 4323 61.69 29.52 -71.96
N ALA H 4324 61.13 30.07 -70.89
CA ALA H 4324 61.88 30.88 -69.94
C ALA H 4324 61.93 30.18 -68.59
N ARG H 4325 63.09 30.24 -67.93
CA ARG H 4325 63.28 29.57 -66.65
C ARG H 4325 62.65 30.30 -65.48
N GLU H 4326 62.26 31.57 -65.65
CA GLU H 4326 61.67 32.31 -64.54
C GLU H 4326 60.34 31.69 -64.10
N ALA H 4327 59.50 31.30 -65.06
CA ALA H 4327 58.24 30.65 -64.72
C ALA H 4327 58.47 29.32 -64.02
N ALA H 4328 59.45 28.55 -64.50
CA ALA H 4328 59.77 27.28 -63.86
C ALA H 4328 60.24 27.49 -62.43
N THR H 4329 61.10 28.48 -62.20
CA THR H 4329 61.55 28.77 -60.85
C THR H 4329 60.40 29.18 -59.95
N ALA H 4330 59.50 30.03 -60.45
CA ALA H 4330 58.36 30.47 -59.65
C ALA H 4330 57.45 29.30 -59.30
N LEU H 4331 57.16 28.43 -60.28
CA LEU H 4331 56.30 27.30 -60.02
C LEU H 4331 56.95 26.32 -59.04
N ALA H 4332 58.25 26.08 -59.18
CA ALA H 4332 58.94 25.18 -58.25
C ALA H 4332 58.95 25.75 -56.85
N ALA H 4333 59.18 27.07 -56.72
CA ALA H 4333 59.16 27.70 -55.40
C ALA H 4333 57.77 27.61 -54.77
N LEU H 4334 56.72 27.85 -55.55
CA LEU H 4334 55.36 27.74 -55.03
C LEU H 4334 55.06 26.31 -54.59
N LEU H 4335 55.47 25.32 -55.40
CA LEU H 4335 55.22 23.93 -55.05
C LEU H 4335 55.96 23.55 -53.78
N TRP H 4336 57.22 23.98 -53.65
CA TRP H 4336 57.98 23.68 -52.43
C TRP H 4336 57.37 24.36 -51.21
N ALA H 4337 56.92 25.61 -51.36
CA ALA H 4337 56.29 26.31 -50.25
C ALA H 4337 55.02 25.62 -49.81
N VAL H 4338 54.19 25.18 -50.76
CA VAL H 4338 52.94 24.53 -50.39
C VAL H 4338 53.20 23.12 -49.82
N VAL H 4339 54.29 22.47 -50.26
CA VAL H 4339 54.63 21.15 -49.73
C VAL H 4339 55.11 21.28 -48.29
N ALA H 4340 55.98 22.26 -48.02
CA ALA H 4340 56.50 22.44 -46.67
C ALA H 4340 55.38 22.80 -45.69
N ARG H 4341 54.46 23.66 -46.10
CA ARG H 4341 53.35 24.07 -45.25
C ARG H 4341 52.28 22.98 -45.20
N TRP H 4541 89.90 3.06 -27.05
CA TRP H 4541 88.74 2.81 -27.91
C TRP H 4541 87.49 3.46 -27.33
N GLY H 4542 87.61 4.00 -26.12
CA GLY H 4542 86.46 4.65 -25.49
C GLY H 4542 86.04 5.91 -26.22
N GLU H 4543 87.02 6.69 -26.70
CA GLU H 4543 86.69 7.93 -27.41
C GLU H 4543 85.90 7.64 -28.68
N LEU H 4544 86.32 6.61 -29.44
CA LEU H 4544 85.58 6.23 -30.63
C LEU H 4544 84.16 5.78 -30.27
N GLU H 4545 84.01 5.04 -29.17
CA GLU H 4545 82.70 4.57 -28.76
C GLU H 4545 81.78 5.72 -28.41
N VAL H 4546 82.27 6.68 -27.62
CA VAL H 4546 81.41 7.80 -27.21
C VAL H 4546 81.10 8.69 -28.40
N GLN H 4547 82.07 8.87 -29.32
CA GLN H 4547 81.80 9.65 -30.52
C GLN H 4547 80.74 8.99 -31.38
N ARG H 4548 80.81 7.67 -31.54
CA ARG H 4548 79.80 6.95 -32.32
C ARG H 4548 78.44 7.04 -31.65
N VAL H 4549 78.40 6.92 -30.32
CA VAL H 4549 77.13 7.02 -29.60
C VAL H 4549 76.52 8.41 -29.80
N LYS H 4550 77.34 9.45 -29.69
CA LYS H 4550 76.85 10.81 -29.88
C LYS H 4550 76.35 11.02 -31.29
N PHE H 4551 77.08 10.52 -32.30
CA PHE H 4551 76.63 10.65 -33.68
C PHE H 4551 75.32 9.92 -33.91
N LEU H 4552 75.18 8.71 -33.36
CA LEU H 4552 73.93 7.96 -33.51
C LEU H 4552 72.76 8.68 -32.84
N ASN H 4553 73.00 9.24 -31.65
CA ASN H 4553 71.94 9.99 -30.97
C ASN H 4553 71.55 11.24 -31.77
N TYR H 4554 72.54 11.93 -32.33
CA TYR H 4554 72.25 13.10 -33.17
C TYR H 4554 71.43 12.71 -34.39
N LEU H 4555 71.76 11.58 -35.01
CA LEU H 4555 71.01 11.11 -36.16
C LEU H 4555 69.58 10.76 -35.77
N SER H 4556 69.41 10.09 -34.62
CA SER H 4556 68.09 9.70 -34.17
C SER H 4556 67.22 10.91 -33.84
N ARG H 4557 67.80 11.92 -33.19
CA ARG H 4557 67.00 13.07 -32.76
C ARG H 4557 66.46 13.86 -33.95
N ASN H 4558 67.27 14.04 -34.99
CA ASN H 4558 66.89 14.85 -36.15
C ASN H 4558 66.52 13.99 -37.35
N PHE H 4559 65.87 12.84 -37.12
CA PHE H 4559 65.53 11.95 -38.23
C PHE H 4559 64.55 12.60 -39.18
N TYR H 4560 63.47 13.19 -38.65
CA TYR H 4560 62.48 13.84 -39.51
C TYR H 4560 63.07 15.08 -40.18
N THR H 4561 63.88 15.85 -39.45
CA THR H 4561 64.50 17.03 -40.03
C THR H 4561 65.44 16.66 -41.17
N LEU H 4562 66.23 15.59 -40.99
CA LEU H 4562 67.15 15.18 -42.04
C LEU H 4562 66.40 14.55 -43.21
N ARG H 4563 65.27 13.90 -42.95
CA ARG H 4563 64.44 13.40 -44.05
C ARG H 4563 63.86 14.56 -44.86
N PHE H 4564 63.42 15.62 -44.18
CA PHE H 4564 62.95 16.82 -44.88
C PHE H 4564 64.08 17.45 -45.69
N LEU H 4565 65.29 17.46 -45.12
CA LEU H 4565 66.45 17.97 -45.86
C LEU H 4565 66.72 17.12 -47.10
N ALA H 4566 66.59 15.81 -46.98
CA ALA H 4566 66.77 14.92 -48.13
C ALA H 4566 65.72 15.20 -49.20
N LEU H 4567 64.47 15.43 -48.79
CA LEU H 4567 63.44 15.77 -49.75
C LEU H 4567 63.75 17.08 -50.45
N PHE H 4568 64.24 18.08 -49.69
CA PHE H 4568 64.62 19.35 -50.30
C PHE H 4568 65.77 19.17 -51.29
N LEU H 4569 66.74 18.33 -50.93
CA LEU H 4569 67.85 18.05 -51.85
C LEU H 4569 67.37 17.37 -53.11
N ALA H 4570 66.43 16.44 -52.97
CA ALA H 4570 65.86 15.76 -54.15
C ALA H 4570 65.14 16.76 -55.05
N PHE H 4571 64.35 17.65 -54.46
CA PHE H 4571 63.71 18.70 -55.24
C PHE H 4571 64.73 19.57 -55.95
N ALA H 4572 65.80 19.95 -55.24
CA ALA H 4572 66.82 20.82 -55.85
C ALA H 4572 67.50 20.15 -57.03
N ILE H 4573 67.88 18.87 -56.88
CA ILE H 4573 68.58 18.20 -57.98
C ILE H 4573 67.63 17.93 -59.14
N ASN H 4574 66.37 17.59 -58.83
CA ASN H 4574 65.40 17.39 -59.91
C ASN H 4574 65.16 18.67 -60.68
N PHE H 4575 65.08 19.81 -59.99
CA PHE H 4575 64.94 21.09 -60.68
C PHE H 4575 66.19 21.41 -61.49
N ILE H 4576 67.37 21.09 -60.96
CA ILE H 4576 68.60 21.31 -61.71
C ILE H 4576 68.62 20.45 -62.97
N LEU H 4577 68.21 19.18 -62.85
CA LEU H 4577 68.16 18.30 -64.01
C LEU H 4577 67.09 18.72 -65.00
N LEU H 4578 66.12 19.56 -64.59
CA LEU H 4578 65.08 20.00 -65.50
C LEU H 4578 65.60 20.91 -66.59
N PHE H 4579 66.84 21.40 -66.45
CA PHE H 4579 67.47 22.25 -67.47
C PHE H 4579 68.44 21.47 -68.36
N TYR H 4580 68.13 20.20 -68.62
CA TYR H 4580 69.00 19.34 -69.40
C TYR H 4580 68.70 19.47 -70.89
N LYS H 4581 69.69 19.10 -71.71
CA LYS H 4581 69.55 19.12 -73.15
C LYS H 4581 70.45 18.05 -73.75
N VAL H 4582 70.13 17.66 -74.99
CA VAL H 4582 70.92 16.68 -75.73
C VAL H 4582 71.26 17.29 -77.09
N SER H 4583 72.36 16.80 -77.68
CA SER H 4583 72.79 17.27 -78.99
C SER H 4583 73.64 16.18 -79.64
N ASP H 4584 73.76 16.29 -80.97
CA ASP H 4584 74.56 15.32 -81.71
C ASP H 4584 76.06 15.53 -81.51
N SER H 4585 76.49 16.78 -81.34
CA SER H 4585 77.91 17.08 -81.20
C SER H 4585 78.20 17.66 -79.82
N PRO H 4586 79.39 17.41 -79.27
CA PRO H 4586 79.74 17.99 -77.98
C PRO H 4586 79.87 19.50 -78.08
N PRO H 4587 79.63 20.23 -76.99
CA PRO H 4587 79.76 21.69 -76.95
C PRO H 4587 81.14 22.18 -77.37
N ASN H 4626 77.37 9.96 -81.61
CA ASN H 4626 76.04 9.55 -81.19
C ASN H 4626 75.28 10.71 -80.55
N MET H 4627 74.83 10.52 -79.31
CA MET H 4627 74.10 11.53 -78.56
C MET H 4627 74.94 11.98 -77.39
N VAL H 4628 75.07 13.30 -77.23
CA VAL H 4628 75.86 13.89 -76.16
C VAL H 4628 74.89 14.48 -75.14
N TYR H 4629 74.88 13.92 -73.93
CA TYR H 4629 74.04 14.42 -72.85
C TYR H 4629 74.82 15.49 -72.08
N TYR H 4630 74.93 16.66 -72.72
CA TYR H 4630 75.65 17.78 -72.14
C TYR H 4630 74.68 18.70 -71.41
N PHE H 4631 75.15 19.31 -70.33
CA PHE H 4631 74.34 20.21 -69.54
C PHE H 4631 74.78 21.65 -69.81
N LEU H 4632 73.83 22.50 -70.17
CA LEU H 4632 74.09 23.90 -70.45
C LEU H 4632 73.65 24.75 -69.28
N GLU H 4633 74.32 25.90 -69.12
CA GLU H 4633 74.03 26.82 -68.01
C GLU H 4633 74.28 28.24 -68.51
N GLU H 4634 73.20 28.91 -68.91
CA GLU H 4634 73.31 30.26 -69.44
C GLU H 4634 73.02 31.32 -68.38
N SER H 4635 72.02 31.09 -67.53
CA SER H 4635 71.63 32.11 -66.56
C SER H 4635 72.70 32.30 -65.49
N THR H 4636 73.18 31.20 -64.91
CA THR H 4636 74.13 31.25 -63.80
C THR H 4636 75.49 30.67 -64.16
N GLY H 4637 75.52 29.46 -64.71
CA GLY H 4637 76.77 28.80 -65.04
C GLY H 4637 77.38 27.97 -63.93
N TYR H 4638 76.70 27.85 -62.78
CA TYR H 4638 77.26 27.18 -61.61
C TYR H 4638 76.47 25.96 -61.16
N MET H 4639 75.28 25.73 -61.72
CA MET H 4639 74.49 24.59 -61.26
C MET H 4639 75.04 23.27 -61.78
N GLU H 4640 75.71 23.29 -62.94
CA GLU H 4640 76.38 22.07 -63.41
C GLU H 4640 77.46 21.60 -62.46
N PRO H 4641 78.41 22.43 -62.01
CA PRO H 4641 79.32 21.99 -60.95
C PRO H 4641 78.61 21.64 -59.66
N ALA H 4642 77.50 22.32 -59.35
CA ALA H 4642 76.78 22.07 -58.11
C ALA H 4642 75.99 20.78 -58.13
N LEU H 4643 75.76 20.19 -59.31
CA LEU H 4643 75.01 18.94 -59.39
C LEU H 4643 75.74 17.81 -58.69
N TRP H 4644 77.06 17.73 -58.87
CA TRP H 4644 77.85 16.69 -58.20
C TRP H 4644 77.79 16.84 -56.69
N CYS H 4645 77.91 18.07 -56.19
CA CYS H 4645 77.81 18.32 -54.75
C CYS H 4645 76.43 17.98 -54.23
N LEU H 4646 75.39 18.33 -54.99
CA LEU H 4646 74.02 18.00 -54.59
C LEU H 4646 73.82 16.49 -54.52
N SER H 4647 74.35 15.76 -55.50
CA SER H 4647 74.23 14.29 -55.48
C SER H 4647 74.96 13.70 -54.28
N LEU H 4648 76.18 14.19 -54.00
CA LEU H 4648 76.92 13.70 -52.85
C LEU H 4648 76.18 14.00 -51.55
N LEU H 4649 75.63 15.20 -51.42
CA LEU H 4649 74.89 15.55 -50.22
C LEU H 4649 73.64 14.69 -50.07
N HIS H 4650 72.93 14.44 -51.17
CA HIS H 4650 71.74 13.59 -51.11
C HIS H 4650 72.10 12.18 -50.69
N THR H 4651 73.16 11.61 -51.27
CA THR H 4651 73.58 10.26 -50.88
C THR H 4651 73.98 10.21 -49.41
N LEU H 4652 74.73 11.21 -48.96
CA LEU H 4652 75.13 11.24 -47.55
C LEU H 4652 73.91 11.32 -46.64
N VAL H 4653 72.98 12.23 -46.92
CA VAL H 4653 71.81 12.41 -46.07
C VAL H 4653 70.96 11.14 -46.08
N ALA H 4654 70.89 10.45 -47.22
CA ALA H 4654 70.20 9.16 -47.25
C ALA H 4654 70.90 8.13 -46.38
N PHE H 4655 72.24 8.17 -46.34
CA PHE H 4655 72.96 7.23 -45.47
C PHE H 4655 72.68 7.51 -44.00
N LEU H 4656 72.74 8.78 -43.58
CA LEU H 4656 72.34 9.10 -42.22
C LEU H 4656 70.87 8.77 -41.97
N CYS H 4657 70.03 8.84 -43.01
CA CYS H 4657 68.63 8.46 -42.86
C CYS H 4657 68.49 6.97 -42.54
N ILE H 4658 69.18 6.12 -43.29
CA ILE H 4658 69.09 4.69 -43.04
C ILE H 4658 69.71 4.34 -41.69
N ILE H 4659 70.78 5.05 -41.31
CA ILE H 4659 71.40 4.80 -40.00
C ILE H 4659 70.44 5.19 -38.88
N GLY H 4660 69.78 6.34 -39.01
CA GLY H 4660 68.84 6.76 -38.00
C GLY H 4660 67.63 5.83 -37.91
N TYR H 4661 67.17 5.33 -39.06
CA TYR H 4661 66.10 4.34 -39.04
C TYR H 4661 66.56 3.05 -38.36
N ASN H 4662 67.80 2.65 -38.60
CA ASN H 4662 68.32 1.43 -37.97
C ASN H 4662 68.43 1.62 -36.46
N CYS H 4663 68.75 2.82 -36.00
CA CYS H 4663 68.93 3.07 -34.58
C CYS H 4663 67.67 3.55 -33.88
N LEU H 4664 66.58 3.84 -34.61
CA LEU H 4664 65.39 4.41 -34.02
C LEU H 4664 64.18 3.48 -34.11
N LYS H 4665 63.80 3.03 -35.30
CA LYS H 4665 62.56 2.29 -35.49
C LYS H 4665 62.71 0.78 -35.33
N VAL H 4666 63.91 0.24 -35.56
CA VAL H 4666 64.13 -1.19 -35.34
C VAL H 4666 63.82 -1.61 -33.90
N PRO H 4667 64.17 -0.83 -32.86
CA PRO H 4667 63.70 -1.21 -31.52
C PRO H 4667 62.19 -1.35 -31.43
N LEU H 4668 61.43 -0.48 -32.11
CA LEU H 4668 59.98 -0.55 -32.04
C LEU H 4668 59.44 -1.82 -32.68
N VAL H 4669 59.89 -2.14 -33.90
CA VAL H 4669 59.40 -3.33 -34.57
C VAL H 4669 59.89 -4.59 -33.87
N ILE H 4670 61.11 -4.56 -33.32
CA ILE H 4670 61.61 -5.71 -32.56
C ILE H 4670 60.77 -5.95 -31.32
N PHE H 4671 60.42 -4.87 -30.61
CA PHE H 4671 59.54 -5.00 -29.46
C PHE H 4671 58.17 -5.51 -29.87
N LYS H 4672 57.65 -5.04 -31.00
CA LYS H 4672 56.38 -5.54 -31.51
C LYS H 4672 56.43 -7.05 -31.74
N ARG H 4673 57.48 -7.50 -32.42
CA ARG H 4673 57.62 -8.93 -32.71
C ARG H 4673 57.78 -9.75 -31.45
N GLU H 4674 58.60 -9.27 -30.49
CA GLU H 4674 58.80 -10.00 -29.25
C GLU H 4674 57.51 -10.08 -28.44
N LYS H 4675 56.77 -8.97 -28.37
CA LYS H 4675 55.50 -8.97 -27.65
C LYS H 4675 54.50 -9.91 -28.30
N GLU H 4676 54.42 -9.90 -29.63
CA GLU H 4676 53.50 -10.80 -30.33
C GLU H 4676 53.88 -12.26 -30.11
N LEU H 4677 55.18 -12.57 -30.17
CA LEU H 4677 55.64 -13.93 -29.93
C LEU H 4677 55.30 -14.38 -28.51
N ALA H 4678 55.53 -13.51 -27.53
CA ALA H 4678 55.16 -13.85 -26.15
C ALA H 4678 53.65 -14.05 -26.03
N ARG H 4679 52.86 -13.21 -26.69
CA ARG H 4679 51.41 -13.28 -26.57
C ARG H 4679 50.87 -14.59 -27.12
N LYS H 4680 51.32 -15.03 -28.29
CA LYS H 4680 50.81 -16.31 -28.76
C LYS H 4680 51.71 -17.49 -28.41
N LEU H 4681 52.72 -17.32 -27.58
CA LEU H 4681 53.49 -18.44 -27.04
C LEU H 4681 53.07 -18.80 -25.62
N GLU H 4682 52.90 -17.80 -24.75
CA GLU H 4682 52.49 -18.09 -23.39
C GLU H 4682 51.08 -18.67 -23.33
N PHE H 4683 50.19 -18.20 -24.19
CA PHE H 4683 48.79 -18.59 -24.16
C PHE H 4683 48.36 -19.41 -25.36
N ASP H 4684 49.25 -19.64 -26.34
CA ASP H 4684 48.93 -20.44 -27.51
C ASP H 4684 50.12 -21.31 -27.88
N GLY H 4685 49.82 -22.47 -28.46
CA GLY H 4685 50.85 -23.43 -28.85
C GLY H 4685 51.30 -23.41 -30.30
N LEU H 4686 51.94 -22.33 -30.76
CA LEU H 4686 52.49 -22.37 -32.12
C LEU H 4686 53.67 -23.33 -32.21
N TYR H 4687 54.37 -23.53 -31.10
CA TYR H 4687 55.56 -24.38 -31.09
C TYR H 4687 55.58 -25.38 -29.94
N ILE H 4688 54.53 -25.42 -29.12
CA ILE H 4688 54.47 -26.31 -27.97
C ILE H 4688 53.40 -27.37 -28.20
N THR H 4689 52.16 -26.92 -28.43
CA THR H 4689 51.04 -27.84 -28.56
C THR H 4689 50.72 -28.19 -30.01
N GLU H 4690 51.03 -27.31 -30.95
CA GLU H 4690 50.72 -27.54 -32.36
C GLU H 4690 51.78 -26.89 -33.21
N GLN H 4691 51.76 -27.22 -34.51
CA GLN H 4691 52.68 -26.62 -35.46
C GLN H 4691 52.22 -25.21 -35.82
N PRO H 4692 53.15 -24.35 -36.26
CA PRO H 4692 52.74 -22.99 -36.66
C PRO H 4692 51.74 -22.97 -37.80
N GLY H 4693 51.83 -23.92 -38.73
CA GLY H 4693 50.93 -24.00 -39.86
C GLY H 4693 51.66 -23.75 -41.18
N ASP H 4694 50.88 -23.89 -42.25
CA ASP H 4694 51.42 -23.70 -43.59
C ASP H 4694 51.78 -22.24 -43.83
N ASP H 4695 52.77 -22.03 -44.70
CA ASP H 4695 53.27 -20.69 -45.06
C ASP H 4695 53.76 -20.02 -43.77
N ASP H 4696 53.45 -18.73 -43.56
CA ASP H 4696 53.83 -17.99 -42.36
C ASP H 4696 55.35 -18.02 -42.16
N VAL H 4697 56.06 -17.38 -43.10
CA VAL H 4697 57.51 -17.31 -43.02
C VAL H 4697 57.93 -16.56 -41.75
N LYS H 4698 57.11 -15.63 -41.28
CA LYS H 4698 57.38 -14.98 -40.00
C LYS H 4698 57.36 -15.99 -38.87
N GLY H 4699 56.42 -16.94 -38.91
CA GLY H 4699 56.40 -17.99 -37.91
C GLY H 4699 57.66 -18.84 -37.93
N GLN H 4700 58.17 -19.14 -39.13
CA GLN H 4700 59.42 -19.88 -39.24
C GLN H 4700 60.58 -19.07 -38.68
N TRP H 4701 60.59 -17.75 -38.93
CA TRP H 4701 61.65 -16.90 -38.40
C TRP H 4701 61.62 -16.87 -36.88
N ASP H 4702 60.44 -16.76 -36.28
CA ASP H 4702 60.33 -16.83 -34.83
C ASP H 4702 60.73 -18.21 -34.30
N ARG H 4703 60.38 -19.28 -35.02
CA ARG H 4703 60.82 -20.61 -34.61
C ARG H 4703 62.35 -20.70 -34.61
N LEU H 4704 62.98 -20.12 -35.62
CA LEU H 4704 64.45 -20.09 -35.66
C LEU H 4704 65.01 -19.31 -34.48
N VAL H 4705 64.38 -18.18 -34.14
CA VAL H 4705 64.89 -17.34 -33.04
C VAL H 4705 64.51 -17.88 -31.67
N LEU H 4706 63.66 -18.90 -31.59
CA LEU H 4706 63.28 -19.44 -30.27
C LEU H 4706 64.50 -19.92 -29.51
N ASN H 4707 65.38 -20.68 -30.17
CA ASN H 4707 66.53 -21.27 -29.49
C ASN H 4707 67.56 -20.24 -29.05
N THR H 4708 67.45 -18.99 -29.51
CA THR H 4708 68.40 -17.97 -29.09
C THR H 4708 68.21 -17.66 -27.61
N PRO H 4709 69.27 -17.73 -26.80
CA PRO H 4709 69.11 -17.43 -25.36
C PRO H 4709 68.60 -16.02 -25.09
N SER H 4710 69.01 -15.04 -25.89
CA SER H 4710 68.59 -13.65 -25.71
C SER H 4710 67.34 -13.33 -26.53
N PHE H 4711 66.30 -14.15 -26.37
CA PHE H 4711 65.04 -13.88 -27.06
C PHE H 4711 64.40 -12.57 -26.64
N PRO H 4712 64.24 -12.25 -25.34
CA PRO H 4712 63.63 -10.96 -24.97
C PRO H 4712 64.68 -9.86 -24.82
N SER H 4713 65.38 -9.56 -25.93
CA SER H 4713 66.38 -8.50 -25.90
C SER H 4713 65.75 -7.14 -25.64
N ASN H 4714 64.60 -6.87 -26.25
CA ASN H 4714 63.89 -5.62 -26.06
C ASN H 4714 62.65 -5.74 -25.17
N TYR H 4715 62.11 -6.95 -25.02
CA TYR H 4715 60.95 -7.14 -24.16
C TYR H 4715 61.33 -6.93 -22.70
N TRP H 4716 60.43 -6.29 -21.95
CA TRP H 4716 60.71 -5.97 -20.55
C TRP H 4716 60.88 -7.23 -19.71
N ASP H 4717 59.98 -8.19 -19.89
CA ASP H 4717 60.01 -9.43 -19.10
C ASP H 4717 60.99 -10.40 -19.74
N LYS H 4718 62.10 -10.66 -19.07
CA LYS H 4718 63.10 -11.60 -19.55
C LYS H 4718 62.93 -13.00 -18.96
N PHE H 4719 61.89 -13.22 -18.16
CA PHE H 4719 61.65 -14.50 -17.51
C PHE H 4719 60.40 -15.20 -18.01
N VAL H 4720 59.94 -14.86 -19.22
CA VAL H 4720 58.77 -15.51 -19.79
C VAL H 4720 59.05 -16.97 -20.12
N LYS H 4721 60.31 -17.34 -20.33
CA LYS H 4721 60.65 -18.74 -20.60
C LYS H 4721 60.30 -19.62 -19.41
N ARG H 4722 60.63 -19.18 -18.19
CA ARG H 4722 60.26 -19.94 -17.01
C ARG H 4722 58.75 -20.01 -16.83
N LYS H 4723 58.05 -18.93 -17.21
CA LYS H 4723 56.60 -18.92 -17.12
C LYS H 4723 55.98 -19.96 -18.04
N VAL H 4724 56.42 -19.99 -19.30
CA VAL H 4724 55.88 -20.99 -20.22
C VAL H 4724 56.33 -22.39 -19.81
N LEU H 4725 57.51 -22.52 -19.21
CA LEU H 4725 57.91 -23.79 -18.62
C LEU H 4725 56.88 -24.27 -17.62
N ASP H 4726 56.70 -23.51 -16.54
CA ASP H 4726 55.75 -23.90 -15.49
C ASP H 4726 54.33 -24.01 -16.03
N LYS H 4727 54.03 -23.38 -17.16
CA LYS H 4727 52.70 -23.49 -17.74
C LYS H 4727 52.49 -24.84 -18.42
N HIS H 4728 53.33 -25.16 -19.41
CA HIS H 4728 53.09 -26.35 -20.23
C HIS H 4728 54.32 -27.23 -20.46
N GLY H 4729 55.53 -26.75 -20.23
CA GLY H 4729 56.70 -27.53 -20.58
C GLY H 4729 56.84 -28.79 -19.73
N ASP H 4730 56.51 -28.69 -18.45
CA ASP H 4730 56.59 -29.87 -17.58
C ASP H 4730 55.66 -30.98 -18.06
N ILE H 4731 54.45 -30.61 -18.48
CA ILE H 4731 53.53 -31.60 -19.05
C ILE H 4731 54.06 -32.11 -20.38
N PHE H 4732 54.67 -31.24 -21.18
CA PHE H 4732 55.17 -31.61 -22.50
C PHE H 4732 56.61 -32.12 -22.46
N GLY H 4733 57.23 -32.20 -21.29
CA GLY H 4733 58.59 -32.67 -21.18
C GLY H 4733 59.58 -31.54 -20.97
N ARG H 4734 60.23 -31.53 -19.80
CA ARG H 4734 61.16 -30.45 -19.48
C ARG H 4734 62.36 -30.46 -20.43
N GLU H 4735 62.91 -31.64 -20.71
CA GLU H 4735 64.06 -31.72 -21.61
C GLU H 4735 63.69 -31.26 -23.03
N ARG H 4736 62.53 -31.69 -23.52
CA ARG H 4736 62.10 -31.28 -24.85
C ARG H 4736 61.88 -29.77 -24.93
N ILE H 4737 61.25 -29.18 -23.91
CA ILE H 4737 61.02 -27.75 -23.90
C ILE H 4737 62.34 -26.99 -23.85
N ALA H 4738 63.27 -27.45 -23.01
CA ALA H 4738 64.57 -26.80 -22.92
C ALA H 4738 65.33 -26.88 -24.24
N GLU H 4739 65.28 -28.04 -24.90
CA GLU H 4739 65.94 -28.17 -26.19
C GLU H 4739 65.30 -27.28 -27.24
N LEU H 4740 63.97 -27.19 -27.24
CA LEU H 4740 63.27 -26.40 -28.25
C LEU H 4740 63.52 -24.91 -28.07
N LEU H 4741 63.38 -24.40 -26.85
CA LEU H 4741 63.49 -22.97 -26.62
C LEU H 4741 64.93 -22.54 -26.32
N GLY H 4742 65.84 -23.48 -26.10
CA GLY H 4742 67.24 -23.16 -25.94
C GLY H 4742 67.74 -23.05 -24.51
N MET H 4743 66.96 -23.47 -23.53
CA MET H 4743 67.42 -23.44 -22.15
C MET H 4743 68.54 -24.44 -21.90
N ASP H 4744 69.37 -24.14 -20.91
CA ASP H 4744 70.42 -25.04 -20.46
C ASP H 4744 69.80 -26.08 -19.53
N LEU H 4745 70.66 -26.82 -18.83
CA LEU H 4745 70.19 -27.83 -17.89
C LEU H 4745 69.44 -27.19 -16.73
N ALA H 4746 68.52 -27.97 -16.14
CA ALA H 4746 67.75 -27.47 -15.02
C ALA H 4746 68.62 -27.14 -13.82
N SER H 4747 69.81 -27.76 -13.73
CA SER H 4747 70.74 -27.43 -12.66
C SER H 4747 71.20 -25.98 -12.77
N LEU H 4748 71.45 -25.50 -13.99
CA LEU H 4748 71.84 -24.11 -14.18
C LEU H 4748 70.72 -23.16 -13.75
N GLU H 4749 69.47 -23.48 -14.09
CA GLU H 4749 68.35 -22.64 -13.67
C GLU H 4749 68.21 -22.64 -12.15
N ILE H 4750 68.39 -23.81 -11.52
CA ILE H 4750 68.30 -23.88 -10.06
C ILE H 4750 69.40 -23.05 -9.42
N THR H 4751 70.62 -23.14 -9.96
CA THR H 4751 71.73 -22.35 -9.43
C THR H 4751 71.47 -20.85 -9.60
N ALA H 4752 70.91 -20.46 -10.74
CA ALA H 4752 70.54 -19.06 -10.94
C ALA H 4752 69.49 -18.62 -9.92
N HIS H 4753 68.50 -19.47 -9.65
CA HIS H 4753 67.52 -19.17 -8.60
C HIS H 4753 68.13 -19.29 -7.21
N ASN H 4754 69.22 -20.05 -7.06
CA ASN H 4754 69.88 -20.23 -5.77
C ASN H 4754 71.21 -19.48 -5.72
N GLU H 4755 71.24 -18.27 -6.31
CA GLU H 4755 72.47 -17.48 -6.31
C GLU H 4755 72.87 -17.09 -4.90
N ARG H 4756 71.91 -16.71 -4.07
CA ARG H 4756 72.15 -16.31 -2.68
C ARG H 4756 73.19 -15.20 -2.57
N THR H 4766 84.43 -7.40 -25.22
CA THR H 4766 84.34 -6.86 -26.58
C THR H 4766 83.11 -7.41 -27.30
N TRP H 4767 82.85 -6.88 -28.50
CA TRP H 4767 81.71 -7.35 -29.28
C TRP H 4767 81.88 -8.81 -29.67
N LEU H 4768 83.08 -9.22 -30.06
CA LEU H 4768 83.31 -10.60 -30.44
C LEU H 4768 83.21 -11.55 -29.25
N MET H 4769 83.59 -11.09 -28.05
CA MET H 4769 83.51 -11.94 -26.88
C MET H 4769 82.08 -12.33 -26.57
N SER H 4770 81.15 -11.39 -26.66
CA SER H 4770 79.72 -11.62 -26.43
C SER H 4770 78.97 -11.25 -27.70
N ILE H 4771 78.85 -12.21 -28.61
CA ILE H 4771 78.19 -12.01 -29.89
C ILE H 4771 77.15 -13.11 -30.08
N ASP H 4772 75.93 -12.72 -30.42
CA ASP H 4772 74.85 -13.65 -30.72
C ASP H 4772 74.55 -13.55 -32.21
N VAL H 4773 75.25 -14.36 -33.00
CA VAL H 4773 75.11 -14.28 -34.46
C VAL H 4773 73.72 -14.71 -34.89
N LYS H 4774 73.11 -15.69 -34.20
CA LYS H 4774 71.77 -16.13 -34.57
C LYS H 4774 70.75 -15.01 -34.39
N TYR H 4775 70.82 -14.30 -33.28
CA TYR H 4775 69.94 -13.15 -33.08
C TYR H 4775 70.24 -12.05 -34.10
N GLN H 4776 71.51 -11.92 -34.51
CA GLN H 4776 71.86 -10.93 -35.52
C GLN H 4776 71.20 -11.24 -36.86
N ILE H 4777 71.25 -12.50 -37.29
CA ILE H 4777 70.62 -12.87 -38.56
C ILE H 4777 69.11 -12.78 -38.44
N TRP H 4778 68.56 -13.07 -37.25
CA TRP H 4778 67.12 -12.89 -37.04
C TRP H 4778 66.72 -11.42 -37.19
N LYS H 4779 67.50 -10.52 -36.58
CA LYS H 4779 67.20 -9.09 -36.70
C LYS H 4779 67.35 -8.62 -38.14
N PHE H 4780 68.36 -9.15 -38.85
CA PHE H 4780 68.54 -8.80 -40.25
C PHE H 4780 67.34 -9.25 -41.08
N GLY H 4781 66.83 -10.46 -40.81
CA GLY H 4781 65.62 -10.91 -41.49
C GLY H 4781 64.42 -10.06 -41.15
N VAL H 4782 64.32 -9.60 -39.91
CA VAL H 4782 63.20 -8.75 -39.50
C VAL H 4782 63.23 -7.43 -40.25
N ILE H 4783 64.40 -6.79 -40.34
CA ILE H 4783 64.46 -5.51 -41.05
C ILE H 4783 64.26 -5.72 -42.55
N PHE H 4784 64.80 -6.82 -43.10
CA PHE H 4784 64.71 -7.05 -44.53
C PHE H 4784 63.25 -7.23 -44.98
N THR H 4785 62.40 -7.75 -44.11
CA THR H 4785 60.99 -7.91 -44.44
C THR H 4785 60.13 -6.73 -44.01
N ASP H 4786 60.74 -5.71 -43.41
CA ASP H 4786 59.99 -4.52 -43.00
C ASP H 4786 59.75 -3.61 -44.20
N ASN H 4787 58.53 -3.06 -44.28
CA ASN H 4787 58.16 -2.24 -45.43
C ASN H 4787 58.96 -0.94 -45.48
N SER H 4788 59.12 -0.27 -44.33
CA SER H 4788 59.87 0.98 -44.32
C SER H 4788 61.35 0.76 -44.61
N PHE H 4789 61.93 -0.31 -44.04
CA PHE H 4789 63.31 -0.64 -44.33
C PHE H 4789 63.50 -1.01 -45.79
N LEU H 4790 62.54 -1.73 -46.38
CA LEU H 4790 62.61 -2.04 -47.81
C LEU H 4790 62.53 -0.77 -48.64
N TYR H 4791 61.66 0.17 -48.26
CA TYR H 4791 61.56 1.43 -48.98
C TYR H 4791 62.87 2.22 -48.89
N LEU H 4792 63.50 2.23 -47.71
CA LEU H 4792 64.77 2.93 -47.57
C LEU H 4792 65.89 2.24 -48.34
N GLY H 4793 65.86 0.91 -48.41
CA GLY H 4793 66.82 0.21 -49.25
C GLY H 4793 66.64 0.53 -50.72
N TRP H 4794 65.38 0.61 -51.16
CA TRP H 4794 65.11 1.04 -52.54
C TRP H 4794 65.60 2.46 -52.77
N TYR H 4795 65.45 3.32 -51.77
CA TYR H 4795 65.98 4.68 -51.86
C TYR H 4795 67.50 4.66 -52.00
N MET H 4796 68.17 3.78 -51.25
CA MET H 4796 69.61 3.63 -51.37
C MET H 4796 70.02 3.19 -52.76
N VAL H 4797 69.31 2.20 -53.32
CA VAL H 4797 69.62 1.73 -54.67
C VAL H 4797 69.37 2.83 -55.70
N MET H 4798 68.30 3.59 -55.52
CA MET H 4798 68.02 4.71 -56.42
C MET H 4798 69.13 5.76 -56.35
N SER H 4799 69.63 6.04 -55.15
CA SER H 4799 70.72 6.99 -55.01
C SER H 4799 72.00 6.49 -55.69
N LEU H 4800 72.30 5.19 -55.51
CA LEU H 4800 73.48 4.63 -56.16
C LEU H 4800 73.36 4.68 -57.68
N LEU H 4801 72.16 4.37 -58.20
CA LEU H 4801 71.96 4.43 -59.65
C LEU H 4801 71.99 5.86 -60.16
N GLY H 4802 71.51 6.83 -59.35
CA GLY H 4802 71.64 8.22 -59.72
C GLY H 4802 73.10 8.66 -59.79
N HIS H 4803 73.93 8.14 -58.88
CA HIS H 4803 75.36 8.33 -59.01
C HIS H 4803 75.87 7.70 -60.30
N TYR H 4804 75.37 6.52 -60.65
CA TYR H 4804 75.75 5.89 -61.92
C TYR H 4804 75.22 6.71 -63.10
N ASN H 4805 73.99 7.18 -63.03
CA ASN H 4805 73.40 7.97 -64.10
C ASN H 4805 72.41 8.96 -63.49
N ASN H 4806 72.61 10.25 -63.77
CA ASN H 4806 71.84 11.30 -63.10
C ASN H 4806 70.35 11.19 -63.35
N PHE H 4807 69.93 10.55 -64.46
CA PHE H 4807 68.51 10.44 -64.76
C PHE H 4807 67.78 9.54 -63.77
N PHE H 4808 68.50 8.70 -63.03
CA PHE H 4808 67.86 7.83 -62.03
C PHE H 4808 67.35 8.61 -60.83
N PHE H 4809 67.80 9.86 -60.64
CA PHE H 4809 67.40 10.63 -59.48
C PHE H 4809 65.94 11.06 -59.53
N ALA H 4810 65.27 10.92 -60.68
CA ALA H 4810 63.86 11.28 -60.77
C ALA H 4810 62.97 10.36 -59.93
N ALA H 4811 63.43 9.14 -59.63
CA ALA H 4811 62.64 8.21 -58.84
C ALA H 4811 62.50 8.66 -57.39
N HIS H 4812 63.37 9.55 -56.93
CA HIS H 4812 63.32 10.02 -55.54
C HIS H 4812 62.14 10.93 -55.27
N LEU H 4813 61.41 11.36 -56.30
CA LEU H 4813 60.25 12.21 -56.11
C LEU H 4813 59.08 11.49 -55.44
N LEU H 4814 59.14 10.17 -55.34
CA LEU H 4814 58.07 9.41 -54.68
C LEU H 4814 57.98 9.69 -53.19
N ASP H 4815 59.02 10.30 -52.60
CA ASP H 4815 58.99 10.59 -51.17
C ASP H 4815 57.90 11.61 -50.84
N ILE H 4816 57.59 12.51 -51.78
CA ILE H 4816 56.48 13.45 -51.56
C ILE H 4816 55.17 12.69 -51.45
N ALA H 4817 54.97 11.69 -52.31
CA ALA H 4817 53.74 10.91 -52.27
C ALA H 4817 53.60 10.16 -50.95
N MET H 4818 54.71 9.62 -50.44
CA MET H 4818 54.69 9.00 -49.12
C MET H 4818 54.34 10.02 -48.03
N GLY H 4819 54.96 11.20 -48.09
CA GLY H 4819 54.77 12.17 -47.02
C GLY H 4819 53.38 12.77 -46.99
N VAL H 4820 52.84 13.14 -48.15
CA VAL H 4820 51.55 13.81 -48.20
C VAL H 4820 50.44 12.80 -47.93
N LYS H 4821 49.53 13.17 -47.03
CA LYS H 4821 48.43 12.26 -46.67
C LYS H 4821 47.53 11.99 -47.87
N THR H 4822 47.20 13.03 -48.65
CA THR H 4822 46.31 12.85 -49.78
C THR H 4822 46.93 11.97 -50.85
N LEU H 4823 48.22 12.18 -51.17
CA LEU H 4823 48.89 11.37 -52.17
C LEU H 4823 49.02 9.92 -51.71
N ARG H 4824 49.33 9.72 -50.42
CA ARG H 4824 49.40 8.36 -49.89
C ARG H 4824 48.03 7.69 -49.96
N THR H 4825 46.96 8.43 -49.67
CA THR H 4825 45.62 7.88 -49.78
C THR H 4825 45.30 7.51 -51.22
N ILE H 4826 45.71 8.35 -52.17
CA ILE H 4826 45.47 8.04 -53.59
C ILE H 4826 46.20 6.77 -53.99
N LEU H 4827 47.47 6.64 -53.59
CA LEU H 4827 48.23 5.46 -53.96
C LEU H 4827 47.66 4.20 -53.30
N SER H 4828 47.21 4.31 -52.04
CA SER H 4828 46.58 3.18 -51.38
C SER H 4828 45.28 2.80 -52.08
N SER H 4829 44.49 3.79 -52.50
CA SER H 4829 43.26 3.51 -53.23
C SER H 4829 43.53 2.89 -54.59
N VAL H 4830 44.70 3.18 -55.17
CA VAL H 4830 45.04 2.59 -56.47
C VAL H 4830 45.03 1.07 -56.39
N THR H 4831 45.62 0.51 -55.34
CA THR H 4831 45.65 -0.93 -55.13
C THR H 4831 44.58 -1.43 -54.17
N HIS H 4832 43.71 -0.54 -53.68
CA HIS H 4832 42.66 -0.97 -52.77
C HIS H 4832 41.68 -1.91 -53.46
N ASN H 4833 41.33 -1.61 -54.71
CA ASN H 4833 40.45 -2.44 -55.52
C ASN H 4833 41.23 -3.14 -56.62
N GLY H 4834 42.44 -3.60 -56.29
CA GLY H 4834 43.31 -4.17 -57.30
C GLY H 4834 42.73 -5.40 -57.97
N LYS H 4835 42.10 -6.28 -57.20
CA LYS H 4835 41.54 -7.50 -57.77
C LYS H 4835 40.42 -7.19 -58.76
N GLN H 4836 39.47 -6.34 -58.35
CA GLN H 4836 38.36 -5.98 -59.22
C GLN H 4836 38.85 -5.23 -60.45
N LEU H 4837 39.80 -4.31 -60.26
CA LEU H 4837 40.35 -3.57 -61.40
C LEU H 4837 41.05 -4.50 -62.38
N VAL H 4838 41.83 -5.47 -61.88
CA VAL H 4838 42.52 -6.40 -62.74
C VAL H 4838 41.53 -7.28 -63.50
N MET H 4839 40.47 -7.74 -62.82
CA MET H 4839 39.49 -8.58 -63.51
C MET H 4839 38.71 -7.78 -64.54
N THR H 4840 38.42 -6.51 -64.26
CA THR H 4840 37.77 -5.66 -65.25
C THR H 4840 38.68 -5.43 -66.46
N VAL H 4841 39.98 -5.25 -66.22
CA VAL H 4841 40.94 -5.12 -67.30
C VAL H 4841 40.98 -6.40 -68.14
N GLY H 4842 40.92 -7.56 -67.47
CA GLY H 4842 40.88 -8.82 -68.19
C GLY H 4842 39.62 -8.96 -69.05
N LEU H 4843 38.48 -8.54 -68.51
CA LEU H 4843 37.25 -8.55 -69.30
C LEU H 4843 37.35 -7.61 -70.49
N LEU H 4844 37.96 -6.44 -70.30
CA LEU H 4844 38.18 -5.52 -71.42
C LEU H 4844 39.07 -6.16 -72.47
N ALA H 4845 40.11 -6.87 -72.04
CA ALA H 4845 40.97 -7.58 -72.98
C ALA H 4845 40.20 -8.64 -73.74
N VAL H 4846 39.32 -9.36 -73.05
CA VAL H 4846 38.50 -10.38 -73.71
C VAL H 4846 37.59 -9.74 -74.76
N VAL H 4847 36.96 -8.63 -74.41
CA VAL H 4847 36.07 -7.94 -75.35
C VAL H 4847 36.86 -7.44 -76.55
N VAL H 4848 38.04 -6.87 -76.31
CA VAL H 4848 38.87 -6.37 -77.41
C VAL H 4848 39.31 -7.52 -78.30
N TYR H 4849 39.64 -8.67 -77.70
CA TYR H 4849 40.01 -9.83 -78.50
C TYR H 4849 38.85 -10.30 -79.37
N LEU H 4850 37.64 -10.35 -78.81
CA LEU H 4850 36.48 -10.75 -79.59
C LEU H 4850 36.22 -9.79 -80.74
N TYR H 4851 36.31 -8.48 -80.47
CA TYR H 4851 36.07 -7.49 -81.51
C TYR H 4851 37.18 -7.51 -82.57
N THR H 4852 38.42 -7.80 -82.16
CA THR H 4852 39.51 -7.95 -83.11
C THR H 4852 39.28 -9.16 -84.02
N VAL H 4853 38.82 -10.26 -83.45
CA VAL H 4853 38.48 -11.43 -84.26
C VAL H 4853 37.37 -11.08 -85.25
N VAL H 4854 36.36 -10.36 -84.77
CA VAL H 4854 35.25 -9.95 -85.63
C VAL H 4854 35.76 -9.07 -86.78
N ALA H 4855 36.60 -8.09 -86.47
CA ALA H 4855 37.11 -7.18 -87.49
C ALA H 4855 38.14 -7.82 -88.40
N PHE H 4856 38.72 -8.95 -87.99
CA PHE H 4856 39.69 -9.64 -88.83
C PHE H 4856 38.99 -10.61 -89.78
N ASN H 4857 37.94 -11.29 -89.30
CA ASN H 4857 37.20 -12.20 -90.16
C ASN H 4857 36.51 -11.45 -91.29
N PHE H 4858 35.98 -10.27 -91.00
CA PHE H 4858 35.31 -9.44 -91.98
C PHE H 4858 35.52 -7.97 -91.60
N PHE H 4859 35.26 -7.10 -92.59
CA PHE H 4859 35.63 -5.68 -92.54
C PHE H 4859 37.14 -5.50 -92.39
N ARG H 4860 37.92 -6.44 -92.95
CA ARG H 4860 39.38 -6.36 -92.86
C ARG H 4860 39.97 -5.32 -93.81
N LYS H 4861 39.36 -5.12 -94.97
CA LYS H 4861 39.91 -4.20 -95.96
C LYS H 4861 39.85 -2.74 -95.51
N PHE H 4862 39.01 -2.42 -94.53
CA PHE H 4862 38.87 -1.04 -94.08
C PHE H 4862 40.01 -0.57 -93.19
N TYR H 4863 40.88 -1.47 -92.73
CA TYR H 4863 41.97 -1.12 -91.83
C TYR H 4863 43.17 -0.67 -92.66
N ASN H 4864 43.26 0.64 -92.88
CA ASN H 4864 44.36 1.26 -93.63
C ASN H 4864 44.69 2.58 -92.93
N LYS H 4865 45.68 2.53 -92.04
CA LYS H 4865 46.04 3.74 -91.27
C LYS H 4865 46.68 4.78 -92.17
N SER H 4866 47.65 4.38 -93.00
CA SER H 4866 48.34 5.33 -93.86
C SER H 4866 47.45 5.72 -95.04
N GLU H 4867 47.69 6.93 -95.55
CA GLU H 4867 46.94 7.44 -96.69
C GLU H 4867 47.66 7.23 -98.02
N ASP H 4868 48.96 7.00 -98.00
CA ASP H 4868 49.71 6.78 -99.23
C ASP H 4868 49.47 5.36 -99.74
N GLU H 4869 49.13 5.24 -101.02
CA GLU H 4869 48.86 3.94 -101.62
C GLU H 4869 50.12 3.23 -102.08
N ASP H 4870 51.28 3.91 -102.09
CA ASP H 4870 52.52 3.28 -102.51
C ASP H 4870 52.91 2.15 -101.56
N GLU H 4871 52.79 2.36 -100.26
CA GLU H 4871 53.15 1.37 -99.24
C GLU H 4871 52.00 1.23 -98.26
N PRO H 4872 50.93 0.53 -98.64
CA PRO H 4872 49.80 0.35 -97.71
C PRO H 4872 50.17 -0.62 -96.60
N ASP H 4873 50.00 -0.16 -95.36
CA ASP H 4873 50.30 -0.96 -94.18
C ASP H 4873 49.00 -1.57 -93.65
N MET H 4874 48.84 -2.88 -93.84
CA MET H 4874 47.65 -3.58 -93.39
C MET H 4874 47.76 -3.80 -91.88
N LYS H 4875 47.10 -2.95 -91.11
CA LYS H 4875 47.18 -3.02 -89.66
C LYS H 4875 46.44 -4.22 -89.07
N CYS H 4876 45.63 -4.91 -89.87
CA CYS H 4876 44.86 -6.06 -89.40
C CYS H 4876 45.13 -7.29 -90.25
N ASP H 4877 46.38 -7.45 -90.68
CA ASP H 4877 46.78 -8.64 -91.43
C ASP H 4877 47.16 -9.80 -90.52
N ASP H 4878 47.29 -9.57 -89.21
CA ASP H 4878 47.60 -10.62 -88.26
C ASP H 4878 46.80 -10.39 -87.00
N MET H 4879 46.57 -11.48 -86.25
CA MET H 4879 45.82 -11.36 -84.99
C MET H 4879 46.56 -10.49 -83.99
N MET H 4880 47.88 -10.69 -83.86
CA MET H 4880 48.65 -9.94 -82.88
C MET H 4880 48.72 -8.46 -83.25
N THR H 4881 48.99 -8.16 -84.52
CA THR H 4881 49.09 -6.76 -84.93
C THR H 4881 47.76 -6.05 -84.80
N CYS H 4882 46.67 -6.70 -85.22
CA CYS H 4882 45.35 -6.07 -85.10
C CYS H 4882 44.95 -5.89 -83.64
N TYR H 4883 45.26 -6.88 -82.79
CA TYR H 4883 44.97 -6.74 -81.36
C TYR H 4883 45.76 -5.60 -80.74
N LEU H 4884 47.04 -5.47 -81.10
CA LEU H 4884 47.84 -4.35 -80.59
C LEU H 4884 47.30 -3.02 -81.07
N PHE H 4885 46.88 -2.95 -82.34
CA PHE H 4885 46.30 -1.72 -82.86
C PHE H 4885 45.01 -1.36 -82.13
N HIS H 4886 44.17 -2.35 -81.86
CA HIS H 4886 42.92 -2.11 -81.15
C HIS H 4886 43.19 -1.64 -79.72
N MET H 4887 44.17 -2.25 -79.06
CA MET H 4887 44.51 -1.85 -77.69
C MET H 4887 45.15 -0.48 -77.63
N TYR H 4888 45.91 -0.09 -78.66
CA TYR H 4888 46.61 1.19 -78.64
C TYR H 4888 45.71 2.34 -79.08
N VAL H 4889 45.17 2.27 -80.31
CA VAL H 4889 44.32 3.34 -80.81
C VAL H 4889 42.99 3.35 -80.07
N GLY H 4890 42.39 2.19 -79.88
CA GLY H 4890 41.10 2.10 -79.22
C GLY H 4890 41.22 2.34 -77.72
N VAL H 4891 40.07 2.20 -77.05
CA VAL H 4891 39.94 2.42 -75.61
C VAL H 4891 40.31 3.86 -75.28
N ARG H 4892 41.57 4.22 -75.48
CA ARG H 4892 42.04 5.57 -75.23
C ARG H 4892 41.57 6.58 -76.27
N ALA H 4893 40.93 6.12 -77.35
CA ALA H 4893 40.48 7.05 -78.39
C ALA H 4893 39.46 8.04 -77.85
N GLY H 4894 38.52 7.56 -77.03
CA GLY H 4894 37.48 8.41 -76.50
C GLY H 4894 36.28 8.58 -77.39
N GLY H 4895 36.31 8.05 -78.61
CA GLY H 4895 35.17 8.14 -79.51
C GLY H 4895 34.98 6.86 -80.30
N GLY H 4896 35.54 5.76 -79.80
CA GLY H 4896 35.47 4.48 -80.47
C GLY H 4896 36.60 4.29 -81.47
N ILE H 4897 36.69 3.06 -81.99
CA ILE H 4897 37.73 2.72 -82.96
C ILE H 4897 37.44 3.30 -84.33
N GLY H 4898 36.23 3.81 -84.55
CA GLY H 4898 35.84 4.33 -85.85
C GLY H 4898 36.63 5.53 -86.32
N ASP H 4899 37.36 6.19 -85.41
CA ASP H 4899 38.14 7.36 -85.79
C ASP H 4899 39.29 6.97 -86.71
N GLU H 4900 40.06 5.94 -86.34
CA GLU H 4900 41.22 5.56 -87.13
C GLU H 4900 40.82 4.83 -88.41
N ILE H 4901 39.85 3.92 -88.32
CA ILE H 4901 39.47 3.13 -89.48
C ILE H 4901 38.58 3.97 -90.40
N GLU H 4902 38.74 3.77 -91.70
CA GLU H 4902 38.00 4.56 -92.68
C GLU H 4902 36.50 4.31 -92.57
N ASP H 4903 35.73 5.32 -92.98
CA ASP H 4903 34.28 5.23 -92.89
C ASP H 4903 33.75 4.16 -93.85
N PRO H 4904 32.61 3.55 -93.52
CA PRO H 4904 32.04 2.53 -94.42
C PRO H 4904 31.73 3.07 -95.81
N ALA H 4905 31.30 4.31 -95.91
CA ALA H 4905 30.98 4.98 -97.20
C ALA H 4905 29.87 4.18 -97.87
N GLY H 4906 29.98 3.86 -99.15
CA GLY H 4906 28.93 3.14 -99.86
C GLY H 4906 29.19 1.66 -99.99
N ASP H 4907 30.07 1.12 -99.15
CA ASP H 4907 30.39 -0.29 -99.20
C ASP H 4907 29.21 -1.14 -98.75
N GLU H 4908 29.24 -2.42 -99.13
CA GLU H 4908 28.16 -3.33 -98.77
C GLU H 4908 28.07 -3.51 -97.26
N TYR H 4909 29.21 -3.61 -96.58
CA TYR H 4909 29.22 -3.77 -95.14
C TYR H 4909 29.18 -2.41 -94.45
N GLU H 4910 28.17 -1.60 -94.79
CA GLU H 4910 28.07 -0.26 -94.22
C GLU H 4910 27.38 -0.30 -92.85
N LEU H 4911 26.13 -0.78 -92.82
CA LEU H 4911 25.38 -0.80 -91.57
C LEU H 4911 25.99 -1.76 -90.56
N TYR H 4912 26.54 -2.89 -91.03
CA TYR H 4912 27.18 -3.83 -90.12
C TYR H 4912 28.38 -3.20 -89.42
N ARG H 4913 29.22 -2.49 -90.19
CA ARG H 4913 30.35 -1.82 -89.57
C ARG H 4913 29.91 -0.65 -88.69
N VAL H 4914 28.82 0.03 -89.06
CA VAL H 4914 28.31 1.11 -88.24
C VAL H 4914 27.86 0.57 -86.88
N VAL H 4915 27.12 -0.54 -86.88
CA VAL H 4915 26.66 -1.12 -85.62
C VAL H 4915 27.84 -1.70 -84.84
N PHE H 4916 28.87 -2.21 -85.53
CA PHE H 4916 30.06 -2.66 -84.83
C PHE H 4916 30.76 -1.50 -84.12
N ASP H 4917 30.87 -0.36 -84.79
CA ASP H 4917 31.46 0.82 -84.16
C ASP H 4917 30.62 1.29 -82.99
N ILE H 4918 29.29 1.28 -83.15
CA ILE H 4918 28.41 1.73 -82.08
C ILE H 4918 28.55 0.83 -80.85
N THR H 4919 28.54 -0.49 -81.06
CA THR H 4919 28.65 -1.39 -79.92
C THR H 4919 30.05 -1.34 -79.30
N PHE H 4920 31.08 -1.10 -80.10
CA PHE H 4920 32.42 -0.90 -79.53
C PHE H 4920 32.46 0.33 -78.64
N PHE H 4921 31.93 1.45 -79.13
CA PHE H 4921 31.91 2.67 -78.34
C PHE H 4921 31.07 2.50 -77.07
N PHE H 4922 29.99 1.72 -77.16
CA PHE H 4922 29.14 1.52 -76.00
C PHE H 4922 29.78 0.62 -74.97
N PHE H 4923 30.44 -0.46 -75.40
CA PHE H 4923 30.91 -1.50 -74.49
C PHE H 4923 32.38 -1.38 -74.13
N VAL H 4924 33.10 -0.40 -74.66
CA VAL H 4924 34.51 -0.26 -74.32
C VAL H 4924 34.75 1.05 -73.56
N ILE H 4925 34.44 2.17 -74.20
CA ILE H 4925 34.67 3.48 -73.60
C ILE H 4925 33.53 3.95 -72.72
N VAL H 4926 32.28 3.73 -73.13
CA VAL H 4926 31.12 4.19 -72.39
C VAL H 4926 30.92 3.42 -71.10
N ILE H 4927 31.08 2.09 -71.13
CA ILE H 4927 30.74 1.28 -69.97
C ILE H 4927 31.98 0.87 -69.19
N LEU H 4928 32.87 0.09 -69.82
CA LEU H 4928 33.93 -0.57 -69.06
C LEU H 4928 35.01 0.41 -68.62
N LEU H 4929 35.45 1.30 -69.51
CA LEU H 4929 36.43 2.32 -69.10
C LEU H 4929 35.84 3.24 -68.03
N ALA H 4930 34.58 3.65 -68.21
CA ALA H 4930 33.91 4.43 -67.19
C ALA H 4930 33.74 3.63 -65.91
N ILE H 4931 33.56 2.30 -66.01
CA ILE H 4931 33.45 1.48 -64.81
C ILE H 4931 34.76 1.48 -64.04
N ILE H 4932 35.88 1.36 -64.76
CA ILE H 4932 37.19 1.39 -64.09
C ILE H 4932 37.43 2.75 -63.44
N GLN H 4933 37.11 3.82 -64.19
CA GLN H 4933 37.28 5.16 -63.64
C GLN H 4933 36.42 5.36 -62.39
N GLY H 4934 35.16 4.92 -62.45
CA GLY H 4934 34.29 5.02 -61.30
C GLY H 4934 34.79 4.20 -60.13
N LEU H 4935 35.35 3.01 -60.40
CA LEU H 4935 35.90 2.19 -59.34
C LEU H 4935 37.02 2.92 -58.61
N ILE H 4936 37.96 3.49 -59.36
CA ILE H 4936 39.09 4.16 -58.71
C ILE H 4936 38.63 5.41 -57.97
N ILE H 4937 37.78 6.22 -58.63
CA ILE H 4937 37.28 7.44 -58.01
C ILE H 4937 36.53 7.12 -56.72
N ASP H 4938 35.66 6.11 -56.79
CA ASP H 4938 34.85 5.72 -55.65
C ASP H 4938 35.70 5.15 -54.53
N ALA H 4939 36.75 4.39 -54.86
CA ALA H 4939 37.64 3.87 -53.82
C ALA H 4939 38.39 5.00 -53.12
N PHE H 4940 38.89 5.97 -53.88
CA PHE H 4940 39.57 7.11 -53.25
C PHE H 4940 38.60 7.90 -52.38
N GLY H 4941 37.39 8.14 -52.88
CA GLY H 4941 36.39 8.83 -52.08
C GLY H 4941 36.04 8.07 -50.83
N GLU H 4942 35.96 6.73 -50.93
CA GLU H 4942 35.67 5.90 -49.77
C GLU H 4942 36.78 5.98 -48.73
N LEU H 4943 38.03 6.00 -49.17
CA LEU H 4943 39.15 6.10 -48.22
C LEU H 4943 39.15 7.45 -47.51
N ARG H 4944 38.96 8.53 -48.27
CA ARG H 4944 38.88 9.85 -47.65
C ARG H 4944 37.69 9.96 -46.71
N ASP H 4945 36.55 9.38 -47.12
CA ASP H 4945 35.37 9.32 -46.28
C ASP H 4945 35.64 8.56 -44.99
N GLN H 4946 36.37 7.45 -45.08
CA GLN H 4946 36.68 6.66 -43.90
C GLN H 4946 37.57 7.44 -42.94
N GLN H 4947 38.56 8.16 -43.47
CA GLN H 4947 39.40 8.98 -42.60
C GLN H 4947 38.57 10.07 -41.91
N GLU H 4948 37.72 10.75 -42.66
CA GLU H 4948 36.88 11.79 -42.06
C GLU H 4948 35.94 11.18 -41.04
N GLN H 4949 35.43 9.98 -41.30
CA GLN H 4949 34.53 9.33 -40.36
C GLN H 4949 35.25 8.92 -39.09
N VAL H 4950 36.52 8.52 -39.21
CA VAL H 4950 37.33 8.21 -38.05
C VAL H 4950 37.43 9.47 -37.19
N LYS H 4951 37.74 10.60 -37.85
CA LYS H 4951 37.85 11.86 -37.11
C LYS H 4951 36.53 12.24 -36.45
N GLU H 4952 35.43 12.07 -37.18
CA GLU H 4952 34.12 12.46 -36.65
C GLU H 4952 33.71 11.56 -35.48
N ASP H 4953 33.98 10.25 -35.59
CA ASP H 4953 33.66 9.34 -34.50
C ASP H 4953 34.51 9.63 -33.28
N MET H 4954 35.78 10.00 -33.48
CA MET H 4954 36.61 10.42 -32.36
C MET H 4954 36.03 11.68 -31.70
N GLU H 4955 35.58 12.64 -32.51
CA GLU H 4955 35.02 13.87 -31.96
C GLU H 4955 33.63 13.68 -31.37
N THR H 4956 32.96 12.55 -31.68
CA THR H 4956 31.58 12.33 -31.25
C THR H 4956 31.46 11.22 -30.21
N LYS H 4957 32.08 10.06 -30.45
CA LYS H 4957 32.00 8.92 -29.56
C LYS H 4957 33.31 8.77 -28.80
N CYS H 4958 33.21 8.54 -27.49
CA CYS H 4958 34.39 8.37 -26.66
C CYS H 4958 35.10 7.06 -27.01
N PHE H 4959 36.43 7.09 -26.98
CA PHE H 4959 37.21 5.92 -27.34
C PHE H 4959 37.10 4.82 -26.29
N ILE H 4960 36.96 5.18 -25.01
CA ILE H 4960 36.99 4.20 -23.94
C ILE H 4960 35.63 3.53 -23.77
N CYS H 4961 34.61 4.32 -23.45
CA CYS H 4961 33.29 3.78 -23.16
C CYS H 4961 32.39 3.71 -24.39
N GLY H 4962 32.51 4.68 -25.29
CA GLY H 4962 31.67 4.71 -26.47
C GLY H 4962 30.31 5.33 -26.29
N ILE H 4963 30.05 5.95 -25.15
CA ILE H 4963 28.77 6.61 -24.91
C ILE H 4963 28.65 7.81 -25.84
N GLY H 4964 27.49 7.96 -26.48
CA GLY H 4964 27.30 9.03 -27.42
C GLY H 4964 27.34 10.40 -26.76
N SER H 4965 27.63 11.41 -27.58
CA SER H 4965 27.75 12.78 -27.08
C SER H 4965 26.41 13.35 -26.61
N ASP H 4966 25.29 12.72 -26.98
CA ASP H 4966 23.99 13.22 -26.55
C ASP H 4966 23.82 13.11 -25.04
N TYR H 4967 24.36 12.05 -24.44
CA TYR H 4967 24.23 11.88 -22.99
C TYR H 4967 24.95 13.00 -22.24
N PHE H 4968 26.15 13.36 -22.69
CA PHE H 4968 26.90 14.44 -22.04
C PHE H 4968 26.48 15.82 -22.50
N ASP H 4969 25.61 15.92 -23.52
CA ASP H 4969 25.17 17.22 -24.02
C ASP H 4969 24.19 17.91 -23.08
N THR H 4970 23.67 17.21 -22.07
CA THR H 4970 22.73 17.83 -21.13
C THR H 4970 23.39 18.96 -20.36
N THR H 4971 24.62 18.76 -19.91
CA THR H 4971 25.35 19.80 -19.19
C THR H 4971 26.33 20.52 -20.12
N PRO H 4972 26.51 21.83 -19.95
CA PRO H 4972 27.46 22.54 -20.80
C PRO H 4972 28.88 22.00 -20.62
N HIS H 4973 29.58 21.86 -21.75
CA HIS H 4973 30.95 21.34 -21.78
C HIS H 4973 31.05 19.98 -21.11
N GLY H 4974 29.98 19.19 -21.16
CA GLY H 4974 30.01 17.87 -20.56
C GLY H 4974 30.97 16.94 -21.26
N PHE H 4975 30.94 16.93 -22.59
CA PHE H 4975 31.86 16.08 -23.35
C PHE H 4975 33.31 16.52 -23.16
N GLU H 4976 33.55 17.83 -23.09
CA GLU H 4976 34.91 18.31 -22.85
C GLU H 4976 35.43 17.84 -21.49
N THR H 4977 34.59 17.96 -20.45
CA THR H 4977 34.99 17.49 -19.13
C THR H 4977 35.23 15.98 -19.14
N HIS H 4978 34.36 15.23 -19.82
CA HIS H 4978 34.56 13.78 -19.91
C HIS H 4978 35.87 13.45 -20.59
N THR H 4979 36.15 14.09 -21.72
CA THR H 4979 37.35 13.77 -22.50
C THR H 4979 38.62 14.29 -21.85
N LEU H 4980 38.53 15.25 -20.92
CA LEU H 4980 39.72 15.75 -20.25
C LEU H 4980 39.94 15.13 -18.88
N GLU H 4981 38.92 14.52 -18.26
CA GLU H 4981 39.15 13.99 -16.93
C GLU H 4981 38.75 12.52 -16.78
N GLU H 4982 37.66 12.10 -17.43
CA GLU H 4982 37.10 10.78 -17.14
C GLU H 4982 37.82 9.67 -17.91
N HIS H 4983 37.79 9.75 -19.24
CA HIS H 4983 38.23 8.64 -20.09
C HIS H 4983 39.30 9.09 -21.07
N ASN H 4984 40.30 9.82 -20.57
CA ASN H 4984 41.41 10.26 -21.40
C ASN H 4984 42.42 9.13 -21.53
N LEU H 4985 42.86 8.88 -22.78
CA LEU H 4985 43.88 7.85 -22.99
C LEU H 4985 45.20 8.23 -22.33
N ALA H 4986 45.53 9.52 -22.32
CA ALA H 4986 46.75 9.97 -21.64
C ALA H 4986 46.67 9.69 -20.14
N ASN H 4987 45.48 9.84 -19.55
CA ASN H 4987 45.31 9.53 -18.13
C ASN H 4987 45.54 8.05 -17.85
N TYR H 4988 45.00 7.18 -18.71
CA TYR H 4988 45.24 5.75 -18.56
C TYR H 4988 46.71 5.41 -18.74
N MET H 4989 47.37 6.06 -19.69
CA MET H 4989 48.81 5.90 -19.86
C MET H 4989 49.57 6.29 -18.59
N PHE H 4990 49.24 7.44 -18.02
CA PHE H 4990 49.92 7.89 -16.82
C PHE H 4990 49.67 6.95 -15.65
N PHE H 4991 48.44 6.42 -15.55
CA PHE H 4991 48.14 5.45 -14.51
C PHE H 4991 48.96 4.17 -14.68
N LEU H 4992 49.05 3.66 -15.91
CA LEU H 4992 49.82 2.45 -16.15
C LEU H 4992 51.30 2.66 -15.85
N MET H 4993 51.85 3.80 -16.27
CA MET H 4993 53.27 4.06 -16.03
C MET H 4993 53.55 4.31 -14.55
N TYR H 4994 52.60 4.92 -13.84
CA TYR H 4994 52.74 5.09 -12.40
C TYR H 4994 52.72 3.73 -11.70
N LEU H 4995 51.85 2.82 -12.16
CA LEU H 4995 51.86 1.46 -11.62
C LEU H 4995 53.19 0.78 -11.91
N ILE H 4996 53.75 1.01 -13.09
CA ILE H 4996 55.06 0.43 -13.43
C ILE H 4996 56.14 0.96 -12.49
N ASN H 4997 56.12 2.27 -12.22
CA ASN H 4997 57.18 2.88 -11.42
C ASN H 4997 57.17 2.36 -9.99
N LYS H 4998 56.00 2.26 -9.37
CA LYS H 4998 55.90 1.86 -7.99
C LYS H 4998 55.88 0.34 -7.86
N ASP H 4999 56.35 -0.14 -6.71
CA ASP H 4999 56.39 -1.57 -6.44
C ASP H 4999 54.99 -2.09 -6.13
N GLU H 5000 54.84 -3.41 -6.23
CA GLU H 5000 53.56 -4.05 -5.96
C GLU H 5000 53.21 -4.06 -4.47
N THR H 5001 54.20 -3.99 -3.60
CA THR H 5001 53.93 -4.01 -2.17
C THR H 5001 53.16 -2.77 -1.72
N GLU H 5002 53.51 -1.60 -2.25
CA GLU H 5002 52.88 -0.34 -1.88
C GLU H 5002 51.60 -0.06 -2.67
N HIS H 5003 51.25 -0.92 -3.63
CA HIS H 5003 50.06 -0.70 -4.42
C HIS H 5003 48.80 -0.83 -3.57
N THR H 5004 47.80 0.00 -3.86
CA THR H 5004 46.53 -0.06 -3.14
C THR H 5004 45.73 -1.27 -3.60
N GLY H 5005 44.57 -1.47 -2.96
CA GLY H 5005 43.75 -2.62 -3.30
C GLY H 5005 43.25 -2.57 -4.74
N GLN H 5006 42.75 -1.42 -5.16
CA GLN H 5006 42.34 -1.25 -6.56
C GLN H 5006 43.53 -1.39 -7.50
N GLU H 5007 44.66 -0.76 -7.14
CA GLU H 5007 45.85 -0.87 -7.97
C GLU H 5007 46.35 -2.30 -8.04
N SER H 5008 46.34 -3.01 -6.91
CA SER H 5008 46.78 -4.40 -6.91
C SER H 5008 45.86 -5.27 -7.76
N TYR H 5009 44.55 -5.05 -7.67
CA TYR H 5009 43.60 -5.81 -8.48
C TYR H 5009 43.81 -5.53 -9.97
N VAL H 5010 44.02 -4.26 -10.33
CA VAL H 5010 44.26 -3.91 -11.73
C VAL H 5010 45.54 -4.56 -12.23
N TRP H 5011 46.60 -4.52 -11.41
CA TRP H 5011 47.86 -5.13 -11.80
C TRP H 5011 47.71 -6.64 -11.97
N LYS H 5012 46.99 -7.30 -11.05
CA LYS H 5012 46.81 -8.74 -11.15
C LYS H 5012 46.02 -9.11 -12.40
N MET H 5013 44.98 -8.34 -12.71
CA MET H 5013 44.21 -8.65 -13.92
C MET H 5013 44.99 -8.33 -15.19
N TYR H 5014 45.85 -7.31 -15.15
CA TYR H 5014 46.70 -7.01 -16.31
C TYR H 5014 47.73 -8.11 -16.53
N GLN H 5015 48.29 -8.66 -15.46
CA GLN H 5015 49.24 -9.76 -15.60
C GLN H 5015 48.57 -11.00 -16.18
N GLU H 5016 47.26 -11.15 -15.98
CA GLU H 5016 46.50 -12.24 -16.57
C GLU H 5016 45.98 -11.91 -17.96
N ARG H 5017 46.28 -10.70 -18.47
CA ARG H 5017 45.84 -10.26 -19.79
C ARG H 5017 44.31 -10.31 -19.92
N CYS H 5018 43.63 -9.92 -18.85
CA CYS H 5018 42.18 -9.89 -18.78
C CYS H 5018 41.75 -8.47 -18.41
N TRP H 5019 40.91 -7.86 -19.26
CA TRP H 5019 40.71 -6.42 -19.26
C TRP H 5019 39.23 -6.05 -19.24
N ASP H 5020 38.45 -6.63 -18.33
CA ASP H 5020 37.07 -6.21 -18.17
C ASP H 5020 36.93 -4.99 -17.29
N PHE H 5021 38.03 -4.48 -16.72
CA PHE H 5021 37.97 -3.35 -15.81
C PHE H 5021 37.61 -2.04 -16.50
N PHE H 5022 37.64 -2.00 -17.83
CA PHE H 5022 37.28 -0.80 -18.55
C PHE H 5022 35.79 -0.51 -18.37
N PRO H 5023 35.40 0.76 -18.46
CA PRO H 5023 33.97 1.10 -18.26
C PRO H 5023 33.03 0.36 -19.20
N ALA H 5024 33.44 0.14 -20.45
CA ALA H 5024 32.64 -0.60 -21.43
C ALA H 5024 31.24 -0.03 -21.57
N GLY H 5025 31.17 1.30 -21.69
CA GLY H 5025 29.92 1.99 -21.87
C GLY H 5025 29.18 2.36 -20.59
N ASP H 5026 29.77 2.07 -19.43
CA ASP H 5026 29.16 2.41 -18.14
C ASP H 5026 29.96 3.56 -17.52
N CYS H 5027 29.28 4.67 -17.27
CA CYS H 5027 29.92 5.86 -16.72
C CYS H 5027 29.64 5.98 -15.23
N PHE H 5028 30.62 6.51 -14.51
CA PHE H 5028 30.45 6.70 -13.06
C PHE H 5028 29.29 7.65 -12.76
N ARG H 5029 29.18 8.74 -13.51
CA ARG H 5029 28.05 9.64 -13.34
C ARG H 5029 26.74 8.97 -13.74
N LYS H 5030 26.76 8.18 -14.80
CA LYS H 5030 25.55 7.50 -15.24
C LYS H 5030 25.09 6.45 -14.22
N GLN H 5031 26.04 5.74 -13.61
CA GLN H 5031 25.67 4.71 -12.64
C GLN H 5031 25.00 5.32 -11.42
N TYR H 5032 25.50 6.47 -10.96
CA TYR H 5032 24.98 7.14 -9.76
C TYR H 5032 24.33 8.47 -10.11
N GLU H 5033 23.57 8.51 -11.20
CA GLU H 5033 22.92 9.75 -11.61
C GLU H 5033 21.87 10.18 -10.58
N ASP H 5034 21.08 9.24 -10.08
CA ASP H 5034 20.08 9.58 -9.08
C ASP H 5034 20.72 10.05 -7.78
N GLN H 5035 21.78 9.37 -7.34
CA GLN H 5035 22.45 9.76 -6.11
C GLN H 5035 23.13 11.12 -6.25
N LEU H 5036 23.80 11.35 -7.38
CA LEU H 5036 24.47 12.63 -7.59
C LEU H 5036 23.47 13.78 -7.70
N SER H 5037 22.36 13.56 -8.38
CA SER H 5037 21.34 14.59 -8.54
C SER H 5037 20.25 14.44 -7.49
N GLY I 1 89.11 -56.78 77.69
CA GLY I 1 90.36 -56.40 77.06
C GLY I 1 90.35 -56.58 75.56
N VAL I 2 91.54 -56.76 74.98
CA VAL I 2 91.70 -56.95 73.54
C VAL I 2 92.17 -58.37 73.31
N GLU I 3 91.38 -59.14 72.56
CA GLU I 3 91.75 -60.52 72.25
C GLU I 3 92.87 -60.54 71.22
N ILE I 4 93.90 -61.34 71.48
CA ILE I 4 95.06 -61.47 70.62
C ILE I 4 95.19 -62.92 70.19
N GLU I 5 95.25 -63.16 68.88
CA GLU I 5 95.42 -64.50 68.32
C GLU I 5 96.34 -64.38 67.12
N THR I 6 97.56 -64.91 67.25
CA THR I 6 98.54 -64.78 66.18
C THR I 6 98.12 -65.57 64.94
N ILE I 7 98.45 -65.03 63.77
CA ILE I 7 98.16 -65.68 62.50
C ILE I 7 99.45 -65.85 61.71
N SER I 8 100.28 -64.81 61.67
CA SER I 8 101.56 -64.82 60.97
C SER I 8 102.63 -64.36 61.95
N PRO I 9 103.20 -65.28 62.72
CA PRO I 9 104.24 -64.90 63.69
C PRO I 9 105.47 -64.34 63.00
N GLY I 10 106.11 -63.39 63.68
CA GLY I 10 107.30 -62.75 63.16
C GLY I 10 108.19 -62.30 64.31
N ASP I 11 108.90 -61.19 64.08
CA ASP I 11 109.79 -60.65 65.10
C ASP I 11 108.97 -60.13 66.28
N GLY I 12 109.50 -60.36 67.49
CA GLY I 12 108.82 -59.92 68.70
C GLY I 12 109.59 -58.88 69.48
N ARG I 13 110.90 -58.80 69.24
CA ARG I 13 111.72 -57.83 69.95
C ARG I 13 111.31 -56.40 69.63
N THR I 14 111.06 -56.12 68.35
CA THR I 14 110.64 -54.78 67.95
C THR I 14 109.21 -54.52 68.43
N PHE I 15 108.99 -53.32 68.98
CA PHE I 15 107.69 -52.93 69.50
C PHE I 15 107.32 -51.57 68.96
N PRO I 16 106.11 -51.40 68.42
CA PRO I 16 105.69 -50.09 67.90
C PRO I 16 105.19 -49.12 68.96
N LYS I 17 105.33 -49.44 70.24
CA LYS I 17 104.86 -48.57 71.32
C LYS I 17 105.81 -47.42 71.61
N LYS I 18 106.81 -47.18 70.75
CA LYS I 18 107.74 -46.08 70.96
C LYS I 18 107.06 -44.72 70.86
N GLY I 19 106.06 -44.61 69.98
CA GLY I 19 105.37 -43.35 69.80
C GLY I 19 105.62 -42.72 68.44
N GLN I 20 105.78 -43.56 67.42
CA GLN I 20 106.03 -43.11 66.06
C GLN I 20 105.03 -43.75 65.12
N THR I 21 104.81 -43.09 63.97
CA THR I 21 103.87 -43.59 62.99
C THR I 21 104.35 -44.92 62.42
N CYS I 22 103.41 -45.86 62.26
CA CYS I 22 103.72 -47.19 61.75
C CYS I 22 102.76 -47.53 60.61
N VAL I 23 103.30 -48.16 59.57
CA VAL I 23 102.50 -48.60 58.43
C VAL I 23 102.08 -50.04 58.67
N VAL I 24 100.76 -50.26 58.70
CA VAL I 24 100.19 -51.58 59.01
C VAL I 24 99.11 -51.90 57.99
N HIS I 25 99.00 -53.18 57.63
CA HIS I 25 97.95 -53.64 56.74
C HIS I 25 96.69 -53.97 57.55
N TYR I 26 96.11 -52.91 58.11
CA TYR I 26 94.97 -53.07 59.01
C TYR I 26 93.71 -53.46 58.23
N THR I 27 93.01 -54.48 58.74
CA THR I 27 91.75 -54.92 58.17
C THR I 27 90.75 -55.15 59.30
N GLY I 28 89.48 -54.91 58.99
CA GLY I 28 88.41 -55.04 59.98
C GLY I 28 87.43 -56.12 59.60
N MET I 29 86.93 -56.84 60.61
CA MET I 29 85.94 -57.89 60.42
C MET I 29 84.72 -57.59 61.27
N LEU I 30 83.53 -57.83 60.71
CA LEU I 30 82.29 -57.56 61.42
C LEU I 30 82.00 -58.68 62.41
N GLN I 31 80.87 -58.58 63.09
CA GLN I 31 80.48 -59.61 64.05
C GLN I 31 80.25 -60.95 63.36
N ASN I 32 79.62 -60.93 62.19
CA ASN I 32 79.37 -62.14 61.41
C ASN I 32 80.55 -62.50 60.51
N GLY I 33 81.61 -61.71 60.50
CA GLY I 33 82.76 -61.97 59.67
C GLY I 33 82.85 -61.14 58.41
N LYS I 34 81.94 -60.20 58.20
CA LYS I 34 81.97 -59.36 57.01
C LYS I 34 83.17 -58.42 57.07
N LYS I 35 83.83 -58.26 55.92
CA LYS I 35 85.01 -57.39 55.81
C LYS I 35 84.54 -55.98 55.49
N PHE I 36 84.16 -55.25 56.55
CA PHE I 36 83.71 -53.88 56.37
C PHE I 36 84.84 -52.95 55.96
N ASP I 37 86.06 -53.23 56.42
CA ASP I 37 87.21 -52.41 56.07
C ASP I 37 88.45 -53.31 55.99
N SER I 38 89.24 -53.11 54.94
CA SER I 38 90.46 -53.88 54.75
C SER I 38 91.48 -53.01 54.03
N SER I 39 92.76 -53.16 54.42
CA SER I 39 93.83 -52.44 53.74
C SER I 39 93.97 -52.91 52.30
N ARG I 40 93.83 -54.22 52.07
CA ARG I 40 93.92 -54.75 50.71
C ARG I 40 92.78 -54.21 49.84
N ASP I 41 91.60 -54.05 50.43
CA ASP I 41 90.48 -53.48 49.69
C ASP I 41 90.78 -52.05 49.26
N ARG I 42 91.40 -51.27 50.15
CA ARG I 42 91.81 -49.90 49.82
C ARG I 42 93.01 -49.86 48.89
N ASN I 43 93.65 -51.02 48.64
CA ASN I 43 94.82 -51.13 47.75
C ASN I 43 96.00 -50.30 48.25
N LYS I 44 96.07 -50.05 49.56
CA LYS I 44 97.16 -49.30 50.16
C LYS I 44 97.21 -49.57 51.66
N PRO I 45 98.38 -49.91 52.21
CA PRO I 45 98.49 -50.11 53.66
C PRO I 45 98.16 -48.83 54.42
N PHE I 46 97.52 -48.99 55.57
CA PHE I 46 97.07 -47.86 56.38
C PHE I 46 98.21 -47.43 57.29
N LYS I 47 98.45 -46.11 57.35
CA LYS I 47 99.46 -45.55 58.23
C LYS I 47 98.83 -45.20 59.57
N PHE I 48 99.29 -45.86 60.63
CA PHE I 48 98.76 -45.67 61.98
C PHE I 48 99.78 -44.94 62.83
N ARG I 49 99.32 -43.94 63.57
CA ARG I 49 100.18 -43.14 64.44
C ARG I 49 100.02 -43.60 65.89
N ILE I 50 101.14 -43.91 66.54
CA ILE I 50 101.13 -44.36 67.93
C ILE I 50 101.40 -43.16 68.83
N GLY I 51 100.53 -42.96 69.81
CA GLY I 51 100.67 -41.84 70.72
C GLY I 51 99.79 -40.67 70.38
N LYS I 52 99.65 -40.38 69.08
CA LYS I 52 98.81 -39.28 68.63
C LYS I 52 97.33 -39.56 68.86
N GLN I 53 96.94 -40.82 69.01
CA GLN I 53 95.56 -41.21 69.25
C GLN I 53 94.62 -40.75 68.13
N GLU I 54 95.14 -40.67 66.91
CA GLU I 54 94.29 -40.33 65.77
C GLU I 54 93.26 -41.42 65.51
N VAL I 55 93.67 -42.68 65.62
CA VAL I 55 92.77 -43.81 65.45
C VAL I 55 91.98 -44.02 66.73
N ILE I 56 90.96 -44.89 66.67
CA ILE I 56 90.14 -45.15 67.85
C ILE I 56 91.00 -45.70 68.98
N LYS I 57 90.54 -45.48 70.22
CA LYS I 57 91.32 -45.89 71.38
C LYS I 57 91.51 -47.40 71.42
N GLY I 58 90.44 -48.17 71.15
CA GLY I 58 90.58 -49.61 71.12
C GLY I 58 91.46 -50.08 69.98
N PHE I 59 91.30 -49.49 68.79
CA PHE I 59 92.15 -49.84 67.65
C PHE I 59 93.61 -49.49 67.94
N GLU I 60 93.85 -48.31 68.52
CA GLU I 60 95.22 -47.93 68.84
C GLU I 60 95.83 -48.86 69.88
N GLU I 61 95.06 -49.24 70.90
CA GLU I 61 95.57 -50.16 71.91
C GLU I 61 95.88 -51.52 71.30
N GLY I 62 95.00 -52.01 70.42
CA GLY I 62 95.27 -53.28 69.76
C GLY I 62 96.51 -53.23 68.89
N ALA I 63 96.67 -52.14 68.12
CA ALA I 63 97.84 -52.01 67.28
C ALA I 63 99.12 -51.92 68.11
N ALA I 64 99.09 -51.18 69.22
CA ALA I 64 100.27 -51.06 70.07
C ALA I 64 100.59 -52.38 70.78
N GLN I 65 99.57 -53.15 71.14
CA GLN I 65 99.81 -54.42 71.83
C GLN I 65 100.60 -55.39 70.94
N MET I 66 100.24 -55.47 69.66
CA MET I 66 100.95 -56.34 68.75
C MET I 66 102.34 -55.77 68.45
N SER I 67 103.36 -56.61 68.57
CA SER I 67 104.72 -56.18 68.32
C SER I 67 104.95 -56.00 66.82
N LEU I 68 105.96 -55.19 66.49
CA LEU I 68 106.27 -54.92 65.09
C LEU I 68 106.79 -56.17 64.40
N GLY I 69 106.30 -56.41 63.19
CA GLY I 69 106.77 -57.52 62.38
C GLY I 69 105.99 -58.80 62.52
N GLN I 70 104.93 -58.83 63.32
CA GLN I 70 104.11 -60.02 63.49
C GLN I 70 102.64 -59.65 63.30
N ARG I 71 101.87 -60.59 62.74
CA ARG I 71 100.46 -60.40 62.48
C ARG I 71 99.64 -61.22 63.46
N ALA I 72 98.59 -60.62 64.02
CA ALA I 72 97.74 -61.30 64.98
C ALA I 72 96.31 -60.80 64.81
N LYS I 73 95.36 -61.63 65.24
CA LYS I 73 93.94 -61.29 65.20
C LYS I 73 93.64 -60.39 66.39
N LEU I 74 93.72 -59.08 66.16
CA LEU I 74 93.54 -58.09 67.22
C LEU I 74 92.05 -57.77 67.38
N THR I 75 91.32 -58.76 67.88
CA THR I 75 89.89 -58.58 68.12
C THR I 75 89.66 -57.59 69.26
N CYS I 76 88.79 -56.62 69.01
CA CYS I 76 88.50 -55.57 69.99
C CYS I 76 87.00 -55.49 70.23
N THR I 77 86.63 -55.30 71.49
CA THR I 77 85.22 -55.15 71.82
C THR I 77 84.67 -53.85 71.24
N PRO I 78 83.43 -53.86 70.75
CA PRO I 78 82.87 -52.62 70.16
C PRO I 78 82.73 -51.48 71.14
N ASP I 79 82.68 -51.76 72.44
CA ASP I 79 82.49 -50.69 73.43
C ASP I 79 83.66 -49.72 73.43
N VAL I 80 84.90 -50.24 73.35
CA VAL I 80 86.07 -49.38 73.37
C VAL I 80 86.50 -48.94 71.97
N ALA I 81 86.09 -49.64 70.92
CA ALA I 81 86.51 -49.30 69.57
C ALA I 81 85.66 -48.18 68.99
N TYR I 82 84.35 -48.41 68.85
CA TYR I 82 83.47 -47.44 68.24
C TYR I 82 82.19 -47.19 69.03
N GLY I 83 81.97 -47.90 70.13
CA GLY I 83 80.76 -47.73 70.90
C GLY I 83 79.58 -48.48 70.31
N ALA I 84 78.42 -48.29 70.93
CA ALA I 84 77.21 -48.96 70.45
C ALA I 84 76.81 -48.47 69.08
N THR I 85 76.90 -47.16 68.83
CA THR I 85 76.50 -46.62 67.53
C THR I 85 77.45 -47.06 66.42
N GLY I 86 78.75 -46.93 66.65
CA GLY I 86 79.71 -47.30 65.62
C GLY I 86 79.64 -46.36 64.42
N HIS I 87 80.09 -46.88 63.28
CA HIS I 87 80.03 -46.13 62.05
C HIS I 87 78.58 -45.95 61.62
N PRO I 88 78.22 -44.81 61.02
CA PRO I 88 76.82 -44.61 60.62
C PRO I 88 76.31 -45.65 59.63
N GLY I 89 77.14 -46.06 58.67
CA GLY I 89 76.72 -47.05 57.70
C GLY I 89 77.62 -48.26 57.60
N VAL I 90 78.89 -48.09 57.93
CA VAL I 90 79.86 -49.17 57.77
C VAL I 90 79.67 -50.24 58.85
N ILE I 91 79.55 -49.82 60.09
CA ILE I 91 79.45 -50.74 61.23
C ILE I 91 78.02 -50.73 61.74
N PRO I 92 77.29 -51.85 61.68
CA PRO I 92 75.95 -51.87 62.26
C PRO I 92 76.03 -51.76 63.78
N PRO I 93 74.96 -51.27 64.42
CA PRO I 93 74.99 -51.15 65.88
C PRO I 93 75.14 -52.51 66.55
N ASN I 94 75.82 -52.49 67.70
CA ASN I 94 76.05 -53.70 68.50
C ASN I 94 76.77 -54.78 67.71
N ALA I 95 77.76 -54.39 66.92
CA ALA I 95 78.56 -55.31 66.13
C ALA I 95 80.01 -55.24 66.60
N THR I 96 80.60 -56.40 66.87
CA THR I 96 81.98 -56.44 67.34
C THR I 96 82.94 -55.98 66.25
N LEU I 97 83.92 -55.19 66.65
CA LEU I 97 84.91 -54.64 65.72
C LEU I 97 86.16 -55.53 65.73
N ILE I 98 86.03 -56.69 65.09
CA ILE I 98 87.14 -57.63 64.99
C ILE I 98 88.16 -57.09 64.00
N PHE I 99 89.43 -57.09 64.39
CA PHE I 99 90.51 -56.57 63.56
C PHE I 99 91.60 -57.63 63.41
N ASP I 100 92.24 -57.62 62.25
CA ASP I 100 93.35 -58.51 61.92
C ASP I 100 94.54 -57.70 61.44
N VAL I 101 94.89 -56.65 62.19
CA VAL I 101 95.95 -55.74 61.79
C VAL I 101 97.28 -56.47 61.76
N GLU I 102 98.03 -56.30 60.68
CA GLU I 102 99.34 -56.90 60.51
C GLU I 102 100.40 -55.81 60.46
N LEU I 103 101.43 -55.94 61.28
CA LEU I 103 102.51 -54.97 61.32
C LEU I 103 103.48 -55.21 60.16
N LEU I 104 103.71 -54.18 59.36
CA LEU I 104 104.57 -54.27 58.19
C LEU I 104 105.91 -53.57 58.39
N ASN I 105 105.90 -52.29 58.77
CA ASN I 105 107.14 -51.54 58.96
C ASN I 105 106.86 -50.39 59.90
N LEU I 106 107.95 -49.81 60.42
CA LEU I 106 107.89 -48.68 61.34
C LEU I 106 107.02 -48.98 62.56
N MET J 1 81.08 2.29 50.03
CA MET J 1 81.89 2.40 51.23
C MET J 1 83.29 2.92 50.91
N ALA J 2 84.16 2.03 50.46
CA ALA J 2 85.54 2.35 50.11
C ALA J 2 85.79 2.19 48.61
N ASP J 3 84.83 2.58 47.79
CA ASP J 3 85.00 2.48 46.34
C ASP J 3 86.12 3.38 45.84
N GLN J 4 86.21 4.60 46.38
CA GLN J 4 87.24 5.54 45.98
C GLN J 4 88.53 5.38 46.76
N LEU J 5 88.56 4.52 47.78
CA LEU J 5 89.77 4.31 48.55
C LEU J 5 90.83 3.60 47.72
N THR J 6 92.09 3.94 48.01
CA THR J 6 93.20 3.33 47.29
C THR J 6 93.32 1.84 47.64
N GLU J 7 93.76 1.06 46.66
CA GLU J 7 93.90 -0.39 46.86
C GLU J 7 94.97 -0.68 47.91
N GLU J 8 96.10 0.04 47.87
CA GLU J 8 97.16 -0.18 48.85
C GLU J 8 96.68 0.13 50.25
N GLN J 9 95.95 1.23 50.43
CA GLN J 9 95.42 1.58 51.74
C GLN J 9 94.44 0.52 52.24
N ILE J 10 93.58 0.02 51.34
CA ILE J 10 92.63 -1.01 51.71
C ILE J 10 93.35 -2.28 52.14
N ALA J 11 94.38 -2.67 51.40
CA ALA J 11 95.15 -3.86 51.76
C ALA J 11 95.85 -3.68 53.10
N GLU J 12 96.43 -2.50 53.34
CA GLU J 12 97.08 -2.24 54.62
C GLU J 12 96.08 -2.30 55.77
N PHE J 13 94.90 -1.71 55.58
CA PHE J 13 93.87 -1.75 56.62
C PHE J 13 93.41 -3.19 56.87
N LYS J 14 93.26 -3.97 55.81
CA LYS J 14 92.87 -5.37 55.99
C LYS J 14 93.93 -6.15 56.75
N GLU J 15 95.20 -5.93 56.42
CA GLU J 15 96.28 -6.60 57.15
C GLU J 15 96.29 -6.19 58.63
N ALA J 16 96.11 -4.89 58.90
CA ALA J 16 96.09 -4.43 60.28
C ALA J 16 94.92 -5.03 61.04
N PHE J 17 93.74 -5.09 60.42
CA PHE J 17 92.58 -5.69 61.08
C PHE J 17 92.78 -7.17 61.34
N SER J 18 93.36 -7.88 60.37
CA SER J 18 93.64 -9.31 60.56
C SER J 18 94.63 -9.53 61.70
N LEU J 19 95.68 -8.69 61.77
CA LEU J 19 96.63 -8.81 62.86
C LEU J 19 96.00 -8.51 64.20
N PHE J 20 95.15 -7.47 64.26
CA PHE J 20 94.52 -7.10 65.52
C PHE J 20 93.51 -8.16 65.97
N ASP J 21 92.68 -8.64 65.05
CA ASP J 21 91.65 -9.63 65.35
C ASP J 21 91.93 -10.89 64.52
N LYS J 22 92.47 -11.91 65.18
CA LYS J 22 92.76 -13.17 64.49
C LYS J 22 91.50 -13.97 64.21
N ASP J 23 90.43 -13.76 64.98
CA ASP J 23 89.19 -14.51 64.78
C ASP J 23 88.47 -14.09 63.51
N GLY J 24 88.69 -12.87 63.02
CA GLY J 24 88.04 -12.39 61.83
C GLY J 24 86.65 -11.84 62.02
N ASP J 25 86.14 -11.84 63.24
CA ASP J 25 84.80 -11.33 63.53
C ASP J 25 84.80 -9.86 63.94
N GLY J 26 85.96 -9.21 63.97
CA GLY J 26 86.03 -7.81 64.35
C GLY J 26 85.63 -7.54 65.79
N THR J 27 86.09 -8.35 66.73
CA THR J 27 85.78 -8.17 68.14
C THR J 27 86.66 -7.12 68.80
N ILE J 28 87.65 -6.57 68.09
CA ILE J 28 88.53 -5.56 68.66
C ILE J 28 87.72 -4.31 68.98
N THR J 29 87.91 -3.78 70.18
CA THR J 29 87.18 -2.60 70.62
C THR J 29 87.64 -1.36 69.85
N THR J 30 86.84 -0.31 69.95
CA THR J 30 87.15 0.93 69.23
C THR J 30 88.46 1.53 69.72
N LYS J 31 88.68 1.56 71.03
CA LYS J 31 89.93 2.09 71.56
C LYS J 31 91.13 1.25 71.13
N ALA J 32 90.99 -0.08 71.17
CA ALA J 32 92.08 -0.95 70.73
C ALA J 32 92.33 -0.80 69.24
N LEU J 33 91.26 -0.66 68.45
CA LEU J 33 91.42 -0.45 67.01
C LEU J 33 92.14 0.87 66.73
N GLY J 34 91.78 1.93 67.45
CA GLY J 34 92.46 3.20 67.27
C GLY J 34 93.92 3.14 67.68
N THR J 35 94.22 2.43 68.77
CA THR J 35 95.61 2.25 69.19
C THR J 35 96.40 1.47 68.14
N VAL J 36 95.80 0.44 67.57
CA VAL J 36 96.47 -0.35 66.53
C VAL J 36 96.72 0.51 65.29
N MET J 37 95.73 1.32 64.91
CA MET J 37 95.89 2.21 63.76
C MET J 37 97.00 3.23 64.01
N ARG J 38 97.06 3.78 65.23
CA ARG J 38 98.13 4.71 65.57
C ARG J 38 99.50 4.04 65.51
N SER J 39 99.58 2.79 66.00
CA SER J 39 100.82 2.04 65.92
C SER J 39 101.18 1.68 64.49
N LEU J 40 100.22 1.73 63.56
CA LEU J 40 100.47 1.42 62.16
C LEU J 40 100.92 2.63 61.36
N GLY J 41 101.08 3.79 61.99
CA GLY J 41 101.50 4.99 61.32
C GLY J 41 100.40 6.00 61.08
N GLN J 42 99.13 5.62 61.25
CA GLN J 42 98.00 6.53 61.08
C GLN J 42 97.44 6.84 62.47
N ASN J 43 97.97 7.90 63.08
CA ASN J 43 97.56 8.29 64.42
C ASN J 43 96.14 8.85 64.38
N PRO J 44 95.21 8.31 65.17
CA PRO J 44 93.84 8.84 65.17
C PRO J 44 93.64 9.88 66.27
N THR J 45 92.88 10.91 65.93
CA THR J 45 92.57 11.97 66.90
C THR J 45 91.70 11.42 68.02
N GLU J 46 91.94 11.90 69.24
CA GLU J 46 91.16 11.45 70.39
C GLU J 46 89.69 11.82 70.24
N ALA J 47 89.41 13.04 69.79
CA ALA J 47 88.03 13.45 69.57
C ALA J 47 87.37 12.63 68.47
N GLU J 48 88.09 12.40 67.38
CA GLU J 48 87.55 11.57 66.29
C GLU J 48 87.31 10.15 66.75
N LEU J 49 88.23 9.59 67.54
CA LEU J 49 88.05 8.24 68.05
C LEU J 49 86.84 8.16 68.98
N GLN J 50 86.67 9.17 69.85
CA GLN J 50 85.50 9.19 70.74
C GLN J 50 84.21 9.30 69.95
N ASP J 51 84.20 10.15 68.91
CA ASP J 51 83.00 10.27 68.08
C ASP J 51 82.68 8.96 67.37
N MET J 52 83.70 8.29 66.85
CA MET J 52 83.49 7.00 66.18
C MET J 52 82.97 5.95 67.15
N ILE J 53 83.50 5.94 68.38
CA ILE J 53 83.04 4.99 69.39
C ILE J 53 81.59 5.27 69.76
N ASN J 54 81.23 6.55 69.93
CA ASN J 54 79.85 6.90 70.24
C ASN J 54 78.91 6.52 69.11
N GLU J 55 79.32 6.76 67.87
CA GLU J 55 78.48 6.41 66.73
C GLU J 55 78.29 4.91 66.63
N VAL J 56 79.35 4.13 66.85
CA VAL J 56 79.28 2.69 66.77
C VAL J 56 78.58 2.12 68.00
N THR J 63 82.70 -5.89 67.62
CA THR J 63 81.44 -6.56 67.29
C THR J 63 81.02 -6.25 65.86
N ILE J 64 81.89 -5.60 65.12
CA ILE J 64 81.64 -5.22 63.73
C ILE J 64 82.75 -5.78 62.86
N ASP J 65 82.37 -6.38 61.73
CA ASP J 65 83.33 -7.00 60.84
C ASP J 65 84.23 -5.93 60.20
N PHE J 66 85.27 -6.41 59.53
CA PHE J 66 86.22 -5.49 58.89
C PHE J 66 85.59 -4.56 57.86
N PRO J 67 84.68 -5.01 56.98
CA PRO J 67 84.07 -4.05 56.03
C PRO J 67 83.37 -2.88 56.70
N ALA J 68 82.75 -3.09 57.86
CA ALA J 68 82.15 -1.98 58.59
C ALA J 68 83.22 -0.98 59.03
N PHE J 69 84.35 -1.47 59.52
CA PHE J 69 85.45 -0.59 59.91
C PHE J 69 86.00 0.17 58.71
N LEU J 70 86.11 -0.51 57.56
CA LEU J 70 86.57 0.16 56.36
C LEU J 70 85.61 1.25 55.92
N THR J 71 84.31 0.99 56.00
CA THR J 71 83.32 2.01 55.66
C THR J 71 83.40 3.19 56.61
N MET J 72 83.56 2.93 57.90
CA MET J 72 83.70 4.02 58.88
C MET J 72 84.96 4.84 58.60
N MET J 73 86.08 4.17 58.30
CA MET J 73 87.31 4.87 58.00
C MET J 73 87.18 5.71 56.74
N ALA J 74 86.52 5.18 55.71
CA ALA J 74 86.31 5.94 54.49
C ALA J 74 85.43 7.15 54.74
N ARG J 75 84.38 6.99 55.55
CA ARG J 75 83.53 8.13 55.89
C ARG J 75 84.31 9.19 56.65
N LYS J 76 85.16 8.76 57.58
CA LYS J 76 85.97 9.71 58.34
C LYS J 76 86.97 10.44 57.44
N MET J 77 87.58 9.72 56.49
CA MET J 77 88.59 10.28 55.60
C MET J 77 87.98 10.97 54.38
N LYS J 78 86.66 10.97 54.24
CA LYS J 78 86.04 11.66 53.12
C LYS J 78 86.36 13.15 53.16
N ASP J 79 86.47 13.74 54.35
CA ASP J 79 86.89 15.13 54.47
C ASP J 79 88.31 15.31 53.96
N THR J 80 89.20 14.37 54.27
CA THR J 80 90.56 14.43 53.75
C THR J 80 90.58 14.30 52.23
N ASP J 81 89.74 13.44 51.68
CA ASP J 81 89.65 13.31 50.23
C ASP J 81 89.14 14.61 49.60
N SER J 82 88.16 15.24 50.23
CA SER J 82 87.67 16.53 49.73
C SER J 82 88.75 17.60 49.78
N GLU J 83 89.53 17.62 50.87
CA GLU J 83 90.62 18.58 50.98
C GLU J 83 91.68 18.33 49.90
N GLU J 84 91.99 17.06 49.64
CA GLU J 84 92.96 16.73 48.59
C GLU J 84 92.44 17.15 47.22
N GLU J 85 91.15 16.93 46.97
CA GLU J 85 90.56 17.36 45.69
C GLU J 85 90.60 18.88 45.56
N ILE J 86 90.33 19.60 46.64
CA ILE J 86 90.38 21.06 46.60
C ILE J 86 91.81 21.53 46.34
N ARG J 87 92.79 20.89 46.97
CA ARG J 87 94.19 21.24 46.73
C ARG J 87 94.58 20.97 45.28
N GLU J 88 94.12 19.84 44.72
CA GLU J 88 94.41 19.54 43.32
C GLU J 88 93.78 20.56 42.39
N ALA J 89 92.54 20.98 42.69
CA ALA J 89 91.89 22.00 41.88
C ALA J 89 92.64 23.33 41.97
N PHE J 90 93.10 23.68 43.18
CA PHE J 90 93.88 24.91 43.34
C PHE J 90 95.18 24.84 42.56
N ARG J 91 95.86 23.69 42.58
CA ARG J 91 97.08 23.53 41.81
C ARG J 91 96.81 23.64 40.32
N VAL J 92 95.70 23.05 39.84
CA VAL J 92 95.34 23.14 38.43
C VAL J 92 95.08 24.59 38.04
N PHE J 93 94.37 25.33 38.90
CA PHE J 93 94.10 26.74 38.63
C PHE J 93 95.41 27.54 38.60
N ASP J 94 96.32 27.25 39.54
CA ASP J 94 97.60 27.94 39.59
C ASP J 94 98.50 27.57 38.41
N LYS J 95 98.24 26.44 37.75
CA LYS J 95 99.02 26.06 36.58
C LYS J 95 98.86 27.04 35.44
N ASP J 96 97.77 27.80 35.42
CA ASP J 96 97.57 28.81 34.38
C ASP J 96 98.43 30.04 34.67
N GLY J 97 98.30 31.05 33.81
CA GLY J 97 99.08 32.27 33.95
C GLY J 97 98.78 33.06 35.20
N ASN J 98 99.81 33.29 36.01
CA ASN J 98 99.72 34.08 37.24
C ASN J 98 98.69 33.52 38.21
N GLY J 99 98.50 32.21 38.19
CA GLY J 99 97.54 31.58 39.08
C GLY J 99 96.09 31.91 38.80
N TYR J 100 95.79 32.47 37.63
CA TYR J 100 94.45 32.86 37.24
C TYR J 100 94.07 32.15 35.95
N ILE J 101 92.87 31.57 35.92
CA ILE J 101 92.37 30.85 34.76
C ILE J 101 91.39 31.74 34.03
N SER J 102 91.67 32.04 32.77
CA SER J 102 90.79 32.87 31.95
C SER J 102 89.68 32.01 31.35
N ALA J 103 88.84 32.65 30.53
CA ALA J 103 87.76 31.93 29.87
C ALA J 103 88.30 30.86 28.93
N ALA J 104 89.33 31.20 28.15
CA ALA J 104 89.96 30.21 27.29
C ALA J 104 90.60 29.09 28.11
N ALA J 105 91.26 29.45 29.21
CA ALA J 105 91.86 28.43 30.07
C ALA J 105 90.80 27.53 30.69
N LEU J 106 89.68 28.12 31.12
CA LEU J 106 88.59 27.32 31.68
C LEU J 106 88.00 26.38 30.63
N ARG J 107 87.82 26.87 29.40
CA ARG J 107 87.31 26.02 28.33
C ARG J 107 88.28 24.88 28.02
N HIS J 108 89.58 25.17 27.99
CA HIS J 108 90.57 24.13 27.76
C HIS J 108 90.56 23.10 28.87
N VAL J 109 90.44 23.54 30.13
CA VAL J 109 90.38 22.61 31.25
C VAL J 109 89.15 21.73 31.16
N MET J 110 88.00 22.34 30.82
CA MET J 110 86.77 21.56 30.68
C MET J 110 86.88 20.54 29.57
N THR J 111 87.49 20.92 28.44
CA THR J 111 87.70 19.98 27.34
C THR J 111 88.63 18.85 27.76
N ASN J 112 89.68 19.17 28.50
CA ASN J 112 90.62 18.15 28.97
C ASN J 112 89.93 17.19 29.93
N LEU J 113 89.06 17.69 30.80
CA LEU J 113 88.36 16.84 31.75
C LEU J 113 87.42 15.86 31.08
N GLY J 114 87.01 16.12 29.84
CA GLY J 114 86.11 15.25 29.13
C GLY J 114 84.65 15.45 29.42
N GLU J 115 84.29 16.39 30.29
CA GLU J 115 82.89 16.65 30.59
C GLU J 115 82.14 17.29 29.43
N LYS J 116 82.87 17.88 28.48
CA LYS J 116 82.27 18.54 27.31
C LYS J 116 81.29 19.63 27.75
N LEU J 117 81.77 20.53 28.60
CA LEU J 117 80.95 21.62 29.09
C LEU J 117 80.56 22.56 27.96
N THR J 118 79.32 23.02 28.00
CA THR J 118 78.82 23.93 26.97
C THR J 118 79.40 25.32 27.14
N ASP J 119 79.22 26.15 26.11
CA ASP J 119 79.71 27.52 26.16
C ASP J 119 79.00 28.32 27.26
N GLU J 120 77.71 28.08 27.44
CA GLU J 120 76.97 28.77 28.50
C GLU J 120 77.51 28.41 29.87
N GLU J 121 77.84 27.15 30.10
CA GLU J 121 78.40 26.74 31.38
C GLU J 121 79.75 27.39 31.62
N VAL J 122 80.59 27.47 30.58
CA VAL J 122 81.89 28.11 30.71
C VAL J 122 81.73 29.59 31.03
N ASP J 123 80.79 30.26 30.34
CA ASP J 123 80.53 31.68 30.61
C ASP J 123 80.04 31.88 32.04
N GLU J 124 79.15 31.01 32.52
CA GLU J 124 78.66 31.12 33.88
C GLU J 124 79.79 30.91 34.89
N MET J 125 80.66 29.94 34.64
CA MET J 125 81.80 29.71 35.53
C MET J 125 82.75 30.91 35.54
N ILE J 126 82.97 31.51 34.37
CA ILE J 126 83.83 32.69 34.30
C ILE J 126 83.20 33.85 35.07
N ARG J 127 81.89 34.04 34.91
CA ARG J 127 81.21 35.11 35.63
C ARG J 127 81.26 34.89 37.14
N GLU J 128 81.09 33.64 37.57
CA GLU J 128 81.21 33.34 39.00
C GLU J 128 82.63 33.59 39.49
N ALA J 129 83.63 33.23 38.69
CA ALA J 129 85.02 33.47 39.04
C ALA J 129 85.47 34.84 38.55
N GLY J 135 87.74 40.85 31.90
CA GLY J 135 86.89 39.67 31.87
C GLY J 135 87.54 38.44 32.48
N GLN J 136 88.87 38.36 32.37
CA GLN J 136 89.59 37.23 32.93
C GLN J 136 89.53 37.25 34.45
N VAL J 137 89.43 36.06 35.04
CA VAL J 137 89.35 35.92 36.49
C VAL J 137 90.74 36.18 37.09
N ASN J 138 90.78 36.39 38.40
CA ASN J 138 92.01 36.63 39.13
C ASN J 138 92.39 35.39 39.94
N TYR J 139 93.51 35.49 40.67
CA TYR J 139 93.95 34.38 41.50
C TYR J 139 92.94 34.06 42.59
N GLU J 140 92.41 35.10 43.26
CA GLU J 140 91.38 34.88 44.27
C GLU J 140 90.11 34.32 43.63
N ALA J 141 89.73 34.84 42.46
CA ALA J 141 88.57 34.31 41.75
C ALA J 141 88.78 32.86 41.36
N PHE J 142 89.98 32.51 40.89
CA PHE J 142 90.27 31.13 40.54
C PHE J 142 90.20 30.23 41.76
N VAL J 143 90.72 30.70 42.90
CA VAL J 143 90.65 29.92 44.14
C VAL J 143 89.20 29.69 44.56
N GLN J 144 88.39 30.75 44.46
CA GLN J 144 86.98 30.62 44.82
C GLN J 144 86.25 29.65 43.90
N MET J 145 86.56 29.70 42.60
CA MET J 145 85.94 28.78 41.65
C MET J 145 86.37 27.34 41.93
N MET J 146 87.64 27.12 42.26
CA MET J 146 88.11 25.79 42.59
C MET J 146 87.46 25.27 43.85
N THR J 147 87.30 26.12 44.86
CA THR J 147 86.65 25.70 46.10
C THR J 147 85.18 25.36 45.85
N ALA J 148 84.50 26.15 45.03
CA ALA J 148 83.09 25.94 44.69
C ALA J 148 82.21 25.87 45.94
N GLN K 12 24.38 10.57 23.97
CA GLN K 12 24.37 9.90 25.26
C GLN K 12 25.73 10.01 25.95
N PHE K 13 26.48 11.05 25.59
CA PHE K 13 27.80 11.29 26.15
C PHE K 13 27.89 12.72 26.64
N LEU K 14 28.72 12.93 27.66
CA LEU K 14 28.88 14.26 28.23
C LEU K 14 29.55 15.20 27.25
N ARG K 15 29.09 16.45 27.22
CA ARG K 15 29.60 17.45 26.31
C ARG K 15 29.87 18.75 27.07
N THR K 16 30.78 19.55 26.53
CA THR K 16 31.13 20.82 27.14
C THR K 16 29.98 21.82 26.99
N ASP K 17 30.03 22.86 27.84
CA ASP K 17 29.01 23.91 27.85
C ASP K 17 27.62 23.33 28.05
N ASP K 18 27.50 22.37 28.98
CA ASP K 18 26.24 21.71 29.30
C ASP K 18 25.95 21.85 30.79
N GLU K 19 24.73 21.52 31.16
CA GLU K 19 24.27 21.62 32.54
C GLU K 19 24.40 20.25 33.21
N VAL K 20 25.18 20.20 34.28
CA VAL K 20 25.41 18.96 35.02
C VAL K 20 25.30 19.28 36.51
N VAL K 21 24.60 18.41 37.25
CA VAL K 21 24.41 18.56 38.68
C VAL K 21 25.05 17.38 39.38
N LEU K 22 25.78 17.64 40.46
CA LEU K 22 26.44 16.59 41.22
C LEU K 22 25.44 15.98 42.20
N GLN K 23 25.36 14.66 42.21
CA GLN K 23 24.42 13.95 43.09
C GLN K 23 24.98 12.58 43.41
N CYS K 24 25.22 12.33 44.69
CA CYS K 24 25.71 11.03 45.16
C CYS K 24 24.90 10.60 46.37
N SER K 25 24.74 9.29 46.52
CA SER K 25 23.99 8.71 47.62
C SER K 25 24.94 8.44 48.79
N ALA K 26 24.70 9.10 49.92
CA ALA K 26 25.53 8.95 51.12
C ALA K 26 27.00 9.18 50.83
N GLN K 32 20.66 5.43 51.87
CA GLN K 32 21.59 6.29 51.15
C GLN K 32 20.85 7.32 50.32
N LEU K 33 20.53 8.46 50.93
CA LEU K 33 19.81 9.52 50.24
C LEU K 33 20.77 10.34 49.38
N LYS K 34 20.32 10.69 48.18
CA LYS K 34 21.12 11.48 47.26
C LYS K 34 21.05 12.95 47.63
N LEU K 35 22.19 13.62 47.59
CA LEU K 35 22.28 15.04 47.92
C LEU K 35 22.85 15.80 46.74
N CYS K 36 22.30 16.99 46.49
CA CYS K 36 22.67 17.83 45.36
C CYS K 36 23.66 18.90 45.80
N LEU K 37 24.65 19.16 44.96
CA LEU K 37 25.64 20.20 45.21
C LEU K 37 24.99 21.55 44.95
N ALA K 38 24.32 22.09 45.96
CA ALA K 38 23.59 23.34 45.84
C ALA K 38 24.44 24.49 46.36
N ALA K 39 24.57 25.54 45.55
CA ALA K 39 25.26 26.76 45.94
C ALA K 39 24.25 27.89 45.99
N GLU K 40 24.18 28.56 47.15
CA GLU K 40 23.18 29.61 47.32
C GLU K 40 23.39 30.76 46.35
N GLY K 41 24.65 31.18 46.16
CA GLY K 41 24.95 32.28 45.26
C GLY K 41 24.58 33.63 45.84
N PHE K 42 25.36 34.65 45.51
CA PHE K 42 25.16 36.01 46.00
C PHE K 42 25.10 36.02 47.53
N GLY K 43 26.03 35.30 48.15
CA GLY K 43 26.07 35.12 49.59
C GLY K 43 26.15 33.65 49.91
N ASN K 44 26.77 33.34 51.05
CA ASN K 44 27.00 31.97 51.48
C ASN K 44 27.76 31.17 50.40
N ARG K 45 28.99 31.61 50.15
CA ARG K 45 29.79 31.00 49.09
C ARG K 45 30.03 29.52 49.32
N LEU K 46 30.06 29.08 50.57
CA LEU K 46 30.25 27.67 50.87
C LEU K 46 29.06 26.86 50.37
N CYS K 47 29.33 25.77 49.68
CA CYS K 47 28.28 24.94 49.12
C CYS K 47 27.57 24.15 50.21
N PHE K 48 26.26 23.98 50.06
CA PHE K 48 25.44 23.22 50.99
C PHE K 48 24.75 22.08 50.26
N LEU K 49 24.75 20.90 50.86
CA LEU K 49 24.13 19.74 50.25
C LEU K 49 22.62 19.90 50.22
N GLU K 50 22.01 19.51 49.10
CA GLU K 50 20.54 19.62 48.95
C GLU K 50 19.96 18.23 48.66
N PRO K 51 19.59 17.45 49.71
CA PRO K 51 19.03 16.12 49.52
C PRO K 51 17.71 16.18 48.72
N THR K 52 17.47 15.16 47.88
CA THR K 52 16.21 15.10 47.10
C THR K 52 15.35 13.96 47.65
N SER K 53 15.63 13.50 48.88
CA SER K 53 14.88 12.38 49.49
C SER K 53 13.41 12.77 49.67
N ASN K 54 13.15 13.97 50.20
CA ASN K 54 11.76 14.42 50.47
C ASN K 54 11.24 15.20 49.25
N ALA K 55 11.93 15.08 48.10
CA ALA K 55 11.53 15.82 46.89
C ALA K 55 10.09 15.46 46.54
N GLN K 56 9.72 14.19 46.71
CA GLN K 56 8.31 13.77 46.43
C GLN K 56 7.37 14.52 47.37
N ASN K 57 7.73 14.60 48.66
CA ASN K 57 6.89 15.31 49.66
C ASN K 57 6.96 16.82 49.39
N VAL K 58 8.17 17.37 49.24
CA VAL K 58 8.34 18.85 49.06
C VAL K 58 9.32 19.09 47.92
N PRO K 59 9.08 20.10 47.04
CA PRO K 59 9.96 20.36 45.90
C PRO K 59 11.38 20.71 46.36
N PRO K 60 12.43 20.08 45.80
CA PRO K 60 13.81 20.38 46.18
C PRO K 60 14.40 21.52 45.34
N ASP K 61 15.55 22.07 45.78
CA ASP K 61 16.22 23.17 45.04
C ASP K 61 16.85 22.63 43.75
N LEU K 62 16.71 23.36 42.64
CA LEU K 62 17.33 22.94 41.36
C LEU K 62 18.32 24.01 40.91
N ALA K 63 17.87 25.26 40.80
CA ALA K 63 18.76 26.36 40.37
C ALA K 63 20.05 26.31 41.18
N ILE K 64 19.96 26.40 42.50
CA ILE K 64 21.17 26.44 43.31
C ILE K 64 22.13 25.32 42.90
N CYS K 65 21.59 24.11 42.69
CA CYS K 65 22.43 22.98 42.31
C CYS K 65 22.84 23.02 40.85
N CYS K 66 22.17 23.81 40.02
CA CYS K 66 22.48 23.86 38.60
C CYS K 66 23.87 24.46 38.37
N PHE K 67 24.65 23.82 37.51
CA PHE K 67 25.97 24.30 37.13
C PHE K 67 26.15 24.14 35.63
N THR K 68 27.00 24.98 35.06
CA THR K 68 27.27 24.97 33.63
C THR K 68 28.71 24.51 33.37
N LEU K 69 28.87 23.65 32.39
CA LEU K 69 30.18 23.10 32.06
C LEU K 69 31.03 24.12 31.31
N GLU K 70 32.34 23.95 31.41
CA GLU K 70 33.30 24.79 30.72
C GLU K 70 34.25 23.93 29.90
N GLN K 71 35.34 24.52 29.41
CA GLN K 71 36.31 23.77 28.62
C GLN K 71 36.88 22.60 29.44
N SER K 72 37.12 21.49 28.75
CA SER K 72 37.58 20.27 29.40
C SER K 72 38.95 19.84 28.88
N LEU K 73 39.87 20.79 28.74
CA LEU K 73 41.20 20.50 28.25
C LEU K 73 42.02 19.77 29.32
N SER K 74 43.10 19.12 28.86
CA SER K 74 43.84 18.18 29.68
C SER K 74 44.67 18.91 30.76
N VAL K 75 45.22 18.13 31.67
CA VAL K 75 45.95 18.69 32.81
C VAL K 75 47.19 19.44 32.34
N ARG K 76 47.97 18.83 31.44
CA ARG K 76 49.11 19.54 30.87
C ARG K 76 48.64 20.73 30.04
N ALA K 77 47.55 20.55 29.27
CA ALA K 77 46.97 21.67 28.54
C ALA K 77 46.44 22.73 29.50
N LEU K 78 45.87 22.31 30.63
CA LEU K 78 45.39 23.28 31.61
C LEU K 78 46.54 24.10 32.18
N GLN K 79 47.66 23.44 32.49
CA GLN K 79 48.83 24.17 32.98
C GLN K 79 49.37 25.13 31.92
N GLU K 80 49.41 24.68 30.66
CA GLU K 80 49.88 25.55 29.59
C GLU K 80 48.98 26.77 29.42
N MET K 81 47.66 26.55 29.48
CA MET K 81 46.72 27.67 29.34
C MET K 81 46.83 28.63 30.51
N LEU K 82 46.98 28.10 31.73
CA LEU K 82 47.11 28.97 32.90
C LEU K 82 48.43 29.74 32.88
N ALA K 83 49.48 29.15 32.29
CA ALA K 83 50.76 29.86 32.20
C ALA K 83 50.64 31.11 31.35
N ASN K 84 49.91 31.02 30.23
CA ASN K 84 49.69 32.15 29.32
C ASN K 84 51.02 32.75 28.84
N GLY K 97 30.61 24.29 19.38
CA GLY K 97 31.68 23.31 19.51
C GLY K 97 31.66 22.60 20.85
N HIS K 98 30.72 21.66 21.01
CA HIS K 98 30.59 20.90 22.25
C HIS K 98 31.64 19.79 22.24
N ARG K 99 32.76 20.03 22.91
CA ARG K 99 33.83 19.04 22.97
C ARG K 99 33.38 17.83 23.79
N THR K 100 33.70 16.63 23.30
CA THR K 100 33.33 15.41 23.98
C THR K 100 34.19 15.22 25.22
N LEU K 101 33.55 14.96 26.36
CA LEU K 101 34.28 14.73 27.60
C LEU K 101 35.05 13.43 27.53
N LEU K 102 36.31 13.47 27.98
CA LEU K 102 37.18 12.31 28.00
C LEU K 102 37.77 12.14 29.39
N TYR K 103 38.01 10.88 29.77
CA TYR K 103 38.55 10.58 31.08
C TYR K 103 39.96 11.15 31.23
N GLY K 104 40.28 11.60 32.44
CA GLY K 104 41.58 12.17 32.71
C GLY K 104 41.76 13.60 32.29
N HIS K 105 40.68 14.31 32.00
CA HIS K 105 40.74 15.69 31.53
C HIS K 105 40.15 16.61 32.60
N ALA K 106 40.86 17.68 32.93
CA ALA K 106 40.37 18.65 33.90
C ALA K 106 39.15 19.38 33.35
N ILE K 107 38.15 19.58 34.21
CA ILE K 107 36.89 20.19 33.82
C ILE K 107 36.59 21.35 34.77
N LEU K 108 36.19 22.48 34.23
CA LEU K 108 35.82 23.66 35.00
C LEU K 108 34.30 23.80 35.04
N LEU K 109 33.77 24.15 36.20
CA LEU K 109 32.35 24.32 36.41
C LEU K 109 32.05 25.74 36.87
N ARG K 110 30.87 26.23 36.50
CA ARG K 110 30.45 27.59 36.87
C ARG K 110 29.00 27.55 37.30
N HIS K 111 28.61 28.55 38.08
CA HIS K 111 27.24 28.70 38.56
C HIS K 111 26.51 29.71 37.68
N ALA K 112 25.40 29.29 37.09
CA ALA K 112 24.66 30.17 36.18
C ALA K 112 24.04 31.35 36.93
N HIS K 113 23.45 31.11 38.09
CA HIS K 113 22.77 32.16 38.82
C HIS K 113 23.77 33.19 39.37
N SER K 114 24.83 32.73 40.01
CA SER K 114 25.79 33.63 40.63
C SER K 114 26.84 34.16 39.65
N ARG K 115 26.91 33.60 38.44
CA ARG K 115 27.89 34.00 37.44
C ARG K 115 29.31 33.92 38.00
N MET K 116 29.57 32.88 38.77
CA MET K 116 30.86 32.68 39.41
C MET K 116 31.32 31.24 39.21
N TYR K 117 32.62 31.03 39.42
CA TYR K 117 33.25 29.74 39.21
C TYR K 117 33.69 29.18 40.57
N LEU K 118 33.27 27.96 40.87
CA LEU K 118 33.61 27.36 42.16
C LEU K 118 35.11 27.11 42.24
N SER K 119 35.66 27.28 43.44
CA SER K 119 37.08 27.11 43.67
C SER K 119 37.30 26.53 45.06
N CYS K 120 38.52 26.05 45.29
CA CYS K 120 38.89 25.45 46.57
C CYS K 120 39.29 26.55 47.54
N LEU K 121 38.42 26.82 48.51
CA LEU K 121 38.72 27.85 49.51
C LEU K 121 39.86 27.42 50.41
N THR K 122 40.77 28.36 50.69
CA THR K 122 41.92 28.04 51.54
C THR K 122 41.49 27.71 52.96
N THR K 123 40.52 28.45 53.49
CA THR K 123 40.04 28.20 54.85
C THR K 123 39.32 26.86 54.93
N SER K 124 39.40 26.23 56.10
CA SER K 124 38.76 24.95 56.36
C SER K 124 37.57 25.18 57.28
N ARG K 125 36.38 24.80 56.81
CA ARG K 125 35.17 25.01 57.60
C ARG K 125 35.12 24.07 58.81
N SER K 126 35.52 22.80 58.62
CA SER K 126 35.45 21.84 59.71
C SER K 126 36.42 22.20 60.83
N MET K 127 37.65 22.55 60.47
CA MET K 127 38.69 22.91 61.45
C MET K 127 38.88 21.82 62.48
N THR K 128 38.83 20.56 62.04
CA THR K 128 38.97 19.41 62.92
C THR K 128 40.22 18.61 62.59
N ASP K 129 41.28 19.29 62.15
CA ASP K 129 42.57 18.69 61.80
C ASP K 129 42.43 17.66 60.68
N LYS K 130 41.39 17.77 59.86
CA LYS K 130 41.19 16.86 58.73
C LYS K 130 42.03 17.23 57.52
N LEU K 131 42.64 18.42 57.52
CA LEU K 131 43.45 18.90 56.40
C LEU K 131 42.64 18.88 55.11
N ALA K 132 41.41 19.37 55.18
CA ALA K 132 40.50 19.43 54.04
C ALA K 132 40.11 20.88 53.78
N PHE K 133 40.28 21.33 52.53
CA PHE K 133 39.94 22.68 52.15
C PHE K 133 38.48 22.79 51.75
N ASP K 134 37.88 23.94 52.03
CA ASP K 134 36.49 24.18 51.69
C ASP K 134 36.35 24.53 50.21
N VAL K 135 35.11 24.72 49.77
CA VAL K 135 34.80 25.04 48.39
C VAL K 135 34.04 26.37 48.37
N GLY K 136 34.53 27.31 47.57
CA GLY K 136 33.90 28.61 47.46
C GLY K 136 33.71 29.01 46.01
N LEU K 137 32.74 29.90 45.79
CA LEU K 137 32.40 30.37 44.45
C LEU K 137 33.26 31.59 44.13
N GLN K 138 34.43 31.35 43.53
CA GLN K 138 35.32 32.43 43.17
C GLN K 138 34.79 33.20 41.98
N GLU K 139 34.83 34.54 42.06
CA GLU K 139 34.37 35.36 40.95
C GLU K 139 35.27 35.22 39.73
N ASP K 140 36.59 35.16 39.94
CA ASP K 140 37.53 35.11 38.84
C ASP K 140 37.69 33.68 38.34
N ALA K 141 37.60 33.51 37.01
CA ALA K 141 37.79 32.18 36.41
C ALA K 141 39.24 31.74 36.47
N THR K 142 40.19 32.67 36.38
CA THR K 142 41.60 32.33 36.38
C THR K 142 42.02 31.73 37.72
N GLY K 143 42.90 30.74 37.66
CA GLY K 143 43.37 30.07 38.85
C GLY K 143 43.21 28.57 38.78
N GLU K 144 44.25 27.84 39.20
CA GLU K 144 44.19 26.38 39.18
C GLU K 144 43.19 25.85 40.20
N ALA K 145 42.91 26.62 41.25
CA ALA K 145 41.93 26.19 42.25
C ALA K 145 40.53 26.08 41.65
N CYS K 146 40.17 27.00 40.76
CA CYS K 146 38.86 26.95 40.13
C CYS K 146 38.71 25.69 39.28
N TRP K 147 39.74 25.35 38.52
CA TRP K 147 39.69 24.14 37.71
C TRP K 147 39.77 22.90 38.60
N TRP K 148 39.09 21.83 38.16
CA TRP K 148 39.04 20.58 38.89
C TRP K 148 39.31 19.43 37.92
N THR K 149 40.40 18.72 38.13
CA THR K 149 40.69 17.52 37.35
C THR K 149 39.71 16.41 37.72
N MET K 150 39.37 15.59 36.73
CA MET K 150 38.45 14.48 36.94
C MET K 150 39.14 13.18 36.55
N HIS K 151 38.93 12.15 37.36
CA HIS K 151 39.59 10.86 37.20
C HIS K 151 38.55 9.75 37.13
N PRO K 152 38.88 8.64 36.47
CA PRO K 152 37.92 7.52 36.37
C PRO K 152 37.65 6.90 37.74
N ALA K 153 36.38 6.82 38.10
CA ALA K 153 35.99 6.24 39.37
C ALA K 153 36.06 4.72 39.38
N SER K 154 35.82 4.08 38.24
CA SER K 154 35.79 2.64 38.14
C SER K 154 36.75 2.16 37.07
N LYS K 155 37.17 0.89 37.20
CA LYS K 155 38.10 0.29 36.25
C LYS K 155 37.43 -0.20 34.99
N GLN K 156 36.10 -0.12 34.89
CA GLN K 156 35.41 -0.56 33.68
C GLN K 156 35.83 0.27 32.47
N ARG K 157 35.96 1.58 32.65
CA ARG K 157 36.40 2.49 31.59
C ARG K 157 37.79 3.01 31.95
N SER K 158 38.74 2.84 31.03
CA SER K 158 40.10 3.25 31.27
C SER K 158 40.25 4.76 31.07
N GLU K 159 41.41 5.27 31.50
CA GLU K 159 41.69 6.70 31.36
C GLU K 159 41.84 7.07 29.89
N GLY K 160 41.29 8.23 29.53
CA GLY K 160 41.33 8.72 28.18
C GLY K 160 40.10 8.40 27.35
N GLU K 161 39.29 7.45 27.78
CA GLU K 161 38.07 7.12 27.06
C GLU K 161 36.99 8.15 27.35
N LYS K 162 36.04 8.27 26.41
CA LYS K 162 34.93 9.19 26.59
C LYS K 162 34.01 8.71 27.70
N VAL K 163 33.50 9.66 28.48
CA VAL K 163 32.59 9.36 29.59
C VAL K 163 31.15 9.47 29.10
N ARG K 164 30.30 8.57 29.56
CA ARG K 164 28.91 8.55 29.16
C ARG K 164 28.07 9.40 30.12
N VAL K 165 26.81 9.59 29.76
CA VAL K 165 25.90 10.36 30.60
C VAL K 165 25.51 9.54 31.82
N GLY K 166 25.68 10.12 33.00
CA GLY K 166 25.37 9.45 34.24
C GLY K 166 26.44 8.53 34.77
N ASP K 167 27.57 8.41 34.09
CA ASP K 167 28.64 7.54 34.57
C ASP K 167 29.28 8.09 35.82
N ASP K 168 29.65 7.21 36.74
CA ASP K 168 30.29 7.63 37.98
C ASP K 168 31.68 8.18 37.70
N LEU K 169 32.02 9.26 38.39
CA LEU K 169 33.31 9.91 38.22
C LEU K 169 33.65 10.70 39.47
N ILE K 170 34.94 11.01 39.62
CA ILE K 170 35.44 11.77 40.75
C ILE K 170 36.11 13.04 40.25
N LEU K 171 36.26 14.00 41.16
CA LEU K 171 36.89 15.27 40.87
C LEU K 171 38.12 15.47 41.75
N VAL K 172 39.20 15.96 41.14
CA VAL K 172 40.47 16.19 41.82
C VAL K 172 40.84 17.65 41.64
N SER K 173 41.23 18.30 42.73
CA SER K 173 41.66 19.69 42.66
C SER K 173 43.00 19.79 41.93
N VAL K 174 43.10 20.76 41.02
CA VAL K 174 44.33 20.91 40.23
C VAL K 174 45.48 21.36 41.12
N SER K 175 45.25 22.37 41.95
CA SER K 175 46.28 22.93 42.82
C SER K 175 46.17 22.44 44.26
N SER K 176 44.96 22.37 44.81
CA SER K 176 44.79 21.93 46.19
C SER K 176 45.02 20.43 46.33
N GLU K 177 44.85 19.67 45.25
CA GLU K 177 45.04 18.22 45.24
C GLU K 177 44.15 17.53 46.28
N ARG K 178 42.85 17.67 46.09
CA ARG K 178 41.86 17.09 46.98
C ARG K 178 40.63 16.67 46.20
N TYR K 179 39.85 15.78 46.79
CA TYR K 179 38.58 15.34 46.24
C TYR K 179 37.46 15.79 47.18
N LEU K 180 36.43 16.42 46.63
CA LEU K 180 35.29 16.82 47.43
C LEU K 180 34.61 15.58 48.01
N HIS K 181 34.28 15.64 49.30
CA HIS K 181 33.77 14.50 50.03
C HIS K 181 32.44 14.84 50.69
N LEU K 182 31.65 13.79 50.93
CA LEU K 182 30.37 13.91 51.61
C LEU K 182 30.48 13.43 53.05
N SER K 183 31.55 13.82 53.73
CA SER K 183 31.71 13.45 55.14
C SER K 183 30.66 14.17 55.98
N THR K 184 29.97 13.42 56.82
CA THR K 184 28.93 13.94 57.71
C THR K 184 29.09 13.35 59.10
N ALA K 185 30.34 13.33 59.59
CA ALA K 185 30.59 12.77 60.91
C ALA K 185 29.93 13.60 62.01
N SER K 186 29.72 14.89 61.78
CA SER K 186 29.07 15.77 62.74
C SER K 186 27.57 15.86 62.55
N GLY K 187 27.01 15.09 61.62
CA GLY K 187 25.59 15.13 61.32
C GLY K 187 25.18 16.13 60.26
N GLU K 188 26.11 16.92 59.75
CA GLU K 188 25.85 17.90 58.71
C GLU K 188 26.59 17.51 57.44
N LEU K 189 25.88 17.52 56.32
CA LEU K 189 26.46 17.13 55.03
C LEU K 189 27.21 18.33 54.43
N GLN K 190 28.30 18.70 55.09
CA GLN K 190 29.15 19.80 54.66
C GLN K 190 30.15 19.27 53.65
N VAL K 191 29.96 19.62 52.37
CA VAL K 191 30.82 19.14 51.31
C VAL K 191 32.11 19.97 51.31
N ASP K 192 33.24 19.28 51.40
CA ASP K 192 34.55 19.93 51.39
C ASP K 192 35.54 19.05 50.65
N ALA K 193 36.57 19.68 50.10
CA ALA K 193 37.60 18.98 49.35
C ALA K 193 38.48 18.22 50.33
N SER K 194 38.23 16.93 50.47
CA SER K 194 38.93 16.08 51.43
C SER K 194 39.85 15.10 50.69
N PHE K 195 40.43 14.18 51.45
CA PHE K 195 41.37 13.21 50.91
C PHE K 195 40.75 11.84 50.70
N MET K 196 39.44 11.70 50.89
CA MET K 196 38.73 10.44 50.65
C MET K 196 38.07 10.49 49.29
N GLN K 197 38.39 9.51 48.43
CA GLN K 197 37.84 9.50 47.09
C GLN K 197 36.35 9.15 47.12
N THR K 198 35.55 9.93 46.39
CA THR K 198 34.13 9.71 46.29
C THR K 198 33.69 9.89 44.85
N LEU K 199 32.78 9.03 44.40
CA LEU K 199 32.28 9.07 43.03
C LEU K 199 30.99 9.86 42.98
N TRP K 200 30.92 10.83 42.07
CA TRP K 200 29.75 11.68 41.89
C TRP K 200 29.27 11.60 40.45
N ASN K 201 27.99 11.28 40.28
CA ASN K 201 27.42 11.18 38.94
C ASN K 201 27.32 12.56 38.30
N MET K 202 27.64 12.62 37.01
CA MET K 202 27.57 13.90 36.30
C MET K 202 26.14 14.41 36.21
N ASN K 203 25.19 13.52 35.92
CA ASN K 203 23.77 13.82 35.82
C ASN K 203 23.52 15.03 34.91
N PRO K 204 23.71 14.88 33.61
CA PRO K 204 23.50 16.02 32.71
C PRO K 204 22.04 16.41 32.61
N ILE K 205 21.81 17.70 32.38
CA ILE K 205 20.46 18.22 32.26
C ILE K 205 20.45 19.45 31.36
N TYR K 213 10.11 25.40 22.31
CA TYR K 213 9.10 25.07 23.32
C TYR K 213 9.61 25.37 24.72
N VAL K 214 8.71 25.36 25.70
CA VAL K 214 9.07 25.63 27.09
C VAL K 214 9.72 24.40 27.68
N THR K 215 10.87 24.59 28.32
CA THR K 215 11.63 23.52 28.93
C THR K 215 11.69 23.72 30.45
N GLY K 216 11.80 22.60 31.17
CA GLY K 216 11.85 22.67 32.61
C GLY K 216 13.15 23.27 33.12
N GLY K 217 13.10 23.75 34.36
CA GLY K 217 14.23 24.38 34.99
C GLY K 217 14.45 25.83 34.63
N HIS K 218 13.58 26.43 33.83
CA HIS K 218 13.69 27.82 33.43
C HIS K 218 12.44 28.57 33.86
N VAL K 219 12.62 29.78 34.38
CA VAL K 219 11.49 30.58 34.82
C VAL K 219 10.67 31.01 33.62
N LEU K 220 9.37 31.22 33.84
CA LEU K 220 8.45 31.59 32.78
C LEU K 220 7.35 32.49 33.35
N ARG K 221 6.67 33.19 32.46
CA ARG K 221 5.58 34.08 32.83
C ARG K 221 4.36 33.79 31.96
N LEU K 222 3.18 33.99 32.53
CA LEU K 222 1.92 33.75 31.86
C LEU K 222 1.23 35.08 31.60
N PHE K 223 0.88 35.33 30.33
CA PHE K 223 0.22 36.57 29.94
C PHE K 223 -0.69 36.31 28.77
N HIS K 224 -1.65 37.20 28.58
CA HIS K 224 -2.61 37.09 27.49
C HIS K 224 -3.01 38.46 26.96
N GLU K 229 -4.64 40.67 33.38
CA GLU K 229 -4.16 40.45 32.02
C GLU K 229 -3.01 39.45 31.99
N CYS K 230 -2.36 39.28 33.15
CA CYS K 230 -1.23 38.36 33.25
C CYS K 230 -1.17 37.82 34.68
N LEU K 231 -0.51 36.68 34.83
CA LEU K 231 -0.36 36.07 36.14
C LEU K 231 0.54 36.93 37.02
N THR K 232 0.18 37.04 38.30
CA THR K 232 0.92 37.84 39.26
C THR K 232 0.74 37.24 40.65
N ILE K 233 1.40 37.87 41.63
CA ILE K 233 1.33 37.44 43.02
C ILE K 233 1.08 38.66 43.89
N SER K 234 0.64 38.41 45.12
CA SER K 234 0.36 39.49 46.05
C SER K 234 1.64 40.23 46.42
N ALA K 235 1.56 41.55 46.47
CA ALA K 235 2.70 42.38 46.81
C ALA K 235 3.01 42.33 48.30
N ARG K 242 -0.88 36.97 52.32
CA ARG K 242 0.42 36.95 51.64
C ARG K 242 0.47 35.88 50.57
N ARG K 243 -0.35 34.83 50.74
CA ARG K 243 -0.41 33.73 49.80
C ARG K 243 -1.49 33.92 48.73
N LEU K 244 -2.21 35.04 48.75
CA LEU K 244 -3.25 35.28 47.76
C LEU K 244 -2.63 35.46 46.38
N VAL K 245 -3.27 34.89 45.37
CA VAL K 245 -2.83 34.98 43.98
C VAL K 245 -3.94 35.61 43.16
N TYR K 246 -3.60 36.66 42.41
CA TYR K 246 -4.57 37.36 41.57
C TYR K 246 -3.87 37.83 40.31
N TYR K 247 -4.67 37.99 39.25
CA TYR K 247 -4.14 38.45 37.97
C TYR K 247 -3.88 39.96 38.01
N GLU K 248 -3.03 40.41 37.09
CA GLU K 248 -2.68 41.82 36.99
C GLU K 248 -2.29 42.13 35.56
N GLY K 249 -1.92 43.38 35.31
CA GLY K 249 -1.55 43.83 34.00
C GLY K 249 -0.10 43.49 33.65
N GLY K 250 0.35 44.06 32.53
CA GLY K 250 1.70 43.80 32.06
C GLY K 250 2.78 44.43 32.92
N ALA K 251 2.45 45.47 33.69
CA ALA K 251 3.43 46.07 34.58
C ALA K 251 3.89 45.09 35.65
N VAL K 252 2.95 44.34 36.23
CA VAL K 252 3.32 43.32 37.21
C VAL K 252 4.08 42.18 36.56
N CYS K 253 3.70 41.82 35.32
CA CYS K 253 4.40 40.76 34.61
C CYS K 253 5.85 41.13 34.35
N THR K 254 6.11 42.39 33.97
CA THR K 254 7.48 42.84 33.78
C THR K 254 8.28 42.85 35.08
N HIS K 255 7.60 42.94 36.22
CA HIS K 255 8.28 42.92 37.51
C HIS K 255 8.60 41.48 37.91
N ALA K 256 9.01 41.30 39.17
CA ALA K 256 9.37 39.97 39.66
C ALA K 256 8.16 39.14 40.07
N ARG K 257 6.96 39.71 40.06
CA ARG K 257 5.76 38.98 40.46
C ARG K 257 5.43 37.85 39.50
N SER K 258 5.94 37.89 38.27
CA SER K 258 5.66 36.87 37.27
C SER K 258 6.73 35.78 37.23
N LEU K 259 7.40 35.52 38.34
CA LEU K 259 8.45 34.51 38.40
C LEU K 259 7.82 33.16 38.71
N TRP K 260 7.75 32.29 37.70
CA TRP K 260 7.19 30.94 37.84
C TRP K 260 8.23 29.96 37.29
N ARG K 261 9.07 29.44 38.18
CA ARG K 261 10.14 28.51 37.79
C ARG K 261 9.58 27.10 37.79
N LEU K 262 9.29 26.58 36.60
CA LEU K 262 8.79 25.22 36.49
C LEU K 262 9.90 24.21 36.72
N GLU K 263 9.61 23.19 37.53
CA GLU K 263 10.57 22.14 37.84
C GLU K 263 9.96 20.79 37.49
N PRO K 264 10.59 20.02 36.60
CA PRO K 264 10.05 18.69 36.28
C PRO K 264 10.16 17.73 37.46
N LEU K 265 9.16 16.85 37.58
CA LEU K 265 9.19 15.85 38.64
C LEU K 265 10.31 14.84 38.43
N ARG K 266 10.53 14.43 37.19
CA ARG K 266 11.58 13.45 36.87
C ARG K 266 12.92 14.16 36.86
N ILE K 267 13.72 13.91 37.91
CA ILE K 267 15.03 14.54 38.00
C ILE K 267 15.97 14.01 36.93
N SER K 268 15.89 12.73 36.61
CA SER K 268 16.78 12.14 35.63
C SER K 268 16.50 12.69 34.24
N TRP K 269 17.55 13.14 33.55
CA TRP K 269 17.46 13.70 32.20
C TRP K 269 16.45 14.85 32.16
N SER K 270 16.78 15.92 32.90
CA SER K 270 15.92 17.09 32.98
C SER K 270 16.12 18.06 31.83
N GLY K 271 17.11 17.82 30.97
CA GLY K 271 17.33 18.71 29.84
C GLY K 271 16.18 18.70 28.85
N SER K 272 15.52 17.55 28.69
CA SER K 272 14.40 17.45 27.77
C SER K 272 13.23 18.28 28.26
N HIS K 273 12.44 18.78 27.30
CA HIS K 273 11.25 19.55 27.64
C HIS K 273 10.22 18.66 28.32
N LEU K 274 9.41 19.27 29.17
CA LEU K 274 8.41 18.51 29.92
C LEU K 274 7.40 17.87 28.97
N ARG K 275 7.11 16.59 29.18
CA ARG K 275 6.17 15.88 28.34
C ARG K 275 4.75 16.33 28.63
N TRP K 276 3.88 16.13 27.63
CA TRP K 276 2.48 16.50 27.78
C TRP K 276 1.81 15.62 28.82
N GLY K 277 1.34 16.24 29.90
CA GLY K 277 0.75 15.50 31.01
C GLY K 277 1.72 15.04 32.07
N GLN K 278 3.02 15.24 31.87
CA GLN K 278 4.01 14.82 32.85
C GLN K 278 3.90 15.70 34.10
N PRO K 279 4.12 15.13 35.28
CA PRO K 279 4.05 15.93 36.51
C PRO K 279 5.13 16.99 36.57
N LEU K 280 4.79 18.11 37.20
CA LEU K 280 5.72 19.22 37.36
C LEU K 280 5.36 19.97 38.63
N ARG K 281 6.34 20.72 39.14
CA ARG K 281 6.18 21.48 40.38
C ARG K 281 6.71 22.89 40.15
N ILE K 282 5.81 23.80 39.78
CA ILE K 282 6.19 25.21 39.63
C ILE K 282 6.21 25.89 40.98
N ARG K 283 6.92 27.02 41.06
CA ARG K 283 7.06 27.74 42.30
C ARG K 283 7.37 29.21 42.00
N HIS K 284 7.13 30.06 42.99
CA HIS K 284 7.46 31.47 42.91
C HIS K 284 8.71 31.72 43.74
N VAL K 285 9.81 32.03 43.05
CA VAL K 285 11.09 32.17 43.74
C VAL K 285 11.11 33.44 44.59
N THR K 286 10.60 34.55 44.07
CA THR K 286 10.66 35.81 44.81
C THR K 286 9.86 35.76 46.10
N THR K 287 8.66 35.18 46.06
CA THR K 287 7.85 35.06 47.25
C THR K 287 8.34 33.97 48.20
N GLY K 288 9.13 33.01 47.69
CA GLY K 288 9.60 31.92 48.51
C GLY K 288 8.58 30.85 48.81
N ARG K 289 7.41 30.91 48.17
CA ARG K 289 6.33 29.95 48.40
C ARG K 289 6.10 29.14 47.13
N TYR K 290 6.07 27.81 47.28
CA TYR K 290 5.84 26.94 46.13
C TYR K 290 4.39 27.03 45.67
N LEU K 291 4.20 27.16 44.36
CA LEU K 291 2.86 27.25 43.79
C LEU K 291 2.27 25.87 43.54
N VAL K 300 -2.02 29.30 43.19
CA VAL K 300 -2.13 29.28 44.65
C VAL K 300 -0.80 28.86 45.26
N VAL K 301 -0.01 29.85 45.69
CA VAL K 301 1.29 29.57 46.30
C VAL K 301 1.07 29.07 47.72
N VAL K 302 1.96 28.16 48.15
CA VAL K 302 1.90 27.59 49.49
C VAL K 302 3.31 27.51 50.05
N ASP K 303 3.39 27.34 51.37
CA ASP K 303 4.70 27.26 52.02
C ASP K 303 5.48 26.07 51.49
N ALA K 304 6.79 26.26 51.33
CA ALA K 304 7.63 25.22 50.76
C ALA K 304 7.64 23.97 51.63
N CYS K 305 7.73 24.15 52.95
CA CYS K 305 7.70 23.01 53.85
C CYS K 305 6.36 22.27 53.79
N LYS K 306 5.27 23.02 53.71
CA LYS K 306 3.93 22.44 53.66
C LYS K 306 3.48 22.09 52.25
N ALA K 307 4.28 22.41 51.24
CA ALA K 307 3.91 22.09 49.87
C ALA K 307 3.93 20.59 49.64
N HIS K 308 2.98 20.11 48.84
CA HIS K 308 2.87 18.70 48.51
C HIS K 308 2.25 18.58 47.12
N THR K 309 1.81 17.36 46.78
CA THR K 309 1.18 17.13 45.49
C THR K 309 -0.17 17.83 45.38
N LYS K 310 -0.76 18.22 46.51
CA LYS K 310 -2.05 18.90 46.48
C LYS K 310 -1.96 20.30 45.89
N ALA K 311 -0.78 20.90 45.88
CA ALA K 311 -0.61 22.24 45.32
C ALA K 311 0.51 22.34 44.29
N THR K 312 1.61 21.61 44.49
CA THR K 312 2.75 21.73 43.60
C THR K 312 2.55 21.01 42.28
N SER K 313 1.81 19.90 42.29
CA SER K 313 1.67 19.08 41.08
C SER K 313 0.98 19.86 39.97
N PHE K 314 1.40 19.60 38.73
CA PHE K 314 0.81 20.25 37.58
C PHE K 314 1.01 19.36 36.35
N CYS K 315 0.08 19.47 35.41
CA CYS K 315 0.12 18.70 34.17
C CYS K 315 0.24 19.64 32.99
N PHE K 316 1.20 19.37 32.11
CA PHE K 316 1.43 20.19 30.92
C PHE K 316 0.63 19.67 29.73
N ARG K 317 -0.68 19.53 29.91
CA ARG K 317 -1.57 19.04 28.87
C ARG K 317 -2.75 19.98 28.73
N VAL K 318 -3.36 19.98 27.54
CA VAL K 318 -4.51 20.82 27.23
C VAL K 318 -5.75 19.95 27.26
N SER K 319 -6.71 20.30 28.11
CA SER K 319 -7.95 19.55 28.23
C SER K 319 -9.07 20.43 28.77
N CYS K 346 -0.62 24.85 26.86
CA CYS K 346 -1.39 23.88 27.62
C CYS K 346 -2.49 24.57 28.42
N PHE K 347 -3.68 23.97 28.42
CA PHE K 347 -4.80 24.53 29.17
C PHE K 347 -4.55 24.46 30.66
N VAL K 348 -5.10 25.43 31.38
CA VAL K 348 -4.96 25.46 32.84
C VAL K 348 -5.72 24.30 33.46
N GLN K 349 -5.09 23.63 34.42
CA GLN K 349 -5.71 22.50 35.08
C GLN K 349 -5.26 22.46 36.53
N HIS K 350 -6.05 21.78 37.36
CA HIS K 350 -5.73 21.64 38.78
C HIS K 350 -4.65 20.58 38.97
N VAL K 351 -4.37 20.28 40.24
CA VAL K 351 -3.31 19.31 40.55
C VAL K 351 -3.74 17.91 40.12
N ALA K 352 -4.97 17.51 40.46
CA ALA K 352 -5.49 16.20 40.07
C ALA K 352 -6.87 16.32 39.46
N SER K 353 -7.64 17.32 39.90
CA SER K 353 -9.01 17.49 39.42
C SER K 353 -9.04 18.00 37.98
N GLY K 354 -8.04 18.78 37.58
CA GLY K 354 -8.03 19.36 36.25
C GLY K 354 -8.87 20.60 36.08
N LEU K 355 -9.33 21.21 37.19
CA LEU K 355 -10.15 22.41 37.09
C LEU K 355 -9.34 23.55 36.47
N TRP K 356 -9.95 24.25 35.53
CA TRP K 356 -9.28 25.34 34.83
C TRP K 356 -9.38 26.63 35.63
N LEU K 357 -8.31 27.41 35.61
CA LEU K 357 -8.30 28.69 36.32
C LEU K 357 -9.23 29.68 35.62
N THR K 358 -10.03 30.39 36.41
CA THR K 358 -10.98 31.36 35.90
C THR K 358 -10.79 32.69 36.61
N TYR K 359 -11.10 33.78 35.90
CA TYR K 359 -10.98 35.11 36.47
C TYR K 359 -12.01 35.31 37.58
N ALA K 360 -11.61 36.06 38.61
CA ALA K 360 -12.47 36.35 39.76
C ALA K 360 -13.02 35.08 40.40
N LEU K 372 -9.06 44.72 38.09
CA LEU K 372 -7.87 44.18 37.45
C LEU K 372 -7.32 42.99 38.24
N LYS K 373 -7.58 42.98 39.55
CA LYS K 373 -7.12 41.91 40.43
C LYS K 373 -8.10 40.74 40.36
N LYS K 374 -8.05 40.03 39.23
CA LYS K 374 -8.93 38.89 39.00
C LYS K 374 -8.32 37.65 39.65
N LYS K 375 -8.95 37.17 40.73
CA LYS K 375 -8.46 35.99 41.40
C LYS K 375 -8.63 34.76 40.52
N ALA K 376 -7.64 33.86 40.58
CA ALA K 376 -7.64 32.64 39.77
C ALA K 376 -8.61 31.64 40.41
N ILE K 377 -9.86 31.70 39.97
CA ILE K 377 -10.89 30.79 40.48
C ILE K 377 -10.71 29.42 39.85
N LEU K 378 -10.66 28.38 40.68
CA LEU K 378 -10.46 27.02 40.20
C LEU K 378 -11.80 26.39 39.80
N HIS K 379 -12.40 26.96 38.76
CA HIS K 379 -13.65 26.45 38.25
C HIS K 379 -13.42 25.13 37.51
N GLN K 380 -14.38 24.21 37.65
CA GLN K 380 -14.25 22.90 37.02
C GLN K 380 -14.21 23.01 35.51
N GLU K 381 -15.07 23.85 34.93
CA GLU K 381 -15.15 24.02 33.49
C GLU K 381 -14.91 25.45 33.03
N GLY K 382 -15.42 26.44 33.76
CA GLY K 382 -15.23 27.81 33.36
C GLY K 382 -13.78 28.24 33.47
N HIS K 383 -13.38 29.12 32.55
CA HIS K 383 -12.02 29.65 32.53
C HIS K 383 -12.01 30.99 31.83
N MET K 384 -11.13 31.88 32.29
CA MET K 384 -10.99 33.17 31.65
C MET K 384 -10.45 33.03 30.22
N ASP K 385 -9.49 32.15 30.02
CA ASP K 385 -8.92 31.90 28.70
C ASP K 385 -8.60 30.42 28.57
N ASP K 386 -8.51 29.96 27.32
CA ASP K 386 -8.21 28.55 27.06
C ASP K 386 -6.77 28.23 27.41
N ALA K 387 -5.82 28.91 26.78
CA ALA K 387 -4.40 28.69 27.04
C ALA K 387 -3.67 30.00 26.75
N LEU K 388 -3.36 30.76 27.80
CA LEU K 388 -2.64 32.01 27.62
C LEU K 388 -1.20 31.75 27.19
N PHE K 389 -0.64 32.71 26.48
CA PHE K 389 0.73 32.58 25.98
C PHE K 389 1.72 32.59 27.14
N LEU K 390 2.71 31.70 27.06
CA LEU K 390 3.74 31.58 28.08
C LEU K 390 5.04 32.14 27.53
N THR K 391 5.59 33.14 28.22
CA THR K 391 6.83 33.79 27.82
C THR K 391 7.85 33.65 28.94
N ARG K 392 9.08 33.30 28.58
CA ARG K 392 10.16 33.14 29.55
C ARG K 392 10.82 34.49 29.81
N CYS K 393 11.93 34.47 30.55
CA CYS K 393 12.66 35.69 30.87
C CYS K 393 14.15 35.40 30.78
N GLN K 394 14.93 36.48 30.70
CA GLN K 394 16.37 36.35 30.62
C GLN K 394 16.95 35.81 31.93
N GLN K 395 18.15 35.22 31.83
CA GLN K 395 18.80 34.67 33.01
C GLN K 395 19.11 35.76 34.04
N GLU K 396 19.28 37.01 33.60
CA GLU K 396 19.50 38.10 34.53
C GLU K 396 18.29 38.30 35.45
N GLU K 397 17.08 38.18 34.89
CA GLU K 397 15.88 38.32 35.71
C GLU K 397 15.79 37.20 36.75
N SER K 398 16.11 35.97 36.35
CA SER K 398 16.09 34.86 37.30
C SER K 398 17.14 35.05 38.39
N GLN K 399 18.33 35.52 38.02
CA GLN K 399 19.36 35.79 39.01
C GLN K 399 18.93 36.88 39.98
N ALA K 400 18.29 37.93 39.46
CA ALA K 400 17.79 38.99 40.33
C ALA K 400 16.71 38.49 41.26
N ALA K 401 15.82 37.63 40.76
CA ALA K 401 14.77 37.06 41.61
C ALA K 401 15.38 36.20 42.73
N ARG K 402 16.36 35.37 42.39
CA ARG K 402 17.03 34.57 43.41
C ARG K 402 17.73 35.46 44.43
N MET K 403 18.38 36.53 43.96
CA MET K 403 19.07 37.44 44.86
C MET K 403 18.10 38.12 45.82
N ILE K 404 16.97 38.62 45.30
CA ILE K 404 16.02 39.32 46.17
C ILE K 404 15.39 38.35 47.15
N HIS K 405 15.12 37.11 46.72
CA HIS K 405 14.58 36.11 47.63
C HIS K 405 15.56 35.82 48.76
N SER K 406 16.83 35.59 48.41
CA SER K 406 17.83 35.26 49.42
C SER K 406 18.04 36.42 50.39
N THR K 407 18.14 37.63 49.85
CA THR K 407 18.33 38.80 50.72
C THR K 407 17.13 39.02 51.62
N ALA K 408 15.92 38.85 51.08
CA ALA K 408 14.72 39.01 51.89
C ALA K 408 14.69 38.00 53.02
N GLY K 409 15.02 36.74 52.73
CA GLY K 409 15.04 35.74 53.78
C GLY K 409 16.07 36.03 54.85
N LEU K 410 17.30 36.37 54.43
CA LEU K 410 18.36 36.64 55.40
C LEU K 410 18.03 37.85 56.26
N TYR K 411 17.55 38.93 55.64
CA TYR K 411 17.25 40.13 56.41
C TYR K 411 16.01 39.95 57.27
N ASN K 412 15.05 39.12 56.83
CA ASN K 412 13.92 38.79 57.69
C ASN K 412 14.36 38.03 58.92
N GLN K 413 15.27 37.07 58.76
CA GLN K 413 15.83 36.40 59.92
C GLN K 413 16.56 37.38 60.83
N PHE K 414 17.30 38.33 60.22
CA PHE K 414 18.01 39.33 61.01
C PHE K 414 17.06 40.18 61.85
N ILE K 415 16.00 40.70 61.23
CA ILE K 415 15.09 41.56 61.98
C ILE K 415 14.31 40.75 63.01
N LYS K 416 14.00 39.48 62.69
CA LYS K 416 13.34 38.63 63.66
C LYS K 416 14.21 38.44 64.90
N GLY K 417 15.50 38.17 64.70
CA GLY K 417 16.40 38.04 65.84
C GLY K 417 16.56 39.34 66.61
N LEU K 418 16.65 40.47 65.90
CA LEU K 418 16.78 41.75 66.56
C LEU K 418 15.55 42.07 67.41
N ASP K 419 14.36 41.80 66.88
CA ASP K 419 13.14 42.05 67.63
C ASP K 419 13.01 41.07 68.81
N SER K 420 13.45 39.84 68.62
CA SER K 420 13.41 38.86 69.72
C SER K 420 14.32 39.30 70.87
N PHE K 421 15.51 39.81 70.55
CA PHE K 421 16.41 40.25 71.62
C PHE K 421 16.05 41.61 72.18
N SER K 422 15.37 42.46 71.41
CA SER K 422 15.11 43.84 71.85
C SER K 422 14.26 43.86 73.12
N GLY K 423 13.33 42.92 73.26
CA GLY K 423 12.51 42.83 74.44
C GLY K 423 13.09 42.02 75.58
N LYS K 424 14.32 41.53 75.43
CA LYS K 424 14.95 40.71 76.47
C LYS K 424 16.22 41.38 76.98
N PRO K 425 16.16 42.07 78.12
CA PRO K 425 17.39 42.68 78.67
C PRO K 425 18.39 41.63 79.13
N ARG K 426 19.06 40.99 78.18
CA ARG K 426 20.05 39.96 78.52
C ARG K 426 21.42 40.57 78.81
N ALA K 435 21.47 33.20 67.79
CA ALA K 435 22.73 33.37 67.07
C ALA K 435 22.48 33.99 65.70
N LEU K 436 22.55 35.30 65.62
CA LEU K 436 22.33 35.99 64.36
C LEU K 436 23.51 35.73 63.42
N PRO K 437 23.25 35.50 62.13
CA PRO K 437 24.34 35.28 61.15
C PRO K 437 24.97 36.59 60.68
N ILE K 438 25.85 37.15 61.53
CA ILE K 438 26.45 38.44 61.25
C ILE K 438 27.40 38.33 60.04
N GLU K 439 28.18 37.26 59.97
CA GLU K 439 29.08 37.10 58.84
C GLU K 439 28.31 36.96 57.53
N ALA K 440 27.22 36.18 57.54
CA ALA K 440 26.43 35.99 56.33
C ALA K 440 25.82 37.30 55.84
N VAL K 441 25.24 38.07 56.76
CA VAL K 441 24.63 39.33 56.35
C VAL K 441 25.69 40.34 55.92
N ILE K 442 26.87 40.33 56.56
CA ILE K 442 27.94 41.22 56.14
C ILE K 442 28.39 40.88 54.72
N LEU K 443 28.55 39.59 54.42
CA LEU K 443 28.93 39.18 53.08
C LEU K 443 27.85 39.55 52.07
N SER K 444 26.57 39.36 52.44
CA SER K 444 25.48 39.71 51.54
C SER K 444 25.47 41.21 51.25
N LEU K 445 25.68 42.04 52.28
CA LEU K 445 25.76 43.48 52.09
C LEU K 445 26.91 43.87 51.19
N GLN K 446 28.09 43.27 51.40
CA GLN K 446 29.24 43.58 50.56
C GLN K 446 28.99 43.19 49.10
N ASP K 447 28.41 42.01 48.89
CA ASP K 447 28.14 41.57 47.52
C ASP K 447 27.05 42.40 46.87
N LEU K 448 26.08 42.88 47.64
CA LEU K 448 25.07 43.77 47.08
C LEU K 448 25.66 45.12 46.72
N ILE K 449 26.59 45.61 47.54
CA ILE K 449 27.28 46.87 47.23
C ILE K 449 28.09 46.72 45.94
N GLY K 450 28.82 45.61 45.81
CA GLY K 450 29.52 45.36 44.57
C GLY K 450 28.58 45.15 43.39
N TYR K 451 27.37 44.66 43.66
CA TYR K 451 26.40 44.41 42.60
C TYR K 451 25.83 45.71 42.05
N PHE K 452 25.67 46.72 42.91
CA PHE K 452 25.12 48.01 42.51
C PHE K 452 26.20 49.04 42.19
N GLU K 453 27.35 48.60 41.70
CA GLU K 453 28.43 49.53 41.38
C GLU K 453 28.01 50.41 40.21
N PRO K 454 28.18 51.74 40.32
CA PRO K 454 27.82 52.61 39.21
C PRO K 454 28.70 52.34 38.01
N PRO K 455 28.19 52.55 36.80
CA PRO K 455 29.00 52.32 35.60
C PRO K 455 30.20 53.25 35.54
N SER K 456 31.30 52.72 35.02
CA SER K 456 32.53 53.51 34.89
C SER K 456 32.39 54.52 33.76
N GLU K 457 32.95 55.70 33.97
CA GLU K 457 32.90 56.76 32.96
C GLU K 457 33.86 56.52 31.81
N GLU K 458 34.84 55.62 31.99
CA GLU K 458 35.82 55.37 30.92
C GLU K 458 35.21 54.59 29.76
N LEU K 459 34.05 53.97 29.95
CA LEU K 459 33.43 53.20 28.88
C LEU K 459 32.83 54.14 27.83
N GLN K 460 32.47 53.55 26.69
CA GLN K 460 31.87 54.32 25.61
C GLN K 460 30.48 54.81 26.00
N HIS K 461 29.99 55.79 25.26
CA HIS K 461 28.69 56.39 25.58
C HIS K 461 27.57 55.37 25.46
N GLU K 462 27.60 54.53 24.41
CA GLU K 462 26.57 53.51 24.26
C GLU K 462 26.63 52.49 25.39
N GLU K 463 27.84 52.04 25.74
CA GLU K 463 27.98 51.10 26.84
C GLU K 463 27.58 51.72 28.16
N LYS K 464 27.94 52.99 28.38
CA LYS K 464 27.55 53.67 29.60
C LYS K 464 26.03 53.80 29.71
N GLN K 465 25.38 54.15 28.60
CA GLN K 465 23.92 54.26 28.60
C GLN K 465 23.26 52.90 28.85
N SER K 466 23.80 51.84 28.25
CA SER K 466 23.26 50.51 28.48
C SER K 466 23.42 50.10 29.94
N LYS K 467 24.57 50.37 30.53
CA LYS K 467 24.78 50.05 31.94
C LYS K 467 23.87 50.87 32.85
N LEU K 468 23.67 52.15 32.52
CA LEU K 468 22.77 52.99 33.30
C LEU K 468 21.34 52.47 33.22
N ARG K 469 20.90 52.07 32.03
CA ARG K 469 19.55 51.51 31.88
C ARG K 469 19.42 50.20 32.65
N SER K 470 20.45 49.36 32.62
CA SER K 470 20.43 48.12 33.37
C SER K 470 20.32 48.39 34.87
N LEU K 471 21.10 49.34 35.37
CA LEU K 471 21.03 49.69 36.78
C LEU K 471 19.67 50.27 37.14
N ARG K 472 19.10 51.10 36.27
CA ARG K 472 17.80 51.71 36.54
C ARG K 472 16.70 50.65 36.63
N ASN K 473 16.68 49.72 35.66
CA ASN K 473 15.63 48.70 35.70
C ASN K 473 15.87 47.71 36.83
N ARG K 474 17.12 47.44 37.19
CA ARG K 474 17.40 46.59 38.33
C ARG K 474 16.91 47.24 39.62
N GLN K 475 17.14 48.54 39.77
CA GLN K 475 16.64 49.25 40.94
C GLN K 475 15.12 49.27 40.97
N SER K 476 14.49 49.45 39.80
CA SER K 476 13.03 49.41 39.73
C SER K 476 12.49 48.06 40.15
N LEU K 477 13.12 46.97 39.69
CA LEU K 477 12.69 45.64 40.08
C LEU K 477 12.92 45.40 41.58
N PHE K 478 14.04 45.91 42.10
CA PHE K 478 14.32 45.78 43.54
C PHE K 478 13.27 46.51 44.36
N GLN K 479 12.85 47.70 43.91
CA GLN K 479 11.83 48.45 44.62
C GLN K 479 10.45 47.81 44.47
N GLU K 480 10.20 47.14 43.34
CA GLU K 480 8.89 46.52 43.11
C GLU K 480 8.63 45.41 44.13
N GLU K 481 9.67 44.73 44.59
CA GLU K 481 9.53 43.67 45.57
C GLU K 481 9.31 44.18 46.98
N GLY K 482 9.14 45.49 47.16
CA GLY K 482 8.96 46.05 48.49
C GLY K 482 10.21 46.03 49.34
N MET K 483 11.39 45.94 48.73
CA MET K 483 12.63 45.85 49.50
C MET K 483 12.98 47.17 50.15
N LEU K 484 12.43 48.29 49.65
CA LEU K 484 12.71 49.58 50.28
C LEU K 484 12.20 49.62 51.71
N SER K 485 10.97 49.12 51.93
CA SER K 485 10.45 49.04 53.29
C SER K 485 11.30 48.11 54.14
N LEU K 486 11.82 47.03 53.55
CA LEU K 486 12.64 46.09 54.30
C LEU K 486 13.93 46.75 54.76
N VAL K 487 14.63 47.45 53.87
CA VAL K 487 15.89 48.08 54.26
C VAL K 487 15.61 49.23 55.23
N LEU K 488 14.49 49.94 55.06
CA LEU K 488 14.13 50.99 56.02
C LEU K 488 13.91 50.40 57.41
N ASN K 489 13.20 49.28 57.49
CA ASN K 489 12.99 48.62 58.78
C ASN K 489 14.32 48.15 59.38
N CYS K 490 15.19 47.58 58.54
CA CYS K 490 16.47 47.10 59.03
C CYS K 490 17.32 48.24 59.59
N ILE K 491 17.38 49.36 58.87
CA ILE K 491 18.21 50.47 59.32
C ILE K 491 17.57 51.14 60.54
N ASP K 492 16.24 51.17 60.63
CA ASP K 492 15.60 51.70 61.82
C ASP K 492 15.90 50.84 63.04
N ARG K 493 15.85 49.51 62.88
CA ARG K 493 16.17 48.62 64.00
C ARG K 493 17.65 48.69 64.36
N LEU K 494 18.50 49.00 63.38
CA LEU K 494 19.93 49.17 63.68
C LEU K 494 20.21 50.48 64.41
N ASN K 495 19.56 51.57 64.00
CA ASN K 495 19.83 52.89 64.54
C ASN K 495 19.04 53.21 65.79
N VAL K 496 18.01 52.43 66.13
CA VAL K 496 17.29 52.66 67.38
C VAL K 496 18.22 52.43 68.56
N TYR K 497 19.18 51.52 68.42
CA TYR K 497 20.16 51.30 69.46
C TYR K 497 21.14 52.46 69.52
N THR K 498 21.72 52.68 70.71
CA THR K 498 22.69 53.73 70.94
C THR K 498 24.06 53.19 70.47
N THR K 499 25.15 53.88 70.81
CA THR K 499 26.49 53.53 70.36
C THR K 499 26.84 52.08 70.69
N ALA K 500 27.88 51.55 70.01
CA ALA K 500 28.17 50.13 70.08
C ALA K 500 28.38 49.65 71.50
N ALA K 501 29.28 50.30 72.24
CA ALA K 501 29.59 49.88 73.60
C ALA K 501 28.39 50.03 74.53
N HIS K 502 27.42 50.86 74.15
CA HIS K 502 26.27 51.07 75.01
C HIS K 502 25.25 49.95 74.86
N PHE K 503 24.68 49.80 73.66
CA PHE K 503 23.64 48.81 73.42
C PHE K 503 24.09 47.62 72.59
N ALA K 504 24.97 47.84 71.61
CA ALA K 504 25.43 46.70 70.81
C ALA K 504 26.31 45.76 71.62
N GLU K 505 27.05 46.29 72.60
CA GLU K 505 27.77 45.44 73.53
C GLU K 505 26.79 44.60 74.35
N TYR K 506 25.66 45.19 74.75
CA TYR K 506 24.61 44.42 75.40
C TYR K 506 24.08 43.33 74.46
N ALA K 507 23.98 43.64 73.17
CA ALA K 507 23.56 42.64 72.18
C ALA K 507 24.58 41.51 72.08
N GLY K 508 25.86 41.83 72.06
CA GLY K 508 26.90 40.83 71.96
C GLY K 508 28.25 41.41 71.58
N GLU K 509 29.33 40.70 71.92
CA GLU K 509 30.66 41.18 71.59
C GLU K 509 30.87 41.27 70.08
N GLU K 510 30.53 40.20 69.36
CA GLU K 510 30.60 40.24 67.91
C GLU K 510 29.64 41.28 67.33
N ALA K 511 28.44 41.37 67.91
CA ALA K 511 27.50 42.38 67.47
C ALA K 511 28.03 43.78 67.71
N ALA K 512 28.67 43.99 68.87
CA ALA K 512 29.27 45.30 69.15
C ALA K 512 30.38 45.62 68.16
N GLU K 513 31.21 44.63 67.83
CA GLU K 513 32.30 44.86 66.90
C GLU K 513 31.79 45.17 65.50
N SER K 514 30.73 44.48 65.05
CA SER K 514 30.29 44.56 63.67
C SER K 514 29.10 45.50 63.47
N TRP K 515 28.61 46.16 64.51
CA TRP K 515 27.49 47.07 64.35
C TRP K 515 27.84 48.24 63.44
N LYS K 516 29.02 48.83 63.63
CA LYS K 516 29.43 49.95 62.77
C LYS K 516 29.55 49.51 61.32
N GLU K 517 30.15 48.34 61.09
CA GLU K 517 30.31 47.85 59.73
C GLU K 517 28.95 47.58 59.08
N ILE K 518 28.03 46.97 59.82
CA ILE K 518 26.72 46.66 59.24
C ILE K 518 25.93 47.95 59.00
N VAL K 519 26.08 48.95 59.86
CA VAL K 519 25.40 50.22 59.67
C VAL K 519 25.93 50.92 58.42
N ASN K 520 27.25 50.95 58.26
CA ASN K 520 27.85 51.55 57.07
C ASN K 520 27.40 50.82 55.82
N LEU K 521 27.38 49.49 55.86
CA LEU K 521 26.98 48.70 54.69
C LEU K 521 25.52 48.95 54.35
N LEU K 522 24.65 49.02 55.35
CA LEU K 522 23.23 49.28 55.10
C LEU K 522 23.02 50.68 54.51
N TYR K 523 23.72 51.68 55.06
CA TYR K 523 23.60 53.03 54.52
C TYR K 523 24.11 53.10 53.08
N GLU K 524 25.23 52.43 52.79
CA GLU K 524 25.74 52.40 51.43
C GLU K 524 24.79 51.69 50.49
N LEU K 525 24.18 50.59 50.93
CA LEU K 525 23.20 49.90 50.09
C LEU K 525 22.00 50.80 49.80
N LEU K 526 21.49 51.49 50.82
CA LEU K 526 20.38 52.41 50.59
C LEU K 526 20.78 53.51 49.61
N ALA K 527 22.01 54.03 49.75
CA ALA K 527 22.49 55.07 48.85
C ALA K 527 22.57 54.57 47.41
N SER K 528 23.03 53.34 47.22
CA SER K 528 23.07 52.78 45.86
C SER K 528 21.66 52.52 45.32
N LEU K 529 20.72 52.19 46.21
CA LEU K 529 19.34 51.95 45.77
C LEU K 529 18.64 53.22 45.33
N ILE K 530 18.79 54.33 46.07
CA ILE K 530 18.07 55.54 45.69
C ILE K 530 18.62 56.09 44.38
N ARG K 531 19.93 56.02 44.17
CA ARG K 531 20.54 56.59 42.99
C ARG K 531 20.19 55.77 41.74
N GLY K 532 20.33 56.40 40.59
CA GLY K 532 20.05 55.75 39.32
C GLY K 532 18.64 55.96 38.82
N ASN K 533 17.65 55.47 39.56
CA ASN K 533 16.25 55.58 39.19
C ASN K 533 15.56 56.56 40.14
N ARG K 534 14.81 57.51 39.56
CA ARG K 534 14.13 58.51 40.38
C ARG K 534 12.94 57.91 41.13
N ALA K 535 12.49 56.72 40.74
CA ALA K 535 11.35 56.10 41.42
C ALA K 535 11.67 55.80 42.87
N ASN K 536 12.87 55.29 43.15
CA ASN K 536 13.26 54.99 44.53
C ASN K 536 13.30 56.26 45.36
N CYS K 537 13.86 57.34 44.82
CA CYS K 537 13.92 58.60 45.56
C CYS K 537 12.52 59.16 45.79
N ALA K 538 11.63 59.04 44.82
CA ALA K 538 10.25 59.49 45.00
C ALA K 538 9.56 58.69 46.09
N LEU K 539 9.77 57.37 46.11
CA LEU K 539 9.21 56.54 47.17
C LEU K 539 9.88 56.84 48.51
N PHE K 540 11.21 57.05 48.50
CA PHE K 540 11.94 57.31 49.73
C PHE K 540 11.68 58.71 50.27
N SER K 541 11.07 59.60 49.47
CA SER K 541 10.82 60.96 49.92
C SER K 541 9.84 61.03 51.09
N THR K 542 9.05 59.97 51.31
CA THR K 542 8.12 59.96 52.42
C THR K 542 8.81 59.87 53.77
N ASN K 543 10.09 59.55 53.82
CA ASN K 543 10.85 59.44 55.07
C ASN K 543 11.90 60.54 55.18
N LEU K 544 11.62 61.71 54.60
CA LEU K 544 12.55 62.82 54.69
C LEU K 544 12.73 63.28 56.14
N ASP K 545 11.63 63.33 56.90
CA ASP K 545 11.74 63.64 58.32
C ASP K 545 12.53 62.57 59.06
N TRP K 546 12.40 61.31 58.63
CA TRP K 546 13.20 60.25 59.22
C TRP K 546 14.69 60.47 58.94
N VAL K 547 15.02 60.90 57.73
CA VAL K 547 16.42 61.20 57.40
C VAL K 547 16.93 62.35 58.26
N VAL K 548 16.10 63.39 58.43
CA VAL K 548 16.51 64.53 59.24
C VAL K 548 16.73 64.11 60.70
N SER K 549 15.82 63.28 61.24
CA SER K 549 15.96 62.84 62.62
C SER K 549 17.21 61.98 62.81
N LYS K 550 17.48 61.08 61.87
CA LYS K 550 18.68 60.24 61.94
C LYS K 550 19.95 61.01 61.64
N LEU K 551 19.85 62.25 61.16
CA LEU K 551 21.03 62.99 60.74
C LEU K 551 21.96 63.28 61.92
N ASP K 552 21.37 63.59 63.09
CA ASP K 552 22.15 63.91 64.28
C ASP K 552 22.56 62.67 65.07
N ARG K 553 22.54 61.49 64.44
CA ARG K 553 22.92 60.27 65.15
C ARG K 553 24.41 60.22 65.47
N LEU K 554 25.23 61.03 64.79
CA LEU K 554 26.67 61.15 65.00
C LEU K 554 27.42 59.84 64.73
N GLU K 555 26.77 58.86 64.11
CA GLU K 555 27.41 57.60 63.75
C GLU K 555 27.17 57.33 62.28
N ALA K 556 28.26 57.10 61.54
CA ALA K 556 28.18 56.85 60.10
C ALA K 556 27.45 57.97 59.38
N SER K 557 27.78 59.22 59.73
CA SER K 557 27.09 60.37 59.16
C SER K 557 27.31 60.51 57.66
N SER K 558 28.43 59.98 57.14
CA SER K 558 28.72 60.14 55.72
C SER K 558 27.68 59.44 54.85
N GLY K 559 27.28 58.23 55.22
CA GLY K 559 26.32 57.49 54.41
C GLY K 559 24.97 58.17 54.34
N ILE K 560 24.45 58.59 55.49
CA ILE K 560 23.14 59.23 55.51
C ILE K 560 23.22 60.61 54.85
N LEU K 561 24.36 61.30 55.00
CA LEU K 561 24.54 62.56 54.31
C LEU K 561 24.50 62.39 52.80
N GLU K 562 25.19 61.36 52.29
CA GLU K 562 25.16 61.06 50.86
C GLU K 562 23.74 60.66 50.42
N VAL K 563 23.03 59.93 51.28
CA VAL K 563 21.64 59.57 50.97
C VAL K 563 20.79 60.82 50.82
N LEU K 564 20.92 61.76 51.76
CA LEU K 564 20.12 62.98 51.70
C LEU K 564 20.49 63.80 50.46
N TYR K 565 21.80 63.89 50.16
CA TYR K 565 22.24 64.62 48.98
C TYR K 565 21.65 64.02 47.70
N CYS K 566 21.66 62.69 47.60
CA CYS K 566 21.08 62.03 46.44
C CYS K 566 19.58 62.27 46.36
N VAL K 567 18.90 62.27 47.51
CA VAL K 567 17.46 62.51 47.51
C VAL K 567 17.13 63.91 47.00
N LEU K 568 17.87 64.92 47.48
CA LEU K 568 17.63 66.28 46.99
C LEU K 568 18.02 66.43 45.53
N ILE K 569 19.11 65.82 45.10
CA ILE K 569 19.59 66.07 43.74
C ILE K 569 18.79 65.26 42.71
N GLU K 570 18.11 64.20 43.13
CA GLU K 570 17.42 63.33 42.18
C GLU K 570 15.97 63.76 41.96
N SER K 571 15.16 63.79 43.03
CA SER K 571 13.74 64.08 42.90
C SER K 571 13.48 65.54 43.23
N PRO K 572 13.07 66.37 42.28
CA PRO K 572 12.77 67.78 42.60
C PRO K 572 11.58 67.95 43.53
N GLU K 573 10.72 66.95 43.67
CA GLU K 573 9.54 67.09 44.51
C GLU K 573 9.88 67.10 46.00
N VAL K 574 11.07 66.61 46.38
CA VAL K 574 11.42 66.55 47.79
C VAL K 574 11.62 67.94 48.37
N LEU K 575 12.27 68.84 47.61
CA LEU K 575 12.61 70.16 48.15
C LEU K 575 11.39 71.05 48.34
N ASN K 576 10.22 70.65 47.83
CA ASN K 576 9.01 71.43 48.01
C ASN K 576 8.44 71.35 49.42
N ILE K 577 8.96 70.46 50.28
CA ILE K 577 8.41 70.28 51.61
C ILE K 577 9.51 70.43 52.66
N ILE K 578 10.54 71.20 52.37
CA ILE K 578 11.60 71.48 53.33
C ILE K 578 11.12 72.54 54.32
N GLN K 579 11.26 72.25 55.61
CA GLN K 579 10.89 73.17 56.66
C GLN K 579 12.15 73.78 57.29
N GLU K 580 11.95 74.66 58.27
CA GLU K 580 13.08 75.28 58.95
C GLU K 580 13.86 74.28 59.77
N ASN K 581 13.21 73.23 60.27
CA ASN K 581 13.91 72.23 61.07
C ASN K 581 14.98 71.52 60.25
N HIS K 582 14.73 71.28 58.96
CA HIS K 582 15.74 70.67 58.11
C HIS K 582 16.98 71.54 58.00
N ILE K 583 16.78 72.85 57.80
CA ILE K 583 17.90 73.77 57.71
C ILE K 583 18.65 73.82 59.04
N LYS K 584 17.91 73.82 60.16
CA LYS K 584 18.55 73.83 61.47
C LYS K 584 19.39 72.56 61.67
N SER K 585 18.86 71.41 61.27
CA SER K 585 19.61 70.16 61.40
C SER K 585 20.87 70.17 60.54
N ILE K 586 20.77 70.70 59.32
CA ILE K 586 21.94 70.76 58.45
C ILE K 586 22.98 71.74 59.01
N ILE K 587 22.52 72.84 59.61
CA ILE K 587 23.44 73.78 60.25
C ILE K 587 24.14 73.11 61.42
N SER K 588 23.40 72.32 62.20
CA SER K 588 24.00 71.56 63.29
C SER K 588 25.04 70.57 62.75
N LEU K 589 24.74 69.92 61.63
CA LEU K 589 25.70 69.04 60.98
C LEU K 589 26.98 69.79 60.65
N LEU K 590 26.84 70.95 60.00
CA LEU K 590 28.02 71.72 59.60
C LEU K 590 28.81 72.21 60.81
N ASP K 591 28.13 72.56 61.90
CA ASP K 591 28.81 73.09 63.07
C ASP K 591 29.51 72.01 63.89
N LYS K 592 28.90 70.82 64.00
CA LYS K 592 29.39 69.81 64.92
C LYS K 592 30.17 68.67 64.24
N HIS K 593 30.02 68.49 62.93
CA HIS K 593 30.71 67.42 62.23
C HIS K 593 31.93 67.92 61.45
N GLY K 594 32.38 69.14 61.71
CA GLY K 594 33.56 69.67 61.07
C GLY K 594 33.26 70.32 59.73
N ARG K 595 34.32 70.83 59.11
CA ARG K 595 34.22 71.50 57.82
C ARG K 595 34.23 70.46 56.72
N ASN K 596 33.03 70.08 56.26
CA ASN K 596 32.88 69.11 55.18
C ASN K 596 32.25 69.79 53.97
N HIS K 597 32.92 69.68 52.82
CA HIS K 597 32.42 70.30 51.61
C HIS K 597 31.13 69.65 51.10
N LYS K 598 30.91 68.38 51.44
CA LYS K 598 29.69 67.72 51.00
C LYS K 598 28.45 68.34 51.64
N VAL K 599 28.57 68.87 52.86
CA VAL K 599 27.46 69.59 53.47
C VAL K 599 27.12 70.83 52.64
N LEU K 600 28.14 71.57 52.20
CA LEU K 600 27.91 72.74 51.36
C LEU K 600 27.31 72.34 50.02
N ASP K 601 27.74 71.19 49.47
CA ASP K 601 27.12 70.69 48.25
C ASP K 601 25.65 70.37 48.46
N VAL K 602 25.31 69.81 49.63
CA VAL K 602 23.91 69.58 49.98
C VAL K 602 23.17 70.90 50.02
N LEU K 603 23.80 71.93 50.61
CA LEU K 603 23.21 73.27 50.59
C LEU K 603 23.00 73.78 49.18
N CYS K 604 23.95 73.50 48.28
CA CYS K 604 23.86 73.99 46.91
C CYS K 604 22.66 73.39 46.19
N SER K 605 22.42 72.10 46.38
CA SER K 605 21.29 71.44 45.73
C SER K 605 19.94 71.88 46.28
N LEU K 606 19.92 72.53 47.44
CA LEU K 606 18.67 72.95 48.09
C LEU K 606 18.12 74.25 47.52
N CYS K 607 18.84 74.90 46.61
CA CYS K 607 18.40 76.16 46.03
C CYS K 607 17.82 76.04 44.64
N VAL K 608 18.22 75.03 43.86
CA VAL K 608 17.75 74.83 42.50
C VAL K 608 17.14 73.44 42.39
N CYS K 609 15.91 73.37 41.90
CA CYS K 609 15.21 72.11 41.67
C CYS K 609 14.80 72.05 40.20
N ASN K 610 15.55 71.31 39.40
CA ASN K 610 15.31 71.17 37.97
C ASN K 610 15.26 72.52 37.28
N GLY K 611 16.18 73.41 37.67
CA GLY K 611 16.27 74.73 37.11
C GLY K 611 15.36 75.76 37.76
N VAL K 612 14.58 75.37 38.76
CA VAL K 612 13.65 76.27 39.44
C VAL K 612 14.23 76.59 40.82
N ALA K 613 14.11 77.85 41.21
CA ALA K 613 14.65 78.33 42.49
C ALA K 613 13.52 78.42 43.52
N VAL K 614 13.79 77.90 44.71
CA VAL K 614 12.84 77.96 45.82
C VAL K 614 13.21 79.18 46.67
N ARG K 615 12.37 80.21 46.62
CA ARG K 615 12.64 81.44 47.37
C ARG K 615 12.64 81.18 48.87
N SER K 616 11.68 80.39 49.36
CA SER K 616 11.59 80.11 50.79
C SER K 616 12.83 79.36 51.28
N ASN K 617 13.28 78.36 50.52
CA ASN K 617 14.47 77.60 50.92
C ASN K 617 15.70 78.49 50.96
N GLN K 618 15.88 79.35 49.95
CA GLN K 618 17.04 80.24 49.94
C GLN K 618 16.97 81.23 51.09
N ASP K 619 15.79 81.77 51.37
CA ASP K 619 15.65 82.70 52.48
C ASP K 619 15.96 82.02 53.82
N LEU K 620 15.46 80.80 54.01
CA LEU K 620 15.75 80.07 55.23
C LEU K 620 17.24 79.76 55.35
N ILE K 621 17.88 79.42 54.23
CA ILE K 621 19.31 79.13 54.24
C ILE K 621 20.11 80.37 54.63
N THR K 622 19.76 81.53 54.06
CA THR K 622 20.53 82.74 54.27
C THR K 622 20.15 83.50 55.55
N GLU K 623 19.04 83.15 56.19
CA GLU K 623 18.62 83.86 57.39
C GLU K 623 19.19 83.30 58.68
N ASN K 624 19.85 82.14 58.65
CA ASN K 624 20.42 81.55 59.85
C ASN K 624 21.93 81.39 59.77
N LEU K 625 22.44 80.74 58.72
CA LEU K 625 23.87 80.47 58.63
C LEU K 625 24.65 81.76 58.38
N LEU K 626 24.21 82.57 57.42
CA LEU K 626 24.94 83.78 57.06
C LEU K 626 25.01 84.81 58.19
N PRO K 627 23.91 85.19 58.85
CA PRO K 627 24.03 86.24 59.88
C PRO K 627 24.92 85.85 61.05
N GLY K 628 25.05 84.56 61.35
CA GLY K 628 25.89 84.15 62.46
C GLY K 628 27.35 84.52 62.27
N ARG K 629 27.87 84.33 61.06
CA ARG K 629 29.26 84.65 60.73
C ARG K 629 30.23 83.92 61.64
N GLU K 630 29.87 82.70 62.03
CA GLU K 630 30.70 81.88 62.89
C GLU K 630 31.06 80.53 62.31
N LEU K 631 30.50 80.16 61.16
CA LEU K 631 30.77 78.87 60.53
C LEU K 631 31.47 79.01 59.18
N LEU K 632 30.99 79.92 58.33
CA LEU K 632 31.58 80.09 57.01
C LEU K 632 32.79 81.03 57.07
N LEU K 633 33.76 80.76 56.21
CA LEU K 633 34.96 81.59 56.14
C LEU K 633 34.62 82.96 55.57
N GLN K 634 35.35 83.97 56.04
CA GLN K 634 35.11 85.36 55.65
C GLN K 634 36.41 85.97 55.10
N THR K 635 36.24 86.91 54.17
CA THR K 635 37.36 87.59 53.54
C THR K 635 37.21 89.09 53.70
N ASN K 636 38.35 89.78 53.76
CA ASN K 636 38.37 91.23 53.92
C ASN K 636 39.64 91.78 53.28
N LEU K 637 39.58 93.06 52.91
CA LEU K 637 40.72 93.74 52.31
C LEU K 637 41.46 94.48 53.40
N ILE K 638 42.55 93.89 53.88
CA ILE K 638 43.38 94.50 54.91
C ILE K 638 44.60 95.11 54.24
N ASN K 639 45.25 96.02 54.96
CA ASN K 639 46.44 96.71 54.45
C ASN K 639 47.69 96.10 55.05
N TYR K 640 48.76 96.06 54.25
CA TYR K 640 50.04 95.57 54.73
C TYR K 640 50.62 96.54 55.75
N VAL K 641 51.16 95.98 56.84
CA VAL K 641 51.76 96.77 57.90
C VAL K 641 53.13 96.20 58.23
N THR K 642 54.13 97.08 58.31
CA THR K 642 55.49 96.70 58.68
C THR K 642 55.96 97.61 59.79
N SER K 643 56.91 97.09 60.59
CA SER K 643 57.46 97.82 61.72
C SER K 643 58.97 97.84 61.62
N ILE K 644 59.57 98.90 62.18
CA ILE K 644 61.02 99.07 62.20
C ILE K 644 61.46 99.37 63.62
N ARG K 645 62.67 98.95 63.96
CA ARG K 645 63.21 99.17 65.29
C ARG K 645 64.64 99.65 65.20
N PRO K 646 65.07 100.49 66.13
CA PRO K 646 66.48 100.87 66.22
C PRO K 646 67.26 99.87 67.05
N ASN K 647 68.58 100.07 67.09
CA ASN K 647 69.47 99.20 67.88
C ASN K 647 69.60 99.70 69.31
N ILE K 648 68.46 99.82 69.99
CA ILE K 648 68.40 100.29 71.37
C ILE K 648 67.76 99.15 72.18
N PHE K 649 68.58 98.44 72.96
CA PHE K 649 68.12 97.32 73.77
C PHE K 649 68.26 97.68 75.25
N VAL K 650 67.15 97.58 75.98
CA VAL K 650 67.13 97.84 77.42
C VAL K 650 66.42 96.67 78.10
N GLY K 651 67.11 96.01 78.99
CA GLY K 651 66.54 94.87 79.70
C GLY K 651 66.73 94.99 81.20
N ARG K 652 65.71 94.58 81.94
CA ARG K 652 65.73 94.66 83.39
C ARG K 652 66.27 93.36 83.97
N ALA K 653 67.30 93.47 84.80
CA ALA K 653 67.91 92.32 85.45
C ALA K 653 68.62 92.79 86.71
N GLU K 654 68.90 91.82 87.59
CA GLU K 654 69.60 92.14 88.83
C GLU K 654 70.99 92.69 88.56
N GLY K 655 71.74 92.05 87.65
CA GLY K 655 73.06 92.49 87.28
C GLY K 655 73.11 93.40 86.08
N SER K 656 71.96 93.84 85.56
CA SER K 656 71.94 94.70 84.39
C SER K 656 72.54 96.07 84.71
N THR K 657 73.32 96.59 83.77
CA THR K 657 73.94 97.90 83.91
C THR K 657 73.10 99.03 83.32
N GLN K 658 71.92 98.73 82.80
CA GLN K 658 71.06 99.74 82.23
C GLN K 658 70.40 100.58 83.32
N TYR K 659 69.88 101.74 82.92
CA TYR K 659 69.22 102.63 83.85
C TYR K 659 67.90 102.04 84.32
N GLY K 660 67.44 102.50 85.49
CA GLY K 660 66.17 102.02 86.02
C GLY K 660 64.99 102.41 85.16
N LYS K 661 65.01 103.63 84.61
CA LYS K 661 63.92 104.12 83.78
C LYS K 661 64.50 104.81 82.55
N TRP K 662 63.75 104.74 81.45
CA TRP K 662 64.12 105.37 80.19
C TRP K 662 62.92 106.12 79.63
N TYR K 663 63.18 106.94 78.62
CA TYR K 663 62.13 107.75 78.02
C TYR K 663 62.51 108.08 76.59
N PHE K 664 61.51 108.09 75.70
CA PHE K 664 61.71 108.46 74.31
C PHE K 664 60.43 109.06 73.77
N GLU K 665 60.55 109.83 72.69
CA GLU K 665 59.41 110.51 72.08
C GLU K 665 59.47 110.36 70.57
N VAL K 666 58.30 110.43 69.94
CA VAL K 666 58.18 110.37 68.48
C VAL K 666 57.19 111.43 68.04
N MET K 667 57.51 112.12 66.95
CA MET K 667 56.68 113.18 66.39
C MET K 667 56.11 112.74 65.06
N VAL K 668 54.80 112.89 64.90
CA VAL K 668 54.11 112.51 63.67
C VAL K 668 54.12 113.73 62.76
N ASP K 669 55.00 113.71 61.75
CA ASP K 669 55.11 114.85 60.83
C ASP K 669 53.85 115.02 60.00
N GLU K 670 53.39 113.94 59.37
CA GLU K 670 52.22 114.01 58.50
C GLU K 670 51.68 112.62 58.19
N VAL K 671 50.37 112.44 58.26
CA VAL K 671 49.73 111.17 57.93
C VAL K 671 48.51 111.44 57.05
N VAL K 672 48.14 110.43 56.28
CA VAL K 672 46.96 110.49 55.42
C VAL K 672 45.77 109.99 56.22
N PRO K 673 44.69 110.76 56.34
CA PRO K 673 43.54 110.29 57.14
C PRO K 673 42.92 109.00 56.60
N PHE K 674 42.71 108.92 55.29
CA PHE K 674 42.17 107.70 54.66
C PHE K 674 42.92 107.49 53.35
N LEU K 675 44.04 106.77 53.41
CA LEU K 675 44.75 106.41 52.18
C LEU K 675 44.06 105.26 51.46
N THR K 676 43.56 104.28 52.20
CA THR K 676 42.86 103.14 51.63
C THR K 676 41.47 103.01 52.24
N ALA K 677 40.80 101.89 51.97
CA ALA K 677 39.46 101.67 52.53
C ALA K 677 39.51 101.58 54.05
N GLN K 678 40.49 100.88 54.59
CA GLN K 678 40.65 100.78 56.03
C GLN K 678 41.40 101.98 56.57
N ALA K 679 41.16 102.30 57.84
CA ALA K 679 41.82 103.43 58.48
C ALA K 679 43.31 103.14 58.69
N THR K 680 44.10 104.21 58.68
CA THR K 680 45.53 104.08 58.90
C THR K 680 45.81 103.64 60.33
N HIS K 681 46.79 102.76 60.48
CA HIS K 681 47.17 102.19 61.78
C HIS K 681 48.50 102.80 62.20
N LEU K 682 48.52 103.41 63.39
CA LEU K 682 49.72 104.05 63.92
C LEU K 682 49.74 103.84 65.43
N ARG K 683 50.63 102.96 65.89
CA ARG K 683 50.81 102.70 67.30
C ARG K 683 52.29 102.57 67.62
N VAL K 684 52.70 103.13 68.75
CA VAL K 684 54.08 103.09 69.21
C VAL K 684 54.11 102.64 70.66
N GLY K 685 55.25 102.11 71.06
CA GLY K 685 55.39 101.66 72.44
C GLY K 685 56.62 100.77 72.61
N TRP K 686 56.52 99.86 73.57
CA TRP K 686 57.61 99.00 73.99
C TRP K 686 57.25 97.55 73.73
N ALA K 687 58.27 96.72 73.48
CA ALA K 687 58.05 95.31 73.21
C ALA K 687 59.28 94.53 73.64
N LEU K 688 59.08 93.23 73.87
CA LEU K 688 60.17 92.36 74.29
C LEU K 688 60.83 91.72 73.08
N THR K 689 62.17 91.71 73.08
CA THR K 689 62.91 91.40 71.86
C THR K 689 62.70 89.97 71.39
N GLU K 690 62.67 89.01 72.31
CA GLU K 690 62.57 87.60 71.92
C GLU K 690 61.28 87.31 71.18
N GLY K 691 60.15 87.81 71.68
CA GLY K 691 58.87 87.67 71.04
C GLY K 691 58.54 88.84 70.15
N TYR K 692 57.25 88.96 69.83
CA TYR K 692 56.72 90.01 68.97
C TYR K 692 57.47 90.04 67.63
N SER K 693 57.31 88.95 66.89
CA SER K 693 57.86 88.86 65.55
C SER K 693 56.76 89.12 64.52
N PRO K 694 56.59 90.36 64.07
CA PRO K 694 55.49 90.68 63.15
C PRO K 694 55.80 90.23 61.74
N TYR K 695 55.15 89.16 61.31
CA TYR K 695 55.31 88.66 59.95
C TYR K 695 54.27 89.29 59.04
N PRO K 696 54.68 90.01 57.99
CA PRO K 696 53.68 90.60 57.09
C PRO K 696 52.80 89.52 56.46
N GLY K 697 51.51 89.87 56.31
CA GLY K 697 50.55 88.91 55.81
C GLY K 697 49.69 88.31 56.90
N GLY K 698 50.00 87.09 57.31
CA GLY K 698 49.23 86.43 58.34
C GLY K 698 49.39 87.09 59.70
N GLY K 699 48.40 86.86 60.55
CA GLY K 699 48.42 87.44 61.88
C GLY K 699 47.22 87.01 62.67
N GLU K 700 47.02 87.67 63.82
CA GLU K 700 45.90 87.39 64.70
C GLU K 700 44.81 88.43 64.51
N GLY K 701 43.67 88.22 65.18
CA GLY K 701 42.57 89.15 65.06
C GLY K 701 41.97 89.12 63.67
N TRP K 702 41.94 90.28 63.01
CA TRP K 702 41.44 90.40 61.65
C TRP K 702 42.54 90.80 60.67
N GLY K 703 43.80 90.61 61.03
CA GLY K 703 44.92 90.98 60.19
C GLY K 703 45.48 92.34 60.54
N GLY K 704 46.58 92.68 59.87
CA GLY K 704 47.25 93.95 60.12
C GLY K 704 47.83 94.05 61.52
N ASN K 705 48.49 93.00 61.99
CA ASN K 705 49.06 93.01 63.33
C ASN K 705 50.22 93.99 63.41
N GLY K 706 50.22 94.82 64.45
CA GLY K 706 51.28 95.78 64.65
C GLY K 706 51.65 95.93 66.11
N VAL K 707 51.99 97.15 66.53
CA VAL K 707 52.33 97.39 67.92
C VAL K 707 51.06 97.34 68.76
N GLY K 708 51.07 96.50 69.79
CA GLY K 708 49.90 96.31 70.63
C GLY K 708 48.96 95.21 70.17
N ASP K 709 49.16 94.65 68.98
CA ASP K 709 48.32 93.54 68.53
C ASP K 709 48.49 92.32 69.42
N ASP K 710 49.72 92.02 69.81
CA ASP K 710 50.01 90.94 70.73
C ASP K 710 50.31 91.49 72.11
N LEU K 711 50.18 90.62 73.11
CA LEU K 711 50.42 91.04 74.50
C LEU K 711 51.89 91.38 74.75
N TYR K 712 52.81 90.91 73.90
CA TYR K 712 54.22 91.24 74.08
C TYR K 712 54.47 92.73 73.88
N SER K 713 53.78 93.34 72.91
CA SER K 713 53.94 94.75 72.60
C SER K 713 52.77 95.56 73.16
N TYR K 714 53.06 96.76 73.63
CA TYR K 714 52.06 97.67 74.16
C TYR K 714 52.05 98.94 73.32
N GLY K 715 50.85 99.39 72.94
CA GLY K 715 50.72 100.51 72.05
C GLY K 715 49.71 101.53 72.55
N PHE K 716 49.82 102.74 72.00
CA PHE K 716 48.92 103.85 72.30
C PHE K 716 48.42 104.42 70.98
N ASP K 717 47.17 104.15 70.65
CA ASP K 717 46.58 104.56 69.38
C ASP K 717 45.94 105.93 69.43
N GLY K 718 45.99 106.63 70.57
CA GLY K 718 45.39 107.94 70.69
C GLY K 718 44.15 107.94 71.56
N LEU K 719 43.35 106.88 71.44
CA LEU K 719 42.13 106.74 72.24
C LEU K 719 42.08 105.42 73.00
N HIS K 720 42.59 104.34 72.41
CA HIS K 720 42.57 103.03 73.03
C HIS K 720 43.99 102.53 73.21
N LEU K 721 44.31 102.04 74.40
CA LEU K 721 45.62 101.46 74.69
C LEU K 721 45.56 99.99 74.31
N TRP K 722 45.94 99.70 73.06
CA TRP K 722 45.85 98.34 72.54
C TRP K 722 46.86 97.43 73.23
N THR K 723 46.40 96.23 73.59
CA THR K 723 47.26 95.22 74.20
C THR K 723 46.60 93.86 74.01
N GLY K 724 47.32 92.94 73.36
CA GLY K 724 46.77 91.63 73.07
C GLY K 724 45.56 91.66 72.17
N HIS K 725 45.56 92.55 71.18
CA HIS K 725 44.44 92.74 70.25
C HIS K 725 43.14 93.11 70.96
N VAL K 726 43.23 93.70 72.14
CA VAL K 726 42.08 94.18 72.89
C VAL K 726 42.23 95.68 73.08
N ALA K 727 41.21 96.43 72.65
CA ALA K 727 41.26 97.88 72.74
C ALA K 727 40.75 98.34 74.10
N ARG K 728 41.63 98.93 74.89
CA ARG K 728 41.25 99.46 76.20
C ARG K 728 41.12 100.97 76.11
N PRO K 729 39.90 101.52 76.22
CA PRO K 729 39.74 102.97 76.09
C PRO K 729 40.51 103.73 77.16
N VAL K 730 41.07 104.87 76.78
CA VAL K 730 41.83 105.73 77.68
C VAL K 730 41.27 107.14 77.56
N THR K 731 41.02 107.78 78.71
CA THR K 731 40.45 109.12 78.75
C THR K 731 41.57 110.15 78.57
N SER K 732 42.15 110.14 77.37
CA SER K 732 43.20 111.08 77.03
C SER K 732 42.61 112.45 76.76
N PRO K 733 43.05 113.50 77.44
CA PRO K 733 42.50 114.85 77.17
C PRO K 733 42.87 115.31 75.78
N GLY K 734 41.84 115.73 75.02
CA GLY K 734 42.06 116.17 73.66
C GLY K 734 42.59 115.08 72.74
N GLN K 735 41.99 113.89 72.82
CA GLN K 735 42.43 112.77 72.00
C GLN K 735 42.23 113.07 70.52
N HIS K 736 43.22 112.72 69.71
CA HIS K 736 43.17 112.99 68.28
C HIS K 736 43.58 111.79 67.44
N LEU K 737 43.80 110.62 68.06
CA LEU K 737 44.19 109.40 67.36
C LEU K 737 45.46 109.60 66.55
N LEU K 738 46.48 110.16 67.20
CA LEU K 738 47.79 110.40 66.58
C LEU K 738 47.65 111.30 65.36
N ALA K 739 47.18 112.53 65.59
CA ALA K 739 47.01 113.50 64.54
C ALA K 739 48.36 113.97 64.02
N PRO K 740 48.42 114.45 62.77
CA PRO K 740 49.68 114.99 62.26
C PRO K 740 50.11 116.23 63.02
N GLU K 741 51.42 116.48 63.02
CA GLU K 741 52.05 117.59 63.74
C GLU K 741 51.82 117.48 65.25
N ASP K 742 51.71 116.25 65.75
CA ASP K 742 51.57 115.99 67.18
C ASP K 742 52.65 115.02 67.60
N VAL K 743 53.34 115.34 68.70
CA VAL K 743 54.44 114.55 69.22
C VAL K 743 54.02 113.92 70.53
N VAL K 744 54.20 112.61 70.64
CA VAL K 744 53.88 111.87 71.85
C VAL K 744 55.17 111.44 72.53
N SER K 745 55.15 111.43 73.86
CA SER K 745 56.30 111.08 74.68
C SER K 745 55.96 109.85 75.51
N CYS K 746 56.83 108.85 75.46
CA CYS K 746 56.63 107.59 76.17
C CYS K 746 57.69 107.42 77.24
N CYS K 747 57.27 107.08 78.45
CA CYS K 747 58.17 106.87 79.58
C CYS K 747 57.92 105.49 80.17
N LEU K 748 59.00 104.78 80.50
CA LEU K 748 58.89 103.46 81.10
C LEU K 748 59.94 103.32 82.19
N ASP K 749 59.69 102.39 83.10
CA ASP K 749 60.62 102.06 84.18
C ASP K 749 60.91 100.57 84.14
N LEU K 750 62.20 100.22 84.11
CA LEU K 750 62.58 98.82 84.08
C LEU K 750 62.42 98.15 85.45
N SER K 751 62.74 98.88 86.53
CA SER K 751 62.67 98.30 87.86
C SER K 751 61.23 98.01 88.27
N VAL K 752 60.34 98.98 88.10
CA VAL K 752 58.93 98.84 88.43
C VAL K 752 58.13 98.86 87.13
N PRO K 753 57.28 97.87 86.87
CA PRO K 753 56.53 97.85 85.61
C PRO K 753 55.55 99.01 85.50
N SER K 754 55.82 99.91 84.55
CA SER K 754 54.96 101.08 84.36
C SER K 754 55.19 101.63 82.96
N ILE K 755 54.15 101.63 82.13
CA ILE K 755 54.22 102.16 80.77
C ILE K 755 53.32 103.39 80.71
N SER K 756 53.90 104.53 80.36
CA SER K 756 53.18 105.79 80.32
C SER K 756 53.42 106.50 78.99
N PHE K 757 52.45 107.29 78.58
CA PHE K 757 52.52 108.07 77.35
C PHE K 757 52.08 109.50 77.63
N ARG K 758 52.61 110.43 76.84
CA ARG K 758 52.30 111.85 76.98
C ARG K 758 52.14 112.45 75.59
N ILE K 759 50.90 112.63 75.16
CA ILE K 759 50.61 113.17 73.83
C ILE K 759 50.42 114.67 73.96
N ASN K 760 51.27 115.44 73.25
CA ASN K 760 51.24 116.90 73.26
C ASN K 760 51.33 117.45 74.69
N GLY K 761 52.14 116.80 75.52
CA GLY K 761 52.32 117.21 76.89
C GLY K 761 51.24 116.75 77.85
N CYS K 762 50.24 116.00 77.37
CA CYS K 762 49.16 115.52 78.22
C CYS K 762 49.37 114.05 78.52
N PRO K 763 49.64 113.67 79.77
CA PRO K 763 49.83 112.24 80.08
C PRO K 763 48.54 111.46 79.87
N VAL K 764 48.70 110.20 79.48
CA VAL K 764 47.55 109.33 79.24
C VAL K 764 47.03 108.80 80.58
N GLN K 765 45.71 108.72 80.70
CA GLN K 765 45.11 108.22 81.93
C GLN K 765 45.47 106.76 82.18
N GLY K 766 45.46 105.93 81.13
CA GLY K 766 45.75 104.52 81.28
C GLY K 766 47.24 104.25 81.25
N VAL K 767 47.71 103.51 82.26
CA VAL K 767 49.11 103.17 82.40
C VAL K 767 49.22 101.66 82.63
N PHE K 768 50.03 101.00 81.80
CA PHE K 768 50.25 99.56 81.96
C PHE K 768 51.12 99.29 83.17
N GLU K 769 50.94 98.10 83.75
CA GLU K 769 51.70 97.72 84.94
C GLU K 769 51.68 96.19 85.06
N ALA K 770 52.58 95.68 85.90
CA ALA K 770 52.66 94.26 86.22
C ALA K 770 52.91 93.41 84.97
N PHE K 771 54.04 93.68 84.31
CA PHE K 771 54.47 92.90 83.17
C PHE K 771 55.90 92.42 83.39
N ASN K 772 56.16 91.17 83.04
CA ASN K 772 57.48 90.58 83.25
C ASN K 772 58.46 91.08 82.19
N LEU K 773 59.59 91.60 82.64
CA LEU K 773 60.65 92.08 81.74
C LEU K 773 61.70 90.98 81.53
N ASP K 774 61.25 89.86 80.99
CA ASP K 774 62.16 88.74 80.74
C ASP K 774 63.22 89.09 79.72
N GLY K 775 62.84 89.80 78.66
CA GLY K 775 63.73 90.18 77.59
C GLY K 775 64.17 91.62 77.67
N LEU K 776 64.57 92.17 76.52
CA LEU K 776 65.04 93.54 76.42
C LEU K 776 64.03 94.37 75.63
N PHE K 777 63.65 95.52 76.19
CA PHE K 777 62.67 96.38 75.55
C PHE K 777 63.34 97.28 74.51
N PHE K 778 62.72 97.37 73.34
CA PHE K 778 63.25 98.10 72.20
C PHE K 778 62.18 98.99 71.62
N PRO K 779 62.55 100.15 71.08
CA PRO K 779 61.55 100.99 70.40
C PRO K 779 61.02 100.32 69.13
N VAL K 780 59.74 100.54 68.87
CA VAL K 780 59.10 99.97 67.70
C VAL K 780 57.82 100.75 67.41
N VAL K 781 57.60 101.06 66.14
CA VAL K 781 56.38 101.72 65.68
C VAL K 781 55.84 100.94 64.49
N SER K 782 54.52 100.98 64.32
CA SER K 782 53.84 100.29 63.25
C SER K 782 53.09 101.29 62.39
N PHE K 783 53.30 101.23 61.07
CA PHE K 783 52.66 102.14 60.13
C PHE K 783 51.98 101.33 59.03
N SER K 784 50.76 101.72 58.68
CA SER K 784 50.04 101.02 57.62
C SER K 784 50.45 101.53 56.24
N ALA K 785 50.20 102.80 55.97
CA ALA K 785 50.53 103.41 54.69
C ALA K 785 50.37 104.92 54.81
N GLY K 786 51.21 105.66 54.10
CA GLY K 786 51.17 107.11 54.14
C GLY K 786 51.43 107.69 55.51
N VAL K 787 52.42 107.15 56.22
CA VAL K 787 52.74 107.56 57.58
C VAL K 787 54.18 108.06 57.61
N LYS K 788 54.38 109.26 58.16
CA LYS K 788 55.70 109.85 58.32
C LYS K 788 55.84 110.30 59.77
N VAL K 789 56.70 109.62 60.52
CA VAL K 789 56.94 109.93 61.93
C VAL K 789 58.40 110.30 62.11
N ARG K 790 58.68 111.14 63.10
CA ARG K 790 60.04 111.55 63.41
C ARG K 790 60.50 110.81 64.67
N PHE K 791 61.61 110.09 64.56
CA PHE K 791 62.14 109.30 65.67
C PHE K 791 63.09 110.16 66.49
N LEU K 792 62.62 110.65 67.64
CA LEU K 792 63.45 111.43 68.55
C LEU K 792 64.07 110.47 69.57
N LEU K 793 65.20 109.88 69.16
CA LEU K 793 65.87 108.91 70.03
C LEU K 793 66.38 109.56 71.31
N GLY K 794 66.96 110.75 71.19
CA GLY K 794 67.48 111.44 72.36
C GLY K 794 68.24 112.68 71.95
N GLY K 795 68.83 113.33 72.97
CA GLY K 795 69.53 114.57 72.73
C GLY K 795 70.67 114.45 71.75
N ARG K 796 71.24 113.24 71.61
CA ARG K 796 72.29 113.03 70.62
C ARG K 796 71.76 113.21 69.21
N HIS K 797 70.56 112.71 68.93
CA HIS K 797 69.97 112.78 67.60
C HIS K 797 68.69 113.59 67.55
N GLY K 798 67.71 113.27 68.39
CA GLY K 798 66.43 113.96 68.35
C GLY K 798 66.13 114.79 69.56
N GLU K 799 66.15 116.11 69.42
CA GLU K 799 65.85 117.01 70.53
C GLU K 799 64.39 116.89 70.90
N PHE K 800 64.11 116.52 72.16
CA PHE K 800 62.74 116.36 72.62
C PHE K 800 62.04 117.70 72.67
N LYS K 801 60.80 117.74 72.16
CA LYS K 801 60.02 118.97 72.23
C LYS K 801 59.69 119.33 73.67
N PHE K 802 59.35 118.33 74.49
CA PHE K 802 59.03 118.54 75.89
C PHE K 802 60.18 118.06 76.77
N LEU K 803 60.35 118.73 77.90
CA LEU K 803 61.41 118.36 78.83
C LEU K 803 61.13 116.97 79.40
N PRO K 804 62.14 116.10 79.48
CA PRO K 804 61.93 114.75 80.02
C PRO K 804 61.51 114.82 81.48
N PRO K 805 60.62 113.92 81.91
CA PRO K 805 60.23 113.89 83.32
C PRO K 805 61.41 113.50 84.20
N PRO K 806 61.45 113.98 85.44
CA PRO K 806 62.56 113.59 86.34
C PRO K 806 62.57 112.09 86.58
N GLY K 807 63.77 111.53 86.68
CA GLY K 807 63.94 110.11 86.89
C GLY K 807 63.84 109.25 85.65
N TYR K 808 63.66 109.86 84.48
CA TYR K 808 63.55 109.13 83.21
C TYR K 808 64.73 109.52 82.33
N ALA K 809 65.64 108.58 82.09
CA ALA K 809 66.81 108.83 81.28
C ALA K 809 66.45 108.89 79.81
N PRO K 810 67.13 109.71 79.02
CA PRO K 810 66.90 109.73 77.57
C PRO K 810 67.32 108.41 76.93
N CYS K 811 66.62 108.06 75.85
CA CYS K 811 66.83 106.77 75.21
C CYS K 811 68.13 106.68 74.43
N HIS K 812 68.74 107.82 74.07
CA HIS K 812 69.97 107.77 73.30
C HIS K 812 71.15 107.28 74.10
N GLU K 813 71.05 107.29 75.43
CA GLU K 813 72.14 106.79 76.27
C GLU K 813 72.31 105.28 76.16
N ALA K 814 71.28 104.57 75.72
CA ALA K 814 71.32 103.12 75.59
C ALA K 814 71.85 102.66 74.22
N VAL K 815 72.62 103.52 73.54
CA VAL K 815 73.16 103.14 72.25
C VAL K 815 74.19 102.01 72.41
N LEU K 816 74.38 101.25 71.35
CA LEU K 816 75.32 100.13 71.38
C LEU K 816 76.74 100.66 71.53
N PRO K 817 77.54 100.10 72.45
CA PRO K 817 78.93 100.58 72.59
C PRO K 817 79.80 100.29 71.38
N ARG K 818 79.41 99.36 70.51
CA ARG K 818 80.21 99.00 69.35
C ARG K 818 79.48 99.21 68.03
N GLU K 819 78.22 99.68 68.06
CA GLU K 819 77.45 99.90 66.85
C GLU K 819 76.75 101.25 66.93
N ARG K 820 76.49 101.83 65.77
CA ARG K 820 75.82 103.12 65.68
C ARG K 820 74.32 102.93 65.58
N LEU K 821 73.58 104.04 65.69
CA LEU K 821 72.13 104.00 65.61
C LEU K 821 71.68 103.95 64.16
N ARG K 822 70.84 102.97 63.84
CA ARG K 822 70.33 102.82 62.48
C ARG K 822 69.01 102.08 62.53
N LEU K 823 67.96 102.66 61.95
CA LEU K 823 66.65 102.03 61.95
C LEU K 823 66.66 100.83 61.01
N GLU K 824 66.16 99.70 61.50
CA GLU K 824 66.09 98.46 60.74
C GLU K 824 64.75 97.79 60.98
N PRO K 825 64.24 97.05 59.99
CA PRO K 825 62.98 96.32 60.19
C PRO K 825 63.14 95.23 61.24
N ILE K 826 62.04 94.93 61.92
CA ILE K 826 62.02 93.95 63.00
C ILE K 826 61.65 92.59 62.42
N LYS K 827 62.50 91.59 62.69
CA LYS K 827 62.26 90.21 62.27
C LYS K 827 62.05 90.10 60.76
N GLU K 828 62.73 90.94 59.99
CA GLU K 828 62.60 90.89 58.54
C GLU K 828 63.28 89.65 58.00
N TYR K 829 62.68 89.06 56.97
CA TYR K 829 63.25 87.89 56.30
C TYR K 829 63.72 88.18 54.88
N ARG K 830 63.35 89.31 54.31
CA ARG K 830 63.80 89.67 52.97
C ARG K 830 64.01 91.18 52.89
N ARG K 831 65.10 91.60 52.26
CA ARG K 831 65.37 93.01 52.05
C ARG K 831 65.78 93.24 50.60
N GLU K 832 65.57 94.45 50.12
CA GLU K 832 65.93 94.79 48.76
C GLU K 832 67.43 94.79 48.58
N GLY K 833 67.90 94.23 47.47
CA GLY K 833 69.30 94.16 47.17
C GLY K 833 69.61 94.45 45.72
N PRO K 834 70.54 95.39 45.47
CA PRO K 834 70.96 95.78 44.12
C PRO K 834 71.59 94.63 43.36
N PRO K 837 65.99 91.44 46.48
CA PRO K 837 65.72 89.99 46.54
C PRO K 837 66.58 89.28 47.58
N HIS K 838 67.30 90.06 48.40
CA HIS K 838 68.13 89.49 49.44
C HIS K 838 67.27 88.82 50.51
N LEU K 839 67.71 87.66 50.98
CA LEU K 839 67.01 86.90 52.00
C LEU K 839 67.79 86.99 53.31
N VAL K 840 67.07 87.28 54.40
CA VAL K 840 67.67 87.46 55.72
C VAL K 840 67.14 86.37 56.64
N GLY K 841 68.05 85.69 57.33
CA GLY K 841 67.68 84.62 58.24
C GLY K 841 67.32 85.15 59.62
N PRO K 842 67.17 84.23 60.58
CA PRO K 842 66.87 84.66 61.95
C PRO K 842 68.00 85.51 62.53
N SER K 843 67.62 86.47 63.37
CA SER K 843 68.57 87.39 63.98
C SER K 843 68.79 87.01 65.43
N ARG K 844 70.07 86.93 65.82
CA ARG K 844 70.43 86.58 67.19
C ARG K 844 70.28 87.81 68.07
N CYS K 845 69.33 87.78 68.98
CA CYS K 845 69.05 88.89 69.89
C CYS K 845 69.57 88.55 71.28
N LEU K 846 70.35 89.47 71.86
CA LEU K 846 70.90 89.26 73.18
C LEU K 846 69.79 89.26 74.23
N SER K 847 69.89 88.36 75.20
CA SER K 847 68.91 88.27 76.27
C SER K 847 69.38 89.11 77.46
N HIS K 848 68.59 89.08 78.54
CA HIS K 848 68.97 89.81 79.74
C HIS K 848 70.24 89.26 80.36
N THR K 849 70.40 87.93 80.36
CA THR K 849 71.62 87.33 80.90
C THR K 849 72.84 87.71 80.08
N ASP K 850 72.70 87.75 78.75
CA ASP K 850 73.82 88.13 77.89
C ASP K 850 74.24 89.58 78.16
N PHE K 851 73.28 90.48 78.35
CA PHE K 851 73.60 91.87 78.64
C PHE K 851 74.30 92.02 79.99
N VAL K 852 73.94 91.19 80.96
CA VAL K 852 74.58 91.24 82.27
C VAL K 852 76.04 90.81 82.15
N PRO K 853 77.01 91.61 82.63
CA PRO K 853 78.42 91.26 82.56
C PRO K 853 78.79 90.09 83.47
N PRO K 865 103.84 77.78 99.46
CA PRO K 865 104.53 77.03 98.40
C PRO K 865 105.11 77.96 97.33
N HIS K 866 105.32 77.42 96.13
CA HIS K 866 105.85 78.22 95.03
C HIS K 866 104.87 79.29 94.56
N LEU K 867 103.59 79.14 94.89
CA LEU K 867 102.60 80.13 94.48
C LEU K 867 102.91 81.51 95.08
N GLU K 868 103.25 81.55 96.37
CA GLU K 868 103.60 82.82 96.99
C GLU K 868 104.89 83.40 96.41
N ARG K 869 105.87 82.54 96.13
CA ARG K 869 107.12 83.01 95.55
C ARG K 869 106.89 83.63 94.18
N ILE K 870 106.03 83.01 93.36
CA ILE K 870 105.71 83.58 92.06
C ILE K 870 104.90 84.86 92.22
N ARG K 871 103.98 84.88 93.19
CA ARG K 871 103.12 86.04 93.38
C ARG K 871 103.91 87.26 93.86
N GLU K 872 104.98 87.05 94.62
CA GLU K 872 105.81 88.18 95.05
C GLU K 872 106.40 88.90 93.85
N LYS K 873 107.03 88.15 92.94
CA LYS K 873 107.60 88.74 91.74
C LYS K 873 106.51 89.31 90.83
N LEU K 874 105.35 88.65 90.77
CA LEU K 874 104.24 89.17 89.98
C LEU K 874 103.78 90.53 90.51
N ALA K 875 103.68 90.66 91.83
CA ALA K 875 103.30 91.94 92.43
C ALA K 875 104.36 92.99 92.20
N GLU K 876 105.64 92.62 92.29
CA GLU K 876 106.70 93.58 92.01
C GLU K 876 106.63 94.08 90.57
N ASN K 877 106.43 93.17 89.62
CA ASN K 877 106.32 93.57 88.22
C ASN K 877 105.05 94.37 87.96
N ILE K 878 103.96 94.07 88.67
CA ILE K 878 102.74 94.86 88.53
C ILE K 878 102.96 96.27 89.05
N HIS K 879 103.69 96.41 90.16
CA HIS K 879 104.04 97.74 90.66
C HIS K 879 104.91 98.48 89.66
N GLU K 880 105.86 97.79 89.04
CA GLU K 880 106.70 98.42 88.01
C GLU K 880 105.86 98.87 86.82
N LEU K 881 104.90 98.05 86.40
CA LEU K 881 104.04 98.41 85.28
C LEU K 881 103.15 99.60 85.64
N TRP K 882 102.65 99.65 86.87
CA TRP K 882 101.87 100.80 87.32
C TRP K 882 102.71 102.06 87.35
N ALA K 883 103.98 101.94 87.78
CA ALA K 883 104.89 103.07 87.74
C ALA K 883 105.11 103.55 86.31
N LEU K 884 105.29 102.62 85.38
CA LEU K 884 105.46 102.98 83.98
C LEU K 884 104.21 103.69 83.43
N THR K 885 103.03 103.19 83.80
CA THR K 885 101.78 103.78 83.35
C THR K 885 101.40 105.03 84.14
N ARG K 886 102.08 105.29 85.26
CA ARG K 886 101.80 106.48 86.06
C ARG K 886 102.16 107.77 85.32
N ILE K 887 103.03 107.69 84.33
CA ILE K 887 103.43 108.86 83.54
C ILE K 887 103.09 108.53 82.08
N GLU K 888 101.89 108.93 81.65
CA GLU K 888 101.47 108.67 80.28
C GLU K 888 102.23 109.53 79.29
N GLN K 889 102.39 110.82 79.59
CA GLN K 889 103.10 111.75 78.73
C GLN K 889 104.50 112.04 79.23
N GLY K 890 104.97 111.33 80.26
CA GLY K 890 106.29 111.56 80.80
C GLY K 890 106.29 112.51 81.98
N TRP K 891 105.28 112.41 82.83
CA TRP K 891 105.18 113.28 84.00
C TRP K 891 106.31 112.98 84.99
N THR K 892 106.81 114.03 85.64
CA THR K 892 107.88 113.87 86.61
C THR K 892 107.37 113.24 87.90
N TYR K 893 108.30 112.74 88.70
CA TYR K 893 107.95 112.11 89.97
C TYR K 893 107.47 113.16 90.97
N GLY K 894 106.73 112.69 91.97
CA GLY K 894 106.20 113.55 93.00
C GLY K 894 105.54 112.76 94.12
N PRO K 895 104.74 113.46 94.93
CA PRO K 895 104.07 112.74 96.04
C PRO K 895 102.94 111.84 95.58
N VAL K 896 102.13 112.29 94.63
CA VAL K 896 100.98 111.52 94.16
C VAL K 896 101.43 110.54 93.08
N ARG K 897 100.57 109.58 92.75
CA ARG K 897 100.84 108.58 91.72
C ARG K 897 99.82 108.67 90.60
N ASP K 898 99.47 109.89 90.21
CA ASP K 898 98.50 110.14 89.15
C ASP K 898 99.13 110.97 88.04
N ASP K 899 98.85 110.59 86.79
CA ASP K 899 99.39 111.32 85.66
C ASP K 899 98.84 112.74 85.59
N ASN K 900 97.54 112.90 85.88
CA ASN K 900 96.92 114.22 85.82
C ASN K 900 97.48 115.18 86.86
N LYS K 901 98.05 114.67 87.95
CA LYS K 901 98.63 115.51 88.99
C LYS K 901 100.10 115.82 88.76
N ARG K 902 100.67 115.35 87.65
CA ARG K 902 102.07 115.59 87.31
C ARG K 902 103.01 115.05 88.39
N LEU K 903 102.61 113.98 89.06
CA LEU K 903 103.40 113.36 90.12
C LEU K 903 103.43 111.86 89.87
N HIS K 904 104.62 111.27 89.96
CA HIS K 904 104.82 109.84 89.73
C HIS K 904 105.63 109.26 90.88
N PRO K 905 105.01 109.11 92.05
CA PRO K 905 105.74 108.50 93.18
C PRO K 905 106.22 107.09 92.91
N CYS K 906 105.45 106.30 92.16
CA CYS K 906 105.85 104.92 91.88
C CYS K 906 107.03 104.86 90.92
N LEU K 907 107.16 105.85 90.03
CA LEU K 907 108.23 105.81 89.03
C LEU K 907 109.61 105.90 89.67
N VAL K 908 109.72 106.58 90.81
CA VAL K 908 111.03 106.71 91.46
C VAL K 908 111.50 105.36 91.96
N ASN K 909 110.63 104.63 92.67
CA ASN K 909 110.98 103.32 93.18
C ASN K 909 109.68 102.57 93.53
N PHE K 910 109.79 101.25 93.61
CA PHE K 910 108.65 100.43 94.01
C PHE K 910 108.23 100.74 95.45
N HIS K 911 109.20 100.88 96.35
CA HIS K 911 108.88 101.20 97.74
C HIS K 911 108.39 102.63 97.88
N SER K 912 108.85 103.54 97.03
CA SER K 912 108.42 104.92 97.09
C SER K 912 106.96 105.10 96.69
N LEU K 913 106.35 104.09 96.08
CA LEU K 913 104.95 104.16 95.68
C LEU K 913 104.06 104.15 96.92
N PRO K 914 102.85 104.72 96.80
CA PRO K 914 101.93 104.69 97.94
C PRO K 914 101.54 103.27 98.31
N GLU K 915 101.30 103.07 99.62
CA GLU K 915 100.92 101.74 100.09
C GLU K 915 99.63 101.24 99.46
N PRO K 916 98.57 102.04 99.33
CA PRO K 916 97.36 101.53 98.67
C PRO K 916 97.59 101.06 97.25
N GLU K 917 98.44 101.76 96.48
CA GLU K 917 98.72 101.34 95.12
C GLU K 917 99.44 100.00 95.08
N ARG K 918 100.43 99.82 95.95
CA ARG K 918 101.13 98.54 96.01
C ARG K 918 100.20 97.41 96.44
N ASN K 919 99.32 97.69 97.41
CA ASN K 919 98.36 96.69 97.86
C ASN K 919 97.41 96.30 96.73
N TYR K 920 96.92 97.30 95.98
CA TYR K 920 96.04 97.01 94.86
C TYR K 920 96.74 96.19 93.78
N ASN K 921 98.00 96.54 93.48
CA ASN K 921 98.76 95.77 92.49
C ASN K 921 98.97 94.34 92.95
N LEU K 922 99.31 94.15 94.23
CA LEU K 922 99.49 92.80 94.75
C LEU K 922 98.19 92.01 94.70
N GLN K 923 97.07 92.65 95.05
CA GLN K 923 95.78 91.96 94.99
C GLN K 923 95.42 91.57 93.55
N MET K 924 95.68 92.47 92.59
CA MET K 924 95.41 92.15 91.19
C MET K 924 96.28 91.00 90.71
N SER K 925 97.57 91.00 91.09
CA SER K 925 98.45 89.91 90.71
C SER K 925 97.99 88.59 91.31
N GLY K 926 97.58 88.61 92.58
CA GLY K 926 97.09 87.39 93.21
C GLY K 926 95.82 86.88 92.57
N GLU K 927 94.90 87.79 92.23
CA GLU K 927 93.67 87.39 91.54
C GLU K 927 93.98 86.79 90.18
N THR K 928 94.91 87.39 89.44
CA THR K 928 95.28 86.85 88.14
C THR K 928 95.91 85.48 88.28
N LEU K 929 96.78 85.30 89.28
CA LEU K 929 97.40 83.99 89.50
C LEU K 929 96.36 82.94 89.88
N LYS K 930 95.40 83.31 90.73
CA LYS K 930 94.34 82.38 91.11
C LYS K 930 93.48 82.00 89.91
N THR K 931 93.15 82.98 89.06
CA THR K 931 92.38 82.69 87.86
C THR K 931 93.14 81.77 86.92
N LEU K 932 94.44 82.01 86.75
CA LEU K 932 95.25 81.14 85.90
C LEU K 932 95.33 79.73 86.45
N LEU K 933 95.47 79.60 87.77
CA LEU K 933 95.51 78.27 88.39
C LEU K 933 94.18 77.55 88.22
N ALA K 934 93.06 78.28 88.39
CA ALA K 934 91.75 77.67 88.22
C ALA K 934 91.53 77.23 86.78
N LEU K 935 91.96 78.05 85.81
CA LEU K 935 91.79 77.72 84.40
C LEU K 935 92.81 76.68 83.93
N GLY K 936 93.85 76.40 84.70
CA GLY K 936 94.85 75.42 84.30
C GLY K 936 95.19 74.45 85.42
N ALA K 980 98.60 78.69 73.18
CA ALA K 980 97.87 78.42 74.43
C ALA K 980 98.02 79.59 75.39
N GLN K 981 99.19 80.21 75.40
CA GLN K 981 99.42 81.36 76.28
C GLN K 981 98.54 82.54 75.90
N THR K 982 98.38 82.79 74.60
CA THR K 982 97.55 83.90 74.15
C THR K 982 96.08 83.69 74.54
N THR K 983 95.57 82.47 74.37
CA THR K 983 94.19 82.19 74.75
C THR K 983 93.97 82.36 76.24
N LEU K 984 94.91 81.85 77.06
CA LEU K 984 94.80 82.00 78.50
C LEU K 984 94.85 83.47 78.91
N VAL K 985 95.73 84.25 78.27
CA VAL K 985 95.82 85.68 78.57
C VAL K 985 94.52 86.38 78.21
N ASP K 986 93.95 86.04 77.04
CA ASP K 986 92.68 86.65 76.64
C ASP K 986 91.56 86.29 77.60
N ARG K 987 91.51 85.03 78.04
CA ARG K 987 90.48 84.62 79.00
C ARG K 987 90.64 85.35 80.33
N LEU K 988 91.89 85.48 80.81
CA LEU K 988 92.12 86.20 82.06
C LEU K 988 91.74 87.67 81.94
N ALA K 989 92.07 88.29 80.80
CA ALA K 989 91.70 89.68 80.58
C ALA K 989 90.19 89.86 80.54
N GLU K 990 89.49 88.94 79.87
CA GLU K 990 88.03 89.02 79.84
C GLU K 990 87.43 88.85 81.22
N ASN K 991 87.96 87.91 82.01
CA ASN K 991 87.48 87.72 83.37
C ASN K 991 87.72 88.95 84.22
N GLY K 992 88.90 89.57 84.10
CA GLY K 992 89.17 90.78 84.85
C GLY K 992 88.28 91.94 84.45
N HIS K 993 88.03 92.09 83.15
CA HIS K 993 87.13 93.14 82.68
C HIS K 993 85.71 92.91 83.19
N ASN K 994 85.25 91.66 83.18
CA ASN K 994 83.92 91.35 83.70
C ASN K 994 83.84 91.63 85.19
N VAL K 995 84.89 91.29 85.95
CA VAL K 995 84.90 91.57 87.38
C VAL K 995 84.87 93.07 87.64
N TRP K 996 85.64 93.84 86.86
CA TRP K 996 85.64 95.29 87.03
C TRP K 996 84.27 95.88 86.69
N ALA K 997 83.63 95.37 85.63
CA ALA K 997 82.30 95.86 85.27
C ALA K 997 81.28 95.54 86.35
N ARG K 998 81.36 94.33 86.92
CA ARG K 998 80.45 93.95 88.00
C ARG K 998 80.68 94.83 89.23
N ASP K 999 81.94 95.11 89.56
CA ASP K 999 82.23 95.98 90.69
C ASP K 999 81.70 97.40 90.45
N ARG K 1000 81.85 97.91 89.23
CA ARG K 1000 81.33 99.23 88.91
C ARG K 1000 79.81 99.26 89.00
N VAL K 1001 79.15 98.21 88.51
CA VAL K 1001 77.69 98.13 88.59
C VAL K 1001 77.24 98.09 90.04
N ALA K 1002 77.94 97.32 90.88
CA ALA K 1002 77.60 97.28 92.30
C ALA K 1002 77.81 98.64 92.95
N GLN K 1003 78.87 99.36 92.56
CA GLN K 1003 79.12 100.68 93.11
C GLN K 1003 78.13 101.72 92.61
N GLY K 1004 77.34 101.41 91.59
CA GLY K 1004 76.34 102.33 91.05
C GLY K 1004 76.59 102.79 89.64
N TRP K 1005 77.73 102.46 89.04
CA TRP K 1005 78.00 102.88 87.67
C TRP K 1005 77.07 102.16 86.69
N SER K 1006 76.55 102.92 85.73
CA SER K 1006 75.63 102.40 84.73
C SER K 1006 76.13 102.74 83.34
N TYR K 1007 76.01 101.78 82.42
CA TYR K 1007 76.45 102.00 81.05
C TYR K 1007 75.56 103.03 80.37
N SER K 1008 76.19 103.99 79.70
CA SER K 1008 75.47 105.05 79.00
C SER K 1008 76.36 105.63 77.92
N ALA K 1009 75.73 106.36 76.99
CA ALA K 1009 76.49 107.01 75.93
C ALA K 1009 77.42 108.07 76.50
N VAL K 1010 76.95 108.84 77.47
CA VAL K 1010 77.74 109.88 78.14
C VAL K 1010 78.01 109.43 79.56
N GLN K 1011 79.28 109.39 79.95
CA GLN K 1011 79.69 108.94 81.27
C GLN K 1011 79.96 110.16 82.15
N ASP K 1012 79.27 110.24 83.28
CA ASP K 1012 79.44 111.32 84.23
C ASP K 1012 79.57 110.74 85.63
N ILE K 1013 80.61 111.16 86.36
CA ILE K 1013 80.81 110.69 87.72
C ILE K 1013 79.65 111.08 88.63
N PRO K 1014 79.17 112.34 88.62
CA PRO K 1014 78.02 112.68 89.48
C PRO K 1014 76.76 111.90 89.13
N ALA K 1015 76.58 111.53 87.87
CA ALA K 1015 75.40 110.78 87.43
C ALA K 1015 75.58 109.27 87.52
N ARG K 1016 76.72 108.81 88.04
CA ARG K 1016 77.01 107.38 88.17
C ARG K 1016 76.90 106.66 86.83
N ARG K 1017 77.47 107.27 85.79
CA ARG K 1017 77.47 106.71 84.44
C ARG K 1017 78.89 106.42 84.02
N ASN K 1018 79.12 105.21 83.51
CA ASN K 1018 80.44 104.79 83.05
C ASN K 1018 80.30 104.18 81.66
N PRO K 1019 80.99 104.69 80.64
CA PRO K 1019 80.90 104.07 79.32
C PRO K 1019 81.37 102.63 79.28
N ARG K 1020 82.34 102.27 80.11
CA ARG K 1020 82.89 100.92 80.13
C ARG K 1020 82.15 99.99 81.11
N LEU K 1021 81.09 100.48 81.74
CA LEU K 1021 80.34 99.66 82.70
C LEU K 1021 79.57 98.52 82.04
N VAL K 1022 79.47 98.51 80.72
CA VAL K 1022 78.74 97.47 80.00
C VAL K 1022 79.54 96.17 80.02
N PRO K 1023 79.00 95.08 79.51
CA PRO K 1023 79.73 93.80 79.54
C PRO K 1023 80.99 93.87 78.69
N TYR K 1024 81.99 93.07 79.09
CA TYR K 1024 83.25 93.03 78.36
C TYR K 1024 83.06 92.50 76.94
N ARG K 1025 82.20 91.49 76.78
CA ARG K 1025 81.95 90.94 75.45
C ARG K 1025 81.32 91.99 74.53
N LEU K 1026 80.39 92.77 75.05
CA LEU K 1026 79.73 93.82 74.29
C LEU K 1026 80.52 95.13 74.28
N LEU K 1027 81.66 95.18 74.95
CA LEU K 1027 82.45 96.41 75.01
C LEU K 1027 83.14 96.67 73.67
N ASP K 1028 83.70 97.86 73.55
CA ASP K 1028 84.37 98.26 72.32
C ASP K 1028 85.68 97.50 72.14
N GLU K 1029 86.20 97.53 70.92
CA GLU K 1029 87.43 96.82 70.60
C GLU K 1029 88.64 97.44 71.28
N ALA K 1030 88.60 98.75 71.56
CA ALA K 1030 89.71 99.40 72.23
C ALA K 1030 89.89 98.86 73.66
N THR K 1031 88.79 98.67 74.38
CA THR K 1031 88.87 98.09 75.71
C THR K 1031 89.40 96.67 75.67
N LYS K 1032 88.98 95.89 74.67
CA LYS K 1032 89.49 94.53 74.53
C LYS K 1032 90.99 94.54 74.23
N ARG K 1033 91.45 95.46 73.39
CA ARG K 1033 92.88 95.56 73.09
C ARG K 1033 93.67 95.95 74.33
N SER K 1034 93.16 96.90 75.11
CA SER K 1034 93.83 97.30 76.34
C SER K 1034 93.90 96.14 77.33
N ASN K 1035 92.81 95.39 77.46
CA ASN K 1035 92.81 94.24 78.35
C ASN K 1035 93.79 93.17 77.87
N ARG K 1036 93.87 92.97 76.55
CA ARG K 1036 94.83 92.01 76.01
C ARG K 1036 96.26 92.45 76.28
N ASP K 1037 96.54 93.76 76.15
CA ASP K 1037 97.88 94.26 76.46
C ASP K 1037 98.22 94.07 77.93
N SER K 1038 97.26 94.35 78.82
CA SER K 1038 97.48 94.14 80.25
C SER K 1038 97.72 92.66 80.55
N LEU K 1039 96.96 91.78 79.91
CA LEU K 1039 97.14 90.35 80.10
C LEU K 1039 98.50 89.88 79.59
N CYS K 1040 98.96 90.44 78.46
CA CYS K 1040 100.29 90.11 77.97
C CYS K 1040 101.37 90.57 78.93
N GLN K 1041 101.20 91.76 79.51
CA GLN K 1041 102.15 92.24 80.51
C GLN K 1041 102.16 91.32 81.74
N ALA K 1042 100.98 90.88 82.17
CA ALA K 1042 100.90 89.97 83.31
C ALA K 1042 101.55 88.63 82.99
N VAL K 1043 101.36 88.14 81.76
CA VAL K 1043 101.98 86.88 81.36
C VAL K 1043 103.50 87.01 81.34
N ARG K 1044 104.01 88.14 80.83
CA ARG K 1044 105.45 88.38 80.86
C ARG K 1044 105.97 88.45 82.29
N THR K 1045 105.20 89.09 83.17
CA THR K 1045 105.58 89.14 84.59
C THR K 1045 105.65 87.75 85.19
N LEU K 1046 104.66 86.90 84.89
CA LEU K 1046 104.65 85.54 85.41
C LEU K 1046 105.82 84.74 84.85
N LEU K 1047 106.14 84.94 83.57
CA LEU K 1047 107.30 84.26 82.98
C LEU K 1047 108.58 84.70 83.66
N GLY K 1048 108.71 85.99 83.97
CA GLY K 1048 109.87 86.47 84.69
C GLY K 1048 109.86 86.15 86.18
N TYR K 1049 108.75 85.61 86.69
CA TYR K 1049 108.64 85.24 88.10
C TYR K 1049 109.14 83.83 88.38
N GLY K 1050 109.51 83.07 87.35
CA GLY K 1050 109.99 81.72 87.54
C GLY K 1050 111.41 81.65 88.07
N ASP K 1070 67.47 81.55 66.73
CA ASP K 1070 66.24 80.76 66.60
C ASP K 1070 66.43 79.64 65.58
N ARG K 1071 65.33 78.99 65.21
CA ARG K 1071 65.38 77.91 64.24
C ARG K 1071 65.72 78.43 62.86
N VAL K 1072 66.35 77.58 62.06
CA VAL K 1072 66.72 77.96 60.70
C VAL K 1072 65.47 78.09 59.85
N ARG K 1073 65.38 79.18 59.09
CA ARG K 1073 64.23 79.42 58.23
C ARG K 1073 64.41 78.66 56.92
N ILE K 1074 63.45 77.79 56.60
CA ILE K 1074 63.50 76.99 55.38
C ILE K 1074 62.78 77.76 54.28
N PHE K 1075 63.50 78.00 53.17
CA PHE K 1075 62.96 78.72 52.03
C PHE K 1075 62.82 77.75 50.87
N ARG K 1076 61.62 77.66 50.31
CA ARG K 1076 61.34 76.76 49.20
C ARG K 1076 60.29 77.40 48.30
N ALA K 1077 59.95 76.69 47.22
CA ALA K 1077 58.96 77.15 46.27
C ALA K 1077 57.61 76.51 46.54
N GLU K 1078 56.56 77.16 46.05
CA GLU K 1078 55.20 76.66 46.24
C GLU K 1078 54.99 75.39 45.42
N LYS K 1079 54.05 74.56 45.87
CA LYS K 1079 53.78 73.29 45.20
C LYS K 1079 53.24 73.47 43.79
N SER K 1080 52.75 74.66 43.46
CA SER K 1080 52.25 74.91 42.11
C SER K 1080 53.36 74.89 41.07
N TYR K 1081 54.62 75.03 41.48
CA TYR K 1081 55.75 75.02 40.58
C TYR K 1081 56.45 73.66 40.52
N THR K 1082 55.84 72.63 41.09
CA THR K 1082 56.44 71.30 41.07
C THR K 1082 56.57 70.79 39.64
N VAL K 1083 57.73 70.26 39.29
CA VAL K 1083 58.02 69.74 37.97
C VAL K 1083 58.56 68.32 38.11
N GLN K 1084 58.11 67.42 37.22
CA GLN K 1084 58.45 66.02 37.32
C GLN K 1084 59.42 65.54 36.24
N SER K 1085 59.72 66.36 35.25
CA SER K 1085 60.60 65.94 34.17
C SER K 1085 61.39 67.14 33.65
N GLY K 1086 62.50 66.84 32.97
CA GLY K 1086 63.35 67.86 32.41
C GLY K 1086 64.55 68.18 33.28
N ARG K 1087 65.40 69.05 32.77
CA ARG K 1087 66.61 69.48 33.44
C ARG K 1087 66.48 70.95 33.84
N TRP K 1088 66.71 71.24 35.11
CA TRP K 1088 66.60 72.60 35.62
C TRP K 1088 67.80 72.91 36.49
N TYR K 1089 68.15 74.20 36.56
CA TYR K 1089 69.32 74.65 37.31
C TYR K 1089 69.03 76.00 37.94
N PHE K 1090 69.48 76.19 39.17
CA PHE K 1090 69.34 77.47 39.86
C PHE K 1090 70.62 77.75 40.65
N GLU K 1091 70.86 79.03 40.92
CA GLU K 1091 72.06 79.47 41.62
C GLU K 1091 71.68 80.28 42.84
N PHE K 1092 72.40 80.05 43.94
CA PHE K 1092 72.19 80.75 45.20
C PHE K 1092 73.47 81.48 45.57
N GLU K 1093 73.34 82.77 45.92
CA GLU K 1093 74.46 83.60 46.32
C GLU K 1093 74.42 83.80 47.83
N ALA K 1094 75.51 83.46 48.50
CA ALA K 1094 75.61 83.59 49.95
C ALA K 1094 76.50 84.78 50.27
N VAL K 1095 75.88 85.87 50.75
CA VAL K 1095 76.66 87.06 51.11
C VAL K 1095 77.55 86.77 52.32
N THR K 1096 77.02 86.07 53.31
CA THR K 1096 77.75 85.73 54.52
C THR K 1096 77.81 84.22 54.68
N THR K 1097 78.97 83.72 55.08
CA THR K 1097 79.15 82.29 55.27
C THR K 1097 78.32 81.80 56.45
N GLY K 1098 77.66 80.66 56.26
CA GLY K 1098 76.83 80.10 57.31
C GLY K 1098 76.05 78.90 56.80
N GLU K 1099 74.95 78.60 57.49
CA GLU K 1099 74.08 77.48 57.13
C GLU K 1099 73.25 77.88 55.92
N MET K 1100 73.88 77.82 54.74
CA MET K 1100 73.27 78.20 53.48
C MET K 1100 72.95 76.98 52.63
N ARG K 1101 72.44 75.92 53.25
CA ARG K 1101 72.13 74.69 52.53
C ARG K 1101 71.10 74.97 51.44
N VAL K 1102 71.39 74.49 50.23
CA VAL K 1102 70.52 74.67 49.08
C VAL K 1102 70.42 73.35 48.33
N GLY K 1103 69.36 73.24 47.53
CA GLY K 1103 69.15 72.03 46.75
C GLY K 1103 67.67 71.87 46.41
N TRP K 1104 67.26 70.61 46.31
CA TRP K 1104 65.90 70.25 45.96
C TRP K 1104 65.28 69.40 47.06
N ALA K 1105 63.96 69.43 47.16
CA ALA K 1105 63.25 68.69 48.18
C ALA K 1105 61.87 68.30 47.66
N ARG K 1106 61.30 67.27 48.28
CA ARG K 1106 59.96 66.81 47.92
C ARG K 1106 58.91 67.81 48.38
N PRO K 1107 57.75 67.84 47.72
CA PRO K 1107 56.68 68.74 48.17
C PRO K 1107 56.24 68.48 49.60
N GLU K 1108 56.27 67.23 50.05
CA GLU K 1108 55.92 66.90 51.44
C GLU K 1108 57.14 67.05 52.35
N LEU K 1109 57.62 68.29 52.43
CA LEU K 1109 58.79 68.62 53.24
C LEU K 1109 58.33 69.14 54.60
N ARG K 1110 58.77 68.47 55.66
CA ARG K 1110 58.40 68.87 57.01
C ARG K 1110 59.19 70.11 57.41
N PRO K 1111 58.53 71.22 57.77
CA PRO K 1111 59.28 72.43 58.15
C PRO K 1111 59.91 72.34 59.53
N ASP K 1112 59.40 71.48 60.41
CA ASP K 1112 59.98 71.38 61.75
C ASP K 1112 61.34 70.73 61.72
N VAL K 1113 61.51 69.68 60.90
CA VAL K 1113 62.80 68.99 60.85
C VAL K 1113 63.82 69.84 60.08
N GLU K 1114 65.09 69.57 60.36
CA GLU K 1114 66.17 70.28 59.68
C GLU K 1114 66.27 69.82 58.23
N LEU K 1115 66.82 70.70 57.39
CA LEU K 1115 66.96 70.39 55.98
C LEU K 1115 68.02 69.30 55.79
N GLY K 1116 67.66 68.25 55.08
CA GLY K 1116 68.54 67.13 54.82
C GLY K 1116 68.56 66.07 55.90
N ALA K 1117 67.83 66.26 57.00
CA ALA K 1117 67.78 65.24 58.05
C ALA K 1117 67.16 63.96 57.52
N ASP K 1118 66.09 64.06 56.74
CA ASP K 1118 65.43 62.92 56.14
C ASP K 1118 65.80 62.79 54.67
N GLU K 1119 65.39 61.68 54.07
CA GLU K 1119 65.69 61.42 52.66
C GLU K 1119 64.89 62.32 51.72
N LEU K 1120 63.87 63.01 52.22
CA LEU K 1120 63.06 63.87 51.35
C LEU K 1120 63.86 65.06 50.85
N ALA K 1121 64.73 65.62 51.69
CA ALA K 1121 65.44 66.85 51.39
C ALA K 1121 66.83 66.54 50.85
N TYR K 1122 67.22 67.24 49.79
CA TYR K 1122 68.54 67.11 49.17
C TYR K 1122 69.24 68.46 49.27
N VAL K 1123 70.20 68.58 50.20
CA VAL K 1123 70.92 69.83 50.40
C VAL K 1123 72.40 69.54 50.56
N PHE K 1124 73.21 70.57 50.33
CA PHE K 1124 74.65 70.52 50.52
C PHE K 1124 75.06 71.69 51.41
N ASN K 1125 75.85 71.40 52.43
CA ASN K 1125 76.29 72.40 53.39
C ASN K 1125 77.75 72.76 53.11
N GLY K 1126 77.98 73.98 52.62
CA GLY K 1126 79.31 74.47 52.37
C GLY K 1126 80.01 75.10 53.56
N HIS K 1127 79.33 75.20 54.70
CA HIS K 1127 79.97 75.76 55.89
C HIS K 1127 81.14 74.87 56.34
N ARG K 1128 80.95 73.55 56.32
CA ARG K 1128 82.01 72.62 56.65
C ARG K 1128 82.24 71.60 55.53
N GLY K 1129 81.58 71.77 54.39
CA GLY K 1129 81.77 70.86 53.27
C GLY K 1129 81.17 69.48 53.46
N GLN K 1130 79.84 69.39 53.53
CA GLN K 1130 79.17 68.11 53.64
C GLN K 1130 77.80 68.20 52.98
N ARG K 1131 77.27 67.03 52.62
CA ARG K 1131 75.95 66.91 52.02
C ARG K 1131 75.01 66.20 52.99
N TRP K 1132 73.76 66.65 53.03
CA TRP K 1132 72.77 66.13 53.96
C TRP K 1132 71.72 65.34 53.18
N HIS K 1133 71.75 64.02 53.33
CA HIS K 1133 70.77 63.14 52.72
C HIS K 1133 70.66 61.89 53.58
N LEU K 1134 69.67 61.86 54.47
CA LEU K 1134 69.50 60.76 55.43
C LEU K 1134 70.78 60.53 56.21
N GLY K 1135 71.44 61.62 56.59
CA GLY K 1135 72.75 61.60 57.20
C GLY K 1135 73.65 62.66 56.59
N SER K 1136 74.89 62.68 57.07
CA SER K 1136 75.88 63.64 56.64
C SER K 1136 77.00 62.93 55.88
N GLU K 1137 77.28 63.41 54.66
CA GLU K 1137 78.37 62.88 53.84
C GLU K 1137 79.30 64.04 53.50
N PRO K 1138 80.53 64.06 54.03
CA PRO K 1138 81.43 65.19 53.77
C PRO K 1138 82.00 65.16 52.36
N PHE K 1139 81.76 66.22 51.61
CA PHE K 1139 82.30 66.35 50.26
C PHE K 1139 82.28 67.83 49.87
N GLY K 1140 83.02 68.14 48.81
CA GLY K 1140 83.08 69.50 48.31
C GLY K 1140 84.04 70.39 49.08
N ARG K 1141 83.98 71.67 48.76
CA ARG K 1141 84.84 72.68 49.36
C ARG K 1141 84.01 73.84 49.87
N PRO K 1142 84.48 74.52 50.92
CA PRO K 1142 83.72 75.67 51.44
C PRO K 1142 83.65 76.81 50.45
N TRP K 1143 82.56 77.57 50.52
CA TRP K 1143 82.36 78.70 49.65
C TRP K 1143 83.04 79.96 50.21
N GLN K 1144 83.32 80.89 49.33
CA GLN K 1144 83.93 82.16 49.71
C GLN K 1144 82.84 83.22 49.96
N SER K 1145 83.27 84.39 50.40
CA SER K 1145 82.35 85.49 50.65
C SER K 1145 81.83 86.03 49.33
N GLY K 1146 80.50 86.00 49.15
CA GLY K 1146 79.90 86.45 47.92
C GLY K 1146 79.91 85.44 46.79
N ASP K 1147 80.44 84.24 47.02
CA ASP K 1147 80.49 83.23 45.97
C ASP K 1147 79.09 82.73 45.64
N VAL K 1148 78.86 82.45 44.36
CA VAL K 1148 77.57 81.97 43.88
C VAL K 1148 77.60 80.44 43.85
N VAL K 1149 76.62 79.83 44.50
CA VAL K 1149 76.49 78.38 44.56
C VAL K 1149 75.33 77.96 43.67
N GLY K 1150 75.62 77.12 42.69
CA GLY K 1150 74.61 76.67 41.73
C GLY K 1150 74.28 75.20 41.94
N CYS K 1151 73.00 74.88 41.81
CA CYS K 1151 72.51 73.51 41.93
C CYS K 1151 71.63 73.17 40.74
N MET K 1152 71.80 71.97 40.21
CA MET K 1152 71.04 71.51 39.06
C MET K 1152 70.57 70.08 39.30
N ILE K 1153 69.45 69.73 38.65
CA ILE K 1153 68.86 68.41 38.76
C ILE K 1153 68.57 67.89 37.35
N ASP K 1154 68.84 66.61 37.13
CA ASP K 1154 68.59 65.94 35.85
C ASP K 1154 67.57 64.84 36.09
N LEU K 1155 66.30 65.15 35.81
CA LEU K 1155 65.23 64.17 36.04
C LEU K 1155 65.41 62.95 35.14
N THR K 1156 65.77 63.18 33.88
CA THR K 1156 65.96 62.05 32.96
C THR K 1156 67.09 61.15 33.39
N GLU K 1157 68.22 61.73 33.82
CA GLU K 1157 69.37 60.96 34.26
C GLU K 1157 69.31 60.57 35.73
N ASN K 1158 68.37 61.15 36.50
CA ASN K 1158 68.24 60.88 37.93
C ASN K 1158 69.53 61.19 38.67
N THR K 1159 70.16 62.31 38.33
CA THR K 1159 71.37 62.76 39.00
C THR K 1159 71.21 64.23 39.38
N ILE K 1160 71.90 64.63 40.44
CA ILE K 1160 71.96 66.02 40.88
C ILE K 1160 73.42 66.44 40.90
N ILE K 1161 73.72 67.57 40.27
CA ILE K 1161 75.08 68.09 40.16
C ILE K 1161 75.14 69.45 40.83
N PHE K 1162 76.15 69.64 41.67
CA PHE K 1162 76.40 70.91 42.34
C PHE K 1162 77.60 71.61 41.70
N THR K 1163 77.59 72.94 41.76
CA THR K 1163 78.67 73.72 41.18
C THR K 1163 78.82 75.04 41.93
N LEU K 1164 80.06 75.49 42.06
CA LEU K 1164 80.38 76.77 42.67
C LEU K 1164 81.32 77.54 41.76
N ASN K 1165 80.94 78.77 41.43
CA ASN K 1165 81.75 79.65 40.58
C ASN K 1165 82.06 78.99 39.23
N GLY K 1166 81.09 78.24 38.70
CA GLY K 1166 81.25 77.60 37.41
C GLY K 1166 82.08 76.34 37.42
N GLU K 1167 82.49 75.85 38.59
CA GLU K 1167 83.30 74.65 38.69
C GLU K 1167 82.44 73.50 39.19
N VAL K 1168 82.49 72.37 38.48
CA VAL K 1168 81.69 71.21 38.85
C VAL K 1168 82.25 70.59 40.12
N LEU K 1169 81.38 70.38 41.10
CA LEU K 1169 81.81 69.81 42.37
C LEU K 1169 82.18 68.34 42.22
N MET K 1170 83.10 67.88 43.06
CA MET K 1170 83.56 66.50 43.06
C MET K 1170 83.40 65.93 44.47
N SER K 1171 82.94 64.68 44.54
CA SER K 1171 82.72 64.01 45.81
C SER K 1171 84.05 63.51 46.39
N ASP K 1172 83.96 62.84 47.53
CA ASP K 1172 85.16 62.28 48.15
C ASP K 1172 85.78 61.19 47.29
N SER K 1173 84.95 60.42 46.58
CA SER K 1173 85.42 59.36 45.69
C SER K 1173 85.65 59.86 44.26
N GLY K 1174 85.49 61.16 44.03
CA GLY K 1174 85.66 61.72 42.70
C GLY K 1174 84.42 61.70 41.82
N SER K 1175 83.27 61.33 42.37
CA SER K 1175 82.04 61.31 41.58
C SER K 1175 81.63 62.74 41.21
N GLU K 1176 81.30 62.94 39.94
CA GLU K 1176 80.89 64.27 39.48
C GLU K 1176 79.57 64.70 40.10
N THR K 1177 78.61 63.78 40.21
CA THR K 1177 77.30 64.09 40.75
C THR K 1177 77.26 63.83 42.25
N ALA K 1178 76.70 64.80 42.99
CA ALA K 1178 76.58 64.65 44.43
C ALA K 1178 75.65 63.49 44.79
N PHE K 1179 74.53 63.36 44.09
CA PHE K 1179 73.57 62.30 44.32
C PHE K 1179 73.28 61.58 43.01
N ARG K 1180 73.17 60.25 43.08
CA ARG K 1180 72.92 59.42 41.91
C ARG K 1180 71.77 58.48 42.19
N GLU K 1181 71.14 58.01 41.11
CA GLU K 1181 70.00 57.09 41.18
C GLU K 1181 68.87 57.67 42.02
N ILE K 1182 68.52 58.94 41.77
CA ILE K 1182 67.46 59.58 42.51
C ILE K 1182 66.10 59.03 42.07
N GLU K 1183 65.10 59.22 42.92
CA GLU K 1183 63.72 58.85 42.63
C GLU K 1183 62.92 60.12 42.37
N ILE K 1184 62.20 60.15 41.25
CA ILE K 1184 61.43 61.33 40.88
C ILE K 1184 60.33 61.58 41.90
N GLY K 1185 59.56 60.54 42.23
CA GLY K 1185 58.47 60.68 43.18
C GLY K 1185 57.46 61.71 42.71
N ASP K 1186 57.06 62.59 43.62
CA ASP K 1186 56.11 63.66 43.30
C ASP K 1186 56.83 64.95 42.90
N GLY K 1187 57.72 64.84 41.92
CA GLY K 1187 58.45 66.01 41.43
C GLY K 1187 59.50 66.49 42.42
N PHE K 1188 60.05 67.66 42.09
CA PHE K 1188 61.06 68.29 42.92
C PHE K 1188 60.92 69.80 42.82
N LEU K 1189 61.29 70.49 43.90
CA LEU K 1189 61.23 71.94 43.99
C LEU K 1189 62.51 72.46 44.60
N PRO K 1190 62.95 73.66 44.21
CA PRO K 1190 64.14 74.24 44.82
C PRO K 1190 63.92 74.54 46.30
N VAL K 1191 64.97 74.37 47.09
CA VAL K 1191 64.93 74.63 48.52
C VAL K 1191 66.19 75.40 48.92
N CYS K 1192 66.10 76.08 50.06
CA CYS K 1192 67.23 76.85 50.57
C CYS K 1192 67.14 76.92 52.09
N SER K 1193 68.29 77.19 52.71
CA SER K 1193 68.38 77.32 54.16
C SER K 1193 69.19 78.56 54.50
N LEU K 1194 68.84 79.18 55.63
CA LEU K 1194 69.54 80.36 56.13
C LEU K 1194 69.80 80.19 57.61
N GLY K 1195 71.05 80.41 58.03
CA GLY K 1195 71.42 80.25 59.41
C GLY K 1195 71.10 81.50 60.23
N PRO K 1196 71.40 81.42 61.53
CA PRO K 1196 71.15 82.56 62.41
C PRO K 1196 72.05 83.73 62.11
N GLY K 1197 71.48 84.83 61.61
CA GLY K 1197 72.23 86.01 61.26
C GLY K 1197 72.84 86.00 59.87
N GLN K 1198 72.72 84.90 59.14
CA GLN K 1198 73.28 84.82 57.80
C GLN K 1198 72.34 85.44 56.78
N VAL K 1199 72.92 86.13 55.79
CA VAL K 1199 72.18 86.80 54.74
C VAL K 1199 72.64 86.24 53.40
N GLY K 1200 71.68 85.86 52.55
CA GLY K 1200 71.99 85.33 51.24
C GLY K 1200 70.96 85.77 50.22
N HIS K 1201 71.32 85.61 48.95
CA HIS K 1201 70.47 85.97 47.83
C HIS K 1201 70.19 84.74 46.99
N LEU K 1202 68.92 84.49 46.71
CA LEU K 1202 68.49 83.34 45.90
C LEU K 1202 67.89 83.85 44.60
N ASN K 1203 68.39 83.34 43.48
CA ASN K 1203 67.90 83.69 42.16
C ASN K 1203 67.28 82.46 41.51
N LEU K 1204 66.04 82.58 41.06
CA LEU K 1204 65.32 81.48 40.44
C LEU K 1204 65.56 81.40 38.93
N GLY K 1205 66.31 82.35 38.36
CA GLY K 1205 66.57 82.34 36.94
C GLY K 1205 65.50 83.04 36.13
N GLN K 1206 64.97 84.14 36.68
CA GLN K 1206 63.94 84.89 35.97
C GLN K 1206 64.46 85.45 34.66
N ASP K 1207 65.68 86.00 34.67
CA ASP K 1207 66.32 86.55 33.48
C ASP K 1207 67.60 85.79 33.21
N VAL K 1208 67.81 85.41 31.95
CA VAL K 1208 69.03 84.68 31.59
C VAL K 1208 70.25 85.58 31.74
N SER K 1209 70.08 86.89 31.59
CA SER K 1209 71.21 87.81 31.77
C SER K 1209 71.57 87.99 33.23
N SER K 1210 70.59 87.84 34.14
CA SER K 1210 70.88 87.97 35.57
C SER K 1210 71.83 86.88 36.04
N LEU K 1211 71.63 85.65 35.57
CA LEU K 1211 72.51 84.55 35.96
C LEU K 1211 73.90 84.77 35.35
N ARG K 1212 74.93 84.58 36.18
CA ARG K 1212 76.31 84.83 35.78
C ARG K 1212 77.04 83.55 35.40
N PHE K 1213 76.94 82.50 36.21
CA PHE K 1213 77.66 81.26 35.97
C PHE K 1213 76.87 80.24 35.17
N PHE K 1214 75.63 80.58 34.78
CA PHE K 1214 74.85 79.66 33.95
C PHE K 1214 75.46 79.50 32.57
N ALA K 1215 76.04 80.56 32.03
CA ALA K 1215 76.67 80.49 30.70
C ALA K 1215 77.88 79.57 30.73
N ILE K 1216 78.67 79.62 31.80
CA ILE K 1216 79.89 78.82 31.88
C ILE K 1216 79.55 77.33 31.89
N CYS K 1217 78.61 76.93 32.75
CA CYS K 1217 78.22 75.54 32.89
C CYS K 1217 76.71 75.41 32.80
N GLY K 1218 76.22 74.51 31.95
CA GLY K 1218 74.81 74.27 31.79
C GLY K 1218 74.17 75.01 30.63
N LEU K 1219 74.86 75.98 30.04
CA LEU K 1219 74.28 76.73 28.93
C LEU K 1219 74.03 75.82 27.73
N GLN K 1220 74.98 74.95 27.42
CA GLN K 1220 74.86 74.04 26.29
C GLN K 1220 74.77 72.57 26.69
N GLU K 1221 74.94 72.26 27.98
CA GLU K 1221 74.86 70.88 28.45
C GLU K 1221 73.44 70.35 28.52
N GLY K 1222 72.43 71.22 28.34
CA GLY K 1222 71.05 70.81 28.42
C GLY K 1222 70.30 71.30 29.65
N PHE K 1223 70.92 72.12 30.48
CA PHE K 1223 70.29 72.65 31.69
C PHE K 1223 69.72 74.03 31.43
N GLU K 1224 68.63 74.34 32.13
CA GLU K 1224 67.95 75.61 31.98
C GLU K 1224 67.58 76.17 33.35
N PRO K 1225 67.37 77.49 33.46
CA PRO K 1225 66.90 78.05 34.73
C PRO K 1225 65.52 77.51 35.08
N PHE K 1226 65.05 77.90 36.28
CA PHE K 1226 63.69 77.50 36.67
C PHE K 1226 62.64 78.32 35.94
N ALA K 1227 62.89 79.62 35.76
CA ALA K 1227 61.89 80.53 35.19
C ALA K 1227 62.24 80.86 33.74
N ILE K 1228 61.82 79.98 32.83
CA ILE K 1228 61.93 80.27 31.41
C ILE K 1228 60.91 81.32 30.98
N ASN K 1229 59.65 81.11 31.36
CA ASN K 1229 58.56 81.95 30.88
C ASN K 1229 57.61 82.31 32.02
N MET K 1230 58.17 82.69 33.17
CA MET K 1230 57.38 83.12 34.32
C MET K 1230 57.33 84.65 34.33
N GLN K 1231 56.18 85.21 33.94
CA GLN K 1231 56.03 86.66 33.99
C GLN K 1231 56.09 87.17 35.42
N ARG K 1232 55.41 86.48 36.34
CA ARG K 1232 55.42 86.82 37.75
C ARG K 1232 56.58 86.13 38.46
N PRO K 1233 57.12 86.75 39.52
CA PRO K 1233 58.17 86.09 40.29
C PRO K 1233 57.67 84.79 40.91
N VAL K 1234 58.57 83.81 40.98
CA VAL K 1234 58.22 82.51 41.55
C VAL K 1234 57.89 82.68 43.02
N THR K 1235 56.67 82.31 43.41
CA THR K 1235 56.25 82.44 44.80
C THR K 1235 57.04 81.49 45.69
N THR K 1236 57.47 81.99 46.84
CA THR K 1236 58.26 81.22 47.78
C THR K 1236 57.48 81.03 49.08
N TRP K 1237 57.90 80.05 49.87
CA TRP K 1237 57.28 79.73 51.14
C TRP K 1237 58.35 79.73 52.23
N PHE K 1238 58.05 80.38 53.35
CA PHE K 1238 58.96 80.47 54.48
C PHE K 1238 58.31 79.85 55.71
N SER K 1239 59.16 79.38 56.63
CA SER K 1239 58.69 78.72 57.84
C SER K 1239 58.41 79.75 58.92
N LYS K 1240 57.17 79.78 59.40
CA LYS K 1240 56.78 80.72 60.44
C LYS K 1240 57.45 80.36 61.76
N SER K 1241 58.00 81.37 62.44
CA SER K 1241 58.63 81.13 63.73
C SER K 1241 57.60 80.92 64.82
N LEU K 1242 56.47 81.60 64.75
CA LEU K 1242 55.44 81.45 65.76
C LEU K 1242 54.80 80.07 65.67
N PRO K 1243 54.57 79.40 66.80
CA PRO K 1243 53.95 78.06 66.79
C PRO K 1243 52.43 78.10 66.65
N GLN K 1244 51.97 78.19 65.41
CA GLN K 1244 50.54 78.19 65.14
C GLN K 1244 49.93 76.83 65.49
N PHE K 1245 48.75 76.86 66.10
CA PHE K 1245 48.08 75.63 66.50
C PHE K 1245 47.63 74.84 65.28
N GLU K 1246 47.85 73.53 65.33
CA GLU K 1246 47.46 72.62 64.27
C GLU K 1246 46.96 71.33 64.87
N PRO K 1247 46.05 70.62 64.19
CA PRO K 1247 45.58 69.34 64.70
C PRO K 1247 46.69 68.30 64.71
N VAL K 1248 46.64 67.42 65.69
CA VAL K 1248 47.63 66.34 65.79
C VAL K 1248 47.42 65.36 64.66
N PRO K 1249 48.48 64.88 63.99
CA PRO K 1249 48.31 63.88 62.94
C PRO K 1249 47.74 62.58 63.50
N PRO K 1250 46.85 61.92 62.76
CA PRO K 1250 46.31 60.64 63.24
C PRO K 1250 47.36 59.56 63.38
N GLU K 1251 48.43 59.59 62.59
CA GLU K 1251 49.46 58.56 62.57
C GLU K 1251 50.78 59.08 63.15
N HIS K 1252 50.70 59.87 64.21
CA HIS K 1252 51.91 60.39 64.85
C HIS K 1252 52.66 59.23 65.51
N PRO K 1253 53.94 59.02 65.18
CA PRO K 1253 54.67 57.87 65.77
C PRO K 1253 54.81 57.94 67.28
N HIS K 1254 54.89 59.14 67.85
CA HIS K 1254 55.14 59.28 69.28
C HIS K 1254 53.86 59.31 70.11
N TYR K 1255 52.84 60.03 69.66
CA TYR K 1255 51.62 60.21 70.41
C TYR K 1255 50.41 59.72 69.61
N GLU K 1256 49.41 59.21 70.32
CA GLU K 1256 48.19 58.74 69.69
C GLU K 1256 47.01 59.14 70.56
N VAL K 1257 45.92 59.56 69.93
CA VAL K 1257 44.72 60.01 70.61
C VAL K 1257 43.57 59.10 70.23
N ALA K 1258 42.88 58.54 71.23
CA ALA K 1258 41.75 57.65 71.02
C ALA K 1258 40.54 58.18 71.76
N ARG K 1259 39.41 58.24 71.07
CA ARG K 1259 38.17 58.71 71.67
C ARG K 1259 37.55 57.62 72.54
N MET K 1260 36.86 58.03 73.59
CA MET K 1260 36.20 57.13 74.52
C MET K 1260 34.69 57.26 74.38
N ASP K 1261 34.00 56.12 74.43
CA ASP K 1261 32.55 56.12 74.27
C ASP K 1261 31.87 56.77 75.48
N GLY K 1262 30.71 57.36 75.23
CA GLY K 1262 29.94 58.00 76.28
C GLY K 1262 29.07 57.05 77.06
N THR K 1263 29.67 56.26 77.94
CA THR K 1263 28.94 55.29 78.73
C THR K 1263 28.07 56.00 79.78
N VAL K 1264 27.27 55.20 80.49
CA VAL K 1264 26.43 55.74 81.55
C VAL K 1264 27.28 56.19 82.74
N ASP K 1265 28.31 55.41 83.08
CA ASP K 1265 29.12 55.73 84.25
C ASP K 1265 29.97 56.97 84.04
N THR K 1266 30.56 57.11 82.85
CA THR K 1266 31.44 58.24 82.57
C THR K 1266 31.01 58.94 81.29
N PRO K 1267 31.12 60.26 81.23
CA PRO K 1267 30.74 61.00 80.02
C PRO K 1267 31.71 60.71 78.90
N PRO K 1268 31.36 61.07 77.65
CA PRO K 1268 32.30 60.86 76.54
C PRO K 1268 33.61 61.61 76.79
N CYS K 1269 34.71 60.96 76.40
CA CYS K 1269 36.03 61.45 76.73
C CYS K 1269 36.99 61.20 75.57
N LEU K 1270 38.09 61.96 75.56
CA LEU K 1270 39.18 61.76 74.63
C LEU K 1270 40.43 61.43 75.43
N ARG K 1271 41.06 60.30 75.12
CA ARG K 1271 42.24 59.83 75.82
C ARG K 1271 43.41 59.74 74.85
N LEU K 1272 44.56 60.27 75.26
CA LEU K 1272 45.78 60.22 74.47
C LEU K 1272 46.75 59.23 75.11
N ALA K 1273 47.48 58.51 74.27
CA ALA K 1273 48.46 57.53 74.73
C ALA K 1273 49.80 57.82 74.08
N HIS K 1274 50.85 57.87 74.89
CA HIS K 1274 52.21 58.06 74.39
C HIS K 1274 52.74 56.68 74.01
N ARG K 1275 52.53 56.30 72.74
CA ARG K 1275 52.84 54.93 72.31
C ARG K 1275 54.33 54.61 72.42
N THR K 1276 55.18 55.62 72.30
CA THR K 1276 56.63 55.40 72.35
C THR K 1276 57.16 55.29 73.77
N TRP K 1277 56.33 55.48 74.78
CA TRP K 1277 56.80 55.42 76.16
C TRP K 1277 57.22 54.00 76.53
N GLY K 1278 58.16 53.91 77.45
CA GLY K 1278 58.69 52.62 77.87
C GLY K 1278 59.78 52.06 76.99
N SER K 1279 60.24 52.81 75.99
CA SER K 1279 61.28 52.35 75.09
C SER K 1279 62.26 53.49 74.84
N GLN K 1280 63.35 53.17 74.12
CA GLN K 1280 64.36 54.17 73.82
C GLN K 1280 63.86 55.21 72.82
N ASN K 1281 62.76 54.94 72.13
CA ASN K 1281 62.21 55.88 71.16
C ASN K 1281 61.30 56.93 71.79
N SER K 1282 61.09 56.87 73.10
CA SER K 1282 60.24 57.85 73.77
C SER K 1282 60.85 59.24 73.70
N LEU K 1283 60.01 60.23 73.43
CA LEU K 1283 60.43 61.63 73.35
C LEU K 1283 59.72 62.43 74.43
N VAL K 1284 60.47 63.24 75.15
CA VAL K 1284 59.94 64.08 76.22
C VAL K 1284 59.92 65.53 75.73
N GLU K 1285 58.75 66.14 75.80
CA GLU K 1285 58.58 67.52 75.35
C GLU K 1285 57.47 68.16 76.18
N MET K 1286 57.24 69.46 75.94
CA MET K 1286 56.19 70.17 76.67
C MET K 1286 54.81 69.62 76.34
N LEU K 1287 54.56 69.33 75.06
CA LEU K 1287 53.30 68.74 74.61
C LEU K 1287 52.11 69.62 74.97
N PHE K 1288 52.09 70.82 74.38
CA PHE K 1288 50.96 71.72 74.58
C PHE K 1288 49.76 71.24 73.76
N LEU K 1289 48.61 71.13 74.42
CA LEU K 1289 47.38 70.67 73.80
C LEU K 1289 46.28 71.71 74.00
N ARG K 1290 45.36 71.77 73.03
CA ARG K 1290 44.25 72.71 73.10
C ARG K 1290 43.08 72.16 72.29
N LEU K 1291 41.88 72.29 72.85
CA LEU K 1291 40.68 71.84 72.15
C LEU K 1291 40.35 72.76 70.99
N SER K 1292 39.58 72.23 70.04
CA SER K 1292 39.25 72.98 68.83
C SER K 1292 38.14 73.98 69.08
N LEU K 1293 36.99 73.52 69.56
CA LEU K 1293 35.83 74.39 69.72
C LEU K 1293 36.04 75.34 70.89
N PRO K 1294 35.98 76.66 70.67
CA PRO K 1294 36.14 77.60 71.79
C PRO K 1294 34.83 77.98 72.46
N VAL K 1295 34.91 78.81 73.49
CA VAL K 1295 33.73 79.35 74.17
C VAL K 1295 33.85 80.87 74.21
N GLN K 1296 32.75 81.55 73.96
CA GLN K 1296 32.73 83.00 73.88
C GLN K 1296 31.90 83.56 75.04
N PHE K 1297 32.48 84.52 75.76
CA PHE K 1297 31.78 85.16 76.88
C PHE K 1297 30.79 86.19 76.35
N HIS K 1298 29.62 86.23 76.97
CA HIS K 1298 28.58 87.19 76.58
C HIS K 1298 29.03 88.61 76.90
N GLN K 1299 28.85 89.53 75.94
CA GLN K 1299 29.32 90.90 76.10
C GLN K 1299 28.46 91.70 77.07
N HIS K 1300 27.23 91.26 77.34
CA HIS K 1300 26.35 92.01 78.25
C HIS K 1300 26.84 91.95 79.70
N PHE K 1301 27.65 90.95 80.04
CA PHE K 1301 28.26 90.80 81.36
C PHE K 1301 27.24 90.62 82.48
N ARG K 1302 25.97 90.36 82.13
CA ARG K 1302 24.90 90.17 83.12
C ARG K 1302 24.80 91.36 84.07
N CYS K 1303 24.94 92.56 83.51
CA CYS K 1303 24.87 93.78 84.30
C CYS K 1303 24.46 94.97 83.44
N LEU K 1428 18.61 74.43 83.76
CA LEU K 1428 17.97 75.70 83.41
C LEU K 1428 18.94 76.62 82.67
N ASN K 1429 18.77 77.93 82.87
CA ASN K 1429 19.63 78.92 82.23
C ASN K 1429 20.87 79.18 83.08
N THR K 1430 21.67 78.14 83.23
CA THR K 1430 22.91 78.20 84.00
C THR K 1430 24.07 78.57 83.08
N THR K 1431 24.72 79.69 83.37
CA THR K 1431 25.85 80.15 82.58
C THR K 1431 27.19 79.64 83.11
N THR K 1432 27.19 78.88 84.20
CA THR K 1432 28.44 78.38 84.80
C THR K 1432 28.78 77.05 84.15
N TYR K 1433 29.39 77.13 82.97
CA TYR K 1433 29.83 75.92 82.27
C TYR K 1433 31.04 75.32 82.97
N TYR K 1434 31.07 74.00 83.05
CA TYR K 1434 32.11 73.28 83.77
C TYR K 1434 32.66 72.16 82.91
N TYR K 1435 33.97 71.96 82.99
CA TYR K 1435 34.66 70.87 82.31
C TYR K 1435 35.64 70.21 83.28
N SER K 1436 35.91 68.93 83.05
CA SER K 1436 36.70 68.14 83.99
C SER K 1436 37.82 67.41 83.26
N VAL K 1437 38.77 66.92 84.04
CA VAL K 1437 39.92 66.18 83.55
C VAL K 1437 40.50 65.39 84.71
N ARG K 1438 41.28 64.35 84.39
CA ARG K 1438 41.87 63.51 85.42
C ARG K 1438 43.14 62.87 84.90
N VAL K 1439 43.97 62.43 85.85
CA VAL K 1439 45.23 61.74 85.56
C VAL K 1439 45.22 60.41 86.28
N PHE K 1440 45.61 59.34 85.57
CA PHE K 1440 45.68 58.02 86.16
C PHE K 1440 46.98 57.89 86.96
N ALA K 1441 47.23 56.69 87.48
CA ALA K 1441 48.45 56.45 88.24
C ALA K 1441 49.68 56.53 87.35
N GLY K 1442 50.77 57.03 87.92
CA GLY K 1442 52.02 57.21 87.21
C GLY K 1442 52.25 58.59 86.66
N GLN K 1443 51.21 59.42 86.57
CA GLN K 1443 51.33 60.79 86.09
C GLN K 1443 51.57 61.70 87.29
N GLU K 1444 52.75 62.32 87.34
CA GLU K 1444 53.10 63.20 88.45
C GLU K 1444 52.31 64.50 88.34
N PRO K 1445 51.56 64.90 89.38
CA PRO K 1445 50.82 66.16 89.30
C PRO K 1445 51.70 67.39 89.20
N SER K 1446 52.98 67.28 89.54
CA SER K 1446 53.88 68.43 89.48
C SER K 1446 54.09 68.92 88.05
N CYS K 1447 53.82 68.08 87.04
CA CYS K 1447 53.98 68.44 85.65
C CYS K 1447 52.66 68.44 84.89
N VAL K 1448 51.56 68.69 85.60
CA VAL K 1448 50.23 68.70 85.02
C VAL K 1448 49.67 70.11 85.15
N TRP K 1449 49.27 70.70 84.02
CA TRP K 1449 48.69 72.03 83.98
C TRP K 1449 47.27 71.94 83.44
N VAL K 1450 46.30 72.45 84.19
CA VAL K 1450 44.88 72.33 83.86
C VAL K 1450 44.23 73.70 83.97
N GLY K 1451 43.58 74.14 82.90
CA GLY K 1451 42.94 75.45 82.91
C GLY K 1451 42.40 75.83 81.54
N TRP K 1452 42.45 77.13 81.25
CA TRP K 1452 41.96 77.67 79.99
C TRP K 1452 43.00 78.62 79.40
N VAL K 1453 43.00 78.71 78.06
CA VAL K 1453 43.96 79.52 77.32
C VAL K 1453 43.23 80.27 76.22
N THR K 1454 43.56 81.55 76.06
CA THR K 1454 43.01 82.37 74.98
C THR K 1454 43.75 82.09 73.68
N PRO K 1455 43.12 82.39 72.52
CA PRO K 1455 43.81 82.16 71.24
C PRO K 1455 44.93 83.16 70.98
N ASP K 1456 45.89 83.23 71.90
CA ASP K 1456 47.04 84.11 71.73
C ASP K 1456 48.34 83.45 72.19
N TYR K 1457 48.37 82.14 72.37
CA TYR K 1457 49.55 81.44 72.87
C TYR K 1457 50.48 81.13 71.70
N HIS K 1458 51.66 81.73 71.71
CA HIS K 1458 52.64 81.52 70.65
C HIS K 1458 54.04 81.34 71.24
N GLN K 1459 54.15 80.56 72.31
CA GLN K 1459 55.43 80.26 72.96
C GLN K 1459 55.58 78.76 73.08
N HIS K 1460 56.76 78.25 72.71
CA HIS K 1460 57.08 76.83 72.77
C HIS K 1460 58.32 76.57 73.61
N ASP K 1461 58.43 77.28 74.74
CA ASP K 1461 59.57 77.09 75.62
C ASP K 1461 59.50 75.72 76.30
N MET K 1462 60.65 75.05 76.36
CA MET K 1462 60.70 73.74 77.01
C MET K 1462 60.39 73.84 78.50
N ASN K 1463 60.94 74.86 79.17
CA ASN K 1463 60.69 75.08 80.59
C ASN K 1463 59.48 75.99 80.72
N PHE K 1464 58.31 75.40 80.95
CA PHE K 1464 57.05 76.14 81.06
C PHE K 1464 56.60 76.14 82.51
N ASP K 1465 56.23 77.31 83.00
CA ASP K 1465 55.76 77.46 84.38
C ASP K 1465 54.86 78.69 84.47
N LEU K 1466 54.12 78.77 85.57
CA LEU K 1466 53.23 79.91 85.78
C LEU K 1466 54.01 81.21 85.93
N SER K 1467 55.23 81.13 86.47
CA SER K 1467 56.07 82.33 86.60
C SER K 1467 56.43 82.88 85.23
N LYS K 1468 56.77 82.01 84.28
CA LYS K 1468 57.13 82.43 82.94
C LYS K 1468 55.92 82.89 82.13
N VAL K 1469 54.71 82.70 82.63
CA VAL K 1469 53.52 83.09 81.89
C VAL K 1469 53.44 84.61 81.80
N ARG K 1470 53.23 85.12 80.60
CA ARG K 1470 53.17 86.56 80.37
C ARG K 1470 51.78 87.07 80.73
N ALA K 1471 51.70 87.88 81.77
CA ALA K 1471 50.45 88.47 82.22
C ALA K 1471 50.58 89.99 82.25
N VAL K 1472 49.54 90.67 81.77
CA VAL K 1472 49.53 92.13 81.68
C VAL K 1472 48.31 92.65 82.42
N THR K 1473 48.53 93.58 83.33
CA THR K 1473 47.47 94.22 84.10
C THR K 1473 47.35 95.67 83.67
N VAL K 1474 46.16 96.07 83.25
CA VAL K 1474 45.90 97.44 82.79
C VAL K 1474 45.26 98.23 83.92
N THR K 1475 45.63 99.51 84.03
CA THR K 1475 45.10 100.41 85.04
C THR K 1475 44.50 101.63 84.34
N MET K 1476 43.28 102.00 84.72
CA MET K 1476 42.60 103.16 84.16
C MET K 1476 42.63 104.28 85.19
N GLY K 1477 43.46 105.30 84.93
CA GLY K 1477 43.58 106.40 85.85
C GLY K 1477 42.51 107.46 85.64
N ASP K 1478 42.28 108.25 86.68
CA ASP K 1478 41.33 109.34 86.66
C ASP K 1478 42.05 110.66 86.37
N GLU K 1479 41.32 111.77 86.48
CA GLU K 1479 41.93 113.08 86.28
C GLU K 1479 42.98 113.37 87.36
N GLN K 1480 42.70 112.99 88.60
CA GLN K 1480 43.61 113.21 89.70
C GLN K 1480 44.62 112.09 89.90
N GLY K 1481 44.66 111.11 89.00
CA GLY K 1481 45.57 110.00 89.09
C GLY K 1481 45.03 108.78 89.82
N ASN K 1482 43.85 108.86 90.41
CA ASN K 1482 43.26 107.71 91.06
C ASN K 1482 42.89 106.64 90.05
N VAL K 1483 43.01 105.38 90.46
CA VAL K 1483 42.71 104.24 89.59
C VAL K 1483 41.20 104.12 89.48
N HIS K 1484 40.63 104.64 88.39
CA HIS K 1484 39.19 104.52 88.19
C HIS K 1484 38.77 103.08 87.97
N SER K 1485 39.57 102.32 87.21
CA SER K 1485 39.28 100.91 86.96
C SER K 1485 40.58 100.18 86.73
N SER K 1486 40.55 98.86 86.96
CA SER K 1486 41.72 98.02 86.81
C SER K 1486 41.30 96.65 86.29
N LEU K 1487 42.11 96.07 85.42
CA LEU K 1487 41.84 94.75 84.88
C LEU K 1487 43.16 94.12 84.45
N LYS K 1488 43.14 92.79 84.33
CA LYS K 1488 44.31 92.03 83.92
C LYS K 1488 43.99 91.27 82.64
N CYS K 1489 44.83 91.46 81.62
CA CYS K 1489 44.69 90.79 80.33
C CYS K 1489 45.91 89.92 80.10
N SER K 1490 45.68 88.60 80.02
CA SER K 1490 46.77 87.67 79.83
C SER K 1490 46.37 86.63 78.80
N ASN K 1491 47.37 86.10 78.10
CA ASN K 1491 47.13 85.05 77.10
C ASN K 1491 46.93 83.69 77.75
N CYS K 1492 47.13 83.58 79.06
CA CYS K 1492 47.13 82.30 79.75
C CYS K 1492 46.53 82.49 81.13
N TYR K 1493 45.43 81.80 81.42
CA TYR K 1493 44.76 81.83 82.72
C TYR K 1493 44.85 80.41 83.27
N MET K 1494 45.83 80.18 84.13
CA MET K 1494 46.32 78.83 84.41
C MET K 1494 46.45 78.66 85.91
N VAL K 1495 46.33 77.41 86.36
CA VAL K 1495 46.59 77.02 87.75
C VAL K 1495 47.42 75.75 87.76
N TRP K 1496 48.48 75.76 88.54
CA TRP K 1496 49.50 74.72 88.50
C TRP K 1496 49.10 73.56 89.40
N GLY K 1497 49.15 72.34 88.84
CA GLY K 1497 48.86 71.16 89.63
C GLY K 1497 49.88 70.89 90.72
N GLY K 1498 51.14 71.21 90.46
CA GLY K 1498 52.18 71.03 91.46
C GLY K 1498 52.25 72.10 92.52
N ASP K 1499 51.43 73.14 92.40
CA ASP K 1499 51.39 74.22 93.38
C ASP K 1499 50.27 74.04 94.40
N PHE K 1500 49.07 73.68 93.95
CA PHE K 1500 47.96 73.46 94.88
C PHE K 1500 48.12 72.15 95.63
N VAL K 1501 48.80 71.18 95.05
CA VAL K 1501 48.99 69.88 95.68
C VAL K 1501 50.35 69.29 95.29
N HIS K 1511 49.77 57.38 93.68
CA HIS K 1511 48.95 56.59 94.58
C HIS K 1511 47.48 56.72 94.24
N THR K 1512 46.91 57.89 94.51
CA THR K 1512 45.51 58.17 94.24
C THR K 1512 45.39 59.10 93.04
N ASP K 1513 44.52 58.75 92.10
CA ASP K 1513 44.31 59.58 90.92
C ASP K 1513 43.73 60.92 91.30
N LEU K 1514 44.13 61.97 90.57
CA LEU K 1514 43.70 63.33 90.82
C LEU K 1514 42.74 63.77 89.72
N VAL K 1515 41.57 64.25 90.13
CA VAL K 1515 40.55 64.76 89.21
C VAL K 1515 40.38 66.25 89.52
N ILE K 1516 40.68 67.10 88.56
CA ILE K 1516 40.60 68.55 88.71
C ILE K 1516 39.75 69.10 87.57
N GLY K 1517 38.80 69.97 87.91
CA GLY K 1517 37.95 70.57 86.92
C GLY K 1517 37.89 72.08 87.08
N CYS K 1518 37.52 72.75 86.00
CA CYS K 1518 37.40 74.20 85.98
C CYS K 1518 36.00 74.58 85.52
N LEU K 1519 35.40 75.55 86.23
CA LEU K 1519 34.08 76.06 85.91
C LEU K 1519 34.20 77.52 85.49
N VAL K 1520 33.63 77.85 84.34
CA VAL K 1520 33.65 79.22 83.82
C VAL K 1520 32.22 79.71 83.70
N ASP K 1521 32.03 81.02 83.85
CA ASP K 1521 30.72 81.65 83.77
C ASP K 1521 30.76 82.68 82.64
N LEU K 1522 30.04 82.40 81.56
CA LEU K 1522 30.04 83.31 80.42
C LEU K 1522 29.40 84.65 80.78
N ALA K 1523 28.27 84.63 81.48
CA ALA K 1523 27.59 85.87 81.85
C ALA K 1523 28.34 86.61 82.95
N THR K 1524 28.79 85.89 83.98
CA THR K 1524 29.47 86.55 85.09
C THR K 1524 30.88 86.96 84.73
N GLY K 1525 31.55 86.20 83.85
CA GLY K 1525 32.90 86.52 83.46
C GLY K 1525 33.98 86.12 84.43
N LEU K 1526 33.68 85.25 85.39
CA LEU K 1526 34.65 84.80 86.37
C LEU K 1526 34.85 83.29 86.23
N MET K 1527 36.06 82.84 86.55
CA MET K 1527 36.44 81.45 86.44
C MET K 1527 36.77 80.88 87.82
N THR K 1528 36.30 79.67 88.08
CA THR K 1528 36.57 78.97 89.32
C THR K 1528 37.09 77.57 89.01
N PHE K 1529 38.21 77.20 89.63
CA PHE K 1529 38.82 75.89 89.42
C PHE K 1529 38.47 74.99 90.61
N THR K 1530 37.63 73.99 90.36
CA THR K 1530 37.21 73.05 91.40
C THR K 1530 38.16 71.87 91.38
N ALA K 1531 39.08 71.83 92.34
CA ALA K 1531 40.07 70.75 92.44
C ALA K 1531 39.49 69.64 93.30
N ASN K 1532 38.86 68.66 92.64
CA ASN K 1532 38.27 67.50 93.30
C ASN K 1532 37.26 67.92 94.37
N GLY K 1533 36.46 68.95 94.06
CA GLY K 1533 35.46 69.46 94.97
C GLY K 1533 35.93 70.61 95.83
N LYS K 1534 37.23 70.82 95.97
CA LYS K 1534 37.78 71.92 96.74
C LYS K 1534 38.18 73.03 95.77
N GLU K 1535 37.42 74.14 95.81
CA GLU K 1535 37.70 75.26 94.92
C GLU K 1535 39.00 75.95 95.33
N SER K 1536 39.87 76.19 94.35
CA SER K 1536 41.13 76.87 94.63
C SER K 1536 40.88 78.34 94.97
N ASN K 1537 41.71 78.86 95.87
CA ASN K 1537 41.58 80.26 96.28
C ASN K 1537 41.90 81.23 95.15
N THR K 1538 42.72 80.81 94.18
CA THR K 1538 43.05 81.67 93.06
C THR K 1538 41.90 81.73 92.06
N PHE K 1539 41.52 82.94 91.66
CA PHE K 1539 40.46 83.15 90.70
C PHE K 1539 40.92 84.17 89.66
N PHE K 1540 40.33 84.06 88.46
CA PHE K 1540 40.70 84.93 87.35
C PHE K 1540 39.45 85.58 86.78
N GLN K 1541 39.62 86.83 86.34
CA GLN K 1541 38.54 87.61 85.71
C GLN K 1541 38.97 87.96 84.29
N VAL K 1542 38.06 87.75 83.35
CA VAL K 1542 38.34 87.98 81.94
C VAL K 1542 37.48 89.13 81.43
N GLU K 1543 37.76 89.55 80.20
CA GLU K 1543 36.99 90.61 79.58
C GLU K 1543 35.57 90.15 79.27
N PRO K 1544 34.60 91.06 79.21
CA PRO K 1544 33.23 90.65 78.87
C PRO K 1544 33.12 89.96 77.53
N ASN K 1545 33.92 90.37 76.54
CA ASN K 1545 33.90 89.75 75.21
C ASN K 1545 35.29 89.19 74.92
N THR K 1546 35.42 87.86 74.98
CA THR K 1546 36.69 87.21 74.73
C THR K 1546 36.43 85.77 74.33
N LYS K 1547 37.46 85.15 73.74
CA LYS K 1547 37.41 83.76 73.32
C LYS K 1547 38.32 82.92 74.21
N LEU K 1548 37.83 81.77 74.64
CA LEU K 1548 38.56 80.90 75.55
C LEU K 1548 38.65 79.50 74.98
N PHE K 1549 39.81 78.87 75.18
CA PHE K 1549 40.06 77.49 74.79
C PHE K 1549 40.51 76.68 76.01
N PRO K 1550 40.12 75.42 76.10
CA PRO K 1550 40.61 74.57 77.21
C PRO K 1550 42.12 74.43 77.15
N ALA K 1551 42.73 74.38 78.34
CA ALA K 1551 44.18 74.27 78.47
C ALA K 1551 44.51 73.02 79.27
N VAL K 1552 45.17 72.06 78.62
CA VAL K 1552 45.47 70.78 79.27
C VAL K 1552 46.94 70.43 79.05
N PHE K 1553 47.78 71.45 78.83
CA PHE K 1553 49.19 71.21 78.56
C PHE K 1553 49.83 70.38 79.66
N VAL K 1554 50.27 69.17 79.32
CA VAL K 1554 50.89 68.27 80.28
C VAL K 1554 52.08 67.59 79.61
N LEU K 1555 53.20 67.48 80.35
CA LEU K 1555 54.37 66.78 79.87
C LEU K 1555 54.26 65.29 80.17
N PRO K 1556 54.88 64.44 79.34
CA PRO K 1556 54.85 63.00 79.62
C PRO K 1556 55.50 62.68 80.95
N THR K 1557 54.93 61.69 81.65
CA THR K 1557 55.42 61.26 82.96
C THR K 1557 55.55 59.75 83.00
N HIS K 1558 55.94 59.15 81.86
CA HIS K 1558 56.09 57.70 81.74
C HIS K 1558 54.80 56.97 82.10
N GLN K 1559 53.68 57.55 81.71
CA GLN K 1559 52.36 56.98 81.97
C GLN K 1559 51.35 57.68 81.07
N ASN K 1560 50.07 57.35 81.24
CA ASN K 1560 49.03 57.99 80.47
C ASN K 1560 48.84 59.44 80.91
N VAL K 1561 48.79 60.34 79.94
CA VAL K 1561 48.63 61.77 80.22
C VAL K 1561 47.17 62.08 80.48
N ILE K 1562 46.89 63.30 80.96
CA ILE K 1562 45.52 63.68 81.31
C ILE K 1562 44.62 63.58 80.10
N GLN K 1563 43.46 62.95 80.30
CA GLN K 1563 42.47 62.76 79.25
C GLN K 1563 41.28 63.66 79.49
N PHE K 1564 40.83 64.33 78.44
CA PHE K 1564 39.72 65.28 78.56
C PHE K 1564 38.45 64.56 79.02
N GLU K 1565 37.73 65.20 79.94
CA GLU K 1565 36.48 64.66 80.49
C GLU K 1565 35.39 65.69 80.24
N LEU K 1566 34.71 65.56 79.11
CA LEU K 1566 33.63 66.47 78.73
C LEU K 1566 32.34 65.99 79.37
N GLY K 1567 32.08 66.46 80.60
CA GLY K 1567 30.90 66.06 81.32
C GLY K 1567 30.22 67.25 81.97
N LYS K 1568 28.96 67.05 82.35
CA LYS K 1568 28.18 68.08 83.00
C LYS K 1568 28.23 67.87 84.51
N GLN K 1569 27.42 68.63 85.25
CA GLN K 1569 27.36 68.53 86.70
C GLN K 1569 25.90 68.64 87.12
N LYS K 1570 25.68 68.78 88.44
CA LYS K 1570 24.32 68.86 88.96
C LYS K 1570 23.62 70.12 88.48
N ASN K 1571 24.33 71.25 88.46
CA ASN K 1571 23.75 72.51 88.03
C ASN K 1571 24.69 73.29 87.13
N ILE K 1572 25.55 72.59 86.39
CA ILE K 1572 26.50 73.21 85.48
C ILE K 1572 26.26 72.66 84.08
N MET K 1573 26.05 73.57 83.12
CA MET K 1573 25.83 73.16 81.74
C MET K 1573 27.13 72.61 81.16
N PRO K 1574 27.05 71.56 80.34
CA PRO K 1574 28.25 71.02 79.71
C PRO K 1574 28.84 71.99 78.70
N LEU K 1575 30.15 71.86 78.49
CA LEU K 1575 30.87 72.76 77.58
C LEU K 1575 30.39 72.62 76.15
N SER K 1576 29.72 71.52 75.79
CA SER K 1576 29.18 71.38 74.45
C SER K 1576 28.12 72.44 74.16
N ALA K 1577 27.33 72.79 75.18
CA ALA K 1577 26.31 73.82 75.00
C ALA K 1577 26.93 75.17 74.68
N ALA K 1578 28.02 75.53 75.37
CA ALA K 1578 28.67 76.80 75.11
C ALA K 1578 29.41 76.79 73.77
N MET K 1579 30.08 75.67 73.46
CA MET K 1579 30.87 75.61 72.23
C MET K 1579 29.98 75.52 71.00
N PHE K 1580 28.90 74.75 71.08
CA PHE K 1580 28.01 74.51 69.94
C PHE K 1580 26.64 75.10 70.24
N LEU K 1581 26.16 75.96 69.33
CA LEU K 1581 24.88 76.62 69.53
C LEU K 1581 23.72 75.65 69.41
N SER K 1582 23.86 74.62 68.57
CA SER K 1582 22.77 73.67 68.38
C SER K 1582 22.45 72.92 69.66
N GLU K 1583 23.48 72.52 70.41
CA GLU K 1583 23.31 71.78 71.65
C GLU K 1583 23.27 72.68 72.88
N ARG K 1584 22.82 73.93 72.71
CA ARG K 1584 22.77 74.85 73.84
C ARG K 1584 21.82 74.37 74.92
N LYS K 1585 20.66 73.84 74.52
CA LYS K 1585 19.65 73.35 75.45
C LYS K 1585 19.74 71.84 75.65
N ASN K 1586 20.93 71.27 75.48
CA ASN K 1586 21.12 69.83 75.64
C ASN K 1586 21.84 69.58 76.96
N PRO K 1587 21.18 69.02 77.97
CA PRO K 1587 21.88 68.77 79.24
C PRO K 1587 22.82 67.58 79.17
N ALA K 1588 22.55 66.61 78.31
CA ALA K 1588 23.41 65.43 78.21
C ALA K 1588 24.71 65.81 77.52
N PRO K 1589 25.86 65.53 78.12
CA PRO K 1589 27.13 65.85 77.46
C PRO K 1589 27.29 65.10 76.15
N GLN K 1590 27.87 65.77 75.16
CA GLN K 1590 28.12 65.19 73.85
C GLN K 1590 29.48 65.65 73.35
N CYS K 1591 30.12 64.78 72.58
CA CYS K 1591 31.44 65.05 72.01
C CYS K 1591 31.40 64.76 70.51
N PRO K 1592 30.98 65.73 69.71
CA PRO K 1592 30.94 65.53 68.25
C PRO K 1592 32.34 65.46 67.68
N PRO K 1593 32.50 64.92 66.47
CA PRO K 1593 33.85 64.76 65.91
C PRO K 1593 34.60 66.07 65.71
N ARG K 1594 33.91 67.20 65.61
CA ARG K 1594 34.60 68.48 65.45
C ARG K 1594 35.47 68.78 66.66
N LEU K 1595 34.96 68.51 67.86
CA LEU K 1595 35.72 68.74 69.08
C LEU K 1595 36.86 67.73 69.17
N GLU K 1596 38.09 68.20 69.03
CA GLU K 1596 39.26 67.32 69.06
C GLU K 1596 40.44 68.10 69.60
N VAL K 1597 41.45 67.37 70.07
CA VAL K 1597 42.65 67.96 70.63
C VAL K 1597 43.54 68.49 69.51
N GLN K 1598 44.52 69.32 69.86
CA GLN K 1598 45.44 69.89 68.90
C GLN K 1598 46.85 69.87 69.48
N MET K 1599 47.84 69.95 68.59
CA MET K 1599 49.24 69.95 68.98
C MET K 1599 49.90 71.25 68.53
N LEU K 1600 50.73 71.82 69.40
CA LEU K 1600 51.42 73.07 69.11
C LEU K 1600 52.69 72.76 68.32
N MET K 1601 52.58 72.82 66.99
CA MET K 1601 53.74 72.62 66.14
C MET K 1601 54.65 73.84 66.24
N PRO K 1602 55.92 73.68 66.63
CA PRO K 1602 56.79 74.86 66.80
C PRO K 1602 56.99 75.66 65.52
N VAL K 1603 57.04 75.01 64.36
CA VAL K 1603 57.28 75.68 63.10
C VAL K 1603 56.24 75.21 62.10
N SER K 1604 55.60 76.16 61.41
CA SER K 1604 54.58 75.86 60.42
C SER K 1604 54.87 76.64 59.15
N TRP K 1605 54.44 76.08 58.02
CA TRP K 1605 54.66 76.71 56.73
C TRP K 1605 53.79 77.95 56.59
N SER K 1606 54.28 78.91 55.80
CA SER K 1606 53.54 80.13 55.52
C SER K 1606 53.95 80.64 54.15
N ARG K 1607 53.07 81.46 53.55
CA ARG K 1607 53.34 82.00 52.23
C ARG K 1607 54.10 83.32 52.33
N MET K 1608 54.99 83.54 51.38
CA MET K 1608 55.75 84.78 51.29
C MET K 1608 55.02 85.75 50.37
N PRO K 1609 54.62 86.92 50.85
CA PRO K 1609 53.94 87.89 49.97
C PRO K 1609 54.83 88.29 48.80
N ASN K 1610 54.21 88.45 47.63
CA ASN K 1610 54.97 88.79 46.43
C ASN K 1610 55.43 90.24 46.46
N HIS K 1611 54.57 91.14 46.93
CA HIS K 1611 54.90 92.56 47.01
C HIS K 1611 54.99 92.99 48.47
N PHE K 1612 56.02 93.75 48.80
CA PHE K 1612 56.25 94.22 50.16
C PHE K 1612 56.27 95.74 50.18
N LEU K 1613 55.95 96.29 51.35
CA LEU K 1613 55.95 97.74 51.52
C LEU K 1613 57.37 98.29 51.38
N GLN K 1614 57.49 99.38 50.63
CA GLN K 1614 58.79 100.02 50.40
C GLN K 1614 59.02 101.07 51.47
N VAL K 1615 59.52 100.62 52.62
CA VAL K 1615 59.80 101.50 53.75
C VAL K 1615 61.15 102.18 53.52
N GLU K 1616 61.17 103.50 53.63
CA GLU K 1616 62.38 104.29 53.44
C GLU K 1616 62.60 105.17 54.66
N THR K 1617 63.82 105.14 55.19
CA THR K 1617 64.18 105.93 56.37
C THR K 1617 65.47 106.67 56.12
N ARG K 1618 65.61 107.82 56.79
CA ARG K 1618 66.81 108.64 56.66
C ARG K 1618 66.95 109.50 57.89
N ARG K 1619 68.15 110.04 58.09
CA ARG K 1619 68.43 110.91 59.22
C ARG K 1619 67.82 112.28 58.96
N ALA K 1620 66.84 112.67 59.78
CA ALA K 1620 66.19 113.96 59.60
C ALA K 1620 67.15 115.11 59.85
N GLY K 1621 67.98 115.00 60.88
CA GLY K 1621 68.94 116.05 61.17
C GLY K 1621 69.61 115.81 62.50
N GLU K 1622 70.50 116.75 62.86
CA GLU K 1622 71.23 116.66 64.11
C GLU K 1622 70.32 116.87 65.32
N ARG K 1623 69.18 117.54 65.15
CA ARG K 1623 68.25 117.77 66.24
C ARG K 1623 66.89 117.14 66.04
N LEU K 1624 66.53 116.74 64.82
CA LEU K 1624 65.25 116.12 64.54
C LEU K 1624 65.28 114.60 64.61
N GLY K 1625 66.45 114.01 64.88
CA GLY K 1625 66.51 112.56 65.00
C GLY K 1625 66.37 111.88 63.65
N TRP K 1626 65.68 110.74 63.66
CA TRP K 1626 65.47 109.93 62.47
C TRP K 1626 64.06 110.14 61.94
N ALA K 1627 63.92 110.09 60.62
CA ALA K 1627 62.63 110.24 59.96
C ALA K 1627 62.41 109.08 59.01
N VAL K 1628 61.22 108.47 59.08
CA VAL K 1628 60.84 107.37 58.21
C VAL K 1628 59.55 107.76 57.51
N GLN K 1629 59.48 107.49 56.21
CA GLN K 1629 58.32 107.79 55.40
C GLN K 1629 58.03 106.63 54.45
N CYS K 1630 56.75 106.43 54.15
CA CYS K 1630 56.33 105.38 53.24
C CYS K 1630 54.92 105.69 52.76
N GLN K 1631 54.77 105.95 51.46
CA GLN K 1631 53.48 106.31 50.89
C GLN K 1631 52.96 105.30 49.89
N ASP K 1632 53.67 104.22 49.63
CA ASP K 1632 53.22 103.21 48.68
C ASP K 1632 52.08 102.41 49.28
N PRO K 1633 50.90 102.40 48.66
CA PRO K 1633 49.78 101.62 49.21
C PRO K 1633 49.84 100.16 48.80
N LEU K 1634 49.45 99.29 49.71
CA LEU K 1634 49.41 97.86 49.46
C LEU K 1634 48.22 97.26 50.18
N THR K 1635 47.26 96.74 49.41
CA THR K 1635 46.05 96.15 49.95
C THR K 1635 45.95 94.69 49.49
N MET K 1636 45.50 93.82 50.40
CA MET K 1636 45.46 92.40 50.12
C MET K 1636 44.28 91.79 50.86
N MET K 1637 43.76 90.70 50.30
CA MET K 1637 42.61 90.01 50.86
C MET K 1637 43.10 88.88 51.75
N ALA K 1638 42.58 88.83 52.98
CA ALA K 1638 43.02 87.86 53.97
C ALA K 1638 41.83 87.16 54.59
N LEU K 1639 42.04 85.93 55.03
CA LEU K 1639 40.98 85.13 55.63
C LEU K 1639 40.93 85.34 57.13
N HIS K 1640 39.92 84.74 57.75
CA HIS K 1640 39.74 84.85 59.20
C HIS K 1640 38.89 83.67 59.67
N ILE K 1641 39.48 82.77 60.43
CA ILE K 1641 38.76 81.63 60.98
C ILE K 1641 37.92 82.11 62.16
N PRO K 1642 36.60 81.95 62.13
CA PRO K 1642 35.78 82.44 63.25
C PRO K 1642 36.11 81.80 64.58
N GLU K 1643 36.47 80.52 64.59
CA GLU K 1643 36.74 79.80 65.83
C GLU K 1643 38.22 79.76 66.19
N GLU K 1644 39.07 80.43 65.42
CA GLU K 1644 40.50 80.45 65.70
C GLU K 1644 41.11 81.84 65.75
N ASN K 1645 40.45 82.86 65.22
CA ASN K 1645 40.97 84.24 65.21
C ASN K 1645 42.33 84.30 64.55
N ARG K 1646 42.51 83.53 63.48
CA ARG K 1646 43.76 83.49 62.73
C ARG K 1646 43.53 84.06 61.34
N CYS K 1647 44.50 84.83 60.85
CA CYS K 1647 44.41 85.50 59.55
C CYS K 1647 45.42 84.87 58.61
N MET K 1648 44.96 84.53 57.41
CA MET K 1648 45.80 83.87 56.41
C MET K 1648 45.48 84.41 55.04
N ASP K 1649 46.45 84.32 54.14
CA ASP K 1649 46.31 84.89 52.81
C ASP K 1649 45.40 84.01 51.96
N ILE K 1650 44.60 84.65 51.10
CA ILE K 1650 43.83 83.88 50.12
C ILE K 1650 44.75 83.21 49.11
N LEU K 1651 45.93 83.79 48.85
CA LEU K 1651 46.90 83.13 47.99
C LEU K 1651 47.52 81.91 48.66
N GLU K 1652 47.50 81.85 50.00
CA GLU K 1652 48.04 80.71 50.71
C GLU K 1652 47.19 79.46 50.53
N LEU K 1653 45.95 79.60 50.08
CA LEU K 1653 45.05 78.47 49.92
C LEU K 1653 45.46 77.53 48.79
N SER K 1654 46.43 77.93 47.95
CA SER K 1654 46.86 77.07 46.86
C SER K 1654 47.44 75.76 47.37
N GLU K 1655 48.28 75.83 48.41
CA GLU K 1655 48.85 74.61 48.98
C GLU K 1655 47.85 73.85 49.83
N ARG K 1656 46.95 74.55 50.53
CA ARG K 1656 45.96 73.91 51.39
C ARG K 1656 44.77 73.51 50.53
N LEU K 1657 44.79 72.26 50.07
CA LEU K 1657 43.73 71.78 49.18
C LEU K 1657 42.38 71.77 49.86
N ASP K 1658 42.32 71.35 51.13
CA ASP K 1658 41.05 71.28 51.84
C ASP K 1658 40.44 72.66 52.02
N LEU K 1659 41.25 73.65 52.42
CA LEU K 1659 40.75 75.00 52.60
C LEU K 1659 40.32 75.62 51.27
N GLN K 1660 41.08 75.36 50.21
CA GLN K 1660 40.70 75.87 48.89
C GLN K 1660 39.38 75.28 48.44
N ARG K 1661 39.20 73.97 48.63
CA ARG K 1661 37.94 73.33 48.27
C ARG K 1661 36.78 73.89 49.09
N PHE K 1662 37.02 74.10 50.39
CA PHE K 1662 35.96 74.66 51.24
C PHE K 1662 35.57 76.06 50.78
N HIS K 1663 36.55 76.89 50.45
CA HIS K 1663 36.25 78.24 49.99
C HIS K 1663 35.53 78.23 48.64
N SER K 1664 35.95 77.33 47.74
CA SER K 1664 35.27 77.20 46.46
C SER K 1664 33.81 76.77 46.63
N HIS K 1665 33.57 75.82 47.54
CA HIS K 1665 32.20 75.39 47.81
C HIS K 1665 31.39 76.49 48.49
N THR K 1666 32.04 77.30 49.33
CA THR K 1666 31.35 78.46 49.92
C THR K 1666 30.93 79.45 48.84
N LEU K 1667 31.82 79.72 47.89
CA LEU K 1667 31.47 80.61 46.78
C LEU K 1667 30.34 80.02 45.93
N ARG K 1668 30.38 78.71 45.68
CA ARG K 1668 29.33 78.07 44.92
C ARG K 1668 28.00 78.12 45.67
N LEU K 1669 28.03 77.97 47.00
CA LEU K 1669 26.81 78.11 47.80
C LEU K 1669 26.27 79.53 47.73
N TYR K 1670 27.15 80.53 47.79
CA TYR K 1670 26.71 81.90 47.63
C TYR K 1670 26.05 82.12 46.28
N ARG K 1671 26.63 81.54 45.23
CA ARG K 1671 26.02 81.62 43.90
C ARG K 1671 24.65 80.96 43.89
N ALA K 1672 24.54 79.76 44.46
CA ALA K 1672 23.27 79.03 44.43
C ALA K 1672 22.19 79.78 45.19
N VAL K 1673 22.53 80.34 46.36
CA VAL K 1673 21.55 81.10 47.12
C VAL K 1673 21.27 82.46 46.47
N CYS K 1674 22.14 82.91 45.57
CA CYS K 1674 21.97 84.21 44.93
C CYS K 1674 21.42 84.12 43.52
N ALA K 1675 21.73 83.06 42.78
CA ALA K 1675 21.33 82.97 41.38
C ALA K 1675 19.82 82.81 41.25
N LEU K 1676 19.33 82.95 40.01
CA LEU K 1676 17.92 82.82 39.68
C LEU K 1676 17.07 83.83 40.45
N GLY K 1677 17.33 85.11 40.19
CA GLY K 1677 16.62 86.18 40.85
C GLY K 1677 17.06 86.38 42.28
N ASN K 1678 16.11 86.59 43.19
CA ASN K 1678 16.37 86.75 44.61
C ASN K 1678 17.34 87.91 44.86
N ASN K 1679 16.88 89.11 44.49
CA ASN K 1679 17.74 90.29 44.58
C ASN K 1679 18.03 90.68 46.03
N ARG K 1680 17.13 90.35 46.95
CA ARG K 1680 17.38 90.62 48.36
C ARG K 1680 18.58 89.83 48.88
N VAL K 1681 18.67 88.55 48.49
CA VAL K 1681 19.81 87.74 48.88
C VAL K 1681 21.09 88.26 48.23
N ALA K 1682 21.00 88.75 46.99
CA ALA K 1682 22.16 89.36 46.35
C ALA K 1682 22.63 90.58 47.12
N HIS K 1683 21.68 91.43 47.55
CA HIS K 1683 22.04 92.60 48.34
C HIS K 1683 22.68 92.19 49.66
N ALA K 1684 22.14 91.15 50.30
CA ALA K 1684 22.73 90.66 51.55
C ALA K 1684 24.15 90.14 51.33
N LEU K 1685 24.36 89.41 50.23
CA LEU K 1685 25.68 88.88 49.92
C LEU K 1685 26.66 89.99 49.57
N CYS K 1686 26.17 91.11 49.05
CA CYS K 1686 27.04 92.24 48.72
C CYS K 1686 27.76 92.78 49.96
N SER K 1687 27.24 92.53 51.16
CA SER K 1687 27.91 92.97 52.37
C SER K 1687 29.08 92.06 52.72
N HIS K 1688 28.83 90.74 52.76
CA HIS K 1688 29.91 89.80 53.06
C HIS K 1688 30.97 89.83 51.97
N VAL K 1689 30.56 89.88 50.71
CA VAL K 1689 31.47 90.01 49.59
C VAL K 1689 31.38 91.42 49.06
N ASP K 1690 32.23 92.31 49.55
CA ASP K 1690 32.17 93.72 49.19
C ASP K 1690 32.62 93.94 47.75
N GLN K 1691 32.23 95.08 47.19
CA GLN K 1691 32.63 95.43 45.84
C GLN K 1691 34.14 95.62 45.75
N ALA K 1692 34.76 96.19 46.79
CA ALA K 1692 36.21 96.36 46.80
C ALA K 1692 36.92 95.02 46.78
N GLN K 1693 36.41 94.05 47.55
CA GLN K 1693 37.02 92.72 47.54
C GLN K 1693 36.90 92.06 46.18
N LEU K 1694 35.75 92.19 45.52
CA LEU K 1694 35.58 91.64 44.18
C LEU K 1694 36.52 92.31 43.19
N LEU K 1695 36.68 93.63 43.29
CA LEU K 1695 37.58 94.34 42.40
C LEU K 1695 39.02 93.93 42.62
N HIS K 1696 39.43 93.73 43.88
CA HIS K 1696 40.78 93.29 44.17
C HIS K 1696 41.02 91.88 43.67
N ALA K 1697 40.07 90.97 43.88
CA ALA K 1697 40.20 89.61 43.38
C ALA K 1697 40.07 89.54 41.88
N LEU K 1698 39.55 90.59 41.24
CA LEU K 1698 39.48 90.60 39.80
C LEU K 1698 40.87 90.53 39.19
N GLU K 1699 41.80 91.36 39.67
CA GLU K 1699 43.12 91.50 39.06
C GLU K 1699 44.19 90.68 39.78
N ASP K 1700 43.80 89.78 40.68
CA ASP K 1700 44.77 88.97 41.41
C ASP K 1700 45.41 87.96 40.46
N ALA K 1701 46.65 88.23 40.06
CA ALA K 1701 47.33 87.35 39.12
C ALA K 1701 47.81 86.07 39.80
N HIS K 1702 48.02 86.09 41.12
CA HIS K 1702 48.47 84.92 41.85
C HIS K 1702 47.33 84.16 42.50
N LEU K 1703 46.08 84.56 42.25
CA LEU K 1703 44.95 83.84 42.80
C LEU K 1703 44.87 82.43 42.20
N PRO K 1704 44.55 81.42 43.01
CA PRO K 1704 44.44 80.07 42.45
C PRO K 1704 43.30 79.97 41.45
N GLY K 1705 43.47 79.05 40.50
CA GLY K 1705 42.54 78.89 39.39
C GLY K 1705 41.10 78.68 39.80
N PRO K 1706 40.80 77.58 40.49
CA PRO K 1706 39.41 77.33 40.91
C PRO K 1706 38.82 78.44 41.76
N LEU K 1707 39.62 79.01 42.67
CA LEU K 1707 39.12 80.09 43.52
C LEU K 1707 38.86 81.35 42.71
N ARG K 1708 39.73 81.66 41.75
CA ARG K 1708 39.52 82.80 40.88
C ARG K 1708 38.26 82.63 40.05
N ALA K 1709 38.06 81.43 39.49
CA ALA K 1709 36.85 81.17 38.71
C ALA K 1709 35.60 81.29 39.58
N GLY K 1710 35.67 80.77 40.81
CA GLY K 1710 34.54 80.90 41.72
C GLY K 1710 34.23 82.35 42.05
N TYR K 1711 35.28 83.15 42.27
CA TYR K 1711 35.06 84.57 42.56
C TYR K 1711 34.45 85.30 41.38
N TYR K 1712 34.94 85.02 40.16
CA TYR K 1712 34.35 85.64 38.98
C TYR K 1712 32.88 85.25 38.82
N ASP K 1713 32.57 83.96 39.00
CA ASP K 1713 31.20 83.50 38.86
C ASP K 1713 30.31 84.10 39.94
N LEU K 1714 30.82 84.24 41.16
CA LEU K 1714 30.05 84.87 42.23
C LEU K 1714 29.77 86.32 41.91
N LEU K 1715 30.77 87.05 41.39
CA LEU K 1715 30.55 88.44 41.00
C LEU K 1715 29.48 88.54 39.92
N ILE K 1716 29.56 87.67 38.90
CA ILE K 1716 28.59 87.70 37.82
C ILE K 1716 27.19 87.38 38.34
N SER K 1717 27.07 86.38 39.21
CA SER K 1717 25.76 86.01 39.74
C SER K 1717 25.19 87.09 40.65
N ILE K 1718 26.04 87.78 41.41
CA ILE K 1718 25.56 88.78 42.36
C ILE K 1718 25.12 90.05 41.64
N HIS K 1719 25.94 90.55 40.73
CA HIS K 1719 25.72 91.91 40.23
C HIS K 1719 24.83 91.95 38.99
N LEU K 1720 25.24 91.28 37.91
CA LEU K 1720 24.58 91.44 36.61
C LEU K 1720 24.05 90.13 36.06
N GLU K 1721 23.59 89.21 36.92
CA GLU K 1721 23.02 87.96 36.43
C GLU K 1721 21.57 88.16 35.97
N SER K 1722 20.75 88.78 36.83
CA SER K 1722 19.33 88.94 36.51
C SER K 1722 19.12 89.82 35.28
N ALA K 1723 19.87 90.93 35.19
CA ALA K 1723 19.74 91.81 34.04
C ALA K 1723 20.17 91.12 32.77
N CYS K 1724 21.26 90.34 32.83
CA CYS K 1724 21.71 89.61 31.65
C CYS K 1724 20.68 88.57 31.22
N ARG K 1725 20.09 87.86 32.19
CA ARG K 1725 19.06 86.88 31.85
C ARG K 1725 17.84 87.54 31.22
N SER K 1726 17.41 88.68 31.78
CA SER K 1726 16.27 89.40 31.22
C SER K 1726 16.56 89.89 29.81
N ARG K 1727 17.76 90.41 29.58
CA ARG K 1727 18.12 90.87 28.24
C ARG K 1727 18.18 89.71 27.25
N ARG K 1728 18.76 88.58 27.66
CA ARG K 1728 18.85 87.42 26.78
C ARG K 1728 17.49 86.87 26.42
N SER K 1729 16.59 86.78 27.41
CA SER K 1729 15.23 86.32 27.13
C SER K 1729 14.50 87.28 26.21
N MET K 1730 14.67 88.59 26.42
CA MET K 1730 14.00 89.60 25.64
C MET K 1730 14.62 89.81 24.27
N LEU K 1731 15.88 89.40 24.07
CA LEU K 1731 16.59 89.67 22.83
C LEU K 1731 15.99 88.99 21.62
N SER K 1732 15.10 88.01 21.81
CA SER K 1732 14.50 87.30 20.67
C SER K 1732 13.53 88.16 19.88
N GLU K 1733 13.08 89.29 20.43
CA GLU K 1733 12.15 90.18 19.75
C GLU K 1733 12.88 91.46 19.37
N TYR K 1734 12.69 91.91 18.13
CA TYR K 1734 13.35 93.09 17.59
C TYR K 1734 12.28 94.17 17.37
N ILE K 1735 12.20 95.10 18.32
CA ILE K 1735 11.25 96.21 18.25
C ILE K 1735 12.05 97.48 17.94
N VAL K 1736 11.67 98.15 16.86
CA VAL K 1736 12.36 99.35 16.40
C VAL K 1736 11.35 100.49 16.32
N PRO K 1737 11.57 101.61 17.01
CA PRO K 1737 10.68 102.76 16.87
C PRO K 1737 10.84 103.44 15.52
N LEU K 1738 9.78 104.12 15.10
CA LEU K 1738 9.78 104.87 13.85
C LEU K 1738 10.33 106.26 14.12
N THR K 1739 11.65 106.40 14.04
CA THR K 1739 12.33 107.65 14.34
C THR K 1739 13.27 108.01 13.21
N PRO K 1740 13.55 109.31 13.01
CA PRO K 1740 14.52 109.70 11.98
C PRO K 1740 15.90 109.13 12.20
N GLU K 1741 16.31 108.94 13.46
CA GLU K 1741 17.59 108.30 13.73
C GLU K 1741 17.62 106.87 13.22
N THR K 1742 16.50 106.15 13.36
CA THR K 1742 16.42 104.80 12.84
C THR K 1742 16.53 104.79 11.32
N ARG K 1743 15.94 105.79 10.66
CA ARG K 1743 15.98 105.86 9.20
C ARG K 1743 17.40 106.03 8.68
N ALA K 1744 18.27 106.70 9.45
CA ALA K 1744 19.64 106.92 9.02
C ALA K 1744 20.48 105.66 9.04
N ILE K 1745 20.01 104.58 9.65
CA ILE K 1745 20.78 103.34 9.73
C ILE K 1745 20.85 102.72 8.34
N THR K 1746 22.07 102.33 7.93
CA THR K 1746 22.30 101.71 6.64
C THR K 1746 23.09 100.42 6.83
N LEU K 1747 22.75 99.41 6.04
CA LEU K 1747 23.44 98.12 6.13
C LEU K 1747 24.89 98.24 5.70
N PHE K 1748 25.17 99.06 4.70
CA PHE K 1748 26.53 99.24 4.20
C PHE K 1748 27.07 100.61 4.60
N PRO K 1749 28.38 100.70 4.90
CA PRO K 1749 29.02 101.97 5.27
C PRO K 1749 28.97 103.00 4.14
N ARG K 1759 32.42 97.84 1.31
CA ARG K 1759 32.81 96.55 1.87
C ARG K 1759 31.85 96.10 2.95
N HIS K 1760 32.36 95.37 3.93
CA HIS K 1760 31.57 94.86 5.05
C HIS K 1760 31.86 95.69 6.30
N GLY K 1761 30.79 96.21 6.91
CA GLY K 1761 30.96 96.99 8.12
C GLY K 1761 31.32 96.12 9.32
N LEU K 1762 31.94 96.76 10.30
CA LEU K 1762 32.33 96.07 11.51
C LEU K 1762 31.10 95.76 12.36
N PRO K 1763 30.86 94.52 12.74
CA PRO K 1763 29.69 94.22 13.57
C PRO K 1763 29.82 94.83 14.96
N GLY K 1764 28.68 95.29 15.48
CA GLY K 1764 28.62 95.80 16.84
C GLY K 1764 29.08 97.22 17.03
N VAL K 1765 29.51 97.91 15.98
CA VAL K 1765 29.95 99.29 16.10
C VAL K 1765 28.95 100.28 15.52
N GLY K 1766 28.03 99.83 14.67
CA GLY K 1766 27.03 100.73 14.13
C GLY K 1766 25.99 101.12 15.16
N VAL K 1767 25.24 102.18 14.83
CA VAL K 1767 24.20 102.65 15.73
C VAL K 1767 23.04 101.66 15.74
N THR K 1768 22.62 101.25 16.93
CA THR K 1768 21.52 100.32 17.11
C THR K 1768 20.33 101.08 17.67
N THR K 1769 19.21 101.04 16.96
CA THR K 1769 17.99 101.75 17.35
C THR K 1769 16.94 100.83 17.94
N SER K 1770 17.30 99.60 18.27
CA SER K 1770 16.35 98.67 18.86
C SER K 1770 15.88 99.18 20.22
N LEU K 1771 14.59 99.03 20.49
CA LEU K 1771 13.98 99.53 21.71
C LEU K 1771 14.17 98.49 22.81
N ARG K 1772 15.11 98.75 23.71
CA ARG K 1772 15.43 97.87 24.82
C ARG K 1772 15.52 98.67 26.11
N PRO K 1773 15.22 98.05 27.25
CA PRO K 1773 15.23 98.79 28.51
C PRO K 1773 16.61 98.75 29.16
N PRO K 1774 17.12 99.91 29.58
CA PRO K 1774 18.35 99.91 30.37
C PRO K 1774 18.14 99.25 31.72
N HIS K 1775 19.18 98.58 32.19
CA HIS K 1775 19.08 97.86 33.45
C HIS K 1775 19.00 98.82 34.62
N HIS K 1776 18.14 98.49 35.59
CA HIS K 1776 17.94 99.31 36.77
C HIS K 1776 18.66 98.67 37.95
N PHE K 1777 19.52 99.45 38.61
CA PHE K 1777 20.30 98.97 39.74
C PHE K 1777 20.07 99.88 40.94
N SER K 1778 19.96 99.26 42.12
CA SER K 1778 19.81 99.98 43.37
C SER K 1778 21.09 99.86 44.18
N PRO K 1779 21.68 100.97 44.61
CA PRO K 1779 22.92 100.90 45.40
C PRO K 1779 22.71 100.12 46.69
N PRO K 1780 23.67 99.29 47.09
CA PRO K 1780 23.52 98.50 48.31
C PRO K 1780 23.77 99.34 49.55
N CYS K 1781 22.70 99.64 50.28
CA CYS K 1781 22.78 100.37 51.53
C CYS K 1781 22.26 99.50 52.66
N PHE K 1782 23.01 99.44 53.76
CA PHE K 1782 22.67 98.56 54.88
C PHE K 1782 22.39 99.31 56.17
N VAL K 1783 22.54 100.64 56.18
CA VAL K 1783 22.21 101.43 57.36
C VAL K 1783 20.82 102.02 57.30
N ALA K 1784 20.15 101.96 56.15
CA ALA K 1784 18.79 102.47 56.03
C ALA K 1784 17.81 101.57 56.77
N ALA K 1785 16.77 102.19 57.31
CA ALA K 1785 15.75 101.44 58.04
C ALA K 1785 14.98 100.54 57.07
N LEU K 1786 14.72 99.31 57.51
CA LEU K 1786 13.99 98.37 56.69
C LEU K 1786 12.53 98.82 56.53
N PRO K 1787 11.93 98.59 55.35
CA PRO K 1787 10.53 98.97 55.11
C PRO K 1787 9.55 98.09 55.84
N PRO K 1795 7.83 97.08 45.43
CA PRO K 1795 8.08 96.21 46.59
C PRO K 1795 9.07 95.10 46.30
N ALA K 1796 9.75 95.20 45.17
CA ALA K 1796 10.74 94.21 44.75
C ALA K 1796 12.12 94.84 44.75
N ARG K 1797 13.06 94.19 45.43
CA ARG K 1797 14.42 94.69 45.50
C ARG K 1797 15.11 94.59 44.14
N LEU K 1798 16.03 95.51 43.89
CA LEU K 1798 16.78 95.56 42.64
C LEU K 1798 18.18 95.01 42.84
N SER K 1799 18.86 94.78 41.72
CA SER K 1799 20.20 94.23 41.75
C SER K 1799 21.19 95.25 42.33
N PRO K 1800 22.29 94.79 42.94
CA PRO K 1800 23.29 95.73 43.47
C PRO K 1800 23.91 96.56 42.35
N ALA K 1801 24.29 97.79 42.71
CA ALA K 1801 24.86 98.73 41.76
C ALA K 1801 26.39 98.74 41.89
N ILE K 1802 27.06 98.66 40.75
CA ILE K 1802 28.53 98.69 40.70
C ILE K 1802 28.93 99.67 39.60
N PRO K 1803 30.01 100.45 39.78
CA PRO K 1803 30.47 101.35 38.71
C PRO K 1803 30.70 100.62 37.40
N LEU K 1804 29.98 101.04 36.35
CA LEU K 1804 30.07 100.35 35.07
C LEU K 1804 31.35 100.70 34.32
N GLU K 1805 31.80 101.95 34.40
CA GLU K 1805 33.02 102.35 33.70
C GLU K 1805 34.24 101.64 34.26
N ALA K 1806 34.36 101.58 35.59
CA ALA K 1806 35.49 100.89 36.20
C ALA K 1806 35.49 99.40 35.86
N LEU K 1807 34.32 98.77 35.90
CA LEU K 1807 34.22 97.36 35.54
C LEU K 1807 34.61 97.12 34.10
N ARG K 1808 34.14 97.99 33.19
CA ARG K 1808 34.47 97.84 31.78
C ARG K 1808 35.97 98.00 31.55
N ASP K 1809 36.58 99.01 32.18
CA ASP K 1809 38.01 99.22 32.02
C ASP K 1809 38.81 98.05 32.57
N LYS K 1810 38.42 97.55 33.75
CA LYS K 1810 39.13 96.42 34.35
C LYS K 1810 39.01 95.18 33.48
N ALA K 1811 37.80 94.91 32.95
CA ALA K 1811 37.62 93.75 32.10
C ALA K 1811 38.44 93.86 30.81
N LEU K 1812 38.45 95.04 30.20
CA LEU K 1812 39.24 95.22 28.98
C LEU K 1812 40.73 95.02 29.25
N ARG K 1813 41.24 95.63 30.34
CA ARG K 1813 42.65 95.50 30.66
C ARG K 1813 43.02 94.06 30.96
N MET K 1814 42.16 93.35 31.69
CA MET K 1814 42.47 91.98 32.06
C MET K 1814 42.45 91.06 30.86
N LEU K 1815 41.47 91.26 29.96
CA LEU K 1815 41.40 90.42 28.78
C LEU K 1815 42.58 90.70 27.86
N GLY K 1816 43.01 91.96 27.77
CA GLY K 1816 44.22 92.27 27.02
C GLY K 1816 45.46 91.63 27.62
N GLU K 1817 45.58 91.68 28.95
CA GLU K 1817 46.72 91.06 29.62
C GLU K 1817 46.72 89.55 29.42
N ALA K 1818 45.54 88.93 29.48
CA ALA K 1818 45.43 87.49 29.25
C ALA K 1818 45.82 87.15 27.81
N VAL K 1819 45.41 87.98 26.85
CA VAL K 1819 45.78 87.75 25.46
C VAL K 1819 47.29 87.83 25.30
N ARG K 1820 47.90 88.85 25.90
CA ARG K 1820 49.36 88.99 25.82
C ARG K 1820 50.07 87.81 26.45
N ASP K 1821 49.59 87.36 27.61
CA ASP K 1821 50.21 86.22 28.29
C ASP K 1821 50.07 84.95 27.46
N GLY K 1822 48.91 84.73 26.85
CA GLY K 1822 48.74 83.58 25.99
C GLY K 1822 49.62 83.63 24.76
N GLY K 1823 49.76 84.82 24.18
CA GLY K 1823 50.66 84.97 23.04
C GLY K 1823 52.11 84.73 23.41
N GLN K 1824 52.49 85.11 24.63
CA GLN K 1824 53.87 84.91 25.10
C GLN K 1824 54.19 83.46 25.41
N HIS K 1825 53.19 82.57 25.43
CA HIS K 1825 53.37 81.16 25.72
C HIS K 1825 54.02 80.98 27.10
N ALA K 1826 53.30 81.44 28.13
CA ALA K 1826 53.81 81.37 29.49
C ALA K 1826 53.88 79.94 29.99
N ARG K 1827 54.94 79.62 30.73
CA ARG K 1827 55.06 78.31 31.35
C ARG K 1827 54.01 78.12 32.44
N ASP K 1828 53.79 79.14 33.26
CA ASP K 1828 52.80 79.09 34.32
C ASP K 1828 51.75 80.17 34.09
N PRO K 1829 50.61 79.86 33.47
CA PRO K 1829 49.59 80.88 33.26
C PRO K 1829 48.97 81.34 34.57
N VAL K 1830 48.41 82.55 34.54
CA VAL K 1830 47.72 83.10 35.69
C VAL K 1830 46.58 82.18 36.10
N GLY K 1831 46.49 81.92 37.41
CA GLY K 1831 45.49 80.99 37.92
C GLY K 1831 45.71 79.56 37.48
N GLY K 1832 46.96 79.08 37.53
CA GLY K 1832 47.24 77.71 37.16
C GLY K 1832 47.14 77.45 35.66
N SER K 1833 46.17 76.65 35.26
CA SER K 1833 45.99 76.32 33.86
C SER K 1833 45.49 77.53 33.07
N VAL K 1834 45.78 77.53 31.77
CA VAL K 1834 45.34 78.62 30.90
C VAL K 1834 43.82 78.64 30.79
N GLU K 1835 43.16 77.49 30.96
CA GLU K 1835 41.71 77.46 30.96
C GLU K 1835 41.14 78.29 32.11
N PHE K 1836 41.71 78.13 33.31
CA PHE K 1836 41.29 78.95 34.43
C PHE K 1836 41.68 80.41 34.25
N GLN K 1837 42.65 80.69 33.39
CA GLN K 1837 43.00 82.08 33.08
C GLN K 1837 41.97 82.73 32.16
N PHE K 1838 41.51 82.01 31.14
CA PHE K 1838 40.68 82.59 30.09
C PHE K 1838 39.19 82.46 30.34
N VAL K 1839 38.73 81.33 30.89
CA VAL K 1839 37.29 81.08 30.98
C VAL K 1839 36.56 82.11 31.83
N PRO K 1840 36.98 82.41 33.07
CA PRO K 1840 36.24 83.43 33.84
C PRO K 1840 36.29 84.81 33.20
N VAL K 1841 37.45 85.19 32.64
CA VAL K 1841 37.54 86.48 31.97
C VAL K 1841 36.67 86.51 30.72
N LEU K 1842 36.67 85.43 29.95
CA LEU K 1842 35.82 85.36 28.77
C LEU K 1842 34.35 85.42 29.14
N LYS K 1843 33.96 84.71 30.21
CA LYS K 1843 32.57 84.77 30.66
C LYS K 1843 32.19 86.18 31.10
N LEU K 1844 33.08 86.84 31.84
CA LEU K 1844 32.78 88.20 32.31
C LEU K 1844 32.63 89.15 31.15
N VAL K 1845 33.55 89.08 30.17
CA VAL K 1845 33.48 89.99 29.03
C VAL K 1845 32.27 89.68 28.17
N SER K 1846 31.89 88.40 28.06
CA SER K 1846 30.69 88.04 27.32
C SER K 1846 29.44 88.61 27.97
N THR K 1847 29.34 88.47 29.30
CA THR K 1847 28.18 89.01 30.00
C THR K 1847 28.13 90.54 29.91
N LEU K 1848 29.30 91.19 30.01
CA LEU K 1848 29.33 92.65 29.91
C LEU K 1848 28.93 93.11 28.51
N LEU K 1849 29.43 92.45 27.47
CA LEU K 1849 29.18 92.90 26.11
C LEU K 1849 27.78 92.54 25.64
N VAL K 1850 27.23 91.41 26.11
CA VAL K 1850 25.87 91.02 25.74
C VAL K 1850 24.86 92.05 26.24
N MET K 1851 25.04 92.52 27.47
CA MET K 1851 24.10 93.45 28.08
C MET K 1851 24.14 94.84 27.46
N GLY K 1852 25.12 95.12 26.62
CA GLY K 1852 25.23 96.42 25.98
C GLY K 1852 26.01 97.46 26.74
N ILE K 1853 26.73 97.07 27.80
CA ILE K 1853 27.53 98.03 28.56
C ILE K 1853 28.66 98.58 27.70
N PHE K 1854 29.33 97.71 26.96
CA PHE K 1854 30.44 98.14 26.12
C PHE K 1854 29.94 99.03 24.98
N GLY K 1855 30.67 100.13 24.75
CA GLY K 1855 30.33 101.06 23.70
C GLY K 1855 30.92 100.65 22.36
N ASP K 1856 30.78 101.56 21.38
CA ASP K 1856 31.33 101.30 20.05
C ASP K 1856 32.84 101.16 20.09
N GLU K 1857 33.52 102.03 20.85
CA GLU K 1857 34.97 101.93 20.97
C GLU K 1857 35.37 100.62 21.64
N ASP K 1858 34.66 100.22 22.69
CA ASP K 1858 34.96 98.96 23.36
C ASP K 1858 34.73 97.77 22.43
N VAL K 1859 33.65 97.81 21.65
CA VAL K 1859 33.39 96.73 20.70
C VAL K 1859 34.49 96.65 19.65
N LYS K 1860 34.93 97.81 19.15
CA LYS K 1860 36.02 97.84 18.18
C LYS K 1860 37.31 97.29 18.79
N GLN K 1861 37.59 97.65 20.05
CA GLN K 1861 38.78 97.12 20.71
C GLN K 1861 38.70 95.60 20.87
N ILE K 1862 37.52 95.09 21.24
CA ILE K 1862 37.35 93.65 21.39
C ILE K 1862 37.55 92.95 20.05
N LEU K 1863 36.98 93.52 18.98
CA LEU K 1863 37.12 92.90 17.66
C LEU K 1863 38.57 92.94 17.18
N LYS K 1864 39.28 94.02 17.49
CA LYS K 1864 40.70 94.09 17.12
C LYS K 1864 41.51 93.07 17.90
N MET K 1865 41.20 92.89 19.18
CA MET K 1865 41.97 91.96 20.01
C MET K 1865 41.72 90.51 19.61
N ILE K 1866 40.46 90.16 19.29
CA ILE K 1866 40.17 88.79 18.90
C ILE K 1866 40.82 88.46 17.56
N GLU K 1867 40.88 89.44 16.66
CA GLU K 1867 41.53 89.26 15.35
C GLU K 1867 42.00 90.62 14.87
N PRO K 1868 43.31 90.90 14.96
CA PRO K 1868 43.80 92.25 14.62
C PRO K 1868 43.71 92.60 13.14
N GLU K 1869 44.22 91.72 12.28
CA GLU K 1869 44.42 92.09 10.87
C GLU K 1869 43.09 92.30 10.16
N VAL K 1870 42.17 91.34 10.27
CA VAL K 1870 40.93 91.42 9.50
C VAL K 1870 40.01 92.51 10.04
N PHE K 1871 39.92 92.65 11.36
CA PHE K 1871 38.97 93.56 11.98
C PHE K 1871 39.52 94.97 12.16
N THR K 1872 40.75 95.23 11.72
CA THR K 1872 41.31 96.58 11.82
C THR K 1872 40.55 97.54 10.92
N GLU K 1873 40.25 98.71 11.47
CA GLU K 1873 39.51 99.74 10.73
C GLU K 1873 39.80 101.12 11.29
N GLU K 1923 48.75 91.48 14.94
CA GLU K 1923 49.53 90.69 15.89
C GLU K 1923 48.89 89.32 16.11
N GLU K 1924 49.15 88.75 17.28
CA GLU K 1924 48.59 87.44 17.60
C GLU K 1924 47.08 87.54 17.80
N GLY K 1925 46.37 86.54 17.29
CA GLY K 1925 44.92 86.50 17.41
C GLY K 1925 44.45 85.52 18.47
N LEU K 1926 43.30 85.81 19.10
CA LEU K 1926 42.82 84.96 20.18
C LEU K 1926 42.39 83.58 19.67
N LEU K 1927 42.00 83.49 18.40
CA LEU K 1927 41.61 82.23 17.80
C LEU K 1927 42.79 81.49 17.17
N GLN K 1928 44.01 82.01 17.30
CA GLN K 1928 45.17 81.39 16.67
C GLN K 1928 45.68 80.21 17.49
N MET K 1929 46.10 80.45 18.73
CA MET K 1929 46.69 79.39 19.53
C MET K 1929 45.61 78.41 20.00
N LYS K 1930 46.06 77.21 20.36
CA LYS K 1930 45.15 76.15 20.80
C LYS K 1930 44.50 76.53 22.11
N LEU K 1931 43.22 76.17 22.25
CA LEU K 1931 42.42 76.47 23.42
C LEU K 1931 41.69 75.23 23.89
N PRO K 1932 41.40 75.14 25.18
CA PRO K 1932 40.64 74.00 25.70
C PRO K 1932 39.16 74.11 25.35
N GLU K 1933 38.39 73.12 25.80
CA GLU K 1933 36.99 73.03 25.41
C GLU K 1933 36.17 74.20 25.94
N SER K 1934 36.38 74.58 27.20
CA SER K 1934 35.57 75.65 27.79
C SER K 1934 35.87 77.00 27.14
N VAL K 1935 37.14 77.26 26.82
CA VAL K 1935 37.50 78.50 26.12
C VAL K 1935 36.87 78.52 24.74
N LYS K 1936 36.85 77.36 24.06
CA LYS K 1936 36.18 77.28 22.77
C LYS K 1936 34.69 77.56 22.92
N LEU K 1937 34.06 77.05 23.98
CA LEU K 1937 32.66 77.34 24.23
C LEU K 1937 32.42 78.84 24.43
N GLN K 1938 33.31 79.49 25.19
CA GLN K 1938 33.16 80.92 25.42
C GLN K 1938 33.32 81.71 24.13
N MET K 1939 34.30 81.34 23.30
CA MET K 1939 34.46 82.00 22.01
C MET K 1939 33.25 81.79 21.12
N CYS K 1940 32.69 80.58 21.14
CA CYS K 1940 31.51 80.30 20.34
C CYS K 1940 30.33 81.15 20.81
N ASN K 1941 30.17 81.33 22.12
CA ASN K 1941 29.12 82.19 22.62
C ASN K 1941 29.35 83.64 22.18
N LEU K 1942 30.61 84.09 22.22
CA LEU K 1942 30.93 85.45 21.76
C LEU K 1942 30.55 85.62 20.28
N LEU K 1943 30.89 84.64 19.45
CA LEU K 1943 30.56 84.75 18.04
C LEU K 1943 29.06 84.62 17.79
N GLU K 1944 28.36 83.85 18.63
CA GLU K 1944 26.90 83.81 18.54
C GLU K 1944 26.30 85.18 18.82
N TYR K 1945 26.81 85.87 19.84
CA TYR K 1945 26.32 87.21 20.13
C TYR K 1945 26.67 88.17 19.00
N PHE K 1946 27.86 88.01 18.40
CA PHE K 1946 28.25 88.86 17.28
C PHE K 1946 27.32 88.66 16.09
N CYS K 1947 26.97 87.40 15.81
CA CYS K 1947 26.02 87.12 14.72
C CYS K 1947 24.64 87.69 15.05
N ASP K 1948 24.24 87.63 16.32
CA ASP K 1948 22.98 88.23 16.73
C ASP K 1948 23.00 89.74 16.49
N GLN K 1949 24.12 90.39 16.82
CA GLN K 1949 24.24 91.82 16.57
C GLN K 1949 24.21 92.14 15.08
N GLU K 1950 24.85 91.31 14.27
CA GLU K 1950 24.80 91.51 12.82
C GLU K 1950 23.37 91.37 12.30
N LEU K 1951 22.64 90.37 12.79
CA LEU K 1951 21.24 90.22 12.39
C LEU K 1951 20.40 91.40 12.84
N GLN K 1952 20.68 91.92 14.04
CA GLN K 1952 19.95 93.09 14.53
C GLN K 1952 20.23 94.31 13.66
N HIS K 1953 21.50 94.48 13.25
CA HIS K 1953 21.83 95.58 12.34
C HIS K 1953 21.13 95.43 11.00
N ARG K 1954 21.07 94.20 10.48
CA ARG K 1954 20.34 93.96 9.24
C ARG K 1954 18.87 94.30 9.40
N VAL K 1955 18.27 93.91 10.53
CA VAL K 1955 16.86 94.22 10.78
C VAL K 1955 16.64 95.72 10.86
N GLU K 1956 17.55 96.43 11.53
CA GLU K 1956 17.43 97.89 11.63
C GLU K 1956 17.53 98.56 10.26
N SER K 1957 18.47 98.10 9.43
CA SER K 1957 18.60 98.66 8.09
C SER K 1957 17.35 98.37 7.26
N LEU K 1958 16.81 97.15 7.37
CA LEU K 1958 15.59 96.81 6.65
C LEU K 1958 14.42 97.66 7.14
N ALA K 1959 14.38 97.95 8.44
CA ALA K 1959 13.33 98.81 8.98
C ALA K 1959 13.45 100.23 8.45
N ALA K 1960 14.68 100.75 8.34
CA ALA K 1960 14.88 102.07 7.76
C ALA K 1960 14.45 102.11 6.30
N PHE K 1961 14.83 101.10 5.53
CA PHE K 1961 14.37 100.99 4.16
C PHE K 1961 12.85 100.91 4.11
N ALA K 1962 12.26 100.22 5.08
CA ALA K 1962 10.81 100.13 5.18
C ALA K 1962 10.19 101.51 5.40
N GLU K 1963 10.77 102.28 6.33
CA GLU K 1963 10.23 103.60 6.63
C GLU K 1963 10.29 104.51 5.42
N ARG K 1964 11.38 104.45 4.66
CA ARG K 1964 11.48 105.29 3.47
C ARG K 1964 10.50 104.84 2.39
N TYR K 1965 10.48 103.53 2.10
CA TYR K 1965 9.71 103.02 0.97
C TYR K 1965 8.22 103.11 1.23
N VAL K 1966 7.77 102.95 2.47
CA VAL K 1966 6.34 103.07 2.75
C VAL K 1966 5.85 104.47 2.46
N ASP K 1967 6.60 105.49 2.90
CA ASP K 1967 6.23 106.86 2.59
C ASP K 1967 6.26 107.13 1.09
N LYS K 1968 7.30 106.65 0.40
CA LYS K 1968 7.40 106.87 -1.03
C LYS K 1968 6.24 106.21 -1.77
N LEU K 1969 5.89 104.97 -1.41
CA LEU K 1969 4.80 104.26 -2.05
C LEU K 1969 3.46 104.86 -1.71
N GLN K 1970 3.29 105.38 -0.49
CA GLN K 1970 2.05 106.07 -0.15
C GLN K 1970 1.88 107.32 -0.99
N ALA K 1971 2.95 108.09 -1.17
CA ALA K 1971 2.86 109.26 -2.04
C ALA K 1971 2.55 108.86 -3.47
N ASN K 1972 3.21 107.81 -3.97
CA ASN K 1972 2.95 107.36 -5.35
C ASN K 1972 1.51 106.88 -5.51
N GLN K 1973 0.99 106.14 -4.52
CA GLN K 1973 -0.38 105.65 -4.60
C GLN K 1973 -1.38 106.80 -4.52
N ARG K 1974 -1.10 107.80 -3.69
CA ARG K 1974 -1.98 108.97 -3.64
C ARG K 1974 -1.99 109.70 -4.98
N SER K 1975 -0.82 109.87 -5.60
CA SER K 1975 -0.76 110.50 -6.91
C SER K 1975 -1.52 109.69 -7.95
N ARG K 1976 -1.35 108.36 -7.94
CA ARG K 1976 -2.04 107.52 -8.90
C ARG K 1976 -3.55 107.58 -8.71
N TYR K 1977 -4.01 107.57 -7.45
CA TYR K 1977 -5.44 107.66 -7.17
C TYR K 1977 -6.00 109.01 -7.62
N ALA K 1978 -5.25 110.09 -7.38
CA ALA K 1978 -5.69 111.41 -7.84
C ALA K 1978 -5.78 111.46 -9.35
N LEU K 1979 -4.80 110.88 -10.05
CA LEU K 1979 -4.83 110.85 -11.51
C LEU K 1979 -6.00 110.02 -12.03
N LEU K 1980 -6.27 108.87 -11.39
CA LEU K 1980 -7.35 108.00 -11.84
C LEU K 1980 -8.71 108.63 -11.58
N MET K 1981 -8.86 109.34 -10.46
CA MET K 1981 -10.14 109.97 -10.14
C MET K 1981 -10.50 111.03 -11.18
N ARG K 1982 -9.52 111.83 -11.60
CA ARG K 1982 -9.76 112.87 -12.60
C ARG K 1982 -9.86 112.27 -14.00
N ALA K 1988 -14.44 99.90 -18.20
CA ALA K 1988 -13.70 98.87 -17.47
C ALA K 1988 -12.21 98.92 -17.83
N ALA K 1989 -11.64 97.74 -18.10
CA ALA K 1989 -10.24 97.59 -18.47
C ALA K 1989 -9.32 98.20 -17.42
N GLU K 1990 -8.63 99.29 -17.78
CA GLU K 1990 -7.73 99.95 -16.83
C GLU K 1990 -8.50 100.51 -15.64
N THR K 1991 -9.67 101.10 -15.90
CA THR K 1991 -10.49 101.64 -14.81
C THR K 1991 -10.96 100.53 -13.88
N ALA K 1992 -11.33 99.38 -14.44
CA ALA K 1992 -11.76 98.26 -13.62
C ALA K 1992 -10.63 97.77 -12.72
N ARG K 1993 -9.42 97.65 -13.27
CA ARG K 1993 -8.28 97.24 -12.46
C ARG K 1993 -7.97 98.27 -11.38
N ARG K 1994 -8.05 99.55 -11.72
CA ARG K 1994 -7.77 100.60 -10.74
C ARG K 1994 -8.78 100.57 -9.59
N THR K 1995 -10.08 100.42 -9.90
CA THR K 1995 -11.07 100.40 -8.84
C THR K 1995 -11.03 99.09 -8.05
N ARG K 1996 -10.61 97.99 -8.69
CA ARG K 1996 -10.41 96.75 -7.95
C ARG K 1996 -9.26 96.89 -6.96
N GLU K 1997 -8.15 97.53 -7.38
CA GLU K 1997 -7.04 97.77 -6.47
C GLU K 1997 -7.46 98.71 -5.34
N PHE K 1998 -8.23 99.74 -5.66
CA PHE K 1998 -8.68 100.68 -4.64
C PHE K 1998 -9.59 100.01 -3.62
N ARG K 1999 -10.52 99.16 -4.10
CA ARG K 1999 -11.46 98.48 -3.22
C ARG K 1999 -10.85 97.25 -2.53
N SER K 2000 -9.67 96.82 -2.95
CA SER K 2000 -9.04 95.66 -2.34
C SER K 2000 -8.58 96.00 -0.93
N PRO K 2001 -8.47 94.99 -0.05
CA PRO K 2001 -7.94 95.24 1.28
C PRO K 2001 -6.50 95.73 1.20
N PRO K 2002 -6.07 96.52 2.20
CA PRO K 2002 -4.71 97.10 2.11
C PRO K 2002 -3.61 96.06 1.97
N GLN K 2003 -3.73 94.92 2.65
CA GLN K 2003 -2.72 93.86 2.50
C GLN K 2003 -2.67 93.35 1.07
N GLU K 2004 -3.83 93.12 0.46
CA GLU K 2004 -3.86 92.64 -0.91
C GLU K 2004 -3.28 93.66 -1.88
N GLN K 2005 -3.58 94.94 -1.67
CA GLN K 2005 -3.03 95.98 -2.54
C GLN K 2005 -1.52 96.07 -2.39
N ILE K 2006 -1.02 95.99 -1.15
CA ILE K 2006 0.43 96.05 -0.92
C ILE K 2006 1.11 94.86 -1.57
N ASN K 2007 0.52 93.66 -1.44
CA ASN K 2007 1.09 92.49 -2.08
C ASN K 2007 1.09 92.63 -3.60
N MET K 2008 0.00 93.17 -4.16
CA MET K 2008 -0.09 93.32 -5.61
C MET K 2008 0.94 94.31 -6.14
N LEU K 2009 1.12 95.43 -5.45
CA LEU K 2009 2.10 96.43 -5.91
C LEU K 2009 3.53 96.03 -5.60
N LEU K 2010 3.75 94.98 -4.80
CA LEU K 2010 5.08 94.46 -4.53
C LEU K 2010 5.40 93.21 -5.35
N HIS K 2011 4.58 92.89 -6.34
CA HIS K 2011 4.73 91.67 -7.13
C HIS K 2011 5.52 91.89 -8.42
N PHE K 2012 6.45 92.84 -8.43
CA PHE K 2012 7.28 93.10 -9.61
C PHE K 2012 8.54 92.24 -9.61
N LYS K 2013 8.36 90.93 -9.45
CA LYS K 2013 9.47 89.98 -9.40
C LYS K 2013 9.15 88.79 -10.30
N ASP K 2014 10.21 88.16 -10.81
CA ASP K 2014 10.10 87.00 -11.69
C ASP K 2014 9.23 87.28 -12.90
N ASP K 2020 2.34 91.65 -13.80
CA ASP K 2020 1.81 93.01 -13.78
C ASP K 2020 2.56 93.87 -12.78
N CYS K 2021 3.15 94.96 -13.27
CA CYS K 2021 3.91 95.90 -12.45
C CYS K 2021 3.40 97.31 -12.71
N PRO K 2022 2.24 97.67 -12.16
CA PRO K 2022 1.74 99.04 -12.35
C PRO K 2022 2.62 100.11 -11.74
N LEU K 2023 3.48 99.76 -10.79
CA LEU K 2023 4.32 100.74 -10.13
C LEU K 2023 5.38 101.26 -11.09
N PRO K 2024 5.83 102.50 -10.90
CA PRO K 2024 6.89 103.05 -11.76
C PRO K 2024 8.19 102.29 -11.59
N GLU K 2025 9.00 102.32 -12.66
CA GLU K 2025 10.25 101.57 -12.67
C GLU K 2025 11.27 102.10 -11.69
N ASP K 2026 11.14 103.36 -11.24
CA ASP K 2026 12.13 103.93 -10.33
C ASP K 2026 12.11 103.24 -8.97
N ILE K 2027 10.93 103.11 -8.38
CA ILE K 2027 10.83 102.47 -7.07
C ILE K 2027 11.12 100.97 -7.17
N ARG K 2028 10.75 100.35 -8.30
CA ARG K 2028 11.10 98.95 -8.52
C ARG K 2028 12.60 98.76 -8.58
N GLN K 2029 13.30 99.66 -9.28
CA GLN K 2029 14.76 99.59 -9.34
C GLN K 2029 15.38 99.84 -7.96
N ASP K 2030 14.78 100.75 -7.18
CA ASP K 2030 15.27 100.99 -5.83
C ASP K 2030 15.12 99.74 -4.96
N LEU K 2031 13.98 99.06 -5.05
CA LEU K 2031 13.79 97.82 -4.31
C LEU K 2031 14.76 96.74 -4.77
N GLN K 2032 14.99 96.65 -6.09
CA GLN K 2032 15.95 95.66 -6.59
C GLN K 2032 17.35 95.94 -6.08
N ASP K 2033 17.76 97.21 -6.06
CA ASP K 2033 19.08 97.57 -5.54
C ASP K 2033 19.17 97.26 -4.05
N PHE K 2034 18.11 97.55 -3.29
CA PHE K 2034 18.13 97.22 -1.87
C PHE K 2034 18.23 95.71 -1.64
N HIS K 2035 17.49 94.92 -2.43
CA HIS K 2035 17.56 93.48 -2.29
C HIS K 2035 18.94 92.95 -2.65
N GLN K 2036 19.56 93.50 -3.70
CA GLN K 2036 20.91 93.10 -4.06
C GLN K 2036 21.91 93.44 -2.97
N ASP K 2037 21.77 94.64 -2.37
CA ASP K 2037 22.65 95.03 -1.28
C ASP K 2037 22.47 94.11 -0.07
N LEU K 2038 21.22 93.76 0.25
CA LEU K 2038 20.96 92.86 1.36
C LEU K 2038 21.55 91.48 1.10
N LEU K 2039 21.42 90.97 -0.13
CA LEU K 2039 22.00 89.68 -0.47
C LEU K 2039 23.51 89.71 -0.38
N ALA K 2040 24.12 90.80 -0.85
CA ALA K 2040 25.58 90.93 -0.74
C ALA K 2040 26.01 91.03 0.72
N HIS K 2041 25.18 91.65 1.56
CA HIS K 2041 25.51 91.75 2.98
C HIS K 2041 25.57 90.37 3.63
N CYS K 2042 24.66 89.47 3.25
CA CYS K 2042 24.64 88.12 3.80
C CYS K 2042 25.67 87.26 3.09
N GLY K 2043 25.66 85.96 3.42
CA GLY K 2043 26.62 85.04 2.83
C GLY K 2043 26.35 84.66 1.39
N ILE K 2044 25.12 84.87 0.91
CA ILE K 2044 24.78 84.50 -0.46
C ILE K 2044 25.45 85.42 -1.48
N GLN K 2045 25.93 86.59 -1.03
CA GLN K 2045 26.60 87.56 -1.90
C GLN K 2045 25.72 87.96 -3.08
N PRO K 2091 38.24 85.54 3.91
CA PRO K 2091 38.09 85.79 5.35
C PRO K 2091 37.84 87.27 5.66
N GLN K 2092 37.45 88.03 4.63
CA GLN K 2092 37.18 89.45 4.84
C GLN K 2092 35.90 89.69 5.64
N SER K 2093 34.95 88.76 5.56
CA SER K 2093 33.69 88.87 6.26
C SER K 2093 33.73 88.07 7.55
N LEU K 2094 32.84 88.44 8.49
CA LEU K 2094 32.76 87.74 9.76
C LEU K 2094 32.30 86.30 9.57
N GLN K 2095 31.33 86.07 8.68
CA GLN K 2095 30.81 84.72 8.47
C GLN K 2095 31.88 83.79 7.93
N GLU K 2096 32.69 84.27 6.98
CA GLU K 2096 33.77 83.44 6.44
C GLU K 2096 34.79 83.09 7.51
N LEU K 2097 35.15 84.06 8.36
CA LEU K 2097 36.07 83.79 9.45
C LEU K 2097 35.49 82.76 10.41
N VAL K 2098 34.21 82.90 10.75
CA VAL K 2098 33.56 81.96 11.66
C VAL K 2098 33.58 80.55 11.07
N SER K 2099 33.25 80.43 9.79
CA SER K 2099 33.22 79.12 9.15
C SER K 2099 34.62 78.50 9.10
N HIS K 2100 35.62 79.29 8.70
CA HIS K 2100 36.98 78.77 8.63
C HIS K 2100 37.48 78.31 9.99
N MET K 2101 37.25 79.13 11.03
CA MET K 2101 37.66 78.80 12.38
C MET K 2101 36.95 77.55 12.90
N VAL K 2102 35.65 77.43 12.65
CA VAL K 2102 34.90 76.25 13.09
C VAL K 2102 35.44 75.00 12.40
N VAL K 2103 35.65 75.09 11.09
CA VAL K 2103 36.17 73.95 10.33
C VAL K 2103 37.55 73.58 10.84
N ARG K 2104 38.39 74.57 11.12
CA ARG K 2104 39.74 74.30 11.60
C ARG K 2104 39.71 73.59 12.96
N TRP K 2105 38.87 74.06 13.89
CA TRP K 2105 38.85 73.41 15.19
C TRP K 2105 38.29 72.00 15.08
N ALA K 2106 37.27 71.81 14.23
CA ALA K 2106 36.68 70.48 14.06
C ALA K 2106 37.69 69.51 13.45
N GLN K 2107 38.48 69.97 12.48
CA GLN K 2107 39.47 69.10 11.85
C GLN K 2107 40.68 68.87 12.74
N GLU K 2108 40.97 69.79 13.67
CA GLU K 2108 42.17 69.66 14.48
C GLU K 2108 42.12 68.42 15.36
N ASP K 2109 41.05 68.25 16.12
CA ASP K 2109 40.93 67.13 17.05
C ASP K 2109 39.48 67.01 17.51
N TYR K 2110 39.19 65.91 18.19
CA TYR K 2110 37.88 65.68 18.77
C TYR K 2110 37.79 66.40 20.12
N VAL K 2111 36.87 67.35 20.23
CA VAL K 2111 36.74 68.10 21.47
C VAL K 2111 36.10 67.27 22.57
N GLN K 2112 35.38 66.20 22.22
CA GLN K 2112 34.76 65.29 23.19
C GLN K 2112 33.82 66.04 24.14
N SER K 2113 33.06 66.98 23.59
CA SER K 2113 32.08 67.72 24.39
C SER K 2113 30.78 67.86 23.63
N PRO K 2114 29.69 67.25 24.11
CA PRO K 2114 28.41 67.32 23.36
C PRO K 2114 27.89 68.73 23.17
N GLU K 2115 28.05 69.61 24.16
CA GLU K 2115 27.55 70.98 24.02
C GLU K 2115 28.43 71.79 23.09
N LEU K 2116 29.74 71.55 23.13
CA LEU K 2116 30.67 72.33 22.32
C LEU K 2116 30.36 72.17 20.84
N VAL K 2117 30.26 70.93 20.35
CA VAL K 2117 30.04 70.69 18.93
C VAL K 2117 28.69 71.26 18.49
N ARG K 2118 27.68 71.16 19.37
CA ARG K 2118 26.39 71.77 19.06
C ARG K 2118 26.54 73.28 18.87
N ALA K 2119 27.31 73.92 19.76
CA ALA K 2119 27.52 75.37 19.62
C ALA K 2119 28.24 75.71 18.33
N MET K 2120 29.33 75.00 18.02
CA MET K 2120 30.08 75.31 16.80
C MET K 2120 29.22 75.12 15.57
N PHE K 2121 28.44 74.05 15.52
CA PHE K 2121 27.69 73.75 14.31
C PHE K 2121 26.48 74.68 14.18
N SER K 2122 25.91 75.11 15.32
CA SER K 2122 24.89 76.16 15.27
C SER K 2122 25.48 77.46 14.74
N LEU K 2123 26.69 77.81 15.16
CA LEU K 2123 27.34 79.00 14.62
C LEU K 2123 27.59 78.86 13.13
N LEU K 2124 28.04 77.68 12.69
CA LEU K 2124 28.28 77.46 11.27
C LEU K 2124 26.99 77.61 10.46
N HIS K 2125 25.90 77.03 10.97
CA HIS K 2125 24.61 77.17 10.29
C HIS K 2125 24.17 78.63 10.22
N ARG K 2126 24.32 79.36 11.34
CA ARG K 2126 23.92 80.76 11.35
C ARG K 2126 24.75 81.59 10.38
N GLN K 2127 26.06 81.31 10.30
CA GLN K 2127 26.92 82.06 9.39
C GLN K 2127 26.61 81.73 7.94
N TYR K 2128 26.33 80.46 7.63
CA TYR K 2128 26.12 80.04 6.25
C TYR K 2128 24.65 79.98 5.84
N ASP K 2129 23.73 80.37 6.72
CA ASP K 2129 22.31 80.44 6.40
C ASP K 2129 21.72 81.77 6.88
N GLY K 2130 22.41 82.86 6.55
CA GLY K 2130 21.94 84.18 6.96
C GLY K 2130 20.56 84.50 6.44
N LEU K 2131 20.27 84.10 5.20
CA LEU K 2131 18.93 84.31 4.65
C LEU K 2131 17.88 83.55 5.45
N GLY K 2132 18.17 82.29 5.80
CA GLY K 2132 17.23 81.51 6.58
C GLY K 2132 17.01 82.08 7.97
N GLU K 2133 18.08 82.50 8.63
CA GLU K 2133 17.95 83.10 9.95
C GLU K 2133 17.16 84.41 9.88
N LEU K 2134 17.42 85.23 8.87
CA LEU K 2134 16.67 86.47 8.71
C LEU K 2134 15.20 86.21 8.46
N LEU K 2135 14.89 85.20 7.63
CA LEU K 2135 13.50 84.85 7.38
C LEU K 2135 12.82 84.35 8.65
N ARG K 2136 13.52 83.53 9.44
CA ARG K 2136 12.94 83.01 10.67
C ARG K 2136 12.71 84.12 11.69
N ALA K 2137 13.63 85.06 11.80
CA ALA K 2137 13.52 86.15 12.76
C ALA K 2137 12.71 87.34 12.24
N LEU K 2138 12.37 87.34 10.95
CA LEU K 2138 11.61 88.46 10.39
C LEU K 2138 10.24 88.64 11.03
N PRO K 2139 9.42 87.61 11.26
CA PRO K 2139 8.11 87.85 11.90
C PRO K 2139 8.20 88.50 13.26
N ARG K 2140 9.26 88.23 14.02
CA ARG K 2140 9.44 88.87 15.32
C ARG K 2140 10.11 90.23 15.17
N ALA K 2141 9.52 91.10 14.33
CA ALA K 2141 10.07 92.43 14.09
C ALA K 2141 8.90 93.35 13.75
N TYR K 2142 8.46 94.13 14.74
CA TYR K 2142 7.31 95.03 14.58
C TYR K 2142 7.76 96.45 14.87
N THR K 2143 7.58 97.33 13.89
CA THR K 2143 7.91 98.75 14.07
C THR K 2143 6.80 99.45 14.81
N ILE K 2144 7.17 100.38 15.69
CA ILE K 2144 6.21 101.07 16.54
C ILE K 2144 6.35 102.57 16.33
N SER K 2145 5.23 103.27 16.48
CA SER K 2145 5.23 104.72 16.33
C SER K 2145 5.97 105.37 17.49
N PRO K 2146 6.65 106.50 17.24
CA PRO K 2146 7.38 107.18 18.32
C PRO K 2146 6.48 107.78 19.39
N SER K 2147 5.19 107.96 19.12
CA SER K 2147 4.30 108.60 20.10
C SER K 2147 4.15 107.74 21.35
N SER K 2148 4.05 106.42 21.17
CA SER K 2148 3.83 105.49 22.28
C SER K 2148 5.12 104.80 22.72
N VAL K 2149 6.23 105.52 22.69
CA VAL K 2149 7.51 104.93 23.09
C VAL K 2149 7.50 104.61 24.59
N GLU K 2150 6.85 105.45 25.39
CA GLU K 2150 6.82 105.23 26.83
C GLU K 2150 5.94 104.03 27.18
N ASP K 2151 4.79 103.90 26.52
CA ASP K 2151 3.91 102.76 26.77
C ASP K 2151 4.60 101.45 26.37
N THR K 2152 5.27 101.44 25.22
CA THR K 2152 6.00 100.24 24.81
C THR K 2152 7.15 99.93 25.76
N MET K 2153 7.83 100.98 26.24
CA MET K 2153 8.90 100.78 27.22
C MET K 2153 8.37 100.12 28.48
N SER K 2154 7.25 100.63 29.00
CA SER K 2154 6.67 100.06 30.21
C SER K 2154 6.18 98.63 29.97
N LEU K 2155 5.59 98.37 28.81
CA LEU K 2155 5.12 97.03 28.50
C LEU K 2155 6.28 96.04 28.41
N LEU K 2156 7.38 96.44 27.77
CA LEU K 2156 8.54 95.57 27.69
C LEU K 2156 9.15 95.32 29.07
N GLU K 2157 9.22 96.36 29.90
CA GLU K 2157 9.71 96.18 31.27
C GLU K 2157 8.82 95.20 32.04
N CYS K 2158 7.50 95.36 31.91
CA CYS K 2158 6.59 94.44 32.56
C CYS K 2158 6.80 93.01 32.08
N LEU K 2159 6.91 92.82 30.76
CA LEU K 2159 7.07 91.48 30.20
C LEU K 2159 8.38 90.85 30.69
N GLY K 2160 9.44 91.65 30.76
CA GLY K 2160 10.68 91.16 31.35
C GLY K 2160 10.49 90.74 32.80
N GLN K 2161 9.69 91.50 33.55
CA GLN K 2161 9.41 91.13 34.93
C GLN K 2161 8.65 89.82 35.01
N ILE K 2162 7.66 89.60 34.14
CA ILE K 2162 6.94 88.33 34.16
C ILE K 2162 7.88 87.18 33.78
N ARG K 2163 8.75 87.40 32.79
CA ARG K 2163 9.69 86.35 32.40
C ARG K 2163 10.63 86.01 33.54
N SER K 2164 11.11 87.03 34.27
CA SER K 2164 11.90 86.76 35.47
C SER K 2164 11.06 86.07 36.54
N LEU K 2165 9.75 86.34 36.57
CA LEU K 2165 8.87 85.68 37.53
C LEU K 2165 8.63 84.21 37.16
N LEU K 2166 8.68 83.89 35.86
CA LEU K 2166 8.30 82.54 35.43
C LEU K 2166 9.28 81.49 35.94
N ILE K 2167 10.57 81.80 35.93
CA ILE K 2167 11.59 80.81 36.27
C ILE K 2167 11.56 80.40 37.73
N VAL K 2168 11.08 81.28 38.61
CA VAL K 2168 11.10 81.02 40.05
C VAL K 2168 9.82 80.29 40.44
N GLN K 2169 9.87 79.62 41.59
CA GLN K 2169 8.73 78.85 42.08
C GLN K 2169 7.57 79.75 42.44
N MET K 2170 6.35 79.26 42.21
CA MET K 2170 5.15 80.05 42.47
C MET K 2170 5.04 80.32 43.97
N GLY K 2171 4.65 81.55 44.32
CA GLY K 2171 4.56 81.94 45.70
C GLY K 2171 3.58 83.07 45.94
N PRO K 2172 3.32 83.39 47.22
CA PRO K 2172 2.35 84.45 47.53
C PRO K 2172 2.81 85.83 47.08
N GLN K 2173 4.04 86.20 47.44
CA GLN K 2173 4.60 87.47 46.97
C GLN K 2173 4.73 87.45 45.45
N GLU K 2174 5.13 86.31 44.89
CA GLU K 2174 5.19 86.20 43.44
C GLU K 2174 3.82 86.35 42.82
N GLU K 2175 2.78 85.79 43.46
CA GLU K 2175 1.42 85.96 42.95
C GLU K 2175 0.99 87.41 42.99
N ASN K 2176 1.30 88.12 44.09
CA ASN K 2176 0.96 89.52 44.18
C ASN K 2176 1.67 90.34 43.11
N LEU K 2177 2.96 90.06 42.87
CA LEU K 2177 3.69 90.80 41.86
C LEU K 2177 3.16 90.49 40.47
N MET K 2178 2.78 89.23 40.21
CA MET K 2178 2.20 88.88 38.92
C MET K 2178 0.86 89.58 38.71
N ILE K 2179 0.05 89.68 39.76
CA ILE K 2179 -1.22 90.41 39.67
C ILE K 2179 -0.96 91.89 39.39
N GLN K 2180 0.05 92.47 40.05
CA GLN K 2180 0.40 93.86 39.79
C GLN K 2180 0.86 94.04 38.34
N SER K 2181 1.64 93.10 37.82
CA SER K 2181 2.09 93.17 36.43
C SER K 2181 0.91 93.08 35.47
N ILE K 2182 -0.05 92.19 35.76
CA ILE K 2182 -1.25 92.07 34.93
C ILE K 2182 -2.04 93.37 34.95
N GLY K 2183 -2.18 93.99 36.12
CA GLY K 2183 -2.86 95.26 36.21
C GLY K 2183 -2.14 96.36 35.44
N ASN K 2184 -0.81 96.36 35.50
CA ASN K 2184 -0.03 97.33 34.75
C ASN K 2184 -0.21 97.14 33.24
N ILE K 2185 -0.25 95.88 32.79
CA ILE K 2185 -0.52 95.61 31.39
C ILE K 2185 -1.91 96.10 31.00
N MET K 2186 -2.89 95.89 31.88
CA MET K 2186 -4.24 96.41 31.63
C MET K 2186 -4.24 97.92 31.50
N ASN K 2187 -3.50 98.62 32.36
CA ASN K 2187 -3.46 100.07 32.31
C ASN K 2187 -2.76 100.57 31.05
N ASN K 2188 -1.80 99.81 30.53
CA ASN K 2188 -1.09 100.22 29.33
C ASN K 2188 -2.01 100.18 28.12
N LYS K 2189 -1.88 101.19 27.26
CA LYS K 2189 -2.75 101.31 26.09
C LYS K 2189 -2.24 100.52 24.90
N VAL K 2190 -0.92 100.28 24.80
CA VAL K 2190 -0.38 99.57 23.66
C VAL K 2190 -0.79 98.11 23.63
N PHE K 2191 -1.32 97.58 24.74
CA PHE K 2191 -1.79 96.21 24.77
C PHE K 2191 -2.96 96.00 23.82
N TYR K 2192 -3.75 97.05 23.58
CA TYR K 2192 -4.93 96.96 22.73
C TYR K 2192 -4.75 97.59 21.36
N GLN K 2193 -3.76 98.47 21.19
CA GLN K 2193 -3.55 99.11 19.90
C GLN K 2193 -3.08 98.12 18.84
N HIS K 2194 -2.14 97.24 19.20
CA HIS K 2194 -1.54 96.29 18.26
C HIS K 2194 -1.58 94.88 18.83
N PRO K 2195 -2.73 94.20 18.73
CA PRO K 2195 -2.75 92.77 19.04
C PRO K 2195 -1.69 91.95 18.30
N ASN K 2196 -1.38 92.31 17.05
CA ASN K 2196 -0.38 91.54 16.30
C ASN K 2196 0.99 91.68 16.92
N LEU K 2197 1.38 92.90 17.33
CA LEU K 2197 2.60 93.07 18.10
C LEU K 2197 2.53 92.25 19.38
N MET K 2198 1.34 92.16 19.97
CA MET K 2198 1.20 91.44 21.23
C MET K 2198 1.49 89.96 21.02
N ARG K 2199 0.96 89.39 19.94
CA ARG K 2199 1.22 88.00 19.58
C ARG K 2199 2.68 87.77 19.24
N ALA K 2200 3.29 88.68 18.47
CA ALA K 2200 4.68 88.52 18.09
C ALA K 2200 5.59 88.59 19.31
N LEU K 2201 5.23 89.41 20.29
CA LEU K 2201 6.02 89.51 21.52
C LEU K 2201 6.02 88.18 22.29
N GLY K 2202 4.93 87.42 22.20
CA GLY K 2202 4.91 86.05 22.70
C GLY K 2202 4.78 85.89 24.19
N MET K 2203 4.15 86.84 24.88
CA MET K 2203 3.98 86.68 26.31
C MET K 2203 2.90 85.67 26.64
N HIS K 2204 2.00 85.38 25.69
CA HIS K 2204 0.95 84.42 25.94
C HIS K 2204 1.54 83.04 26.23
N GLU K 2205 2.70 82.72 25.65
CA GLU K 2205 3.41 81.51 26.02
C GLU K 2205 3.82 81.56 27.49
N THR K 2206 4.27 82.73 27.95
CA THR K 2206 4.63 82.87 29.36
C THR K 2206 3.41 82.71 30.27
N VAL K 2207 2.26 83.26 29.86
CA VAL K 2207 1.04 83.10 30.64
C VAL K 2207 0.64 81.63 30.71
N MET K 2208 0.73 80.93 29.58
CA MET K 2208 0.41 79.51 29.58
C MET K 2208 1.38 78.72 30.46
N GLU K 2209 2.67 79.07 30.42
CA GLU K 2209 3.65 78.39 31.27
C GLU K 2209 3.36 78.64 32.74
N VAL K 2210 2.96 79.86 33.09
CA VAL K 2210 2.55 80.16 34.46
C VAL K 2210 1.32 79.32 34.83
N MET K 2211 0.40 79.14 33.88
CA MET K 2211 -0.77 78.30 34.13
C MET K 2211 -0.37 76.86 34.44
N VAL K 2212 0.57 76.31 33.65
CA VAL K 2212 1.04 74.95 33.92
C VAL K 2212 1.74 74.88 35.28
N ASN K 2213 2.54 75.89 35.59
CA ASN K 2213 3.26 75.89 36.87
C ASN K 2213 2.30 75.92 38.06
N VAL K 2214 1.27 76.77 37.98
CA VAL K 2214 0.34 76.87 39.10
C VAL K 2214 -0.58 75.65 39.17
N LEU K 2215 -0.95 75.09 38.02
CA LEU K 2215 -1.86 73.95 37.97
C LEU K 2215 -1.14 72.61 37.94
N GLY K 2216 0.19 72.61 37.96
CA GLY K 2216 0.95 71.38 37.92
C GLY K 2216 1.10 70.72 39.28
N GLU K 2222 -6.11 70.97 42.80
CA GLU K 2222 -6.35 72.14 43.65
C GLU K 2222 -5.49 73.32 43.22
N ILE K 2223 -5.93 74.52 43.60
CA ILE K 2223 -5.23 75.75 43.27
C ILE K 2223 -4.81 76.41 44.58
N ARG K 2224 -3.51 76.69 44.72
CA ARG K 2224 -3.02 77.31 45.95
C ARG K 2224 -3.37 78.79 46.01
N PHE K 2225 -3.35 79.47 44.86
CA PHE K 2225 -3.59 80.92 44.79
C PHE K 2225 -4.66 81.18 43.75
N PRO K 2226 -5.94 81.07 44.12
CA PRO K 2226 -7.01 81.31 43.14
C PRO K 2226 -7.03 82.72 42.59
N LYS K 2227 -6.61 83.72 43.37
CA LYS K 2227 -6.68 85.10 42.90
C LYS K 2227 -5.79 85.31 41.68
N MET K 2228 -4.55 84.83 41.74
CA MET K 2228 -3.63 85.04 40.63
C MET K 2228 -4.07 84.28 39.39
N VAL K 2229 -4.59 83.06 39.55
CA VAL K 2229 -5.03 82.30 38.39
C VAL K 2229 -6.29 82.91 37.78
N THR K 2230 -7.16 83.49 38.61
CA THR K 2230 -8.34 84.16 38.08
C THR K 2230 -7.94 85.43 37.30
N SER K 2231 -6.98 86.19 37.84
CA SER K 2231 -6.47 87.35 37.11
C SER K 2231 -5.81 86.93 35.79
N CYS K 2232 -5.07 85.82 35.82
CA CYS K 2232 -4.47 85.29 34.60
C CYS K 2232 -5.52 84.89 33.57
N CYS K 2233 -6.60 84.25 34.03
CA CYS K 2233 -7.68 83.87 33.11
C CYS K 2233 -8.38 85.09 32.54
N ARG K 2234 -8.58 86.14 33.35
CA ARG K 2234 -9.14 87.37 32.84
C ARG K 2234 -8.22 88.00 31.79
N PHE K 2235 -6.91 87.98 32.03
CA PHE K 2235 -5.95 88.49 31.05
C PHE K 2235 -6.03 87.69 29.77
N LEU K 2236 -6.14 86.36 29.88
CA LEU K 2236 -6.25 85.52 28.68
C LEU K 2236 -7.54 85.81 27.91
N CYS K 2237 -8.65 86.02 28.63
CA CYS K 2237 -9.91 86.37 27.98
C CYS K 2237 -9.80 87.69 27.24
N TYR K 2238 -9.19 88.70 27.87
CA TYR K 2238 -9.02 89.98 27.20
C TYR K 2238 -8.10 89.86 25.99
N PHE K 2239 -7.05 89.05 26.09
CA PHE K 2239 -6.15 88.84 24.97
C PHE K 2239 -6.88 88.15 23.81
N CYS K 2240 -7.74 87.18 24.11
CA CYS K 2240 -8.53 86.54 23.07
C CYS K 2240 -9.50 87.53 22.43
N ARG K 2241 -10.14 88.38 23.24
CA ARG K 2241 -11.08 89.37 22.73
C ARG K 2241 -10.39 90.52 22.01
N ILE K 2242 -9.06 90.64 22.13
CA ILE K 2242 -8.35 91.75 21.49
C ILE K 2242 -8.48 91.67 19.98
N SER K 2243 -8.27 90.49 19.41
CA SER K 2243 -8.31 90.32 17.96
C SER K 2243 -8.58 88.87 17.63
N ARG K 2244 -8.91 88.62 16.36
CA ARG K 2244 -9.18 87.27 15.89
C ARG K 2244 -7.90 86.44 15.75
N GLN K 2245 -6.76 87.09 15.48
CA GLN K 2245 -5.51 86.35 15.37
C GLN K 2245 -5.13 85.72 16.71
N ASN K 2246 -5.30 86.47 17.81
CA ASN K 2246 -5.07 85.89 19.12
C ASN K 2246 -6.05 84.77 19.42
N GLN K 2247 -7.29 84.91 18.93
CA GLN K 2247 -8.29 83.85 19.09
C GLN K 2247 -7.84 82.58 18.38
N ARG K 2248 -7.31 82.71 17.16
CA ARG K 2248 -6.78 81.56 16.45
C ARG K 2248 -5.57 80.98 17.16
N SER K 2249 -4.70 81.83 17.70
CA SER K 2249 -3.52 81.35 18.41
C SER K 2249 -3.90 80.54 19.64
N MET K 2250 -4.91 81.00 20.39
CA MET K 2250 -5.34 80.26 21.57
C MET K 2250 -6.09 78.99 21.19
N PHE K 2251 -6.62 78.93 19.97
CA PHE K 2251 -7.26 77.70 19.49
C PHE K 2251 -6.26 76.56 19.39
N ASP K 2252 -5.06 76.84 18.85
CA ASP K 2252 -4.08 75.79 18.64
C ASP K 2252 -3.65 75.13 19.94
N HIS K 2253 -3.90 75.76 21.08
CA HIS K 2253 -3.52 75.22 22.39
C HIS K 2253 -4.72 75.00 23.30
N LEU K 2254 -5.93 74.93 22.74
CA LEU K 2254 -7.12 74.72 23.57
C LEU K 2254 -7.21 73.33 24.17
N SER K 2255 -6.43 72.36 23.67
CA SER K 2255 -6.49 71.02 24.25
C SER K 2255 -6.07 71.03 25.71
N TYR K 2256 -5.02 71.81 26.03
CA TYR K 2256 -4.49 71.82 27.39
C TYR K 2256 -5.52 72.36 28.39
N LEU K 2257 -6.17 73.48 28.09
CA LEU K 2257 -7.03 74.10 29.08
C LEU K 2257 -8.39 73.39 29.19
N LEU K 2258 -8.83 72.71 28.12
CA LEU K 2258 -9.92 71.76 28.29
C LEU K 2258 -9.51 70.55 29.13
N GLU K 2259 -8.27 70.09 28.97
CA GLU K 2259 -7.80 69.02 29.86
C GLU K 2259 -7.72 69.49 31.31
N ASN K 2260 -7.51 70.79 31.52
CA ASN K 2260 -7.46 71.34 32.87
C ASN K 2260 -8.83 71.36 33.54
N SER K 2261 -9.90 71.31 32.76
CA SER K 2261 -11.28 71.35 33.28
C SER K 2261 -11.52 72.58 34.14
N MET K 2267 -15.23 78.23 40.49
CA MET K 2267 -16.35 78.96 41.07
C MET K 2267 -16.21 80.46 40.86
N GLN K 2268 -15.73 81.16 41.90
CA GLN K 2268 -15.54 82.60 41.80
C GLN K 2268 -14.41 82.93 40.84
N GLY K 2269 -14.58 84.05 40.11
CA GLY K 2269 -13.59 84.47 39.15
C GLY K 2269 -13.69 83.72 37.84
N SER K 2270 -12.75 84.05 36.94
CA SER K 2270 -12.71 83.42 35.64
C SER K 2270 -12.17 82.00 35.73
N THR K 2271 -12.47 81.20 34.71
CA THR K 2271 -12.11 79.80 34.69
C THR K 2271 -11.55 79.46 33.32
N PRO K 2272 -10.64 78.49 33.22
CA PRO K 2272 -10.06 78.17 31.89
C PRO K 2272 -11.09 77.82 30.83
N LEU K 2273 -12.18 77.11 31.17
CA LEU K 2273 -13.17 76.83 30.14
C LEU K 2273 -13.90 78.09 29.69
N ASP K 2274 -14.02 79.09 30.58
CA ASP K 2274 -14.53 80.39 30.15
C ASP K 2274 -13.58 81.03 29.14
N VAL K 2275 -12.27 80.88 29.35
CA VAL K 2275 -11.30 81.35 28.37
C VAL K 2275 -11.49 80.63 27.04
N ALA K 2276 -11.70 79.31 27.09
CA ALA K 2276 -11.93 78.56 25.87
C ALA K 2276 -13.20 79.03 25.15
N ALA K 2277 -14.26 79.30 25.91
CA ALA K 2277 -15.48 79.83 25.31
C ALA K 2277 -15.24 81.20 24.69
N ALA K 2278 -14.43 82.03 25.35
CA ALA K 2278 -14.08 83.34 24.78
C ALA K 2278 -13.20 83.21 23.54
N SER K 2279 -12.62 82.04 23.30
CA SER K 2279 -11.78 81.81 22.13
C SER K 2279 -12.53 81.11 21.00
N VAL K 2280 -13.85 80.96 21.10
CA VAL K 2280 -14.64 80.31 20.07
C VAL K 2280 -15.87 81.15 19.74
N ILE K 2281 -16.10 82.20 20.53
CA ILE K 2281 -17.29 83.03 20.36
C ILE K 2281 -17.14 83.89 19.11
N ASP K 2282 -18.22 83.96 18.31
CA ASP K 2282 -18.24 84.74 17.07
C ASP K 2282 -17.11 84.32 16.14
N ASN K 2283 -16.94 83.00 15.99
CA ASN K 2283 -15.82 82.40 15.28
C ASN K 2283 -16.35 81.26 14.41
N ASN K 2284 -16.72 81.58 13.17
CA ASN K 2284 -17.37 80.58 12.33
C ASN K 2284 -16.38 79.54 11.83
N GLU K 2285 -15.29 79.98 11.20
CA GLU K 2285 -14.32 79.02 10.66
C GLU K 2285 -13.66 78.21 11.78
N LEU K 2286 -13.31 78.87 12.87
CA LEU K 2286 -12.73 78.17 14.01
C LEU K 2286 -13.70 77.19 14.65
N ALA K 2287 -14.97 77.59 14.85
CA ALA K 2287 -15.94 76.66 15.39
C ALA K 2287 -16.13 75.46 14.47
N LEU K 2288 -16.09 75.71 13.15
CA LEU K 2288 -16.17 74.61 12.19
C LEU K 2288 -14.96 73.69 12.31
N ALA K 2289 -13.77 74.26 12.50
CA ALA K 2289 -12.55 73.47 12.58
C ALA K 2289 -12.36 72.80 13.93
N LEU K 2290 -13.23 73.08 14.90
CA LEU K 2290 -13.09 72.49 16.23
C LEU K 2290 -13.30 70.98 16.18
N GLN K 2291 -12.50 70.26 16.96
CA GLN K 2291 -12.52 68.80 16.97
C GLN K 2291 -13.50 68.29 18.03
N GLU K 2292 -13.95 67.04 17.82
CA GLU K 2292 -14.93 66.43 18.70
C GLU K 2292 -14.33 65.99 20.04
N GLN K 2293 -13.00 65.99 20.18
CA GLN K 2293 -12.39 65.59 21.44
C GLN K 2293 -12.76 66.55 22.57
N ASP K 2294 -12.77 67.85 22.28
CA ASP K 2294 -13.17 68.83 23.28
C ASP K 2294 -14.63 68.62 23.70
N LEU K 2295 -15.51 68.38 22.73
CA LEU K 2295 -16.91 68.11 23.05
C LEU K 2295 -17.05 66.85 23.90
N GLU K 2296 -16.29 65.80 23.58
CA GLU K 2296 -16.33 64.58 24.37
C GLU K 2296 -15.87 64.84 25.80
N LYS K 2297 -14.80 65.60 25.98
CA LYS K 2297 -14.33 65.93 27.31
C LYS K 2297 -15.38 66.72 28.08
N VAL K 2298 -16.04 67.68 27.42
CA VAL K 2298 -17.02 68.49 28.13
C VAL K 2298 -18.27 67.69 28.48
N VAL K 2299 -18.71 66.78 27.60
CA VAL K 2299 -19.91 65.99 27.94
C VAL K 2299 -19.58 65.03 29.07
N SER K 2300 -18.36 64.47 29.08
CA SER K 2300 -17.94 63.64 30.20
C SER K 2300 -17.91 64.44 31.50
N TYR K 2301 -17.42 65.67 31.44
CA TYR K 2301 -17.42 66.53 32.62
C TYR K 2301 -18.84 66.84 33.09
N LEU K 2302 -19.75 67.08 32.14
CA LEU K 2302 -21.14 67.34 32.49
C LEU K 2302 -21.78 66.13 33.16
N ALA K 2303 -21.51 64.92 32.64
CA ALA K 2303 -22.02 63.72 33.26
C ALA K 2303 -21.46 63.55 34.67
N GLY K 2304 -20.16 63.80 34.83
CA GLY K 2304 -19.57 63.70 36.17
C GLY K 2304 -20.15 64.69 37.15
N CYS K 2305 -20.38 65.93 36.70
CA CYS K 2305 -20.96 66.93 37.57
C CYS K 2305 -22.42 66.62 37.90
N GLY K 2306 -23.15 66.03 36.95
CA GLY K 2306 -24.50 65.59 37.26
C GLY K 2306 -24.53 64.44 38.25
N LEU K 2307 -23.54 63.54 38.16
CA LEU K 2307 -23.54 62.37 39.03
C LEU K 2307 -23.26 62.74 40.48
N GLN K 2308 -22.33 63.66 40.71
CA GLN K 2308 -21.87 63.98 42.05
C GLN K 2308 -22.24 65.41 42.42
N SER K 2309 -22.41 65.65 43.73
CA SER K 2309 -22.77 66.96 44.22
C SER K 2309 -21.59 67.93 44.10
N CYS K 2310 -21.91 69.22 44.02
CA CYS K 2310 -20.87 70.24 43.93
C CYS K 2310 -20.14 70.35 45.26
N PRO K 2311 -18.80 70.37 45.26
CA PRO K 2311 -18.07 70.42 46.53
C PRO K 2311 -18.37 71.66 47.37
N MET K 2312 -18.60 72.81 46.73
CA MET K 2312 -18.82 74.04 47.49
C MET K 2312 -20.11 73.97 48.31
N LEU K 2313 -21.16 73.36 47.75
CA LEU K 2313 -22.42 73.25 48.48
C LEU K 2313 -22.25 72.41 49.75
N LEU K 2314 -21.52 71.29 49.65
CA LEU K 2314 -21.26 70.47 50.83
C LEU K 2314 -20.35 71.19 51.82
N ALA K 2315 -19.35 71.91 51.32
CA ALA K 2315 -18.42 72.63 52.20
C ALA K 2315 -19.14 73.76 52.93
N LYS K 2316 -20.03 74.47 52.26
CA LYS K 2316 -20.73 75.60 52.84
C LYS K 2316 -21.95 75.20 53.66
N GLY K 2317 -22.27 73.91 53.73
CA GLY K 2317 -23.43 73.46 54.48
C GLY K 2317 -24.74 73.54 53.72
N TYR K 2318 -24.70 73.79 52.42
CA TYR K 2318 -25.92 73.86 51.63
C TYR K 2318 -26.57 72.48 51.54
N PRO K 2319 -27.89 72.42 51.33
CA PRO K 2319 -28.56 71.13 51.22
C PRO K 2319 -27.98 70.30 50.08
N ASP K 2320 -27.88 68.99 50.32
CA ASP K 2320 -27.29 68.09 49.33
C ASP K 2320 -28.21 67.93 48.13
N ILE K 2321 -27.60 67.96 46.94
CA ILE K 2321 -28.31 67.76 45.69
C ILE K 2321 -27.54 66.74 44.87
N GLY K 2322 -28.27 65.78 44.27
CA GLY K 2322 -27.61 64.76 43.47
C GLY K 2322 -26.88 65.32 42.28
N TRP K 2323 -27.47 66.32 41.63
CA TRP K 2323 -26.86 66.98 40.48
C TRP K 2323 -26.29 68.33 40.88
N ASN K 2324 -25.20 68.71 40.23
CA ASN K 2324 -24.50 69.96 40.55
C ASN K 2324 -24.67 70.95 39.41
N PRO K 2325 -25.50 71.98 39.56
CA PRO K 2325 -25.63 72.99 38.50
C PRO K 2325 -24.42 73.90 38.36
N CYS K 2326 -23.51 73.88 39.34
CA CYS K 2326 -22.37 74.80 39.33
C CYS K 2326 -21.55 74.65 38.04
N GLY K 2327 -20.96 73.48 37.83
CA GLY K 2327 -20.23 73.24 36.60
C GLY K 2327 -21.14 72.99 35.40
N GLY K 2328 -22.37 72.55 35.63
CA GLY K 2328 -23.28 72.29 34.53
C GLY K 2328 -23.64 73.54 33.77
N GLU K 2329 -23.87 74.64 34.48
CA GLU K 2329 -24.17 75.91 33.82
C GLU K 2329 -22.99 76.37 32.96
N ARG K 2330 -21.77 76.25 33.49
CA ARG K 2330 -20.59 76.63 32.72
C ARG K 2330 -20.44 75.76 31.47
N TYR K 2331 -20.65 74.44 31.62
CA TYR K 2331 -20.54 73.56 30.47
C TYR K 2331 -21.59 73.90 29.41
N LEU K 2332 -22.83 74.14 29.84
CA LEU K 2332 -23.89 74.46 28.88
C LEU K 2332 -23.60 75.80 28.19
N ASP K 2333 -23.09 76.78 28.94
CA ASP K 2333 -22.71 78.05 28.31
C ASP K 2333 -21.58 77.85 27.30
N PHE K 2334 -20.61 77.00 27.63
CA PHE K 2334 -19.52 76.72 26.70
C PHE K 2334 -20.03 76.09 25.41
N LEU K 2335 -20.94 75.11 25.54
CA LEU K 2335 -21.53 74.50 24.34
C LEU K 2335 -22.35 75.50 23.54
N ARG K 2336 -23.10 76.37 24.22
CA ARG K 2336 -23.88 77.37 23.51
C ARG K 2336 -22.99 78.33 22.74
N PHE K 2337 -21.89 78.76 23.36
CA PHE K 2337 -20.95 79.64 22.67
C PHE K 2337 -20.27 78.94 21.51
N ALA K 2338 -19.92 77.65 21.67
CA ALA K 2338 -19.22 76.93 20.62
C ALA K 2338 -20.13 76.61 19.44
N VAL K 2339 -21.42 76.35 19.70
CA VAL K 2339 -22.33 75.94 18.64
C VAL K 2339 -22.96 77.15 17.95
N PHE K 2340 -23.56 78.05 18.72
CA PHE K 2340 -24.23 79.22 18.18
C PHE K 2340 -23.22 80.37 18.04
N VAL K 2341 -22.75 80.60 16.81
CA VAL K 2341 -21.80 81.66 16.52
C VAL K 2341 -22.37 82.52 15.38
N ASN K 2342 -22.13 83.83 15.47
CA ASN K 2342 -22.55 84.79 14.45
C ASN K 2342 -24.05 84.71 14.20
N GLY K 2343 -24.82 84.44 15.25
CA GLY K 2343 -26.27 84.32 15.12
C GLY K 2343 -26.69 83.18 14.22
N GLU K 2344 -25.96 82.07 14.24
CA GLU K 2344 -26.27 80.94 13.39
C GLU K 2344 -25.71 79.68 14.04
N SER K 2345 -26.20 78.53 13.58
CA SER K 2345 -25.79 77.23 14.10
C SER K 2345 -25.20 76.40 12.96
N VAL K 2346 -24.08 75.74 13.23
CA VAL K 2346 -23.43 74.86 12.27
C VAL K 2346 -23.88 73.43 12.54
N GLU K 2347 -24.35 72.75 11.49
CA GLU K 2347 -24.89 71.41 11.66
C GLU K 2347 -23.82 70.39 11.99
N GLU K 2348 -22.60 70.56 11.46
CA GLU K 2348 -21.55 69.58 11.66
C GLU K 2348 -21.20 69.43 13.14
N ASN K 2349 -21.07 70.55 13.85
CA ASN K 2349 -20.81 70.49 15.28
C ASN K 2349 -22.07 70.17 16.07
N ALA K 2350 -23.23 70.65 15.60
CA ALA K 2350 -24.47 70.44 16.32
C ALA K 2350 -24.83 68.96 16.42
N ASN K 2351 -24.67 68.22 15.32
CA ASN K 2351 -24.95 66.79 15.36
C ASN K 2351 -24.03 66.08 16.34
N VAL K 2352 -22.75 66.45 16.36
CA VAL K 2352 -21.79 65.81 17.25
C VAL K 2352 -22.16 66.07 18.71
N VAL K 2353 -22.46 67.33 19.05
CA VAL K 2353 -22.75 67.63 20.45
C VAL K 2353 -24.07 66.99 20.86
N VAL K 2354 -25.06 66.97 19.97
CA VAL K 2354 -26.33 66.31 20.27
C VAL K 2354 -26.11 64.83 20.54
N ARG K 2355 -25.33 64.17 19.67
CA ARG K 2355 -25.07 62.75 19.86
C ARG K 2355 -24.34 62.50 21.19
N LEU K 2356 -23.34 63.33 21.50
CA LEU K 2356 -22.59 63.15 22.73
C LEU K 2356 -23.49 63.34 23.95
N LEU K 2357 -24.37 64.34 23.92
CA LEU K 2357 -25.25 64.59 25.06
C LEU K 2357 -26.27 63.48 25.24
N ILE K 2358 -26.83 62.97 24.15
CA ILE K 2358 -27.91 61.98 24.28
C ILE K 2358 -27.34 60.58 24.51
N ARG K 2359 -26.06 60.35 24.20
CA ARG K 2359 -25.48 59.04 24.47
C ARG K 2359 -25.41 58.75 25.97
N LYS K 2360 -25.02 59.75 26.76
CA LYS K 2360 -24.85 59.56 28.20
C LYS K 2360 -26.11 60.02 28.92
N PRO K 2361 -26.83 59.13 29.62
CA PRO K 2361 -28.04 59.56 30.34
C PRO K 2361 -27.79 60.55 31.46
N GLU K 2362 -26.58 60.56 32.03
CA GLU K 2362 -26.31 61.43 33.18
C GLU K 2362 -26.30 62.91 32.79
N CYS K 2363 -26.17 63.23 31.50
CA CYS K 2363 -26.13 64.61 31.08
C CYS K 2363 -27.48 65.30 31.21
N PHE K 2364 -28.57 64.55 31.04
CA PHE K 2364 -29.90 65.13 31.16
C PHE K 2364 -30.16 65.60 32.59
N GLY K 2365 -30.92 66.68 32.71
CA GLY K 2365 -31.28 67.21 34.00
C GLY K 2365 -32.35 66.38 34.67
N PRO K 2366 -32.73 66.80 35.89
CA PRO K 2366 -33.79 66.07 36.61
C PRO K 2366 -35.09 66.03 35.85
N ALA K 2367 -35.43 67.09 35.12
CA ALA K 2367 -36.66 67.09 34.32
C ALA K 2367 -36.57 66.12 33.15
N LEU K 2368 -35.47 66.16 32.40
CA LEU K 2368 -35.31 65.27 31.27
C LEU K 2368 -35.05 63.83 31.73
N ARG K 2369 -34.27 63.67 32.80
CA ARG K 2369 -33.95 62.36 33.35
C ARG K 2369 -33.33 61.43 32.31
N GLY K 2373 -39.14 60.15 35.18
CA GLY K 2373 -38.87 61.34 35.97
C GLY K 2373 -39.93 62.41 35.81
N SER K 2374 -39.87 63.41 36.69
CA SER K 2374 -40.84 64.50 36.64
C SER K 2374 -40.57 65.39 35.43
N GLY K 2375 -41.61 66.08 34.98
CA GLY K 2375 -41.52 66.95 33.82
C GLY K 2375 -40.86 68.27 34.15
N LEU K 2376 -40.72 69.09 33.11
CA LEU K 2376 -40.12 70.41 33.29
C LEU K 2376 -40.97 71.30 34.20
N LEU K 2377 -42.29 71.23 34.05
CA LEU K 2377 -43.16 72.00 34.92
C LEU K 2377 -43.02 71.56 36.38
N ALA K 2378 -42.98 70.26 36.63
CA ALA K 2378 -42.83 69.75 37.99
C ALA K 2378 -41.49 70.16 38.57
N ALA K 2379 -40.42 70.07 37.76
CA ALA K 2379 -39.10 70.46 38.25
C ALA K 2379 -39.05 71.96 38.56
N ILE K 2380 -39.66 72.78 37.71
CA ILE K 2380 -39.69 74.22 37.95
C ILE K 2380 -40.47 74.54 39.22
N GLU K 2381 -41.61 73.87 39.40
CA GLU K 2381 -42.41 74.09 40.62
C GLU K 2381 -41.64 73.67 41.86
N GLU K 2382 -40.93 72.54 41.79
CA GLU K 2382 -40.14 72.09 42.93
C GLU K 2382 -39.02 73.07 43.23
N ALA K 2383 -38.36 73.60 42.19
CA ALA K 2383 -37.30 74.58 42.40
C ALA K 2383 -37.85 75.85 43.03
N ILE K 2384 -39.02 76.30 42.57
CA ILE K 2384 -39.63 77.51 43.14
C ILE K 2384 -39.99 77.27 44.61
N ARG K 2385 -40.55 76.10 44.92
CA ARG K 2385 -40.90 75.78 46.31
C ARG K 2385 -39.66 75.72 47.18
N ILE K 2386 -38.57 75.14 46.67
CA ILE K 2386 -37.33 75.06 47.43
C ILE K 2386 -36.77 76.45 47.68
N SER K 2387 -36.79 77.31 46.65
CA SER K 2387 -36.31 78.67 46.82
C SER K 2387 -37.18 79.47 47.78
N GLU K 2388 -38.47 79.14 47.86
CA GLU K 2388 -39.35 79.84 48.79
C GLU K 2388 -38.98 79.55 50.24
N ASP K 2389 -38.42 78.38 50.52
CA ASP K 2389 -38.02 78.02 51.88
C ASP K 2389 -36.53 78.28 52.05
N PRO K 2390 -36.12 79.22 52.90
CA PRO K 2390 -34.68 79.46 53.08
C PRO K 2390 -33.90 78.25 53.59
N ALA K 2391 -34.53 77.41 54.41
CA ALA K 2391 -33.83 76.24 54.94
C ALA K 2391 -33.48 75.26 53.83
N ARG K 2392 -34.38 75.07 52.87
CA ARG K 2392 -34.16 74.12 51.77
C ARG K 2392 -33.43 74.74 50.60
N ASP K 2393 -33.09 76.04 50.66
CA ASP K 2393 -32.39 76.73 49.59
C ASP K 2393 -30.97 77.13 49.96
N GLY K 2394 -30.81 77.86 51.06
CA GLY K 2394 -29.50 78.29 51.49
C GLY K 2394 -29.20 77.91 52.92
N PRO K 2395 -28.10 77.18 53.14
CA PRO K 2395 -27.70 76.74 54.48
C PRO K 2395 -26.18 76.55 54.60
N ASN K 2414 -24.21 87.88 47.51
CA ASN K 2414 -23.21 86.97 48.06
C ASN K 2414 -23.76 85.55 48.12
N ARG K 2415 -24.88 85.38 48.81
CA ARG K 2415 -25.50 84.07 48.94
C ARG K 2415 -26.03 83.60 47.58
N VAL K 2416 -25.91 82.29 47.33
CA VAL K 2416 -26.36 81.69 46.09
C VAL K 2416 -27.67 80.96 46.34
N HIS K 2417 -28.69 81.29 45.57
CA HIS K 2417 -30.00 80.66 45.72
C HIS K 2417 -30.05 79.35 44.95
N LEU K 2418 -30.46 78.27 45.63
CA LEU K 2418 -30.54 76.97 44.99
C LEU K 2418 -31.55 76.97 43.86
N GLY K 2419 -32.73 77.57 44.08
CA GLY K 2419 -33.73 77.65 43.03
C GLY K 2419 -33.24 78.47 41.84
N HIS K 2420 -32.52 79.56 42.11
CA HIS K 2420 -31.94 80.34 41.02
C HIS K 2420 -30.93 79.52 40.23
N ALA K 2421 -30.12 78.71 40.92
CA ALA K 2421 -29.17 77.84 40.23
C ALA K 2421 -29.88 76.83 39.36
N ILE K 2422 -30.96 76.22 39.88
CA ILE K 2422 -31.72 75.26 39.09
C ILE K 2422 -32.32 75.93 37.85
N MET K 2423 -32.89 77.12 38.04
CA MET K 2423 -33.48 77.83 36.91
C MET K 2423 -32.43 78.19 35.87
N SER K 2424 -31.25 78.64 36.31
CA SER K 2424 -30.18 78.99 35.39
C SER K 2424 -29.70 77.76 34.62
N PHE K 2425 -29.55 76.63 35.31
CA PHE K 2425 -29.14 75.40 34.63
C PHE K 2425 -30.16 74.97 33.60
N TYR K 2426 -31.45 75.04 33.95
CA TYR K 2426 -32.49 74.66 33.01
C TYR K 2426 -32.52 75.60 31.81
N ALA K 2427 -32.35 76.90 32.06
CA ALA K 2427 -32.31 77.87 30.96
C ALA K 2427 -31.13 77.61 30.03
N ALA K 2428 -29.95 77.33 30.60
CA ALA K 2428 -28.78 77.05 29.78
C ALA K 2428 -28.98 75.77 28.96
N LEU K 2429 -29.55 74.73 29.57
CA LEU K 2429 -29.81 73.50 28.84
C LEU K 2429 -30.81 73.73 27.71
N ILE K 2430 -31.85 74.52 27.97
CA ILE K 2430 -32.85 74.80 26.95
C ILE K 2430 -32.23 75.60 25.81
N ASP K 2431 -31.38 76.57 26.13
CA ASP K 2431 -30.71 77.36 25.10
C ASP K 2431 -29.79 76.47 24.26
N LEU K 2432 -29.05 75.56 24.91
CA LEU K 2432 -28.19 74.64 24.18
C LEU K 2432 -29.00 73.74 23.26
N LEU K 2433 -30.14 73.23 23.75
CA LEU K 2433 -30.98 72.38 22.91
C LEU K 2433 -31.56 73.14 21.74
N GLY K 2434 -32.00 74.38 21.97
CA GLY K 2434 -32.57 75.17 20.89
C GLY K 2434 -31.54 75.54 19.84
N ARG K 2435 -30.35 75.98 20.27
CA ARG K 2435 -29.30 76.30 19.32
C ARG K 2435 -28.82 75.08 18.54
N CYS K 2436 -29.06 73.88 19.07
CA CYS K 2436 -28.68 72.65 18.38
C CYS K 2436 -29.70 72.23 17.32
N ALA K 2437 -30.86 72.87 17.28
CA ALA K 2437 -31.88 72.50 16.31
C ALA K 2437 -31.43 72.89 14.90
N PRO K 2438 -31.82 72.10 13.89
CA PRO K 2438 -31.45 72.44 12.52
C PRO K 2438 -32.11 73.74 12.06
N GLU K 2439 -31.44 74.40 11.12
CA GLU K 2439 -31.94 75.66 10.58
C GLU K 2439 -33.22 75.42 9.78
N MET K 2440 -33.94 76.51 9.50
CA MET K 2440 -35.18 76.42 8.76
C MET K 2440 -34.96 75.89 7.35
N HIS K 2441 -33.91 76.35 6.68
CA HIS K 2441 -33.62 75.87 5.33
C HIS K 2441 -33.30 74.39 5.32
N LEU K 2442 -32.53 73.92 6.31
CA LEU K 2442 -32.17 72.51 6.36
C LEU K 2442 -33.40 71.63 6.63
N ILE K 2443 -34.25 72.04 7.58
CA ILE K 2443 -35.41 71.22 7.92
C ILE K 2443 -36.44 71.25 6.80
N GLN K 2444 -36.53 72.37 6.06
CA GLN K 2444 -37.47 72.45 4.96
C GLN K 2444 -37.13 71.45 3.86
N ALA K 2445 -35.84 71.31 3.56
CA ALA K 2445 -35.40 70.38 2.52
C ALA K 2445 -35.33 68.95 3.09
N GLY K 2446 -34.94 68.01 2.24
CA GLY K 2446 -34.82 66.62 2.65
C GLY K 2446 -33.46 66.25 3.17
N LYS K 2447 -33.03 66.91 4.25
CA LYS K 2447 -31.72 66.61 4.82
C LYS K 2447 -31.66 65.20 5.39
N GLY K 2448 -32.75 64.75 6.01
CA GLY K 2448 -32.79 63.42 6.60
C GLY K 2448 -32.35 63.39 8.05
N GLU K 2449 -31.05 63.63 8.29
CA GLU K 2449 -30.56 63.66 9.67
C GLU K 2449 -31.13 64.85 10.44
N ALA K 2450 -31.40 65.96 9.75
CA ALA K 2450 -31.99 67.12 10.41
C ALA K 2450 -33.37 66.78 10.97
N LEU K 2451 -34.16 66.02 10.22
CA LEU K 2451 -35.48 65.62 10.71
C LEU K 2451 -35.36 64.75 11.95
N ARG K 2452 -34.40 63.81 11.96
CA ARG K 2452 -34.18 62.97 13.12
C ARG K 2452 -33.76 63.79 14.34
N ILE K 2453 -32.86 64.75 14.13
CA ILE K 2453 -32.42 65.61 15.24
C ILE K 2453 -33.57 66.43 15.76
N ARG K 2454 -34.40 66.98 14.86
CA ARG K 2454 -35.56 67.75 15.29
C ARG K 2454 -36.54 66.89 16.07
N ALA K 2455 -36.77 65.65 15.62
CA ALA K 2455 -37.68 64.77 16.34
C ALA K 2455 -37.14 64.43 17.73
N ILE K 2456 -35.83 64.19 17.83
CA ILE K 2456 -35.22 63.92 19.13
C ILE K 2456 -35.38 65.12 20.05
N LEU K 2457 -35.14 66.32 19.54
CA LEU K 2457 -35.29 67.52 20.35
C LEU K 2457 -36.73 67.72 20.79
N ARG K 2458 -37.68 67.47 19.89
CA ARG K 2458 -39.10 67.59 20.23
C ARG K 2458 -39.49 66.61 21.34
N SER K 2459 -39.04 65.36 21.22
CA SER K 2459 -39.42 64.36 22.20
C SER K 2459 -38.68 64.55 23.52
N LEU K 2460 -37.53 65.22 23.49
CA LEU K 2460 -36.77 65.44 24.72
C LEU K 2460 -37.53 66.33 25.70
N VAL K 2461 -38.14 67.41 25.20
CA VAL K 2461 -38.84 68.38 26.03
C VAL K 2461 -40.31 68.37 25.64
N PRO K 2462 -41.23 68.01 26.53
CA PRO K 2462 -42.65 68.02 26.19
C PRO K 2462 -43.15 69.43 25.88
N LEU K 2463 -44.11 69.49 24.95
CA LEU K 2463 -44.66 70.79 24.55
C LEU K 2463 -45.41 71.44 25.71
N ASP K 2464 -46.21 70.68 26.44
CA ASP K 2464 -46.98 71.24 27.55
C ASP K 2464 -46.06 71.78 28.64
N ASP K 2465 -44.97 71.05 28.93
CA ASP K 2465 -44.03 71.51 29.95
C ASP K 2465 -43.39 72.84 29.56
N LEU K 2466 -42.97 72.97 28.30
CA LEU K 2466 -42.37 74.22 27.84
C LEU K 2466 -43.39 75.35 27.86
N VAL K 2467 -44.63 75.07 27.45
CA VAL K 2467 -45.67 76.09 27.44
C VAL K 2467 -45.94 76.58 28.85
N GLY K 2468 -46.02 75.65 29.81
CA GLY K 2468 -46.24 76.04 31.19
C GLY K 2468 -45.06 76.80 31.77
N ILE K 2469 -43.84 76.40 31.42
CA ILE K 2469 -42.65 77.11 31.90
C ILE K 2469 -42.65 78.54 31.37
N ILE K 2470 -43.00 78.73 30.09
CA ILE K 2470 -43.12 80.08 29.54
C ILE K 2470 -44.25 80.83 30.21
N SER K 2471 -45.24 80.11 30.76
CA SER K 2471 -46.40 80.72 31.39
C SER K 2471 -46.29 80.77 32.91
N LEU K 2472 -45.12 80.47 33.46
CA LEU K 2472 -44.96 80.50 34.91
C LEU K 2472 -45.09 81.92 35.44
N PRO K 2473 -45.67 82.10 36.63
CA PRO K 2473 -45.80 83.44 37.19
C PRO K 2473 -44.47 83.97 37.71
N LEU K 2474 -44.43 85.28 37.91
CA LEU K 2474 -43.24 85.96 38.41
C LEU K 2474 -43.67 86.98 39.46
N GLN K 2475 -42.70 87.75 39.94
CA GLN K 2475 -42.93 88.77 40.95
C GLN K 2475 -42.49 90.13 40.43
N ILE K 2476 -43.19 91.17 40.86
CA ILE K 2476 -42.90 92.54 40.42
C ILE K 2476 -42.80 93.44 41.65
N PRO K 2477 -41.97 94.48 41.61
CA PRO K 2477 -41.88 95.39 42.75
C PRO K 2477 -43.14 96.25 42.89
N THR K 2478 -43.37 96.71 44.10
CA THR K 2478 -44.51 97.56 44.40
C THR K 2478 -44.25 99.00 43.97
N VAL K 2486 -40.96 98.95 46.95
CA VAL K 2486 -40.06 97.90 47.38
C VAL K 2486 -39.34 97.29 46.17
N GLN K 2487 -38.66 96.17 46.40
CA GLN K 2487 -37.94 95.50 45.34
C GLN K 2487 -37.74 94.03 45.69
N PRO K 2488 -38.09 93.11 44.80
CA PRO K 2488 -37.89 91.68 45.09
C PRO K 2488 -36.42 91.30 45.03
N LYS K 2489 -36.11 90.17 45.67
CA LYS K 2489 -34.75 89.66 45.70
C LYS K 2489 -34.33 89.24 44.30
N MET K 2490 -33.43 90.01 43.68
CA MET K 2490 -33.01 89.71 42.32
C MET K 2490 -32.30 88.37 42.24
N SER K 2491 -31.44 88.07 43.22
CA SER K 2491 -30.69 86.82 43.21
C SER K 2491 -31.58 85.61 43.47
N ALA K 2492 -32.71 85.78 44.16
CA ALA K 2492 -33.60 84.68 44.49
C ALA K 2492 -34.75 84.52 43.50
N SER K 2493 -35.31 85.62 43.01
CA SER K 2493 -36.44 85.53 42.09
C SER K 2493 -36.02 84.93 40.76
N PHE K 2494 -36.97 84.28 40.09
CA PHE K 2494 -36.71 83.66 38.79
C PHE K 2494 -36.59 84.74 37.73
N VAL K 2495 -35.40 84.90 37.17
CA VAL K 2495 -35.14 85.90 36.13
C VAL K 2495 -35.87 85.49 34.86
N PRO K 2496 -36.31 86.45 34.04
CA PRO K 2496 -37.00 86.10 32.79
C PRO K 2496 -36.09 85.48 31.73
N ASP K 2497 -34.80 85.31 32.00
CA ASP K 2497 -33.91 84.68 31.04
C ASP K 2497 -34.32 83.23 30.78
N HIS K 2498 -34.78 82.53 31.82
CA HIS K 2498 -35.26 81.16 31.64
C HIS K 2498 -36.48 81.12 30.73
N LYS K 2499 -37.41 82.05 30.93
CA LYS K 2499 -38.57 82.14 30.05
C LYS K 2499 -38.15 82.45 28.62
N ALA K 2500 -37.18 83.35 28.45
CA ALA K 2500 -36.68 83.67 27.12
C ALA K 2500 -36.08 82.46 26.44
N SER K 2501 -35.28 81.69 27.18
CA SER K 2501 -34.71 80.46 26.62
C SER K 2501 -35.80 79.47 26.23
N MET K 2502 -36.82 79.34 27.09
CA MET K 2502 -37.93 78.43 26.79
C MET K 2502 -38.64 78.81 25.50
N VAL K 2503 -38.99 80.09 25.35
CA VAL K 2503 -39.75 80.51 24.17
C VAL K 2503 -38.86 80.45 22.92
N LEU K 2504 -37.56 80.73 23.07
CA LEU K 2504 -36.65 80.59 21.94
C LEU K 2504 -36.56 79.13 21.48
N PHE K 2505 -36.46 78.21 22.44
CA PHE K 2505 -36.44 76.79 22.10
C PHE K 2505 -37.74 76.37 21.42
N LEU K 2506 -38.87 76.86 21.93
CA LEU K 2506 -40.17 76.53 21.32
C LEU K 2506 -40.25 77.06 19.89
N ASP K 2507 -39.91 78.32 19.69
CA ASP K 2507 -39.97 78.91 18.36
C ASP K 2507 -38.94 78.32 17.41
N ARG K 2508 -37.88 77.69 17.94
CA ARG K 2508 -36.87 77.11 17.08
C ARG K 2508 -37.19 75.68 16.66
N VAL K 2509 -37.56 74.81 17.60
CA VAL K 2509 -37.76 73.40 17.30
C VAL K 2509 -39.25 73.05 17.23
N TYR K 2510 -40.08 73.65 18.07
CA TYR K 2510 -41.51 73.34 18.08
C TYR K 2510 -42.27 74.20 17.08
N GLY K 2511 -42.08 75.52 17.12
CA GLY K 2511 -42.75 76.42 16.21
C GLY K 2511 -44.21 76.62 16.56
N ILE K 2512 -44.87 77.45 15.75
CA ILE K 2512 -46.29 77.74 15.90
C ILE K 2512 -46.95 77.45 14.56
N GLU K 2513 -47.82 76.44 14.53
CA GLU K 2513 -48.54 76.07 13.33
C GLU K 2513 -50.05 76.23 13.48
N ASN K 2514 -50.63 75.64 14.53
CA ASN K 2514 -52.06 75.75 14.75
C ASN K 2514 -52.41 77.11 15.35
N GLN K 2515 -53.51 77.69 14.87
CA GLN K 2515 -53.95 78.98 15.40
C GLN K 2515 -54.36 78.87 16.86
N ASP K 2516 -55.01 77.77 17.24
CA ASP K 2516 -55.44 77.59 18.62
C ASP K 2516 -54.23 77.51 19.55
N PHE K 2517 -53.17 76.80 19.14
CA PHE K 2517 -51.98 76.72 19.96
C PHE K 2517 -51.32 78.09 20.13
N LEU K 2518 -51.25 78.87 19.05
CA LEU K 2518 -50.68 80.20 19.14
C LEU K 2518 -51.50 81.10 20.06
N LEU K 2519 -52.83 81.02 19.96
CA LEU K 2519 -53.69 81.79 20.84
C LEU K 2519 -53.50 81.39 22.30
N HIS K 2520 -53.40 80.09 22.56
CA HIS K 2520 -53.17 79.62 23.93
C HIS K 2520 -51.83 80.11 24.47
N VAL K 2521 -50.79 80.06 23.63
CA VAL K 2521 -49.48 80.54 24.06
C VAL K 2521 -49.52 82.03 24.36
N LEU K 2522 -50.17 82.81 23.51
CA LEU K 2522 -50.27 84.24 23.73
C LEU K 2522 -51.06 84.57 24.99
N ASP K 2523 -52.16 83.83 25.23
CA ASP K 2523 -53.00 84.13 26.38
C ASP K 2523 -52.36 83.71 27.69
N VAL K 2524 -51.68 82.56 27.70
CA VAL K 2524 -51.12 82.00 28.91
C VAL K 2524 -49.70 82.53 29.11
N GLY K 2525 -49.47 83.21 30.22
CA GLY K 2525 -48.14 83.71 30.56
C GLY K 2525 -47.65 84.93 29.81
N PHE K 2526 -47.67 84.88 28.48
CA PHE K 2526 -47.19 86.01 27.69
C PHE K 2526 -47.98 87.28 28.00
N LEU K 2527 -49.31 87.19 27.95
CA LEU K 2527 -50.14 88.35 28.22
C LEU K 2527 -50.02 88.85 29.65
N PRO K 2528 -50.11 88.00 30.69
CA PRO K 2528 -49.89 88.52 32.06
C PRO K 2528 -48.52 89.13 32.25
N ASP K 2529 -47.48 88.53 31.67
CA ASP K 2529 -46.13 89.07 31.84
C ASP K 2529 -45.99 90.44 31.18
N MET K 2530 -46.50 90.58 29.95
CA MET K 2530 -46.36 91.87 29.28
C MET K 2530 -47.28 92.92 29.89
N ARG K 2531 -48.43 92.51 30.44
CA ARG K 2531 -49.28 93.45 31.16
C ARG K 2531 -48.60 93.94 32.43
N ALA K 2532 -47.94 93.04 33.16
CA ALA K 2532 -47.18 93.45 34.34
C ALA K 2532 -46.04 94.39 33.96
N ALA K 2533 -45.36 94.10 32.85
CA ALA K 2533 -44.29 94.98 32.39
C ALA K 2533 -44.84 96.36 32.02
N ALA K 2534 -46.00 96.42 31.36
CA ALA K 2534 -46.61 97.70 31.02
C ALA K 2534 -47.02 98.46 32.28
N SER K 2535 -47.58 97.76 33.27
CA SER K 2535 -47.98 98.42 34.51
C SER K 2535 -46.76 98.97 35.24
N LEU K 2536 -45.66 98.22 35.26
CA LEU K 2536 -44.44 98.69 35.91
C LEU K 2536 -43.83 99.88 35.20
N ASP K 2537 -44.11 100.06 33.92
CA ASP K 2537 -43.55 101.18 33.16
C ASP K 2537 -44.24 102.49 33.54
N THR K 2544 -36.09 99.53 38.83
CA THR K 2544 -35.85 98.18 39.31
C THR K 2544 -35.22 97.31 38.21
N GLU K 2545 -34.25 96.49 38.61
CA GLU K 2545 -33.61 95.59 37.65
C GLU K 2545 -34.60 94.57 37.09
N MET K 2546 -35.63 94.21 37.87
CA MET K 2546 -36.55 93.19 37.40
C MET K 2546 -37.37 93.69 36.21
N ALA K 2547 -37.81 94.95 36.26
CA ALA K 2547 -38.54 95.51 35.14
C ALA K 2547 -37.68 95.56 33.87
N LEU K 2548 -36.42 95.96 34.02
CA LEU K 2548 -35.52 96.01 32.87
C LEU K 2548 -35.28 94.62 32.31
N ALA K 2549 -35.09 93.63 33.17
CA ALA K 2549 -34.90 92.26 32.70
C ALA K 2549 -36.14 91.74 31.97
N LEU K 2550 -37.32 92.02 32.51
CA LEU K 2550 -38.56 91.60 31.86
C LEU K 2550 -38.73 92.29 30.50
N ASN K 2551 -38.41 93.58 30.43
CA ASN K 2551 -38.51 94.30 29.17
C ASN K 2551 -37.54 93.74 28.14
N ARG K 2552 -36.31 93.45 28.55
CA ARG K 2552 -35.33 92.87 27.64
C ARG K 2552 -35.78 91.50 27.16
N TYR K 2553 -36.31 90.67 28.06
CA TYR K 2553 -36.80 89.36 27.67
C TYR K 2553 -37.95 89.48 26.67
N LEU K 2554 -38.90 90.39 26.93
CA LEU K 2554 -40.02 90.56 26.02
C LEU K 2554 -39.54 91.02 24.65
N CYS K 2555 -38.64 92.01 24.62
CA CYS K 2555 -38.15 92.53 23.34
C CYS K 2555 -37.37 91.49 22.57
N LEU K 2556 -36.57 90.67 23.25
CA LEU K 2556 -35.73 89.69 22.57
C LEU K 2556 -36.48 88.42 22.18
N ALA K 2557 -37.57 88.08 22.87
CA ALA K 2557 -38.25 86.83 22.61
C ALA K 2557 -39.68 86.98 22.13
N VAL K 2558 -40.51 87.73 22.86
CA VAL K 2558 -41.94 87.80 22.55
C VAL K 2558 -42.17 88.55 21.25
N LEU K 2559 -41.52 89.70 21.09
CA LEU K 2559 -41.69 90.49 19.87
C LEU K 2559 -41.24 89.76 18.61
N PRO K 2560 -40.05 89.14 18.57
CA PRO K 2560 -39.70 88.35 17.36
C PRO K 2560 -40.66 87.20 17.11
N LEU K 2561 -41.14 86.55 18.17
CA LEU K 2561 -42.10 85.46 17.99
C LEU K 2561 -43.43 85.98 17.44
N ILE K 2562 -43.89 87.13 17.93
CA ILE K 2562 -45.12 87.71 17.42
C ILE K 2562 -44.96 88.11 15.96
N THR K 2563 -43.81 88.72 15.62
CA THR K 2563 -43.56 89.12 14.25
C THR K 2563 -43.51 87.91 13.31
N LYS K 2564 -42.84 86.84 13.73
CA LYS K 2564 -42.75 85.64 12.90
C LYS K 2564 -44.12 85.01 12.71
N CYS K 2565 -44.94 84.96 13.76
CA CYS K 2565 -46.26 84.37 13.70
C CYS K 2565 -47.35 85.42 13.48
N ALA K 2566 -46.99 86.59 12.96
CA ALA K 2566 -48.00 87.62 12.69
C ALA K 2566 -49.05 87.17 11.69
N PRO K 2567 -48.73 86.53 10.57
CA PRO K 2567 -49.81 86.05 9.68
C PRO K 2567 -50.74 85.06 10.34
N LEU K 2568 -50.25 84.28 11.31
CA LEU K 2568 -51.11 83.32 11.99
C LEU K 2568 -52.20 84.01 12.78
N PHE K 2569 -51.88 85.15 13.40
CA PHE K 2569 -52.84 85.90 14.20
C PHE K 2569 -53.71 86.83 13.37
N ALA K 2570 -53.49 86.89 12.05
CA ALA K 2570 -54.27 87.79 11.20
C ALA K 2570 -55.72 87.34 11.13
N GLY K 2571 -56.63 88.32 11.18
CA GLY K 2571 -58.05 88.02 11.11
C GLY K 2571 -58.59 87.21 12.26
N THR K 2572 -58.17 87.53 13.48
CA THR K 2572 -58.64 86.81 14.65
C THR K 2572 -60.08 87.19 14.96
N GLU K 2573 -60.93 86.20 15.16
CA GLU K 2573 -62.34 86.42 15.47
C GLU K 2573 -62.80 85.70 16.72
N HIS K 2574 -62.28 84.49 16.98
CA HIS K 2574 -62.68 83.76 18.17
C HIS K 2574 -62.23 84.48 19.44
N ARG K 2575 -61.04 85.08 19.42
CA ARG K 2575 -60.51 85.77 20.59
C ARG K 2575 -60.27 87.24 20.26
N ALA K 2576 -61.25 87.88 19.63
CA ALA K 2576 -61.10 89.27 19.21
C ALA K 2576 -60.86 90.20 20.41
N ILE K 2577 -61.59 89.96 21.51
CA ILE K 2577 -61.42 90.80 22.70
C ILE K 2577 -60.02 90.63 23.27
N MET K 2578 -59.54 89.39 23.35
CA MET K 2578 -58.22 89.14 23.93
C MET K 2578 -57.12 89.76 23.09
N VAL K 2579 -57.18 89.59 21.77
CA VAL K 2579 -56.15 90.16 20.90
C VAL K 2579 -56.25 91.68 20.89
N ASP K 2580 -57.45 92.24 20.97
CA ASP K 2580 -57.58 93.70 21.05
C ASP K 2580 -56.96 94.23 22.34
N SER K 2581 -57.21 93.56 23.47
CA SER K 2581 -56.61 93.98 24.72
C SER K 2581 -55.09 93.86 24.68
N MET K 2582 -54.58 92.78 24.09
CA MET K 2582 -53.14 92.61 23.96
C MET K 2582 -52.53 93.69 23.10
N LEU K 2583 -53.19 94.04 21.98
CA LEU K 2583 -52.67 95.09 21.11
C LEU K 2583 -52.69 96.45 21.81
N HIS K 2584 -53.76 96.74 22.54
CA HIS K 2584 -53.82 98.01 23.27
C HIS K 2584 -52.75 98.09 24.34
N THR K 2585 -52.52 97.00 25.07
CA THR K 2585 -51.49 97.00 26.11
C THR K 2585 -50.09 97.10 25.50
N VAL K 2586 -49.88 96.46 24.34
CA VAL K 2586 -48.59 96.59 23.67
C VAL K 2586 -48.38 98.02 23.18
N TYR K 2587 -49.45 98.66 22.69
CA TYR K 2587 -49.36 100.07 22.30
C TYR K 2587 -49.01 100.95 23.49
N ARG K 2588 -49.62 100.67 24.65
CA ARG K 2588 -49.28 101.41 25.86
C ARG K 2588 -47.83 101.19 26.25
N LEU K 2589 -47.34 99.95 26.11
CA LEU K 2589 -45.93 99.66 26.41
C LEU K 2589 -45.00 100.42 25.47
N SER K 2590 -45.37 100.53 24.19
CA SER K 2590 -44.53 101.24 23.24
C SER K 2590 -44.41 102.72 23.58
N ARG K 2591 -45.36 103.28 24.31
CA ARG K 2591 -45.32 104.67 24.73
C ARG K 2591 -44.68 104.85 26.10
N GLY K 2592 -44.17 103.78 26.71
CA GLY K 2592 -43.56 103.89 28.02
C GLY K 2592 -42.28 104.69 28.01
N ARG K 2593 -41.96 105.25 29.17
CA ARG K 2593 -40.78 106.10 29.33
C ARG K 2593 -39.55 105.32 29.78
N SER K 2594 -39.64 104.01 29.93
CA SER K 2594 -38.51 103.17 30.35
C SER K 2594 -38.31 102.09 29.29
N LEU K 2595 -37.53 102.42 28.26
CA LEU K 2595 -37.23 101.48 27.19
C LEU K 2595 -36.00 101.96 26.44
N THR K 2596 -35.36 101.03 25.74
CA THR K 2596 -34.19 101.36 24.92
C THR K 2596 -34.62 101.71 23.50
N LYS K 2597 -33.70 102.33 22.76
CA LYS K 2597 -33.99 102.71 21.38
C LYS K 2597 -34.25 101.48 20.52
N ALA K 2598 -33.40 100.46 20.65
CA ALA K 2598 -33.63 99.22 19.92
C ALA K 2598 -34.92 98.54 20.38
N GLN K 2599 -35.17 98.54 21.69
CA GLN K 2599 -36.42 97.97 22.21
C GLN K 2599 -37.62 98.72 21.68
N ARG K 2600 -37.56 100.05 21.67
CA ARG K 2600 -38.67 100.85 21.15
C ARG K 2600 -38.90 100.57 19.67
N ASP K 2601 -37.82 100.49 18.88
CA ASP K 2601 -37.96 100.21 17.46
C ASP K 2601 -38.57 98.83 17.23
N VAL K 2602 -38.12 97.82 17.98
CA VAL K 2602 -38.65 96.48 17.82
C VAL K 2602 -40.14 96.44 18.21
N ILE K 2603 -40.50 97.11 19.30
CA ILE K 2603 -41.90 97.15 19.73
C ILE K 2603 -42.76 97.84 18.68
N GLU K 2604 -42.26 98.95 18.12
CA GLU K 2604 -43.01 99.66 17.10
C GLU K 2604 -43.20 98.80 15.85
N ASP K 2605 -42.14 98.10 15.44
CA ASP K 2605 -42.26 97.22 14.27
C ASP K 2605 -43.26 96.09 14.52
N CYS K 2606 -43.21 95.49 15.71
CA CYS K 2606 -44.16 94.43 16.04
C CYS K 2606 -45.59 94.95 16.05
N LEU K 2607 -45.81 96.14 16.63
CA LEU K 2607 -47.14 96.73 16.66
C LEU K 2607 -47.64 97.04 15.25
N MET K 2608 -46.75 97.56 14.39
CA MET K 2608 -47.14 97.84 13.01
C MET K 2608 -47.51 96.57 12.26
N ALA K 2609 -46.72 95.51 12.45
CA ALA K 2609 -47.03 94.24 11.80
C ALA K 2609 -48.36 93.68 12.29
N LEU K 2610 -48.60 93.74 13.60
CA LEU K 2610 -49.87 93.26 14.15
C LEU K 2610 -51.05 94.06 13.61
N CYS K 2611 -50.91 95.39 13.56
CA CYS K 2611 -51.99 96.22 13.05
C CYS K 2611 -52.26 95.93 11.58
N ARG K 2612 -51.20 95.74 10.78
CA ARG K 2612 -51.38 95.42 9.37
C ARG K 2612 -52.06 94.08 9.19
N TYR K 2613 -51.68 93.08 9.99
CA TYR K 2613 -52.24 91.75 9.82
C TYR K 2613 -53.62 91.62 10.45
N ILE K 2614 -53.83 92.21 11.64
CA ILE K 2614 -55.11 92.10 12.31
C ILE K 2614 -56.12 93.03 11.63
N ARG K 2615 -57.38 92.58 11.60
CA ARG K 2615 -58.43 93.37 10.98
C ARG K 2615 -58.72 94.62 11.82
N PRO K 2616 -59.08 95.73 11.17
CA PRO K 2616 -59.42 96.95 11.92
C PRO K 2616 -60.59 96.77 12.87
N SER K 2617 -61.57 95.91 12.52
CA SER K 2617 -62.70 95.67 13.40
C SER K 2617 -62.25 95.03 14.70
N MET K 2618 -61.33 94.06 14.63
CA MET K 2618 -60.82 93.43 15.84
C MET K 2618 -59.90 94.34 16.62
N LEU K 2619 -59.37 95.40 15.98
CA LEU K 2619 -58.49 96.36 16.63
C LEU K 2619 -59.18 97.68 16.92
N GLN K 2620 -60.52 97.68 16.99
CA GLN K 2620 -61.25 98.92 17.24
C GLN K 2620 -60.93 99.49 18.62
N HIS K 2621 -60.78 98.61 19.62
CA HIS K 2621 -60.45 99.08 20.96
C HIS K 2621 -59.09 99.78 20.98
N LEU K 2622 -58.10 99.21 20.28
CA LEU K 2622 -56.80 99.86 20.20
C LEU K 2622 -56.83 101.07 19.27
N LEU K 2623 -57.65 101.01 18.21
CA LEU K 2623 -57.73 102.14 17.29
C LEU K 2623 -58.31 103.38 17.97
N ARG K 2624 -59.30 103.19 18.84
CA ARG K 2624 -59.89 104.32 19.55
C ARG K 2624 -58.85 104.98 20.47
N ARG K 2625 -58.06 104.18 21.18
CA ARG K 2625 -57.01 104.73 22.02
C ARG K 2625 -55.94 105.43 21.19
N LEU K 2626 -55.59 104.86 20.03
CA LEU K 2626 -54.58 105.47 19.17
C LEU K 2626 -55.05 106.81 18.63
N VAL K 2627 -56.32 106.90 18.23
CA VAL K 2627 -56.85 108.12 17.63
C VAL K 2627 -57.43 109.09 18.64
N PHE K 2628 -57.43 108.73 19.93
CA PHE K 2628 -57.94 109.63 20.96
C PHE K 2628 -57.11 110.91 21.03
N ASP K 2629 -55.78 110.78 21.01
CA ASP K 2629 -54.89 111.93 21.08
C ASP K 2629 -53.73 111.77 20.10
N VAL K 2630 -54.03 111.27 18.90
CA VAL K 2630 -52.98 111.09 17.90
C VAL K 2630 -52.32 112.40 17.50
N PRO K 2631 -53.06 113.47 17.14
CA PRO K 2631 -52.39 114.72 16.79
C PRO K 2631 -51.75 115.42 17.99
N ILE K 2632 -52.35 115.28 19.18
CA ILE K 2632 -51.82 115.97 20.36
C ILE K 2632 -50.50 115.35 20.79
N LEU K 2633 -50.42 114.02 20.77
CA LEU K 2633 -49.22 113.34 21.23
C LEU K 2633 -48.04 113.63 20.31
N ASN K 2634 -46.88 113.89 20.91
CA ASN K 2634 -45.65 114.15 20.18
C ASN K 2634 -44.55 113.14 20.43
N GLU K 2635 -44.45 112.58 21.64
CA GLU K 2635 -43.45 111.57 21.93
C GLU K 2635 -43.79 110.27 21.21
N PHE K 2636 -42.77 109.65 20.62
CA PHE K 2636 -42.93 108.41 19.86
C PHE K 2636 -43.99 108.57 18.77
N ALA K 2637 -43.96 109.71 18.07
CA ALA K 2637 -44.97 110.03 17.07
C ALA K 2637 -44.87 109.16 15.83
N LYS K 2638 -43.77 108.43 15.64
CA LYS K 2638 -43.64 107.57 14.48
C LYS K 2638 -44.64 106.41 14.53
N MET K 2639 -44.87 105.85 15.71
CA MET K 2639 -45.76 104.70 15.85
C MET K 2639 -47.20 105.00 15.43
N PRO K 2640 -47.85 106.09 15.91
CA PRO K 2640 -49.22 106.35 15.44
C PRO K 2640 -49.31 106.56 13.94
N LEU K 2641 -48.35 107.27 13.35
CA LEU K 2641 -48.37 107.49 11.91
C LEU K 2641 -48.21 106.18 11.15
N LYS K 2642 -47.28 105.33 11.61
CA LYS K 2642 -47.08 104.04 10.95
C LYS K 2642 -48.32 103.17 11.06
N LEU K 2643 -48.94 103.14 12.24
CA LEU K 2643 -50.15 102.34 12.42
C LEU K 2643 -51.28 102.84 11.54
N LEU K 2644 -51.47 104.17 11.48
CA LEU K 2644 -52.52 104.73 10.65
C LEU K 2644 -52.27 104.42 9.17
N THR K 2645 -51.03 104.59 8.71
CA THR K 2645 -50.72 104.30 7.31
C THR K 2645 -50.95 102.84 6.98
N ASN K 2646 -50.51 101.93 7.87
CA ASN K 2646 -50.71 100.51 7.62
C ASN K 2646 -52.19 100.14 7.58
N HIS K 2647 -52.97 100.66 8.52
CA HIS K 2647 -54.39 100.37 8.56
C HIS K 2647 -55.10 100.93 7.33
N TYR K 2648 -54.71 102.14 6.90
CA TYR K 2648 -55.37 102.75 5.75
C TYR K 2648 -54.99 102.07 4.45
N GLU K 2649 -53.75 101.59 4.34
CA GLU K 2649 -53.32 100.91 3.13
C GLU K 2649 -53.92 99.50 3.05
N ARG K 2650 -53.96 98.79 4.18
CA ARG K 2650 -54.48 97.42 4.17
C ARG K 2650 -55.99 97.41 3.95
N CYS K 2651 -56.71 98.35 4.56
CA CYS K 2651 -58.17 98.37 4.60
C CYS K 2651 -58.71 99.70 4.08
N TRP K 2652 -58.22 100.13 2.91
CA TRP K 2652 -58.65 101.41 2.36
C TRP K 2652 -60.15 101.43 2.09
N LYS K 2653 -60.65 100.44 1.35
CA LYS K 2653 -62.07 100.41 1.01
C LYS K 2653 -62.94 100.01 2.17
N TYR K 2654 -62.36 99.45 3.24
CA TYR K 2654 -63.17 99.01 4.38
C TYR K 2654 -63.86 100.18 5.05
N TYR K 2655 -63.26 101.37 5.00
CA TYR K 2655 -63.84 102.58 5.56
C TYR K 2655 -64.17 103.63 4.50
N CYS K 2656 -63.33 103.75 3.47
CA CYS K 2656 -63.55 104.76 2.44
C CYS K 2656 -64.79 104.43 1.62
N LEU K 2657 -64.89 103.20 1.12
CA LEU K 2657 -66.02 102.83 0.28
C LEU K 2657 -67.27 102.64 1.13
N PRO K 2658 -68.43 103.12 0.67
CA PRO K 2658 -69.66 102.87 1.43
C PRO K 2658 -69.97 101.39 1.60
N THR K 2659 -69.69 100.58 0.58
CA THR K 2659 -69.96 99.14 0.67
C THR K 2659 -68.90 98.42 1.50
N GLY K 2660 -67.67 98.91 1.54
CA GLY K 2660 -66.60 98.26 2.27
C GLY K 2660 -65.98 97.12 1.49
N TRP K 2661 -65.25 96.28 2.23
CA TRP K 2661 -64.63 95.11 1.66
C TRP K 2661 -65.70 94.13 1.14
N ALA K 2662 -65.27 93.25 0.23
CA ALA K 2662 -66.16 92.18 -0.22
C ALA K 2662 -66.42 91.18 0.89
N ASN K 2663 -65.43 90.95 1.74
CA ASN K 2663 -65.54 89.97 2.82
C ASN K 2663 -65.99 90.60 4.14
N PHE K 2664 -65.23 91.56 4.66
CA PHE K 2664 -65.56 92.16 5.94
C PHE K 2664 -66.76 93.10 5.83
N GLY K 2665 -66.81 93.91 4.78
CA GLY K 2665 -67.93 94.81 4.58
C GLY K 2665 -67.68 96.21 5.07
N VAL K 2666 -68.75 96.92 5.44
CA VAL K 2666 -68.67 98.30 5.89
C VAL K 2666 -68.13 98.34 7.31
N THR K 2667 -67.73 99.53 7.77
CA THR K 2667 -67.20 99.73 9.10
C THR K 2667 -68.28 100.33 10.00
N SER K 2668 -67.89 100.67 11.23
CA SER K 2668 -68.81 101.23 12.21
C SER K 2668 -68.91 102.74 12.04
N GLU K 2669 -70.10 103.29 12.29
CA GLU K 2669 -70.30 104.73 12.19
C GLU K 2669 -69.49 105.47 13.24
N GLU K 2670 -69.44 104.94 14.46
CA GLU K 2670 -68.64 105.58 15.52
C GLU K 2670 -67.16 105.55 15.17
N GLU K 2671 -66.67 104.42 14.64
CA GLU K 2671 -65.27 104.34 14.23
C GLU K 2671 -64.97 105.31 13.10
N LEU K 2672 -65.90 105.44 12.14
CA LEU K 2672 -65.70 106.40 11.06
C LEU K 2672 -65.66 107.83 11.59
N HIS K 2673 -66.54 108.17 12.53
CA HIS K 2673 -66.52 109.50 13.10
C HIS K 2673 -65.23 109.77 13.88
N LEU K 2674 -64.76 108.77 14.62
CA LEU K 2674 -63.50 108.93 15.35
C LEU K 2674 -62.33 109.13 14.39
N THR K 2675 -62.30 108.35 13.31
CA THR K 2675 -61.24 108.52 12.31
C THR K 2675 -61.31 109.89 11.65
N ARG K 2676 -62.52 110.36 11.34
CA ARG K 2676 -62.67 111.68 10.75
C ARG K 2676 -62.18 112.77 11.70
N LYS K 2677 -62.53 112.66 12.99
CA LYS K 2677 -62.06 113.64 13.96
C LYS K 2677 -60.54 113.60 14.10
N LEU K 2678 -59.96 112.40 14.09
CA LEU K 2678 -58.51 112.27 14.17
C LEU K 2678 -57.85 112.91 12.95
N PHE K 2679 -58.40 112.70 11.76
CA PHE K 2679 -57.85 113.33 10.56
C PHE K 2679 -57.98 114.85 10.62
N TRP K 2680 -59.13 115.34 11.10
CA TRP K 2680 -59.32 116.77 11.27
C TRP K 2680 -58.25 117.37 12.16
N GLY K 2681 -58.06 116.78 13.35
CA GLY K 2681 -57.04 117.26 14.26
C GLY K 2681 -55.64 117.16 13.67
N ILE K 2682 -55.38 116.08 12.94
CA ILE K 2682 -54.05 115.85 12.38
C ILE K 2682 -53.71 116.94 11.37
N PHE K 2683 -54.62 117.20 10.42
CA PHE K 2683 -54.27 118.19 9.41
C PHE K 2683 -54.33 119.61 9.98
N ASP K 2684 -55.18 119.84 10.99
CA ASP K 2684 -55.15 121.15 11.65
C ASP K 2684 -53.81 121.38 12.33
N SER K 2685 -53.28 120.37 13.03
CA SER K 2685 -51.97 120.49 13.65
C SER K 2685 -50.87 120.66 12.61
N LEU K 2686 -50.98 119.92 11.50
CA LEU K 2686 -49.97 120.03 10.45
C LEU K 2686 -49.95 121.43 9.85
N ALA K 2687 -51.13 122.02 9.61
CA ALA K 2687 -51.18 123.39 9.13
C ALA K 2687 -50.65 124.37 10.16
N HIS K 2688 -50.98 124.15 11.44
CA HIS K 2688 -50.53 125.06 12.49
C HIS K 2688 -49.04 124.91 12.78
N LYS K 2689 -48.52 123.69 12.73
CA LYS K 2689 -47.13 123.46 13.08
C LYS K 2689 -46.19 124.02 12.02
N LYS K 2690 -44.96 124.29 12.44
CA LYS K 2690 -43.95 124.81 11.53
C LYS K 2690 -43.43 123.70 10.61
N TYR K 2691 -42.80 124.12 9.51
CA TYR K 2691 -42.27 123.17 8.55
C TYR K 2691 -41.08 122.42 9.14
N ASP K 2692 -41.04 121.12 8.88
CA ASP K 2692 -39.95 120.27 9.34
C ASP K 2692 -39.81 119.09 8.40
N GLN K 2693 -38.56 118.66 8.17
CA GLN K 2693 -38.32 117.54 7.27
C GLN K 2693 -38.94 116.25 7.82
N GLU K 2694 -38.76 116.01 9.12
CA GLU K 2694 -39.35 114.81 9.73
C GLU K 2694 -40.87 114.88 9.70
N LEU K 2695 -41.44 116.05 9.98
CA LEU K 2695 -42.90 116.20 9.93
C LEU K 2695 -43.41 115.99 8.52
N TYR K 2696 -42.74 116.59 7.52
CA TYR K 2696 -43.17 116.43 6.13
C TYR K 2696 -42.93 115.02 5.61
N ARG K 2697 -42.06 114.25 6.25
CA ARG K 2697 -41.80 112.89 5.83
C ARG K 2697 -42.66 111.85 6.54
N MET K 2698 -43.17 112.16 7.73
CA MET K 2698 -43.97 111.21 8.50
C MET K 2698 -45.45 111.60 8.57
N ALA K 2699 -45.76 112.82 9.03
CA ALA K 2699 -47.15 113.21 9.20
C ALA K 2699 -47.83 113.50 7.86
N MET K 2700 -47.10 114.09 6.92
CA MET K 2700 -47.69 114.42 5.62
C MET K 2700 -48.20 113.20 4.86
N PRO K 2701 -47.45 112.09 4.74
CA PRO K 2701 -48.05 110.90 4.10
C PRO K 2701 -49.29 110.40 4.81
N CYS K 2702 -49.32 110.46 6.14
CA CYS K 2702 -50.51 110.04 6.87
C CYS K 2702 -51.69 110.95 6.56
N LEU K 2703 -51.46 112.26 6.50
CA LEU K 2703 -52.54 113.18 6.15
C LEU K 2703 -53.02 112.94 4.73
N CYS K 2704 -52.11 112.67 3.80
CA CYS K 2704 -52.51 112.39 2.43
C CYS K 2704 -53.34 111.10 2.35
N ALA K 2705 -52.93 110.07 3.08
CA ALA K 2705 -53.70 108.82 3.09
C ALA K 2705 -55.08 109.03 3.70
N ILE K 2706 -55.16 109.82 4.78
CA ILE K 2706 -56.45 110.10 5.41
C ILE K 2706 -57.36 110.87 4.46
N ALA K 2707 -56.80 111.86 3.75
CA ALA K 2707 -57.58 112.62 2.78
C ALA K 2707 -58.06 111.73 1.64
N GLY K 2708 -57.20 110.83 1.17
CA GLY K 2708 -57.62 109.87 0.16
C GLY K 2708 -58.71 108.94 0.65
N ALA K 2709 -58.69 108.59 1.94
CA ALA K 2709 -59.74 107.77 2.51
C ALA K 2709 -61.10 108.46 2.52
N LEU K 2710 -61.11 109.79 2.40
CA LEU K 2710 -62.39 110.50 2.33
C LEU K 2710 -63.03 110.27 0.97
N PRO K 2711 -64.29 109.80 0.91
CA PRO K 2711 -65.00 109.54 -0.34
C PRO K 2711 -65.17 110.81 -1.19
N PRO K 2748 -81.27 127.11 45.05
CA PRO K 2748 -82.48 127.70 45.61
C PRO K 2748 -83.23 126.74 46.55
N GLU K 2749 -84.22 127.25 47.28
CA GLU K 2749 -85.00 126.39 48.15
C GLU K 2749 -85.77 125.34 47.36
N LYS K 2750 -86.37 125.74 46.24
CA LYS K 2750 -87.01 124.77 45.36
C LYS K 2750 -85.99 123.81 44.79
N LEU K 2751 -84.80 124.32 44.44
CA LEU K 2751 -83.73 123.44 43.97
C LEU K 2751 -83.30 122.47 45.06
N ASP K 2752 -83.24 122.93 46.31
CA ASP K 2752 -82.90 122.04 47.41
C ASP K 2752 -83.94 120.96 47.61
N SER K 2753 -85.23 121.33 47.50
CA SER K 2753 -86.30 120.34 47.62
C SER K 2753 -86.22 119.32 46.49
N PHE K 2754 -85.94 119.79 45.27
CA PHE K 2754 -85.78 118.87 44.15
C PHE K 2754 -84.59 117.94 44.36
N ILE K 2755 -83.51 118.46 44.93
CA ILE K 2755 -82.34 117.64 45.22
C ILE K 2755 -82.67 116.57 46.26
N ASN K 2756 -83.42 116.94 47.30
CA ASN K 2756 -83.84 115.96 48.29
C ASN K 2756 -84.75 114.90 47.68
N LYS K 2757 -85.66 115.32 46.81
CA LYS K 2757 -86.52 114.36 46.11
C LYS K 2757 -85.70 113.41 45.24
N PHE K 2758 -84.69 113.95 44.55
CA PHE K 2758 -83.82 113.11 43.73
C PHE K 2758 -83.03 112.12 44.59
N ALA K 2759 -82.56 112.56 45.76
CA ALA K 2759 -81.86 111.66 46.66
C ALA K 2759 -82.78 110.55 47.16
N GLU K 2760 -84.02 110.89 47.49
CA GLU K 2760 -84.99 109.87 47.90
C GLU K 2760 -85.27 108.90 46.75
N TYR K 2761 -85.36 109.41 45.53
CA TYR K 2761 -85.58 108.55 44.37
C TYR K 2761 -84.39 107.63 44.14
N THR K 2762 -83.17 108.13 44.35
CA THR K 2762 -81.98 107.29 44.22
C THR K 2762 -81.96 106.20 45.27
N HIS K 2763 -82.34 106.53 46.51
CA HIS K 2763 -82.42 105.51 47.55
C HIS K 2763 -83.47 104.46 47.21
N GLU K 2764 -84.62 104.90 46.69
CA GLU K 2764 -85.65 103.95 46.27
C GLU K 2764 -85.17 103.08 45.12
N LYS K 2765 -84.41 103.65 44.19
CA LYS K 2765 -83.85 102.87 43.09
C LYS K 2765 -82.86 101.83 43.59
N TRP K 2766 -82.02 102.20 44.55
CA TRP K 2766 -81.11 101.22 45.14
C TRP K 2766 -81.87 100.10 45.85
N ALA K 2767 -82.93 100.46 46.58
CA ALA K 2767 -83.74 99.43 47.23
C ALA K 2767 -84.41 98.52 46.21
N PHE K 2768 -84.91 99.09 45.11
CA PHE K 2768 -85.53 98.27 44.07
C PHE K 2768 -84.52 97.36 43.40
N ASP K 2769 -83.30 97.86 43.18
CA ASP K 2769 -82.25 97.01 42.60
C ASP K 2769 -81.91 95.87 43.55
N LYS K 2770 -81.85 96.14 44.85
CA LYS K 2770 -81.62 95.07 45.82
C LYS K 2770 -82.77 94.06 45.81
N ILE K 2771 -84.00 94.54 45.70
CA ILE K 2771 -85.16 93.65 45.68
C ILE K 2771 -85.15 92.78 44.42
N GLN K 2772 -84.72 93.34 43.30
CA GLN K 2772 -84.65 92.57 42.06
C GLN K 2772 -83.66 91.41 42.20
N ASN K 2773 -82.53 91.66 42.86
CA ASN K 2773 -81.57 90.60 43.13
C ASN K 2773 -81.97 89.73 44.32
N ASN K 2774 -83.18 89.93 44.86
CA ASN K 2774 -83.74 89.19 45.99
C ASN K 2774 -82.98 89.41 47.29
N TRP K 2775 -82.08 90.40 47.33
CA TRP K 2775 -81.36 90.70 48.55
C TRP K 2775 -82.25 91.45 49.54
N SER K 2776 -81.98 91.25 50.83
CA SER K 2776 -82.73 91.90 51.90
C SER K 2776 -81.77 92.71 52.77
N TYR K 2777 -82.28 93.82 53.29
CA TYR K 2777 -81.47 94.69 54.14
C TYR K 2777 -81.14 93.99 55.45
N GLY K 2778 -79.90 94.19 55.92
CA GLY K 2778 -79.46 93.58 57.15
C GLY K 2778 -78.59 94.53 57.95
N GLU K 2779 -78.43 94.19 59.23
CA GLU K 2779 -77.59 95.01 60.11
C GLU K 2779 -76.14 95.02 59.65
N ASN K 2780 -75.63 93.87 59.24
CA ASN K 2780 -74.25 93.75 58.77
C ASN K 2780 -74.24 93.71 57.25
N VAL K 2781 -73.44 94.58 56.64
CA VAL K 2781 -73.36 94.66 55.18
C VAL K 2781 -72.38 93.60 54.69
N ASP K 2782 -72.88 92.66 53.89
CA ASP K 2782 -72.05 91.60 53.34
C ASP K 2782 -72.61 91.18 51.99
N GLU K 2783 -71.77 91.26 50.95
CA GLU K 2783 -72.22 90.87 49.61
C GLU K 2783 -72.55 89.38 49.54
N GLU K 2784 -71.71 88.55 50.18
CA GLU K 2784 -71.96 87.10 50.17
C GLU K 2784 -73.25 86.75 50.90
N LEU K 2785 -73.51 87.43 52.02
CA LEU K 2785 -74.71 87.17 52.81
C LEU K 2785 -75.96 87.83 52.23
N LYS K 2786 -75.82 88.60 51.15
CA LYS K 2786 -76.93 89.29 50.49
C LYS K 2786 -77.61 90.30 51.41
N THR K 2787 -76.91 90.80 52.41
CA THR K 2787 -77.43 91.82 53.31
C THR K 2787 -76.73 93.15 53.00
N HIS K 2788 -77.50 94.15 52.61
CA HIS K 2788 -76.97 95.45 52.23
C HIS K 2788 -77.58 96.54 53.10
N PRO K 2789 -76.85 97.08 54.07
CA PRO K 2789 -77.40 98.19 54.87
C PRO K 2789 -77.71 99.43 54.05
N MET K 2790 -77.02 99.64 52.92
CA MET K 2790 -77.30 100.80 52.08
C MET K 2790 -78.70 100.75 51.50
N LEU K 2791 -79.14 99.55 51.09
CA LEU K 2791 -80.47 99.38 50.50
C LEU K 2791 -81.52 99.42 51.61
N ARG K 2792 -81.78 100.63 52.08
CA ARG K 2792 -82.74 100.88 53.15
C ARG K 2792 -83.60 102.07 52.77
N PRO K 2793 -84.78 102.21 53.38
CA PRO K 2793 -85.63 103.36 53.11
C PRO K 2793 -84.97 104.67 53.55
N TYR K 2794 -85.34 105.76 52.89
CA TYR K 2794 -84.74 107.05 53.20
C TYR K 2794 -85.02 107.45 54.64
N LYS K 2795 -86.25 107.25 55.12
CA LYS K 2795 -86.55 107.52 56.52
C LYS K 2795 -85.78 106.58 57.44
N THR K 2796 -85.69 105.30 57.07
CA THR K 2796 -84.94 104.35 57.88
C THR K 2796 -83.44 104.62 57.84
N PHE K 2797 -82.92 105.08 56.71
CA PHE K 2797 -81.51 105.37 56.59
C PHE K 2797 -81.12 106.56 57.46
N SER K 2798 -79.85 106.59 57.87
CA SER K 2798 -79.36 107.65 58.72
C SER K 2798 -79.32 108.98 57.96
N GLU K 2799 -79.28 110.08 58.72
CA GLU K 2799 -79.23 111.40 58.11
C GLU K 2799 -77.97 111.59 57.30
N LYS K 2800 -76.87 110.95 57.71
CA LYS K 2800 -75.63 111.04 56.93
C LYS K 2800 -75.81 110.42 55.55
N ASP K 2801 -76.51 109.28 55.46
CA ASP K 2801 -76.76 108.66 54.17
C ASP K 2801 -77.62 109.55 53.29
N LYS K 2802 -78.64 110.18 53.87
CA LYS K 2802 -79.48 111.10 53.10
C LYS K 2802 -78.69 112.29 52.60
N GLU K 2803 -77.81 112.85 53.45
CA GLU K 2803 -76.97 113.95 53.03
C GLU K 2803 -76.02 113.54 51.91
N ILE K 2804 -75.45 112.34 52.01
CA ILE K 2804 -74.55 111.86 50.96
C ILE K 2804 -75.30 111.67 49.65
N TYR K 2805 -76.53 111.12 49.73
CA TYR K 2805 -77.34 110.96 48.52
C TYR K 2805 -77.70 112.30 47.90
N ARG K 2806 -78.04 113.29 48.73
CA ARG K 2806 -78.35 114.62 48.21
C ARG K 2806 -77.11 115.30 47.65
N TRP K 2807 -75.93 114.94 48.13
CA TRP K 2807 -74.69 115.51 47.61
C TRP K 2807 -74.54 115.30 46.11
N PRO K 2808 -74.81 114.11 45.56
CA PRO K 2808 -74.79 113.99 44.08
C PRO K 2808 -75.79 114.90 43.40
N ILE K 2809 -76.97 115.09 43.98
CA ILE K 2809 -77.96 116.00 43.41
C ILE K 2809 -77.48 117.44 43.51
N LYS K 2810 -76.83 117.79 44.63
CA LYS K 2810 -76.26 119.13 44.77
C LYS K 2810 -75.17 119.35 43.73
N GLU K 2811 -74.33 118.35 43.47
CA GLU K 2811 -73.30 118.47 42.45
C GLU K 2811 -73.92 118.62 41.06
N SER K 2812 -74.99 117.89 40.78
CA SER K 2812 -75.68 118.04 39.51
C SER K 2812 -76.26 119.45 39.36
N LEU K 2813 -76.85 119.98 40.43
CA LEU K 2813 -77.37 121.34 40.39
C LEU K 2813 -76.26 122.35 40.17
N LYS K 2814 -75.12 122.16 40.83
CA LYS K 2814 -73.98 123.06 40.64
C LYS K 2814 -73.46 123.00 39.21
N ALA K 2815 -73.40 121.79 38.63
CA ALA K 2815 -72.98 121.66 37.24
C ALA K 2815 -73.97 122.34 36.30
N MET K 2816 -75.26 122.22 36.57
CA MET K 2816 -76.27 122.91 35.77
C MET K 2816 -76.11 124.43 35.88
N ILE K 2817 -75.83 124.92 37.08
CA ILE K 2817 -75.61 126.35 37.27
C ILE K 2817 -74.37 126.80 36.51
N ALA K 2818 -73.31 125.98 36.52
CA ALA K 2818 -72.12 126.31 35.76
C ALA K 2818 -72.40 126.37 34.27
N TRP K 2819 -73.29 125.49 33.78
CA TRP K 2819 -73.71 125.50 32.39
C TRP K 2819 -74.76 126.56 32.11
N GLU K 2820 -75.09 127.40 33.09
CA GLU K 2820 -76.07 128.50 32.99
C GLU K 2820 -77.49 128.00 32.76
N TRP K 2821 -77.75 126.71 32.91
CA TRP K 2821 -79.10 126.20 32.75
C TRP K 2821 -79.93 126.49 34.01
N THR K 2822 -81.11 127.04 33.82
CA THR K 2822 -82.01 127.39 34.91
C THR K 2822 -83.23 126.49 34.87
N ILE K 2823 -83.53 125.86 36.01
CA ILE K 2823 -84.67 124.95 36.13
C ILE K 2823 -85.67 125.58 37.09
N GLU K 2824 -86.88 125.80 36.62
CA GLU K 2824 -87.95 126.37 37.42
C GLU K 2824 -89.16 125.44 37.36
N LYS K 2825 -89.73 125.13 38.53
CA LYS K 2825 -90.88 124.25 38.59
C LYS K 2825 -92.08 124.87 37.88
N ALA K 2826 -92.84 124.04 37.16
CA ALA K 2826 -94.00 124.53 36.44
C ALA K 2826 -95.07 125.01 37.40
N ARG K 2827 -95.66 126.17 37.10
CA ARG K 2827 -96.70 126.72 37.95
C ARG K 2827 -97.96 125.87 37.85
N GLU K 2828 -98.64 125.72 38.99
CA GLU K 2828 -99.88 124.94 39.06
C GLU K 2828 -101.08 125.81 38.66
N GLY K 2829 -101.04 126.30 37.44
CA GLY K 2829 -102.11 127.12 36.92
C GLY K 2829 -102.21 127.00 35.42
N GLU K 2830 -103.42 127.24 34.90
CA GLU K 2830 -103.70 127.13 33.47
C GLU K 2830 -103.31 125.77 32.91
N GLU K 2831 -103.60 124.72 33.68
CA GLU K 2831 -103.30 123.35 33.30
C GLU K 2831 -104.60 122.59 33.08
N GLU K 2832 -104.72 121.95 31.92
CA GLU K 2832 -105.92 121.19 31.60
C GLU K 2832 -106.04 119.97 32.51
N ARG K 2833 -107.26 119.71 32.97
CA ARG K 2833 -107.50 118.57 33.85
C ARG K 2833 -107.35 117.26 33.07
N THR K 2834 -106.72 116.28 33.71
CA THR K 2834 -106.50 114.98 33.11
C THR K 2834 -106.78 113.90 34.14
N GLU K 2835 -107.16 112.72 33.65
CA GLU K 2835 -107.44 111.59 34.54
C GLU K 2835 -106.16 111.12 35.21
N LYS K 2836 -106.26 110.85 36.51
CA LYS K 2836 -105.13 110.42 37.32
C LYS K 2836 -105.34 108.98 37.76
N LYS K 2837 -104.35 108.13 37.50
CA LYS K 2837 -104.42 106.74 37.92
C LYS K 2837 -104.27 106.63 39.44
N LYS K 2838 -104.88 105.59 40.01
CA LYS K 2838 -104.81 105.38 41.45
C LYS K 2838 -103.37 105.12 41.88
N THR K 2839 -102.95 105.82 42.93
CA THR K 2839 -101.59 105.68 43.46
C THR K 2839 -101.63 105.80 44.97
N ARG K 2840 -100.63 105.21 45.62
CA ARG K 2840 -100.54 105.26 47.08
C ARG K 2840 -100.24 106.67 47.55
N LYS K 2841 -100.93 107.08 48.61
CA LYS K 2841 -100.75 108.40 49.21
C LYS K 2841 -100.10 108.24 50.58
N ILE K 2842 -99.03 109.00 50.82
CA ILE K 2842 -98.33 108.92 52.10
C ILE K 2842 -99.16 109.58 53.18
N SER K 2843 -99.40 108.85 54.27
CA SER K 2843 -100.18 109.35 55.38
C SER K 2843 -99.27 110.08 56.37
N GLN K 2844 -99.77 111.19 56.90
CA GLN K 2844 -99.01 112.00 57.87
C GLN K 2844 -99.20 111.45 59.28
N THR K 2845 -98.75 110.21 59.47
CA THR K 2845 -98.82 109.53 60.76
C THR K 2845 -97.49 108.88 61.05
N ALA K 2846 -97.04 109.01 62.30
CA ALA K 2846 -95.78 108.42 62.72
C ALA K 2846 -95.93 106.91 62.89
N GLN K 2847 -95.02 106.15 62.29
CA GLN K 2847 -95.03 104.70 62.35
C GLN K 2847 -93.68 104.20 62.84
N THR K 2848 -93.71 103.31 63.82
CA THR K 2848 -92.47 102.74 64.34
C THR K 2848 -91.83 101.82 63.31
N TYR K 2849 -90.50 101.81 63.29
CA TYR K 2849 -89.78 100.96 62.34
C TYR K 2849 -89.98 99.50 62.68
N ASP K 2850 -90.33 98.71 61.66
CA ASP K 2850 -90.57 97.28 61.83
C ASP K 2850 -89.89 96.53 60.69
N PRO K 2851 -88.67 96.01 60.91
CA PRO K 2851 -88.01 95.24 59.85
C PRO K 2851 -88.74 93.97 59.45
N ARG K 2852 -89.60 93.43 60.33
CA ARG K 2852 -90.33 92.20 60.00
C ARG K 2852 -91.29 92.43 58.84
N GLU K 2853 -91.96 93.58 58.81
CA GLU K 2853 -92.91 93.87 57.74
C GLU K 2853 -92.19 94.00 56.40
N GLY K 2854 -92.74 93.35 55.37
CA GLY K 2854 -92.15 93.41 54.05
C GLY K 2854 -92.42 94.76 53.38
N TYR K 2855 -91.42 95.22 52.64
CA TYR K 2855 -91.50 96.49 51.92
C TYR K 2855 -91.10 96.29 50.48
N ASN K 2856 -91.92 96.78 49.56
CA ASN K 2856 -91.63 96.69 48.12
C ASN K 2856 -91.22 98.05 47.61
N PRO K 2857 -89.95 98.26 47.24
CA PRO K 2857 -89.54 99.57 46.75
C PRO K 2857 -90.25 99.94 45.46
N GLN K 2858 -90.56 101.23 45.33
CA GLN K 2858 -91.26 101.77 44.16
C GLN K 2858 -90.51 102.98 43.64
N PRO K 2859 -89.35 102.77 43.03
CA PRO K 2859 -88.59 103.90 42.49
C PRO K 2859 -89.35 104.54 41.35
N PRO K 2860 -89.17 105.85 41.16
CA PRO K 2860 -89.85 106.54 40.05
C PRO K 2860 -89.32 106.07 38.71
N ASP K 2861 -90.19 105.42 37.93
CA ASP K 2861 -89.79 104.91 36.63
C ASP K 2861 -89.52 106.05 35.66
N LEU K 2862 -88.43 105.94 34.92
CA LEU K 2862 -88.05 106.96 33.94
C LEU K 2862 -88.58 106.65 32.54
N SER K 2863 -89.29 105.54 32.37
CA SER K 2863 -89.85 105.22 31.05
C SER K 2863 -90.93 106.21 30.65
N GLY K 2864 -91.78 106.62 31.60
CA GLY K 2864 -92.83 107.55 31.27
C GLY K 2864 -92.32 108.92 30.89
N VAL K 2865 -91.33 109.43 31.63
CA VAL K 2865 -90.77 110.75 31.35
C VAL K 2865 -89.79 110.64 30.19
N THR K 2866 -89.99 111.46 29.17
CA THR K 2866 -89.16 111.45 27.97
C THR K 2866 -88.37 112.74 27.92
N LEU K 2867 -87.04 112.61 27.80
CA LEU K 2867 -86.19 113.79 27.71
C LEU K 2867 -86.27 114.40 26.32
N SER K 2868 -86.26 115.73 26.27
CA SER K 2868 -86.33 116.44 25.00
C SER K 2868 -84.98 116.38 24.29
N ARG K 2869 -84.99 116.80 23.02
CA ARG K 2869 -83.76 116.83 22.24
C ARG K 2869 -82.74 117.79 22.84
N GLU K 2870 -83.21 118.99 23.23
CA GLU K 2870 -82.34 119.90 23.97
C GLU K 2870 -81.96 119.30 25.31
N LEU K 2871 -82.91 118.62 25.98
CA LEU K 2871 -82.59 117.91 27.20
C LEU K 2871 -81.60 116.78 26.95
N GLN K 2872 -81.70 116.12 25.79
CA GLN K 2872 -80.72 115.09 25.44
C GLN K 2872 -79.33 115.68 25.25
N ALA K 2873 -79.24 116.84 24.59
CA ALA K 2873 -77.94 117.49 24.43
C ALA K 2873 -77.37 117.93 25.78
N MET K 2874 -78.22 118.46 26.66
CA MET K 2874 -77.78 118.82 28.00
C MET K 2874 -77.32 117.60 28.78
N ALA K 2875 -78.01 116.46 28.61
CA ALA K 2875 -77.58 115.22 29.26
C ALA K 2875 -76.24 114.76 28.72
N GLU K 2876 -76.01 114.90 27.42
CA GLU K 2876 -74.70 114.55 26.86
C GLU K 2876 -73.60 115.44 27.41
N GLN K 2877 -73.88 116.74 27.53
CA GLN K 2877 -72.90 117.66 28.11
C GLN K 2877 -72.61 117.32 29.56
N LEU K 2878 -73.66 116.99 30.33
CA LEU K 2878 -73.47 116.58 31.71
C LEU K 2878 -72.70 115.26 31.81
N ALA K 2879 -72.92 114.36 30.85
CA ALA K 2879 -72.14 113.12 30.80
C ALA K 2879 -70.67 113.41 30.55
N GLU K 2880 -70.38 114.35 29.65
CA GLU K 2880 -69.00 114.74 29.41
C GLU K 2880 -68.37 115.33 30.66
N ASN K 2881 -69.12 116.20 31.36
CA ASN K 2881 -68.60 116.80 32.59
C ASN K 2881 -68.35 115.75 33.67
N TYR K 2882 -69.27 114.78 33.80
CA TYR K 2882 -69.10 113.71 34.78
C TYR K 2882 -67.91 112.83 34.41
N HIS K 2883 -67.70 112.57 33.11
CA HIS K 2883 -66.54 111.83 32.68
C HIS K 2883 -65.25 112.57 33.01
N ASN K 2884 -65.25 113.90 32.84
CA ASN K 2884 -64.08 114.69 33.21
C ASN K 2884 -63.82 114.62 34.71
N THR K 2885 -64.88 114.71 35.52
CA THR K 2885 -64.72 114.62 36.97
C THR K 2885 -64.20 113.24 37.38
N TRP K 2886 -64.73 112.18 36.78
CA TRP K 2886 -64.24 110.83 37.05
C TRP K 2886 -62.80 110.66 36.61
N GLY K 2887 -62.41 111.28 35.49
CA GLY K 2887 -61.02 111.23 35.07
C GLY K 2887 -60.10 111.95 36.04
N ARG K 2888 -60.55 113.09 36.58
CA ARG K 2888 -59.76 113.78 37.59
C ARG K 2888 -59.61 112.92 38.85
N LYS K 2889 -60.70 112.28 39.28
CA LYS K 2889 -60.63 111.40 40.44
C LYS K 2889 -59.70 110.22 40.19
N LYS K 2890 -59.76 109.64 38.99
CA LYS K 2890 -58.87 108.54 38.64
C LYS K 2890 -57.42 109.00 38.56
N LYS K 2891 -57.18 110.23 38.08
CA LYS K 2891 -55.82 110.77 38.07
C LYS K 2891 -55.29 110.95 39.49
N GLN K 2892 -56.14 111.43 40.40
CA GLN K 2892 -55.72 111.53 41.80
C GLN K 2892 -55.42 110.16 42.39
N GLU K 2893 -56.27 109.17 42.10
CA GLU K 2893 -56.03 107.82 42.59
C GLU K 2893 -54.74 107.24 42.03
N LEU K 2894 -54.46 107.48 40.74
CA LEU K 2894 -53.24 107.00 40.13
C LEU K 2894 -52.01 107.68 40.73
N GLU K 2895 -52.10 109.00 40.97
CA GLU K 2895 -51.00 109.70 41.63
C GLU K 2895 -50.74 109.14 43.01
N ALA K 2896 -51.82 108.75 43.71
CA ALA K 2896 -51.64 108.03 44.97
C ALA K 2896 -50.96 106.69 44.74
N LYS K 2897 -51.29 106.01 43.64
CA LYS K 2897 -50.76 104.69 43.33
C LYS K 2897 -49.56 104.73 42.38
N GLY K 2898 -49.10 105.92 42.00
CA GLY K 2898 -47.92 106.05 41.16
C GLY K 2898 -48.19 106.38 39.70
N GLY K 2899 -49.44 106.57 39.31
CA GLY K 2899 -49.74 106.96 37.95
C GLY K 2899 -50.18 105.80 37.09
N GLY K 2900 -51.00 106.09 36.09
CA GLY K 2900 -51.49 105.07 35.18
C GLY K 2900 -52.34 105.69 34.10
N THR K 2901 -52.73 104.86 33.14
CA THR K 2901 -53.57 105.28 32.02
C THR K 2901 -54.99 104.75 32.25
N HIS K 2902 -55.96 105.66 32.21
CA HIS K 2902 -57.35 105.31 32.43
C HIS K 2902 -58.09 105.26 31.10
N PRO K 2903 -58.57 104.10 30.66
CA PRO K 2903 -59.34 104.07 29.40
C PRO K 2903 -60.60 104.91 29.45
N LEU K 2904 -61.25 105.02 30.61
CA LEU K 2904 -62.46 105.83 30.71
C LEU K 2904 -62.15 107.32 30.58
N LEU K 2905 -60.99 107.76 31.05
CA LEU K 2905 -60.62 109.17 30.99
C LEU K 2905 -60.13 109.50 29.59
N VAL K 2906 -60.94 110.25 28.85
CA VAL K 2906 -60.62 110.64 27.47
C VAL K 2906 -61.54 111.77 27.05
N PRO K 2907 -61.40 112.32 25.85
CA PRO K 2907 -62.32 113.35 25.39
C PRO K 2907 -63.72 112.80 25.18
N TYR K 2908 -64.68 113.72 25.06
CA TYR K 2908 -66.07 113.32 24.91
C TYR K 2908 -66.28 112.48 23.66
N ASP K 2909 -65.69 112.90 22.53
CA ASP K 2909 -65.79 112.10 21.31
C ASP K 2909 -64.87 110.89 21.37
N THR K 2910 -63.71 111.01 22.02
CA THR K 2910 -62.75 109.90 22.08
C THR K 2910 -63.13 108.85 23.11
N LEU K 2911 -64.03 109.17 24.03
CA LEU K 2911 -64.40 108.22 25.07
C LEU K 2911 -65.18 107.05 24.48
N THR K 2912 -65.14 105.92 25.19
CA THR K 2912 -65.86 104.73 24.76
C THR K 2912 -67.37 104.96 24.86
N ALA K 2913 -68.11 104.17 24.09
CA ALA K 2913 -69.57 104.33 24.05
C ALA K 2913 -70.19 104.07 25.41
N LYS K 2914 -69.78 102.98 26.08
CA LYS K 2914 -70.37 102.63 27.37
C LYS K 2914 -69.90 103.54 28.48
N GLU K 2915 -68.62 103.94 28.46
CA GLU K 2915 -68.09 104.80 29.52
C GLU K 2915 -68.82 106.13 29.57
N LYS K 2916 -69.05 106.75 28.41
CA LYS K 2916 -69.85 107.96 28.36
C LYS K 2916 -71.34 107.68 28.52
N ALA K 2917 -71.79 106.49 28.11
CA ALA K 2917 -73.20 106.15 28.17
C ALA K 2917 -73.68 105.98 29.60
N ARG K 2918 -72.81 105.54 30.51
CA ARG K 2918 -73.20 105.45 31.91
C ARG K 2918 -73.55 106.83 32.48
N ASP K 2919 -72.68 107.81 32.27
CA ASP K 2919 -72.97 109.17 32.71
C ASP K 2919 -74.14 109.77 31.94
N ARG K 2920 -74.30 109.39 30.67
CA ARG K 2920 -75.46 109.85 29.90
C ARG K 2920 -76.75 109.33 30.50
N GLU K 2921 -76.76 108.07 30.93
CA GLU K 2921 -77.94 107.51 31.59
C GLU K 2921 -78.19 108.18 32.93
N LYS K 2922 -77.13 108.49 33.67
CA LYS K 2922 -77.30 109.22 34.94
C LYS K 2922 -77.92 110.60 34.69
N ALA K 2923 -77.43 111.31 33.68
CA ALA K 2923 -77.98 112.62 33.35
C ALA K 2923 -79.40 112.52 32.85
N GLN K 2924 -79.72 111.47 32.10
CA GLN K 2924 -81.09 111.27 31.64
C GLN K 2924 -82.02 110.99 32.81
N GLU K 2925 -81.56 110.22 33.81
CA GLU K 2925 -82.35 110.01 35.01
C GLU K 2925 -82.56 111.32 35.76
N LEU K 2926 -81.53 112.15 35.85
CA LEU K 2926 -81.67 113.46 36.49
C LEU K 2926 -82.69 114.32 35.74
N LEU K 2927 -82.63 114.32 34.41
CA LEU K 2927 -83.58 115.10 33.62
C LEU K 2927 -85.00 114.58 33.78
N LYS K 2928 -85.16 113.25 33.86
CA LYS K 2928 -86.48 112.67 34.09
C LYS K 2928 -87.02 113.07 35.46
N PHE K 2929 -86.16 113.07 36.48
CA PHE K 2929 -86.59 113.52 37.80
C PHE K 2929 -86.99 114.99 37.78
N LEU K 2930 -86.23 115.82 37.06
CA LEU K 2930 -86.58 117.23 36.95
C LEU K 2930 -87.93 117.41 36.23
N GLN K 2931 -88.16 116.63 35.17
CA GLN K 2931 -89.43 116.71 34.46
C GLN K 2931 -90.59 116.27 35.34
N MET K 2932 -90.37 115.21 36.13
CA MET K 2932 -91.40 114.76 37.07
C MET K 2932 -91.70 115.84 38.11
N ASN K 2933 -90.66 116.51 38.60
CA ASN K 2933 -90.84 117.62 39.52
C ASN K 2933 -91.41 118.87 38.84
N GLY K 2934 -91.48 118.88 37.50
CA GLY K 2934 -92.00 120.02 36.77
C GLY K 2934 -90.98 121.06 36.39
N TYR K 2935 -89.73 120.92 36.83
CA TYR K 2935 -88.69 121.88 36.50
C TYR K 2935 -88.21 121.69 35.06
N ALA K 2936 -88.14 122.77 34.31
CA ALA K 2936 -87.64 122.75 32.94
C ALA K 2936 -86.32 123.50 32.90
N VAL K 2937 -85.27 122.83 32.41
CA VAL K 2937 -83.93 123.39 32.38
C VAL K 2937 -83.57 123.67 30.92
N THR K 2938 -83.20 124.91 30.64
CA THR K 2938 -82.79 125.33 29.30
C THR K 2938 -81.49 126.13 29.40
N ARG K 2939 -80.57 125.86 28.49
CA ARG K 2939 -79.28 126.54 28.47
C ARG K 2939 -79.36 127.84 27.68
N ILE K 2951 -72.67 111.66 8.70
CA ILE K 2951 -72.31 113.07 8.53
C ILE K 2951 -71.26 113.23 7.43
N GLU K 2952 -71.37 112.38 6.40
CA GLU K 2952 -70.42 112.45 5.29
C GLU K 2952 -70.55 113.78 4.55
N LYS K 2953 -71.77 114.24 4.30
CA LYS K 2953 -71.97 115.51 3.61
C LYS K 2953 -71.44 116.68 4.44
N ARG K 2954 -71.69 116.66 5.75
CA ARG K 2954 -71.18 117.72 6.62
C ARG K 2954 -69.66 117.72 6.65
N PHE K 2955 -69.06 116.52 6.72
CA PHE K 2955 -67.61 116.43 6.69
C PHE K 2955 -67.03 116.95 5.38
N ALA K 2956 -67.69 116.62 4.26
CA ALA K 2956 -67.24 117.12 2.96
C ALA K 2956 -67.35 118.63 2.88
N PHE K 2957 -68.45 119.21 3.39
CA PHE K 2957 -68.60 120.65 3.39
C PHE K 2957 -67.53 121.32 4.25
N GLY K 2958 -67.26 120.74 5.43
CA GLY K 2958 -66.21 121.29 6.28
C GLY K 2958 -64.84 121.21 5.62
N PHE K 2959 -64.56 120.09 4.95
CA PHE K 2959 -63.29 119.97 4.23
C PHE K 2959 -63.19 120.98 3.10
N LEU K 2960 -64.29 121.22 2.39
CA LEU K 2960 -64.30 122.23 1.34
C LEU K 2960 -64.03 123.62 1.90
N GLN K 2961 -64.67 123.95 3.02
CA GLN K 2961 -64.44 125.25 3.66
C GLN K 2961 -63.00 125.39 4.12
N GLN K 2962 -62.44 124.31 4.70
CA GLN K 2962 -61.04 124.34 5.11
C GLN K 2962 -60.11 124.50 3.93
N LEU K 2963 -60.42 123.86 2.81
CA LEU K 2963 -59.61 124.00 1.60
C LEU K 2963 -59.66 125.43 1.07
N LEU K 2964 -60.85 126.04 1.09
CA LEU K 2964 -60.97 127.43 0.65
C LEU K 2964 -60.17 128.36 1.57
N ARG K 2965 -60.24 128.14 2.88
CA ARG K 2965 -59.47 128.94 3.82
C ARG K 2965 -57.97 128.76 3.59
N TRP K 2966 -57.54 127.53 3.34
CA TRP K 2966 -56.13 127.26 3.08
C TRP K 2966 -55.68 127.93 1.79
N MET K 2967 -56.52 127.93 0.76
CA MET K 2967 -56.18 128.62 -0.48
C MET K 2967 -56.05 130.12 -0.26
N ASP K 2968 -56.96 130.70 0.52
CA ASP K 2968 -56.86 132.13 0.84
C ASP K 2968 -55.58 132.42 1.62
N ILE K 2969 -55.24 131.56 2.57
CA ILE K 2969 -54.02 131.76 3.36
C ILE K 2969 -52.79 131.65 2.48
N SER K 2970 -52.80 130.69 1.53
CA SER K 2970 -51.68 130.55 0.61
C SER K 2970 -51.54 131.76 -0.29
N GLN K 2971 -52.68 132.31 -0.77
CA GLN K 2971 -52.62 133.53 -1.57
C GLN K 2971 -52.06 134.69 -0.77
N GLU K 2972 -52.48 134.82 0.49
CA GLU K 2972 -51.96 135.89 1.34
C GLU K 2972 -50.46 135.72 1.58
N PHE K 2973 -50.01 134.49 1.80
CA PHE K 2973 -48.59 134.22 2.00
C PHE K 2973 -47.79 134.53 0.75
N ILE K 2974 -48.32 134.19 -0.42
CA ILE K 2974 -47.65 134.50 -1.68
C ILE K 2974 -47.54 136.01 -1.86
N ALA K 2975 -48.62 136.73 -1.56
CA ALA K 2975 -48.59 138.19 -1.66
C ALA K 2975 -47.57 138.79 -0.71
N HIS K 2976 -47.49 138.27 0.52
CA HIS K 2976 -46.51 138.76 1.48
C HIS K 2976 -45.09 138.48 1.01
N LEU K 2977 -44.85 137.28 0.46
CA LEU K 2977 -43.52 136.93 -0.02
C LEU K 2977 -43.14 137.73 -1.25
N GLU K 2978 -44.11 138.18 -2.02
CA GLU K 2978 -43.82 139.00 -3.20
C GLU K 2978 -43.17 140.32 -2.78
N ALA K 2979 -43.67 140.94 -1.72
CA ALA K 2979 -43.11 142.18 -1.23
C ALA K 2979 -41.77 141.95 -0.54
N HIS K 2991 -44.92 131.85 11.40
CA HIS K 2991 -45.56 132.57 10.30
C HIS K 2991 -45.16 131.98 8.95
N GLU K 2992 -43.94 132.31 8.50
CA GLU K 2992 -43.46 131.79 7.23
C GLU K 2992 -43.31 130.27 7.27
N GLN K 2993 -42.79 129.75 8.39
CA GLN K 2993 -42.64 128.30 8.52
C GLN K 2993 -43.99 127.60 8.51
N GLU K 2994 -44.98 128.17 9.22
CA GLU K 2994 -46.31 127.58 9.24
C GLU K 2994 -46.94 127.63 7.85
N ILE K 2995 -46.76 128.74 7.14
CA ILE K 2995 -47.30 128.85 5.79
C ILE K 2995 -46.67 127.82 4.86
N LYS K 2996 -45.35 127.65 4.97
CA LYS K 2996 -44.67 126.65 4.14
C LYS K 2996 -45.14 125.25 4.47
N PHE K 2997 -45.32 124.94 5.76
CA PHE K 2997 -45.80 123.63 6.15
C PHE K 2997 -47.21 123.38 5.62
N PHE K 2998 -48.08 124.39 5.71
CA PHE K 2998 -49.43 124.25 5.18
C PHE K 2998 -49.42 124.04 3.68
N ALA K 2999 -48.57 124.79 2.96
CA ALA K 2999 -48.48 124.62 1.51
C ALA K 2999 -47.96 123.25 1.14
N LYS K 3000 -47.00 122.72 1.90
CA LYS K 3000 -46.45 121.39 1.59
C LYS K 3000 -47.40 120.28 1.99
N ILE K 3001 -48.27 120.50 2.97
CA ILE K 3001 -49.12 119.43 3.48
C ILE K 3001 -50.45 119.40 2.73
N LEU K 3002 -51.18 120.52 2.74
CA LEU K 3002 -52.53 120.54 2.17
C LEU K 3002 -52.51 120.26 0.67
N LEU K 3003 -51.54 120.82 -0.05
CA LEU K 3003 -51.48 120.61 -1.49
C LEU K 3003 -51.31 119.14 -1.86
N PRO K 3004 -50.36 118.39 -1.28
CA PRO K 3004 -50.34 116.94 -1.53
C PRO K 3004 -51.60 116.25 -1.05
N LEU K 3005 -52.16 116.69 0.09
CA LEU K 3005 -53.40 116.12 0.58
C LEU K 3005 -54.56 116.42 -0.37
N ILE K 3006 -54.61 117.65 -0.91
CA ILE K 3006 -55.65 118.00 -1.87
C ILE K 3006 -55.50 117.16 -3.13
N ASN K 3007 -54.26 116.96 -3.59
CA ASN K 3007 -54.03 116.13 -4.78
C ASN K 3007 -54.48 114.69 -4.54
N GLN K 3008 -54.16 114.14 -3.36
CA GLN K 3008 -54.57 112.78 -3.05
C GLN K 3008 -56.10 112.67 -2.98
N TYR K 3009 -56.75 113.66 -2.36
CA TYR K 3009 -58.21 113.65 -2.28
C TYR K 3009 -58.85 113.74 -3.66
N PHE K 3010 -58.28 114.59 -4.53
CA PHE K 3010 -58.80 114.70 -5.89
C PHE K 3010 -58.63 113.38 -6.65
N THR K 3011 -57.44 112.76 -6.53
CA THR K 3011 -57.22 111.48 -7.20
C THR K 3011 -58.16 110.41 -6.68
N ASN K 3012 -58.49 110.45 -5.38
CA ASN K 3012 -59.36 109.44 -4.80
C ASN K 3012 -60.83 109.66 -5.17
N HIS K 3013 -61.28 110.91 -5.24
CA HIS K 3013 -62.70 111.20 -5.36
C HIS K 3013 -62.99 112.12 -6.54
N CYS K 3014 -62.25 111.96 -7.64
CA CYS K 3014 -62.62 112.65 -8.87
C CYS K 3014 -64.02 112.27 -9.33
N LEU K 3015 -64.36 110.98 -9.25
CA LEU K 3015 -65.71 110.55 -9.62
C LEU K 3015 -66.76 111.16 -8.70
N TYR K 3016 -66.47 111.22 -7.39
CA TYR K 3016 -67.41 111.82 -6.45
C TYR K 3016 -67.60 113.31 -6.74
N PHE K 3017 -66.52 114.03 -7.03
CA PHE K 3017 -66.62 115.45 -7.32
C PHE K 3017 -67.37 115.69 -8.63
N LEU K 3018 -67.11 114.88 -9.65
CA LEU K 3018 -67.79 115.04 -10.93
C LEU K 3018 -69.29 114.76 -10.80
N SER K 3019 -69.65 113.73 -10.06
CA SER K 3019 -71.05 113.38 -9.87
C SER K 3019 -71.74 114.33 -8.90
N ASN K 3033 -73.04 123.46 -5.33
CA ASN K 3033 -72.82 122.94 -4.00
C ASN K 3033 -71.57 123.55 -3.38
N LYS K 3034 -71.32 123.20 -2.10
CA LYS K 3034 -70.14 123.71 -1.42
C LYS K 3034 -68.86 123.17 -2.05
N GLU K 3035 -68.86 121.90 -2.45
CA GLU K 3035 -67.68 121.32 -3.07
C GLU K 3035 -67.35 122.01 -4.39
N LYS K 3036 -68.37 122.30 -5.20
CA LYS K 3036 -68.14 123.00 -6.47
C LYS K 3036 -67.58 124.40 -6.23
N GLU K 3037 -68.13 125.12 -5.24
CA GLU K 3037 -67.63 126.45 -4.93
C GLU K 3037 -66.18 126.40 -4.46
N MET K 3038 -65.85 125.41 -3.62
CA MET K 3038 -64.47 125.27 -3.15
C MET K 3038 -63.53 124.94 -4.31
N ILE K 3039 -63.98 124.08 -5.23
CA ILE K 3039 -63.15 123.74 -6.39
C ILE K 3039 -62.92 124.97 -7.25
N THR K 3040 -63.97 125.77 -7.47
CA THR K 3040 -63.82 126.99 -8.25
C THR K 3040 -62.86 127.98 -7.57
N SER K 3041 -62.98 128.11 -6.25
CA SER K 3041 -62.08 128.99 -5.51
C SER K 3041 -60.63 128.52 -5.61
N LEU K 3042 -60.42 127.21 -5.49
CA LEU K 3042 -59.07 126.66 -5.61
C LEU K 3042 -58.51 126.89 -7.01
N PHE K 3043 -59.34 126.71 -8.04
CA PHE K 3043 -58.89 126.95 -9.40
C PHE K 3043 -58.52 128.42 -9.61
N CYS K 3044 -59.34 129.32 -9.06
CA CYS K 3044 -59.04 130.75 -9.17
C CYS K 3044 -57.74 131.09 -8.45
N LYS K 3045 -57.53 130.52 -7.26
CA LYS K 3045 -56.30 130.77 -6.52
C LYS K 3045 -55.09 130.24 -7.30
N LEU K 3046 -55.22 129.05 -7.90
CA LEU K 3046 -54.12 128.49 -8.69
C LEU K 3046 -53.82 129.37 -9.90
N ALA K 3047 -54.87 129.86 -10.57
CA ALA K 3047 -54.66 130.75 -11.71
C ALA K 3047 -53.98 132.04 -11.29
N ALA K 3048 -54.39 132.61 -10.14
CA ALA K 3048 -53.76 133.83 -9.65
C ALA K 3048 -52.29 133.58 -9.30
N LEU K 3049 -51.99 132.44 -8.70
CA LEU K 3049 -50.61 132.11 -8.36
C LEU K 3049 -49.77 131.93 -9.62
N VAL K 3050 -50.34 131.28 -10.65
CA VAL K 3050 -49.63 131.10 -11.91
C VAL K 3050 -49.36 132.44 -12.58
N ARG K 3051 -50.36 133.34 -12.55
CA ARG K 3051 -50.17 134.66 -13.14
C ARG K 3051 -49.08 135.45 -12.43
N HIS K 3052 -49.05 135.36 -11.10
CA HIS K 3052 -48.04 136.07 -10.31
C HIS K 3052 -46.68 135.39 -10.45
N VAL K 3064 -47.09 123.75 -5.93
CA VAL K 3064 -46.06 123.04 -6.68
C VAL K 3064 -46.57 122.67 -8.06
N VAL K 3065 -45.65 122.22 -8.93
CA VAL K 3065 -46.04 121.82 -10.28
C VAL K 3065 -46.97 120.61 -10.24
N ASN K 3066 -46.63 119.62 -9.42
CA ASN K 3066 -47.48 118.44 -9.30
C ASN K 3066 -48.85 118.78 -8.73
N CYS K 3067 -48.88 119.65 -7.72
CA CYS K 3067 -50.16 120.07 -7.14
C CYS K 3067 -51.01 120.81 -8.16
N LEU K 3068 -50.39 121.70 -8.94
CA LEU K 3068 -51.14 122.41 -9.97
C LEU K 3068 -51.66 121.47 -11.04
N HIS K 3069 -50.84 120.49 -11.45
CA HIS K 3069 -51.28 119.51 -12.45
C HIS K 3069 -52.44 118.68 -11.92
N ILE K 3070 -52.38 118.27 -10.64
CA ILE K 3070 -53.46 117.50 -10.06
C ILE K 3070 -54.73 118.33 -9.97
N LEU K 3071 -54.60 119.61 -9.58
CA LEU K 3071 -55.77 120.48 -9.50
C LEU K 3071 -56.40 120.68 -10.87
N ALA K 3072 -55.57 120.83 -11.91
CA ALA K 3072 -56.10 120.98 -13.26
C ALA K 3072 -56.84 119.73 -13.70
N ARG K 3073 -56.30 118.56 -13.39
CA ARG K 3073 -56.93 117.29 -13.75
C ARG K 3073 -58.15 117.02 -12.88
N LYS K 3089 -67.35 129.95 -16.15
CA LYS K 3089 -68.14 131.14 -16.48
C LYS K 3089 -67.23 132.34 -16.73
N ALA K 3090 -67.41 133.38 -15.93
CA ALA K 3090 -66.57 134.58 -16.09
C ALA K 3090 -65.11 134.28 -15.78
N GLY K 3091 -64.86 133.48 -14.73
CA GLY K 3091 -63.49 133.14 -14.40
C GLY K 3091 -62.79 132.34 -15.48
N LEU K 3092 -63.50 131.38 -16.08
CA LEU K 3092 -62.92 130.60 -17.16
C LEU K 3092 -62.62 131.47 -18.38
N ARG K 3093 -63.53 132.38 -18.71
CA ARG K 3093 -63.29 133.29 -19.83
C ARG K 3093 -62.10 134.20 -19.56
N SER K 3094 -61.98 134.72 -18.33
CA SER K 3094 -60.84 135.56 -17.99
C SER K 3094 -59.54 134.77 -18.07
N PHE K 3095 -59.54 133.53 -17.59
CA PHE K 3095 -58.35 132.71 -17.65
C PHE K 3095 -57.95 132.42 -19.10
N PHE K 3096 -58.94 132.13 -19.95
CA PHE K 3096 -58.65 131.87 -21.36
C PHE K 3096 -58.10 133.12 -22.04
N GLU K 3097 -58.67 134.29 -21.74
CA GLU K 3097 -58.17 135.53 -22.32
C GLU K 3097 -56.74 135.82 -21.86
N SER K 3098 -56.46 135.59 -20.57
CA SER K 3098 -55.10 135.79 -20.07
C SER K 3098 -54.12 134.83 -20.73
N ALA K 3099 -54.53 133.56 -20.91
CA ALA K 3099 -53.65 132.60 -21.57
C ALA K 3099 -53.39 133.01 -23.02
N SER K 3100 -54.43 133.47 -23.73
CA SER K 3100 -54.24 133.92 -25.11
C SER K 3100 -53.30 135.13 -25.17
N GLU K 3101 -53.47 136.08 -24.25
CA GLU K 3101 -52.59 137.24 -24.23
C GLU K 3101 -51.16 136.84 -23.93
N ASP K 3102 -50.96 135.91 -23.00
CA ASP K 3102 -49.61 135.45 -22.69
C ASP K 3102 -48.99 134.73 -23.88
N ILE K 3103 -49.77 133.92 -24.59
CA ILE K 3103 -49.27 133.23 -25.77
C ILE K 3103 -48.87 134.23 -26.84
N GLU K 3104 -49.71 135.26 -27.06
CA GLU K 3104 -49.39 136.28 -28.05
C GLU K 3104 -48.12 137.03 -27.66
N LYS K 3105 -47.98 137.37 -26.39
CA LYS K 3105 -46.78 138.08 -25.94
C LYS K 3105 -45.53 137.22 -26.11
N MET K 3106 -45.63 135.92 -25.80
CA MET K 3106 -44.50 135.02 -25.98
C MET K 3106 -44.13 134.89 -27.46
N VAL K 3107 -45.14 134.80 -28.33
CA VAL K 3107 -44.87 134.72 -29.76
C VAL K 3107 -44.19 135.99 -30.26
N GLU K 3108 -44.66 137.15 -29.80
CA GLU K 3108 -44.04 138.41 -30.19
C GLU K 3108 -42.61 138.50 -29.70
N ASN K 3109 -42.36 138.07 -28.46
CA ASN K 3109 -41.01 138.14 -27.91
C ASN K 3109 -40.05 137.17 -28.60
N LEU K 3110 -40.56 136.00 -29.00
CA LEU K 3110 -39.70 135.02 -29.66
C LEU K 3110 -39.18 135.54 -30.99
N ARG K 3111 -40.04 136.22 -31.75
CA ARG K 3111 -39.64 136.77 -33.04
C ARG K 3111 -38.74 138.00 -32.86
N GLN K 3127 -38.20 135.07 -17.18
CA GLN K 3127 -38.81 134.08 -18.05
C GLN K 3127 -40.29 133.90 -17.73
N ASN K 3128 -41.02 135.01 -17.70
CA ASN K 3128 -42.45 134.94 -17.41
C ASN K 3128 -43.22 134.25 -18.54
N LEU K 3129 -42.78 134.41 -19.78
CA LEU K 3129 -43.47 133.79 -20.91
C LEU K 3129 -43.42 132.28 -20.83
N THR K 3130 -42.27 131.72 -20.46
CA THR K 3130 -42.15 130.27 -20.34
C THR K 3130 -43.06 129.72 -19.25
N TYR K 3131 -43.10 130.40 -18.09
CA TYR K 3131 -44.00 129.96 -17.02
C TYR K 3131 -45.45 130.08 -17.43
N THR K 3132 -45.81 131.16 -18.13
CA THR K 3132 -47.18 131.32 -18.60
C THR K 3132 -47.57 130.21 -19.58
N THR K 3133 -46.65 129.86 -20.50
CA THR K 3133 -46.93 128.78 -21.44
C THR K 3133 -47.06 127.44 -20.72
N VAL K 3134 -46.21 127.20 -19.72
CA VAL K 3134 -46.29 125.95 -18.96
C VAL K 3134 -47.63 125.86 -18.22
N ALA K 3135 -48.07 126.97 -17.61
CA ALA K 3135 -49.35 126.99 -16.94
C ALA K 3135 -50.50 126.80 -17.92
N LEU K 3136 -50.40 127.42 -19.10
CA LEU K 3136 -51.45 127.28 -20.11
C LEU K 3136 -51.57 125.85 -20.61
N LEU K 3137 -50.43 125.16 -20.77
CA LEU K 3137 -50.47 123.76 -21.17
C LEU K 3137 -51.26 122.91 -20.19
N PRO K 3138 -50.99 122.95 -18.88
CA PRO K 3138 -51.91 122.29 -17.93
C PRO K 3138 -53.31 122.87 -17.99
N VAL K 3139 -53.45 124.18 -18.23
CA VAL K 3139 -54.78 124.77 -18.37
C VAL K 3139 -55.46 124.25 -19.63
N LEU K 3140 -54.70 124.07 -20.71
CA LEU K 3140 -55.27 123.50 -21.92
C LEU K 3140 -55.72 122.07 -21.70
N THR K 3141 -54.92 121.28 -20.95
CA THR K 3141 -55.32 119.92 -20.64
C THR K 3141 -56.58 119.89 -19.78
N THR K 3142 -56.67 120.79 -18.81
CA THR K 3142 -57.87 120.87 -17.97
C THR K 3142 -59.09 121.27 -18.79
N LEU K 3143 -58.93 122.22 -19.71
CA LEU K 3143 -60.04 122.61 -20.56
C LEU K 3143 -60.48 121.47 -21.46
N PHE K 3144 -59.53 120.71 -22.01
CA PHE K 3144 -59.88 119.55 -22.83
C PHE K 3144 -60.63 118.51 -22.01
N GLN K 3145 -60.16 118.25 -20.79
CA GLN K 3145 -60.85 117.29 -19.93
C GLN K 3145 -62.25 117.75 -19.59
N HIS K 3146 -62.43 119.04 -19.30
CA HIS K 3146 -63.76 119.57 -19.01
C HIS K 3146 -64.68 119.46 -20.22
N ILE K 3147 -64.14 119.76 -21.42
CA ILE K 3147 -64.94 119.63 -22.64
C ILE K 3147 -65.36 118.19 -22.87
N ALA K 3148 -64.44 117.25 -22.65
CA ALA K 3148 -64.77 115.83 -22.80
C ALA K 3148 -65.83 115.41 -21.80
N GLN K 3149 -65.70 115.86 -20.54
CA GLN K 3149 -66.71 115.55 -19.53
C GLN K 3149 -68.05 116.18 -19.87
N HIS K 3150 -68.05 117.42 -20.35
CA HIS K 3150 -69.28 118.11 -20.69
C HIS K 3150 -69.60 117.95 -22.18
N ASP K 3160 -68.86 134.77 -23.69
CA ASP K 3160 -67.76 134.99 -22.75
C ASP K 3160 -66.62 134.02 -22.99
N VAL K 3161 -66.80 132.77 -22.54
CA VAL K 3161 -65.77 131.76 -22.73
C VAL K 3161 -65.62 131.42 -24.21
N GLN K 3162 -66.73 131.41 -24.94
CA GLN K 3162 -66.67 131.08 -26.37
C GLN K 3162 -65.85 132.10 -27.15
N VAL K 3163 -66.02 133.38 -26.83
CA VAL K 3163 -65.26 134.42 -27.53
C VAL K 3163 -63.77 134.28 -27.25
N SER K 3164 -63.40 134.03 -25.99
CA SER K 3164 -62.00 133.85 -25.65
C SER K 3164 -61.42 132.61 -26.33
N CYS K 3165 -62.18 131.52 -26.37
CA CYS K 3165 -61.71 130.31 -27.04
C CYS K 3165 -61.52 130.56 -28.54
N TYR K 3166 -62.44 131.28 -29.17
CA TYR K 3166 -62.30 131.59 -30.59
C TYR K 3166 -61.08 132.47 -30.83
N ARG K 3167 -60.85 133.46 -29.97
CA ARG K 3167 -59.68 134.32 -30.11
C ARG K 3167 -58.39 133.52 -29.96
N THR K 3168 -58.35 132.61 -28.98
CA THR K 3168 -57.17 131.78 -28.80
C THR K 3168 -56.93 130.88 -29.99
N LEU K 3169 -58.01 130.29 -30.54
CA LEU K 3169 -57.87 129.45 -31.72
C LEU K 3169 -57.36 130.24 -32.91
N CYS K 3170 -57.89 131.45 -33.11
CA CYS K 3170 -57.43 132.29 -34.20
C CYS K 3170 -55.95 132.67 -34.03
N SER K 3171 -55.55 132.98 -32.80
CA SER K 3171 -54.14 133.31 -32.55
C SER K 3171 -53.25 132.11 -32.81
N ILE K 3172 -53.68 130.92 -32.40
CA ILE K 3172 -52.90 129.71 -32.65
C ILE K 3172 -52.78 129.44 -34.15
N TYR K 3173 -53.89 129.59 -34.88
CA TYR K 3173 -53.86 129.37 -36.33
C TYR K 3173 -52.94 130.38 -37.02
N SER K 3174 -52.99 131.64 -36.59
CA SER K 3174 -52.13 132.66 -37.20
C SER K 3174 -50.65 132.36 -36.93
N LEU K 3175 -50.33 131.92 -35.71
CA LEU K 3175 -48.95 131.59 -35.36
C LEU K 3175 -48.57 130.22 -35.89
N ARG K 3187 -43.32 124.53 -31.19
CA ARG K 3187 -43.67 123.81 -32.40
C ARG K 3187 -44.68 122.70 -32.10
N PRO K 3188 -44.18 121.49 -31.82
CA PRO K 3188 -45.10 120.39 -31.49
C PRO K 3188 -45.96 120.65 -30.27
N ALA K 3189 -45.44 121.37 -29.27
CA ALA K 3189 -46.23 121.68 -28.09
C ALA K 3189 -47.42 122.56 -28.44
N LEU K 3190 -47.21 123.56 -29.30
CA LEU K 3190 -48.31 124.43 -29.71
C LEU K 3190 -49.36 123.65 -30.49
N GLY K 3191 -48.93 122.74 -31.37
CA GLY K 3191 -49.88 121.91 -32.08
C GLY K 3191 -50.68 121.00 -31.16
N GLU K 3192 -50.02 120.40 -30.18
CA GLU K 3192 -50.72 119.55 -29.22
C GLU K 3192 -51.72 120.37 -28.40
N CYS K 3193 -51.34 121.58 -27.99
CA CYS K 3193 -52.25 122.44 -27.24
C CYS K 3193 -53.45 122.82 -28.10
N LEU K 3194 -53.23 123.15 -29.37
CA LEU K 3194 -54.33 123.49 -30.26
C LEU K 3194 -55.26 122.30 -30.47
N ALA K 3195 -54.69 121.10 -30.64
CA ALA K 3195 -55.52 119.92 -30.80
C ALA K 3195 -56.34 119.63 -29.55
N ARG K 3196 -55.73 119.80 -28.36
CA ARG K 3196 -56.47 119.60 -27.13
C ARG K 3196 -57.59 120.63 -26.97
N LEU K 3197 -57.33 121.89 -27.33
CA LEU K 3197 -58.34 122.93 -27.22
C LEU K 3197 -59.48 122.72 -28.21
N ALA K 3198 -59.16 122.19 -29.40
CA ALA K 3198 -60.21 121.95 -30.41
C ALA K 3198 -61.21 120.92 -29.92
N ALA K 3199 -60.73 119.85 -29.28
CA ALA K 3199 -61.59 118.78 -28.76
C ALA K 3199 -62.49 118.20 -29.83
N ARG K 3248 -59.70 120.76 -49.34
CA ARG K 3248 -59.28 122.08 -48.88
C ARG K 3248 -57.87 122.05 -48.30
N LEU K 3249 -57.77 122.28 -46.99
CA LEU K 3249 -56.47 122.25 -46.33
C LEU K 3249 -55.86 120.86 -46.38
N MET K 3250 -56.67 119.82 -46.17
CA MET K 3250 -56.16 118.46 -46.21
C MET K 3250 -55.66 118.10 -47.61
N ALA K 3251 -56.38 118.52 -48.65
CA ALA K 3251 -55.93 118.25 -50.01
C ALA K 3251 -54.62 118.95 -50.32
N ASP K 3252 -54.49 120.21 -49.88
CA ASP K 3252 -53.24 120.93 -50.10
C ASP K 3252 -52.08 120.28 -49.35
N ILE K 3253 -52.33 119.84 -48.12
CA ILE K 3253 -51.29 119.18 -47.33
C ILE K 3253 -50.86 117.87 -48.01
N GLY K 3254 -51.83 117.10 -48.50
CA GLY K 3254 -51.49 115.87 -49.20
C GLY K 3254 -50.72 116.12 -50.48
N GLY K 3255 -51.11 117.14 -51.24
CA GLY K 3255 -50.39 117.46 -52.46
C GLY K 3255 -48.98 117.95 -52.21
N LEU K 3256 -48.80 118.74 -51.15
CA LEU K 3256 -47.46 119.23 -50.82
C LEU K 3256 -46.52 118.09 -50.44
N ALA K 3257 -47.01 117.12 -49.68
CA ALA K 3257 -46.21 115.99 -49.26
C ALA K 3257 -46.01 115.00 -50.40
N PRO K 3267 -41.17 117.08 -44.09
CA PRO K 3267 -41.31 118.44 -44.61
C PRO K 3267 -41.17 119.51 -43.53
N HIS K 3268 -40.66 120.68 -43.90
CA HIS K 3268 -40.51 121.76 -42.95
C HIS K 3268 -41.87 122.25 -42.43
N VAL K 3269 -42.85 122.36 -43.33
CA VAL K 3269 -44.18 122.83 -42.95
C VAL K 3269 -45.07 121.72 -42.42
N ILE K 3270 -44.53 120.51 -42.23
CA ILE K 3270 -45.34 119.40 -41.71
C ILE K 3270 -45.77 119.68 -40.28
N GLU K 3271 -44.91 120.32 -39.49
CA GLU K 3271 -45.25 120.63 -38.11
C GLU K 3271 -46.41 121.61 -37.99
N ILE K 3272 -46.67 122.39 -39.03
CA ILE K 3272 -47.78 123.35 -39.01
C ILE K 3272 -49.06 122.73 -39.51
N THR K 3273 -48.99 121.96 -40.60
CA THR K 3273 -50.20 121.33 -41.13
C THR K 3273 -50.71 120.23 -40.20
N LEU K 3274 -49.80 119.62 -39.44
CA LEU K 3274 -50.22 118.61 -38.46
C LEU K 3274 -51.15 119.18 -37.40
N PRO K 3275 -50.88 120.36 -36.81
CA PRO K 3275 -51.85 120.91 -35.85
C PRO K 3275 -53.21 121.17 -36.46
N MET K 3276 -53.26 121.66 -37.70
CA MET K 3276 -54.55 121.90 -38.35
C MET K 3276 -55.28 120.59 -38.61
N LEU K 3277 -54.56 119.56 -39.04
CA LEU K 3277 -55.18 118.26 -39.26
C LEU K 3277 -55.71 117.67 -37.96
N CYS K 3278 -54.95 117.80 -36.88
CA CYS K 3278 -55.39 117.31 -35.58
C CYS K 3278 -56.62 118.05 -35.09
N SER K 3279 -56.64 119.38 -35.28
CA SER K 3279 -57.80 120.17 -34.87
C SER K 3279 -59.03 119.79 -35.69
N TYR K 3280 -58.86 119.57 -36.99
CA TYR K 3280 -59.99 119.16 -37.82
C TYR K 3280 -60.51 117.79 -37.42
N LEU K 3281 -59.60 116.85 -37.17
CA LEU K 3281 -60.02 115.50 -36.76
C LEU K 3281 -60.75 115.51 -35.42
N PRO K 3282 -60.27 116.20 -34.38
CA PRO K 3282 -61.01 116.20 -33.10
C PRO K 3282 -62.40 116.79 -33.20
N ARG K 3283 -62.60 117.78 -34.07
CA ARG K 3283 -63.92 118.38 -34.23
C ARG K 3283 -64.92 117.37 -34.79
N TRP K 3284 -64.49 116.57 -35.77
CA TRP K 3284 -65.34 115.56 -36.40
C TRP K 3284 -66.62 116.16 -36.97
N SER K 3309 -66.85 111.10 -42.47
CA SER K 3309 -67.28 110.18 -43.52
C SER K 3309 -66.22 110.06 -44.62
N ASP K 3310 -66.60 110.39 -45.85
CA ASP K 3310 -65.66 110.32 -46.96
C ASP K 3310 -64.53 111.33 -46.79
N HIS K 3311 -64.86 112.54 -46.34
CA HIS K 3311 -63.82 113.55 -46.14
C HIS K 3311 -62.84 113.14 -45.05
N LEU K 3312 -63.36 112.58 -43.95
CA LEU K 3312 -62.48 112.11 -42.87
C LEU K 3312 -61.59 110.98 -43.35
N ASN K 3313 -62.14 110.05 -44.13
CA ASN K 3313 -61.34 108.95 -44.67
C ASN K 3313 -60.26 109.46 -45.61
N SER K 3314 -60.59 110.44 -46.45
CA SER K 3314 -59.59 111.01 -47.36
C SER K 3314 -58.50 111.73 -46.57
N LEU K 3315 -58.87 112.46 -45.52
CA LEU K 3315 -57.88 113.14 -44.69
C LEU K 3315 -56.97 112.13 -44.00
N LEU K 3316 -57.54 111.05 -43.49
CA LEU K 3316 -56.73 110.01 -42.85
C LEU K 3316 -55.78 109.36 -43.85
N GLY K 3317 -56.25 109.09 -45.06
CA GLY K 3317 -55.38 108.53 -46.08
C GLY K 3317 -54.25 109.47 -46.46
N ASN K 3318 -54.56 110.77 -46.59
CA ASN K 3318 -53.52 111.75 -46.90
C ASN K 3318 -52.50 111.84 -45.77
N ILE K 3319 -52.97 111.80 -44.53
CA ILE K 3319 -52.05 111.84 -43.39
C ILE K 3319 -51.15 110.60 -43.38
N LEU K 3320 -51.72 109.43 -43.65
CA LEU K 3320 -50.93 108.21 -43.70
C LEU K 3320 -49.90 108.27 -44.83
N ARG K 3321 -50.29 108.78 -45.99
CA ARG K 3321 -49.35 108.91 -47.10
C ARG K 3321 -48.23 109.88 -46.75
N ILE K 3322 -48.55 111.00 -46.10
CA ILE K 3322 -47.53 111.96 -45.70
C ILE K 3322 -46.57 111.33 -44.68
N ILE K 3323 -47.11 110.57 -43.74
CA ILE K 3323 -46.26 109.92 -42.74
C ILE K 3323 -45.35 108.90 -43.40
N VAL K 3324 -45.88 108.13 -44.36
CA VAL K 3324 -45.06 107.15 -45.06
C VAL K 3324 -43.97 107.83 -45.88
N ASN K 3325 -44.29 108.98 -46.49
CA ASN K 3325 -43.31 109.70 -47.28
C ASN K 3325 -42.15 110.18 -46.40
N ASN K 3326 -42.46 110.68 -45.20
CA ASN K 3326 -41.44 111.17 -44.29
C ASN K 3326 -40.66 110.02 -43.67
N ARG K 3337 -41.01 110.98 -32.01
CA ARG K 3337 -41.04 112.40 -32.33
C ARG K 3337 -41.98 112.67 -33.51
N LEU K 3338 -41.42 112.60 -34.72
CA LEU K 3338 -42.23 112.83 -35.91
C LEU K 3338 -43.31 111.77 -36.07
N ALA K 3339 -42.96 110.51 -35.82
CA ALA K 3339 -43.94 109.42 -35.94
C ALA K 3339 -45.05 109.58 -34.92
N VAL K 3340 -44.72 109.95 -33.68
CA VAL K 3340 -45.73 110.13 -32.65
C VAL K 3340 -46.66 111.29 -33.01
N PHE K 3341 -46.09 112.41 -33.48
CA PHE K 3341 -46.89 113.56 -33.86
C PHE K 3341 -47.73 113.31 -35.10
N ALA K 3342 -47.30 112.39 -35.97
CA ALA K 3342 -48.06 112.11 -37.19
C ALA K 3342 -49.43 111.52 -36.87
N GLN K 3343 -49.49 110.60 -35.91
CA GLN K 3343 -50.73 109.93 -35.51
C GLN K 3343 -50.87 109.98 -33.99
N PRO K 3344 -51.19 111.16 -33.44
CA PRO K 3344 -51.40 111.23 -31.98
C PRO K 3344 -52.55 110.37 -31.50
N ILE K 3345 -53.59 110.21 -32.31
CA ILE K 3345 -54.75 109.39 -31.94
C ILE K 3345 -55.34 108.80 -33.22
N VAL K 3346 -55.99 107.65 -33.07
CA VAL K 3346 -56.59 106.94 -34.19
C VAL K 3346 -58.10 106.97 -34.03
N SER K 3347 -58.81 107.48 -35.06
CA SER K 3347 -60.25 107.55 -35.04
C SER K 3347 -60.84 107.17 -36.40
N ARG K 3348 -60.17 106.30 -37.14
CA ARG K 3348 -60.64 105.89 -38.45
C ARG K 3348 -61.93 105.07 -38.33
N ALA K 3349 -62.86 105.32 -39.25
CA ALA K 3349 -64.13 104.60 -39.25
C ALA K 3349 -64.53 104.10 -40.63
N ARG K 3350 -63.82 104.45 -41.69
CA ARG K 3350 -64.14 104.01 -43.04
C ARG K 3350 -63.13 102.97 -43.49
N PRO K 3351 -63.53 101.72 -43.74
CA PRO K 3351 -62.55 100.70 -44.14
C PRO K 3351 -62.19 100.74 -45.62
N GLU K 3352 -62.99 101.40 -46.46
CA GLU K 3352 -62.69 101.44 -47.89
C GLU K 3352 -61.39 102.21 -48.16
N LEU K 3353 -61.26 103.40 -47.56
CA LEU K 3353 -60.04 104.17 -47.73
C LEU K 3353 -58.84 103.46 -47.12
N LEU K 3354 -59.04 102.79 -45.98
CA LEU K 3354 -57.96 102.04 -45.37
C LEU K 3354 -57.47 100.92 -46.28
N HIS K 3355 -58.41 100.19 -46.89
CA HIS K 3355 -58.02 99.13 -47.81
C HIS K 3355 -57.36 99.70 -49.06
N SER K 3356 -57.82 100.86 -49.53
CA SER K 3356 -57.27 101.44 -50.76
C SER K 3356 -55.87 102.02 -50.55
N HIS K 3357 -55.58 102.59 -49.38
CA HIS K 3357 -54.33 103.29 -49.16
C HIS K 3357 -53.31 102.49 -48.35
N PHE K 3358 -53.74 101.87 -47.24
CA PHE K 3358 -52.80 101.18 -46.36
C PHE K 3358 -52.13 100.01 -47.05
N ILE K 3359 -52.78 99.41 -48.05
CA ILE K 3359 -52.16 98.30 -48.78
C ILE K 3359 -50.87 98.74 -49.47
N PRO K 3360 -50.84 99.83 -50.24
CA PRO K 3360 -49.54 100.33 -50.72
C PRO K 3360 -48.61 100.73 -49.59
N THR K 3361 -49.15 101.28 -48.50
CA THR K 3361 -48.33 101.59 -47.34
C THR K 3361 -47.75 100.34 -46.71
N ILE K 3362 -48.56 99.28 -46.62
CA ILE K 3362 -48.07 98.02 -46.07
C ILE K 3362 -46.97 97.45 -46.96
N GLY K 3363 -47.16 97.51 -48.28
CA GLY K 3363 -46.13 97.03 -49.19
C GLY K 3363 -44.84 97.83 -49.07
N ARG K 3364 -44.94 99.15 -48.96
CA ARG K 3364 -43.76 99.98 -48.79
C ARG K 3364 -43.06 99.67 -47.48
N LEU K 3365 -43.81 99.47 -46.40
CA LEU K 3365 -43.21 99.11 -45.11
C LEU K 3365 -42.51 97.77 -45.20
N ARG K 3366 -43.12 96.79 -45.87
CA ARG K 3366 -42.48 95.49 -46.03
C ARG K 3366 -41.20 95.60 -46.85
N LYS K 3367 -41.22 96.40 -47.92
CA LYS K 3367 -40.02 96.60 -48.72
C LYS K 3367 -38.92 97.27 -47.90
N ARG K 3368 -39.27 98.27 -47.10
CA ARG K 3368 -38.29 98.94 -46.25
C ARG K 3368 -37.71 97.98 -45.23
N ALA K 3369 -38.55 97.13 -44.62
CA ALA K 3369 -38.06 96.15 -43.66
C ALA K 3369 -37.13 95.16 -44.33
N GLY K 3370 -37.47 94.70 -45.53
CA GLY K 3370 -36.59 93.79 -46.25
C GLY K 3370 -35.26 94.43 -46.60
N LYS K 3371 -35.29 95.70 -47.03
CA LYS K 3371 -34.04 96.41 -47.33
C LYS K 3371 -33.20 96.57 -46.08
N VAL K 3372 -33.82 96.89 -44.95
CA VAL K 3372 -33.08 97.04 -43.70
C VAL K 3372 -32.45 95.70 -43.28
N VAL K 3373 -33.21 94.62 -43.43
CA VAL K 3373 -32.68 93.29 -43.09
C VAL K 3373 -31.50 92.94 -44.00
N ALA K 3374 -31.62 93.23 -45.30
CA ALA K 3374 -30.53 92.95 -46.21
C ALA K 3374 -29.29 93.78 -45.87
N GLU K 3375 -29.49 95.05 -45.52
CA GLU K 3375 -28.36 95.90 -45.15
C GLU K 3375 -27.69 95.39 -43.87
N GLU K 3376 -28.50 94.96 -42.89
CA GLU K 3376 -27.94 94.43 -41.65
C GLU K 3376 -27.16 93.14 -41.90
N GLU K 3377 -27.69 92.28 -42.77
CA GLU K 3377 -27.00 91.02 -43.08
C GLU K 3377 -25.65 91.29 -43.75
N GLN K 3378 -25.61 92.25 -44.67
CA GLN K 3378 -24.37 92.59 -45.37
C GLN K 3378 -23.43 93.38 -44.46
N ARG K 3395 -23.37 96.83 -38.30
CA ARG K 3395 -22.60 97.43 -37.22
C ARG K 3395 -23.44 98.44 -36.44
N ASP K 3396 -22.79 99.48 -35.90
CA ASP K 3396 -23.51 100.50 -35.16
C ASP K 3396 -24.48 101.26 -36.04
N GLU K 3397 -24.05 101.59 -37.27
CA GLU K 3397 -24.93 102.30 -38.19
C GLU K 3397 -26.14 101.46 -38.56
N PHE K 3398 -25.94 100.16 -38.80
CA PHE K 3398 -27.06 99.28 -39.12
C PHE K 3398 -28.03 99.19 -37.95
N SER K 3399 -27.52 99.08 -36.72
CA SER K 3399 -28.38 99.02 -35.55
C SER K 3399 -29.16 100.32 -35.38
N VAL K 3400 -28.50 101.46 -35.60
CA VAL K 3400 -29.19 102.75 -35.49
C VAL K 3400 -30.29 102.86 -36.54
N LEU K 3401 -29.99 102.44 -37.77
CA LEU K 3401 -31.01 102.49 -38.83
C LEU K 3401 -32.18 101.57 -38.50
N CYS K 3402 -31.90 100.38 -37.98
CA CYS K 3402 -32.98 99.46 -37.60
C CYS K 3402 -33.83 100.04 -36.48
N ARG K 3403 -33.20 100.66 -35.49
CA ARG K 3403 -33.96 101.29 -34.41
C ARG K 3403 -34.82 102.44 -34.92
N ASP K 3404 -34.27 103.25 -35.83
CA ASP K 3404 -35.03 104.35 -36.39
C ASP K 3404 -36.23 103.83 -37.20
N LEU K 3405 -36.02 102.77 -37.97
CA LEU K 3405 -37.12 102.19 -38.74
C LEU K 3405 -38.19 101.62 -37.82
N TYR K 3406 -37.77 100.94 -36.74
CA TYR K 3406 -38.73 100.37 -35.80
C TYR K 3406 -39.52 101.46 -35.09
N ALA K 3407 -38.86 102.57 -34.73
CA ALA K 3407 -39.55 103.65 -34.04
C ALA K 3407 -40.66 104.26 -34.90
N LEU K 3408 -40.37 104.47 -36.19
CA LEU K 3408 -41.38 105.01 -37.09
C LEU K 3408 -42.49 104.01 -37.37
N TYR K 3409 -42.16 102.72 -37.40
CA TYR K 3409 -43.11 101.66 -37.67
C TYR K 3409 -44.20 101.60 -36.61
N PRO K 3410 -43.95 102.08 -35.40
CA PRO K 3410 -44.96 101.98 -34.34
C PRO K 3410 -46.29 102.63 -34.69
N LEU K 3411 -46.26 103.77 -35.37
CA LEU K 3411 -47.51 104.39 -35.82
C LEU K 3411 -48.17 103.58 -36.93
N LEU K 3412 -47.38 103.12 -37.89
CA LEU K 3412 -47.92 102.31 -38.98
C LEU K 3412 -48.46 100.99 -38.45
N ILE K 3413 -47.77 100.38 -37.49
CA ILE K 3413 -48.26 99.13 -36.90
C ILE K 3413 -49.59 99.34 -36.20
N ARG K 3414 -49.71 100.44 -35.44
CA ARG K 3414 -50.98 100.74 -34.77
C ARG K 3414 -52.10 100.98 -35.77
N TYR K 3415 -51.80 101.72 -36.84
CA TYR K 3415 -52.81 101.97 -37.87
C TYR K 3415 -53.25 100.67 -38.54
N VAL K 3416 -52.29 99.79 -38.83
CA VAL K 3416 -52.62 98.51 -39.45
C VAL K 3416 -53.46 97.66 -38.53
N ASP K 3417 -53.12 97.64 -37.23
CA ASP K 3417 -53.91 96.89 -36.26
C ASP K 3417 -55.33 97.43 -36.17
N ASN K 3418 -55.48 98.76 -36.15
CA ASN K 3418 -56.80 99.35 -36.09
C ASN K 3418 -57.61 99.01 -37.35
N ASN K 3419 -56.98 99.08 -38.51
CA ASN K 3419 -57.67 98.73 -39.75
C ASN K 3419 -58.09 97.27 -39.77
N ARG K 3420 -57.21 96.37 -39.30
CA ARG K 3420 -57.55 94.95 -39.24
C ARG K 3420 -58.70 94.70 -38.29
N ALA K 3421 -58.70 95.37 -37.13
CA ALA K 3421 -59.81 95.22 -36.20
C ALA K 3421 -61.11 95.73 -36.80
N HIS K 3422 -61.06 96.86 -37.51
CA HIS K 3422 -62.26 97.39 -38.14
C HIS K 3422 -62.72 96.51 -39.29
N TRP K 3423 -61.78 95.96 -40.07
CA TRP K 3423 -62.10 95.18 -41.24
C TRP K 3423 -62.14 93.68 -40.98
N LEU K 3424 -62.07 93.26 -39.72
CA LEU K 3424 -62.10 91.84 -39.39
C LEU K 3424 -63.42 91.18 -39.79
N THR K 3425 -64.50 91.96 -39.90
CA THR K 3425 -65.78 91.38 -40.29
C THR K 3425 -65.75 90.84 -41.71
N GLU K 3426 -65.10 91.56 -42.63
CA GLU K 3426 -65.04 91.18 -44.04
C GLU K 3426 -63.58 90.99 -44.44
N PRO K 3427 -63.05 89.77 -44.40
CA PRO K 3427 -61.66 89.52 -44.83
C PRO K 3427 -61.53 89.37 -46.34
N ASN K 3428 -61.45 90.51 -47.02
CA ASN K 3428 -61.36 90.55 -48.48
C ASN K 3428 -59.96 90.14 -48.94
N ALA K 3429 -59.76 90.15 -50.25
CA ALA K 3429 -58.46 89.80 -50.81
C ALA K 3429 -57.38 90.80 -50.40
N ASN K 3430 -57.73 92.09 -50.37
CA ASN K 3430 -56.77 93.09 -49.92
C ASN K 3430 -56.39 92.87 -48.46
N ALA K 3431 -57.38 92.51 -47.62
CA ALA K 3431 -57.08 92.20 -46.23
C ALA K 3431 -56.15 90.99 -46.11
N GLU K 3432 -56.38 89.97 -46.94
CA GLU K 3432 -55.51 88.80 -46.93
C GLU K 3432 -54.10 89.16 -47.35
N GLU K 3433 -53.96 89.99 -48.38
CA GLU K 3433 -52.63 90.42 -48.81
C GLU K 3433 -51.93 91.23 -47.72
N LEU K 3434 -52.67 92.13 -47.06
CA LEU K 3434 -52.08 92.90 -45.97
C LEU K 3434 -51.65 92.00 -44.82
N PHE K 3435 -52.47 91.00 -44.50
CA PHE K 3435 -52.10 90.06 -43.44
C PHE K 3435 -50.85 89.27 -43.81
N ARG K 3436 -50.76 88.83 -45.07
CA ARG K 3436 -49.57 88.10 -45.52
C ARG K 3436 -48.33 88.98 -45.45
N MET K 3437 -48.45 90.25 -45.86
CA MET K 3437 -47.32 91.17 -45.78
C MET K 3437 -46.90 91.40 -44.33
N VAL K 3438 -47.88 91.55 -43.43
CA VAL K 3438 -47.57 91.75 -42.02
C VAL K 3438 -46.88 90.53 -41.44
N GLY K 3439 -47.36 89.34 -41.80
CA GLY K 3439 -46.71 88.12 -41.34
C GLY K 3439 -45.29 87.98 -41.85
N GLU K 3440 -45.07 88.31 -43.12
CA GLU K 3440 -43.71 88.28 -43.67
C GLU K 3440 -42.80 89.26 -42.96
N ILE K 3441 -43.31 90.47 -42.69
CA ILE K 3441 -42.50 91.47 -41.98
C ILE K 3441 -42.18 90.99 -40.58
N PHE K 3442 -43.15 90.39 -39.88
CA PHE K 3442 -42.90 89.88 -38.54
C PHE K 3442 -41.89 88.74 -38.56
N ILE K 3443 -41.97 87.86 -39.55
CA ILE K 3443 -41.00 86.76 -39.66
C ILE K 3443 -39.61 87.31 -39.92
N TYR K 3444 -39.49 88.31 -40.79
CA TYR K 3444 -38.20 88.92 -41.07
C TYR K 3444 -37.63 89.59 -39.81
N TRP K 3445 -38.48 90.28 -39.06
CA TRP K 3445 -38.03 90.93 -37.84
C TRP K 3445 -37.58 89.91 -36.79
N SER K 3446 -38.31 88.80 -36.66
CA SER K 3446 -37.96 87.78 -35.67
C SER K 3446 -36.74 86.99 -36.11
N LYS K 3447 -36.44 86.97 -37.41
CA LYS K 3447 -35.28 86.23 -37.90
C LYS K 3447 -33.98 86.81 -37.35
N SER K 3448 -33.88 88.13 -37.29
CA SER K 3448 -32.69 88.80 -36.80
C SER K 3448 -32.95 89.32 -35.38
N HIS K 3449 -32.13 88.85 -34.43
CA HIS K 3449 -32.28 89.32 -33.05
C HIS K 3449 -31.86 90.77 -32.90
N ASN K 3450 -30.96 91.25 -33.77
CA ASN K 3450 -30.54 92.64 -33.72
C ASN K 3450 -31.70 93.59 -33.99
N PHE K 3451 -32.57 93.23 -34.94
CA PHE K 3451 -33.75 94.05 -35.21
C PHE K 3451 -34.68 94.11 -34.01
N LYS K 3452 -34.88 92.96 -33.34
CA LYS K 3452 -35.73 92.95 -32.16
C LYS K 3452 -35.12 93.78 -31.04
N ARG K 3453 -33.81 93.70 -30.85
CA ARG K 3453 -33.15 94.50 -29.82
C ARG K 3453 -33.27 95.99 -30.13
N GLU K 3454 -33.11 96.36 -31.40
CA GLU K 3454 -33.25 97.76 -31.79
C GLU K 3454 -34.68 98.25 -31.58
N GLU K 3455 -35.67 97.41 -31.90
CA GLU K 3455 -37.06 97.78 -31.68
C GLU K 3455 -37.35 97.96 -30.20
N GLN K 3456 -36.82 97.06 -29.35
CA GLN K 3456 -37.01 97.20 -27.92
C GLN K 3456 -36.36 98.48 -27.39
N ASN K 3457 -35.15 98.79 -27.87
CA ASN K 3457 -34.47 100.00 -27.45
C ASN K 3457 -35.26 101.25 -27.87
N PHE K 3458 -35.79 101.24 -29.09
CA PHE K 3458 -36.58 102.37 -29.56
C PHE K 3458 -37.87 102.53 -28.75
N VAL K 3459 -38.51 101.40 -28.41
CA VAL K 3459 -39.71 101.46 -27.58
C VAL K 3459 -39.40 102.00 -26.20
N VAL K 3460 -38.28 101.58 -25.62
CA VAL K 3460 -37.88 102.07 -24.30
C VAL K 3460 -37.59 103.56 -24.36
N GLN K 3461 -36.89 104.01 -25.41
CA GLN K 3461 -36.58 105.43 -25.55
C GLN K 3461 -37.84 106.27 -25.73
N ASN K 3462 -38.79 105.78 -26.53
CA ASN K 3462 -40.03 106.50 -26.76
C ASN K 3462 -40.98 106.46 -25.56
N GLU K 3463 -40.73 105.58 -24.60
CA GLU K 3463 -41.57 105.45 -23.41
C GLU K 3463 -43.03 105.19 -23.76
N ILE K 3510 -40.94 94.68 -31.18
CA ILE K 3510 -40.87 93.29 -31.62
C ILE K 3510 -42.04 92.50 -31.03
N VAL K 3511 -42.18 92.56 -29.71
CA VAL K 3511 -43.27 91.85 -29.05
C VAL K 3511 -44.61 92.44 -29.46
N ALA K 3512 -44.71 93.76 -29.48
CA ALA K 3512 -45.95 94.41 -29.90
C ALA K 3512 -46.26 94.11 -31.36
N THR K 3513 -45.24 94.14 -32.22
CA THR K 3513 -45.46 93.82 -33.63
C THR K 3513 -45.92 92.37 -33.80
N LEU K 3514 -45.32 91.45 -33.05
CA LEU K 3514 -45.73 90.05 -33.12
C LEU K 3514 -47.17 89.88 -32.64
N LYS K 3515 -47.53 90.57 -31.56
CA LYS K 3515 -48.90 90.48 -31.06
C LYS K 3515 -49.89 91.04 -32.07
N LYS K 3516 -49.54 92.15 -32.72
CA LYS K 3516 -50.42 92.71 -33.74
C LYS K 3516 -50.55 91.78 -34.94
N MET K 3517 -49.45 91.16 -35.37
CA MET K 3517 -49.49 90.25 -36.51
C MET K 3517 -50.19 88.94 -36.18
N LEU K 3518 -50.26 88.56 -34.91
CA LEU K 3518 -50.96 87.34 -34.54
C LEU K 3518 -52.43 87.35 -34.95
N PRO K 3519 -53.19 88.42 -34.73
CA PRO K 3519 -54.57 88.45 -35.26
C PRO K 3519 -54.64 88.32 -36.77
N ILE K 3520 -53.67 88.88 -37.49
CA ILE K 3520 -53.65 88.76 -38.95
C ILE K 3520 -53.45 87.31 -39.35
N GLY K 3521 -52.53 86.61 -38.68
CA GLY K 3521 -52.34 85.20 -38.96
C GLY K 3521 -53.55 84.36 -38.59
N LEU K 3522 -54.22 84.72 -37.50
CA LEU K 3522 -55.43 84.00 -37.11
C LEU K 3522 -56.54 84.19 -38.14
N ASN K 3523 -56.68 85.40 -38.66
CA ASN K 3523 -57.70 85.69 -39.68
C ASN K 3523 -57.34 85.13 -41.05
N MET K 3524 -56.11 84.67 -41.25
CA MET K 3524 -55.71 84.11 -42.53
C MET K 3524 -56.45 82.81 -42.81
N CYS K 3525 -56.60 82.51 -44.10
CA CYS K 3525 -57.29 81.31 -44.55
C CYS K 3525 -56.28 80.26 -44.99
N ALA K 3526 -56.45 79.04 -44.50
CA ALA K 3526 -55.56 77.93 -44.79
C ALA K 3526 -56.38 76.70 -45.13
N PRO K 3527 -55.77 75.72 -45.79
CA PRO K 3527 -56.52 74.49 -46.12
C PRO K 3527 -56.99 73.77 -44.87
N THR K 3528 -58.17 73.15 -44.98
CA THR K 3528 -58.75 72.44 -43.84
C THR K 3528 -57.88 71.27 -43.40
N ASP K 3529 -57.36 70.50 -44.36
CA ASP K 3529 -56.53 69.35 -44.02
C ASP K 3529 -55.24 69.78 -43.32
N GLN K 3530 -54.59 70.83 -43.84
CA GLN K 3530 -53.39 71.41 -43.26
C GLN K 3530 -52.23 70.41 -43.17
N ASP K 3531 -52.29 69.31 -43.91
CA ASP K 3531 -51.18 68.37 -43.93
C ASP K 3531 -49.93 69.00 -44.52
N LEU K 3532 -50.09 69.76 -45.62
CA LEU K 3532 -48.96 70.47 -46.20
C LEU K 3532 -48.45 71.53 -45.23
N ILE K 3533 -49.35 72.20 -44.51
CA ILE K 3533 -48.94 73.19 -43.52
C ILE K 3533 -48.14 72.52 -42.41
N MET K 3534 -48.58 71.35 -41.94
CA MET K 3534 -47.85 70.64 -40.90
C MET K 3534 -46.47 70.21 -41.39
N LEU K 3535 -46.40 69.71 -42.64
CA LEU K 3535 -45.11 69.31 -43.19
C LEU K 3535 -44.18 70.51 -43.33
N ALA K 3536 -44.71 71.66 -43.75
CA ALA K 3536 -43.89 72.86 -43.87
C ALA K 3536 -43.40 73.33 -42.50
N LYS K 3537 -44.26 73.23 -41.48
CA LYS K 3537 -43.84 73.59 -40.13
C LYS K 3537 -42.74 72.66 -39.63
N THR K 3538 -42.88 71.36 -39.90
CA THR K 3538 -41.84 70.41 -39.50
C THR K 3538 -40.53 70.70 -40.21
N ARG K 3539 -40.60 71.05 -41.51
CA ARG K 3539 -39.39 71.39 -42.25
C ARG K 3539 -38.76 72.67 -41.70
N TYR K 3540 -39.58 73.67 -41.36
CA TYR K 3540 -39.06 74.90 -40.78
C TYR K 3540 -38.42 74.65 -39.42
N ALA K 3541 -38.94 73.69 -38.66
CA ALA K 3541 -38.29 73.32 -37.40
C ALA K 3541 -36.88 72.79 -37.65
N LEU K 3542 -36.66 72.16 -38.80
CA LEU K 3542 -35.34 71.69 -39.21
C LEU K 3542 -34.64 72.67 -40.13
N LYS K 3543 -35.22 73.86 -40.35
CA LYS K 3543 -34.66 74.89 -41.21
C LYS K 3543 -34.45 74.38 -42.64
N ASP K 3544 -35.50 73.76 -43.19
CA ASP K 3544 -35.48 73.24 -44.54
C ASP K 3544 -36.12 74.24 -45.51
N THR K 3545 -36.03 73.92 -46.79
CA THR K 3545 -36.57 74.77 -47.84
C THR K 3545 -38.06 74.49 -48.03
N ASP K 3546 -38.66 75.12 -49.04
CA ASP K 3546 -40.07 74.95 -49.34
C ASP K 3546 -40.35 73.74 -50.24
N GLU K 3547 -39.31 73.01 -50.66
CA GLU K 3547 -39.53 71.85 -51.51
C GLU K 3547 -40.30 70.76 -50.77
N GLU K 3548 -40.07 70.63 -49.46
CA GLU K 3548 -40.80 69.63 -48.67
C GLU K 3548 -42.29 69.92 -48.66
N VAL K 3549 -42.67 71.20 -48.53
CA VAL K 3549 -44.08 71.57 -48.54
C VAL K 3549 -44.72 71.22 -49.88
N ARG K 3550 -44.02 71.51 -50.98
CA ARG K 3550 -44.54 71.18 -52.30
C ARG K 3550 -44.69 69.67 -52.48
N GLU K 3551 -43.70 68.91 -52.00
CA GLU K 3551 -43.79 67.46 -52.10
C GLU K 3551 -44.95 66.91 -51.29
N PHE K 3552 -45.16 67.45 -50.09
CA PHE K 3552 -46.29 67.01 -49.27
C PHE K 3552 -47.62 67.37 -49.93
N LEU K 3553 -47.71 68.56 -50.52
CA LEU K 3553 -48.93 68.94 -51.23
C LEU K 3553 -49.20 68.03 -52.41
N GLN K 3554 -48.15 67.68 -53.16
CA GLN K 3554 -48.31 66.77 -54.28
C GLN K 3554 -48.75 65.38 -53.81
N ASN K 3555 -48.16 64.91 -52.72
CA ASN K 3555 -48.49 63.59 -52.17
C ASN K 3555 -49.85 63.61 -51.48
N ASP K 3588 -53.93 75.92 -58.90
CA ASP K 3588 -52.84 76.71 -58.33
C ASP K 3588 -52.21 76.00 -57.14
N PRO K 3589 -51.78 74.75 -57.36
CA PRO K 3589 -51.14 74.00 -56.26
C PRO K 3589 -49.88 74.68 -55.74
N GLU K 3590 -49.10 75.33 -56.61
CA GLU K 3590 -47.89 76.01 -56.17
C GLU K 3590 -48.22 77.16 -55.23
N LYS K 3591 -49.25 77.95 -55.56
CA LYS K 3591 -49.64 79.06 -54.70
C LYS K 3591 -50.15 78.56 -53.36
N ILE K 3592 -50.92 77.47 -53.36
CA ILE K 3592 -51.41 76.90 -52.11
C ILE K 3592 -50.25 76.40 -51.26
N VAL K 3593 -49.28 75.75 -51.89
CA VAL K 3593 -48.11 75.25 -51.15
C VAL K 3593 -47.32 76.41 -50.56
N ARG K 3594 -47.14 77.48 -51.34
CA ARG K 3594 -46.40 78.64 -50.84
C ARG K 3594 -47.13 79.29 -49.66
N ARG K 3595 -48.46 79.42 -49.77
CA ARG K 3595 -49.24 79.99 -48.67
C ARG K 3595 -49.17 79.13 -47.42
N VAL K 3596 -49.24 77.80 -47.60
CA VAL K 3596 -49.13 76.89 -46.46
C VAL K 3596 -47.77 77.01 -45.81
N GLN K 3597 -46.71 77.10 -46.62
CA GLN K 3597 -45.36 77.25 -46.08
C GLN K 3597 -45.21 78.56 -45.31
N GLU K 3598 -45.75 79.65 -45.86
CA GLU K 3598 -45.69 80.94 -45.16
C GLU K 3598 -46.45 80.90 -43.85
N VAL K 3599 -47.64 80.28 -43.85
CA VAL K 3599 -48.43 80.19 -42.62
C VAL K 3599 -47.70 79.35 -41.58
N SER K 3600 -47.09 78.24 -42.02
CA SER K 3600 -46.35 77.39 -41.10
C SER K 3600 -45.14 78.12 -40.51
N ALA K 3601 -44.43 78.89 -41.35
CA ALA K 3601 -43.30 79.67 -40.86
C ALA K 3601 -43.75 80.71 -39.85
N VAL K 3602 -44.87 81.39 -40.13
CA VAL K 3602 -45.39 82.38 -39.20
C VAL K 3602 -45.78 81.73 -37.87
N LEU K 3603 -46.43 80.57 -37.94
CA LEU K 3603 -46.82 79.87 -36.71
C LEU K 3603 -45.60 79.42 -35.92
N TYR K 3604 -44.56 78.94 -36.61
CA TYR K 3604 -43.34 78.53 -35.92
C TYR K 3604 -42.67 79.72 -35.25
N HIS K 3605 -42.62 80.87 -35.95
CA HIS K 3605 -42.04 82.07 -35.36
C HIS K 3605 -42.83 82.53 -34.13
N LEU K 3606 -44.16 82.47 -34.22
CA LEU K 3606 -45.00 82.86 -33.09
C LEU K 3606 -44.78 81.93 -31.91
N GLU K 3607 -44.68 80.62 -32.17
CA GLU K 3607 -44.44 79.67 -31.09
C GLU K 3607 -43.08 79.88 -30.45
N GLN K 3608 -42.06 80.17 -31.28
CA GLN K 3608 -40.73 80.45 -30.73
C GLN K 3608 -40.74 81.71 -29.87
N THR K 3609 -41.44 82.74 -30.34
CA THR K 3609 -41.52 83.98 -29.56
C THR K 3609 -42.26 83.75 -28.25
N GLU K 3610 -43.36 82.99 -28.27
CA GLU K 3610 -44.10 82.71 -27.05
C GLU K 3610 -43.27 81.89 -26.07
N HIS K 3611 -42.54 80.90 -26.56
CA HIS K 3611 -41.72 80.06 -25.70
C HIS K 3611 -40.46 80.79 -25.24
N SER K 3625 -24.75 83.93 0.83
CA SER K 3625 -24.02 83.84 2.08
C SER K 3625 -23.78 85.23 2.67
N LYS K 3626 -24.01 85.37 3.99
CA LYS K 3626 -23.80 86.64 4.65
C LYS K 3626 -22.33 87.03 4.68
N GLN K 3627 -21.42 86.04 4.65
CA GLN K 3627 -20.00 86.34 4.65
C GLN K 3627 -19.58 87.12 3.40
N ARG K 3628 -20.12 86.73 2.24
CA ARG K 3628 -19.80 87.44 1.01
C ARG K 3628 -20.31 88.88 1.07
N ARG K 3629 -21.51 89.09 1.60
CA ARG K 3629 -22.05 90.44 1.72
C ARG K 3629 -21.21 91.28 2.68
N ARG K 3630 -20.79 90.68 3.80
CA ARG K 3630 -19.95 91.40 4.75
C ARG K 3630 -18.61 91.77 4.11
N ALA K 3631 -18.02 90.84 3.35
CA ALA K 3631 -16.76 91.13 2.68
C ALA K 3631 -16.92 92.25 1.64
N VAL K 3632 -18.03 92.23 0.90
CA VAL K 3632 -18.29 93.28 -0.08
C VAL K 3632 -18.46 94.63 0.61
N VAL K 3633 -19.18 94.65 1.74
CA VAL K 3633 -19.37 95.90 2.48
C VAL K 3633 -18.04 96.41 3.00
N ALA K 3634 -17.19 95.52 3.53
CA ALA K 3634 -15.88 95.93 4.01
C ALA K 3634 -15.02 96.47 2.89
N CYS K 3635 -15.06 95.83 1.72
CA CYS K 3635 -14.29 96.31 0.57
C CYS K 3635 -14.78 97.68 0.12
N PHE K 3636 -16.09 97.89 0.13
CA PHE K 3636 -16.63 99.20 -0.25
C PHE K 3636 -16.21 100.28 0.75
N ARG K 3637 -16.05 99.93 2.01
CA ARG K 3637 -15.63 100.86 3.05
C ARG K 3637 -14.14 100.76 3.37
N MET K 3638 -13.38 100.04 2.55
CA MET K 3638 -11.96 99.87 2.80
C MET K 3638 -11.21 101.20 2.68
N THR K 3639 -10.17 101.36 3.50
CA THR K 3639 -9.38 102.57 3.56
C THR K 3639 -8.15 102.45 2.64
N PRO K 3640 -7.71 103.55 2.04
CA PRO K 3640 -6.52 103.51 1.20
C PRO K 3640 -5.26 103.28 2.04
N LEU K 3641 -4.22 102.79 1.36
CA LEU K 3641 -2.97 102.45 2.04
C LEU K 3641 -2.31 103.69 2.64
N TYR K 3642 -2.35 104.81 1.94
CA TYR K 3642 -1.70 106.01 2.45
C TYR K 3642 -2.42 106.57 3.67
N ASN K 3643 -3.73 106.33 3.78
CA ASN K 3643 -4.47 106.78 4.96
C ASN K 3643 -4.14 105.95 6.19
N LEU K 3644 -3.58 104.75 6.02
CA LEU K 3644 -3.22 103.91 7.14
C LEU K 3644 -2.05 104.49 7.91
N PRO K 3645 -1.92 104.16 9.20
CA PRO K 3645 -0.78 104.64 9.98
C PRO K 3645 0.54 104.14 9.41
N THR K 3646 1.59 104.93 9.60
CA THR K 3646 2.88 104.63 8.99
C THR K 3646 3.45 103.32 9.51
N HIS K 3647 3.35 103.08 10.83
CA HIS K 3647 3.93 101.85 11.38
C HIS K 3647 3.20 100.61 10.89
N ARG K 3648 1.86 100.66 10.85
CA ARG K 3648 1.11 99.52 10.35
C ARG K 3648 1.41 99.27 8.88
N ALA K 3649 1.48 100.33 8.06
CA ALA K 3649 1.82 100.17 6.66
C ALA K 3649 3.21 99.57 6.50
N CYS K 3650 4.16 100.01 7.34
CA CYS K 3650 5.50 99.42 7.32
C CYS K 3650 5.45 97.94 7.65
N ASN K 3651 4.64 97.56 8.64
CA ASN K 3651 4.54 96.15 9.01
C ASN K 3651 3.95 95.31 7.88
N MET K 3652 2.88 95.79 7.25
CA MET K 3652 2.29 95.04 6.14
C MET K 3652 3.26 94.96 4.96
N PHE K 3653 3.99 96.03 4.67
CA PHE K 3653 4.95 95.99 3.58
C PHE K 3653 6.07 95.00 3.89
N LEU K 3654 6.52 94.98 5.15
CA LEU K 3654 7.54 94.01 5.57
C LEU K 3654 7.05 92.59 5.37
N GLU K 3655 5.82 92.31 5.81
CA GLU K 3655 5.27 90.96 5.66
C GLU K 3655 5.15 90.57 4.18
N SER K 3656 4.65 91.48 3.35
CA SER K 3656 4.49 91.18 1.93
C SER K 3656 5.85 90.96 1.27
N TYR K 3657 6.83 91.81 1.57
CA TYR K 3657 8.16 91.66 1.00
C TYR K 3657 8.79 90.35 1.42
N LYS K 3658 8.64 89.97 2.69
CA LYS K 3658 9.17 88.70 3.15
C LYS K 3658 8.51 87.54 2.40
N ALA K 3659 7.18 87.51 2.37
CA ALA K 3659 6.47 86.41 1.74
C ALA K 3659 6.69 86.36 0.23
N ALA K 3660 7.08 87.48 -0.39
CA ALA K 3660 7.26 87.52 -1.83
C ALA K 3660 8.70 87.31 -2.29
N TRP K 3661 9.69 87.62 -1.45
CA TRP K 3661 11.08 87.53 -1.87
C TRP K 3661 11.91 86.59 -1.02
N ILE K 3662 11.69 86.54 0.30
CA ILE K 3662 12.52 85.71 1.17
C ILE K 3662 12.34 84.24 0.82
N LEU K 3663 11.09 83.80 0.64
CA LEU K 3663 10.82 82.42 0.26
C LEU K 3663 11.14 82.17 -1.22
N THR K 3664 11.08 83.21 -2.06
CA THR K 3664 11.34 83.02 -3.48
C THR K 3664 12.80 82.72 -3.75
N GLU K 3665 13.71 83.22 -2.91
CA GLU K 3665 15.13 82.98 -3.11
C GLU K 3665 15.47 81.51 -2.95
N ASP K 3666 16.33 81.00 -3.83
CA ASP K 3666 16.75 79.60 -3.84
C ASP K 3666 18.27 79.57 -3.68
N HIS K 3667 18.74 79.55 -2.44
CA HIS K 3667 20.16 79.50 -2.17
C HIS K 3667 20.72 78.11 -2.45
N SER K 3668 22.03 78.04 -2.62
CA SER K 3668 22.73 76.79 -2.93
C SER K 3668 23.98 76.64 -2.08
N PHE K 3669 23.92 77.04 -0.81
CA PHE K 3669 25.06 76.92 0.09
C PHE K 3669 25.21 75.53 0.68
N GLU K 3670 24.18 74.68 0.55
CA GLU K 3670 24.21 73.38 1.20
C GLU K 3670 25.33 72.51 0.65
N ASP K 3671 25.39 72.36 -0.67
CA ASP K 3671 26.42 71.54 -1.29
C ASP K 3671 27.81 72.11 -1.05
N ARG K 3672 27.94 73.43 -1.16
CA ARG K 3672 29.24 74.06 -0.96
C ARG K 3672 29.75 73.82 0.46
N MET K 3673 28.89 73.98 1.46
CA MET K 3673 29.38 73.84 2.83
C MET K 3673 29.57 72.38 3.21
N ILE K 3674 28.77 71.47 2.64
CA ILE K 3674 28.97 70.06 2.95
C ILE K 3674 30.23 69.55 2.28
N ASP K 3675 30.63 70.16 1.15
CA ASP K 3675 31.92 69.83 0.55
C ASP K 3675 33.07 70.46 1.33
N ASP K 3676 32.86 71.66 1.87
CA ASP K 3676 33.93 72.33 2.61
C ASP K 3676 34.22 71.65 3.93
N LEU K 3677 33.17 71.32 4.70
CA LEU K 3677 33.36 70.74 6.03
C LEU K 3677 33.77 69.27 6.00
N SER K 3678 33.61 68.59 4.87
CA SER K 3678 33.97 67.19 4.74
C SER K 3678 35.32 66.97 4.08
N LYS K 3679 36.11 68.04 3.92
CA LYS K 3679 37.42 67.90 3.29
C LYS K 3679 38.39 67.08 4.13
N ALA K 3680 38.16 66.99 5.45
CA ALA K 3680 39.01 66.23 6.36
C ALA K 3680 40.48 66.67 6.26
N GLY K 3681 40.68 67.98 6.19
CA GLY K 3681 42.03 68.53 6.11
C GLY K 3681 42.89 68.19 7.31
N GLU K 3682 44.12 67.76 7.06
CA GLU K 3682 45.04 67.39 8.13
C GLU K 3682 46.45 67.88 7.81
N LYS K 3693 42.34 57.82 10.78
CA LYS K 3693 42.21 57.44 12.18
C LYS K 3693 41.25 58.36 12.92
N LYS K 3694 41.64 59.63 13.06
CA LYS K 3694 40.79 60.59 13.74
C LYS K 3694 39.54 60.86 12.91
N PRO K 3695 38.40 61.08 13.56
CA PRO K 3695 37.16 61.33 12.80
C PRO K 3695 37.15 62.70 12.16
N ASP K 3696 36.67 62.75 10.92
CA ASP K 3696 36.44 64.02 10.25
C ASP K 3696 35.22 64.72 10.83
N PRO K 3697 35.06 66.02 10.59
CA PRO K 3697 33.93 66.76 11.18
C PRO K 3697 32.57 66.18 10.86
N LEU K 3698 32.40 65.60 9.67
CA LEU K 3698 31.13 64.94 9.35
C LEU K 3698 30.89 63.75 10.29
N HIS K 3699 31.93 62.96 10.56
CA HIS K 3699 31.79 61.88 11.51
C HIS K 3699 31.48 62.41 12.91
N GLN K 3700 31.99 63.59 13.25
CA GLN K 3700 31.64 64.22 14.51
C GLN K 3700 30.16 64.59 14.55
N LEU K 3701 29.64 65.11 13.43
CA LEU K 3701 28.19 65.33 13.32
C LEU K 3701 27.42 64.04 13.58
N VAL K 3702 27.80 62.96 12.90
CA VAL K 3702 27.07 61.71 13.04
C VAL K 3702 27.14 61.20 14.48
N LEU K 3703 28.33 61.25 15.09
CA LEU K 3703 28.48 60.76 16.45
C LEU K 3703 27.69 61.60 17.44
N HIS K 3704 27.70 62.92 17.27
CA HIS K 3704 26.94 63.79 18.17
C HIS K 3704 25.45 63.54 18.04
N PHE K 3705 24.95 63.39 16.81
CA PHE K 3705 23.53 63.15 16.62
C PHE K 3705 23.12 61.78 17.15
N SER K 3706 23.97 60.77 16.96
CA SER K 3706 23.70 59.45 17.51
C SER K 3706 23.68 59.49 19.04
N ARG K 3707 24.60 60.24 19.64
CA ARG K 3707 24.61 60.39 21.09
C ARG K 3707 23.35 61.09 21.59
N THR K 3708 22.91 62.13 20.87
CA THR K 3708 21.70 62.84 21.26
C THR K 3708 20.47 61.94 21.14
N ALA K 3709 20.43 61.08 20.13
CA ALA K 3709 19.30 60.17 19.97
C ALA K 3709 19.34 59.00 20.94
N LEU K 3710 20.54 58.58 21.36
CA LEU K 3710 20.68 57.33 22.10
C LEU K 3710 20.24 57.46 23.56
N THR K 3711 20.35 58.65 24.14
CA THR K 3711 20.01 58.80 25.55
C THR K 3711 18.53 58.53 25.78
N GLU K 3712 18.23 57.80 26.85
CA GLU K 3712 16.86 57.41 27.14
C GLU K 3712 16.07 58.60 27.66
N LYS K 3713 14.89 58.81 27.07
CA LYS K 3713 14.00 59.88 27.50
C LYS K 3713 12.59 59.56 27.06
N SER K 3714 11.62 60.19 27.72
CA SER K 3714 10.22 59.99 27.36
C SER K 3714 9.94 60.49 25.95
N LYS K 3715 10.48 61.66 25.60
CA LYS K 3715 10.31 62.22 24.27
C LYS K 3715 11.50 63.12 23.96
N LEU K 3716 12.11 62.92 22.80
CA LEU K 3716 13.26 63.72 22.42
C LEU K 3716 12.84 65.16 22.15
N ASP K 3717 13.69 66.10 22.57
CA ASP K 3717 13.38 67.51 22.40
C ASP K 3717 13.50 67.93 20.95
N GLU K 3718 12.78 68.99 20.59
CA GLU K 3718 12.79 69.52 19.23
C GLU K 3718 13.86 70.59 19.12
N ASP K 3719 14.82 70.39 18.23
CA ASP K 3719 15.92 71.31 18.01
C ASP K 3719 15.94 71.75 16.55
N TYR K 3720 16.02 73.06 16.33
CA TYR K 3720 16.04 73.58 14.97
C TYR K 3720 17.35 73.31 14.27
N LEU K 3721 18.34 72.93 15.09
CA LEU K 3721 19.68 72.59 14.54
C LEU K 3721 19.65 71.18 13.95
N TYR K 3722 19.16 70.19 14.68
CA TYR K 3722 19.24 68.83 14.09
C TYR K 3722 18.44 68.80 12.80
N MET K 3723 17.23 69.33 12.84
CA MET K 3723 16.38 69.25 11.63
C MET K 3723 17.12 69.99 10.52
N ALA K 3724 17.65 71.17 10.81
CA ALA K 3724 18.28 71.95 9.72
C ALA K 3724 19.44 71.16 9.13
N TYR K 3725 20.30 70.58 9.96
CA TYR K 3725 21.49 69.88 9.43
C TYR K 3725 21.05 68.66 8.63
N ALA K 3726 20.01 67.97 9.11
CA ALA K 3726 19.51 66.77 8.39
C ALA K 3726 19.03 67.21 7.01
N ASP K 3727 18.28 68.30 6.96
CA ASP K 3727 17.74 68.77 5.66
C ASP K 3727 18.92 69.14 4.77
N ILE K 3728 19.93 69.80 5.34
CA ILE K 3728 21.07 70.26 4.50
C ILE K 3728 21.72 69.01 3.91
N MET K 3729 21.95 68.00 4.74
CA MET K 3729 22.65 66.79 4.24
C MET K 3729 21.79 66.17 3.14
N ALA K 3730 20.49 66.06 3.36
CA ALA K 3730 19.64 65.39 2.36
C ALA K 3730 19.69 66.16 1.05
N LYS K 3731 19.55 67.48 1.08
CA LYS K 3731 19.55 68.20 -0.22
C LYS K 3731 20.83 67.83 -0.96
N SER K 3732 21.91 67.59 -0.23
CA SER K 3732 23.21 67.35 -0.91
C SER K 3732 23.13 66.17 -1.88
N CYS K 3733 22.57 65.04 -1.44
CA CYS K 3733 22.57 63.84 -2.31
C CYS K 3733 21.71 64.12 -3.56
N HIS K 3734 20.54 64.72 -3.39
CA HIS K 3734 19.62 64.94 -4.53
C HIS K 3734 20.25 65.96 -5.48
N LEU K 3735 21.13 66.82 -4.96
CA LEU K 3735 21.85 67.79 -5.82
C LEU K 3735 22.29 67.06 -7.08
N GLU K 3750 16.44 60.38 -24.36
CA GLU K 3750 17.34 61.39 -24.92
C GLU K 3750 18.58 61.56 -24.06
N VAL K 3751 18.90 60.52 -23.28
CA VAL K 3751 20.07 60.52 -22.41
C VAL K 3751 20.98 59.38 -22.81
N SER K 3752 22.25 59.69 -23.04
CA SER K 3752 23.21 58.68 -23.43
C SER K 3752 23.52 57.75 -22.26
N PHE K 3753 23.99 56.55 -22.58
CA PHE K 3753 24.35 55.59 -21.54
C PHE K 3753 25.50 56.09 -20.68
N GLU K 3754 26.50 56.71 -21.31
CA GLU K 3754 27.64 57.23 -20.55
C GLU K 3754 27.21 58.32 -19.59
N GLU K 3755 26.36 59.24 -20.04
CA GLU K 3755 25.91 60.32 -19.17
C GLU K 3755 25.07 59.78 -18.01
N LYS K 3756 24.18 58.83 -18.29
CA LYS K 3756 23.37 58.24 -17.22
C LYS K 3756 24.24 57.50 -16.21
N GLU K 3757 25.23 56.77 -16.69
CA GLU K 3757 26.13 56.05 -15.78
C GLU K 3757 26.97 57.02 -14.96
N MET K 3758 27.41 58.13 -15.56
CA MET K 3758 28.14 59.14 -14.82
C MET K 3758 27.27 59.77 -13.73
N GLU K 3759 26.01 60.05 -14.05
CA GLU K 3759 25.09 60.59 -13.05
C GLU K 3759 24.87 59.59 -11.93
N LYS K 3760 24.72 58.30 -12.27
CA LYS K 3760 24.56 57.27 -11.25
C LYS K 3760 25.79 57.19 -10.35
N GLN K 3761 26.99 57.25 -10.95
CA GLN K 3761 28.21 57.22 -10.16
C GLN K 3761 28.33 58.44 -9.25
N ARG K 3762 27.93 59.61 -9.75
CA ARG K 3762 27.95 60.81 -8.92
C ARG K 3762 26.98 60.69 -7.75
N LEU K 3763 25.79 60.17 -8.00
CA LEU K 3763 24.83 59.95 -6.92
C LEU K 3763 25.36 58.93 -5.92
N LEU K 3764 26.01 57.88 -6.40
CA LEU K 3764 26.59 56.88 -5.50
C LEU K 3764 27.67 57.49 -4.62
N TYR K 3765 28.53 58.33 -5.21
CA TYR K 3765 29.56 59.00 -4.43
C TYR K 3765 28.96 59.94 -3.40
N GLN K 3766 27.92 60.70 -3.80
CA GLN K 3766 27.28 61.62 -2.87
C GLN K 3766 26.65 60.86 -1.70
N GLN K 3767 26.02 59.72 -1.99
CA GLN K 3767 25.42 58.93 -0.92
C GLN K 3767 26.49 58.33 -0.01
N SER K 3768 27.58 57.81 -0.59
CA SER K 3768 28.65 57.23 0.20
C SER K 3768 29.42 58.27 1.00
N ARG K 3769 29.32 59.55 0.61
CA ARG K 3769 29.97 60.61 1.39
C ARG K 3769 29.43 60.66 2.81
N LEU K 3770 28.10 60.55 2.96
CA LEU K 3770 27.49 60.50 4.29
C LEU K 3770 27.37 59.08 4.83
N HIS K 3771 27.32 58.09 3.93
CA HIS K 3771 27.15 56.70 4.34
C HIS K 3771 28.36 56.21 5.13
N THR K 3772 29.57 56.60 4.70
CA THR K 3772 30.78 56.18 5.39
C THR K 3772 30.82 56.69 6.82
N ARG K 3773 30.41 57.94 7.04
CA ARG K 3773 30.40 58.51 8.39
C ARG K 3773 29.34 57.87 9.27
N GLY K 3774 28.28 57.32 8.69
CA GLY K 3774 27.27 56.62 9.47
C GLY K 3774 25.90 57.28 9.43
N ALA K 3775 25.58 57.93 8.31
CA ALA K 3775 24.29 58.62 8.21
C ALA K 3775 23.13 57.65 8.36
N ALA K 3776 23.29 56.43 7.84
CA ALA K 3776 22.26 55.40 8.03
C ALA K 3776 22.08 55.07 9.50
N GLU K 3777 23.18 54.94 10.24
CA GLU K 3777 23.08 54.67 11.68
C GLU K 3777 22.41 55.82 12.40
N MET K 3778 22.73 57.07 12.03
CA MET K 3778 22.09 58.22 12.65
C MET K 3778 20.60 58.25 12.37
N VAL K 3779 20.21 57.91 11.13
CA VAL K 3779 18.79 57.84 10.79
C VAL K 3779 18.09 56.77 11.62
N LEU K 3780 18.72 55.61 11.76
CA LEU K 3780 18.13 54.53 12.55
C LEU K 3780 17.97 54.94 14.00
N GLN K 3781 18.98 55.60 14.57
CA GLN K 3781 18.86 56.05 15.96
C GLN K 3781 17.76 57.10 16.11
N MET K 3782 17.66 58.03 15.15
CA MET K 3782 16.62 59.04 15.21
C MET K 3782 15.23 58.40 15.17
N ILE K 3783 15.02 57.46 14.25
CA ILE K 3783 13.70 56.86 14.09
C ILE K 3783 13.37 55.97 15.28
N SER K 3784 14.38 55.31 15.86
CA SER K 3784 14.15 54.52 17.06
C SER K 3784 13.79 55.39 18.24
N ALA K 3785 14.46 56.54 18.39
CA ALA K 3785 14.16 57.45 19.49
C ALA K 3785 12.86 58.22 19.27
N CYS K 3786 12.36 58.26 18.03
CA CYS K 3786 11.12 58.97 17.77
C CYS K 3786 9.94 58.34 18.51
N LYS K 3787 9.99 57.03 18.75
CA LYS K 3787 8.97 56.31 19.51
C LYS K 3787 7.58 56.44 18.89
N GLY K 3788 7.52 56.55 17.56
CA GLY K 3788 6.25 56.61 16.87
C GLY K 3788 5.53 57.93 16.93
N GLU K 3789 6.20 59.00 17.35
CA GLU K 3789 5.57 60.31 17.46
C GLU K 3789 5.75 61.07 16.16
N THR K 3790 4.63 61.36 15.49
CA THR K 3790 4.68 62.08 14.22
C THR K 3790 4.99 63.56 14.47
N GLY K 3791 5.90 64.11 13.68
CA GLY K 3791 6.26 65.50 13.84
C GLY K 3791 7.32 65.89 12.84
N ALA K 3792 7.93 67.05 13.10
CA ALA K 3792 9.04 67.48 12.24
C ALA K 3792 10.26 66.59 12.39
N MET K 3793 10.45 65.98 13.56
CA MET K 3793 11.59 65.10 13.76
C MET K 3793 11.60 63.99 12.72
N VAL K 3794 10.48 63.26 12.64
CA VAL K 3794 10.36 62.10 11.78
C VAL K 3794 10.32 62.53 10.32
N SER K 3795 9.74 63.70 10.03
CA SER K 3795 9.74 64.20 8.66
C SER K 3795 11.17 64.44 8.18
N SER K 3796 11.99 65.12 8.99
CA SER K 3796 13.37 65.36 8.59
C SER K 3796 14.16 64.06 8.50
N THR K 3797 13.95 63.15 9.45
CA THR K 3797 14.64 61.87 9.40
C THR K 3797 14.28 61.09 8.14
N LEU K 3798 12.99 61.10 7.78
CA LEU K 3798 12.54 60.38 6.59
C LEU K 3798 13.07 61.02 5.32
N LYS K 3799 13.14 62.36 5.28
CA LYS K 3799 13.72 63.02 4.12
C LYS K 3799 15.20 62.68 3.97
N LEU K 3800 15.94 62.67 5.08
CA LEU K 3800 17.35 62.30 5.00
C LEU K 3800 17.52 60.85 4.58
N GLY K 3801 16.66 59.97 5.08
CA GLY K 3801 16.71 58.58 4.64
C GLY K 3801 16.37 58.41 3.17
N ILE K 3802 15.44 59.23 2.68
CA ILE K 3802 15.11 59.22 1.25
C ILE K 3802 16.32 59.63 0.43
N SER K 3803 17.00 60.69 0.86
CA SER K 3803 18.19 61.14 0.14
C SER K 3803 19.28 60.08 0.17
N ILE K 3804 19.46 59.43 1.31
CA ILE K 3804 20.52 58.42 1.43
C ILE K 3804 20.20 57.19 0.59
N LEU K 3805 18.94 56.75 0.59
CA LEU K 3805 18.53 55.50 -0.04
C LEU K 3805 18.14 55.65 -1.50
N ASN K 3806 18.27 56.84 -2.08
CA ASN K 3806 17.89 57.05 -3.46
C ASN K 3806 18.74 56.19 -4.39
N GLY K 3807 18.10 55.62 -5.41
CA GLY K 3807 18.80 54.79 -6.37
C GLY K 3807 19.02 53.36 -5.93
N GLY K 3808 18.48 52.95 -4.79
CA GLY K 3808 18.62 51.59 -4.32
C GLY K 3808 20.04 51.18 -3.98
N ASN K 3809 20.75 52.05 -3.24
CA ASN K 3809 22.10 51.72 -2.82
C ASN K 3809 22.10 50.47 -1.94
N ALA K 3810 23.02 49.56 -2.22
CA ALA K 3810 23.10 48.30 -1.48
C ALA K 3810 23.98 48.38 -0.25
N GLU K 3811 24.99 49.25 -0.25
CA GLU K 3811 25.88 49.34 0.90
C GLU K 3811 25.14 49.85 2.14
N VAL K 3812 24.27 50.84 1.97
CA VAL K 3812 23.49 51.36 3.10
C VAL K 3812 22.54 50.29 3.61
N GLN K 3813 21.93 49.52 2.71
CA GLN K 3813 21.04 48.44 3.14
C GLN K 3813 21.81 47.38 3.92
N GLN K 3814 23.00 47.01 3.44
CA GLN K 3814 23.81 46.02 4.15
C GLN K 3814 24.22 46.54 5.53
N LYS K 3815 24.60 47.82 5.62
CA LYS K 3815 24.97 48.38 6.92
C LYS K 3815 23.78 48.41 7.87
N MET K 3816 22.59 48.78 7.37
CA MET K 3816 21.41 48.77 8.23
C MET K 3816 21.08 47.36 8.70
N LEU K 3817 21.19 46.37 7.81
CA LEU K 3817 20.93 44.99 8.20
C LEU K 3817 21.93 44.53 9.27
N ASP K 3818 23.21 44.84 9.08
CA ASP K 3818 24.22 44.44 10.05
C ASP K 3818 23.98 45.10 11.40
N TYR K 3819 23.65 46.39 11.39
CA TYR K 3819 23.38 47.09 12.64
C TYR K 3819 22.16 46.52 13.35
N LEU K 3820 21.08 46.24 12.59
CA LEU K 3820 19.88 45.70 13.20
C LEU K 3820 20.11 44.31 13.75
N LYS K 3821 20.92 43.50 13.07
CA LYS K 3821 21.22 42.16 13.56
C LYS K 3821 22.09 42.20 14.81
N ASP K 3822 23.12 43.05 14.82
CA ASP K 3822 24.04 43.11 15.95
C ASP K 3822 23.37 43.72 17.17
N LYS K 3823 22.71 44.87 17.00
CA LYS K 3823 22.11 45.56 18.14
C LYS K 3823 20.84 44.86 18.60
N LYS K 3824 20.01 44.40 17.66
CA LYS K 3824 18.72 43.80 17.97
C LYS K 3824 17.86 44.73 18.83
N GLU K 3825 17.88 46.02 18.48
CA GLU K 3825 17.16 47.04 19.24
C GLU K 3825 15.68 46.93 18.91
N VAL K 3826 14.91 46.37 19.82
CA VAL K 3826 13.47 46.22 19.63
C VAL K 3826 12.80 47.57 19.84
N GLY K 3827 12.00 47.98 18.87
CA GLY K 3827 11.30 49.25 18.95
C GLY K 3827 11.24 50.00 17.64
N PHE K 3828 12.19 49.72 16.74
CA PHE K 3828 12.17 50.36 15.44
C PHE K 3828 10.94 49.96 14.64
N PHE K 3829 10.63 48.66 14.62
CA PHE K 3829 9.44 48.20 13.93
C PHE K 3829 8.18 48.71 14.61
N GLN K 3830 8.16 48.74 15.95
CA GLN K 3830 7.01 49.28 16.66
C GLN K 3830 6.82 50.75 16.37
N SER K 3831 7.92 51.52 16.34
CA SER K 3831 7.82 52.94 16.05
C SER K 3831 7.32 53.17 14.62
N ILE K 3832 7.80 52.38 13.66
CA ILE K 3832 7.34 52.56 12.29
C ILE K 3832 5.88 52.18 12.15
N GLN K 3833 5.44 51.14 12.88
CA GLN K 3833 4.03 50.77 12.86
C GLN K 3833 3.16 51.88 13.43
N ALA K 3834 3.58 52.45 14.56
CA ALA K 3834 2.82 53.54 15.16
C ALA K 3834 2.78 54.76 14.24
N LEU K 3835 3.92 55.09 13.62
CA LEU K 3835 3.98 56.26 12.74
C LEU K 3835 3.07 56.09 11.53
N MET K 3836 3.09 54.91 10.91
CA MET K 3836 2.29 54.70 9.71
C MET K 3836 0.82 54.41 10.02
N GLN K 3837 0.50 54.00 11.25
CA GLN K 3837 -0.90 53.90 11.66
C GLN K 3837 -1.46 55.26 12.07
N THR K 3838 -0.60 56.17 12.53
CA THR K 3838 -1.05 57.51 12.90
C THR K 3838 -1.58 58.27 11.69
N CYS K 3839 -1.04 58.00 10.50
CA CYS K 3839 -1.43 58.72 9.29
C CYS K 3839 -2.93 58.58 9.05
N SER K 3840 -3.57 59.70 8.75
CA SER K 3840 -5.02 59.74 8.59
C SER K 3840 -5.43 59.26 7.20
N VAL K 3841 -6.74 59.12 7.03
CA VAL K 3841 -7.33 58.71 5.76
C VAL K 3841 -8.40 59.74 5.37
N LEU K 3842 -8.90 59.60 4.15
CA LEU K 3842 -9.94 60.50 3.67
C LEU K 3842 -11.19 60.40 4.53
N ASP K 3843 -11.73 61.54 4.91
CA ASP K 3843 -12.94 61.61 5.73
C ASP K 3843 -13.95 62.53 5.07
N LEU K 3844 -15.19 62.04 4.93
CA LEU K 3844 -16.24 62.86 4.33
C LEU K 3844 -16.55 64.06 5.20
N ASN K 3845 -16.60 63.87 6.52
CA ASN K 3845 -16.89 64.98 7.43
C ASN K 3845 -15.80 66.05 7.36
N ALA K 3846 -14.54 65.63 7.32
CA ALA K 3846 -13.44 66.59 7.23
C ALA K 3846 -13.50 67.35 5.91
N PHE K 3847 -13.81 66.66 4.82
CA PHE K 3847 -13.92 67.33 3.52
C PHE K 3847 -15.07 68.34 3.51
N GLU K 3848 -16.21 67.96 4.10
CA GLU K 3848 -17.34 68.88 4.17
C GLU K 3848 -16.99 70.10 5.03
N ARG K 3849 -16.30 69.88 6.14
CA ARG K 3849 -15.88 71.00 6.97
C ARG K 3849 -14.92 71.91 6.21
N GLN K 3850 -13.99 71.34 5.46
CA GLN K 3850 -13.07 72.15 4.67
C GLN K 3850 -13.81 72.97 3.63
N ASN K 3851 -14.78 72.35 2.94
CA ASN K 3851 -15.55 73.08 1.94
C ASN K 3851 -16.35 74.22 2.57
N LYS K 3852 -17.00 73.96 3.70
CA LYS K 3852 -17.79 75.00 4.36
C LYS K 3852 -16.90 76.13 4.86
N ALA K 3853 -15.70 75.80 5.36
CA ALA K 3853 -14.76 76.82 5.78
C ALA K 3853 -14.29 77.65 4.59
N GLU K 3854 -14.01 77.00 3.46
CA GLU K 3854 -13.62 77.71 2.24
C GLU K 3854 -14.77 78.49 1.61
N GLY K 3855 -16.00 78.23 2.05
CA GLY K 3855 -17.12 79.02 1.54
C GLY K 3855 -16.99 80.49 1.86
N LEU K 3856 -16.43 80.82 3.02
CA LEU K 3856 -16.18 82.21 3.40
C LEU K 3856 -14.85 82.65 2.82
N GLY K 3857 -14.89 83.61 1.90
CA GLY K 3857 -13.67 84.02 1.23
C GLY K 3857 -12.68 84.72 2.16
N MET K 3858 -13.17 85.62 3.00
CA MET K 3858 -12.32 86.38 3.90
C MET K 3858 -13.06 86.62 5.21
N VAL K 3859 -12.42 87.38 6.11
CA VAL K 3859 -13.04 87.68 7.39
C VAL K 3859 -14.19 88.66 7.21
N ASN K 3860 -14.99 88.79 8.27
CA ASN K 3860 -16.16 89.66 8.21
C ASN K 3860 -15.77 91.12 7.99
N GLU K 3861 -14.76 91.60 8.71
CA GLU K 3861 -14.35 93.00 8.59
C GLU K 3861 -12.90 93.14 9.03
N ASP K 3862 -12.14 93.92 8.28
CA ASP K 3862 -10.75 94.25 8.62
C ASP K 3862 -9.90 92.99 8.81
N GLY K 3863 -10.09 92.01 7.93
CA GLY K 3863 -9.32 90.78 8.01
C GLY K 3863 -9.41 90.00 6.71
N THR K 3864 -8.35 89.28 6.41
CA THR K 3864 -8.29 88.41 5.23
C THR K 3864 -8.06 86.98 5.69
N VAL K 3865 -8.91 86.07 5.24
CA VAL K 3865 -8.80 84.65 5.62
C VAL K 3865 -7.90 84.00 4.57
N ILE K 3866 -6.59 84.11 4.79
CA ILE K 3866 -5.63 83.49 3.89
C ILE K 3866 -5.70 81.97 4.00
N ASN K 3867 -5.80 81.46 5.22
CA ASN K 3867 -5.90 80.02 5.49
C ASN K 3867 -4.68 79.27 4.97
N ARG K 3868 -3.53 79.94 4.88
CA ARG K 3868 -2.32 79.28 4.42
C ARG K 3868 -1.87 78.21 5.40
N GLN K 3869 -1.92 78.50 6.70
CA GLN K 3869 -1.54 77.51 7.70
C GLN K 3869 -2.50 76.33 7.70
N ASN K 3870 -3.81 76.60 7.60
CA ASN K 3870 -4.78 75.51 7.57
C ASN K 3870 -4.63 74.66 6.33
N GLY K 3871 -4.46 75.28 5.17
CA GLY K 3871 -4.33 74.55 3.92
C GLY K 3871 -5.53 73.70 3.61
N GLU K 3872 -5.34 72.37 3.62
CA GLU K 3872 -6.40 71.41 3.41
C GLU K 3872 -6.67 70.67 4.71
N LYS K 3873 -7.95 70.62 5.12
CA LYS K 3873 -8.31 69.94 6.36
C LYS K 3873 -8.09 68.44 6.28
N VAL K 3874 -8.01 67.88 5.07
CA VAL K 3874 -7.77 66.45 4.89
C VAL K 3874 -6.44 66.29 4.14
N MET K 3875 -5.76 65.17 4.42
CA MET K 3875 -4.44 64.90 3.84
C MET K 3875 -3.45 66.02 4.13
N ALA K 3876 -3.55 66.58 5.34
CA ALA K 3876 -2.58 67.59 5.76
C ALA K 3876 -1.18 67.00 5.88
N ASP K 3877 -1.07 65.79 6.40
CA ASP K 3877 0.20 65.10 6.56
C ASP K 3877 0.40 64.01 5.50
N ASP K 3878 -0.24 64.17 4.33
CA ASP K 3878 -0.08 63.19 3.26
C ASP K 3878 1.35 63.17 2.74
N GLU K 3879 2.05 64.30 2.80
CA GLU K 3879 3.45 64.34 2.37
C GLU K 3879 4.31 63.44 3.23
N PHE K 3880 4.07 63.43 4.55
CA PHE K 3880 4.83 62.56 5.44
C PHE K 3880 4.58 61.09 5.12
N THR K 3881 3.31 60.73 4.86
CA THR K 3881 2.99 59.35 4.51
C THR K 3881 3.65 58.95 3.19
N GLN K 3882 3.63 59.85 2.21
CA GLN K 3882 4.28 59.56 0.93
C GLN K 3882 5.78 59.38 1.10
N ASP K 3883 6.41 60.24 1.91
CA ASP K 3883 7.84 60.11 2.17
C ASP K 3883 8.15 58.80 2.89
N LEU K 3884 7.31 58.42 3.85
CA LEU K 3884 7.53 57.15 4.56
C LEU K 3884 7.41 55.96 3.63
N PHE K 3885 6.40 55.95 2.76
CA PHE K 3885 6.25 54.85 1.82
C PHE K 3885 7.40 54.82 0.82
N ARG K 3886 7.85 56.00 0.37
CA ARG K 3886 9.00 56.05 -0.52
C ARG K 3886 10.26 55.51 0.15
N PHE K 3887 10.46 55.85 1.43
CA PHE K 3887 11.63 55.35 2.15
C PHE K 3887 11.55 53.84 2.34
N LEU K 3888 10.37 53.31 2.64
CA LEU K 3888 10.22 51.86 2.75
C LEU K 3888 10.50 51.19 1.42
N GLN K 3889 10.02 51.76 0.32
CA GLN K 3889 10.29 51.21 -1.00
C GLN K 3889 11.78 51.23 -1.31
N LEU K 3890 12.47 52.34 -1.00
CA LEU K 3890 13.89 52.43 -1.27
C LEU K 3890 14.68 51.47 -0.41
N LEU K 3891 14.28 51.29 0.85
CA LEU K 3891 14.94 50.31 1.71
C LEU K 3891 14.74 48.90 1.18
N CYS K 3892 13.56 48.62 0.63
CA CYS K 3892 13.33 47.33 0.00
C CYS K 3892 13.79 47.29 -1.46
N GLU K 3893 14.26 48.41 -2.00
CA GLU K 3893 14.77 48.43 -3.36
C GLU K 3893 16.03 47.58 -3.47
N GLY K 3894 16.20 46.94 -4.62
CA GLY K 3894 17.35 46.10 -4.89
C GLY K 3894 17.10 44.61 -4.75
N HIS K 3895 15.86 44.20 -4.49
CA HIS K 3895 15.49 42.79 -4.35
C HIS K 3895 16.34 42.10 -3.28
N ASN K 3896 16.56 42.79 -2.17
CA ASN K 3896 17.33 42.25 -1.05
C ASN K 3896 16.45 41.24 -0.32
N ASN K 3897 16.61 39.96 -0.64
CA ASN K 3897 15.79 38.93 -0.02
C ASN K 3897 16.08 38.81 1.48
N ASP K 3898 17.33 39.03 1.91
CA ASP K 3898 17.65 38.96 3.33
C ASP K 3898 16.92 40.05 4.11
N PHE K 3899 16.89 41.27 3.58
CA PHE K 3899 16.18 42.35 4.24
C PHE K 3899 14.68 42.07 4.29
N GLN K 3900 14.12 41.54 3.21
CA GLN K 3900 12.70 41.20 3.19
C GLN K 3900 12.38 40.15 4.24
N ASN K 3901 13.21 39.10 4.32
CA ASN K 3901 12.97 38.05 5.31
C ASN K 3901 13.10 38.58 6.73
N TYR K 3902 14.11 39.43 6.98
CA TYR K 3902 14.27 40.00 8.31
C TYR K 3902 13.09 40.88 8.69
N LEU K 3903 12.60 41.68 7.74
CA LEU K 3903 11.45 42.54 8.02
C LEU K 3903 10.19 41.72 8.26
N ARG K 3904 9.99 40.67 7.49
CA ARG K 3904 8.77 39.87 7.63
C ARG K 3904 8.79 39.04 8.91
N THR K 3905 9.94 38.48 9.28
CA THR K 3905 10.03 37.57 10.41
C THR K 3905 10.49 38.25 11.70
N GLN K 3906 11.51 39.10 11.61
CA GLN K 3906 12.07 39.78 12.79
C GLN K 3906 12.53 38.76 13.84
N THR K 3907 13.32 37.79 13.39
CA THR K 3907 13.83 36.76 14.30
C THR K 3907 14.76 37.34 15.34
N GLY K 3908 15.62 38.29 14.95
CA GLY K 3908 16.56 38.87 15.89
C GLY K 3908 15.89 39.61 17.03
N ASN K 3909 14.87 40.39 16.72
CA ASN K 3909 14.15 41.13 17.75
C ASN K 3909 13.35 40.17 18.63
N THR K 3910 13.29 40.48 19.93
CA THR K 3910 12.52 39.65 20.85
C THR K 3910 11.04 39.68 20.51
N THR K 3911 10.51 40.85 20.17
CA THR K 3911 9.11 40.99 19.78
C THR K 3911 8.97 40.74 18.29
N THR K 3912 8.05 39.85 17.92
CA THR K 3912 7.83 39.47 16.53
C THR K 3912 6.57 40.17 16.03
N ILE K 3913 6.75 41.27 15.30
CA ILE K 3913 5.65 42.01 14.70
C ILE K 3913 5.88 42.06 13.20
N ASN K 3914 4.80 42.35 12.46
CA ASN K 3914 4.82 42.35 11.01
C ASN K 3914 4.49 43.74 10.48
N ILE K 3915 5.05 44.05 9.31
CA ILE K 3915 4.82 45.33 8.66
C ILE K 3915 3.88 45.19 7.47
N ILE K 3916 4.01 44.12 6.68
CA ILE K 3916 3.20 43.97 5.49
C ILE K 3916 1.72 43.78 5.84
N ILE K 3917 1.42 43.06 6.92
CA ILE K 3917 0.03 42.86 7.31
C ILE K 3917 -0.62 44.18 7.71
N CYS K 3918 0.06 44.98 8.53
CA CYS K 3918 -0.48 46.29 8.86
C CYS K 3918 -0.42 47.23 7.66
N THR K 3919 0.51 46.99 6.72
CA THR K 3919 0.53 47.77 5.49
C THR K 3919 -0.74 47.55 4.67
N VAL K 3920 -1.14 46.29 4.49
CA VAL K 3920 -2.38 46.04 3.75
C VAL K 3920 -3.60 46.42 4.58
N ASP K 3921 -3.49 46.42 5.91
CA ASP K 3921 -4.56 46.99 6.72
C ASP K 3921 -4.74 48.48 6.46
N TYR K 3922 -3.63 49.22 6.37
CA TYR K 3922 -3.70 50.63 6.00
C TYR K 3922 -4.23 50.79 4.58
N LEU K 3923 -3.87 49.86 3.69
CA LEU K 3923 -4.42 49.89 2.34
C LEU K 3923 -5.93 49.72 2.36
N LEU K 3924 -6.43 48.80 3.19
CA LEU K 3924 -7.88 48.62 3.34
C LEU K 3924 -8.53 49.88 3.89
N ARG K 3925 -7.89 50.53 4.86
CA ARG K 3925 -8.44 51.77 5.40
C ARG K 3925 -8.53 52.84 4.33
N LEU K 3926 -7.46 53.00 3.54
CA LEU K 3926 -7.47 53.99 2.46
C LEU K 3926 -8.50 53.63 1.40
N GLN K 3927 -8.68 52.33 1.12
CA GLN K 3927 -9.70 51.89 0.19
C GLN K 3927 -11.10 52.24 0.67
N GLU K 3928 -11.38 52.01 1.95
CA GLU K 3928 -12.67 52.39 2.50
C GLU K 3928 -12.87 53.89 2.44
N SER K 3929 -11.81 54.66 2.73
CA SER K 3929 -11.91 56.12 2.66
C SER K 3929 -12.23 56.59 1.25
N ILE K 3930 -11.52 56.06 0.24
CA ILE K 3930 -11.78 56.52 -1.13
C ILE K 3930 -13.12 56.01 -1.63
N SER K 3931 -13.57 54.84 -1.18
CA SER K 3931 -14.90 54.37 -1.55
C SER K 3931 -15.98 55.28 -0.98
N ASP K 3932 -15.82 55.69 0.28
CA ASP K 3932 -16.77 56.64 0.88
C ASP K 3932 -16.72 57.97 0.15
N PHE K 3933 -15.52 58.42 -0.24
CA PHE K 3933 -15.40 59.66 -0.98
C PHE K 3933 -16.13 59.58 -2.33
N TYR K 3934 -15.97 58.46 -3.03
CA TYR K 3934 -16.65 58.29 -4.31
C TYR K 3934 -18.16 58.23 -4.13
N TRP K 3935 -18.63 57.53 -3.09
CA TRP K 3935 -20.07 57.44 -2.85
C TRP K 3935 -20.65 58.81 -2.53
N TYR K 3936 -19.92 59.63 -1.77
CA TYR K 3936 -20.40 60.98 -1.46
C TYR K 3936 -20.50 61.83 -2.72
N TYR K 3937 -19.54 61.72 -3.63
CA TYR K 3937 -19.53 62.51 -4.85
C TYR K 3937 -20.35 61.89 -5.97
N SER K 3938 -20.95 60.72 -5.75
CA SER K 3938 -21.74 60.08 -6.80
C SER K 3938 -22.95 60.92 -7.17
N GLY K 3939 -23.59 61.55 -6.19
CA GLY K 3939 -24.74 62.38 -6.48
C GLY K 3939 -24.38 63.61 -7.30
N LYS K 3940 -23.23 64.21 -7.01
CA LYS K 3940 -22.80 65.40 -7.75
C LYS K 3940 -22.48 65.05 -9.19
N ASP K 3941 -22.97 65.88 -10.12
CA ASP K 3941 -22.73 65.63 -11.53
C ASP K 3941 -21.28 65.90 -11.91
N VAL K 3942 -20.69 66.95 -11.35
CA VAL K 3942 -19.32 67.34 -11.69
C VAL K 3942 -18.44 67.21 -10.46
N ILE K 3943 -17.15 67.47 -10.64
CA ILE K 3943 -16.16 67.35 -9.57
C ILE K 3943 -15.64 68.74 -9.23
N GLU K 3944 -15.73 69.10 -7.96
CA GLU K 3944 -15.23 70.40 -7.53
C GLU K 3944 -13.71 70.44 -7.60
N GLU K 3945 -13.17 71.67 -7.72
CA GLU K 3945 -11.73 71.83 -7.84
C GLU K 3945 -11.00 71.34 -6.59
N GLN K 3946 -11.51 71.70 -5.40
CA GLN K 3946 -10.92 71.20 -4.17
C GLN K 3946 -11.08 69.69 -4.06
N GLY K 3947 -12.26 69.18 -4.42
CA GLY K 3947 -12.46 67.73 -4.44
C GLY K 3947 -11.56 67.03 -5.44
N LYS K 3948 -11.38 67.65 -6.61
CA LYS K 3948 -10.48 67.08 -7.62
C LYS K 3948 -9.04 67.03 -7.09
N ARG K 3949 -8.59 68.09 -6.44
CA ARG K 3949 -7.25 68.11 -5.88
C ARG K 3949 -7.08 67.06 -4.79
N ASN K 3950 -8.09 66.93 -3.92
CA ASN K 3950 -8.02 65.92 -2.87
C ASN K 3950 -7.99 64.51 -3.46
N PHE K 3951 -8.81 64.26 -4.49
CA PHE K 3951 -8.81 62.95 -5.13
C PHE K 3951 -7.47 62.68 -5.81
N SER K 3952 -6.88 63.69 -6.44
CA SER K 3952 -5.57 63.51 -7.07
C SER K 3952 -4.50 63.20 -6.03
N LYS K 3953 -4.53 63.88 -4.89
CA LYS K 3953 -3.57 63.59 -3.83
C LYS K 3953 -3.76 62.18 -3.28
N ALA K 3954 -5.02 61.76 -3.09
CA ALA K 3954 -5.29 60.40 -2.62
C ALA K 3954 -4.80 59.37 -3.63
N MET K 3955 -5.01 59.64 -4.93
CA MET K 3955 -4.54 58.74 -5.96
C MET K 3955 -3.01 58.66 -5.97
N SER K 3956 -2.35 59.79 -5.76
CA SER K 3956 -0.88 59.79 -5.68
C SER K 3956 -0.40 58.97 -4.50
N VAL K 3957 -1.06 59.11 -3.34
CA VAL K 3957 -0.69 58.32 -2.16
C VAL K 3957 -0.89 56.83 -2.43
N ALA K 3958 -2.02 56.48 -3.06
CA ALA K 3958 -2.29 55.09 -3.39
C ALA K 3958 -1.26 54.54 -4.37
N LYS K 3959 -0.88 55.35 -5.36
CA LYS K 3959 0.16 54.92 -6.30
C LYS K 3959 1.49 54.71 -5.59
N GLN K 3960 1.83 55.59 -4.65
CA GLN K 3960 3.08 55.44 -3.91
C GLN K 3960 3.08 54.17 -3.07
N VAL K 3961 1.98 53.90 -2.36
CA VAL K 3961 1.95 52.69 -1.53
C VAL K 3961 1.92 51.44 -2.42
N PHE K 3962 1.27 51.50 -3.58
CA PHE K 3962 1.30 50.37 -4.51
C PHE K 3962 2.71 50.13 -5.02
N ASN K 3963 3.44 51.19 -5.34
CA ASN K 3963 4.82 51.03 -5.78
C ASN K 3963 5.69 50.44 -4.67
N SER K 3964 5.46 50.88 -3.43
CA SER K 3964 6.18 50.31 -2.30
C SER K 3964 5.89 48.83 -2.16
N LEU K 3965 4.63 48.43 -2.32
CA LEU K 3965 4.28 47.01 -2.24
C LEU K 3965 4.90 46.22 -3.39
N THR K 3966 4.93 46.79 -4.60
CA THR K 3966 5.57 46.11 -5.72
C THR K 3966 7.05 45.88 -5.43
N GLU K 3967 7.73 46.90 -4.92
CA GLU K 3967 9.14 46.76 -4.57
C GLU K 3967 9.33 45.78 -3.42
N TYR K 3968 8.35 45.68 -2.53
CA TYR K 3968 8.38 44.67 -1.48
C TYR K 3968 8.31 43.26 -2.08
N ILE K 3969 7.48 43.08 -3.10
CA ILE K 3969 7.19 41.76 -3.65
C ILE K 3969 7.85 41.53 -5.00
N GLN K 3970 8.65 42.49 -5.49
CA GLN K 3970 9.28 42.29 -6.80
C GLN K 3970 10.23 41.10 -6.79
N GLY K 3971 11.02 40.96 -5.73
CA GLY K 3971 11.94 39.86 -5.60
C GLY K 3971 11.20 38.55 -5.42
N PRO K 3972 11.82 37.45 -5.87
CA PRO K 3972 11.19 36.13 -5.75
C PRO K 3972 11.28 35.57 -4.33
N CYS K 3973 10.66 36.28 -3.39
CA CYS K 3973 10.65 35.88 -1.98
C CYS K 3973 9.40 35.03 -1.74
N THR K 3974 9.61 33.74 -1.46
CA THR K 3974 8.50 32.85 -1.18
C THR K 3974 7.76 33.25 0.09
N GLY K 3975 8.51 33.58 1.14
CA GLY K 3975 7.87 33.92 2.41
C GLY K 3975 7.02 35.17 2.33
N ASN K 3976 7.54 36.22 1.67
CA ASN K 3976 6.78 37.46 1.55
C ASN K 3976 5.49 37.25 0.76
N GLN K 3977 5.58 36.51 -0.36
CA GLN K 3977 4.38 36.28 -1.16
C GLN K 3977 3.39 35.37 -0.44
N GLN K 3978 3.88 34.40 0.34
CA GLN K 3978 2.98 33.56 1.12
C GLN K 3978 2.27 34.37 2.20
N SER K 3979 3.00 35.27 2.87
CA SER K 3979 2.39 36.12 3.88
C SER K 3979 1.36 37.07 3.25
N LEU K 3980 1.68 37.64 2.09
CA LEU K 3980 0.74 38.54 1.43
C LEU K 3980 -0.51 37.79 0.97
N ALA K 3981 -0.34 36.58 0.43
CA ALA K 3981 -1.50 35.81 -0.03
C ALA K 3981 -2.39 35.41 1.15
N HIS K 3982 -1.79 34.98 2.26
CA HIS K 3982 -2.56 34.58 3.45
C HIS K 3982 -2.82 35.79 4.35
N SER K 3983 -3.56 36.74 3.79
CA SER K 3983 -3.91 37.97 4.50
C SER K 3983 -5.14 38.57 3.83
N ARG K 3984 -5.47 39.81 4.19
CA ARG K 3984 -6.61 40.52 3.63
C ARG K 3984 -6.23 41.33 2.39
N LEU K 3985 -5.16 40.93 1.69
CA LEU K 3985 -4.74 41.65 0.50
C LEU K 3985 -5.78 41.54 -0.62
N TRP K 3986 -6.42 40.37 -0.75
CA TRP K 3986 -7.39 40.17 -1.83
C TRP K 3986 -8.63 41.03 -1.63
N ASP K 3987 -9.02 41.28 -0.37
CA ASP K 3987 -10.12 42.21 -0.12
C ASP K 3987 -9.77 43.60 -0.61
N ALA K 3988 -8.54 44.04 -0.36
CA ALA K 3988 -8.08 45.31 -0.91
C ALA K 3988 -8.08 45.28 -2.43
N VAL K 3989 -7.72 44.14 -3.01
CA VAL K 3989 -7.68 44.03 -4.47
C VAL K 3989 -9.07 44.23 -5.05
N VAL K 3990 -10.07 43.51 -4.52
CA VAL K 3990 -11.42 43.61 -5.07
C VAL K 3990 -12.00 45.01 -4.83
N GLY K 3991 -11.80 45.56 -3.62
CA GLY K 3991 -12.33 46.88 -3.33
C GLY K 3991 -11.70 47.95 -4.20
N PHE K 3992 -10.38 47.90 -4.39
CA PHE K 3992 -9.70 48.86 -5.24
C PHE K 3992 -10.14 48.72 -6.69
N LEU K 3993 -10.32 47.48 -7.16
CA LEU K 3993 -10.81 47.29 -8.52
C LEU K 3993 -12.19 47.91 -8.70
N HIS K 3994 -13.09 47.69 -7.72
CA HIS K 3994 -14.43 48.27 -7.81
C HIS K 3994 -14.38 49.79 -7.79
N VAL K 3995 -13.57 50.36 -6.89
CA VAL K 3995 -13.47 51.81 -6.78
C VAL K 3995 -12.90 52.40 -8.06
N PHE K 3996 -11.86 51.77 -8.62
CA PHE K 3996 -11.25 52.27 -9.84
C PHE K 3996 -12.23 52.18 -11.01
N ALA K 3997 -12.99 51.09 -11.12
CA ALA K 3997 -13.96 50.96 -12.20
C ALA K 3997 -15.04 52.03 -12.09
N HIS K 3998 -15.56 52.24 -10.87
CA HIS K 3998 -16.60 53.25 -10.69
C HIS K 3998 -16.07 54.65 -10.99
N MET K 3999 -14.86 54.96 -10.52
CA MET K 3999 -14.29 56.27 -10.78
C MET K 3999 -14.01 56.47 -12.26
N MET K 4000 -13.55 55.43 -12.96
CA MET K 4000 -13.31 55.53 -14.39
C MET K 4000 -14.61 55.76 -15.15
N MET K 4001 -15.68 55.06 -14.76
CA MET K 4001 -16.97 55.28 -15.40
C MET K 4001 -17.47 56.70 -15.16
N LYS K 4002 -17.35 57.20 -13.92
CA LYS K 4002 -17.79 58.56 -13.62
C LYS K 4002 -16.97 59.59 -14.38
N LEU K 4003 -15.66 59.37 -14.51
CA LEU K 4003 -14.81 60.31 -15.22
C LEU K 4003 -15.08 60.28 -16.72
N ALA K 4004 -15.35 59.09 -17.27
CA ALA K 4004 -15.71 59.00 -18.68
C ALA K 4004 -17.07 59.65 -18.94
N GLN K 4005 -17.94 59.66 -17.94
CA GLN K 4005 -19.21 60.39 -18.08
C GLN K 4005 -18.95 61.88 -18.26
N ASP K 4006 -18.00 62.44 -17.52
CA ASP K 4006 -17.63 63.83 -17.65
C ASP K 4006 -16.55 63.99 -18.73
N SER K 4007 -16.07 65.23 -18.89
CA SER K 4007 -15.06 65.54 -19.90
C SER K 4007 -13.92 66.41 -19.39
N SER K 4008 -14.06 67.07 -18.25
CA SER K 4008 -13.03 67.97 -17.74
C SER K 4008 -12.08 67.30 -16.76
N GLN K 4009 -12.20 65.99 -16.57
CA GLN K 4009 -11.37 65.24 -15.62
C GLN K 4009 -10.22 64.51 -16.30
N ILE K 4010 -9.62 65.12 -17.33
CA ILE K 4010 -8.55 64.47 -18.06
C ILE K 4010 -7.36 64.19 -17.15
N GLU K 4011 -6.98 65.16 -16.32
CA GLU K 4011 -5.89 64.94 -15.38
C GLU K 4011 -6.26 63.87 -14.35
N LEU K 4012 -7.50 63.91 -13.85
CA LEU K 4012 -7.96 62.87 -12.94
C LEU K 4012 -7.99 61.50 -13.62
N LEU K 4013 -8.40 61.48 -14.90
CA LEU K 4013 -8.38 60.21 -15.64
C LEU K 4013 -6.97 59.67 -15.78
N LYS K 4014 -6.00 60.54 -16.07
CA LYS K 4014 -4.62 60.09 -16.19
C LYS K 4014 -4.09 59.58 -14.85
N GLU K 4015 -4.42 60.28 -13.75
CA GLU K 4015 -3.98 59.83 -12.44
C GLU K 4015 -4.60 58.47 -12.09
N LEU K 4016 -5.88 58.29 -12.39
CA LEU K 4016 -6.52 57.01 -12.14
C LEU K 4016 -5.93 55.90 -13.01
N LEU K 4017 -5.59 56.22 -14.25
CA LEU K 4017 -4.94 55.23 -15.11
C LEU K 4017 -3.58 54.83 -14.57
N ASP K 4018 -2.81 55.80 -14.07
CA ASP K 4018 -1.52 55.49 -13.47
C ASP K 4018 -1.69 54.62 -12.22
N LEU K 4019 -2.69 54.95 -11.38
CA LEU K 4019 -2.95 54.14 -10.20
C LEU K 4019 -3.33 52.72 -10.59
N GLN K 4020 -4.18 52.57 -11.61
CA GLN K 4020 -4.58 51.25 -12.07
C GLN K 4020 -3.39 50.52 -12.65
N LYS K 4021 -2.53 51.29 -13.32
CA LYS K 4021 -1.29 50.70 -13.89
C LYS K 4021 -0.53 50.08 -12.72
N ASP K 4022 -0.31 50.86 -11.65
CA ASP K 4022 0.47 50.33 -10.51
C ASP K 4022 -0.26 49.16 -9.88
N MET K 4023 -1.59 49.22 -9.79
CA MET K 4023 -2.37 48.14 -9.15
C MET K 4023 -2.16 46.85 -9.96
N VAL K 4024 -2.26 46.96 -11.29
CA VAL K 4024 -2.15 45.74 -12.12
C VAL K 4024 -0.73 45.20 -11.98
N VAL K 4025 0.26 46.10 -11.87
CA VAL K 4025 1.68 45.68 -11.76
C VAL K 4025 1.85 44.91 -10.45
N MET K 4026 1.24 45.41 -9.38
CA MET K 4026 1.33 44.73 -8.07
C MET K 4026 0.69 43.35 -8.22
N LEU K 4027 -0.45 43.29 -8.89
CA LEU K 4027 -1.13 41.98 -9.03
C LEU K 4027 -0.19 41.03 -9.78
N LEU K 4028 0.36 41.51 -10.90
CA LEU K 4028 1.26 40.67 -11.74
C LEU K 4028 2.45 40.24 -10.90
N SER K 4029 2.90 41.12 -10.01
CA SER K 4029 4.15 40.79 -9.26
C SER K 4029 3.92 39.51 -8.46
N LEU K 4030 2.75 39.39 -7.82
CA LEU K 4030 2.48 38.20 -6.98
C LEU K 4030 2.49 36.95 -7.86
N LEU K 4031 1.93 37.06 -9.08
CA LEU K 4031 1.84 35.88 -9.99
C LEU K 4031 3.26 35.42 -10.34
N GLU K 4032 4.24 36.30 -10.21
CA GLU K 4032 5.65 35.90 -10.48
C GLU K 4032 5.98 34.63 -9.70
N GLY K 4033 6.60 33.64 -10.34
CA GLY K 4033 6.99 32.39 -9.65
C GLY K 4033 5.83 31.42 -9.54
N ASN K 4034 4.66 31.79 -10.06
CA ASN K 4034 3.46 30.93 -9.93
C ASN K 4034 3.61 29.69 -10.83
N VAL K 4035 3.28 28.51 -10.31
CA VAL K 4035 3.30 27.28 -11.14
C VAL K 4035 2.04 27.26 -11.99
N VAL K 4036 1.91 26.30 -12.91
CA VAL K 4036 0.64 26.20 -13.69
C VAL K 4036 -0.47 25.97 -12.67
N ASN K 4037 -0.22 25.08 -11.70
CA ASN K 4037 -1.23 24.89 -10.61
C ASN K 4037 -0.62 25.47 -9.32
N GLY K 4038 -1.08 26.64 -8.89
CA GLY K 4038 -0.51 27.30 -7.70
C GLY K 4038 -1.56 28.06 -6.92
N MET K 4039 -1.42 28.11 -5.59
CA MET K 4039 -2.45 28.76 -4.75
C MET K 4039 -2.57 30.24 -5.13
N ILE K 4040 -1.43 30.93 -5.31
CA ILE K 4040 -1.50 32.39 -5.57
C ILE K 4040 -2.29 32.62 -6.86
N ALA K 4041 -2.01 31.82 -7.89
CA ALA K 4041 -2.74 31.97 -9.17
C ALA K 4041 -4.21 31.63 -8.93
N ARG K 4042 -4.47 30.55 -8.21
CA ARG K 4042 -5.87 30.12 -7.98
C ARG K 4042 -6.59 31.23 -7.21
N GLN K 4043 -5.93 31.77 -6.18
CA GLN K 4043 -6.55 32.84 -5.36
C GLN K 4043 -6.81 34.04 -6.26
N MET K 4044 -5.83 34.35 -7.13
CA MET K 4044 -5.99 35.50 -8.05
C MET K 4044 -7.21 35.22 -8.92
N VAL K 4045 -7.36 33.97 -9.36
CA VAL K 4045 -8.49 33.61 -10.24
C VAL K 4045 -9.78 33.88 -9.46
N ASP K 4046 -9.83 33.44 -8.21
CA ASP K 4046 -11.07 33.61 -7.40
C ASP K 4046 -11.31 35.11 -7.16
N MET K 4047 -10.27 35.84 -6.75
CA MET K 4047 -10.44 37.28 -6.43
C MET K 4047 -11.11 37.91 -7.65
N LEU K 4048 -10.62 37.51 -8.84
CA LEU K 4048 -11.17 38.06 -10.08
C LEU K 4048 -12.62 37.65 -10.25
N VAL K 4049 -12.96 36.40 -9.91
CA VAL K 4049 -14.34 35.95 -10.02
C VAL K 4049 -15.24 36.74 -9.05
N GLU K 4050 -14.77 36.95 -7.82
CA GLU K 4050 -15.53 37.73 -6.86
C GLU K 4050 -15.67 39.19 -7.32
N SER K 4051 -14.62 39.73 -7.93
CA SER K 4051 -14.62 41.10 -8.45
C SER K 4051 -14.98 41.15 -9.93
N SER K 4052 -15.81 40.21 -10.40
CA SER K 4052 -16.08 40.11 -11.84
C SER K 4052 -16.73 41.37 -12.40
N SER K 4053 -17.58 42.03 -11.62
CA SER K 4053 -18.31 43.19 -12.12
C SER K 4053 -17.37 44.32 -12.52
N ASN K 4054 -16.43 44.68 -11.63
CA ASN K 4054 -15.55 45.81 -11.88
C ASN K 4054 -14.61 45.55 -13.05
N VAL K 4055 -13.97 44.38 -13.06
CA VAL K 4055 -13.04 44.06 -14.14
C VAL K 4055 -13.79 43.92 -15.46
N GLU K 4056 -14.98 43.35 -15.44
CA GLU K 4056 -15.78 43.25 -16.65
C GLU K 4056 -16.16 44.63 -17.18
N MET K 4057 -16.52 45.55 -16.28
CA MET K 4057 -16.82 46.91 -16.70
C MET K 4057 -15.59 47.59 -17.29
N ILE K 4058 -14.43 47.38 -16.69
CA ILE K 4058 -13.22 48.02 -17.21
C ILE K 4058 -12.84 47.45 -18.58
N LEU K 4059 -13.03 46.14 -18.76
CA LEU K 4059 -12.75 45.54 -20.07
C LEU K 4059 -13.75 46.01 -21.12
N LYS K 4060 -15.02 46.18 -20.72
CA LYS K 4060 -16.02 46.72 -21.64
C LYS K 4060 -15.67 48.15 -22.04
N PHE K 4061 -15.21 48.95 -21.07
CA PHE K 4061 -14.80 50.33 -21.38
C PHE K 4061 -13.61 50.34 -22.33
N PHE K 4062 -12.63 49.48 -22.09
CA PHE K 4062 -11.46 49.41 -22.97
C PHE K 4062 -11.87 48.98 -24.38
N ASP K 4063 -12.74 47.98 -24.48
CA ASP K 4063 -13.20 47.52 -25.79
C ASP K 4063 -13.99 48.60 -26.50
N MET K 4064 -14.83 49.33 -25.78
CA MET K 4064 -15.58 50.42 -26.39
C MET K 4064 -14.66 51.52 -26.90
N PHE K 4065 -13.64 51.87 -26.12
CA PHE K 4065 -12.68 52.88 -26.58
C PHE K 4065 -11.93 52.40 -27.81
N LEU K 4066 -11.51 51.14 -27.82
CA LEU K 4066 -10.81 50.60 -28.98
C LEU K 4066 -11.71 50.58 -30.22
N LYS K 4067 -12.98 50.20 -30.04
CA LYS K 4067 -13.92 50.19 -31.16
C LYS K 4067 -14.16 51.59 -31.69
N LEU K 4068 -14.28 52.57 -30.79
CA LEU K 4068 -14.47 53.96 -31.22
C LEU K 4068 -13.25 54.44 -31.99
N LYS K 4069 -12.04 54.11 -31.52
CA LYS K 4069 -10.83 54.50 -32.23
C LYS K 4069 -10.77 53.85 -33.61
N ASP K 4070 -11.15 52.58 -33.70
CA ASP K 4070 -11.15 51.89 -34.99
C ASP K 4070 -12.16 52.50 -35.94
N ILE K 4071 -13.35 52.85 -35.42
CA ILE K 4071 -14.37 53.46 -36.26
C ILE K 4071 -13.91 54.83 -36.76
N VAL K 4072 -13.25 55.60 -35.87
CA VAL K 4072 -12.71 56.89 -36.29
C VAL K 4072 -11.66 56.70 -37.37
N GLY K 4073 -10.78 55.72 -37.20
CA GLY K 4073 -9.78 55.43 -38.23
C GLY K 4073 -10.36 54.79 -39.47
N SER K 4074 -11.52 54.16 -39.36
CA SER K 4074 -12.16 53.54 -40.52
C SER K 4074 -12.72 54.61 -41.46
N GLU K 4075 -12.86 54.23 -42.73
CA GLU K 4075 -13.37 55.15 -43.74
C GLU K 4075 -14.88 55.32 -43.68
N ALA K 4076 -15.58 54.53 -42.86
CA ALA K 4076 -17.03 54.65 -42.76
C ALA K 4076 -17.43 56.01 -42.19
N PHE K 4077 -16.70 56.47 -41.17
CA PHE K 4077 -17.01 57.77 -40.58
C PHE K 4077 -16.81 58.90 -41.58
N GLN K 4078 -15.73 58.84 -42.36
CA GLN K 4078 -15.49 59.86 -43.38
C GLN K 4078 -16.55 59.80 -44.48
N ASP K 4079 -16.97 58.59 -44.86
CA ASP K 4079 -17.99 58.46 -45.89
C ASP K 4079 -19.34 58.99 -45.42
N TYR K 4080 -19.66 58.79 -44.14
CA TYR K 4080 -20.95 59.26 -43.61
C TYR K 4080 -21.04 60.78 -43.68
N VAL K 4081 -20.03 61.47 -43.15
CA VAL K 4081 -19.99 62.93 -43.14
C VAL K 4081 -18.61 63.38 -43.61
N THR K 4082 -18.59 64.26 -44.59
CA THR K 4082 -17.35 64.86 -45.11
C THR K 4082 -17.50 66.38 -45.13
N ASP K 4083 -17.95 66.94 -44.01
CA ASP K 4083 -18.12 68.38 -43.91
C ASP K 4083 -16.77 69.06 -43.71
N PRO K 4084 -16.61 70.29 -44.21
CA PRO K 4084 -15.35 71.01 -43.97
C PRO K 4084 -15.07 71.27 -42.49
N ARG K 4085 -16.11 71.45 -41.68
CA ARG K 4085 -15.91 71.67 -40.25
C ARG K 4085 -15.38 70.43 -39.55
N GLY K 4086 -15.75 69.25 -40.04
CA GLY K 4086 -15.30 68.00 -39.44
C GLY K 4086 -16.10 67.54 -38.24
N LEU K 4087 -17.21 68.21 -37.92
CA LEU K 4087 -18.05 67.83 -36.79
C LEU K 4087 -19.28 67.10 -37.32
N ILE K 4088 -19.37 65.81 -37.03
CA ILE K 4088 -20.48 64.99 -37.49
C ILE K 4088 -21.70 65.26 -36.62
N SER K 4089 -22.88 65.13 -37.23
CA SER K 4089 -24.12 65.33 -36.51
C SER K 4089 -24.37 64.18 -35.54
N LYS K 4090 -25.29 64.42 -34.60
CA LYS K 4090 -25.59 63.39 -33.60
C LYS K 4090 -26.18 62.15 -34.25
N LYS K 4091 -27.11 62.32 -35.19
CA LYS K 4091 -27.67 61.18 -35.88
C LYS K 4091 -26.62 60.47 -36.73
N ASP K 4092 -25.78 61.24 -37.43
CA ASP K 4092 -24.72 60.64 -38.23
C ASP K 4092 -23.72 59.89 -37.35
N PHE K 4093 -23.35 60.48 -36.21
CA PHE K 4093 -22.44 59.79 -35.29
C PHE K 4093 -23.06 58.51 -34.75
N GLN K 4094 -24.35 58.56 -34.39
CA GLN K 4094 -25.02 57.36 -33.88
C GLN K 4094 -25.06 56.28 -34.94
N LYS K 4095 -25.34 56.66 -36.19
CA LYS K 4095 -25.30 55.68 -37.29
C LYS K 4095 -23.90 55.12 -37.46
N ALA K 4096 -22.88 55.96 -37.28
CA ALA K 4096 -21.50 55.48 -37.39
C ALA K 4096 -21.19 54.43 -36.33
N MET K 4097 -21.61 54.66 -35.10
CA MET K 4097 -21.41 53.64 -34.06
C MET K 4097 -22.24 52.39 -34.36
N ASP K 4098 -23.48 52.57 -34.82
CA ASP K 4098 -24.34 51.43 -35.11
C ASP K 4098 -23.93 50.67 -36.37
N SER K 4099 -22.99 51.20 -37.15
CA SER K 4099 -22.55 50.49 -38.36
C SER K 4099 -21.90 49.16 -38.00
N GLN K 4100 -21.10 49.13 -36.94
CA GLN K 4100 -20.47 47.89 -36.51
C GLN K 4100 -21.51 46.90 -36.01
N LYS K 4101 -21.40 45.65 -36.46
CA LYS K 4101 -22.36 44.62 -36.05
C LYS K 4101 -22.23 44.29 -34.58
N GLN K 4102 -21.00 44.26 -34.06
CA GLN K 4102 -20.77 43.89 -32.67
C GLN K 4102 -21.26 44.95 -31.68
N PHE K 4103 -21.60 46.14 -32.15
CA PHE K 4103 -22.07 47.20 -31.27
C PHE K 4103 -23.43 46.84 -30.67
N THR K 4104 -23.65 47.28 -29.44
CA THR K 4104 -24.88 46.98 -28.71
C THR K 4104 -25.60 48.27 -28.34
N GLY K 4105 -26.90 48.14 -28.08
CA GLY K 4105 -27.72 49.25 -27.69
C GLY K 4105 -27.28 49.94 -26.41
N PRO K 4106 -27.04 49.15 -25.35
CA PRO K 4106 -26.41 49.73 -24.16
C PRO K 4106 -25.07 50.37 -24.46
N GLU K 4107 -24.26 49.75 -25.33
CA GLU K 4107 -23.03 50.39 -25.76
C GLU K 4107 -23.31 51.66 -26.57
N ILE K 4108 -24.34 51.63 -27.40
CA ILE K 4108 -24.73 52.82 -28.15
C ILE K 4108 -24.99 53.97 -27.20
N GLN K 4109 -25.79 53.73 -26.16
CA GLN K 4109 -26.07 54.76 -25.18
C GLN K 4109 -24.82 55.19 -24.43
N PHE K 4110 -23.97 54.22 -24.07
CA PHE K 4110 -22.77 54.52 -23.27
C PHE K 4110 -21.83 55.46 -24.03
N LEU K 4111 -21.47 55.10 -25.26
CA LEU K 4111 -20.59 55.98 -26.03
C LEU K 4111 -21.31 57.16 -26.67
N LEU K 4112 -22.64 57.20 -26.64
CA LEU K 4112 -23.33 58.44 -26.97
C LEU K 4112 -23.22 59.45 -25.83
N SER K 4113 -23.39 58.98 -24.59
CA SER K 4113 -23.27 59.86 -23.43
C SER K 4113 -21.82 60.30 -23.23
N CYS K 4114 -20.87 59.37 -23.42
CA CYS K 4114 -19.46 59.71 -23.22
C CYS K 4114 -18.98 60.72 -24.26
N SER K 4115 -19.41 60.57 -25.50
CA SER K 4115 -18.98 61.47 -26.56
C SER K 4115 -19.52 62.88 -26.33
N GLU K 4116 -18.68 63.87 -26.59
CA GLU K 4116 -19.07 65.27 -26.41
C GLU K 4116 -19.89 65.76 -27.60
N ILE K 4123 -19.20 67.68 -31.80
CA ILE K 4123 -17.76 67.75 -31.56
C ILE K 4123 -17.01 66.93 -32.60
N ASN K 4124 -15.68 66.90 -32.48
CA ASN K 4124 -14.84 66.16 -33.41
C ASN K 4124 -14.61 64.75 -32.86
N PHE K 4125 -15.11 63.75 -33.58
CA PHE K 4125 -14.92 62.37 -33.16
C PHE K 4125 -13.44 61.97 -33.20
N GLU K 4126 -12.71 62.43 -34.23
CA GLU K 4126 -11.30 62.09 -34.33
C GLU K 4126 -10.51 62.67 -33.18
N GLU K 4127 -10.79 63.92 -32.80
CA GLU K 4127 -10.10 64.53 -31.67
C GLU K 4127 -10.42 63.81 -30.37
N PHE K 4128 -11.68 63.41 -30.18
CA PHE K 4128 -12.06 62.70 -28.97
C PHE K 4128 -11.39 61.34 -28.88
N ALA K 4129 -11.31 60.62 -30.01
CA ALA K 4129 -10.71 59.29 -30.01
C ALA K 4129 -9.19 59.32 -30.05
N ASN K 4130 -8.58 60.47 -30.39
CA ASN K 4130 -7.13 60.55 -30.44
C ASN K 4130 -6.52 60.39 -29.05
N ARG K 4131 -7.12 61.02 -28.04
CA ARG K 4131 -6.62 60.98 -26.67
C ARG K 4131 -7.48 60.08 -25.78
N PHE K 4132 -8.26 59.17 -26.37
CA PHE K 4132 -9.12 58.30 -25.58
C PHE K 4132 -8.33 57.15 -24.98
N GLN K 4133 -7.75 56.30 -25.83
CA GLN K 4133 -7.00 55.14 -25.37
C GLN K 4133 -5.51 55.40 -25.21
N GLU K 4134 -5.02 56.57 -25.61
CA GLU K 4134 -3.59 56.86 -25.49
C GLU K 4134 -3.11 56.89 -24.05
N PRO K 4135 -3.76 57.61 -23.12
CA PRO K 4135 -3.27 57.57 -21.73
C PRO K 4135 -3.43 56.21 -21.08
N ALA K 4136 -4.38 55.40 -21.52
CA ALA K 4136 -4.67 54.10 -20.91
C ALA K 4136 -4.05 52.94 -21.68
N ARG K 4137 -3.17 53.22 -22.64
CA ARG K 4137 -2.53 52.15 -23.40
C ARG K 4137 -1.69 51.24 -22.51
N ASP K 4138 -0.92 51.84 -21.59
CA ASP K 4138 -0.12 51.04 -20.68
C ASP K 4138 -0.99 50.19 -19.76
N ILE K 4139 -2.08 50.77 -19.24
CA ILE K 4139 -2.98 50.01 -18.38
C ILE K 4139 -3.62 48.87 -19.15
N GLY K 4140 -4.04 49.12 -20.38
CA GLY K 4140 -4.62 48.06 -21.19
C GLY K 4140 -3.64 46.94 -21.47
N PHE K 4141 -2.39 47.30 -21.80
CA PHE K 4141 -1.37 46.27 -22.00
C PHE K 4141 -1.14 45.47 -20.73
N ASN K 4142 -1.09 46.17 -19.61
CA ASN K 4142 -0.78 45.46 -18.34
C ASN K 4142 -1.94 44.52 -18.03
N VAL K 4143 -3.17 45.01 -18.24
CA VAL K 4143 -4.36 44.17 -17.95
C VAL K 4143 -4.27 42.97 -18.89
N ALA K 4144 -3.78 43.22 -20.11
CA ALA K 4144 -3.67 42.13 -21.10
C ALA K 4144 -2.73 41.07 -20.54
N VAL K 4145 -1.58 41.52 -20.01
CA VAL K 4145 -0.59 40.54 -19.49
C VAL K 4145 -1.23 39.80 -18.32
N LEU K 4146 -1.99 40.53 -17.49
CA LEU K 4146 -2.55 39.91 -16.27
C LEU K 4146 -3.49 38.76 -16.66
N LEU K 4147 -4.42 39.03 -17.57
CA LEU K 4147 -5.35 37.97 -18.02
C LEU K 4147 -4.54 36.92 -18.78
N THR K 4148 -3.58 37.37 -19.59
CA THR K 4148 -2.82 36.41 -20.43
C THR K 4148 -2.06 35.43 -19.53
N ASN K 4149 -1.34 35.94 -18.54
CA ASN K 4149 -0.50 35.04 -17.71
C ASN K 4149 -1.42 34.12 -16.91
N LEU K 4150 -2.50 34.68 -16.36
CA LEU K 4150 -3.38 33.87 -15.50
C LEU K 4150 -3.97 32.76 -16.36
N SER K 4151 -4.40 33.10 -17.58
CA SER K 4151 -5.05 32.10 -18.44
C SER K 4151 -4.04 30.98 -18.72
N GLU K 4152 -2.82 31.36 -19.10
CA GLU K 4152 -1.81 30.34 -19.46
C GLU K 4152 -1.36 29.59 -18.20
N HIS K 4153 -1.09 30.31 -17.11
CA HIS K 4153 -0.54 29.62 -15.92
C HIS K 4153 -1.57 28.62 -15.37
N VAL K 4154 -2.81 29.06 -15.16
CA VAL K 4154 -3.86 28.13 -14.68
C VAL K 4154 -4.79 27.82 -15.85
N PRO K 4155 -4.72 26.60 -16.42
CA PRO K 4155 -5.62 26.20 -17.50
C PRO K 4155 -6.79 25.40 -16.94
N HIS K 4156 -7.82 25.16 -17.75
CA HIS K 4156 -8.97 24.31 -17.32
C HIS K 4156 -9.86 25.07 -16.33
N ASP K 4157 -9.73 26.39 -16.25
CA ASP K 4157 -10.66 27.18 -15.40
C ASP K 4157 -11.70 27.83 -16.30
N PRO K 4158 -12.97 27.37 -16.28
CA PRO K 4158 -13.99 27.90 -17.20
C PRO K 4158 -14.18 29.40 -16.98
N ARG K 4159 -14.09 29.85 -15.73
CA ARG K 4159 -14.30 31.28 -15.42
C ARG K 4159 -13.25 32.08 -16.19
N LEU K 4160 -12.01 31.59 -16.21
CA LEU K 4160 -10.96 32.28 -16.99
C LEU K 4160 -11.39 32.27 -18.45
N ARG K 4161 -11.83 31.10 -18.94
CA ARG K 4161 -12.35 31.03 -20.33
C ARG K 4161 -13.41 32.13 -20.47
N ASN K 4162 -14.26 32.27 -19.46
CA ASN K 4162 -15.29 33.30 -19.51
C ASN K 4162 -14.67 34.69 -19.60
N PHE K 4163 -13.60 34.93 -18.83
CA PHE K 4163 -12.94 36.23 -18.86
C PHE K 4163 -12.34 36.51 -20.23
N LEU K 4164 -11.74 35.50 -20.86
CA LEU K 4164 -11.22 35.67 -22.21
C LEU K 4164 -12.35 35.93 -23.20
N GLU K 4165 -13.48 35.26 -23.00
CA GLU K 4165 -14.63 35.46 -23.90
C GLU K 4165 -15.18 36.87 -23.79
N LEU K 4166 -15.23 37.43 -22.57
CA LEU K 4166 -15.79 38.77 -22.40
C LEU K 4166 -14.97 39.82 -23.15
N ALA K 4167 -13.65 39.74 -23.08
CA ALA K 4167 -12.77 40.72 -23.71
C ALA K 4167 -11.74 40.00 -24.55
N GLU K 4168 -11.77 40.22 -25.86
CA GLU K 4168 -10.80 39.65 -26.77
C GLU K 4168 -10.26 40.64 -27.80
N SER K 4169 -10.90 41.80 -27.98
CA SER K 4169 -10.39 42.78 -28.94
C SER K 4169 -9.10 43.43 -28.43
N ILE K 4170 -9.02 43.69 -27.12
CA ILE K 4170 -7.83 44.31 -26.56
C ILE K 4170 -6.62 43.40 -26.73
N LEU K 4171 -6.79 42.10 -26.48
CA LEU K 4171 -5.70 41.15 -26.64
C LEU K 4171 -5.24 41.09 -28.10
N GLU K 4172 -6.19 41.08 -29.04
CA GLU K 4172 -5.83 41.06 -30.45
C GLU K 4172 -5.09 42.32 -30.86
N TYR K 4173 -5.55 43.48 -30.36
CA TYR K 4173 -4.88 44.74 -30.69
C TYR K 4173 -3.48 44.80 -30.10
N PHE K 4174 -3.29 44.29 -28.89
CA PHE K 4174 -2.01 44.32 -28.21
C PHE K 4174 -1.16 43.08 -28.48
N ARG K 4175 -1.64 42.15 -29.30
CA ARG K 4175 -0.86 40.95 -29.61
C ARG K 4175 0.46 41.27 -30.29
N PRO K 4176 0.54 42.11 -31.33
CA PRO K 4176 1.85 42.42 -31.91
C PRO K 4176 2.79 43.14 -30.95
N TYR K 4177 2.26 43.81 -29.93
CA TYR K 4177 3.08 44.53 -28.97
C TYR K 4177 3.45 43.68 -27.76
N LEU K 4178 3.07 42.41 -27.73
CA LEU K 4178 3.33 41.54 -26.60
C LEU K 4178 4.17 40.33 -27.04
N GLY K 4179 5.17 39.99 -26.23
CA GLY K 4179 5.99 38.84 -26.49
C GLY K 4179 6.16 37.99 -25.25
N ARG K 4180 6.39 36.71 -25.47
CA ARG K 4180 6.56 35.74 -24.40
C ARG K 4180 7.93 35.09 -24.50
N ILE K 4181 8.67 35.11 -23.39
CA ILE K 4181 10.01 34.51 -23.32
C ILE K 4181 10.03 33.56 -22.13
N GLU K 4182 10.47 32.33 -22.36
CA GLU K 4182 10.59 31.32 -21.32
C GLU K 4182 12.05 31.28 -20.85
N ILE K 4183 12.26 31.54 -19.57
CA ILE K 4183 13.59 31.57 -18.98
C ILE K 4183 13.61 30.69 -17.74
N MET K 4184 14.70 29.94 -17.58
CA MET K 4184 14.89 29.07 -16.41
C MET K 4184 15.47 29.89 -15.27
N GLY K 4185 14.62 30.73 -14.69
CA GLY K 4185 15.05 31.58 -13.58
C GLY K 4185 15.45 30.77 -12.36
N ALA K 4186 14.65 29.77 -12.01
CA ALA K 4186 14.95 28.92 -10.87
C ALA K 4186 15.93 27.81 -11.28
N SER K 4187 16.21 26.90 -10.35
CA SER K 4187 17.12 25.81 -10.63
C SER K 4187 16.57 24.90 -11.71
N ARG K 4188 15.27 24.57 -11.64
CA ARG K 4188 14.66 23.69 -12.63
C ARG K 4188 13.27 24.14 -13.03
N ARG K 4189 12.92 25.40 -12.80
CA ARG K 4189 11.60 25.93 -13.13
C ARG K 4189 11.74 27.02 -14.17
N ILE K 4190 10.86 26.99 -15.17
CA ILE K 4190 10.86 27.95 -16.27
C ILE K 4190 9.53 28.69 -16.25
N GLU K 4191 9.59 30.02 -16.26
CA GLU K 4191 8.40 30.87 -16.21
C GLU K 4191 8.41 31.82 -17.39
N ARG K 4192 7.24 32.04 -17.99
CA ARG K 4192 7.13 32.94 -19.12
C ARG K 4192 7.11 34.39 -18.65
N ILE K 4193 7.78 35.25 -19.40
CA ILE K 4193 7.85 36.68 -19.10
C ILE K 4193 7.15 37.46 -20.20
N TYR K 4194 6.67 38.66 -19.86
CA TYR K 4194 6.01 39.54 -20.80
C TYR K 4194 6.60 40.94 -20.67
N PHE K 4195 6.62 41.67 -21.79
CA PHE K 4195 7.30 42.96 -21.84
C PHE K 4195 6.70 43.81 -22.96
N GLU K 4196 7.02 45.09 -22.93
CA GLU K 4196 6.54 46.07 -23.90
C GLU K 4196 7.33 45.98 -25.20
N ILE K 4197 6.62 45.93 -26.32
CA ILE K 4197 7.22 46.02 -27.64
C ILE K 4197 6.75 47.33 -28.28
N SER K 4198 7.69 48.26 -28.46
CA SER K 4198 7.34 49.53 -29.06
C SER K 4198 7.20 49.40 -30.58
N GLU K 4199 6.41 50.31 -31.16
CA GLU K 4199 6.16 50.25 -32.60
C GLU K 4199 7.42 50.54 -33.41
N THR K 4200 8.29 51.43 -32.90
CA THR K 4200 9.50 51.77 -33.64
C THR K 4200 10.43 50.56 -33.78
N ASN K 4201 10.54 49.74 -32.73
CA ASN K 4201 11.39 48.56 -32.81
C ASN K 4201 10.88 47.58 -33.85
N ARG K 4202 9.56 47.34 -33.89
CA ARG K 4202 8.99 46.45 -34.90
C ARG K 4202 9.15 47.03 -36.31
N ALA K 4203 8.98 48.35 -36.44
CA ALA K 4203 9.17 48.98 -37.75
C ALA K 4203 10.60 48.84 -38.25
N GLN K 4204 11.57 49.03 -37.35
CA GLN K 4204 12.98 48.93 -37.73
C GLN K 4204 13.48 47.50 -37.78
N TRP K 4205 12.69 46.53 -37.31
CA TRP K 4205 13.09 45.13 -37.40
C TRP K 4205 12.92 44.57 -38.81
N GLU K 4206 11.95 45.08 -39.57
CA GLU K 4206 11.66 44.56 -40.91
C GLU K 4206 12.42 45.32 -42.00
N MET K 4207 13.74 45.43 -41.83
CA MET K 4207 14.62 46.02 -42.82
C MET K 4207 15.44 44.93 -43.52
N PRO K 4208 15.81 45.13 -44.79
CA PRO K 4208 16.60 44.09 -45.48
C PRO K 4208 17.98 43.88 -44.88
N GLN K 4209 18.59 44.93 -44.31
CA GLN K 4209 19.93 44.79 -43.75
C GLN K 4209 19.93 43.86 -42.54
N VAL K 4210 19.01 44.08 -41.59
CA VAL K 4210 18.97 43.24 -40.41
C VAL K 4210 18.54 41.82 -40.77
N LYS K 4211 17.65 41.67 -41.74
CA LYS K 4211 17.26 40.35 -42.20
C LYS K 4211 18.44 39.59 -42.80
N GLU K 4212 19.23 40.27 -43.64
CA GLU K 4212 20.41 39.64 -44.22
C GLU K 4212 21.44 39.29 -43.15
N SER K 4213 21.63 40.17 -42.17
CA SER K 4213 22.55 39.88 -41.08
C SER K 4213 22.09 38.66 -40.29
N LYS K 4214 20.79 38.57 -40.01
CA LYS K 4214 20.25 37.41 -39.31
C LYS K 4214 20.45 36.14 -40.12
N ARG K 4215 20.21 36.20 -41.43
CA ARG K 4215 20.41 35.03 -42.28
C ARG K 4215 21.86 34.58 -42.27
N GLN K 4216 22.79 35.53 -42.38
CA GLN K 4216 24.21 35.18 -42.34
C GLN K 4216 24.60 34.57 -41.01
N PHE K 4217 24.14 35.17 -39.90
CA PHE K 4217 24.50 34.66 -38.58
C PHE K 4217 23.93 33.25 -38.36
N ILE K 4218 22.69 33.02 -38.77
CA ILE K 4218 22.10 31.70 -38.57
C ILE K 4218 22.79 30.67 -39.46
N PHE K 4219 23.14 31.06 -40.69
CA PHE K 4219 23.90 30.15 -41.54
C PHE K 4219 25.20 29.76 -40.84
N ASP K 4220 25.94 30.74 -40.33
CA ASP K 4220 27.21 30.45 -39.66
C ASP K 4220 27.01 29.58 -38.43
N VAL K 4221 25.96 29.85 -37.65
CA VAL K 4221 25.74 29.11 -36.41
C VAL K 4221 25.42 27.66 -36.70
N VAL K 4222 24.48 27.41 -37.61
CA VAL K 4222 24.12 26.02 -37.89
C VAL K 4222 25.16 25.33 -38.77
N ASN K 4223 26.07 26.07 -39.39
CA ASN K 4223 27.14 25.44 -40.16
C ASN K 4223 28.32 25.04 -39.27
N GLU K 4224 28.94 26.01 -38.62
CA GLU K 4224 30.14 25.79 -37.82
C GLU K 4224 30.03 26.48 -36.47
N GLY K 4225 28.89 26.30 -35.79
CA GLY K 4225 28.70 26.88 -34.48
C GLY K 4225 28.38 25.86 -33.42
N GLY K 4226 29.17 25.83 -32.35
CA GLY K 4226 28.94 24.86 -31.29
C GLY K 4226 27.73 25.23 -30.45
N GLU K 4227 27.11 24.20 -29.86
CA GLU K 4227 25.95 24.42 -28.99
C GLU K 4227 26.33 25.21 -27.75
N ALA K 4228 27.48 24.91 -27.15
CA ALA K 4228 27.91 25.64 -25.96
C ALA K 4228 28.17 27.10 -26.26
N GLU K 4229 28.79 27.39 -27.40
CA GLU K 4229 29.08 28.76 -27.80
C GLU K 4229 27.93 29.41 -28.56
N LYS K 4230 26.80 28.70 -28.74
CA LYS K 4230 25.68 29.26 -29.48
C LYS K 4230 25.09 30.47 -28.76
N MET K 4231 25.02 30.41 -27.43
CA MET K 4231 24.40 31.50 -26.68
C MET K 4231 25.25 32.76 -26.71
N GLU K 4232 26.58 32.61 -26.63
CA GLU K 4232 27.45 33.78 -26.74
C GLU K 4232 27.33 34.41 -28.12
N LEU K 4233 27.26 33.58 -29.16
CA LEU K 4233 27.03 34.12 -30.50
C LEU K 4233 25.68 34.82 -30.58
N PHE K 4234 24.67 34.26 -29.92
CA PHE K 4234 23.34 34.88 -29.93
C PHE K 4234 23.36 36.25 -29.29
N VAL K 4235 24.02 36.40 -28.14
CA VAL K 4235 24.06 37.70 -27.47
C VAL K 4235 24.91 38.68 -28.27
N SER K 4236 26.00 38.20 -28.89
CA SER K 4236 26.79 39.07 -29.75
C SER K 4236 25.97 39.56 -30.94
N PHE K 4237 25.18 38.67 -31.54
CA PHE K 4237 24.30 39.04 -32.65
C PHE K 4237 23.24 40.03 -32.20
N CYS K 4238 22.70 39.84 -31.00
CA CYS K 4238 21.73 40.80 -30.47
C CYS K 4238 22.35 42.18 -30.32
N GLU K 4239 23.55 42.25 -29.74
CA GLU K 4239 24.22 43.53 -29.59
C GLU K 4239 24.52 44.17 -30.95
N ASP K 4240 24.97 43.36 -31.91
CA ASP K 4240 25.25 43.87 -33.24
C ASP K 4240 23.99 44.42 -33.91
N THR K 4241 22.87 43.71 -33.75
CA THR K 4241 21.61 44.18 -34.33
C THR K 4241 21.15 45.48 -33.66
N ILE K 4242 21.29 45.58 -32.34
CA ILE K 4242 20.92 46.83 -31.66
C ILE K 4242 21.77 47.98 -32.17
N PHE K 4243 23.07 47.74 -32.35
CA PHE K 4243 23.95 48.77 -32.91
C PHE K 4243 23.52 49.13 -34.34
N GLU K 4244 23.09 48.12 -35.11
CA GLU K 4244 22.62 48.38 -36.47
C GLU K 4244 21.37 49.25 -36.46
N MET K 4245 20.43 48.97 -35.55
CA MET K 4245 19.24 49.82 -35.45
C MET K 4245 19.62 51.23 -35.04
N GLN K 4246 20.58 51.37 -34.11
CA GLN K 4246 21.03 52.70 -33.73
C GLN K 4246 21.63 53.45 -34.92
N ILE K 4247 22.43 52.75 -35.72
CA ILE K 4247 23.03 53.37 -36.90
C ILE K 4247 21.94 53.78 -37.89
N ALA K 4248 20.96 52.91 -38.13
CA ALA K 4248 19.88 53.23 -39.06
C ALA K 4248 19.07 54.43 -38.58
N ALA K 4249 18.79 54.50 -37.27
CA ALA K 4249 18.07 55.64 -36.74
C ALA K 4249 18.89 56.92 -36.88
N GLN K 4250 20.20 56.83 -36.65
CA GLN K 4250 21.06 58.00 -36.81
C GLN K 4250 21.07 58.49 -38.25
N ILE K 4251 21.12 57.56 -39.21
CA ILE K 4251 21.16 57.93 -40.63
C ILE K 4251 19.77 58.06 -41.24
N SER K 4252 18.72 57.82 -40.46
CA SER K 4252 17.36 57.94 -40.98
C SER K 4252 17.02 59.38 -41.31
N GLU K 4253 16.22 59.57 -42.35
CA GLU K 4253 15.81 60.90 -42.77
C GLU K 4253 14.75 61.46 -41.83
N THR K 4323 21.29 39.42 -88.33
CA THR K 4323 22.66 39.68 -87.90
C THR K 4323 22.87 39.21 -86.46
N ALA K 4324 24.15 39.20 -86.03
CA ALA K 4324 24.47 38.76 -84.67
C ALA K 4324 24.08 39.77 -83.61
N ARG K 4325 23.82 41.03 -83.99
CA ARG K 4325 23.47 42.04 -83.01
C ARG K 4325 22.16 41.72 -82.30
N GLU K 4326 21.16 41.25 -83.05
CA GLU K 4326 19.88 40.90 -82.43
C GLU K 4326 20.03 39.75 -81.44
N ALA K 4327 20.80 38.73 -81.82
CA ALA K 4327 21.03 37.60 -80.91
C ALA K 4327 21.78 38.05 -79.67
N ALA K 4328 22.78 38.91 -79.84
CA ALA K 4328 23.52 39.43 -78.69
C ALA K 4328 22.60 40.21 -77.76
N THR K 4329 21.75 41.07 -78.32
CA THR K 4329 20.83 41.85 -77.49
C THR K 4329 19.86 40.94 -76.74
N ALA K 4330 19.31 39.94 -77.42
CA ALA K 4330 18.39 39.03 -76.76
C ALA K 4330 19.07 38.25 -75.65
N LEU K 4331 20.27 37.74 -75.90
CA LEU K 4331 20.98 36.97 -74.89
C LEU K 4331 21.34 37.84 -73.69
N ALA K 4332 21.82 39.06 -73.94
CA ALA K 4332 22.17 39.97 -72.85
C ALA K 4332 20.93 40.34 -72.04
N ALA K 4333 19.80 40.60 -72.71
CA ALA K 4333 18.57 40.91 -71.99
C ALA K 4333 18.11 39.74 -71.13
N LEU K 4334 18.17 38.53 -71.68
CA LEU K 4334 17.77 37.36 -70.90
C LEU K 4334 18.68 37.16 -69.69
N LEU K 4335 19.99 37.31 -69.88
CA LEU K 4335 20.92 37.16 -68.77
C LEU K 4335 20.69 38.22 -67.70
N TRP K 4336 20.47 39.46 -68.10
CA TRP K 4336 20.21 40.53 -67.14
C TRP K 4336 18.90 40.28 -66.39
N ALA K 4337 17.87 39.83 -67.09
CA ALA K 4337 16.59 39.56 -66.45
C ALA K 4337 16.72 38.42 -65.44
N VAL K 4338 17.42 37.35 -65.80
CA VAL K 4338 17.55 36.23 -64.87
C VAL K 4338 18.46 36.60 -63.70
N VAL K 4339 19.43 37.48 -63.92
CA VAL K 4339 20.26 37.96 -62.81
C VAL K 4339 19.43 38.80 -61.85
N ALA K 4340 18.62 39.72 -62.38
CA ALA K 4340 17.78 40.56 -61.54
C ALA K 4340 16.66 39.78 -60.86
N ARG K 4341 16.26 38.64 -61.43
CA ARG K 4341 15.22 37.83 -60.81
C ARG K 4341 15.67 37.27 -59.46
N ALA K 4342 16.96 36.94 -59.34
CA ALA K 4342 17.52 36.39 -58.11
C ALA K 4342 17.97 37.46 -57.14
N GLY K 4343 17.74 38.74 -57.43
CA GLY K 4343 18.16 39.82 -56.57
C GLY K 4343 19.53 40.39 -56.86
N ALA K 4344 20.27 39.79 -57.79
CA ALA K 4344 21.60 40.27 -58.17
C ALA K 4344 22.53 40.37 -56.97
N TRP K 4541 30.33 76.34 -43.09
CA TRP K 4541 28.98 76.84 -42.97
C TRP K 4541 28.03 75.75 -42.49
N GLY K 4542 27.02 76.15 -41.70
CA GLY K 4542 26.06 75.18 -41.21
C GLY K 4542 25.22 74.56 -42.31
N GLU K 4543 24.83 75.37 -43.30
CA GLU K 4543 24.05 74.85 -44.42
C GLU K 4543 24.84 73.81 -45.21
N LEU K 4544 26.11 74.09 -45.47
CA LEU K 4544 26.95 73.11 -46.18
C LEU K 4544 27.10 71.83 -45.37
N GLU K 4545 27.29 71.96 -44.06
CA GLU K 4545 27.43 70.77 -43.21
C GLU K 4545 26.16 69.94 -43.22
N VAL K 4546 24.99 70.57 -43.10
CA VAL K 4546 23.75 69.81 -43.08
C VAL K 4546 23.47 69.21 -44.45
N GLN K 4547 23.85 69.90 -45.54
CA GLN K 4547 23.69 69.31 -46.86
C GLN K 4547 24.58 68.10 -47.04
N ARG K 4548 25.82 68.17 -46.55
CA ARG K 4548 26.72 67.02 -46.62
C ARG K 4548 26.19 65.87 -45.78
N VAL K 4549 25.64 66.16 -44.61
CA VAL K 4549 25.07 65.11 -43.77
C VAL K 4549 23.89 64.44 -44.47
N LYS K 4550 23.01 65.24 -45.09
CA LYS K 4550 21.88 64.68 -45.81
C LYS K 4550 22.34 63.83 -46.99
N PHE K 4551 23.36 64.30 -47.72
CA PHE K 4551 23.90 63.52 -48.84
C PHE K 4551 24.48 62.20 -48.37
N LEU K 4552 25.22 62.23 -47.24
CA LEU K 4552 25.78 61.00 -46.69
C LEU K 4552 24.68 60.03 -46.26
N ASN K 4553 23.63 60.56 -45.63
CA ASN K 4553 22.52 59.69 -45.22
C ASN K 4553 21.81 59.09 -46.42
N TYR K 4554 21.62 59.88 -47.48
CA TYR K 4554 21.00 59.37 -48.69
C TYR K 4554 21.85 58.28 -49.34
N LEU K 4555 23.17 58.49 -49.36
CA LEU K 4555 24.06 57.48 -49.91
C LEU K 4555 24.02 56.19 -49.08
N SER K 4556 23.98 56.32 -47.75
CA SER K 4556 23.95 55.14 -46.89
C SER K 4556 22.64 54.39 -47.04
N ARG K 4557 21.52 55.11 -47.19
CA ARG K 4557 20.22 54.47 -47.26
C ARG K 4557 20.08 53.59 -48.50
N ASN K 4558 20.62 54.04 -49.64
CA ASN K 4558 20.46 53.35 -50.92
C ASN K 4558 21.71 52.58 -51.33
N PHE K 4559 22.40 51.96 -50.37
CA PHE K 4559 23.62 51.22 -50.70
C PHE K 4559 23.32 50.03 -51.60
N TYR K 4560 22.25 49.28 -51.31
CA TYR K 4560 21.89 48.15 -52.16
C TYR K 4560 21.42 48.61 -53.54
N THR K 4561 20.65 49.69 -53.58
CA THR K 4561 20.27 50.26 -54.87
C THR K 4561 21.49 50.75 -55.64
N LEU K 4562 22.46 51.33 -54.94
CA LEU K 4562 23.69 51.75 -55.59
C LEU K 4562 24.46 50.57 -56.16
N ARG K 4563 24.52 49.46 -55.42
CA ARG K 4563 25.19 48.26 -55.92
C ARG K 4563 24.46 47.70 -57.14
N PHE K 4564 23.14 47.71 -57.11
CA PHE K 4564 22.36 47.24 -58.27
C PHE K 4564 22.63 48.13 -59.49
N LEU K 4565 22.66 49.44 -59.28
CA LEU K 4565 22.95 50.37 -60.37
C LEU K 4565 24.35 50.14 -60.93
N ALA K 4566 25.33 49.91 -60.04
CA ALA K 4566 26.69 49.63 -60.49
C ALA K 4566 26.76 48.35 -61.30
N LEU K 4567 26.05 47.30 -60.87
CA LEU K 4567 26.03 46.07 -61.63
C LEU K 4567 25.37 46.26 -62.99
N PHE K 4568 24.28 47.04 -63.04
CA PHE K 4568 23.63 47.34 -64.31
C PHE K 4568 24.56 48.09 -65.24
N LEU K 4569 25.30 49.07 -64.72
CA LEU K 4569 26.23 49.83 -65.54
C LEU K 4569 27.38 48.95 -66.03
N ALA K 4570 27.85 48.04 -65.18
CA ALA K 4570 28.90 47.10 -65.60
C ALA K 4570 28.39 46.21 -66.73
N PHE K 4571 27.16 45.71 -66.61
CA PHE K 4571 26.59 44.90 -67.68
C PHE K 4571 26.45 45.71 -68.97
N ALA K 4572 26.00 46.95 -68.86
CA ALA K 4572 25.84 47.79 -70.04
C ALA K 4572 27.17 48.08 -70.72
N ILE K 4573 28.20 48.39 -69.93
CA ILE K 4573 29.50 48.70 -70.51
C ILE K 4573 30.15 47.44 -71.08
N ASN K 4574 29.88 46.27 -70.50
CA ASN K 4574 30.38 45.02 -71.07
C ASN K 4574 29.69 44.73 -72.40
N PHE K 4575 28.39 44.96 -72.48
CA PHE K 4575 27.67 44.75 -73.75
C PHE K 4575 28.15 45.73 -74.81
N ILE K 4576 28.37 46.99 -74.43
CA ILE K 4576 28.87 47.98 -75.39
C ILE K 4576 30.26 47.60 -75.85
N LEU K 4577 31.11 47.12 -74.93
CA LEU K 4577 32.44 46.62 -75.28
C LEU K 4577 32.37 45.41 -76.19
N LEU K 4578 31.25 44.68 -76.19
CA LEU K 4578 31.08 43.50 -77.03
C LEU K 4578 31.01 43.81 -78.52
N PHE K 4579 30.99 45.08 -78.91
CA PHE K 4579 30.97 45.46 -80.32
C PHE K 4579 32.28 46.11 -80.76
N TYR K 4580 33.41 45.66 -80.21
CA TYR K 4580 34.70 46.22 -80.57
C TYR K 4580 35.22 45.60 -81.87
N LYS K 4581 36.18 46.29 -82.49
CA LYS K 4581 36.80 45.83 -83.71
C LYS K 4581 38.18 46.45 -83.83
N VAL K 4582 39.03 45.80 -84.64
CA VAL K 4582 40.39 46.26 -84.87
C VAL K 4582 40.69 46.20 -86.36
N SER K 4583 41.55 47.09 -86.83
CA SER K 4583 42.02 47.08 -88.20
C SER K 4583 43.32 47.85 -88.30
N ASP K 4584 44.16 47.48 -89.26
CA ASP K 4584 45.43 48.18 -89.47
C ASP K 4584 45.19 49.60 -89.95
N SER K 4585 44.21 49.80 -90.84
CA SER K 4585 43.94 51.11 -91.38
C SER K 4585 43.35 52.03 -90.30
N PRO K 4586 43.66 53.33 -90.35
CA PRO K 4586 43.07 54.26 -89.39
C PRO K 4586 41.57 54.35 -89.57
N PRO K 4587 40.82 54.64 -88.49
CA PRO K 4587 39.36 54.76 -88.54
C PRO K 4587 38.87 55.83 -89.51
N ASN K 4626 50.61 49.11 -86.25
CA ASN K 4626 49.94 50.03 -85.34
C ASN K 4626 48.43 49.80 -85.33
N MET K 4627 48.01 48.77 -84.61
CA MET K 4627 46.58 48.46 -84.52
C MET K 4627 45.85 49.53 -83.73
N VAL K 4628 44.65 49.88 -84.19
CA VAL K 4628 43.82 50.88 -83.54
C VAL K 4628 42.51 50.21 -83.12
N TYR K 4629 42.13 50.40 -81.86
CA TYR K 4629 40.92 49.80 -81.32
C TYR K 4629 39.76 50.78 -81.45
N TYR K 4630 39.27 50.89 -82.69
CA TYR K 4630 38.15 51.78 -82.99
C TYR K 4630 36.83 51.11 -82.64
N PHE K 4631 35.73 51.79 -82.97
CA PHE K 4631 34.39 51.31 -82.67
C PHE K 4631 33.61 51.15 -83.96
N LEU K 4632 32.92 50.02 -84.11
CA LEU K 4632 32.09 49.75 -85.28
C LEU K 4632 30.83 49.03 -84.81
N GLU K 4633 29.68 49.69 -84.96
CA GLU K 4633 28.41 49.11 -84.55
C GLU K 4633 27.29 49.80 -85.28
N GLU K 4634 26.11 49.20 -85.24
CA GLU K 4634 24.93 49.80 -85.85
C GLU K 4634 24.57 51.09 -85.15
N SER K 4635 24.03 52.05 -85.92
CA SER K 4635 23.69 53.38 -85.43
C SER K 4635 24.93 54.07 -84.86
N THR K 4636 25.90 54.32 -85.74
CA THR K 4636 27.17 54.90 -85.33
C THR K 4636 26.96 56.28 -84.71
N GLY K 4637 27.78 56.60 -83.71
CA GLY K 4637 27.65 57.82 -82.96
C GLY K 4637 26.78 57.72 -81.73
N TYR K 4638 26.10 56.58 -81.52
CA TYR K 4638 25.26 56.36 -80.35
C TYR K 4638 25.89 55.44 -79.33
N MET K 4639 27.14 55.01 -79.53
CA MET K 4639 27.79 54.05 -78.65
C MET K 4639 29.04 54.59 -77.99
N GLU K 4640 29.96 55.19 -78.76
CA GLU K 4640 31.18 55.72 -78.17
C GLU K 4640 30.90 56.86 -77.18
N PRO K 4641 30.11 57.88 -77.50
CA PRO K 4641 29.70 58.82 -76.44
C PRO K 4641 28.92 58.15 -75.33
N ALA K 4642 28.11 57.14 -75.68
CA ALA K 4642 27.43 56.35 -74.67
C ALA K 4642 28.43 55.59 -73.81
N LEU K 4643 29.49 55.05 -74.43
CA LEU K 4643 30.54 54.39 -73.66
C LEU K 4643 31.19 55.35 -72.67
N TRP K 4644 31.53 56.55 -73.14
CA TRP K 4644 32.18 57.52 -72.26
C TRP K 4644 31.27 57.92 -71.11
N CYS K 4645 30.00 58.24 -71.42
CA CYS K 4645 29.06 58.63 -70.38
C CYS K 4645 28.83 57.50 -69.39
N LEU K 4646 28.72 56.26 -69.88
CA LEU K 4646 28.54 55.12 -69.00
C LEU K 4646 29.75 54.92 -68.10
N SER K 4647 30.96 55.09 -68.63
CA SER K 4647 32.15 54.95 -67.80
C SER K 4647 32.20 55.99 -66.70
N LEU K 4648 31.94 57.26 -67.04
CA LEU K 4648 31.90 58.31 -66.02
C LEU K 4648 30.80 58.06 -64.99
N LEU K 4649 29.62 57.65 -65.44
CA LEU K 4649 28.52 57.40 -64.50
C LEU K 4649 28.86 56.23 -63.57
N HIS K 4650 29.49 55.19 -64.12
CA HIS K 4650 29.89 54.05 -63.29
C HIS K 4650 30.97 54.45 -62.28
N THR K 4651 31.92 55.30 -62.69
CA THR K 4651 32.93 55.77 -61.76
C THR K 4651 32.30 56.58 -60.62
N LEU K 4652 31.35 57.46 -60.97
CA LEU K 4652 30.66 58.24 -59.94
C LEU K 4652 29.86 57.33 -59.01
N VAL K 4653 29.19 56.32 -59.58
CA VAL K 4653 28.41 55.38 -58.77
C VAL K 4653 29.32 54.59 -57.83
N ALA K 4654 30.48 54.18 -58.32
CA ALA K 4654 31.44 53.46 -57.48
C ALA K 4654 31.95 54.36 -56.35
N PHE K 4655 32.21 55.63 -56.65
CA PHE K 4655 32.63 56.55 -55.60
C PHE K 4655 31.54 56.72 -54.54
N LEU K 4656 30.30 56.88 -54.99
CA LEU K 4656 29.19 57.00 -54.04
C LEU K 4656 29.04 55.73 -53.21
N CYS K 4657 29.24 54.57 -53.84
CA CYS K 4657 29.10 53.30 -53.15
C CYS K 4657 30.18 53.12 -52.09
N ILE K 4658 31.44 53.46 -52.41
CA ILE K 4658 32.50 53.32 -51.43
C ILE K 4658 32.32 54.33 -50.30
N ILE K 4659 31.84 55.53 -50.62
CA ILE K 4659 31.56 56.51 -49.58
C ILE K 4659 30.46 56.00 -48.65
N GLY K 4660 29.40 55.43 -49.23
CA GLY K 4660 28.32 54.90 -48.40
C GLY K 4660 28.75 53.72 -47.54
N TYR K 4661 29.55 52.82 -48.11
CA TYR K 4661 30.07 51.71 -47.32
C TYR K 4661 31.00 52.21 -46.22
N ASN K 4662 31.68 53.34 -46.46
CA ASN K 4662 32.54 53.93 -45.45
C ASN K 4662 31.74 54.44 -44.26
N CYS K 4663 30.42 54.55 -44.38
CA CYS K 4663 29.57 55.05 -43.30
C CYS K 4663 28.46 54.09 -42.93
N LEU K 4664 28.49 52.85 -43.43
CA LEU K 4664 27.44 51.88 -43.15
C LEU K 4664 27.95 50.69 -42.34
N LYS K 4665 28.97 49.98 -42.82
CA LYS K 4665 29.46 48.79 -42.15
C LYS K 4665 30.73 49.01 -41.36
N VAL K 4666 31.43 50.13 -41.58
CA VAL K 4666 32.59 50.46 -40.76
C VAL K 4666 32.24 50.58 -39.28
N PRO K 4667 31.18 51.29 -38.88
CA PRO K 4667 30.82 51.29 -37.45
C PRO K 4667 30.59 49.88 -36.91
N LEU K 4668 29.96 49.01 -37.69
CA LEU K 4668 29.69 47.66 -37.22
C LEU K 4668 30.98 46.87 -36.97
N VAL K 4669 31.92 46.93 -37.93
CA VAL K 4669 33.14 46.15 -37.79
C VAL K 4669 34.03 46.72 -36.69
N ILE K 4670 34.10 48.05 -36.58
CA ILE K 4670 34.92 48.62 -35.50
C ILE K 4670 34.27 48.35 -34.14
N PHE K 4671 32.94 48.30 -34.07
CA PHE K 4671 32.27 47.93 -32.83
C PHE K 4671 32.58 46.49 -32.47
N LYS K 4672 32.56 45.58 -33.46
CA LYS K 4672 32.92 44.19 -33.20
C LYS K 4672 34.35 44.08 -32.69
N ARG K 4673 35.28 44.80 -33.32
CA ARG K 4673 36.68 44.76 -32.89
C ARG K 4673 36.83 45.31 -31.48
N GLU K 4674 36.16 46.42 -31.17
CA GLU K 4674 36.24 47.00 -29.83
C GLU K 4674 35.65 46.06 -28.79
N LYS K 4675 34.53 45.41 -29.11
CA LYS K 4675 33.94 44.45 -28.19
C LYS K 4675 34.87 43.28 -27.93
N GLU K 4676 35.49 42.75 -28.99
CA GLU K 4676 36.42 41.65 -28.83
C GLU K 4676 37.62 42.04 -27.97
N LEU K 4677 38.17 43.24 -28.24
CA LEU K 4677 39.31 43.70 -27.45
C LEU K 4677 38.94 43.91 -25.99
N ALA K 4678 37.77 44.51 -25.74
CA ALA K 4678 37.34 44.75 -24.37
C ALA K 4678 37.10 43.45 -23.61
N ARG K 4679 36.48 42.46 -24.28
CA ARG K 4679 36.22 41.19 -23.62
C ARG K 4679 37.48 40.33 -23.49
N LYS K 4680 38.50 40.56 -24.31
CA LYS K 4680 39.78 39.92 -24.13
C LYS K 4680 40.70 40.67 -23.17
N LEU K 4681 40.35 41.89 -22.78
CA LEU K 4681 41.16 42.69 -21.88
C LEU K 4681 40.74 42.51 -20.42
N GLU K 4682 39.45 42.68 -20.12
CA GLU K 4682 38.97 42.65 -18.75
C GLU K 4682 38.64 41.23 -18.29
N PHE K 4683 37.71 40.57 -18.98
CA PHE K 4683 37.27 39.25 -18.55
C PHE K 4683 38.32 38.17 -18.82
N ASP K 4684 39.10 38.31 -19.88
CA ASP K 4684 40.10 37.32 -20.26
C ASP K 4684 41.51 37.71 -19.87
N GLY K 4685 41.91 38.97 -20.07
CA GLY K 4685 43.24 39.42 -19.71
C GLY K 4685 44.36 38.79 -20.50
N LEU K 4686 44.19 38.70 -21.82
CA LEU K 4686 45.24 38.14 -22.67
C LEU K 4686 46.51 38.99 -22.63
N TYR K 4687 46.36 40.31 -22.65
CA TYR K 4687 47.52 41.17 -22.84
C TYR K 4687 48.25 41.46 -21.52
N ILE K 4688 47.53 41.45 -20.40
CA ILE K 4688 48.15 41.75 -19.11
C ILE K 4688 48.68 40.50 -18.43
N THR K 4689 47.91 39.42 -18.44
CA THR K 4689 48.34 38.17 -17.80
C THR K 4689 49.15 37.28 -18.73
N GLU K 4690 49.27 37.64 -20.01
CA GLU K 4690 50.04 36.85 -20.96
C GLU K 4690 50.57 37.78 -22.04
N GLN K 4691 51.11 37.20 -23.11
CA GLN K 4691 51.65 37.96 -24.23
C GLN K 4691 51.11 37.35 -25.52
N PRO K 4692 50.36 38.11 -26.34
CA PRO K 4692 49.82 37.62 -27.60
C PRO K 4692 50.90 37.23 -28.61
N ASP K 4696 49.68 36.28 -35.21
CA ASP K 4696 48.50 37.03 -34.79
C ASP K 4696 48.72 38.53 -34.92
N VAL K 4697 48.60 39.05 -36.14
CA VAL K 4697 48.78 40.48 -36.37
C VAL K 4697 47.65 41.30 -35.75
N LYS K 4698 46.51 40.67 -35.47
CA LYS K 4698 45.39 41.39 -34.86
C LYS K 4698 45.75 41.93 -33.49
N GLY K 4699 46.44 41.11 -32.68
CA GLY K 4699 46.87 41.58 -31.37
C GLY K 4699 47.89 42.69 -31.47
N GLN K 4700 48.82 42.58 -32.43
CA GLN K 4700 49.81 43.63 -32.63
C GLN K 4700 49.14 44.94 -33.02
N TRP K 4701 48.14 44.88 -33.90
CA TRP K 4701 47.44 46.10 -34.29
C TRP K 4701 46.62 46.66 -33.14
N ASP K 4702 46.00 45.80 -32.33
CA ASP K 4702 45.22 46.27 -31.19
C ASP K 4702 46.09 46.84 -30.07
N ARG K 4703 47.36 46.42 -30.00
CA ARG K 4703 48.25 46.99 -28.98
C ARG K 4703 48.42 48.49 -29.14
N LEU K 4704 48.42 48.98 -30.38
CA LEU K 4704 48.55 50.42 -30.60
C LEU K 4704 47.31 51.17 -30.11
N VAL K 4705 46.13 50.61 -30.35
CA VAL K 4705 44.90 51.28 -29.93
C VAL K 4705 44.57 51.02 -28.47
N LEU K 4706 45.35 50.18 -27.79
CA LEU K 4706 45.15 49.96 -26.36
C LEU K 4706 45.21 51.27 -25.58
N ASN K 4707 46.21 52.09 -25.85
CA ASN K 4707 46.46 53.30 -25.06
C ASN K 4707 45.75 54.53 -25.60
N THR K 4708 44.95 54.39 -26.65
CA THR K 4708 44.19 55.53 -27.16
C THR K 4708 43.17 55.99 -26.12
N PRO K 4709 43.05 57.29 -25.88
CA PRO K 4709 42.09 57.75 -24.88
C PRO K 4709 40.65 57.35 -25.17
N SER K 4710 40.25 57.37 -26.43
CA SER K 4710 38.89 56.98 -26.84
C SER K 4710 38.88 55.55 -27.35
N PHE K 4711 39.23 54.62 -26.46
CA PHE K 4711 39.17 53.20 -26.83
C PHE K 4711 37.76 52.73 -27.13
N PRO K 4712 36.73 53.00 -26.30
CA PRO K 4712 35.36 52.61 -26.67
C PRO K 4712 34.65 53.70 -27.49
N SER K 4713 35.17 53.94 -28.70
CA SER K 4713 34.59 54.97 -29.56
C SER K 4713 33.15 54.65 -29.93
N ASN K 4714 32.88 53.39 -30.27
CA ASN K 4714 31.54 52.96 -30.63
C ASN K 4714 30.91 51.98 -29.63
N TYR K 4715 31.71 51.43 -28.72
CA TYR K 4715 31.17 50.51 -27.73
C TYR K 4715 30.33 51.26 -26.70
N TRP K 4716 29.25 50.61 -26.25
CA TRP K 4716 28.34 51.24 -25.30
C TRP K 4716 29.02 51.51 -23.96
N ASP K 4717 29.80 50.54 -23.46
CA ASP K 4717 30.47 50.68 -22.17
C ASP K 4717 31.71 51.55 -22.36
N LYS K 4718 31.65 52.78 -21.85
CA LYS K 4718 32.75 53.72 -21.96
C LYS K 4718 33.73 53.60 -20.80
N PHE K 4719 33.47 52.73 -19.83
CA PHE K 4719 34.30 52.59 -18.63
C PHE K 4719 34.86 51.17 -18.50
N VAL K 4720 35.14 50.53 -19.63
CA VAL K 4720 35.76 49.21 -19.60
C VAL K 4720 37.17 49.29 -19.02
N LYS K 4721 37.88 50.39 -19.30
CA LYS K 4721 39.21 50.58 -18.74
C LYS K 4721 39.18 50.63 -17.22
N ARG K 4722 38.22 51.36 -16.65
CA ARG K 4722 38.08 51.39 -15.20
C ARG K 4722 37.75 50.01 -14.64
N LYS K 4723 36.88 49.27 -15.34
CA LYS K 4723 36.50 47.94 -14.88
C LYS K 4723 37.70 47.00 -14.85
N VAL K 4724 38.52 47.01 -15.91
CA VAL K 4724 39.68 46.12 -15.93
C VAL K 4724 40.73 46.59 -14.94
N LEU K 4725 40.88 47.90 -14.75
CA LEU K 4725 41.83 48.40 -13.76
C LEU K 4725 41.43 47.97 -12.35
N ASP K 4726 40.14 48.02 -12.03
CA ASP K 4726 39.69 47.66 -10.69
C ASP K 4726 39.73 46.14 -10.50
N LYS K 4727 39.36 45.38 -11.53
CA LYS K 4727 39.28 43.92 -11.39
C LYS K 4727 40.67 43.30 -11.30
N HIS K 4728 41.60 43.72 -12.15
CA HIS K 4728 42.92 43.11 -12.23
C HIS K 4728 44.02 44.00 -11.67
N GLY K 4729 43.66 44.98 -10.85
CA GLY K 4729 44.64 45.87 -10.26
C GLY K 4729 45.32 45.36 -9.00
N ASP K 4730 44.97 44.16 -8.53
CA ASP K 4730 45.56 43.59 -7.34
C ASP K 4730 46.72 42.66 -7.63
N ILE K 4731 46.54 41.75 -8.59
CA ILE K 4731 47.62 40.82 -8.94
C ILE K 4731 48.81 41.57 -9.54
N PHE K 4732 48.55 42.50 -10.44
CA PHE K 4732 49.58 43.29 -11.09
C PHE K 4732 49.58 44.72 -10.56
N GLY K 4733 50.73 45.38 -10.72
CA GLY K 4733 50.88 46.76 -10.30
C GLY K 4733 49.90 47.69 -10.97
N ARG K 4734 49.26 48.57 -10.19
CA ARG K 4734 48.26 49.47 -10.75
C ARG K 4734 48.89 50.43 -11.75
N GLU K 4735 50.12 50.89 -11.48
CA GLU K 4735 50.77 51.83 -12.39
C GLU K 4735 51.02 51.18 -13.76
N ARG K 4736 51.44 49.92 -13.77
CA ARG K 4736 51.68 49.23 -15.04
C ARG K 4736 50.40 49.08 -15.84
N ILE K 4737 49.30 48.70 -15.17
CA ILE K 4737 48.03 48.55 -15.86
C ILE K 4737 47.55 49.89 -16.39
N ALA K 4738 47.71 50.96 -15.61
CA ALA K 4738 47.30 52.28 -16.07
C ALA K 4738 48.12 52.72 -17.27
N GLU K 4739 49.43 52.46 -17.26
CA GLU K 4739 50.28 52.82 -18.39
C GLU K 4739 49.90 52.02 -19.64
N LEU K 4740 49.65 50.72 -19.48
CA LEU K 4740 49.30 49.90 -20.63
C LEU K 4740 47.94 50.30 -21.21
N LEU K 4741 46.96 50.60 -20.34
CA LEU K 4741 45.64 51.00 -20.82
C LEU K 4741 45.64 52.41 -21.39
N GLY K 4742 46.66 53.21 -21.10
CA GLY K 4742 46.71 54.58 -21.56
C GLY K 4742 45.94 55.58 -20.73
N MET K 4743 45.30 55.14 -19.65
CA MET K 4743 44.56 56.05 -18.78
C MET K 4743 45.53 56.85 -17.94
N ASP K 4744 45.31 58.16 -17.87
CA ASP K 4744 46.17 59.06 -17.12
C ASP K 4744 45.32 59.92 -16.18
N LEU K 4745 45.98 60.46 -15.16
CA LEU K 4745 45.34 61.32 -14.17
C LEU K 4745 44.18 60.61 -13.47
N ALA K 4746 44.53 59.54 -12.74
CA ALA K 4746 43.53 58.78 -12.00
C ALA K 4746 42.87 59.64 -10.93
N SER K 4747 43.66 60.47 -10.24
CA SER K 4747 43.09 61.37 -9.24
C SER K 4747 42.14 62.37 -9.88
N LEU K 4748 42.50 62.89 -11.05
CA LEU K 4748 41.61 63.83 -11.75
C LEU K 4748 40.32 63.14 -12.17
N GLU K 4749 40.42 61.88 -12.64
CA GLU K 4749 39.22 61.13 -13.00
C GLU K 4749 38.33 60.90 -11.79
N ILE K 4750 38.94 60.57 -10.65
CA ILE K 4750 38.16 60.36 -9.43
C ILE K 4750 37.48 61.65 -9.00
N THR K 4751 38.19 62.78 -9.09
CA THR K 4751 37.59 64.07 -8.75
C THR K 4751 36.44 64.41 -9.69
N ALA K 4752 36.61 64.15 -10.98
CA ALA K 4752 35.54 64.42 -11.95
C ALA K 4752 34.32 63.54 -11.67
N HIS K 4753 34.55 62.27 -11.32
CA HIS K 4753 33.43 61.41 -10.95
C HIS K 4753 32.75 61.90 -9.67
N ASN K 4754 33.54 62.44 -8.74
CA ASN K 4754 32.98 62.97 -7.50
C ASN K 4754 32.07 64.16 -7.77
N GLU K 4755 32.53 65.09 -8.61
CA GLU K 4755 31.74 66.27 -8.95
C GLU K 4755 32.25 66.84 -10.26
N ARG K 4756 31.39 67.61 -10.92
CA ARG K 4756 31.73 68.23 -12.20
C ARG K 4756 30.90 69.48 -12.45
N THR K 4766 35.54 72.56 -37.81
CA THR K 4766 36.09 72.49 -36.45
C THR K 4766 35.82 71.13 -35.82
N TRP K 4767 35.49 70.14 -36.66
CA TRP K 4767 35.22 68.81 -36.16
C TRP K 4767 36.49 68.04 -35.81
N LEU K 4768 37.61 68.34 -36.48
CA LEU K 4768 38.85 67.61 -36.31
C LEU K 4768 39.91 68.40 -35.55
N MET K 4769 39.49 69.36 -34.72
CA MET K 4769 40.47 70.12 -33.93
C MET K 4769 41.17 69.22 -32.93
N SER K 4770 40.44 68.31 -32.28
CA SER K 4770 41.00 67.39 -31.29
C SER K 4770 40.59 65.98 -31.68
N ILE K 4771 41.42 65.35 -32.53
CA ILE K 4771 41.19 63.99 -32.99
C ILE K 4771 42.43 63.16 -32.70
N ASP K 4772 42.23 61.99 -32.09
CA ASP K 4772 43.34 61.10 -31.77
C ASP K 4772 43.86 60.47 -33.06
N VAL K 4773 45.10 60.81 -33.43
CA VAL K 4773 45.68 60.29 -34.66
C VAL K 4773 45.92 58.79 -34.56
N LYS K 4774 46.27 58.30 -33.37
CA LYS K 4774 46.51 56.86 -33.21
C LYS K 4774 45.23 56.06 -33.44
N TYR K 4775 44.11 56.54 -32.90
CA TYR K 4775 42.84 55.86 -33.11
C TYR K 4775 42.45 55.87 -34.59
N GLN K 4776 42.67 56.98 -35.28
CA GLN K 4776 42.36 57.05 -36.70
C GLN K 4776 43.24 56.09 -37.49
N ILE K 4777 44.52 56.00 -37.15
CA ILE K 4777 45.43 55.08 -37.83
C ILE K 4777 44.98 53.63 -37.60
N TRP K 4778 44.60 53.31 -36.36
CA TRP K 4778 44.14 51.96 -36.06
C TRP K 4778 42.86 51.64 -36.83
N LYS K 4779 41.94 52.60 -36.92
CA LYS K 4779 40.71 52.38 -37.68
C LYS K 4779 41.02 52.17 -39.16
N PHE K 4780 41.93 52.97 -39.72
CA PHE K 4780 42.30 52.80 -41.12
C PHE K 4780 42.92 51.43 -41.35
N GLY K 4781 43.78 50.99 -40.44
CA GLY K 4781 44.36 49.66 -40.59
C GLY K 4781 43.34 48.55 -40.49
N VAL K 4782 42.43 48.64 -39.52
CA VAL K 4782 41.43 47.59 -39.33
C VAL K 4782 40.42 47.56 -40.46
N ILE K 4783 40.19 48.68 -41.14
CA ILE K 4783 39.30 48.65 -42.31
C ILE K 4783 40.05 48.23 -43.57
N PHE K 4784 41.36 48.50 -43.66
CA PHE K 4784 42.15 47.95 -44.75
C PHE K 4784 42.26 46.44 -44.64
N THR K 4785 42.27 45.91 -43.41
CA THR K 4785 42.30 44.46 -43.22
C THR K 4785 40.97 43.83 -43.62
N ASP K 4786 39.87 44.57 -43.52
CA ASP K 4786 38.55 44.02 -43.81
C ASP K 4786 38.47 43.56 -45.26
N ASN K 4787 37.79 42.42 -45.47
CA ASN K 4787 37.71 41.84 -46.81
C ASN K 4787 36.80 42.65 -47.72
N SER K 4788 35.67 43.13 -47.20
CA SER K 4788 34.74 43.89 -48.03
C SER K 4788 35.35 45.22 -48.47
N PHE K 4789 36.04 45.90 -47.55
CA PHE K 4789 36.71 47.15 -47.92
C PHE K 4789 37.82 46.91 -48.94
N LEU K 4790 38.54 45.80 -48.80
CA LEU K 4790 39.56 45.44 -49.78
C LEU K 4790 38.93 45.18 -51.15
N TYR K 4791 37.78 44.50 -51.17
CA TYR K 4791 37.08 44.26 -52.43
C TYR K 4791 36.62 45.58 -53.06
N LEU K 4792 36.12 46.50 -52.24
CA LEU K 4792 35.71 47.80 -52.76
C LEU K 4792 36.91 48.58 -53.31
N GLY K 4793 38.05 48.52 -52.63
CA GLY K 4793 39.25 49.15 -53.14
C GLY K 4793 39.72 48.54 -54.45
N TRP K 4794 39.62 47.21 -54.56
CA TRP K 4794 39.94 46.55 -55.82
C TRP K 4794 39.00 46.99 -56.93
N TYR K 4795 37.71 47.15 -56.60
CA TYR K 4795 36.75 47.65 -57.57
C TYR K 4795 37.12 49.06 -58.03
N MET K 4796 37.53 49.91 -57.08
CA MET K 4796 37.98 51.25 -57.44
C MET K 4796 39.21 51.22 -58.33
N VAL K 4797 40.18 50.36 -58.03
CA VAL K 4797 41.38 50.25 -58.84
C VAL K 4797 41.03 49.77 -60.25
N MET K 4798 40.13 48.79 -60.35
CA MET K 4798 39.71 48.29 -61.65
C MET K 4798 38.96 49.37 -62.44
N SER K 4799 38.14 50.17 -61.77
CA SER K 4799 37.44 51.25 -62.45
C SER K 4799 38.43 52.31 -62.95
N LEU K 4800 39.44 52.64 -62.15
CA LEU K 4800 40.46 53.59 -62.59
C LEU K 4800 41.23 53.05 -63.78
N LEU K 4801 41.56 51.75 -63.76
CA LEU K 4801 42.24 51.14 -64.90
C LEU K 4801 41.36 51.14 -66.13
N GLY K 4802 40.06 50.89 -65.95
CA GLY K 4802 39.13 50.98 -67.07
C GLY K 4802 39.06 52.38 -67.64
N HIS K 4803 39.17 53.39 -66.79
CA HIS K 4803 39.31 54.76 -67.28
C HIS K 4803 40.60 54.92 -68.07
N TYR K 4804 41.69 54.34 -67.58
CA TYR K 4804 42.95 54.37 -68.32
C TYR K 4804 42.83 53.59 -69.62
N ASN K 4805 42.23 52.41 -69.56
CA ASN K 4805 42.04 51.56 -70.74
C ASN K 4805 40.70 50.86 -70.62
N ASN K 4806 39.81 51.09 -71.59
CA ASN K 4806 38.44 50.59 -71.49
C ASN K 4806 38.35 49.09 -71.36
N PHE K 4807 39.40 48.36 -71.76
CA PHE K 4807 39.36 46.91 -71.68
C PHE K 4807 39.40 46.39 -70.25
N PHE K 4808 39.81 47.22 -69.29
CA PHE K 4808 39.85 46.80 -67.89
C PHE K 4808 38.47 46.76 -67.26
N PHE K 4809 37.44 47.26 -67.94
CA PHE K 4809 36.09 47.23 -67.39
C PHE K 4809 35.52 45.82 -67.27
N ALA K 4810 36.13 44.85 -67.95
CA ALA K 4810 35.64 43.48 -67.90
C ALA K 4810 35.84 42.84 -66.53
N ALA K 4811 36.75 43.38 -65.71
CA ALA K 4811 36.95 42.83 -64.38
C ALA K 4811 35.74 43.07 -63.48
N HIS K 4812 34.90 44.03 -63.82
CA HIS K 4812 33.70 44.31 -63.04
C HIS K 4812 32.65 43.22 -63.15
N LEU K 4813 32.76 42.32 -64.15
CA LEU K 4813 31.80 41.25 -64.32
C LEU K 4813 31.88 40.21 -63.21
N LEU K 4814 32.97 40.21 -62.44
CA LEU K 4814 33.12 39.25 -61.34
C LEU K 4814 32.19 39.55 -60.17
N ASP K 4815 31.54 40.73 -60.15
CA ASP K 4815 30.61 41.05 -59.08
C ASP K 4815 29.38 40.15 -59.09
N ILE K 4816 29.10 39.49 -60.22
CA ILE K 4816 27.98 38.56 -60.28
C ILE K 4816 28.21 37.39 -59.35
N ALA K 4817 29.44 36.87 -59.32
CA ALA K 4817 29.75 35.73 -58.46
C ALA K 4817 29.57 36.08 -56.99
N MET K 4818 30.01 37.26 -56.57
CA MET K 4818 29.87 37.66 -55.18
C MET K 4818 28.43 38.03 -54.84
N GLY K 4819 27.65 38.47 -55.82
CA GLY K 4819 26.30 38.93 -55.57
C GLY K 4819 25.31 37.83 -55.20
N VAL K 4820 25.03 36.95 -56.15
CA VAL K 4820 24.04 35.89 -55.94
C VAL K 4820 24.69 34.72 -55.20
N LYS K 4821 23.86 33.92 -54.53
CA LYS K 4821 24.35 32.89 -53.62
C LYS K 4821 25.06 31.75 -54.35
N THR K 4822 24.44 31.22 -55.42
CA THR K 4822 24.95 29.98 -56.02
C THR K 4822 26.36 30.16 -56.57
N LEU K 4823 26.62 31.26 -57.26
CA LEU K 4823 27.95 31.50 -57.80
C LEU K 4823 28.96 31.75 -56.68
N ARG K 4824 28.51 32.36 -55.57
CA ARG K 4824 29.37 32.50 -54.40
C ARG K 4824 29.75 31.14 -53.84
N THR K 4825 28.80 30.22 -53.77
CA THR K 4825 29.12 28.86 -53.32
C THR K 4825 30.08 28.17 -54.27
N ILE K 4826 29.90 28.37 -55.59
CA ILE K 4826 30.81 27.79 -56.56
C ILE K 4826 32.23 28.32 -56.35
N LEU K 4827 32.35 29.64 -56.19
CA LEU K 4827 33.67 30.25 -56.00
C LEU K 4827 34.30 29.77 -54.70
N SER K 4828 33.51 29.66 -53.63
CA SER K 4828 34.05 29.16 -52.36
C SER K 4828 34.50 27.71 -52.48
N SER K 4829 33.71 26.89 -53.18
CA SER K 4829 34.06 25.48 -53.35
C SER K 4829 35.29 25.32 -54.25
N VAL K 4830 35.57 26.31 -55.10
CA VAL K 4830 36.77 26.25 -55.94
C VAL K 4830 38.02 26.11 -55.07
N THR K 4831 38.09 26.89 -53.98
CA THR K 4831 39.24 26.86 -53.09
C THR K 4831 38.96 26.17 -51.75
N HIS K 4832 37.77 25.55 -51.60
CA HIS K 4832 37.45 24.87 -50.36
C HIS K 4832 38.38 23.69 -50.11
N ASN K 4833 38.68 22.92 -51.14
CA ASN K 4833 39.62 21.80 -51.07
C ASN K 4833 40.98 22.18 -51.62
N GLY K 4834 41.41 23.42 -51.35
CA GLY K 4834 42.62 23.94 -51.97
C GLY K 4834 43.85 23.11 -51.65
N LYS K 4835 43.99 22.67 -50.40
CA LYS K 4835 45.16 21.90 -50.02
C LYS K 4835 45.22 20.57 -50.79
N GLN K 4836 44.13 19.82 -50.79
CA GLN K 4836 44.10 18.55 -51.52
C GLN K 4836 44.21 18.77 -53.02
N LEU K 4837 43.59 19.82 -53.54
CA LEU K 4837 43.69 20.10 -54.98
C LEU K 4837 45.13 20.41 -55.38
N VAL K 4838 45.83 21.22 -54.59
CA VAL K 4838 47.21 21.55 -54.90
C VAL K 4838 48.11 20.32 -54.75
N MET K 4839 47.83 19.48 -53.74
CA MET K 4839 48.59 18.24 -53.61
C MET K 4839 48.40 17.34 -54.82
N THR K 4840 47.16 17.22 -55.31
CA THR K 4840 46.90 16.41 -56.49
C THR K 4840 47.57 16.99 -57.72
N VAL K 4841 47.57 18.33 -57.85
CA VAL K 4841 48.24 18.96 -58.97
C VAL K 4841 49.74 18.70 -58.91
N GLY K 4842 50.31 18.76 -57.71
CA GLY K 4842 51.73 18.45 -57.57
C GLY K 4842 52.04 17.01 -57.90
N LEU K 4843 51.16 16.08 -57.51
CA LEU K 4843 51.34 14.68 -57.89
C LEU K 4843 51.29 14.51 -59.41
N LEU K 4844 50.36 15.20 -60.07
CA LEU K 4844 50.29 15.16 -61.53
C LEU K 4844 51.55 15.72 -62.16
N ALA K 4845 52.08 16.82 -61.60
CA ALA K 4845 53.31 17.40 -62.12
C ALA K 4845 54.49 16.44 -61.94
N VAL K 4846 54.56 15.76 -60.80
CA VAL K 4846 55.63 14.79 -60.57
C VAL K 4846 55.52 13.64 -61.57
N VAL K 4847 54.31 13.15 -61.80
CA VAL K 4847 54.11 12.06 -62.76
C VAL K 4847 54.52 12.51 -64.16
N VAL K 4848 54.14 13.73 -64.55
CA VAL K 4848 54.50 14.24 -65.87
C VAL K 4848 56.02 14.39 -65.99
N TYR K 4849 56.67 14.87 -64.94
CA TYR K 4849 58.13 15.01 -64.97
C TYR K 4849 58.80 13.65 -65.10
N LEU K 4850 58.32 12.64 -64.37
CA LEU K 4850 58.88 11.30 -64.49
C LEU K 4850 58.69 10.75 -65.89
N TYR K 4851 57.51 10.96 -66.49
CA TYR K 4851 57.26 10.45 -67.82
C TYR K 4851 58.10 11.19 -68.85
N THR K 4852 58.33 12.49 -68.64
CA THR K 4852 59.21 13.25 -69.53
C THR K 4852 60.64 12.75 -69.44
N VAL K 4853 61.10 12.42 -68.23
CA VAL K 4853 62.42 11.83 -68.07
C VAL K 4853 62.51 10.51 -68.83
N VAL K 4854 61.47 9.67 -68.69
CA VAL K 4854 61.46 8.39 -69.38
C VAL K 4854 61.51 8.59 -70.89
N ALA K 4855 60.72 9.54 -71.40
CA ALA K 4855 60.70 9.82 -72.83
C ALA K 4855 62.06 10.31 -73.32
N PHE K 4856 62.69 11.21 -72.56
CA PHE K 4856 64.01 11.70 -72.95
C PHE K 4856 65.02 10.56 -72.97
N ASN K 4857 64.94 9.65 -72.01
CA ASN K 4857 65.93 8.59 -71.92
C ASN K 4857 65.85 7.65 -73.13
N PHE K 4858 64.65 7.23 -73.51
CA PHE K 4858 64.49 6.25 -74.58
C PHE K 4858 63.76 6.78 -75.80
N PHE K 4859 62.55 7.31 -75.64
CA PHE K 4859 61.69 7.66 -76.78
C PHE K 4859 61.85 9.14 -77.10
N ARG K 4860 62.93 9.47 -77.79
CA ARG K 4860 63.24 10.85 -78.16
C ARG K 4860 62.92 11.15 -79.63
N LYS K 4861 63.19 10.20 -80.53
CA LYS K 4861 62.94 10.43 -81.95
C LYS K 4861 61.45 10.53 -82.27
N PHE K 4862 60.58 9.97 -81.42
CA PHE K 4862 59.15 10.03 -81.69
C PHE K 4862 58.58 11.42 -81.49
N TYR K 4863 59.28 12.30 -80.76
CA TYR K 4863 58.80 13.65 -80.49
C TYR K 4863 59.16 14.56 -81.67
N ASN K 4864 58.45 14.37 -82.78
CA ASN K 4864 58.65 15.16 -84.00
C ASN K 4864 57.29 15.74 -84.39
N LYS K 4865 56.97 16.91 -83.84
CA LYS K 4865 55.70 17.55 -84.15
C LYS K 4865 55.67 18.08 -85.58
N SER K 4866 56.80 18.62 -86.05
CA SER K 4866 56.85 19.18 -87.39
C SER K 4866 56.75 18.08 -88.44
N GLU K 4867 55.95 18.34 -89.48
CA GLU K 4867 55.77 17.40 -90.58
C GLU K 4867 56.71 17.64 -91.74
N ASP K 4868 57.56 18.68 -91.66
CA ASP K 4868 58.50 19.01 -92.72
C ASP K 4868 59.91 18.70 -92.25
N GLU K 4869 60.67 17.99 -93.09
CA GLU K 4869 62.04 17.63 -92.76
C GLU K 4869 63.00 18.81 -92.88
N ASP K 4870 62.56 19.93 -93.48
CA ASP K 4870 63.43 21.09 -93.61
C ASP K 4870 63.79 21.68 -92.25
N GLU K 4871 62.83 21.72 -91.33
CA GLU K 4871 63.03 22.27 -89.98
C GLU K 4871 62.55 21.22 -88.98
N PRO K 4872 63.35 20.18 -88.73
CA PRO K 4872 62.94 19.13 -87.77
C PRO K 4872 63.23 19.52 -86.33
N ASP K 4873 62.46 20.48 -85.82
CA ASP K 4873 62.59 20.93 -84.44
C ASP K 4873 61.88 19.95 -83.54
N MET K 4874 62.64 18.97 -83.03
CA MET K 4874 62.06 17.95 -82.16
C MET K 4874 61.57 18.57 -80.86
N LYS K 4875 60.37 18.16 -80.44
CA LYS K 4875 59.79 18.69 -79.21
C LYS K 4875 60.62 18.31 -77.99
N CYS K 4876 61.07 17.07 -77.92
CA CYS K 4876 61.87 16.60 -76.79
C CYS K 4876 63.36 16.73 -77.06
N ASP K 4877 63.80 17.92 -77.47
CA ASP K 4877 65.22 18.20 -77.62
C ASP K 4877 65.86 18.63 -76.31
N ASP K 4878 65.04 19.00 -75.31
CA ASP K 4878 65.53 19.39 -74.00
C ASP K 4878 64.39 19.24 -73.00
N MET K 4879 64.76 19.06 -71.72
CA MET K 4879 63.75 18.96 -70.68
C MET K 4879 62.93 20.24 -70.57
N MET K 4880 63.55 21.40 -70.78
CA MET K 4880 62.84 22.67 -70.66
C MET K 4880 61.65 22.73 -71.62
N THR K 4881 61.85 22.27 -72.85
CA THR K 4881 60.76 22.27 -73.83
C THR K 4881 59.95 20.99 -73.83
N CYS K 4882 60.57 19.84 -73.54
CA CYS K 4882 59.83 18.59 -73.51
C CYS K 4882 58.80 18.58 -72.39
N TYR K 4883 59.18 19.05 -71.20
CA TYR K 4883 58.22 19.11 -70.10
C TYR K 4883 57.09 20.08 -70.39
N LEU K 4884 57.41 21.22 -71.01
CA LEU K 4884 56.38 22.19 -71.37
C LEU K 4884 55.40 21.57 -72.37
N PHE K 4885 55.92 20.87 -73.38
CA PHE K 4885 55.06 20.22 -74.36
C PHE K 4885 54.20 19.15 -73.70
N HIS K 4886 54.79 18.37 -72.78
CA HIS K 4886 54.04 17.31 -72.11
C HIS K 4886 52.91 17.90 -71.28
N MET K 4887 53.20 18.95 -70.51
CA MET K 4887 52.15 19.60 -69.72
C MET K 4887 51.08 20.22 -70.61
N TYR K 4888 51.48 20.82 -71.74
CA TYR K 4888 50.54 21.56 -72.56
C TYR K 4888 49.62 20.63 -73.36
N VAL K 4889 50.11 19.47 -73.79
CA VAL K 4889 49.38 18.60 -74.70
C VAL K 4889 48.82 17.37 -74.00
N GLY K 4890 49.63 16.71 -73.18
CA GLY K 4890 49.23 15.43 -72.61
C GLY K 4890 47.99 15.51 -71.74
N VAL K 4891 47.92 16.53 -70.89
CA VAL K 4891 46.78 16.63 -69.97
C VAL K 4891 45.56 17.27 -70.62
N ARG K 4892 45.73 17.93 -71.77
CA ARG K 4892 44.62 18.59 -72.45
C ARG K 4892 43.97 17.66 -73.48
N ALA K 4893 44.75 17.15 -74.42
CA ALA K 4893 44.24 16.28 -75.47
C ALA K 4893 43.81 14.95 -74.87
N GLY K 4894 42.50 14.70 -74.86
CA GLY K 4894 41.97 13.46 -74.34
C GLY K 4894 42.48 12.24 -75.08
N GLY K 4895 42.98 11.26 -74.34
CA GLY K 4895 43.54 10.06 -74.92
C GLY K 4895 45.03 9.90 -74.79
N GLY K 4896 45.71 10.77 -74.05
CA GLY K 4896 47.13 10.64 -73.85
C GLY K 4896 47.95 11.40 -74.87
N ILE K 4897 49.27 11.36 -74.64
CA ILE K 4897 50.22 12.06 -75.51
C ILE K 4897 50.41 11.34 -76.84
N GLY K 4898 49.94 10.10 -76.98
CA GLY K 4898 50.12 9.36 -78.20
C GLY K 4898 49.25 9.84 -79.35
N ASP K 4899 48.25 10.67 -79.06
CA ASP K 4899 47.39 11.19 -80.13
C ASP K 4899 48.19 12.06 -81.10
N GLU K 4900 49.07 12.92 -80.57
CA GLU K 4900 49.88 13.80 -81.40
C GLU K 4900 51.27 13.24 -81.68
N ILE K 4901 51.79 12.37 -80.82
CA ILE K 4901 53.09 11.75 -81.04
C ILE K 4901 52.98 10.77 -82.19
N GLU K 4902 54.02 10.73 -83.04
CA GLU K 4902 54.04 9.84 -84.18
C GLU K 4902 53.85 8.39 -83.73
N ASP K 4903 53.05 7.65 -84.49
CA ASP K 4903 52.74 6.28 -84.14
C ASP K 4903 54.00 5.42 -84.19
N PRO K 4904 54.19 4.51 -83.24
CA PRO K 4904 55.38 3.64 -83.28
C PRO K 4904 55.47 2.78 -84.53
N ALA K 4905 54.33 2.33 -85.05
CA ALA K 4905 54.26 1.48 -86.26
C ALA K 4905 55.10 0.22 -85.99
N GLY K 4906 55.87 -0.24 -86.97
CA GLY K 4906 56.71 -1.42 -86.81
C GLY K 4906 58.14 -1.14 -86.44
N ASP K 4907 58.47 0.08 -86.02
CA ASP K 4907 59.84 0.43 -85.66
C ASP K 4907 60.21 -0.16 -84.30
N GLU K 4908 61.41 0.16 -83.85
CA GLU K 4908 61.88 -0.34 -82.57
C GLU K 4908 61.12 0.30 -81.41
N TYR K 4909 61.12 -0.39 -80.28
CA TYR K 4909 60.45 0.06 -79.05
C TYR K 4909 58.94 0.25 -79.27
N GLU K 4910 58.36 -0.53 -80.18
CA GLU K 4910 56.93 -0.41 -80.46
C GLU K 4910 56.10 -0.84 -79.25
N LEU K 4911 56.41 -2.02 -78.69
CA LEU K 4911 55.67 -2.49 -77.52
C LEU K 4911 55.92 -1.58 -76.32
N TYR K 4912 57.15 -1.13 -76.14
CA TYR K 4912 57.46 -0.22 -75.03
C TYR K 4912 56.70 1.10 -75.19
N ARG K 4913 56.64 1.64 -76.40
CA ARG K 4913 55.90 2.88 -76.64
C ARG K 4913 54.42 2.68 -76.41
N VAL K 4914 53.87 1.54 -76.83
CA VAL K 4914 52.45 1.25 -76.62
C VAL K 4914 52.15 1.18 -75.12
N VAL K 4915 53.01 0.47 -74.37
CA VAL K 4915 52.82 0.37 -72.93
C VAL K 4915 52.91 1.74 -72.27
N PHE K 4916 53.88 2.56 -72.71
CA PHE K 4916 54.03 3.90 -72.16
C PHE K 4916 52.79 4.75 -72.40
N ASP K 4917 52.26 4.70 -73.62
CA ASP K 4917 51.06 5.48 -73.93
C ASP K 4917 49.86 4.97 -73.14
N ILE K 4918 49.72 3.66 -73.01
CA ILE K 4918 48.59 3.10 -72.26
C ILE K 4918 48.66 3.52 -70.80
N THR K 4919 49.86 3.43 -70.19
CA THR K 4919 49.99 3.80 -68.79
C THR K 4919 49.88 5.31 -68.60
N PHE K 4920 50.26 6.11 -69.59
CA PHE K 4920 50.04 7.55 -69.52
C PHE K 4920 48.55 7.87 -69.52
N PHE K 4921 47.81 7.27 -70.45
CA PHE K 4921 46.37 7.48 -70.50
C PHE K 4921 45.70 7.01 -69.21
N PHE K 4922 46.18 5.91 -68.65
CA PHE K 4922 45.65 5.43 -67.38
C PHE K 4922 45.94 6.42 -66.25
N PHE K 4923 47.19 6.88 -66.12
CA PHE K 4923 47.62 7.58 -64.92
C PHE K 4923 47.27 9.06 -64.93
N VAL K 4924 47.52 9.78 -66.04
CA VAL K 4924 47.44 11.23 -65.99
C VAL K 4924 46.07 11.79 -66.35
N ILE K 4925 45.23 11.04 -67.07
CA ILE K 4925 43.96 11.54 -67.59
C ILE K 4925 42.78 10.93 -66.84
N VAL K 4926 42.63 9.62 -66.90
CA VAL K 4926 41.46 8.98 -66.31
C VAL K 4926 41.62 8.76 -64.80
N ILE K 4927 42.79 9.06 -64.24
CA ILE K 4927 43.03 8.92 -62.81
C ILE K 4927 43.20 10.28 -62.13
N LEU K 4928 44.24 11.03 -62.50
CA LEU K 4928 44.55 12.27 -61.79
C LEU K 4928 43.53 13.36 -62.08
N LEU K 4929 43.22 13.58 -63.37
CA LEU K 4929 42.22 14.57 -63.73
C LEU K 4929 40.86 14.19 -63.18
N ALA K 4930 40.56 12.89 -63.14
CA ALA K 4930 39.31 12.43 -62.55
C ALA K 4930 39.28 12.71 -61.05
N ILE K 4931 40.40 12.52 -60.35
CA ILE K 4931 40.49 12.91 -58.94
C ILE K 4931 40.18 14.39 -58.78
N ILE K 4932 40.79 15.24 -59.61
CA ILE K 4932 40.61 16.68 -59.46
C ILE K 4932 39.15 17.07 -59.71
N GLN K 4933 38.57 16.54 -60.79
CA GLN K 4933 37.19 16.88 -61.12
C GLN K 4933 36.23 16.37 -60.05
N GLY K 4934 36.44 15.15 -59.55
CA GLY K 4934 35.60 14.62 -58.50
C GLY K 4934 35.73 15.41 -57.21
N LEU K 4935 36.94 15.88 -56.90
CA LEU K 4935 37.12 16.70 -55.71
C LEU K 4935 36.37 18.01 -55.83
N ILE K 4936 36.45 18.66 -56.99
CA ILE K 4936 35.71 19.92 -57.18
C ILE K 4936 34.21 19.67 -57.08
N ILE K 4937 33.73 18.60 -57.72
CA ILE K 4937 32.31 18.25 -57.67
C ILE K 4937 31.87 17.99 -56.24
N ASP K 4938 32.66 17.23 -55.49
CA ASP K 4938 32.31 16.91 -54.11
C ASP K 4938 32.31 18.16 -53.24
N ALA K 4939 33.25 19.08 -53.47
CA ALA K 4939 33.28 20.31 -52.69
C ALA K 4939 32.03 21.15 -52.95
N PHE K 4940 31.66 21.31 -54.23
CA PHE K 4940 30.46 22.08 -54.54
C PHE K 4940 29.21 21.43 -53.97
N GLY K 4941 29.10 20.11 -54.12
CA GLY K 4941 27.95 19.40 -53.57
C GLY K 4941 27.91 19.48 -52.06
N GLU K 4942 29.07 19.46 -51.41
CA GLU K 4942 29.12 19.56 -49.95
C GLU K 4942 28.72 20.94 -49.48
N LEU K 4943 29.11 22.00 -50.21
CA LEU K 4943 28.68 23.34 -49.84
C LEU K 4943 27.17 23.49 -49.99
N ARG K 4944 26.61 23.01 -51.11
CA ARG K 4944 25.16 23.09 -51.29
C ARG K 4944 24.44 22.25 -50.24
N ASP K 4945 25.00 21.09 -49.90
CA ASP K 4945 24.44 20.24 -48.87
C ASP K 4945 24.50 20.93 -47.51
N GLN K 4946 25.57 21.66 -47.22
CA GLN K 4946 25.66 22.40 -45.97
C GLN K 4946 24.58 23.47 -45.89
N GLN K 4947 24.34 24.18 -47.00
CA GLN K 4947 23.31 25.21 -46.99
C GLN K 4947 21.92 24.59 -46.78
N GLU K 4948 21.60 23.53 -47.54
CA GLU K 4948 20.32 22.86 -47.34
C GLU K 4948 20.23 22.23 -45.96
N GLN K 4949 21.36 21.81 -45.41
CA GLN K 4949 21.43 21.27 -44.05
C GLN K 4949 21.05 22.32 -43.02
N VAL K 4950 21.59 23.53 -43.17
CA VAL K 4950 21.24 24.62 -42.28
C VAL K 4950 19.76 24.93 -42.38
N LYS K 4951 19.24 24.99 -43.61
CA LYS K 4951 17.82 25.31 -43.81
C LYS K 4951 16.93 24.25 -43.16
N GLU K 4952 17.24 22.98 -43.39
CA GLU K 4952 16.42 21.90 -42.83
C GLU K 4952 16.53 21.87 -41.30
N ASP K 4953 17.72 22.10 -40.76
CA ASP K 4953 17.90 22.10 -39.32
C ASP K 4953 17.08 23.21 -38.68
N MET K 4954 17.05 24.40 -39.29
CA MET K 4954 16.19 25.45 -38.75
C MET K 4954 14.72 25.13 -38.92
N GLU K 4955 14.35 24.48 -40.03
CA GLU K 4955 12.97 24.05 -40.18
C GLU K 4955 12.59 22.98 -39.16
N THR K 4956 13.58 22.30 -38.57
CA THR K 4956 13.33 21.26 -37.58
C THR K 4956 13.66 21.72 -36.16
N LYS K 4957 14.88 22.20 -35.93
CA LYS K 4957 15.28 22.59 -34.58
C LYS K 4957 14.62 23.90 -34.17
N CYS K 4958 14.46 24.07 -32.86
CA CYS K 4958 13.80 25.26 -32.32
C CYS K 4958 14.74 26.46 -32.24
N PHE K 4959 16.05 26.24 -32.35
CA PHE K 4959 17.11 27.26 -32.30
C PHE K 4959 17.25 27.89 -30.93
N ILE K 4960 16.40 27.53 -29.95
CA ILE K 4960 16.49 28.04 -28.60
C ILE K 4960 16.62 26.89 -27.59
N CYS K 4961 15.75 25.89 -27.69
CA CYS K 4961 15.77 24.73 -26.83
C CYS K 4961 16.43 23.55 -27.53
N GLY K 4962 16.71 22.51 -26.76
CA GLY K 4962 17.39 21.34 -27.28
C GLY K 4962 16.45 20.19 -27.58
N ILE K 4963 15.20 20.49 -27.93
CA ILE K 4963 14.20 19.49 -28.24
C ILE K 4963 13.75 19.69 -29.69
N GLY K 4964 13.72 18.61 -30.45
CA GLY K 4964 13.34 18.68 -31.84
C GLY K 4964 11.85 18.84 -32.03
N SER K 4965 11.46 18.96 -33.30
CA SER K 4965 10.05 19.16 -33.66
C SER K 4965 9.22 17.89 -33.50
N ASP K 4966 9.86 16.74 -33.24
CA ASP K 4966 9.10 15.49 -33.10
C ASP K 4966 8.13 15.55 -31.93
N TYR K 4967 8.56 16.14 -30.81
CA TYR K 4967 7.67 16.26 -29.66
C TYR K 4967 6.46 17.12 -29.98
N PHE K 4968 6.65 18.24 -30.66
CA PHE K 4968 5.57 19.16 -30.94
C PHE K 4968 4.76 18.76 -32.18
N ASP K 4969 5.20 17.74 -32.92
CA ASP K 4969 4.46 17.31 -34.10
C ASP K 4969 3.11 16.68 -33.75
N THR K 4970 2.97 16.14 -32.55
CA THR K 4970 1.69 15.55 -32.15
C THR K 4970 0.58 16.60 -32.12
N THR K 4971 0.86 17.75 -31.55
CA THR K 4971 -0.10 18.85 -31.55
C THR K 4971 -0.08 19.54 -32.91
N PRO K 4972 -1.23 19.70 -33.57
CA PRO K 4972 -1.23 20.37 -34.88
C PRO K 4972 -0.72 21.80 -34.75
N HIS K 4973 0.13 22.18 -35.72
CA HIS K 4973 0.83 23.47 -35.69
C HIS K 4973 1.61 23.66 -34.40
N GLY K 4974 2.06 22.55 -33.81
CA GLY K 4974 2.79 22.63 -32.56
C GLY K 4974 4.11 23.35 -32.69
N PHE K 4975 4.89 23.02 -33.73
CA PHE K 4975 6.17 23.68 -33.93
C PHE K 4975 5.99 25.14 -34.30
N GLU K 4976 4.99 25.44 -35.13
CA GLU K 4976 4.73 26.84 -35.50
C GLU K 4976 4.35 27.68 -34.29
N THR K 4977 3.49 27.14 -33.42
CA THR K 4977 3.11 27.87 -32.22
C THR K 4977 4.28 27.99 -31.24
N HIS K 4978 5.12 26.95 -31.17
CA HIS K 4978 6.26 26.99 -30.27
C HIS K 4978 7.31 27.99 -30.73
N THR K 4979 7.48 28.16 -32.05
CA THR K 4979 8.47 29.08 -32.58
C THR K 4979 7.92 30.47 -32.90
N LEU K 4980 6.61 30.67 -32.80
CA LEU K 4980 6.01 31.95 -33.14
C LEU K 4980 6.04 32.92 -31.98
N GLU K 4981 5.44 32.54 -30.85
CA GLU K 4981 5.35 33.41 -29.68
C GLU K 4981 6.60 33.30 -28.81
N GLU K 4982 6.90 32.10 -28.33
CA GLU K 4982 8.06 31.88 -27.48
C GLU K 4982 9.24 31.36 -28.30
N HIS K 4983 10.41 31.34 -27.66
CA HIS K 4983 11.64 30.80 -28.26
C HIS K 4983 11.93 31.44 -29.61
N ASN K 4984 11.70 32.75 -29.70
CA ASN K 4984 11.89 33.50 -30.93
C ASN K 4984 13.10 34.42 -30.78
N LEU K 4985 14.02 34.36 -31.74
CA LEU K 4985 15.21 35.20 -31.68
C LEU K 4985 14.85 36.68 -31.75
N ALA K 4986 13.87 37.03 -32.58
CA ALA K 4986 13.39 38.41 -32.62
C ALA K 4986 12.80 38.82 -31.28
N ASN K 4987 12.05 37.91 -30.64
CA ASN K 4987 11.51 38.21 -29.33
C ASN K 4987 12.61 38.41 -28.29
N TYR K 4988 13.67 37.59 -28.35
CA TYR K 4988 14.78 37.77 -27.43
C TYR K 4988 15.48 39.10 -27.65
N MET K 4989 15.69 39.48 -28.91
CA MET K 4989 16.30 40.77 -29.20
C MET K 4989 15.43 41.92 -28.71
N PHE K 4990 14.11 41.80 -28.90
CA PHE K 4990 13.19 42.83 -28.42
C PHE K 4990 13.21 42.93 -26.91
N PHE K 4991 13.28 41.78 -26.22
CA PHE K 4991 13.37 41.79 -24.76
C PHE K 4991 14.66 42.45 -24.30
N LEU K 4992 15.78 42.16 -24.98
CA LEU K 4992 17.04 42.81 -24.62
C LEU K 4992 16.98 44.31 -24.83
N MET K 4993 16.38 44.75 -25.94
CA MET K 4993 16.26 46.18 -26.20
C MET K 4993 15.35 46.85 -25.17
N TYR K 4994 14.27 46.17 -24.77
CA TYR K 4994 13.39 46.71 -23.74
C TYR K 4994 14.11 46.83 -22.41
N LEU K 4995 14.92 45.83 -22.06
CA LEU K 4995 15.73 45.91 -20.85
C LEU K 4995 16.71 47.07 -20.93
N ILE K 4996 17.28 47.30 -22.11
CA ILE K 4996 18.18 48.44 -22.30
C ILE K 4996 17.43 49.75 -22.07
N ASN K 4997 16.21 49.84 -22.61
CA ASN K 4997 15.43 51.07 -22.48
C ASN K 4997 15.08 51.35 -21.03
N LYS K 4998 14.57 50.34 -20.32
CA LYS K 4998 14.16 50.52 -18.94
C LYS K 4998 15.37 50.67 -18.02
N ASP K 4999 15.15 51.38 -16.92
CA ASP K 4999 16.21 51.61 -15.93
C ASP K 4999 16.22 50.48 -14.90
N GLU K 5000 17.31 50.44 -14.11
CA GLU K 5000 17.45 49.39 -13.11
C GLU K 5000 16.48 49.59 -11.94
N THR K 5001 16.09 50.83 -11.68
CA THR K 5001 15.17 51.08 -10.56
C THR K 5001 13.81 50.45 -10.80
N GLU K 5002 13.30 50.51 -12.03
CA GLU K 5002 11.98 49.98 -12.36
C GLU K 5002 12.05 48.54 -12.89
N HIS K 5003 13.22 47.93 -12.90
CA HIS K 5003 13.36 46.58 -13.42
C HIS K 5003 12.60 45.57 -12.56
N THR K 5004 11.92 44.65 -13.22
CA THR K 5004 11.23 43.58 -12.51
C THR K 5004 12.26 42.61 -11.93
N GLY K 5005 11.84 41.86 -10.91
CA GLY K 5005 12.75 40.94 -10.25
C GLY K 5005 13.35 39.92 -11.20
N GLN K 5006 12.50 39.31 -12.04
CA GLN K 5006 13.01 38.41 -13.06
C GLN K 5006 13.86 39.17 -14.07
N GLU K 5007 13.41 40.36 -14.49
CA GLU K 5007 14.19 41.16 -15.41
C GLU K 5007 15.51 41.60 -14.79
N SER K 5008 15.50 41.98 -13.51
CA SER K 5008 16.73 42.36 -12.83
C SER K 5008 17.69 41.17 -12.73
N TYR K 5009 17.17 39.98 -12.45
CA TYR K 5009 18.00 38.79 -12.38
C TYR K 5009 18.62 38.48 -13.74
N VAL K 5010 17.82 38.60 -14.81
CA VAL K 5010 18.33 38.36 -16.16
C VAL K 5010 19.42 39.37 -16.50
N TRP K 5011 19.19 40.64 -16.16
CA TRP K 5011 20.19 41.67 -16.43
C TRP K 5011 21.47 41.41 -15.65
N LYS K 5012 21.35 40.99 -14.39
CA LYS K 5012 22.53 40.70 -13.58
C LYS K 5012 23.32 39.54 -14.16
N MET K 5013 22.64 38.48 -14.60
CA MET K 5013 23.35 37.38 -15.24
C MET K 5013 23.96 37.78 -16.57
N TYR K 5014 23.30 38.67 -17.32
CA TYR K 5014 23.86 39.12 -18.58
C TYR K 5014 25.10 39.97 -18.38
N GLN K 5015 25.13 40.76 -17.30
CA GLN K 5015 26.30 41.59 -17.01
C GLN K 5015 27.53 40.74 -16.73
N GLU K 5016 27.34 39.54 -16.18
CA GLU K 5016 28.44 38.63 -15.91
C GLU K 5016 28.82 37.78 -17.13
N ARG K 5017 28.11 37.95 -18.25
CA ARG K 5017 28.36 37.18 -19.47
C ARG K 5017 28.27 35.68 -19.22
N CYS K 5018 27.29 35.28 -18.42
CA CYS K 5018 27.00 33.87 -18.17
C CYS K 5018 25.62 33.55 -18.74
N TRP K 5019 25.54 32.45 -19.47
CA TRP K 5019 24.32 32.05 -20.17
C TRP K 5019 23.72 30.83 -19.48
N ASP K 5020 22.82 31.08 -18.53
CA ASP K 5020 22.10 30.03 -17.83
C ASP K 5020 20.59 30.23 -17.82
N PHE K 5021 20.10 31.44 -18.13
CA PHE K 5021 18.67 31.70 -18.15
C PHE K 5021 17.98 31.11 -19.38
N PHE K 5022 18.73 30.69 -20.39
CA PHE K 5022 18.13 30.10 -21.56
C PHE K 5022 17.47 28.76 -21.22
N PRO K 5023 16.41 28.38 -21.94
CA PRO K 5023 15.75 27.10 -21.62
C PRO K 5023 16.65 25.89 -21.73
N ALA K 5024 17.59 25.89 -22.67
CA ALA K 5024 18.54 24.78 -22.88
C ALA K 5024 17.72 23.53 -23.16
N GLY K 5025 18.03 22.38 -22.54
CA GLY K 5025 17.27 21.17 -22.80
C GLY K 5025 15.83 21.26 -22.32
N ASP K 5026 15.63 21.84 -21.13
CA ASP K 5026 14.29 21.93 -20.57
C ASP K 5026 13.46 22.97 -21.31
N CYS K 5027 12.14 22.80 -21.25
CA CYS K 5027 11.20 23.72 -21.87
C CYS K 5027 9.96 23.82 -21.00
N PHE K 5028 9.22 24.91 -21.21
CA PHE K 5028 8.00 25.14 -20.41
C PHE K 5028 6.96 24.06 -20.65
N ARG K 5029 6.77 23.67 -21.92
CA ARG K 5029 5.76 22.66 -22.24
C ARG K 5029 6.16 21.29 -21.69
N LYS K 5030 7.42 20.90 -21.83
CA LYS K 5030 7.86 19.58 -21.41
C LYS K 5030 8.09 19.48 -19.91
N GLN K 5031 8.23 20.61 -19.21
CA GLN K 5031 8.48 20.55 -17.76
C GLN K 5031 7.25 20.05 -17.01
N TYR K 5032 6.07 20.56 -17.36
CA TYR K 5032 4.82 20.23 -16.69
C TYR K 5032 3.80 19.70 -17.71
N GLU K 5033 4.25 18.76 -18.55
CA GLU K 5033 3.39 18.24 -19.61
C GLU K 5033 2.10 17.65 -19.05
N ASP K 5034 2.13 17.11 -17.84
CA ASP K 5034 0.91 16.60 -17.23
C ASP K 5034 0.01 17.71 -16.71
N GLN K 5035 0.55 18.92 -16.50
CA GLN K 5035 -0.25 20.01 -15.96
C GLN K 5035 -1.05 20.70 -17.06
N LEU K 5036 -0.38 21.28 -18.04
CA LEU K 5036 -1.08 21.97 -19.13
C LEU K 5036 -1.73 20.95 -20.06
N SER K 5037 -2.89 21.31 -20.58
CA SER K 5037 -3.64 20.45 -21.49
C SER K 5037 -4.12 21.22 -22.71
N GLY L 1 19.77 105.67 74.22
CA GLY L 1 20.35 106.52 73.19
C GLY L 1 21.57 105.91 72.52
N VAL L 2 22.48 106.77 72.06
CA VAL L 2 23.69 106.35 71.39
C VAL L 2 24.89 107.00 72.09
N GLU L 3 26.04 106.33 72.02
CA GLU L 3 27.27 106.82 72.62
C GLU L 3 28.23 107.22 71.50
N ILE L 4 28.77 108.43 71.60
CA ILE L 4 29.66 108.99 70.58
C ILE L 4 31.01 109.29 71.22
N GLU L 5 32.06 108.72 70.64
CA GLU L 5 33.43 108.99 71.03
C GLU L 5 34.19 109.54 69.82
N THR L 6 34.81 110.70 69.99
CA THR L 6 35.46 111.38 68.87
C THR L 6 36.86 110.82 68.66
N ILE L 7 37.04 110.06 67.59
CA ILE L 7 38.37 109.55 67.25
C ILE L 7 39.25 110.69 66.75
N SER L 8 38.71 111.55 65.88
CA SER L 8 39.43 112.67 65.32
C SER L 8 38.60 113.94 65.47
N PRO L 9 39.23 115.08 65.75
CA PRO L 9 38.48 116.32 65.91
C PRO L 9 38.24 117.03 64.58
N GLY L 10 37.32 117.97 64.61
CA GLY L 10 36.97 118.74 63.43
C GLY L 10 36.83 120.21 63.70
N ASP L 11 36.21 120.95 62.76
CA ASP L 11 36.01 122.38 62.95
C ASP L 11 35.10 122.67 64.13
N GLY L 12 34.04 121.88 64.28
CA GLY L 12 33.11 122.06 65.38
C GLY L 12 31.84 122.76 64.93
N ARG L 13 30.76 122.51 65.67
CA ARG L 13 29.43 123.09 65.40
C ARG L 13 29.02 122.66 63.99
N THR L 14 28.31 123.52 63.25
CA THR L 14 27.86 123.22 61.88
C THR L 14 27.07 121.92 61.85
N PHE L 15 26.17 121.77 62.81
CA PHE L 15 25.34 120.58 62.87
C PHE L 15 24.35 120.55 61.70
N PRO L 16 24.05 119.37 61.17
CA PRO L 16 23.12 119.27 60.03
C PRO L 16 21.71 119.67 60.45
N LYS L 17 21.21 120.73 59.84
CA LYS L 17 19.86 121.19 60.11
C LYS L 17 18.83 120.27 59.44
N LYS L 18 17.60 120.35 59.92
CA LYS L 18 16.53 119.53 59.37
C LYS L 18 16.29 119.86 57.91
N GLY L 19 16.14 118.82 57.08
CA GLY L 19 15.93 119.01 55.66
C GLY L 19 17.19 119.28 54.87
N GLN L 20 18.37 119.12 55.46
CA GLN L 20 19.64 119.37 54.80
C GLN L 20 20.37 118.05 54.59
N THR L 21 20.77 117.80 53.35
CA THR L 21 21.48 116.58 53.03
C THR L 21 22.95 116.68 53.44
N CYS L 22 23.62 115.52 53.48
CA CYS L 22 25.03 115.46 53.84
C CYS L 22 25.64 114.19 53.27
N VAL L 23 26.86 114.31 52.77
CA VAL L 23 27.59 113.16 52.24
C VAL L 23 28.46 112.60 53.37
N VAL L 24 28.38 111.28 53.56
CA VAL L 24 29.08 110.62 54.66
C VAL L 24 29.85 109.42 54.11
N HIS L 25 30.84 108.99 54.90
CA HIS L 25 31.66 107.82 54.58
C HIS L 25 31.67 106.94 55.83
N TYR L 26 30.68 106.05 55.94
CA TYR L 26 30.51 105.22 57.12
C TYR L 26 31.18 103.86 56.93
N THR L 27 31.72 103.33 58.02
CA THR L 27 32.33 101.99 58.03
C THR L 27 31.77 101.24 59.24
N GLY L 28 30.79 100.38 58.98
CA GLY L 28 30.11 99.66 60.05
C GLY L 28 30.89 98.42 60.47
N MET L 29 30.88 98.16 61.77
CA MET L 29 31.54 96.99 62.35
C MET L 29 30.63 96.37 63.40
N LEU L 30 30.66 95.03 63.46
CA LEU L 30 29.86 94.31 64.43
C LEU L 30 30.53 94.32 65.80
N GLN L 31 29.84 93.76 66.79
CA GLN L 31 30.37 93.71 68.15
C GLN L 31 31.65 92.88 68.22
N ASN L 32 31.65 91.72 67.55
CA ASN L 32 32.82 90.84 67.59
C ASN L 32 34.02 91.48 66.88
N GLY L 33 33.77 92.16 65.76
CA GLY L 33 34.86 92.78 65.02
C GLY L 33 34.68 92.72 63.52
N LYS L 34 33.78 91.86 63.05
CA LYS L 34 33.50 91.76 61.63
C LYS L 34 32.73 92.99 61.15
N LYS L 35 32.98 93.38 59.90
CA LYS L 35 32.30 94.52 59.31
C LYS L 35 31.09 94.06 58.51
N PHE L 36 29.99 94.80 58.64
CA PHE L 36 28.77 94.51 57.91
C PHE L 36 28.50 95.50 56.77
N ASP L 37 29.06 96.69 56.83
CA ASP L 37 28.87 97.69 55.78
C ASP L 37 30.07 98.63 55.79
N SER L 38 30.48 99.06 54.59
CA SER L 38 31.63 99.96 54.45
C SER L 38 31.43 100.76 53.17
N SER L 39 31.06 102.04 53.32
CA SER L 39 30.90 102.90 52.16
C SER L 39 32.22 103.16 51.46
N ARG L 40 33.34 103.11 52.21
CA ARG L 40 34.65 103.30 51.58
C ARG L 40 34.99 102.16 50.63
N ASP L 41 34.50 100.94 50.92
CA ASP L 41 34.73 99.83 50.01
C ASP L 41 34.09 100.07 48.65
N ARG L 42 32.88 100.61 48.63
CA ARG L 42 32.19 100.91 47.38
C ARG L 42 32.71 102.16 46.69
N ASN L 43 33.54 102.95 47.38
CA ASN L 43 34.08 104.20 46.84
C ASN L 43 32.97 105.15 46.40
N LYS L 44 31.88 105.17 47.17
CA LYS L 44 30.75 106.03 46.87
C LYS L 44 30.18 106.62 48.16
N PRO L 45 30.20 107.94 48.32
CA PRO L 45 29.64 108.54 49.54
C PRO L 45 28.13 108.34 49.63
N PHE L 46 27.64 108.27 50.86
CA PHE L 46 26.21 108.11 51.13
C PHE L 46 25.59 109.47 51.35
N LYS L 47 24.51 109.75 50.61
CA LYS L 47 23.81 111.03 50.69
C LYS L 47 22.45 110.80 51.33
N PHE L 48 22.17 111.53 52.41
CA PHE L 48 20.89 111.44 53.10
C PHE L 48 20.65 112.72 53.86
N ARG L 49 19.38 112.96 54.21
CA ARG L 49 18.98 114.15 54.94
C ARG L 49 18.30 113.74 56.24
N ILE L 50 18.59 114.50 57.30
CA ILE L 50 18.00 114.21 58.60
C ILE L 50 16.55 114.63 58.60
N GLY L 51 15.67 113.74 59.10
CA GLY L 51 14.24 113.98 59.16
C GLY L 51 13.44 113.15 58.20
N LYS L 52 14.07 112.59 57.17
CA LYS L 52 13.36 111.75 56.21
C LYS L 52 13.13 110.32 56.72
N GLN L 53 13.81 109.93 57.80
CA GLN L 53 13.68 108.62 58.43
C GLN L 53 14.05 107.47 57.49
N GLU L 54 14.73 107.77 56.38
CA GLU L 54 15.20 106.71 55.49
C GLU L 54 16.27 105.86 56.16
N VAL L 55 17.18 106.50 56.90
CA VAL L 55 18.21 105.81 57.65
C VAL L 55 17.65 105.52 59.04
N ILE L 56 18.24 104.53 59.74
CA ILE L 56 17.78 104.19 61.08
C ILE L 56 17.87 105.40 62.01
N LYS L 57 17.06 105.39 63.06
CA LYS L 57 16.99 106.54 63.96
C LYS L 57 18.32 106.77 64.66
N GLY L 58 18.99 105.70 65.07
CA GLY L 58 20.24 105.86 65.81
C GLY L 58 21.32 106.54 64.99
N PHE L 59 21.50 106.09 63.74
CA PHE L 59 22.51 106.69 62.89
C PHE L 59 22.21 108.15 62.58
N GLU L 60 20.94 108.46 62.28
CA GLU L 60 20.57 109.84 61.99
C GLU L 60 20.78 110.73 63.20
N GLU L 61 20.37 110.28 64.38
CA GLU L 61 20.58 111.06 65.59
C GLU L 61 22.06 111.28 65.86
N GLY L 62 22.86 110.21 65.74
CA GLY L 62 24.29 110.36 65.98
C GLY L 62 24.96 111.32 65.00
N ALA L 63 24.57 111.24 63.73
CA ALA L 63 25.08 112.20 62.75
C ALA L 63 24.63 113.62 63.09
N ALA L 64 23.44 113.77 63.66
CA ALA L 64 22.98 115.08 64.10
C ALA L 64 23.84 115.63 65.22
N GLN L 65 24.21 114.78 66.19
CA GLN L 65 24.99 115.27 67.32
C GLN L 65 26.40 115.70 66.90
N MET L 66 27.07 114.89 66.08
CA MET L 66 28.46 115.16 65.77
C MET L 66 28.60 116.37 64.84
N SER L 67 29.80 116.91 64.79
CA SER L 67 30.12 118.08 63.99
C SER L 67 30.77 117.69 62.68
N LEU L 68 30.96 118.69 61.82
CA LEU L 68 31.58 118.45 60.52
C LEU L 68 33.04 118.08 60.68
N GLY L 69 33.48 117.07 59.91
CA GLY L 69 34.86 116.66 59.93
C GLY L 69 35.30 115.99 61.21
N GLN L 70 34.38 115.41 61.97
CA GLN L 70 34.68 114.78 63.25
C GLN L 70 34.37 113.29 63.16
N ARG L 71 35.41 112.47 63.15
CA ARG L 71 35.23 111.02 63.18
C ARG L 71 34.68 110.59 64.54
N ALA L 72 33.73 109.66 64.52
CA ALA L 72 33.10 109.22 65.75
C ALA L 72 32.74 107.75 65.64
N LYS L 73 32.59 107.12 66.81
CA LYS L 73 32.16 105.72 66.92
C LYS L 73 30.72 105.71 67.41
N LEU L 74 29.82 105.15 66.59
CA LEU L 74 28.38 105.19 66.85
C LEU L 74 27.92 103.83 67.39
N THR L 75 28.11 103.63 68.70
CA THR L 75 27.73 102.33 69.29
C THR L 75 26.21 102.22 69.34
N CYS L 76 25.57 102.18 68.16
CA CYS L 76 24.09 102.05 68.09
C CYS L 76 23.67 100.75 68.79
N THR L 77 22.58 100.80 69.55
CA THR L 77 22.09 99.60 70.30
C THR L 77 20.96 98.94 69.51
N PRO L 78 20.58 97.68 69.80
CA PRO L 78 19.55 97.00 69.02
C PRO L 78 18.30 97.85 68.92
N ASP L 79 17.87 98.45 70.03
CA ASP L 79 16.61 99.25 70.02
C ASP L 79 16.75 100.34 68.95
N VAL L 80 17.95 100.89 68.78
CA VAL L 80 18.15 101.97 67.78
C VAL L 80 17.88 101.42 66.37
N ALA L 81 18.35 100.21 66.07
CA ALA L 81 18.18 99.65 64.71
C ALA L 81 18.07 98.12 64.74
N TYR L 82 17.16 97.56 63.95
CA TYR L 82 17.03 96.09 63.87
C TYR L 82 17.10 95.51 65.28
N GLY L 83 16.19 95.94 66.16
CA GLY L 83 16.25 95.51 67.57
C GLY L 83 16.11 94.01 67.78
N ALA L 84 15.06 93.39 67.22
CA ALA L 84 14.81 91.96 67.50
C ALA L 84 15.06 91.16 66.22
N THR L 85 15.10 91.85 65.09
CA THR L 85 15.39 91.19 63.79
C THR L 85 16.27 92.14 62.98
N GLY L 86 17.14 91.61 62.12
CA GLY L 86 18.03 92.45 61.32
C GLY L 86 17.96 92.11 59.85
N HIS L 87 18.33 93.04 58.96
CA HIS L 87 18.35 92.72 57.53
C HIS L 87 18.98 91.32 57.41
N PRO L 88 18.34 90.34 56.74
CA PRO L 88 18.87 88.99 56.68
C PRO L 88 20.34 88.90 56.24
N GLY L 89 21.08 87.91 56.74
CA GLY L 89 22.48 87.68 56.39
C GLY L 89 23.47 88.71 56.89
N VAL L 90 23.16 90.00 56.73
CA VAL L 90 24.11 91.04 57.11
C VAL L 90 24.13 91.21 58.62
N ILE L 91 22.99 91.49 59.22
CA ILE L 91 22.88 91.80 60.64
C ILE L 91 22.22 90.62 61.35
N PRO L 92 22.91 89.90 62.23
CA PRO L 92 22.24 88.88 63.03
C PRO L 92 21.28 89.52 64.00
N PRO L 93 20.20 88.83 64.37
CA PRO L 93 19.24 89.41 65.32
C PRO L 93 19.88 89.64 66.68
N ASN L 94 19.48 90.75 67.30
CA ASN L 94 19.95 91.13 68.65
C ASN L 94 21.47 91.21 68.71
N ALA L 95 22.03 92.08 67.87
CA ALA L 95 23.45 92.35 67.85
C ALA L 95 23.67 93.86 67.79
N THR L 96 24.81 94.30 68.33
CA THR L 96 25.12 95.72 68.38
C THR L 96 25.84 96.14 67.10
N LEU L 97 25.65 97.42 66.73
CA LEU L 97 26.26 97.98 65.55
C LEU L 97 27.06 99.22 65.94
N ILE L 98 28.25 99.35 65.35
CA ILE L 98 29.07 100.54 65.50
C ILE L 98 29.36 101.10 64.11
N PHE L 99 29.63 102.40 64.06
CA PHE L 99 29.81 103.09 62.79
C PHE L 99 31.01 104.02 62.87
N ASP L 100 31.60 104.30 61.71
CA ASP L 100 32.77 105.16 61.58
C ASP L 100 32.50 106.25 60.54
N VAL L 101 31.35 106.93 60.69
CA VAL L 101 30.97 107.96 59.74
C VAL L 101 32.00 109.07 59.74
N GLU L 102 32.35 109.54 58.54
CA GLU L 102 33.41 110.52 58.32
C GLU L 102 32.87 111.70 57.51
N LEU L 103 31.76 112.28 57.96
CA LEU L 103 31.14 113.42 57.27
C LEU L 103 32.16 114.48 56.92
N LEU L 104 32.18 114.89 55.67
CA LEU L 104 33.08 115.92 55.16
C LEU L 104 32.36 117.19 54.74
N ASN L 105 31.36 117.08 53.87
CA ASN L 105 30.70 118.24 53.30
C ASN L 105 29.21 118.13 53.55
N LEU L 106 28.57 119.29 53.71
CA LEU L 106 27.12 119.39 53.93
C LEU L 106 26.69 118.60 55.16
N MET M 1 -14.29 93.37 17.66
CA MET M 1 -12.95 93.51 18.23
C MET M 1 -12.84 94.76 19.10
N ALA M 2 -12.06 94.66 20.18
CA ALA M 2 -11.89 95.79 21.07
C ALA M 2 -11.07 96.92 20.44
N ASP M 3 -10.30 96.62 19.40
CA ASP M 3 -9.47 97.61 18.71
C ASP M 3 -10.16 98.21 17.49
N GLN M 4 -11.49 98.24 17.48
CA GLN M 4 -12.21 98.82 16.36
C GLN M 4 -11.92 100.31 16.23
N LEU M 5 -11.85 101.03 17.35
CA LEU M 5 -11.58 102.45 17.32
C LEU M 5 -10.16 102.73 16.87
N THR M 6 -9.94 103.95 16.37
CA THR M 6 -8.62 104.36 15.90
C THR M 6 -7.67 104.54 17.07
N GLU M 7 -6.39 104.70 16.73
CA GLU M 7 -5.36 104.87 17.76
C GLU M 7 -5.59 106.13 18.58
N GLU M 8 -5.94 107.23 17.90
CA GLU M 8 -6.23 108.47 18.62
C GLU M 8 -7.46 108.33 19.50
N GLN M 9 -8.51 107.68 18.98
CA GLN M 9 -9.71 107.45 19.77
C GLN M 9 -9.43 106.55 20.97
N ILE M 10 -8.61 105.51 20.77
CA ILE M 10 -8.25 104.61 21.85
C ILE M 10 -7.46 105.36 22.92
N ALA M 11 -6.52 106.21 22.51
CA ALA M 11 -5.75 106.99 23.46
C ALA M 11 -6.64 107.96 24.24
N GLU M 12 -7.58 108.60 23.55
CA GLU M 12 -8.49 109.51 24.23
C GLU M 12 -9.36 108.76 25.24
N PHE M 13 -9.85 107.58 24.85
CA PHE M 13 -10.65 106.78 25.78
C PHE M 13 -9.83 106.34 26.99
N LYS M 14 -8.58 105.95 26.77
CA LYS M 14 -7.72 105.57 27.88
C LYS M 14 -7.46 106.75 28.81
N GLU M 15 -7.23 107.94 28.25
CA GLU M 15 -7.03 109.12 29.07
C GLU M 15 -8.28 109.46 29.87
N ALA M 16 -9.45 109.35 29.25
CA ALA M 16 -10.70 109.62 29.96
C ALA M 16 -10.91 108.61 31.09
N PHE M 17 -10.62 107.33 30.83
CA PHE M 17 -10.75 106.31 31.87
C PHE M 17 -9.78 106.57 33.02
N SER M 18 -8.54 106.95 32.70
CA SER M 18 -7.57 107.26 33.75
C SER M 18 -8.01 108.45 34.57
N LEU M 19 -8.56 109.48 33.91
CA LEU M 19 -9.06 110.65 34.64
C LEU M 19 -10.22 110.27 35.55
N PHE M 20 -11.14 109.45 35.06
CA PHE M 20 -12.26 108.99 35.88
C PHE M 20 -11.77 108.10 37.01
N ASP M 21 -10.85 107.17 36.71
CA ASP M 21 -10.30 106.27 37.72
C ASP M 21 -8.97 106.83 38.23
N LYS M 22 -9.08 107.96 38.95
CA LYS M 22 -7.90 108.63 39.48
C LYS M 22 -7.25 107.86 40.62
N ASP M 23 -7.95 106.88 41.21
CA ASP M 23 -7.36 106.10 42.30
C ASP M 23 -6.20 105.23 41.85
N GLY M 24 -6.09 104.96 40.55
CA GLY M 24 -5.01 104.14 40.02
C GLY M 24 -5.25 102.64 40.07
N ASP M 25 -6.39 102.21 40.59
CA ASP M 25 -6.73 100.79 40.67
C ASP M 25 -7.39 100.26 39.41
N GLY M 26 -7.66 101.13 38.44
CA GLY M 26 -8.31 100.74 37.19
C GLY M 26 -9.82 100.74 37.22
N THR M 27 -10.40 100.32 38.33
CA THR M 27 -11.86 100.29 38.45
C THR M 27 -12.42 101.70 38.46
N ILE M 28 -13.47 101.93 37.68
CA ILE M 28 -14.13 103.23 37.58
C ILE M 28 -15.62 103.02 37.82
N THR M 29 -16.21 103.86 38.68
CA THR M 29 -17.63 103.75 38.99
C THR M 29 -18.47 104.08 37.77
N THR M 30 -19.74 103.65 37.81
CA THR M 30 -20.65 103.90 36.70
C THR M 30 -20.88 105.39 36.51
N LYS M 31 -21.07 106.13 37.61
CA LYS M 31 -21.22 107.59 37.49
C LYS M 31 -19.96 108.23 36.95
N ALA M 32 -18.79 107.78 37.42
CA ALA M 32 -17.53 108.31 36.92
C ALA M 32 -17.36 107.99 35.44
N LEU M 33 -17.71 106.77 35.03
CA LEU M 33 -17.61 106.41 33.62
C LEU M 33 -18.55 107.26 32.76
N GLY M 34 -19.77 107.49 33.24
CA GLY M 34 -20.69 108.35 32.51
C GLY M 34 -20.20 109.78 32.40
N THR M 35 -19.63 110.31 33.49
CA THR M 35 -19.07 111.65 33.45
C THR M 35 -17.90 111.74 32.47
N VAL M 36 -17.05 110.73 32.46
CA VAL M 36 -15.91 110.71 31.54
C VAL M 36 -16.41 110.65 30.09
N MET M 37 -17.42 109.82 29.83
CA MET M 37 -17.98 109.74 28.49
C MET M 37 -18.61 111.06 28.06
N ARG M 38 -19.31 111.73 28.98
CA ARG M 38 -19.88 113.04 28.67
C ARG M 38 -18.79 114.07 28.38
N SER M 39 -17.71 114.03 29.15
CA SER M 39 -16.61 114.96 28.90
C SER M 39 -15.94 114.70 27.57
N LEU M 40 -15.94 113.46 27.11
CA LEU M 40 -15.37 113.11 25.81
C LEU M 40 -16.33 113.31 24.66
N GLY M 41 -17.56 113.75 24.92
CA GLY M 41 -18.56 113.97 23.90
C GLY M 41 -19.48 112.81 23.64
N GLN M 42 -19.21 111.64 24.23
CA GLN M 42 -20.06 110.47 24.07
C GLN M 42 -21.05 110.37 25.24
N ASN M 43 -21.86 111.43 25.38
CA ASN M 43 -22.83 111.50 26.47
C ASN M 43 -24.04 110.63 26.14
N PRO M 44 -24.17 109.45 26.77
CA PRO M 44 -25.34 108.60 26.49
C PRO M 44 -26.48 108.84 27.46
N THR M 45 -27.68 108.38 27.10
CA THR M 45 -28.82 108.50 27.99
C THR M 45 -28.72 107.50 29.14
N GLU M 46 -29.61 107.68 30.13
CA GLU M 46 -29.61 106.78 31.28
C GLU M 46 -29.91 105.35 30.86
N ALA M 47 -30.91 105.16 29.99
CA ALA M 47 -31.23 103.83 29.50
C ALA M 47 -30.07 103.28 28.66
N GLU M 48 -29.48 104.12 27.81
CA GLU M 48 -28.34 103.69 27.01
C GLU M 48 -27.15 103.32 27.90
N LEU M 49 -26.89 104.12 28.94
CA LEU M 49 -25.81 103.81 29.85
C LEU M 49 -26.06 102.50 30.59
N GLN M 50 -27.30 102.28 31.03
CA GLN M 50 -27.63 101.02 31.70
C GLN M 50 -27.46 99.83 30.75
N ASP M 51 -27.88 99.97 29.50
CA ASP M 51 -27.72 98.89 28.54
C ASP M 51 -26.24 98.62 28.27
N MET M 52 -25.44 99.66 28.15
CA MET M 52 -24.01 99.48 27.94
C MET M 52 -23.35 98.80 29.14
N ILE M 53 -23.75 99.18 30.35
CA ILE M 53 -23.20 98.55 31.55
C ILE M 53 -23.59 97.08 31.61
N ASN M 54 -24.85 96.77 31.28
CA ASN M 54 -25.30 95.38 31.30
C ASN M 54 -24.57 94.55 30.24
N GLU M 55 -24.36 95.12 29.05
CA GLU M 55 -23.65 94.40 28.00
C GLU M 55 -22.21 94.11 28.39
N VAL M 56 -21.54 95.08 29.01
CA VAL M 56 -20.15 94.91 29.44
C VAL M 56 -20.09 93.98 30.65
N ASN M 61 -19.29 95.30 43.65
CA ASN M 61 -18.26 96.32 43.51
C ASN M 61 -18.84 97.63 42.97
N GLY M 62 -19.66 97.52 41.94
CA GLY M 62 -20.27 98.69 41.35
C GLY M 62 -19.34 99.55 40.54
N THR M 63 -18.22 99.00 40.07
CA THR M 63 -17.25 99.75 39.29
C THR M 63 -16.87 98.95 38.04
N ILE M 64 -16.50 99.68 36.98
CA ILE M 64 -16.11 99.08 35.71
C ILE M 64 -14.69 99.51 35.40
N ASP M 65 -13.84 98.54 35.09
CA ASP M 65 -12.44 98.81 34.80
C ASP M 65 -12.29 99.44 33.41
N PHE M 66 -11.10 99.99 33.17
CA PHE M 66 -10.80 100.59 31.87
C PHE M 66 -10.94 99.59 30.72
N PRO M 67 -10.42 98.35 30.81
CA PRO M 67 -10.71 97.38 29.73
C PRO M 67 -12.19 97.10 29.57
N ALA M 68 -12.96 97.08 30.67
CA ALA M 68 -14.40 96.90 30.56
C ALA M 68 -15.05 98.07 29.82
N PHE M 69 -14.60 99.29 30.11
CA PHE M 69 -15.12 100.45 29.38
C PHE M 69 -14.76 100.39 27.91
N LEU M 70 -13.54 99.95 27.58
CA LEU M 70 -13.15 99.79 26.19
C LEU M 70 -14.03 98.74 25.49
N THR M 71 -14.30 97.63 26.18
CA THR M 71 -15.15 96.60 25.60
C THR M 71 -16.57 97.12 25.38
N MET M 72 -17.09 97.91 26.33
CA MET M 72 -18.43 98.48 26.17
C MET M 72 -18.47 99.46 25.00
N MET M 73 -17.44 100.30 24.86
CA MET M 73 -17.38 101.25 23.76
C MET M 73 -17.15 100.55 22.42
N ALA M 74 -16.58 99.35 22.44
CA ALA M 74 -16.37 98.60 21.20
C ALA M 74 -17.70 98.27 20.52
N ARG M 75 -18.76 98.08 21.30
CA ARG M 75 -20.08 97.84 20.69
C ARG M 75 -20.55 99.05 19.88
N LYS M 76 -20.40 100.25 20.45
CA LYS M 76 -20.76 101.46 19.71
C LYS M 76 -19.85 101.66 18.50
N MET M 77 -18.56 101.32 18.66
CA MET M 77 -17.65 101.43 17.52
C MET M 77 -18.06 100.48 16.39
N LYS M 78 -18.45 99.25 16.74
CA LYS M 78 -18.91 98.31 15.73
C LYS M 78 -20.21 98.78 15.08
N ASP M 79 -21.11 99.36 15.87
CA ASP M 79 -22.34 99.91 15.30
C ASP M 79 -22.05 101.04 14.32
N THR M 80 -21.12 101.92 14.67
CA THR M 80 -20.73 103.00 13.77
C THR M 80 -20.08 102.45 12.50
N ASP M 81 -19.25 101.42 12.65
CA ASP M 81 -18.62 100.80 11.48
C ASP M 81 -19.67 100.16 10.56
N SER M 82 -20.68 99.51 11.15
CA SER M 82 -21.76 98.93 10.35
C SER M 82 -22.56 100.01 9.64
N GLU M 83 -22.83 101.12 10.32
CA GLU M 83 -23.54 102.23 9.68
C GLU M 83 -22.73 102.80 8.52
N GLU M 84 -21.41 102.94 8.71
CA GLU M 84 -20.56 103.43 7.64
C GLU M 84 -20.53 102.47 6.47
N GLU M 85 -20.50 101.16 6.75
CA GLU M 85 -20.53 100.16 5.68
C GLU M 85 -21.85 100.21 4.92
N ILE M 86 -22.96 100.40 5.63
CA ILE M 86 -24.26 100.52 4.97
C ILE M 86 -24.30 101.77 4.09
N ARG M 87 -23.76 102.87 4.60
CA ARG M 87 -23.71 104.10 3.81
C ARG M 87 -22.86 103.92 2.56
N GLU M 88 -21.71 103.24 2.70
CA GLU M 88 -20.86 102.97 1.54
C GLU M 88 -21.55 102.08 0.53
N ALA M 89 -22.28 101.06 1.00
CA ALA M 89 -23.03 100.21 0.08
C ALA M 89 -24.11 100.99 -0.64
N PHE M 90 -24.77 101.91 0.06
CA PHE M 90 -25.80 102.72 -0.57
C PHE M 90 -25.21 103.69 -1.59
N ARG M 91 -24.03 104.25 -1.29
CA ARG M 91 -23.42 105.26 -2.14
C ARG M 91 -22.50 104.67 -3.21
N VAL M 92 -22.32 103.36 -3.23
CA VAL M 92 -21.50 102.74 -4.28
C VAL M 92 -22.08 103.05 -5.66
N PHE M 93 -23.40 102.91 -5.81
CA PHE M 93 -24.04 103.27 -7.07
C PHE M 93 -24.07 104.77 -7.31
N ASP M 94 -24.19 105.56 -6.24
CA ASP M 94 -24.22 107.02 -6.39
C ASP M 94 -22.85 107.60 -6.68
N LYS M 95 -21.78 106.81 -6.54
CA LYS M 95 -20.45 107.32 -6.83
C LYS M 95 -20.31 107.72 -8.29
N ASP M 96 -20.88 106.92 -9.20
CA ASP M 96 -20.86 107.27 -10.62
C ASP M 96 -21.70 108.51 -10.92
N GLY M 97 -22.67 108.83 -10.06
CA GLY M 97 -23.51 109.99 -10.23
C GLY M 97 -24.87 109.70 -10.83
N ASN M 98 -25.03 108.54 -11.48
CA ASN M 98 -26.33 108.20 -12.05
C ASN M 98 -27.33 107.79 -10.98
N GLY M 99 -26.87 107.05 -9.97
CA GLY M 99 -27.72 106.57 -8.91
C GLY M 99 -28.38 105.23 -9.18
N TYR M 100 -28.24 104.69 -10.39
CA TYR M 100 -28.82 103.39 -10.76
C TYR M 100 -27.81 102.69 -11.66
N ILE M 101 -26.97 101.84 -11.07
CA ILE M 101 -25.96 101.12 -11.83
C ILE M 101 -26.62 100.07 -12.71
N SER M 102 -26.23 100.03 -13.97
CA SER M 102 -26.79 99.05 -14.90
C SER M 102 -26.24 97.66 -14.60
N ALA M 103 -26.70 96.67 -15.39
CA ALA M 103 -26.22 95.31 -15.21
C ALA M 103 -24.73 95.19 -15.47
N ALA M 104 -24.24 95.84 -16.53
CA ALA M 104 -22.81 95.84 -16.80
C ALA M 104 -22.04 96.53 -15.69
N ALA M 105 -22.55 97.66 -15.20
CA ALA M 105 -21.89 98.36 -14.10
C ALA M 105 -21.89 97.51 -12.83
N LEU M 106 -23.00 96.83 -12.55
CA LEU M 106 -23.06 95.96 -11.38
C LEU M 106 -22.07 94.80 -11.49
N ARG M 107 -21.96 94.21 -12.69
CA ARG M 107 -21.00 93.13 -12.89
C ARG M 107 -19.57 93.63 -12.73
N HIS M 108 -19.28 94.82 -13.27
CA HIS M 108 -17.95 95.39 -13.11
C HIS M 108 -17.62 95.66 -11.65
N VAL M 109 -18.59 96.18 -10.90
CA VAL M 109 -18.37 96.44 -9.48
C VAL M 109 -18.13 95.14 -8.73
N MET M 110 -18.92 94.10 -9.03
CA MET M 110 -18.73 92.81 -8.39
C MET M 110 -17.36 92.22 -8.70
N THR M 111 -16.93 92.34 -9.95
CA THR M 111 -15.60 91.86 -10.32
C THR M 111 -14.50 92.65 -9.60
N ASN M 112 -14.69 93.96 -9.48
CA ASN M 112 -13.70 94.80 -8.79
C ASN M 112 -13.65 94.48 -7.30
N LEU M 113 -14.77 94.07 -6.70
CA LEU M 113 -14.77 93.71 -5.29
C LEU M 113 -13.84 92.55 -5.01
N GLY M 114 -13.86 91.53 -5.86
CA GLY M 114 -12.96 90.39 -5.72
C GLY M 114 -13.13 89.61 -4.44
N GLU M 115 -14.37 89.49 -3.96
CA GLU M 115 -14.65 88.72 -2.74
C GLU M 115 -14.99 87.27 -3.06
N LYS M 116 -14.11 86.62 -3.83
CA LYS M 116 -14.28 85.22 -4.22
C LYS M 116 -15.63 85.01 -4.92
N LEU M 117 -16.01 85.97 -5.76
CA LEU M 117 -17.28 85.93 -6.48
C LEU M 117 -17.03 85.58 -7.94
N THR M 118 -17.73 84.56 -8.43
CA THR M 118 -17.63 84.12 -9.81
C THR M 118 -18.84 84.62 -10.59
N ASP M 119 -18.95 84.19 -11.86
CA ASP M 119 -20.09 84.58 -12.68
C ASP M 119 -21.40 84.04 -12.10
N GLU M 120 -21.39 82.79 -11.64
CA GLU M 120 -22.59 82.21 -11.06
C GLU M 120 -22.99 82.94 -9.78
N GLU M 121 -22.00 83.28 -8.94
CA GLU M 121 -22.30 84.02 -7.71
C GLU M 121 -22.85 85.40 -8.02
N VAL M 122 -22.29 86.08 -9.02
CA VAL M 122 -22.79 87.40 -9.41
C VAL M 122 -24.22 87.30 -9.94
N ASP M 123 -24.50 86.28 -10.75
CA ASP M 123 -25.85 86.09 -11.27
C ASP M 123 -26.84 85.81 -10.14
N GLU M 124 -26.44 84.97 -9.17
CA GLU M 124 -27.30 84.69 -8.04
C GLU M 124 -27.57 85.95 -7.21
N MET M 125 -26.54 86.76 -6.99
CA MET M 125 -26.71 88.00 -6.24
C MET M 125 -27.63 88.95 -6.97
N ILE M 126 -27.50 89.04 -8.30
CA ILE M 126 -28.37 89.92 -9.08
C ILE M 126 -29.81 89.43 -9.02
N ARG M 127 -30.01 88.11 -9.13
CA ARG M 127 -31.36 87.55 -9.07
C ARG M 127 -32.00 87.77 -7.70
N GLU M 128 -31.21 87.63 -6.63
CA GLU M 128 -31.74 87.84 -5.28
C GLU M 128 -32.20 89.27 -5.09
N ALA M 129 -31.42 90.24 -5.58
CA ALA M 129 -31.74 91.67 -5.48
C ALA M 129 -31.99 92.08 -4.03
N GLY M 135 -31.43 95.56 -17.00
CA GLY M 135 -31.98 95.78 -15.68
C GLY M 135 -31.06 96.55 -14.75
N GLN M 136 -31.22 97.87 -14.73
CA GLN M 136 -30.38 98.71 -13.87
C GLN M 136 -30.70 98.44 -12.40
N VAL M 137 -29.64 98.41 -11.59
CA VAL M 137 -29.77 98.17 -10.15
C VAL M 137 -29.67 99.52 -9.45
N ASN M 138 -30.73 99.88 -8.71
CA ASN M 138 -30.75 101.13 -8.00
C ASN M 138 -29.83 101.08 -6.78
N TYR M 139 -29.44 102.26 -6.31
CA TYR M 139 -28.58 102.35 -5.12
C TYR M 139 -29.27 101.77 -3.90
N GLU M 140 -30.56 102.09 -3.71
CA GLU M 140 -31.31 101.53 -2.60
C GLU M 140 -31.45 100.02 -2.72
N ALA M 141 -31.71 99.53 -3.95
CA ALA M 141 -31.80 98.10 -4.16
C ALA M 141 -30.47 97.41 -3.88
N PHE M 142 -29.36 98.02 -4.31
CA PHE M 142 -28.04 97.45 -4.03
C PHE M 142 -27.75 97.43 -2.54
N VAL M 143 -28.12 98.49 -1.83
CA VAL M 143 -27.91 98.53 -0.38
C VAL M 143 -28.74 97.44 0.31
N GLN M 144 -29.99 97.28 -0.12
CA GLN M 144 -30.84 96.25 0.46
C GLN M 144 -30.28 94.85 0.19
N MET M 145 -29.78 94.62 -1.03
CA MET M 145 -29.19 93.32 -1.35
C MET M 145 -27.95 93.06 -0.52
N MET M 146 -27.11 94.09 -0.33
CA MET M 146 -25.92 93.93 0.48
C MET M 146 -26.27 93.65 1.94
N THR M 147 -27.30 94.32 2.46
CA THR M 147 -27.72 94.09 3.84
C THR M 147 -28.21 92.66 4.03
N ALA M 148 -28.99 92.15 3.09
CA ALA M 148 -29.53 90.79 3.13
C ALA M 148 -30.31 90.54 4.43
N1 CFF N . -22.32 14.87 -52.76
C2 CFF N . -21.74 15.12 -51.49
C10 CFF N . -23.79 14.69 -52.76
C6 CFF N . -21.61 14.78 -53.99
N3 CFF N . -20.36 15.30 -51.43
O11 CFF N . -22.43 15.19 -50.47
C12 CFF N . -19.75 15.56 -50.12
C4 CFF N . -19.61 15.22 -52.59
C5 CFF N . -20.21 14.97 -53.82
N9 CFF N . -18.27 15.36 -52.70
O13 CFF N . -22.18 14.55 -55.05
N7 CFF N . -19.14 14.96 -54.74
C8 CFF N . -18.03 15.20 -54.00
C14 CFF N . -19.24 14.74 -56.18
CA CA O . -32.12 8.95 -36.38
PG ATP P . -2.06 -1.62 -57.45
O1G ATP P . -1.81 -1.92 -58.89
O2G ATP P . -1.47 -0.28 -57.00
O3G ATP P . -3.54 -1.68 -57.06
PB ATP P . -0.38 -2.77 -55.26
O1B ATP P . 0.87 -2.01 -55.47
O2B ATP P . -0.20 -4.24 -54.90
O3B ATP P . -1.34 -2.70 -56.51
PA ATP P . -1.85 -0.67 -53.76
O1A ATP P . -3.04 -0.34 -54.55
O2A ATP P . -0.68 0.31 -53.92
O3A ATP P . -1.29 -2.12 -54.12
O5' ATP P . -2.19 -0.79 -52.22
C5' ATP P . -1.55 -1.78 -51.39
C4' ATP P . -0.11 -1.40 -51.20
O4' ATP P . -0.02 -0.09 -50.61
C3' ATP P . 0.70 -2.32 -50.28
O3' ATP P . 2.05 -2.42 -50.71
C2' ATP P . 0.58 -1.63 -48.92
O2' ATP P . 1.68 -1.94 -48.07
C1' ATP P . 0.62 -0.16 -49.35
N9 ATP P . -0.08 0.74 -48.42
C8 ATP P . 0.50 1.48 -47.42
N7 ATP P . -0.36 2.20 -46.73
C5 ATP P . -1.58 1.91 -47.32
C6 ATP P . -2.89 2.35 -47.05
N6 ATP P . -3.20 3.21 -46.08
N1 ATP P . -3.88 1.87 -47.83
C2 ATP P . -3.58 1.00 -48.80
N3 ATP P . -2.38 0.51 -49.14
C4 ATP P . -1.42 1.01 -48.36
ZN ZN Q . -2.18 2.55 -39.94
N1 CFF R . 12.12 -37.99 -47.95
C2 CFF R . 11.40 -37.08 -47.13
C10 CFF R . 11.87 -39.43 -47.66
C6 CFF R . 13.01 -37.63 -48.99
N3 CFF R . 11.59 -35.73 -47.34
O11 CFF R . 10.64 -37.48 -46.25
C12 CFF R . 10.87 -34.76 -46.51
C4 CFF R . 12.46 -35.32 -48.34
C5 CFF R . 13.14 -36.22 -49.13
N9 CFF R . 12.76 -34.03 -48.68
O13 CFF R . 13.60 -38.48 -49.65
N7 CFF R . 13.91 -35.45 -50.00
C8 CFF R . 13.63 -34.15 -49.68
C14 CFF R . 14.81 -35.93 -51.04
CA CA S . 6.80 -42.44 -29.32
PG ATP T . 34.38 -20.88 -42.08
O1G ATP T . 35.34 -19.93 -42.72
O2G ATP T . 34.70 -22.35 -42.36
O3G ATP T . 34.22 -20.67 -40.57
PB ATP T . 32.06 -21.00 -43.97
O1B ATP T . 30.90 -21.86 -43.67
O2B ATP T . 33.04 -21.54 -45.02
O3B ATP T . 32.91 -20.67 -42.67
PA ATP T . 30.58 -18.43 -43.99
O1A ATP T . 29.56 -18.17 -45.02
O2A ATP T . 31.38 -17.22 -43.54
O3A ATP T . 31.62 -19.54 -44.46
O5' ATP T . 29.92 -19.09 -42.70
C5' ATP T . 28.56 -18.80 -42.32
C4' ATP T . 28.41 -17.32 -42.13
O4' ATP T . 27.02 -16.99 -41.93
C3' ATP T . 29.16 -16.74 -40.93
O3' ATP T . 29.73 -15.47 -41.24
C2' ATP T . 28.07 -16.62 -39.87
O2' ATP T . 28.34 -15.58 -38.93
C1' ATP T . 26.85 -16.28 -40.73
N9 ATP T . 25.57 -16.65 -40.14
C8 ATP T . 24.53 -15.81 -39.82
N7 ATP T . 23.50 -16.42 -39.29
C5 ATP T . 23.87 -17.75 -39.27
C6 ATP T . 23.22 -18.92 -38.83
N6 ATP T . 21.99 -18.92 -38.30
N1 ATP T . 23.88 -20.09 -38.93
C2 ATP T . 25.11 -20.10 -39.46
N3 ATP T . 25.83 -19.06 -39.90
C4 ATP T . 25.15 -17.92 -39.78
ZN ZN U . 20.36 -17.37 -33.47
N1 CFF V . 57.94 -2.62 -17.82
C2 CFF V . 56.73 -3.26 -17.46
C10 CFF V . 58.93 -2.47 -16.73
C6 CFF V . 58.26 -2.12 -19.12
N3 CFF V . 55.77 -3.42 -18.45
O11 CFF V . 56.54 -3.66 -16.32
C12 CFF V . 54.50 -4.09 -18.09
C4 CFF V . 56.01 -2.96 -19.73
C5 CFF V . 57.20 -2.33 -20.06
N9 CFF V . 55.18 -3.05 -20.80
O13 CFF V . 59.33 -1.57 -19.36
N7 CFF V . 57.09 -2.02 -21.41
C8 CFF V . 55.86 -2.46 -21.79
C14 CFF V . 58.09 -1.34 -22.25
CA CA W . 50.25 -3.23 0.68
PG ATP X . 45.96 19.36 -29.06
O1G ATP X . 45.35 20.26 -30.06
O2G ATP X . 47.42 19.69 -28.73
O3G ATP X . 45.17 19.26 -27.75
PB ATP X . 45.56 17.00 -30.86
O1B ATP X . 46.70 16.29 -31.49
O2B ATP X . 44.78 17.94 -31.79
O3B ATP X . 46.01 17.85 -29.60
PA ATP X . 42.94 15.77 -30.27
O1A ATP X . 42.48 15.43 -31.63
O2A ATP X . 42.29 17.02 -29.66
O3A ATP X . 44.51 15.99 -30.22
O5' ATP X . 42.73 14.56 -29.27
C5' ATP X . 41.53 14.45 -28.47
C4' ATP X . 40.34 14.31 -29.39
O4' ATP X . 39.83 12.96 -29.32
C3' ATP X . 39.17 15.23 -29.08
O3' ATP X . 38.49 15.63 -30.27
C2' ATP X . 38.28 14.34 -28.20
O2' ATP X . 36.91 14.71 -28.27
C1' ATP X . 38.50 12.96 -28.84
N9 ATP X . 38.32 11.84 -27.93
C8 ATP X . 37.38 10.85 -28.02
N7 ATP X . 37.45 9.96 -27.06
C5 ATP X . 38.51 10.41 -26.28
C6 ATP X . 39.09 9.91 -25.09
N6 ATP X . 38.68 8.80 -24.48
N1 ATP X . 40.13 10.59 -24.57
C2 ATP X . 40.54 11.70 -25.19
N3 ATP X . 40.08 12.27 -26.30
C4 ATP X . 39.05 11.56 -26.80
ZN ZN Y . 34.05 7.69 -22.20
N1 CFF Z . 23.59 49.92 -24.54
C2 CFF Z . 23.77 48.85 -23.63
C10 CFF Z . 23.16 51.20 -23.94
C6 CFF Z . 23.79 49.85 -25.95
N3 CFF Z . 24.18 47.63 -24.13
O11 CFF Z . 23.58 49.00 -22.43
C12 CFF Z . 24.37 46.51 -23.20
C4 CFF Z . 24.39 47.49 -25.49
C5 CFF Z . 24.21 48.55 -26.37
N9 CFF Z . 24.79 46.36 -26.14
O13 CFF Z . 23.61 50.81 -26.68
N7 CFF Z . 24.51 48.04 -27.63
C8 CFF Z . 24.85 46.73 -27.42
C14 CFF Z . 24.48 48.76 -28.90
CA CA AA . 13.01 47.70 -8.55
PG ATP BA . 8.43 34.94 -44.06
O1G ATP BA . 7.51 36.05 -43.67
O2G ATP BA . 8.02 33.57 -43.51
O3G ATP BA . 8.65 34.83 -45.58
PB ATP BA . 11.43 34.94 -43.84
O1B ATP BA . 12.18 36.21 -43.92
O2B ATP BA . 11.46 34.08 -45.11
O3B ATP BA . 9.90 35.18 -43.46
PA ATP BA . 11.57 32.58 -42.06
O1A ATP BA . 11.85 31.51 -43.04
O2A ATP BA . 10.13 32.64 -41.56
O3A ATP BA . 11.92 34.02 -42.64
O5' ATP BA . 12.53 32.47 -40.81
C5' ATP BA . 12.03 32.09 -39.51
C4' ATP BA . 11.73 30.61 -39.52
O4' ATP BA . 12.82 29.90 -38.91
C3' ATP BA . 10.49 30.19 -38.73
O3' ATP BA . 9.31 30.31 -39.52
C2' ATP BA . 10.80 28.72 -38.40
O2' ATP BA . 10.43 27.85 -39.47
C1' ATP BA . 12.33 28.74 -38.24
N9 ATP BA . 12.78 28.79 -36.84
C8 ATP BA . 13.19 27.72 -36.08
N7 ATP BA . 13.54 28.04 -34.86
C5 ATP BA . 13.36 29.42 -34.82
C6 ATP BA . 13.55 30.36 -33.80
N6 ATP BA . 14.00 30.05 -32.57
N1 ATP BA . 13.27 31.66 -34.07
C2 ATP BA . 12.82 31.96 -35.30
N3 ATP BA . 12.60 31.15 -36.34
C4 ATP BA . 12.89 29.88 -36.03
ZN ZN CA . 12.18 25.52 -28.08
#